data_6ZZX
#
_entry.id   6ZZX
#
_cell.length_a   1.00
_cell.length_b   1.00
_cell.length_c   1.00
_cell.angle_alpha   90.00
_cell.angle_beta   90.00
_cell.angle_gamma   90.00
#
_symmetry.space_group_name_H-M   'P 1'
#
loop_
_entity.id
_entity.type
_entity.pdbx_description
1 polymer 'Photosystem I P700 chlorophyll a apoprotein A1'
2 polymer 'Photosystem I P700 chlorophyll a apoprotein A2'
3 polymer 'Photosystem I iron-sulfur center'
4 polymer 'Photosystem I reaction center subunit chloroplastic'
5 polymer 'Photosystem I reaction center subunit IV'
6 polymer PSI-F
7 polymer 'Photosystem I reaction center subunit chloroplastic'
8 polymer 'Photosystem I reaction center subunit VI-chloroplastic-like'
9 polymer 'Photosystem I reaction center subunit IX'
10 polymer 'Photosystem I reaction center subunit chloroplastic'
11 polymer 'Photosystem I reaction center subunit XI'
12 polymer 'Photosystem I reaction center subunit XII'
13 polymer 'Photosystem I reaction center subunit VIII'
14 polymer 'Photosystem I subunit O'
15 polymer 'Chlorophyll a-b binding protein, chloroplastic'
16 polymer 'Glutathione reductase'
17 polymer Lhca4
18 polymer 'Chlorophyll a-b binding protein, chloroplastic'
19 polymer 'Chlorophyll a-b binding protein, chloroplastic'
20 polymer Lhca7
21 polymer 'Chlorophyll a-b binding protein, chloroplastic'
22 polymer 'Chlorophyll a-b binding protein, chloroplastic'
23 polymer 'Chlorophyll a-b binding protein, chloroplastic'
24 non-polymer 'CHLOROPHYLL A ISOMER'
25 non-polymer 'CHLOROPHYLL A'
26 non-polymer 'CHLOROPHYLL B'
27 non-polymer PHYLLOQUINONE
28 non-polymer 'IRON/SULFUR CLUSTER'
29 non-polymer BETA-CAROTENE
30 non-polymer 1,2-DIPALMITOYL-PHOSPHATIDYL-GLYCEROLE
31 non-polymer 1,2-DISTEAROYL-MONOGALACTOSYL-DIGLYCERIDE
32 non-polymer 1,2-DI-O-ACYL-3-O-[6-DEOXY-6-SULFO-ALPHA-D-GLUCOPYRANOSYL]-SN-GLYCEROL
33 non-polymer PHOSPHATIDYLETHANOLAMINE
34 non-polymer 1,2-DIACYL-GLYCEROL-3-SN-PHOSPHATE
35 non-polymer DODECYL-BETA-D-MALTOSIDE
36 non-polymer 'DIGALACTOSYL DIACYL GLYCEROL (DGDG)'
37 non-polymer 1,2-DIOLEOYL-SN-GLYCERO-3-PHOSPHOCHOLINE
38 non-polymer '(2S)-3-{[(R)-(2-aminoethoxy)(hydroxy)phosphoryl]oxy}-2-hydroxypropyl hexadecanoate'
39 non-polymer (1R,3R)-6-{(3E,5E,7E,9E,11E,13E,15E,17E)-18-[(1S,4R,6R)-4-HYDROXY-2,2,6-TRIMETHYL-7-OXABICYCLO[4.1.0]HEPT-1-YL]-3,7,12,16-TETRAMETHYLOCTADECA-1,3,5,7,9,11,13,15,17-NONAENYLIDENE}-1,5,5-TRIMETHYLCYCLOHEXANE-1,3-DIOL
40 non-polymer (3R)-beta,beta-caroten-3-ol
41 non-polymer SPHINGOSINE
42 non-polymer beta,beta-caroten-4-one
43 non-polymer "(3R,3'R,6S)-4,5-DIDEHYDRO-5,6-DIHYDRO-BETA,BETA-CAROTENE-3,3'-DIOL"
44 non-polymer ASTAXANTHIN
45 non-polymer 'OLEIC ACID'
46 non-polymer (3~{E},5~{E},7~{E})-6-methyl-8-[(6~{R})-2,2,6-trimethylcyclohexyl]octa-3,5,7-trien-2-one
47 non-polymer 'PALMITIC ACID'
48 non-polymer 'DIACYL GLYCEROL'
49 non-polymer benzene-1,3,5-triol
50 non-polymer "(3S,5R,6S,3'S,5'R,6'S)-5,6,5',6'-DIEPOXY-5,6,5',6'- TETRAHYDRO-BETA,BETA-CAROTENE-3,3'-DIOL"
51 non-polymer Tripalmitoylglycerol
52 non-polymer O-[(R)-{[(2R)-2,3-bis(octadecanoyloxy)propyl]oxy}(hydroxy)phosphoryl]-L-serine
53 non-polymer [2-((1-OXODODECANOXY-(2-HYDROXY-3-PROPANYL))-PHOSPHONATE-OXY)-ETHYL]-TRIMETHYLAMMONIUM
54 water water
#
loop_
_entity_poly.entity_id
_entity_poly.type
_entity_poly.pdbx_seq_one_letter_code
_entity_poly.pdbx_strand_id
1 'polypeptide(L)'
;KKVKIVVDRNPVATNFEKWAKPGHFSRTLSKGPTTTTWIWNLHADAHDFDTQTSDLEEISRKVFSAHFGQLGIIFIWLSG
MYFHGARFSNYEAWLTDPTHIKPSAQVVWPIVGQEILNADVGGGFQGLQITSGFFQLWRAAGITSELQLYTTAIGALVMA
AAMFFAGWFHYHKAAPKLEWFQNVESMLNHHLGGLLGLGSLAWAGHQIHVSLPINKLLDAGVDPKEIPLPHEFTLNPELM
AQLYPSFSKGLAPFFTLDWAQYSDFLTFQGGLNPVTGGLWLTDTVHHHLAIAVLFLIAGHQYRTNWGIGSSLKEILEAHK
GPFTGEGHKGLYEILTTSWHAQLAINLALFGSLSIIVAHHMYAMPPYPYLATDYGTQLSLFTHHMWIGGFCIVGAGAHAA
IFMVRDYDPTNNYNNLLDRVLRHRDAIISHLNWVCIFLGFHSFGLYIHNDTMSALGRPQDMFSDTAIQLQPVFAQWVQNT
HFLAPGFTAPNALASTSPSWGGDVVAVGGKVAMMPISLGTADFLVHHIHAFTIHVTVLILLKGVLYARSSRLIPDKANLG
FRFPCDGPGRGGTCQVSAWDHVFLGLFWMYNSISIVIFHFSWKMQSDVWGTVSANGVSHITGGNFAQSANTINGWLRDFL
WAQSSQVIQSYGSALSAYGLIFLGAHFVWAFSLMFLFSGRGYWQELIESIVWAHNKLKVAPAIQPRALSITQGRAVGVAH
YLLGGIATTWSFFLARILAVG
;
A
2 'polypeptide(L)'
;KLFPKFSQALAQDPTTRRIWFGIATAHDFESHDGMTEERLYQKIFASHFGQLAIIFLWTSGNLFHVAWQGNFEQWVQDPL
HIRPIAHAIWDPHFGQPAVEAFTRGGASGPVNISTSGVYQWWYTIGLRTNQELYTGSIFLLVLAALFLFAGWLHLQPAFQ
PALSWFKNAESRLNHHLAGLFGVSSLAWTGHLVHVAIPESRGQHVGWDNFLTVLPHPAGLTPFFTGNWAAYAENPDSASH
VFNTAQGSGTAILTFLGGFHPQTQSLWLTDMAHHHLAIAVIFILAGHMYRTIFGIGHSMREILEAQTPPSGSLGAGHKGL
YDTVNNSLHFQLGLALASVGTISSLVAQHMYSLPPYAFLAQDFTTQAALYTHHQYIAGFIMCGAFAHGAIFFVRDYDPAQ
NRGNVLARILDHKEALISHLSWASLFLGFHTLGLYVHNDVVQAFGTPEKQILIEPVFAQWIQAAHGKTAYGFDFLLSSAT
SAPSLAGQALWLPGWLQGINSDANSLFLTIGPGDFLVHHAIALGLHTTTLILVKGALDARGSKLMPDKKDFGYSFPCDGP
GRGGTCDISAWDAFYLAVFWMLNTIGWVTFYWHWKHLGIWQGNVNQFNESSTYLMGWLRDYLWLNSSQLINGYNPFGMNS
LSVWAWMFLFGHLIYATGFMFLISWRGYWQELIETLAWAHERTPLANLVRWRDKPVALSIVQARLVGLTHFSVGYVLTYA
AFLIASTSGKF
;
B
3 'polypeptide(L)' SHTVKIYDTCIGCTQCVRACPTDVLEMVPWDGCKANQIASAPRTEDCVGCKRCESACPTDFLSVRVYLGSETTRSMGLAY C
4 'polypeptide(L)'
;AFTPPTLQSDTPSPIFGGSTGGLLSQAQVEEFHVITWESKKEQIFEMPTGGAAIMRQGPNLLKLARKEQCLALLTQLRTK
FKIDGYIYRVFPNGEVQYLHPKDGVYPEKVNAGRSGDNTNMRRIGQNKEPVQIKFSGKIPAEF
;
D
5 'polypeptide(L)' PDVGPKRGTQVRILRPESYWFRETGKVVSVDQSGIRYPVVVRFEKVNYAGVSTNNYALDEVVAA E
6 'polypeptide(L)'
;DVAGLTPCSESKAFAKRKKNEVKALNKRLKNYEADSAPALALKATIARTEARFDKYAKQGLLCGTDGLPHLIADPGLALR
YGHAGDVFIPTIGFIYFAGWLGYAGSKYLQAVAATAKPIEKEIIIDVPLAWKLLWEGFGWPLRAFAEYKNGSLMEDDAKI
TVSPR
;
F
7 'polypeptide(L)'
;LADVNLVVGGCTVGALALGRFVFLPFHRASLAKAGMPKQNGMTHLQAGDARAEEASFILKTNDPAGFTVVDVMAWGALGH
AAAFYILATSSLGLDRNPF
;
G
8 'polypeptide(L)'
;KYGEESRYFDLKDLENTVGSWDMYGQEDKSRYNGLQSEFFERAANGLSRREYILGLVAIGGAGILAWGGKGAADVRLPTV
GPQQPAQVGPRGRL
;
H
9 'polypeptide(L)' MKDFTTYLSTAPVLTLLSVTVVAGLLIEINRFFPDALIAAF J
10 'polypeptide(L)'
;YLGSTTNQIMVLSTFLPLVAGRFGLAPTSTRHTNQSGIKLLPAEKSAGLVSNDPAGFNAVDVLALGALGHILGCGIVLGL
KSTGNL
;
K
11 'polypeptide(L)'
;KVQVVQPVNGDPFIGMLETPVTSSPAIAWYLSNLPAYRTGVSPLLRGVEIGLAHGYLLVGPFIKLGPLRDVENVAEIVGC
INGAATVLILTLCLAYGAVTFQGEGPQVGVKTLSGRSIPRDPLQSADGWNKFTAGFAVGGLSGAAWGYLCTQILPYY
;
L
12 'polypeptide(L)' MPIADYQVFTALFLALATGIFAVRLGVALYK M
13 'polypeptide(L)' MSAQFLPSILVPLVGLVFPAVAMASMFLYIEKEEI I
14 'polypeptide(L)'
;WGAYEEPLSLVAGFLGWFAPSNIKVPAFGNESLFGAFHASMLENLANFPQGPALTDKFWILMITWHLGLFLALTLGNIGQ
AARKQGY
;
O
15 'polypeptide(L)'
;KAGNWLPGSETPAYLENLPASYGFDPLGLAAEPASLARFRESEVFHGRWAMLGAAGVLGVEVLGYGNWYDAPLPLVQGGQ
ATYFGASVPFDLGTLAAIEFAAMAGAESFRGAAEPEKRVYPGGAFDPMGMSKGNSKELKTKEIKNGRLAMLACLGFAAQH
AATGASPLEALASHLANPMAVNFATNGVSLPL
;
1,a
16 'polypeptide(L)'
;EGADLAKVERVAKVGGLYKNFTSGQALSYLDGTLPGDFGFDPLGLCDPEGAGGFITPEWLSYSEVIHCRWAMLGAAGFLA
PEILATAGLIPATPEEAVWFRSGVIPPAGQYGKYWMDPYSLFWIEAILMNFAELKRWQDFKEPGSQSKQYFLGLEAVFGG
SGNPAYPGGQWFNMLNLGKTPEEMKKLQTNEIRNGRLAMIACLGCAAQGVMTQKGPFANLLEHLADPVSNNLLGNLATIL
K
;
3
17 'polypeptide(L)'
;AGWDLSAEVPAHLAGRKDLAGNYGFDPLNLGKNPEALKWYQQAELQNGRWAMLGVAGILVQELLHSTGLGGKAADVYWFD
AGNNTFWAPKETLIAISFLMFNWAELNRMQDYIKPGSNVTDPFGNKIKYVELGYPGFDPLSFSKNNFDEWKLKEIKNARL
AMLAFLGIVAQHNAQPGSPLEQLGAHLANPWKNHFINNGVSPFLTDN
;
4
18 'polypeptide(L)'
;QRKLWFPGVAAPGYLDGSMAGDRGFDPMGLGANPKMMTWYRQAELQNGRWAMLGVAGILGQEIINPAQWWYTAGMPENLP
RFDSQPVNMGGILAWEFILMHFVEVRRWQDIRKKDSVNADPFNPNLKVPNPELGYPGGPFDPLGFSKGNFKEAQTKEIKN
GRLAMVAFAAFTIQAQATGKGPLQNLTDHLSAPFSNNWTTNIGHCMVPTSVDVQGLTIPLSCLWPGQQM
;
5
19 'polypeptide(L)'
;ARANWLPGSDFPAHLENCKLPGCYGFDPLGLGANEERLAWFAESERVHCRWAMLGVAGILVQEIVKPDVFWYTSGATVEL
PFDITGLLAFELFVMHWVESRRGYDIKKPGSMDQDPIFSNFKLPAHEPGYPGGIFAPFVPGSLEELKVKEIKNGRLAMLA
FIGFTMAAQVTGKNPLAALREHLDNPLGTTIFSKAVVVPGQAVVPPCAIPDTIEFQGITIPAGCFLHSLWP
;
6
20 'polypeptide(L)'
;VRELWFPGNKEVVPDYLDGSLVGDHGFDPLGLGSSPEQLSWNVHAEIFHGRLAMTGVAGILLTSLLHKGGADVPEWFEAG
RVYLDRNPNVDFGALLFSTIVMSGFVEFKRLNDIRNPGSQGSGILPEDFKGVGGPQGRTVGGPYVGGRYFDPMGLCRGSP
EQTLKYKWNEIRNGRLAMMAFLGFAAQYAATGKGPIDNLVDHVADPFHTTFVHNGVSVPFI
;
7
21 'polypeptide(L)'
;ATRPLWQPGVEAPKHLDGTMPGDFGFDPLNLGVNKEALNWYRNAELQNGRWAMLGVAGIVIPAELTRVGVLNVPEWAEAG
KVYAESENAIPFASLLMVQLFLFNFVEIKRWEDIKKPGSQAEPGSFLGFESGFKGTGISGYPGGAFNPFGLGNSSKEAMD
DLKWREIRNGRLAMVAFLGFLSQHAATGKGPLDNLADHLADPWGANFCSNGVSIPSALG
;
8
22 'polypeptide(L)'
;RPTWYPGATPPKYLDGTMLGDYGFDPLRLGSKDKDVLKYYREGELTNGRWAMAAVAGILFTDLVGLGPWWEAGAKVESSF
DLKTLIIIEVVTFAILEGFRVKAYEKTGETGLGPFAPFDPLNMRSDETRLKELKNGRLAMLAFLGFSSQAAVQGKGPIEC
LQAHLADPGHNNIFTSSVGNEALAAVLVLSITPCLIEAKNRLQGTDEEEFRPLPW
;
2
23 'polypeptide(L)'
;RTLWLPGIQAPKHLDGKLAGDYGFDPLGLGVDSDRLKWYAEAEKTNGRWAMAAVAGILFTEILGKAKWFEAGAQEYWMDN
GPLLAVEAVIMGFLELKRFQGWKETGTSGFLNAFPFDPAGMNSPSMATKEVKNGRLAMTAFVGFAVQALLTRQGPIEALQ
SHLSSPFTNNFVGSINNLPNVIG
;
9
#
loop_
_chem_comp.id
_chem_comp.type
_chem_comp.name
_chem_comp.formula
13X non-polymer benzene-1,3,5-triol 'C6 H6 O3'
3PH non-polymer 1,2-DIACYL-GLYCEROL-3-SN-PHOSPHATE 'C39 H77 O8 P'
4RF non-polymer Tripalmitoylglycerol 'C51 H98 O6'
AXT non-polymer ASTAXANTHIN 'C40 H52 O4'
BCR non-polymer BETA-CAROTENE 'C40 H56'
CHL non-polymer 'CHLOROPHYLL B' 'C55 H70 Mg N4 O6 2'
CL0 non-polymer 'CHLOROPHYLL A ISOMER' 'C55 H72 Mg N4 O5 2'
CLA non-polymer 'CHLOROPHYLL A' 'C55 H72 Mg N4 O5'
DGA non-polymer 'DIACYL GLYCEROL' 'C39 H76 O5'
DGD saccharide 'DIGALACTOSYL DIACYL GLYCEROL (DGDG)' 'C51 H96 O15'
ECH non-polymer beta,beta-caroten-4-one 'C40 H54 O'
LAP non-polymer [2-((1-OXODODECANOXY-(2-HYDROXY-3-PROPANYL))-PHOSPHONATE-OXY)-ETHYL]-TRIMETHYLAMMONIUM 'C20 H43 N O7 P 1'
LHG non-polymer 1,2-DIPALMITOYL-PHOSPHATIDYL-GLYCEROLE 'C38 H75 O10 P'
LMG non-polymer 1,2-DISTEAROYL-MONOGALACTOSYL-DIGLYCERIDE 'C45 H86 O10'
LMT D-saccharide DODECYL-BETA-D-MALTOSIDE 'C24 H46 O11'
LPX non-polymer '(2S)-3-{[(R)-(2-aminoethoxy)(hydroxy)phosphoryl]oxy}-2-hydroxypropyl hexadecanoate' 'C21 H44 N O7 P'
LUT non-polymer (3R,3'R,6S)-4,5-DIDEHYDRO-5,6-DIHYDRO-BETA,BETA-CAROTENE-3,3'-DIOL 'C40 H56 O2'
NEX non-polymer (1R,3R)-6-{(3E,5E,7E,9E,11E,13E,15E,17E)-18-[(1S,4R,6R)-4-HYDROXY-2,2,6-TRIMETHYL-7-OXABICYCLO[4.1.0]HEPT-1-YL]-3,7,12,16-TETRAMETHYLOCTADECA-1,3,5,7,9,11,13,15,17-NONAENYLIDENE}-1,5,5-TRIMETHYLCYCLOHEXANE-1,3-DIOL 'C40 H56 O4'
OLA non-polymer 'OLEIC ACID' 'C18 H34 O2'
P5S non-polymer O-[(R)-{[(2R)-2,3-bis(octadecanoyloxy)propyl]oxy}(hydroxy)phosphoryl]-L-serine 'C42 H82 N O10 P'
PCW non-polymer 1,2-DIOLEOYL-SN-GLYCERO-3-PHOSPHOCHOLINE 'C44 H85 N O8 P 1'
PLM non-polymer 'PALMITIC ACID' 'C16 H32 O2'
PQN non-polymer PHYLLOQUINONE 'C31 H46 O2'
PTY non-polymer PHOSPHATIDYLETHANOLAMINE 'C40 H80 N O8 P'
QTB non-polymer (3~{E},5~{E},7~{E})-6-methyl-8-[(6~{R})-2,2,6-trimethylcyclohexyl]octa-3,5,7-trien-2-one 'C18 H28 O'
RRX non-polymer (3R)-beta,beta-caroten-3-ol 'C40 H56 O'
SF4 non-polymer 'IRON/SULFUR CLUSTER' 'Fe4 S4'
SPH non-polymer SPHINGOSINE 'C18 H37 N O2'
SQD non-polymer 1,2-DI-O-ACYL-3-O-[6-DEOXY-6-SULFO-ALPHA-D-GLUCOPYRANOSYL]-SN-GLYCEROL 'C41 H78 O12 S'
XAT non-polymer '(3S,5R,6S,3'S,5'R,6'S)-5,6,5',6'-DIEPOXY-5,6,5',6'- TETRAHYDRO-BETA,BETA-CAROTENE-3,3'-DIOL' 'C40 H56 O4'
#
# COMPACT_ATOMS: atom_id res chain seq x y z
N LYS A 1 -38.03 28.89 -30.31
CA LYS A 1 -37.72 30.09 -31.09
C LYS A 1 -37.42 31.26 -30.15
N LYS A 2 -36.58 32.18 -30.64
CA LYS A 2 -36.18 33.38 -29.91
C LYS A 2 -35.29 33.03 -28.73
N VAL A 3 -34.00 33.37 -28.82
CA VAL A 3 -33.06 33.09 -27.74
C VAL A 3 -33.42 33.93 -26.53
N LYS A 4 -33.54 33.29 -25.37
CA LYS A 4 -33.90 33.99 -24.15
C LYS A 4 -33.37 33.22 -22.95
N ILE A 5 -33.47 33.86 -21.79
CA ILE A 5 -33.00 33.29 -20.53
C ILE A 5 -34.19 32.58 -19.88
N VAL A 6 -34.22 31.26 -19.97
CA VAL A 6 -35.27 30.43 -19.39
C VAL A 6 -34.65 29.69 -18.21
N VAL A 7 -35.23 29.87 -17.02
CA VAL A 7 -34.71 29.27 -15.81
C VAL A 7 -35.83 28.77 -14.91
N ASP A 8 -35.53 27.69 -14.17
CA ASP A 8 -36.43 27.08 -13.20
C ASP A 8 -36.00 27.50 -11.80
N ARG A 9 -36.97 27.88 -10.98
CA ARG A 9 -36.73 28.33 -9.62
C ARG A 9 -36.69 27.16 -8.65
N ASN A 10 -35.80 27.26 -7.65
CA ASN A 10 -35.55 26.31 -6.57
C ASN A 10 -35.84 24.87 -6.96
N PRO A 11 -35.01 24.24 -7.78
CA PRO A 11 -35.28 22.86 -8.18
C PRO A 11 -34.79 21.83 -7.17
N VAL A 12 -33.66 22.10 -6.51
CA VAL A 12 -33.08 21.18 -5.55
C VAL A 12 -32.89 21.91 -4.22
N ALA A 13 -33.31 21.27 -3.13
CA ALA A 13 -33.17 21.84 -1.80
C ALA A 13 -31.74 21.69 -1.31
N THR A 14 -31.31 22.64 -0.50
CA THR A 14 -29.95 22.66 0.04
C THR A 14 -29.95 22.12 1.47
N ASN A 15 -29.42 20.92 1.65
CA ASN A 15 -29.34 20.28 2.95
C ASN A 15 -28.29 19.18 2.87
N PHE A 16 -27.98 18.59 4.03
CA PHE A 16 -26.99 17.54 4.13
C PHE A 16 -27.62 16.15 4.25
N GLU A 17 -28.90 16.01 3.87
CA GLU A 17 -29.56 14.71 3.97
C GLU A 17 -28.89 13.68 3.06
N LYS A 18 -28.57 14.06 1.83
CA LYS A 18 -27.92 13.14 0.91
C LYS A 18 -26.43 12.99 1.17
N TRP A 19 -25.83 13.89 1.96
CA TRP A 19 -24.41 13.76 2.26
C TRP A 19 -24.15 12.56 3.15
N ALA A 20 -25.12 12.20 3.98
CA ALA A 20 -25.03 11.08 4.89
C ALA A 20 -25.52 9.78 4.26
N LYS A 21 -25.86 9.80 2.97
CA LYS A 21 -26.34 8.62 2.26
C LYS A 21 -25.50 8.43 1.00
N PRO A 22 -24.30 7.88 1.13
CA PRO A 22 -23.46 7.66 -0.05
C PRO A 22 -24.14 6.73 -1.04
N GLY A 23 -23.99 7.04 -2.32
CA GLY A 23 -24.60 6.24 -3.37
C GLY A 23 -26.03 6.61 -3.68
N HIS A 24 -26.47 7.80 -3.27
CA HIS A 24 -27.84 8.24 -3.51
C HIS A 24 -28.10 8.55 -4.98
N PHE A 25 -27.07 8.94 -5.72
CA PHE A 25 -27.25 9.30 -7.12
C PHE A 25 -27.50 8.08 -8.01
N SER A 26 -27.01 6.92 -7.61
CA SER A 26 -27.18 5.70 -8.40
C SER A 26 -28.26 4.80 -7.84
N ARG A 27 -29.07 4.24 -8.75
CA ARG A 27 -30.14 3.33 -8.38
C ARG A 27 -29.60 1.96 -8.03
N THR A 28 -28.52 1.54 -8.69
CA THR A 28 -27.91 0.23 -8.45
C THR A 28 -27.13 0.19 -7.14
N LEU A 29 -26.78 1.35 -6.58
CA LEU A 29 -26.03 1.42 -5.33
C LEU A 29 -26.95 1.64 -4.13
N SER A 30 -28.19 1.18 -4.23
CA SER A 30 -29.16 1.36 -3.15
C SER A 30 -29.22 0.17 -2.20
N LYS A 31 -28.86 -1.03 -2.66
CA LYS A 31 -28.91 -2.20 -1.78
C LYS A 31 -27.85 -2.17 -0.70
N GLY A 32 -27.02 -1.13 -0.64
CA GLY A 32 -26.00 -1.03 0.37
C GLY A 32 -24.71 -1.72 -0.01
N PRO A 33 -23.66 -1.48 0.76
CA PRO A 33 -22.34 -2.10 0.51
C PRO A 33 -22.23 -3.53 0.98
N THR A 34 -22.87 -4.44 0.23
CA THR A 34 -22.80 -5.85 0.60
C THR A 34 -21.39 -6.41 0.38
N THR A 35 -20.69 -5.90 -0.63
CA THR A 35 -19.34 -6.32 -0.94
C THR A 35 -18.49 -5.06 -1.13
N THR A 36 -17.17 -5.25 -1.17
CA THR A 36 -16.29 -4.10 -1.33
C THR A 36 -16.38 -3.50 -2.73
N THR A 37 -16.96 -4.22 -3.69
CA THR A 37 -17.09 -3.68 -5.04
C THR A 37 -18.00 -2.45 -5.05
N TRP A 38 -18.91 -2.37 -4.09
CA TRP A 38 -19.82 -1.23 -4.00
C TRP A 38 -19.05 0.06 -3.76
N ILE A 39 -18.00 0.01 -2.94
CA ILE A 39 -17.21 1.20 -2.65
C ILE A 39 -16.55 1.72 -3.93
N TRP A 40 -15.98 0.83 -4.73
CA TRP A 40 -15.35 1.26 -5.97
C TRP A 40 -16.40 1.76 -6.97
N ASN A 41 -17.56 1.11 -7.01
CA ASN A 41 -18.62 1.53 -7.91
C ASN A 41 -19.14 2.91 -7.54
N LEU A 42 -19.09 3.26 -6.25
CA LEU A 42 -19.57 4.55 -5.80
C LEU A 42 -18.76 5.68 -6.42
N HIS A 43 -17.45 5.48 -6.56
CA HIS A 43 -16.57 6.49 -7.14
C HIS A 43 -16.46 6.39 -8.65
N ALA A 44 -16.63 5.19 -9.21
CA ALA A 44 -16.51 5.02 -10.66
C ALA A 44 -17.70 5.60 -11.42
N ASP A 45 -18.81 5.91 -10.75
CA ASP A 45 -19.98 6.45 -11.43
C ASP A 45 -20.48 7.73 -10.78
N ALA A 46 -19.63 8.42 -10.00
CA ALA A 46 -20.05 9.65 -9.35
C ALA A 46 -20.35 10.75 -10.37
N HIS A 47 -19.53 10.88 -11.42
CA HIS A 47 -19.71 11.91 -12.43
C HIS A 47 -20.38 11.41 -13.69
N ASP A 48 -20.88 10.17 -13.70
CA ASP A 48 -21.56 9.63 -14.87
C ASP A 48 -23.04 10.02 -14.76
N PHE A 49 -23.30 11.30 -15.04
CA PHE A 49 -24.65 11.84 -14.96
C PHE A 49 -25.61 11.17 -15.93
N ASP A 50 -25.11 10.59 -17.02
CA ASP A 50 -26.00 9.92 -17.99
C ASP A 50 -26.70 8.73 -17.36
N THR A 51 -26.06 8.07 -16.39
CA THR A 51 -26.63 6.92 -15.72
C THR A 51 -27.51 7.31 -14.54
N GLN A 52 -27.17 8.39 -13.85
CA GLN A 52 -27.96 8.83 -12.70
C GLN A 52 -29.35 9.31 -13.08
N THR A 53 -29.55 9.73 -14.33
CA THR A 53 -30.86 10.21 -14.76
C THR A 53 -30.97 10.09 -16.27
N SER A 54 -32.20 9.98 -16.75
CA SER A 54 -32.49 9.87 -18.17
C SER A 54 -32.93 11.19 -18.78
N ASP A 55 -32.95 12.26 -18.00
CA ASP A 55 -33.35 13.57 -18.46
C ASP A 55 -32.12 14.39 -18.85
N LEU A 56 -32.15 14.96 -20.06
CA LEU A 56 -31.01 15.75 -20.52
C LEU A 56 -30.90 17.07 -19.78
N GLU A 57 -32.03 17.62 -19.32
CA GLU A 57 -31.99 18.89 -18.61
C GLU A 57 -31.22 18.76 -17.30
N GLU A 58 -31.48 17.70 -16.54
CA GLU A 58 -30.77 17.50 -15.28
C GLU A 58 -29.29 17.27 -15.53
N ILE A 59 -28.95 16.53 -16.59
CA ILE A 59 -27.55 16.27 -16.92
C ILE A 59 -26.85 17.58 -17.24
N SER A 60 -27.50 18.43 -18.04
CA SER A 60 -26.91 19.72 -18.40
C SER A 60 -26.71 20.59 -17.17
N ARG A 61 -27.69 20.60 -16.27
CA ARG A 61 -27.55 21.39 -15.05
C ARG A 61 -26.39 20.90 -14.20
N LYS A 62 -26.25 19.57 -14.11
CA LYS A 62 -25.14 19.00 -13.34
C LYS A 62 -23.81 19.39 -13.96
N VAL A 63 -23.72 19.35 -15.29
CA VAL A 63 -22.48 19.71 -15.98
C VAL A 63 -22.14 21.18 -15.73
N PHE A 64 -23.14 22.05 -15.80
CA PHE A 64 -22.91 23.48 -15.57
C PHE A 64 -22.38 23.73 -14.17
N SER A 65 -23.01 23.12 -13.17
CA SER A 65 -22.56 23.31 -11.79
C SER A 65 -21.17 22.70 -11.58
N ALA A 66 -20.90 21.56 -12.21
CA ALA A 66 -19.58 20.95 -12.08
C ALA A 66 -18.53 21.87 -12.69
N HIS A 67 -18.87 22.53 -13.78
CA HIS A 67 -17.94 23.47 -14.41
C HIS A 67 -17.64 24.62 -13.46
N PHE A 68 -18.68 25.12 -12.78
CA PHE A 68 -18.46 26.20 -11.83
C PHE A 68 -17.56 25.75 -10.69
N GLY A 69 -17.76 24.52 -10.20
CA GLY A 69 -16.92 24.01 -9.13
C GLY A 69 -15.47 23.87 -9.59
N GLN A 70 -15.27 23.41 -10.82
CA GLN A 70 -13.93 23.27 -11.35
C GLN A 70 -13.26 24.64 -11.47
N LEU A 71 -14.03 25.64 -11.90
CA LEU A 71 -13.48 26.99 -12.00
C LEU A 71 -13.07 27.49 -10.63
N GLY A 72 -13.87 27.21 -9.61
CA GLY A 72 -13.53 27.62 -8.26
C GLY A 72 -12.25 26.95 -7.78
N ILE A 73 -12.09 25.67 -8.11
CA ILE A 73 -10.88 24.94 -7.73
C ILE A 73 -9.66 25.55 -8.40
N ILE A 74 -9.79 25.86 -9.69
CA ILE A 74 -8.67 26.46 -10.42
C ILE A 74 -8.34 27.82 -9.83
N PHE A 75 -9.35 28.58 -9.42
CA PHE A 75 -9.11 29.89 -8.82
C PHE A 75 -8.40 29.73 -7.48
N ILE A 76 -8.75 28.69 -6.72
CA ILE A 76 -8.07 28.45 -5.44
C ILE A 76 -6.60 28.14 -5.70
N TRP A 77 -6.34 27.32 -6.72
CA TRP A 77 -4.97 26.97 -7.08
C TRP A 77 -4.18 28.21 -7.50
N LEU A 78 -4.80 29.09 -8.30
CA LEU A 78 -4.14 30.31 -8.72
C LEU A 78 -3.85 31.21 -7.53
N SER A 79 -4.81 31.30 -6.60
CA SER A 79 -4.61 32.11 -5.41
C SER A 79 -3.44 31.58 -4.60
N GLY A 80 -3.34 30.26 -4.50
CA GLY A 80 -2.22 29.68 -3.78
C GLY A 80 -0.90 29.99 -4.44
N MET A 81 -0.88 29.97 -5.78
CA MET A 81 0.35 30.27 -6.49
C MET A 81 0.79 31.70 -6.23
N TYR A 82 -0.15 32.64 -6.32
CA TYR A 82 0.17 34.05 -6.09
C TYR A 82 0.58 34.29 -4.63
N PHE A 83 -0.12 33.65 -3.70
CA PHE A 83 0.22 33.82 -2.28
C PHE A 83 1.61 33.29 -1.99
N HIS A 84 1.95 32.13 -2.56
CA HIS A 84 3.29 31.59 -2.33
C HIS A 84 4.35 32.46 -2.98
N GLY A 85 4.03 33.04 -4.14
CA GLY A 85 4.99 33.92 -4.78
C GLY A 85 5.15 35.24 -4.06
N ALA A 86 4.17 35.60 -3.24
CA ALA A 86 4.21 36.84 -2.48
C ALA A 86 4.74 36.69 -1.06
N ARG A 87 4.67 35.51 -0.46
CA ARG A 87 5.13 35.31 0.90
C ARG A 87 6.28 34.33 1.07
N PHE A 88 6.42 33.34 0.18
CA PHE A 88 7.49 32.36 0.30
C PHE A 88 8.32 32.29 -0.98
N SER A 89 8.69 33.44 -1.51
CA SER A 89 9.47 33.47 -2.75
C SER A 89 10.51 34.57 -2.68
N ASN A 90 11.34 34.62 -3.71
CA ASN A 90 12.41 35.60 -3.88
C ASN A 90 12.19 36.37 -5.18
N TYR A 91 10.93 36.62 -5.51
CA TYR A 91 10.59 37.33 -6.74
C TYR A 91 11.18 38.74 -6.76
N GLU A 92 11.08 39.46 -5.64
CA GLU A 92 11.63 40.82 -5.58
C GLU A 92 13.13 40.79 -5.81
N ALA A 93 13.83 39.85 -5.19
CA ALA A 93 15.27 39.76 -5.38
C ALA A 93 15.59 39.25 -6.78
N TRP A 94 14.76 38.35 -7.31
CA TRP A 94 14.99 37.82 -8.64
C TRP A 94 14.85 38.91 -9.71
N LEU A 95 14.02 39.92 -9.45
CA LEU A 95 13.86 41.00 -10.42
C LEU A 95 15.15 41.77 -10.62
N THR A 96 15.90 41.98 -9.54
CA THR A 96 17.16 42.72 -9.64
C THR A 96 18.25 41.91 -10.32
N ASP A 97 18.16 40.58 -10.29
CA ASP A 97 19.16 39.71 -10.91
C ASP A 97 18.46 38.49 -11.47
N PRO A 98 17.78 38.63 -12.62
CA PRO A 98 17.06 37.49 -13.19
C PRO A 98 17.92 36.48 -13.92
N THR A 99 19.21 36.75 -14.11
CA THR A 99 20.07 35.80 -14.82
C THR A 99 20.89 34.92 -13.88
N HIS A 100 21.08 35.31 -12.62
CA HIS A 100 21.85 34.51 -11.68
C HIS A 100 21.01 33.94 -10.54
N ILE A 101 19.96 34.64 -10.12
CA ILE A 101 19.12 34.15 -9.03
C ILE A 101 18.12 33.15 -9.61
N LYS A 102 18.09 31.96 -9.03
CA LYS A 102 17.18 30.92 -9.48
C LYS A 102 15.82 31.10 -8.82
N PRO A 103 14.73 31.16 -9.59
CA PRO A 103 13.40 31.35 -8.99
C PRO A 103 13.05 30.25 -8.00
N SER A 104 12.44 30.66 -6.90
CA SER A 104 12.03 29.74 -5.84
C SER A 104 10.76 30.30 -5.21
N ALA A 105 9.77 29.43 -5.00
CA ALA A 105 8.51 29.88 -4.41
C ALA A 105 7.97 28.89 -3.38
N GLN A 106 8.80 28.00 -2.85
CA GLN A 106 8.35 27.03 -1.86
C GLN A 106 9.41 26.88 -0.78
N VAL A 107 8.97 26.89 0.48
CA VAL A 107 9.85 26.75 1.64
C VAL A 107 9.33 25.59 2.47
N VAL A 108 10.22 24.70 2.88
CA VAL A 108 9.84 23.53 3.67
C VAL A 108 10.20 23.76 5.13
N TRP A 109 9.46 23.10 6.01
CA TRP A 109 9.67 23.20 7.44
C TRP A 109 10.75 22.21 7.88
N PRO A 110 11.51 22.55 8.92
CA PRO A 110 12.55 21.61 9.39
C PRO A 110 11.94 20.61 10.37
N ILE A 111 11.72 19.37 9.95
CA ILE A 111 11.11 18.36 10.79
C ILE A 111 11.99 17.10 10.92
N VAL A 112 12.35 16.49 9.81
CA VAL A 112 13.15 15.27 9.86
C VAL A 112 14.34 15.38 8.92
N GLY A 113 15.07 16.50 9.00
CA GLY A 113 16.21 16.71 8.15
C GLY A 113 15.86 17.14 6.75
N GLN A 114 14.58 17.35 6.45
CA GLN A 114 14.12 17.76 5.14
C GLN A 114 14.51 19.20 4.79
N GLU A 115 14.97 19.98 5.76
CA GLU A 115 15.36 21.36 5.49
C GLU A 115 16.48 21.44 4.45
N ILE A 116 17.09 20.30 4.09
CA ILE A 116 18.14 20.28 3.08
C ILE A 116 17.55 20.64 1.72
N LEU A 117 16.24 20.49 1.56
CA LEU A 117 15.60 20.82 0.30
C LEU A 117 15.55 22.32 0.04
N ASN A 118 15.81 23.14 1.06
CA ASN A 118 15.83 24.59 0.92
C ASN A 118 17.16 24.96 0.30
N ALA A 119 17.21 24.97 -1.02
CA ALA A 119 18.43 25.27 -1.75
C ALA A 119 18.79 26.74 -1.67
N ASP A 120 20.06 27.04 -1.94
CA ASP A 120 20.58 28.40 -1.94
C ASP A 120 20.36 28.94 -3.35
N VAL A 121 19.11 29.32 -3.61
CA VAL A 121 18.74 29.83 -4.93
C VAL A 121 19.40 31.17 -5.20
N GLY A 122 19.49 32.04 -4.20
CA GLY A 122 20.10 33.34 -4.36
C GLY A 122 19.27 34.44 -3.72
N GLY A 123 19.90 35.60 -3.60
CA GLY A 123 19.24 36.75 -3.01
C GLY A 123 18.92 36.59 -1.54
N GLY A 124 19.77 35.88 -0.80
CA GLY A 124 19.55 35.67 0.62
C GLY A 124 18.27 34.93 0.92
N PHE A 125 17.90 33.97 0.06
CA PHE A 125 16.69 33.20 0.21
C PHE A 125 17.00 31.73 0.05
N GLN A 126 16.24 30.89 0.77
CA GLN A 126 16.40 29.45 0.73
C GLN A 126 15.04 28.81 0.46
N GLY A 127 14.98 27.96 -0.54
CA GLY A 127 13.72 27.31 -0.88
C GLY A 127 13.90 26.35 -2.04
N LEU A 128 12.77 25.81 -2.48
CA LEU A 128 12.74 24.88 -3.60
C LEU A 128 12.69 25.63 -4.91
N GLN A 129 13.55 25.24 -5.86
CA GLN A 129 13.57 25.88 -7.16
C GLN A 129 12.32 25.48 -7.94
N ILE A 130 11.59 26.47 -8.43
CA ILE A 130 10.37 26.24 -9.19
C ILE A 130 10.67 26.33 -10.67
N THR A 131 9.87 25.61 -11.47
CA THR A 131 10.03 25.60 -12.92
C THR A 131 8.71 25.89 -13.64
N SER A 132 7.74 26.47 -12.95
CA SER A 132 6.46 26.78 -13.56
C SER A 132 6.51 28.03 -14.42
N GLY A 133 7.54 28.86 -14.29
CA GLY A 133 7.64 30.07 -15.07
C GLY A 133 6.79 31.22 -14.58
N PHE A 134 6.32 31.17 -13.33
CA PHE A 134 5.49 32.25 -12.81
C PHE A 134 6.27 33.55 -12.67
N PHE A 135 7.56 33.49 -12.33
CA PHE A 135 8.34 34.70 -12.21
C PHE A 135 8.42 35.44 -13.53
N GLN A 136 8.65 34.72 -14.62
CA GLN A 136 8.72 35.33 -15.94
C GLN A 136 7.39 35.93 -16.34
N LEU A 137 6.29 35.22 -16.05
CA LEU A 137 4.96 35.72 -16.36
C LEU A 137 4.68 37.02 -15.61
N TRP A 138 4.98 37.03 -14.31
CA TRP A 138 4.76 38.22 -13.50
C TRP A 138 5.62 39.38 -13.98
N ARG A 139 6.86 39.09 -14.34
CA ARG A 139 7.72 40.16 -14.84
C ARG A 139 7.18 40.72 -16.14
N ALA A 140 6.68 39.85 -17.03
CA ALA A 140 6.11 40.33 -18.27
C ALA A 140 4.86 41.16 -18.02
N ALA A 141 4.14 40.87 -16.94
CA ALA A 141 2.96 41.63 -16.58
C ALA A 141 3.28 42.88 -15.77
N GLY A 142 4.54 43.07 -15.37
CA GLY A 142 4.94 44.23 -14.59
C GLY A 142 4.54 44.21 -13.14
N ILE A 143 4.54 43.04 -12.50
CA ILE A 143 4.15 42.95 -11.10
C ILE A 143 5.11 43.74 -10.21
N THR A 144 6.41 43.52 -10.38
CA THR A 144 7.45 44.22 -9.62
C THR A 144 7.41 44.06 -8.10
N SER A 145 6.27 44.33 -7.47
CA SER A 145 6.17 44.25 -6.01
C SER A 145 5.43 43.00 -5.54
N GLU A 146 5.68 42.65 -4.27
CA GLU A 146 5.02 41.51 -3.65
C GLU A 146 3.62 41.83 -3.19
N LEU A 147 3.32 43.11 -2.93
CA LEU A 147 1.98 43.49 -2.50
C LEU A 147 0.98 43.23 -3.61
N GLN A 148 1.38 43.44 -4.86
CA GLN A 148 0.50 43.18 -5.99
C GLN A 148 0.18 41.70 -6.09
N LEU A 149 1.15 40.84 -5.80
CA LEU A 149 0.91 39.39 -5.83
C LEU A 149 -0.09 39.00 -4.74
N TYR A 150 0.04 39.61 -3.56
CA TYR A 150 -0.88 39.32 -2.47
C TYR A 150 -2.29 39.79 -2.82
N THR A 151 -2.39 40.96 -3.45
CA THR A 151 -3.69 41.46 -3.86
C THR A 151 -4.32 40.52 -4.88
N THR A 152 -3.50 40.00 -5.82
CA THR A 152 -4.01 39.08 -6.81
C THR A 152 -4.47 37.78 -6.15
N ALA A 153 -3.75 37.32 -5.13
CA ALA A 153 -4.15 36.10 -4.43
C ALA A 153 -5.49 36.30 -3.73
N ILE A 154 -5.68 37.44 -3.09
CA ILE A 154 -6.95 37.71 -2.42
C ILE A 154 -8.08 37.79 -3.45
N GLY A 155 -7.81 38.45 -4.58
CA GLY A 155 -8.81 38.55 -5.62
C GLY A 155 -9.17 37.18 -6.17
N ALA A 156 -8.18 36.29 -6.26
CA ALA A 156 -8.42 34.94 -6.74
C ALA A 156 -9.28 34.18 -5.74
N LEU A 157 -9.07 34.40 -4.44
CA LEU A 157 -9.90 33.75 -3.44
C LEU A 157 -11.34 34.23 -3.57
N VAL A 158 -11.52 35.54 -3.80
CA VAL A 158 -12.86 36.08 -3.96
C VAL A 158 -13.51 35.48 -5.20
N MET A 159 -12.73 35.35 -6.28
CA MET A 159 -13.27 34.76 -7.52
C MET A 159 -13.64 33.29 -7.31
N ALA A 160 -12.86 32.57 -6.50
CA ALA A 160 -13.19 31.18 -6.22
C ALA A 160 -14.49 31.08 -5.45
N ALA A 161 -14.68 31.97 -4.47
CA ALA A 161 -15.92 31.98 -3.72
C ALA A 161 -17.09 32.30 -4.65
N ALA A 162 -16.87 33.24 -5.58
CA ALA A 162 -17.92 33.60 -6.53
C ALA A 162 -18.26 32.42 -7.43
N MET A 163 -17.25 31.66 -7.87
CA MET A 163 -17.49 30.50 -8.73
C MET A 163 -18.30 29.44 -7.99
N PHE A 164 -17.93 29.16 -6.73
CA PHE A 164 -18.67 28.16 -5.97
C PHE A 164 -20.10 28.62 -5.74
N PHE A 165 -20.27 29.91 -5.42
CA PHE A 165 -21.62 30.43 -5.22
C PHE A 165 -22.42 30.32 -6.51
N ALA A 166 -21.78 30.58 -7.65
CA ALA A 166 -22.47 30.49 -8.93
C ALA A 166 -22.94 29.07 -9.19
N GLY A 167 -22.10 28.09 -8.88
CA GLY A 167 -22.51 26.71 -9.09
C GLY A 167 -23.69 26.34 -8.22
N TRP A 168 -23.61 26.70 -6.93
CA TRP A 168 -24.71 26.39 -6.02
C TRP A 168 -25.98 27.11 -6.44
N PHE A 169 -25.87 28.37 -6.85
CA PHE A 169 -27.02 29.16 -7.26
C PHE A 169 -27.66 28.59 -8.52
N HIS A 170 -26.85 28.15 -9.47
CA HIS A 170 -27.40 27.61 -10.70
C HIS A 170 -27.89 26.18 -10.56
N TYR A 171 -27.56 25.50 -9.46
CA TYR A 171 -28.09 24.16 -9.30
C TYR A 171 -29.24 24.06 -8.32
N HIS A 172 -29.29 24.92 -7.31
CA HIS A 172 -30.34 24.87 -6.30
C HIS A 172 -31.31 26.04 -6.33
N LYS A 173 -30.94 27.17 -6.91
CA LYS A 173 -31.82 28.34 -6.94
C LYS A 173 -32.37 28.60 -8.35
N ALA A 174 -31.51 29.01 -9.28
CA ALA A 174 -31.92 29.32 -10.65
C ALA A 174 -31.22 28.36 -11.62
N ALA A 175 -31.89 27.26 -11.96
CA ALA A 175 -31.30 26.26 -12.84
C ALA A 175 -31.76 26.50 -14.28
N PRO A 176 -30.84 26.68 -15.23
CA PRO A 176 -31.26 26.90 -16.62
C PRO A 176 -31.94 25.67 -17.21
N LYS A 177 -32.88 25.92 -18.12
CA LYS A 177 -33.60 24.84 -18.77
C LYS A 177 -32.79 24.28 -19.94
N LEU A 178 -33.29 23.18 -20.50
CA LEU A 178 -32.59 22.53 -21.61
C LEU A 178 -32.51 23.44 -22.83
N GLU A 179 -33.59 24.15 -23.15
CA GLU A 179 -33.56 25.03 -24.32
C GLU A 179 -32.52 26.12 -24.17
N TRP A 180 -32.14 26.47 -22.94
CA TRP A 180 -31.12 27.49 -22.74
C TRP A 180 -29.74 26.96 -23.10
N PHE A 181 -29.48 25.68 -22.80
CA PHE A 181 -28.18 25.09 -23.12
C PHE A 181 -28.01 24.82 -24.61
N GLN A 182 -29.10 24.52 -25.31
CA GLN A 182 -29.07 24.21 -26.73
C GLN A 182 -28.93 25.43 -27.63
N ASN A 183 -28.55 26.59 -27.09
CA ASN A 183 -28.37 27.79 -27.90
C ASN A 183 -26.92 27.87 -28.35
N VAL A 184 -26.57 26.97 -29.26
CA VAL A 184 -25.20 26.89 -29.77
C VAL A 184 -24.83 28.16 -30.52
N GLU A 185 -25.77 28.76 -31.25
CA GLU A 185 -25.47 29.99 -31.97
C GLU A 185 -25.10 31.11 -31.01
N SER A 186 -25.93 31.32 -29.99
CA SER A 186 -25.67 32.36 -29.01
C SER A 186 -24.40 32.07 -28.22
N MET A 187 -24.20 30.80 -27.84
CA MET A 187 -23.01 30.42 -27.09
C MET A 187 -21.76 30.68 -27.89
N LEU A 188 -21.77 30.33 -29.17
CA LEU A 188 -20.60 30.55 -30.02
C LEU A 188 -20.36 32.05 -30.23
N ASN A 189 -21.42 32.82 -30.42
CA ASN A 189 -21.27 34.26 -30.61
C ASN A 189 -20.67 34.91 -29.38
N HIS A 190 -21.07 34.47 -28.18
CA HIS A 190 -20.55 35.06 -26.96
C HIS A 190 -19.14 34.56 -26.64
N HIS A 191 -18.84 33.30 -26.94
CA HIS A 191 -17.52 32.77 -26.65
C HIS A 191 -16.46 33.27 -27.63
N LEU A 192 -16.88 33.59 -28.86
CA LEU A 192 -15.93 34.07 -29.85
C LEU A 192 -15.55 35.53 -29.60
N GLY A 193 -16.54 36.41 -29.57
CA GLY A 193 -16.27 37.82 -29.35
C GLY A 193 -16.30 38.29 -27.91
N GLY A 194 -17.35 37.91 -27.17
CA GLY A 194 -17.47 38.33 -25.78
C GLY A 194 -16.45 37.70 -24.85
N LEU A 195 -15.93 36.53 -25.22
CA LEU A 195 -14.96 35.86 -24.36
C LEU A 195 -13.55 36.03 -24.90
N LEU A 196 -13.23 35.37 -26.01
CA LEU A 196 -11.89 35.45 -26.58
C LEU A 196 -11.57 36.86 -27.06
N GLY A 197 -12.46 37.47 -27.85
CA GLY A 197 -12.18 38.80 -28.36
C GLY A 197 -12.08 39.85 -27.26
N LEU A 198 -13.05 39.87 -26.34
CA LEU A 198 -13.01 40.84 -25.25
C LEU A 198 -11.82 40.60 -24.34
N GLY A 199 -11.50 39.34 -24.05
CA GLY A 199 -10.36 39.05 -23.20
C GLY A 199 -9.06 39.49 -23.84
N SER A 200 -8.92 39.26 -25.15
CA SER A 200 -7.70 39.67 -25.84
C SER A 200 -7.59 41.19 -25.86
N LEU A 201 -8.71 41.89 -26.08
CA LEU A 201 -8.68 43.34 -26.08
C LEU A 201 -8.30 43.88 -24.71
N ALA A 202 -8.85 43.29 -23.65
CA ALA A 202 -8.53 43.73 -22.30
C ALA A 202 -7.06 43.48 -21.98
N TRP A 203 -6.53 42.32 -22.39
CA TRP A 203 -5.13 42.04 -22.13
C TRP A 203 -4.25 43.00 -22.92
N ALA A 204 -4.64 43.34 -24.14
CA ALA A 204 -3.87 44.29 -24.92
C ALA A 204 -3.86 45.64 -24.23
N GLY A 205 -5.00 46.05 -23.68
CA GLY A 205 -5.06 47.32 -22.97
C GLY A 205 -4.13 47.33 -21.76
N HIS A 206 -4.14 46.23 -20.99
CA HIS A 206 -3.25 46.15 -19.83
C HIS A 206 -1.79 46.21 -20.26
N GLN A 207 -1.46 45.48 -21.33
CA GLN A 207 -0.08 45.48 -21.82
C GLN A 207 0.35 46.87 -22.26
N ILE A 208 -0.56 47.63 -22.88
CA ILE A 208 -0.24 48.96 -23.33
C ILE A 208 -0.02 49.91 -22.15
N HIS A 209 -0.90 49.85 -21.16
CA HIS A 209 -0.79 50.77 -20.03
C HIS A 209 -0.02 50.25 -18.83
N VAL A 210 0.45 49.01 -18.84
CA VAL A 210 1.17 48.51 -17.66
C VAL A 210 2.44 47.77 -18.04
N SER A 211 2.32 46.77 -18.92
CA SER A 211 3.47 45.96 -19.29
C SER A 211 4.52 46.74 -20.08
N LEU A 212 4.09 47.50 -21.09
CA LEU A 212 5.06 48.22 -21.92
C LEU A 212 5.94 49.20 -21.15
N PRO A 213 5.42 50.15 -20.35
CA PRO A 213 6.32 51.09 -19.67
C PRO A 213 7.21 50.45 -18.61
N ILE A 214 6.63 49.63 -17.74
CA ILE A 214 7.41 48.98 -16.68
C ILE A 214 8.49 48.09 -17.27
N ASN A 215 8.12 47.25 -18.25
CA ASN A 215 9.11 46.37 -18.86
C ASN A 215 10.15 47.15 -19.64
N LYS A 216 9.76 48.26 -20.28
CA LYS A 216 10.74 49.05 -21.01
C LYS A 216 11.77 49.62 -20.05
N LEU A 217 11.32 50.13 -18.91
CA LEU A 217 12.26 50.67 -17.93
C LEU A 217 13.15 49.56 -17.37
N LEU A 218 12.57 48.39 -17.09
CA LEU A 218 13.35 47.28 -16.57
C LEU A 218 14.44 46.87 -17.55
N ASP A 219 14.08 46.76 -18.84
CA ASP A 219 15.05 46.38 -19.86
C ASP A 219 16.13 47.43 -20.02
N ALA A 220 15.75 48.72 -20.02
CA ALA A 220 16.74 49.78 -20.14
C ALA A 220 17.66 49.79 -18.93
N GLY A 221 17.20 49.28 -17.80
CA GLY A 221 17.98 49.21 -16.58
C GLY A 221 17.58 50.27 -15.59
N VAL A 222 16.69 49.89 -14.68
CA VAL A 222 16.17 50.75 -13.62
C VAL A 222 15.78 49.84 -12.47
N ASP A 223 16.08 50.27 -11.25
CA ASP A 223 15.74 49.45 -10.09
C ASP A 223 14.22 49.26 -10.03
N PRO A 224 13.75 48.03 -9.74
CA PRO A 224 12.30 47.81 -9.68
C PRO A 224 11.59 48.70 -8.68
N LYS A 225 12.26 49.08 -7.59
CA LYS A 225 11.66 49.95 -6.59
C LYS A 225 11.64 51.41 -7.02
N GLU A 226 12.28 51.75 -8.14
CA GLU A 226 12.33 53.11 -8.65
C GLU A 226 11.39 53.34 -9.82
N ILE A 227 10.84 52.29 -10.41
CA ILE A 227 9.92 52.43 -11.55
C ILE A 227 8.58 52.94 -11.06
N PRO A 228 7.91 53.82 -11.81
CA PRO A 228 6.61 54.31 -11.37
C PRO A 228 5.58 53.19 -11.32
N LEU A 229 4.58 53.37 -10.45
CA LEU A 229 3.54 52.38 -10.29
C LEU A 229 2.68 52.27 -11.55
N PRO A 230 1.99 51.15 -11.74
CA PRO A 230 1.16 50.98 -12.96
C PRO A 230 0.12 52.07 -13.15
N HIS A 231 -0.52 52.56 -12.08
CA HIS A 231 -1.52 53.60 -12.26
C HIS A 231 -0.88 54.91 -12.69
N GLU A 232 0.39 55.14 -12.33
CA GLU A 232 1.06 56.36 -12.73
C GLU A 232 1.33 56.38 -14.23
N PHE A 233 1.30 55.23 -14.88
CA PHE A 233 1.48 55.11 -16.31
C PHE A 233 0.17 54.97 -17.06
N THR A 234 -0.82 54.35 -16.43
CA THR A 234 -2.13 54.14 -17.03
C THR A 234 -2.97 55.43 -17.06
N LEU A 235 -2.77 56.33 -16.10
CA LEU A 235 -3.54 57.55 -16.02
C LEU A 235 -2.72 58.82 -16.23
N ASN A 236 -1.54 58.72 -16.84
CA ASN A 236 -0.69 59.88 -17.09
C ASN A 236 -0.07 59.77 -18.47
N PRO A 237 -0.72 60.34 -19.49
CA PRO A 237 -0.16 60.26 -20.84
C PRO A 237 1.16 61.00 -20.99
N GLU A 238 1.51 61.89 -20.06
CA GLU A 238 2.79 62.60 -20.18
C GLU A 238 3.98 61.67 -19.95
N LEU A 239 3.98 60.91 -18.86
CA LEU A 239 5.08 59.99 -18.59
C LEU A 239 5.12 58.89 -19.65
N MET A 240 3.95 58.34 -19.96
CA MET A 240 3.86 57.28 -20.95
C MET A 240 4.31 57.80 -22.31
N ALA A 241 4.11 59.10 -22.55
CA ALA A 241 4.59 59.73 -23.78
C ALA A 241 6.10 59.87 -23.73
N GLN A 242 6.63 60.10 -22.53
CA GLN A 242 8.08 60.17 -22.36
C GLN A 242 8.69 58.84 -22.73
N LEU A 243 7.96 57.75 -22.50
CA LEU A 243 8.44 56.42 -22.86
C LEU A 243 8.04 56.05 -24.29
N TYR A 244 6.86 56.48 -24.73
CA TYR A 244 6.36 56.21 -26.08
C TYR A 244 5.81 57.52 -26.63
N PRO A 245 6.56 58.22 -27.48
CA PRO A 245 6.10 59.53 -27.99
C PRO A 245 4.78 59.54 -28.75
N SER A 246 4.36 58.43 -29.37
CA SER A 246 3.10 58.43 -30.12
C SER A 246 1.90 58.75 -29.25
N PHE A 247 2.04 58.63 -27.93
CA PHE A 247 0.98 58.89 -26.98
C PHE A 247 0.71 60.37 -26.74
N SER A 248 1.56 61.26 -27.26
CA SER A 248 1.31 62.69 -27.08
C SER A 248 0.12 63.15 -27.92
N LYS A 249 -0.29 62.32 -28.89
CA LYS A 249 -1.41 62.61 -29.76
C LYS A 249 -2.73 62.04 -29.25
N GLY A 250 -2.71 61.27 -28.15
CA GLY A 250 -3.91 60.71 -27.60
C GLY A 250 -4.57 59.68 -28.51
N LEU A 251 -5.90 59.68 -28.48
CA LEU A 251 -6.71 58.75 -29.27
C LEU A 251 -7.12 59.32 -30.61
N ALA A 252 -6.67 60.52 -30.96
CA ALA A 252 -7.03 61.11 -32.25
C ALA A 252 -6.56 60.27 -33.44
N PRO A 253 -5.32 59.78 -33.50
CA PRO A 253 -4.93 58.96 -34.65
C PRO A 253 -5.76 57.70 -34.84
N PHE A 254 -6.24 57.10 -33.74
CA PHE A 254 -7.03 55.88 -33.85
C PHE A 254 -8.36 56.14 -34.55
N PHE A 255 -9.03 57.24 -34.21
CA PHE A 255 -10.32 57.55 -34.82
C PHE A 255 -10.21 58.20 -36.18
N THR A 256 -9.03 58.71 -36.56
CA THR A 256 -8.83 59.34 -37.86
C THR A 256 -8.25 58.38 -38.87
N LEU A 257 -8.16 57.09 -38.52
CA LEU A 257 -7.63 56.02 -39.36
C LEU A 257 -6.15 56.22 -39.68
N ASP A 258 -5.44 56.98 -38.86
CA ASP A 258 -4.00 57.22 -39.03
C ASP A 258 -3.24 56.38 -38.01
N TRP A 259 -3.49 55.07 -38.09
CA TRP A 259 -2.88 54.12 -37.17
C TRP A 259 -1.37 54.06 -37.26
N ALA A 260 -0.77 54.50 -38.38
CA ALA A 260 0.68 54.46 -38.50
C ALA A 260 1.36 55.22 -37.37
N GLN A 261 0.70 56.25 -36.82
CA GLN A 261 1.30 57.01 -35.74
C GLN A 261 1.60 56.14 -34.55
N TYR A 262 0.79 55.10 -34.32
CA TYR A 262 0.97 54.16 -33.22
C TYR A 262 2.01 53.10 -33.51
N SER A 263 2.85 53.28 -34.54
CA SER A 263 3.85 52.29 -34.89
C SER A 263 4.95 52.13 -33.85
N ASP A 264 5.07 53.04 -32.88
CA ASP A 264 6.14 52.91 -31.89
C ASP A 264 5.83 51.81 -30.88
N PHE A 265 4.58 51.66 -30.47
CA PHE A 265 4.21 50.64 -29.51
C PHE A 265 3.41 49.51 -30.14
N LEU A 266 3.13 49.59 -31.44
CA LEU A 266 2.40 48.56 -32.19
C LEU A 266 3.28 48.18 -33.37
N THR A 267 4.40 47.54 -33.06
CA THR A 267 5.38 47.14 -34.06
C THR A 267 5.13 45.72 -34.55
N PHE A 268 5.83 45.37 -35.63
CA PHE A 268 5.78 44.05 -36.24
C PHE A 268 7.24 43.69 -36.54
N GLN A 269 8.07 43.72 -35.50
CA GLN A 269 9.49 43.43 -35.63
C GLN A 269 9.76 41.95 -35.89
N GLY A 270 9.72 41.14 -34.85
CA GLY A 270 9.97 39.73 -34.93
C GLY A 270 11.20 39.36 -34.11
N GLY A 271 11.50 38.06 -34.13
CA GLY A 271 12.66 37.63 -33.37
C GLY A 271 12.42 37.75 -31.87
N LEU A 272 13.50 38.02 -31.14
CA LEU A 272 13.43 38.15 -29.70
C LEU A 272 14.19 39.39 -29.24
N ASN A 273 13.82 39.86 -28.05
CA ASN A 273 14.46 41.02 -27.47
C ASN A 273 15.87 40.63 -27.04
N PRO A 274 16.92 41.28 -27.55
CA PRO A 274 18.28 40.88 -27.17
C PRO A 274 18.61 41.09 -25.70
N VAL A 275 17.85 41.92 -24.98
CA VAL A 275 18.15 42.15 -23.57
C VAL A 275 17.56 41.05 -22.70
N THR A 276 16.27 40.74 -22.89
CA THR A 276 15.60 39.73 -22.09
C THR A 276 15.54 38.36 -22.74
N GLY A 277 15.73 38.26 -24.05
CA GLY A 277 15.66 36.98 -24.72
C GLY A 277 14.26 36.53 -25.10
N GLY A 278 13.23 37.34 -24.83
CA GLY A 278 11.87 37.02 -25.15
C GLY A 278 11.34 37.86 -26.30
N LEU A 279 10.08 37.60 -26.63
CA LEU A 279 9.43 38.33 -27.71
C LEU A 279 9.23 39.78 -27.34
N TRP A 280 9.20 40.65 -28.36
CA TRP A 280 8.98 42.06 -28.13
C TRP A 280 7.57 42.27 -27.60
N LEU A 281 7.44 42.93 -26.46
CA LEU A 281 6.11 43.15 -25.89
C LEU A 281 5.24 43.98 -26.81
N THR A 282 5.84 44.88 -27.61
CA THR A 282 5.05 45.66 -28.54
C THR A 282 4.43 44.75 -29.59
N ASP A 283 5.20 43.75 -30.04
CA ASP A 283 4.69 42.79 -31.01
C ASP A 283 3.54 41.99 -30.43
N THR A 284 3.66 41.60 -29.15
CA THR A 284 2.59 40.86 -28.50
C THR A 284 1.34 41.73 -28.35
N VAL A 285 1.52 43.01 -28.07
CA VAL A 285 0.39 43.92 -27.95
C VAL A 285 -0.34 44.00 -29.28
N HIS A 286 0.42 44.18 -30.36
CA HIS A 286 -0.16 44.26 -31.69
C HIS A 286 -0.87 42.96 -32.05
N HIS A 287 -0.27 41.83 -31.68
CA HIS A 287 -0.86 40.53 -31.94
C HIS A 287 -2.20 40.37 -31.22
N HIS A 288 -2.23 40.74 -29.94
CA HIS A 288 -3.46 40.62 -29.17
C HIS A 288 -4.53 41.54 -29.71
N LEU A 289 -4.16 42.75 -30.13
CA LEU A 289 -5.16 43.66 -30.69
C LEU A 289 -5.74 43.11 -31.99
N ALA A 290 -4.88 42.57 -32.86
CA ALA A 290 -5.34 42.02 -34.12
C ALA A 290 -6.26 40.82 -33.91
N ILE A 291 -5.84 39.89 -33.03
CA ILE A 291 -6.69 38.71 -32.80
C ILE A 291 -7.97 39.12 -32.10
N ALA A 292 -7.94 40.17 -31.27
CA ALA A 292 -9.15 40.62 -30.61
C ALA A 292 -10.15 41.14 -31.63
N VAL A 293 -9.67 41.93 -32.60
CA VAL A 293 -10.55 42.44 -33.64
C VAL A 293 -11.11 41.28 -34.45
N LEU A 294 -10.25 40.31 -34.79
CA LEU A 294 -10.68 39.16 -35.58
C LEU A 294 -11.75 38.36 -34.84
N PHE A 295 -11.54 38.10 -33.55
CA PHE A 295 -12.50 37.34 -32.76
C PHE A 295 -13.82 38.09 -32.60
N LEU A 296 -13.75 39.41 -32.38
CA LEU A 296 -14.96 40.20 -32.25
C LEU A 296 -15.76 40.17 -33.54
N ILE A 297 -15.08 40.22 -34.68
CA ILE A 297 -15.78 40.15 -35.95
C ILE A 297 -16.37 38.77 -36.16
N ALA A 298 -15.64 37.72 -35.78
CA ALA A 298 -16.12 36.36 -35.93
C ALA A 298 -17.31 36.06 -35.03
N GLY A 299 -17.46 36.81 -33.93
CA GLY A 299 -18.56 36.59 -33.02
C GLY A 299 -19.87 37.22 -33.47
N HIS A 300 -20.03 37.39 -34.79
CA HIS A 300 -21.24 37.99 -35.35
C HIS A 300 -21.74 37.23 -36.56
N GLN A 301 -21.41 35.94 -36.67
CA GLN A 301 -21.81 35.13 -37.82
C GLN A 301 -23.09 34.34 -37.60
N TYR A 302 -23.31 33.83 -36.40
CA TYR A 302 -24.48 33.01 -36.13
C TYR A 302 -25.72 33.84 -35.80
N ARG A 303 -26.86 33.38 -36.30
CA ARG A 303 -28.14 34.05 -36.11
C ARG A 303 -28.72 33.78 -34.73
N THR A 304 -29.30 34.82 -34.13
CA THR A 304 -29.90 34.70 -32.81
C THR A 304 -31.34 35.21 -32.81
N ASN A 305 -31.56 36.37 -32.20
CA ASN A 305 -32.89 36.97 -32.12
C ASN A 305 -33.21 37.91 -33.27
N TRP A 306 -32.35 38.02 -34.26
CA TRP A 306 -32.57 38.91 -35.38
C TRP A 306 -32.40 38.13 -36.68
N GLY A 307 -32.82 38.74 -37.79
CA GLY A 307 -32.72 38.07 -39.07
C GLY A 307 -31.28 37.84 -39.51
N ILE A 308 -30.41 38.83 -39.29
CA ILE A 308 -29.02 38.69 -39.69
C ILE A 308 -28.36 37.53 -38.96
N GLY A 309 -27.38 36.93 -39.60
CA GLY A 309 -26.66 35.82 -39.04
C GLY A 309 -26.86 34.53 -39.83
N SER A 310 -25.96 33.59 -39.61
CA SER A 310 -25.99 32.30 -40.26
C SER A 310 -26.51 31.25 -39.30
N SER A 311 -26.99 30.14 -39.88
CA SER A 311 -27.52 29.02 -39.11
C SER A 311 -26.58 27.85 -39.22
N LEU A 312 -26.16 27.31 -38.07
CA LEU A 312 -25.25 26.16 -38.08
C LEU A 312 -25.87 24.98 -38.79
N LYS A 313 -27.16 24.73 -38.54
CA LYS A 313 -27.84 23.61 -39.20
C LYS A 313 -27.90 23.82 -40.70
N GLU A 314 -28.19 25.05 -41.14
CA GLU A 314 -28.27 25.34 -42.57
C GLU A 314 -26.92 25.16 -43.24
N ILE A 315 -25.84 25.63 -42.60
CA ILE A 315 -24.52 25.49 -43.18
C ILE A 315 -24.09 24.03 -43.23
N LEU A 316 -24.37 23.27 -42.17
CA LEU A 316 -24.00 21.86 -42.14
C LEU A 316 -24.75 21.06 -43.20
N GLU A 317 -26.07 21.25 -43.28
CA GLU A 317 -26.86 20.50 -44.25
C GLU A 317 -26.57 20.88 -45.70
N ALA A 318 -25.96 22.05 -45.94
CA ALA A 318 -25.65 22.48 -47.30
C ALA A 318 -24.32 21.96 -47.81
N HIS A 319 -23.54 21.26 -46.97
CA HIS A 319 -22.24 20.74 -47.38
C HIS A 319 -22.37 19.24 -47.61
N LYS A 320 -22.70 18.88 -48.85
CA LYS A 320 -22.85 17.49 -49.26
C LYS A 320 -22.34 17.35 -50.68
N GLY A 321 -21.57 16.31 -50.93
CA GLY A 321 -21.02 16.09 -52.25
C GLY A 321 -21.40 14.75 -52.83
N PRO A 322 -20.80 14.41 -53.98
CA PRO A 322 -21.12 13.13 -54.62
C PRO A 322 -20.50 11.92 -53.94
N PHE A 323 -19.43 12.12 -53.16
CA PHE A 323 -18.77 11.02 -52.47
C PHE A 323 -19.29 10.79 -51.06
N THR A 324 -20.13 11.68 -50.53
CA THR A 324 -20.61 11.53 -49.16
C THR A 324 -22.12 11.45 -49.04
N GLY A 325 -22.83 11.13 -50.12
CA GLY A 325 -24.27 11.01 -50.09
C GLY A 325 -25.03 12.17 -49.49
N GLU A 326 -25.58 11.96 -48.29
CA GLU A 326 -26.36 12.99 -47.63
C GLU A 326 -25.50 14.12 -47.07
N GLY A 327 -24.28 13.82 -46.64
CA GLY A 327 -23.41 14.85 -46.10
C GLY A 327 -23.43 15.02 -44.61
N HIS A 328 -23.36 16.27 -44.16
CA HIS A 328 -23.33 16.61 -42.73
C HIS A 328 -24.72 16.66 -42.11
N LYS A 329 -25.76 16.13 -42.74
CA LYS A 329 -27.07 16.15 -42.13
C LYS A 329 -27.08 15.27 -40.88
N GLY A 330 -27.73 15.76 -39.82
CA GLY A 330 -27.82 15.04 -38.58
C GLY A 330 -26.72 15.39 -37.59
N LEU A 331 -25.67 16.08 -38.05
CA LEU A 331 -24.59 16.46 -37.15
C LEU A 331 -25.04 17.51 -36.15
N TYR A 332 -25.91 18.44 -36.58
CA TYR A 332 -26.39 19.46 -35.66
C TYR A 332 -27.19 18.84 -34.54
N GLU A 333 -28.03 17.85 -34.85
CA GLU A 333 -28.82 17.18 -33.82
C GLU A 333 -27.93 16.40 -32.87
N ILE A 334 -26.83 15.84 -33.37
CA ILE A 334 -25.92 15.09 -32.51
C ILE A 334 -25.17 16.01 -31.57
N LEU A 335 -24.67 17.14 -32.09
CA LEU A 335 -23.91 18.09 -31.28
C LEU A 335 -24.77 18.98 -30.40
N THR A 336 -26.09 18.96 -30.55
CA THR A 336 -26.97 19.77 -29.72
C THR A 336 -27.75 18.94 -28.71
N THR A 337 -27.56 17.62 -28.70
CA THR A 337 -28.26 16.76 -27.77
C THR A 337 -27.36 15.76 -27.05
N SER A 338 -26.10 15.64 -27.46
CA SER A 338 -25.17 14.70 -26.83
C SER A 338 -23.98 15.47 -26.27
N TRP A 339 -23.76 15.33 -24.96
CA TRP A 339 -22.63 16.00 -24.32
C TRP A 339 -21.32 15.29 -24.61
N HIS A 340 -21.38 13.97 -24.82
CA HIS A 340 -20.15 13.20 -25.08
C HIS A 340 -19.53 13.55 -26.43
N ALA A 341 -20.36 13.80 -27.45
CA ALA A 341 -19.80 14.17 -28.75
C ALA A 341 -19.07 15.50 -28.66
N GLN A 342 -19.69 16.47 -27.99
CA GLN A 342 -19.07 17.77 -27.81
C GLN A 342 -17.79 17.63 -26.98
N LEU A 343 -17.83 16.79 -25.96
CA LEU A 343 -16.65 16.57 -25.12
C LEU A 343 -15.52 15.95 -25.94
N ALA A 344 -15.84 15.04 -26.84
CA ALA A 344 -14.82 14.41 -27.67
C ALA A 344 -14.17 15.44 -28.59
N ILE A 345 -14.99 16.23 -29.29
CA ILE A 345 -14.44 17.24 -30.20
C ILE A 345 -13.58 18.24 -29.43
N ASN A 346 -14.12 18.74 -28.32
CA ASN A 346 -13.42 19.74 -27.52
C ASN A 346 -12.13 19.18 -26.94
N LEU A 347 -12.15 17.94 -26.44
CA LEU A 347 -10.94 17.34 -25.87
C LEU A 347 -9.87 17.16 -26.94
N ALA A 348 -10.26 16.70 -28.14
CA ALA A 348 -9.28 16.51 -29.21
C ALA A 348 -8.62 17.83 -29.59
N LEU A 349 -9.43 18.84 -29.89
CA LEU A 349 -8.85 20.13 -30.26
C LEU A 349 -8.10 20.77 -29.11
N PHE A 350 -8.56 20.55 -27.88
CA PHE A 350 -7.93 21.14 -26.70
C PHE A 350 -6.54 20.54 -26.48
N GLY A 351 -6.42 19.21 -26.62
CA GLY A 351 -5.12 18.58 -26.48
C GLY A 351 -4.18 18.97 -27.61
N SER A 352 -4.71 19.03 -28.83
CA SER A 352 -3.88 19.44 -29.95
C SER A 352 -3.38 20.86 -29.75
N LEU A 353 -4.25 21.73 -29.20
CA LEU A 353 -3.86 23.10 -28.92
C LEU A 353 -2.77 23.14 -27.87
N SER A 354 -2.87 22.29 -26.85
CA SER A 354 -1.83 22.27 -25.81
C SER A 354 -0.48 21.88 -26.41
N ILE A 355 -0.48 20.90 -27.31
CA ILE A 355 0.76 20.48 -27.95
C ILE A 355 1.33 21.63 -28.79
N ILE A 356 0.46 22.31 -29.54
CA ILE A 356 0.89 23.44 -30.35
C ILE A 356 1.47 24.54 -29.45
N VAL A 357 0.87 24.72 -28.28
CA VAL A 357 1.36 25.71 -27.32
C VAL A 357 2.77 25.36 -26.88
N ALA A 358 3.02 24.10 -26.57
CA ALA A 358 4.36 23.70 -26.15
C ALA A 358 5.37 24.01 -27.24
N HIS A 359 5.03 23.68 -28.49
CA HIS A 359 5.93 23.95 -29.61
C HIS A 359 6.21 25.45 -29.78
N HIS A 360 5.15 26.25 -29.85
CA HIS A 360 5.32 27.68 -30.04
C HIS A 360 6.03 28.34 -28.87
N MET A 361 5.87 27.80 -27.65
CA MET A 361 6.53 28.42 -26.52
C MET A 361 8.02 28.10 -26.49
N TYR A 362 8.45 26.89 -26.85
CA TYR A 362 9.90 26.76 -26.78
C TYR A 362 10.55 27.45 -27.97
N ALA A 363 9.87 27.40 -29.13
CA ALA A 363 10.43 28.02 -30.33
C ALA A 363 10.57 29.53 -30.19
N MET A 364 9.53 30.19 -29.70
CA MET A 364 9.52 31.64 -29.53
C MET A 364 9.21 31.97 -28.08
N PRO A 365 10.23 32.07 -27.23
CA PRO A 365 10.00 32.40 -25.82
C PRO A 365 9.25 33.70 -25.68
N PRO A 366 8.03 33.67 -25.15
CA PRO A 366 7.23 34.89 -25.00
C PRO A 366 7.48 35.70 -23.74
N TYR A 367 8.20 35.16 -22.78
CA TYR A 367 8.42 35.91 -21.55
C TYR A 367 9.89 36.29 -21.40
N PRO A 368 10.16 37.39 -20.70
CA PRO A 368 11.56 37.80 -20.49
C PRO A 368 12.29 36.83 -19.58
N TYR A 369 13.56 36.57 -19.91
CA TYR A 369 14.42 35.67 -19.14
C TYR A 369 13.83 34.28 -19.01
N LEU A 370 13.07 33.85 -20.00
CA LEU A 370 12.46 32.53 -20.01
C LEU A 370 13.27 31.53 -20.82
N ALA A 371 13.81 31.94 -21.96
CA ALA A 371 14.60 31.04 -22.79
C ALA A 371 15.88 30.62 -22.07
N THR A 372 16.53 31.55 -21.38
CA THR A 372 17.75 31.23 -20.66
C THR A 372 17.49 30.34 -19.45
N ASP A 373 16.24 30.20 -19.03
CA ASP A 373 15.87 29.33 -17.91
C ASP A 373 15.54 27.99 -18.54
N TYR A 374 16.57 27.15 -18.68
CA TYR A 374 16.41 25.85 -19.31
C TYR A 374 15.45 24.95 -18.54
N GLY A 375 15.50 25.01 -17.20
CA GLY A 375 14.60 24.20 -16.41
C GLY A 375 13.14 24.52 -16.69
N THR A 376 12.82 25.81 -16.71
CA THR A 376 11.45 26.24 -16.98
C THR A 376 11.02 25.85 -18.39
N GLN A 377 11.91 26.03 -19.37
CA GLN A 377 11.58 25.70 -20.75
C GLN A 377 11.26 24.21 -20.89
N LEU A 378 12.16 23.35 -20.41
CA LEU A 378 11.93 21.92 -20.51
C LEU A 378 10.68 21.49 -19.76
N SER A 379 10.49 22.03 -18.54
CA SER A 379 9.32 21.68 -17.75
C SER A 379 8.02 22.07 -18.44
N LEU A 380 7.95 23.30 -18.96
CA LEU A 380 6.74 23.75 -19.65
C LEU A 380 6.45 22.91 -20.87
N PHE A 381 7.47 22.64 -21.68
CA PHE A 381 7.27 21.83 -22.88
C PHE A 381 6.74 20.44 -22.53
N THR A 382 7.41 19.75 -21.61
CA THR A 382 6.99 18.41 -21.22
C THR A 382 5.60 18.38 -20.63
N HIS A 383 5.30 19.34 -19.74
CA HIS A 383 3.99 19.39 -19.11
C HIS A 383 2.88 19.58 -20.14
N HIS A 384 3.05 20.52 -21.06
CA HIS A 384 2.01 20.72 -22.06
C HIS A 384 1.89 19.54 -23.00
N MET A 385 3.01 18.87 -23.30
CA MET A 385 2.93 17.68 -24.15
C MET A 385 2.09 16.60 -23.49
N TRP A 386 2.31 16.37 -22.20
CA TRP A 386 1.53 15.35 -21.49
C TRP A 386 0.06 15.73 -21.40
N ILE A 387 -0.23 17.00 -21.13
CA ILE A 387 -1.64 17.42 -21.06
C ILE A 387 -2.32 17.19 -22.40
N GLY A 388 -1.65 17.54 -23.49
CA GLY A 388 -2.22 17.34 -24.81
C GLY A 388 -2.49 15.88 -25.12
N GLY A 389 -1.51 15.02 -24.82
CA GLY A 389 -1.70 13.60 -25.08
C GLY A 389 -2.86 13.02 -24.30
N PHE A 390 -2.95 13.37 -23.01
CA PHE A 390 -4.05 12.87 -22.19
C PHE A 390 -5.39 13.34 -22.72
N CYS A 391 -5.49 14.62 -23.10
CA CYS A 391 -6.74 15.14 -23.62
C CYS A 391 -7.14 14.44 -24.92
N ILE A 392 -6.16 14.13 -25.78
CA ILE A 392 -6.48 13.44 -27.03
C ILE A 392 -7.02 12.05 -26.75
N VAL A 393 -6.39 11.33 -25.83
CA VAL A 393 -6.87 9.99 -25.50
C VAL A 393 -8.30 10.08 -24.95
N GLY A 394 -8.55 11.10 -24.12
CA GLY A 394 -9.89 11.28 -23.60
C GLY A 394 -10.90 11.59 -24.68
N ALA A 395 -10.46 12.31 -25.71
CA ALA A 395 -11.35 12.60 -26.83
C ALA A 395 -11.78 11.31 -27.51
N GLY A 396 -10.82 10.42 -27.73
CA GLY A 396 -11.17 9.14 -28.33
C GLY A 396 -12.13 8.35 -27.45
N ALA A 397 -11.89 8.37 -26.14
CA ALA A 397 -12.74 7.65 -25.20
C ALA A 397 -14.18 8.16 -25.27
N HIS A 398 -14.35 9.49 -25.26
CA HIS A 398 -15.70 10.04 -25.31
C HIS A 398 -16.35 9.85 -26.67
N ALA A 399 -15.55 9.79 -27.74
CA ALA A 399 -16.14 9.51 -29.04
C ALA A 399 -16.76 8.13 -29.02
N ALA A 400 -16.04 7.17 -28.41
CA ALA A 400 -16.57 5.82 -28.29
C ALA A 400 -17.80 5.79 -27.39
N ILE A 401 -17.78 6.57 -26.30
CA ILE A 401 -18.93 6.62 -25.40
C ILE A 401 -20.16 7.10 -26.15
N PHE A 402 -20.01 8.16 -26.95
CA PHE A 402 -21.14 8.67 -27.71
C PHE A 402 -21.65 7.61 -28.69
N MET A 403 -20.72 6.96 -29.39
CA MET A 403 -21.10 5.94 -30.35
C MET A 403 -21.84 4.78 -29.68
N VAL A 404 -21.58 4.54 -28.40
CA VAL A 404 -22.24 3.44 -27.71
C VAL A 404 -23.60 3.84 -27.11
N ARG A 405 -23.71 5.02 -26.52
CA ARG A 405 -24.94 5.43 -25.87
C ARG A 405 -25.83 6.38 -26.67
N ASP A 406 -25.28 7.48 -27.18
CA ASP A 406 -26.08 8.48 -27.89
C ASP A 406 -26.28 8.21 -29.37
N TYR A 407 -25.64 7.20 -29.95
CA TYR A 407 -25.82 6.95 -31.37
C TYR A 407 -27.23 6.45 -31.66
N ASP A 408 -27.81 6.95 -32.75
CA ASP A 408 -29.15 6.57 -33.17
C ASP A 408 -29.16 6.35 -34.68
N PRO A 409 -29.33 5.11 -35.14
CA PRO A 409 -29.34 4.85 -36.59
C PRO A 409 -30.44 5.56 -37.35
N THR A 410 -31.61 5.76 -36.74
CA THR A 410 -32.71 6.42 -37.43
C THR A 410 -32.41 7.88 -37.77
N ASN A 411 -31.51 8.53 -37.02
CA ASN A 411 -31.16 9.91 -37.27
C ASN A 411 -29.91 10.09 -38.11
N ASN A 412 -29.12 9.03 -38.28
CA ASN A 412 -27.88 9.08 -39.06
C ASN A 412 -27.97 8.06 -40.18
N TYR A 413 -28.70 8.40 -41.23
CA TYR A 413 -28.86 7.52 -42.38
C TYR A 413 -28.20 8.13 -43.60
N ASN A 414 -27.25 7.39 -44.17
CA ASN A 414 -26.51 7.80 -45.37
C ASN A 414 -25.75 9.11 -45.19
N ASN A 415 -25.44 9.49 -43.96
CA ASN A 415 -24.71 10.72 -43.72
C ASN A 415 -23.23 10.38 -43.54
N LEU A 416 -22.44 11.34 -43.06
CA LEU A 416 -21.02 11.10 -42.87
C LEU A 416 -20.76 10.00 -41.86
N LEU A 417 -21.47 10.04 -40.73
CA LEU A 417 -21.28 9.03 -39.69
C LEU A 417 -21.66 7.64 -40.20
N ASP A 418 -22.81 7.54 -40.87
CA ASP A 418 -23.25 6.24 -41.37
C ASP A 418 -22.30 5.69 -42.42
N ARG A 419 -21.86 6.55 -43.35
CA ARG A 419 -20.94 6.10 -44.39
C ARG A 419 -19.59 5.70 -43.80
N VAL A 420 -19.15 6.41 -42.76
CA VAL A 420 -17.88 6.04 -42.12
C VAL A 420 -18.02 4.69 -41.43
N LEU A 421 -19.16 4.47 -40.76
CA LEU A 421 -19.40 3.21 -40.09
C LEU A 421 -19.62 2.07 -41.08
N ARG A 422 -19.96 2.37 -42.32
CA ARG A 422 -20.20 1.34 -43.33
C ARG A 422 -18.93 0.89 -44.04
N HIS A 423 -17.78 1.52 -43.78
CA HIS A 423 -16.54 1.09 -44.42
C HIS A 423 -15.39 1.12 -43.42
N ARG A 424 -15.70 0.87 -42.15
CA ARG A 424 -14.68 0.86 -41.10
C ARG A 424 -13.59 -0.17 -41.38
N ASP A 425 -13.93 -1.26 -42.08
CA ASP A 425 -12.94 -2.29 -42.36
C ASP A 425 -11.81 -1.74 -43.22
N ALA A 426 -12.15 -0.97 -44.26
CA ALA A 426 -11.11 -0.40 -45.12
C ALA A 426 -10.24 0.58 -44.36
N ILE A 427 -10.86 1.44 -43.55
CA ILE A 427 -10.11 2.43 -42.78
C ILE A 427 -9.14 1.75 -41.83
N ILE A 428 -9.64 0.78 -41.06
CA ILE A 428 -8.79 0.09 -40.09
C ILE A 428 -7.69 -0.72 -40.77
N SER A 429 -8.00 -1.39 -41.88
CA SER A 429 -6.97 -2.18 -42.56
C SER A 429 -5.88 -1.28 -43.11
N HIS A 430 -6.25 -0.17 -43.74
CA HIS A 430 -5.23 0.73 -44.29
C HIS A 430 -4.42 1.38 -43.19
N LEU A 431 -5.07 1.74 -42.08
CA LEU A 431 -4.33 2.34 -40.97
C LEU A 431 -3.38 1.32 -40.37
N ASN A 432 -3.80 0.06 -40.30
CA ASN A 432 -2.93 -0.99 -39.78
C ASN A 432 -1.72 -1.17 -40.68
N TRP A 433 -1.93 -1.17 -42.00
CA TRP A 433 -0.82 -1.31 -42.91
C TRP A 433 0.15 -0.14 -42.81
N VAL A 434 -0.38 1.09 -42.75
CA VAL A 434 0.51 2.24 -42.67
C VAL A 434 1.27 2.20 -41.35
N CYS A 435 0.64 1.72 -40.27
CA CYS A 435 1.34 1.62 -38.99
C CYS A 435 2.47 0.61 -39.07
N ILE A 436 2.23 -0.53 -39.74
CA ILE A 436 3.27 -1.54 -39.87
C ILE A 436 4.42 -1.02 -40.73
N PHE A 437 4.08 -0.35 -41.85
CA PHE A 437 5.12 0.21 -42.72
C PHE A 437 5.94 1.25 -41.99
N LEU A 438 5.30 2.12 -41.22
CA LEU A 438 6.03 3.14 -40.47
C LEU A 438 6.90 2.49 -39.41
N GLY A 439 6.37 1.50 -38.69
CA GLY A 439 7.17 0.83 -37.69
C GLY A 439 8.41 0.21 -38.28
N PHE A 440 8.25 -0.47 -39.40
CA PHE A 440 9.40 -1.08 -40.06
C PHE A 440 10.40 -0.01 -40.48
N HIS A 441 10.01 0.85 -41.42
CA HIS A 441 10.91 1.88 -41.93
C HIS A 441 11.34 2.93 -40.90
N SER A 442 10.92 2.84 -39.65
CA SER A 442 11.35 3.78 -38.64
C SER A 442 12.21 3.12 -37.57
N PHE A 443 11.76 2.00 -37.02
CA PHE A 443 12.52 1.30 -36.00
C PHE A 443 13.57 0.39 -36.61
N GLY A 444 13.26 -0.27 -37.73
CA GLY A 444 14.23 -1.12 -38.37
C GLY A 444 15.46 -0.37 -38.79
N LEU A 445 15.33 0.93 -39.07
CA LEU A 445 16.49 1.72 -39.42
C LEU A 445 17.43 1.82 -38.23
N TYR A 446 16.88 2.04 -37.04
CA TYR A 446 17.68 2.09 -35.83
C TYR A 446 18.32 0.74 -35.56
N ILE A 447 17.56 -0.34 -35.76
CA ILE A 447 18.09 -1.68 -35.54
C ILE A 447 19.22 -1.97 -36.53
N HIS A 448 19.05 -1.55 -37.78
CA HIS A 448 20.08 -1.75 -38.79
C HIS A 448 21.34 -0.98 -38.42
N ASN A 449 21.17 0.25 -37.93
CA ASN A 449 22.32 1.04 -37.53
C ASN A 449 23.03 0.37 -36.35
N ASP A 450 22.26 -0.16 -35.40
CA ASP A 450 22.86 -0.84 -34.24
C ASP A 450 23.65 -2.05 -34.69
N THR A 451 23.07 -2.85 -35.59
CA THR A 451 23.75 -4.04 -36.09
C THR A 451 25.02 -3.68 -36.83
N MET A 452 24.97 -2.65 -37.68
CA MET A 452 26.16 -2.25 -38.42
C MET A 452 27.24 -1.72 -37.49
N SER A 453 26.85 -0.93 -36.49
CA SER A 453 27.83 -0.40 -35.55
C SER A 453 28.47 -1.51 -34.74
N ALA A 454 27.68 -2.52 -34.36
CA ALA A 454 28.22 -3.63 -33.59
C ALA A 454 29.07 -4.55 -34.46
N LEU A 455 28.80 -4.60 -35.76
CA LEU A 455 29.56 -5.43 -36.68
C LEU A 455 30.81 -4.74 -37.21
N GLY A 456 31.09 -3.52 -36.76
CA GLY A 456 32.25 -2.81 -37.25
C GLY A 456 32.11 -2.29 -38.65
N ARG A 457 30.90 -1.91 -39.05
CA ARG A 457 30.62 -1.40 -40.39
C ARG A 457 29.88 -0.06 -40.29
N PRO A 458 30.54 0.98 -39.80
CA PRO A 458 29.86 2.28 -39.69
C PRO A 458 29.53 2.90 -41.04
N GLN A 459 30.17 2.46 -42.12
CA GLN A 459 29.91 3.01 -43.45
C GLN A 459 28.62 2.49 -44.05
N ASP A 460 27.95 1.53 -43.41
CA ASP A 460 26.70 0.97 -43.90
C ASP A 460 25.51 1.43 -43.08
N MET A 461 25.69 2.43 -42.22
CA MET A 461 24.63 2.94 -41.37
C MET A 461 23.88 4.09 -42.05
N PHE A 462 22.73 4.42 -41.46
CA PHE A 462 21.90 5.52 -41.95
C PHE A 462 22.26 6.74 -41.09
N SER A 463 23.37 7.38 -41.45
CA SER A 463 23.86 8.54 -40.73
C SER A 463 24.24 9.62 -41.73
N ASP A 464 24.70 10.76 -41.21
CA ASP A 464 25.10 11.86 -42.07
C ASP A 464 26.43 11.60 -42.76
N THR A 465 27.18 10.60 -42.32
CA THR A 465 28.46 10.24 -42.91
C THR A 465 28.33 9.14 -43.95
N ALA A 466 27.43 8.19 -43.73
CA ALA A 466 27.21 7.07 -44.63
C ALA A 466 25.92 7.34 -45.43
N ILE A 467 24.97 6.40 -45.51
CA ILE A 467 23.73 6.62 -46.25
C ILE A 467 22.95 7.73 -45.56
N GLN A 468 22.89 8.90 -46.20
CA GLN A 468 22.21 10.04 -45.63
C GLN A 468 20.72 10.02 -45.89
N LEU A 469 19.95 10.45 -44.88
CA LEU A 469 18.49 10.54 -44.94
C LEU A 469 18.15 11.98 -44.56
N GLN A 470 18.56 12.91 -45.41
CA GLN A 470 18.33 14.32 -45.15
C GLN A 470 16.86 14.70 -45.29
N PRO A 471 16.32 15.47 -44.35
CA PRO A 471 14.91 15.93 -44.41
C PRO A 471 14.88 17.21 -45.25
N VAL A 472 14.92 17.01 -46.57
CA VAL A 472 14.94 18.13 -47.51
C VAL A 472 13.71 19.01 -47.38
N PHE A 473 12.54 18.42 -47.15
CA PHE A 473 11.32 19.23 -47.02
C PHE A 473 11.37 20.13 -45.80
N ALA A 474 11.75 19.58 -44.64
CA ALA A 474 11.82 20.39 -43.43
C ALA A 474 12.86 21.48 -43.56
N GLN A 475 14.02 21.15 -44.15
CA GLN A 475 15.07 22.15 -44.34
C GLN A 475 14.61 23.25 -45.28
N TRP A 476 13.86 22.88 -46.33
CA TRP A 476 13.37 23.88 -47.26
C TRP A 476 12.39 24.82 -46.57
N VAL A 477 11.48 24.26 -45.78
CA VAL A 477 10.50 25.10 -45.08
C VAL A 477 11.22 26.02 -44.09
N GLN A 478 12.23 25.49 -43.41
CA GLN A 478 12.99 26.29 -42.45
C GLN A 478 13.70 27.46 -43.13
N ASN A 479 14.35 27.19 -44.27
CA ASN A 479 15.04 28.26 -44.98
C ASN A 479 14.03 29.26 -45.54
N THR A 480 12.86 28.78 -45.96
CA THR A 480 11.82 29.68 -46.47
C THR A 480 11.40 30.65 -45.38
N HIS A 481 11.23 30.15 -44.17
CA HIS A 481 10.86 31.04 -43.06
C HIS A 481 12.00 31.99 -42.74
N PHE A 482 13.24 31.52 -42.86
CA PHE A 482 14.38 32.38 -42.59
C PHE A 482 14.46 33.54 -43.57
N LEU A 483 14.13 33.30 -44.83
CA LEU A 483 14.16 34.32 -45.86
C LEU A 483 12.86 35.10 -45.98
N ALA A 484 11.89 34.83 -45.12
CA ALA A 484 10.61 35.54 -45.19
C ALA A 484 10.70 37.04 -44.97
N PRO A 485 11.44 37.56 -43.97
CA PRO A 485 11.49 39.02 -43.81
C PRO A 485 12.04 39.73 -45.03
N GLY A 486 11.38 40.83 -45.39
CA GLY A 486 11.77 41.62 -46.54
C GLY A 486 11.35 41.07 -47.89
N PHE A 487 10.79 39.87 -47.92
CA PHE A 487 10.35 39.24 -49.17
C PHE A 487 8.87 38.90 -49.09
N THR A 488 8.55 37.74 -48.50
CA THR A 488 7.18 37.29 -48.33
C THR A 488 6.56 37.82 -47.05
N ALA A 489 7.12 38.91 -46.52
CA ALA A 489 6.71 39.62 -45.31
C ALA A 489 7.57 40.88 -45.27
N PRO A 490 7.33 41.82 -46.19
CA PRO A 490 8.15 43.05 -46.21
C PRO A 490 8.11 43.88 -44.95
N ASN A 491 6.98 43.92 -44.24
CA ASN A 491 6.89 44.71 -43.02
C ASN A 491 7.44 43.99 -41.80
N ALA A 492 8.18 42.91 -41.98
CA ALA A 492 8.77 42.15 -40.88
C ALA A 492 10.27 42.42 -40.84
N LEU A 493 10.76 42.78 -39.66
CA LEU A 493 12.18 43.06 -39.49
C LEU A 493 13.02 41.82 -39.23
N ALA A 494 12.41 40.75 -38.74
CA ALA A 494 13.13 39.52 -38.46
C ALA A 494 12.15 38.36 -38.51
N SER A 495 12.70 37.15 -38.50
CA SER A 495 11.89 35.94 -38.54
C SER A 495 11.14 35.76 -37.21
N THR A 496 10.14 34.89 -37.25
CA THR A 496 9.35 34.63 -36.04
C THR A 496 10.21 34.03 -34.94
N SER A 497 11.10 33.11 -35.29
CA SER A 497 11.96 32.47 -34.31
C SER A 497 13.35 32.31 -34.87
N PRO A 498 14.38 32.39 -34.02
CA PRO A 498 15.76 32.22 -34.50
C PRO A 498 16.05 30.80 -34.94
N SER A 499 15.16 29.84 -34.67
CA SER A 499 15.39 28.47 -35.06
C SER A 499 15.41 28.30 -36.58
N TRP A 500 14.69 29.16 -37.31
CA TRP A 500 14.70 29.05 -38.76
C TRP A 500 16.09 29.31 -39.34
N GLY A 501 16.91 30.04 -38.62
CA GLY A 501 18.25 30.35 -39.07
C GLY A 501 18.63 31.74 -38.62
N GLY A 502 19.86 32.13 -38.95
CA GLY A 502 20.34 33.45 -38.59
C GLY A 502 21.41 33.45 -37.52
N ASP A 503 21.46 34.52 -36.74
CA ASP A 503 22.45 34.66 -35.68
C ASP A 503 22.00 33.94 -34.41
N VAL A 504 22.85 33.95 -33.40
CA VAL A 504 22.59 33.31 -32.12
C VAL A 504 22.17 34.37 -31.12
N VAL A 505 21.01 34.18 -30.50
CA VAL A 505 20.48 35.10 -29.50
C VAL A 505 20.85 34.54 -28.14
N ALA A 506 21.77 35.20 -27.46
CA ALA A 506 22.26 34.80 -26.14
C ALA A 506 22.00 35.92 -25.14
N VAL A 507 21.60 35.54 -23.93
CA VAL A 507 21.31 36.47 -22.86
C VAL A 507 22.05 36.03 -21.60
N GLY A 508 22.83 36.93 -21.02
CA GLY A 508 23.57 36.63 -19.81
C GLY A 508 24.57 35.51 -19.97
N GLY A 509 25.20 35.41 -21.14
CA GLY A 509 26.18 34.38 -21.38
C GLY A 509 25.62 33.03 -21.77
N LYS A 510 24.30 32.86 -21.74
CA LYS A 510 23.65 31.60 -22.10
C LYS A 510 22.86 31.79 -23.38
N VAL A 511 22.85 30.77 -24.21
CA VAL A 511 22.15 30.81 -25.49
C VAL A 511 20.65 30.74 -25.25
N ALA A 512 19.93 31.80 -25.65
CA ALA A 512 18.49 31.82 -25.49
C ALA A 512 17.81 31.12 -26.66
N MET A 513 18.31 31.34 -27.88
CA MET A 513 17.77 30.71 -29.07
C MET A 513 18.81 30.75 -30.17
N MET A 514 18.80 29.74 -31.02
CA MET A 514 19.75 29.66 -32.12
C MET A 514 19.17 28.74 -33.18
N PRO A 515 19.69 28.78 -34.41
CA PRO A 515 19.17 27.90 -35.46
C PRO A 515 19.29 26.44 -35.08
N ILE A 516 18.27 25.66 -35.43
CA ILE A 516 18.21 24.24 -35.14
C ILE A 516 18.34 23.50 -36.47
N SER A 517 19.52 22.91 -36.69
CA SER A 517 19.79 22.17 -37.92
C SER A 517 19.17 20.79 -37.84
N LEU A 518 18.59 20.34 -38.95
CA LEU A 518 17.94 19.04 -39.04
C LEU A 518 18.79 18.12 -39.91
N GLY A 519 19.05 16.91 -39.41
CA GLY A 519 19.84 15.94 -40.14
C GLY A 519 19.19 14.56 -40.22
N THR A 520 20.01 13.53 -40.36
CA THR A 520 19.49 12.16 -40.45
C THR A 520 18.81 11.75 -39.14
N ALA A 521 19.40 12.13 -38.00
CA ALA A 521 18.81 11.79 -36.72
C ALA A 521 17.43 12.42 -36.56
N ASP A 522 17.28 13.67 -37.02
CA ASP A 522 15.99 14.33 -36.95
C ASP A 522 14.97 13.62 -37.83
N PHE A 523 15.40 13.18 -39.01
CA PHE A 523 14.52 12.44 -39.92
C PHE A 523 14.02 11.16 -39.25
N LEU A 524 14.94 10.41 -38.64
CA LEU A 524 14.59 9.17 -37.97
C LEU A 524 13.64 9.40 -36.80
N VAL A 525 13.95 10.38 -35.95
CA VAL A 525 13.08 10.61 -34.80
C VAL A 525 11.72 11.12 -35.25
N HIS A 526 11.65 11.92 -36.32
CA HIS A 526 10.36 12.41 -36.78
C HIS A 526 9.51 11.26 -37.31
N HIS A 527 10.14 10.31 -38.01
CA HIS A 527 9.37 9.18 -38.49
C HIS A 527 8.94 8.29 -37.33
N ILE A 528 9.75 8.24 -36.27
CA ILE A 528 9.36 7.48 -35.09
C ILE A 528 8.12 8.12 -34.47
N HIS A 529 8.11 9.46 -34.40
CA HIS A 529 6.96 10.18 -33.86
C HIS A 529 5.72 9.91 -34.69
N ALA A 530 5.86 9.96 -36.02
CA ALA A 530 4.73 9.71 -36.90
C ALA A 530 4.19 8.30 -36.70
N PHE A 531 5.10 7.32 -36.56
CA PHE A 531 4.68 5.93 -36.36
C PHE A 531 3.92 5.77 -35.05
N THR A 532 4.44 6.33 -33.97
CA THR A 532 3.75 6.20 -32.68
C THR A 532 2.39 6.89 -32.70
N ILE A 533 2.32 8.09 -33.29
CA ILE A 533 1.04 8.79 -33.36
C ILE A 533 0.06 7.99 -34.19
N HIS A 534 0.52 7.38 -35.28
CA HIS A 534 -0.35 6.58 -36.12
C HIS A 534 -0.88 5.36 -35.37
N VAL A 535 -0.04 4.71 -34.58
CA VAL A 535 -0.51 3.54 -33.83
C VAL A 535 -1.55 3.96 -32.79
N THR A 536 -1.30 5.07 -32.10
CA THR A 536 -2.27 5.52 -31.11
C THR A 536 -3.60 5.85 -31.78
N VAL A 537 -3.53 6.51 -32.94
CA VAL A 537 -4.74 6.84 -33.68
C VAL A 537 -5.45 5.57 -34.12
N LEU A 538 -4.69 4.55 -34.53
CA LEU A 538 -5.28 3.30 -34.96
C LEU A 538 -6.06 2.66 -33.82
N ILE A 539 -5.47 2.62 -32.62
CA ILE A 539 -6.15 2.01 -31.49
C ILE A 539 -7.43 2.77 -31.14
N LEU A 540 -7.32 4.09 -30.98
CA LEU A 540 -8.49 4.89 -30.62
C LEU A 540 -9.57 4.83 -31.69
N LEU A 541 -9.19 4.97 -32.96
CA LEU A 541 -10.16 4.93 -34.05
C LEU A 541 -10.81 3.57 -34.16
N LYS A 542 -10.04 2.50 -33.96
CA LYS A 542 -10.62 1.16 -34.02
C LYS A 542 -11.65 0.99 -32.92
N GLY A 543 -11.34 1.47 -31.72
CA GLY A 543 -12.31 1.35 -30.64
C GLY A 543 -13.57 2.14 -30.90
N VAL A 544 -13.43 3.35 -31.45
CA VAL A 544 -14.60 4.18 -31.74
C VAL A 544 -15.43 3.57 -32.87
N LEU A 545 -14.78 3.05 -33.91
CA LEU A 545 -15.50 2.49 -35.05
C LEU A 545 -16.13 1.14 -34.75
N TYR A 546 -15.54 0.32 -33.89
CA TYR A 546 -16.10 -0.98 -33.57
C TYR A 546 -16.74 -1.05 -32.19
N ALA A 547 -16.99 0.11 -31.57
CA ALA A 547 -17.61 0.12 -30.26
C ALA A 547 -19.03 -0.43 -30.28
N ARG A 548 -19.75 -0.25 -31.38
CA ARG A 548 -21.13 -0.73 -31.47
C ARG A 548 -21.19 -2.21 -31.81
N SER A 549 -20.63 -2.61 -32.95
CA SER A 549 -20.66 -4.00 -33.36
C SER A 549 -19.35 -4.37 -34.04
N SER A 550 -19.20 -5.67 -34.28
CA SER A 550 -18.01 -6.22 -34.92
C SER A 550 -18.37 -7.60 -35.46
N ARG A 551 -17.51 -8.13 -36.32
CA ARG A 551 -17.76 -9.45 -36.87
C ARG A 551 -17.71 -10.50 -35.78
N LEU A 552 -16.81 -10.35 -34.81
CA LEU A 552 -16.71 -11.30 -33.71
C LEU A 552 -17.92 -11.20 -32.78
N ILE A 553 -18.28 -10.00 -32.40
CA ILE A 553 -19.42 -9.75 -31.52
C ILE A 553 -20.37 -8.79 -32.23
N PRO A 554 -21.47 -9.29 -32.78
CA PRO A 554 -22.41 -8.41 -33.49
C PRO A 554 -23.25 -7.52 -32.60
N ASP A 555 -23.35 -7.81 -31.30
CA ASP A 555 -24.16 -7.01 -30.38
C ASP A 555 -23.30 -6.38 -29.29
N LYS A 556 -22.11 -5.88 -29.68
CA LYS A 556 -21.23 -5.25 -28.69
C LYS A 556 -21.87 -4.02 -28.05
N ALA A 557 -22.76 -3.34 -28.78
CA ALA A 557 -23.41 -2.16 -28.23
C ALA A 557 -24.32 -2.51 -27.06
N ASN A 558 -24.95 -3.68 -27.10
CA ASN A 558 -25.82 -4.09 -26.00
C ASN A 558 -25.05 -4.32 -24.72
N LEU A 559 -23.81 -4.80 -24.83
CA LEU A 559 -23.00 -5.06 -23.65
C LEU A 559 -22.58 -3.77 -22.96
N GLY A 560 -22.66 -2.64 -23.64
CA GLY A 560 -22.30 -1.36 -23.10
C GLY A 560 -20.97 -0.85 -23.63
N PHE A 561 -20.48 0.21 -22.98
CA PHE A 561 -19.21 0.82 -23.36
C PHE A 561 -18.05 0.28 -22.54
N ARG A 562 -18.29 -0.05 -21.27
CA ARG A 562 -17.25 -0.54 -20.38
C ARG A 562 -17.64 -1.91 -19.81
N PHE A 563 -17.11 -2.96 -20.42
CA PHE A 563 -17.34 -4.33 -19.98
C PHE A 563 -16.02 -5.07 -20.13
N PRO A 564 -15.76 -6.06 -19.28
CA PRO A 564 -14.47 -6.77 -19.39
C PRO A 564 -14.33 -7.61 -20.63
N CYS A 565 -15.35 -8.37 -21.00
CA CYS A 565 -15.27 -9.23 -22.18
C CYS A 565 -16.64 -9.84 -22.50
N ASP A 566 -16.60 -10.96 -23.23
CA ASP A 566 -17.79 -11.70 -23.60
C ASP A 566 -17.52 -13.19 -23.45
N GLY A 567 -16.77 -13.54 -22.40
CA GLY A 567 -16.44 -14.92 -22.12
C GLY A 567 -15.25 -15.43 -22.90
N PRO A 568 -14.81 -16.65 -22.58
CA PRO A 568 -13.67 -17.25 -23.27
C PRO A 568 -14.01 -17.91 -24.60
N GLY A 569 -15.24 -17.76 -25.07
CA GLY A 569 -15.63 -18.37 -26.32
C GLY A 569 -15.07 -17.62 -27.51
N ARG A 570 -15.21 -18.24 -28.68
CA ARG A 570 -14.71 -17.68 -29.93
C ARG A 570 -13.21 -17.46 -29.87
N GLY A 571 -12.53 -18.26 -29.04
CA GLY A 571 -11.12 -18.18 -28.84
C GLY A 571 -10.74 -17.23 -27.71
N GLY A 572 -11.56 -16.22 -27.46
CA GLY A 572 -11.30 -15.25 -26.42
C GLY A 572 -11.73 -13.85 -26.84
N THR A 573 -12.48 -13.16 -25.98
CA THR A 573 -12.97 -11.82 -26.26
C THR A 573 -12.48 -10.83 -25.21
N CYS A 574 -11.30 -11.09 -24.66
CA CYS A 574 -10.72 -10.22 -23.63
C CYS A 574 -10.41 -8.85 -24.21
N GLN A 575 -10.78 -7.81 -23.48
CA GLN A 575 -10.51 -6.43 -23.90
C GLN A 575 -11.05 -6.15 -25.30
N VAL A 576 -12.35 -6.38 -25.48
CA VAL A 576 -13.00 -6.16 -26.77
C VAL A 576 -13.85 -4.90 -26.78
N SER A 577 -14.13 -4.32 -25.61
CA SER A 577 -14.94 -3.11 -25.53
C SER A 577 -14.14 -1.88 -25.92
N ALA A 578 -14.85 -0.75 -26.03
CA ALA A 578 -14.18 0.51 -26.36
C ALA A 578 -13.33 1.01 -25.21
N TRP A 579 -13.77 0.76 -23.98
CA TRP A 579 -13.01 1.16 -22.81
C TRP A 579 -11.62 0.53 -22.84
N ASP A 580 -11.55 -0.73 -23.25
CA ASP A 580 -10.27 -1.41 -23.33
C ASP A 580 -9.40 -0.81 -24.43
N HIS A 581 -10.02 -0.35 -25.52
CA HIS A 581 -9.25 0.29 -26.57
C HIS A 581 -8.63 1.58 -26.04
N VAL A 582 -9.38 2.29 -25.20
CA VAL A 582 -8.84 3.50 -24.57
C VAL A 582 -7.73 3.14 -23.61
N PHE A 583 -7.90 2.01 -22.91
CA PHE A 583 -6.91 1.52 -21.97
C PHE A 583 -5.58 1.25 -22.66
N LEU A 584 -5.63 0.68 -23.87
CA LEU A 584 -4.40 0.42 -24.63
C LEU A 584 -3.86 1.70 -25.26
N GLY A 585 -4.77 2.58 -25.71
CA GLY A 585 -4.37 3.83 -26.30
C GLY A 585 -3.61 4.69 -25.31
N LEU A 586 -3.93 4.54 -24.02
CA LEU A 586 -3.20 5.31 -23.00
C LEU A 586 -1.74 4.91 -22.99
N PHE A 587 -1.46 3.61 -23.05
CA PHE A 587 -0.08 3.14 -23.07
C PHE A 587 0.65 3.64 -24.30
N TRP A 588 -0.01 3.55 -25.46
CA TRP A 588 0.65 4.00 -26.68
C TRP A 588 0.87 5.51 -26.67
N MET A 589 -0.06 6.28 -26.10
CA MET A 589 0.13 7.72 -26.00
C MET A 589 1.31 8.03 -25.09
N TYR A 590 1.43 7.27 -24.00
CA TYR A 590 2.55 7.48 -23.09
C TYR A 590 3.86 7.23 -23.81
N ASN A 591 3.91 6.16 -24.60
CA ASN A 591 5.12 5.84 -25.36
C ASN A 591 5.48 6.96 -26.33
N SER A 592 4.48 7.44 -27.08
CA SER A 592 4.70 8.51 -28.05
C SER A 592 5.19 9.78 -27.39
N ILE A 593 4.49 10.25 -26.35
CA ILE A 593 4.89 11.48 -25.68
C ILE A 593 6.26 11.32 -25.02
N SER A 594 6.57 10.13 -24.51
CA SER A 594 7.87 9.90 -23.89
C SER A 594 8.98 10.08 -24.93
N ILE A 595 8.81 9.49 -26.11
CA ILE A 595 9.82 9.63 -27.14
C ILE A 595 9.93 11.09 -27.58
N VAL A 596 8.79 11.79 -27.65
CA VAL A 596 8.80 13.19 -28.07
C VAL A 596 9.59 14.04 -27.09
N ILE A 597 9.32 13.90 -25.80
CA ILE A 597 10.03 14.70 -24.80
C ILE A 597 11.50 14.32 -24.75
N PHE A 598 11.83 13.03 -24.94
CA PHE A 598 13.24 12.65 -24.94
C PHE A 598 13.97 13.30 -26.10
N HIS A 599 13.33 13.31 -27.28
CA HIS A 599 13.92 13.94 -28.45
C HIS A 599 14.14 15.42 -28.22
N PHE A 600 13.13 16.10 -27.65
CA PHE A 600 13.26 17.52 -27.38
C PHE A 600 14.40 17.80 -26.41
N SER A 601 14.45 17.05 -25.31
CA SER A 601 15.49 17.26 -24.31
C SER A 601 16.88 17.09 -24.90
N TRP A 602 17.12 15.97 -25.58
CA TRP A 602 18.45 15.74 -26.15
C TRP A 602 18.80 16.77 -27.20
N LYS A 603 17.85 17.11 -28.08
CA LYS A 603 18.14 18.09 -29.13
C LYS A 603 18.47 19.46 -28.56
N MET A 604 17.72 19.92 -27.56
CA MET A 604 18.02 21.23 -26.99
C MET A 604 19.31 21.21 -26.20
N GLN A 605 19.62 20.11 -25.51
CA GLN A 605 20.87 20.07 -24.76
C GLN A 605 22.09 19.89 -25.65
N SER A 606 21.92 19.42 -26.88
CA SER A 606 23.07 19.21 -27.75
C SER A 606 23.22 20.25 -28.86
N ASP A 607 22.16 20.94 -29.26
CA ASP A 607 22.26 21.90 -30.36
C ASP A 607 21.69 23.28 -30.06
N VAL A 608 21.17 23.54 -28.87
CA VAL A 608 20.60 24.85 -28.59
C VAL A 608 21.17 25.43 -27.29
N TRP A 609 20.77 24.85 -26.16
CA TRP A 609 21.23 25.33 -24.87
C TRP A 609 22.73 25.21 -24.72
N GLY A 610 23.33 26.22 -24.11
CA GLY A 610 24.77 26.24 -23.90
C GLY A 610 25.23 27.60 -23.43
N THR A 611 26.53 27.84 -23.55
CA THR A 611 27.14 29.10 -23.14
C THR A 611 27.96 29.67 -24.30
N VAL A 612 28.06 31.00 -24.32
CA VAL A 612 28.83 31.72 -25.34
C VAL A 612 30.09 32.26 -24.67
N SER A 613 31.25 31.93 -25.24
CA SER A 613 32.53 32.36 -24.70
C SER A 613 33.35 33.16 -25.71
N ALA A 614 32.68 33.97 -26.53
CA ALA A 614 33.32 34.82 -27.54
C ALA A 614 34.08 34.01 -28.59
N ASN A 615 34.12 32.69 -28.43
CA ASN A 615 34.81 31.80 -29.36
C ASN A 615 33.89 30.76 -29.97
N GLY A 616 32.63 30.74 -29.58
CA GLY A 616 31.66 29.80 -30.08
C GLY A 616 30.62 29.52 -29.02
N VAL A 617 29.89 28.42 -29.21
CA VAL A 617 28.85 27.99 -28.29
C VAL A 617 29.24 26.64 -27.72
N SER A 618 29.26 26.54 -26.40
CA SER A 618 29.60 25.30 -25.70
C SER A 618 28.29 24.70 -25.21
N HIS A 619 27.75 23.76 -25.99
CA HIS A 619 26.49 23.13 -25.64
C HIS A 619 26.66 22.25 -24.41
N ILE A 620 25.53 21.94 -23.78
CA ILE A 620 25.54 21.14 -22.55
C ILE A 620 26.11 19.75 -22.81
N THR A 621 25.67 19.07 -23.86
CA THR A 621 26.17 17.73 -24.16
C THR A 621 27.21 17.72 -25.27
N GLY A 622 27.59 18.87 -25.81
CA GLY A 622 28.60 18.91 -26.84
C GLY A 622 28.17 18.52 -28.23
N GLY A 623 26.86 18.45 -28.50
CA GLY A 623 26.40 18.09 -29.82
C GLY A 623 26.53 16.62 -30.17
N ASN A 624 26.36 15.72 -29.21
CA ASN A 624 26.45 14.29 -29.46
C ASN A 624 25.18 13.72 -30.08
N PHE A 625 24.12 14.51 -30.18
CA PHE A 625 22.87 14.02 -30.77
C PHE A 625 23.04 13.74 -32.26
N ALA A 626 23.72 14.63 -32.98
CA ALA A 626 23.91 14.45 -34.41
C ALA A 626 24.77 13.25 -34.78
N GLN A 627 25.48 12.66 -33.81
CA GLN A 627 26.33 11.50 -34.08
C GLN A 627 25.95 10.26 -33.30
N SER A 628 25.01 10.33 -32.37
CA SER A 628 24.61 9.17 -31.58
C SER A 628 23.12 8.88 -31.58
N ALA A 629 22.26 9.82 -31.97
CA ALA A 629 20.82 9.57 -31.96
C ALA A 629 20.35 8.65 -33.08
N ASN A 630 21.25 8.16 -33.93
CA ASN A 630 20.86 7.27 -35.01
C ASN A 630 20.81 5.80 -34.59
N THR A 631 21.16 5.50 -33.34
CA THR A 631 21.16 4.14 -32.83
C THR A 631 20.49 4.11 -31.47
N ILE A 632 19.94 2.93 -31.13
CA ILE A 632 19.30 2.77 -29.82
C ILE A 632 20.34 2.80 -28.71
N ASN A 633 21.52 2.24 -28.98
CA ASN A 633 22.58 2.24 -27.98
C ASN A 633 22.99 3.65 -27.63
N GLY A 634 22.97 4.56 -28.60
CA GLY A 634 23.31 5.94 -28.33
C GLY A 634 22.30 6.59 -27.40
N TRP A 635 21.02 6.30 -27.61
CA TRP A 635 19.97 6.84 -26.75
C TRP A 635 20.09 6.27 -25.34
N LEU A 636 20.47 5.00 -25.23
CA LEU A 636 20.59 4.37 -23.92
C LEU A 636 21.81 4.86 -23.16
N ARG A 637 22.93 5.06 -23.86
CA ARG A 637 24.19 5.48 -23.24
C ARG A 637 24.39 6.99 -23.20
N ASP A 638 24.37 7.63 -24.36
CA ASP A 638 24.62 9.07 -24.41
C ASP A 638 23.47 9.92 -23.86
N PHE A 639 22.26 9.35 -23.72
CA PHE A 639 21.15 10.14 -23.20
C PHE A 639 20.62 9.61 -21.88
N LEU A 640 20.21 8.35 -21.81
CA LEU A 640 19.65 7.82 -20.57
C LEU A 640 20.73 7.62 -19.51
N TRP A 641 21.83 6.95 -19.87
CA TRP A 641 22.89 6.69 -18.89
C TRP A 641 23.71 7.93 -18.58
N ALA A 642 24.07 8.71 -19.60
CA ALA A 642 24.90 9.89 -19.38
C ALA A 642 24.18 10.98 -18.59
N GLN A 643 22.92 11.25 -18.90
CA GLN A 643 22.18 12.31 -18.22
C GLN A 643 21.53 11.87 -16.92
N SER A 644 21.59 10.59 -16.56
CA SER A 644 20.97 10.15 -15.32
C SER A 644 21.90 10.31 -14.12
N SER A 645 23.16 10.66 -14.33
CA SER A 645 24.09 10.83 -13.22
C SER A 645 23.70 11.99 -12.32
N GLN A 646 22.91 12.93 -12.83
CA GLN A 646 22.50 14.06 -12.01
C GLN A 646 21.44 13.67 -10.98
N VAL A 647 20.55 12.75 -11.32
CA VAL A 647 19.51 12.34 -10.39
C VAL A 647 19.98 11.24 -9.44
N ILE A 648 20.92 10.39 -9.86
CA ILE A 648 21.39 9.32 -8.98
C ILE A 648 22.48 9.79 -8.03
N GLN A 649 22.94 11.02 -8.17
CA GLN A 649 23.98 11.59 -7.31
C GLN A 649 23.46 12.80 -6.55
N SER A 650 22.14 12.93 -6.43
CA SER A 650 21.52 14.06 -5.74
C SER A 650 21.36 13.84 -4.24
N TYR A 651 21.66 12.65 -3.73
CA TYR A 651 21.51 12.42 -2.30
C TYR A 651 22.49 13.29 -1.52
N GLY A 652 22.00 13.85 -0.42
CA GLY A 652 22.81 14.73 0.40
C GLY A 652 22.83 16.16 -0.07
N SER A 653 21.99 16.50 -1.07
CA SER A 653 21.93 17.86 -1.58
C SER A 653 20.48 18.33 -1.65
N ALA A 654 20.26 19.50 -2.23
CA ALA A 654 18.90 20.03 -2.33
C ALA A 654 18.05 19.22 -3.31
N LEU A 655 18.67 18.63 -4.33
CA LEU A 655 17.96 17.84 -5.31
C LEU A 655 17.71 16.41 -4.85
N SER A 656 17.99 16.11 -3.58
CA SER A 656 17.79 14.76 -3.06
C SER A 656 16.36 14.29 -3.26
N ALA A 657 15.39 15.21 -3.17
CA ALA A 657 14.00 14.82 -3.37
C ALA A 657 13.82 14.23 -4.76
N TYR A 658 14.44 14.85 -5.77
CA TYR A 658 14.34 14.32 -7.12
C TYR A 658 14.93 12.92 -7.20
N GLY A 659 15.94 12.63 -6.37
CA GLY A 659 16.51 11.30 -6.36
C GLY A 659 15.61 10.32 -5.67
N LEU A 660 14.79 10.78 -4.73
CA LEU A 660 13.88 9.89 -4.03
C LEU A 660 12.70 9.53 -4.92
N ILE A 661 12.04 10.55 -5.48
CA ILE A 661 10.89 10.31 -6.37
C ILE A 661 11.33 9.44 -7.54
N PHE A 662 12.52 9.71 -8.08
CA PHE A 662 13.03 8.91 -9.20
C PHE A 662 12.97 7.43 -8.86
N LEU A 663 13.28 7.08 -7.62
CA LEU A 663 13.19 5.68 -7.22
C LEU A 663 11.74 5.31 -6.95
N GLY A 664 11.03 6.16 -6.21
CA GLY A 664 9.64 5.88 -5.89
C GLY A 664 8.81 5.62 -7.13
N ALA A 665 8.98 6.47 -8.14
CA ALA A 665 8.25 6.28 -9.38
C ALA A 665 8.56 4.91 -9.98
N HIS A 666 9.86 4.56 -10.00
CA HIS A 666 10.27 3.26 -10.53
C HIS A 666 9.51 2.15 -9.85
N PHE A 667 9.21 2.34 -8.56
CA PHE A 667 8.45 1.33 -7.82
C PHE A 667 7.01 1.28 -8.29
N VAL A 668 6.34 2.43 -8.33
CA VAL A 668 4.94 2.48 -8.73
C VAL A 668 4.76 1.83 -10.10
N TRP A 669 5.62 2.19 -11.04
CA TRP A 669 5.54 1.61 -12.37
C TRP A 669 5.59 0.10 -12.29
N ALA A 670 6.60 -0.45 -11.60
CA ALA A 670 6.70 -1.89 -11.47
C ALA A 670 5.48 -2.45 -10.76
N PHE A 671 4.97 -1.70 -9.78
CA PHE A 671 3.78 -2.11 -9.06
C PHE A 671 2.63 -2.35 -10.03
N SER A 672 2.50 -1.47 -11.02
CA SER A 672 1.44 -1.60 -12.01
C SER A 672 1.47 -2.95 -12.70
N LEU A 673 2.66 -3.50 -12.92
CA LEU A 673 2.76 -4.79 -13.59
C LEU A 673 1.95 -5.86 -12.87
N MET A 674 1.90 -5.79 -11.54
CA MET A 674 1.11 -6.79 -10.80
C MET A 674 -0.34 -6.78 -11.26
N PHE A 675 -0.89 -5.59 -11.48
CA PHE A 675 -2.28 -5.48 -11.91
C PHE A 675 -2.45 -5.66 -13.41
N LEU A 676 -1.37 -5.68 -14.18
CA LEU A 676 -1.50 -5.82 -15.62
C LEU A 676 -1.31 -7.25 -16.12
N PHE A 677 -0.53 -8.07 -15.42
CA PHE A 677 -0.30 -9.45 -15.84
C PHE A 677 -1.10 -10.46 -15.03
N SER A 678 -1.94 -10.01 -14.10
CA SER A 678 -2.71 -10.92 -13.26
C SER A 678 -4.18 -10.97 -13.66
N GLY A 679 -4.92 -11.84 -12.96
CA GLY A 679 -6.33 -12.02 -13.21
C GLY A 679 -7.10 -11.92 -11.91
N ARG A 680 -8.43 -11.86 -12.04
CA ARG A 680 -9.29 -11.73 -10.87
C ARG A 680 -9.47 -13.03 -10.10
N GLY A 681 -9.45 -14.19 -10.78
CA GLY A 681 -9.65 -15.44 -10.09
C GLY A 681 -8.61 -15.74 -9.03
N TYR A 682 -7.34 -15.52 -9.35
CA TYR A 682 -6.26 -15.79 -8.40
C TYR A 682 -6.45 -14.96 -7.13
N TRP A 683 -6.65 -13.66 -7.28
CA TRP A 683 -6.81 -12.79 -6.12
C TRP A 683 -8.09 -13.13 -5.36
N GLN A 684 -9.15 -13.53 -6.04
CA GLN A 684 -10.37 -13.89 -5.31
C GLN A 684 -10.14 -15.12 -4.45
N GLU A 685 -9.43 -16.11 -4.97
CA GLU A 685 -9.15 -17.31 -4.16
C GLU A 685 -8.22 -16.99 -2.99
N LEU A 686 -7.21 -16.14 -3.25
CA LEU A 686 -6.31 -15.76 -2.17
C LEU A 686 -7.08 -15.03 -1.07
N ILE A 687 -8.01 -14.16 -1.49
CA ILE A 687 -8.86 -13.45 -0.55
C ILE A 687 -9.74 -14.43 0.20
N GLU A 688 -10.14 -15.52 -0.47
CA GLU A 688 -10.94 -16.53 0.21
C GLU A 688 -10.17 -17.12 1.37
N SER A 689 -8.89 -17.45 1.15
CA SER A 689 -8.07 -18.01 2.22
C SER A 689 -7.88 -17.00 3.35
N ILE A 690 -7.62 -15.74 2.99
CA ILE A 690 -7.44 -14.70 4.02
C ILE A 690 -8.74 -14.50 4.79
N VAL A 691 -9.88 -14.61 4.10
CA VAL A 691 -11.17 -14.48 4.75
C VAL A 691 -11.38 -15.62 5.73
N TRP A 692 -10.91 -16.82 5.36
CA TRP A 692 -11.03 -17.94 6.29
C TRP A 692 -10.23 -17.64 7.55
N ALA A 693 -9.02 -17.08 7.37
CA ALA A 693 -8.20 -16.73 8.51
C ALA A 693 -8.91 -15.72 9.41
N HIS A 694 -9.58 -14.74 8.79
CA HIS A 694 -10.31 -13.74 9.56
C HIS A 694 -11.50 -14.34 10.30
N ASN A 695 -12.22 -15.24 9.63
CA ASN A 695 -13.38 -15.89 10.25
C ASN A 695 -12.95 -16.75 11.43
N LYS A 696 -11.76 -17.35 11.34
CA LYS A 696 -11.27 -18.18 12.43
C LYS A 696 -11.10 -17.39 13.72
N LEU A 697 -10.89 -16.07 13.62
CA LEU A 697 -10.73 -15.22 14.80
C LEU A 697 -11.91 -14.28 15.01
N LYS A 698 -13.04 -14.53 14.34
CA LYS A 698 -14.25 -13.72 14.46
C LYS A 698 -14.00 -12.25 14.12
N VAL A 699 -13.17 -12.00 13.10
CA VAL A 699 -12.88 -10.63 12.71
C VAL A 699 -13.19 -10.43 11.23
N ALA A 700 -14.12 -11.20 10.70
CA ALA A 700 -14.47 -11.05 9.30
C ALA A 700 -15.45 -9.88 9.13
N PRO A 701 -15.24 -9.02 8.14
CA PRO A 701 -16.15 -7.88 7.95
C PRO A 701 -17.40 -8.26 7.19
N ALA A 702 -18.50 -7.55 7.49
CA ALA A 702 -19.76 -7.81 6.80
C ALA A 702 -19.66 -7.39 5.34
N ILE A 703 -18.91 -6.34 5.04
CA ILE A 703 -18.73 -5.88 3.68
C ILE A 703 -17.71 -6.82 3.05
N GLN A 704 -18.21 -7.98 2.58
CA GLN A 704 -17.44 -9.05 1.97
C GLN A 704 -16.34 -8.55 1.05
N PRO A 705 -15.07 -8.77 1.40
CA PRO A 705 -13.98 -8.31 0.54
C PRO A 705 -13.97 -9.07 -0.78
N ARG A 706 -13.86 -8.32 -1.86
CA ARG A 706 -13.84 -8.88 -3.20
C ARG A 706 -12.68 -8.30 -3.98
N ALA A 707 -12.12 -9.10 -4.88
CA ALA A 707 -11.02 -8.63 -5.70
C ALA A 707 -11.54 -7.57 -6.68
N LEU A 708 -10.65 -6.67 -7.07
CA LEU A 708 -11.04 -5.62 -8.01
C LEU A 708 -11.52 -6.23 -9.31
N SER A 709 -12.57 -5.64 -9.88
CA SER A 709 -13.13 -6.15 -11.12
C SER A 709 -12.07 -6.13 -12.22
N ILE A 710 -12.34 -6.88 -13.29
CA ILE A 710 -11.42 -6.95 -14.41
C ILE A 710 -11.14 -5.56 -14.96
N THR A 711 -12.21 -4.78 -15.17
CA THR A 711 -12.05 -3.42 -15.66
C THR A 711 -11.30 -2.57 -14.66
N GLN A 712 -11.63 -2.72 -13.37
CA GLN A 712 -10.92 -1.94 -12.35
C GLN A 712 -9.46 -2.36 -12.27
N GLY A 713 -9.18 -3.65 -12.44
CA GLY A 713 -7.80 -4.10 -12.42
C GLY A 713 -7.01 -3.46 -13.54
N ARG A 714 -7.61 -3.41 -14.73
CA ARG A 714 -6.94 -2.78 -15.87
C ARG A 714 -6.74 -1.29 -15.63
N ALA A 715 -7.75 -0.62 -15.06
CA ALA A 715 -7.65 0.80 -14.79
C ALA A 715 -6.55 1.09 -13.78
N VAL A 716 -6.47 0.29 -12.72
CA VAL A 716 -5.42 0.49 -11.72
C VAL A 716 -4.05 0.26 -12.33
N GLY A 717 -3.92 -0.79 -13.13
CA GLY A 717 -2.63 -1.07 -13.76
C GLY A 717 -2.18 0.06 -14.68
N VAL A 718 -3.09 0.55 -15.52
CA VAL A 718 -2.72 1.63 -16.44
C VAL A 718 -2.42 2.92 -15.68
N ALA A 719 -3.21 3.23 -14.64
CA ALA A 719 -2.97 4.44 -13.88
C ALA A 719 -1.61 4.40 -13.21
N HIS A 720 -1.27 3.27 -12.59
CA HIS A 720 0.03 3.15 -11.94
C HIS A 720 1.17 3.16 -12.94
N TYR A 721 0.99 2.50 -14.09
CA TYR A 721 2.03 2.47 -15.11
C TYR A 721 2.37 3.89 -15.58
N LEU A 722 1.35 4.66 -15.97
CA LEU A 722 1.60 6.02 -16.42
C LEU A 722 2.11 6.91 -15.29
N LEU A 723 1.58 6.77 -14.08
CA LEU A 723 2.08 7.61 -12.99
C LEU A 723 3.56 7.34 -12.74
N GLY A 724 3.95 6.07 -12.66
CA GLY A 724 5.35 5.75 -12.44
C GLY A 724 6.26 6.22 -13.54
N GLY A 725 5.88 5.96 -14.80
CA GLY A 725 6.73 6.37 -15.91
C GLY A 725 6.86 7.88 -16.02
N ILE A 726 5.73 8.59 -15.94
CA ILE A 726 5.77 10.05 -16.05
C ILE A 726 6.53 10.65 -14.88
N ALA A 727 6.34 10.13 -13.67
CA ALA A 727 7.06 10.66 -12.53
C ALA A 727 8.55 10.38 -12.64
N THR A 728 8.93 9.22 -13.19
CA THR A 728 10.34 8.92 -13.37
C THR A 728 10.97 9.92 -14.33
N THR A 729 10.31 10.17 -15.46
CA THR A 729 10.83 11.14 -16.42
C THR A 729 10.86 12.52 -15.81
N TRP A 730 9.87 12.87 -15.01
CA TRP A 730 9.80 14.18 -14.37
C TRP A 730 10.99 14.38 -13.44
N SER A 731 11.25 13.40 -12.58
CA SER A 731 12.38 13.51 -11.65
C SER A 731 13.70 13.58 -12.39
N PHE A 732 13.88 12.71 -13.40
CA PHE A 732 15.12 12.71 -14.17
C PHE A 732 15.34 14.05 -14.87
N PHE A 733 14.30 14.54 -15.56
CA PHE A 733 14.39 15.81 -16.28
C PHE A 733 14.71 16.96 -15.33
N LEU A 734 13.96 17.07 -14.25
CA LEU A 734 14.15 18.17 -13.32
C LEU A 734 15.52 18.12 -12.66
N ALA A 735 15.96 16.96 -12.18
CA ALA A 735 17.27 16.88 -11.55
C ALA A 735 18.38 17.23 -12.54
N ARG A 736 18.31 16.66 -13.74
CA ARG A 736 19.34 16.93 -14.73
C ARG A 736 19.39 18.40 -15.12
N ILE A 737 18.23 18.99 -15.43
CA ILE A 737 18.21 20.38 -15.86
C ILE A 737 18.55 21.34 -14.71
N LEU A 738 18.20 20.99 -13.47
CA LEU A 738 18.51 21.88 -12.36
C LEU A 738 19.96 21.74 -11.93
N ALA A 739 20.64 20.68 -12.34
CA ALA A 739 22.04 20.50 -11.97
C ALA A 739 23.01 20.98 -13.05
N VAL A 740 22.60 21.05 -14.31
CA VAL A 740 23.47 21.52 -15.39
C VAL A 740 22.95 22.76 -16.07
N GLY A 741 21.71 23.17 -15.81
CA GLY A 741 21.16 24.36 -16.44
C GLY A 741 21.74 25.66 -15.91
N LYS B 1 -4.75 -30.94 -43.23
CA LYS B 1 -5.18 -30.54 -41.90
C LYS B 1 -5.35 -31.72 -40.96
N LEU B 2 -4.27 -32.46 -40.72
CA LEU B 2 -4.35 -33.60 -39.82
C LEU B 2 -3.00 -33.83 -39.13
N PHE B 3 -2.17 -32.79 -39.07
CA PHE B 3 -0.86 -32.89 -38.43
C PHE B 3 -0.91 -33.37 -36.99
N PRO B 4 -1.75 -32.83 -36.10
CA PRO B 4 -1.75 -33.35 -34.72
C PRO B 4 -2.20 -34.81 -34.73
N LYS B 5 -1.28 -35.68 -35.10
CA LYS B 5 -1.55 -37.11 -35.18
C LYS B 5 -1.99 -37.66 -33.83
N PHE B 6 -1.52 -37.07 -32.74
CA PHE B 6 -1.87 -37.50 -31.40
C PHE B 6 -3.17 -36.89 -30.88
N SER B 7 -3.73 -35.91 -31.58
CA SER B 7 -4.97 -35.26 -31.13
C SER B 7 -5.90 -35.10 -32.33
N GLN B 8 -6.93 -35.94 -32.40
CA GLN B 8 -7.88 -35.86 -33.50
C GLN B 8 -8.72 -34.59 -33.41
N ALA B 9 -9.01 -34.13 -32.19
CA ALA B 9 -9.79 -32.91 -32.02
C ALA B 9 -9.04 -31.69 -32.55
N LEU B 10 -7.73 -31.63 -32.31
CA LEU B 10 -6.93 -30.51 -32.79
C LEU B 10 -6.79 -30.54 -34.30
N ALA B 11 -6.76 -31.73 -34.90
CA ALA B 11 -6.62 -31.84 -36.34
C ALA B 11 -7.83 -31.25 -37.06
N GLN B 12 -8.99 -31.25 -36.42
CA GLN B 12 -10.19 -30.69 -37.02
C GLN B 12 -10.26 -29.17 -36.94
N ASP B 13 -9.33 -28.54 -36.23
CA ASP B 13 -9.34 -27.09 -36.12
C ASP B 13 -8.98 -26.48 -37.47
N PRO B 14 -9.83 -25.63 -38.05
CA PRO B 14 -9.52 -25.02 -39.34
C PRO B 14 -8.74 -23.72 -39.27
N THR B 15 -8.29 -23.31 -38.09
CA THR B 15 -7.54 -22.09 -37.89
C THR B 15 -6.07 -22.40 -37.66
N THR B 16 -5.26 -21.35 -37.58
CA THR B 16 -3.83 -21.51 -37.34
C THR B 16 -3.55 -22.06 -35.96
N ARG B 17 -4.49 -21.93 -35.02
CA ARG B 17 -4.30 -22.44 -33.67
C ARG B 17 -3.93 -23.92 -33.69
N ARG B 18 -4.51 -24.67 -34.64
CA ARG B 18 -4.21 -26.10 -34.75
C ARG B 18 -2.71 -26.34 -34.79
N ILE B 19 -1.97 -25.52 -35.52
CA ILE B 19 -0.53 -25.69 -35.58
C ILE B 19 0.09 -25.34 -34.22
N TRP B 20 -0.29 -24.19 -33.66
CA TRP B 20 0.24 -23.76 -32.38
C TRP B 20 0.05 -24.84 -31.32
N PHE B 21 -1.20 -25.16 -31.01
CA PHE B 21 -1.48 -26.19 -30.02
C PHE B 21 -0.94 -27.54 -30.44
N GLY B 22 -0.65 -27.73 -31.72
CA GLY B 22 -0.10 -29.00 -32.16
C GLY B 22 1.34 -29.20 -31.71
N ILE B 23 2.01 -28.11 -31.35
CA ILE B 23 3.39 -28.18 -30.89
C ILE B 23 3.50 -28.04 -29.37
N ALA B 24 2.58 -27.31 -28.73
CA ALA B 24 2.64 -27.12 -27.28
C ALA B 24 2.09 -28.32 -26.51
N THR B 25 1.42 -29.26 -27.17
CA THR B 25 0.86 -30.43 -26.49
C THR B 25 1.44 -31.72 -27.04
N ALA B 26 2.63 -31.66 -27.65
CA ALA B 26 3.23 -32.86 -28.21
C ALA B 26 3.81 -33.79 -27.15
N HIS B 27 4.25 -33.25 -26.02
CA HIS B 27 4.83 -34.08 -24.97
C HIS B 27 3.84 -34.48 -23.88
N ASP B 28 2.59 -34.08 -23.98
CA ASP B 28 1.57 -34.46 -23.00
C ASP B 28 0.94 -35.77 -23.47
N PHE B 29 1.75 -36.83 -23.39
CA PHE B 29 1.33 -38.15 -23.85
C PHE B 29 0.04 -38.63 -23.20
N GLU B 30 -0.19 -38.29 -21.93
CA GLU B 30 -1.39 -38.75 -21.25
C GLU B 30 -2.67 -38.23 -21.88
N SER B 31 -2.60 -37.12 -22.63
CA SER B 31 -3.78 -36.54 -23.27
C SER B 31 -3.90 -36.89 -24.75
N HIS B 32 -3.05 -37.78 -25.25
CA HIS B 32 -3.12 -38.14 -26.66
C HIS B 32 -4.18 -39.21 -26.91
N ASP B 33 -4.65 -39.26 -28.15
CA ASP B 33 -5.68 -40.21 -28.53
C ASP B 33 -5.19 -41.64 -28.43
N GLY B 34 -6.01 -42.50 -27.85
CA GLY B 34 -5.68 -43.91 -27.71
C GLY B 34 -4.40 -44.17 -26.95
N MET B 35 -4.23 -43.55 -25.80
CA MET B 35 -3.04 -43.69 -24.99
C MET B 35 -3.34 -44.52 -23.75
N THR B 36 -2.50 -45.52 -23.49
CA THR B 36 -2.63 -46.40 -22.33
C THR B 36 -1.46 -46.14 -21.39
N GLU B 37 -1.46 -46.83 -20.26
CA GLU B 37 -0.38 -46.64 -19.29
C GLU B 37 0.92 -47.30 -19.78
N GLU B 38 0.83 -48.50 -20.34
CA GLU B 38 2.03 -49.18 -20.83
C GLU B 38 2.70 -48.38 -21.95
N ARG B 39 1.91 -47.92 -22.91
CA ARG B 39 2.47 -47.15 -24.01
C ARG B 39 3.04 -45.83 -23.51
N LEU B 40 2.40 -45.22 -22.51
CA LEU B 40 2.90 -43.97 -21.95
C LEU B 40 4.27 -44.18 -21.32
N TYR B 41 4.40 -45.21 -20.49
CA TYR B 41 5.69 -45.48 -19.85
C TYR B 41 6.76 -45.84 -20.87
N GLN B 42 6.41 -46.62 -21.89
CA GLN B 42 7.40 -46.99 -22.91
C GLN B 42 7.85 -45.77 -23.70
N LYS B 43 6.91 -44.87 -24.04
CA LYS B 43 7.28 -43.66 -24.76
C LYS B 43 8.18 -42.78 -23.92
N ILE B 44 7.88 -42.68 -22.62
CA ILE B 44 8.71 -41.87 -21.73
C ILE B 44 10.11 -42.46 -21.63
N PHE B 45 10.20 -43.79 -21.57
CA PHE B 45 11.50 -44.46 -21.48
C PHE B 45 12.34 -44.18 -22.72
N ALA B 46 11.72 -44.28 -23.90
CA ALA B 46 12.45 -43.98 -25.14
C ALA B 46 12.84 -42.52 -25.19
N SER B 47 11.97 -41.62 -24.71
CA SER B 47 12.30 -40.20 -24.70
C SER B 47 13.48 -39.94 -23.77
N HIS B 48 13.56 -40.67 -22.67
CA HIS B 48 14.68 -40.53 -21.76
C HIS B 48 15.97 -40.93 -22.46
N PHE B 49 15.91 -42.01 -23.25
CA PHE B 49 17.10 -42.43 -24.00
C PHE B 49 17.52 -41.33 -24.98
N GLY B 50 16.54 -40.73 -25.66
CA GLY B 50 16.87 -39.67 -26.60
C GLY B 50 17.50 -38.47 -25.91
N GLN B 51 16.97 -38.11 -24.74
CA GLN B 51 17.53 -36.98 -23.99
C GLN B 51 18.96 -37.28 -23.56
N LEU B 52 19.21 -38.51 -23.11
CA LEU B 52 20.56 -38.88 -22.71
C LEU B 52 21.52 -38.78 -23.88
N ALA B 53 21.08 -39.22 -25.06
CA ALA B 53 21.92 -39.12 -26.24
C ALA B 53 22.20 -37.66 -26.58
N ILE B 54 21.19 -36.80 -26.42
CA ILE B 54 21.38 -35.37 -26.71
C ILE B 54 22.42 -34.78 -25.76
N ILE B 55 22.35 -35.14 -24.48
CA ILE B 55 23.31 -34.62 -23.51
C ILE B 55 24.72 -35.08 -23.86
N PHE B 56 24.86 -36.36 -24.23
CA PHE B 56 26.17 -36.88 -24.61
C PHE B 56 26.71 -36.16 -25.84
N LEU B 57 25.83 -35.89 -26.82
CA LEU B 57 26.27 -35.18 -28.02
C LEU B 57 26.70 -33.76 -27.68
N TRP B 58 25.98 -33.10 -26.77
CA TRP B 58 26.33 -31.74 -26.38
C TRP B 58 27.71 -31.72 -25.72
N THR B 59 27.98 -32.66 -24.81
CA THR B 59 29.28 -32.70 -24.17
C THR B 59 30.38 -33.01 -25.19
N SER B 60 30.11 -33.93 -26.12
CA SER B 60 31.08 -34.27 -27.14
C SER B 60 31.38 -33.06 -28.02
N GLY B 61 30.35 -32.27 -28.32
CA GLY B 61 30.56 -31.08 -29.13
C GLY B 61 31.42 -30.06 -28.41
N ASN B 62 31.19 -29.89 -27.11
CA ASN B 62 32.00 -28.95 -26.34
C ASN B 62 33.46 -29.38 -26.36
N LEU B 63 33.70 -30.67 -26.12
CA LEU B 63 35.07 -31.18 -26.13
C LEU B 63 35.72 -31.02 -27.50
N PHE B 64 34.99 -31.36 -28.56
CA PHE B 64 35.53 -31.25 -29.91
C PHE B 64 35.87 -29.81 -30.26
N HIS B 65 34.99 -28.86 -29.92
CA HIS B 65 35.27 -27.48 -30.24
C HIS B 65 36.43 -26.94 -29.44
N VAL B 66 36.59 -27.36 -28.19
CA VAL B 66 37.73 -26.88 -27.41
C VAL B 66 39.02 -27.46 -27.97
N ALA B 67 39.00 -28.73 -28.38
CA ALA B 67 40.20 -29.37 -28.91
C ALA B 67 40.52 -28.97 -30.34
N TRP B 68 39.57 -28.42 -31.08
CA TRP B 68 39.78 -28.03 -32.47
C TRP B 68 40.10 -26.56 -32.67
N GLN B 69 39.38 -25.66 -31.98
CA GLN B 69 39.61 -24.24 -32.14
C GLN B 69 40.00 -23.51 -30.86
N GLY B 70 40.19 -24.23 -29.75
CA GLY B 70 40.55 -23.60 -28.50
C GLY B 70 42.05 -23.50 -28.29
N ASN B 71 42.42 -23.09 -27.08
CA ASN B 71 43.81 -22.93 -26.67
C ASN B 71 44.04 -23.66 -25.35
N PHE B 72 43.49 -24.88 -25.24
CA PHE B 72 43.63 -25.66 -24.02
C PHE B 72 45.07 -25.97 -23.70
N GLU B 73 45.85 -26.39 -24.70
CA GLU B 73 47.26 -26.70 -24.44
C GLU B 73 48.01 -25.47 -23.98
N GLN B 74 47.76 -24.32 -24.61
CA GLN B 74 48.44 -23.10 -24.20
C GLN B 74 47.96 -22.66 -22.82
N TRP B 75 46.66 -22.85 -22.55
CA TRP B 75 46.10 -22.47 -21.26
C TRP B 75 46.67 -23.32 -20.12
N VAL B 76 47.04 -24.57 -20.41
CA VAL B 76 47.60 -25.43 -19.38
C VAL B 76 48.91 -24.85 -18.86
N GLN B 77 49.76 -24.35 -19.75
CA GLN B 77 51.04 -23.79 -19.32
C GLN B 77 50.86 -22.49 -18.53
N ASP B 78 49.90 -21.66 -18.93
CA ASP B 78 49.63 -20.39 -18.25
C ASP B 78 48.14 -20.29 -17.96
N PRO B 79 47.67 -20.96 -16.89
CA PRO B 79 46.24 -20.92 -16.57
C PRO B 79 45.77 -19.59 -16.01
N LEU B 80 46.67 -18.67 -15.67
CA LEU B 80 46.27 -17.38 -15.13
C LEU B 80 46.49 -16.21 -16.07
N HIS B 81 47.20 -16.41 -17.18
CA HIS B 81 47.47 -15.32 -18.12
C HIS B 81 46.95 -15.60 -19.52
N ILE B 82 46.04 -16.56 -19.68
CA ILE B 82 45.47 -16.90 -20.98
C ILE B 82 43.98 -17.09 -20.83
N ARG B 83 43.21 -16.45 -21.70
CA ARG B 83 41.75 -16.57 -21.65
C ARG B 83 41.31 -17.80 -22.44
N PRO B 84 40.53 -18.70 -21.84
CA PRO B 84 40.09 -19.89 -22.56
C PRO B 84 39.25 -19.53 -23.77
N ILE B 85 39.36 -20.35 -24.81
CA ILE B 85 38.63 -20.15 -26.07
C ILE B 85 37.52 -21.17 -26.14
N ALA B 86 36.29 -20.69 -26.36
CA ALA B 86 35.14 -21.58 -26.46
C ALA B 86 35.08 -22.24 -27.83
N HIS B 87 34.98 -21.43 -28.88
CA HIS B 87 34.91 -21.93 -30.25
C HIS B 87 35.23 -20.77 -31.19
N ALA B 88 35.37 -21.09 -32.46
CA ALA B 88 35.67 -20.09 -33.46
C ALA B 88 34.41 -19.34 -33.88
N ILE B 89 34.60 -18.29 -34.66
CA ILE B 89 33.51 -17.44 -35.14
C ILE B 89 33.63 -17.31 -36.65
N TRP B 90 32.57 -17.68 -37.37
CA TRP B 90 32.52 -17.55 -38.83
C TRP B 90 31.21 -16.87 -39.13
N ASP B 91 31.24 -15.54 -39.18
CA ASP B 91 30.05 -14.73 -39.44
C ASP B 91 30.31 -13.86 -40.67
N PRO B 92 29.62 -14.10 -41.78
CA PRO B 92 29.85 -13.28 -42.98
C PRO B 92 29.48 -11.82 -42.77
N HIS B 93 28.67 -11.50 -41.78
CA HIS B 93 28.26 -10.13 -41.52
C HIS B 93 29.31 -9.33 -40.78
N PHE B 94 30.34 -9.97 -40.25
CA PHE B 94 31.39 -9.26 -39.53
C PHE B 94 32.17 -8.34 -40.46
N GLY B 95 32.56 -7.19 -39.91
CA GLY B 95 33.37 -6.23 -40.63
C GLY B 95 34.82 -6.42 -40.22
N GLN B 96 35.70 -5.68 -40.87
CA GLN B 96 37.12 -5.79 -40.53
C GLN B 96 37.37 -5.46 -39.06
N PRO B 97 36.86 -4.35 -38.50
CA PRO B 97 37.10 -4.09 -37.07
C PRO B 97 36.55 -5.18 -36.18
N ALA B 98 35.41 -5.79 -36.55
CA ALA B 98 34.85 -6.85 -35.73
C ALA B 98 35.72 -8.09 -35.78
N VAL B 99 36.26 -8.42 -36.96
CA VAL B 99 37.13 -9.58 -37.10
C VAL B 99 38.40 -9.37 -36.29
N GLU B 100 38.96 -8.17 -36.33
CA GLU B 100 40.20 -7.89 -35.59
C GLU B 100 39.95 -7.81 -34.09
N ALA B 101 38.78 -7.35 -33.67
CA ALA B 101 38.47 -7.20 -32.25
C ALA B 101 38.16 -8.51 -31.55
N PHE B 102 37.70 -9.54 -32.27
CA PHE B 102 37.37 -10.81 -31.64
C PHE B 102 38.52 -11.79 -31.60
N THR B 103 39.70 -11.41 -32.08
CA THR B 103 40.89 -12.26 -32.03
C THR B 103 41.57 -11.94 -30.70
N ARG B 104 41.62 -12.93 -29.80
CA ARG B 104 42.19 -12.65 -28.50
C ARG B 104 43.26 -13.64 -28.02
N GLY B 105 42.84 -14.79 -27.50
CA GLY B 105 43.78 -15.77 -26.97
C GLY B 105 44.74 -16.42 -27.96
N GLY B 106 45.45 -15.61 -28.72
CA GLY B 106 46.40 -16.14 -29.69
C GLY B 106 45.78 -17.02 -30.74
N ALA B 107 44.56 -16.72 -31.16
CA ALA B 107 43.86 -17.50 -32.16
C ALA B 107 44.16 -16.98 -33.57
N SER B 108 43.93 -17.86 -34.55
CA SER B 108 44.17 -17.47 -35.93
C SER B 108 43.15 -16.44 -36.41
N GLY B 109 41.95 -16.45 -35.85
CA GLY B 109 40.92 -15.52 -36.22
C GLY B 109 39.98 -15.23 -35.07
N PRO B 110 38.80 -14.69 -35.38
CA PRO B 110 37.83 -14.38 -34.32
C PRO B 110 37.37 -15.63 -33.61
N VAL B 111 37.33 -15.56 -32.27
CA VAL B 111 36.91 -16.66 -31.41
C VAL B 111 36.11 -16.11 -30.25
N ASN B 112 35.53 -17.00 -29.48
CA ASN B 112 34.73 -16.66 -28.31
C ASN B 112 35.45 -17.14 -27.06
N ILE B 113 35.60 -16.26 -26.08
CA ILE B 113 36.28 -16.61 -24.84
C ILE B 113 35.33 -17.47 -24.00
N SER B 114 35.81 -18.64 -23.59
CA SER B 114 34.99 -19.55 -22.80
C SER B 114 34.63 -18.95 -21.46
N THR B 115 33.44 -19.29 -20.98
CA THR B 115 32.95 -18.79 -19.71
C THR B 115 32.29 -19.88 -18.86
N SER B 116 32.25 -21.12 -19.35
CA SER B 116 31.63 -22.22 -18.63
C SER B 116 32.56 -22.93 -17.66
N GLY B 117 33.87 -22.65 -17.69
CA GLY B 117 34.78 -23.31 -16.79
C GLY B 117 35.17 -24.71 -17.16
N VAL B 118 34.93 -25.12 -18.41
CA VAL B 118 35.31 -26.46 -18.82
C VAL B 118 36.82 -26.62 -18.82
N TYR B 119 37.55 -25.54 -19.06
CA TYR B 119 39.01 -25.61 -19.08
C TYR B 119 39.55 -26.01 -17.72
N GLN B 120 39.09 -25.33 -16.66
CA GLN B 120 39.55 -25.64 -15.30
C GLN B 120 39.16 -27.06 -14.90
N TRP B 121 37.93 -27.47 -15.23
CA TRP B 121 37.47 -28.81 -14.88
C TRP B 121 38.30 -29.88 -15.58
N TRP B 122 38.48 -29.75 -16.89
CA TRP B 122 39.26 -30.72 -17.64
C TRP B 122 40.71 -30.73 -17.21
N TYR B 123 41.24 -29.57 -16.81
CA TYR B 123 42.61 -29.50 -16.36
C TYR B 123 42.77 -30.14 -14.98
N THR B 124 41.73 -30.04 -14.15
CA THR B 124 41.77 -30.63 -12.82
C THR B 124 41.58 -32.14 -12.84
N ILE B 125 40.84 -32.66 -13.82
CA ILE B 125 40.61 -34.11 -13.87
C ILE B 125 41.73 -34.87 -14.57
N GLY B 126 42.77 -34.20 -15.05
CA GLY B 126 43.89 -34.86 -15.68
C GLY B 126 44.10 -34.61 -17.17
N LEU B 127 43.14 -34.01 -17.86
CA LEU B 127 43.33 -33.77 -19.28
C LEU B 127 44.39 -32.69 -19.51
N ARG B 128 45.26 -32.91 -20.50
CA ARG B 128 46.32 -31.96 -20.78
C ARG B 128 46.53 -31.64 -22.26
N THR B 129 46.26 -32.54 -23.19
CA THR B 129 46.47 -32.27 -24.61
C THR B 129 45.15 -32.29 -25.38
N ASN B 130 45.22 -31.83 -26.62
CA ASN B 130 44.04 -31.80 -27.49
C ASN B 130 43.64 -33.19 -27.94
N GLN B 131 44.61 -34.10 -28.04
CA GLN B 131 44.30 -35.47 -28.47
C GLN B 131 43.40 -36.15 -27.46
N GLU B 132 43.63 -35.92 -26.17
CA GLU B 132 42.78 -36.51 -25.14
C GLU B 132 41.36 -35.97 -25.24
N LEU B 133 41.22 -34.66 -25.49
CA LEU B 133 39.89 -34.08 -25.62
C LEU B 133 39.18 -34.66 -26.84
N TYR B 134 39.90 -34.83 -27.95
CA TYR B 134 39.29 -35.40 -29.15
C TYR B 134 38.85 -36.84 -28.89
N THR B 135 39.69 -37.61 -28.17
CA THR B 135 39.33 -38.98 -27.86
C THR B 135 38.08 -39.02 -26.99
N GLY B 136 38.00 -38.12 -26.02
CA GLY B 136 36.81 -38.07 -25.18
C GLY B 136 35.57 -37.71 -25.96
N SER B 137 35.71 -36.78 -26.91
CA SER B 137 34.58 -36.40 -27.74
C SER B 137 34.10 -37.57 -28.60
N ILE B 138 35.04 -38.33 -29.17
CA ILE B 138 34.67 -39.48 -29.98
C ILE B 138 34.00 -40.54 -29.11
N PHE B 139 34.52 -40.74 -27.90
CA PHE B 139 33.94 -41.72 -26.99
C PHE B 139 32.50 -41.33 -26.64
N LEU B 140 32.28 -40.04 -26.37
CA LEU B 140 30.94 -39.59 -26.04
C LEU B 140 30.03 -39.71 -27.26
N LEU B 141 30.58 -39.53 -28.46
CA LEU B 141 29.79 -39.68 -29.68
C LEU B 141 29.30 -41.12 -29.81
N VAL B 142 30.20 -42.08 -29.58
CA VAL B 142 29.84 -43.49 -29.65
C VAL B 142 28.83 -43.82 -28.56
N LEU B 143 28.99 -43.24 -27.37
CA LEU B 143 28.06 -43.48 -26.28
C LEU B 143 26.67 -42.96 -26.64
N ALA B 144 26.61 -41.79 -27.27
CA ALA B 144 25.31 -41.24 -27.67
C ALA B 144 24.65 -42.14 -28.70
N ALA B 145 25.43 -42.65 -29.67
CA ALA B 145 24.86 -43.54 -30.66
C ALA B 145 24.34 -44.81 -30.00
N LEU B 146 25.09 -45.32 -29.02
CA LEU B 146 24.68 -46.53 -28.31
C LEU B 146 23.37 -46.30 -27.57
N PHE B 147 23.23 -45.14 -26.93
CA PHE B 147 21.98 -44.85 -26.22
C PHE B 147 20.82 -44.67 -27.19
N LEU B 148 21.08 -44.11 -28.37
CA LEU B 148 20.02 -43.98 -29.37
C LEU B 148 19.55 -45.35 -29.81
N PHE B 149 20.50 -46.27 -30.05
CA PHE B 149 20.12 -47.61 -30.44
C PHE B 149 19.34 -48.30 -29.33
N ALA B 150 19.72 -48.05 -28.08
CA ALA B 150 18.99 -48.65 -26.96
C ALA B 150 17.57 -48.14 -26.90
N GLY B 151 17.39 -46.83 -27.13
CA GLY B 151 16.05 -46.27 -27.12
C GLY B 151 15.20 -46.86 -28.22
N TRP B 152 15.80 -47.10 -29.39
CA TRP B 152 15.05 -47.71 -30.48
C TRP B 152 14.74 -49.17 -30.19
N LEU B 153 15.69 -49.87 -29.59
CA LEU B 153 15.54 -51.29 -29.26
C LEU B 153 14.43 -51.52 -28.24
N HIS B 154 14.38 -50.71 -27.19
CA HIS B 154 13.36 -50.92 -26.17
C HIS B 154 11.97 -50.53 -26.63
N LEU B 155 11.81 -50.06 -27.85
CA LEU B 155 10.50 -49.72 -28.39
C LEU B 155 9.90 -50.88 -29.18
N GLN B 156 10.68 -51.93 -29.43
CA GLN B 156 10.26 -53.12 -30.15
C GLN B 156 9.47 -54.04 -29.24
N PRO B 157 8.52 -54.80 -29.78
CA PRO B 157 7.72 -55.69 -28.92
C PRO B 157 8.53 -56.71 -28.14
N ALA B 158 9.62 -57.22 -28.72
CA ALA B 158 10.42 -58.21 -28.00
C ALA B 158 11.19 -57.62 -26.84
N PHE B 159 11.50 -56.32 -26.90
CA PHE B 159 12.26 -55.65 -25.84
C PHE B 159 11.44 -54.59 -25.11
N GLN B 160 10.12 -54.64 -25.22
CA GLN B 160 9.27 -53.66 -24.55
C GLN B 160 9.07 -54.06 -23.09
N PRO B 161 9.51 -53.25 -22.13
CA PRO B 161 9.31 -53.62 -20.72
C PRO B 161 7.86 -53.45 -20.31
N ALA B 162 7.38 -54.38 -19.50
CA ALA B 162 6.00 -54.33 -19.04
C ALA B 162 5.78 -53.19 -18.05
N LEU B 163 4.51 -52.82 -17.87
CA LEU B 163 4.18 -51.74 -16.95
C LEU B 163 4.59 -52.08 -15.53
N SER B 164 4.48 -53.35 -15.14
CA SER B 164 4.89 -53.77 -13.80
C SER B 164 6.37 -53.55 -13.58
N TRP B 165 7.17 -53.68 -14.63
CA TRP B 165 8.60 -53.47 -14.51
C TRP B 165 8.90 -52.02 -14.14
N PHE B 166 8.08 -51.09 -14.62
CA PHE B 166 8.27 -49.68 -14.31
C PHE B 166 7.83 -49.36 -12.88
N LYS B 167 6.95 -50.18 -12.30
CA LYS B 167 6.47 -49.99 -10.95
C LYS B 167 7.36 -50.63 -9.89
N ASN B 168 8.36 -51.41 -10.30
CA ASN B 168 9.28 -52.06 -9.36
C ASN B 168 10.17 -50.97 -8.77
N ALA B 169 9.66 -50.34 -7.70
CA ALA B 169 10.38 -49.25 -7.06
C ALA B 169 11.56 -49.76 -6.24
N GLU B 170 11.39 -50.88 -5.56
CA GLU B 170 12.45 -51.42 -4.72
C GLU B 170 13.70 -51.76 -5.54
N SER B 171 13.50 -52.50 -6.63
CA SER B 171 14.63 -52.87 -7.48
C SER B 171 15.32 -51.65 -8.08
N ARG B 172 14.53 -50.69 -8.56
CA ARG B 172 15.11 -49.50 -9.16
C ARG B 172 15.91 -48.69 -8.14
N LEU B 173 15.38 -48.52 -6.93
CA LEU B 173 16.13 -47.78 -5.92
C LEU B 173 17.39 -48.52 -5.52
N ASN B 174 17.32 -49.84 -5.41
CA ASN B 174 18.50 -50.61 -5.04
C ASN B 174 19.61 -50.43 -6.08
N HIS B 175 19.24 -50.56 -7.36
CA HIS B 175 20.24 -50.41 -8.42
C HIS B 175 20.73 -48.98 -8.58
N HIS B 176 19.87 -47.99 -8.35
CA HIS B 176 20.30 -46.61 -8.50
C HIS B 176 21.20 -46.17 -7.36
N LEU B 177 20.89 -46.59 -6.14
CA LEU B 177 21.72 -46.21 -5.00
C LEU B 177 23.04 -46.99 -4.99
N ALA B 178 22.99 -48.28 -5.28
CA ALA B 178 24.21 -49.08 -5.27
C ALA B 178 25.01 -49.01 -6.56
N GLY B 179 24.35 -48.93 -7.71
CA GLY B 179 25.06 -48.90 -8.96
C GLY B 179 25.19 -47.55 -9.64
N LEU B 180 24.07 -46.85 -9.83
CA LEU B 180 24.10 -45.55 -10.49
C LEU B 180 24.84 -44.52 -9.65
N PHE B 181 24.74 -44.61 -8.33
CA PHE B 181 25.38 -43.66 -7.43
C PHE B 181 26.67 -44.20 -6.80
N GLY B 182 26.62 -45.39 -6.21
CA GLY B 182 27.79 -45.94 -5.57
C GLY B 182 28.89 -46.38 -6.51
N VAL B 183 28.56 -47.25 -7.47
CA VAL B 183 29.56 -47.75 -8.40
C VAL B 183 30.15 -46.61 -9.23
N SER B 184 29.32 -45.64 -9.61
CA SER B 184 29.84 -44.51 -10.39
C SER B 184 30.84 -43.71 -9.56
N SER B 185 30.53 -43.47 -8.29
CA SER B 185 31.45 -42.73 -7.43
C SER B 185 32.74 -43.51 -7.23
N LEU B 186 32.64 -44.83 -7.10
CA LEU B 186 33.84 -45.65 -6.94
C LEU B 186 34.70 -45.59 -8.18
N ALA B 187 34.08 -45.62 -9.36
CA ALA B 187 34.83 -45.52 -10.61
C ALA B 187 35.50 -44.15 -10.71
N TRP B 188 34.81 -43.10 -10.28
CA TRP B 188 35.41 -41.77 -10.32
C TRP B 188 36.61 -41.72 -9.38
N THR B 189 36.50 -42.38 -8.23
CA THR B 189 37.61 -42.43 -7.30
C THR B 189 38.80 -43.14 -7.94
N GLY B 190 38.50 -44.22 -8.69
CA GLY B 190 39.56 -44.93 -9.37
C GLY B 190 40.26 -44.05 -10.39
N HIS B 191 39.49 -43.26 -11.13
CA HIS B 191 40.09 -42.36 -12.11
C HIS B 191 40.94 -41.30 -11.43
N LEU B 192 40.45 -40.72 -10.34
CA LEU B 192 41.19 -39.69 -9.63
C LEU B 192 42.51 -40.24 -9.07
N VAL B 193 42.46 -41.44 -8.49
CA VAL B 193 43.66 -42.05 -7.92
C VAL B 193 44.64 -42.44 -9.02
N HIS B 194 44.14 -42.91 -10.16
CA HIS B 194 45.00 -43.35 -11.24
C HIS B 194 45.40 -42.25 -12.22
N VAL B 195 44.57 -41.22 -12.43
CA VAL B 195 44.94 -40.21 -13.41
C VAL B 195 45.04 -38.79 -12.86
N ALA B 196 43.95 -38.29 -12.27
CA ALA B 196 43.93 -36.91 -11.76
C ALA B 196 45.06 -36.64 -10.78
N ILE B 197 45.19 -37.47 -9.73
CA ILE B 197 46.25 -37.26 -8.75
C ILE B 197 47.63 -37.37 -9.37
N PRO B 198 47.95 -38.42 -10.14
CA PRO B 198 49.29 -38.47 -10.75
C PRO B 198 49.54 -37.33 -11.72
N GLU B 199 48.52 -36.91 -12.48
CA GLU B 199 48.70 -35.82 -13.43
C GLU B 199 48.98 -34.51 -12.73
N SER B 200 48.35 -34.28 -11.58
CA SER B 200 48.60 -33.03 -10.85
C SER B 200 50.01 -32.98 -10.28
N ARG B 201 50.72 -34.11 -10.22
CA ARG B 201 52.07 -34.18 -9.69
C ARG B 201 53.11 -34.26 -10.80
N GLY B 202 52.75 -33.83 -12.01
CA GLY B 202 53.67 -33.84 -13.13
C GLY B 202 53.91 -35.18 -13.79
N GLN B 203 53.18 -36.22 -13.40
CA GLN B 203 53.35 -37.55 -13.96
C GLN B 203 52.18 -37.87 -14.87
N HIS B 204 52.48 -38.18 -16.14
CA HIS B 204 51.43 -38.51 -17.09
C HIS B 204 51.05 -39.98 -16.99
N VAL B 205 49.75 -40.25 -16.87
CA VAL B 205 49.23 -41.60 -16.78
C VAL B 205 48.03 -41.68 -17.72
N GLY B 206 48.18 -42.40 -18.83
CA GLY B 206 47.12 -42.55 -19.78
C GLY B 206 46.79 -44.00 -20.07
N TRP B 207 45.94 -44.25 -21.06
CA TRP B 207 45.57 -45.62 -21.40
C TRP B 207 46.79 -46.43 -21.84
N ASP B 208 47.80 -45.78 -22.40
CA ASP B 208 48.99 -46.47 -22.88
C ASP B 208 49.93 -46.89 -21.77
N ASN B 209 49.86 -46.30 -20.58
CA ASN B 209 50.78 -46.68 -19.51
C ASN B 209 50.14 -46.75 -18.14
N PHE B 210 48.81 -46.79 -18.03
CA PHE B 210 48.21 -46.85 -16.70
C PHE B 210 48.37 -48.21 -16.04
N LEU B 211 48.70 -49.24 -16.81
CA LEU B 211 48.90 -50.57 -16.25
C LEU B 211 50.32 -50.80 -15.75
N THR B 212 51.24 -49.87 -16.04
CA THR B 212 52.62 -49.97 -15.61
C THR B 212 53.01 -48.89 -14.61
N VAL B 213 52.03 -48.19 -14.04
CA VAL B 213 52.25 -47.12 -13.08
C VAL B 213 51.53 -47.47 -11.79
N LEU B 214 52.23 -47.32 -10.67
CA LEU B 214 51.64 -47.63 -9.36
C LEU B 214 50.97 -46.38 -8.80
N PRO B 215 49.67 -46.44 -8.48
CA PRO B 215 49.01 -45.26 -7.91
C PRO B 215 49.63 -44.83 -6.59
N HIS B 216 50.13 -45.78 -5.82
CA HIS B 216 50.78 -45.58 -4.53
C HIS B 216 52.01 -46.45 -4.48
N PRO B 217 53.07 -46.03 -3.79
CA PRO B 217 54.27 -46.86 -3.72
C PRO B 217 54.01 -48.25 -3.16
N ALA B 218 53.11 -48.36 -2.18
CA ALA B 218 52.74 -49.64 -1.59
C ALA B 218 51.40 -50.01 -2.21
N GLY B 219 51.47 -50.65 -3.38
CA GLY B 219 50.28 -51.03 -4.13
C GLY B 219 49.39 -52.13 -3.59
N LEU B 220 48.15 -51.76 -3.25
CA LEU B 220 47.11 -52.66 -2.78
C LEU B 220 47.36 -53.37 -1.46
N THR B 221 48.64 -53.54 -1.08
CA THR B 221 48.92 -54.23 0.19
C THR B 221 48.28 -53.56 1.39
N PRO B 222 48.41 -52.24 1.60
CA PRO B 222 47.75 -51.64 2.77
C PRO B 222 46.24 -51.73 2.72
N PHE B 223 45.64 -51.70 1.53
CA PHE B 223 44.19 -51.77 1.42
C PHE B 223 43.65 -53.12 1.88
N PHE B 224 44.23 -54.21 1.37
CA PHE B 224 43.76 -55.53 1.76
C PHE B 224 44.20 -55.92 3.16
N THR B 225 45.35 -55.41 3.62
CA THR B 225 45.82 -55.72 4.96
C THR B 225 45.09 -54.91 6.02
N GLY B 226 44.42 -53.84 5.64
CA GLY B 226 43.69 -52.99 6.56
C GLY B 226 44.41 -51.72 6.94
N ASN B 227 45.71 -51.62 6.62
CA ASN B 227 46.51 -50.44 6.93
C ASN B 227 46.18 -49.30 5.98
N TRP B 228 44.90 -48.89 6.01
CA TRP B 228 44.45 -47.81 5.14
C TRP B 228 45.16 -46.50 5.44
N ALA B 229 45.58 -46.29 6.68
CA ALA B 229 46.27 -45.07 7.05
C ALA B 229 47.54 -44.86 6.25
N ALA B 230 48.10 -45.92 5.67
CA ALA B 230 49.31 -45.80 4.86
C ALA B 230 49.07 -45.06 3.56
N TYR B 231 47.82 -44.85 3.16
CA TYR B 231 47.49 -44.15 1.93
C TYR B 231 47.46 -42.64 2.11
N ALA B 232 47.71 -42.14 3.32
CA ALA B 232 47.73 -40.73 3.64
C ALA B 232 49.00 -40.37 4.37
N GLU B 233 50.11 -41.03 4.01
CA GLU B 233 51.39 -40.80 4.65
C GLU B 233 51.89 -39.38 4.43
N ASN B 234 52.40 -39.09 3.23
CA ASN B 234 52.90 -37.75 2.94
C ASN B 234 52.06 -37.07 1.85
N PRO B 235 51.21 -36.12 2.22
CA PRO B 235 50.37 -35.44 1.23
C PRO B 235 51.17 -34.37 0.50
N ASP B 236 50.49 -33.66 -0.40
CA ASP B 236 51.14 -32.60 -1.15
C ASP B 236 51.55 -31.48 -0.19
N SER B 237 52.79 -31.01 -0.34
CA SER B 237 53.29 -29.96 0.53
C SER B 237 52.54 -28.65 0.29
N ALA B 238 52.62 -27.76 1.28
CA ALA B 238 51.97 -26.47 1.18
C ALA B 238 52.58 -25.60 0.09
N SER B 239 53.76 -25.96 -0.42
CA SER B 239 54.43 -25.23 -1.47
C SER B 239 54.43 -26.02 -2.78
N HIS B 240 53.43 -26.89 -2.95
CA HIS B 240 53.33 -27.70 -4.16
C HIS B 240 52.84 -26.86 -5.33
N VAL B 241 53.37 -27.16 -6.51
CA VAL B 241 53.02 -26.47 -7.74
C VAL B 241 52.22 -27.45 -8.59
N PHE B 242 51.00 -27.06 -8.96
CA PHE B 242 50.15 -27.92 -9.75
C PHE B 242 50.79 -28.23 -11.10
N ASN B 243 50.54 -29.45 -11.59
CA ASN B 243 51.02 -29.99 -12.85
C ASN B 243 52.52 -30.27 -12.84
N THR B 244 53.20 -30.08 -11.72
CA THR B 244 54.64 -30.31 -11.63
C THR B 244 54.92 -31.21 -10.42
N ALA B 245 56.19 -31.58 -10.27
CA ALA B 245 56.61 -32.47 -9.19
C ALA B 245 57.24 -31.76 -8.00
N GLN B 246 57.36 -30.43 -8.01
CA GLN B 246 57.96 -29.74 -6.88
C GLN B 246 56.98 -29.73 -5.70
N GLY B 247 57.46 -30.15 -4.54
CA GLY B 247 56.64 -30.19 -3.34
C GLY B 247 55.47 -31.16 -3.42
N SER B 248 55.63 -32.24 -4.17
CA SER B 248 54.56 -33.22 -4.31
C SER B 248 54.55 -34.22 -3.16
N GLY B 249 53.76 -35.29 -3.33
CA GLY B 249 53.67 -36.32 -2.31
C GLY B 249 53.30 -37.63 -2.96
N THR B 250 52.99 -38.61 -2.10
CA THR B 250 52.60 -39.93 -2.56
C THR B 250 51.24 -40.37 -2.05
N ALA B 251 50.63 -39.62 -1.14
CA ALA B 251 49.32 -39.99 -0.60
C ALA B 251 48.24 -39.86 -1.66
N ILE B 252 47.22 -40.69 -1.54
CA ILE B 252 46.09 -40.68 -2.48
C ILE B 252 44.76 -40.49 -1.78
N LEU B 253 44.66 -40.65 -0.47
CA LEU B 253 43.41 -40.49 0.27
C LEU B 253 43.65 -39.70 1.54
N THR B 254 43.79 -38.38 1.39
CA THR B 254 44.03 -37.50 2.54
C THR B 254 42.73 -36.86 2.98
N PHE B 255 42.83 -35.93 3.94
CA PHE B 255 41.67 -35.22 4.45
C PHE B 255 42.18 -33.96 5.14
N LEU B 256 43.06 -33.23 4.44
CA LEU B 256 43.64 -32.01 4.97
C LEU B 256 42.59 -30.93 5.19
N GLY B 257 41.68 -30.77 4.23
CA GLY B 257 40.65 -29.75 4.36
C GLY B 257 41.20 -28.39 3.97
N GLY B 258 40.35 -27.52 3.41
CA GLY B 258 40.80 -26.21 3.01
C GLY B 258 41.00 -26.08 1.51
N PHE B 259 42.02 -25.32 1.10
CA PHE B 259 42.28 -25.11 -0.31
C PHE B 259 43.76 -25.22 -0.61
N HIS B 260 44.05 -25.56 -1.86
CA HIS B 260 45.43 -25.66 -2.31
C HIS B 260 46.01 -24.25 -2.35
N PRO B 261 47.17 -24.01 -1.75
CA PRO B 261 47.71 -22.64 -1.74
C PRO B 261 47.91 -22.01 -3.11
N GLN B 262 48.29 -22.79 -4.12
CA GLN B 262 48.50 -22.22 -5.44
C GLN B 262 47.24 -22.16 -6.29
N THR B 263 46.52 -23.28 -6.42
CA THR B 263 45.32 -23.31 -7.23
C THR B 263 44.10 -22.73 -6.53
N GLN B 264 44.16 -22.51 -5.21
CA GLN B 264 43.05 -21.95 -4.45
C GLN B 264 41.80 -22.81 -4.55
N SER B 265 41.98 -24.12 -4.72
CA SER B 265 40.87 -25.06 -4.84
C SER B 265 41.08 -26.22 -3.88
N LEU B 266 40.10 -27.10 -3.81
CA LEU B 266 40.18 -28.27 -2.94
C LEU B 266 41.25 -29.23 -3.41
N TRP B 267 41.83 -29.96 -2.46
CA TRP B 267 42.86 -30.93 -2.78
C TRP B 267 42.26 -32.12 -3.53
N LEU B 268 43.01 -32.65 -4.49
CA LEU B 268 42.52 -33.80 -5.25
C LEU B 268 42.40 -35.03 -4.37
N THR B 269 43.34 -35.22 -3.44
CA THR B 269 43.28 -36.38 -2.56
C THR B 269 42.03 -36.31 -1.70
N ASP B 270 41.65 -35.11 -1.26
CA ASP B 270 40.44 -34.96 -0.46
C ASP B 270 39.20 -35.34 -1.26
N MET B 271 39.14 -34.91 -2.53
CA MET B 271 37.99 -35.26 -3.36
C MET B 271 37.95 -36.75 -3.66
N ALA B 272 39.12 -37.38 -3.84
CA ALA B 272 39.13 -38.81 -4.07
C ALA B 272 38.62 -39.55 -2.84
N HIS B 273 39.08 -39.13 -1.66
CA HIS B 273 38.62 -39.72 -0.42
C HIS B 273 37.11 -39.52 -0.25
N HIS B 274 36.64 -38.33 -0.60
CA HIS B 274 35.21 -38.03 -0.51
C HIS B 274 34.40 -38.97 -1.40
N HIS B 275 34.83 -39.13 -2.65
CA HIS B 275 34.11 -40.01 -3.56
C HIS B 275 34.15 -41.45 -3.09
N LEU B 276 35.26 -41.88 -2.50
CA LEU B 276 35.34 -43.26 -2.03
C LEU B 276 34.38 -43.49 -0.86
N ALA B 277 34.34 -42.56 0.10
CA ALA B 277 33.41 -42.69 1.21
C ALA B 277 31.96 -42.65 0.72
N ILE B 278 31.68 -41.75 -0.22
CA ILE B 278 30.34 -41.61 -0.77
C ILE B 278 29.94 -42.90 -1.48
N ALA B 279 30.87 -43.51 -2.23
CA ALA B 279 30.56 -44.75 -2.93
C ALA B 279 30.24 -45.86 -1.95
N VAL B 280 31.02 -45.97 -0.87
CA VAL B 280 30.76 -47.02 0.12
C VAL B 280 29.39 -46.84 0.74
N ILE B 281 29.09 -45.61 1.18
CA ILE B 281 27.81 -45.34 1.83
C ILE B 281 26.65 -45.58 0.86
N PHE B 282 26.78 -45.14 -0.40
CA PHE B 282 25.71 -45.33 -1.36
C PHE B 282 25.48 -46.80 -1.67
N ILE B 283 26.55 -47.59 -1.77
CA ILE B 283 26.38 -49.02 -2.04
C ILE B 283 25.65 -49.67 -0.86
N LEU B 284 26.07 -49.33 0.36
CA LEU B 284 25.42 -49.87 1.54
C LEU B 284 23.93 -49.52 1.52
N ALA B 285 23.61 -48.26 1.23
CA ALA B 285 22.21 -47.85 1.16
C ALA B 285 21.48 -48.59 0.06
N GLY B 286 22.17 -48.90 -1.04
CA GLY B 286 21.57 -49.64 -2.12
C GLY B 286 21.17 -51.04 -1.73
N HIS B 287 21.82 -51.61 -0.72
CA HIS B 287 21.47 -52.95 -0.25
C HIS B 287 20.42 -52.87 0.87
N MET B 288 19.30 -52.21 0.58
CA MET B 288 18.26 -52.04 1.59
C MET B 288 16.91 -52.62 1.21
N TYR B 289 16.40 -52.32 0.03
CA TYR B 289 15.07 -52.78 -0.37
C TYR B 289 15.07 -54.24 -0.81
N ARG B 290 13.89 -54.85 -0.69
CA ARG B 290 13.68 -56.25 -1.03
C ARG B 290 13.42 -56.42 -2.51
N THR B 291 14.07 -57.43 -3.12
CA THR B 291 13.88 -57.71 -4.53
C THR B 291 13.43 -59.17 -4.66
N ILE B 292 14.33 -60.09 -4.99
CA ILE B 292 13.96 -61.48 -5.16
C ILE B 292 14.88 -62.40 -4.35
N PHE B 293 15.56 -61.85 -3.35
CA PHE B 293 16.49 -62.63 -2.55
C PHE B 293 16.04 -62.80 -1.10
N GLY B 294 14.73 -62.78 -0.86
CA GLY B 294 14.17 -62.98 0.47
C GLY B 294 14.54 -62.01 1.57
N ILE B 295 15.42 -61.05 1.29
CA ILE B 295 15.83 -60.07 2.29
C ILE B 295 15.62 -58.69 1.70
N GLY B 296 15.47 -57.72 2.59
CA GLY B 296 15.26 -56.34 2.22
C GLY B 296 14.00 -55.78 2.84
N HIS B 297 13.69 -54.54 2.46
CA HIS B 297 12.53 -53.83 2.96
C HIS B 297 11.44 -53.71 1.91
N SER B 298 10.23 -53.47 2.42
CA SER B 298 9.04 -53.26 1.61
C SER B 298 8.58 -51.85 1.94
N MET B 299 8.76 -50.93 0.99
CA MET B 299 8.40 -49.54 1.21
C MET B 299 6.94 -49.38 1.62
N ARG B 300 6.05 -50.22 1.09
CA ARG B 300 4.64 -50.12 1.44
C ARG B 300 4.44 -50.36 2.94
N GLU B 301 5.11 -51.37 3.49
CA GLU B 301 4.97 -51.64 4.92
C GLU B 301 5.60 -50.54 5.75
N ILE B 302 6.73 -49.99 5.31
CA ILE B 302 7.37 -48.91 6.05
C ILE B 302 6.45 -47.70 6.11
N LEU B 303 5.82 -47.37 4.98
CA LEU B 303 4.91 -46.23 4.94
C LEU B 303 3.67 -46.49 5.79
N GLU B 304 3.12 -47.70 5.72
CA GLU B 304 1.94 -48.04 6.52
C GLU B 304 2.26 -48.07 8.00
N ALA B 305 3.53 -48.25 8.37
CA ALA B 305 3.92 -48.28 9.76
C ALA B 305 4.25 -46.91 10.32
N GLN B 306 4.45 -45.91 9.47
CA GLN B 306 4.78 -44.56 9.91
C GLN B 306 3.50 -43.78 10.25
N THR B 307 2.73 -44.36 11.16
CA THR B 307 1.48 -43.76 11.64
C THR B 307 1.62 -43.46 13.12
N PRO B 308 1.86 -42.22 13.51
CA PRO B 308 2.00 -41.91 14.93
C PRO B 308 0.69 -42.14 15.66
N PRO B 309 0.74 -42.59 16.91
CA PRO B 309 -0.50 -42.83 17.67
C PRO B 309 -1.20 -41.51 17.96
N SER B 310 -2.30 -41.56 18.72
CA SER B 310 -3.08 -40.38 19.08
C SER B 310 -3.71 -39.74 17.86
N GLY B 311 -3.42 -40.26 16.67
CA GLY B 311 -3.98 -39.73 15.44
C GLY B 311 -3.57 -38.31 15.13
N SER B 312 -2.37 -37.90 15.51
CA SER B 312 -1.94 -36.53 15.22
C SER B 312 -1.82 -36.31 13.73
N LEU B 313 -1.32 -37.31 13.00
CA LEU B 313 -1.17 -37.25 11.56
C LEU B 313 -2.27 -38.03 10.84
N GLY B 314 -3.34 -38.38 11.54
CA GLY B 314 -4.42 -39.13 10.93
C GLY B 314 -4.00 -40.55 10.64
N ALA B 315 -4.29 -41.02 9.43
CA ALA B 315 -3.91 -42.37 9.04
C ALA B 315 -2.42 -42.50 8.80
N GLY B 316 -1.69 -41.41 8.78
CA GLY B 316 -0.24 -41.45 8.58
C GLY B 316 0.11 -41.43 7.10
N HIS B 317 0.85 -42.44 6.66
CA HIS B 317 1.28 -42.55 5.26
C HIS B 317 0.65 -43.76 4.57
N LYS B 318 -0.54 -44.17 5.01
CA LYS B 318 -1.21 -45.31 4.40
C LYS B 318 -1.64 -44.96 2.98
N GLY B 319 -1.30 -45.83 2.03
CA GLY B 319 -1.64 -45.60 0.64
C GLY B 319 -0.73 -44.66 -0.10
N LEU B 320 0.31 -44.14 0.56
CA LEU B 320 1.23 -43.22 -0.11
C LEU B 320 2.12 -43.93 -1.11
N TYR B 321 2.47 -45.19 -0.85
CA TYR B 321 3.29 -45.94 -1.78
C TYR B 321 2.62 -46.01 -3.15
N ASP B 322 1.33 -46.35 -3.17
CA ASP B 322 0.62 -46.42 -4.43
C ASP B 322 0.39 -45.03 -5.01
N THR B 323 0.21 -44.03 -4.15
CA THR B 323 0.00 -42.67 -4.63
C THR B 323 1.23 -42.17 -5.39
N VAL B 324 2.42 -42.59 -4.97
CA VAL B 324 3.65 -42.17 -5.63
C VAL B 324 3.99 -43.08 -6.81
N ASN B 325 3.78 -44.39 -6.67
CA ASN B 325 4.12 -45.32 -7.74
C ASN B 325 3.17 -45.21 -8.92
N ASN B 326 1.87 -45.00 -8.67
CA ASN B 326 0.91 -44.91 -9.76
C ASN B 326 0.95 -43.59 -10.49
N SER B 327 1.25 -42.49 -9.80
CA SER B 327 1.27 -41.18 -10.43
C SER B 327 2.68 -40.81 -10.89
N LEU B 328 2.80 -40.47 -12.17
CA LEU B 328 4.08 -40.05 -12.72
C LEU B 328 4.37 -38.60 -12.37
N HIS B 329 3.33 -37.78 -12.26
CA HIS B 329 3.51 -36.38 -11.92
C HIS B 329 4.03 -36.21 -10.50
N PHE B 330 3.62 -37.08 -9.58
CA PHE B 330 4.12 -37.00 -8.21
C PHE B 330 5.62 -37.25 -8.19
N GLN B 331 6.06 -38.30 -8.90
CA GLN B 331 7.48 -38.62 -8.96
C GLN B 331 8.25 -37.51 -9.65
N LEU B 332 7.69 -36.95 -10.73
CA LEU B 332 8.37 -35.87 -11.43
C LEU B 332 8.48 -34.64 -10.55
N GLY B 333 7.44 -34.34 -9.77
CA GLY B 333 7.51 -33.20 -8.88
C GLY B 333 8.55 -33.38 -7.79
N LEU B 334 8.61 -34.58 -7.22
CA LEU B 334 9.61 -34.85 -6.18
C LEU B 334 11.01 -34.75 -6.77
N ALA B 335 11.21 -35.34 -7.95
CA ALA B 335 12.52 -35.31 -8.60
C ALA B 335 12.91 -33.89 -8.95
N LEU B 336 11.97 -33.09 -9.45
CA LEU B 336 12.28 -31.71 -9.79
C LEU B 336 12.61 -30.89 -8.55
N ALA B 337 11.87 -31.09 -7.47
CA ALA B 337 12.17 -30.35 -6.24
C ALA B 337 13.57 -30.67 -5.75
N SER B 338 13.89 -31.98 -5.71
CA SER B 338 15.21 -32.39 -5.25
C SER B 338 16.31 -31.87 -6.18
N VAL B 339 16.11 -31.98 -7.49
CA VAL B 339 17.12 -31.53 -8.44
C VAL B 339 17.33 -30.02 -8.34
N GLY B 340 16.25 -29.26 -8.18
CA GLY B 340 16.39 -27.82 -8.04
C GLY B 340 17.15 -27.45 -6.78
N THR B 341 16.83 -28.12 -5.67
CA THR B 341 17.55 -27.85 -4.43
C THR B 341 19.02 -28.20 -4.57
N ILE B 342 19.32 -29.32 -5.25
CA ILE B 342 20.71 -29.72 -5.45
C ILE B 342 21.41 -28.71 -6.35
N SER B 343 20.71 -28.16 -7.33
CA SER B 343 21.33 -27.15 -8.20
C SER B 343 21.69 -25.93 -7.39
N SER B 344 20.80 -25.52 -6.47
CA SER B 344 21.11 -24.39 -5.61
C SER B 344 22.30 -24.70 -4.71
N LEU B 345 22.35 -25.93 -4.19
CA LEU B 345 23.47 -26.34 -3.34
C LEU B 345 24.77 -26.31 -4.12
N VAL B 346 24.74 -26.77 -5.37
CA VAL B 346 25.92 -26.77 -6.22
C VAL B 346 26.39 -25.34 -6.45
N ALA B 347 25.46 -24.43 -6.72
CA ALA B 347 25.82 -23.04 -6.94
C ALA B 347 26.42 -22.43 -5.69
N GLN B 348 25.86 -22.74 -4.52
CA GLN B 348 26.37 -22.18 -3.27
C GLN B 348 27.69 -22.81 -2.83
N HIS B 349 28.02 -24.02 -3.28
CA HIS B 349 29.26 -24.65 -2.88
C HIS B 349 30.42 -24.46 -3.84
N MET B 350 30.17 -24.18 -5.11
CA MET B 350 31.29 -24.02 -6.04
C MET B 350 31.99 -22.68 -5.90
N TYR B 351 31.36 -21.65 -5.34
CA TYR B 351 32.07 -20.38 -5.21
C TYR B 351 32.81 -20.28 -3.88
N SER B 352 32.21 -20.83 -2.81
CA SER B 352 32.84 -20.80 -1.50
C SER B 352 33.91 -21.88 -1.34
N LEU B 353 33.77 -22.99 -2.07
CA LEU B 353 34.73 -24.10 -2.03
C LEU B 353 35.07 -24.49 -3.46
N PRO B 354 35.91 -23.71 -4.14
CA PRO B 354 36.27 -24.03 -5.53
C PRO B 354 36.87 -25.42 -5.63
N PRO B 355 36.35 -26.24 -6.55
CA PRO B 355 36.87 -27.60 -6.68
C PRO B 355 37.85 -27.78 -7.84
N TYR B 356 37.88 -26.83 -8.76
CA TYR B 356 38.74 -26.90 -9.93
C TYR B 356 39.91 -25.93 -9.78
N ALA B 357 41.07 -26.36 -10.25
CA ALA B 357 42.27 -25.54 -10.17
C ALA B 357 42.15 -24.26 -10.98
N PHE B 358 42.60 -23.16 -10.39
CA PHE B 358 42.58 -21.83 -11.01
C PHE B 358 41.17 -21.39 -11.37
N LEU B 359 40.17 -21.83 -10.61
CA LEU B 359 38.80 -21.44 -10.86
C LEU B 359 38.41 -20.20 -10.07
N ALA B 360 38.95 -20.04 -8.85
CA ALA B 360 38.63 -18.86 -8.05
C ALA B 360 39.23 -17.60 -8.67
N GLN B 361 40.34 -17.74 -9.40
CA GLN B 361 40.96 -16.59 -10.04
C GLN B 361 40.17 -16.12 -11.26
N ASP B 362 39.35 -16.99 -11.83
CA ASP B 362 38.52 -16.64 -12.99
C ASP B 362 37.22 -16.07 -12.45
N PHE B 363 37.19 -14.75 -12.30
CA PHE B 363 36.01 -14.08 -11.76
C PHE B 363 34.82 -14.19 -12.70
N THR B 364 35.05 -14.13 -14.01
CA THR B 364 33.95 -14.23 -14.96
C THR B 364 33.30 -15.61 -14.92
N THR B 365 34.12 -16.66 -14.92
CA THR B 365 33.59 -18.02 -14.89
C THR B 365 32.82 -18.30 -13.61
N GLN B 366 33.34 -17.87 -12.46
CA GLN B 366 32.66 -18.11 -11.19
C GLN B 366 31.28 -17.46 -11.18
N ALA B 367 31.20 -16.19 -11.59
CA ALA B 367 29.93 -15.49 -11.60
C ALA B 367 28.96 -16.13 -12.57
N ALA B 368 29.44 -16.48 -13.77
CA ALA B 368 28.57 -17.10 -14.76
C ALA B 368 28.03 -18.43 -14.27
N LEU B 369 28.89 -19.26 -13.67
CA LEU B 369 28.45 -20.57 -13.18
C LEU B 369 27.42 -20.42 -12.06
N TYR B 370 27.68 -19.52 -11.11
CA TYR B 370 26.74 -19.33 -10.01
C TYR B 370 25.39 -18.86 -10.52
N THR B 371 25.39 -17.85 -11.40
CA THR B 371 24.13 -17.33 -11.93
C THR B 371 23.39 -18.39 -12.74
N HIS B 372 24.11 -19.15 -13.57
CA HIS B 372 23.50 -20.18 -14.38
C HIS B 372 22.82 -21.23 -13.52
N HIS B 373 23.54 -21.75 -12.52
CA HIS B 373 22.94 -22.77 -11.67
C HIS B 373 21.79 -22.22 -10.83
N GLN B 374 21.86 -20.96 -10.39
CA GLN B 374 20.76 -20.42 -9.60
C GLN B 374 19.51 -20.26 -10.46
N TYR B 375 19.67 -19.79 -11.70
CA TYR B 375 18.50 -19.64 -12.57
C TYR B 375 17.91 -20.99 -12.91
N ILE B 376 18.77 -21.98 -13.16
CA ILE B 376 18.28 -23.33 -13.47
C ILE B 376 17.51 -23.86 -12.26
N ALA B 377 18.04 -23.65 -11.06
CA ALA B 377 17.36 -24.11 -9.86
C ALA B 377 15.99 -23.46 -9.72
N GLY B 378 15.90 -22.15 -9.97
CA GLY B 378 14.61 -21.48 -9.87
C GLY B 378 13.59 -22.04 -10.84
N PHE B 379 14.00 -22.23 -12.10
CA PHE B 379 13.08 -22.79 -13.08
C PHE B 379 12.64 -24.20 -12.70
N ILE B 380 13.58 -25.01 -12.22
CA ILE B 380 13.25 -26.37 -11.83
C ILE B 380 12.30 -26.39 -10.63
N MET B 381 12.47 -25.46 -9.69
CA MET B 381 11.56 -25.41 -8.55
C MET B 381 10.16 -25.05 -8.99
N CYS B 382 10.05 -24.09 -9.91
CA CYS B 382 8.73 -23.72 -10.42
C CYS B 382 8.10 -24.93 -11.10
N GLY B 383 8.89 -25.69 -11.85
CA GLY B 383 8.36 -26.87 -12.51
C GLY B 383 7.91 -27.92 -11.52
N ALA B 384 8.65 -28.06 -10.41
CA ALA B 384 8.28 -29.04 -9.39
C ALA B 384 6.91 -28.71 -8.82
N PHE B 385 6.69 -27.45 -8.47
CA PHE B 385 5.38 -27.07 -7.92
C PHE B 385 4.29 -27.18 -8.97
N ALA B 386 4.61 -26.85 -10.23
CA ALA B 386 3.63 -26.95 -11.29
C ALA B 386 3.19 -28.40 -11.47
N HIS B 387 4.14 -29.34 -11.44
CA HIS B 387 3.77 -30.73 -11.58
C HIS B 387 3.04 -31.23 -10.36
N GLY B 388 3.31 -30.65 -9.18
CA GLY B 388 2.56 -31.04 -8.00
C GLY B 388 1.10 -30.66 -8.18
N ALA B 389 0.85 -29.47 -8.74
CA ALA B 389 -0.51 -29.04 -9.01
C ALA B 389 -1.15 -29.95 -10.05
N ILE B 390 -0.39 -30.33 -11.08
CA ILE B 390 -0.90 -31.23 -12.11
C ILE B 390 -1.32 -32.56 -11.47
N PHE B 391 -0.51 -33.04 -10.52
CA PHE B 391 -0.85 -34.27 -9.81
C PHE B 391 -2.16 -34.12 -9.05
N PHE B 392 -2.32 -33.00 -8.34
CA PHE B 392 -3.55 -32.80 -7.57
C PHE B 392 -4.77 -32.74 -8.48
N VAL B 393 -4.63 -32.17 -9.68
CA VAL B 393 -5.78 -32.05 -10.57
C VAL B 393 -5.95 -33.23 -11.51
N ARG B 394 -4.99 -34.15 -11.60
CA ARG B 394 -5.15 -35.27 -12.52
C ARG B 394 -4.87 -36.65 -11.96
N ASP B 395 -4.12 -36.81 -10.86
CA ASP B 395 -3.84 -38.14 -10.34
C ASP B 395 -4.23 -38.35 -8.88
N TYR B 396 -4.73 -37.33 -8.20
CA TYR B 396 -5.09 -37.48 -6.80
C TYR B 396 -6.45 -38.16 -6.66
N ASP B 397 -6.52 -39.17 -5.81
CA ASP B 397 -7.75 -39.90 -5.55
C ASP B 397 -8.10 -39.74 -4.07
N PRO B 398 -9.15 -38.99 -3.74
CA PRO B 398 -9.50 -38.80 -2.32
C PRO B 398 -9.82 -40.09 -1.58
N ALA B 399 -10.42 -41.07 -2.24
CA ALA B 399 -10.78 -42.31 -1.55
C ALA B 399 -9.53 -43.13 -1.22
N GLN B 400 -8.54 -43.14 -2.10
CA GLN B 400 -7.32 -43.91 -1.86
C GLN B 400 -6.42 -43.26 -0.82
N ASN B 401 -6.54 -41.95 -0.60
CA ASN B 401 -5.73 -41.22 0.37
C ASN B 401 -6.59 -40.67 1.50
N ARG B 402 -7.69 -41.35 1.82
CA ARG B 402 -8.60 -40.88 2.87
C ARG B 402 -7.95 -40.99 4.24
N GLY B 403 -7.70 -39.84 4.87
CA GLY B 403 -7.12 -39.78 6.19
C GLY B 403 -5.62 -39.75 6.30
N ASN B 404 -4.88 -39.87 5.19
CA ASN B 404 -3.43 -39.84 5.27
C ASN B 404 -2.93 -38.40 5.31
N VAL B 405 -1.62 -38.21 5.08
CA VAL B 405 -1.05 -36.87 5.12
C VAL B 405 -1.54 -35.98 3.99
N LEU B 406 -1.77 -36.54 2.80
CA LEU B 406 -2.26 -35.70 1.69
C LEU B 406 -3.65 -35.15 1.97
N ALA B 407 -4.58 -36.00 2.38
CA ALA B 407 -5.93 -35.53 2.66
C ALA B 407 -5.93 -34.53 3.80
N ARG B 408 -5.12 -34.77 4.83
CA ARG B 408 -5.07 -33.85 5.96
C ARG B 408 -4.45 -32.51 5.56
N ILE B 409 -3.40 -32.53 4.74
CA ILE B 409 -2.80 -31.26 4.35
C ILE B 409 -3.76 -30.50 3.46
N LEU B 410 -4.59 -31.21 2.69
CA LEU B 410 -5.58 -30.54 1.86
C LEU B 410 -6.76 -30.05 2.67
N ASP B 411 -7.00 -30.66 3.83
CA ASP B 411 -8.12 -30.28 4.69
C ASP B 411 -7.90 -28.91 5.32
N HIS B 412 -6.65 -28.53 5.59
CA HIS B 412 -6.35 -27.23 6.19
C HIS B 412 -5.51 -26.37 5.25
N LYS B 413 -5.83 -26.40 3.95
CA LYS B 413 -5.08 -25.59 2.99
C LYS B 413 -5.25 -24.10 3.25
N GLU B 414 -6.39 -23.70 3.83
CA GLU B 414 -6.61 -22.29 4.12
C GLU B 414 -5.60 -21.77 5.13
N ALA B 415 -5.32 -22.55 6.18
CA ALA B 415 -4.36 -22.12 7.18
C ALA B 415 -2.97 -21.97 6.56
N LEU B 416 -2.59 -22.90 5.69
CA LEU B 416 -1.30 -22.86 5.03
C LEU B 416 -1.16 -21.61 4.17
N ILE B 417 -2.14 -21.36 3.30
CA ILE B 417 -2.10 -20.19 2.43
C ILE B 417 -2.14 -18.90 3.24
N SER B 418 -2.96 -18.88 4.30
CA SER B 418 -3.05 -17.68 5.13
C SER B 418 -1.74 -17.36 5.80
N HIS B 419 -1.06 -18.38 6.35
CA HIS B 419 0.22 -18.12 7.01
C HIS B 419 1.30 -17.76 6.01
N LEU B 420 1.26 -18.34 4.81
CA LEU B 420 2.24 -17.96 3.80
C LEU B 420 2.04 -16.50 3.42
N SER B 421 0.79 -16.09 3.27
CA SER B 421 0.48 -14.70 2.94
C SER B 421 0.92 -13.77 4.06
N TRP B 422 0.71 -14.17 5.32
CA TRP B 422 1.13 -13.33 6.43
C TRP B 422 2.65 -13.17 6.46
N ALA B 423 3.37 -14.27 6.26
CA ALA B 423 4.83 -14.20 6.26
C ALA B 423 5.33 -13.30 5.13
N SER B 424 4.73 -13.45 3.95
CA SER B 424 5.13 -12.61 2.83
C SER B 424 4.83 -11.15 3.10
N LEU B 425 3.66 -10.85 3.66
CA LEU B 425 3.31 -9.47 3.97
C LEU B 425 4.25 -8.88 4.99
N PHE B 426 4.59 -9.64 6.03
CA PHE B 426 5.51 -9.15 7.05
C PHE B 426 6.88 -8.85 6.45
N LEU B 427 7.44 -9.82 5.74
CA LEU B 427 8.75 -9.65 5.14
C LEU B 427 8.77 -8.47 4.18
N GLY B 428 7.76 -8.36 3.31
CA GLY B 428 7.73 -7.25 2.38
C GLY B 428 7.61 -5.91 3.06
N PHE B 429 6.63 -5.78 3.96
CA PHE B 429 6.43 -4.53 4.68
C PHE B 429 7.71 -4.05 5.35
N HIS B 430 8.36 -4.93 6.12
CA HIS B 430 9.54 -4.52 6.86
C HIS B 430 10.77 -4.36 5.99
N THR B 431 11.02 -5.24 5.02
CA THR B 431 12.19 -5.06 4.17
C THR B 431 12.09 -3.77 3.38
N LEU B 432 10.92 -3.54 2.75
CA LEU B 432 10.74 -2.31 2.00
C LEU B 432 10.78 -1.09 2.91
N GLY B 433 10.18 -1.18 4.11
CA GLY B 433 10.21 -0.05 5.02
C GLY B 433 11.61 0.32 5.46
N LEU B 434 12.41 -0.68 5.81
CA LEU B 434 13.79 -0.41 6.22
C LEU B 434 14.59 0.17 5.08
N TYR B 435 14.43 -0.38 3.88
CA TYR B 435 15.18 0.15 2.73
C TYR B 435 14.77 1.59 2.43
N VAL B 436 13.47 1.89 2.47
CA VAL B 436 13.00 3.23 2.19
C VAL B 436 13.45 4.19 3.28
N HIS B 437 13.45 3.73 4.54
CA HIS B 437 13.92 4.59 5.63
C HIS B 437 15.38 4.95 5.42
N ASN B 438 16.19 3.96 5.05
CA ASN B 438 17.60 4.23 4.80
C ASN B 438 17.77 5.17 3.62
N ASP B 439 16.96 5.00 2.57
CA ASP B 439 17.06 5.87 1.41
C ASP B 439 16.71 7.30 1.78
N VAL B 440 15.66 7.49 2.58
CA VAL B 440 15.25 8.84 2.98
C VAL B 440 16.31 9.49 3.86
N VAL B 441 16.87 8.75 4.82
CA VAL B 441 17.89 9.36 5.66
C VAL B 441 19.16 9.64 4.86
N GLN B 442 19.47 8.81 3.85
CA GLN B 442 20.65 9.06 3.02
C GLN B 442 20.45 10.30 2.17
N ALA B 443 19.24 10.49 1.64
CA ALA B 443 18.96 11.65 0.80
C ALA B 443 19.11 12.95 1.60
N PHE B 444 18.62 12.96 2.84
CA PHE B 444 18.68 14.14 3.68
C PHE B 444 20.08 14.36 4.27
N GLY B 445 21.07 13.59 3.84
CA GLY B 445 22.43 13.72 4.31
C GLY B 445 22.65 13.37 5.77
N THR B 446 21.95 12.35 6.27
CA THR B 446 22.07 11.91 7.66
C THR B 446 22.21 10.40 7.69
N PRO B 447 23.36 9.86 7.27
CA PRO B 447 23.54 8.40 7.29
C PRO B 447 23.53 7.80 8.69
N GLU B 448 23.76 8.60 9.73
CA GLU B 448 23.76 8.08 11.10
C GLU B 448 22.38 7.64 11.56
N LYS B 449 21.32 8.05 10.88
CA LYS B 449 19.96 7.69 11.25
C LYS B 449 19.51 6.39 10.61
N GLN B 450 20.38 5.71 9.87
CA GLN B 450 20.03 4.45 9.22
C GLN B 450 19.76 3.36 10.24
N ILE B 451 18.85 2.45 9.87
CA ILE B 451 18.50 1.31 10.70
C ILE B 451 19.33 0.14 10.17
N LEU B 452 20.45 -0.12 10.82
CA LEU B 452 21.36 -1.19 10.41
C LEU B 452 21.32 -2.28 11.46
N ILE B 453 20.56 -3.33 11.20
CA ILE B 453 20.42 -4.46 12.11
C ILE B 453 21.56 -5.42 11.84
N GLU B 454 22.35 -5.71 12.86
CA GLU B 454 23.47 -6.61 12.72
C GLU B 454 22.99 -8.06 12.60
N PRO B 455 23.46 -8.81 11.60
CA PRO B 455 23.04 -10.23 11.48
C PRO B 455 23.78 -11.08 12.49
N VAL B 456 23.38 -10.94 13.75
CA VAL B 456 24.03 -11.65 14.86
C VAL B 456 23.85 -13.15 14.76
N PHE B 457 22.71 -13.64 14.26
CA PHE B 457 22.49 -15.08 14.17
C PHE B 457 23.43 -15.71 13.15
N ALA B 458 23.51 -15.13 11.95
CA ALA B 458 24.40 -15.67 10.93
C ALA B 458 25.86 -15.52 11.35
N GLN B 459 26.19 -14.43 12.03
CA GLN B 459 27.55 -14.23 12.50
C GLN B 459 27.89 -15.27 13.56
N TRP B 460 26.92 -15.61 14.40
CA TRP B 460 27.11 -16.64 15.42
C TRP B 460 27.37 -17.99 14.77
N ILE B 461 26.60 -18.29 13.72
CA ILE B 461 26.82 -19.55 13.01
C ILE B 461 28.21 -19.57 12.37
N GLN B 462 28.62 -18.43 11.81
CA GLN B 462 29.95 -18.35 11.21
C GLN B 462 31.02 -18.56 12.27
N ALA B 463 30.83 -17.99 13.45
CA ALA B 463 31.78 -18.18 14.54
C ALA B 463 31.82 -19.63 14.97
N ALA B 464 30.70 -20.34 14.84
CA ALA B 464 30.66 -21.75 15.19
C ALA B 464 31.51 -22.59 14.26
N HIS B 465 31.86 -22.07 13.08
CA HIS B 465 32.67 -22.79 12.09
C HIS B 465 34.15 -22.46 12.19
N GLY B 466 34.53 -21.50 13.03
CA GLY B 466 35.92 -21.13 13.20
C GLY B 466 36.24 -19.68 12.90
N LYS B 467 35.29 -18.87 12.45
CA LYS B 467 35.57 -17.48 12.17
C LYS B 467 35.69 -16.70 13.48
N THR B 468 36.83 -16.04 13.68
CA THR B 468 37.09 -15.27 14.89
C THR B 468 36.98 -13.77 14.67
N ALA B 469 36.27 -13.35 13.62
CA ALA B 469 36.10 -11.93 13.33
C ALA B 469 34.98 -11.28 14.11
N TYR B 470 34.21 -12.04 14.88
CA TYR B 470 33.10 -11.49 15.65
C TYR B 470 33.27 -11.64 17.15
N GLY B 471 34.40 -12.16 17.62
CA GLY B 471 34.63 -12.31 19.05
C GLY B 471 33.62 -13.14 19.80
N PHE B 472 33.18 -14.26 19.23
CA PHE B 472 32.20 -15.10 19.91
C PHE B 472 32.86 -16.19 20.74
N ASP B 473 33.95 -16.78 20.24
CA ASP B 473 34.67 -17.85 20.95
C ASP B 473 33.69 -18.95 21.36
N PHE B 474 33.06 -19.54 20.34
CA PHE B 474 32.04 -20.56 20.54
C PHE B 474 32.63 -21.95 20.37
N LEU B 475 32.16 -22.76 19.42
CA LEU B 475 32.70 -24.10 19.26
C LEU B 475 34.04 -24.13 18.52
N LEU B 476 34.01 -24.08 17.18
CA LEU B 476 35.26 -24.11 16.44
C LEU B 476 36.08 -22.85 16.63
N SER B 477 35.49 -21.80 17.21
CA SER B 477 36.21 -20.56 17.48
C SER B 477 37.07 -20.67 18.72
N SER B 478 36.83 -21.68 19.55
CA SER B 478 37.59 -21.91 20.78
C SER B 478 38.50 -23.11 20.53
N ALA B 479 39.81 -22.91 20.72
CA ALA B 479 40.75 -23.99 20.49
C ALA B 479 40.67 -25.08 21.55
N THR B 480 40.08 -24.80 22.71
CA THR B 480 39.97 -25.77 23.78
C THR B 480 38.63 -26.49 23.80
N SER B 481 37.74 -26.21 22.86
CA SER B 481 36.44 -26.88 22.83
C SER B 481 36.60 -28.32 22.36
N ALA B 482 35.63 -29.15 22.73
CA ALA B 482 35.68 -30.56 22.35
C ALA B 482 35.76 -30.77 20.83
N PRO B 483 34.89 -30.15 20.01
CA PRO B 483 35.02 -30.36 18.56
C PRO B 483 36.34 -29.86 18.02
N SER B 484 36.89 -28.79 18.59
CA SER B 484 38.17 -28.27 18.12
C SER B 484 39.30 -29.25 18.38
N LEU B 485 39.29 -29.91 19.54
CA LEU B 485 40.33 -30.86 19.87
C LEU B 485 40.15 -32.18 19.13
N ALA B 486 38.90 -32.55 18.82
CA ALA B 486 38.65 -33.80 18.12
C ALA B 486 39.27 -33.80 16.72
N GLY B 487 39.05 -32.74 15.95
CA GLY B 487 39.59 -32.64 14.61
C GLY B 487 40.83 -31.79 14.52
N GLN B 488 41.48 -31.58 15.65
CA GLN B 488 42.69 -30.75 15.71
C GLN B 488 43.75 -31.19 14.71
N ALA B 489 43.95 -32.49 14.56
CA ALA B 489 44.95 -33.02 13.64
C ALA B 489 44.34 -33.72 12.43
N LEU B 490 43.13 -33.34 12.03
CA LEU B 490 42.47 -33.96 10.90
C LEU B 490 42.24 -32.93 9.83
N TRP B 491 41.07 -32.29 9.78
CA TRP B 491 40.77 -31.28 8.77
C TRP B 491 40.71 -29.86 9.31
N LEU B 492 40.69 -29.67 10.62
CA LEU B 492 40.59 -28.34 11.18
C LEU B 492 41.72 -27.39 10.79
N PRO B 493 43.00 -27.78 10.73
CA PRO B 493 44.04 -26.82 10.35
C PRO B 493 43.75 -26.10 9.03
N GLY B 494 43.57 -26.87 7.96
CA GLY B 494 43.30 -26.26 6.66
C GLY B 494 41.96 -25.54 6.62
N TRP B 495 40.94 -26.12 7.24
CA TRP B 495 39.62 -25.50 7.25
C TRP B 495 39.67 -24.13 7.92
N LEU B 496 40.34 -24.04 9.06
CA LEU B 496 40.45 -22.77 9.77
C LEU B 496 41.30 -21.79 8.99
N GLN B 497 42.40 -22.28 8.39
CA GLN B 497 43.26 -21.39 7.61
C GLN B 497 42.50 -20.80 6.43
N GLY B 498 41.55 -21.56 5.87
CA GLY B 498 40.78 -21.05 4.75
C GLY B 498 39.59 -20.21 5.14
N ILE B 499 38.99 -20.50 6.29
CA ILE B 499 37.82 -19.73 6.73
C ILE B 499 38.21 -18.42 7.40
N ASN B 500 39.40 -18.32 7.98
CA ASN B 500 39.82 -17.09 8.62
C ASN B 500 40.56 -16.15 7.67
N SER B 501 40.60 -16.49 6.39
CA SER B 501 41.27 -15.67 5.38
C SER B 501 40.21 -14.92 4.58
N ASP B 502 40.45 -13.63 4.35
CA ASP B 502 39.54 -12.79 3.60
C ASP B 502 39.82 -12.81 2.10
N ALA B 503 40.79 -13.61 1.65
CA ALA B 503 41.15 -13.69 0.25
C ALA B 503 40.33 -14.72 -0.52
N ASN B 504 39.41 -15.41 0.14
CA ASN B 504 38.55 -16.40 -0.51
C ASN B 504 37.09 -16.12 -0.16
N SER B 505 36.20 -16.95 -0.70
CA SER B 505 34.78 -16.81 -0.47
C SER B 505 34.25 -17.78 0.57
N LEU B 506 35.14 -18.43 1.33
CA LEU B 506 34.74 -19.39 2.37
C LEU B 506 34.18 -18.60 3.54
N PHE B 507 32.85 -18.47 3.60
CA PHE B 507 32.16 -17.75 4.67
C PHE B 507 32.64 -16.30 4.72
N LEU B 508 32.10 -15.48 3.82
CA LEU B 508 32.47 -14.07 3.74
C LEU B 508 31.91 -13.28 4.93
N THR B 509 32.54 -12.14 5.19
CA THR B 509 32.10 -11.27 6.27
C THR B 509 30.76 -10.66 5.90
N ILE B 510 29.84 -10.61 6.86
CA ILE B 510 28.50 -10.08 6.64
C ILE B 510 28.22 -8.92 7.58
N GLY B 511 27.26 -8.09 7.17
CA GLY B 511 26.86 -6.93 7.94
C GLY B 511 25.40 -6.60 7.71
N PRO B 512 25.00 -5.37 8.05
CA PRO B 512 23.58 -4.98 7.86
C PRO B 512 23.09 -5.12 6.42
N GLY B 513 23.95 -4.84 5.43
CA GLY B 513 23.54 -4.98 4.05
C GLY B 513 23.16 -6.42 3.74
N ASP B 514 23.96 -7.37 4.25
CA ASP B 514 23.66 -8.77 4.04
C ASP B 514 22.36 -9.15 4.73
N PHE B 515 22.10 -8.54 5.89
CA PHE B 515 20.86 -8.80 6.62
C PHE B 515 19.64 -8.39 5.79
N LEU B 516 19.68 -7.16 5.27
CA LEU B 516 18.55 -6.67 4.47
C LEU B 516 18.38 -7.49 3.19
N VAL B 517 19.47 -7.79 2.49
CA VAL B 517 19.34 -8.55 1.25
C VAL B 517 18.87 -9.97 1.53
N HIS B 518 19.29 -10.56 2.66
CA HIS B 518 18.84 -11.90 2.99
C HIS B 518 17.35 -11.90 3.29
N HIS B 519 16.87 -10.85 3.94
CA HIS B 519 15.43 -10.78 4.21
C HIS B 519 14.67 -10.58 2.91
N ALA B 520 15.27 -9.85 1.95
CA ALA B 520 14.61 -9.68 0.66
C ALA B 520 14.53 -11.04 -0.05
N ILE B 521 15.57 -11.84 0.08
CA ILE B 521 15.58 -13.18 -0.51
C ILE B 521 14.52 -14.03 0.14
N ALA B 522 14.39 -13.92 1.47
CA ALA B 522 13.37 -14.67 2.18
C ALA B 522 11.99 -14.26 1.67
N LEU B 523 11.82 -12.97 1.39
CA LEU B 523 10.57 -12.46 0.83
C LEU B 523 10.26 -13.11 -0.51
N GLY B 524 11.24 -13.08 -1.41
CA GLY B 524 11.03 -13.65 -2.73
C GLY B 524 10.66 -15.12 -2.65
N LEU B 525 11.38 -15.87 -1.82
CA LEU B 525 11.10 -17.29 -1.67
C LEU B 525 9.71 -17.53 -1.10
N HIS B 526 9.34 -16.78 -0.05
CA HIS B 526 8.04 -16.96 0.57
C HIS B 526 6.91 -16.62 -0.37
N THR B 527 7.03 -15.53 -1.14
CA THR B 527 5.95 -15.17 -2.05
C THR B 527 5.85 -16.17 -3.20
N THR B 528 6.99 -16.59 -3.76
CA THR B 528 6.94 -17.57 -4.83
C THR B 528 6.31 -18.86 -4.35
N THR B 529 6.71 -19.31 -3.15
CA THR B 529 6.14 -20.51 -2.58
C THR B 529 4.65 -20.33 -2.31
N LEU B 530 4.26 -19.15 -1.87
CA LEU B 530 2.84 -18.89 -1.60
C LEU B 530 2.02 -19.03 -2.87
N ILE B 531 2.50 -18.45 -3.97
CA ILE B 531 1.77 -18.54 -5.23
C ILE B 531 1.69 -19.98 -5.69
N LEU B 532 2.83 -20.69 -5.68
CA LEU B 532 2.83 -22.08 -6.14
C LEU B 532 1.98 -22.99 -5.26
N VAL B 533 2.09 -22.85 -3.94
CA VAL B 533 1.32 -23.68 -3.02
C VAL B 533 -0.17 -23.37 -3.14
N LYS B 534 -0.52 -22.10 -3.27
CA LYS B 534 -1.92 -21.73 -3.42
C LYS B 534 -2.50 -22.32 -4.70
N GLY B 535 -1.70 -22.29 -5.78
CA GLY B 535 -2.18 -22.87 -7.02
C GLY B 535 -2.32 -24.38 -6.97
N ALA B 536 -1.39 -25.04 -6.27
CA ALA B 536 -1.44 -26.50 -6.18
C ALA B 536 -2.57 -26.97 -5.27
N LEU B 537 -2.79 -26.28 -4.16
CA LEU B 537 -3.85 -26.67 -3.22
C LEU B 537 -5.24 -26.32 -3.74
N ASP B 538 -5.36 -25.21 -4.45
CA ASP B 538 -6.65 -24.79 -5.01
C ASP B 538 -6.87 -25.30 -6.41
N ALA B 539 -6.00 -26.18 -6.91
CA ALA B 539 -6.13 -26.71 -8.26
C ALA B 539 -7.43 -27.49 -8.44
N ARG B 540 -7.79 -28.29 -7.45
CA ARG B 540 -9.02 -29.09 -7.56
C ARG B 540 -10.25 -28.20 -7.50
N GLY B 541 -10.24 -27.16 -6.68
CA GLY B 541 -11.38 -26.28 -6.59
C GLY B 541 -11.33 -25.29 -5.44
N SER B 542 -12.09 -24.20 -5.56
CA SER B 542 -12.16 -23.16 -4.55
C SER B 542 -13.62 -22.73 -4.44
N LYS B 543 -13.86 -21.68 -3.65
CA LYS B 543 -15.22 -21.18 -3.50
C LYS B 543 -15.71 -20.55 -4.79
N LEU B 544 -14.81 -19.89 -5.52
CA LEU B 544 -15.19 -19.25 -6.78
C LEU B 544 -15.43 -20.27 -7.88
N MET B 545 -14.76 -21.42 -7.81
CA MET B 545 -14.92 -22.48 -8.81
C MET B 545 -14.86 -23.82 -8.10
N PRO B 546 -15.98 -24.28 -7.56
CA PRO B 546 -15.98 -25.57 -6.84
C PRO B 546 -15.59 -26.78 -7.69
N ASP B 547 -15.90 -26.78 -8.99
CA ASP B 547 -15.56 -27.92 -9.83
C ASP B 547 -14.40 -27.60 -10.76
N LYS B 548 -13.32 -27.02 -10.22
CA LYS B 548 -12.16 -26.69 -11.06
C LYS B 548 -11.49 -27.93 -11.62
N LYS B 549 -11.44 -29.02 -10.84
CA LYS B 549 -10.80 -30.24 -11.31
C LYS B 549 -11.47 -30.80 -12.55
N ASP B 550 -12.73 -30.46 -12.80
CA ASP B 550 -13.43 -30.95 -13.98
C ASP B 550 -12.96 -30.24 -15.24
N PHE B 551 -12.29 -29.09 -15.11
CA PHE B 551 -11.82 -28.33 -16.26
C PHE B 551 -10.35 -28.56 -16.57
N GLY B 552 -9.69 -29.44 -15.83
CA GLY B 552 -8.29 -29.72 -16.09
C GLY B 552 -7.33 -28.78 -15.38
N TYR B 553 -6.05 -28.99 -15.69
CA TYR B 553 -4.99 -28.18 -15.10
C TYR B 553 -4.90 -26.79 -15.72
N SER B 554 -5.13 -26.68 -17.02
CA SER B 554 -5.03 -25.40 -17.71
C SER B 554 -6.27 -25.13 -18.54
N PHE B 555 -6.80 -23.92 -18.42
CA PHE B 555 -7.95 -23.45 -19.17
C PHE B 555 -7.93 -21.93 -19.11
N PRO B 556 -8.47 -21.24 -20.12
CA PRO B 556 -8.44 -19.77 -20.12
C PRO B 556 -9.02 -19.14 -18.87
N CYS B 557 -10.27 -19.46 -18.57
CA CYS B 557 -10.95 -18.91 -17.40
C CYS B 557 -12.28 -19.61 -17.20
N ASP B 558 -13.24 -18.88 -16.60
CA ASP B 558 -14.58 -19.39 -16.35
C ASP B 558 -15.63 -18.35 -16.74
N GLY B 559 -15.25 -17.40 -17.58
CA GLY B 559 -16.15 -16.36 -18.03
C GLY B 559 -16.17 -15.19 -17.07
N PRO B 560 -16.79 -14.08 -17.50
CA PRO B 560 -16.87 -12.90 -16.63
C PRO B 560 -17.93 -12.98 -15.55
N GLY B 561 -18.64 -14.10 -15.44
CA GLY B 561 -19.66 -14.24 -14.43
C GLY B 561 -19.06 -14.40 -13.04
N ARG B 562 -19.93 -14.23 -12.05
CA ARG B 562 -19.56 -14.32 -10.63
C ARG B 562 -18.48 -13.31 -10.27
N GLY B 563 -18.49 -12.16 -10.94
CA GLY B 563 -17.54 -11.10 -10.71
C GLY B 563 -16.32 -11.12 -11.59
N GLY B 564 -16.01 -12.24 -12.22
CA GLY B 564 -14.85 -12.35 -13.08
C GLY B 564 -13.98 -13.52 -12.63
N THR B 565 -13.42 -14.26 -13.57
CA THR B 565 -12.59 -15.42 -13.23
C THR B 565 -11.31 -15.44 -14.04
N CYS B 566 -10.68 -14.29 -14.23
CA CYS B 566 -9.43 -14.25 -14.98
C CYS B 566 -8.32 -14.89 -14.16
N ASP B 567 -7.51 -15.71 -14.81
CA ASP B 567 -6.37 -16.38 -14.19
C ASP B 567 -6.81 -17.14 -12.92
N ILE B 568 -7.61 -18.17 -13.14
CA ILE B 568 -8.13 -18.97 -12.04
C ILE B 568 -7.62 -20.41 -12.04
N SER B 569 -6.99 -20.88 -13.11
CA SER B 569 -6.49 -22.25 -13.13
C SER B 569 -5.14 -22.34 -12.44
N ALA B 570 -4.72 -23.58 -12.13
CA ALA B 570 -3.44 -23.79 -11.48
C ALA B 570 -2.30 -23.38 -12.41
N TRP B 571 -2.48 -23.57 -13.72
CA TRP B 571 -1.47 -23.15 -14.68
C TRP B 571 -1.23 -21.66 -14.56
N ASP B 572 -2.29 -20.89 -14.31
CA ASP B 572 -2.17 -19.46 -14.14
C ASP B 572 -1.40 -19.13 -12.87
N ALA B 573 -1.55 -19.94 -11.82
CA ALA B 573 -0.79 -19.70 -10.60
C ALA B 573 0.69 -19.92 -10.87
N PHE B 574 1.04 -20.98 -11.60
CA PHE B 574 2.43 -21.22 -11.95
C PHE B 574 2.96 -20.08 -12.80
N TYR B 575 2.12 -19.61 -13.72
CA TYR B 575 2.46 -18.49 -14.60
C TYR B 575 2.80 -17.24 -13.78
N LEU B 576 1.99 -16.95 -12.77
CA LEU B 576 2.25 -15.78 -11.93
C LEU B 576 3.47 -15.99 -11.05
N ALA B 577 3.75 -17.25 -10.68
CA ALA B 577 4.89 -17.56 -9.83
C ALA B 577 6.21 -17.48 -10.59
N VAL B 578 6.20 -17.65 -11.91
CA VAL B 578 7.44 -17.57 -12.66
C VAL B 578 8.03 -16.16 -12.56
N PHE B 579 7.17 -15.13 -12.56
CA PHE B 579 7.65 -13.76 -12.42
C PHE B 579 8.36 -13.58 -11.08
N TRP B 580 7.75 -14.09 -10.02
CA TRP B 580 8.35 -13.97 -8.70
C TRP B 580 9.64 -14.77 -8.59
N MET B 581 9.71 -15.92 -9.24
CA MET B 581 10.94 -16.69 -9.20
C MET B 581 12.05 -15.93 -9.90
N LEU B 582 11.73 -15.31 -11.04
CA LEU B 582 12.73 -14.54 -11.76
C LEU B 582 13.20 -13.37 -10.90
N ASN B 583 12.27 -12.71 -10.21
CA ASN B 583 12.64 -11.59 -9.35
C ASN B 583 13.52 -12.04 -8.19
N THR B 584 13.20 -13.18 -7.57
CA THR B 584 13.99 -13.69 -6.45
C THR B 584 15.39 -14.07 -6.92
N ILE B 585 15.48 -14.78 -8.05
CA ILE B 585 16.79 -15.17 -8.56
C ILE B 585 17.58 -13.92 -8.94
N GLY B 586 16.88 -12.90 -9.46
CA GLY B 586 17.56 -11.67 -9.79
C GLY B 586 18.15 -11.00 -8.56
N TRP B 587 17.39 -10.98 -7.46
CA TRP B 587 17.91 -10.40 -6.23
C TRP B 587 19.11 -11.18 -5.72
N VAL B 588 19.03 -12.51 -5.76
CA VAL B 588 20.11 -13.36 -5.29
C VAL B 588 21.38 -13.12 -6.11
N THR B 589 21.25 -13.13 -7.44
CA THR B 589 22.39 -12.93 -8.30
C THR B 589 22.94 -11.52 -8.18
N PHE B 590 22.07 -10.52 -7.99
CA PHE B 590 22.54 -9.15 -7.82
C PHE B 590 23.40 -9.04 -6.57
N TYR B 591 22.93 -9.64 -5.48
CA TYR B 591 23.67 -9.62 -4.22
C TYR B 591 25.02 -10.31 -4.39
N TRP B 592 25.02 -11.53 -4.94
CA TRP B 592 26.26 -12.26 -5.12
C TRP B 592 27.25 -11.50 -5.99
N HIS B 593 26.78 -11.00 -7.14
CA HIS B 593 27.66 -10.28 -8.06
C HIS B 593 28.21 -9.02 -7.45
N TRP B 594 27.38 -8.21 -6.77
CA TRP B 594 27.92 -6.98 -6.19
C TRP B 594 28.92 -7.26 -5.09
N LYS B 595 28.61 -8.23 -4.21
CA LYS B 595 29.54 -8.54 -3.14
C LYS B 595 30.87 -9.04 -3.71
N HIS B 596 30.82 -9.94 -4.68
CA HIS B 596 32.07 -10.44 -5.27
C HIS B 596 32.76 -9.37 -6.09
N LEU B 597 32.01 -8.42 -6.66
CA LEU B 597 32.64 -7.35 -7.41
C LEU B 597 33.47 -6.48 -6.48
N GLY B 598 32.94 -6.21 -5.29
CA GLY B 598 33.69 -5.44 -4.34
C GLY B 598 34.85 -6.21 -3.74
N ILE B 599 34.68 -7.53 -3.58
CA ILE B 599 35.75 -8.36 -3.01
C ILE B 599 36.90 -8.51 -3.99
N TRP B 600 36.60 -8.72 -5.29
CA TRP B 600 37.66 -8.90 -6.29
C TRP B 600 38.50 -7.64 -6.47
N GLN B 601 37.90 -6.47 -6.31
CA GLN B 601 38.63 -5.21 -6.45
C GLN B 601 39.23 -4.73 -5.14
N GLY B 602 39.13 -5.52 -4.07
CA GLY B 602 39.68 -5.14 -2.79
C GLY B 602 39.03 -3.90 -2.21
N ASN B 603 37.70 -3.79 -2.32
CA ASN B 603 36.96 -2.65 -1.82
C ASN B 603 35.61 -3.15 -1.26
N VAL B 604 35.65 -3.77 -0.09
CA VAL B 604 34.42 -4.26 0.52
C VAL B 604 33.61 -3.11 1.10
N ASN B 605 34.23 -1.95 1.30
CA ASN B 605 33.53 -0.80 1.85
C ASN B 605 32.42 -0.32 0.93
N GLN B 606 32.62 -0.43 -0.39
CA GLN B 606 31.60 0.01 -1.34
C GLN B 606 30.28 -0.72 -1.09
N PHE B 607 30.32 -2.04 -1.00
CA PHE B 607 29.11 -2.80 -0.76
C PHE B 607 28.65 -2.64 0.68
N ASN B 608 29.59 -2.59 1.62
CA ASN B 608 29.21 -2.46 3.03
C ASN B 608 28.47 -1.17 3.32
N GLU B 609 28.73 -0.10 2.55
CA GLU B 609 28.06 1.17 2.79
C GLU B 609 26.94 1.49 1.81
N SER B 610 27.04 1.07 0.55
CA SER B 610 26.01 1.39 -0.43
C SER B 610 24.90 0.35 -0.54
N SER B 611 25.03 -0.81 0.11
CA SER B 611 23.98 -1.82 0.02
C SER B 611 22.86 -1.63 1.02
N THR B 612 23.00 -0.70 1.95
CA THR B 612 21.95 -0.48 2.94
C THR B 612 20.79 0.35 2.41
N TYR B 613 20.92 0.94 1.22
CA TYR B 613 19.85 1.73 0.63
C TYR B 613 19.79 1.39 -0.85
N LEU B 614 18.59 1.51 -1.43
CA LEU B 614 18.38 1.15 -2.82
C LEU B 614 19.11 2.05 -3.81
N MET B 615 19.31 3.32 -3.48
CA MET B 615 20.03 4.19 -4.40
C MET B 615 21.45 3.69 -4.62
N GLY B 616 22.06 3.11 -3.59
CA GLY B 616 23.39 2.56 -3.77
C GLY B 616 23.39 1.38 -4.71
N TRP B 617 22.31 0.58 -4.67
CA TRP B 617 22.19 -0.57 -5.54
C TRP B 617 22.03 -0.12 -7.00
N LEU B 618 21.25 0.93 -7.22
CA LEU B 618 21.02 1.41 -8.57
C LEU B 618 22.18 2.23 -9.14
N ARG B 619 22.88 2.98 -8.30
CA ARG B 619 23.98 3.83 -8.76
C ARG B 619 25.35 3.16 -8.69
N ASP B 620 25.69 2.56 -7.55
CA ASP B 620 27.00 1.95 -7.38
C ASP B 620 27.09 0.53 -7.95
N TYR B 621 26.00 -0.02 -8.48
CA TYR B 621 26.09 -1.37 -9.02
C TYR B 621 25.59 -1.45 -10.46
N LEU B 622 24.37 -0.99 -10.71
CA LEU B 622 23.82 -1.07 -12.06
C LEU B 622 24.40 0.01 -12.98
N TRP B 623 24.32 1.27 -12.56
CA TRP B 623 24.83 2.36 -13.39
C TRP B 623 26.35 2.39 -13.45
N LEU B 624 27.02 2.08 -12.33
CA LEU B 624 28.48 2.13 -12.31
C LEU B 624 29.12 1.03 -13.14
N ASN B 625 28.59 -0.19 -13.09
CA ASN B 625 29.17 -1.32 -13.81
C ASN B 625 28.62 -1.49 -15.21
N SER B 626 27.87 -0.53 -15.73
CA SER B 626 27.32 -0.63 -17.07
C SER B 626 28.01 0.30 -18.07
N SER B 627 29.07 1.00 -17.64
CA SER B 627 29.77 1.91 -18.53
C SER B 627 30.47 1.18 -19.67
N GLN B 628 31.26 0.15 -19.35
CA GLN B 628 31.97 -0.58 -20.39
C GLN B 628 31.02 -1.37 -21.29
N LEU B 629 29.96 -1.94 -20.72
CA LEU B 629 29.01 -2.72 -21.50
C LEU B 629 28.35 -1.88 -22.58
N ILE B 630 27.76 -0.74 -22.22
CA ILE B 630 27.09 0.10 -23.19
C ILE B 630 28.06 0.78 -24.16
N ASN B 631 29.36 0.64 -23.93
CA ASN B 631 30.37 1.23 -24.78
C ASN B 631 31.01 0.20 -25.70
N GLY B 632 30.38 -0.97 -25.86
CA GLY B 632 30.93 -1.99 -26.74
C GLY B 632 31.06 -1.48 -28.16
N TYR B 633 30.11 -0.66 -28.60
CA TYR B 633 30.13 -0.05 -29.92
C TYR B 633 29.55 1.34 -29.77
N ASN B 634 30.21 2.31 -30.37
CA ASN B 634 29.79 3.70 -30.31
C ASN B 634 30.19 4.37 -31.61
N PRO B 635 29.77 5.64 -31.84
CA PRO B 635 30.13 6.32 -33.09
C PRO B 635 31.63 6.45 -33.33
N PHE B 636 32.46 5.99 -32.39
CA PHE B 636 33.91 6.04 -32.55
C PHE B 636 34.53 4.71 -32.93
N GLY B 637 33.90 3.59 -32.57
CA GLY B 637 34.44 2.29 -32.90
C GLY B 637 33.74 1.20 -32.13
N MET B 638 34.38 0.03 -32.10
CA MET B 638 33.83 -1.11 -31.38
C MET B 638 34.97 -1.97 -30.87
N ASN B 639 34.66 -2.77 -29.85
CA ASN B 639 35.63 -3.67 -29.24
C ASN B 639 34.99 -5.04 -29.09
N SER B 640 35.65 -5.94 -28.37
CA SER B 640 35.13 -7.29 -28.17
C SER B 640 33.87 -7.31 -27.32
N LEU B 641 33.53 -6.21 -26.66
CA LEU B 641 32.34 -6.13 -25.83
C LEU B 641 31.10 -5.75 -26.62
N SER B 642 31.22 -5.52 -27.92
CA SER B 642 30.06 -5.15 -28.72
C SER B 642 29.01 -6.26 -28.75
N VAL B 643 29.44 -7.52 -28.67
CA VAL B 643 28.48 -8.61 -28.67
C VAL B 643 27.61 -8.56 -27.43
N TRP B 644 28.21 -8.21 -26.29
CA TRP B 644 27.43 -8.11 -25.06
C TRP B 644 26.52 -6.89 -25.06
N ALA B 645 26.95 -5.79 -25.67
CA ALA B 645 26.08 -4.62 -25.73
C ALA B 645 24.87 -4.92 -26.61
N TRP B 646 25.11 -5.59 -27.74
CA TRP B 646 24.01 -5.97 -28.62
C TRP B 646 23.07 -6.93 -27.92
N MET B 647 23.63 -7.90 -27.17
CA MET B 647 22.77 -8.83 -26.44
C MET B 647 22.00 -8.12 -25.34
N PHE B 648 22.59 -7.08 -24.76
CA PHE B 648 21.92 -6.29 -23.73
C PHE B 648 20.67 -5.64 -24.31
N LEU B 649 20.83 -4.94 -25.43
CA LEU B 649 19.69 -4.31 -26.08
C LEU B 649 18.71 -5.36 -26.58
N PHE B 650 19.22 -6.51 -27.02
CA PHE B 650 18.37 -7.60 -27.50
C PHE B 650 17.47 -8.11 -26.39
N GLY B 651 18.04 -8.30 -25.19
CA GLY B 651 17.24 -8.75 -24.07
C GLY B 651 16.19 -7.72 -23.68
N HIS B 652 16.58 -6.44 -23.70
CA HIS B 652 15.61 -5.39 -23.38
C HIS B 652 14.45 -5.42 -24.36
N LEU B 653 14.76 -5.62 -25.65
CA LEU B 653 13.73 -5.66 -26.68
C LEU B 653 12.81 -6.86 -26.50
N ILE B 654 13.37 -8.03 -26.20
CA ILE B 654 12.52 -9.22 -26.02
C ILE B 654 11.61 -9.04 -24.81
N TYR B 655 12.14 -8.49 -23.73
CA TYR B 655 11.36 -8.25 -22.52
C TYR B 655 10.20 -7.29 -22.81
N ALA B 656 10.50 -6.18 -23.49
CA ALA B 656 9.45 -5.24 -23.82
C ALA B 656 8.43 -5.86 -24.76
N THR B 657 8.88 -6.71 -25.68
CA THR B 657 7.97 -7.37 -26.60
C THR B 657 7.02 -8.28 -25.82
N GLY B 658 7.53 -8.97 -24.81
CA GLY B 658 6.68 -9.81 -23.99
C GLY B 658 5.65 -9.00 -23.25
N PHE B 659 6.01 -7.76 -22.89
CA PHE B 659 5.05 -6.89 -22.21
C PHE B 659 3.78 -6.73 -23.03
N MET B 660 3.87 -6.79 -24.35
CA MET B 660 2.70 -6.68 -25.20
C MET B 660 1.73 -7.83 -24.98
N PHE B 661 2.23 -9.06 -25.07
CA PHE B 661 1.37 -10.22 -24.86
C PHE B 661 0.86 -10.27 -23.43
N LEU B 662 1.62 -9.70 -22.49
CA LEU B 662 1.22 -9.70 -21.10
C LEU B 662 0.12 -8.69 -20.80
N ILE B 663 0.19 -7.50 -21.39
CA ILE B 663 -0.80 -6.45 -21.15
C ILE B 663 -1.98 -6.55 -22.10
N SER B 664 -1.73 -6.63 -23.40
CA SER B 664 -2.81 -6.74 -24.37
C SER B 664 -3.38 -8.15 -24.33
N TRP B 665 -4.70 -8.25 -24.43
CA TRP B 665 -5.37 -9.55 -24.38
C TRP B 665 -6.13 -9.81 -25.68
N ARG B 666 -6.59 -11.05 -25.83
CA ARG B 666 -7.29 -11.48 -27.03
C ARG B 666 -8.69 -10.89 -27.11
N GLY B 667 -8.91 -10.05 -28.11
CA GLY B 667 -10.17 -9.38 -28.36
C GLY B 667 -9.87 -8.30 -29.37
N TYR B 668 -8.90 -7.46 -29.02
CA TYR B 668 -8.46 -6.40 -29.93
C TYR B 668 -7.80 -7.01 -31.15
N TRP B 669 -6.95 -8.02 -30.94
CA TRP B 669 -6.24 -8.68 -32.02
C TRP B 669 -7.18 -9.49 -32.90
N GLN B 670 -8.24 -10.06 -32.32
CA GLN B 670 -9.17 -10.84 -33.14
C GLN B 670 -9.86 -9.93 -34.16
N GLU B 671 -10.34 -8.78 -33.70
CA GLU B 671 -10.99 -7.83 -34.60
C GLU B 671 -9.99 -7.30 -35.62
N LEU B 672 -8.76 -7.02 -35.18
CA LEU B 672 -7.75 -6.52 -36.11
C LEU B 672 -7.46 -7.56 -37.19
N ILE B 673 -7.35 -8.82 -36.80
CA ILE B 673 -7.09 -9.89 -37.76
C ILE B 673 -8.26 -10.06 -38.71
N GLU B 674 -9.49 -9.87 -38.21
CA GLU B 674 -10.64 -9.97 -39.10
C GLU B 674 -10.57 -8.87 -40.16
N THR B 675 -10.18 -7.66 -39.75
CA THR B 675 -10.04 -6.57 -40.69
C THR B 675 -8.95 -6.88 -41.71
N LEU B 676 -7.84 -7.46 -41.26
CA LEU B 676 -6.76 -7.82 -42.17
C LEU B 676 -7.21 -8.88 -43.16
N ALA B 677 -8.01 -9.84 -42.69
CA ALA B 677 -8.52 -10.88 -43.57
C ALA B 677 -9.42 -10.28 -44.64
N TRP B 678 -10.26 -9.31 -44.23
CA TRP B 678 -11.11 -8.65 -45.22
C TRP B 678 -10.26 -7.94 -46.26
N ALA B 679 -9.20 -7.26 -45.80
CA ALA B 679 -8.32 -6.55 -46.72
C ALA B 679 -7.67 -7.49 -47.71
N HIS B 680 -7.20 -8.64 -47.24
CA HIS B 680 -6.55 -9.59 -48.15
C HIS B 680 -7.55 -10.16 -49.14
N GLU B 681 -8.77 -10.47 -48.69
CA GLU B 681 -9.77 -11.04 -49.58
C GLU B 681 -10.32 -10.03 -50.59
N ARG B 682 -9.99 -8.75 -50.46
CA ARG B 682 -10.47 -7.73 -51.38
C ARG B 682 -9.36 -7.04 -52.16
N THR B 683 -8.10 -7.45 -51.99
CA THR B 683 -7.00 -6.83 -52.69
C THR B 683 -6.72 -7.58 -53.98
N PRO B 684 -6.73 -6.91 -55.14
CA PRO B 684 -6.46 -7.60 -56.41
C PRO B 684 -5.05 -8.17 -56.43
N LEU B 685 -4.84 -9.10 -57.36
CA LEU B 685 -3.56 -9.79 -57.54
C LEU B 685 -3.30 -10.70 -56.35
N ALA B 686 -3.40 -10.16 -55.13
CA ALA B 686 -3.20 -10.97 -53.94
C ALA B 686 -4.35 -11.94 -53.72
N ASN B 687 -5.49 -11.72 -54.39
CA ASN B 687 -6.62 -12.62 -54.24
C ASN B 687 -6.29 -14.00 -54.78
N LEU B 688 -5.33 -14.08 -55.71
CA LEU B 688 -4.93 -15.37 -56.27
C LEU B 688 -4.28 -16.26 -55.23
N VAL B 689 -3.83 -15.70 -54.12
CA VAL B 689 -3.19 -16.44 -53.04
C VAL B 689 -4.15 -16.51 -51.86
N ARG B 690 -4.38 -17.72 -51.37
CA ARG B 690 -5.28 -17.97 -50.25
C ARG B 690 -4.53 -18.64 -49.12
N TRP B 691 -5.08 -18.53 -47.92
CA TRP B 691 -4.49 -19.13 -46.73
C TRP B 691 -5.12 -20.49 -46.48
N ARG B 692 -4.29 -21.47 -46.12
CA ARG B 692 -4.80 -22.81 -45.85
C ARG B 692 -5.48 -22.89 -44.49
N ASP B 693 -5.05 -22.07 -43.54
CA ASP B 693 -5.60 -22.04 -42.20
C ASP B 693 -6.15 -20.64 -41.93
N LYS B 694 -7.35 -20.58 -41.36
CA LYS B 694 -7.96 -19.29 -41.06
C LYS B 694 -7.12 -18.57 -40.01
N PRO B 695 -6.61 -17.37 -40.29
CA PRO B 695 -5.81 -16.66 -39.29
C PRO B 695 -6.67 -16.16 -38.14
N VAL B 696 -6.26 -16.51 -36.92
CA VAL B 696 -6.97 -16.12 -35.71
C VAL B 696 -5.94 -15.63 -34.69
N ALA B 697 -6.43 -14.88 -33.71
CA ALA B 697 -5.56 -14.36 -32.66
C ALA B 697 -5.11 -15.49 -31.74
N LEU B 698 -4.01 -15.25 -31.04
CA LEU B 698 -3.48 -16.24 -30.11
C LEU B 698 -4.46 -16.50 -28.99
N SER B 699 -4.46 -17.73 -28.48
CA SER B 699 -5.34 -18.09 -27.39
C SER B 699 -4.95 -17.34 -26.12
N ILE B 700 -5.87 -17.30 -25.16
CA ILE B 700 -5.60 -16.61 -23.90
C ILE B 700 -4.43 -17.27 -23.18
N VAL B 701 -4.48 -18.60 -23.02
CA VAL B 701 -3.39 -19.31 -22.37
C VAL B 701 -2.14 -19.24 -23.23
N GLN B 702 -2.30 -19.36 -24.55
CA GLN B 702 -1.15 -19.27 -25.44
C GLN B 702 -0.51 -17.89 -25.35
N ALA B 703 -1.33 -16.85 -25.25
CA ALA B 703 -0.78 -15.50 -25.12
C ALA B 703 -0.01 -15.35 -23.83
N ARG B 704 -0.54 -15.90 -22.74
CA ARG B 704 0.16 -15.81 -21.46
C ARG B 704 1.50 -16.55 -21.55
N LEU B 705 1.51 -17.72 -22.21
CA LEU B 705 2.74 -18.48 -22.35
C LEU B 705 3.77 -17.74 -23.21
N VAL B 706 3.32 -17.13 -24.32
CA VAL B 706 4.25 -16.40 -25.18
C VAL B 706 4.81 -15.20 -24.45
N GLY B 707 3.96 -14.46 -23.73
CA GLY B 707 4.44 -13.31 -22.98
C GLY B 707 5.43 -13.72 -21.90
N LEU B 708 5.15 -14.81 -21.20
CA LEU B 708 6.06 -15.28 -20.16
C LEU B 708 7.39 -15.72 -20.77
N THR B 709 7.35 -16.38 -21.93
CA THR B 709 8.57 -16.81 -22.59
C THR B 709 9.42 -15.61 -22.97
N HIS B 710 8.79 -14.59 -23.55
CA HIS B 710 9.52 -13.39 -23.93
C HIS B 710 10.11 -12.70 -22.71
N PHE B 711 9.33 -12.59 -21.64
CA PHE B 711 9.79 -11.95 -20.41
C PHE B 711 11.01 -12.68 -19.86
N SER B 712 10.92 -14.01 -19.74
CA SER B 712 12.03 -14.79 -19.21
C SER B 712 13.26 -14.73 -20.10
N VAL B 713 13.08 -14.82 -21.42
CA VAL B 713 14.22 -14.78 -22.33
C VAL B 713 14.91 -13.42 -22.25
N GLY B 714 14.14 -12.34 -22.25
CA GLY B 714 14.73 -11.01 -22.15
C GLY B 714 15.46 -10.84 -20.83
N TYR B 715 14.85 -11.32 -19.74
CA TYR B 715 15.46 -11.23 -18.41
C TYR B 715 16.81 -11.93 -18.37
N VAL B 716 16.83 -13.20 -18.80
CA VAL B 716 18.05 -14.00 -18.78
C VAL B 716 19.12 -13.41 -19.69
N LEU B 717 18.73 -13.06 -20.93
CA LEU B 717 19.72 -12.52 -21.86
C LEU B 717 20.30 -11.20 -21.36
N THR B 718 19.45 -10.31 -20.85
CA THR B 718 19.93 -9.03 -20.36
C THR B 718 20.89 -9.21 -19.20
N TYR B 719 20.52 -10.04 -18.22
CA TYR B 719 21.41 -10.22 -17.08
C TYR B 719 22.70 -10.93 -17.48
N ALA B 720 22.62 -11.91 -18.39
CA ALA B 720 23.83 -12.61 -18.81
C ALA B 720 24.80 -11.65 -19.48
N ALA B 721 24.27 -10.82 -20.39
CA ALA B 721 25.12 -9.86 -21.07
C ALA B 721 25.75 -8.88 -20.10
N PHE B 722 24.95 -8.32 -19.19
CA PHE B 722 25.49 -7.37 -18.22
C PHE B 722 26.52 -8.02 -17.31
N LEU B 723 26.22 -9.21 -16.79
CA LEU B 723 27.13 -9.90 -15.89
C LEU B 723 28.46 -10.18 -16.56
N ILE B 724 28.43 -10.82 -17.73
CA ILE B 724 29.68 -11.17 -18.41
C ILE B 724 30.45 -9.92 -18.84
N ALA B 725 29.75 -8.91 -19.37
CA ALA B 725 30.46 -7.70 -19.80
C ALA B 725 31.07 -6.94 -18.63
N SER B 726 30.37 -6.88 -17.50
CA SER B 726 30.90 -6.15 -16.35
C SER B 726 32.05 -6.88 -15.69
N THR B 727 31.94 -8.19 -15.48
CA THR B 727 33.05 -8.90 -14.84
C THR B 727 34.16 -9.25 -15.82
N SER B 728 33.94 -9.13 -17.12
CA SER B 728 34.96 -9.45 -18.11
C SER B 728 35.74 -8.22 -18.54
N GLY B 729 35.11 -7.05 -18.58
CA GLY B 729 35.81 -5.85 -18.97
C GLY B 729 36.78 -5.35 -17.92
N LYS B 730 36.59 -5.77 -16.67
CA LYS B 730 37.46 -5.37 -15.56
C LYS B 730 38.52 -6.40 -15.24
N PHE B 731 38.24 -7.69 -15.41
CA PHE B 731 39.20 -8.74 -15.11
C PHE B 731 39.44 -9.66 -16.29
N SER C 1 -16.91 -26.98 -30.94
CA SER C 1 -17.90 -27.86 -30.34
C SER C 1 -17.63 -28.04 -28.86
N HIS C 2 -18.30 -27.23 -28.05
CA HIS C 2 -18.16 -27.27 -26.60
C HIS C 2 -19.21 -28.20 -25.99
N THR C 3 -18.96 -28.60 -24.75
CA THR C 3 -19.87 -29.48 -24.02
C THR C 3 -20.70 -28.67 -23.06
N VAL C 4 -22.02 -28.64 -23.28
CA VAL C 4 -22.95 -27.91 -22.42
C VAL C 4 -23.78 -28.93 -21.66
N LYS C 5 -23.85 -28.78 -20.35
CA LYS C 5 -24.59 -29.71 -19.50
C LYS C 5 -25.54 -28.97 -18.58
N ILE C 6 -26.68 -29.60 -18.30
CA ILE C 6 -27.71 -29.09 -17.42
C ILE C 6 -27.87 -30.08 -16.28
N TYR C 7 -27.96 -29.57 -15.06
CA TYR C 7 -28.09 -30.40 -13.87
C TYR C 7 -29.45 -30.21 -13.22
N ASP C 8 -29.86 -31.19 -12.41
CA ASP C 8 -31.15 -31.15 -11.75
C ASP C 8 -31.33 -29.99 -10.78
N THR C 9 -30.27 -29.23 -10.49
CA THR C 9 -30.43 -28.10 -9.60
C THR C 9 -31.16 -26.94 -10.25
N CYS C 10 -31.42 -27.03 -11.55
CA CYS C 10 -32.12 -25.99 -12.29
C CYS C 10 -33.53 -25.78 -11.75
N ILE C 11 -33.94 -24.51 -11.71
CA ILE C 11 -35.26 -24.12 -11.23
C ILE C 11 -36.18 -23.69 -12.37
N GLY C 12 -35.73 -23.85 -13.62
CA GLY C 12 -36.55 -23.49 -14.76
C GLY C 12 -36.85 -22.01 -14.90
N CYS C 13 -35.90 -21.15 -14.55
CA CYS C 13 -36.12 -19.71 -14.66
C CYS C 13 -36.04 -19.21 -16.10
N THR C 14 -35.54 -20.04 -17.02
CA THR C 14 -35.40 -19.73 -18.45
C THR C 14 -34.47 -18.56 -18.73
N GLN C 15 -33.67 -18.13 -17.77
CA GLN C 15 -32.79 -16.99 -18.01
C GLN C 15 -31.63 -17.36 -18.92
N CYS C 16 -31.08 -18.57 -18.76
CA CYS C 16 -29.97 -19.01 -19.60
C CYS C 16 -30.38 -19.08 -21.05
N VAL C 17 -31.61 -19.53 -21.32
CA VAL C 17 -32.10 -19.62 -22.70
C VAL C 17 -32.18 -18.24 -23.32
N ARG C 18 -32.70 -17.26 -22.57
CA ARG C 18 -32.81 -15.91 -23.08
C ARG C 18 -31.45 -15.24 -23.24
N ALA C 19 -30.45 -15.66 -22.49
CA ALA C 19 -29.12 -15.08 -22.57
C ALA C 19 -28.24 -15.71 -23.65
N CYS C 20 -28.66 -16.80 -24.26
CA CYS C 20 -27.84 -17.45 -25.28
C CYS C 20 -27.87 -16.64 -26.58
N PRO C 21 -26.71 -16.25 -27.12
CA PRO C 21 -26.67 -15.47 -28.36
C PRO C 21 -26.67 -16.29 -29.64
N THR C 22 -26.65 -17.63 -29.56
CA THR C 22 -26.65 -18.46 -30.76
C THR C 22 -27.76 -19.50 -30.76
N ASP C 23 -28.71 -19.40 -29.83
CA ASP C 23 -29.83 -20.33 -29.71
C ASP C 23 -29.33 -21.78 -29.60
N VAL C 24 -28.79 -22.07 -28.41
CA VAL C 24 -28.26 -23.39 -28.12
C VAL C 24 -29.07 -24.11 -27.07
N LEU C 25 -29.74 -23.39 -26.17
CA LEU C 25 -30.53 -23.95 -25.10
C LEU C 25 -32.01 -23.75 -25.36
N GLU C 26 -32.82 -24.60 -24.72
CA GLU C 26 -34.28 -24.48 -24.84
C GLU C 26 -34.87 -25.11 -23.59
N MET C 27 -36.13 -24.78 -23.32
CA MET C 27 -36.83 -25.30 -22.16
C MET C 27 -37.72 -26.47 -22.57
N VAL C 28 -37.63 -27.56 -21.82
CA VAL C 28 -38.43 -28.75 -22.09
C VAL C 28 -39.17 -29.12 -20.80
N PRO C 29 -40.30 -29.83 -20.88
CA PRO C 29 -41.04 -30.17 -19.66
C PRO C 29 -40.23 -31.05 -18.73
N TRP C 30 -40.44 -30.84 -17.43
CA TRP C 30 -39.76 -31.59 -16.38
C TRP C 30 -40.67 -31.61 -15.16
N ASP C 31 -40.27 -32.37 -14.14
CA ASP C 31 -41.07 -32.46 -12.92
C ASP C 31 -40.22 -32.45 -11.66
N GLY C 32 -38.99 -31.94 -11.73
CA GLY C 32 -38.12 -31.90 -10.57
C GLY C 32 -38.06 -30.55 -9.88
N CYS C 33 -38.71 -29.55 -10.44
CA CYS C 33 -38.73 -28.22 -9.87
C CYS C 33 -40.16 -27.67 -9.92
N LYS C 34 -40.38 -26.59 -9.16
CA LYS C 34 -41.70 -25.98 -9.12
C LYS C 34 -42.13 -25.44 -10.48
N ALA C 35 -41.17 -25.00 -11.29
CA ALA C 35 -41.51 -24.48 -12.62
C ALA C 35 -41.92 -25.58 -13.59
N ASN C 36 -41.64 -26.84 -13.26
CA ASN C 36 -41.99 -27.99 -14.10
C ASN C 36 -41.35 -27.89 -15.48
N GLN C 37 -40.10 -27.42 -15.53
CA GLN C 37 -39.37 -27.29 -16.78
C GLN C 37 -37.88 -27.34 -16.49
N ILE C 38 -37.13 -27.91 -17.44
CA ILE C 38 -35.68 -28.04 -17.32
C ILE C 38 -35.06 -27.49 -18.60
N ALA C 39 -33.81 -27.09 -18.49
CA ALA C 39 -33.08 -26.55 -19.63
C ALA C 39 -32.36 -27.67 -20.36
N SER C 40 -32.14 -27.47 -21.66
CA SER C 40 -31.47 -28.46 -22.48
C SER C 40 -30.63 -27.77 -23.53
N ALA C 41 -29.64 -28.49 -24.05
CA ALA C 41 -28.72 -28.00 -25.07
C ALA C 41 -28.74 -28.94 -26.27
N PRO C 42 -29.75 -28.83 -27.13
CA PRO C 42 -29.81 -29.71 -28.29
C PRO C 42 -28.90 -29.28 -29.44
N ARG C 43 -28.60 -27.99 -29.50
CA ARG C 43 -27.75 -27.46 -30.57
C ARG C 43 -26.40 -26.99 -30.05
N THR C 44 -25.65 -27.90 -29.41
CA THR C 44 -24.34 -27.52 -28.90
C THR C 44 -23.34 -27.22 -30.02
N GLU C 45 -23.63 -27.65 -31.24
CA GLU C 45 -22.72 -27.38 -32.36
C GLU C 45 -22.64 -25.89 -32.66
N ASP C 46 -23.66 -25.13 -32.28
CA ASP C 46 -23.70 -23.69 -32.52
C ASP C 46 -23.21 -22.89 -31.31
N CYS C 47 -22.82 -23.57 -30.24
CA CYS C 47 -22.34 -22.89 -29.05
C CYS C 47 -20.97 -22.27 -29.31
N VAL C 48 -20.81 -21.00 -28.94
CA VAL C 48 -19.54 -20.32 -29.14
C VAL C 48 -18.66 -20.33 -27.88
N GLY C 49 -19.25 -20.50 -26.70
CA GLY C 49 -18.50 -20.52 -25.47
C GLY C 49 -18.46 -19.22 -24.71
N CYS C 50 -19.33 -18.27 -25.04
CA CYS C 50 -19.37 -16.98 -24.35
C CYS C 50 -19.67 -17.10 -22.87
N LYS C 51 -20.27 -18.22 -22.45
CA LYS C 51 -20.63 -18.47 -21.06
C LYS C 51 -21.65 -17.46 -20.54
N ARG C 52 -22.44 -16.87 -21.44
CA ARG C 52 -23.46 -15.92 -21.01
C ARG C 52 -24.54 -16.64 -20.21
N CYS C 53 -24.79 -17.91 -20.55
CA CYS C 53 -25.79 -18.70 -19.83
C CYS C 53 -25.40 -18.89 -18.38
N GLU C 54 -24.10 -19.06 -18.11
CA GLU C 54 -23.64 -19.24 -16.74
C GLU C 54 -23.78 -17.95 -15.94
N SER C 55 -23.55 -16.80 -16.57
CA SER C 55 -23.67 -15.53 -15.88
C SER C 55 -25.11 -15.21 -15.50
N ALA C 56 -26.08 -15.91 -16.10
CA ALA C 56 -27.49 -15.68 -15.82
C ALA C 56 -28.10 -16.71 -14.88
N CYS C 57 -27.42 -17.83 -14.64
CA CYS C 57 -27.96 -18.85 -13.76
C CYS C 57 -27.95 -18.37 -12.32
N PRO C 58 -29.08 -18.43 -11.61
CA PRO C 58 -29.12 -17.97 -10.22
C PRO C 58 -28.87 -19.06 -9.19
N THR C 59 -28.83 -20.33 -9.58
CA THR C 59 -28.61 -21.39 -8.62
C THR C 59 -27.15 -21.44 -8.20
N ASP C 60 -26.91 -21.94 -6.99
CA ASP C 60 -25.58 -22.05 -6.41
C ASP C 60 -25.38 -23.50 -5.97
N PHE C 61 -24.51 -24.24 -6.64
CA PHE C 61 -23.72 -23.74 -7.78
C PHE C 61 -24.55 -23.71 -9.07
N LEU C 62 -23.89 -23.35 -10.16
CA LEU C 62 -24.56 -23.23 -11.46
C LEU C 62 -25.20 -24.55 -11.89
N SER C 63 -26.38 -24.44 -12.50
CA SER C 63 -27.11 -25.58 -13.01
C SER C 63 -26.78 -25.86 -14.47
N VAL C 64 -26.13 -24.91 -15.15
CA VAL C 64 -25.72 -25.04 -16.54
C VAL C 64 -24.22 -24.79 -16.59
N ARG C 65 -23.49 -25.71 -17.21
CA ARG C 65 -22.05 -25.58 -17.32
C ARG C 65 -21.58 -25.78 -18.74
N VAL C 66 -20.59 -24.99 -19.13
CA VAL C 66 -20.00 -25.03 -20.46
C VAL C 66 -18.54 -25.39 -20.31
N TYR C 67 -18.13 -26.45 -20.99
CA TYR C 67 -16.75 -26.95 -20.99
C TYR C 67 -16.23 -26.76 -22.40
N LEU C 68 -15.29 -25.82 -22.57
CA LEU C 68 -14.73 -25.54 -23.88
C LEU C 68 -13.89 -26.73 -24.35
N GLY C 69 -14.12 -27.16 -25.58
CA GLY C 69 -13.40 -28.28 -26.14
C GLY C 69 -12.80 -28.00 -27.50
N SER C 70 -13.07 -28.88 -28.46
CA SER C 70 -12.54 -28.71 -29.81
C SER C 70 -13.15 -27.48 -30.47
N GLU C 71 -12.31 -26.64 -31.07
CA GLU C 71 -12.76 -25.44 -31.74
C GLU C 71 -13.08 -25.72 -33.19
N THR C 72 -14.19 -25.16 -33.66
CA THR C 72 -14.66 -25.30 -35.03
C THR C 72 -14.85 -23.91 -35.63
N THR C 73 -15.27 -23.87 -36.90
CA THR C 73 -15.48 -22.59 -37.55
C THR C 73 -16.64 -21.82 -36.93
N ARG C 74 -17.59 -22.51 -36.31
CA ARG C 74 -18.73 -21.87 -35.68
C ARG C 74 -18.46 -21.51 -34.23
N SER C 75 -17.76 -22.39 -33.50
CA SER C 75 -17.44 -22.11 -32.10
C SER C 75 -16.45 -20.96 -31.97
N MET C 76 -15.64 -20.72 -32.99
CA MET C 76 -14.66 -19.63 -32.97
C MET C 76 -15.25 -18.29 -33.40
N GLY C 77 -16.51 -18.27 -33.82
CA GLY C 77 -17.15 -17.03 -34.24
C GLY C 77 -16.47 -16.37 -35.43
N LEU C 78 -16.05 -17.17 -36.41
CA LEU C 78 -15.37 -16.64 -37.58
C LEU C 78 -16.36 -16.41 -38.72
N ALA C 79 -16.32 -15.21 -39.29
CA ALA C 79 -17.17 -14.84 -40.40
C ALA C 79 -16.42 -14.85 -41.73
N TYR C 80 -15.17 -15.32 -41.72
CA TYR C 80 -14.36 -15.37 -42.92
C TYR C 80 -13.73 -16.75 -43.10
N ALA D 1 -48.87 -29.34 -34.28
CA ALA D 1 -48.95 -29.34 -35.74
C ALA D 1 -48.13 -28.20 -36.33
N PHE D 2 -46.82 -28.39 -36.43
CA PHE D 2 -45.92 -27.39 -36.97
C PHE D 2 -44.97 -28.03 -37.96
N THR D 3 -44.69 -27.30 -39.04
CA THR D 3 -43.78 -27.71 -40.09
C THR D 3 -42.86 -26.54 -40.41
N PRO D 4 -41.59 -26.81 -40.68
CA PRO D 4 -40.65 -25.71 -40.97
C PRO D 4 -41.08 -24.96 -42.23
N PRO D 5 -41.26 -23.64 -42.13
CA PRO D 5 -41.67 -22.87 -43.30
C PRO D 5 -40.54 -22.79 -44.33
N THR D 6 -40.91 -23.00 -45.59
CA THR D 6 -39.92 -22.95 -46.67
C THR D 6 -39.42 -21.53 -46.89
N LEU D 7 -38.19 -21.42 -47.38
CA LEU D 7 -37.54 -20.14 -47.62
C LEU D 7 -37.87 -19.64 -49.03
N GLN D 8 -38.53 -18.49 -49.10
CA GLN D 8 -38.90 -17.87 -50.37
C GLN D 8 -37.77 -17.00 -50.88
N SER D 9 -37.34 -17.26 -52.12
CA SER D 9 -36.27 -16.50 -52.75
C SER D 9 -36.77 -15.21 -53.38
N ASP D 10 -38.08 -14.99 -53.40
CA ASP D 10 -38.68 -13.79 -53.98
C ASP D 10 -38.85 -12.68 -52.95
N THR D 11 -38.36 -12.87 -51.74
CA THR D 11 -38.49 -11.85 -50.71
C THR D 11 -37.49 -10.73 -50.95
N PRO D 12 -37.95 -9.48 -51.04
CA PRO D 12 -37.02 -8.37 -51.25
C PRO D 12 -36.17 -8.11 -50.02
N SER D 13 -35.03 -7.50 -50.26
CA SER D 13 -34.08 -7.17 -49.20
C SER D 13 -34.28 -5.74 -48.74
N PRO D 14 -33.86 -5.41 -47.52
CA PRO D 14 -34.02 -4.04 -47.03
C PRO D 14 -33.16 -3.06 -47.81
N ILE D 15 -33.59 -1.80 -47.80
CA ILE D 15 -32.88 -0.74 -48.50
C ILE D 15 -31.57 -0.46 -47.76
N PHE D 16 -30.44 -0.79 -48.40
CA PHE D 16 -29.13 -0.59 -47.83
C PHE D 16 -28.19 -0.10 -48.92
N GLY D 17 -27.31 0.83 -48.57
CA GLY D 17 -26.36 1.35 -49.54
C GLY D 17 -25.11 0.53 -49.74
N GLY D 18 -24.89 -0.49 -48.92
CA GLY D 18 -23.72 -1.33 -49.03
C GLY D 18 -22.70 -1.02 -47.97
N SER D 19 -21.91 -2.02 -47.62
CA SER D 19 -20.88 -1.86 -46.61
C SER D 19 -19.81 -2.92 -46.81
N THR D 20 -18.67 -2.72 -46.17
CA THR D 20 -17.55 -3.65 -46.24
C THR D 20 -17.60 -4.72 -45.16
N GLY D 21 -18.64 -4.72 -44.33
CA GLY D 21 -18.76 -5.71 -43.27
C GLY D 21 -19.72 -6.82 -43.59
N GLY D 22 -20.05 -7.00 -44.86
CA GLY D 22 -20.98 -8.04 -45.29
C GLY D 22 -20.33 -9.39 -45.48
N LEU D 23 -20.93 -10.19 -46.34
CA LEU D 23 -20.42 -11.53 -46.63
C LEU D 23 -19.05 -11.47 -47.30
N LEU D 24 -18.22 -12.45 -46.96
CA LEU D 24 -16.88 -12.60 -47.49
C LEU D 24 -16.82 -13.87 -48.36
N SER D 25 -15.66 -14.51 -48.41
CA SER D 25 -15.50 -15.72 -49.21
C SER D 25 -15.91 -16.98 -48.47
N GLN D 26 -16.19 -16.91 -47.17
CA GLN D 26 -16.59 -18.09 -46.44
C GLN D 26 -17.97 -18.58 -46.88
N ALA D 27 -18.86 -17.65 -47.21
CA ALA D 27 -20.20 -18.01 -47.65
C ALA D 27 -20.20 -18.75 -48.98
N GLN D 28 -19.14 -18.61 -49.78
CA GLN D 28 -19.08 -19.28 -51.07
C GLN D 28 -18.58 -20.71 -50.96
N VAL D 29 -17.79 -21.02 -49.94
CA VAL D 29 -17.24 -22.36 -49.78
C VAL D 29 -17.68 -23.04 -48.49
N GLU D 30 -18.38 -22.35 -47.59
CA GLU D 30 -18.78 -23.02 -46.36
C GLU D 30 -20.29 -22.95 -46.14
N GLU D 31 -20.80 -21.77 -45.76
CA GLU D 31 -22.23 -21.60 -45.49
C GLU D 31 -22.48 -20.15 -45.11
N PHE D 32 -23.77 -19.80 -45.08
CA PHE D 32 -24.20 -18.47 -44.67
C PHE D 32 -25.61 -18.61 -44.12
N HIS D 33 -26.13 -17.55 -43.52
CA HIS D 33 -27.46 -17.60 -42.92
C HIS D 33 -28.36 -16.55 -43.52
N VAL D 34 -29.67 -16.81 -43.46
CA VAL D 34 -30.68 -15.91 -44.00
C VAL D 34 -31.76 -15.69 -42.96
N ILE D 35 -32.11 -14.43 -42.71
CA ILE D 35 -33.16 -14.08 -41.76
C ILE D 35 -34.26 -13.36 -42.53
N THR D 36 -35.47 -13.88 -42.41
CA THR D 36 -36.64 -13.32 -43.09
C THR D 36 -37.67 -12.91 -42.05
N TRP D 37 -38.18 -11.69 -42.16
CA TRP D 37 -39.18 -11.20 -41.22
C TRP D 37 -40.26 -10.44 -41.98
N GLU D 38 -41.30 -10.04 -41.24
CA GLU D 38 -42.42 -9.31 -41.80
C GLU D 38 -42.60 -8.02 -41.01
N SER D 39 -42.55 -6.89 -41.70
CA SER D 39 -42.71 -5.58 -41.09
C SER D 39 -43.99 -4.92 -41.56
N LYS D 40 -44.64 -4.21 -40.65
CA LYS D 40 -45.88 -3.51 -40.97
C LYS D 40 -45.65 -2.14 -41.59
N LYS D 41 -44.41 -1.66 -41.60
CA LYS D 41 -44.11 -0.35 -42.17
C LYS D 41 -42.63 -0.30 -42.53
N GLU D 42 -42.30 0.66 -43.39
CA GLU D 42 -40.93 0.89 -43.83
C GLU D 42 -40.23 1.70 -42.75
N GLN D 43 -39.25 1.11 -42.08
CA GLN D 43 -38.58 1.84 -41.00
C GLN D 43 -37.09 1.53 -40.94
N ILE D 44 -36.34 2.49 -40.42
CA ILE D 44 -34.89 2.37 -40.30
C ILE D 44 -34.51 1.49 -39.11
N PHE D 45 -33.57 0.59 -39.34
CA PHE D 45 -33.06 -0.32 -38.32
C PHE D 45 -31.54 -0.38 -38.46
N GLU D 46 -30.89 -0.85 -37.41
CA GLU D 46 -29.44 -0.96 -37.38
C GLU D 46 -29.00 -2.37 -37.79
N MET D 47 -28.03 -2.45 -38.71
CA MET D 47 -27.60 -3.77 -39.11
C MET D 47 -26.43 -4.25 -38.26
N PRO D 48 -26.33 -5.56 -38.03
CA PRO D 48 -25.23 -6.09 -37.20
C PRO D 48 -23.86 -5.89 -37.83
N THR D 49 -23.78 -5.65 -39.13
CA THR D 49 -22.51 -5.47 -39.82
C THR D 49 -22.08 -4.00 -39.91
N GLY D 50 -22.82 -3.09 -39.28
CA GLY D 50 -22.47 -1.69 -39.33
C GLY D 50 -23.34 -0.91 -40.30
N GLY D 51 -23.73 0.29 -39.92
CA GLY D 51 -24.57 1.11 -40.75
C GLY D 51 -26.04 0.99 -40.37
N ALA D 52 -26.87 1.60 -41.19
CA ALA D 52 -28.31 1.59 -40.97
C ALA D 52 -29.02 1.27 -42.28
N ALA D 53 -29.99 0.37 -42.22
CA ALA D 53 -30.78 -0.03 -43.37
C ALA D 53 -32.23 0.34 -43.13
N ILE D 54 -33.05 0.17 -44.16
CA ILE D 54 -34.47 0.50 -44.07
C ILE D 54 -35.26 -0.74 -44.47
N MET D 55 -36.01 -1.31 -43.52
CA MET D 55 -36.83 -2.47 -43.80
C MET D 55 -38.10 -2.01 -44.50
N ARG D 56 -38.44 -2.69 -45.59
CA ARG D 56 -39.61 -2.37 -46.38
C ARG D 56 -40.89 -2.77 -45.66
N GLN D 57 -42.02 -2.41 -46.27
CA GLN D 57 -43.34 -2.71 -45.74
C GLN D 57 -43.76 -4.06 -46.32
N GLY D 58 -43.63 -5.11 -45.51
CA GLY D 58 -43.98 -6.44 -45.94
C GLY D 58 -42.89 -7.43 -45.60
N PRO D 59 -42.62 -8.35 -46.52
CA PRO D 59 -41.56 -9.34 -46.27
C PRO D 59 -40.17 -8.79 -46.56
N ASN D 60 -39.24 -9.11 -45.67
CA ASN D 60 -37.86 -8.67 -45.78
C ASN D 60 -36.93 -9.86 -45.59
N LEU D 61 -35.88 -9.91 -46.41
CA LEU D 61 -34.89 -10.98 -46.38
C LEU D 61 -33.49 -10.37 -46.26
N LEU D 62 -32.67 -10.93 -45.38
CA LEU D 62 -31.32 -10.43 -45.17
C LEU D 62 -30.36 -11.60 -45.01
N LYS D 63 -29.29 -11.61 -45.81
CA LYS D 63 -28.29 -12.67 -45.75
C LYS D 63 -27.07 -12.18 -44.98
N LEU D 64 -26.67 -12.95 -43.97
CA LEU D 64 -25.54 -12.64 -43.11
C LEU D 64 -24.59 -13.83 -43.09
N ALA D 65 -23.43 -13.62 -42.47
CA ALA D 65 -22.42 -14.67 -42.39
C ALA D 65 -22.69 -15.67 -41.27
N ARG D 66 -22.52 -15.24 -40.02
CA ARG D 66 -22.71 -16.12 -38.88
C ARG D 66 -24.15 -16.11 -38.39
N LYS D 67 -24.50 -17.18 -37.67
CA LYS D 67 -25.85 -17.31 -37.11
C LYS D 67 -26.05 -16.30 -35.99
N GLU D 68 -24.98 -15.92 -35.29
CA GLU D 68 -25.08 -14.96 -34.22
C GLU D 68 -25.53 -13.61 -34.73
N GLN D 69 -25.10 -13.23 -35.93
CA GLN D 69 -25.53 -11.96 -36.51
C GLN D 69 -27.03 -11.96 -36.74
N CYS D 70 -27.55 -13.06 -37.30
CA CYS D 70 -28.98 -13.17 -37.54
C CYS D 70 -29.75 -13.14 -36.23
N LEU D 71 -29.24 -13.84 -35.21
CA LEU D 71 -29.92 -13.84 -33.93
C LEU D 71 -29.89 -12.46 -33.28
N ALA D 72 -28.80 -11.71 -33.45
CA ALA D 72 -28.74 -10.37 -32.88
C ALA D 72 -29.74 -9.46 -33.58
N LEU D 73 -29.86 -9.59 -34.90
CA LEU D 73 -30.83 -8.79 -35.63
C LEU D 73 -32.25 -9.15 -35.19
N LEU D 74 -32.50 -10.45 -34.97
CA LEU D 74 -33.81 -10.89 -34.53
C LEU D 74 -34.11 -10.34 -33.14
N THR D 75 -33.12 -10.32 -32.26
CA THR D 75 -33.32 -9.76 -30.92
C THR D 75 -33.66 -8.29 -31.01
N GLN D 76 -32.97 -7.56 -31.90
CA GLN D 76 -33.26 -6.14 -32.07
C GLN D 76 -34.68 -5.94 -32.58
N LEU D 77 -35.10 -6.76 -33.54
CA LEU D 77 -36.45 -6.65 -34.09
C LEU D 77 -37.51 -6.97 -33.05
N ARG D 78 -37.26 -7.99 -32.21
CA ARG D 78 -38.23 -8.39 -31.20
C ARG D 78 -38.33 -7.37 -30.06
N THR D 79 -37.20 -6.81 -29.63
CA THR D 79 -37.22 -5.86 -28.53
C THR D 79 -37.43 -4.42 -28.96
N LYS D 80 -37.41 -4.12 -30.25
CA LYS D 80 -37.59 -2.75 -30.71
C LYS D 80 -38.82 -2.55 -31.57
N PHE D 81 -39.09 -3.44 -32.51
CA PHE D 81 -40.23 -3.33 -33.41
C PHE D 81 -41.27 -4.40 -33.21
N LYS D 82 -41.07 -5.32 -32.25
CA LYS D 82 -42.02 -6.40 -31.98
C LYS D 82 -42.32 -7.20 -33.26
N ILE D 83 -41.26 -7.58 -33.96
CA ILE D 83 -41.34 -8.31 -35.21
C ILE D 83 -40.70 -9.68 -35.01
N ASP D 84 -41.38 -10.72 -35.48
CA ASP D 84 -40.89 -12.09 -35.39
C ASP D 84 -40.28 -12.48 -36.73
N GLY D 85 -39.13 -13.16 -36.67
CA GLY D 85 -38.44 -13.58 -37.87
C GLY D 85 -38.05 -15.05 -37.82
N TYR D 86 -37.59 -15.54 -38.97
CA TYR D 86 -37.15 -16.91 -39.14
C TYR D 86 -35.73 -16.91 -39.67
N ILE D 87 -34.90 -17.82 -39.16
CA ILE D 87 -33.51 -17.93 -39.56
C ILE D 87 -33.29 -19.30 -40.22
N TYR D 88 -32.59 -19.29 -41.35
CA TYR D 88 -32.27 -20.48 -42.11
C TYR D 88 -30.78 -20.50 -42.38
N ARG D 89 -30.25 -21.69 -42.62
CA ARG D 89 -28.85 -21.90 -42.94
C ARG D 89 -28.76 -22.39 -44.37
N VAL D 90 -28.02 -21.68 -45.21
CA VAL D 90 -27.88 -22.01 -46.62
C VAL D 90 -26.43 -22.41 -46.89
N PHE D 91 -26.26 -23.52 -47.61
CA PHE D 91 -24.99 -24.10 -48.00
C PHE D 91 -24.73 -23.80 -49.47
N PRO D 92 -23.46 -23.82 -49.91
CA PRO D 92 -23.17 -23.53 -51.32
C PRO D 92 -23.86 -24.46 -52.29
N ASN D 93 -24.05 -25.73 -51.93
CA ASN D 93 -24.72 -26.67 -52.82
C ASN D 93 -26.17 -26.30 -53.08
N GLY D 94 -26.80 -25.55 -52.18
CA GLY D 94 -28.16 -25.15 -52.33
C GLY D 94 -29.14 -25.73 -51.32
N GLU D 95 -28.67 -26.19 -50.17
CA GLU D 95 -29.54 -26.77 -49.15
C GLU D 95 -29.88 -25.73 -48.11
N VAL D 96 -31.16 -25.62 -47.76
CA VAL D 96 -31.65 -24.67 -46.77
C VAL D 96 -32.12 -25.47 -45.56
N GLN D 97 -31.66 -25.07 -44.38
CA GLN D 97 -32.01 -25.74 -43.14
C GLN D 97 -32.62 -24.72 -42.16
N TYR D 98 -33.82 -25.02 -41.67
CA TYR D 98 -34.49 -24.15 -40.72
C TYR D 98 -33.69 -24.11 -39.42
N LEU D 99 -33.76 -22.96 -38.73
CA LEU D 99 -32.98 -22.86 -37.50
C LEU D 99 -33.75 -22.48 -36.24
N HIS D 100 -33.45 -21.29 -35.69
CA HIS D 100 -33.93 -20.71 -34.44
C HIS D 100 -35.33 -21.13 -33.98
N PRO D 101 -36.46 -20.75 -34.66
CA PRO D 101 -37.78 -21.17 -34.16
C PRO D 101 -38.09 -22.62 -34.54
N LYS D 102 -37.13 -23.51 -34.27
CA LYS D 102 -37.16 -24.94 -34.56
C LYS D 102 -38.54 -25.58 -34.58
N ASP D 103 -39.33 -25.40 -33.53
CA ASP D 103 -40.66 -25.97 -33.45
C ASP D 103 -41.75 -24.90 -33.45
N GLY D 104 -41.46 -23.75 -34.06
CA GLY D 104 -42.43 -22.67 -34.14
C GLY D 104 -42.59 -21.91 -32.83
N VAL D 105 -42.15 -22.51 -31.73
CA VAL D 105 -42.22 -21.91 -30.41
C VAL D 105 -40.82 -21.50 -30.00
N TYR D 106 -40.71 -20.30 -29.44
CA TYR D 106 -39.41 -19.80 -29.02
C TYR D 106 -38.82 -20.70 -27.93
N PRO D 107 -37.50 -20.85 -27.89
CA PRO D 107 -36.89 -21.71 -26.88
C PRO D 107 -37.16 -21.30 -25.45
N GLU D 108 -37.33 -20.00 -25.18
CA GLU D 108 -37.59 -19.55 -23.82
C GLU D 108 -38.95 -20.03 -23.31
N LYS D 109 -39.82 -20.51 -24.19
CA LYS D 109 -41.14 -21.01 -23.82
C LYS D 109 -41.16 -22.52 -24.00
N VAL D 110 -41.61 -23.23 -22.96
CA VAL D 110 -41.68 -24.69 -23.02
C VAL D 110 -42.78 -25.08 -24.00
N ASN D 111 -42.49 -26.08 -24.84
CA ASN D 111 -43.44 -26.54 -25.83
C ASN D 111 -43.97 -27.95 -25.60
N ALA D 112 -43.34 -28.73 -24.73
CA ALA D 112 -43.76 -30.10 -24.44
C ALA D 112 -43.74 -30.95 -25.71
N GLY D 113 -42.58 -31.47 -26.06
CA GLY D 113 -42.42 -32.28 -27.25
C GLY D 113 -41.05 -32.12 -27.85
N ARG D 114 -40.14 -31.53 -27.08
CA ARG D 114 -38.76 -31.31 -27.50
C ARG D 114 -37.86 -32.42 -26.97
N SER D 115 -36.59 -32.33 -27.34
CA SER D 115 -35.59 -33.30 -26.91
C SER D 115 -34.82 -32.75 -25.71
N GLY D 116 -34.83 -33.49 -24.60
CA GLY D 116 -34.11 -33.07 -23.41
C GLY D 116 -32.66 -33.48 -23.52
N ASP D 117 -31.98 -32.96 -24.54
CA ASP D 117 -30.58 -33.28 -24.79
C ASP D 117 -29.67 -32.60 -23.78
N ASN D 118 -28.62 -33.32 -23.36
CA ASN D 118 -27.61 -32.84 -22.42
C ASN D 118 -28.25 -32.30 -21.14
N THR D 119 -28.74 -33.23 -20.32
CA THR D 119 -29.37 -32.90 -19.05
C THR D 119 -29.00 -33.99 -18.04
N ASN D 120 -27.97 -33.73 -17.24
CA ASN D 120 -27.52 -34.69 -16.24
C ASN D 120 -28.47 -34.69 -15.06
N MET D 121 -28.69 -35.87 -14.48
CA MET D 121 -29.57 -36.03 -13.32
C MET D 121 -28.78 -36.12 -12.02
N ARG D 122 -27.75 -35.29 -11.89
CA ARG D 122 -26.90 -35.24 -10.71
C ARG D 122 -26.50 -33.80 -10.47
N ARG D 123 -25.72 -33.57 -9.43
CA ARG D 123 -25.25 -32.23 -9.09
C ARG D 123 -23.92 -31.98 -9.79
N ILE D 124 -23.46 -30.73 -9.75
CA ILE D 124 -22.19 -30.40 -10.40
C ILE D 124 -21.02 -31.08 -9.70
N GLY D 125 -21.11 -31.29 -8.39
CA GLY D 125 -20.05 -31.95 -7.66
C GLY D 125 -20.17 -33.45 -7.56
N GLN D 126 -21.19 -34.04 -8.19
CA GLN D 126 -21.41 -35.48 -8.17
C GLN D 126 -20.83 -36.16 -9.40
N ASN D 127 -19.96 -35.47 -10.13
CA ASN D 127 -19.34 -36.03 -11.31
C ASN D 127 -18.18 -36.95 -10.92
N LYS D 128 -17.81 -37.83 -11.83
CA LYS D 128 -16.71 -38.75 -11.56
C LYS D 128 -15.39 -38.00 -11.43
N GLU D 129 -14.51 -38.54 -10.60
CA GLU D 129 -13.21 -37.92 -10.38
C GLU D 129 -12.36 -38.03 -11.65
N PRO D 130 -11.52 -37.03 -11.92
CA PRO D 130 -10.67 -37.09 -13.12
C PRO D 130 -9.73 -38.28 -13.12
N VAL D 131 -9.32 -38.77 -11.95
CA VAL D 131 -8.43 -39.91 -11.90
C VAL D 131 -9.14 -41.22 -12.20
N GLN D 132 -10.47 -41.25 -12.05
CA GLN D 132 -11.23 -42.46 -12.32
C GLN D 132 -11.58 -42.63 -13.79
N ILE D 133 -11.31 -41.64 -14.63
CA ILE D 133 -11.60 -41.73 -16.05
C ILE D 133 -10.34 -41.43 -16.85
N LYS D 134 -9.18 -41.67 -16.25
CA LYS D 134 -7.92 -41.42 -16.93
C LYS D 134 -7.76 -42.35 -18.12
N PHE D 135 -7.01 -41.86 -19.13
CA PHE D 135 -6.75 -42.61 -20.36
C PHE D 135 -8.03 -42.87 -21.13
N SER D 136 -8.90 -41.86 -21.18
CA SER D 136 -10.17 -41.93 -21.90
C SER D 136 -10.48 -40.54 -22.39
N GLY D 137 -10.62 -40.39 -23.70
CA GLY D 137 -10.89 -39.09 -24.30
C GLY D 137 -12.23 -38.49 -23.92
N LYS D 138 -12.52 -38.41 -22.63
CA LYS D 138 -13.77 -37.87 -22.14
C LYS D 138 -13.52 -37.09 -20.85
N ILE D 139 -14.35 -36.08 -20.61
CA ILE D 139 -14.25 -35.25 -19.41
C ILE D 139 -15.22 -35.79 -18.37
N PRO D 140 -15.06 -35.45 -17.09
CA PRO D 140 -15.98 -35.99 -16.07
C PRO D 140 -17.44 -35.62 -16.28
N ALA D 141 -17.73 -34.59 -17.08
CA ALA D 141 -19.11 -34.18 -17.32
C ALA D 141 -19.85 -35.07 -18.31
N GLU D 142 -19.14 -35.95 -19.02
CA GLU D 142 -19.77 -36.84 -20.00
C GLU D 142 -19.98 -38.25 -19.47
N PHE D 143 -20.15 -38.40 -18.17
CA PHE D 143 -20.38 -39.71 -17.56
C PHE D 143 -21.62 -39.70 -16.68
N PRO E 1 -47.72 -34.72 7.65
CA PRO E 1 -47.99 -33.29 7.65
C PRO E 1 -47.09 -32.52 6.69
N ASP E 2 -45.97 -32.01 7.19
CA ASP E 2 -45.01 -31.26 6.39
C ASP E 2 -43.62 -31.83 6.58
N VAL E 3 -42.88 -31.91 5.49
CA VAL E 3 -41.52 -32.43 5.51
C VAL E 3 -40.55 -31.27 5.64
N GLY E 4 -39.38 -31.54 6.22
CA GLY E 4 -38.37 -30.53 6.41
C GLY E 4 -38.66 -29.61 7.58
N PRO E 5 -37.74 -28.69 7.84
CA PRO E 5 -37.95 -27.75 8.94
C PRO E 5 -39.00 -26.71 8.61
N LYS E 6 -39.59 -26.15 9.66
CA LYS E 6 -40.61 -25.12 9.47
C LYS E 6 -39.98 -23.82 8.99
N ARG E 7 -40.82 -22.95 8.45
CA ARG E 7 -40.34 -21.67 7.93
C ARG E 7 -39.79 -20.81 9.06
N GLY E 8 -38.71 -20.08 8.75
CA GLY E 8 -38.08 -19.22 9.73
C GLY E 8 -37.16 -19.93 10.70
N THR E 9 -36.71 -21.14 10.38
CA THR E 9 -35.83 -21.91 11.25
C THR E 9 -34.40 -21.85 10.75
N GLN E 10 -33.47 -21.61 11.67
CA GLN E 10 -32.06 -21.55 11.31
C GLN E 10 -31.56 -22.93 10.91
N VAL E 11 -30.88 -23.02 9.77
CA VAL E 11 -30.34 -24.28 9.28
C VAL E 11 -28.92 -24.08 8.81
N ARG E 12 -28.15 -25.16 8.81
CA ARG E 12 -26.76 -25.16 8.38
C ARG E 12 -26.66 -25.92 7.05
N ILE E 13 -25.94 -25.35 6.11
CA ILE E 13 -25.78 -25.96 4.78
C ILE E 13 -24.74 -27.07 4.84
N LEU E 14 -25.04 -28.18 4.17
CA LEU E 14 -24.16 -29.34 4.10
C LEU E 14 -23.61 -29.58 2.71
N ARG E 15 -23.98 -28.77 1.73
CA ARG E 15 -23.51 -28.95 0.36
C ARG E 15 -22.18 -28.22 0.17
N PRO E 16 -21.08 -28.94 -0.08
CA PRO E 16 -19.80 -28.27 -0.29
C PRO E 16 -19.80 -27.38 -1.51
N GLU E 17 -20.69 -27.67 -2.46
CA GLU E 17 -20.81 -26.88 -3.69
C GLU E 17 -21.22 -25.45 -3.37
N SER E 18 -22.17 -25.31 -2.45
CA SER E 18 -22.75 -24.03 -2.07
C SER E 18 -21.73 -23.06 -1.50
N TYR E 19 -21.95 -21.77 -1.81
CA TYR E 19 -21.09 -20.72 -1.31
C TYR E 19 -21.25 -20.56 0.20
N TRP E 20 -22.39 -20.97 0.74
CA TRP E 20 -22.69 -20.89 2.16
C TRP E 20 -22.48 -22.22 2.88
N PHE E 21 -21.55 -23.05 2.40
CA PHE E 21 -21.28 -24.33 3.03
C PHE E 21 -20.87 -24.10 4.48
N ARG E 22 -21.46 -24.87 5.39
CA ARG E 22 -21.22 -24.80 6.83
C ARG E 22 -21.73 -23.50 7.44
N GLU E 23 -22.51 -22.71 6.70
CA GLU E 23 -23.05 -21.45 7.18
C GLU E 23 -24.55 -21.59 7.42
N THR E 24 -25.06 -20.78 8.33
CA THR E 24 -26.48 -20.82 8.68
C THR E 24 -27.30 -19.84 7.86
N GLY E 25 -28.55 -20.23 7.63
CA GLY E 25 -29.50 -19.43 6.87
C GLY E 25 -30.89 -19.66 7.43
N LYS E 26 -31.83 -18.84 6.98
CA LYS E 26 -33.22 -18.94 7.43
C LYS E 26 -34.08 -19.65 6.39
N VAL E 27 -34.89 -20.59 6.84
CA VAL E 27 -35.77 -21.34 5.95
C VAL E 27 -36.95 -20.43 5.59
N VAL E 28 -37.02 -20.02 4.32
CA VAL E 28 -38.11 -19.16 3.87
C VAL E 28 -39.37 -19.98 3.61
N SER E 29 -39.22 -21.11 2.91
CA SER E 29 -40.36 -21.97 2.60
C SER E 29 -39.85 -23.34 2.19
N VAL E 30 -40.72 -24.33 2.35
CA VAL E 30 -40.43 -25.71 1.99
C VAL E 30 -41.58 -26.21 1.13
N ASP E 31 -41.26 -26.62 -0.10
CA ASP E 31 -42.29 -27.11 -1.00
C ASP E 31 -42.73 -28.51 -0.59
N GLN E 32 -44.04 -28.75 -0.64
CA GLN E 32 -44.59 -30.05 -0.25
C GLN E 32 -44.98 -30.86 -1.48
N SER E 33 -43.97 -31.10 -2.32
CA SER E 33 -44.13 -31.87 -3.55
C SER E 33 -42.85 -32.64 -3.80
N GLY E 34 -42.94 -33.62 -4.70
CA GLY E 34 -41.79 -34.43 -5.03
C GLY E 34 -40.72 -33.64 -5.77
N ILE E 35 -40.14 -32.65 -5.09
CA ILE E 35 -39.11 -31.80 -5.66
C ILE E 35 -37.77 -32.19 -5.05
N ARG E 36 -36.74 -32.23 -5.90
CA ARG E 36 -35.41 -32.61 -5.44
C ARG E 36 -34.87 -31.63 -4.40
N TYR E 37 -35.05 -30.33 -4.61
CA TYR E 37 -34.57 -29.30 -3.71
C TYR E 37 -35.73 -28.39 -3.35
N PRO E 38 -36.58 -28.80 -2.39
CA PRO E 38 -37.73 -27.98 -2.00
C PRO E 38 -37.48 -27.02 -0.85
N VAL E 39 -36.34 -27.08 -0.18
CA VAL E 39 -36.06 -26.20 0.94
C VAL E 39 -35.44 -24.91 0.43
N VAL E 40 -36.17 -23.80 0.59
CA VAL E 40 -35.68 -22.49 0.18
C VAL E 40 -35.01 -21.87 1.39
N VAL E 41 -33.74 -21.51 1.26
CA VAL E 41 -32.97 -20.93 2.35
C VAL E 41 -32.43 -19.57 1.93
N ARG E 42 -32.67 -18.56 2.76
CA ARG E 42 -32.19 -17.21 2.53
C ARG E 42 -30.98 -16.95 3.44
N PHE E 43 -30.03 -16.20 2.90
CA PHE E 43 -28.80 -15.89 3.61
C PHE E 43 -28.57 -14.39 3.66
N GLU E 44 -27.78 -13.98 4.65
CA GLU E 44 -27.39 -12.59 4.83
C GLU E 44 -26.03 -12.31 4.21
N LYS E 45 -25.45 -13.31 3.55
CA LYS E 45 -24.14 -13.25 2.91
C LYS E 45 -24.34 -13.52 1.42
N VAL E 46 -24.28 -12.47 0.60
CA VAL E 46 -24.47 -12.64 -0.83
C VAL E 46 -23.27 -13.39 -1.41
N ASN E 47 -23.52 -14.20 -2.44
CA ASN E 47 -22.47 -14.98 -3.08
C ASN E 47 -21.79 -14.12 -4.13
N TYR E 48 -20.89 -14.74 -4.90
CA TYR E 48 -20.17 -14.00 -5.94
C TYR E 48 -21.09 -13.48 -7.02
N ALA E 49 -22.23 -14.13 -7.23
CA ALA E 49 -23.20 -13.69 -8.23
C ALA E 49 -24.20 -12.70 -7.67
N GLY E 50 -24.09 -12.33 -6.40
CA GLY E 50 -25.01 -11.39 -5.79
C GLY E 50 -26.33 -12.00 -5.34
N VAL E 51 -26.43 -13.31 -5.26
CA VAL E 51 -27.64 -14.00 -4.85
C VAL E 51 -27.55 -14.31 -3.36
N SER E 52 -28.69 -14.20 -2.67
CA SER E 52 -28.74 -14.46 -1.24
C SER E 52 -29.73 -15.57 -0.88
N THR E 53 -30.31 -16.25 -1.87
CA THR E 53 -31.26 -17.32 -1.64
C THR E 53 -30.86 -18.52 -2.48
N ASN E 54 -31.20 -19.72 -1.99
CA ASN E 54 -30.86 -20.93 -2.72
C ASN E 54 -31.82 -22.04 -2.33
N ASN E 55 -31.78 -23.13 -3.11
CA ASN E 55 -32.62 -24.30 -2.91
C ASN E 55 -31.76 -25.48 -2.50
N TYR E 56 -32.20 -26.20 -1.47
CA TYR E 56 -31.47 -27.35 -0.96
C TYR E 56 -32.46 -28.47 -0.66
N ALA E 57 -31.92 -29.69 -0.63
CA ALA E 57 -32.71 -30.88 -0.33
C ALA E 57 -32.93 -31.01 1.17
N LEU E 58 -33.72 -32.00 1.55
CA LEU E 58 -34.00 -32.22 2.96
C LEU E 58 -32.77 -32.71 3.72
N ASP E 59 -31.87 -33.43 3.04
CA ASP E 59 -30.67 -33.95 3.67
C ASP E 59 -29.48 -32.99 3.57
N GLU E 60 -29.64 -31.84 2.92
CA GLU E 60 -28.57 -30.87 2.78
C GLU E 60 -28.65 -29.76 3.83
N VAL E 61 -29.58 -29.84 4.77
CA VAL E 61 -29.74 -28.84 5.81
C VAL E 61 -29.82 -29.52 7.17
N VAL E 62 -29.32 -28.81 8.18
CA VAL E 62 -29.32 -29.28 9.56
C VAL E 62 -29.92 -28.18 10.43
N ALA E 63 -30.88 -28.53 11.27
CA ALA E 63 -31.51 -27.54 12.14
C ALA E 63 -30.49 -26.89 13.06
N ALA E 64 -30.80 -25.66 13.47
CA ALA E 64 -29.95 -24.86 14.35
C ALA E 64 -28.56 -24.63 13.75
N ASP F 1 31.30 -4.23 22.80
CA ASP F 1 31.63 -5.14 21.72
C ASP F 1 30.75 -6.39 21.77
N VAL F 2 30.08 -6.68 20.66
CA VAL F 2 29.20 -7.84 20.59
C VAL F 2 29.68 -8.77 19.47
N ALA F 3 29.72 -8.26 18.24
CA ALA F 3 30.16 -9.03 17.07
C ALA F 3 31.26 -8.25 16.37
N GLY F 4 32.33 -7.96 17.10
CA GLY F 4 33.42 -7.20 16.53
C GLY F 4 33.10 -5.74 16.32
N LEU F 5 32.07 -5.25 17.00
CA LEU F 5 31.63 -3.86 16.88
C LEU F 5 32.26 -3.02 17.98
N THR F 6 32.65 -1.81 17.63
CA THR F 6 33.28 -0.82 18.50
C THR F 6 32.26 0.23 18.92
N PRO F 7 32.20 0.60 20.20
CA PRO F 7 31.23 1.62 20.62
C PRO F 7 31.45 2.92 19.86
N CYS F 8 30.35 3.58 19.52
CA CYS F 8 30.42 4.83 18.77
C CYS F 8 31.20 5.90 19.51
N SER F 9 31.29 5.81 20.85
CA SER F 9 32.03 6.80 21.61
C SER F 9 33.52 6.77 21.26
N GLU F 10 34.09 5.58 21.10
CA GLU F 10 35.50 5.41 20.78
C GLU F 10 35.74 5.12 19.30
N SER F 11 34.73 5.32 18.45
CA SER F 11 34.85 5.06 17.02
C SER F 11 35.43 6.29 16.34
N LYS F 12 36.54 6.11 15.62
CA LYS F 12 37.15 7.23 14.91
C LYS F 12 36.32 7.62 13.69
N ALA F 13 35.73 6.63 13.01
CA ALA F 13 34.92 6.92 11.84
C ALA F 13 33.69 7.73 12.22
N PHE F 14 33.10 7.45 13.39
CA PHE F 14 31.94 8.20 13.85
C PHE F 14 32.27 9.67 14.04
N ALA F 15 33.41 9.94 14.71
CA ALA F 15 33.83 11.31 14.93
C ALA F 15 34.15 12.00 13.60
N LYS F 16 34.80 11.29 12.68
CA LYS F 16 35.11 11.87 11.38
C LYS F 16 33.83 12.21 10.63
N ARG F 17 32.82 11.34 10.71
CA ARG F 17 31.56 11.61 10.04
C ARG F 17 30.90 12.86 10.62
N LYS F 18 30.88 12.98 11.94
CA LYS F 18 30.29 14.17 12.56
C LYS F 18 31.03 15.43 12.12
N LYS F 19 32.37 15.35 12.13
CA LYS F 19 33.19 16.48 11.72
C LYS F 19 32.92 16.88 10.28
N ASN F 20 32.80 15.90 9.38
CA ASN F 20 32.55 16.20 7.98
C ASN F 20 31.18 16.82 7.77
N GLU F 21 30.15 16.31 8.46
CA GLU F 21 28.81 16.88 8.31
C GLU F 21 28.78 18.32 8.80
N VAL F 22 29.38 18.57 9.96
CA VAL F 22 29.41 19.93 10.48
C VAL F 22 30.22 20.84 9.56
N LYS F 23 31.30 20.31 8.99
CA LYS F 23 32.13 21.10 8.08
C LYS F 23 31.35 21.50 6.84
N ALA F 24 30.58 20.57 6.27
CA ALA F 24 29.78 20.90 5.10
C ALA F 24 28.73 21.96 5.44
N LEU F 25 28.09 21.82 6.61
CA LEU F 25 27.10 22.80 7.00
C LEU F 25 27.72 24.18 7.19
N ASN F 26 28.91 24.25 7.80
CA ASN F 26 29.57 25.53 7.97
C ASN F 26 30.00 26.12 6.63
N LYS F 27 30.41 25.26 5.69
CA LYS F 27 30.79 25.76 4.38
C LYS F 27 29.59 26.42 3.71
N ARG F 28 28.42 25.80 3.85
CA ARG F 28 27.21 26.39 3.27
C ARG F 28 26.84 27.68 4.01
N LEU F 29 27.05 27.70 5.33
CA LEU F 29 26.74 28.87 6.15
C LEU F 29 27.62 30.07 5.83
N LYS F 30 28.86 29.82 5.41
CA LYS F 30 29.79 30.92 5.12
C LYS F 30 29.30 31.85 4.00
N ASN F 31 28.37 31.40 3.17
CA ASN F 31 27.86 32.22 2.07
C ASN F 31 26.64 33.05 2.46
N TYR F 32 26.47 33.38 3.74
CA TYR F 32 25.33 34.16 4.19
C TYR F 32 25.78 35.16 5.24
N GLU F 33 24.83 35.91 5.77
CA GLU F 33 25.10 36.91 6.79
C GLU F 33 25.24 36.24 8.16
N ALA F 34 25.16 37.02 9.23
CA ALA F 34 25.27 36.50 10.58
C ALA F 34 23.93 36.38 11.30
N ASP F 35 22.94 37.19 10.92
CA ASP F 35 21.63 37.15 11.56
C ASP F 35 20.49 36.98 10.56
N SER F 36 20.79 36.61 9.32
CA SER F 36 19.74 36.43 8.32
C SER F 36 19.02 35.11 8.55
N ALA F 37 17.87 34.97 7.91
CA ALA F 37 17.08 33.75 8.04
C ALA F 37 17.86 32.50 7.60
N PRO F 38 18.51 32.47 6.43
CA PRO F 38 19.25 31.25 6.06
C PRO F 38 20.36 30.94 7.06
N ALA F 39 21.02 31.97 7.59
CA ALA F 39 22.09 31.74 8.56
C ALA F 39 21.54 31.10 9.83
N LEU F 40 20.40 31.60 10.32
CA LEU F 40 19.80 31.02 11.51
C LEU F 40 19.37 29.58 11.27
N ALA F 41 18.79 29.31 10.08
CA ALA F 41 18.36 27.95 9.77
C ALA F 41 19.56 27.01 9.72
N LEU F 42 20.65 27.44 9.08
CA LEU F 42 21.85 26.60 9.00
C LEU F 42 22.43 26.37 10.39
N LYS F 43 22.44 27.40 11.23
CA LYS F 43 22.96 27.23 12.59
C LYS F 43 22.11 26.24 13.37
N ALA F 44 20.79 26.30 13.19
CA ALA F 44 19.92 25.36 13.88
C ALA F 44 20.19 23.93 13.40
N THR F 45 20.42 23.77 12.10
CA THR F 45 20.72 22.45 11.57
C THR F 45 22.04 21.93 12.14
N ILE F 46 23.03 22.82 12.28
CA ILE F 46 24.32 22.43 12.85
C ILE F 46 24.14 21.97 14.29
N ALA F 47 23.36 22.73 15.06
CA ALA F 47 23.11 22.37 16.44
C ALA F 47 22.42 21.02 16.54
N ARG F 48 21.43 20.79 15.68
CA ARG F 48 20.72 19.51 15.68
C ARG F 48 21.65 18.36 15.34
N THR F 49 22.53 18.56 14.35
CA THR F 49 23.47 17.51 13.97
C THR F 49 24.41 17.17 15.13
N GLU F 50 24.95 18.20 15.78
CA GLU F 50 25.85 17.97 16.90
C GLU F 50 25.12 17.25 18.03
N ALA F 51 23.89 17.67 18.34
CA ALA F 51 23.14 17.04 19.40
C ALA F 51 22.84 15.58 19.07
N ARG F 52 22.52 15.30 17.81
CA ARG F 52 22.23 13.92 17.39
C ARG F 52 23.47 13.04 17.57
N PHE F 53 24.63 13.52 17.09
CA PHE F 53 25.84 12.72 17.22
C PHE F 53 26.20 12.51 18.68
N ASP F 54 26.09 13.55 19.50
CA ASP F 54 26.41 13.42 20.92
C ASP F 54 25.47 12.44 21.60
N LYS F 55 24.18 12.50 21.28
CA LYS F 55 23.22 11.59 21.87
C LYS F 55 23.49 10.14 21.46
N TYR F 56 23.82 9.92 20.19
CA TYR F 56 24.11 8.57 19.74
C TYR F 56 25.34 8.02 20.45
N ALA F 57 26.36 8.85 20.63
CA ALA F 57 27.57 8.38 21.31
C ALA F 57 27.32 8.16 22.80
N LYS F 58 26.47 8.99 23.41
CA LYS F 58 26.18 8.87 24.83
C LYS F 58 25.22 7.72 25.14
N GLN F 59 24.32 7.39 24.22
CA GLN F 59 23.36 6.32 24.44
C GLN F 59 23.99 4.94 24.45
N GLY F 60 25.27 4.82 24.07
CA GLY F 60 25.92 3.53 24.06
C GLY F 60 25.72 2.71 22.82
N LEU F 61 25.36 3.33 21.70
CA LEU F 61 25.14 2.60 20.46
C LEU F 61 26.46 2.04 19.95
N LEU F 62 26.36 0.96 19.19
CA LEU F 62 27.54 0.30 18.62
C LEU F 62 27.72 0.71 17.17
N CYS F 63 28.96 1.05 16.81
CA CYS F 63 29.30 1.47 15.46
C CYS F 63 30.23 0.46 14.83
N GLY F 64 30.08 0.27 13.52
CA GLY F 64 30.91 -0.65 12.77
C GLY F 64 32.12 0.03 12.17
N THR F 65 32.75 -0.67 11.22
CA THR F 65 33.93 -0.11 10.57
C THR F 65 33.56 1.13 9.77
N ASP F 66 32.32 1.21 9.28
CA ASP F 66 31.85 2.35 8.51
C ASP F 66 31.50 3.54 9.37
N GLY F 67 31.50 3.40 10.69
CA GLY F 67 31.19 4.50 11.58
C GLY F 67 29.73 4.77 11.79
N LEU F 68 28.84 3.87 11.38
CA LEU F 68 27.43 4.10 11.57
C LEU F 68 26.87 3.18 12.65
N PRO F 69 25.87 3.64 13.40
CA PRO F 69 25.29 2.80 14.46
C PRO F 69 24.67 1.52 13.93
N HIS F 70 24.83 0.44 14.70
CA HIS F 70 24.29 -0.87 14.38
C HIS F 70 23.40 -1.32 15.53
N LEU F 71 22.33 -2.03 15.20
CA LEU F 71 21.37 -2.50 16.19
C LEU F 71 21.52 -4.00 16.43
N ILE F 72 21.35 -4.41 17.68
CA ILE F 72 21.44 -5.81 18.08
C ILE F 72 20.03 -6.32 18.29
N ALA F 73 19.62 -7.28 17.46
CA ALA F 73 18.28 -7.87 17.51
C ALA F 73 18.38 -9.30 18.01
N ASP F 74 18.59 -9.44 19.31
CA ASP F 74 18.69 -10.76 19.94
C ASP F 74 18.55 -10.64 21.45
N PRO F 75 17.50 -11.23 22.03
CA PRO F 75 17.35 -11.16 23.49
C PRO F 75 18.50 -11.90 24.15
N GLY F 76 18.88 -11.45 25.33
CA GLY F 76 20.00 -12.06 26.02
C GLY F 76 21.25 -11.35 25.59
N LEU F 77 21.56 -11.40 24.28
CA LEU F 77 22.73 -10.70 23.77
C LEU F 77 22.59 -9.21 23.98
N ALA F 78 21.39 -8.67 23.74
CA ALA F 78 21.14 -7.26 23.93
C ALA F 78 20.83 -6.93 25.39
N LEU F 79 20.34 -7.90 26.14
CA LEU F 79 20.02 -7.67 27.55
C LEU F 79 21.27 -7.69 28.42
N ARG F 80 22.22 -8.57 28.15
CA ARG F 80 23.41 -8.63 28.99
C ARG F 80 24.44 -7.55 28.62
N TYR F 81 24.42 -7.05 27.39
CA TYR F 81 25.36 -6.00 26.98
C TYR F 81 24.72 -4.62 26.93
N GLY F 82 23.55 -4.45 27.54
CA GLY F 82 22.88 -3.17 27.56
C GLY F 82 22.42 -2.60 26.24
N HIS F 83 21.76 -3.43 25.42
CA HIS F 83 21.26 -2.99 24.12
C HIS F 83 19.78 -3.38 23.96
N ALA F 84 19.07 -3.52 25.07
CA ALA F 84 17.67 -3.91 25.03
C ALA F 84 16.79 -2.86 24.37
N GLY F 85 17.23 -1.61 24.32
CA GLY F 85 16.45 -0.56 23.69
C GLY F 85 16.61 -0.47 22.20
N ASP F 86 17.35 -1.39 21.60
CA ASP F 86 17.56 -1.37 20.16
C ASP F 86 16.41 -2.04 19.41
N VAL F 87 16.04 -3.26 19.80
CA VAL F 87 14.97 -3.99 19.13
C VAL F 87 14.00 -4.60 20.14
N PHE F 88 14.51 -5.08 21.27
CA PHE F 88 13.67 -5.71 22.29
C PHE F 88 12.57 -4.76 22.77
N ILE F 89 12.97 -3.66 23.42
CA ILE F 89 11.98 -2.69 23.91
C ILE F 89 11.13 -2.17 22.76
N PRO F 90 11.67 -1.80 21.59
CA PRO F 90 10.79 -1.35 20.51
C PRO F 90 9.84 -2.44 20.07
N THR F 91 10.25 -3.71 20.15
CA THR F 91 9.36 -4.81 19.79
C THR F 91 8.17 -4.85 20.74
N ILE F 92 8.43 -4.71 22.03
CA ILE F 92 7.36 -4.72 23.02
C ILE F 92 6.42 -3.55 22.78
N GLY F 93 6.99 -2.36 22.57
CA GLY F 93 6.17 -1.19 22.33
C GLY F 93 5.29 -1.34 21.11
N PHE F 94 5.86 -1.81 20.00
CA PHE F 94 5.06 -2.00 18.81
C PHE F 94 3.95 -2.99 19.09
N ILE F 95 4.30 -4.23 19.43
CA ILE F 95 3.34 -5.28 19.71
C ILE F 95 2.18 -4.73 20.53
N TYR F 96 2.49 -3.93 21.57
CA TYR F 96 1.43 -3.38 22.39
C TYR F 96 0.51 -2.45 21.58
N PHE F 97 1.09 -1.46 20.89
CA PHE F 97 0.25 -0.52 20.14
C PHE F 97 -0.50 -1.20 18.99
N ALA F 98 0.17 -2.11 18.28
CA ALA F 98 -0.47 -2.83 17.18
C ALA F 98 -1.62 -3.66 17.69
N GLY F 99 -1.43 -4.36 18.82
CA GLY F 99 -2.50 -5.14 19.39
C GLY F 99 -3.62 -4.25 19.86
N TRP F 100 -3.30 -3.05 20.34
CA TRP F 100 -4.33 -2.12 20.78
C TRP F 100 -5.25 -1.75 19.62
N LEU F 101 -4.65 -1.34 18.50
CA LEU F 101 -5.45 -0.97 17.34
C LEU F 101 -6.23 -2.17 16.79
N GLY F 102 -5.57 -3.33 16.71
CA GLY F 102 -6.24 -4.52 16.20
C GLY F 102 -7.41 -4.95 17.07
N TYR F 103 -7.22 -4.92 18.40
CA TYR F 103 -8.29 -5.30 19.31
C TYR F 103 -9.44 -4.31 19.24
N ALA F 104 -9.13 -3.01 19.13
CA ALA F 104 -10.20 -2.03 19.03
C ALA F 104 -11.03 -2.28 17.77
N GLY F 105 -10.35 -2.55 16.65
CA GLY F 105 -11.07 -2.83 15.42
C GLY F 105 -11.90 -4.10 15.51
N SER F 106 -11.33 -5.15 16.13
CA SER F 106 -12.05 -6.40 16.28
C SER F 106 -13.30 -6.22 17.12
N LYS F 107 -13.17 -5.49 18.25
CA LYS F 107 -14.32 -5.26 19.10
C LYS F 107 -15.38 -4.43 18.40
N TYR F 108 -14.97 -3.41 17.64
CA TYR F 108 -15.95 -2.61 16.92
C TYR F 108 -16.69 -3.44 15.89
N LEU F 109 -15.96 -4.27 15.14
CA LEU F 109 -16.58 -5.11 14.12
C LEU F 109 -17.54 -6.10 14.76
N GLN F 110 -17.15 -6.72 15.87
CA GLN F 110 -18.04 -7.68 16.52
C GLN F 110 -19.25 -7.00 17.16
N ALA F 111 -19.08 -5.76 17.64
CA ALA F 111 -20.21 -5.05 18.25
C ALA F 111 -21.21 -4.61 17.20
N VAL F 112 -20.73 -4.12 16.05
CA VAL F 112 -21.66 -3.69 15.01
C VAL F 112 -22.20 -4.86 14.19
N ALA F 113 -21.57 -6.04 14.29
CA ALA F 113 -22.06 -7.20 13.56
C ALA F 113 -23.42 -7.66 14.07
N ALA F 114 -23.76 -7.31 15.31
CA ALA F 114 -25.04 -7.69 15.90
C ALA F 114 -26.14 -6.71 15.55
N THR F 115 -25.82 -5.59 14.92
CA THR F 115 -26.82 -4.60 14.55
C THR F 115 -27.61 -5.11 13.34
N ALA F 116 -28.83 -4.58 13.18
CA ALA F 116 -29.67 -5.00 12.08
C ALA F 116 -29.08 -4.64 10.72
N LYS F 117 -28.26 -3.59 10.65
CA LYS F 117 -27.65 -3.15 9.40
C LYS F 117 -26.16 -2.90 9.69
N PRO F 118 -25.34 -3.96 9.66
CA PRO F 118 -23.91 -3.80 9.95
C PRO F 118 -23.08 -3.15 8.84
N ILE F 119 -23.45 -3.36 7.57
CA ILE F 119 -22.67 -2.78 6.48
C ILE F 119 -22.67 -1.26 6.57
N GLU F 120 -23.83 -0.67 6.90
CA GLU F 120 -23.88 0.77 7.04
C GLU F 120 -23.02 1.23 8.22
N LYS F 121 -22.98 0.43 9.29
CA LYS F 121 -22.13 0.77 10.43
C LYS F 121 -20.67 0.69 10.04
N GLU F 122 -20.35 -0.11 9.02
CA GLU F 122 -18.97 -0.23 8.56
C GLU F 122 -18.59 0.95 7.68
N ILE F 123 -19.50 1.42 6.83
CA ILE F 123 -19.17 2.57 5.98
C ILE F 123 -19.40 3.88 6.74
N ILE F 124 -20.33 3.90 7.67
CA ILE F 124 -20.63 5.07 8.49
C ILE F 124 -20.32 4.65 9.92
N ILE F 125 -19.10 4.93 10.36
CA ILE F 125 -18.64 4.53 11.69
C ILE F 125 -19.41 5.26 12.78
N ASP F 126 -19.61 4.56 13.89
CA ASP F 126 -20.28 5.10 15.08
C ASP F 126 -19.16 5.71 15.91
N VAL F 127 -19.03 7.04 15.84
CA VAL F 127 -17.94 7.72 16.55
C VAL F 127 -17.94 7.46 18.05
N PRO F 128 -19.06 7.59 18.78
CA PRO F 128 -19.00 7.33 20.23
C PRO F 128 -18.59 5.89 20.56
N LEU F 129 -19.16 4.92 19.85
CA LEU F 129 -18.81 3.53 20.08
C LEU F 129 -17.36 3.26 19.72
N ALA F 130 -16.89 3.83 18.60
CA ALA F 130 -15.50 3.65 18.20
C ALA F 130 -14.55 4.24 19.22
N TRP F 131 -14.91 5.39 19.78
CA TRP F 131 -14.08 6.04 20.79
C TRP F 131 -14.01 5.18 22.05
N LYS F 132 -15.16 4.67 22.50
CA LYS F 132 -15.19 3.83 23.68
C LYS F 132 -14.36 2.56 23.48
N LEU F 133 -14.51 1.92 22.31
CA LEU F 133 -13.76 0.71 22.04
C LEU F 133 -12.27 0.99 21.88
N LEU F 134 -11.92 2.16 21.34
CA LEU F 134 -10.51 2.51 21.22
C LEU F 134 -9.90 2.66 22.60
N TRP F 135 -10.65 3.25 23.53
CA TRP F 135 -10.16 3.37 24.90
C TRP F 135 -10.05 2.01 25.55
N GLU F 136 -11.03 1.14 25.34
CA GLU F 136 -11.01 -0.20 25.92
C GLU F 136 -9.90 -1.07 25.33
N GLY F 137 -9.44 -0.74 24.12
CA GLY F 137 -8.38 -1.52 23.49
C GLY F 137 -7.03 -1.41 24.16
N PHE F 138 -6.87 -0.49 25.12
CA PHE F 138 -5.59 -0.36 25.79
C PHE F 138 -5.31 -1.53 26.72
N GLY F 139 -6.36 -2.23 27.15
CA GLY F 139 -6.21 -3.38 28.02
C GLY F 139 -6.30 -4.63 27.17
N TRP F 140 -5.92 -4.50 25.90
CA TRP F 140 -5.98 -5.63 24.97
C TRP F 140 -5.20 -6.86 25.42
N PRO F 141 -4.01 -6.78 26.02
CA PRO F 141 -3.34 -8.05 26.40
C PRO F 141 -4.15 -8.88 27.38
N LEU F 142 -4.68 -8.24 28.43
CA LEU F 142 -5.47 -8.94 29.43
C LEU F 142 -6.74 -9.52 28.81
N ARG F 143 -7.45 -8.70 28.03
CA ARG F 143 -8.69 -9.15 27.40
C ARG F 143 -8.43 -10.30 26.43
N ALA F 144 -7.38 -10.20 25.62
CA ALA F 144 -7.06 -11.25 24.66
C ALA F 144 -6.70 -12.54 25.37
N PHE F 145 -5.89 -12.46 26.43
CA PHE F 145 -5.53 -13.67 27.16
C PHE F 145 -6.75 -14.30 27.81
N ALA F 146 -7.64 -13.46 28.37
CA ALA F 146 -8.84 -13.98 29.00
C ALA F 146 -9.74 -14.65 27.99
N GLU F 147 -9.90 -14.05 26.81
CA GLU F 147 -10.74 -14.65 25.78
C GLU F 147 -10.13 -15.95 25.27
N TYR F 148 -8.80 -16.00 25.17
CA TYR F 148 -8.14 -17.22 24.71
C TYR F 148 -8.33 -18.34 25.72
N LYS F 149 -8.12 -18.06 27.00
CA LYS F 149 -8.31 -19.07 28.03
C LYS F 149 -9.77 -19.41 28.22
N ASN F 150 -10.67 -18.56 27.74
CA ASN F 150 -12.11 -18.76 27.84
C ASN F 150 -12.65 -19.53 26.64
N GLY F 151 -11.96 -19.49 25.51
CA GLY F 151 -12.38 -20.18 24.31
C GLY F 151 -13.29 -19.38 23.41
N SER F 152 -13.61 -18.14 23.77
CA SER F 152 -14.48 -17.29 22.97
C SER F 152 -13.74 -16.48 21.91
N LEU F 153 -12.41 -16.51 21.92
CA LEU F 153 -11.60 -15.79 20.95
C LEU F 153 -11.47 -16.52 19.63
N MET F 154 -11.97 -17.75 19.53
CA MET F 154 -11.83 -18.54 18.33
C MET F 154 -13.19 -19.02 17.82
N GLU F 155 -13.25 -19.33 16.53
CA GLU F 155 -14.45 -19.83 15.89
C GLU F 155 -14.21 -21.30 15.57
N ASP F 156 -15.23 -22.13 15.80
CA ASP F 156 -15.11 -23.55 15.54
C ASP F 156 -14.87 -23.79 14.05
N ASP F 157 -13.93 -24.68 13.75
CA ASP F 157 -13.61 -24.98 12.36
C ASP F 157 -14.83 -25.51 11.62
N ALA F 158 -15.73 -26.21 12.31
CA ALA F 158 -16.93 -26.75 11.69
C ALA F 158 -17.95 -25.67 11.36
N LYS F 159 -17.78 -24.45 11.86
CA LYS F 159 -18.70 -23.36 11.60
C LYS F 159 -18.17 -22.36 10.57
N ILE F 160 -16.97 -22.58 10.05
CA ILE F 160 -16.37 -21.69 9.06
C ILE F 160 -16.48 -22.34 7.69
N THR F 161 -16.91 -21.56 6.70
CA THR F 161 -17.04 -22.09 5.35
C THR F 161 -15.68 -22.49 4.80
N VAL F 162 -15.66 -23.51 3.94
CA VAL F 162 -14.43 -24.00 3.35
C VAL F 162 -14.71 -24.47 1.93
N SER F 163 -13.66 -24.49 1.11
CA SER F 163 -13.78 -24.91 -0.28
C SER F 163 -14.07 -26.41 -0.38
N PRO F 164 -14.62 -26.86 -1.51
CA PRO F 164 -14.92 -28.29 -1.65
C PRO F 164 -13.70 -29.16 -1.93
N ARG F 165 -12.55 -28.77 -1.40
CA ARG F 165 -11.30 -29.51 -1.58
C ARG F 165 -10.91 -29.64 -3.04
N LEU G 1 48.82 -53.04 13.10
CA LEU G 1 48.56 -53.33 14.50
C LEU G 1 47.74 -54.61 14.66
N ALA G 2 46.48 -54.53 14.27
CA ALA G 2 45.59 -55.68 14.37
C ALA G 2 45.81 -56.64 13.21
N ASP G 3 45.81 -57.93 13.51
CA ASP G 3 46.01 -58.94 12.48
C ASP G 3 44.79 -58.97 11.58
N VAL G 4 45.00 -58.78 10.28
CA VAL G 4 43.88 -58.75 9.34
C VAL G 4 43.17 -60.10 9.32
N ASN G 5 43.92 -61.20 9.34
CA ASN G 5 43.30 -62.52 9.31
C ASN G 5 42.45 -62.76 10.54
N LEU G 6 43.02 -62.55 11.73
CA LEU G 6 42.28 -62.77 12.98
C LEU G 6 41.08 -61.85 13.10
N VAL G 7 41.27 -60.55 12.86
CA VAL G 7 40.17 -59.60 13.00
C VAL G 7 39.05 -59.91 12.01
N VAL G 8 39.40 -60.10 10.73
CA VAL G 8 38.38 -60.38 9.72
C VAL G 8 37.65 -61.68 10.03
N GLY G 9 38.39 -62.73 10.35
CA GLY G 9 37.76 -64.01 10.65
C GLY G 9 36.86 -63.94 11.86
N GLY G 10 37.34 -63.31 12.94
CA GLY G 10 36.53 -63.20 14.14
C GLY G 10 35.27 -62.39 13.91
N CYS G 11 35.39 -61.27 13.20
CA CYS G 11 34.21 -60.44 12.95
C CYS G 11 33.20 -61.17 12.07
N THR G 12 33.67 -61.86 11.02
CA THR G 12 32.75 -62.60 10.16
C THR G 12 32.07 -63.72 10.92
N VAL G 13 32.82 -64.47 11.72
CA VAL G 13 32.24 -65.56 12.49
C VAL G 13 31.23 -65.02 13.50
N GLY G 14 31.56 -63.92 14.17
CA GLY G 14 30.64 -63.33 15.12
C GLY G 14 29.37 -62.85 14.47
N ALA G 15 29.49 -62.20 13.30
CA ALA G 15 28.30 -61.72 12.61
C ALA G 15 27.41 -62.87 12.18
N LEU G 16 28.03 -63.94 11.64
CA LEU G 16 27.25 -65.09 11.22
C LEU G 16 26.56 -65.75 12.41
N ALA G 17 27.28 -65.89 13.52
CA ALA G 17 26.70 -66.49 14.72
C ALA G 17 25.54 -65.65 15.25
N LEU G 18 25.71 -64.32 15.24
CA LEU G 18 24.64 -63.44 15.73
C LEU G 18 23.42 -63.53 14.83
N GLY G 19 23.61 -63.58 13.51
CA GLY G 19 22.50 -63.66 12.60
C GLY G 19 21.85 -65.02 12.51
N ARG G 20 22.55 -66.06 12.96
CA ARG G 20 22.01 -67.42 12.92
C ARG G 20 21.43 -67.89 14.23
N PHE G 21 21.91 -67.39 15.37
CA PHE G 21 21.41 -67.81 16.68
C PHE G 21 20.80 -66.70 17.52
N VAL G 22 21.09 -65.43 17.27
CA VAL G 22 20.59 -64.33 18.07
C VAL G 22 19.55 -63.49 17.33
N PHE G 23 19.93 -62.88 16.20
CA PHE G 23 19.02 -62.03 15.45
C PHE G 23 18.09 -62.77 14.50
N LEU G 24 18.19 -64.10 14.41
CA LEU G 24 17.30 -64.82 13.51
C LEU G 24 15.82 -64.68 13.85
N PRO G 25 15.37 -64.79 15.10
CA PRO G 25 13.92 -64.66 15.36
C PRO G 25 13.35 -63.30 14.96
N PHE G 26 14.01 -62.21 15.37
CA PHE G 26 13.51 -60.89 15.01
C PHE G 26 13.54 -60.67 13.51
N HIS G 27 14.60 -61.16 12.84
CA HIS G 27 14.70 -61.02 11.41
C HIS G 27 13.55 -61.74 10.70
N ARG G 28 13.25 -62.96 11.14
CA ARG G 28 12.16 -63.71 10.53
C ARG G 28 10.82 -63.05 10.80
N ALA G 29 10.62 -62.54 12.01
CA ALA G 29 9.36 -61.87 12.33
C ALA G 29 9.19 -60.62 11.48
N SER G 30 10.25 -59.84 11.32
CA SER G 30 10.18 -58.63 10.50
C SER G 30 9.92 -58.98 9.04
N LEU G 31 10.55 -60.06 8.55
CA LEU G 31 10.34 -60.46 7.17
C LEU G 31 8.91 -60.89 6.94
N ALA G 32 8.33 -61.63 7.89
CA ALA G 32 6.95 -62.07 7.75
C ALA G 32 6.00 -60.89 7.82
N LYS G 33 6.28 -59.92 8.70
CA LYS G 33 5.42 -58.75 8.82
C LYS G 33 5.51 -57.85 7.59
N ALA G 34 6.68 -57.78 6.96
CA ALA G 34 6.85 -56.94 5.79
C ALA G 34 6.42 -57.65 4.51
N GLY G 35 6.97 -58.84 4.27
CA GLY G 35 6.62 -59.58 3.08
C GLY G 35 7.30 -59.01 1.84
N MET G 36 6.88 -59.51 0.69
CA MET G 36 7.46 -59.03 -0.55
C MET G 36 6.80 -57.72 -0.98
N PRO G 37 7.52 -56.88 -1.71
CA PRO G 37 6.95 -55.61 -2.16
C PRO G 37 5.70 -55.83 -3.01
N LYS G 38 4.70 -54.98 -2.81
CA LYS G 38 3.44 -55.05 -3.52
C LYS G 38 3.13 -53.72 -4.19
N GLN G 39 2.54 -53.78 -5.37
CA GLN G 39 2.14 -52.59 -6.12
C GLN G 39 0.65 -52.71 -6.42
N ASN G 40 -0.11 -51.69 -6.03
CA ASN G 40 -1.56 -51.64 -6.22
C ASN G 40 -2.27 -52.78 -5.51
N GLY G 41 -1.69 -53.34 -4.46
CA GLY G 41 -2.29 -54.42 -3.70
C GLY G 41 -1.76 -55.81 -4.01
N MET G 42 -0.93 -55.96 -5.03
CA MET G 42 -0.38 -57.26 -5.39
C MET G 42 1.12 -57.15 -5.60
N THR G 43 1.81 -58.28 -5.44
CA THR G 43 3.25 -58.31 -5.61
C THR G 43 3.63 -57.91 -7.03
N HIS G 44 4.91 -57.55 -7.21
CA HIS G 44 5.38 -57.16 -8.54
C HIS G 44 5.22 -58.31 -9.53
N LEU G 45 5.48 -59.54 -9.10
CA LEU G 45 5.34 -60.68 -9.98
C LEU G 45 3.88 -60.88 -10.39
N GLN G 46 2.96 -60.72 -9.45
CA GLN G 46 1.54 -60.87 -9.76
C GLN G 46 1.06 -59.81 -10.75
N ALA G 47 1.64 -58.61 -10.68
CA ALA G 47 1.26 -57.54 -11.59
C ALA G 47 1.73 -57.79 -13.01
N GLY G 48 2.70 -58.69 -13.21
CA GLY G 48 3.19 -58.99 -14.54
C GLY G 48 4.68 -58.90 -14.71
N ASP G 49 5.41 -58.56 -13.66
CA ASP G 49 6.86 -58.45 -13.72
C ASP G 49 7.47 -59.84 -13.51
N ALA G 50 7.90 -60.46 -14.60
CA ALA G 50 8.49 -61.79 -14.52
C ALA G 50 9.83 -61.77 -13.79
N ARG G 51 10.61 -60.69 -13.94
CA ARG G 51 11.91 -60.60 -13.29
C ARG G 51 11.79 -60.40 -11.78
N ALA G 52 10.59 -60.15 -11.27
CA ALA G 52 10.37 -59.96 -9.85
C ALA G 52 10.06 -61.26 -9.11
N GLU G 53 10.12 -62.40 -9.80
CA GLU G 53 9.84 -63.67 -9.16
C GLU G 53 10.97 -64.03 -8.19
N GLU G 54 10.61 -64.45 -6.99
CA GLU G 54 11.61 -64.81 -5.99
C GLU G 54 12.44 -65.98 -6.47
N ALA G 55 13.74 -65.91 -6.21
CA ALA G 55 14.66 -66.97 -6.62
C ALA G 55 14.35 -68.26 -5.89
N SER G 56 14.54 -69.39 -6.60
CA SER G 56 14.26 -70.70 -6.01
C SER G 56 15.39 -71.22 -5.13
N PHE G 57 16.61 -70.70 -5.28
CA PHE G 57 17.74 -71.17 -4.48
C PHE G 57 17.74 -70.59 -3.07
N ILE G 58 16.64 -69.98 -2.64
CA ILE G 58 16.51 -69.40 -1.31
C ILE G 58 15.17 -69.80 -0.72
N LEU G 59 14.30 -70.37 -1.56
CA LEU G 59 12.97 -70.77 -1.09
C LEU G 59 13.06 -71.81 0.01
N LYS G 60 13.97 -72.78 -0.13
CA LYS G 60 14.13 -73.79 0.90
C LYS G 60 15.59 -74.24 0.92
N THR G 61 16.14 -74.35 2.13
CA THR G 61 17.52 -74.75 2.33
C THR G 61 17.56 -75.92 3.31
N ASN G 62 18.62 -76.71 3.21
CA ASN G 62 18.79 -77.86 4.09
C ASN G 62 19.11 -77.47 5.53
N ASP G 63 19.39 -76.19 5.79
CA ASP G 63 19.68 -75.75 7.14
C ASP G 63 18.43 -75.87 8.00
N PRO G 64 18.52 -76.46 9.20
CA PRO G 64 17.33 -76.61 10.04
C PRO G 64 16.66 -75.31 10.44
N ALA G 65 17.40 -74.22 10.55
CA ALA G 65 16.83 -72.93 10.93
C ALA G 65 16.42 -72.07 9.75
N GLY G 66 16.50 -72.58 8.53
CA GLY G 66 16.12 -71.81 7.37
C GLY G 66 17.11 -70.74 6.99
N PHE G 67 18.33 -70.81 7.50
CA PHE G 67 19.38 -69.82 7.23
C PHE G 67 19.87 -70.04 5.80
N THR G 68 19.41 -69.20 4.88
CA THR G 68 19.74 -69.29 3.47
C THR G 68 21.14 -68.75 3.18
N VAL G 69 21.58 -68.98 1.94
CA VAL G 69 22.89 -68.51 1.50
C VAL G 69 22.92 -66.99 1.43
N VAL G 70 21.79 -66.37 1.05
CA VAL G 70 21.72 -64.91 1.01
C VAL G 70 21.93 -64.36 2.41
N ASP G 71 21.41 -65.07 3.42
CA ASP G 71 21.60 -64.64 4.80
C ASP G 71 23.09 -64.68 5.14
N VAL G 72 23.78 -65.72 4.66
CA VAL G 72 25.21 -65.85 4.90
C VAL G 72 25.95 -64.67 4.29
N MET G 73 25.61 -64.31 3.06
CA MET G 73 26.28 -63.20 2.40
C MET G 73 25.98 -61.87 3.09
N ALA G 74 24.74 -61.65 3.54
CA ALA G 74 24.41 -60.40 4.21
C ALA G 74 25.17 -60.26 5.53
N TRP G 75 25.12 -61.31 6.36
CA TRP G 75 25.82 -61.25 7.63
C TRP G 75 27.34 -61.19 7.43
N GLY G 76 27.86 -61.89 6.42
CA GLY G 76 29.29 -61.83 6.17
C GLY G 76 29.70 -60.44 5.72
N ALA G 77 28.83 -59.78 4.95
CA ALA G 77 29.12 -58.43 4.51
C ALA G 77 29.18 -57.49 5.71
N LEU G 78 28.23 -57.64 6.64
CA LEU G 78 28.25 -56.80 7.84
C LEU G 78 29.51 -57.07 8.67
N GLY G 79 29.88 -58.35 8.79
CA GLY G 79 31.07 -58.70 9.54
C GLY G 79 32.33 -58.11 8.93
N HIS G 80 32.46 -58.21 7.61
CA HIS G 80 33.62 -57.64 6.93
C HIS G 80 33.65 -56.12 7.06
N ALA G 81 32.47 -55.48 6.99
CA ALA G 81 32.44 -54.04 7.14
C ALA G 81 32.96 -53.64 8.52
N ALA G 82 32.48 -54.32 9.55
CA ALA G 82 32.93 -54.02 10.92
C ALA G 82 34.42 -54.31 11.09
N ALA G 83 34.88 -55.45 10.54
CA ALA G 83 36.29 -55.82 10.67
C ALA G 83 37.19 -54.80 10.01
N PHE G 84 36.86 -54.38 8.79
CA PHE G 84 37.69 -53.39 8.12
C PHE G 84 37.58 -52.03 8.79
N TYR G 85 36.43 -51.72 9.40
CA TYR G 85 36.34 -50.45 10.12
C TYR G 85 37.30 -50.46 11.30
N ILE G 86 37.34 -51.58 12.03
CA ILE G 86 38.24 -51.71 13.17
C ILE G 86 39.69 -51.62 12.71
N LEU G 87 40.04 -52.34 11.64
CA LEU G 87 41.40 -52.33 11.13
C LEU G 87 41.82 -50.94 10.68
N ALA G 88 40.95 -50.25 9.94
CA ALA G 88 41.27 -48.91 9.46
C ALA G 88 41.43 -47.93 10.61
N THR G 89 40.52 -47.97 11.58
CA THR G 89 40.64 -47.06 12.72
C THR G 89 41.89 -47.33 13.53
N SER G 90 42.25 -48.60 13.70
CA SER G 90 43.47 -48.91 14.45
C SER G 90 44.72 -48.57 13.66
N SER G 91 44.64 -48.53 12.34
CA SER G 91 45.82 -48.20 11.54
C SER G 91 46.23 -46.74 11.72
N LEU G 92 45.27 -45.84 11.93
CA LEU G 92 45.59 -44.43 12.11
C LEU G 92 46.23 -44.20 13.47
N GLY G 93 47.23 -43.32 13.51
CA GLY G 93 47.92 -43.00 14.75
C GLY G 93 47.77 -41.56 15.16
N LEU G 94 46.59 -41.00 14.98
CA LEU G 94 46.30 -39.62 15.33
C LEU G 94 45.34 -39.57 16.51
N ASP G 95 45.26 -38.40 17.13
CA ASP G 95 44.40 -38.20 18.30
C ASP G 95 43.05 -37.63 17.86
N ARG G 96 42.02 -38.47 17.90
CA ARG G 96 40.67 -38.08 17.54
C ARG G 96 39.81 -37.82 18.78
N ASN G 97 40.39 -37.95 19.97
CA ASN G 97 39.65 -37.74 21.19
C ASN G 97 39.37 -36.25 21.40
N PRO G 98 38.16 -35.89 21.80
CA PRO G 98 37.85 -34.47 22.04
C PRO G 98 38.26 -34.03 23.44
N PHE G 99 39.42 -34.50 23.90
CA PHE G 99 39.92 -34.17 25.22
C PHE G 99 41.42 -33.91 25.19
N LYS H 1 -28.72 -14.49 -59.00
CA LYS H 1 -29.21 -13.67 -57.90
C LYS H 1 -30.55 -13.06 -58.26
N TYR H 2 -30.79 -12.87 -59.56
CA TYR H 2 -32.02 -12.28 -60.07
C TYR H 2 -32.27 -10.93 -59.41
N GLY H 3 -31.23 -10.12 -59.33
CA GLY H 3 -31.33 -8.80 -58.73
C GLY H 3 -32.06 -7.79 -59.58
N GLU H 4 -33.15 -8.22 -60.24
CA GLU H 4 -33.91 -7.32 -61.08
C GLU H 4 -34.63 -6.24 -60.28
N GLU H 5 -34.73 -6.41 -58.96
CA GLU H 5 -35.37 -5.45 -58.09
C GLU H 5 -34.54 -5.29 -56.82
N SER H 6 -35.11 -5.71 -55.69
CA SER H 6 -34.43 -5.64 -54.40
C SER H 6 -34.18 -7.03 -53.82
N ARG H 7 -34.17 -8.05 -54.66
CA ARG H 7 -33.96 -9.43 -54.23
C ARG H 7 -32.51 -9.81 -54.52
N TYR H 8 -31.74 -10.06 -53.45
CA TYR H 8 -30.34 -10.43 -53.56
C TYR H 8 -30.11 -11.87 -53.11
N PHE H 9 -31.17 -12.68 -53.08
CA PHE H 9 -31.10 -14.08 -52.68
C PHE H 9 -31.89 -14.90 -53.69
N ASP H 10 -31.31 -16.00 -54.15
CA ASP H 10 -31.96 -16.85 -55.13
C ASP H 10 -31.38 -18.25 -55.01
N LEU H 11 -32.20 -19.22 -54.62
CA LEU H 11 -31.72 -20.59 -54.49
C LEU H 11 -31.38 -21.19 -55.85
N LYS H 12 -32.13 -20.83 -56.89
CA LYS H 12 -31.86 -21.35 -58.23
C LYS H 12 -30.61 -20.73 -58.84
N ASP H 13 -30.13 -19.62 -58.29
CA ASP H 13 -28.94 -18.94 -58.76
C ASP H 13 -28.09 -18.56 -57.55
N LEU H 14 -27.91 -19.51 -56.64
CA LEU H 14 -27.15 -19.28 -55.42
C LEU H 14 -25.71 -18.88 -55.69
N GLU H 15 -25.19 -19.19 -56.88
CA GLU H 15 -23.82 -18.83 -57.22
C GLU H 15 -23.64 -17.32 -57.20
N ASN H 16 -24.63 -16.58 -57.69
CA ASN H 16 -24.54 -15.12 -57.74
C ASN H 16 -24.95 -14.45 -56.42
N THR H 17 -25.55 -15.18 -55.48
CA THR H 17 -25.95 -14.61 -54.21
C THR H 17 -24.86 -14.65 -53.15
N VAL H 18 -23.70 -15.21 -53.47
CA VAL H 18 -22.59 -15.29 -52.52
C VAL H 18 -21.40 -14.45 -52.98
N GLY H 19 -21.57 -13.63 -54.00
CA GLY H 19 -20.50 -12.79 -54.50
C GLY H 19 -19.36 -13.55 -55.14
N SER H 20 -19.65 -14.59 -55.91
CA SER H 20 -18.62 -15.38 -56.58
C SER H 20 -18.42 -14.81 -57.97
N TRP H 21 -17.67 -13.72 -58.05
CA TRP H 21 -17.38 -13.05 -59.31
C TRP H 21 -15.88 -12.92 -59.52
N ASP H 22 -15.48 -12.94 -60.80
CA ASP H 22 -14.07 -12.79 -61.14
C ASP H 22 -13.62 -11.35 -60.97
N MET H 23 -14.54 -10.40 -61.14
CA MET H 23 -14.31 -8.96 -61.01
C MET H 23 -13.38 -8.41 -62.09
N TYR H 24 -12.19 -8.99 -62.26
CA TYR H 24 -11.24 -8.53 -63.25
C TYR H 24 -10.79 -9.57 -64.26
N GLY H 25 -11.10 -10.85 -64.05
CA GLY H 25 -10.67 -11.86 -64.99
C GLY H 25 -11.32 -11.69 -66.35
N GLN H 26 -10.60 -12.12 -67.39
CA GLN H 26 -11.09 -12.03 -68.76
C GLN H 26 -10.42 -13.11 -69.58
N GLU H 27 -11.22 -13.99 -70.19
CA GLU H 27 -10.67 -15.07 -70.99
C GLU H 27 -10.39 -14.55 -72.40
N ASP H 28 -9.15 -14.73 -72.85
CA ASP H 28 -8.72 -14.29 -74.18
C ASP H 28 -7.47 -15.06 -74.54
N LYS H 29 -7.53 -15.83 -75.62
CA LYS H 29 -6.40 -16.65 -76.06
C LYS H 29 -5.56 -15.99 -77.15
N SER H 30 -5.86 -14.74 -77.52
CA SER H 30 -5.13 -14.04 -78.57
C SER H 30 -4.33 -12.90 -77.95
N ARG H 31 -3.05 -13.16 -77.66
CA ARG H 31 -2.18 -12.15 -77.08
C ARG H 31 -0.70 -12.43 -77.33
N TYR H 32 -0.10 -13.34 -76.55
CA TYR H 32 1.30 -13.66 -76.73
C TYR H 32 1.56 -14.21 -78.12
N ASN H 33 2.65 -13.76 -78.73
CA ASN H 33 3.02 -14.21 -80.06
C ASN H 33 3.34 -15.70 -80.02
N GLY H 34 2.92 -16.40 -81.08
CA GLY H 34 3.14 -17.83 -81.14
C GLY H 34 4.60 -18.22 -81.13
N LEU H 35 5.45 -17.43 -81.80
CA LEU H 35 6.87 -17.77 -81.84
C LEU H 35 7.53 -17.56 -80.47
N GLN H 36 7.16 -16.49 -79.75
CA GLN H 36 7.77 -16.28 -78.44
C GLN H 36 7.19 -17.24 -77.41
N SER H 37 5.88 -17.53 -77.50
CA SER H 37 5.26 -18.45 -76.56
C SER H 37 5.87 -19.84 -76.66
N GLU H 38 6.12 -20.29 -77.90
CA GLU H 38 6.72 -21.61 -78.11
C GLU H 38 8.09 -21.69 -77.46
N PHE H 39 8.89 -20.62 -77.60
CA PHE H 39 10.23 -20.59 -77.02
C PHE H 39 10.19 -20.77 -75.51
N PHE H 40 9.28 -20.05 -74.84
CA PHE H 40 9.22 -20.15 -73.38
C PHE H 40 8.64 -21.49 -72.93
N GLU H 41 7.55 -21.96 -73.55
CA GLU H 41 7.01 -23.24 -73.13
C GLU H 41 8.01 -24.36 -73.41
N ARG H 42 8.88 -24.15 -74.39
CA ARG H 42 9.90 -25.13 -74.72
C ARG H 42 11.04 -25.08 -73.71
N ALA H 43 11.41 -23.86 -73.27
CA ALA H 43 12.46 -23.72 -72.28
C ALA H 43 12.05 -24.33 -70.95
N ALA H 44 10.79 -24.13 -70.56
CA ALA H 44 10.27 -24.69 -69.31
C ALA H 44 9.47 -25.95 -69.58
N ASN H 45 10.06 -26.87 -70.34
CA ASN H 45 9.41 -28.13 -70.72
C ASN H 45 9.21 -29.07 -69.53
N GLY H 46 10.27 -29.76 -69.12
CA GLY H 46 10.18 -30.70 -68.02
C GLY H 46 10.29 -30.09 -66.64
N LEU H 47 10.44 -28.78 -66.56
CA LEU H 47 10.56 -28.07 -65.29
C LEU H 47 9.21 -27.87 -64.60
N SER H 48 8.15 -28.48 -65.12
CA SER H 48 6.81 -28.35 -64.57
C SER H 48 6.49 -29.38 -63.48
N ARG H 49 7.40 -30.29 -63.18
CA ARG H 49 7.18 -31.31 -62.17
C ARG H 49 7.76 -30.83 -60.85
N ARG H 50 7.09 -31.19 -59.75
CA ARG H 50 7.53 -30.78 -58.42
C ARG H 50 8.95 -31.22 -58.14
N GLU H 51 9.29 -32.47 -58.44
CA GLU H 51 10.64 -32.97 -58.20
C GLU H 51 11.67 -32.22 -59.05
N TYR H 52 11.34 -31.96 -60.32
CA TYR H 52 12.27 -31.27 -61.20
C TYR H 52 12.40 -29.80 -60.84
N ILE H 53 11.28 -29.12 -60.53
CA ILE H 53 11.39 -27.71 -60.17
C ILE H 53 12.14 -27.57 -58.85
N LEU H 54 11.97 -28.51 -57.92
CA LEU H 54 12.72 -28.45 -56.67
C LEU H 54 14.21 -28.62 -56.94
N GLY H 55 14.55 -29.37 -58.00
CA GLY H 55 15.95 -29.54 -58.33
C GLY H 55 16.60 -28.21 -58.68
N LEU H 56 15.85 -27.34 -59.36
CA LEU H 56 16.38 -26.02 -59.68
C LEU H 56 16.64 -25.25 -58.40
N VAL H 57 15.76 -25.42 -57.41
CA VAL H 57 15.97 -24.76 -56.12
C VAL H 57 17.16 -25.38 -55.42
N ALA H 58 17.37 -26.68 -55.60
CA ALA H 58 18.52 -27.34 -54.99
C ALA H 58 19.82 -26.74 -55.51
N ILE H 59 19.80 -26.23 -56.75
CA ILE H 59 20.99 -25.59 -57.30
C ILE H 59 21.31 -24.34 -56.49
N GLY H 60 20.27 -23.62 -56.05
CA GLY H 60 20.49 -22.45 -55.22
C GLY H 60 21.14 -22.82 -53.91
N GLY H 61 20.78 -23.99 -53.38
CA GLY H 61 21.39 -24.45 -52.15
C GLY H 61 22.86 -24.76 -52.35
N ALA H 62 23.20 -25.31 -53.53
CA ALA H 62 24.60 -25.59 -53.83
C ALA H 62 25.37 -24.28 -54.01
N GLY H 63 24.71 -23.27 -54.58
CA GLY H 63 25.36 -21.98 -54.74
C GLY H 63 25.66 -21.34 -53.40
N ILE H 64 24.80 -21.57 -52.40
CA ILE H 64 25.03 -21.03 -51.07
C ILE H 64 26.31 -21.63 -50.50
N LEU H 65 26.45 -22.95 -50.61
CA LEU H 65 27.66 -23.61 -50.13
C LEU H 65 28.86 -23.21 -50.96
N ALA H 66 28.65 -23.02 -52.26
CA ALA H 66 29.74 -22.60 -53.14
C ALA H 66 30.23 -21.21 -52.76
N TRP H 67 29.31 -20.31 -52.37
CA TRP H 67 29.72 -18.98 -51.96
C TRP H 67 30.58 -19.02 -50.71
N GLY H 68 30.17 -19.82 -49.72
CA GLY H 68 30.95 -19.90 -48.49
C GLY H 68 32.34 -20.46 -48.73
N GLY H 69 32.44 -21.51 -49.54
CA GLY H 69 33.71 -22.12 -49.83
C GLY H 69 34.48 -21.51 -50.98
N LYS H 70 33.95 -20.50 -51.64
CA LYS H 70 34.67 -19.88 -52.76
C LYS H 70 34.19 -18.46 -53.05
N GLY H 71 32.88 -18.26 -53.12
CA GLY H 71 32.35 -16.94 -53.41
C GLY H 71 32.70 -15.91 -52.35
N ALA H 72 32.61 -16.30 -51.08
CA ALA H 72 32.94 -15.38 -49.99
C ALA H 72 34.40 -14.93 -50.05
N ALA H 73 35.29 -15.85 -50.42
CA ALA H 73 36.71 -15.49 -50.50
C ALA H 73 37.01 -14.64 -51.73
N ASP H 74 36.23 -14.80 -52.80
CA ASP H 74 36.47 -14.03 -54.01
C ASP H 74 35.96 -12.60 -53.91
N VAL H 75 35.07 -12.31 -52.97
CA VAL H 75 34.55 -10.95 -52.80
C VAL H 75 35.33 -10.29 -51.68
N ARG H 76 36.36 -10.98 -51.19
CA ARG H 76 37.23 -10.48 -50.13
C ARG H 76 36.41 -10.15 -48.87
N LEU H 77 35.61 -11.10 -48.44
CA LEU H 77 34.78 -10.91 -47.26
C LEU H 77 35.69 -10.73 -46.04
N PRO H 78 35.33 -9.83 -45.11
CA PRO H 78 36.19 -9.63 -43.93
C PRO H 78 36.40 -10.88 -43.09
N THR H 79 35.39 -11.76 -43.00
CA THR H 79 35.54 -12.97 -42.19
C THR H 79 36.53 -13.94 -42.81
N VAL H 80 36.60 -14.00 -44.15
CA VAL H 80 37.53 -14.90 -44.82
C VAL H 80 38.90 -14.26 -45.02
N GLY H 81 39.05 -12.97 -44.69
CA GLY H 81 40.31 -12.28 -44.84
C GLY H 81 41.22 -12.54 -43.66
N PRO H 82 42.35 -11.84 -43.62
CA PRO H 82 43.29 -12.04 -42.51
C PRO H 82 42.96 -11.21 -41.28
N GLN H 83 43.82 -11.27 -40.27
CA GLN H 83 43.67 -10.54 -39.02
C GLN H 83 44.98 -9.85 -38.69
N GLN H 84 44.88 -8.69 -38.05
CA GLN H 84 46.05 -7.90 -37.68
C GLN H 84 46.21 -7.86 -36.17
N PRO H 85 47.44 -8.11 -35.65
CA PRO H 85 47.69 -8.14 -34.20
C PRO H 85 46.57 -8.59 -33.27
N ALA H 86 46.59 -8.12 -32.04
CA ALA H 86 45.60 -8.47 -31.03
C ALA H 86 45.83 -7.58 -29.81
N GLN H 87 45.06 -7.83 -28.76
CA GLN H 87 45.14 -7.10 -27.52
C GLN H 87 45.50 -8.05 -26.38
N VAL H 88 45.82 -7.47 -25.23
CA VAL H 88 46.19 -8.27 -24.06
C VAL H 88 44.99 -8.55 -23.16
N GLY H 89 44.21 -7.54 -22.83
CA GLY H 89 43.05 -7.71 -21.99
C GLY H 89 43.04 -6.79 -20.79
N PRO H 90 42.09 -7.00 -19.88
CA PRO H 90 42.00 -6.15 -18.69
C PRO H 90 43.25 -6.19 -17.82
N ARG H 91 43.59 -7.36 -17.30
CA ARG H 91 44.76 -7.55 -16.46
C ARG H 91 45.81 -8.32 -17.27
N GLY H 92 46.68 -9.06 -16.58
CA GLY H 92 47.70 -9.81 -17.26
C GLY H 92 47.17 -11.08 -17.90
N ARG H 93 46.30 -10.94 -18.91
CA ARG H 93 45.73 -12.09 -19.59
C ARG H 93 46.05 -12.05 -21.08
N LEU H 94 45.26 -12.76 -21.87
CA LEU H 94 45.46 -12.80 -23.32
C LEU H 94 44.14 -12.87 -24.06
N MET I 1 -28.28 19.19 11.42
CA MET I 1 -27.04 19.02 12.17
C MET I 1 -26.72 17.53 12.29
N LYS I 2 -27.78 16.72 12.46
CA LYS I 2 -27.58 15.28 12.56
C LYS I 2 -27.01 14.71 11.27
N ASP I 3 -27.53 15.17 10.13
CA ASP I 3 -27.03 14.69 8.84
C ASP I 3 -25.58 15.10 8.63
N PHE I 4 -25.22 16.32 9.06
CA PHE I 4 -23.84 16.77 8.90
C PHE I 4 -22.89 15.91 9.73
N THR I 5 -23.27 15.62 10.98
CA THR I 5 -22.42 14.77 11.81
C THR I 5 -22.36 13.35 11.26
N THR I 6 -23.44 12.91 10.62
CA THR I 6 -23.44 11.57 10.02
C THR I 6 -22.49 11.54 8.83
N TYR I 7 -22.46 12.62 8.05
CA TYR I 7 -21.55 12.69 6.91
C TYR I 7 -20.10 12.73 7.39
N LEU I 8 -19.85 13.45 8.49
CA LEU I 8 -18.51 13.52 9.03
C LEU I 8 -18.04 12.18 9.58
N SER I 9 -18.98 11.27 9.86
CA SER I 9 -18.68 9.95 10.39
C SER I 9 -18.48 8.91 9.29
N THR I 10 -18.51 9.31 8.03
CA THR I 10 -18.33 8.36 6.94
C THR I 10 -16.89 7.87 6.90
N ALA I 11 -16.71 6.70 6.27
CA ALA I 11 -15.39 6.09 6.15
C ALA I 11 -14.32 7.00 5.55
N PRO I 12 -14.56 7.72 4.45
CA PRO I 12 -13.48 8.58 3.93
C PRO I 12 -13.15 9.75 4.82
N VAL I 13 -14.15 10.46 5.34
CA VAL I 13 -13.89 11.61 6.20
C VAL I 13 -13.16 11.16 7.46
N LEU I 14 -13.64 10.10 8.09
CA LEU I 14 -12.99 9.61 9.31
C LEU I 14 -11.58 9.10 9.01
N THR I 15 -11.39 8.46 7.86
CA THR I 15 -10.06 7.97 7.50
C THR I 15 -9.08 9.11 7.33
N LEU I 16 -9.48 10.15 6.58
CA LEU I 16 -8.59 11.29 6.38
C LEU I 16 -8.32 12.02 7.69
N LEU I 17 -9.35 12.22 8.52
CA LEU I 17 -9.11 12.89 9.80
C LEU I 17 -8.21 12.07 10.72
N SER I 18 -8.40 10.76 10.76
CA SER I 18 -7.56 9.92 11.60
C SER I 18 -6.11 9.93 11.11
N VAL I 19 -5.92 9.84 9.80
CA VAL I 19 -4.57 9.85 9.24
C VAL I 19 -3.92 11.20 9.51
N THR I 20 -4.68 12.29 9.37
CA THR I 20 -4.14 13.62 9.64
C THR I 20 -3.75 13.77 11.09
N VAL I 21 -4.59 13.29 12.01
CA VAL I 21 -4.28 13.39 13.44
C VAL I 21 -3.05 12.57 13.79
N VAL I 22 -2.96 11.34 13.27
CA VAL I 22 -1.81 10.49 13.56
C VAL I 22 -0.54 11.10 12.98
N ALA I 23 -0.62 11.61 11.75
CA ALA I 23 0.54 12.23 11.13
C ALA I 23 0.97 13.46 11.89
N GLY I 24 0.01 14.28 12.34
CA GLY I 24 0.36 15.45 13.11
C GLY I 24 1.01 15.11 14.42
N LEU I 25 0.48 14.09 15.12
CA LEU I 25 1.06 13.67 16.38
C LEU I 25 2.48 13.17 16.18
N LEU I 26 2.70 12.37 15.13
CA LEU I 26 4.03 11.85 14.86
C LEU I 26 5.00 12.98 14.49
N ILE I 27 4.52 13.95 13.71
CA ILE I 27 5.36 15.08 13.33
C ILE I 27 5.76 15.89 14.56
N GLU I 28 4.82 16.11 15.47
CA GLU I 28 5.20 16.87 16.66
C GLU I 28 6.09 16.06 17.59
N ILE I 29 5.91 14.74 17.65
CA ILE I 29 6.80 13.92 18.46
C ILE I 29 8.21 14.03 17.93
N ASN I 30 8.36 13.96 16.59
CA ASN I 30 9.67 14.09 15.99
C ASN I 30 10.20 15.51 16.07
N ARG I 31 9.32 16.51 16.19
CA ARG I 31 9.77 17.88 16.31
C ARG I 31 10.35 18.16 17.70
N PHE I 32 9.71 17.63 18.73
CA PHE I 32 10.19 17.82 20.09
C PHE I 32 11.19 16.76 20.52
N PHE I 33 11.10 15.55 19.96
CA PHE I 33 12.01 14.46 20.27
C PHE I 33 12.55 13.94 18.94
N PRO I 34 13.49 14.66 18.34
CA PRO I 34 14.04 14.24 17.06
C PRO I 34 15.20 13.26 17.17
N ASP I 35 15.42 12.54 16.07
CA ASP I 35 16.51 11.58 15.92
C ASP I 35 16.46 10.49 16.99
N ALA I 36 15.28 9.91 17.19
CA ALA I 36 15.09 8.84 18.17
C ALA I 36 15.39 7.51 17.47
N LEU I 37 16.66 7.14 17.45
CA LEU I 37 17.06 5.89 16.80
C LEU I 37 16.69 4.67 17.63
N ILE I 38 16.89 4.72 18.95
CA ILE I 38 16.58 3.62 19.84
C ILE I 38 15.67 4.10 20.96
N ALA I 39 15.09 3.15 21.68
CA ALA I 39 14.18 3.45 22.78
C ALA I 39 15.00 3.61 24.06
N ALA I 40 15.54 4.82 24.23
CA ALA I 40 16.35 5.15 25.40
C ALA I 40 15.42 5.65 26.49
N PHE I 41 15.17 4.82 27.50
CA PHE I 41 14.29 5.18 28.60
C PHE I 41 15.08 5.43 29.88
N TYR J 1 -9.77 67.25 -40.29
CA TYR J 1 -9.99 65.92 -40.85
C TYR J 1 -11.27 65.89 -41.68
N LEU J 2 -12.26 66.69 -41.28
CA LEU J 2 -13.51 66.74 -42.01
C LEU J 2 -13.29 67.26 -43.42
N GLY J 3 -13.95 66.61 -44.39
CA GLY J 3 -13.82 66.98 -45.77
C GLY J 3 -12.60 66.43 -46.47
N SER J 4 -11.79 65.63 -45.79
CA SER J 4 -10.59 65.05 -46.39
C SER J 4 -10.95 63.81 -47.19
N THR J 5 -9.94 63.28 -47.90
CA THR J 5 -10.16 62.09 -48.71
C THR J 5 -10.54 60.89 -47.83
N THR J 6 -9.88 60.75 -46.69
CA THR J 6 -10.20 59.64 -45.78
C THR J 6 -11.62 59.76 -45.26
N ASN J 7 -12.02 60.99 -44.90
CA ASN J 7 -13.38 61.20 -44.41
C ASN J 7 -14.41 60.88 -45.48
N GLN J 8 -14.15 61.31 -46.71
CA GLN J 8 -15.08 61.03 -47.81
C GLN J 8 -15.19 59.53 -48.06
N ILE J 9 -14.05 58.84 -48.07
CA ILE J 9 -14.07 57.39 -48.31
C ILE J 9 -14.83 56.68 -47.20
N MET J 10 -14.60 57.05 -45.95
CA MET J 10 -15.29 56.40 -44.84
C MET J 10 -16.80 56.66 -44.90
N VAL J 11 -17.19 57.91 -45.11
CA VAL J 11 -18.61 58.25 -45.17
C VAL J 11 -19.29 57.50 -46.31
N LEU J 12 -18.67 57.49 -47.49
CA LEU J 12 -19.25 56.81 -48.63
C LEU J 12 -19.32 55.30 -48.41
N SER J 13 -18.23 54.70 -47.94
CA SER J 13 -18.20 53.26 -47.69
C SER J 13 -19.14 52.84 -46.59
N THR J 14 -19.57 53.77 -45.73
CA THR J 14 -20.51 53.40 -44.68
C THR J 14 -21.95 53.62 -45.13
N PHE J 15 -22.20 54.67 -45.92
CA PHE J 15 -23.55 54.96 -46.39
C PHE J 15 -23.98 54.05 -47.53
N LEU J 16 -23.07 53.65 -48.42
CA LEU J 16 -23.46 52.80 -49.54
C LEU J 16 -24.08 51.48 -49.11
N PRO J 17 -23.51 50.71 -48.18
CA PRO J 17 -24.19 49.46 -47.78
C PRO J 17 -25.55 49.70 -47.16
N LEU J 18 -25.75 50.86 -46.54
CA LEU J 18 -27.05 51.17 -45.94
C LEU J 18 -28.11 51.35 -47.01
N VAL J 19 -27.81 52.12 -48.05
CA VAL J 19 -28.78 52.32 -49.12
C VAL J 19 -28.96 51.04 -49.91
N ALA J 20 -27.91 50.23 -50.05
CA ALA J 20 -28.02 48.98 -50.78
C ALA J 20 -28.98 48.03 -50.08
N GLY J 21 -28.85 47.89 -48.77
CA GLY J 21 -29.73 47.00 -48.03
C GLY J 21 -31.15 47.51 -47.92
N ARG J 22 -31.35 48.82 -48.04
CA ARG J 22 -32.69 49.39 -47.94
C ARG J 22 -33.50 49.18 -49.21
N PHE J 23 -32.85 49.14 -50.38
CA PHE J 23 -33.56 48.97 -51.64
C PHE J 23 -33.47 47.54 -52.17
N GLY J 24 -33.41 46.56 -51.26
CA GLY J 24 -33.36 45.16 -51.66
C GLY J 24 -32.15 44.75 -52.46
N LEU J 25 -30.99 45.37 -52.21
CA LEU J 25 -29.77 45.03 -52.92
C LEU J 25 -28.77 44.30 -52.05
N ALA J 26 -28.92 44.35 -50.73
CA ALA J 26 -28.04 43.68 -49.79
C ALA J 26 -28.88 42.98 -48.75
N PRO J 27 -28.41 41.86 -48.21
CA PRO J 27 -29.20 41.13 -47.19
C PRO J 27 -29.38 41.96 -45.93
N THR J 28 -30.55 41.82 -45.32
CA THR J 28 -30.87 42.54 -44.09
C THR J 28 -31.46 41.54 -43.09
N SER J 29 -32.25 42.05 -42.15
CA SER J 29 -32.88 41.18 -41.15
C SER J 29 -34.18 40.57 -41.63
N THR J 30 -34.70 41.02 -42.77
CA THR J 30 -35.94 40.49 -43.33
C THR J 30 -35.73 39.72 -44.62
N ARG J 31 -34.74 40.10 -45.42
CA ARG J 31 -34.43 39.43 -46.67
C ARG J 31 -33.08 38.75 -46.54
N HIS J 32 -33.05 37.45 -46.72
CA HIS J 32 -31.83 36.65 -46.64
C HIS J 32 -31.59 35.98 -47.99
N THR J 33 -30.50 35.23 -48.05
CA THR J 33 -30.14 34.52 -49.27
C THR J 33 -30.23 33.03 -49.03
N ASN J 34 -30.44 32.29 -50.10
CA ASN J 34 -30.55 30.84 -50.01
C ASN J 34 -29.16 30.24 -49.75
N GLN J 35 -29.03 28.93 -49.89
CA GLN J 35 -27.75 28.28 -49.67
C GLN J 35 -26.69 28.77 -50.65
N SER J 36 -27.10 29.30 -51.80
CA SER J 36 -26.13 29.79 -52.78
C SER J 36 -25.45 31.07 -52.29
N GLY J 37 -26.20 31.97 -51.67
CA GLY J 37 -25.66 33.21 -51.16
C GLY J 37 -25.68 34.37 -52.14
N ILE J 38 -26.15 34.16 -53.36
CA ILE J 38 -26.21 35.21 -54.37
C ILE J 38 -27.62 35.47 -54.85
N LYS J 39 -28.62 34.87 -54.20
CA LYS J 39 -30.02 35.04 -54.58
C LYS J 39 -30.80 35.50 -53.35
N LEU J 40 -31.23 36.75 -53.35
CA LEU J 40 -31.99 37.29 -52.22
C LEU J 40 -33.40 36.71 -52.20
N LEU J 41 -33.80 36.19 -51.06
CA LEU J 41 -35.11 35.61 -50.85
C LEU J 41 -36.12 36.69 -50.49
N PRO J 42 -37.41 36.43 -50.67
CA PRO J 42 -38.42 37.45 -50.33
C PRO J 42 -38.37 37.79 -48.85
N ALA J 43 -38.74 39.03 -48.53
CA ALA J 43 -38.71 39.50 -47.16
C ALA J 43 -39.60 38.65 -46.25
N GLU J 44 -39.02 38.21 -45.13
CA GLU J 44 -39.72 37.41 -44.14
C GLU J 44 -39.68 38.17 -42.83
N LYS J 45 -40.84 38.33 -42.20
CA LYS J 45 -40.96 39.07 -40.94
C LYS J 45 -41.18 38.17 -39.74
N SER J 46 -40.36 37.14 -39.59
CA SER J 46 -40.48 36.23 -38.46
C SER J 46 -39.69 36.69 -37.25
N ALA J 47 -38.86 37.72 -37.38
CA ALA J 47 -38.07 38.22 -36.26
C ALA J 47 -38.86 39.15 -35.35
N GLY J 48 -40.00 39.65 -35.80
CA GLY J 48 -40.82 40.54 -35.00
C GLY J 48 -40.33 41.96 -34.89
N LEU J 49 -39.33 42.35 -35.67
CA LEU J 49 -38.82 43.71 -35.62
C LEU J 49 -39.83 44.70 -36.20
N VAL J 50 -39.80 45.92 -35.68
CA VAL J 50 -40.71 46.98 -36.12
C VAL J 50 -39.89 48.24 -36.40
N SER J 51 -40.33 48.99 -37.41
CA SER J 51 -39.68 50.24 -37.78
C SER J 51 -40.69 51.11 -38.49
N ASN J 52 -40.41 52.41 -38.53
CA ASN J 52 -41.29 53.36 -39.19
C ASN J 52 -40.95 53.54 -40.66
N ASP J 53 -39.85 52.97 -41.13
CA ASP J 53 -39.49 53.09 -42.53
C ASP J 53 -40.52 52.35 -43.39
N PRO J 54 -40.92 52.93 -44.53
CA PRO J 54 -41.92 52.26 -45.38
C PRO J 54 -41.49 50.89 -45.86
N ALA J 55 -40.21 50.70 -46.17
CA ALA J 55 -39.73 49.41 -46.65
C ALA J 55 -39.42 48.43 -45.54
N GLY J 56 -39.57 48.83 -44.27
CA GLY J 56 -39.27 47.96 -43.16
C GLY J 56 -37.83 47.94 -42.71
N PHE J 57 -37.04 48.92 -43.14
CA PHE J 57 -35.62 49.00 -42.78
C PHE J 57 -35.52 49.25 -41.28
N ASN J 58 -35.34 48.18 -40.51
CA ASN J 58 -35.26 48.25 -39.06
C ASN J 58 -33.93 48.84 -38.57
N ALA J 59 -33.82 48.96 -37.25
CA ALA J 59 -32.60 49.48 -36.63
C ALA J 59 -31.48 48.44 -36.66
N VAL J 60 -31.82 47.16 -36.55
CA VAL J 60 -30.80 46.12 -36.61
C VAL J 60 -30.14 46.15 -37.98
N ASP J 61 -30.90 46.49 -39.02
CA ASP J 61 -30.32 46.60 -40.34
C ASP J 61 -29.33 47.73 -40.38
N VAL J 62 -29.65 48.84 -39.70
CA VAL J 62 -28.75 49.98 -39.64
C VAL J 62 -27.44 49.57 -38.98
N LEU J 63 -27.55 48.89 -37.83
CA LEU J 63 -26.35 48.48 -37.10
C LEU J 63 -25.50 47.52 -37.92
N ALA J 64 -26.12 46.48 -38.49
CA ALA J 64 -25.37 45.50 -39.26
C ALA J 64 -24.71 46.11 -40.49
N LEU J 65 -25.48 46.84 -41.29
CA LEU J 65 -24.92 47.46 -42.50
C LEU J 65 -23.87 48.48 -42.15
N GLY J 66 -24.07 49.27 -41.08
CA GLY J 66 -23.08 50.25 -40.70
C GLY J 66 -21.80 49.61 -40.24
N ALA J 67 -21.90 48.51 -39.48
CA ALA J 67 -20.70 47.82 -39.01
C ALA J 67 -19.93 47.24 -40.18
N LEU J 68 -20.64 46.59 -41.12
CA LEU J 68 -19.97 46.02 -42.29
C LEU J 68 -19.32 47.12 -43.12
N GLY J 69 -20.04 48.22 -43.34
CA GLY J 69 -19.48 49.32 -44.10
C GLY J 69 -18.27 49.93 -43.43
N HIS J 70 -18.30 50.02 -42.10
CA HIS J 70 -17.16 50.57 -41.37
C HIS J 70 -15.96 49.65 -41.51
N ILE J 71 -16.16 48.34 -41.43
CA ILE J 71 -15.04 47.41 -41.58
C ILE J 71 -14.44 47.52 -42.97
N LEU J 72 -15.31 47.53 -44.00
CA LEU J 72 -14.82 47.64 -45.37
C LEU J 72 -14.12 48.97 -45.60
N GLY J 73 -14.67 50.06 -45.08
CA GLY J 73 -14.06 51.36 -45.25
C GLY J 73 -12.72 51.46 -44.55
N CYS J 74 -12.62 50.90 -43.35
CA CYS J 74 -11.35 50.94 -42.64
C CYS J 74 -10.30 50.16 -43.42
N GLY J 75 -10.67 48.98 -43.91
CA GLY J 75 -9.71 48.20 -44.69
C GLY J 75 -9.29 48.90 -45.96
N ILE J 76 -10.24 49.54 -46.64
CA ILE J 76 -9.94 50.25 -47.88
C ILE J 76 -9.02 51.43 -47.61
N VAL J 77 -9.32 52.22 -46.57
CA VAL J 77 -8.50 53.38 -46.25
C VAL J 77 -7.10 52.95 -45.86
N LEU J 78 -6.99 51.94 -45.00
CA LEU J 78 -5.66 51.48 -44.58
C LEU J 78 -4.87 50.95 -45.78
N GLY J 79 -5.52 50.19 -46.66
CA GLY J 79 -4.82 49.68 -47.83
C GLY J 79 -4.39 50.79 -48.77
N LEU J 80 -5.19 51.85 -48.87
CA LEU J 80 -4.84 52.95 -49.76
C LEU J 80 -3.70 53.78 -49.20
N LYS J 81 -3.70 54.06 -47.90
CA LYS J 81 -2.61 54.84 -47.32
C LYS J 81 -1.36 54.01 -47.06
N SER J 82 -1.48 52.69 -47.03
CA SER J 82 -0.32 51.83 -46.82
C SER J 82 0.29 51.35 -48.12
N THR J 83 -0.22 51.80 -49.25
CA THR J 83 0.29 51.42 -50.56
C THR J 83 0.84 52.59 -51.35
N GLY J 84 0.67 53.83 -50.88
CA GLY J 84 1.17 55.01 -51.55
C GLY J 84 0.07 55.99 -51.94
N ASN J 85 -1.13 55.49 -52.23
CA ASN J 85 -2.24 56.34 -52.62
C ASN J 85 -2.83 57.00 -51.38
N LEU J 86 -4.00 57.61 -51.54
CA LEU J 86 -4.70 58.31 -50.46
C LEU J 86 -3.84 59.41 -49.85
N LYS K 1 -25.72 15.08 -57.51
CA LYS K 1 -26.76 14.06 -57.42
C LYS K 1 -26.20 12.68 -57.75
N VAL K 2 -24.99 12.66 -58.30
CA VAL K 2 -24.35 11.40 -58.66
C VAL K 2 -23.74 10.78 -57.42
N GLN K 3 -23.75 9.46 -57.35
CA GLN K 3 -23.22 8.69 -56.24
C GLN K 3 -22.12 7.79 -56.81
N VAL K 4 -20.86 8.20 -56.63
CA VAL K 4 -19.73 7.45 -57.14
C VAL K 4 -19.41 6.20 -56.34
N VAL K 5 -20.06 6.01 -55.20
CA VAL K 5 -19.83 4.83 -54.35
C VAL K 5 -21.11 4.01 -54.37
N GLN K 6 -21.02 2.79 -54.89
CA GLN K 6 -22.12 1.86 -55.00
C GLN K 6 -21.72 0.51 -54.45
N PRO K 7 -22.68 -0.31 -54.04
CA PRO K 7 -22.33 -1.64 -53.55
C PRO K 7 -21.75 -2.50 -54.67
N VAL K 8 -20.95 -3.49 -54.27
CA VAL K 8 -20.31 -4.36 -55.25
C VAL K 8 -21.36 -5.10 -56.06
N ASN K 9 -21.36 -4.86 -57.37
CA ASN K 9 -22.29 -5.49 -58.31
C ASN K 9 -23.73 -5.34 -57.84
N GLY K 10 -24.07 -4.12 -57.39
CA GLY K 10 -25.40 -3.81 -56.92
C GLY K 10 -25.83 -4.51 -55.64
N ASP K 11 -25.11 -5.53 -55.19
CA ASP K 11 -25.48 -6.24 -53.98
C ASP K 11 -24.96 -5.50 -52.76
N PRO K 12 -25.81 -4.99 -51.88
CA PRO K 12 -25.35 -4.26 -50.70
C PRO K 12 -25.09 -5.12 -49.47
N PHE K 13 -25.04 -6.44 -49.60
CA PHE K 13 -24.82 -7.33 -48.46
C PHE K 13 -23.58 -8.19 -48.65
N ILE K 14 -22.62 -7.70 -49.43
CA ILE K 14 -21.35 -8.35 -49.69
C ILE K 14 -20.27 -7.44 -49.15
N GLY K 15 -19.29 -8.02 -48.46
CA GLY K 15 -18.23 -7.22 -47.88
C GLY K 15 -17.31 -6.53 -48.86
N MET K 16 -17.86 -5.64 -49.68
CA MET K 16 -17.10 -4.90 -50.67
C MET K 16 -17.96 -3.78 -51.22
N LEU K 17 -17.31 -2.71 -51.69
CA LEU K 17 -17.97 -1.56 -52.26
C LEU K 17 -17.27 -1.16 -53.55
N GLU K 18 -18.01 -0.54 -54.46
CA GLU K 18 -17.47 -0.09 -55.73
C GLU K 18 -17.20 1.40 -55.64
N THR K 19 -15.93 1.77 -55.74
CA THR K 19 -15.47 3.16 -55.65
C THR K 19 -14.66 3.51 -56.89
N PRO K 20 -14.45 4.82 -57.16
CA PRO K 20 -13.67 5.21 -58.34
C PRO K 20 -12.23 4.69 -58.35
N VAL K 21 -11.88 3.88 -57.36
CA VAL K 21 -10.54 3.31 -57.26
C VAL K 21 -10.60 1.86 -57.73
N THR K 22 -11.72 1.19 -57.47
CA THR K 22 -11.90 -0.20 -57.84
C THR K 22 -12.68 -0.39 -59.13
N SER K 23 -13.73 0.41 -59.37
CA SER K 23 -14.56 0.30 -60.55
C SER K 23 -14.24 1.34 -61.62
N SER K 24 -13.10 2.00 -61.53
CA SER K 24 -12.75 3.00 -62.54
C SER K 24 -12.50 2.30 -63.87
N PRO K 25 -13.04 2.83 -64.97
CA PRO K 25 -12.83 2.17 -66.28
C PRO K 25 -11.37 1.92 -66.62
N ALA K 26 -10.52 2.95 -66.55
CA ALA K 26 -9.11 2.78 -66.86
C ALA K 26 -8.43 1.84 -65.87
N ILE K 27 -8.74 2.00 -64.58
CA ILE K 27 -8.14 1.14 -63.57
C ILE K 27 -8.58 -0.30 -63.79
N ALA K 28 -9.88 -0.51 -64.08
CA ALA K 28 -10.36 -1.86 -64.32
C ALA K 28 -9.71 -2.48 -65.54
N TRP K 29 -9.54 -1.70 -66.61
CA TRP K 29 -8.91 -2.22 -67.81
C TRP K 29 -7.46 -2.61 -67.55
N TYR K 30 -6.70 -1.72 -66.92
CA TYR K 30 -5.30 -2.02 -66.63
C TYR K 30 -5.16 -3.22 -65.71
N LEU K 31 -6.01 -3.31 -64.69
CA LEU K 31 -5.94 -4.42 -63.76
C LEU K 31 -6.36 -5.74 -64.42
N SER K 32 -7.32 -5.68 -65.34
CA SER K 32 -7.78 -6.86 -66.04
C SER K 32 -6.79 -7.33 -67.10
N ASN K 33 -5.96 -6.45 -67.62
CA ASN K 33 -4.99 -6.83 -68.63
C ASN K 33 -3.67 -7.33 -68.05
N LEU K 34 -3.61 -7.56 -66.75
CA LEU K 34 -2.39 -8.08 -66.15
C LEU K 34 -2.31 -9.59 -66.37
N PRO K 35 -1.11 -10.16 -66.41
CA PRO K 35 -0.99 -11.61 -66.64
C PRO K 35 -1.68 -12.46 -65.59
N ALA K 36 -1.94 -11.92 -64.40
CA ALA K 36 -2.61 -12.70 -63.36
C ALA K 36 -4.10 -12.89 -63.62
N TYR K 37 -4.74 -11.97 -64.33
CA TYR K 37 -6.17 -12.06 -64.61
C TYR K 37 -6.47 -12.46 -66.05
N ARG K 38 -5.82 -13.50 -66.54
CA ARG K 38 -6.00 -14.01 -67.90
C ARG K 38 -6.45 -15.47 -67.78
N THR K 39 -7.77 -15.66 -67.70
CA THR K 39 -8.33 -17.00 -67.58
C THR K 39 -8.08 -17.84 -68.83
N GLY K 40 -7.97 -17.20 -70.00
CA GLY K 40 -7.76 -17.91 -71.24
C GLY K 40 -6.31 -18.07 -71.69
N VAL K 41 -5.37 -17.48 -71.00
CA VAL K 41 -3.96 -17.59 -71.38
C VAL K 41 -3.32 -18.71 -70.56
N SER K 42 -2.34 -19.38 -71.18
CA SER K 42 -1.65 -20.47 -70.51
C SER K 42 -0.94 -19.96 -69.26
N PRO K 43 -1.03 -20.67 -68.14
CA PRO K 43 -0.36 -20.20 -66.92
C PRO K 43 1.15 -20.10 -67.06
N LEU K 44 1.77 -20.90 -67.93
CA LEU K 44 3.22 -20.84 -68.09
C LEU K 44 3.66 -19.50 -68.66
N LEU K 45 2.98 -19.02 -69.70
CA LEU K 45 3.35 -17.74 -70.31
C LEU K 45 3.15 -16.58 -69.34
N ARG K 46 2.03 -16.59 -68.62
CA ARG K 46 1.77 -15.54 -67.64
C ARG K 46 2.83 -15.57 -66.55
N GLY K 47 3.22 -16.77 -66.13
CA GLY K 47 4.25 -16.89 -65.12
C GLY K 47 5.59 -16.39 -65.63
N VAL K 48 5.87 -16.63 -66.92
CA VAL K 48 7.13 -16.15 -67.50
C VAL K 48 7.15 -14.63 -67.47
N GLU K 49 6.05 -13.99 -67.86
CA GLU K 49 6.00 -12.54 -67.85
C GLU K 49 6.15 -11.98 -66.43
N ILE K 50 5.43 -12.57 -65.48
CA ILE K 50 5.51 -12.10 -64.09
C ILE K 50 6.93 -12.27 -63.56
N GLY K 51 7.55 -13.42 -63.83
CA GLY K 51 8.89 -13.66 -63.37
C GLY K 51 9.89 -12.71 -64.00
N LEU K 52 9.73 -12.42 -65.29
CA LEU K 52 10.63 -11.49 -65.96
C LEU K 52 10.57 -10.12 -65.31
N ALA K 53 9.36 -9.60 -65.12
CA ALA K 53 9.22 -8.28 -64.51
C ALA K 53 9.78 -8.26 -63.09
N HIS K 54 9.41 -9.25 -62.27
CA HIS K 54 9.89 -9.29 -60.89
C HIS K 54 11.40 -9.44 -60.80
N GLY K 55 11.98 -10.32 -61.62
CA GLY K 55 13.41 -10.50 -61.58
C GLY K 55 14.16 -9.26 -62.03
N TYR K 56 13.62 -8.55 -63.03
CA TYR K 56 14.29 -7.34 -63.47
C TYR K 56 14.22 -6.24 -62.42
N LEU K 57 13.06 -6.06 -61.79
CA LEU K 57 12.94 -5.02 -60.79
C LEU K 57 13.62 -5.36 -59.48
N LEU K 58 14.10 -6.59 -59.29
CA LEU K 58 14.70 -6.98 -58.03
C LEU K 58 16.22 -6.83 -57.98
N VAL K 59 16.88 -6.45 -59.08
CA VAL K 59 18.34 -6.27 -59.03
C VAL K 59 18.70 -4.94 -58.39
N GLY K 60 18.09 -3.85 -58.86
CA GLY K 60 18.35 -2.51 -58.38
C GLY K 60 18.63 -2.32 -56.90
N PRO K 61 17.74 -2.83 -56.04
CA PRO K 61 17.95 -2.68 -54.59
C PRO K 61 19.31 -3.14 -54.11
N PHE K 62 19.72 -4.36 -54.48
CA PHE K 62 21.04 -4.81 -54.04
C PHE K 62 22.16 -4.07 -54.76
N ILE K 63 21.93 -3.63 -56.00
CA ILE K 63 22.96 -2.90 -56.74
C ILE K 63 23.33 -1.62 -56.03
N LYS K 64 22.33 -0.82 -55.67
CA LYS K 64 22.61 0.44 -55.03
C LYS K 64 22.63 0.40 -53.51
N LEU K 65 22.35 -0.74 -52.88
CA LEU K 65 22.35 -0.77 -51.42
C LEU K 65 23.04 -1.99 -50.81
N GLY K 66 23.52 -2.94 -51.62
CA GLY K 66 24.17 -4.12 -51.10
C GLY K 66 25.44 -3.82 -50.34
N PRO K 67 25.95 -4.82 -49.60
CA PRO K 67 27.18 -4.61 -48.84
C PRO K 67 28.39 -4.27 -49.70
N LEU K 68 28.41 -4.72 -50.95
CA LEU K 68 29.51 -4.45 -51.87
C LEU K 68 29.10 -3.44 -52.93
N ARG K 69 28.26 -2.47 -52.56
CA ARG K 69 27.80 -1.47 -53.52
C ARG K 69 28.91 -0.52 -53.95
N ASP K 70 29.92 -0.30 -53.11
CA ASP K 70 31.02 0.59 -53.43
C ASP K 70 32.16 -0.11 -54.15
N VAL K 71 31.89 -1.22 -54.81
CA VAL K 71 32.92 -1.96 -55.53
C VAL K 71 32.46 -2.12 -56.98
N GLU K 72 33.42 -2.11 -57.90
CA GLU K 72 33.10 -2.22 -59.33
C GLU K 72 32.35 -3.50 -59.66
N ASN K 73 32.58 -4.59 -58.92
CA ASN K 73 31.90 -5.85 -59.16
C ASN K 73 30.55 -5.96 -58.47
N VAL K 74 29.89 -4.84 -58.18
CA VAL K 74 28.60 -4.89 -57.51
C VAL K 74 27.52 -5.46 -58.42
N ALA K 75 27.57 -5.15 -59.72
CA ALA K 75 26.55 -5.63 -60.64
C ALA K 75 26.47 -7.16 -60.67
N GLU K 76 27.62 -7.83 -60.74
CA GLU K 76 27.64 -9.29 -60.79
C GLU K 76 27.11 -9.89 -59.48
N ILE K 77 27.60 -9.39 -58.35
CA ILE K 77 27.16 -9.89 -57.05
C ILE K 77 25.66 -9.74 -56.92
N VAL K 78 25.13 -8.59 -57.35
CA VAL K 78 23.70 -8.37 -57.26
C VAL K 78 22.92 -9.27 -58.22
N GLY K 79 23.47 -9.52 -59.40
CA GLY K 79 22.78 -10.42 -60.31
C GLY K 79 22.61 -11.77 -59.65
N CYS K 80 23.67 -12.24 -58.98
CA CYS K 80 23.59 -13.51 -58.27
C CYS K 80 22.60 -13.42 -57.11
N ILE K 81 22.56 -12.29 -56.41
CA ILE K 81 21.64 -12.12 -55.29
C ILE K 81 20.20 -12.18 -55.78
N ASN K 82 19.90 -11.54 -56.90
CA ASN K 82 18.55 -11.58 -57.44
C ASN K 82 18.22 -13.00 -57.89
N GLY K 83 19.19 -13.71 -58.44
CA GLY K 83 18.94 -15.08 -58.83
C GLY K 83 18.55 -15.92 -57.62
N ALA K 84 19.27 -15.70 -56.51
CA ALA K 84 18.98 -16.42 -55.28
C ALA K 84 17.58 -16.07 -54.75
N ALA K 85 17.23 -14.78 -54.81
CA ALA K 85 15.91 -14.37 -54.34
C ALA K 85 14.82 -14.97 -55.21
N THR K 86 15.05 -15.04 -56.51
CA THR K 86 14.08 -15.64 -57.42
C THR K 86 13.91 -17.13 -57.12
N VAL K 87 15.02 -17.82 -56.85
CA VAL K 87 14.95 -19.24 -56.52
C VAL K 87 14.20 -19.44 -55.21
N LEU K 88 14.39 -18.53 -54.25
CA LEU K 88 13.69 -18.64 -52.97
C LEU K 88 12.19 -18.45 -53.16
N ILE K 89 11.79 -17.39 -53.85
CA ILE K 89 10.37 -17.18 -54.08
C ILE K 89 9.83 -18.28 -54.99
N LEU K 90 10.71 -18.96 -55.74
CA LEU K 90 10.32 -20.09 -56.55
C LEU K 90 9.90 -21.26 -55.68
N THR K 91 10.74 -21.60 -54.69
CA THR K 91 10.37 -22.70 -53.80
C THR K 91 9.14 -22.30 -53.00
N LEU K 92 8.95 -21.00 -52.76
CA LEU K 92 7.76 -20.54 -52.07
C LEU K 92 6.53 -20.83 -52.90
N CYS K 93 6.59 -20.54 -54.19
CA CYS K 93 5.47 -20.81 -55.09
C CYS K 93 5.18 -22.30 -55.14
N LEU K 94 6.24 -23.12 -55.21
CA LEU K 94 6.02 -24.57 -55.25
C LEU K 94 5.37 -25.08 -53.98
N ALA K 95 5.83 -24.61 -52.81
CA ALA K 95 5.23 -25.06 -51.56
C ALA K 95 3.77 -24.65 -51.50
N TYR K 96 3.47 -23.41 -51.91
CA TYR K 96 2.09 -22.96 -51.90
C TYR K 96 1.23 -23.81 -52.82
N GLY K 97 1.75 -24.16 -54.00
CA GLY K 97 0.98 -24.98 -54.92
C GLY K 97 0.76 -26.38 -54.41
N ALA K 98 1.78 -26.97 -53.77
CA ALA K 98 1.65 -28.32 -53.24
C ALA K 98 0.70 -28.38 -52.06
N VAL K 99 0.60 -27.30 -51.28
CA VAL K 99 -0.30 -27.30 -50.12
C VAL K 99 -1.71 -26.92 -50.53
N THR K 100 -1.86 -25.89 -51.34
CA THR K 100 -3.19 -25.43 -51.75
C THR K 100 -3.90 -26.45 -52.63
N PHE K 101 -3.23 -26.94 -53.67
CA PHE K 101 -3.83 -27.90 -54.59
C PHE K 101 -3.33 -29.30 -54.25
N GLN K 102 -4.16 -30.05 -53.52
CA GLN K 102 -3.84 -31.42 -53.12
C GLN K 102 -5.12 -32.24 -53.06
N GLY K 103 -6.26 -31.56 -53.22
CA GLY K 103 -7.54 -32.22 -53.19
C GLY K 103 -8.51 -31.56 -54.14
N GLU K 104 -9.64 -32.23 -54.35
CA GLU K 104 -10.69 -31.76 -55.24
C GLU K 104 -12.00 -31.64 -54.48
N GLY K 105 -12.84 -30.70 -54.91
CA GLY K 105 -14.12 -30.48 -54.30
C GLY K 105 -15.07 -29.74 -55.21
N PRO K 106 -16.34 -30.13 -55.20
CA PRO K 106 -17.33 -29.46 -56.06
C PRO K 106 -17.54 -28.01 -55.65
N GLN K 107 -16.63 -27.14 -56.08
CA GLN K 107 -16.71 -25.73 -55.75
C GLN K 107 -17.86 -25.06 -56.50
N VAL K 108 -18.23 -23.89 -56.03
CA VAL K 108 -19.31 -23.11 -56.64
C VAL K 108 -18.80 -22.51 -57.95
N GLY K 109 -19.73 -22.18 -58.84
CA GLY K 109 -19.37 -21.61 -60.12
C GLY K 109 -18.82 -20.20 -59.97
N VAL K 110 -18.40 -19.65 -61.11
CA VAL K 110 -17.84 -18.31 -61.18
C VAL K 110 -18.51 -17.59 -62.34
N LYS K 111 -18.95 -16.35 -62.09
CA LYS K 111 -19.61 -15.54 -63.10
C LYS K 111 -18.95 -14.16 -63.13
N THR K 112 -19.25 -13.41 -64.20
CA THR K 112 -18.71 -12.08 -64.34
C THR K 112 -19.64 -11.09 -63.66
N LEU K 113 -19.28 -9.81 -63.69
CA LEU K 113 -20.11 -8.80 -63.05
C LEU K 113 -21.48 -8.71 -63.72
N SER K 114 -21.55 -8.99 -65.03
CA SER K 114 -22.81 -8.94 -65.74
C SER K 114 -23.68 -10.17 -65.45
N GLY K 115 -23.05 -11.30 -65.12
CA GLY K 115 -23.80 -12.51 -64.82
C GLY K 115 -23.51 -13.63 -65.80
N ARG K 116 -22.47 -13.47 -66.61
CA ARG K 116 -22.09 -14.46 -67.60
C ARG K 116 -21.21 -15.51 -66.92
N SER K 117 -21.60 -16.77 -67.03
CA SER K 117 -20.87 -17.86 -66.40
C SER K 117 -19.51 -18.07 -67.08
N ILE K 118 -18.46 -18.18 -66.28
CA ILE K 118 -17.11 -18.39 -66.78
C ILE K 118 -16.45 -19.51 -66.00
N PRO K 119 -15.57 -20.30 -66.62
CA PRO K 119 -14.91 -21.38 -65.89
C PRO K 119 -13.87 -20.83 -64.94
N ARG K 120 -13.52 -21.64 -63.94
CA ARG K 120 -12.52 -21.22 -62.98
C ARG K 120 -11.16 -21.11 -63.66
N ASP K 121 -10.34 -20.18 -63.17
CA ASP K 121 -9.03 -19.95 -63.74
C ASP K 121 -8.20 -21.23 -63.69
N PRO K 122 -7.64 -21.67 -64.83
CA PRO K 122 -6.83 -22.90 -64.81
C PRO K 122 -5.62 -22.78 -63.90
N LEU K 123 -5.21 -21.55 -63.58
CA LEU K 123 -4.08 -21.35 -62.68
C LEU K 123 -4.36 -21.90 -61.29
N GLN K 124 -5.64 -21.95 -60.91
CA GLN K 124 -6.04 -22.47 -59.60
C GLN K 124 -6.28 -23.98 -59.68
N SER K 125 -5.22 -24.69 -60.06
CA SER K 125 -5.26 -26.14 -60.18
C SER K 125 -3.86 -26.68 -59.92
N ALA K 126 -3.80 -27.99 -59.65
CA ALA K 126 -2.51 -28.62 -59.36
C ALA K 126 -1.55 -28.46 -60.53
N ASP K 127 -2.01 -28.77 -61.74
CA ASP K 127 -1.14 -28.63 -62.91
C ASP K 127 -1.00 -27.18 -63.34
N GLY K 128 -2.03 -26.36 -63.11
CA GLY K 128 -1.96 -24.96 -63.49
C GLY K 128 -0.91 -24.20 -62.71
N TRP K 129 -0.82 -24.46 -61.40
CA TRP K 129 0.18 -23.77 -60.59
C TRP K 129 1.58 -24.26 -60.91
N ASN K 130 1.72 -25.56 -61.20
CA ASN K 130 3.04 -26.09 -61.53
C ASN K 130 3.58 -25.45 -62.81
N LYS K 131 2.73 -25.29 -63.82
CA LYS K 131 3.16 -24.65 -65.05
C LYS K 131 3.50 -23.18 -64.80
N PHE K 132 2.69 -22.52 -63.96
CA PHE K 132 2.95 -21.13 -63.63
C PHE K 132 4.24 -20.98 -62.84
N THR K 133 4.51 -21.93 -61.94
CA THR K 133 5.74 -21.88 -61.15
C THR K 133 6.96 -22.10 -62.04
N ALA K 134 6.86 -23.03 -63.00
CA ALA K 134 7.97 -23.28 -63.90
C ALA K 134 8.27 -22.05 -64.76
N GLY K 135 7.23 -21.39 -65.26
CA GLY K 135 7.44 -20.20 -66.05
C GLY K 135 8.05 -19.08 -65.24
N PHE K 136 7.68 -19.00 -63.96
CA PHE K 136 8.21 -17.96 -63.10
C PHE K 136 9.71 -18.16 -62.88
N ALA K 137 10.18 -19.40 -62.84
CA ALA K 137 11.60 -19.67 -62.66
C ALA K 137 12.39 -19.22 -63.88
N VAL K 138 11.94 -19.60 -65.07
CA VAL K 138 12.63 -19.22 -66.30
C VAL K 138 12.58 -17.71 -66.46
N GLY K 139 11.40 -17.12 -66.26
CA GLY K 139 11.29 -15.67 -66.38
C GLY K 139 12.04 -14.94 -65.29
N GLY K 140 11.95 -15.44 -64.06
CA GLY K 140 12.65 -14.78 -62.96
C GLY K 140 14.15 -14.78 -63.14
N LEU K 141 14.71 -15.92 -63.56
CA LEU K 141 16.14 -15.99 -63.78
C LEU K 141 16.55 -15.16 -64.99
N SER K 142 15.71 -15.13 -66.02
CA SER K 142 16.00 -14.32 -67.20
C SER K 142 15.95 -12.84 -66.87
N GLY K 143 14.98 -12.43 -66.03
CA GLY K 143 14.90 -11.05 -65.64
C GLY K 143 16.12 -10.58 -64.89
N ALA K 144 16.63 -11.43 -63.99
CA ALA K 144 17.84 -11.08 -63.24
C ALA K 144 19.03 -11.02 -64.17
N ALA K 145 19.11 -11.93 -65.14
CA ALA K 145 20.20 -11.92 -66.10
C ALA K 145 20.14 -10.67 -66.96
N TRP K 146 18.94 -10.27 -67.37
CA TRP K 146 18.79 -9.07 -68.18
C TRP K 146 19.13 -7.83 -67.37
N GLY K 147 18.92 -7.88 -66.05
CA GLY K 147 19.25 -6.75 -65.20
C GLY K 147 20.75 -6.46 -65.24
N TYR K 148 21.56 -7.50 -65.32
CA TYR K 148 23.00 -7.30 -65.40
C TYR K 148 23.40 -6.75 -66.76
N LEU K 149 22.77 -7.25 -67.83
CA LEU K 149 23.08 -6.77 -69.16
C LEU K 149 22.74 -5.29 -69.31
N CYS K 150 21.59 -4.87 -68.76
CA CYS K 150 21.21 -3.47 -68.85
C CYS K 150 22.25 -2.58 -68.18
N THR K 151 22.88 -3.08 -67.11
CA THR K 151 23.91 -2.30 -66.44
C THR K 151 25.12 -2.10 -67.36
N GLN K 152 25.50 -3.14 -68.10
CA GLN K 152 26.62 -3.03 -69.02
C GLN K 152 26.27 -2.18 -70.22
N ILE K 153 25.05 -2.32 -70.75
CA ILE K 153 24.60 -1.53 -71.89
C ILE K 153 23.98 -0.27 -71.31
N LEU K 154 22.98 0.31 -72.00
CA LEU K 154 22.31 1.52 -71.55
C LEU K 154 23.33 2.65 -71.51
N PRO K 155 23.53 3.37 -72.62
CA PRO K 155 24.54 4.45 -72.64
C PRO K 155 24.39 5.47 -71.52
N TYR K 156 23.18 5.81 -71.13
CA TYR K 156 22.98 6.77 -70.06
C TYR K 156 23.38 6.16 -68.72
N TYR K 157 22.54 5.29 -68.19
CA TYR K 157 22.76 4.61 -66.91
C TYR K 157 23.21 5.56 -65.82
N MET L 1 50.22 -30.61 -30.07
CA MET L 1 49.82 -31.42 -31.22
C MET L 1 48.34 -31.19 -31.55
N PRO L 2 48.07 -30.21 -32.40
CA PRO L 2 46.68 -29.93 -32.77
C PRO L 2 46.09 -31.07 -33.60
N ILE L 3 44.77 -31.23 -33.48
CA ILE L 3 44.09 -32.28 -34.22
C ILE L 3 44.18 -31.99 -35.72
N ALA L 4 44.41 -33.02 -36.51
CA ALA L 4 44.55 -32.87 -37.95
C ALA L 4 43.20 -32.87 -38.65
N ASP L 5 43.24 -32.61 -39.96
CA ASP L 5 42.02 -32.57 -40.75
C ASP L 5 41.35 -33.93 -40.82
N TYR L 6 42.15 -35.00 -40.91
CA TYR L 6 41.58 -36.34 -40.98
C TYR L 6 40.78 -36.64 -39.72
N GLN L 7 41.23 -36.15 -38.57
CA GLN L 7 40.49 -36.38 -37.33
C GLN L 7 39.13 -35.70 -37.38
N VAL L 8 39.09 -34.48 -37.91
CA VAL L 8 37.82 -33.76 -38.03
C VAL L 8 36.89 -34.49 -38.98
N PHE L 9 37.44 -35.01 -40.09
CA PHE L 9 36.62 -35.74 -41.04
C PHE L 9 36.05 -37.01 -40.42
N THR L 10 36.88 -37.73 -39.67
CA THR L 10 36.42 -38.95 -39.01
C THR L 10 35.34 -38.63 -37.98
N ALA L 11 35.52 -37.55 -37.22
CA ALA L 11 34.52 -37.17 -36.24
C ALA L 11 33.21 -36.80 -36.93
N LEU L 12 33.28 -36.10 -38.06
CA LEU L 12 32.06 -35.74 -38.79
C LEU L 12 31.36 -36.98 -39.31
N PHE L 13 32.11 -37.96 -39.80
CA PHE L 13 31.48 -39.19 -40.30
C PHE L 13 30.80 -39.95 -39.17
N LEU L 14 31.48 -40.04 -38.02
CA LEU L 14 30.87 -40.71 -36.87
C LEU L 14 29.62 -39.97 -36.42
N ALA L 15 29.64 -38.64 -36.51
CA ALA L 15 28.48 -37.85 -36.15
C ALA L 15 27.34 -38.13 -37.13
N LEU L 16 27.68 -38.34 -38.41
CA LEU L 16 26.65 -38.66 -39.39
C LEU L 16 25.99 -39.99 -39.04
N ALA L 17 26.78 -40.97 -38.63
CA ALA L 17 26.22 -42.26 -38.24
C ALA L 17 25.35 -42.10 -37.00
N THR L 18 25.80 -41.29 -36.04
CA THR L 18 25.01 -41.04 -34.84
C THR L 18 23.69 -40.37 -35.20
N GLY L 19 23.73 -39.43 -36.16
CA GLY L 19 22.52 -38.76 -36.59
C GLY L 19 21.57 -39.74 -37.25
N ILE L 20 22.11 -40.72 -37.97
CA ILE L 20 21.25 -41.72 -38.59
C ILE L 20 20.56 -42.54 -37.50
N PHE L 21 21.30 -42.92 -36.46
CA PHE L 21 20.68 -43.66 -35.36
C PHE L 21 19.61 -42.80 -34.67
N ALA L 22 19.88 -41.50 -34.54
CA ALA L 22 18.93 -40.59 -33.90
C ALA L 22 17.66 -40.46 -34.72
N VAL L 23 17.79 -40.35 -36.04
CA VAL L 23 16.59 -40.23 -36.87
C VAL L 23 15.81 -41.54 -36.81
N ARG L 24 16.50 -42.68 -36.72
CA ARG L 24 15.78 -43.95 -36.60
C ARG L 24 14.99 -43.99 -35.30
N LEU L 25 15.61 -43.53 -34.20
CA LEU L 25 14.91 -43.52 -32.92
C LEU L 25 13.71 -42.58 -32.98
N GLY L 26 13.87 -41.44 -33.64
CA GLY L 26 12.76 -40.51 -33.76
C GLY L 26 11.60 -41.11 -34.54
N VAL L 27 11.92 -41.82 -35.62
CA VAL L 27 10.88 -42.46 -36.42
C VAL L 27 10.17 -43.51 -35.60
N ALA L 28 10.93 -44.28 -34.80
CA ALA L 28 10.31 -45.30 -33.96
C ALA L 28 9.41 -44.66 -32.92
N LEU L 29 9.82 -43.51 -32.38
CA LEU L 29 9.02 -42.81 -31.38
C LEU L 29 7.75 -42.25 -31.98
N TYR L 30 7.80 -41.81 -33.25
CA TYR L 30 6.62 -41.26 -33.89
C TYR L 30 5.52 -42.31 -34.02
N LYS L 31 5.90 -43.54 -34.37
CA LYS L 31 4.96 -44.64 -34.54
C LYS L 31 4.18 -44.91 -33.26
N MET M 1 43.14 -23.40 -36.95
CA MET M 1 42.43 -24.66 -36.82
C MET M 1 42.62 -25.53 -38.06
N SER M 2 42.52 -26.84 -37.89
CA SER M 2 42.67 -27.74 -39.02
C SER M 2 41.44 -27.65 -39.91
N ALA M 3 41.65 -27.65 -41.23
CA ALA M 3 40.57 -27.56 -42.21
C ALA M 3 39.75 -26.29 -41.98
N GLN M 4 40.38 -25.15 -42.29
CA GLN M 4 39.74 -23.86 -42.12
C GLN M 4 38.53 -23.69 -43.04
N PHE M 5 38.45 -24.48 -44.11
CA PHE M 5 37.34 -24.37 -45.04
C PHE M 5 36.05 -24.98 -44.50
N LEU M 6 36.14 -25.88 -43.53
CA LEU M 6 34.93 -26.51 -43.00
C LEU M 6 33.92 -25.54 -42.44
N PRO M 7 34.28 -24.57 -41.57
CA PRO M 7 33.24 -23.65 -41.07
C PRO M 7 32.54 -22.87 -42.16
N SER M 8 33.28 -22.45 -43.19
CA SER M 8 32.69 -21.68 -44.28
C SER M 8 31.64 -22.44 -45.06
N ILE M 9 31.60 -23.76 -44.91
CA ILE M 9 30.63 -24.61 -45.59
C ILE M 9 29.55 -25.10 -44.63
N LEU M 10 29.93 -25.41 -43.39
CA LEU M 10 28.97 -25.91 -42.42
C LEU M 10 28.06 -24.82 -41.89
N VAL M 11 28.58 -23.61 -41.65
CA VAL M 11 27.74 -22.53 -41.15
C VAL M 11 26.61 -22.21 -42.12
N PRO M 12 26.85 -22.01 -43.42
CA PRO M 12 25.72 -21.75 -44.32
C PRO M 12 24.79 -22.94 -44.46
N LEU M 13 25.32 -24.16 -44.34
CA LEU M 13 24.50 -25.35 -44.46
C LEU M 13 23.52 -25.47 -43.29
N VAL M 14 23.99 -25.19 -42.08
CA VAL M 14 23.15 -25.28 -40.90
C VAL M 14 22.27 -24.05 -40.73
N GLY M 15 22.70 -22.90 -41.24
CA GLY M 15 21.91 -21.70 -41.10
C GLY M 15 21.07 -21.28 -42.29
N LEU M 16 21.38 -21.78 -43.48
CA LEU M 16 20.61 -21.41 -44.67
C LEU M 16 19.96 -22.60 -45.37
N VAL M 17 20.73 -23.64 -45.69
CA VAL M 17 20.16 -24.79 -46.39
C VAL M 17 19.29 -25.62 -45.47
N PHE M 18 19.83 -26.05 -44.33
CA PHE M 18 19.04 -26.87 -43.41
C PHE M 18 17.78 -26.16 -42.93
N PRO M 19 17.80 -24.89 -42.53
CA PRO M 19 16.55 -24.26 -42.08
C PRO M 19 15.52 -24.15 -43.19
N ALA M 20 15.93 -23.78 -44.39
CA ALA M 20 14.98 -23.67 -45.50
C ALA M 20 14.36 -25.03 -45.81
N VAL M 21 15.18 -26.07 -45.87
CA VAL M 21 14.69 -27.41 -46.15
C VAL M 21 13.73 -27.87 -45.05
N ALA M 22 14.12 -27.66 -43.78
CA ALA M 22 13.29 -28.08 -42.67
C ALA M 22 11.96 -27.34 -42.65
N MET M 23 11.99 -26.03 -42.88
CA MET M 23 10.74 -25.26 -42.89
C MET M 23 9.84 -25.69 -44.04
N ALA M 24 10.42 -25.92 -45.22
CA ALA M 24 9.60 -26.36 -46.35
C ALA M 24 8.96 -27.71 -46.07
N SER M 25 9.75 -28.66 -45.54
CA SER M 25 9.21 -29.98 -45.23
C SER M 25 8.15 -29.91 -44.15
N MET M 26 8.39 -29.12 -43.10
CA MET M 26 7.40 -29.00 -42.02
C MET M 26 6.11 -28.37 -42.54
N PHE M 27 6.24 -27.34 -43.38
CA PHE M 27 5.07 -26.68 -43.94
C PHE M 27 4.28 -27.63 -44.84
N LEU M 28 4.98 -28.47 -45.61
CA LEU M 28 4.31 -29.41 -46.48
C LEU M 28 3.67 -30.54 -45.69
N TYR M 29 4.23 -30.89 -44.53
CA TYR M 29 3.69 -31.97 -43.72
C TYR M 29 2.53 -31.55 -42.83
N ILE M 30 2.56 -30.35 -42.26
CA ILE M 30 1.48 -29.90 -41.37
C ILE M 30 0.21 -29.53 -42.14
N GLU M 31 0.22 -29.67 -43.47
CA GLU M 31 -0.94 -29.37 -44.32
C GLU M 31 -0.97 -30.43 -45.42
N LYS M 32 -1.14 -31.68 -45.00
CA LYS M 32 -1.18 -32.82 -45.91
C LYS M 32 -2.57 -33.40 -46.12
N GLU M 33 -3.52 -33.11 -45.22
CA GLU M 33 -4.90 -33.58 -45.29
C GLU M 33 -5.01 -35.07 -44.99
N GLU M 34 -3.98 -35.85 -45.33
CA GLU M 34 -3.98 -37.30 -45.09
C GLU M 34 -2.52 -37.71 -44.86
N ILE M 35 -2.12 -37.75 -43.60
CA ILE M 35 -0.74 -38.14 -43.28
C ILE M 35 -0.72 -39.63 -42.93
N TRP N 1 -14.22 12.34 -69.94
CA TRP N 1 -13.04 12.26 -70.78
C TRP N 1 -13.04 10.99 -71.61
N GLY N 2 -12.00 10.81 -72.43
CA GLY N 2 -11.93 9.62 -73.27
C GLY N 2 -11.87 8.34 -72.44
N ALA N 3 -11.11 8.38 -71.36
CA ALA N 3 -10.96 7.25 -70.44
C ALA N 3 -11.44 7.67 -69.06
N TYR N 4 -11.43 6.70 -68.14
CA TYR N 4 -11.86 6.94 -66.77
C TYR N 4 -13.28 7.47 -66.68
N GLU N 5 -13.64 7.98 -65.50
CA GLU N 5 -14.93 8.59 -65.22
C GLU N 5 -14.71 9.95 -64.58
N GLU N 6 -13.52 10.51 -64.78
CA GLU N 6 -13.09 11.79 -64.24
C GLU N 6 -14.12 12.88 -64.50
N PRO N 7 -14.69 13.50 -63.46
CA PRO N 7 -15.68 14.55 -63.68
C PRO N 7 -15.09 15.83 -64.24
N LEU N 8 -13.77 15.89 -64.44
CA LEU N 8 -13.14 17.08 -64.99
C LEU N 8 -13.64 17.30 -66.40
N SER N 9 -14.69 18.10 -66.54
CA SER N 9 -15.28 18.36 -67.85
C SER N 9 -14.34 19.15 -68.74
N LEU N 10 -14.48 18.93 -70.05
CA LEU N 10 -13.64 19.65 -71.02
C LEU N 10 -13.94 21.13 -70.99
N VAL N 11 -15.21 21.50 -70.80
CA VAL N 11 -15.58 22.91 -70.74
C VAL N 11 -14.90 23.60 -69.57
N ALA N 12 -14.53 22.83 -68.54
CA ALA N 12 -13.86 23.36 -67.36
C ALA N 12 -12.43 23.77 -67.64
N GLY N 13 -11.99 23.96 -68.88
CA GLY N 13 -10.61 24.38 -69.11
C GLY N 13 -10.34 25.79 -68.62
N PHE N 14 -11.41 26.54 -68.32
CA PHE N 14 -11.26 27.91 -67.84
C PHE N 14 -10.42 27.96 -66.57
N LEU N 15 -10.39 26.88 -65.79
CA LEU N 15 -9.58 26.84 -64.59
C LEU N 15 -8.14 27.20 -64.90
N GLY N 16 -7.47 26.30 -65.63
CA GLY N 16 -6.10 26.48 -66.02
C GLY N 16 -5.86 27.51 -67.09
N TRP N 17 -6.91 27.93 -67.82
CA TRP N 17 -6.73 28.94 -68.85
C TRP N 17 -7.15 30.32 -68.38
N PHE N 18 -7.56 30.45 -67.12
CA PHE N 18 -7.95 31.70 -66.50
C PHE N 18 -7.08 32.03 -65.31
N ALA N 19 -6.55 31.02 -64.61
CA ALA N 19 -5.65 31.29 -63.50
C ALA N 19 -4.45 32.12 -63.94
N PRO N 20 -3.79 31.85 -65.07
CA PRO N 20 -2.67 32.70 -65.47
C PRO N 20 -3.06 34.14 -65.71
N SER N 21 -4.28 34.38 -66.21
CA SER N 21 -4.73 35.75 -66.45
C SER N 21 -4.75 36.58 -65.18
N ASN N 22 -4.83 35.94 -64.02
CA ASN N 22 -4.82 36.64 -62.74
C ASN N 22 -3.48 36.53 -62.03
N ILE N 23 -2.72 35.46 -62.26
CA ILE N 23 -1.43 35.32 -61.60
C ILE N 23 -0.37 36.14 -62.32
N LYS N 24 -0.62 36.56 -63.57
CA LYS N 24 0.34 37.36 -64.32
C LYS N 24 0.31 38.82 -63.90
N VAL N 25 -0.71 39.23 -63.15
CA VAL N 25 -0.81 40.64 -62.70
C VAL N 25 0.40 40.97 -61.82
N PRO N 26 1.08 42.08 -62.06
CA PRO N 26 2.24 42.42 -61.24
C PRO N 26 1.88 42.63 -59.78
N ALA N 27 2.81 42.30 -58.90
CA ALA N 27 2.65 42.44 -57.46
C ALA N 27 3.64 43.44 -56.89
N PHE N 28 3.84 44.55 -57.61
CA PHE N 28 4.75 45.63 -57.23
C PHE N 28 6.19 45.11 -57.19
N GLY N 29 6.50 44.28 -56.20
CA GLY N 29 7.85 43.74 -56.11
C GLY N 29 8.14 42.80 -57.28
N ASN N 30 9.39 42.78 -57.70
CA ASN N 30 9.85 41.95 -58.82
C ASN N 30 9.07 42.37 -60.06
N GLU N 31 8.36 41.47 -60.73
CA GLU N 31 7.59 41.85 -61.91
C GLU N 31 6.22 41.18 -61.96
N SER N 32 6.12 39.92 -61.53
CA SER N 32 4.87 39.16 -61.51
C SER N 32 5.14 37.77 -60.98
N LEU N 33 4.15 37.12 -60.38
CA LEU N 33 4.38 35.77 -59.87
C LEU N 33 4.66 34.80 -61.00
N PHE N 34 3.78 34.77 -62.01
CA PHE N 34 3.99 33.88 -63.14
C PHE N 34 5.23 34.29 -63.94
N GLY N 35 5.46 35.60 -64.07
CA GLY N 35 6.63 36.05 -64.81
C GLY N 35 7.91 35.59 -64.15
N ALA N 36 7.99 35.74 -62.83
CA ALA N 36 9.17 35.30 -62.09
C ALA N 36 9.33 33.79 -62.16
N PHE N 37 8.21 33.06 -62.06
CA PHE N 37 8.26 31.61 -62.12
C PHE N 37 8.78 31.15 -63.49
N HIS N 38 8.26 31.75 -64.55
CA HIS N 38 8.71 31.38 -65.90
C HIS N 38 10.17 31.76 -66.12
N ALA N 39 10.58 32.93 -65.63
CA ALA N 39 11.98 33.35 -65.78
C ALA N 39 12.90 32.38 -65.05
N SER N 40 12.52 31.98 -63.83
CA SER N 40 13.34 31.04 -63.09
C SER N 40 13.38 29.69 -63.79
N MET N 41 12.24 29.25 -64.33
CA MET N 41 12.20 27.99 -65.04
C MET N 41 13.12 27.99 -66.25
N LEU N 42 13.15 29.09 -66.99
CA LEU N 42 13.99 29.18 -68.17
C LEU N 42 15.45 29.51 -67.86
N GLU N 43 15.75 30.01 -66.67
CA GLU N 43 17.14 30.36 -66.32
C GLU N 43 17.81 29.30 -65.45
N ASN N 44 17.27 29.02 -64.26
CA ASN N 44 17.87 28.03 -63.38
C ASN N 44 17.71 26.63 -63.96
N LEU N 45 18.27 26.41 -65.15
CA LEU N 45 18.22 25.14 -65.87
C LEU N 45 16.79 24.82 -66.29
N ALA N 46 16.64 24.04 -67.37
CA ALA N 46 15.31 23.65 -67.85
C ALA N 46 14.77 22.48 -67.04
N ASN N 47 14.53 22.78 -65.75
CA ASN N 47 14.02 21.87 -64.71
C ASN N 47 14.19 20.38 -65.01
N PHE N 48 15.33 19.99 -65.57
CA PHE N 48 15.61 18.60 -65.91
C PHE N 48 17.09 18.24 -65.81
N PRO N 49 18.03 19.07 -66.35
CA PRO N 49 19.45 18.69 -66.27
C PRO N 49 20.04 18.58 -64.88
N GLN N 50 20.53 19.70 -64.33
CA GLN N 50 21.15 19.69 -63.01
C GLN N 50 20.13 19.69 -61.88
N GLY N 51 19.71 20.88 -61.43
CA GLY N 51 18.75 20.98 -60.36
C GLY N 51 18.61 22.38 -59.82
N PRO N 52 17.50 22.65 -59.13
CA PRO N 52 17.27 23.99 -58.56
C PRO N 52 17.96 24.20 -57.22
N ALA N 53 19.07 23.48 -56.99
CA ALA N 53 19.85 23.58 -55.75
C ALA N 53 18.93 23.26 -54.56
N LEU N 54 19.30 23.73 -53.37
CA LEU N 54 18.52 23.51 -52.16
C LEU N 54 17.94 24.84 -51.72
N THR N 55 16.61 24.92 -51.70
CA THR N 55 15.86 26.11 -51.31
C THR N 55 16.30 27.33 -52.12
N ASP N 56 15.70 27.44 -53.30
CA ASP N 56 15.97 28.53 -54.21
C ASP N 56 14.67 29.31 -54.47
N LYS N 57 14.82 30.45 -55.14
CA LYS N 57 13.65 31.26 -55.48
C LYS N 57 12.68 30.46 -56.34
N PHE N 58 13.23 29.63 -57.23
CA PHE N 58 12.41 28.80 -58.10
C PHE N 58 11.51 27.86 -57.30
N TRP N 59 12.02 27.30 -56.21
CA TRP N 59 11.22 26.38 -55.41
C TRP N 59 9.97 27.05 -54.87
N ILE N 60 10.13 28.19 -54.18
CA ILE N 60 8.97 28.88 -53.61
C ILE N 60 8.04 29.37 -54.71
N LEU N 61 8.60 29.89 -55.82
CA LEU N 61 7.74 30.36 -56.90
C LEU N 61 6.91 29.23 -57.48
N MET N 62 7.54 28.07 -57.72
CA MET N 62 6.83 26.93 -58.28
C MET N 62 5.77 26.42 -57.32
N ILE N 63 6.09 26.33 -56.03
CA ILE N 63 5.12 25.84 -55.07
C ILE N 63 3.92 26.77 -54.99
N THR N 64 4.16 28.09 -54.92
CA THR N 64 3.05 29.03 -54.84
C THR N 64 2.19 29.01 -56.10
N TRP N 65 2.83 29.01 -57.28
CA TRP N 65 2.07 28.99 -58.53
C TRP N 65 1.24 27.71 -58.65
N HIS N 66 1.84 26.56 -58.32
CA HIS N 66 1.10 25.30 -58.40
C HIS N 66 0.01 25.26 -57.35
N LEU N 67 0.23 25.86 -56.19
CA LEU N 67 -0.79 25.89 -55.15
C LEU N 67 -2.01 26.62 -55.66
N GLY N 68 -1.79 27.81 -56.23
CA GLY N 68 -2.91 28.59 -56.77
C GLY N 68 -3.59 27.88 -57.93
N LEU N 69 -2.81 27.32 -58.85
CA LEU N 69 -3.40 26.63 -59.99
C LEU N 69 -4.23 25.43 -59.56
N PHE N 70 -3.71 24.61 -58.65
CA PHE N 70 -4.44 23.43 -58.19
C PHE N 70 -5.71 23.82 -57.43
N LEU N 71 -5.62 24.82 -56.55
CA LEU N 71 -6.82 25.22 -55.83
C LEU N 71 -7.87 25.75 -56.79
N ALA N 72 -7.46 26.55 -57.78
CA ALA N 72 -8.42 27.06 -58.74
C ALA N 72 -9.04 25.92 -59.54
N LEU N 73 -8.21 24.97 -59.99
CA LEU N 73 -8.73 23.83 -60.76
C LEU N 73 -9.78 23.05 -59.97
N THR N 74 -9.45 22.62 -58.75
CA THR N 74 -10.39 21.85 -57.96
C THR N 74 -11.64 22.63 -57.55
N LEU N 75 -11.49 23.88 -57.07
CA LEU N 75 -12.67 24.64 -56.67
C LEU N 75 -13.58 24.92 -57.85
N GLY N 76 -13.00 25.24 -59.01
CA GLY N 76 -13.81 25.49 -60.18
C GLY N 76 -14.51 24.24 -60.66
N ASN N 77 -13.83 23.09 -60.59
CA ASN N 77 -14.49 21.86 -61.00
C ASN N 77 -15.68 21.57 -60.10
N ILE N 78 -15.49 21.76 -58.78
CA ILE N 78 -16.58 21.52 -57.82
C ILE N 78 -17.74 22.47 -58.11
N GLY N 79 -17.44 23.74 -58.32
CA GLY N 79 -18.51 24.71 -58.58
C GLY N 79 -19.24 24.46 -59.88
N GLN N 80 -18.50 24.17 -60.95
CA GLN N 80 -19.12 23.93 -62.25
C GLN N 80 -19.99 22.67 -62.21
N ALA N 81 -19.49 21.59 -61.62
CA ALA N 81 -20.28 20.36 -61.56
C ALA N 81 -21.42 20.47 -60.55
N ALA N 82 -21.34 21.41 -59.60
CA ALA N 82 -22.38 21.58 -58.61
C ALA N 82 -23.60 22.33 -59.13
N ARG N 83 -23.50 22.93 -60.33
CA ARG N 83 -24.59 23.67 -60.95
C ARG N 83 -25.11 24.76 -60.03
N LYS N 84 -24.41 25.89 -59.97
CA LYS N 84 -24.79 27.03 -59.12
C LYS N 84 -24.90 26.64 -57.66
N GLN N 85 -24.07 25.67 -57.24
CA GLN N 85 -24.02 25.16 -55.88
C GLN N 85 -25.40 24.65 -55.44
N GLY N 86 -25.89 23.66 -56.17
CA GLY N 86 -27.19 23.07 -55.90
C GLY N 86 -27.19 22.03 -54.81
N TYR N 87 -26.05 21.80 -54.15
CA TYR N 87 -25.94 20.83 -53.08
C TYR N 87 -26.12 21.49 -51.72
N LYS O 1 -4.37 -45.88 44.24
CA LYS O 1 -3.37 -45.05 43.57
C LYS O 1 -2.25 -44.64 44.53
N ALA O 2 -2.64 -44.16 45.71
CA ALA O 2 -1.70 -43.72 46.74
C ALA O 2 -0.77 -42.64 46.19
N GLY O 3 -1.27 -41.41 46.18
CA GLY O 3 -0.52 -40.26 45.69
C GLY O 3 -1.37 -39.43 44.74
N ASN O 4 -0.84 -38.26 44.42
CA ASN O 4 -1.57 -37.36 43.52
C ASN O 4 -0.68 -36.37 42.78
N TRP O 5 0.62 -36.33 43.10
CA TRP O 5 1.60 -35.42 42.50
C TRP O 5 1.14 -33.96 42.47
N LEU O 6 -0.12 -33.73 42.74
CA LEU O 6 -0.77 -32.42 42.78
C LEU O 6 -2.06 -32.62 43.56
N PRO O 7 -2.05 -32.38 44.87
CA PRO O 7 -3.26 -32.60 45.69
C PRO O 7 -4.55 -32.02 45.11
N GLY O 8 -4.49 -30.84 44.51
CA GLY O 8 -5.69 -30.26 43.95
C GLY O 8 -5.80 -30.37 42.44
N SER O 9 -5.95 -31.59 41.94
CA SER O 9 -6.06 -31.81 40.50
C SER O 9 -6.72 -33.15 40.24
N GLU O 10 -7.13 -33.35 39.00
CA GLU O 10 -7.76 -34.58 38.55
C GLU O 10 -6.75 -35.35 37.71
N THR O 11 -6.57 -36.62 38.03
CA THR O 11 -5.62 -37.50 37.37
C THR O 11 -6.31 -38.34 36.29
N PRO O 12 -5.56 -38.79 35.29
CA PRO O 12 -6.14 -39.61 34.23
C PRO O 12 -6.68 -40.93 34.78
N ALA O 13 -7.71 -41.45 34.11
CA ALA O 13 -8.33 -42.70 34.56
C ALA O 13 -7.48 -43.92 34.21
N TYR O 14 -6.61 -43.83 33.21
CA TYR O 14 -5.80 -44.99 32.84
C TYR O 14 -4.61 -45.21 33.76
N LEU O 15 -4.36 -44.32 34.72
CA LEU O 15 -3.25 -44.45 35.66
C LEU O 15 -3.76 -44.59 37.08
N GLU O 16 -4.85 -45.32 37.28
CA GLU O 16 -5.44 -45.50 38.59
C GLU O 16 -4.97 -46.78 39.29
N ASN O 17 -5.07 -47.92 38.63
CA ASN O 17 -4.67 -49.20 39.20
C ASN O 17 -3.21 -49.56 38.97
N LEU O 18 -2.46 -48.75 38.23
CA LEU O 18 -1.06 -49.06 37.97
C LEU O 18 -0.24 -48.93 39.26
N PRO O 19 0.72 -49.80 39.49
CA PRO O 19 1.53 -49.71 40.71
C PRO O 19 2.43 -48.49 40.66
N ALA O 20 2.67 -47.90 41.84
CA ALA O 20 3.50 -46.71 41.99
C ALA O 20 3.01 -45.58 41.08
N SER O 21 1.69 -45.43 41.00
CA SER O 21 1.08 -44.41 40.16
C SER O 21 0.65 -43.22 41.01
N TYR O 22 0.88 -42.02 40.47
CA TYR O 22 0.50 -40.78 41.12
C TYR O 22 -0.35 -39.92 40.20
N GLY O 23 -0.76 -40.47 39.05
CA GLY O 23 -1.55 -39.73 38.11
C GLY O 23 -0.78 -38.68 37.35
N PHE O 24 0.54 -38.80 37.31
CA PHE O 24 1.38 -37.82 36.63
C PHE O 24 1.43 -38.13 35.14
N ASP O 25 0.83 -37.27 34.34
CA ASP O 25 0.77 -37.35 32.88
C ASP O 25 0.18 -36.06 32.34
N PRO O 26 0.80 -34.90 32.61
CA PRO O 26 0.22 -33.65 32.11
C PRO O 26 0.17 -33.56 30.60
N LEU O 27 1.09 -34.23 29.90
CA LEU O 27 1.10 -34.20 28.43
C LEU O 27 0.23 -35.28 27.81
N GLY O 28 -0.34 -36.18 28.61
CA GLY O 28 -1.18 -37.24 28.07
C GLY O 28 -0.46 -38.16 27.11
N LEU O 29 0.75 -38.58 27.45
CA LEU O 29 1.51 -39.45 26.56
C LEU O 29 0.97 -40.88 26.57
N ALA O 30 0.56 -41.38 27.74
CA ALA O 30 0.04 -42.74 27.86
C ALA O 30 -1.45 -42.85 27.61
N ALA O 31 -2.02 -41.97 26.79
CA ALA O 31 -3.46 -42.05 26.52
C ALA O 31 -3.80 -43.35 25.80
N GLU O 32 -2.96 -43.75 24.84
CA GLU O 32 -3.19 -44.98 24.10
C GLU O 32 -2.78 -46.19 24.94
N PRO O 33 -3.61 -47.23 25.03
CA PRO O 33 -3.22 -48.41 25.84
C PRO O 33 -1.92 -49.06 25.40
N ALA O 34 -1.67 -49.16 24.10
CA ALA O 34 -0.43 -49.77 23.64
C ALA O 34 0.77 -48.94 24.07
N SER O 35 0.68 -47.62 23.89
CA SER O 35 1.76 -46.75 24.31
C SER O 35 1.94 -46.80 25.82
N LEU O 36 0.84 -46.94 26.55
CA LEU O 36 0.93 -47.03 28.02
C LEU O 36 1.67 -48.29 28.43
N ALA O 37 1.37 -49.42 27.78
CA ALA O 37 2.06 -50.66 28.12
C ALA O 37 3.55 -50.56 27.81
N ARG O 38 3.88 -50.00 26.63
CA ARG O 38 5.28 -49.83 26.27
C ARG O 38 5.99 -48.91 27.25
N PHE O 39 5.31 -47.84 27.67
CA PHE O 39 5.91 -46.89 28.61
C PHE O 39 6.13 -47.55 29.96
N ARG O 40 5.20 -48.40 30.41
CA ARG O 40 5.37 -49.07 31.69
C ARG O 40 6.59 -49.99 31.65
N GLU O 41 6.69 -50.78 30.59
CA GLU O 41 7.84 -51.68 30.45
C GLU O 41 9.15 -50.89 30.38
N SER O 42 9.17 -49.84 29.56
CA SER O 42 10.37 -49.02 29.41
C SER O 42 10.73 -48.32 30.71
N GLU O 43 9.73 -47.88 31.48
CA GLU O 43 10.01 -47.21 32.75
C GLU O 43 10.64 -48.17 33.74
N VAL O 44 10.12 -49.40 33.82
CA VAL O 44 10.71 -50.36 34.75
C VAL O 44 12.14 -50.69 34.33
N PHE O 45 12.35 -50.91 33.03
CA PHE O 45 13.69 -51.22 32.53
C PHE O 45 14.66 -50.08 32.79
N HIS O 46 14.21 -48.84 32.52
CA HIS O 46 15.05 -47.67 32.74
C HIS O 46 15.37 -47.52 34.22
N GLY O 47 14.40 -47.79 35.08
CA GLY O 47 14.64 -47.70 36.51
C GLY O 47 15.67 -48.69 36.98
N ARG O 48 15.60 -49.93 36.46
CA ARG O 48 16.59 -50.94 36.85
C ARG O 48 17.98 -50.56 36.37
N TRP O 49 18.08 -50.13 35.10
CA TRP O 49 19.38 -49.74 34.56
C TRP O 49 19.94 -48.55 35.33
N ALA O 50 19.09 -47.57 35.65
CA ALA O 50 19.55 -46.41 36.39
C ALA O 50 19.94 -46.78 37.81
N MET O 51 19.25 -47.75 38.42
CA MET O 51 19.62 -48.17 39.76
C MET O 51 21.01 -48.78 39.74
N LEU O 52 21.27 -49.65 38.75
CA LEU O 52 22.59 -50.25 38.64
C LEU O 52 23.65 -49.19 38.38
N GLY O 53 23.35 -48.23 37.49
CA GLY O 53 24.31 -47.19 37.18
C GLY O 53 24.60 -46.29 38.37
N ALA O 54 23.57 -45.90 39.12
CA ALA O 54 23.77 -45.05 40.28
C ALA O 54 24.57 -45.79 41.34
N ALA O 55 24.25 -47.06 41.57
CA ALA O 55 25.00 -47.85 42.55
C ALA O 55 26.46 -47.94 42.14
N GLY O 56 26.73 -48.17 40.86
CA GLY O 56 28.11 -48.25 40.41
C GLY O 56 28.85 -46.93 40.50
N VAL O 57 28.18 -45.84 40.12
CA VAL O 57 28.80 -44.52 40.17
C VAL O 57 29.16 -44.16 41.61
N LEU O 58 28.26 -44.46 42.54
CA LEU O 58 28.56 -44.14 43.94
C LEU O 58 29.58 -45.10 44.53
N GLY O 59 29.55 -46.38 44.14
CA GLY O 59 30.49 -47.34 44.67
C GLY O 59 31.92 -47.13 44.22
N VAL O 60 32.12 -46.82 42.94
CA VAL O 60 33.48 -46.62 42.45
C VAL O 60 34.15 -45.45 43.16
N GLU O 61 33.36 -44.46 43.57
CA GLU O 61 33.94 -43.30 44.24
C GLU O 61 34.06 -43.51 45.74
N VAL O 62 33.06 -44.12 46.37
CA VAL O 62 33.11 -44.36 47.82
C VAL O 62 34.26 -45.29 48.17
N LEU O 63 34.43 -46.37 47.41
CA LEU O 63 35.50 -47.30 47.68
C LEU O 63 36.88 -46.70 47.41
N GLY O 64 36.94 -45.58 46.69
CA GLY O 64 38.21 -44.93 46.42
C GLY O 64 38.94 -45.38 45.17
N TYR O 65 38.23 -45.75 44.11
CA TYR O 65 38.87 -46.17 42.87
C TYR O 65 38.77 -45.15 41.76
N GLY O 66 38.11 -44.02 41.99
CA GLY O 66 37.96 -42.97 41.01
C GLY O 66 36.50 -42.67 40.72
N ASN O 67 36.30 -41.70 39.85
CA ASN O 67 34.96 -41.29 39.48
C ASN O 67 34.53 -41.99 38.19
N TRP O 68 33.22 -41.92 37.93
CA TRP O 68 32.65 -42.57 36.76
C TRP O 68 33.10 -41.90 35.46
N TYR O 69 33.36 -40.59 35.49
CA TYR O 69 33.76 -39.89 34.28
C TYR O 69 35.17 -40.24 33.84
N ASP O 70 36.08 -40.50 34.78
CA ASP O 70 37.45 -40.83 34.44
C ASP O 70 37.70 -42.32 34.27
N ALA O 71 36.69 -43.17 34.48
CA ALA O 71 36.89 -44.61 34.34
C ALA O 71 37.34 -45.05 32.95
N PRO O 72 36.75 -44.58 31.85
CA PRO O 72 37.20 -45.04 30.53
C PRO O 72 38.40 -44.29 29.96
N LEU O 73 38.91 -43.27 30.65
CA LEU O 73 40.07 -42.53 30.12
C LEU O 73 41.33 -43.38 29.98
N PRO O 74 41.76 -44.16 30.97
CA PRO O 74 42.99 -44.96 30.77
C PRO O 74 42.89 -45.94 29.63
N LEU O 75 41.68 -46.33 29.24
CA LEU O 75 41.50 -47.27 28.14
C LEU O 75 41.53 -46.60 26.77
N VAL O 76 41.20 -45.31 26.70
CA VAL O 76 41.21 -44.61 25.43
C VAL O 76 42.52 -43.85 25.18
N GLN O 77 43.26 -43.52 26.23
CA GLN O 77 44.52 -42.82 26.06
C GLN O 77 45.63 -43.73 25.56
N GLY O 78 45.56 -45.02 25.89
CA GLY O 78 46.57 -45.97 25.48
C GLY O 78 47.04 -46.88 26.58
N GLY O 79 46.10 -47.42 27.35
CA GLY O 79 46.43 -48.31 28.45
C GLY O 79 45.37 -49.38 28.67
N GLN O 80 45.31 -49.92 29.88
CA GLN O 80 44.36 -50.96 30.23
C GLN O 80 43.43 -50.45 31.33
N ALA O 81 42.20 -50.96 31.31
CA ALA O 81 41.22 -50.57 32.31
C ALA O 81 41.58 -51.18 33.67
N THR O 82 40.97 -50.65 34.72
CA THR O 82 41.23 -51.10 36.07
C THR O 82 39.92 -51.47 36.77
N TYR O 83 39.91 -52.62 37.44
CA TYR O 83 38.75 -53.09 38.18
C TYR O 83 39.23 -53.50 39.56
N PHE O 84 38.84 -52.73 40.58
CA PHE O 84 39.21 -52.96 41.97
C PHE O 84 40.71 -52.90 42.19
N GLY O 85 41.47 -52.38 41.22
CA GLY O 85 42.92 -52.28 41.30
C GLY O 85 43.64 -53.12 40.26
N ALA O 86 43.05 -54.26 39.89
CA ALA O 86 43.66 -55.13 38.90
C ALA O 86 43.56 -54.53 37.50
N SER O 87 44.46 -54.97 36.62
CA SER O 87 44.50 -54.50 35.24
C SER O 87 43.78 -55.49 34.34
N VAL O 88 42.76 -55.03 33.64
CA VAL O 88 41.99 -55.89 32.75
C VAL O 88 42.71 -55.99 31.40
N PRO O 89 42.96 -57.19 30.89
CA PRO O 89 43.66 -57.36 29.61
C PRO O 89 42.72 -57.31 28.41
N PHE O 90 42.01 -56.18 28.26
CA PHE O 90 41.07 -55.98 27.16
C PHE O 90 41.14 -54.52 26.72
N ASP O 91 40.94 -54.30 25.42
CA ASP O 91 40.96 -52.96 24.85
C ASP O 91 39.55 -52.54 24.45
N LEU O 92 39.47 -51.35 23.83
CA LEU O 92 38.16 -50.81 23.42
C LEU O 92 37.47 -51.71 22.41
N GLY O 93 38.21 -52.22 21.42
CA GLY O 93 37.58 -53.07 20.42
C GLY O 93 37.03 -54.36 20.99
N THR O 94 37.86 -55.09 21.73
CA THR O 94 37.41 -56.35 22.32
C THR O 94 36.28 -56.13 23.31
N LEU O 95 36.39 -55.10 24.15
CA LEU O 95 35.35 -54.83 25.13
C LEU O 95 34.02 -54.54 24.43
N ALA O 96 34.07 -53.70 23.39
CA ALA O 96 32.85 -53.37 22.66
C ALA O 96 32.27 -54.60 22.00
N ALA O 97 33.12 -55.47 21.44
CA ALA O 97 32.62 -56.68 20.79
C ALA O 97 31.94 -57.61 21.78
N ILE O 98 32.60 -57.89 22.90
CA ILE O 98 32.01 -58.78 23.91
C ILE O 98 30.71 -58.20 24.46
N GLU O 99 30.72 -56.91 24.78
CA GLU O 99 29.51 -56.30 25.32
C GLU O 99 28.39 -56.32 24.30
N PHE O 100 28.70 -56.03 23.03
CA PHE O 100 27.68 -56.04 22.00
C PHE O 100 27.07 -57.42 21.84
N ALA O 101 27.90 -58.46 21.81
CA ALA O 101 27.39 -59.81 21.67
C ALA O 101 26.55 -60.23 22.86
N ALA O 102 27.06 -60.03 24.08
CA ALA O 102 26.33 -60.41 25.28
C ALA O 102 25.01 -59.67 25.39
N MET O 103 25.04 -58.35 25.21
CA MET O 103 23.82 -57.56 25.30
C MET O 103 22.85 -57.93 24.20
N ALA O 104 23.35 -58.20 22.99
CA ALA O 104 22.46 -58.59 21.91
C ALA O 104 21.72 -59.88 22.24
N GLY O 105 22.46 -60.88 22.72
CA GLY O 105 21.81 -62.13 23.07
C GLY O 105 20.81 -61.99 24.20
N ALA O 106 21.22 -61.30 25.28
CA ALA O 106 20.33 -61.13 26.43
C ALA O 106 19.07 -60.34 26.06
N GLU O 107 19.24 -59.22 25.35
CA GLU O 107 18.09 -58.42 24.98
C GLU O 107 17.22 -59.12 23.95
N SER O 108 17.80 -59.92 23.06
CA SER O 108 17.00 -60.65 22.10
C SER O 108 16.15 -61.68 22.82
N PHE O 109 16.72 -62.32 23.85
CA PHE O 109 15.95 -63.28 24.62
C PHE O 109 14.85 -62.59 25.40
N ARG O 110 15.15 -61.41 25.94
CA ARG O 110 14.14 -60.68 26.71
C ARG O 110 13.05 -60.10 25.81
N GLY O 111 13.43 -59.50 24.69
CA GLY O 111 12.46 -58.90 23.80
C GLY O 111 11.63 -59.86 22.96
N ALA O 112 11.96 -61.15 22.98
CA ALA O 112 11.22 -62.14 22.19
C ALA O 112 10.20 -62.90 23.02
N ALA O 113 9.93 -62.49 24.24
CA ALA O 113 8.97 -63.17 25.09
C ALA O 113 7.65 -62.42 25.15
N GLU O 114 6.75 -62.89 26.01
CA GLU O 114 5.44 -62.29 26.18
C GLU O 114 5.56 -60.89 26.78
N PRO O 115 4.56 -60.03 26.58
CA PRO O 115 4.64 -58.67 27.13
C PRO O 115 4.88 -58.62 28.63
N GLU O 116 4.26 -59.52 29.40
CA GLU O 116 4.47 -59.50 30.84
C GLU O 116 5.84 -60.06 31.21
N LYS O 117 6.30 -61.07 30.48
CA LYS O 117 7.61 -61.66 30.76
C LYS O 117 8.74 -60.70 30.44
N ARG O 118 8.50 -59.73 29.56
CA ARG O 118 9.52 -58.75 29.19
C ARG O 118 9.79 -57.74 30.29
N VAL O 119 9.00 -57.73 31.36
CA VAL O 119 9.19 -56.77 32.43
C VAL O 119 9.22 -57.46 33.79
N TYR O 120 8.41 -58.51 33.97
CA TYR O 120 8.32 -59.23 35.25
C TYR O 120 8.45 -60.74 35.05
N PRO O 121 9.64 -61.24 34.71
CA PRO O 121 9.82 -62.68 34.54
C PRO O 121 10.35 -63.34 35.80
N GLY O 122 9.46 -63.80 36.68
CA GLY O 122 9.89 -64.42 37.91
C GLY O 122 10.18 -65.90 37.83
N GLY O 123 10.28 -66.48 36.64
CA GLY O 123 10.55 -67.90 36.53
C GLY O 123 11.91 -68.28 37.07
N ALA O 124 12.95 -67.54 36.69
CA ALA O 124 14.30 -67.80 37.14
C ALA O 124 15.01 -66.56 37.66
N PHE O 125 14.46 -65.37 37.50
CA PHE O 125 15.06 -64.14 37.97
C PHE O 125 14.62 -63.79 39.38
N ASP O 126 13.86 -64.68 40.01
CA ASP O 126 13.38 -64.48 41.38
C ASP O 126 13.69 -65.73 42.20
N PRO O 127 14.98 -66.06 42.38
CA PRO O 127 15.30 -67.26 43.16
C PRO O 127 14.82 -67.20 44.60
N MET O 128 14.83 -66.02 45.21
CA MET O 128 14.37 -65.89 46.59
C MET O 128 12.87 -66.05 46.73
N GLY O 129 12.13 -66.04 45.63
CA GLY O 129 10.69 -66.20 45.69
C GLY O 129 10.00 -65.08 46.45
N MET O 130 10.42 -63.84 46.24
CA MET O 130 9.83 -62.71 46.93
C MET O 130 8.56 -62.22 46.24
N SER O 131 8.30 -62.64 45.00
CA SER O 131 7.11 -62.19 44.29
C SER O 131 5.85 -62.87 44.81
N LYS O 132 5.97 -64.12 45.29
CA LYS O 132 4.81 -64.84 45.80
C LYS O 132 4.38 -64.33 47.16
N GLY O 133 4.07 -63.04 47.24
CA GLY O 133 3.64 -62.43 48.48
C GLY O 133 3.65 -60.92 48.44
N ASN O 134 2.50 -60.32 48.16
CA ASN O 134 2.33 -58.87 48.08
C ASN O 134 3.32 -58.27 47.07
N SER O 135 3.08 -58.61 45.81
CA SER O 135 3.92 -58.16 44.71
C SER O 135 3.66 -56.71 44.32
N LYS O 136 2.47 -56.18 44.59
CA LYS O 136 2.18 -54.79 44.22
C LYS O 136 3.03 -53.81 45.02
N GLU O 137 3.16 -54.03 46.34
CA GLU O 137 3.96 -53.14 47.15
C GLU O 137 5.43 -53.18 46.73
N LEU O 138 5.94 -54.39 46.46
CA LEU O 138 7.33 -54.51 46.03
C LEU O 138 7.53 -53.85 44.68
N LYS O 139 6.54 -53.97 43.78
CA LYS O 139 6.64 -53.33 42.48
C LYS O 139 6.68 -51.83 42.63
N THR O 140 5.86 -51.30 43.55
CA THR O 140 5.86 -49.86 43.81
C THR O 140 7.21 -49.41 44.33
N LYS O 141 7.79 -50.19 45.24
CA LYS O 141 9.10 -49.86 45.79
C LYS O 141 10.15 -49.84 44.69
N GLU O 142 10.11 -50.84 43.80
CA GLU O 142 11.07 -50.91 42.71
C GLU O 142 10.94 -49.73 41.76
N ILE O 143 9.70 -49.38 41.40
CA ILE O 143 9.49 -48.26 40.48
C ILE O 143 9.95 -46.95 41.10
N LYS O 144 9.63 -46.72 42.37
CA LYS O 144 10.05 -45.48 43.02
C LYS O 144 11.57 -45.41 43.15
N ASN O 145 12.21 -46.52 43.52
CA ASN O 145 13.66 -46.51 43.62
C ASN O 145 14.30 -46.28 42.26
N GLY O 146 13.72 -46.86 41.21
CA GLY O 146 14.24 -46.65 39.87
C GLY O 146 14.08 -45.20 39.43
N ARG O 147 12.96 -44.58 39.80
CA ARG O 147 12.74 -43.18 39.46
C ARG O 147 13.79 -42.30 40.14
N LEU O 148 14.05 -42.58 41.42
CA LEU O 148 15.05 -41.82 42.15
C LEU O 148 16.42 -42.01 41.53
N ALA O 149 16.73 -43.24 41.12
CA ALA O 149 18.02 -43.52 40.49
C ALA O 149 18.14 -42.82 39.14
N MET O 150 17.04 -42.75 38.38
CA MET O 150 17.08 -42.06 37.09
C MET O 150 17.38 -40.59 37.30
N LEU O 151 16.71 -39.98 38.28
CA LEU O 151 16.97 -38.58 38.57
C LEU O 151 18.42 -38.39 39.02
N ALA O 152 18.93 -39.33 39.81
CA ALA O 152 20.31 -39.25 40.28
C ALA O 152 21.30 -39.33 39.13
N CYS O 153 21.06 -40.23 38.17
CA CYS O 153 21.97 -40.36 37.04
C CYS O 153 21.96 -39.10 36.20
N LEU O 154 20.77 -38.56 35.92
CA LEU O 154 20.70 -37.32 35.15
C LEU O 154 21.40 -36.20 35.91
N GLY O 155 21.28 -36.21 37.24
CA GLY O 155 21.93 -35.21 38.06
C GLY O 155 23.43 -35.33 37.99
N PHE O 156 23.95 -36.56 38.01
CA PHE O 156 25.39 -36.75 37.91
C PHE O 156 25.91 -36.18 36.61
N ALA O 157 25.25 -36.54 35.50
CA ALA O 157 25.66 -36.05 34.19
C ALA O 157 25.62 -34.52 34.11
N ALA O 158 24.49 -33.93 34.49
CA ALA O 158 24.37 -32.47 34.41
C ALA O 158 25.34 -31.76 35.35
N GLN O 159 25.48 -32.24 36.58
CA GLN O 159 26.39 -31.61 37.53
C GLN O 159 27.83 -31.66 37.02
N HIS O 160 28.24 -32.79 36.47
CA HIS O 160 29.61 -32.86 35.95
C HIS O 160 29.77 -31.97 34.73
N ALA O 161 28.75 -31.90 33.87
CA ALA O 161 28.84 -31.06 32.68
C ALA O 161 28.83 -29.58 33.03
N ALA O 162 28.36 -29.23 34.23
CA ALA O 162 28.31 -27.82 34.64
C ALA O 162 29.53 -27.41 35.47
N THR O 163 29.86 -28.17 36.50
CA THR O 163 30.99 -27.82 37.37
C THR O 163 32.25 -28.63 37.10
N GLY O 164 32.13 -29.87 36.63
CA GLY O 164 33.29 -30.68 36.36
C GLY O 164 33.80 -31.48 37.54
N ALA O 165 33.10 -31.47 38.68
CA ALA O 165 33.53 -32.24 39.83
C ALA O 165 32.96 -33.64 39.74
N SER O 166 32.72 -34.28 40.88
CA SER O 166 32.16 -35.61 40.95
C SER O 166 31.05 -35.62 42.00
N PRO O 167 30.17 -36.64 41.98
CA PRO O 167 29.06 -36.68 42.96
C PRO O 167 29.46 -36.40 44.41
N LEU O 168 30.42 -37.16 44.95
CA LEU O 168 30.81 -36.94 46.34
C LEU O 168 31.44 -35.57 46.53
N GLU O 169 32.31 -35.14 45.61
CA GLU O 169 32.92 -33.82 45.73
C GLU O 169 31.87 -32.72 45.64
N ALA O 170 30.91 -32.87 44.74
CA ALA O 170 29.85 -31.88 44.60
C ALA O 170 29.02 -31.80 45.88
N LEU O 171 28.68 -32.96 46.45
CA LEU O 171 27.89 -32.98 47.67
C LEU O 171 28.66 -32.32 48.81
N ALA O 172 29.94 -32.63 48.95
CA ALA O 172 30.75 -32.04 50.01
C ALA O 172 30.87 -30.52 49.84
N SER O 173 31.10 -30.08 48.60
CA SER O 173 31.21 -28.64 48.34
C SER O 173 29.92 -27.93 48.66
N HIS O 174 28.77 -28.53 48.28
CA HIS O 174 27.49 -27.90 48.58
C HIS O 174 27.23 -27.86 50.08
N LEU O 175 27.59 -28.94 50.79
CA LEU O 175 27.37 -28.97 52.23
C LEU O 175 28.29 -27.97 52.95
N ALA O 176 29.44 -27.67 52.37
CA ALA O 176 30.35 -26.71 53.00
C ALA O 176 29.72 -25.33 53.08
N ASN O 177 29.00 -24.92 52.03
CA ASN O 177 28.35 -23.62 51.99
C ASN O 177 27.11 -23.72 51.11
N PRO O 178 26.00 -24.23 51.65
CA PRO O 178 24.78 -24.37 50.85
C PRO O 178 24.24 -23.06 50.30
N MET O 179 24.39 -21.95 51.05
CA MET O 179 23.89 -20.67 50.59
C MET O 179 24.70 -20.12 49.41
N ALA O 180 25.98 -20.48 49.28
CA ALA O 180 26.83 -19.98 48.21
C ALA O 180 27.43 -21.03 47.28
N VAL O 181 27.10 -22.31 47.43
CA VAL O 181 27.63 -23.35 46.56
C VAL O 181 26.45 -24.21 46.13
N ASN O 182 25.90 -23.91 44.95
CA ASN O 182 24.77 -24.62 44.41
C ASN O 182 24.71 -24.34 42.90
N PHE O 183 23.63 -24.76 42.26
CA PHE O 183 23.50 -24.53 40.82
C PHE O 183 23.37 -23.05 40.49
N ALA O 184 22.80 -22.26 41.40
CA ALA O 184 22.61 -20.84 41.15
C ALA O 184 23.91 -20.06 41.19
N THR O 185 24.98 -20.64 41.73
CA THR O 185 26.26 -19.94 41.82
C THR O 185 27.20 -20.23 40.65
N ASN O 186 27.09 -21.40 40.02
CA ASN O 186 27.96 -21.69 38.88
C ASN O 186 27.52 -20.85 37.69
N GLY O 187 28.48 -20.52 36.83
CA GLY O 187 28.18 -19.72 35.67
C GLY O 187 27.71 -20.47 34.45
N VAL O 188 26.88 -21.50 34.66
CA VAL O 188 26.37 -22.30 33.55
C VAL O 188 24.86 -22.42 33.63
N SER O 189 24.35 -22.89 34.77
CA SER O 189 22.91 -23.05 34.91
C SER O 189 22.17 -21.72 34.82
N LEU O 190 22.65 -20.71 35.52
CA LEU O 190 21.92 -19.44 35.41
C LEU O 190 22.61 -18.49 34.45
N PRO O 191 21.91 -17.99 33.44
CA PRO O 191 22.51 -17.04 32.48
C PRO O 191 22.60 -15.63 33.04
N LEU O 192 23.54 -15.43 33.95
CA LEU O 192 23.72 -14.13 34.58
C LEU O 192 25.10 -13.54 34.24
N LYS P 1 -10.45 -32.87 82.01
CA LYS P 1 -9.58 -31.98 81.27
C LYS P 1 -8.40 -31.51 82.12
N ALA P 2 -8.72 -31.00 83.32
CA ALA P 2 -7.73 -30.50 84.26
C ALA P 2 -6.88 -29.40 83.63
N GLY P 3 -7.55 -28.25 83.44
CA GLY P 3 -6.92 -27.09 82.85
C GLY P 3 -7.85 -26.44 81.86
N ASN P 4 -7.58 -25.19 81.48
CA ASN P 4 -8.45 -24.49 80.55
C ASN P 4 -7.67 -23.61 79.59
N TRP P 5 -6.34 -23.54 79.69
CA TRP P 5 -5.54 -22.70 78.82
C TRP P 5 -5.92 -21.24 78.99
N LEU P 6 -7.14 -20.89 78.61
CA LEU P 6 -7.68 -19.54 78.74
C LEU P 6 -8.84 -19.67 79.71
N PRO P 7 -8.64 -19.31 80.99
CA PRO P 7 -9.69 -19.44 82.02
C PRO P 7 -11.15 -19.29 81.59
N GLY P 8 -11.47 -18.29 80.78
CA GLY P 8 -12.84 -18.09 80.35
C GLY P 8 -13.17 -18.51 78.94
N SER P 9 -12.29 -19.22 78.26
CA SER P 9 -12.54 -19.65 76.89
C SER P 9 -13.35 -20.94 76.84
N GLU P 10 -13.78 -21.29 75.64
CA GLU P 10 -14.55 -22.50 75.36
C GLU P 10 -13.61 -23.45 74.61
N THR P 11 -13.06 -24.41 75.34
CA THR P 11 -12.12 -25.36 74.75
C THR P 11 -12.83 -26.33 73.80
N PRO P 12 -12.12 -26.85 72.81
CA PRO P 12 -12.75 -27.80 71.88
C PRO P 12 -13.20 -29.07 72.58
N ALA P 13 -14.24 -29.69 72.02
CA ALA P 13 -14.78 -30.91 72.61
C ALA P 13 -13.92 -32.14 72.33
N TYR P 14 -13.18 -32.16 71.22
CA TYR P 14 -12.35 -33.33 70.93
C TYR P 14 -11.12 -33.43 71.82
N LEU P 15 -10.83 -32.43 72.65
CA LEU P 15 -9.69 -32.45 73.55
C LEU P 15 -10.12 -32.47 75.02
N GLU P 16 -11.27 -33.08 75.31
CA GLU P 16 -11.79 -33.13 76.67
C GLU P 16 -11.31 -34.32 77.48
N ASN P 17 -11.15 -35.49 76.86
CA ASN P 17 -10.72 -36.67 77.58
C ASN P 17 -9.25 -37.04 77.38
N LEU P 18 -8.55 -36.39 76.46
CA LEU P 18 -7.14 -36.73 76.24
C LEU P 18 -6.30 -36.30 77.45
N PRO P 19 -5.26 -37.06 77.78
CA PRO P 19 -4.42 -36.68 78.93
C PRO P 19 -3.60 -35.44 78.64
N ALA P 20 -3.33 -34.68 79.71
CA ALA P 20 -2.55 -33.44 79.63
C ALA P 20 -3.14 -32.49 78.59
N SER P 21 -4.47 -32.46 78.51
CA SER P 21 -5.19 -31.63 77.56
C SER P 21 -5.74 -30.40 78.28
N TYR P 22 -5.40 -29.22 77.77
CA TYR P 22 -5.86 -27.96 78.32
C TYR P 22 -6.79 -27.25 77.35
N GLY P 23 -7.20 -27.93 76.28
CA GLY P 23 -8.06 -27.33 75.30
C GLY P 23 -7.34 -26.35 74.41
N PHE P 24 -6.02 -26.44 74.33
CA PHE P 24 -5.23 -25.53 73.51
C PHE P 24 -5.22 -26.00 72.07
N ASP P 25 -5.97 -25.30 71.22
CA ASP P 25 -6.08 -25.57 69.80
C ASP P 25 -6.78 -24.41 69.11
N PRO P 26 -6.29 -23.17 69.27
CA PRO P 26 -6.96 -22.03 68.61
C PRO P 26 -6.95 -22.14 67.09
N LEU P 27 -5.92 -22.75 66.52
CA LEU P 27 -5.83 -22.90 65.06
C LEU P 27 -6.67 -24.05 64.53
N GLY P 28 -7.18 -24.91 65.40
CA GLY P 28 -7.99 -26.04 64.97
C GLY P 28 -7.25 -27.04 64.13
N LEU P 29 -6.04 -27.41 64.55
CA LEU P 29 -5.25 -28.38 63.79
C LEU P 29 -5.64 -29.82 64.06
N ALA P 30 -6.40 -30.09 65.13
CA ALA P 30 -6.81 -31.44 65.47
C ALA P 30 -8.31 -31.65 65.27
N ALA P 31 -8.92 -30.90 64.36
CA ALA P 31 -10.35 -31.07 64.12
C ALA P 31 -10.66 -32.45 63.58
N GLU P 32 -9.84 -32.95 62.64
CA GLU P 32 -10.03 -34.28 62.07
C GLU P 32 -9.41 -35.33 62.99
N PRO P 33 -10.10 -36.48 63.18
CA PRO P 33 -9.54 -37.51 64.06
C PRO P 33 -8.18 -38.05 63.63
N ALA P 34 -7.96 -38.22 62.32
CA ALA P 34 -6.66 -38.73 61.86
C ALA P 34 -5.54 -37.76 62.19
N SER P 35 -5.78 -36.47 61.94
CA SER P 35 -4.77 -35.46 62.26
C SER P 35 -4.52 -35.42 63.75
N LEU P 36 -5.58 -35.56 64.55
CA LEU P 36 -5.42 -35.54 66.01
C LEU P 36 -4.56 -36.71 66.47
N ALA P 37 -4.80 -37.91 65.92
CA ALA P 37 -4.02 -39.07 66.32
C ALA P 37 -2.55 -38.90 65.93
N ARG P 38 -2.30 -38.45 64.70
CA ARG P 38 -0.93 -38.26 64.27
C ARG P 38 -0.23 -37.21 65.11
N PHE P 39 -0.93 -36.12 65.42
CA PHE P 39 -0.33 -35.06 66.24
C PHE P 39 -0.09 -35.53 67.66
N ARG P 40 -0.96 -36.40 68.19
CA ARG P 40 -0.75 -36.91 69.54
C ARG P 40 0.51 -37.75 69.59
N GLU P 41 0.66 -38.64 68.62
CA GLU P 41 1.87 -39.47 68.56
C GLU P 41 3.10 -38.60 68.39
N SER P 42 3.03 -37.61 67.51
CA SER P 42 4.15 -36.71 67.27
C SER P 42 4.50 -35.91 68.51
N GLU P 43 3.50 -35.46 69.26
CA GLU P 43 3.75 -34.69 70.47
C GLU P 43 4.45 -35.54 71.52
N VAL P 44 3.98 -36.77 71.74
CA VAL P 44 4.63 -37.63 72.73
C VAL P 44 6.07 -37.94 72.30
N PHE P 45 6.26 -38.25 71.02
CA PHE P 45 7.59 -38.55 70.52
C PHE P 45 8.52 -37.35 70.67
N HIS P 46 8.02 -36.16 70.34
CA HIS P 46 8.80 -34.94 70.46
C HIS P 46 9.16 -34.68 71.90
N GLY P 47 8.22 -34.92 72.81
CA GLY P 47 8.49 -34.71 74.22
C GLY P 47 9.58 -35.64 74.72
N ARG P 48 9.53 -36.91 74.30
CA ARG P 48 10.55 -37.86 74.72
C ARG P 48 11.93 -37.47 74.19
N TRP P 49 11.99 -37.14 72.89
CA TRP P 49 13.27 -36.74 72.30
C TRP P 49 13.80 -35.47 72.95
N ALA P 50 12.91 -34.52 73.25
CA ALA P 50 13.33 -33.28 73.88
C ALA P 50 13.82 -33.52 75.30
N MET P 51 13.16 -34.41 76.05
CA MET P 51 13.62 -34.70 77.40
C MET P 51 15.00 -35.31 77.36
N LEU P 52 15.22 -36.25 76.43
CA LEU P 52 16.54 -36.87 76.31
C LEU P 52 17.58 -35.82 75.91
N GLY P 53 17.24 -34.95 74.97
CA GLY P 53 18.18 -33.93 74.53
C GLY P 53 18.53 -32.94 75.62
N ALA P 54 17.53 -32.48 76.37
CA ALA P 54 17.78 -31.55 77.46
C ALA P 54 18.63 -32.20 78.53
N ALA P 55 18.33 -33.46 78.86
CA ALA P 55 19.12 -34.16 79.86
C ALA P 55 20.57 -34.27 79.42
N GLY P 56 20.79 -34.59 78.14
CA GLY P 56 22.15 -34.68 77.65
C GLY P 56 22.87 -33.35 77.63
N VAL P 57 22.17 -32.29 77.23
CA VAL P 57 22.76 -30.95 77.19
C VAL P 57 23.17 -30.52 78.58
N LEU P 58 22.33 -30.78 79.58
CA LEU P 58 22.69 -30.39 80.95
C LEU P 58 23.78 -31.29 81.51
N GLY P 59 23.75 -32.58 81.20
CA GLY P 59 24.76 -33.49 81.73
C GLY P 59 26.16 -33.23 81.19
N VAL P 60 26.28 -33.01 79.88
CA VAL P 60 27.59 -32.77 79.30
C VAL P 60 28.20 -31.48 79.83
N GLU P 61 27.37 -30.53 80.28
CA GLU P 61 27.86 -29.26 80.78
C GLU P 61 28.17 -29.28 82.28
N VAL P 62 27.28 -29.85 83.09
CA VAL P 62 27.52 -29.88 84.53
C VAL P 62 28.65 -30.83 84.88
N LEU P 63 29.02 -31.73 83.98
CA LEU P 63 30.11 -32.68 84.23
C LEU P 63 31.45 -32.16 83.74
N GLY P 64 31.52 -30.93 83.25
CA GLY P 64 32.76 -30.36 82.78
C GLY P 64 33.39 -31.09 81.61
N TYR P 65 32.58 -31.57 80.67
CA TYR P 65 33.08 -32.29 79.51
C TYR P 65 32.92 -31.52 78.21
N GLY P 66 32.26 -30.36 78.23
CA GLY P 66 32.05 -29.56 77.04
C GLY P 66 30.61 -29.11 76.90
N ASN P 67 30.39 -28.26 75.92
CA ASN P 67 29.08 -27.71 75.63
C ASN P 67 28.41 -28.49 74.50
N TRP P 68 27.12 -28.23 74.32
CA TRP P 68 26.37 -28.90 73.27
C TRP P 68 26.65 -28.31 71.90
N TYR P 69 26.90 -27.00 71.83
CA TYR P 69 27.16 -26.35 70.56
C TYR P 69 28.53 -26.71 70.00
N ASP P 70 29.53 -26.87 70.86
CA ASP P 70 30.88 -27.19 70.42
C ASP P 70 31.16 -28.69 70.42
N ALA P 71 30.15 -29.53 70.71
CA ALA P 71 30.38 -30.97 70.71
C ALA P 71 30.86 -31.49 69.36
N PRO P 72 30.23 -31.16 68.22
CA PRO P 72 30.73 -31.66 66.94
C PRO P 72 31.85 -30.83 66.35
N LEU P 73 32.27 -29.77 67.03
CA LEU P 73 33.35 -28.92 66.52
C LEU P 73 34.68 -29.66 66.39
N PRO P 74 35.15 -30.42 67.37
CA PRO P 74 36.45 -31.12 67.18
C PRO P 74 36.45 -32.08 66.02
N LEU P 75 35.30 -32.68 65.70
CA LEU P 75 35.24 -33.60 64.57
C LEU P 75 35.56 -32.89 63.27
N VAL P 76 35.10 -31.65 63.12
CA VAL P 76 35.37 -30.83 61.95
C VAL P 76 36.72 -30.18 62.21
N GLN P 77 37.37 -29.66 61.18
CA GLN P 77 38.68 -29.02 61.30
C GLN P 77 39.73 -30.02 61.79
N GLY P 78 39.56 -31.28 61.44
CA GLY P 78 40.49 -32.32 61.86
C GLY P 78 39.80 -33.63 62.13
N GLY P 79 39.54 -33.94 63.40
CA GLY P 79 38.90 -35.17 63.76
C GLY P 79 38.95 -35.40 65.26
N GLN P 80 38.66 -36.64 65.64
CA GLN P 80 38.64 -37.11 67.03
C GLN P 80 37.47 -36.53 67.81
N ALA P 81 36.55 -37.39 68.21
CA ALA P 81 35.37 -37.01 68.99
C ALA P 81 35.51 -37.60 70.38
N THR P 82 35.46 -36.74 71.39
CA THR P 82 35.62 -37.15 72.78
C THR P 82 34.26 -37.51 73.40
N TYR P 83 34.29 -38.50 74.29
CA TYR P 83 33.09 -38.97 74.99
C TYR P 83 33.52 -39.41 76.38
N PHE P 84 32.90 -38.84 77.42
CA PHE P 84 33.23 -39.15 78.81
C PHE P 84 34.71 -38.93 79.09
N GLY P 85 35.34 -38.00 78.38
CA GLY P 85 36.75 -37.74 78.57
C GLY P 85 37.66 -38.76 77.92
N ALA P 86 37.14 -39.58 77.03
CA ALA P 86 37.95 -40.60 76.35
C ALA P 86 38.21 -40.20 74.90
N SER P 87 38.01 -41.12 73.97
CA SER P 87 38.22 -40.86 72.55
C SER P 87 37.55 -41.95 71.74
N VAL P 88 36.82 -41.55 70.71
CA VAL P 88 36.10 -42.46 69.82
C VAL P 88 36.80 -42.45 68.47
N PRO P 89 37.17 -43.60 67.91
CA PRO P 89 37.85 -43.63 66.60
C PRO P 89 36.88 -43.75 65.42
N PHE P 90 36.11 -42.68 65.21
CA PHE P 90 35.15 -42.64 64.12
C PHE P 90 35.12 -41.25 63.50
N ASP P 91 34.91 -41.20 62.20
CA ASP P 91 34.85 -39.94 61.46
C ASP P 91 33.40 -39.58 61.17
N LEU P 92 33.21 -38.42 60.52
CA LEU P 92 31.86 -37.95 60.23
C LEU P 92 31.10 -38.91 59.31
N GLY P 93 31.78 -39.45 58.30
CA GLY P 93 31.11 -40.38 57.39
C GLY P 93 30.63 -41.63 58.08
N THR P 94 31.52 -42.29 58.84
CA THR P 94 31.13 -43.52 59.53
C THR P 94 30.08 -43.24 60.58
N LEU P 95 30.21 -42.13 61.31
CA LEU P 95 29.22 -41.79 62.34
C LEU P 95 27.85 -41.58 61.72
N ALA P 96 27.81 -40.81 60.62
CA ALA P 96 26.55 -40.56 59.94
C ALA P 96 25.92 -41.84 59.43
N ALA P 97 26.74 -42.72 58.82
CA ALA P 97 26.20 -43.97 58.31
C ALA P 97 25.67 -44.86 59.43
N ILE P 98 26.41 -44.97 60.53
CA ILE P 98 25.98 -45.81 61.65
C ILE P 98 24.67 -45.28 62.24
N GLU P 99 24.62 -43.97 62.48
CA GLU P 99 23.41 -43.38 63.05
C GLU P 99 22.24 -43.54 62.09
N PHE P 100 22.47 -43.34 60.79
CA PHE P 100 21.40 -43.47 59.81
C PHE P 100 20.86 -44.89 59.79
N ALA P 101 21.74 -45.88 59.78
CA ALA P 101 21.27 -47.27 59.76
C ALA P 101 20.50 -47.62 61.02
N ALA P 102 21.06 -47.32 62.19
CA ALA P 102 20.38 -47.64 63.45
C ALA P 102 19.03 -46.94 63.56
N MET P 103 19.01 -45.63 63.31
CA MET P 103 17.76 -44.87 63.41
C MET P 103 16.76 -45.32 62.36
N ALA P 104 17.22 -45.63 61.14
CA ALA P 104 16.29 -46.08 60.11
C ALA P 104 15.63 -47.38 60.51
N GLY P 105 16.42 -48.32 61.03
CA GLY P 105 15.82 -49.58 61.45
C GLY P 105 14.85 -49.42 62.60
N ALA P 106 15.26 -48.65 63.63
CA ALA P 106 14.40 -48.44 64.78
C ALA P 106 13.10 -47.74 64.40
N GLU P 107 13.19 -46.65 63.64
CA GLU P 107 12.00 -45.91 63.26
C GLU P 107 11.12 -46.72 62.31
N SER P 108 11.74 -47.49 61.40
CA SER P 108 10.95 -48.31 60.48
C SER P 108 10.16 -49.35 61.25
N PHE P 109 10.78 -49.97 62.25
CA PHE P 109 10.06 -50.96 63.05
C PHE P 109 8.99 -50.29 63.91
N ARG P 110 9.27 -49.06 64.37
CA ARG P 110 8.30 -48.34 65.19
C ARG P 110 7.14 -47.80 64.37
N GLY P 111 7.43 -47.23 63.20
CA GLY P 111 6.39 -46.66 62.37
C GLY P 111 5.48 -47.68 61.70
N ALA P 112 5.94 -48.92 61.56
CA ALA P 112 5.13 -49.94 60.91
C ALA P 112 4.17 -50.63 61.86
N ALA P 113 4.19 -50.31 63.15
CA ALA P 113 3.30 -50.92 64.12
C ALA P 113 1.92 -50.28 64.08
N GLU P 114 1.03 -50.76 64.95
CA GLU P 114 -0.32 -50.23 65.02
C GLU P 114 -0.28 -48.80 65.55
N PRO P 115 -1.30 -48.00 65.23
CA PRO P 115 -1.31 -46.60 65.71
C PRO P 115 -1.06 -46.44 67.20
N GLU P 116 -1.70 -47.27 68.04
CA GLU P 116 -1.49 -47.15 69.47
C GLU P 116 -0.07 -47.60 69.85
N LYS P 117 0.42 -48.66 69.21
CA LYS P 117 1.76 -49.15 69.51
C LYS P 117 2.84 -48.19 69.02
N ARG P 118 2.51 -47.24 68.15
CA ARG P 118 3.48 -46.29 67.66
C ARG P 118 3.78 -45.18 68.65
N VAL P 119 3.02 -45.08 69.74
CA VAL P 119 3.23 -44.04 70.73
C VAL P 119 3.27 -44.60 72.14
N TYR P 120 2.48 -45.64 72.41
CA TYR P 120 2.43 -46.27 73.73
C TYR P 120 2.57 -47.78 73.60
N PRO P 121 3.77 -48.28 73.28
CA PRO P 121 3.96 -49.72 73.15
C PRO P 121 4.47 -50.37 74.42
N GLY P 122 3.58 -50.97 75.20
CA GLY P 122 3.98 -51.63 76.43
C GLY P 122 4.73 -52.92 76.18
N GLY P 123 4.84 -53.74 77.22
CA GLY P 123 5.53 -55.01 77.07
C GLY P 123 7.02 -54.87 77.26
N ALA P 124 7.78 -55.22 76.22
CA ALA P 124 9.23 -55.15 76.28
C ALA P 124 9.78 -53.75 76.52
N PHE P 125 9.01 -52.71 76.19
CA PHE P 125 9.48 -51.35 76.39
C PHE P 125 9.23 -50.84 77.80
N ASP P 126 8.62 -51.66 78.66
CA ASP P 126 8.35 -51.30 80.05
C ASP P 126 8.92 -52.42 80.91
N PRO P 127 10.25 -52.46 81.07
CA PRO P 127 10.84 -53.54 81.88
C PRO P 127 10.31 -53.59 83.30
N MET P 128 10.08 -52.44 83.91
CA MET P 128 9.56 -52.42 85.27
C MET P 128 8.07 -52.74 85.32
N GLY P 129 7.38 -52.66 84.18
CA GLY P 129 5.96 -52.97 84.13
C GLY P 129 5.07 -52.09 84.98
N MET P 130 5.37 -50.80 85.08
CA MET P 130 4.57 -49.89 85.88
C MET P 130 3.44 -49.25 85.07
N SER P 131 3.27 -49.65 83.80
CA SER P 131 2.21 -49.07 82.99
C SER P 131 0.84 -49.42 83.56
N LYS P 132 0.66 -50.67 84.00
CA LYS P 132 -0.60 -51.09 84.58
C LYS P 132 -0.88 -50.33 85.87
N GLY P 133 -2.14 -50.00 86.09
CA GLY P 133 -2.53 -49.29 87.29
C GLY P 133 -2.63 -47.79 87.08
N ASN P 134 -3.69 -47.37 86.38
CA ASN P 134 -3.95 -45.95 86.09
C ASN P 134 -2.77 -45.29 85.39
N SER P 135 -2.72 -45.42 84.07
CA SER P 135 -1.65 -44.81 83.29
C SER P 135 -1.98 -43.41 82.80
N LYS P 136 -3.19 -42.91 83.09
CA LYS P 136 -3.56 -41.57 82.65
C LYS P 136 -2.72 -40.49 83.34
N GLU P 137 -2.56 -40.59 84.66
CA GLU P 137 -1.78 -39.60 85.38
C GLU P 137 -0.32 -39.65 84.93
N LEU P 138 0.23 -40.85 84.74
CA LEU P 138 1.60 -40.98 84.29
C LEU P 138 1.76 -40.40 82.89
N LYS P 139 0.79 -40.65 82.01
CA LYS P 139 0.83 -40.11 80.66
C LYS P 139 0.81 -38.60 80.70
N THR P 140 -0.02 -38.03 81.59
CA THR P 140 -0.09 -36.58 81.71
C THR P 140 1.25 -36.02 82.17
N LYS P 141 1.88 -36.66 83.15
CA LYS P 141 3.18 -36.18 83.61
C LYS P 141 4.21 -36.26 82.49
N GLU P 142 4.18 -37.35 81.72
CA GLU P 142 5.13 -37.51 80.62
C GLU P 142 4.95 -36.42 79.58
N ILE P 143 3.70 -36.14 79.20
CA ILE P 143 3.45 -35.12 78.19
C ILE P 143 3.87 -33.74 78.70
N LYS P 144 3.56 -33.41 79.95
CA LYS P 144 3.94 -32.12 80.49
C LYS P 144 5.45 -31.97 80.59
N ASN P 145 6.14 -33.02 81.04
CA ASN P 145 7.59 -32.96 81.12
C ASN P 145 8.20 -32.82 79.73
N GLY P 146 7.57 -33.46 78.74
CA GLY P 146 8.06 -33.35 77.38
C GLY P 146 7.89 -31.95 76.85
N ARG P 147 6.76 -31.31 77.15
CA ARG P 147 6.53 -29.94 76.70
C ARG P 147 7.55 -29.01 77.34
N LEU P 148 7.81 -29.19 78.63
CA LEU P 148 8.79 -28.36 79.32
C LEU P 148 10.18 -28.56 78.72
N ALA P 149 10.54 -29.81 78.42
CA ALA P 149 11.84 -30.07 77.82
C ALA P 149 11.93 -29.48 76.42
N MET P 150 10.83 -29.50 75.67
CA MET P 150 10.82 -28.92 74.33
C MET P 150 11.11 -27.42 74.43
N LEU P 151 10.45 -26.76 75.39
CA LEU P 151 10.68 -25.34 75.59
C LEU P 151 12.11 -25.09 76.03
N ALA P 152 12.67 -25.98 76.85
CA ALA P 152 14.05 -25.84 77.30
C ALA P 152 15.03 -25.95 76.14
N CYS P 153 14.80 -26.91 75.24
CA CYS P 153 15.68 -27.06 74.08
C CYS P 153 15.59 -25.83 73.18
N LEU P 154 14.37 -25.34 72.94
CA LEU P 154 14.23 -24.14 72.13
C LEU P 154 14.93 -22.98 72.80
N GLY P 155 14.89 -22.93 74.14
CA GLY P 155 15.57 -21.87 74.86
C GLY P 155 17.06 -21.97 74.70
N PHE P 156 17.61 -23.18 74.76
CA PHE P 156 19.05 -23.34 74.57
C PHE P 156 19.46 -22.82 73.20
N ALA P 157 18.74 -23.24 72.17
CA ALA P 157 19.06 -22.82 70.80
C ALA P 157 18.96 -21.31 70.62
N ALA P 158 17.82 -20.72 71.03
CA ALA P 158 17.64 -19.28 70.87
C ALA P 158 18.64 -18.48 71.70
N GLN P 159 18.86 -18.87 72.95
CA GLN P 159 19.79 -18.15 73.82
C GLN P 159 21.20 -18.20 73.25
N HIS P 160 21.62 -19.36 72.73
CA HIS P 160 22.96 -19.44 72.16
C HIS P 160 23.04 -18.61 70.89
N ALA P 161 21.99 -18.62 70.07
CA ALA P 161 22.02 -17.83 68.85
C ALA P 161 21.98 -16.33 69.12
N ALA P 162 21.51 -15.92 70.31
CA ALA P 162 21.43 -14.51 70.64
C ALA P 162 22.66 -14.03 71.42
N THR P 163 22.84 -14.54 72.64
CA THR P 163 23.97 -14.14 73.47
C THR P 163 25.28 -14.78 73.00
N GLY P 164 25.27 -16.09 72.81
CA GLY P 164 26.46 -16.80 72.37
C GLY P 164 27.10 -17.68 73.42
N ALA P 165 26.51 -17.79 74.61
CA ALA P 165 27.04 -18.61 75.69
C ALA P 165 26.19 -19.86 75.85
N SER P 166 26.75 -20.85 76.54
CA SER P 166 26.03 -22.09 76.76
C SER P 166 25.14 -21.97 78.00
N PRO P 167 24.14 -22.88 78.13
CA PRO P 167 23.20 -22.82 79.26
C PRO P 167 23.75 -22.48 80.64
N LEU P 168 24.74 -23.20 81.15
CA LEU P 168 25.26 -22.91 82.50
C LEU P 168 25.87 -21.51 82.60
N GLU P 169 26.65 -21.09 81.60
CA GLU P 169 27.22 -19.74 81.68
C GLU P 169 26.13 -18.69 81.63
N ALA P 170 25.10 -18.90 80.79
CA ALA P 170 24.01 -17.93 80.72
C ALA P 170 23.26 -17.87 82.04
N LEU P 171 23.02 -19.02 82.66
CA LEU P 171 22.33 -19.04 83.95
C LEU P 171 23.14 -18.33 85.02
N ALA P 172 24.45 -18.58 85.07
CA ALA P 172 25.29 -17.92 86.06
C ALA P 172 25.33 -16.42 85.82
N SER P 173 25.43 -16.00 84.55
CA SER P 173 25.47 -14.59 84.23
C SER P 173 24.17 -13.89 84.63
N HIS P 174 23.03 -14.54 84.39
CA HIS P 174 21.77 -13.94 84.78
C HIS P 174 21.62 -13.89 86.29
N LEU P 175 22.09 -14.93 86.99
CA LEU P 175 21.99 -14.94 88.44
C LEU P 175 22.87 -13.87 89.07
N ALA P 176 24.01 -13.57 88.45
CA ALA P 176 24.91 -12.54 88.99
C ALA P 176 24.26 -11.17 88.94
N ASN P 177 23.67 -10.81 87.80
CA ASN P 177 23.02 -9.52 87.59
C ASN P 177 21.64 -9.76 86.99
N PRO P 178 20.65 -10.09 87.83
CA PRO P 178 19.30 -10.34 87.28
C PRO P 178 18.61 -9.09 86.75
N MET P 179 19.14 -7.90 87.02
CA MET P 179 18.52 -6.68 86.54
C MET P 179 19.09 -6.17 85.22
N ALA P 180 20.38 -6.34 84.98
CA ALA P 180 21.00 -5.87 83.75
C ALA P 180 21.54 -6.98 82.86
N VAL P 181 21.19 -8.23 83.13
CA VAL P 181 21.65 -9.33 82.30
C VAL P 181 20.47 -10.25 82.01
N ASN P 182 19.77 -10.00 80.92
CA ASN P 182 18.62 -10.78 80.53
C ASN P 182 18.42 -10.64 79.02
N PHE P 183 17.29 -11.13 78.52
CA PHE P 183 17.02 -11.05 77.09
C PHE P 183 16.78 -9.62 76.62
N ALA P 184 16.37 -8.72 77.52
CA ALA P 184 16.12 -7.34 77.13
C ALA P 184 17.40 -6.56 76.88
N THR P 185 18.50 -6.94 77.54
CA THR P 185 19.75 -6.22 77.35
C THR P 185 20.43 -6.56 76.03
N ASN P 186 20.40 -7.82 75.61
CA ASN P 186 21.05 -8.18 74.36
C ASN P 186 20.33 -7.51 73.19
N GLY P 187 21.11 -7.03 72.22
CA GLY P 187 20.55 -6.35 71.08
C GLY P 187 20.00 -7.27 70.01
N VAL P 188 19.19 -8.25 70.41
CA VAL P 188 18.60 -9.19 69.46
C VAL P 188 17.13 -9.40 69.77
N SER P 189 16.84 -9.83 71.00
CA SER P 189 15.48 -10.10 71.44
C SER P 189 14.60 -8.85 71.40
N LEU P 190 14.85 -7.90 72.31
CA LEU P 190 14.07 -6.68 72.36
C LEU P 190 14.80 -5.59 71.59
N PRO P 191 14.38 -5.25 70.37
CA PRO P 191 15.09 -4.21 69.61
C PRO P 191 14.85 -2.80 70.14
N LEU P 192 13.59 -2.40 70.26
CA LEU P 192 13.26 -1.06 70.75
C LEU P 192 12.87 -1.09 72.22
N GLU Q 1 -43.70 36.19 -37.28
CA GLU Q 1 -44.33 37.11 -36.33
C GLU Q 1 -44.94 38.32 -37.04
N GLY Q 2 -44.08 39.23 -37.48
CA GLY Q 2 -44.56 40.43 -38.15
C GLY Q 2 -45.35 41.35 -37.24
N ALA Q 3 -44.93 41.48 -35.98
CA ALA Q 3 -45.58 42.32 -34.99
C ALA Q 3 -47.06 41.95 -34.81
N ASP Q 4 -47.86 42.90 -34.32
CA ASP Q 4 -49.27 42.63 -34.11
C ASP Q 4 -50.16 43.81 -34.51
N LEU Q 5 -49.60 44.86 -35.11
CA LEU Q 5 -50.35 46.04 -35.55
C LEU Q 5 -51.01 46.76 -34.38
N ALA Q 6 -51.99 46.11 -33.75
CA ALA Q 6 -52.67 46.74 -32.61
C ALA Q 6 -51.71 46.99 -31.46
N LYS Q 7 -50.83 46.03 -31.18
CA LYS Q 7 -49.87 46.21 -30.09
C LYS Q 7 -48.87 47.32 -30.42
N VAL Q 8 -48.45 47.40 -31.68
CA VAL Q 8 -47.51 48.44 -32.10
C VAL Q 8 -48.18 49.80 -32.07
N GLU Q 9 -49.51 49.85 -32.27
CA GLU Q 9 -50.22 51.12 -32.26
C GLU Q 9 -50.06 51.84 -30.93
N ARG Q 10 -50.07 51.10 -29.82
CA ARG Q 10 -49.91 51.72 -28.51
C ARG Q 10 -48.56 52.40 -28.40
N VAL Q 11 -47.49 51.72 -28.86
CA VAL Q 11 -46.16 52.29 -28.81
C VAL Q 11 -46.06 53.48 -29.75
N ALA Q 12 -46.79 53.45 -30.87
CA ALA Q 12 -46.75 54.57 -31.81
C ALA Q 12 -47.32 55.83 -31.18
N LYS Q 13 -48.36 55.68 -30.36
CA LYS Q 13 -48.96 56.84 -29.69
C LYS Q 13 -48.01 57.48 -28.70
N VAL Q 14 -47.01 56.73 -28.20
CA VAL Q 14 -46.05 57.29 -27.27
C VAL Q 14 -45.25 58.41 -27.93
N GLY Q 15 -45.10 58.34 -29.25
CA GLY Q 15 -44.37 59.36 -29.97
C GLY Q 15 -42.86 59.13 -29.95
N GLY Q 16 -42.15 60.12 -30.47
CA GLY Q 16 -40.71 60.05 -30.53
C GLY Q 16 -40.24 58.91 -31.40
N LEU Q 17 -39.13 58.31 -31.01
CA LEU Q 17 -38.55 57.18 -31.73
C LEU Q 17 -38.97 55.84 -31.16
N TYR Q 18 -39.93 55.83 -30.23
CA TYR Q 18 -40.42 54.58 -29.63
C TYR Q 18 -41.31 53.88 -30.64
N LYS Q 19 -40.68 53.10 -31.52
CA LYS Q 19 -41.34 52.31 -32.56
C LYS Q 19 -40.28 51.65 -33.39
N ASN Q 20 -39.19 52.38 -33.65
CA ASN Q 20 -38.08 51.85 -34.42
C ASN Q 20 -37.23 50.89 -33.60
N PHE Q 21 -37.46 50.82 -32.29
CA PHE Q 21 -36.72 49.94 -31.40
C PHE Q 21 -37.60 48.91 -30.71
N THR Q 22 -38.90 48.87 -31.01
CA THR Q 22 -39.79 47.91 -30.39
C THR Q 22 -39.80 46.62 -31.21
N SER Q 23 -40.32 45.55 -30.61
CA SER Q 23 -40.37 44.27 -31.29
C SER Q 23 -41.60 43.50 -30.85
N GLY Q 24 -41.97 42.50 -31.65
CA GLY Q 24 -43.12 41.68 -31.32
C GLY Q 24 -42.93 40.89 -30.05
N GLN Q 25 -41.70 40.47 -29.76
CA GLN Q 25 -41.44 39.71 -28.55
C GLN Q 25 -41.65 40.58 -27.30
N ALA Q 26 -41.16 41.82 -27.34
CA ALA Q 26 -41.34 42.71 -26.20
C ALA Q 26 -42.78 43.13 -26.02
N LEU Q 27 -43.53 43.30 -27.11
CA LEU Q 27 -44.92 43.70 -27.01
C LEU Q 27 -45.82 42.60 -26.47
N SER Q 28 -45.31 41.37 -26.33
CA SER Q 28 -46.13 40.30 -25.80
C SER Q 28 -46.36 40.44 -24.31
N TYR Q 29 -45.48 41.19 -23.61
CA TYR Q 29 -45.62 41.40 -22.18
C TYR Q 29 -45.64 42.88 -21.79
N LEU Q 30 -45.24 43.78 -22.67
CA LEU Q 30 -45.23 45.21 -22.39
C LEU Q 30 -46.51 45.80 -22.96
N ASP Q 31 -47.55 45.84 -22.13
CA ASP Q 31 -48.86 46.36 -22.52
C ASP Q 31 -49.11 47.77 -22.00
N GLY Q 32 -48.11 48.44 -21.46
CA GLY Q 32 -48.28 49.78 -20.94
C GLY Q 32 -48.77 49.86 -19.52
N THR Q 33 -48.81 48.75 -18.79
CA THR Q 33 -49.28 48.77 -17.41
C THR Q 33 -48.31 49.52 -16.50
N LEU Q 34 -47.02 49.21 -16.61
CA LEU Q 34 -46.01 49.86 -15.81
C LEU Q 34 -45.71 51.26 -16.32
N PRO Q 35 -45.43 52.20 -15.42
CA PRO Q 35 -45.10 53.56 -15.86
C PRO Q 35 -43.80 53.56 -16.66
N GLY Q 36 -43.76 54.39 -17.70
CA GLY Q 36 -42.58 54.45 -18.52
C GLY Q 36 -42.46 53.32 -19.53
N ASP Q 37 -43.48 52.48 -19.63
CA ASP Q 37 -43.49 51.35 -20.57
C ASP Q 37 -43.64 51.91 -21.98
N PHE Q 38 -42.53 52.01 -22.70
CA PHE Q 38 -42.53 52.51 -24.07
C PHE Q 38 -42.23 51.42 -25.08
N GLY Q 39 -42.38 50.16 -24.67
CA GLY Q 39 -42.12 49.03 -25.55
C GLY Q 39 -40.69 48.87 -25.99
N PHE Q 40 -39.73 49.15 -25.13
CA PHE Q 40 -38.31 49.03 -25.46
C PHE Q 40 -37.71 47.87 -24.68
N ASP Q 41 -37.37 46.81 -25.39
CA ASP Q 41 -36.77 45.61 -24.80
C ASP Q 41 -36.23 44.71 -25.92
N PRO Q 42 -35.24 45.18 -26.69
CA PRO Q 42 -34.72 44.34 -27.78
C PRO Q 42 -34.12 43.02 -27.31
N LEU Q 43 -33.63 42.96 -26.08
CA LEU Q 43 -33.04 41.74 -25.56
C LEU Q 43 -34.05 40.86 -24.82
N GLY Q 44 -35.27 41.35 -24.60
CA GLY Q 44 -36.29 40.58 -23.93
C GLY Q 44 -35.92 40.14 -22.52
N LEU Q 45 -35.38 41.05 -21.72
CA LEU Q 45 -34.98 40.69 -20.37
C LEU Q 45 -36.17 40.54 -19.44
N CYS Q 46 -37.22 41.34 -19.60
CA CYS Q 46 -38.41 41.25 -18.76
C CYS Q 46 -39.45 40.27 -19.28
N ASP Q 47 -39.02 39.23 -19.98
CA ASP Q 47 -39.96 38.24 -20.48
C ASP Q 47 -40.41 37.37 -19.30
N PRO Q 48 -41.70 37.34 -18.98
CA PRO Q 48 -42.14 36.53 -17.83
C PRO Q 48 -41.95 35.04 -18.01
N GLU Q 49 -41.81 34.55 -19.24
CA GLU Q 49 -41.62 33.11 -19.48
C GLU Q 49 -40.20 32.71 -19.10
N GLY Q 50 -40.09 31.74 -18.18
CA GLY Q 50 -38.79 31.28 -17.75
C GLY Q 50 -38.06 32.22 -16.82
N ALA Q 51 -38.74 33.16 -16.19
CA ALA Q 51 -38.11 34.10 -15.29
C ALA Q 51 -37.67 33.41 -14.00
N GLY Q 52 -36.67 33.98 -13.36
CA GLY Q 52 -36.15 33.44 -12.12
C GLY Q 52 -34.99 34.29 -11.65
N GLY Q 53 -34.51 33.96 -10.45
CA GLY Q 53 -33.39 34.70 -9.88
C GLY Q 53 -33.67 36.19 -9.85
N PHE Q 54 -32.72 36.98 -10.33
CA PHE Q 54 -32.86 38.42 -10.38
C PHE Q 54 -33.38 38.92 -11.72
N ILE Q 55 -33.54 38.04 -12.71
CA ILE Q 55 -34.03 38.43 -14.01
C ILE Q 55 -35.54 38.16 -14.07
N THR Q 56 -36.31 38.98 -13.35
CA THR Q 56 -37.75 38.88 -13.28
C THR Q 56 -38.34 40.27 -13.52
N PRO Q 57 -39.54 40.34 -14.10
CA PRO Q 57 -40.14 41.68 -14.35
C PRO Q 57 -40.29 42.52 -13.10
N GLU Q 58 -40.70 41.92 -11.98
CA GLU Q 58 -40.87 42.68 -10.75
C GLU Q 58 -39.54 43.24 -10.27
N TRP Q 59 -38.53 42.39 -10.16
CA TRP Q 59 -37.23 42.85 -9.70
C TRP Q 59 -36.61 43.85 -10.67
N LEU Q 60 -36.74 43.61 -11.97
CA LEU Q 60 -36.16 44.54 -12.93
C LEU Q 60 -36.83 45.91 -12.86
N SER Q 61 -38.16 45.95 -12.75
CA SER Q 61 -38.83 47.25 -12.65
C SER Q 61 -38.45 47.95 -11.35
N TYR Q 62 -38.37 47.20 -10.25
CA TYR Q 62 -37.99 47.78 -8.98
C TYR Q 62 -36.57 48.34 -9.05
N SER Q 63 -35.66 47.60 -9.67
CA SER Q 63 -34.28 48.04 -9.81
C SER Q 63 -34.19 49.27 -10.67
N GLU Q 64 -35.02 49.34 -11.73
CA GLU Q 64 -35.00 50.53 -12.58
C GLU Q 64 -35.44 51.76 -11.80
N VAL Q 65 -36.49 51.63 -10.99
CA VAL Q 65 -36.95 52.78 -10.21
C VAL Q 65 -35.90 53.19 -9.18
N ILE Q 66 -35.28 52.21 -8.52
CA ILE Q 66 -34.24 52.52 -7.54
C ILE Q 66 -33.08 53.23 -8.21
N HIS Q 67 -32.66 52.75 -9.38
CA HIS Q 67 -31.58 53.39 -10.12
C HIS Q 67 -31.96 54.79 -10.53
N CYS Q 68 -33.22 54.99 -10.92
CA CYS Q 68 -33.69 56.30 -11.32
C CYS Q 68 -33.55 57.30 -10.19
N ARG Q 69 -34.02 56.93 -9.00
CA ARG Q 69 -33.92 57.83 -7.85
C ARG Q 69 -32.48 58.09 -7.44
N TRP Q 70 -31.65 57.03 -7.39
CA TRP Q 70 -30.26 57.23 -7.03
C TRP Q 70 -29.54 58.11 -8.05
N ALA Q 71 -29.86 57.93 -9.33
CA ALA Q 71 -29.23 58.74 -10.37
C ALA Q 71 -29.68 60.19 -10.30
N MET Q 72 -30.94 60.43 -9.95
CA MET Q 72 -31.38 61.82 -9.82
C MET Q 72 -30.63 62.50 -8.70
N LEU Q 73 -30.48 61.81 -7.57
CA LEU Q 73 -29.73 62.37 -6.46
C LEU Q 73 -28.28 62.59 -6.86
N GLY Q 74 -27.70 61.63 -7.60
CA GLY Q 74 -26.32 61.76 -8.02
C GLY Q 74 -26.09 62.91 -8.98
N ALA Q 75 -27.00 63.10 -9.94
CA ALA Q 75 -26.85 64.20 -10.88
C ALA Q 75 -26.98 65.54 -10.18
N ALA Q 76 -27.96 65.66 -9.28
CA ALA Q 76 -28.10 66.91 -8.54
C ALA Q 76 -26.87 67.17 -7.69
N GLY Q 77 -26.31 66.12 -7.07
CA GLY Q 77 -25.11 66.28 -6.27
C GLY Q 77 -23.86 66.50 -7.10
N PHE Q 78 -23.89 66.14 -8.38
CA PHE Q 78 -22.76 66.36 -9.26
C PHE Q 78 -22.74 67.79 -9.75
N LEU Q 79 -23.91 68.38 -9.96
CA LEU Q 79 -23.99 69.75 -10.47
C LEU Q 79 -24.09 70.83 -9.41
N ALA Q 80 -24.65 70.56 -8.24
CA ALA Q 80 -24.80 71.61 -7.23
C ALA Q 80 -23.48 72.19 -6.71
N PRO Q 81 -22.50 71.39 -6.25
CA PRO Q 81 -21.26 72.00 -5.74
C PRO Q 81 -20.49 72.82 -6.77
N GLU Q 82 -20.38 72.33 -8.01
CA GLU Q 82 -19.64 73.07 -9.01
C GLU Q 82 -20.37 74.36 -9.39
N ILE Q 83 -21.70 74.31 -9.49
CA ILE Q 83 -22.46 75.51 -9.83
C ILE Q 83 -22.34 76.54 -8.71
N LEU Q 84 -22.46 76.10 -7.46
CA LEU Q 84 -22.35 77.04 -6.34
C LEU Q 84 -20.94 77.60 -6.22
N ALA Q 85 -19.92 76.80 -6.52
CA ALA Q 85 -18.54 77.28 -6.44
C ALA Q 85 -18.21 78.21 -7.59
N THR Q 86 -18.76 77.95 -8.79
CA THR Q 86 -18.48 78.82 -9.93
C THR Q 86 -19.02 80.22 -9.70
N ALA Q 87 -20.09 80.35 -8.92
CA ALA Q 87 -20.68 81.63 -8.61
C ALA Q 87 -20.10 82.26 -7.35
N GLY Q 88 -19.17 81.59 -6.69
CA GLY Q 88 -18.56 82.11 -5.49
C GLY Q 88 -19.42 82.03 -4.25
N LEU Q 89 -20.51 81.27 -4.28
CA LEU Q 89 -21.39 81.17 -3.12
C LEU Q 89 -20.72 80.38 -1.99
N ILE Q 90 -19.94 79.35 -2.35
CA ILE Q 90 -19.26 78.54 -1.35
C ILE Q 90 -17.76 78.85 -1.42
N PRO Q 91 -17.00 78.73 -0.32
CA PRO Q 91 -15.57 79.04 -0.33
C PRO Q 91 -14.69 77.92 -0.89
N ALA Q 92 -15.08 77.42 -2.06
CA ALA Q 92 -14.35 76.36 -2.73
C ALA Q 92 -14.14 76.75 -4.19
N THR Q 93 -12.94 76.53 -4.70
CA THR Q 93 -12.66 76.86 -6.07
C THR Q 93 -13.41 75.91 -7.01
N PRO Q 94 -13.76 76.37 -8.21
CA PRO Q 94 -14.49 75.49 -9.13
C PRO Q 94 -13.77 74.20 -9.45
N GLU Q 95 -12.43 74.21 -9.48
CA GLU Q 95 -11.67 73.00 -9.76
C GLU Q 95 -11.59 72.07 -8.56
N GLU Q 96 -11.87 72.59 -7.36
CA GLU Q 96 -11.84 71.78 -6.15
C GLU Q 96 -13.22 71.27 -5.75
N ALA Q 97 -14.28 71.86 -6.29
CA ALA Q 97 -15.65 71.46 -5.99
C ALA Q 97 -16.16 70.39 -6.93
N VAL Q 98 -15.30 69.85 -7.81
CA VAL Q 98 -15.74 68.81 -8.73
C VAL Q 98 -16.15 67.57 -7.93
N TRP Q 99 -17.12 66.84 -8.47
CA TRP Q 99 -17.64 65.66 -7.78
C TRP Q 99 -16.60 64.55 -7.64
N PHE Q 100 -15.76 64.34 -8.65
CA PHE Q 100 -14.79 63.27 -8.52
C PHE Q 100 -13.57 63.64 -7.68
N ARG Q 101 -13.52 64.84 -7.13
CA ARG Q 101 -12.41 65.27 -6.29
C ARG Q 101 -12.84 65.46 -4.83
N SER Q 102 -14.06 65.05 -4.48
CA SER Q 102 -14.54 65.22 -3.11
C SER Q 102 -13.87 64.25 -2.15
N GLY Q 103 -13.46 63.08 -2.62
CA GLY Q 103 -12.82 62.10 -1.76
C GLY Q 103 -13.27 60.70 -2.11
N VAL Q 104 -14.22 60.60 -3.04
CA VAL Q 104 -14.70 59.29 -3.46
C VAL Q 104 -13.58 58.50 -4.10
N ILE Q 105 -12.73 59.17 -4.87
CA ILE Q 105 -11.58 58.54 -5.51
C ILE Q 105 -10.35 59.32 -5.08
N PRO Q 106 -9.65 58.89 -4.03
CA PRO Q 106 -8.47 59.61 -3.55
C PRO Q 106 -7.44 59.86 -4.64
N PRO Q 107 -7.16 58.90 -5.55
CA PRO Q 107 -6.18 59.19 -6.59
C PRO Q 107 -6.56 60.37 -7.48
N ALA Q 108 -7.85 60.56 -7.75
CA ALA Q 108 -8.31 61.66 -8.59
C ALA Q 108 -8.44 62.97 -7.83
N GLY Q 109 -8.17 62.98 -6.54
CA GLY Q 109 -8.28 64.18 -5.72
C GLY Q 109 -9.16 63.87 -4.52
N GLN Q 110 -8.92 64.61 -3.44
CA GLN Q 110 -9.70 64.40 -2.22
C GLN Q 110 -9.75 65.68 -1.41
N TYR Q 111 -10.88 65.84 -0.71
CA TYR Q 111 -11.13 67.00 0.15
C TYR Q 111 -10.82 66.53 1.57
N GLY Q 112 -9.66 66.94 2.08
CA GLY Q 112 -9.24 66.54 3.40
C GLY Q 112 -9.61 67.48 4.52
N LYS Q 113 -10.83 68.02 4.51
CA LYS Q 113 -11.28 68.94 5.55
C LYS Q 113 -12.59 68.49 6.19
N TYR Q 114 -12.98 67.23 6.00
CA TYR Q 114 -14.20 66.75 6.60
C TYR Q 114 -14.00 66.60 8.12
N TRP Q 115 -15.10 66.46 8.83
CA TRP Q 115 -14.99 66.33 10.29
C TRP Q 115 -14.33 65.03 10.70
N MET Q 116 -14.13 64.10 9.77
CA MET Q 116 -13.51 62.82 10.06
C MET Q 116 -13.10 62.20 8.73
N ASP Q 117 -12.11 61.30 8.78
CA ASP Q 117 -11.57 60.71 7.56
C ASP Q 117 -12.64 59.95 6.77
N PRO Q 118 -12.48 59.88 5.45
CA PRO Q 118 -13.48 59.19 4.60
C PRO Q 118 -13.68 57.71 4.92
N TYR Q 119 -12.66 56.99 5.37
CA TYR Q 119 -12.85 55.58 5.66
C TYR Q 119 -13.82 55.37 6.82
N SER Q 120 -13.65 56.13 7.90
CA SER Q 120 -14.58 56.01 9.02
C SER Q 120 -15.97 56.46 8.61
N LEU Q 121 -16.04 57.48 7.74
CA LEU Q 121 -17.33 57.92 7.23
C LEU Q 121 -17.99 56.79 6.48
N PHE Q 122 -17.20 56.04 5.71
CA PHE Q 122 -17.73 54.89 4.98
C PHE Q 122 -18.18 53.81 5.95
N TRP Q 123 -17.52 53.68 7.09
CA TRP Q 123 -17.94 52.70 8.08
C TRP Q 123 -19.34 53.03 8.59
N ILE Q 124 -19.55 54.30 8.94
CA ILE Q 124 -20.86 54.75 9.39
C ILE Q 124 -21.88 54.58 8.27
N GLU Q 125 -21.46 54.91 7.04
CA GLU Q 125 -22.31 54.77 5.87
C GLU Q 125 -22.73 53.32 5.67
N ALA Q 126 -21.79 52.39 5.83
CA ALA Q 126 -22.10 50.98 5.65
C ALA Q 126 -23.11 50.53 6.68
N ILE Q 127 -22.96 50.94 7.94
CA ILE Q 127 -23.91 50.54 8.97
C ILE Q 127 -25.31 51.08 8.65
N LEU Q 128 -25.39 52.39 8.38
CA LEU Q 128 -26.69 53.02 8.11
C LEU Q 128 -27.35 52.45 6.85
N MET Q 129 -26.60 52.35 5.77
CA MET Q 129 -27.15 51.82 4.53
C MET Q 129 -27.50 50.35 4.70
N ASN Q 130 -26.76 49.62 5.53
CA ASN Q 130 -27.08 48.23 5.77
C ASN Q 130 -28.46 48.13 6.39
N PHE Q 131 -28.70 48.96 7.41
CA PHE Q 131 -30.01 48.98 8.06
C PHE Q 131 -31.13 49.30 7.07
N ALA Q 132 -31.00 50.42 6.37
CA ALA Q 132 -32.03 50.86 5.44
C ALA Q 132 -32.27 49.86 4.31
N GLU Q 133 -31.21 49.46 3.61
CA GLU Q 133 -31.34 48.55 2.49
C GLU Q 133 -31.85 47.18 2.92
N LEU Q 134 -31.40 46.66 4.07
CA LEU Q 134 -31.88 45.36 4.51
C LEU Q 134 -33.35 45.41 4.86
N LYS Q 135 -33.80 46.50 5.50
CA LYS Q 135 -35.22 46.59 5.81
C LYS Q 135 -36.04 46.70 4.54
N ARG Q 136 -35.55 47.47 3.55
CA ARG Q 136 -36.26 47.60 2.29
C ARG Q 136 -36.35 46.25 1.57
N TRP Q 137 -35.25 45.48 1.58
CA TRP Q 137 -35.24 44.17 0.93
C TRP Q 137 -36.20 43.22 1.62
N GLN Q 138 -36.21 43.21 2.96
CA GLN Q 138 -37.13 42.34 3.65
C GLN Q 138 -38.57 42.72 3.35
N ASP Q 139 -38.84 44.02 3.19
CA ASP Q 139 -40.19 44.43 2.82
C ASP Q 139 -40.52 43.94 1.42
N PHE Q 140 -39.54 43.93 0.53
CA PHE Q 140 -39.78 43.44 -0.82
C PHE Q 140 -40.11 41.95 -0.78
N LYS Q 141 -39.40 41.19 0.06
CA LYS Q 141 -39.66 39.75 0.17
C LYS Q 141 -41.01 39.51 0.83
N GLU Q 142 -41.27 40.17 1.94
CA GLU Q 142 -42.53 40.05 2.68
C GLU Q 142 -43.11 41.45 2.83
N PRO Q 143 -44.08 41.82 1.99
CA PRO Q 143 -44.66 43.17 2.07
C PRO Q 143 -45.28 43.50 3.42
N GLY Q 144 -45.87 42.54 4.11
CA GLY Q 144 -46.49 42.82 5.40
C GLY Q 144 -45.51 43.06 6.53
N SER Q 145 -44.28 42.59 6.40
CA SER Q 145 -43.28 42.76 7.44
C SER Q 145 -42.84 44.23 7.54
N GLN Q 146 -41.79 44.46 8.33
CA GLN Q 146 -41.17 45.76 8.59
C GLN Q 146 -42.07 46.70 9.38
N SER Q 147 -43.34 46.35 9.56
CA SER Q 147 -44.27 47.16 10.32
C SER Q 147 -44.78 46.42 11.55
N LYS Q 148 -44.23 45.25 11.86
CA LYS Q 148 -44.64 44.45 13.00
C LYS Q 148 -43.65 44.53 14.16
N GLN Q 149 -42.36 44.39 13.88
CA GLN Q 149 -41.35 44.45 14.93
C GLN Q 149 -41.11 45.89 15.36
N TYR Q 150 -40.85 46.06 16.65
CA TYR Q 150 -40.59 47.39 17.20
C TYR Q 150 -39.32 47.98 16.62
N PHE Q 151 -39.40 49.27 16.25
CA PHE Q 151 -38.28 50.00 15.69
C PHE Q 151 -38.38 51.46 16.14
N LEU Q 152 -38.39 51.67 17.46
CA LEU Q 152 -38.49 52.99 18.08
C LEU Q 152 -39.77 53.72 17.68
N GLY Q 153 -40.79 52.98 17.27
CA GLY Q 153 -42.05 53.57 16.85
C GLY Q 153 -42.12 53.93 15.39
N LEU Q 154 -41.01 53.82 14.65
CA LEU Q 154 -40.99 54.14 13.23
C LEU Q 154 -41.64 53.06 12.38
N GLU Q 155 -41.71 51.83 12.86
CA GLU Q 155 -42.32 50.74 12.10
C GLU Q 155 -43.75 51.04 11.68
N ALA Q 156 -44.40 52.04 12.30
CA ALA Q 156 -45.76 52.39 11.93
C ALA Q 156 -45.85 52.98 10.54
N VAL Q 157 -44.73 53.44 9.97
CA VAL Q 157 -44.72 54.01 8.63
C VAL Q 157 -44.00 53.12 7.63
N PHE Q 158 -43.75 51.87 7.98
CA PHE Q 158 -43.06 50.93 7.10
C PHE Q 158 -43.98 49.86 6.54
N GLY Q 159 -45.30 50.09 6.59
CA GLY Q 159 -46.23 49.10 6.07
C GLY Q 159 -46.12 48.91 4.57
N GLY Q 160 -45.78 49.97 3.84
CA GLY Q 160 -45.65 49.86 2.41
C GLY Q 160 -47.00 49.74 1.71
N SER Q 161 -46.95 49.22 0.49
CA SER Q 161 -48.14 49.02 -0.32
C SER Q 161 -47.92 47.78 -1.19
N GLY Q 162 -48.77 47.61 -2.20
CA GLY Q 162 -48.64 46.46 -3.08
C GLY Q 162 -47.37 46.49 -3.90
N ASN Q 163 -47.01 47.66 -4.41
CA ASN Q 163 -45.81 47.80 -5.24
C ASN Q 163 -44.61 48.15 -4.35
N PRO Q 164 -43.55 47.34 -4.35
CA PRO Q 164 -42.38 47.66 -3.51
C PRO Q 164 -41.73 48.98 -3.87
N ALA Q 165 -41.77 49.38 -5.14
CA ALA Q 165 -41.16 50.63 -5.57
C ALA Q 165 -41.95 51.87 -5.15
N TYR Q 166 -43.19 51.70 -4.69
CA TYR Q 166 -44.03 52.82 -4.28
C TYR Q 166 -44.65 52.57 -2.93
N PRO Q 167 -43.86 52.64 -1.85
CA PRO Q 167 -44.43 52.41 -0.51
C PRO Q 167 -45.38 53.55 -0.14
N GLY Q 168 -44.91 54.77 -0.34
CA GLY Q 168 -45.66 55.99 -0.08
C GLY Q 168 -46.65 55.99 1.06
N GLY Q 169 -46.17 55.70 2.27
CA GLY Q 169 -47.05 55.69 3.41
C GLY Q 169 -47.15 57.04 4.09
N GLN Q 170 -47.03 57.03 5.43
CA GLN Q 170 -47.11 58.28 6.18
C GLN Q 170 -45.85 59.12 6.01
N TRP Q 171 -44.71 58.50 5.74
CA TRP Q 171 -43.45 59.19 5.55
C TRP Q 171 -43.01 59.31 4.10
N PHE Q 172 -43.07 58.21 3.35
CA PHE Q 172 -42.64 58.23 1.96
C PHE Q 172 -43.56 59.05 1.06
N ASN Q 173 -44.73 59.47 1.56
CA ASN Q 173 -45.68 60.29 0.82
C ASN Q 173 -46.32 61.25 1.83
N MET Q 174 -45.49 62.15 2.36
CA MET Q 174 -45.94 63.11 3.36
C MET Q 174 -47.01 64.04 2.79
N LEU Q 175 -46.71 64.70 1.68
CA LEU Q 175 -47.61 65.67 1.07
C LEU Q 175 -48.84 65.04 0.42
N ASN Q 176 -48.91 63.71 0.35
CA ASN Q 176 -50.05 63.02 -0.24
C ASN Q 176 -50.26 63.44 -1.70
N LEU Q 177 -49.17 63.55 -2.44
CA LEU Q 177 -49.25 63.93 -3.85
C LEU Q 177 -49.77 62.77 -4.69
N GLY Q 178 -50.54 63.11 -5.71
CA GLY Q 178 -51.10 62.09 -6.59
C GLY Q 178 -52.19 61.30 -5.90
N LYS Q 179 -53.32 61.95 -5.62
CA LYS Q 179 -54.42 61.28 -4.94
C LYS Q 179 -55.21 60.36 -5.86
N THR Q 180 -55.33 60.70 -7.13
CA THR Q 180 -56.08 59.80 -8.00
C THR Q 180 -55.15 58.83 -8.72
N PRO Q 181 -55.63 57.65 -9.10
CA PRO Q 181 -54.75 56.69 -9.81
C PRO Q 181 -54.15 57.25 -11.09
N GLU Q 182 -54.92 58.02 -11.87
CA GLU Q 182 -54.38 58.58 -13.10
C GLU Q 182 -53.28 59.59 -12.79
N GLU Q 183 -53.51 60.44 -11.79
CA GLU Q 183 -52.49 61.42 -11.42
C GLU Q 183 -51.23 60.72 -10.92
N MET Q 184 -51.41 59.64 -10.15
CA MET Q 184 -50.26 58.90 -9.65
C MET Q 184 -49.49 58.27 -10.81
N LYS Q 185 -50.21 57.74 -11.80
CA LYS Q 185 -49.54 57.15 -12.95
C LYS Q 185 -48.76 58.20 -13.72
N LYS Q 186 -49.34 59.39 -13.89
CA LYS Q 186 -48.64 60.47 -14.59
C LYS Q 186 -47.39 60.87 -13.83
N LEU Q 187 -47.50 61.03 -12.51
CA LEU Q 187 -46.33 61.39 -11.71
C LEU Q 187 -45.27 60.30 -11.76
N GLN Q 188 -45.69 59.03 -11.80
CA GLN Q 188 -44.74 57.93 -11.90
C GLN Q 188 -44.01 58.00 -13.23
N THR Q 189 -44.73 58.37 -14.29
CA THR Q 189 -44.08 58.51 -15.59
C THR Q 189 -43.06 59.64 -15.55
N ASN Q 190 -43.41 60.74 -14.87
CA ASN Q 190 -42.47 61.85 -14.72
C ASN Q 190 -41.22 61.40 -13.99
N GLU Q 191 -41.41 60.63 -12.91
CA GLU Q 191 -40.29 60.13 -12.12
C GLU Q 191 -39.40 59.21 -12.94
N ILE Q 192 -40.00 58.31 -13.71
CA ILE Q 192 -39.23 57.37 -14.51
C ILE Q 192 -38.43 58.11 -15.59
N ARG Q 193 -39.07 59.06 -16.28
CA ARG Q 193 -38.35 59.79 -17.32
C ARG Q 193 -37.22 60.62 -16.73
N ASN Q 194 -37.48 61.29 -15.61
CA ASN Q 194 -36.43 62.10 -14.97
C ASN Q 194 -35.29 61.21 -14.50
N GLY Q 195 -35.61 60.04 -13.94
CA GLY Q 195 -34.57 59.15 -13.48
C GLY Q 195 -33.74 58.59 -14.62
N ARG Q 196 -34.38 58.28 -15.74
CA ARG Q 196 -33.62 57.78 -16.90
C ARG Q 196 -32.69 58.87 -17.42
N LEU Q 197 -33.19 60.11 -17.50
CA LEU Q 197 -32.36 61.21 -17.95
C LEU Q 197 -31.21 61.43 -16.99
N ALA Q 198 -31.46 61.28 -15.69
CA ALA Q 198 -30.41 61.44 -14.70
C ALA Q 198 -29.37 60.33 -14.81
N MET Q 199 -29.80 59.11 -15.12
CA MET Q 199 -28.86 58.01 -15.29
C MET Q 199 -27.93 58.28 -16.45
N ILE Q 200 -28.51 58.71 -17.57
CA ILE Q 200 -27.73 59.05 -18.75
C ILE Q 200 -26.78 60.20 -18.44
N ALA Q 201 -27.27 61.19 -17.69
CA ALA Q 201 -26.45 62.33 -17.31
C ALA Q 201 -25.29 61.93 -16.42
N CYS Q 202 -25.53 61.01 -15.47
CA CYS Q 202 -24.45 60.56 -14.58
C CYS Q 202 -23.37 59.84 -15.37
N LEU Q 203 -23.78 58.96 -16.30
CA LEU Q 203 -22.79 58.28 -17.12
C LEU Q 203 -22.01 59.29 -17.95
N GLY Q 204 -22.71 60.29 -18.49
CA GLY Q 204 -22.04 61.31 -19.27
C GLY Q 204 -21.06 62.11 -18.45
N CYS Q 205 -21.43 62.42 -17.21
CA CYS Q 205 -20.55 63.18 -16.33
C CYS Q 205 -19.29 62.38 -16.05
N ALA Q 206 -19.42 61.08 -15.82
CA ALA Q 206 -18.25 60.25 -15.57
C ALA Q 206 -17.34 60.23 -16.80
N ALA Q 207 -17.94 60.04 -17.98
CA ALA Q 207 -17.14 60.00 -19.20
C ALA Q 207 -16.44 61.32 -19.45
N GLN Q 208 -17.15 62.43 -19.27
CA GLN Q 208 -16.55 63.75 -19.49
C GLN Q 208 -15.43 64.00 -18.49
N GLY Q 209 -15.63 63.62 -17.23
CA GLY Q 209 -14.59 63.82 -16.24
C GLY Q 209 -13.34 63.03 -16.58
N VAL Q 210 -13.51 61.82 -17.10
CA VAL Q 210 -12.34 61.02 -17.47
C VAL Q 210 -11.66 61.60 -18.70
N MET Q 211 -12.42 62.12 -19.66
CA MET Q 211 -11.82 62.64 -20.88
C MET Q 211 -11.46 64.11 -20.83
N THR Q 212 -12.12 64.92 -20.00
CA THR Q 212 -11.78 66.34 -19.92
C THR Q 212 -11.05 66.74 -18.66
N GLN Q 213 -11.06 65.90 -17.62
CA GLN Q 213 -10.38 66.19 -16.36
C GLN Q 213 -10.94 67.46 -15.71
N LYS Q 214 -12.20 67.78 -15.99
CA LYS Q 214 -12.85 68.95 -15.43
C LYS Q 214 -14.25 68.58 -14.95
N GLY Q 215 -15.02 69.56 -14.50
CA GLY Q 215 -16.36 69.32 -14.02
C GLY Q 215 -17.41 69.47 -15.09
N PRO Q 216 -18.62 68.96 -14.83
CA PRO Q 216 -19.69 69.07 -15.83
C PRO Q 216 -20.04 70.50 -16.18
N PHE Q 217 -20.15 71.39 -15.18
CA PHE Q 217 -20.47 72.78 -15.46
C PHE Q 217 -19.36 73.43 -16.27
N ALA Q 218 -18.10 73.14 -15.94
CA ALA Q 218 -16.99 73.69 -16.68
C ALA Q 218 -17.02 73.20 -18.12
N ASN Q 219 -17.33 71.92 -18.32
CA ASN Q 219 -17.40 71.38 -19.67
C ASN Q 219 -18.50 72.06 -20.46
N LEU Q 220 -19.67 72.27 -19.84
CA LEU Q 220 -20.76 72.93 -20.52
C LEU Q 220 -20.40 74.36 -20.91
N LEU Q 221 -19.78 75.10 -19.98
CA LEU Q 221 -19.41 76.48 -20.29
C LEU Q 221 -18.36 76.53 -21.40
N GLU Q 222 -17.35 75.66 -21.34
CA GLU Q 222 -16.33 75.66 -22.39
C GLU Q 222 -16.91 75.25 -23.72
N HIS Q 223 -17.89 74.35 -23.73
CA HIS Q 223 -18.51 73.96 -24.98
C HIS Q 223 -19.36 75.10 -25.53
N LEU Q 224 -20.02 75.85 -24.66
CA LEU Q 224 -20.83 76.97 -25.10
C LEU Q 224 -19.95 78.07 -25.67
N ALA Q 225 -18.77 78.29 -25.08
CA ALA Q 225 -17.87 79.32 -25.58
C ALA Q 225 -17.40 79.00 -27.00
N ASP Q 226 -17.04 77.74 -27.25
CA ASP Q 226 -16.58 77.30 -28.57
C ASP Q 226 -17.11 75.89 -28.79
N PRO Q 227 -18.25 75.75 -29.46
CA PRO Q 227 -18.82 74.41 -29.66
C PRO Q 227 -18.12 73.60 -30.75
N VAL Q 228 -17.70 74.24 -31.84
CA VAL Q 228 -17.05 73.50 -32.92
C VAL Q 228 -15.71 72.94 -32.46
N SER Q 229 -15.00 73.66 -31.61
CA SER Q 229 -13.70 73.19 -31.13
C SER Q 229 -13.79 72.33 -29.89
N ASN Q 230 -14.54 72.75 -28.88
CA ASN Q 230 -14.67 72.01 -27.63
C ASN Q 230 -15.83 71.02 -27.74
N ASN Q 231 -15.50 69.77 -28.05
CA ASN Q 231 -16.50 68.71 -28.19
C ASN Q 231 -15.79 67.37 -28.08
N LEU Q 232 -16.52 66.29 -28.32
CA LEU Q 232 -15.94 64.95 -28.25
C LEU Q 232 -14.82 64.76 -29.27
N LEU Q 233 -15.09 65.11 -30.53
CA LEU Q 233 -14.07 64.94 -31.57
C LEU Q 233 -12.86 65.84 -31.33
N GLY Q 234 -13.09 67.08 -30.86
CA GLY Q 234 -11.99 67.98 -30.62
C GLY Q 234 -11.14 67.65 -29.41
N ASN Q 235 -11.67 66.85 -28.48
CA ASN Q 235 -10.95 66.47 -27.28
C ASN Q 235 -10.29 65.10 -27.38
N LEU Q 236 -10.28 64.48 -28.56
CA LEU Q 236 -9.67 63.17 -28.69
C LEU Q 236 -8.15 63.22 -28.53
N ALA Q 237 -7.52 64.33 -28.91
CA ALA Q 237 -6.07 64.44 -28.79
C ALA Q 237 -5.63 64.42 -27.33
N THR Q 238 -6.36 65.10 -26.45
CA THR Q 238 -6.04 65.17 -25.03
C THR Q 238 -7.21 64.57 -24.26
N ILE Q 239 -6.99 63.39 -23.67
CA ILE Q 239 -8.04 62.71 -22.92
C ILE Q 239 -7.73 62.65 -21.43
N LEU Q 240 -6.48 62.42 -21.05
CA LEU Q 240 -6.11 62.36 -19.64
C LEU Q 240 -5.02 63.36 -19.29
N LYS Q 241 -4.94 64.44 -20.06
CA LYS Q 241 -3.93 65.47 -19.81
C LYS Q 241 -4.50 66.61 -18.98
N ALA R 1 -28.20 16.23 71.14
CA ALA R 1 -28.79 17.49 71.54
C ALA R 1 -28.19 17.97 72.87
N GLY R 2 -27.67 17.04 73.65
CA GLY R 2 -27.08 17.41 74.92
C GLY R 2 -25.85 18.28 74.75
N TRP R 3 -25.03 17.97 73.74
CA TRP R 3 -23.82 18.72 73.45
C TRP R 3 -24.09 19.94 72.57
N ASP R 4 -25.29 20.05 72.00
CA ASP R 4 -25.62 21.18 71.14
C ASP R 4 -27.14 21.28 71.11
N LEU R 5 -27.69 22.38 71.64
CA LEU R 5 -29.13 22.55 71.67
C LEU R 5 -29.73 22.60 70.27
N SER R 6 -28.93 22.94 69.25
CA SER R 6 -29.41 23.01 67.89
C SER R 6 -29.22 21.72 67.09
N ALA R 7 -28.55 20.74 67.66
CA ALA R 7 -28.29 19.48 66.98
C ALA R 7 -29.34 18.43 67.34
N GLU R 8 -29.30 17.33 66.61
CA GLU R 8 -30.20 16.20 66.81
C GLU R 8 -29.40 14.97 67.15
N VAL R 9 -29.97 14.13 68.01
CA VAL R 9 -29.28 12.90 68.41
C VAL R 9 -29.13 11.99 67.19
N PRO R 10 -27.94 11.45 66.93
CA PRO R 10 -27.76 10.60 65.73
C PRO R 10 -28.50 9.27 65.72
N ALA R 11 -29.70 9.22 66.27
CA ALA R 11 -30.52 8.00 66.29
C ALA R 11 -29.89 6.83 67.02
N HIS R 12 -28.67 6.42 66.62
CA HIS R 12 -28.04 5.29 67.29
C HIS R 12 -27.70 5.56 68.74
N LEU R 13 -27.76 6.82 69.18
CA LEU R 13 -27.49 7.20 70.55
C LEU R 13 -28.74 7.63 71.30
N ALA R 14 -29.89 7.68 70.62
CA ALA R 14 -31.13 8.10 71.28
C ALA R 14 -31.68 7.03 72.20
N GLY R 15 -31.66 5.77 71.77
CA GLY R 15 -32.18 4.69 72.58
C GLY R 15 -31.14 4.03 73.45
N ARG R 16 -30.02 4.71 73.68
CA ARG R 16 -28.93 4.18 74.50
C ARG R 16 -28.74 5.07 75.72
N LYS R 17 -29.52 4.79 76.77
CA LYS R 17 -29.43 5.54 78.01
C LYS R 17 -28.51 4.88 79.03
N ASP R 18 -28.04 3.66 78.74
CA ASP R 18 -27.13 2.93 79.62
C ASP R 18 -25.68 3.33 79.41
N LEU R 19 -25.40 4.22 78.46
CA LEU R 19 -24.06 4.68 78.17
C LEU R 19 -23.74 5.89 79.02
N ALA R 20 -22.60 5.85 79.71
CA ALA R 20 -22.20 6.98 80.55
C ALA R 20 -21.81 8.18 79.70
N GLY R 21 -22.30 9.35 80.09
CA GLY R 21 -22.00 10.56 79.36
C GLY R 21 -22.54 10.57 77.94
N ASN R 22 -23.79 10.15 77.76
CA ASN R 22 -24.43 10.11 76.45
C ASN R 22 -25.06 11.47 76.18
N TYR R 23 -24.36 12.31 75.42
CA TYR R 23 -24.84 13.63 75.06
C TYR R 23 -25.17 13.73 73.57
N GLY R 24 -25.30 12.59 72.90
CA GLY R 24 -25.61 12.59 71.48
C GLY R 24 -24.54 13.21 70.62
N PHE R 25 -23.27 13.07 71.00
CA PHE R 25 -22.16 13.64 70.26
C PHE R 25 -21.49 12.56 69.42
N ASP R 26 -21.71 12.62 68.11
CA ASP R 26 -21.15 11.71 67.14
C ASP R 26 -21.36 12.30 65.75
N PRO R 27 -20.77 13.46 65.45
CA PRO R 27 -20.97 14.06 64.12
C PRO R 27 -20.42 13.21 62.99
N LEU R 28 -19.45 12.35 63.25
CA LEU R 28 -18.88 11.50 62.22
C LEU R 28 -19.58 10.17 62.08
N ASN R 29 -20.57 9.88 62.94
CA ASN R 29 -21.33 8.64 62.90
C ASN R 29 -20.42 7.41 62.99
N LEU R 30 -19.40 7.50 63.86
CA LEU R 30 -18.48 6.39 64.01
C LEU R 30 -19.09 5.23 64.79
N GLY R 31 -20.07 5.52 65.66
CA GLY R 31 -20.70 4.49 66.45
C GLY R 31 -22.01 3.97 65.90
N LYS R 32 -22.25 4.16 64.60
CA LYS R 32 -23.50 3.69 64.00
C LYS R 32 -23.61 2.17 64.10
N ASN R 33 -22.54 1.45 63.81
CA ASN R 33 -22.56 0.00 63.89
C ASN R 33 -22.59 -0.41 65.36
N PRO R 34 -23.56 -1.25 65.78
CA PRO R 34 -23.60 -1.65 67.20
C PRO R 34 -22.30 -2.26 67.70
N GLU R 35 -21.65 -3.10 66.88
CA GLU R 35 -20.38 -3.69 67.30
C GLU R 35 -19.30 -2.63 67.41
N ALA R 36 -19.30 -1.68 66.47
CA ALA R 36 -18.31 -0.60 66.51
C ALA R 36 -18.50 0.24 67.76
N LEU R 37 -19.76 0.55 68.11
CA LEU R 37 -20.02 1.33 69.32
C LEU R 37 -19.64 0.54 70.56
N LYS R 38 -19.89 -0.78 70.56
CA LYS R 38 -19.53 -1.60 71.71
C LYS R 38 -18.02 -1.58 71.93
N TRP R 39 -17.26 -1.66 70.85
CA TRP R 39 -15.80 -1.62 70.97
C TRP R 39 -15.33 -0.23 71.37
N TYR R 40 -15.96 0.80 70.81
CA TYR R 40 -15.57 2.18 71.12
C TYR R 40 -15.84 2.52 72.57
N GLN R 41 -16.89 1.95 73.17
CA GLN R 41 -17.16 2.23 74.58
C GLN R 41 -16.03 1.71 75.45
N GLN R 42 -15.57 0.49 75.19
CA GLN R 42 -14.46 -0.06 75.94
C GLN R 42 -13.19 0.71 75.69
N ALA R 43 -12.97 1.13 74.44
CA ALA R 43 -11.79 1.91 74.11
C ALA R 43 -11.81 3.24 74.85
N GLU R 44 -12.98 3.87 74.93
CA GLU R 44 -13.10 5.14 75.64
C GLU R 44 -12.84 4.95 77.12
N LEU R 45 -13.37 3.89 77.72
CA LEU R 45 -13.13 3.65 79.13
C LEU R 45 -11.65 3.42 79.40
N GLN R 46 -11.00 2.59 78.57
CA GLN R 46 -9.58 2.32 78.76
C GLN R 46 -8.74 3.57 78.59
N ASN R 47 -8.97 4.31 77.51
CA ASN R 47 -8.21 5.53 77.28
C ASN R 47 -8.44 6.56 78.38
N GLY R 48 -9.70 6.71 78.82
CA GLY R 48 -9.98 7.67 79.86
C GLY R 48 -9.35 7.31 81.19
N ARG R 49 -9.43 6.05 81.59
CA ARG R 49 -8.82 5.65 82.86
C ARG R 49 -7.31 5.78 82.81
N TRP R 50 -6.70 5.36 81.70
CA TRP R 50 -5.25 5.48 81.58
C TRP R 50 -4.84 6.94 81.55
N ALA R 51 -5.66 7.80 80.91
CA ALA R 51 -5.36 9.22 80.86
C ALA R 51 -5.49 9.83 82.24
N MET R 52 -6.47 9.38 83.02
CA MET R 52 -6.63 9.90 84.38
C MET R 52 -5.40 9.57 85.21
N LEU R 53 -4.97 8.30 85.15
CA LEU R 53 -3.79 7.90 85.91
C LEU R 53 -2.55 8.65 85.45
N GLY R 54 -2.35 8.75 84.13
CA GLY R 54 -1.18 9.44 83.61
C GLY R 54 -1.16 10.94 83.93
N VAL R 55 -2.29 11.61 83.76
CA VAL R 55 -2.36 13.03 84.05
C VAL R 55 -2.16 13.27 85.53
N ALA R 56 -2.77 12.44 86.39
CA ALA R 56 -2.57 12.61 87.82
C ALA R 56 -1.11 12.42 88.18
N GLY R 57 -0.45 11.42 87.56
CA GLY R 57 0.95 11.20 87.85
C GLY R 57 1.82 12.35 87.40
N ILE R 58 1.58 12.86 86.20
CA ILE R 58 2.37 13.99 85.69
C ILE R 58 2.18 15.21 86.57
N LEU R 59 0.92 15.50 86.93
CA LEU R 59 0.65 16.66 87.77
C LEU R 59 1.28 16.53 89.15
N VAL R 60 1.16 15.35 89.78
CA VAL R 60 1.74 15.17 91.12
C VAL R 60 3.26 15.26 91.05
N GLN R 61 3.88 14.63 90.04
CA GLN R 61 5.32 14.67 89.93
C GLN R 61 5.81 16.10 89.70
N GLU R 62 5.13 16.85 88.84
CA GLU R 62 5.54 18.23 88.60
C GLU R 62 5.31 19.10 89.83
N LEU R 63 4.24 18.83 90.58
CA LEU R 63 3.98 19.59 91.79
C LEU R 63 5.09 19.36 92.81
N LEU R 64 5.53 18.10 92.95
CA LEU R 64 6.61 17.80 93.86
C LEU R 64 7.93 18.34 93.37
N HIS R 65 8.10 18.45 92.05
CA HIS R 65 9.32 18.98 91.47
C HIS R 65 9.41 20.49 91.62
N SER R 66 8.28 21.19 91.58
CA SER R 66 8.24 22.64 91.71
C SER R 66 8.25 23.07 93.18
N THR R 67 7.25 22.62 93.95
CA THR R 67 7.20 23.00 95.36
C THR R 67 8.39 22.44 96.13
N GLY R 68 8.73 21.18 95.90
CA GLY R 68 9.83 20.54 96.58
C GLY R 68 9.36 19.63 97.70
N LEU R 69 9.26 18.34 97.41
CA LEU R 69 8.83 17.34 98.38
C LEU R 69 9.50 16.02 98.05
N GLY R 70 9.45 15.63 96.77
CA GLY R 70 10.08 14.40 96.37
C GLY R 70 11.60 14.55 96.29
N GLY R 71 12.30 13.43 96.39
CA GLY R 71 13.74 13.45 96.33
C GLY R 71 14.29 13.81 94.96
N LYS R 72 15.53 13.41 94.70
CA LYS R 72 16.15 13.69 93.41
C LYS R 72 15.39 13.06 92.25
N ALA R 73 14.61 12.01 92.52
CA ALA R 73 13.85 11.36 91.46
C ALA R 73 12.74 12.27 90.95
N ALA R 74 12.03 12.95 91.85
CA ALA R 74 10.95 13.84 91.45
C ALA R 74 11.47 15.15 90.87
N ASP R 75 12.61 15.63 91.33
CA ASP R 75 13.17 16.88 90.83
C ASP R 75 13.66 16.75 89.39
N VAL R 76 12.73 16.52 88.46
CA VAL R 76 13.03 16.37 87.05
C VAL R 76 11.74 16.47 86.26
N TYR R 77 11.82 16.92 85.01
CA TYR R 77 10.63 17.03 84.18
C TYR R 77 10.07 15.65 83.85
N TRP R 78 8.76 15.60 83.59
CA TRP R 78 8.12 14.32 83.27
C TRP R 78 8.71 13.72 82.01
N PHE R 79 8.98 14.55 80.99
CA PHE R 79 9.56 14.06 79.74
C PHE R 79 11.04 13.73 79.88
N ASP R 80 11.66 14.10 81.00
CA ASP R 80 13.08 13.84 81.23
C ASP R 80 13.30 12.70 82.22
N ALA R 81 12.29 11.85 82.41
CA ALA R 81 12.43 10.73 83.34
C ALA R 81 13.48 9.74 82.89
N GLY R 82 13.87 9.76 81.61
CA GLY R 82 14.87 8.85 81.13
C GLY R 82 16.25 9.11 81.69
N ASN R 83 16.53 10.34 82.13
CA ASN R 83 17.83 10.66 82.69
C ASN R 83 18.01 10.02 84.06
N ASN R 84 16.92 9.77 84.78
CA ASN R 84 16.99 9.14 86.09
C ASN R 84 17.42 7.69 85.98
N THR R 85 17.96 7.18 87.09
CA THR R 85 18.42 5.80 87.17
C THR R 85 17.61 5.09 88.24
N PHE R 86 17.04 3.94 87.90
CA PHE R 86 16.23 3.16 88.82
C PHE R 86 16.92 1.83 89.11
N TRP R 87 16.16 0.91 89.72
CA TRP R 87 16.71 -0.39 90.06
C TRP R 87 17.03 -1.22 88.81
N ALA R 88 16.26 -1.06 87.74
CA ALA R 88 16.47 -1.80 86.52
C ALA R 88 16.56 -0.84 85.34
N PRO R 89 17.32 -1.21 84.30
CA PRO R 89 17.43 -0.33 83.13
C PRO R 89 16.12 -0.16 82.38
N LYS R 90 16.15 0.68 81.34
CA LYS R 90 14.94 0.93 80.56
C LYS R 90 14.45 -0.32 79.85
N GLU R 91 15.36 -1.11 79.27
CA GLU R 91 14.97 -2.32 78.55
C GLU R 91 14.31 -3.33 79.47
N THR R 92 14.90 -3.57 80.64
CA THR R 92 14.34 -4.54 81.57
C THR R 92 12.95 -4.11 82.03
N LEU R 93 12.79 -2.83 82.37
CA LEU R 93 11.49 -2.33 82.81
C LEU R 93 10.47 -2.45 81.69
N ILE R 94 10.87 -2.15 80.45
CA ILE R 94 9.96 -2.24 79.32
C ILE R 94 9.50 -3.68 79.12
N ALA R 95 10.43 -4.64 79.19
CA ALA R 95 10.06 -6.04 79.02
C ALA R 95 9.13 -6.51 80.11
N ILE R 96 9.43 -6.14 81.36
CA ILE R 96 8.57 -6.53 82.48
C ILE R 96 7.17 -5.96 82.29
N SER R 97 7.11 -4.70 81.87
CA SER R 97 5.81 -4.07 81.64
C SER R 97 5.06 -4.77 80.52
N PHE R 98 5.76 -5.17 79.46
CA PHE R 98 5.09 -5.88 78.36
C PHE R 98 4.49 -7.18 78.85
N LEU R 99 5.24 -7.94 79.66
CA LEU R 99 4.71 -9.22 80.14
C LEU R 99 3.50 -9.03 81.05
N MET R 100 3.62 -8.14 82.04
CA MET R 100 2.51 -7.91 82.96
C MET R 100 1.29 -7.39 82.23
N PHE R 101 1.49 -6.45 81.30
CA PHE R 101 0.37 -5.91 80.55
C PHE R 101 -0.22 -6.96 79.62
N ASN R 102 0.60 -7.86 79.10
CA ASN R 102 0.05 -8.92 78.25
C ASN R 102 -0.91 -9.76 79.07
N TRP R 103 -0.50 -10.12 80.29
CA TRP R 103 -1.36 -10.93 81.14
C TRP R 103 -2.67 -10.21 81.48
N ALA R 104 -2.57 -8.98 82.00
CA ALA R 104 -3.77 -8.23 82.38
C ALA R 104 -4.68 -7.95 81.19
N GLU R 105 -4.10 -7.50 80.07
CA GLU R 105 -4.89 -7.17 78.89
C GLU R 105 -5.50 -8.42 78.28
N LEU R 106 -4.84 -9.57 78.35
CA LEU R 106 -5.46 -10.77 77.81
C LEU R 106 -6.63 -11.20 78.69
N ASN R 107 -6.51 -10.99 80.00
CA ASN R 107 -7.65 -11.30 80.87
C ASN R 107 -8.83 -10.41 80.50
N ARG R 108 -8.55 -9.10 80.30
CA ARG R 108 -9.60 -8.16 79.93
C ARG R 108 -10.22 -8.52 78.58
N MET R 109 -9.39 -8.92 77.62
CA MET R 109 -9.90 -9.29 76.30
C MET R 109 -10.77 -10.55 76.38
N GLN R 110 -10.35 -11.52 77.20
CA GLN R 110 -11.17 -12.72 77.35
C GLN R 110 -12.52 -12.34 77.92
N ASP R 111 -12.54 -11.40 78.87
CA ASP R 111 -13.81 -10.95 79.41
C ASP R 111 -14.64 -10.25 78.35
N TYR R 112 -13.99 -9.46 77.50
CA TYR R 112 -14.70 -8.75 76.44
C TYR R 112 -15.33 -9.71 75.44
N ILE R 113 -14.62 -10.77 75.08
CA ILE R 113 -15.14 -11.75 74.12
C ILE R 113 -16.43 -12.38 74.65
N LYS R 114 -16.42 -12.78 75.92
CA LYS R 114 -17.58 -13.39 76.56
C LYS R 114 -17.71 -12.81 77.96
N PRO R 115 -18.53 -11.78 78.14
CA PRO R 115 -18.67 -11.18 79.47
C PRO R 115 -19.15 -12.20 80.50
N GLY R 116 -18.57 -12.13 81.69
CA GLY R 116 -18.91 -13.03 82.78
C GLY R 116 -18.18 -14.35 82.75
N SER R 117 -17.45 -14.66 81.69
CA SER R 117 -16.71 -15.93 81.61
C SER R 117 -15.49 -15.90 82.52
N ASN R 118 -14.47 -15.12 82.13
CA ASN R 118 -13.25 -15.00 82.91
C ASN R 118 -13.55 -14.08 84.08
N VAL R 119 -13.83 -14.65 85.24
CA VAL R 119 -14.16 -13.88 86.43
C VAL R 119 -13.63 -14.63 87.65
N THR R 120 -13.07 -15.80 87.42
CA THR R 120 -12.54 -16.66 88.48
C THR R 120 -11.02 -16.73 88.39
N ASP R 121 -10.35 -16.65 89.53
CA ASP R 121 -8.90 -16.73 89.60
C ASP R 121 -8.48 -18.19 89.69
N PRO R 122 -7.20 -18.49 89.47
CA PRO R 122 -6.75 -19.88 89.54
C PRO R 122 -6.96 -20.52 90.91
N PHE R 123 -7.13 -19.73 91.96
CA PHE R 123 -7.34 -20.25 93.31
C PHE R 123 -8.80 -20.40 93.68
N GLY R 124 -9.72 -20.15 92.75
CA GLY R 124 -11.14 -20.30 93.00
C GLY R 124 -11.86 -19.04 93.47
N ASN R 125 -11.15 -17.97 93.77
CA ASN R 125 -11.80 -16.74 94.21
C ASN R 125 -12.68 -16.19 93.09
N LYS R 126 -13.90 -15.79 93.44
CA LYS R 126 -14.85 -15.28 92.48
C LYS R 126 -15.37 -13.92 92.92
N ILE R 127 -15.82 -13.14 91.94
CA ILE R 127 -16.38 -11.81 92.16
C ILE R 127 -17.66 -11.74 91.35
N LYS R 128 -18.55 -10.82 91.74
CA LYS R 128 -19.82 -10.65 91.05
C LYS R 128 -19.64 -9.72 89.86
N TYR R 129 -20.04 -10.19 88.68
CA TYR R 129 -19.92 -9.40 87.46
C TYR R 129 -21.06 -8.39 87.34
N VAL R 130 -20.72 -7.17 86.96
CA VAL R 130 -21.70 -6.10 86.80
C VAL R 130 -21.40 -5.30 85.53
N GLU R 131 -21.93 -5.75 84.39
CA GLU R 131 -21.76 -5.13 83.08
C GLU R 131 -20.35 -5.34 82.53
N LEU R 132 -20.21 -5.24 81.20
CA LEU R 132 -18.94 -5.45 80.51
C LEU R 132 -17.81 -4.53 80.97
N GLY R 133 -17.87 -3.25 80.62
CA GLY R 133 -16.83 -2.30 80.97
C GLY R 133 -16.63 -2.08 82.46
N TYR R 134 -17.39 -2.78 83.28
CA TYR R 134 -17.32 -2.66 84.73
C TYR R 134 -17.18 -4.06 85.30
N PRO R 135 -15.96 -4.57 85.42
CA PRO R 135 -15.77 -5.94 85.93
C PRO R 135 -16.33 -6.16 87.32
N GLY R 136 -16.29 -5.15 88.19
CA GLY R 136 -16.77 -5.28 89.54
C GLY R 136 -15.73 -5.11 90.61
N PHE R 137 -14.53 -4.65 90.26
CA PHE R 137 -13.45 -4.45 91.24
C PHE R 137 -13.85 -3.27 92.12
N ASP R 138 -14.75 -3.53 93.07
CA ASP R 138 -15.25 -2.51 93.98
C ASP R 138 -15.09 -2.99 95.42
N PRO R 139 -13.87 -2.97 95.96
CA PRO R 139 -13.67 -3.42 97.34
C PRO R 139 -14.36 -2.53 98.37
N LEU R 140 -14.73 -1.30 98.01
CA LEU R 140 -15.39 -0.38 98.92
C LEU R 140 -16.90 -0.37 98.76
N SER R 141 -17.44 -1.16 97.83
CA SER R 141 -18.89 -1.25 97.59
C SER R 141 -19.52 0.11 97.32
N PHE R 142 -18.85 0.92 96.50
CA PHE R 142 -19.36 2.25 96.16
C PHE R 142 -20.43 2.22 95.08
N SER R 143 -20.58 1.10 94.36
CA SER R 143 -21.56 0.97 93.29
C SER R 143 -22.89 0.42 93.76
N LYS R 144 -23.08 0.24 95.07
CA LYS R 144 -24.34 -0.30 95.56
C LYS R 144 -25.52 0.63 95.27
N ASN R 145 -25.27 1.94 95.22
CA ASN R 145 -26.32 2.90 94.94
C ASN R 145 -25.77 4.00 94.05
N ASN R 146 -26.66 4.61 93.28
CA ASN R 146 -26.32 5.70 92.35
C ASN R 146 -25.20 5.29 91.40
N PHE R 147 -25.32 4.07 90.85
CA PHE R 147 -24.31 3.57 89.93
C PHE R 147 -24.22 4.43 88.68
N ASP R 148 -25.36 4.85 88.13
CA ASP R 148 -25.36 5.67 86.93
C ASP R 148 -24.68 7.02 87.17
N GLU R 149 -24.97 7.65 88.31
CA GLU R 149 -24.35 8.93 88.62
C GLU R 149 -22.84 8.78 88.79
N TRP R 150 -22.42 7.71 89.47
CA TRP R 150 -21.00 7.47 89.66
C TRP R 150 -20.29 7.25 88.33
N LYS R 151 -20.88 6.44 87.44
CA LYS R 151 -20.23 6.21 86.16
C LYS R 151 -20.25 7.47 85.31
N LEU R 152 -21.26 8.34 85.48
CA LEU R 152 -21.27 9.59 84.74
C LEU R 152 -20.11 10.46 85.20
N LYS R 153 -19.87 10.49 86.51
CA LYS R 153 -18.74 11.24 87.04
C LYS R 153 -17.43 10.69 86.47
N GLU R 154 -17.33 9.36 86.42
CA GLU R 154 -16.12 8.73 85.90
C GLU R 154 -15.89 9.07 84.43
N ILE R 155 -16.94 9.00 83.60
CA ILE R 155 -16.77 9.30 82.18
C ILE R 155 -16.41 10.76 81.96
N LYS R 156 -17.03 11.67 82.71
CA LYS R 156 -16.70 13.08 82.53
C LYS R 156 -15.26 13.36 82.96
N ASN R 157 -14.83 12.80 84.10
CA ASN R 157 -13.47 13.02 84.54
C ASN R 157 -12.47 12.38 83.56
N ALA R 158 -12.85 11.23 82.98
CA ALA R 158 -11.98 10.56 82.02
C ALA R 158 -11.81 11.40 80.77
N ARG R 159 -12.90 11.96 80.26
CA ARG R 159 -12.80 12.80 79.07
C ARG R 159 -11.96 14.04 79.36
N LEU R 160 -12.17 14.64 80.53
CA LEU R 160 -11.39 15.80 80.91
C LEU R 160 -9.91 15.47 80.99
N ALA R 161 -9.58 14.30 81.55
CA ALA R 161 -8.19 13.88 81.67
C ALA R 161 -7.58 13.61 80.29
N MET R 162 -8.36 13.04 79.38
CA MET R 162 -7.85 12.78 78.03
C MET R 162 -7.50 14.10 77.35
N LEU R 163 -8.40 15.08 77.47
CA LEU R 163 -8.14 16.39 76.89
C LEU R 163 -6.93 17.04 77.56
N ALA R 164 -6.80 16.85 78.87
CA ALA R 164 -5.67 17.41 79.61
C ALA R 164 -4.36 16.83 79.13
N PHE R 165 -4.31 15.51 78.91
CA PHE R 165 -3.07 14.90 78.43
C PHE R 165 -2.73 15.40 77.05
N LEU R 166 -3.73 15.49 76.16
CA LEU R 166 -3.45 16.00 74.81
C LEU R 166 -2.91 17.42 74.89
N GLY R 167 -3.50 18.25 75.76
CA GLY R 167 -3.03 19.61 75.91
C GLY R 167 -1.64 19.68 76.48
N ILE R 168 -1.32 18.79 77.43
CA ILE R 168 0.02 18.79 78.03
C ILE R 168 1.06 18.44 76.97
N VAL R 169 0.77 17.44 76.14
CA VAL R 169 1.71 17.06 75.09
C VAL R 169 1.88 18.19 74.09
N ALA R 170 0.76 18.81 73.68
CA ALA R 170 0.84 19.92 72.73
C ALA R 170 1.64 21.08 73.31
N GLN R 171 1.39 21.42 74.58
CA GLN R 171 2.11 22.51 75.21
C GLN R 171 3.60 22.21 75.28
N HIS R 172 3.95 20.97 75.64
CA HIS R 172 5.36 20.60 75.71
C HIS R 172 6.01 20.73 74.34
N ASN R 173 5.30 20.33 73.29
CA ASN R 173 5.86 20.44 71.94
C ASN R 173 5.84 21.87 71.42
N ALA R 174 5.13 22.78 72.08
CA ALA R 174 5.05 24.17 71.64
C ALA R 174 5.62 25.15 72.66
N GLN R 175 5.52 24.88 73.95
CA GLN R 175 6.03 25.76 74.98
C GLN R 175 7.06 25.04 75.85
N PRO R 176 8.02 25.78 76.40
CA PRO R 176 9.03 25.15 77.26
C PRO R 176 8.60 25.10 78.71
N GLY R 177 9.12 24.10 79.42
CA GLY R 177 8.82 23.92 80.83
C GLY R 177 7.76 22.87 81.08
N SER R 178 7.46 22.69 82.35
CA SER R 178 6.47 21.75 82.83
C SER R 178 5.06 22.32 82.67
N PRO R 179 4.03 21.46 82.71
CA PRO R 179 2.65 21.98 82.58
C PRO R 179 2.33 23.04 83.61
N LEU R 180 2.77 22.87 84.86
CA LEU R 180 2.50 23.89 85.87
C LEU R 180 3.25 25.17 85.53
N GLU R 181 4.47 25.04 85.02
CA GLU R 181 5.23 26.22 84.62
C GLU R 181 4.53 26.94 83.48
N GLN R 182 3.95 26.19 82.55
CA GLN R 182 3.22 26.80 81.44
C GLN R 182 1.99 27.53 81.97
N LEU R 183 1.30 26.93 82.95
CA LEU R 183 0.14 27.58 83.53
C LEU R 183 0.54 28.88 84.21
N GLY R 184 1.67 28.86 84.93
CA GLY R 184 2.13 30.08 85.59
C GLY R 184 2.53 31.14 84.57
N ALA R 185 3.23 30.73 83.52
CA ALA R 185 3.64 31.67 82.48
C ALA R 185 2.41 32.29 81.84
N HIS R 186 1.34 31.51 81.68
CA HIS R 186 0.11 32.06 81.12
C HIS R 186 -0.48 33.07 82.10
N LEU R 187 -0.82 32.61 83.31
CA LEU R 187 -1.38 33.48 84.34
C LEU R 187 -0.54 34.73 84.59
N ALA R 188 0.70 34.77 84.10
CA ALA R 188 1.55 35.93 84.31
C ALA R 188 0.94 37.19 83.67
N ASN R 189 0.46 37.08 82.43
CA ASN R 189 -0.10 38.30 81.83
C ASN R 189 -1.61 38.38 82.01
N PRO R 190 -2.43 37.49 81.41
CA PRO R 190 -2.34 36.35 80.49
C PRO R 190 -2.86 36.65 79.09
N TRP R 191 -2.82 37.92 78.70
CA TRP R 191 -3.31 38.35 77.40
C TRP R 191 -2.28 38.20 76.29
N LYS R 192 -1.05 37.77 76.59
CA LYS R 192 -0.01 37.60 75.59
C LYS R 192 0.40 36.15 75.40
N ASN R 193 0.43 35.35 76.46
CA ASN R 193 0.81 33.95 76.37
C ASN R 193 -0.44 33.10 76.23
N HIS R 194 -0.74 32.68 74.99
CA HIS R 194 -1.93 31.87 74.71
C HIS R 194 -1.89 31.31 73.29
N PHE R 195 -1.01 30.34 73.05
CA PHE R 195 -0.78 29.65 71.77
C PHE R 195 -0.77 30.55 70.54
N ILE R 196 -1.46 31.70 70.58
CA ILE R 196 -1.46 32.59 69.42
C ILE R 196 -0.07 33.20 69.23
N ASN R 197 0.61 33.51 70.32
CA ASN R 197 1.94 34.10 70.28
C ASN R 197 3.05 33.09 70.53
N ASN R 198 2.74 31.79 70.54
CA ASN R 198 3.79 30.80 70.77
C ASN R 198 4.68 30.58 69.55
N GLY R 199 4.27 31.05 68.38
CA GLY R 199 5.05 30.88 67.18
C GLY R 199 5.10 29.46 66.65
N VAL R 200 4.14 28.63 67.01
CA VAL R 200 4.11 27.24 66.54
C VAL R 200 2.72 26.87 66.02
N SER R 201 1.68 27.15 66.82
CA SER R 201 0.33 26.81 66.39
C SER R 201 -0.11 27.61 65.17
N PRO R 202 -0.13 28.96 65.19
CA PRO R 202 -0.56 29.67 63.98
C PRO R 202 0.32 29.41 62.78
N PHE R 203 1.63 29.22 62.98
CA PHE R 203 2.59 28.96 61.93
C PHE R 203 2.68 30.13 60.95
N LEU R 204 1.52 30.53 60.38
CA LEU R 204 1.50 31.64 59.44
C LEU R 204 1.99 32.94 60.06
N THR R 205 1.90 33.09 61.37
CA THR R 205 2.34 34.29 62.06
C THR R 205 3.80 34.14 62.46
N ASP R 206 4.65 35.00 61.88
CA ASP R 206 6.09 35.00 62.15
C ASP R 206 6.72 33.64 61.87
N ASN R 207 6.32 33.01 60.76
CA ASN R 207 6.84 31.71 60.35
C ASN R 207 6.69 30.63 61.43
N GLN S 1 -59.11 69.96 14.09
CA GLN S 1 -58.06 69.88 13.08
C GLN S 1 -58.36 70.80 11.90
N ARG S 2 -59.21 70.33 10.99
CA ARG S 2 -59.60 71.07 9.80
C ARG S 2 -58.36 71.41 8.99
N LYS S 3 -57.83 72.61 9.19
CA LYS S 3 -56.62 73.01 8.47
C LYS S 3 -55.44 72.23 9.02
N LEU S 4 -54.66 71.63 8.12
CA LEU S 4 -53.51 70.83 8.52
C LEU S 4 -52.21 71.60 8.26
N TRP S 5 -51.09 70.94 8.58
CA TRP S 5 -49.79 71.58 8.40
C TRP S 5 -49.49 71.79 6.92
N PHE S 6 -49.91 70.88 6.05
CA PHE S 6 -49.64 71.05 4.63
C PHE S 6 -50.95 70.88 3.86
N PRO S 7 -51.11 71.61 2.76
CA PRO S 7 -52.35 71.51 1.98
C PRO S 7 -52.54 70.13 1.35
N GLY S 8 -53.67 69.51 1.65
CA GLY S 8 -54.02 68.22 1.09
C GLY S 8 -53.40 66.99 1.73
N VAL S 9 -52.68 67.11 2.85
CA VAL S 9 -52.09 65.93 3.45
C VAL S 9 -53.17 65.11 4.14
N ALA S 10 -52.94 63.79 4.18
CA ALA S 10 -53.87 62.85 4.81
C ALA S 10 -53.50 62.74 6.28
N ALA S 11 -54.36 63.27 7.14
CA ALA S 11 -54.10 63.21 8.57
C ALA S 11 -54.16 61.77 9.07
N PRO S 12 -53.23 61.36 9.93
CA PRO S 12 -53.25 59.98 10.44
C PRO S 12 -54.52 59.72 11.22
N GLY S 13 -54.93 58.45 11.23
CA GLY S 13 -56.15 58.07 11.93
C GLY S 13 -56.14 58.43 13.41
N TYR S 14 -54.99 58.23 14.07
CA TYR S 14 -54.90 58.54 15.48
C TYR S 14 -54.90 60.04 15.77
N LEU S 15 -54.79 60.88 14.74
CA LEU S 15 -54.78 62.33 14.93
C LEU S 15 -56.18 62.88 14.61
N ASP S 16 -57.13 62.54 15.47
CA ASP S 16 -58.50 63.00 15.28
C ASP S 16 -58.62 64.51 15.40
N GLY S 17 -57.94 65.11 16.37
CA GLY S 17 -58.00 66.55 16.55
C GLY S 17 -58.40 66.94 17.96
N SER S 18 -58.65 65.94 18.81
CA SER S 18 -59.03 66.20 20.19
C SER S 18 -57.91 66.89 20.96
N MET S 19 -56.67 66.48 20.72
CA MET S 19 -55.53 67.07 21.40
C MET S 19 -55.26 68.48 20.88
N ALA S 20 -54.76 69.33 21.76
CA ALA S 20 -54.45 70.71 21.38
C ALA S 20 -53.30 70.76 20.38
N GLY S 21 -53.37 71.70 19.47
CA GLY S 21 -52.33 71.84 18.47
C GLY S 21 -52.25 70.71 17.48
N ASP S 22 -53.31 69.92 17.35
CA ASP S 22 -53.34 68.79 16.42
C ASP S 22 -53.52 69.32 15.01
N ARG S 23 -52.45 69.28 14.21
CA ARG S 23 -52.49 69.75 12.84
C ARG S 23 -52.27 68.62 11.84
N GLY S 24 -52.47 67.37 12.27
CA GLY S 24 -52.27 66.24 11.38
C GLY S 24 -50.86 66.10 10.87
N PHE S 25 -49.87 66.29 11.74
CA PHE S 25 -48.48 66.17 11.34
C PHE S 25 -48.01 64.73 11.48
N ASP S 26 -47.08 64.49 12.40
CA ASP S 26 -46.51 63.18 12.69
C ASP S 26 -46.15 62.36 11.44
N PRO S 27 -45.28 62.87 10.57
CA PRO S 27 -44.90 62.09 9.38
C PRO S 27 -44.11 60.84 9.70
N MET S 28 -43.53 60.75 10.90
CA MET S 28 -42.74 59.59 11.31
C MET S 28 -43.55 58.52 12.02
N GLY S 29 -44.83 58.78 12.31
CA GLY S 29 -45.66 57.80 12.97
C GLY S 29 -45.28 57.53 14.42
N LEU S 30 -44.60 58.46 15.07
CA LEU S 30 -44.21 58.27 16.47
C LEU S 30 -45.39 58.35 17.43
N GLY S 31 -46.53 58.85 16.99
CA GLY S 31 -47.71 58.96 17.82
C GLY S 31 -48.72 57.86 17.64
N ALA S 32 -48.42 56.83 16.84
CA ALA S 32 -49.36 55.73 16.62
C ALA S 32 -49.64 54.95 17.90
N ASN S 33 -48.71 54.98 18.86
CA ASN S 33 -48.89 54.26 20.12
C ASN S 33 -49.53 55.19 21.14
N PRO S 34 -50.70 54.85 21.69
CA PRO S 34 -51.34 55.75 22.66
C PRO S 34 -50.46 56.11 23.86
N LYS S 35 -49.83 55.11 24.50
CA LYS S 35 -48.97 55.41 25.64
C LYS S 35 -47.78 56.25 25.21
N MET S 36 -47.18 55.93 24.06
CA MET S 36 -46.07 56.72 23.57
C MET S 36 -46.54 58.11 23.19
N MET S 37 -47.79 58.23 22.71
CA MET S 37 -48.32 59.54 22.38
C MET S 37 -48.44 60.39 23.63
N THR S 38 -48.88 59.78 24.73
CA THR S 38 -49.00 60.52 25.99
C THR S 38 -47.63 60.96 26.49
N TRP S 39 -46.65 60.04 26.45
CA TRP S 39 -45.30 60.40 26.89
C TRP S 39 -44.72 61.49 26.02
N TYR S 40 -44.91 61.41 24.70
CA TYR S 40 -44.40 62.42 23.80
C TYR S 40 -45.10 63.75 24.02
N ARG S 41 -46.38 63.73 24.39
CA ARG S 41 -47.08 64.98 24.67
C ARG S 41 -46.49 65.64 25.91
N GLN S 42 -46.20 64.83 26.93
CA GLN S 42 -45.59 65.38 28.13
C GLN S 42 -44.21 65.96 27.81
N ALA S 43 -43.45 65.25 26.98
CA ALA S 43 -42.13 65.74 26.59
C ALA S 43 -42.24 67.03 25.79
N GLU S 44 -43.24 67.11 24.91
CA GLU S 44 -43.44 68.32 24.12
C GLU S 44 -43.79 69.49 25.02
N LEU S 45 -44.65 69.26 26.01
CA LEU S 45 -45.02 70.34 26.92
C LEU S 45 -43.81 70.81 27.72
N GLN S 46 -43.01 69.86 28.23
CA GLN S 46 -41.84 70.23 29.01
C GLN S 46 -40.83 70.99 28.16
N ASN S 47 -40.55 70.49 26.96
CA ASN S 47 -39.60 71.15 26.07
C ASN S 47 -40.09 72.53 25.67
N GLY S 48 -41.39 72.66 25.37
CA GLY S 48 -41.92 73.95 24.98
C GLY S 48 -41.88 74.97 26.10
N ARG S 49 -42.24 74.55 27.32
CA ARG S 49 -42.21 75.48 28.44
C ARG S 49 -40.78 75.88 28.78
N TRP S 50 -39.85 74.93 28.77
CA TRP S 50 -38.46 75.26 29.05
C TRP S 50 -37.89 76.16 27.95
N ALA S 51 -38.27 75.90 26.70
CA ALA S 51 -37.79 76.74 25.61
C ALA S 51 -38.36 78.14 25.71
N MET S 52 -39.61 78.25 26.14
CA MET S 52 -40.20 79.57 26.32
C MET S 52 -39.46 80.35 27.38
N LEU S 53 -39.19 79.70 28.52
CA LEU S 53 -38.45 80.35 29.59
C LEU S 53 -37.05 80.74 29.14
N GLY S 54 -36.37 79.85 28.42
CA GLY S 54 -35.03 80.14 27.95
C GLY S 54 -34.97 81.27 26.94
N VAL S 55 -35.88 81.27 25.97
CA VAL S 55 -35.90 82.33 24.97
C VAL S 55 -36.21 83.66 25.63
N ALA S 56 -37.19 83.67 26.53
CA ALA S 56 -37.53 84.90 27.24
C ALA S 56 -36.35 85.39 28.06
N GLY S 57 -35.64 84.46 28.72
CA GLY S 57 -34.49 84.86 29.52
C GLY S 57 -33.36 85.42 28.67
N ILE S 58 -33.09 84.79 27.53
CA ILE S 58 -32.03 85.27 26.65
C ILE S 58 -32.35 86.67 26.15
N LEU S 59 -33.59 86.87 25.68
CA LEU S 59 -33.98 88.18 25.18
C LEU S 59 -33.95 89.23 26.30
N GLY S 60 -34.45 88.86 27.48
CA GLY S 60 -34.45 89.80 28.59
C GLY S 60 -33.06 90.20 29.03
N GLN S 61 -32.15 89.23 29.13
CA GLN S 61 -30.79 89.57 29.54
C GLN S 61 -30.10 90.38 28.46
N GLU S 62 -30.43 90.14 27.19
CA GLU S 62 -29.80 90.92 26.14
C GLU S 62 -30.29 92.37 26.16
N ILE S 63 -31.58 92.56 26.45
CA ILE S 63 -32.12 93.92 26.50
C ILE S 63 -31.61 94.65 27.73
N ILE S 64 -31.59 93.98 28.88
CA ILE S 64 -31.15 94.63 30.13
C ILE S 64 -29.63 94.66 30.23
N ASN S 65 -28.94 93.58 29.85
CA ASN S 65 -27.49 93.49 29.93
C ASN S 65 -26.93 93.14 28.55
N PRO S 66 -26.91 94.09 27.63
CA PRO S 66 -26.39 93.81 26.28
C PRO S 66 -24.90 93.52 26.24
N ALA S 67 -24.14 93.95 27.25
CA ALA S 67 -22.70 93.70 27.26
C ALA S 67 -22.34 92.24 27.51
N GLN S 68 -23.28 91.41 27.95
CA GLN S 68 -23.03 90.01 28.24
C GLN S 68 -23.68 89.13 27.18
N TRP S 69 -22.89 88.22 26.63
CA TRP S 69 -23.37 87.27 25.63
C TRP S 69 -24.01 86.08 26.34
N TRP S 70 -25.23 85.73 25.91
CA TRP S 70 -25.93 84.61 26.55
C TRP S 70 -25.18 83.30 26.42
N TYR S 71 -24.42 83.11 25.34
CA TYR S 71 -23.69 81.87 25.16
C TYR S 71 -22.63 81.67 26.24
N THR S 72 -21.94 82.75 26.63
CA THR S 72 -20.90 82.70 27.63
C THR S 72 -21.35 83.25 28.99
N ALA S 73 -22.65 83.46 29.17
CA ALA S 73 -23.15 83.99 30.44
C ALA S 73 -22.98 83.01 31.59
N GLY S 74 -22.68 81.75 31.30
CA GLY S 74 -22.52 80.75 32.34
C GLY S 74 -21.14 80.59 32.92
N MET S 75 -20.11 81.24 32.37
CA MET S 75 -18.78 81.07 32.94
C MET S 75 -18.71 81.70 34.33
N PRO S 76 -17.87 81.15 35.21
CA PRO S 76 -17.76 81.69 36.57
C PRO S 76 -17.33 83.15 36.64
N GLU S 77 -16.45 83.59 35.73
CA GLU S 77 -16.00 84.98 35.78
C GLU S 77 -17.10 85.96 35.40
N ASN S 78 -18.15 85.51 34.72
CA ASN S 78 -19.26 86.37 34.33
C ASN S 78 -20.46 86.24 35.26
N LEU S 79 -20.35 85.45 36.31
CA LEU S 79 -21.46 85.25 37.23
C LEU S 79 -21.61 86.45 38.16
N PRO S 80 -22.80 87.02 38.28
CA PRO S 80 -22.98 88.16 39.18
C PRO S 80 -22.77 87.74 40.63
N ARG S 81 -22.28 88.67 41.43
CA ARG S 81 -22.01 88.43 42.84
C ARG S 81 -23.04 89.15 43.70
N PHE S 82 -23.74 88.40 44.55
CA PHE S 82 -24.74 88.94 45.45
C PHE S 82 -24.31 88.89 46.91
N ASP S 83 -23.20 88.24 47.22
CA ASP S 83 -22.72 88.12 48.59
C ASP S 83 -21.20 87.96 48.55
N SER S 84 -20.63 87.59 49.70
CA SER S 84 -19.19 87.38 49.81
C SER S 84 -18.80 85.92 49.69
N GLN S 85 -19.75 85.03 49.38
CA GLN S 85 -19.43 83.62 49.24
C GLN S 85 -18.57 83.39 48.00
N PRO S 86 -17.65 82.43 48.06
CA PRO S 86 -16.81 82.15 46.89
C PRO S 86 -17.62 81.51 45.77
N VAL S 87 -17.09 81.64 44.56
CA VAL S 87 -17.74 81.09 43.38
C VAL S 87 -17.28 79.65 43.20
N ASN S 88 -18.24 78.73 43.19
CA ASN S 88 -17.96 77.30 43.01
C ASN S 88 -19.10 76.73 42.17
N MET S 89 -18.80 76.37 40.93
CA MET S 89 -19.84 75.82 40.07
C MET S 89 -20.37 74.50 40.60
N GLY S 90 -19.53 73.74 41.31
CA GLY S 90 -19.99 72.48 41.87
C GLY S 90 -21.05 72.69 42.93
N GLY S 91 -20.90 73.74 43.75
CA GLY S 91 -21.89 74.01 44.77
C GLY S 91 -23.23 74.42 44.19
N ILE S 92 -23.20 75.25 43.15
CA ILE S 92 -24.44 75.68 42.51
C ILE S 92 -25.14 74.48 41.87
N LEU S 93 -24.36 73.58 41.28
CA LEU S 93 -24.93 72.40 40.65
C LEU S 93 -25.60 71.49 41.68
N ALA S 94 -25.13 71.50 42.92
CA ALA S 94 -25.72 70.65 43.95
C ALA S 94 -27.16 71.07 44.25
N TRP S 95 -27.39 72.36 44.48
CA TRP S 95 -28.73 72.85 44.76
C TRP S 95 -29.68 72.50 43.63
N GLU S 96 -29.29 72.85 42.40
CA GLU S 96 -30.13 72.59 41.25
C GLU S 96 -30.39 71.10 41.07
N PHE S 97 -29.35 70.28 41.22
CA PHE S 97 -29.53 68.84 41.04
C PHE S 97 -30.53 68.28 42.04
N ILE S 98 -30.39 68.65 43.31
CA ILE S 98 -31.30 68.12 44.33
C ILE S 98 -32.73 68.59 44.10
N LEU S 99 -32.93 69.89 43.93
CA LEU S 99 -34.29 70.42 43.74
C LEU S 99 -34.93 69.89 42.46
N MET S 100 -34.17 69.90 41.36
CA MET S 100 -34.68 69.40 40.09
C MET S 100 -35.01 67.92 40.18
N HIS S 101 -34.17 67.15 40.86
CA HIS S 101 -34.43 65.72 41.01
C HIS S 101 -35.74 65.49 41.73
N PHE S 102 -35.96 66.23 42.83
CA PHE S 102 -37.20 66.05 43.58
C PHE S 102 -38.44 66.41 42.75
N VAL S 103 -38.44 67.60 42.14
CA VAL S 103 -39.62 68.03 41.38
C VAL S 103 -39.84 67.13 40.16
N GLU S 104 -38.77 66.73 39.48
CA GLU S 104 -38.92 65.88 38.31
C GLU S 104 -39.40 64.49 38.70
N VAL S 105 -38.98 63.98 39.87
CA VAL S 105 -39.48 62.68 40.28
C VAL S 105 -40.96 62.77 40.60
N ARG S 106 -41.39 63.88 41.20
CA ARG S 106 -42.81 64.04 41.49
C ARG S 106 -43.62 64.07 40.19
N ARG S 107 -43.15 64.84 39.21
CA ARG S 107 -43.85 64.92 37.93
C ARG S 107 -43.86 63.56 37.23
N TRP S 108 -42.74 62.84 37.30
CA TRP S 108 -42.64 61.52 36.68
C TRP S 108 -43.62 60.55 37.32
N GLN S 109 -43.72 60.57 38.65
CA GLN S 109 -44.66 59.69 39.33
C GLN S 109 -46.09 60.03 38.91
N ASP S 110 -46.37 61.32 38.73
CA ASP S 110 -47.71 61.69 38.28
C ASP S 110 -47.97 61.15 36.88
N ILE S 111 -46.95 61.19 36.02
CA ILE S 111 -47.10 60.69 34.66
C ILE S 111 -47.39 59.20 34.67
N ARG S 112 -46.68 58.45 35.52
CA ARG S 112 -46.89 57.01 35.60
C ARG S 112 -48.33 56.68 36.01
N LYS S 113 -48.79 57.27 37.11
CA LYS S 113 -50.14 57.07 37.62
C LYS S 113 -50.77 58.43 37.84
N LYS S 114 -51.81 58.74 37.09
CA LYS S 114 -52.46 60.04 37.24
C LYS S 114 -53.14 60.16 38.60
N ASP S 115 -53.05 61.35 39.19
CA ASP S 115 -53.63 61.67 40.49
C ASP S 115 -53.03 60.84 41.62
N SER S 116 -51.83 60.30 41.43
CA SER S 116 -51.19 59.50 42.47
C SER S 116 -50.38 60.34 43.44
N VAL S 117 -49.84 61.48 42.98
CA VAL S 117 -49.05 62.36 43.82
C VAL S 117 -49.66 63.75 43.82
N ASN S 118 -50.99 63.81 43.87
CA ASN S 118 -51.72 65.07 43.86
C ASN S 118 -51.92 65.65 45.26
N ALA S 119 -51.39 65.02 46.30
CA ALA S 119 -51.54 65.49 47.67
C ALA S 119 -50.21 65.87 48.28
N ASP S 120 -50.25 66.83 49.20
CA ASP S 120 -49.05 67.28 49.89
C ASP S 120 -48.48 66.14 50.74
N PRO S 121 -47.17 65.93 50.71
CA PRO S 121 -46.59 64.84 51.51
C PRO S 121 -46.82 65.02 53.01
N PHE S 122 -46.96 66.25 53.48
CA PHE S 122 -47.18 66.52 54.89
C PHE S 122 -48.65 66.73 55.24
N ASN S 123 -49.41 67.38 54.36
CA ASN S 123 -50.83 67.65 54.59
C ASN S 123 -51.67 66.96 53.52
N PRO S 124 -52.29 65.82 53.82
CA PRO S 124 -53.10 65.15 52.81
C PRO S 124 -54.28 65.96 52.32
N ASN S 125 -54.71 66.97 53.08
CA ASN S 125 -55.85 67.80 52.64
C ASN S 125 -55.47 68.66 51.44
N LEU S 126 -54.28 69.24 51.45
CA LEU S 126 -53.82 70.08 50.34
C LEU S 126 -53.64 69.21 49.11
N LYS S 127 -54.50 69.39 48.11
CA LYS S 127 -54.44 68.59 46.90
C LYS S 127 -54.36 69.49 45.67
N VAL S 128 -53.71 68.96 44.64
CA VAL S 128 -53.54 69.65 43.36
C VAL S 128 -54.58 69.10 42.40
N PRO S 129 -55.49 69.91 41.89
CA PRO S 129 -56.49 69.40 40.96
C PRO S 129 -56.04 69.45 39.51
N ASN S 130 -55.44 68.37 39.02
CA ASN S 130 -54.98 68.34 37.64
C ASN S 130 -56.00 67.63 36.77
N PRO S 131 -56.77 68.37 35.96
CA PRO S 131 -57.76 67.70 35.10
C PRO S 131 -57.13 66.80 34.05
N GLU S 132 -55.86 67.02 33.72
CA GLU S 132 -55.17 66.24 32.71
C GLU S 132 -53.67 66.32 32.93
N LEU S 133 -52.95 65.39 32.29
CA LEU S 133 -51.50 65.34 32.42
C LEU S 133 -50.83 66.59 31.86
N GLY S 134 -49.82 67.08 32.57
CA GLY S 134 -49.09 68.26 32.17
C GLY S 134 -49.74 69.56 32.57
N TYR S 135 -50.90 69.51 33.21
CA TYR S 135 -51.65 70.69 33.64
C TYR S 135 -52.06 70.50 35.09
N PRO S 136 -51.10 70.63 36.03
CA PRO S 136 -51.45 70.42 37.44
C PRO S 136 -52.48 71.38 38.00
N GLY S 137 -52.32 72.68 37.76
CA GLY S 137 -53.28 73.63 38.29
C GLY S 137 -53.07 73.87 39.77
N GLY S 138 -54.15 74.31 40.43
CA GLY S 138 -54.11 74.59 41.84
C GLY S 138 -53.07 75.65 42.15
N PRO S 139 -52.05 75.29 42.93
CA PRO S 139 -50.99 76.27 43.22
C PRO S 139 -50.29 76.74 41.96
N PHE S 140 -50.20 75.88 40.96
CA PHE S 140 -49.57 76.23 39.68
C PHE S 140 -50.45 77.17 38.87
N ASP S 141 -51.70 77.37 39.28
CA ASP S 141 -52.64 78.27 38.61
C ASP S 141 -53.26 79.16 39.68
N PRO S 142 -52.46 80.04 40.30
CA PRO S 142 -53.03 80.90 41.35
C PRO S 142 -53.99 81.94 40.83
N LEU S 143 -53.70 82.54 39.68
CA LEU S 143 -54.58 83.56 39.12
C LEU S 143 -55.88 82.97 38.57
N GLY S 144 -55.97 81.65 38.48
CA GLY S 144 -57.19 81.02 37.97
C GLY S 144 -57.48 81.37 36.53
N PHE S 145 -56.44 81.39 35.69
CA PHE S 145 -56.63 81.71 34.28
C PHE S 145 -57.29 80.59 33.50
N SER S 146 -57.71 79.51 34.16
CA SER S 146 -58.38 78.40 33.48
C SER S 146 -59.87 78.64 33.53
N LYS S 147 -60.63 77.68 34.07
CA LYS S 147 -62.08 77.77 34.20
C LYS S 147 -62.78 77.91 32.86
N GLY S 148 -62.51 79.00 32.13
CA GLY S 148 -63.13 79.24 30.85
C GLY S 148 -62.69 78.30 29.74
N ASN S 149 -62.53 78.84 28.53
CA ASN S 149 -62.10 78.02 27.40
C ASN S 149 -60.70 77.49 27.66
N PHE S 150 -60.62 76.28 28.22
CA PHE S 150 -59.33 75.69 28.52
C PHE S 150 -58.61 75.21 27.26
N LYS S 151 -59.37 74.68 26.29
CA LYS S 151 -58.73 74.19 25.07
C LYS S 151 -58.09 75.32 24.27
N GLU S 152 -58.72 76.49 24.22
CA GLU S 152 -58.13 77.59 23.48
C GLU S 152 -56.81 78.01 24.11
N ALA S 153 -56.78 78.14 25.43
CA ALA S 153 -55.55 78.51 26.11
C ALA S 153 -54.49 77.42 25.93
N GLN S 154 -54.92 76.16 25.90
CA GLN S 154 -53.98 75.06 25.68
C GLN S 154 -53.36 75.17 24.29
N THR S 155 -54.18 75.50 23.30
CA THR S 155 -53.68 75.65 21.94
C THR S 155 -52.68 76.80 21.88
N LYS S 156 -52.99 77.90 22.57
CA LYS S 156 -52.08 79.03 22.60
C LYS S 156 -50.75 78.63 23.23
N GLU S 157 -50.82 77.87 24.32
CA GLU S 157 -49.60 77.44 25.02
C GLU S 157 -48.76 76.52 24.15
N ILE S 158 -49.39 75.54 23.49
CA ILE S 158 -48.63 74.61 22.67
C ILE S 158 -48.02 75.32 21.46
N LYS S 159 -48.75 76.25 20.84
CA LYS S 159 -48.20 76.96 19.71
C LYS S 159 -47.06 77.88 20.12
N ASN S 160 -47.22 78.56 21.27
CA ASN S 160 -46.14 79.41 21.75
C ASN S 160 -44.92 78.58 22.11
N GLY S 161 -45.14 77.39 22.67
CA GLY S 161 -44.02 76.53 23.00
C GLY S 161 -43.28 76.06 21.77
N ARG S 162 -44.01 75.67 20.72
CA ARG S 162 -43.37 75.23 19.49
C ARG S 162 -42.58 76.38 18.87
N LEU S 163 -43.16 77.58 18.86
CA LEU S 163 -42.45 78.73 18.33
C LEU S 163 -41.19 79.01 19.13
N ALA S 164 -41.28 78.85 20.46
CA ALA S 164 -40.12 79.07 21.31
C ALA S 164 -39.03 78.04 21.05
N MET S 165 -39.41 76.79 20.80
CA MET S 165 -38.41 75.77 20.51
C MET S 165 -37.68 76.10 19.21
N VAL S 166 -38.43 76.50 18.19
CA VAL S 166 -37.80 76.87 16.93
C VAL S 166 -36.89 78.08 17.14
N ALA S 167 -37.37 79.04 17.95
CA ALA S 167 -36.57 80.23 18.24
C ALA S 167 -35.29 79.89 18.98
N PHE S 168 -35.35 78.93 19.91
CA PHE S 168 -34.15 78.56 20.64
C PHE S 168 -33.15 77.89 19.71
N ALA S 169 -33.63 77.02 18.81
CA ALA S 169 -32.70 76.41 17.86
C ALA S 169 -32.06 77.48 17.01
N ALA S 170 -32.85 78.48 16.61
CA ALA S 170 -32.33 79.59 15.82
C ALA S 170 -31.28 80.37 16.60
N PHE S 171 -31.55 80.64 17.88
CA PHE S 171 -30.61 81.39 18.71
C PHE S 171 -29.30 80.63 18.84
N THR S 172 -29.37 79.31 19.06
CA THR S 172 -28.16 78.52 19.20
C THR S 172 -27.33 78.55 17.93
N ILE S 173 -27.97 78.29 16.78
CA ILE S 173 -27.23 78.28 15.51
C ILE S 173 -26.67 79.67 15.21
N GLN S 174 -27.45 80.72 15.43
CA GLN S 174 -26.99 82.07 15.16
C GLN S 174 -25.82 82.46 16.06
N ALA S 175 -25.87 82.07 17.33
CA ALA S 175 -24.77 82.40 18.23
C ALA S 175 -23.51 81.64 17.87
N GLN S 176 -23.66 80.39 17.44
CA GLN S 176 -22.49 79.60 17.07
C GLN S 176 -21.90 80.04 15.74
N ALA S 177 -22.71 80.61 14.85
CA ALA S 177 -22.21 81.04 13.55
C ALA S 177 -21.79 82.50 13.50
N THR S 178 -22.29 83.34 14.40
CA THR S 178 -21.96 84.77 14.40
C THR S 178 -21.24 85.25 15.66
N GLY S 179 -21.42 84.58 16.80
CA GLY S 179 -20.77 85.01 18.01
C GLY S 179 -21.43 86.20 18.67
N LYS S 180 -22.66 86.52 18.28
CA LYS S 180 -23.41 87.64 18.84
C LYS S 180 -24.73 87.13 19.42
N GLY S 181 -25.57 88.06 19.86
CA GLY S 181 -26.85 87.72 20.42
C GLY S 181 -27.93 87.80 19.35
N PRO S 182 -29.12 87.27 19.65
CA PRO S 182 -30.21 87.32 18.65
C PRO S 182 -30.57 88.74 18.23
N LEU S 183 -30.72 89.65 19.19
CA LEU S 183 -31.05 91.02 18.84
C LEU S 183 -29.91 91.67 18.06
N GLN S 184 -28.66 91.36 18.43
CA GLN S 184 -27.53 91.91 17.71
C GLN S 184 -27.53 91.41 16.27
N ASN S 185 -27.86 90.13 16.07
CA ASN S 185 -27.92 89.57 14.74
C ASN S 185 -29.01 90.24 13.92
N LEU S 186 -30.17 90.48 14.54
CA LEU S 186 -31.26 91.14 13.83
C LEU S 186 -30.87 92.56 13.44
N THR S 187 -30.16 93.26 14.32
CA THR S 187 -29.72 94.61 14.02
C THR S 187 -28.70 94.63 12.89
N ASP S 188 -27.72 93.71 12.94
CA ASP S 188 -26.71 93.66 11.89
C ASP S 188 -27.33 93.31 10.53
N HIS S 189 -28.31 92.40 10.52
CA HIS S 189 -28.94 92.04 9.27
C HIS S 189 -29.68 93.22 8.65
N LEU S 190 -30.33 94.03 9.48
CA LEU S 190 -31.07 95.18 8.96
C LEU S 190 -30.15 96.24 8.37
N SER S 191 -28.85 96.22 8.68
CA SER S 191 -27.93 97.20 8.15
C SER S 191 -27.44 96.80 6.77
N ALA S 192 -26.81 95.63 6.65
CA ALA S 192 -26.29 95.11 5.39
C ALA S 192 -26.81 93.70 5.21
N PRO S 193 -28.09 93.55 4.85
CA PRO S 193 -28.64 92.20 4.67
C PRO S 193 -27.96 91.39 3.57
N PHE S 194 -27.47 92.04 2.51
CA PHE S 194 -26.82 91.33 1.44
C PHE S 194 -25.45 90.80 1.83
N SER S 195 -24.86 91.31 2.91
CA SER S 195 -23.55 90.87 3.37
C SER S 195 -23.57 90.31 4.79
N ASN S 196 -24.73 90.28 5.45
CA ASN S 196 -24.87 89.77 6.80
C ASN S 196 -26.09 88.86 6.89
N ASN S 197 -26.00 87.71 6.21
CA ASN S 197 -27.06 86.73 6.16
C ASN S 197 -26.47 85.35 6.48
N TRP S 198 -27.32 84.33 6.46
CA TRP S 198 -26.86 82.98 6.75
C TRP S 198 -25.87 82.47 5.71
N THR S 199 -25.90 83.03 4.49
CA THR S 199 -24.97 82.58 3.45
C THR S 199 -23.53 82.86 3.82
N THR S 200 -23.26 83.99 4.46
CA THR S 200 -21.90 84.35 4.86
C THR S 200 -21.53 83.91 6.26
N ASN S 201 -22.49 83.89 7.20
CA ASN S 201 -22.18 83.48 8.57
C ASN S 201 -22.04 81.97 8.72
N ILE S 202 -22.82 81.19 7.97
CA ILE S 202 -22.72 79.74 8.08
C ILE S 202 -21.30 79.30 7.68
N GLY S 203 -20.93 78.12 8.17
CA GLY S 203 -19.60 77.61 7.89
C GLY S 203 -18.54 78.12 8.82
N HIS S 204 -18.90 78.87 9.86
CA HIS S 204 -17.98 79.40 10.84
C HIS S 204 -18.46 79.00 12.23
N CYS S 205 -17.56 78.46 13.03
CA CYS S 205 -17.88 78.04 14.40
C CYS S 205 -17.17 79.01 15.33
N MET S 206 -17.87 80.09 15.66
CA MET S 206 -17.33 81.13 16.55
C MET S 206 -17.34 80.72 18.02
N VAL S 207 -16.96 79.49 18.32
CA VAL S 207 -16.93 78.98 19.69
C VAL S 207 -15.58 78.31 19.91
N PRO S 208 -14.90 78.56 21.03
CA PRO S 208 -13.61 77.93 21.26
C PRO S 208 -13.74 76.41 21.39
N THR S 209 -12.62 75.72 21.13
CA THR S 209 -12.62 74.27 21.22
C THR S 209 -12.95 73.78 22.62
N SER S 210 -12.42 74.46 23.64
CA SER S 210 -12.68 74.07 25.02
C SER S 210 -12.67 75.32 25.89
N VAL S 211 -13.25 75.18 27.08
CA VAL S 211 -13.32 76.27 28.05
C VAL S 211 -12.81 75.74 29.38
N ASP S 212 -12.17 76.63 30.16
CA ASP S 212 -11.63 76.29 31.46
C ASP S 212 -12.57 76.83 32.53
N VAL S 213 -13.22 75.93 33.26
CA VAL S 213 -14.16 76.30 34.31
C VAL S 213 -13.48 76.00 35.65
N GLN S 214 -12.68 76.96 36.12
CA GLN S 214 -11.97 76.86 37.38
C GLN S 214 -11.14 75.57 37.46
N GLY S 215 -10.36 75.33 36.40
CA GLY S 215 -9.53 74.13 36.36
C GLY S 215 -10.08 73.03 35.49
N LEU S 216 -11.40 72.86 35.50
CA LEU S 216 -12.03 71.82 34.70
C LEU S 216 -12.17 72.28 33.25
N THR S 217 -11.76 71.43 32.32
CA THR S 217 -11.83 71.73 30.90
C THR S 217 -13.07 71.06 30.33
N ILE S 218 -13.96 71.85 29.74
CA ILE S 218 -15.20 71.36 29.14
C ILE S 218 -15.04 71.40 27.62
N PRO S 219 -15.08 70.27 26.93
CA PRO S 219 -14.96 70.31 25.46
C PRO S 219 -16.19 70.96 24.85
N LEU S 220 -15.96 71.92 23.95
CA LEU S 220 -17.03 72.63 23.29
C LEU S 220 -17.08 72.27 21.81
N SER S 221 -18.26 72.43 21.22
CA SER S 221 -18.45 72.12 19.81
C SER S 221 -19.73 72.76 19.32
N CYS S 222 -19.74 73.14 18.04
CA CYS S 222 -20.90 73.73 17.43
C CYS S 222 -21.90 72.63 17.06
N LEU S 223 -23.10 73.03 16.67
CA LEU S 223 -24.11 72.04 16.30
C LEU S 223 -23.78 71.38 14.96
N TRP S 224 -22.91 71.98 14.16
CA TRP S 224 -22.50 71.45 12.87
C TRP S 224 -21.00 71.62 12.73
N PRO S 225 -20.34 70.76 11.96
CA PRO S 225 -18.88 70.87 11.80
C PRO S 225 -18.47 72.14 11.06
N GLY S 226 -18.31 73.24 11.79
CA GLY S 226 -17.91 74.50 11.21
C GLY S 226 -16.41 74.58 11.00
N GLN S 227 -15.95 75.79 10.68
CA GLN S 227 -14.54 76.04 10.43
C GLN S 227 -13.76 76.41 11.69
N GLN S 228 -14.40 76.39 12.86
CA GLN S 228 -13.74 76.72 14.13
C GLN S 228 -13.13 78.12 14.08
N MET S 229 -13.95 79.09 13.68
CA MET S 229 -13.55 80.50 13.58
C MET S 229 -12.37 80.69 12.63
N ALA T 1 -49.30 50.34 52.79
CA ALA T 1 -50.05 51.36 53.51
C ALA T 1 -49.80 52.74 52.92
N ARG T 2 -50.31 53.78 53.59
CA ARG T 2 -50.13 55.14 53.10
C ARG T 2 -48.68 55.60 53.22
N ALA T 3 -47.89 54.99 54.09
CA ALA T 3 -46.48 55.34 54.24
C ALA T 3 -45.71 54.54 53.20
N ASN T 4 -45.29 55.21 52.14
CA ASN T 4 -44.57 54.55 51.05
C ASN T 4 -43.26 55.28 50.76
N TRP T 5 -42.23 54.50 50.42
CA TRP T 5 -40.94 55.07 50.07
C TRP T 5 -41.01 55.87 48.79
N LEU T 6 -42.08 55.72 48.02
CA LEU T 6 -42.29 56.44 46.76
C LEU T 6 -43.77 56.74 46.71
N PRO T 7 -44.19 57.93 47.15
CA PRO T 7 -45.63 58.25 47.13
C PRO T 7 -46.20 58.08 45.73
N GLY T 8 -47.41 57.53 45.67
CA GLY T 8 -48.08 57.29 44.42
C GLY T 8 -47.70 56.00 43.73
N SER T 9 -46.76 55.25 44.28
CA SER T 9 -46.33 53.99 43.69
C SER T 9 -47.19 52.85 44.23
N ASP T 10 -46.81 51.62 43.96
CA ASP T 10 -47.54 50.45 44.41
C ASP T 10 -46.57 49.51 45.10
N PHE T 11 -46.98 48.98 46.27
CA PHE T 11 -46.13 48.08 47.02
C PHE T 11 -45.93 46.78 46.23
N PRO T 12 -44.75 46.17 46.31
CA PRO T 12 -44.52 44.91 45.60
C PRO T 12 -45.43 43.83 46.17
N ALA T 13 -45.69 42.81 45.34
CA ALA T 13 -46.57 41.72 45.74
C ALA T 13 -46.11 41.06 47.03
N HIS T 14 -44.82 40.74 47.14
CA HIS T 14 -44.33 40.09 48.34
C HIS T 14 -44.35 41.03 49.55
N LEU T 15 -44.27 42.34 49.32
CA LEU T 15 -44.29 43.30 50.41
C LEU T 15 -45.69 43.74 50.80
N GLU T 16 -46.72 43.18 50.15
CA GLU T 16 -48.09 43.51 50.51
C GLU T 16 -48.46 42.69 51.74
N ASN T 17 -49.25 43.28 52.63
CA ASN T 17 -49.65 42.63 53.88
C ASN T 17 -48.43 42.34 54.75
N CYS T 18 -47.39 43.13 54.54
CA CYS T 18 -46.12 43.02 55.26
C CYS T 18 -46.29 43.57 56.67
N LYS T 19 -46.17 42.69 57.67
CA LYS T 19 -46.32 43.07 59.06
C LYS T 19 -45.01 43.48 59.72
N LEU T 20 -43.90 43.45 58.98
CA LEU T 20 -42.62 43.82 59.57
C LEU T 20 -42.61 45.33 59.85
N PRO T 21 -42.00 45.75 60.97
CA PRO T 21 -41.94 47.18 61.28
C PRO T 21 -41.11 47.93 60.25
N GLY T 22 -41.50 49.17 59.99
CA GLY T 22 -40.79 49.99 59.02
C GLY T 22 -40.81 49.44 57.63
N CYS T 23 -41.91 48.81 57.23
CA CYS T 23 -42.08 48.21 55.90
C CYS T 23 -42.79 49.22 55.03
N TYR T 24 -42.03 49.93 54.19
CA TYR T 24 -42.57 50.96 53.31
C TYR T 24 -42.61 50.53 51.85
N GLY T 25 -42.60 49.23 51.58
CA GLY T 25 -42.65 48.73 50.21
C GLY T 25 -41.45 49.03 49.36
N PHE T 26 -40.24 48.97 49.93
CA PHE T 26 -39.01 49.24 49.20
C PHE T 26 -38.30 47.92 48.95
N ASP T 27 -38.30 47.47 47.69
CA ASP T 27 -37.65 46.24 47.28
C ASP T 27 -37.59 46.17 45.75
N PRO T 28 -36.88 47.10 45.09
CA PRO T 28 -36.81 47.04 43.62
C PRO T 28 -36.21 45.76 43.08
N LEU T 29 -35.24 45.18 43.77
CA LEU T 29 -34.62 43.94 43.31
C LEU T 29 -35.39 42.70 43.73
N GLY T 30 -36.40 42.83 44.58
CA GLY T 30 -37.17 41.69 45.01
C GLY T 30 -36.39 40.71 45.86
N LEU T 31 -35.46 41.20 46.69
CA LEU T 31 -34.68 40.32 47.54
C LEU T 31 -35.53 39.65 48.61
N GLY T 32 -36.68 40.23 48.94
CA GLY T 32 -37.56 39.66 49.94
C GLY T 32 -38.72 38.88 49.36
N ALA T 33 -38.60 38.48 48.09
CA ALA T 33 -39.67 37.72 47.45
C ALA T 33 -39.89 36.40 48.16
N ASN T 34 -38.81 35.71 48.53
CA ASN T 34 -38.92 34.44 49.23
C ASN T 34 -39.29 34.71 50.69
N GLU T 35 -40.16 33.86 51.23
CA GLU T 35 -40.61 34.05 52.62
C GLU T 35 -39.48 33.79 53.61
N GLU T 36 -38.76 32.67 53.46
CA GLU T 36 -37.67 32.37 54.39
C GLU T 36 -36.57 33.41 54.28
N ARG T 37 -36.21 33.80 53.06
CA ARG T 37 -35.18 34.81 52.88
C ARG T 37 -35.63 36.14 53.47
N LEU T 38 -36.93 36.43 53.43
CA LEU T 38 -37.42 37.68 54.00
C LEU T 38 -37.18 37.72 55.50
N ALA T 39 -37.45 36.60 56.19
CA ALA T 39 -37.23 36.55 57.63
C ALA T 39 -35.74 36.66 57.96
N TRP T 40 -34.90 35.95 57.19
CA TRP T 40 -33.47 36.02 57.45
C TRP T 40 -32.96 37.44 57.24
N PHE T 41 -33.42 38.11 56.17
CA PHE T 41 -33.01 39.47 55.91
C PHE T 41 -33.56 40.42 56.96
N ALA T 42 -34.73 40.13 57.52
CA ALA T 42 -35.27 40.98 58.57
C ALA T 42 -34.38 40.92 59.80
N GLU T 43 -33.94 39.71 60.15
CA GLU T 43 -33.03 39.58 61.30
C GLU T 43 -31.71 40.28 61.01
N SER T 44 -31.21 40.14 59.79
CA SER T 44 -29.96 40.80 59.42
C SER T 44 -30.09 42.31 59.49
N GLU T 45 -31.22 42.84 59.03
CA GLU T 45 -31.45 44.28 59.08
C GLU T 45 -31.53 44.77 60.51
N ARG T 46 -32.21 44.02 61.39
CA ARG T 46 -32.31 44.44 62.78
C ARG T 46 -30.94 44.46 63.46
N VAL T 47 -30.16 43.40 63.24
CA VAL T 47 -28.83 43.36 63.87
C VAL T 47 -27.95 44.46 63.30
N HIS T 48 -28.06 44.73 61.99
CA HIS T 48 -27.27 45.82 61.40
C HIS T 48 -27.69 47.15 61.98
N CYS T 49 -28.99 47.33 62.19
CA CYS T 49 -29.51 48.58 62.76
C CYS T 49 -28.91 48.82 64.13
N ARG T 50 -28.97 47.82 65.00
CA ARG T 50 -28.44 47.97 66.36
C ARG T 50 -26.93 48.17 66.35
N TRP T 51 -26.20 47.38 65.55
CA TRP T 51 -24.75 47.54 65.51
C TRP T 51 -24.35 48.92 64.99
N ALA T 52 -25.03 49.39 63.94
CA ALA T 52 -24.72 50.70 63.39
C ALA T 52 -25.05 51.80 64.39
N MET T 53 -26.15 51.66 65.12
CA MET T 53 -26.51 52.66 66.11
C MET T 53 -25.43 52.76 67.17
N LEU T 54 -24.99 51.59 67.67
CA LEU T 54 -23.94 51.57 68.69
C LEU T 54 -22.65 52.18 68.15
N GLY T 55 -22.27 51.80 66.93
CA GLY T 55 -21.04 52.33 66.36
C GLY T 55 -21.07 53.83 66.14
N VAL T 56 -22.17 54.35 65.58
CA VAL T 56 -22.28 55.78 65.33
C VAL T 56 -22.25 56.55 66.65
N ALA T 57 -23.01 56.07 67.64
CA ALA T 57 -23.02 56.75 68.94
C ALA T 57 -21.63 56.74 69.56
N GLY T 58 -20.93 55.60 69.48
CA GLY T 58 -19.60 55.52 70.03
C GLY T 58 -18.62 56.45 69.33
N ILE T 59 -18.67 56.51 68.01
CA ILE T 59 -17.77 57.38 67.27
C ILE T 59 -18.02 58.84 67.63
N LEU T 60 -19.30 59.24 67.70
CA LEU T 60 -19.61 60.62 68.05
C LEU T 60 -19.14 60.96 69.46
N VAL T 61 -19.39 60.07 70.42
CA VAL T 61 -18.97 60.34 71.79
C VAL T 61 -17.46 60.39 71.89
N GLN T 62 -16.76 59.48 71.20
CA GLN T 62 -15.31 59.46 71.22
C GLN T 62 -14.74 60.76 70.66
N GLU T 63 -15.34 61.25 69.57
CA GLU T 63 -14.87 62.48 68.98
C GLU T 63 -15.13 63.67 69.90
N ILE T 64 -16.29 63.68 70.57
CA ILE T 64 -16.60 64.79 71.48
C ILE T 64 -15.68 64.76 72.69
N VAL T 65 -15.52 63.59 73.31
CA VAL T 65 -14.68 63.48 74.51
C VAL T 65 -13.21 63.62 74.15
N LYS T 66 -12.76 62.94 73.09
CA LYS T 66 -11.36 62.98 72.65
C LYS T 66 -11.30 63.44 71.20
N PRO T 67 -11.27 64.76 70.96
CA PRO T 67 -11.21 65.25 69.58
C PRO T 67 -9.85 65.07 68.92
N ASP T 68 -8.82 64.74 69.68
CA ASP T 68 -7.48 64.55 69.13
C ASP T 68 -7.21 63.14 68.64
N VAL T 69 -8.18 62.24 68.73
CA VAL T 69 -8.03 60.86 68.28
C VAL T 69 -8.94 60.64 67.08
N PHE T 70 -8.35 60.21 65.97
CA PHE T 70 -9.09 59.93 64.74
C PHE T 70 -9.75 58.57 64.89
N TRP T 71 -11.07 58.51 64.70
CA TRP T 71 -11.80 57.25 64.83
C TRP T 71 -11.35 56.24 63.80
N TYR T 72 -10.98 56.70 62.60
CA TYR T 72 -10.56 55.78 61.55
C TYR T 72 -9.30 55.03 61.93
N THR T 73 -8.35 55.71 62.57
CA THR T 73 -7.09 55.10 62.99
C THR T 73 -7.08 54.70 64.47
N SER T 74 -8.23 54.73 65.14
CA SER T 74 -8.27 54.37 66.55
C SER T 74 -7.88 52.92 66.79
N GLY T 75 -8.03 52.04 65.80
CA GLY T 75 -7.68 50.66 65.99
C GLY T 75 -6.21 50.46 66.29
N ALA T 76 -5.35 51.32 65.76
CA ALA T 76 -3.91 51.21 65.96
C ALA T 76 -3.29 52.36 66.76
N THR T 77 -4.11 53.30 67.28
CA THR T 77 -3.59 54.45 68.03
C THR T 77 -4.50 54.77 69.23
N VAL T 78 -4.49 53.91 70.24
CA VAL T 78 -5.31 54.11 71.43
C VAL T 78 -4.57 53.63 72.68
N GLU T 79 -3.66 52.67 72.50
CA GLU T 79 -2.88 52.08 73.59
C GLU T 79 -3.86 51.25 74.41
N LEU T 80 -3.94 49.97 74.10
CA LEU T 80 -4.85 49.00 74.70
C LEU T 80 -4.37 48.58 76.08
N PRO T 81 -5.26 48.54 77.08
CA PRO T 81 -4.84 48.10 78.41
C PRO T 81 -4.34 46.67 78.44
N PHE T 82 -4.90 45.80 77.60
CA PHE T 82 -4.53 44.40 77.48
C PHE T 82 -3.69 44.24 76.21
N ASP T 83 -3.74 43.06 75.60
CA ASP T 83 -3.02 42.77 74.38
C ASP T 83 -4.02 42.58 73.24
N ILE T 84 -3.63 42.97 72.04
CA ILE T 84 -4.52 42.86 70.89
C ILE T 84 -4.88 41.41 70.60
N THR T 85 -3.92 40.50 70.75
CA THR T 85 -4.19 39.08 70.48
C THR T 85 -5.18 38.51 71.49
N GLY T 86 -4.92 38.72 72.78
CA GLY T 86 -5.83 38.19 73.81
C GLY T 86 -7.20 38.83 73.71
N LEU T 87 -7.25 40.13 73.47
CA LEU T 87 -8.54 40.82 73.35
C LEU T 87 -9.33 40.27 72.18
N LEU T 88 -8.68 40.08 71.03
CA LEU T 88 -9.37 39.55 69.87
C LEU T 88 -9.87 38.13 70.13
N ALA T 89 -9.05 37.31 70.79
CA ALA T 89 -9.47 35.95 71.08
C ALA T 89 -10.68 35.92 72.02
N PHE T 90 -10.64 36.72 73.09
CA PHE T 90 -11.75 36.76 74.03
C PHE T 90 -13.02 37.24 73.34
N GLU T 91 -12.90 38.30 72.53
CA GLU T 91 -14.06 38.82 71.82
C GLU T 91 -14.60 37.79 70.85
N LEU T 92 -13.72 37.08 70.15
CA LEU T 92 -14.17 36.06 69.20
C LEU T 92 -14.92 34.95 69.92
N PHE T 93 -14.42 34.49 71.06
CA PHE T 93 -15.09 33.42 71.79
C PHE T 93 -16.47 33.83 72.28
N VAL T 94 -16.55 34.97 73.00
CA VAL T 94 -17.85 35.41 73.51
C VAL T 94 -18.80 35.75 72.37
N MET T 95 -18.29 36.38 71.31
CA MET T 95 -19.14 36.73 70.18
C MET T 95 -19.64 35.48 69.50
N HIS T 96 -18.80 34.45 69.39
CA HIS T 96 -19.25 33.21 68.78
C HIS T 96 -20.39 32.62 69.59
N TRP T 97 -20.26 32.62 70.91
CA TRP T 97 -21.32 32.07 71.75
C TRP T 97 -22.64 32.83 71.56
N VAL T 98 -22.62 34.15 71.73
CA VAL T 98 -23.84 34.94 71.63
C VAL T 98 -24.43 34.91 70.21
N GLU T 99 -23.59 35.07 69.19
CA GLU T 99 -24.09 35.08 67.82
C GLU T 99 -24.64 33.71 67.43
N SER T 100 -24.00 32.62 67.87
CA SER T 100 -24.51 31.31 67.55
C SER T 100 -25.86 31.09 68.20
N ARG T 101 -26.00 31.53 69.45
CA ARG T 101 -27.30 31.39 70.13
C ARG T 101 -28.37 32.18 69.41
N ARG T 102 -28.07 33.43 69.01
CA ARG T 102 -29.06 34.26 68.33
C ARG T 102 -29.44 33.67 66.97
N GLY T 103 -28.44 33.26 66.18
CA GLY T 103 -28.73 32.69 64.88
C GLY T 103 -29.55 31.41 64.99
N TYR T 104 -29.22 30.57 65.97
CA TYR T 104 -29.98 29.34 66.13
C TYR T 104 -31.39 29.65 66.63
N ASP T 105 -31.55 30.73 67.40
CA ASP T 105 -32.89 31.10 67.84
C ASP T 105 -33.72 31.54 66.64
N ILE T 106 -33.07 32.18 65.67
CA ILE T 106 -33.79 32.60 64.47
C ILE T 106 -34.17 31.38 63.64
N LYS T 107 -33.23 30.42 63.50
CA LYS T 107 -33.51 29.22 62.73
C LYS T 107 -34.63 28.40 63.38
N LYS T 108 -34.62 28.29 64.70
CA LYS T 108 -35.62 27.57 65.46
C LYS T 108 -36.05 28.50 66.59
N PRO T 109 -37.27 29.07 66.52
CA PRO T 109 -37.74 30.02 67.54
C PRO T 109 -37.40 29.77 69.00
N GLY T 110 -37.94 28.72 69.60
CA GLY T 110 -37.69 28.46 71.01
C GLY T 110 -36.56 27.51 71.36
N SER T 111 -35.61 27.30 70.45
CA SER T 111 -34.53 26.37 70.73
C SER T 111 -33.51 26.97 71.69
N MET T 112 -33.21 28.26 71.57
CA MET T 112 -32.22 28.93 72.42
C MET T 112 -32.91 29.93 73.34
N ASP T 113 -33.72 29.42 74.26
CA ASP T 113 -34.44 30.25 75.21
C ASP T 113 -34.26 29.83 76.66
N GLN T 114 -33.43 28.82 76.92
CA GLN T 114 -33.22 28.32 78.27
C GLN T 114 -31.79 28.59 78.74
N ASP T 115 -31.67 28.99 80.00
CA ASP T 115 -30.37 29.27 80.61
C ASP T 115 -29.63 27.94 80.82
N PRO T 116 -28.43 27.77 80.30
CA PRO T 116 -27.72 26.49 80.50
C PRO T 116 -27.17 26.30 81.89
N ILE T 117 -26.84 27.37 82.61
CA ILE T 117 -26.27 27.24 83.95
C ILE T 117 -27.37 27.18 85.02
N PHE T 118 -28.33 28.09 84.94
CA PHE T 118 -29.43 28.15 85.91
C PHE T 118 -30.68 27.61 85.23
N SER T 119 -31.05 26.37 85.57
CA SER T 119 -32.21 25.72 84.98
C SER T 119 -33.52 26.41 85.34
N ASN T 120 -33.56 27.18 86.43
CA ASN T 120 -34.80 27.83 86.83
C ASN T 120 -35.13 29.04 85.95
N PHE T 121 -34.12 29.68 85.37
CA PHE T 121 -34.34 30.86 84.53
C PHE T 121 -34.49 30.47 83.07
N LYS T 122 -35.50 31.05 82.42
CA LYS T 122 -35.77 30.79 81.01
C LYS T 122 -36.38 32.03 80.39
N LEU T 123 -35.95 32.34 79.17
CA LEU T 123 -36.48 33.49 78.46
C LEU T 123 -37.92 33.22 78.05
N PRO T 124 -38.86 34.11 78.35
CA PRO T 124 -40.25 33.86 77.97
C PRO T 124 -40.43 33.86 76.45
N ALA T 125 -41.57 33.33 76.03
CA ALA T 125 -41.88 33.28 74.60
C ALA T 125 -41.88 34.67 73.99
N HIS T 126 -41.32 34.78 72.79
CA HIS T 126 -41.22 36.05 72.10
C HIS T 126 -41.23 35.82 70.61
N GLU T 127 -41.10 36.89 69.85
CA GLU T 127 -41.05 36.88 68.41
C GLU T 127 -39.60 36.92 67.92
N PRO T 128 -39.33 36.34 66.76
CA PRO T 128 -37.96 36.31 66.24
C PRO T 128 -37.35 37.70 66.13
N GLY T 129 -36.11 37.82 66.58
CA GLY T 129 -35.38 39.07 66.54
C GLY T 129 -35.67 40.01 67.69
N TYR T 130 -36.59 39.64 68.58
CA TYR T 130 -36.97 40.47 69.73
C TYR T 130 -36.97 39.58 70.96
N PRO T 131 -35.81 39.39 71.60
CA PRO T 131 -35.74 38.53 72.79
C PRO T 131 -36.67 38.94 73.93
N GLY T 132 -36.45 40.12 74.50
CA GLY T 132 -37.30 40.57 75.58
C GLY T 132 -36.92 39.92 76.91
N GLY T 133 -37.90 39.87 77.81
CA GLY T 133 -37.68 39.28 79.12
C GLY T 133 -36.60 40.02 79.89
N ILE T 134 -35.45 39.38 80.07
CA ILE T 134 -34.35 40.03 80.78
C ILE T 134 -33.66 41.06 79.88
N PHE T 135 -33.81 40.94 78.57
CA PHE T 135 -33.19 41.86 77.63
C PHE T 135 -33.93 43.19 77.54
N ALA T 136 -35.19 43.24 77.92
CA ALA T 136 -36.01 44.46 77.85
C ALA T 136 -36.69 44.72 79.19
N PRO T 137 -35.93 45.16 80.20
CA PRO T 137 -36.53 45.43 81.50
C PRO T 137 -37.30 46.75 81.57
N PHE T 138 -37.18 47.61 80.57
CA PHE T 138 -37.87 48.89 80.55
C PHE T 138 -38.40 49.15 79.14
N VAL T 139 -39.71 49.35 79.02
CA VAL T 139 -40.35 49.61 77.73
C VAL T 139 -41.20 50.87 77.85
N PRO T 140 -40.71 52.01 77.37
CA PRO T 140 -41.49 53.28 77.45
C PRO T 140 -42.40 53.51 76.24
N GLY T 141 -43.59 52.94 76.30
CA GLY T 141 -44.58 53.06 75.24
C GLY T 141 -44.93 51.70 74.68
N SER T 142 -45.74 51.72 73.62
CA SER T 142 -46.15 50.47 73.00
C SER T 142 -44.97 49.86 72.23
N LEU T 143 -45.00 48.54 72.09
CA LEU T 143 -43.92 47.83 71.42
C LEU T 143 -43.89 48.09 69.92
N GLU T 144 -45.04 48.30 69.27
CA GLU T 144 -45.04 48.52 67.83
C GLU T 144 -44.41 49.86 67.45
N GLU T 145 -44.80 50.95 68.11
CA GLU T 145 -44.22 52.25 67.78
C GLU T 145 -42.73 52.27 68.10
N LEU T 146 -42.34 51.63 69.21
CA LEU T 146 -40.93 51.58 69.57
C LEU T 146 -40.15 50.76 68.55
N LYS T 147 -40.77 49.69 68.01
CA LYS T 147 -40.12 48.88 66.99
C LYS T 147 -39.89 49.71 65.73
N VAL T 148 -40.89 50.49 65.34
CA VAL T 148 -40.75 51.35 64.16
C VAL T 148 -39.64 52.37 64.40
N LYS T 149 -39.61 52.94 65.60
CA LYS T 149 -38.57 53.91 65.94
C LYS T 149 -37.19 53.27 65.83
N GLU T 150 -37.05 52.05 66.34
CA GLU T 150 -35.77 51.34 66.30
C GLU T 150 -35.33 51.08 64.87
N ILE T 151 -36.24 50.61 64.01
CA ILE T 151 -35.89 50.32 62.63
C ILE T 151 -35.47 51.60 61.90
N LYS T 152 -36.23 52.67 62.07
CA LYS T 152 -35.90 53.93 61.40
C LYS T 152 -34.56 54.49 61.89
N ASN T 153 -34.36 54.50 63.20
CA ASN T 153 -33.10 55.01 63.74
C ASN T 153 -31.93 54.15 63.29
N GLY T 154 -32.13 52.83 63.19
CA GLY T 154 -31.06 51.96 62.74
C GLY T 154 -30.69 52.21 61.29
N ARG T 155 -31.69 52.42 60.43
CA ARG T 155 -31.40 52.71 59.03
C ARG T 155 -30.64 54.02 58.93
N LEU T 156 -31.08 55.03 59.68
CA LEU T 156 -30.39 56.32 59.66
C LEU T 156 -28.97 56.16 60.18
N ALA T 157 -28.77 55.31 61.18
CA ALA T 157 -27.44 55.09 61.73
C ALA T 157 -26.54 54.39 60.72
N MET T 158 -27.08 53.46 59.94
CA MET T 158 -26.25 52.79 58.93
C MET T 158 -25.79 53.79 57.89
N LEU T 159 -26.73 54.63 57.43
CA LEU T 159 -26.36 55.64 56.44
C LEU T 159 -25.34 56.60 57.04
N ALA T 160 -25.50 56.92 58.33
CA ALA T 160 -24.56 57.81 59.01
C ALA T 160 -23.18 57.20 59.09
N PHE T 161 -23.09 55.90 59.37
CA PHE T 161 -21.78 55.25 59.44
C PHE T 161 -21.11 55.26 58.08
N ILE T 162 -21.87 55.01 57.01
CA ILE T 162 -21.27 55.04 55.69
C ILE T 162 -20.79 56.45 55.38
N GLY T 163 -21.57 57.45 55.76
CA GLY T 163 -21.14 58.83 55.53
C GLY T 163 -19.90 59.15 56.34
N PHE T 164 -19.81 58.60 57.56
CA PHE T 164 -18.65 58.81 58.41
C PHE T 164 -17.39 58.26 57.77
N THR T 165 -17.44 57.00 57.33
CA THR T 165 -16.26 56.39 56.74
C THR T 165 -15.88 57.09 55.42
N MET T 166 -16.86 57.49 54.62
CA MET T 166 -16.53 58.16 53.38
C MET T 166 -15.93 59.54 53.64
N ALA T 167 -16.47 60.27 54.63
CA ALA T 167 -15.91 61.58 54.95
C ALA T 167 -14.51 61.44 55.52
N ALA T 168 -14.25 60.37 56.29
CA ALA T 168 -12.93 60.15 56.84
C ALA T 168 -11.94 59.79 55.75
N GLN T 169 -12.38 59.05 54.73
CA GLN T 169 -11.48 58.70 53.65
C GLN T 169 -11.26 59.86 52.69
N VAL T 170 -12.21 60.78 52.60
CA VAL T 170 -12.08 61.92 51.69
C VAL T 170 -11.44 63.12 52.38
N THR T 171 -11.85 63.43 53.62
CA THR T 171 -11.30 64.58 54.32
C THR T 171 -10.30 64.23 55.41
N GLY T 172 -10.33 63.01 55.94
CA GLY T 172 -9.40 62.64 56.98
C GLY T 172 -9.73 63.22 58.34
N LYS T 173 -10.91 63.79 58.50
CA LYS T 173 -11.34 64.39 59.76
C LYS T 173 -12.47 63.57 60.38
N ASN T 174 -12.79 63.92 61.61
CA ASN T 174 -13.86 63.26 62.35
C ASN T 174 -15.21 63.76 61.85
N PRO T 175 -16.32 63.07 62.20
CA PRO T 175 -17.65 63.51 61.72
C PRO T 175 -17.97 64.97 61.98
N LEU T 176 -17.93 65.40 63.25
CA LEU T 176 -18.25 66.79 63.56
C LEU T 176 -17.23 67.73 62.94
N ALA T 177 -15.97 67.31 62.81
CA ALA T 177 -14.97 68.17 62.18
C ALA T 177 -15.32 68.40 60.73
N ALA T 178 -15.74 67.36 60.02
CA ALA T 178 -16.14 67.51 58.62
C ALA T 178 -17.40 68.37 58.52
N LEU T 179 -18.32 68.20 59.48
CA LEU T 179 -19.53 69.01 59.46
C LEU T 179 -19.20 70.49 59.64
N ARG T 180 -18.28 70.79 60.56
CA ARG T 180 -17.87 72.18 60.77
C ARG T 180 -17.17 72.72 59.53
N GLU T 181 -16.36 71.89 58.87
CA GLU T 181 -15.69 72.32 57.66
C GLU T 181 -16.71 72.65 56.58
N HIS T 182 -17.75 71.84 56.48
CA HIS T 182 -18.79 72.08 55.48
C HIS T 182 -19.63 73.31 55.83
N LEU T 183 -19.80 73.59 57.12
CA LEU T 183 -20.57 74.76 57.52
C LEU T 183 -19.82 76.06 57.24
N ASP T 184 -18.49 76.03 57.27
CA ASP T 184 -17.70 77.22 57.01
C ASP T 184 -17.72 77.61 55.54
N ASN T 185 -18.04 76.68 54.65
CA ASN T 185 -18.10 76.94 53.22
C ASN T 185 -18.97 75.89 52.54
N PRO T 186 -20.30 76.02 52.63
CA PRO T 186 -21.17 75.02 51.98
C PRO T 186 -20.96 74.91 50.48
N LEU T 187 -20.66 76.01 49.80
CA LEU T 187 -20.42 75.99 48.35
C LEU T 187 -18.93 75.89 48.10
N GLY T 188 -18.40 74.71 48.39
CA GLY T 188 -16.97 74.45 48.20
C GLY T 188 -16.52 73.25 49.00
N THR T 189 -17.41 72.72 49.85
CA THR T 189 -17.10 71.57 50.67
C THR T 189 -17.97 70.36 50.31
N THR T 190 -18.84 70.47 49.33
CA THR T 190 -19.67 69.35 48.94
C THR T 190 -18.90 68.42 48.00
N ILE T 191 -19.43 67.21 47.83
CA ILE T 191 -18.77 66.24 46.94
C ILE T 191 -18.75 66.78 45.52
N PHE T 192 -19.75 67.57 45.14
CA PHE T 192 -19.79 68.15 43.81
C PHE T 192 -18.72 69.21 43.61
N SER T 193 -18.21 69.77 44.71
CA SER T 193 -17.18 70.81 44.66
C SER T 193 -15.77 70.23 44.60
N LYS T 194 -15.56 69.04 45.13
CA LYS T 194 -14.25 68.42 45.13
C LYS T 194 -14.04 67.43 43.98
N ALA T 195 -15.11 66.80 43.51
CA ALA T 195 -15.04 65.84 42.43
C ALA T 195 -15.97 66.20 41.29
N VAL T 196 -15.53 65.92 40.08
CA VAL T 196 -16.31 66.20 38.86
C VAL T 196 -15.65 65.47 37.70
N VAL T 197 -16.46 64.81 36.87
CA VAL T 197 -15.97 64.07 35.71
C VAL T 197 -16.70 64.56 34.47
N VAL T 198 -15.95 64.72 33.38
CA VAL T 198 -16.52 65.16 32.10
C VAL T 198 -15.84 64.38 30.99
N PRO T 199 -16.50 64.26 29.84
CA PRO T 199 -15.87 63.52 28.74
C PRO T 199 -14.59 64.18 28.28
N GLY T 200 -13.49 63.86 28.95
CA GLY T 200 -12.20 64.42 28.62
C GLY T 200 -11.33 64.71 29.84
N GLN T 201 -11.96 64.91 31.00
CA GLN T 201 -11.22 65.20 32.22
C GLN T 201 -12.01 64.70 33.42
N ALA T 202 -11.29 64.37 34.49
CA ALA T 202 -11.90 63.88 35.72
C ALA T 202 -11.09 64.37 36.91
N VAL T 203 -11.77 64.95 37.90
CA VAL T 203 -11.14 65.47 39.11
C VAL T 203 -11.52 64.53 40.24
N VAL T 204 -10.53 63.85 40.80
CA VAL T 204 -10.73 62.91 41.90
C VAL T 204 -10.02 63.44 43.14
N PRO T 205 -10.72 63.64 44.25
CA PRO T 205 -10.07 64.14 45.47
C PRO T 205 -9.02 63.15 45.96
N PRO T 206 -7.89 63.64 46.47
CA PRO T 206 -6.85 62.73 46.95
C PRO T 206 -7.26 62.02 48.23
N CYS T 207 -6.68 60.84 48.44
CA CYS T 207 -6.98 60.06 49.63
C CYS T 207 -6.37 60.71 50.87
N ALA T 208 -7.19 60.85 51.90
CA ALA T 208 -6.75 61.43 53.17
C ALA T 208 -6.28 60.37 54.15
N ILE T 209 -6.27 59.11 53.74
CA ILE T 209 -5.83 57.99 54.57
C ILE T 209 -4.53 57.46 53.99
N PRO T 210 -3.52 57.18 54.81
CA PRO T 210 -2.26 56.67 54.27
C PRO T 210 -2.45 55.33 53.57
N ASP T 211 -1.58 55.07 52.60
CA ASP T 211 -1.66 53.83 51.84
C ASP T 211 -1.59 52.61 52.77
N THR T 212 -0.65 52.63 53.72
CA THR T 212 -0.48 51.54 54.67
C THR T 212 -0.25 52.12 56.05
N ILE T 213 -0.64 51.35 57.07
CA ILE T 213 -0.48 51.74 58.47
C ILE T 213 0.35 50.67 59.16
N GLU T 214 1.25 51.11 60.04
CA GLU T 214 2.12 50.21 60.79
C GLU T 214 1.54 49.98 62.18
N PHE T 215 1.23 48.73 62.49
CA PHE T 215 0.69 48.34 63.78
C PHE T 215 1.62 47.29 64.37
N GLN T 216 2.11 47.57 65.58
CA GLN T 216 3.04 46.67 66.27
C GLN T 216 4.27 46.44 65.40
N GLY T 217 4.40 45.24 64.85
CA GLY T 217 5.55 44.93 64.01
C GLY T 217 5.22 44.64 62.56
N ILE T 218 3.93 44.54 62.25
CA ILE T 218 3.48 44.25 60.90
C ILE T 218 2.88 45.51 60.29
N THR T 219 2.47 45.39 59.03
CA THR T 219 1.84 46.47 58.29
C THR T 219 0.43 46.06 57.90
N ILE T 220 -0.51 46.99 58.03
CA ILE T 220 -1.90 46.74 57.71
C ILE T 220 -2.25 47.57 56.48
N PRO T 221 -2.98 47.01 55.50
CA PRO T 221 -3.35 47.80 54.31
C PRO T 221 -3.99 49.13 54.66
N ALA T 222 -5.28 49.12 54.97
CA ALA T 222 -6.02 50.31 55.35
C ALA T 222 -5.78 51.49 54.42
N GLY T 223 -6.42 51.49 53.26
CA GLY T 223 -6.27 52.58 52.31
C GLY T 223 -7.59 53.28 52.05
N CYS T 224 -8.07 53.23 50.81
CA CYS T 224 -9.32 53.83 50.42
C CYS T 224 -10.20 52.77 49.76
N PHE T 225 -11.50 52.90 49.97
CA PHE T 225 -12.46 51.94 49.40
C PHE T 225 -12.67 52.27 47.93
N LEU T 226 -12.00 51.51 47.06
CA LEU T 226 -12.10 51.67 45.61
C LEU T 226 -11.84 53.12 45.18
N HIS T 227 -10.63 53.58 45.45
CA HIS T 227 -10.26 54.94 45.10
C HIS T 227 -10.31 55.15 43.58
N SER T 228 -10.00 54.11 42.81
CA SER T 228 -10.04 54.23 41.36
C SER T 228 -11.45 54.45 40.84
N LEU T 229 -12.47 54.11 41.64
CA LEU T 229 -13.85 54.28 41.27
C LEU T 229 -14.43 55.60 41.78
N TRP T 230 -13.62 56.38 42.49
CA TRP T 230 -14.10 57.65 43.02
C TRP T 230 -14.35 58.64 41.88
N PRO T 231 -15.37 59.50 42.01
CA PRO T 231 -15.68 60.49 40.98
C PRO T 231 -14.69 61.65 40.99
N VAL U 1 -45.36 37.06 16.75
CA VAL U 1 -45.13 36.29 17.98
C VAL U 1 -44.16 37.02 18.87
N ARG U 2 -42.87 36.77 18.65
CA ARG U 2 -41.79 37.38 19.42
C ARG U 2 -40.87 38.14 18.49
N GLU U 3 -40.02 38.99 19.08
CA GLU U 3 -39.08 39.77 18.29
C GLU U 3 -38.02 38.85 17.71
N LEU U 4 -37.66 39.10 16.45
CA LEU U 4 -36.68 38.29 15.75
C LEU U 4 -35.40 39.08 15.50
N TRP U 5 -34.31 38.33 15.30
CA TRP U 5 -33.01 38.90 15.03
C TRP U 5 -32.95 39.55 13.66
N PHE U 6 -34.03 39.49 12.90
CA PHE U 6 -34.10 40.06 11.56
C PHE U 6 -35.58 40.28 11.30
N PRO U 7 -36.12 41.48 11.57
CA PRO U 7 -37.55 41.76 11.36
C PRO U 7 -38.13 41.12 10.11
N GLY U 8 -39.28 40.47 10.26
CA GLY U 8 -39.86 39.79 9.12
C GLY U 8 -39.03 38.54 8.87
N ASN U 9 -39.09 38.05 7.64
CA ASN U 9 -38.33 36.88 7.24
C ASN U 9 -38.48 35.71 8.20
N LYS U 10 -39.64 35.05 8.17
CA LYS U 10 -39.83 33.91 9.05
C LYS U 10 -39.18 32.64 8.49
N GLU U 11 -38.71 32.68 7.25
CA GLU U 11 -38.06 31.52 6.65
C GLU U 11 -36.73 31.22 7.30
N VAL U 12 -35.96 32.26 7.64
CA VAL U 12 -34.65 32.05 8.25
C VAL U 12 -34.79 31.55 9.68
N VAL U 13 -35.92 31.79 10.34
CA VAL U 13 -36.13 31.35 11.71
C VAL U 13 -36.31 29.83 11.70
N PRO U 14 -35.52 29.09 12.47
CA PRO U 14 -35.66 27.62 12.48
C PRO U 14 -36.91 27.18 13.23
N ASP U 15 -37.32 25.95 12.95
CA ASP U 15 -38.50 25.38 13.59
C ASP U 15 -38.24 24.98 15.04
N TYR U 16 -37.03 24.48 15.34
CA TYR U 16 -36.72 24.08 16.70
C TYR U 16 -36.66 25.26 17.66
N LEU U 17 -36.54 26.48 17.16
CA LEU U 17 -36.51 27.68 17.99
C LEU U 17 -37.93 28.22 18.02
N ASP U 18 -38.72 27.72 18.96
CA ASP U 18 -40.12 28.11 19.11
C ASP U 18 -40.34 29.26 20.08
N GLY U 19 -39.29 29.78 20.70
CA GLY U 19 -39.42 30.89 21.63
C GLY U 19 -39.48 30.51 23.08
N SER U 20 -39.44 29.21 23.42
CA SER U 20 -39.50 28.81 24.81
C SER U 20 -38.19 29.06 25.54
N LEU U 21 -37.06 28.99 24.85
CA LEU U 21 -35.77 29.21 25.46
C LEU U 21 -35.56 30.70 25.75
N VAL U 22 -34.84 30.98 26.84
CA VAL U 22 -34.54 32.36 27.21
C VAL U 22 -33.57 32.93 26.20
N GLY U 23 -33.83 34.16 25.74
CA GLY U 23 -32.96 34.77 24.76
C GLY U 23 -33.15 34.25 23.36
N ASP U 24 -34.30 33.65 23.08
CA ASP U 24 -34.60 33.09 21.76
C ASP U 24 -35.14 34.17 20.85
N HIS U 25 -34.44 34.41 19.73
CA HIS U 25 -34.83 35.38 18.73
C HIS U 25 -34.81 34.76 17.34
N GLY U 26 -34.75 33.43 17.26
CA GLY U 26 -34.73 32.75 15.99
C GLY U 26 -33.43 32.87 15.24
N PHE U 27 -32.32 33.13 15.95
CA PHE U 27 -31.02 33.29 15.31
C PHE U 27 -30.30 31.95 15.27
N ASP U 28 -30.10 31.43 14.06
CA ASP U 28 -29.42 30.17 13.78
C ASP U 28 -29.33 30.00 12.27
N PRO U 29 -28.71 30.94 11.54
CA PRO U 29 -28.63 30.79 10.08
C PRO U 29 -27.84 29.58 9.63
N LEU U 30 -26.85 29.14 10.41
CA LEU U 30 -26.04 27.99 10.03
C LEU U 30 -26.61 26.67 10.51
N GLY U 31 -27.68 26.69 11.29
CA GLY U 31 -28.28 25.46 11.77
C GLY U 31 -27.37 24.64 12.67
N LEU U 32 -26.65 25.31 13.57
CA LEU U 32 -25.73 24.62 14.47
C LEU U 32 -26.44 23.93 15.63
N GLY U 33 -27.73 24.18 15.81
CA GLY U 33 -28.49 23.55 16.87
C GLY U 33 -29.71 22.83 16.34
N SER U 34 -29.59 22.30 15.12
CA SER U 34 -30.72 21.59 14.51
C SER U 34 -31.11 20.36 15.31
N SER U 35 -30.13 19.59 15.76
CA SER U 35 -30.42 18.39 16.53
C SER U 35 -30.86 18.77 17.95
N PRO U 36 -31.79 17.99 18.54
CA PRO U 36 -32.24 18.32 19.91
C PRO U 36 -31.13 18.26 20.94
N GLU U 37 -30.37 17.15 21.00
CA GLU U 37 -29.30 17.07 21.97
C GLU U 37 -28.24 18.13 21.69
N GLN U 38 -28.01 18.45 20.42
CA GLN U 38 -27.06 19.50 20.08
C GLN U 38 -27.56 20.84 20.59
N LEU U 39 -28.87 21.06 20.51
CA LEU U 39 -29.45 22.31 21.00
C LEU U 39 -29.29 22.42 22.51
N SER U 40 -29.51 21.32 23.24
CA SER U 40 -29.35 21.35 24.69
C SER U 40 -27.90 21.62 25.07
N TRP U 41 -26.97 20.95 24.38
CA TRP U 41 -25.55 21.15 24.63
C TRP U 41 -25.16 22.59 24.36
N ASN U 42 -25.67 23.15 23.26
CA ASN U 42 -25.37 24.53 22.91
C ASN U 42 -25.96 25.49 23.93
N VAL U 43 -27.11 25.17 24.51
CA VAL U 43 -27.70 26.04 25.52
C VAL U 43 -26.80 26.08 26.74
N HIS U 44 -26.33 24.91 27.17
CA HIS U 44 -25.42 24.85 28.31
C HIS U 44 -24.15 25.63 28.02
N ALA U 45 -23.59 25.43 26.83
CA ALA U 45 -22.36 26.13 26.45
C ALA U 45 -22.56 27.63 26.39
N GLU U 46 -23.70 28.08 25.87
CA GLU U 46 -23.96 29.51 25.76
C GLU U 46 -24.06 30.16 27.14
N ILE U 47 -24.82 29.56 28.05
CA ILE U 47 -24.94 30.17 29.38
C ILE U 47 -23.60 30.13 30.11
N PHE U 48 -22.86 29.02 29.98
CA PHE U 48 -21.56 28.95 30.64
C PHE U 48 -20.60 29.98 30.06
N HIS U 49 -20.60 30.15 28.75
CA HIS U 49 -19.75 31.13 28.09
C HIS U 49 -20.12 32.53 28.53
N GLY U 50 -21.41 32.81 28.65
CA GLY U 50 -21.83 34.13 29.07
C GLY U 50 -21.38 34.45 30.48
N ARG U 51 -21.54 33.50 31.40
CA ARG U 51 -21.11 33.73 32.78
C ARG U 51 -19.59 33.89 32.86
N LEU U 52 -18.85 33.04 32.15
CA LEU U 52 -17.39 33.14 32.17
C LEU U 52 -16.94 34.46 31.57
N ALA U 53 -17.56 34.89 30.48
CA ALA U 53 -17.21 36.14 29.85
C ALA U 53 -17.53 37.32 30.75
N MET U 54 -18.66 37.27 31.47
CA MET U 54 -19.00 38.35 32.38
C MET U 54 -17.96 38.46 33.48
N THR U 55 -17.57 37.32 34.06
CA THR U 55 -16.57 37.35 35.13
C THR U 55 -15.24 37.89 34.61
N GLY U 56 -14.80 37.38 33.45
CA GLY U 56 -13.54 37.83 32.88
C GLY U 56 -13.55 39.30 32.52
N VAL U 57 -14.63 39.77 31.90
CA VAL U 57 -14.73 41.17 31.52
C VAL U 57 -14.75 42.06 32.75
N ALA U 58 -15.49 41.65 33.79
CA ALA U 58 -15.53 42.45 35.00
C ALA U 58 -14.15 42.55 35.63
N GLY U 59 -13.43 41.43 35.68
CA GLY U 59 -12.08 41.45 36.24
C GLY U 59 -11.14 42.32 35.42
N ILE U 60 -11.23 42.20 34.09
CA ILE U 60 -10.36 43.00 33.22
C ILE U 60 -10.65 44.48 33.39
N LEU U 61 -11.93 44.85 33.43
CA LEU U 61 -12.31 46.24 33.58
C LEU U 61 -11.85 46.80 34.92
N LEU U 62 -12.04 46.04 36.00
CA LEU U 62 -11.62 46.52 37.32
C LEU U 62 -10.10 46.65 37.39
N THR U 63 -9.37 45.68 36.82
CA THR U 63 -7.91 45.78 36.85
C THR U 63 -7.42 46.95 36.01
N SER U 64 -8.09 47.22 34.89
CA SER U 64 -7.69 48.35 34.06
C SER U 64 -7.98 49.66 34.77
N LEU U 65 -9.10 49.73 35.49
CA LEU U 65 -9.42 50.95 36.24
C LEU U 65 -8.42 51.15 37.37
N LEU U 66 -8.02 50.07 38.03
CA LEU U 66 -7.03 50.18 39.10
C LEU U 66 -5.67 50.58 38.55
N HIS U 67 -5.32 50.07 37.37
CA HIS U 67 -4.04 50.41 36.76
C HIS U 67 -3.98 51.88 36.39
N LYS U 68 -5.11 52.45 35.95
CA LYS U 68 -5.13 53.86 35.58
C LYS U 68 -5.01 54.76 36.80
N GLY U 69 -5.52 54.33 37.95
CA GLY U 69 -5.45 55.11 39.16
C GLY U 69 -4.08 55.14 39.80
N GLY U 70 -3.17 54.27 39.36
CA GLY U 70 -1.83 54.21 39.91
C GLY U 70 -1.54 53.02 40.79
N ALA U 71 -2.47 52.08 40.93
CA ALA U 71 -2.23 50.91 41.75
C ALA U 71 -1.27 49.95 41.06
N ASP U 72 -0.62 49.11 41.87
CA ASP U 72 0.33 48.12 41.34
C ASP U 72 -0.40 46.93 40.74
N VAL U 73 -1.42 47.20 39.94
CA VAL U 73 -2.22 46.18 39.28
C VAL U 73 -1.85 46.18 37.79
N PRO U 74 -1.29 45.11 37.26
CA PRO U 74 -0.92 45.10 35.84
C PRO U 74 -2.14 44.96 34.95
N GLU U 75 -1.88 45.06 33.65
CA GLU U 75 -2.96 44.93 32.67
C GLU U 75 -3.34 43.46 32.51
N TRP U 76 -4.51 43.23 31.90
CA TRP U 76 -4.98 41.87 31.71
C TRP U 76 -4.09 41.07 30.76
N PHE U 77 -3.57 41.71 29.71
CA PHE U 77 -2.72 40.99 28.76
C PHE U 77 -1.34 40.68 29.31
N GLU U 78 -0.99 41.20 30.49
CA GLU U 78 0.32 40.93 31.09
C GLU U 78 0.23 40.60 32.57
N ALA U 79 -0.97 40.34 33.08
CA ALA U 79 -1.12 40.01 34.50
C ALA U 79 -0.43 38.71 34.87
N GLY U 80 -0.54 37.68 34.01
CA GLY U 80 0.09 36.42 34.32
C GLY U 80 1.61 36.52 34.41
N ARG U 81 2.22 37.18 33.42
CA ARG U 81 3.67 37.34 33.43
C ARG U 81 4.11 38.16 34.63
N VAL U 82 3.38 39.23 34.94
CA VAL U 82 3.74 40.07 36.07
C VAL U 82 3.68 39.28 37.37
N TYR U 83 2.57 38.55 37.57
CA TYR U 83 2.45 37.76 38.79
C TYR U 83 3.57 36.73 38.89
N LEU U 84 3.89 36.07 37.77
CA LEU U 84 4.95 35.09 37.79
C LEU U 84 6.29 35.73 38.10
N ASP U 85 6.46 37.01 37.74
CA ASP U 85 7.71 37.71 38.02
C ASP U 85 7.81 38.09 39.48
N ARG U 86 6.72 38.60 40.08
CA ARG U 86 6.78 38.96 41.50
C ARG U 86 6.79 37.76 42.42
N ASN U 87 6.50 36.57 41.91
CA ASN U 87 6.47 35.34 42.71
C ASN U 87 7.34 34.32 41.99
N PRO U 88 8.66 34.42 42.15
CA PRO U 88 9.56 33.47 41.48
C PRO U 88 9.55 32.08 42.10
N ASN U 89 8.89 31.89 43.24
CA ASN U 89 8.85 30.60 43.91
C ASN U 89 7.65 29.77 43.48
N VAL U 90 6.80 30.28 42.59
CA VAL U 90 5.63 29.56 42.12
C VAL U 90 5.93 29.03 40.73
N ASP U 91 5.97 27.71 40.59
CA ASP U 91 6.24 27.09 39.31
C ASP U 91 5.03 27.23 38.39
N PHE U 92 5.28 27.61 37.14
CA PHE U 92 4.19 27.77 36.18
C PHE U 92 3.46 26.47 35.96
N GLY U 93 4.20 25.37 35.76
CA GLY U 93 3.57 24.08 35.54
C GLY U 93 2.72 23.66 36.73
N ALA U 94 3.18 23.95 37.94
CA ALA U 94 2.43 23.60 39.13
C ALA U 94 1.11 24.36 39.18
N LEU U 95 1.15 25.66 38.86
CA LEU U 95 -0.06 26.46 38.86
C LEU U 95 -1.04 25.95 37.80
N LEU U 96 -0.52 25.63 36.61
CA LEU U 96 -1.39 25.12 35.55
C LEU U 96 -2.02 23.79 35.95
N PHE U 97 -1.24 22.90 36.56
CA PHE U 97 -1.77 21.61 36.99
C PHE U 97 -2.83 21.78 38.07
N SER U 98 -2.59 22.67 39.04
CA SER U 98 -3.56 22.89 40.09
C SER U 98 -4.86 23.45 39.53
N THR U 99 -4.74 24.42 38.61
CA THR U 99 -5.92 25.01 38.00
C THR U 99 -6.71 23.95 37.24
N ILE U 100 -6.01 23.13 36.47
CA ILE U 100 -6.66 22.08 35.70
C ILE U 100 -7.35 21.07 36.61
N VAL U 101 -6.71 20.70 37.72
CA VAL U 101 -7.30 19.71 38.62
C VAL U 101 -8.57 20.25 39.29
N MET U 102 -8.50 21.45 39.88
CA MET U 102 -9.68 22.00 40.55
C MET U 102 -10.81 22.26 39.55
N SER U 103 -10.47 22.87 38.41
CA SER U 103 -11.49 23.12 37.40
C SER U 103 -12.04 21.81 36.88
N GLY U 104 -11.22 20.76 36.82
CA GLY U 104 -11.69 19.47 36.36
C GLY U 104 -12.69 18.87 37.33
N PHE U 105 -12.46 19.05 38.63
CA PHE U 105 -13.40 18.51 39.59
C PHE U 105 -14.77 19.18 39.45
N VAL U 106 -14.79 20.51 39.45
CA VAL U 106 -16.08 21.19 39.33
C VAL U 106 -16.71 20.94 37.96
N GLU U 107 -15.89 20.92 36.90
CA GLU U 107 -16.42 20.68 35.57
C GLU U 107 -16.93 19.27 35.42
N PHE U 108 -16.34 18.30 36.14
CA PHE U 108 -16.87 16.94 36.06
C PHE U 108 -18.19 16.85 36.79
N LYS U 109 -18.35 17.62 37.88
CA LYS U 109 -19.63 17.64 38.56
C LYS U 109 -20.70 18.18 37.62
N ARG U 110 -20.38 19.30 36.94
CA ARG U 110 -21.31 19.89 35.99
C ARG U 110 -21.56 18.96 34.81
N LEU U 111 -20.53 18.27 34.34
CA LEU U 111 -20.67 17.35 33.22
C LEU U 111 -21.60 16.20 33.56
N ASN U 112 -21.42 15.61 34.74
CA ASN U 112 -22.29 14.53 35.14
C ASN U 112 -23.71 15.04 35.31
N ASP U 113 -23.87 16.31 35.70
CA ASP U 113 -25.22 16.85 35.78
C ASP U 113 -25.80 16.98 34.37
N ILE U 114 -24.95 17.29 33.39
CA ILE U 114 -25.43 17.40 32.01
C ILE U 114 -25.86 16.02 31.51
N ARG U 115 -25.08 14.99 31.81
CA ARG U 115 -25.44 13.64 31.39
C ARG U 115 -26.72 13.17 32.10
N ASN U 116 -26.76 13.35 33.42
CA ASN U 116 -27.92 12.99 34.24
C ASN U 116 -28.38 14.26 34.94
N PRO U 117 -29.51 14.86 34.54
CA PRO U 117 -29.96 16.11 35.16
C PRO U 117 -30.01 16.13 36.68
N GLY U 118 -30.47 15.07 37.34
CA GLY U 118 -30.52 15.12 38.79
C GLY U 118 -29.75 14.01 39.47
N SER U 119 -28.45 13.92 39.21
CA SER U 119 -27.62 12.88 39.82
C SER U 119 -26.64 13.40 40.85
N GLN U 120 -26.34 14.70 40.84
CA GLN U 120 -25.39 15.28 41.79
C GLN U 120 -26.07 15.86 43.02
N GLY U 121 -27.39 15.77 43.12
CA GLY U 121 -28.09 16.31 44.26
C GLY U 121 -28.23 15.31 45.39
N SER U 122 -27.22 14.46 45.58
CA SER U 122 -27.23 13.46 46.63
C SER U 122 -25.79 13.04 46.90
N GLY U 123 -25.64 12.05 47.77
CA GLY U 123 -24.33 11.55 48.12
C GLY U 123 -23.52 12.50 48.97
N ILE U 124 -22.54 13.16 48.36
CA ILE U 124 -21.68 14.10 49.07
C ILE U 124 -22.24 15.51 48.90
N LEU U 125 -23.47 15.63 48.44
CA LEU U 125 -24.05 16.94 48.23
C LEU U 125 -25.52 16.91 48.63
N PRO U 126 -26.06 18.03 49.09
CA PRO U 126 -27.47 18.08 49.47
C PRO U 126 -28.34 18.17 48.23
N GLU U 127 -29.66 18.17 48.45
CA GLU U 127 -30.61 18.25 47.36
C GLU U 127 -30.53 19.59 46.63
N ASP U 128 -29.87 20.59 47.23
CA ASP U 128 -29.76 21.90 46.59
C ASP U 128 -28.99 21.84 45.28
N PHE U 129 -28.02 20.93 45.18
CA PHE U 129 -27.21 20.79 43.98
C PHE U 129 -27.86 19.91 42.93
N LYS U 130 -29.18 19.77 42.98
CA LYS U 130 -29.91 18.94 42.03
C LYS U 130 -30.35 19.71 40.79
N GLY U 131 -30.52 21.03 40.91
CA GLY U 131 -30.93 21.85 39.80
C GLY U 131 -32.44 22.05 39.73
N VAL U 132 -32.83 23.15 39.08
CA VAL U 132 -34.24 23.49 38.93
C VAL U 132 -34.73 23.31 37.50
N GLY U 133 -33.85 22.96 36.58
CA GLY U 133 -34.26 22.77 35.19
C GLY U 133 -34.62 24.07 34.50
N GLY U 134 -35.43 23.92 33.44
CA GLY U 134 -35.86 25.05 32.66
C GLY U 134 -35.90 24.74 31.18
N PRO U 135 -34.74 24.73 30.54
CA PRO U 135 -34.68 24.44 29.10
C PRO U 135 -35.21 23.05 28.78
N GLN U 136 -35.85 22.94 27.61
CA GLN U 136 -36.43 21.70 27.11
C GLN U 136 -37.46 21.11 28.07
N GLY U 137 -38.17 21.97 28.79
CA GLY U 137 -39.18 21.52 29.74
C GLY U 137 -38.66 20.73 30.90
N ARG U 138 -37.35 20.71 31.14
CA ARG U 138 -36.80 19.97 32.25
C ARG U 138 -37.13 20.66 33.57
N THR U 139 -37.28 19.84 34.62
CA THR U 139 -37.57 20.32 35.96
C THR U 139 -36.43 20.05 36.92
N VAL U 140 -35.28 19.61 36.41
CA VAL U 140 -34.14 19.29 37.25
C VAL U 140 -32.86 19.48 36.46
N GLY U 141 -31.78 19.86 37.16
CA GLY U 141 -30.49 20.06 36.54
C GLY U 141 -30.44 21.28 35.63
N GLY U 142 -29.63 21.17 34.58
CA GLY U 142 -29.48 22.23 33.62
C GLY U 142 -28.55 23.33 34.09
N PRO U 143 -28.41 24.39 33.27
CA PRO U 143 -27.54 25.50 33.66
C PRO U 143 -28.07 26.32 34.81
N TYR U 144 -29.37 26.23 35.11
CA TYR U 144 -29.98 26.98 36.21
C TYR U 144 -30.03 26.07 37.42
N VAL U 145 -29.10 26.27 38.34
CA VAL U 145 -28.99 25.47 39.56
C VAL U 145 -29.41 26.37 40.72
N GLY U 146 -30.56 26.07 41.31
CA GLY U 146 -31.03 26.87 42.44
C GLY U 146 -30.30 26.54 43.71
N GLY U 147 -31.03 26.17 44.74
CA GLY U 147 -30.43 25.82 46.02
C GLY U 147 -30.06 27.04 46.85
N ARG U 148 -29.49 26.74 48.01
CA ARG U 148 -29.07 27.76 48.97
C ARG U 148 -27.61 28.15 48.80
N TYR U 149 -26.90 27.59 47.82
CA TYR U 149 -25.50 27.90 47.60
C TYR U 149 -25.24 28.63 46.29
N PHE U 150 -25.93 28.25 45.22
CA PHE U 150 -25.75 28.94 43.94
C PHE U 150 -26.78 30.04 43.77
N ASP U 151 -27.65 30.21 44.75
CA ASP U 151 -28.69 31.23 44.81
C ASP U 151 -28.97 31.51 46.28
N PRO U 152 -27.98 31.95 47.06
CA PRO U 152 -28.23 32.22 48.48
C PRO U 152 -29.29 33.25 48.75
N MET U 153 -29.44 34.26 47.88
CA MET U 153 -30.46 35.28 48.10
C MET U 153 -31.84 34.83 47.66
N GLY U 154 -31.95 33.69 46.98
CA GLY U 154 -33.25 33.20 46.54
C GLY U 154 -33.99 34.11 45.61
N LEU U 155 -33.30 34.66 44.60
CA LEU U 155 -33.96 35.57 43.67
C LEU U 155 -34.85 34.80 42.70
N CYS U 156 -34.55 33.54 42.41
CA CYS U 156 -35.38 32.74 41.52
C CYS U 156 -36.45 31.96 42.27
N ARG U 157 -36.47 32.07 43.60
CA ARG U 157 -37.46 31.38 44.42
C ARG U 157 -38.52 32.41 44.79
N GLY U 158 -39.66 32.36 44.11
CA GLY U 158 -40.74 33.29 44.36
C GLY U 158 -41.03 34.18 43.17
N SER U 159 -42.26 34.11 42.65
CA SER U 159 -42.75 34.88 41.51
C SER U 159 -42.02 34.49 40.23
N PRO U 160 -42.66 33.73 39.34
CA PRO U 160 -41.99 33.34 38.08
C PRO U 160 -41.64 34.52 37.20
N GLU U 161 -42.37 35.62 37.29
CA GLU U 161 -42.07 36.79 36.46
C GLU U 161 -40.68 37.34 36.78
N GLN U 162 -40.35 37.42 38.07
CA GLN U 162 -39.04 37.91 38.47
C GLN U 162 -37.95 36.97 37.98
N THR U 163 -38.19 35.66 38.05
CA THR U 163 -37.22 34.69 37.58
C THR U 163 -36.97 34.85 36.09
N LEU U 164 -38.05 35.01 35.30
CA LEU U 164 -37.90 35.20 33.87
C LEU U 164 -37.14 36.47 33.55
N LYS U 165 -37.47 37.57 34.25
CA LYS U 165 -36.79 38.83 34.02
C LYS U 165 -35.30 38.71 34.33
N TYR U 166 -34.95 38.08 35.44
CA TYR U 166 -33.55 37.91 35.78
C TYR U 166 -32.83 37.00 34.79
N LYS U 167 -33.51 35.96 34.31
CA LYS U 167 -32.89 35.07 33.34
C LYS U 167 -32.58 35.81 32.05
N TRP U 168 -33.51 36.66 31.60
CA TRP U 168 -33.27 37.44 30.40
C TRP U 168 -32.13 38.42 30.63
N ASN U 169 -32.06 39.01 31.82
CA ASN U 169 -30.97 39.93 32.14
C ASN U 169 -29.64 39.20 32.05
N GLU U 170 -29.58 38.00 32.61
CA GLU U 170 -28.36 37.22 32.61
C GLU U 170 -27.91 36.86 31.20
N ILE U 171 -28.83 36.38 30.36
CA ILE U 171 -28.42 35.98 29.01
C ILE U 171 -28.01 37.20 28.18
N ARG U 172 -28.74 38.32 28.31
CA ARG U 172 -28.36 39.50 27.54
C ARG U 172 -27.01 40.03 27.98
N ASN U 173 -26.78 40.08 29.30
CA ASN U 173 -25.49 40.55 29.78
C ASN U 173 -24.37 39.59 29.40
N GLY U 174 -24.65 38.29 29.37
CA GLY U 174 -23.62 37.33 28.97
C GLY U 174 -23.23 37.50 27.52
N ARG U 175 -24.21 37.70 26.64
CA ARG U 175 -23.90 37.90 25.23
C ARG U 175 -23.12 39.20 25.05
N LEU U 176 -23.54 40.26 25.76
CA LEU U 176 -22.84 41.53 25.66
C LEU U 176 -21.41 41.39 26.16
N ALA U 177 -21.21 40.64 27.25
CA ALA U 177 -19.86 40.44 27.78
C ALA U 177 -19.00 39.63 26.82
N MET U 178 -19.59 38.65 26.12
CA MET U 178 -18.82 37.88 25.17
C MET U 178 -18.33 38.78 24.04
N MET U 179 -19.23 39.62 23.51
CA MET U 179 -18.83 40.56 22.47
C MET U 179 -17.81 41.54 23.00
N ALA U 180 -17.93 41.92 24.29
CA ALA U 180 -16.97 42.83 24.90
C ALA U 180 -15.59 42.21 24.98
N PHE U 181 -15.51 40.93 25.33
CA PHE U 181 -14.20 40.28 25.41
C PHE U 181 -13.60 40.18 24.02
N LEU U 182 -14.43 39.90 23.01
CA LEU U 182 -13.91 39.85 21.65
C LEU U 182 -13.36 41.21 21.26
N GLY U 183 -14.07 42.27 21.62
CA GLY U 183 -13.60 43.61 21.34
C GLY U 183 -12.32 43.93 22.08
N PHE U 184 -12.20 43.45 23.32
CA PHE U 184 -10.99 43.67 24.11
C PHE U 184 -9.79 43.06 23.41
N ALA U 185 -9.95 41.81 22.95
CA ALA U 185 -8.85 41.13 22.27
C ALA U 185 -8.49 41.83 20.97
N ALA U 186 -9.49 42.23 20.18
CA ALA U 186 -9.21 42.92 18.93
C ALA U 186 -8.52 44.26 19.17
N GLN U 187 -9.00 45.02 20.16
CA GLN U 187 -8.39 46.31 20.47
C GLN U 187 -6.97 46.15 20.96
N TYR U 188 -6.70 45.13 21.77
CA TYR U 188 -5.33 44.94 22.25
C TYR U 188 -4.43 44.53 21.10
N ALA U 189 -4.91 43.69 20.21
CA ALA U 189 -4.08 43.26 19.08
C ALA U 189 -3.86 44.38 18.07
N ALA U 190 -4.76 45.35 18.00
CA ALA U 190 -4.61 46.45 17.04
C ALA U 190 -3.85 47.65 17.59
N THR U 191 -4.17 48.08 18.81
CA THR U 191 -3.52 49.24 19.41
C THR U 191 -2.47 48.90 20.45
N GLY U 192 -2.57 47.75 21.10
CA GLY U 192 -1.60 47.39 22.11
C GLY U 192 -1.84 47.98 23.48
N LYS U 193 -3.02 48.54 23.73
CA LYS U 193 -3.37 49.13 25.01
C LYS U 193 -4.59 48.43 25.59
N GLY U 194 -4.90 48.76 26.85
CA GLY U 194 -6.02 48.18 27.53
C GLY U 194 -7.34 48.79 27.12
N PRO U 195 -8.43 48.24 27.66
CA PRO U 195 -9.76 48.75 27.34
C PRO U 195 -9.99 50.17 27.83
N ILE U 196 -9.67 50.43 29.10
CA ILE U 196 -9.85 51.77 29.65
C ILE U 196 -8.95 52.76 28.92
N ASP U 197 -7.74 52.33 28.56
CA ASP U 197 -6.84 53.21 27.83
C ASP U 197 -7.46 53.62 26.50
N ASN U 198 -7.99 52.64 25.76
CA ASN U 198 -8.61 52.94 24.48
C ASN U 198 -9.82 53.85 24.66
N LEU U 199 -10.63 53.60 25.70
CA LEU U 199 -11.81 54.41 25.94
C LEU U 199 -11.44 55.87 26.25
N VAL U 200 -10.44 56.07 27.12
CA VAL U 200 -10.06 57.45 27.46
C VAL U 200 -9.40 58.14 26.27
N ASP U 201 -8.55 57.44 25.52
CA ASP U 201 -7.93 58.07 24.37
C ASP U 201 -8.96 58.42 23.31
N HIS U 202 -10.02 57.61 23.19
CA HIS U 202 -11.05 57.91 22.20
C HIS U 202 -11.93 59.06 22.66
N VAL U 203 -12.30 59.10 23.94
CA VAL U 203 -13.14 60.18 24.44
C VAL U 203 -12.39 61.50 24.39
N ALA U 204 -11.08 61.48 24.67
CA ALA U 204 -10.30 62.71 24.62
C ALA U 204 -10.29 63.31 23.22
N ASP U 205 -10.10 62.46 22.21
CA ASP U 205 -10.08 62.91 20.81
C ASP U 205 -10.98 61.94 20.04
N PRO U 206 -12.28 62.24 19.94
CA PRO U 206 -13.21 61.35 19.22
C PRO U 206 -12.72 60.99 17.83
N PHE U 207 -12.68 61.96 16.93
CA PHE U 207 -12.19 61.72 15.59
C PHE U 207 -10.66 61.76 15.64
N HIS U 208 -10.03 60.87 14.88
CA HIS U 208 -8.59 60.60 14.76
C HIS U 208 -8.22 59.48 15.71
N THR U 209 -9.17 58.92 16.46
CA THR U 209 -8.91 57.83 17.39
C THR U 209 -9.95 56.72 17.20
N THR U 210 -10.18 56.34 15.95
CA THR U 210 -11.11 55.28 15.61
C THR U 210 -10.31 54.05 15.17
N PHE U 211 -11.04 53.00 14.76
CA PHE U 211 -10.35 51.79 14.33
C PHE U 211 -9.57 52.00 13.04
N VAL U 212 -9.86 53.07 12.30
CA VAL U 212 -9.14 53.33 11.06
C VAL U 212 -7.78 53.96 11.32
N HIS U 213 -7.59 54.59 12.47
CA HIS U 213 -6.32 55.23 12.80
C HIS U 213 -5.40 54.35 13.64
N ASN U 214 -5.76 53.09 13.90
CA ASN U 214 -4.87 52.24 14.69
C ASN U 214 -3.75 51.64 13.86
N GLY U 215 -3.82 51.72 12.54
CA GLY U 215 -2.79 51.18 11.68
C GLY U 215 -2.82 49.68 11.46
N VAL U 216 -3.79 48.98 12.04
CA VAL U 216 -3.90 47.54 11.90
C VAL U 216 -5.17 47.15 11.14
N SER U 217 -6.32 47.70 11.56
CA SER U 217 -7.56 47.38 10.87
C SER U 217 -7.49 47.78 9.40
N VAL U 218 -7.11 49.02 9.14
CA VAL U 218 -6.96 49.50 7.77
C VAL U 218 -5.45 49.56 7.55
N PRO U 219 -4.88 48.61 6.79
CA PRO U 219 -3.41 48.61 6.61
C PRO U 219 -2.86 49.80 5.84
N PHE U 220 -3.44 50.16 4.70
CA PHE U 220 -2.93 51.28 3.93
C PHE U 220 -3.10 52.63 4.63
N ILE U 221 -3.96 52.70 5.65
CA ILE U 221 -4.17 53.96 6.35
C ILE U 221 -3.47 53.93 7.71
N ALA V 1 -26.22 -2.10 45.20
CA ALA V 1 -26.95 -1.40 44.14
C ALA V 1 -26.76 0.11 44.24
N THR V 2 -27.41 0.71 45.25
CA THR V 2 -27.34 2.14 45.48
C THR V 2 -26.13 2.56 46.31
N ARG V 3 -25.12 1.70 46.42
CA ARG V 3 -23.93 2.04 47.19
C ARG V 3 -23.16 3.12 46.46
N PRO V 4 -22.22 3.79 47.13
CA PRO V 4 -21.45 4.84 46.44
C PRO V 4 -20.65 4.28 45.27
N LEU V 5 -20.60 5.06 44.18
CA LEU V 5 -19.88 4.70 42.97
C LEU V 5 -18.64 5.58 42.84
N TRP V 6 -17.74 5.15 41.95
CA TRP V 6 -16.53 5.93 41.73
C TRP V 6 -16.87 7.29 41.11
N GLN V 7 -17.76 7.31 40.12
CA GLN V 7 -18.15 8.57 39.48
C GLN V 7 -19.63 8.79 39.73
N PRO V 8 -20.00 9.66 40.67
CA PRO V 8 -21.42 9.91 40.93
C PRO V 8 -22.14 10.35 39.66
N GLY V 9 -23.29 9.75 39.43
CA GLY V 9 -24.09 10.04 38.26
C GLY V 9 -23.92 9.02 37.14
N VAL V 10 -22.87 8.21 37.20
CA VAL V 10 -22.61 7.18 36.19
C VAL V 10 -23.04 5.84 36.76
N GLU V 11 -23.83 5.10 35.98
CA GLU V 11 -24.32 3.81 36.43
C GLU V 11 -23.22 2.76 36.34
N ALA V 12 -23.17 1.90 37.35
CA ALA V 12 -22.17 0.84 37.40
C ALA V 12 -22.44 -0.21 36.33
N PRO V 13 -21.39 -0.84 35.79
CA PRO V 13 -21.60 -1.89 34.79
C PRO V 13 -22.31 -3.08 35.40
N LYS V 14 -23.07 -3.79 34.58
CA LYS V 14 -23.82 -4.95 35.08
C LYS V 14 -22.90 -6.09 35.50
N HIS V 15 -21.69 -6.17 34.96
CA HIS V 15 -20.79 -7.26 35.33
C HIS V 15 -20.14 -7.08 36.69
N LEU V 16 -20.32 -5.92 37.34
CA LEU V 16 -19.70 -5.69 38.63
C LEU V 16 -20.66 -5.84 39.81
N ASP V 17 -21.87 -5.30 39.70
CA ASP V 17 -22.91 -5.32 40.73
C ASP V 17 -22.26 -4.87 42.05
N GLY V 18 -22.73 -5.37 43.19
CA GLY V 18 -22.12 -4.93 44.44
C GLY V 18 -21.91 -5.97 45.52
N THR V 19 -21.12 -7.00 45.25
CA THR V 19 -20.84 -8.04 46.23
C THR V 19 -19.38 -8.13 46.61
N MET V 20 -18.46 -7.95 45.67
CA MET V 20 -17.04 -8.04 45.99
C MET V 20 -16.62 -6.83 46.82
N PRO V 21 -15.72 -7.01 47.79
CA PRO V 21 -15.27 -5.86 48.59
C PRO V 21 -14.57 -4.85 47.69
N GLY V 22 -14.76 -3.57 47.99
CA GLY V 22 -14.16 -2.54 47.19
C GLY V 22 -14.82 -2.35 45.85
N ASP V 23 -16.08 -2.76 45.72
CA ASP V 23 -16.83 -2.64 44.48
C ASP V 23 -17.40 -1.24 44.38
N PHE V 24 -16.76 -0.39 43.58
CA PHE V 24 -17.20 0.98 43.36
C PHE V 24 -17.64 1.19 41.92
N GLY V 25 -17.87 0.12 41.17
CA GLY V 25 -18.28 0.23 39.79
C GLY V 25 -17.23 0.84 38.90
N PHE V 26 -15.97 0.72 39.26
CA PHE V 26 -14.87 1.28 38.49
C PHE V 26 -14.31 0.23 37.54
N ASP V 27 -14.61 0.37 36.26
CA ASP V 27 -14.14 -0.52 35.22
C ASP V 27 -14.32 0.16 33.86
N PRO V 28 -13.68 1.31 33.62
CA PRO V 28 -13.85 1.98 32.32
C PRO V 28 -13.33 1.18 31.14
N LEU V 29 -12.40 0.26 31.35
CA LEU V 29 -11.86 -0.56 30.27
C LEU V 29 -12.60 -1.87 30.07
N ASN V 30 -13.59 -2.15 30.92
CA ASN V 30 -14.39 -3.38 30.83
C ASN V 30 -13.49 -4.63 30.83
N LEU V 31 -12.49 -4.62 31.72
CA LEU V 31 -11.57 -5.75 31.81
C LEU V 31 -12.18 -6.95 32.51
N GLY V 32 -13.11 -6.74 33.44
CA GLY V 32 -13.72 -7.83 34.16
C GLY V 32 -15.09 -8.27 33.68
N VAL V 33 -15.31 -8.28 32.37
CA VAL V 33 -16.61 -8.70 31.85
C VAL V 33 -16.80 -10.20 32.04
N ASN V 34 -15.74 -10.99 31.84
CA ASN V 34 -15.83 -12.43 32.01
C ASN V 34 -15.78 -12.80 33.49
N LYS V 35 -16.64 -13.73 33.89
CA LYS V 35 -16.69 -14.13 35.30
C LYS V 35 -15.38 -14.77 35.74
N GLU V 36 -14.83 -15.68 34.92
CA GLU V 36 -13.57 -16.32 35.29
C GLU V 36 -12.45 -15.29 35.35
N ALA V 37 -12.41 -14.39 34.36
CA ALA V 37 -11.40 -13.35 34.35
C ALA V 37 -11.57 -12.42 35.54
N LEU V 38 -12.82 -12.10 35.88
CA LEU V 38 -13.07 -11.23 37.02
C LEU V 38 -12.59 -11.88 38.31
N ASN V 39 -12.82 -13.19 38.46
CA ASN V 39 -12.36 -13.89 39.66
C ASN V 39 -10.84 -13.89 39.74
N TRP V 40 -10.18 -14.15 38.61
CA TRP V 40 -8.72 -14.14 38.59
C TRP V 40 -8.20 -12.75 38.92
N TYR V 41 -8.84 -11.70 38.38
CA TYR V 41 -8.40 -10.34 38.66
C TYR V 41 -8.64 -9.98 40.12
N ARG V 42 -9.72 -10.51 40.72
CA ARG V 42 -9.98 -10.24 42.12
C ARG V 42 -8.88 -10.86 42.99
N ASN V 43 -8.49 -12.09 42.68
CA ASN V 43 -7.42 -12.73 43.42
C ASN V 43 -6.10 -11.99 43.22
N ALA V 44 -5.84 -11.55 41.97
CA ALA V 44 -4.63 -10.82 41.68
C ALA V 44 -4.59 -9.49 42.42
N GLU V 45 -5.74 -8.82 42.52
CA GLU V 45 -5.81 -7.56 43.24
C GLU V 45 -5.53 -7.78 44.71
N LEU V 46 -6.08 -8.85 45.28
CA LEU V 46 -5.82 -9.13 46.69
C LEU V 46 -4.34 -9.41 46.93
N GLN V 47 -3.72 -10.22 46.07
CA GLN V 47 -2.31 -10.55 46.23
C GLN V 47 -1.43 -9.30 46.06
N ASN V 48 -1.69 -8.51 45.03
CA ASN V 48 -0.91 -7.30 44.80
C ASN V 48 -1.08 -6.33 45.95
N GLY V 49 -2.31 -6.17 46.46
CA GLY V 49 -2.53 -5.26 47.56
C GLY V 49 -1.83 -5.70 48.83
N ARG V 50 -1.87 -7.00 49.14
CA ARG V 50 -1.21 -7.48 50.35
C ARG V 50 0.31 -7.32 50.23
N TRP V 51 0.88 -7.69 49.08
CA TRP V 51 2.32 -7.54 48.92
C TRP V 51 2.72 -6.07 48.95
N ALA V 52 1.91 -5.20 48.35
CA ALA V 52 2.22 -3.78 48.36
C ALA V 52 2.12 -3.23 49.78
N MET V 53 1.15 -3.72 50.56
CA MET V 53 1.02 -3.27 51.93
C MET V 53 2.26 -3.64 52.73
N LEU V 54 2.72 -4.89 52.57
CA LEU V 54 3.91 -5.33 53.29
C LEU V 54 5.13 -4.52 52.88
N GLY V 55 5.29 -4.29 51.57
CA GLY V 55 6.43 -3.52 51.09
C GLY V 55 6.41 -2.07 51.53
N VAL V 56 5.25 -1.42 51.41
CA VAL V 56 5.14 -0.03 51.82
C VAL V 56 5.36 0.10 53.32
N ALA V 57 4.91 -0.89 54.09
CA ALA V 57 5.14 -0.85 55.53
C ALA V 57 6.63 -0.97 55.81
N GLY V 58 7.29 -1.94 55.18
CA GLY V 58 8.71 -2.16 55.35
C GLY V 58 9.57 -1.04 54.80
N ILE V 59 8.98 -0.12 54.04
CA ILE V 59 9.70 1.01 53.48
C ILE V 59 9.45 2.29 54.27
N VAL V 60 8.23 2.47 54.76
CA VAL V 60 7.86 3.69 55.48
C VAL V 60 8.22 3.58 56.96
N ILE V 61 7.80 2.51 57.64
CA ILE V 61 8.10 2.38 59.07
C ILE V 61 9.58 2.45 59.36
N PRO V 62 10.46 1.67 58.69
CA PRO V 62 11.89 1.80 58.98
C PRO V 62 12.41 3.20 58.66
N ALA V 63 11.90 3.82 57.61
CA ALA V 63 12.34 5.18 57.27
C ALA V 63 11.92 6.17 58.33
N GLU V 64 10.69 6.03 58.84
CA GLU V 64 10.23 6.94 59.89
C GLU V 64 11.05 6.75 61.16
N LEU V 65 11.37 5.50 61.51
CA LEU V 65 12.18 5.27 62.69
C LEU V 65 13.58 5.83 62.50
N THR V 66 14.16 5.66 61.31
CA THR V 66 15.49 6.17 61.03
C THR V 66 15.52 7.69 61.12
N ARG V 67 14.47 8.35 60.63
CA ARG V 67 14.41 9.81 60.71
C ARG V 67 14.45 10.27 62.16
N VAL V 68 13.73 9.57 63.04
CA VAL V 68 13.72 9.93 64.45
C VAL V 68 15.09 9.71 65.07
N GLY V 69 15.74 8.59 64.74
CA GLY V 69 17.05 8.28 65.26
C GLY V 69 17.21 6.84 65.68
N VAL V 70 16.13 6.24 66.17
CA VAL V 70 16.16 4.84 66.59
C VAL V 70 16.05 3.95 65.36
N LEU V 71 16.87 2.90 65.29
CA LEU V 71 16.87 1.96 64.18
C LEU V 71 17.36 2.66 62.92
N ASN V 72 18.63 2.48 62.57
CA ASN V 72 19.23 3.09 61.39
C ASN V 72 19.31 2.07 60.27
N VAL V 73 18.54 2.30 59.20
CA VAL V 73 18.52 1.41 58.05
C VAL V 73 18.70 2.24 56.79
N PRO V 74 19.25 1.68 55.72
CA PRO V 74 19.44 2.46 54.49
C PRO V 74 18.13 2.68 53.75
N GLU V 75 18.18 3.58 52.78
CA GLU V 75 17.02 3.89 51.96
C GLU V 75 16.65 2.65 51.15
N TRP V 76 15.33 2.46 50.94
CA TRP V 76 14.84 1.27 50.27
C TRP V 76 15.49 0.97 48.93
N ALA V 77 15.84 1.98 48.15
CA ALA V 77 16.46 1.68 46.86
C ALA V 77 17.90 1.19 47.00
N GLU V 78 18.55 1.50 48.12
CA GLU V 78 19.93 1.07 48.37
C GLU V 78 20.01 -0.09 49.35
N ALA V 79 18.88 -0.54 49.91
CA ALA V 79 18.91 -1.63 50.88
C ALA V 79 19.44 -2.91 50.26
N GLY V 80 19.07 -3.19 49.01
CA GLY V 80 19.56 -4.40 48.36
C GLY V 80 21.06 -4.38 48.15
N LYS V 81 21.61 -3.22 47.74
CA LYS V 81 23.04 -3.12 47.52
C LYS V 81 23.82 -3.09 48.83
N VAL V 82 23.26 -2.48 49.87
CA VAL V 82 23.95 -2.41 51.15
C VAL V 82 24.24 -3.81 51.68
N TYR V 83 23.25 -4.71 51.60
CA TYR V 83 23.44 -6.07 52.07
C TYR V 83 24.41 -6.84 51.18
N ALA V 84 24.49 -6.48 49.90
CA ALA V 84 25.38 -7.18 48.98
C ALA V 84 26.83 -7.03 49.39
N GLU V 85 27.23 -5.84 49.84
CA GLU V 85 28.62 -5.62 50.24
C GLU V 85 28.92 -6.11 51.65
N SER V 86 27.99 -6.79 52.31
CA SER V 86 28.26 -7.29 53.64
C SER V 86 29.27 -8.42 53.58
N GLU V 87 29.83 -8.77 54.75
CA GLU V 87 30.82 -9.83 54.82
C GLU V 87 30.22 -11.18 54.43
N ASN V 88 29.44 -11.78 55.31
CA ASN V 88 28.81 -13.07 55.01
C ASN V 88 27.57 -12.91 54.14
N ALA V 89 27.64 -12.05 53.13
CA ALA V 89 26.51 -11.81 52.26
C ALA V 89 26.28 -12.99 51.31
N ILE V 90 25.05 -13.47 51.27
CA ILE V 90 24.70 -14.59 50.39
C ILE V 90 24.68 -14.10 48.95
N PRO V 91 25.16 -14.88 47.99
CA PRO V 91 25.14 -14.42 46.59
C PRO V 91 23.72 -14.09 46.15
N PHE V 92 23.60 -13.06 45.32
CA PHE V 92 22.29 -12.61 44.85
C PHE V 92 21.57 -13.71 44.07
N ALA V 93 22.28 -14.40 43.17
CA ALA V 93 21.64 -15.45 42.38
C ALA V 93 21.12 -16.58 43.27
N SER V 94 21.94 -17.02 44.22
CA SER V 94 21.52 -18.10 45.11
C SER V 94 20.34 -17.67 45.99
N LEU V 95 20.39 -16.44 46.50
CA LEU V 95 19.31 -15.94 47.34
C LEU V 95 18.00 -15.88 46.55
N LEU V 96 18.06 -15.33 45.34
CA LEU V 96 16.87 -15.23 44.50
C LEU V 96 16.33 -16.61 44.16
N MET V 97 17.22 -17.56 43.86
CA MET V 97 16.77 -18.91 43.53
C MET V 97 16.11 -19.58 44.72
N VAL V 98 16.66 -19.40 45.93
CA VAL V 98 16.04 -20.01 47.10
C VAL V 98 14.66 -19.42 47.33
N GLN V 99 14.55 -18.09 47.24
CA GLN V 99 13.26 -17.44 47.44
C GLN V 99 12.26 -17.92 46.40
N LEU V 100 12.69 -18.04 45.14
CA LEU V 100 11.80 -18.52 44.09
C LEU V 100 11.42 -19.98 44.29
N PHE V 101 12.33 -20.80 44.82
CA PHE V 101 12.01 -22.20 45.05
C PHE V 101 10.91 -22.34 46.11
N LEU V 102 11.02 -21.58 47.20
CA LEU V 102 9.98 -21.64 48.24
C LEU V 102 8.67 -21.07 47.73
N PHE V 103 8.75 -19.95 47.02
CA PHE V 103 7.55 -19.32 46.48
C PHE V 103 6.90 -20.22 45.44
N ASN V 104 7.67 -21.04 44.75
CA ASN V 104 7.09 -21.94 43.76
C ASN V 104 6.10 -22.88 44.43
N PHE V 105 6.52 -23.50 45.53
CA PHE V 105 5.65 -24.42 46.25
C PHE V 105 4.41 -23.72 46.78
N VAL V 106 4.60 -22.62 47.53
CA VAL V 106 3.44 -21.96 48.13
C VAL V 106 2.51 -21.37 47.06
N GLU V 107 3.07 -20.73 46.04
CA GLU V 107 2.24 -20.12 45.01
C GLU V 107 1.53 -21.16 44.16
N ILE V 108 2.17 -22.30 43.87
CA ILE V 108 1.49 -23.33 43.09
C ILE V 108 0.34 -23.90 43.90
N LYS V 109 0.53 -24.06 45.21
CA LYS V 109 -0.55 -24.56 46.05
C LYS V 109 -1.71 -23.56 46.06
N ARG V 110 -1.40 -22.27 46.18
CA ARG V 110 -2.45 -21.26 46.15
C ARG V 110 -3.13 -21.24 44.79
N TRP V 111 -2.38 -21.51 43.72
CA TRP V 111 -2.94 -21.57 42.38
C TRP V 111 -3.98 -22.67 42.31
N GLU V 112 -3.65 -23.86 42.83
CA GLU V 112 -4.62 -24.94 42.84
C GLU V 112 -5.84 -24.56 43.68
N ASP V 113 -5.62 -23.78 44.73
CA ASP V 113 -6.77 -23.33 45.53
C ASP V 113 -7.68 -22.42 44.72
N ILE V 114 -7.10 -21.59 43.85
CA ILE V 114 -7.91 -20.68 43.05
C ILE V 114 -8.82 -21.47 42.10
N LYS V 115 -8.28 -22.50 41.46
CA LYS V 115 -9.08 -23.30 40.54
C LYS V 115 -10.22 -24.01 41.27
N LYS V 116 -9.94 -24.53 42.46
CA LYS V 116 -10.93 -25.21 43.28
C LYS V 116 -10.60 -24.90 44.74
N PRO V 117 -11.46 -24.15 45.44
CA PRO V 117 -11.17 -23.78 46.84
C PRO V 117 -10.90 -24.93 47.80
N GLY V 118 -11.57 -26.06 47.67
CA GLY V 118 -11.32 -27.15 48.59
C GLY V 118 -10.29 -28.17 48.10
N SER V 119 -9.47 -27.75 47.14
CA SER V 119 -8.47 -28.64 46.58
C SER V 119 -7.43 -29.09 47.61
N GLN V 120 -6.82 -28.13 48.31
CA GLN V 120 -5.77 -28.46 49.28
C GLN V 120 -6.27 -29.21 50.50
N ALA V 121 -7.58 -29.31 50.71
CA ALA V 121 -8.12 -30.03 51.86
C ALA V 121 -8.30 -31.51 51.58
N GLU V 122 -7.73 -32.02 50.49
CA GLU V 122 -7.85 -33.42 50.13
C GLU V 122 -7.25 -34.29 51.23
N PRO V 123 -8.00 -35.24 51.78
CA PRO V 123 -7.46 -36.09 52.85
C PRO V 123 -6.24 -36.86 52.40
N GLY V 124 -5.25 -36.94 53.28
CA GLY V 124 -4.01 -37.64 53.01
C GLY V 124 -3.00 -36.88 52.18
N SER V 125 -3.33 -35.65 51.75
CA SER V 125 -2.39 -34.87 50.94
C SER V 125 -1.11 -34.59 51.71
N PHE V 126 -1.23 -34.12 52.94
CA PHE V 126 -0.11 -33.83 53.81
C PHE V 126 -0.08 -34.75 55.02
N LEU V 127 0.73 -34.38 55.99
CA LEU V 127 0.92 -35.13 57.23
C LEU V 127 -0.09 -34.67 58.27
N GLY V 128 -1.36 -34.75 57.88
CA GLY V 128 -2.46 -34.35 58.73
C GLY V 128 -2.75 -32.86 58.78
N PHE V 129 -1.98 -32.04 58.06
CA PHE V 129 -2.19 -30.60 58.06
C PHE V 129 -3.13 -30.14 56.95
N GLU V 130 -3.54 -31.03 56.05
CA GLU V 130 -4.43 -30.64 54.97
C GLU V 130 -5.81 -30.23 55.47
N SER V 131 -6.21 -30.69 56.66
CA SER V 131 -7.52 -30.31 57.19
C SER V 131 -7.65 -28.82 57.39
N GLY V 132 -6.54 -28.15 57.70
CA GLY V 132 -6.52 -26.72 57.90
C GLY V 132 -6.32 -25.92 56.64
N PHE V 133 -6.30 -26.57 55.49
CA PHE V 133 -6.10 -25.92 54.20
C PHE V 133 -7.40 -25.72 53.43
N LYS V 134 -8.55 -25.92 54.08
CA LYS V 134 -9.82 -25.70 53.41
C LYS V 134 -10.17 -24.22 53.51
N GLY V 135 -10.51 -23.63 52.38
CA GLY V 135 -10.83 -22.22 52.36
C GLY V 135 -12.19 -21.95 52.97
N THR V 136 -12.63 -20.70 52.81
CA THR V 136 -13.92 -20.25 53.29
C THR V 136 -14.96 -20.19 52.18
N GLY V 137 -14.66 -20.79 51.03
CA GLY V 137 -15.55 -20.81 49.89
C GLY V 137 -15.18 -19.80 48.82
N ILE V 138 -14.40 -18.79 49.16
CA ILE V 138 -13.97 -17.75 48.23
C ILE V 138 -12.45 -17.78 48.17
N SER V 139 -11.90 -17.93 46.98
CA SER V 139 -10.45 -17.97 46.84
C SER V 139 -9.85 -16.63 47.25
N GLY V 140 -8.78 -16.68 48.03
CA GLY V 140 -8.11 -15.50 48.53
C GLY V 140 -8.36 -15.22 50.00
N TYR V 141 -9.31 -15.92 50.62
CA TYR V 141 -9.65 -15.75 52.03
C TYR V 141 -9.60 -17.12 52.70
N PRO V 142 -8.41 -17.63 52.99
CA PRO V 142 -8.30 -18.95 53.62
C PRO V 142 -8.14 -18.93 55.14
N GLY V 143 -9.14 -19.39 55.87
CA GLY V 143 -9.03 -19.40 57.33
C GLY V 143 -8.10 -20.50 57.81
N GLY V 144 -8.52 -21.24 58.83
CA GLY V 144 -7.68 -22.31 59.36
C GLY V 144 -6.37 -21.80 59.91
N ALA V 145 -5.26 -22.28 59.35
CA ALA V 145 -3.94 -21.85 59.80
C ALA V 145 -3.83 -20.34 59.74
N PHE V 146 -4.21 -19.75 58.61
CA PHE V 146 -4.19 -18.30 58.49
C PHE V 146 -5.33 -17.74 59.34
N ASN V 147 -5.19 -16.47 59.72
CA ASN V 147 -6.17 -15.84 60.59
C ASN V 147 -6.24 -16.62 61.90
N PRO V 148 -5.12 -16.76 62.62
CA PRO V 148 -5.16 -17.54 63.87
C PRO V 148 -5.99 -16.90 64.96
N PHE V 149 -6.12 -15.58 64.98
CA PHE V 149 -6.91 -14.93 66.02
C PHE V 149 -8.41 -14.95 65.74
N GLY V 150 -8.82 -15.41 64.56
CA GLY V 150 -10.24 -15.46 64.23
C GLY V 150 -10.94 -14.12 64.19
N LEU V 151 -10.30 -13.13 63.57
CA LEU V 151 -10.91 -11.80 63.47
C LEU V 151 -11.97 -11.81 62.38
N GLY V 152 -13.13 -11.24 62.69
CA GLY V 152 -14.22 -11.20 61.74
C GLY V 152 -15.06 -12.44 61.68
N ASN V 153 -14.82 -13.41 62.55
CA ASN V 153 -15.59 -14.65 62.56
C ASN V 153 -16.87 -14.56 63.38
N SER V 154 -17.14 -13.41 64.00
CA SER V 154 -18.35 -13.26 64.80
C SER V 154 -19.60 -13.40 63.95
N SER V 155 -19.61 -12.77 62.78
CA SER V 155 -20.76 -12.85 61.88
C SER V 155 -20.28 -12.51 60.47
N LYS V 156 -21.16 -12.74 59.50
CA LYS V 156 -20.83 -12.49 58.10
C LYS V 156 -20.68 -11.01 57.78
N GLU V 157 -21.44 -10.13 58.45
CA GLU V 157 -21.30 -8.71 58.15
C GLU V 157 -19.99 -8.17 58.70
N ALA V 158 -19.52 -8.73 59.83
CA ALA V 158 -18.25 -8.29 60.40
C ALA V 158 -17.11 -8.63 59.47
N MET V 159 -17.14 -9.81 58.84
CA MET V 159 -16.10 -10.19 57.90
C MET V 159 -16.13 -9.32 56.65
N ASP V 160 -17.32 -8.93 56.21
CA ASP V 160 -17.44 -8.09 55.02
C ASP V 160 -16.80 -6.73 55.25
N ASP V 161 -17.00 -6.13 56.42
CA ASP V 161 -16.42 -4.84 56.72
C ASP V 161 -14.89 -4.91 56.72
N LEU V 162 -14.34 -5.95 57.34
CA LEU V 162 -12.89 -6.12 57.38
C LEU V 162 -12.35 -6.30 55.97
N LYS V 163 -13.11 -6.98 55.11
CA LYS V 163 -12.67 -7.18 53.73
C LYS V 163 -12.59 -5.85 53.00
N TRP V 164 -13.56 -4.96 53.24
CA TRP V 164 -13.53 -3.65 52.60
C TRP V 164 -12.34 -2.85 53.10
N ARG V 165 -12.06 -2.91 54.40
CA ARG V 165 -10.91 -2.18 54.93
C ARG V 165 -9.63 -2.72 54.31
N GLU V 166 -9.54 -4.05 54.18
CA GLU V 166 -8.35 -4.66 53.59
C GLU V 166 -8.17 -4.24 52.13
N ILE V 167 -9.25 -4.23 51.35
CA ILE V 167 -9.13 -3.85 49.94
C ILE V 167 -8.76 -2.38 49.81
N ARG V 168 -9.34 -1.50 50.64
CA ARG V 168 -8.98 -0.08 50.53
C ARG V 168 -7.53 0.15 50.94
N ASN V 169 -7.08 -0.50 52.01
CA ASN V 169 -5.69 -0.34 52.44
C ASN V 169 -4.75 -0.91 51.40
N GLY V 170 -5.12 -2.02 50.77
CA GLY V 170 -4.26 -2.61 49.76
C GLY V 170 -4.14 -1.70 48.53
N ARG V 171 -5.26 -1.11 48.10
CA ARG V 171 -5.21 -0.22 46.96
C ARG V 171 -4.39 1.03 47.30
N LEU V 172 -4.56 1.57 48.50
CA LEU V 172 -3.79 2.74 48.90
C LEU V 172 -2.31 2.42 48.93
N ALA V 173 -1.94 1.25 49.43
CA ALA V 173 -0.53 0.87 49.47
C ALA V 173 0.02 0.61 48.08
N MET V 174 -0.80 0.09 47.16
CA MET V 174 -0.34 -0.14 45.80
C MET V 174 -0.02 1.19 45.14
N VAL V 175 -0.93 2.15 45.26
CA VAL V 175 -0.71 3.47 44.69
C VAL V 175 0.50 4.12 45.35
N ALA V 176 0.66 3.91 46.66
CA ALA V 176 1.80 4.47 47.38
C ALA V 176 3.12 3.89 46.89
N PHE V 177 3.16 2.58 46.61
CA PHE V 177 4.40 2.00 46.12
C PHE V 177 4.72 2.51 44.72
N LEU V 178 3.70 2.67 43.88
CA LEU V 178 3.94 3.21 42.56
C LEU V 178 4.50 4.62 42.69
N GLY V 179 3.98 5.37 43.65
CA GLY V 179 4.48 6.72 43.88
C GLY V 179 5.90 6.69 44.38
N PHE V 180 6.24 5.71 45.22
CA PHE V 180 7.61 5.59 45.71
C PHE V 180 8.58 5.35 44.56
N LEU V 181 8.20 4.44 43.66
CA LEU V 181 9.04 4.14 42.51
C LEU V 181 9.24 5.38 41.64
N SER V 182 8.14 6.06 41.29
CA SER V 182 8.25 7.24 40.45
C SER V 182 9.03 8.36 41.14
N GLN V 183 8.81 8.55 42.44
CA GLN V 183 9.52 9.60 43.16
C GLN V 183 11.00 9.35 43.22
N HIS V 184 11.41 8.11 43.52
CA HIS V 184 12.84 7.83 43.57
C HIS V 184 13.46 7.93 42.19
N ALA V 185 12.77 7.46 41.15
CA ALA V 185 13.33 7.56 39.80
C ALA V 185 13.46 9.01 39.38
N ALA V 186 12.46 9.84 39.68
CA ALA V 186 12.53 11.24 39.30
C ALA V 186 13.48 12.02 40.20
N THR V 187 13.44 11.77 41.51
CA THR V 187 14.30 12.45 42.47
C THR V 187 15.01 11.38 43.31
N GLY V 188 16.33 11.38 43.29
CA GLY V 188 17.08 10.41 44.05
C GLY V 188 17.03 10.63 45.55
N LYS V 189 15.83 10.66 46.11
CA LYS V 189 15.62 10.87 47.54
C LYS V 189 14.55 9.92 48.03
N GLY V 190 14.44 9.82 49.36
CA GLY V 190 13.46 8.95 49.97
C GLY V 190 12.09 9.58 50.03
N PRO V 191 11.10 8.76 50.38
CA PRO V 191 9.72 9.28 50.47
C PRO V 191 9.55 10.36 51.53
N LEU V 192 10.15 10.16 52.72
CA LEU V 192 10.04 11.17 53.76
C LEU V 192 10.75 12.45 53.34
N ASP V 193 11.89 12.30 52.66
CA ASP V 193 12.61 13.48 52.18
C ASP V 193 11.77 14.25 51.17
N ASN V 194 11.09 13.53 50.29
CA ASN V 194 10.23 14.18 49.30
C ASN V 194 9.08 14.90 49.98
N LEU V 195 8.47 14.26 50.97
CA LEU V 195 7.36 14.89 51.69
C LEU V 195 7.82 16.15 52.41
N ALA V 196 8.99 16.09 53.06
CA ALA V 196 9.49 17.25 53.78
C ALA V 196 9.85 18.38 52.80
N ASP V 197 10.44 18.02 51.65
CA ASP V 197 10.81 19.04 50.67
C ASP V 197 9.57 19.70 50.07
N HIS V 198 8.50 18.94 49.89
CA HIS V 198 7.29 19.50 49.30
C HIS V 198 6.61 20.48 50.26
N LEU V 199 6.52 20.14 51.54
CA LEU V 199 5.85 21.03 52.48
C LEU V 199 6.61 22.36 52.66
N ALA V 200 7.93 22.36 52.47
CA ALA V 200 8.68 23.59 52.61
C ALA V 200 8.26 24.62 51.57
N ASP V 201 8.07 24.18 50.33
CA ASP V 201 7.65 25.06 49.24
C ASP V 201 6.85 24.23 48.24
N PRO V 202 5.55 24.03 48.51
CA PRO V 202 4.75 23.21 47.59
C PRO V 202 4.67 23.74 46.17
N TRP V 203 4.65 25.05 45.97
CA TRP V 203 4.58 25.59 44.62
C TRP V 203 5.91 25.52 43.89
N GLY V 204 7.02 25.40 44.61
CA GLY V 204 8.32 25.33 43.98
C GLY V 204 8.99 23.97 44.08
N ALA V 205 8.37 23.03 44.79
CA ALA V 205 8.93 21.69 44.95
C ALA V 205 7.81 20.66 44.76
N ASN V 206 7.69 20.13 43.55
CA ASN V 206 6.68 19.13 43.22
C ASN V 206 7.12 18.43 41.94
N PHE V 207 6.23 17.62 41.36
CA PHE V 207 6.56 16.88 40.15
C PHE V 207 6.78 17.79 38.94
N CYS V 208 6.28 19.02 38.99
CA CYS V 208 6.48 19.93 37.86
C CYS V 208 7.86 20.57 37.85
N SER V 209 8.67 20.35 38.89
CA SER V 209 10.00 20.92 38.97
C SER V 209 11.10 19.89 39.14
N ASN V 210 10.78 18.59 39.06
CA ASN V 210 11.80 17.56 39.23
C ASN V 210 12.65 17.37 37.99
N GLY V 211 12.26 17.91 36.84
CA GLY V 211 13.03 17.78 35.63
C GLY V 211 12.93 16.45 34.92
N VAL V 212 12.07 15.54 35.40
CA VAL V 212 11.90 14.22 34.80
C VAL V 212 10.47 13.99 34.34
N SER V 213 9.49 14.29 35.21
CA SER V 213 8.10 14.10 34.84
C SER V 213 7.75 14.92 33.61
N ILE V 214 8.04 16.21 33.62
CA ILE V 214 7.78 17.10 32.49
C ILE V 214 9.05 17.13 31.64
N PRO V 215 9.03 16.61 30.42
CA PRO V 215 10.25 16.61 29.60
C PRO V 215 10.76 18.00 29.32
N SER V 216 12.09 18.14 29.31
CA SER V 216 12.71 19.42 29.05
C SER V 216 12.60 19.83 27.58
N ALA V 217 12.34 18.87 26.68
CA ALA V 217 12.23 19.19 25.27
C ALA V 217 11.04 20.11 24.99
N LEU V 218 9.92 19.87 25.68
CA LEU V 218 8.74 20.70 25.46
C LEU V 218 8.99 22.14 25.91
N GLY V 219 9.70 22.32 27.02
CA GLY V 219 10.00 23.66 27.51
C GLY V 219 11.34 24.20 27.06
N ARG W 1 17.04 -63.63 -55.90
CA ARG W 1 17.67 -62.50 -56.59
C ARG W 1 18.79 -61.90 -55.75
N PRO W 2 19.99 -61.82 -56.32
CA PRO W 2 21.12 -61.25 -55.58
C PRO W 2 20.85 -59.79 -55.21
N THR W 3 21.26 -59.42 -54.01
CA THR W 3 21.07 -58.07 -53.49
C THR W 3 22.41 -57.42 -53.19
N TRP W 4 22.37 -56.24 -52.57
CA TRP W 4 23.57 -55.49 -52.24
C TRP W 4 24.26 -55.97 -50.96
N TYR W 5 23.93 -57.18 -50.49
CA TYR W 5 24.53 -57.87 -49.34
C TYR W 5 23.72 -59.15 -49.17
N PRO W 6 24.35 -60.24 -48.72
CA PRO W 6 23.64 -61.52 -48.58
C PRO W 6 22.42 -61.41 -47.67
N GLY W 7 21.32 -62.03 -48.11
CA GLY W 7 20.09 -62.04 -47.36
C GLY W 7 19.39 -60.71 -47.23
N ALA W 8 19.71 -59.74 -48.08
CA ALA W 8 19.08 -58.44 -47.99
C ALA W 8 17.64 -58.49 -48.49
N THR W 9 16.76 -57.76 -47.81
CA THR W 9 15.36 -57.70 -48.19
C THR W 9 15.14 -56.45 -49.01
N PRO W 10 14.84 -56.56 -50.30
CA PRO W 10 14.64 -55.37 -51.13
C PRO W 10 13.35 -54.67 -50.75
N PRO W 11 13.26 -53.36 -51.02
CA PRO W 11 12.03 -52.62 -50.70
C PRO W 11 10.83 -53.18 -51.45
N LYS W 12 9.64 -52.77 -50.98
CA LYS W 12 8.41 -53.25 -51.59
C LYS W 12 8.29 -52.80 -53.04
N TYR W 13 8.67 -51.55 -53.33
CA TYR W 13 8.56 -51.07 -54.70
C TYR W 13 9.67 -51.61 -55.61
N LEU W 14 10.69 -52.24 -55.05
CA LEU W 14 11.79 -52.79 -55.85
C LEU W 14 11.56 -54.29 -56.03
N ASP W 15 10.47 -54.61 -56.72
CA ASP W 15 10.11 -56.00 -56.97
C ASP W 15 11.14 -56.70 -57.85
N GLY W 16 11.64 -56.02 -58.88
CA GLY W 16 12.63 -56.63 -59.75
C GLY W 16 12.35 -56.50 -61.23
N THR W 17 11.31 -55.75 -61.59
CA THR W 17 10.98 -55.58 -63.01
C THR W 17 12.10 -54.84 -63.74
N MET W 18 12.67 -53.83 -63.09
CA MET W 18 13.73 -53.06 -63.72
C MET W 18 15.03 -53.86 -63.75
N LEU W 19 15.87 -53.52 -64.73
CA LEU W 19 17.15 -54.21 -64.86
C LEU W 19 18.13 -53.74 -63.80
N GLY W 20 19.06 -54.63 -63.44
CA GLY W 20 20.04 -54.30 -62.42
C GLY W 20 19.41 -54.01 -61.08
N ASP W 21 18.29 -54.65 -60.78
CA ASP W 21 17.58 -54.44 -59.52
C ASP W 21 18.20 -55.30 -58.44
N TYR W 22 19.05 -54.69 -57.62
CA TYR W 22 19.69 -55.36 -56.49
C TYR W 22 19.04 -54.98 -55.17
N GLY W 23 17.89 -54.33 -55.21
CA GLY W 23 17.21 -53.91 -54.01
C GLY W 23 17.98 -52.89 -53.19
N PHE W 24 18.69 -52.00 -53.86
CA PHE W 24 19.48 -50.97 -53.19
C PHE W 24 18.90 -49.60 -53.43
N ASP W 25 18.48 -48.94 -52.35
CA ASP W 25 17.91 -47.60 -52.32
C ASP W 25 17.56 -47.26 -50.89
N PRO W 26 18.56 -47.12 -50.00
CA PRO W 26 18.25 -46.81 -48.61
C PRO W 26 17.55 -45.47 -48.42
N LEU W 27 17.81 -44.50 -49.29
CA LEU W 27 17.18 -43.19 -49.17
C LEU W 27 15.78 -43.12 -49.78
N ARG W 28 15.37 -44.17 -50.51
CA ARG W 28 14.05 -44.21 -51.15
C ARG W 28 13.85 -43.01 -52.07
N LEU W 29 14.79 -42.80 -52.98
CA LEU W 29 14.71 -41.67 -53.90
C LEU W 29 13.70 -41.91 -55.02
N GLY W 30 13.55 -43.14 -55.48
CA GLY W 30 12.62 -43.42 -56.55
C GLY W 30 11.48 -44.34 -56.16
N SER W 31 11.00 -44.23 -54.92
CA SER W 31 9.91 -45.05 -54.43
C SER W 31 8.56 -44.34 -54.47
N LYS W 32 8.50 -43.10 -54.96
CA LYS W 32 7.24 -42.38 -54.99
C LYS W 32 6.60 -42.42 -56.38
N ASP W 33 7.17 -41.70 -57.33
CA ASP W 33 6.65 -41.64 -58.69
C ASP W 33 7.46 -42.54 -59.61
N LYS W 34 6.76 -43.24 -60.50
CA LYS W 34 7.43 -44.13 -61.43
C LYS W 34 8.13 -43.37 -62.55
N ASP W 35 7.57 -42.24 -62.98
CA ASP W 35 8.20 -41.45 -64.03
C ASP W 35 9.53 -40.91 -63.56
N VAL W 36 9.60 -40.47 -62.30
CA VAL W 36 10.86 -39.98 -61.75
C VAL W 36 11.88 -41.10 -61.71
N LEU W 37 11.43 -42.32 -61.44
CA LEU W 37 12.33 -43.47 -61.43
C LEU W 37 12.88 -43.73 -62.83
N LYS W 38 12.04 -43.59 -63.85
CA LYS W 38 12.49 -43.78 -65.22
C LYS W 38 13.53 -42.72 -65.59
N TYR W 39 13.28 -41.48 -65.19
CA TYR W 39 14.24 -40.41 -65.47
C TYR W 39 15.55 -40.68 -64.73
N TYR W 40 15.45 -41.19 -63.51
CA TYR W 40 16.64 -41.51 -62.74
C TYR W 40 17.46 -42.59 -63.44
N ARG W 41 16.78 -43.60 -63.99
CA ARG W 41 17.48 -44.66 -64.71
C ARG W 41 18.14 -44.10 -65.96
N GLU W 42 17.46 -43.20 -66.66
CA GLU W 42 18.05 -42.60 -67.86
C GLU W 42 19.30 -41.82 -67.48
N GLY W 43 19.24 -41.08 -66.38
CA GLY W 43 20.40 -40.33 -65.93
C GLY W 43 21.53 -41.25 -65.54
N GLU W 44 21.19 -42.38 -64.89
CA GLU W 44 22.21 -43.34 -64.50
C GLU W 44 22.90 -43.92 -65.72
N LEU W 45 22.11 -44.25 -66.75
CA LEU W 45 22.68 -44.79 -67.98
C LEU W 45 23.56 -43.76 -68.68
N THR W 46 23.13 -42.50 -68.70
CA THR W 46 23.94 -41.46 -69.34
C THR W 46 25.26 -41.28 -68.60
N ASN W 47 25.19 -41.21 -67.27
CA ASN W 47 26.41 -41.07 -66.48
C ASN W 47 27.31 -42.28 -66.68
N GLY W 48 26.72 -43.47 -66.75
CA GLY W 48 27.52 -44.66 -66.96
C GLY W 48 28.22 -44.66 -68.31
N ARG W 49 27.51 -44.24 -69.37
CA ARG W 49 28.13 -44.20 -70.69
C ARG W 49 29.27 -43.20 -70.70
N TRP W 50 29.05 -42.01 -70.13
CA TRP W 50 30.13 -41.02 -70.08
C TRP W 50 31.30 -41.54 -69.26
N ALA W 51 31.01 -42.28 -68.19
CA ALA W 51 32.06 -42.84 -67.36
C ALA W 51 32.85 -43.90 -68.11
N MET W 52 32.17 -44.75 -68.90
CA MET W 52 32.89 -45.77 -69.66
C MET W 52 33.80 -45.11 -70.68
N ALA W 53 33.29 -44.10 -71.39
CA ALA W 53 34.13 -43.42 -72.38
C ALA W 53 35.32 -42.75 -71.71
N ALA W 54 35.09 -42.09 -70.58
CA ALA W 54 36.17 -41.41 -69.87
C ALA W 54 37.21 -42.39 -69.35
N VAL W 55 36.76 -43.52 -68.79
CA VAL W 55 37.68 -44.51 -68.26
C VAL W 55 38.51 -45.11 -69.39
N ALA W 56 37.85 -45.41 -70.52
CA ALA W 56 38.57 -45.97 -71.66
C ALA W 56 39.63 -45.00 -72.15
N GLY W 57 39.27 -43.71 -72.25
CA GLY W 57 40.24 -42.72 -72.70
C GLY W 57 41.41 -42.55 -71.73
N ILE W 58 41.09 -42.46 -70.44
CA ILE W 58 42.14 -42.30 -69.43
C ILE W 58 43.08 -43.49 -69.44
N LEU W 59 42.54 -44.70 -69.54
CA LEU W 59 43.37 -45.89 -69.56
C LEU W 59 44.21 -45.95 -70.84
N PHE W 60 43.62 -45.59 -71.97
CA PHE W 60 44.37 -45.62 -73.22
C PHE W 60 45.53 -44.64 -73.20
N THR W 61 45.30 -43.42 -72.70
CA THR W 61 46.40 -42.46 -72.65
C THR W 61 47.48 -42.89 -71.68
N ASP W 62 47.12 -43.62 -70.62
CA ASP W 62 48.11 -44.08 -69.66
C ASP W 62 48.93 -45.25 -70.22
N LEU W 63 48.28 -46.15 -70.95
CA LEU W 63 48.99 -47.30 -71.53
C LEU W 63 49.97 -46.88 -72.61
N VAL W 64 49.70 -45.77 -73.32
CA VAL W 64 50.59 -45.32 -74.37
C VAL W 64 51.69 -44.44 -73.78
N GLY W 65 51.71 -44.33 -72.45
CA GLY W 65 52.70 -43.54 -71.77
C GLY W 65 52.48 -42.04 -71.72
N LEU W 66 51.30 -41.56 -72.09
CA LEU W 66 51.05 -40.13 -72.03
C LEU W 66 51.03 -39.64 -70.59
N GLY W 67 51.10 -38.32 -70.43
CA GLY W 67 51.11 -37.70 -69.13
C GLY W 67 49.85 -37.96 -68.32
N PRO W 68 49.78 -37.40 -67.12
CA PRO W 68 48.60 -37.60 -66.27
C PRO W 68 47.34 -37.07 -66.94
N TRP W 69 46.23 -37.79 -66.76
CA TRP W 69 44.97 -37.38 -67.36
C TRP W 69 44.47 -36.08 -66.76
N TRP W 70 44.63 -35.90 -65.44
CA TRP W 70 44.17 -34.68 -64.80
C TRP W 70 44.98 -33.47 -65.26
N GLU W 71 46.23 -33.67 -65.66
CA GLU W 71 47.09 -32.60 -66.12
C GLU W 71 47.07 -32.44 -67.63
N ALA W 72 46.44 -33.37 -68.36
CA ALA W 72 46.36 -33.32 -69.81
C ALA W 72 45.59 -32.12 -70.34
N GLY W 73 44.80 -31.44 -69.49
CA GLY W 73 44.05 -30.29 -69.95
C GLY W 73 44.92 -29.15 -70.42
N ALA W 74 46.08 -28.95 -69.79
CA ALA W 74 47.00 -27.89 -70.14
C ALA W 74 48.14 -28.35 -71.05
N LYS W 75 48.17 -29.61 -71.46
CA LYS W 75 49.23 -30.14 -72.31
C LYS W 75 48.75 -30.39 -73.74
N VAL W 76 47.65 -29.76 -74.15
CA VAL W 76 47.12 -29.92 -75.49
C VAL W 76 47.47 -28.69 -76.30
N GLU W 77 48.19 -28.89 -77.40
CA GLU W 77 48.61 -27.81 -78.29
C GLU W 77 48.06 -28.07 -79.69
N SER W 78 47.30 -27.11 -80.20
CA SER W 78 46.69 -27.21 -81.52
C SER W 78 46.04 -25.87 -81.83
N SER W 79 45.38 -25.80 -82.99
CA SER W 79 44.69 -24.59 -83.40
C SER W 79 43.40 -24.43 -82.61
N PHE W 80 42.63 -23.40 -82.95
CA PHE W 80 41.36 -23.08 -82.31
C PHE W 80 41.57 -22.60 -80.88
N ASP W 81 41.33 -21.32 -80.64
CA ASP W 81 41.49 -20.76 -79.30
C ASP W 81 40.53 -21.43 -78.32
N LEU W 82 40.86 -21.34 -77.03
CA LEU W 82 40.03 -21.94 -75.99
C LEU W 82 38.57 -21.49 -76.10
N LYS W 83 38.35 -20.19 -76.32
CA LYS W 83 36.98 -19.70 -76.43
C LYS W 83 36.28 -20.32 -77.64
N THR W 84 36.99 -20.45 -78.77
CA THR W 84 36.39 -21.05 -79.95
C THR W 84 36.00 -22.50 -79.67
N LEU W 85 36.88 -23.24 -78.99
CA LEU W 85 36.58 -24.63 -78.67
C LEU W 85 35.37 -24.71 -77.76
N ILE W 86 35.29 -23.82 -76.78
CA ILE W 86 34.16 -23.82 -75.84
C ILE W 86 32.85 -23.56 -76.60
N ILE W 87 32.87 -22.58 -77.51
CA ILE W 87 31.66 -22.26 -78.27
C ILE W 87 31.24 -23.43 -79.16
N ILE W 88 32.20 -24.02 -79.87
CA ILE W 88 31.89 -25.14 -80.75
C ILE W 88 31.31 -26.30 -79.95
N GLU W 89 31.94 -26.62 -78.82
CA GLU W 89 31.45 -27.72 -77.99
C GLU W 89 30.07 -27.43 -77.45
N VAL W 90 29.83 -26.19 -77.00
CA VAL W 90 28.52 -25.84 -76.46
C VAL W 90 27.43 -25.98 -77.51
N VAL W 91 27.69 -25.48 -78.73
CA VAL W 91 26.67 -25.56 -79.78
C VAL W 91 26.41 -27.02 -80.19
N THR W 92 27.48 -27.78 -80.46
CA THR W 92 27.28 -29.16 -80.88
C THR W 92 26.61 -29.97 -79.77
N PHE W 93 26.97 -29.73 -78.51
CA PHE W 93 26.33 -30.46 -77.43
C PHE W 93 24.90 -30.02 -77.23
N ALA W 94 24.59 -28.75 -77.50
CA ALA W 94 23.21 -28.31 -77.36
C ALA W 94 22.33 -29.04 -78.36
N ILE W 95 22.78 -29.13 -79.62
CA ILE W 95 21.98 -29.84 -80.61
C ILE W 95 21.91 -31.34 -80.30
N LEU W 96 23.03 -31.93 -79.86
CA LEU W 96 23.02 -33.35 -79.53
C LEU W 96 22.08 -33.65 -78.37
N GLU W 97 22.12 -32.81 -77.33
CA GLU W 97 21.25 -33.01 -76.19
C GLU W 97 19.79 -32.77 -76.56
N GLY W 98 19.53 -31.84 -77.49
CA GLY W 98 18.16 -31.64 -77.91
C GLY W 98 17.62 -32.88 -78.62
N PHE W 99 18.46 -33.47 -79.48
CA PHE W 99 18.06 -34.69 -80.16
C PHE W 99 17.83 -35.82 -79.16
N ARG W 100 18.71 -35.91 -78.16
CA ARG W 100 18.56 -36.94 -77.13
C ARG W 100 17.29 -36.73 -76.33
N VAL W 101 16.95 -35.47 -76.06
CA VAL W 101 15.72 -35.15 -75.33
C VAL W 101 14.52 -35.62 -76.12
N LYS W 102 14.52 -35.34 -77.43
CA LYS W 102 13.41 -35.79 -78.27
C LYS W 102 13.33 -37.31 -78.29
N ALA W 103 14.47 -37.97 -78.37
CA ALA W 103 14.49 -39.43 -78.39
C ALA W 103 13.91 -40.00 -77.10
N TYR W 104 14.28 -39.42 -75.96
CA TYR W 104 13.74 -39.91 -74.69
C TYR W 104 12.25 -39.62 -74.59
N GLU W 105 11.82 -38.45 -75.10
CA GLU W 105 10.41 -38.11 -75.05
C GLU W 105 9.58 -38.98 -75.99
N LYS W 106 10.20 -39.62 -76.98
CA LYS W 106 9.47 -40.46 -77.91
C LYS W 106 9.54 -41.94 -77.53
N THR W 107 10.72 -42.55 -77.65
CA THR W 107 10.88 -43.96 -77.35
C THR W 107 11.18 -44.26 -75.88
N GLY W 108 11.40 -43.25 -75.05
CA GLY W 108 11.68 -43.48 -73.65
C GLY W 108 13.09 -43.94 -73.35
N GLU W 109 13.98 -43.93 -74.35
CA GLU W 109 15.36 -44.33 -74.17
C GLU W 109 16.26 -43.30 -74.83
N THR W 110 17.57 -43.59 -74.85
CA THR W 110 18.53 -42.67 -75.44
C THR W 110 18.60 -42.85 -76.95
N GLY W 111 19.48 -42.08 -77.58
CA GLY W 111 19.66 -42.14 -79.01
C GLY W 111 20.79 -41.22 -79.42
N LEU W 112 21.10 -41.24 -80.70
CA LEU W 112 22.16 -40.40 -81.27
C LEU W 112 21.59 -39.64 -82.46
N GLY W 113 21.37 -38.34 -82.28
CA GLY W 113 20.83 -37.51 -83.32
C GLY W 113 19.40 -37.88 -83.66
N PRO W 114 19.03 -37.73 -84.93
CA PRO W 114 17.66 -38.06 -85.35
C PRO W 114 17.31 -39.53 -85.18
N PHE W 115 18.30 -40.42 -85.07
CA PHE W 115 18.03 -41.84 -84.90
C PHE W 115 17.53 -42.09 -83.48
N ALA W 116 16.26 -42.46 -83.35
CA ALA W 116 15.70 -42.72 -82.03
C ALA W 116 16.37 -43.87 -81.30
N PRO W 117 16.53 -45.08 -81.89
CA PRO W 117 17.20 -46.14 -81.14
C PRO W 117 18.69 -46.25 -81.42
N PHE W 118 19.11 -45.82 -82.61
CA PHE W 118 20.50 -45.87 -83.05
C PHE W 118 21.15 -47.22 -82.77
N ASP W 119 20.86 -48.22 -83.60
CA ASP W 119 21.44 -49.55 -83.44
C ASP W 119 21.69 -50.13 -84.82
N PRO W 120 22.76 -49.69 -85.48
CA PRO W 120 23.07 -50.21 -86.83
C PRO W 120 23.30 -51.72 -86.85
N LEU W 121 23.87 -52.27 -85.78
CA LEU W 121 24.14 -53.70 -85.71
C LEU W 121 22.98 -54.50 -85.12
N ASN W 122 21.89 -53.83 -84.74
CA ASN W 122 20.71 -54.48 -84.17
C ASN W 122 21.05 -55.35 -82.97
N MET W 123 21.87 -54.82 -82.07
CA MET W 123 22.26 -55.54 -80.85
C MET W 123 21.52 -55.00 -79.64
N ARG W 124 20.20 -54.91 -79.75
CA ARG W 124 19.33 -54.40 -78.68
C ARG W 124 18.49 -55.53 -78.11
N SER W 125 18.54 -55.69 -76.79
CA SER W 125 17.78 -56.73 -76.11
C SER W 125 17.87 -56.47 -74.61
N ASP W 126 16.99 -57.13 -73.87
CA ASP W 126 17.00 -56.98 -72.42
C ASP W 126 18.29 -57.52 -71.82
N GLU W 127 18.88 -58.53 -72.45
CA GLU W 127 20.12 -59.12 -71.96
C GLU W 127 21.30 -58.20 -72.24
N THR W 128 21.27 -57.48 -73.36
CA THR W 128 22.35 -56.55 -73.68
C THR W 128 22.24 -55.27 -72.86
N ARG W 129 21.02 -54.90 -72.47
CA ARG W 129 20.81 -53.70 -71.67
C ARG W 129 21.41 -53.87 -70.27
N LEU W 130 21.24 -55.05 -69.67
CA LEU W 130 21.80 -55.30 -68.35
C LEU W 130 23.31 -55.16 -68.38
N LYS W 131 23.93 -55.59 -69.48
CA LYS W 131 25.37 -55.46 -69.62
C LYS W 131 25.76 -54.00 -69.61
N GLU W 132 25.01 -53.16 -70.33
CA GLU W 132 25.30 -51.73 -70.36
C GLU W 132 25.16 -51.11 -68.98
N LEU W 133 24.09 -51.46 -68.26
CA LEU W 133 23.88 -50.89 -66.94
C LEU W 133 24.99 -51.28 -65.97
N LYS W 134 25.33 -52.57 -65.91
CA LYS W 134 26.38 -53.02 -65.01
C LYS W 134 27.73 -52.45 -65.41
N ASN W 135 28.05 -52.43 -66.70
CA ASN W 135 29.32 -51.87 -67.15
C ASN W 135 29.40 -50.39 -66.83
N GLY W 136 28.28 -49.68 -66.98
CA GLY W 136 28.27 -48.26 -66.66
C GLY W 136 28.50 -48.02 -65.19
N ARG W 137 27.87 -48.82 -64.34
CA ARG W 137 28.06 -48.68 -62.90
C ARG W 137 29.52 -48.94 -62.53
N LEU W 138 30.10 -49.99 -63.10
CA LEU W 138 31.50 -50.31 -62.83
C LEU W 138 32.41 -49.20 -63.30
N ALA W 139 32.11 -48.62 -64.47
CA ALA W 139 32.92 -47.53 -64.99
C ALA W 139 32.79 -46.29 -64.13
N MET W 140 31.60 -46.04 -63.58
CA MET W 140 31.41 -44.89 -62.70
C MET W 140 32.28 -45.03 -61.47
N LEU W 141 32.28 -46.23 -60.86
CA LEU W 141 33.14 -46.40 -59.70
C LEU W 141 34.62 -46.36 -60.11
N ALA W 142 34.93 -46.81 -61.32
CA ALA W 142 36.32 -46.76 -61.79
C ALA W 142 36.79 -45.33 -61.92
N PHE W 143 35.95 -44.45 -62.47
CA PHE W 143 36.33 -43.06 -62.61
C PHE W 143 36.44 -42.39 -61.24
N LEU W 144 35.52 -42.75 -60.33
CA LEU W 144 35.59 -42.19 -58.98
C LEU W 144 36.91 -42.60 -58.34
N GLY W 145 37.30 -43.85 -58.53
CA GLY W 145 38.57 -44.32 -57.99
C GLY W 145 39.74 -43.64 -58.66
N PHE W 146 39.63 -43.34 -59.94
CA PHE W 146 40.70 -42.64 -60.65
C PHE W 146 40.92 -41.27 -60.04
N SER W 147 39.83 -40.52 -59.84
CA SER W 147 39.94 -39.20 -59.25
C SER W 147 40.46 -39.27 -57.82
N SER W 148 39.95 -40.23 -57.04
CA SER W 148 40.40 -40.38 -55.66
C SER W 148 41.88 -40.73 -55.59
N GLN W 149 42.34 -41.62 -56.46
CA GLN W 149 43.74 -42.00 -56.46
C GLN W 149 44.62 -40.85 -56.93
N ALA W 150 44.12 -40.03 -57.86
CA ALA W 150 44.89 -38.89 -58.33
C ALA W 150 44.98 -37.82 -57.24
N ALA W 151 43.96 -37.74 -56.38
CA ALA W 151 43.97 -36.74 -55.32
C ALA W 151 44.83 -37.20 -54.13
N VAL W 152 44.57 -38.42 -53.64
CA VAL W 152 45.33 -38.93 -52.50
C VAL W 152 46.76 -39.26 -52.93
N GLN W 153 46.91 -40.10 -53.94
CA GLN W 153 48.20 -40.49 -54.46
C GLN W 153 48.57 -39.54 -55.60
N GLY W 154 49.84 -39.60 -56.01
CA GLY W 154 50.29 -38.76 -57.09
C GLY W 154 50.56 -39.60 -58.32
N LYS W 155 49.78 -40.67 -58.47
CA LYS W 155 49.93 -41.62 -59.56
C LYS W 155 48.64 -41.72 -60.37
N GLY W 156 48.71 -42.49 -61.45
CA GLY W 156 47.58 -42.71 -62.33
C GLY W 156 46.98 -44.07 -62.14
N PRO W 157 46.03 -44.44 -63.02
CA PRO W 157 45.40 -45.77 -62.89
C PRO W 157 46.37 -46.94 -62.98
N ILE W 158 47.41 -46.83 -63.81
CA ILE W 158 48.38 -47.92 -63.94
C ILE W 158 49.46 -47.83 -62.88
N GLU W 159 49.93 -46.62 -62.58
CA GLU W 159 50.97 -46.45 -61.56
C GLU W 159 50.47 -46.88 -60.20
N CYS W 160 49.21 -46.57 -59.86
CA CYS W 160 48.66 -46.97 -58.58
C CYS W 160 48.60 -48.48 -58.47
N LEU W 161 48.19 -49.15 -59.55
CA LEU W 161 48.13 -50.61 -59.55
C LEU W 161 49.52 -51.21 -59.38
N GLN W 162 50.52 -50.63 -60.06
CA GLN W 162 51.88 -51.13 -59.93
C GLN W 162 52.39 -50.95 -58.51
N ALA W 163 52.09 -49.79 -57.90
CA ALA W 163 52.52 -49.54 -56.54
C ALA W 163 51.88 -50.53 -55.58
N HIS W 164 50.60 -50.85 -55.81
CA HIS W 164 49.94 -51.82 -54.94
C HIS W 164 50.53 -53.21 -55.12
N LEU W 165 50.81 -53.59 -56.37
CA LEU W 165 51.39 -54.91 -56.61
C LEU W 165 52.78 -55.02 -56.00
N ALA W 166 53.53 -53.92 -55.94
CA ALA W 166 54.87 -53.96 -55.36
C ALA W 166 54.81 -54.31 -53.88
N ASP W 167 53.87 -53.71 -53.14
CA ASP W 167 53.72 -53.97 -51.71
C ASP W 167 52.24 -53.85 -51.35
N PRO W 168 51.48 -54.92 -51.55
CA PRO W 168 50.05 -54.86 -51.23
C PRO W 168 49.75 -54.58 -49.77
N GLY W 169 50.58 -55.06 -48.84
CA GLY W 169 50.32 -54.82 -47.43
C GLY W 169 50.65 -53.42 -46.96
N HIS W 170 51.50 -52.70 -47.69
CA HIS W 170 51.86 -51.34 -47.30
C HIS W 170 51.41 -50.27 -48.28
N ASN W 171 50.90 -50.64 -49.45
CA ASN W 171 50.43 -49.68 -50.45
C ASN W 171 48.93 -49.87 -50.68
N ASN W 172 48.12 -49.43 -49.72
CA ASN W 172 46.67 -49.54 -49.82
C ASN W 172 46.06 -48.22 -49.36
N ILE W 173 44.73 -48.13 -49.45
CA ILE W 173 44.04 -46.91 -49.05
C ILE W 173 44.15 -46.68 -47.54
N PHE W 174 44.16 -47.74 -46.75
CA PHE W 174 44.24 -47.60 -45.30
C PHE W 174 45.61 -47.14 -44.82
N THR W 175 46.60 -47.10 -45.70
CA THR W 175 47.94 -46.64 -45.34
C THR W 175 48.25 -45.27 -45.93
N SER W 176 47.31 -44.69 -46.68
CA SER W 176 47.49 -43.40 -47.31
C SER W 176 47.05 -42.28 -46.35
N SER W 177 46.97 -41.05 -46.86
CA SER W 177 46.56 -39.92 -46.05
C SER W 177 45.09 -39.96 -45.67
N VAL W 178 44.29 -40.80 -46.32
CA VAL W 178 42.87 -40.93 -46.02
C VAL W 178 42.57 -42.29 -45.40
N GLY W 179 43.59 -42.97 -44.87
CA GLY W 179 43.37 -44.28 -44.28
C GLY W 179 42.47 -44.23 -43.07
N ASN W 180 42.75 -43.30 -42.15
CA ASN W 180 41.95 -43.18 -40.93
C ASN W 180 40.47 -43.05 -41.27
N GLU W 181 40.13 -42.09 -42.13
CA GLU W 181 38.74 -41.93 -42.55
C GLU W 181 38.21 -43.23 -43.13
N ALA W 182 39.00 -43.87 -43.99
CA ALA W 182 38.58 -45.13 -44.58
C ALA W 182 38.33 -46.17 -43.51
N LEU W 183 39.21 -46.21 -42.50
CA LEU W 183 39.03 -47.18 -41.42
C LEU W 183 37.71 -46.93 -40.70
N ALA W 184 37.26 -45.68 -40.65
CA ALA W 184 36.00 -45.40 -39.98
C ALA W 184 34.81 -45.79 -40.86
N ALA W 185 34.98 -45.77 -42.18
CA ALA W 185 33.88 -46.14 -43.07
C ALA W 185 33.65 -47.63 -43.05
N VAL W 186 34.69 -48.42 -43.34
CA VAL W 186 34.58 -49.87 -43.37
C VAL W 186 33.95 -50.39 -42.07
N LEU W 187 34.55 -50.01 -40.94
CA LEU W 187 34.05 -50.45 -39.64
C LEU W 187 32.56 -50.19 -39.50
N VAL W 188 32.07 -49.06 -40.03
CA VAL W 188 30.66 -48.79 -39.94
C VAL W 188 29.89 -49.64 -40.95
N LEU W 189 30.36 -49.62 -42.21
CA LEU W 189 29.69 -50.40 -43.25
C LEU W 189 29.68 -51.88 -42.92
N SER W 190 30.78 -52.38 -42.33
CA SER W 190 30.85 -53.79 -41.97
C SER W 190 29.71 -54.19 -41.04
N ILE W 191 29.19 -53.27 -40.24
CA ILE W 191 28.09 -53.58 -39.33
C ILE W 191 26.76 -53.07 -39.84
N THR W 192 26.74 -52.38 -40.99
CA THR W 192 25.48 -51.86 -41.51
C THR W 192 24.49 -52.96 -41.90
N PRO W 193 24.84 -53.98 -42.69
CA PRO W 193 23.83 -55.00 -43.02
C PRO W 193 23.29 -55.71 -41.79
N CYS W 194 24.17 -56.15 -40.90
CA CYS W 194 23.73 -56.84 -39.69
C CYS W 194 22.74 -55.99 -38.92
N LEU W 195 23.06 -54.70 -38.73
CA LEU W 195 22.13 -53.80 -38.03
C LEU W 195 20.80 -53.76 -38.75
N ILE W 196 20.82 -53.68 -40.08
CA ILE W 196 19.57 -53.67 -40.83
C ILE W 196 18.80 -54.95 -40.56
N GLU W 197 19.52 -56.07 -40.48
CA GLU W 197 18.86 -57.34 -40.19
C GLU W 197 18.13 -57.26 -38.86
N ALA W 198 18.74 -56.60 -37.87
CA ALA W 198 18.08 -56.44 -36.59
C ALA W 198 16.75 -55.72 -36.75
N LYS W 199 16.73 -54.68 -37.59
CA LYS W 199 15.49 -53.97 -37.84
C LYS W 199 14.47 -54.89 -38.48
N ASN W 200 14.93 -55.79 -39.36
CA ASN W 200 14.03 -56.73 -40.00
C ASN W 200 13.61 -57.86 -39.07
N ARG W 201 14.25 -57.98 -37.91
CA ARG W 201 13.93 -59.02 -36.94
C ARG W 201 13.07 -58.52 -35.80
N LEU W 202 13.55 -57.49 -35.08
CA LEU W 202 12.81 -56.94 -33.96
C LEU W 202 11.64 -56.05 -34.39
N GLN W 203 11.82 -55.27 -35.45
CA GLN W 203 10.77 -54.38 -35.94
C GLN W 203 9.98 -54.98 -37.09
N GLY W 204 10.63 -55.70 -38.00
CA GLY W 204 9.97 -56.30 -39.13
C GLY W 204 10.02 -55.42 -40.38
N THR W 205 9.53 -55.98 -41.48
CA THR W 205 9.50 -55.27 -42.75
C THR W 205 8.07 -54.89 -43.12
N ASP W 206 7.46 -54.00 -42.35
CA ASP W 206 6.10 -53.55 -42.57
C ASP W 206 6.07 -52.10 -43.05
N GLU W 207 7.06 -51.71 -43.86
CA GLU W 207 7.19 -50.38 -44.42
C GLU W 207 7.33 -49.32 -43.33
N GLU W 208 7.49 -48.05 -43.74
CA GLU W 208 7.64 -46.96 -42.81
C GLU W 208 6.77 -45.79 -43.28
N GLU W 209 6.36 -44.96 -42.32
CA GLU W 209 5.51 -43.82 -42.64
C GLU W 209 6.21 -42.82 -43.55
N PHE W 210 7.48 -42.54 -43.29
CA PHE W 210 8.24 -41.59 -44.09
C PHE W 210 9.31 -42.28 -44.91
N ARG W 211 10.04 -41.48 -45.67
CA ARG W 211 11.15 -41.83 -46.53
C ARG W 211 12.34 -40.97 -46.16
N PRO W 212 13.57 -41.51 -46.19
CA PRO W 212 14.73 -40.69 -45.84
C PRO W 212 14.77 -39.40 -46.63
N LEU W 213 14.97 -39.49 -47.94
CA LEU W 213 14.99 -38.29 -48.77
C LEU W 213 13.70 -38.28 -49.57
N PRO W 214 12.65 -37.59 -49.09
CA PRO W 214 11.37 -37.58 -49.81
C PRO W 214 11.46 -37.04 -51.23
N TRP W 215 11.80 -35.76 -51.37
CA TRP W 215 11.90 -35.10 -52.67
C TRP W 215 10.63 -35.24 -53.50
N ARG X 1 18.16 -85.05 -11.59
CA ARG X 1 19.20 -84.25 -12.25
C ARG X 1 20.00 -83.46 -11.22
N THR X 2 21.33 -83.53 -11.32
CA THR X 2 22.18 -82.80 -10.40
C THR X 2 22.01 -81.30 -10.57
N LEU X 3 21.97 -80.59 -9.44
CA LEU X 3 21.80 -79.14 -9.43
C LEU X 3 23.03 -78.49 -8.83
N TRP X 4 23.22 -77.21 -9.16
CA TRP X 4 24.37 -76.47 -8.65
C TRP X 4 24.30 -76.27 -7.14
N LEU X 5 23.16 -76.49 -6.51
CA LEU X 5 23.08 -76.30 -5.07
C LEU X 5 22.27 -77.43 -4.45
N PRO X 6 22.82 -78.16 -3.48
CA PRO X 6 22.07 -79.26 -2.86
C PRO X 6 20.97 -78.72 -1.96
N GLY X 7 19.75 -79.23 -2.16
CA GLY X 7 18.61 -78.83 -1.37
C GLY X 7 17.67 -77.82 -2.00
N ILE X 8 17.86 -77.46 -3.27
CA ILE X 8 16.99 -76.50 -3.93
C ILE X 8 16.34 -77.16 -5.13
N GLN X 9 15.51 -76.39 -5.82
CA GLN X 9 14.81 -76.83 -7.02
C GLN X 9 15.17 -75.90 -8.18
N ALA X 10 14.86 -76.37 -9.39
CA ALA X 10 15.16 -75.58 -10.58
C ALA X 10 14.30 -74.32 -10.59
N PRO X 11 14.79 -73.23 -11.19
CA PRO X 11 14.01 -71.99 -11.23
C PRO X 11 12.84 -72.00 -12.21
N LYS X 12 12.11 -73.12 -12.26
CA LYS X 12 10.94 -73.30 -13.11
C LYS X 12 11.22 -73.15 -14.61
N HIS X 13 11.75 -72.00 -15.04
CA HIS X 13 12.02 -71.82 -16.47
C HIS X 13 13.11 -72.73 -16.98
N LEU X 14 13.88 -73.37 -16.11
CA LEU X 14 14.93 -74.30 -16.50
C LEU X 14 14.50 -75.69 -16.05
N ASP X 15 14.35 -76.62 -17.00
CA ASP X 15 13.93 -77.97 -16.67
C ASP X 15 14.78 -79.06 -17.31
N GLY X 16 15.83 -78.72 -18.05
CA GLY X 16 16.68 -79.72 -18.67
C GLY X 16 16.61 -79.81 -20.18
N LYS X 17 15.81 -78.97 -20.83
CA LYS X 17 15.72 -79.05 -22.29
C LYS X 17 17.01 -78.58 -22.95
N LEU X 18 17.78 -77.72 -22.28
CA LEU X 18 19.02 -77.19 -22.82
C LEU X 18 20.21 -77.98 -22.28
N ALA X 19 21.27 -78.04 -23.08
CA ALA X 19 22.48 -78.74 -22.68
C ALA X 19 23.14 -78.03 -21.51
N GLY X 20 23.66 -78.81 -20.57
CA GLY X 20 24.31 -78.25 -19.40
C GLY X 20 23.37 -77.48 -18.50
N ASP X 21 22.13 -77.92 -18.38
CA ASP X 21 21.12 -77.27 -17.55
C ASP X 21 21.27 -77.80 -16.12
N TYR X 22 21.89 -76.99 -15.26
CA TYR X 22 22.10 -77.34 -13.87
C TYR X 22 21.20 -76.55 -12.93
N GLY X 23 20.22 -75.83 -13.48
CA GLY X 23 19.34 -75.04 -12.65
C GLY X 23 20.01 -73.84 -12.04
N PHE X 24 21.09 -73.35 -12.65
CA PHE X 24 21.82 -72.19 -12.15
C PHE X 24 21.29 -70.92 -12.80
N ASP X 25 20.56 -70.14 -12.02
CA ASP X 25 19.98 -68.87 -12.45
C ASP X 25 19.52 -68.11 -11.21
N PRO X 26 20.44 -67.76 -10.31
CA PRO X 26 20.02 -67.04 -9.10
C PRO X 26 19.37 -65.70 -9.39
N LEU X 27 19.79 -65.01 -10.44
CA LEU X 27 19.23 -63.71 -10.78
C LEU X 27 17.99 -63.82 -11.67
N GLY X 28 17.68 -65.00 -12.20
CA GLY X 28 16.53 -65.18 -13.04
C GLY X 28 16.57 -64.40 -14.35
N LEU X 29 17.69 -64.48 -15.06
CA LEU X 29 17.81 -63.78 -16.33
C LEU X 29 17.04 -64.46 -17.45
N GLY X 30 16.93 -65.78 -17.42
CA GLY X 30 16.22 -66.51 -18.46
C GLY X 30 14.73 -66.63 -18.29
N VAL X 31 14.10 -65.65 -17.65
CA VAL X 31 12.65 -65.68 -17.45
C VAL X 31 11.87 -65.45 -18.73
N ASP X 32 12.55 -65.08 -19.82
CA ASP X 32 11.94 -64.86 -21.11
C ASP X 32 12.34 -65.99 -22.05
N SER X 33 11.37 -66.60 -22.71
CA SER X 33 11.66 -67.71 -23.62
C SER X 33 12.54 -67.30 -24.78
N ASP X 34 12.15 -66.25 -25.50
CA ASP X 34 12.96 -65.79 -26.63
C ASP X 34 14.34 -65.35 -26.16
N ARG X 35 14.38 -64.60 -25.05
CA ARG X 35 15.66 -64.18 -24.52
C ARG X 35 16.46 -65.37 -24.04
N LEU X 36 15.79 -66.42 -23.54
CA LEU X 36 16.53 -67.61 -23.10
C LEU X 36 17.18 -68.29 -24.30
N LYS X 37 16.47 -68.37 -25.43
CA LYS X 37 17.06 -68.98 -26.62
C LYS X 37 18.26 -68.17 -27.09
N TRP X 38 18.10 -66.84 -27.12
CA TRP X 38 19.21 -65.98 -27.55
C TRP X 38 20.39 -66.11 -26.59
N TYR X 39 20.10 -66.20 -25.29
CA TYR X 39 21.17 -66.34 -24.30
C TYR X 39 21.89 -67.66 -24.46
N ALA X 40 21.16 -68.72 -24.80
CA ALA X 40 21.81 -70.01 -25.01
C ALA X 40 22.75 -69.93 -26.20
N GLU X 41 22.30 -69.31 -27.29
CA GLU X 41 23.15 -69.16 -28.46
C GLU X 41 24.36 -68.30 -28.14
N ALA X 42 24.15 -67.24 -27.34
CA ALA X 42 25.25 -66.36 -26.95
C ALA X 42 26.25 -67.09 -26.09
N GLU X 43 25.77 -67.95 -25.20
CA GLU X 43 26.65 -68.73 -24.34
C GLU X 43 27.50 -69.67 -25.18
N LYS X 44 26.88 -70.30 -26.18
CA LYS X 44 27.64 -71.20 -27.05
C LYS X 44 28.69 -70.43 -27.86
N THR X 45 28.31 -69.26 -28.38
CA THR X 45 29.25 -68.46 -29.16
C THR X 45 30.42 -67.98 -28.29
N ASN X 46 30.12 -67.47 -27.10
CA ASN X 46 31.17 -67.01 -26.20
C ASN X 46 32.08 -68.17 -25.81
N GLY X 47 31.49 -69.34 -25.54
CA GLY X 47 32.30 -70.48 -25.17
C GLY X 47 33.20 -70.93 -26.30
N ARG X 48 32.70 -70.90 -27.54
CA ARG X 48 33.53 -71.30 -28.67
C ARG X 48 34.68 -70.31 -28.86
N TRP X 49 34.40 -69.02 -28.77
CA TRP X 49 35.46 -68.03 -28.92
C TRP X 49 36.49 -68.17 -27.81
N ALA X 50 36.03 -68.40 -26.57
CA ALA X 50 36.96 -68.58 -25.46
C ALA X 50 37.77 -69.85 -25.62
N MET X 51 37.17 -70.92 -26.14
CA MET X 51 37.88 -72.17 -26.36
C MET X 51 39.01 -71.96 -27.36
N ALA X 52 38.68 -71.33 -28.49
CA ALA X 52 39.70 -71.08 -29.51
C ALA X 52 40.79 -70.16 -28.96
N ALA X 53 40.40 -69.15 -28.19
CA ALA X 53 41.36 -68.21 -27.62
C ALA X 53 42.31 -68.90 -26.65
N VAL X 54 41.77 -69.73 -25.75
CA VAL X 54 42.61 -70.41 -24.79
C VAL X 54 43.54 -71.39 -25.50
N ALA X 55 43.01 -72.12 -26.48
CA ALA X 55 43.86 -73.06 -27.21
C ALA X 55 44.99 -72.32 -27.91
N GLY X 56 44.68 -71.17 -28.53
CA GLY X 56 45.72 -70.41 -29.21
C GLY X 56 46.74 -69.83 -28.25
N ILE X 57 46.29 -69.31 -27.11
CA ILE X 57 47.22 -68.74 -26.13
C ILE X 57 48.17 -69.81 -25.63
N LEU X 58 47.62 -70.97 -25.26
CA LEU X 58 48.49 -72.05 -24.76
C LEU X 58 49.43 -72.55 -25.85
N PHE X 59 48.92 -72.72 -27.08
CA PHE X 59 49.76 -73.21 -28.17
C PHE X 59 50.91 -72.25 -28.46
N THR X 60 50.61 -70.95 -28.53
CA THR X 60 51.66 -69.97 -28.81
C THR X 60 52.66 -69.90 -27.66
N GLU X 61 52.18 -69.99 -26.42
CA GLU X 61 53.10 -69.90 -25.30
C GLU X 61 54.00 -71.14 -25.20
N ILE X 62 53.49 -72.31 -25.59
CA ILE X 62 54.33 -73.50 -25.56
C ILE X 62 55.46 -73.38 -26.57
N LEU X 63 55.15 -72.86 -27.77
CA LEU X 63 56.15 -72.69 -28.81
C LEU X 63 56.93 -71.40 -28.63
N GLY X 64 57.05 -70.91 -27.40
CA GLY X 64 57.76 -69.68 -27.16
C GLY X 64 56.94 -68.46 -27.52
N LYS X 65 57.29 -67.81 -28.63
CA LYS X 65 56.60 -66.63 -29.12
C LYS X 65 56.55 -65.53 -28.06
N ALA X 66 55.62 -64.59 -28.22
CA ALA X 66 55.46 -63.49 -27.29
C ALA X 66 54.26 -63.75 -26.38
N LYS X 67 54.16 -62.93 -25.33
CA LYS X 67 53.06 -63.08 -24.39
C LYS X 67 51.74 -62.79 -25.10
N TRP X 68 50.70 -63.52 -24.69
CA TRP X 68 49.39 -63.36 -25.33
C TRP X 68 48.87 -61.95 -25.20
N PHE X 69 49.13 -61.28 -24.07
CA PHE X 69 48.65 -59.92 -23.90
C PHE X 69 49.56 -58.88 -24.54
N GLU X 70 50.66 -59.31 -25.16
CA GLU X 70 51.58 -58.40 -25.83
C GLU X 70 51.75 -58.73 -27.31
N ALA X 71 50.92 -59.63 -27.85
CA ALA X 71 51.04 -60.00 -29.26
C ALA X 71 50.63 -58.86 -30.18
N GLY X 72 49.70 -58.00 -29.73
CA GLY X 72 49.28 -56.89 -30.56
C GLY X 72 50.36 -55.84 -30.76
N ALA X 73 51.28 -55.72 -29.81
CA ALA X 73 52.37 -54.75 -29.88
C ALA X 73 53.57 -55.26 -30.67
N GLN X 74 53.39 -56.27 -31.50
CA GLN X 74 54.48 -56.82 -32.29
C GLN X 74 54.47 -56.19 -33.68
N GLU X 75 55.33 -56.70 -34.57
CA GLU X 75 55.45 -56.21 -35.93
C GLU X 75 55.04 -57.32 -36.88
N TYR X 76 54.10 -57.02 -37.78
CA TYR X 76 53.60 -57.97 -38.75
C TYR X 76 53.76 -57.41 -40.15
N TRP X 77 53.43 -58.25 -41.15
CA TRP X 77 53.56 -57.86 -42.54
C TRP X 77 52.64 -56.72 -42.93
N MET X 78 51.59 -56.45 -42.16
CA MET X 78 50.66 -55.38 -42.47
C MET X 78 50.37 -54.56 -41.22
N ASP X 79 50.10 -53.27 -41.43
CA ASP X 79 49.80 -52.37 -40.32
C ASP X 79 48.47 -52.71 -39.69
N ASN X 80 48.23 -52.13 -38.50
CA ASN X 80 46.99 -52.39 -37.78
C ASN X 80 45.77 -51.84 -38.51
N GLY X 81 45.92 -50.76 -39.26
CA GLY X 81 44.82 -50.17 -40.00
C GLY X 81 44.22 -51.12 -41.02
N PRO X 82 45.00 -51.48 -42.04
CA PRO X 82 44.49 -52.42 -43.06
C PRO X 82 44.10 -53.76 -42.48
N LEU X 83 44.84 -54.21 -41.47
CA LEU X 83 44.53 -55.50 -40.84
C LEU X 83 43.16 -55.46 -40.20
N LEU X 84 42.88 -54.40 -39.43
CA LEU X 84 41.58 -54.26 -38.78
C LEU X 84 40.47 -54.10 -39.82
N ALA X 85 40.76 -53.39 -40.91
CA ALA X 85 39.73 -53.22 -41.94
C ALA X 85 39.36 -54.54 -42.60
N VAL X 86 40.38 -55.31 -43.00
CA VAL X 86 40.13 -56.61 -43.63
C VAL X 86 39.39 -57.53 -42.67
N GLU X 87 39.83 -57.56 -41.41
CA GLU X 87 39.17 -58.41 -40.44
C GLU X 87 37.74 -57.96 -40.22
N ALA X 88 37.50 -56.66 -40.18
CA ALA X 88 36.14 -56.16 -39.98
C ALA X 88 35.23 -56.60 -41.12
N VAL X 89 35.71 -56.51 -42.36
CA VAL X 89 34.88 -56.92 -43.50
C VAL X 89 34.60 -58.41 -43.44
N ILE X 90 35.65 -59.22 -43.24
CA ILE X 90 35.48 -60.67 -43.21
C ILE X 90 34.55 -61.09 -42.08
N MET X 91 34.81 -60.59 -40.87
CA MET X 91 33.98 -60.95 -39.72
C MET X 91 32.56 -60.42 -39.89
N GLY X 92 32.38 -59.27 -40.52
CA GLY X 92 31.04 -58.76 -40.73
C GLY X 92 30.25 -59.67 -41.64
N PHE X 93 30.87 -60.12 -42.73
CA PHE X 93 30.18 -61.03 -43.63
C PHE X 93 29.88 -62.36 -42.95
N LEU X 94 30.86 -62.91 -42.23
CA LEU X 94 30.65 -64.19 -41.55
C LEU X 94 29.56 -64.10 -40.50
N GLU X 95 29.59 -63.05 -39.67
CA GLU X 95 28.58 -62.88 -38.65
C GLU X 95 27.22 -62.60 -39.25
N LEU X 96 27.17 -61.89 -40.38
CA LEU X 96 25.89 -61.64 -41.02
C LEU X 96 25.28 -62.94 -41.51
N LYS X 97 26.11 -63.81 -42.12
CA LYS X 97 25.61 -65.09 -42.59
C LYS X 97 25.17 -65.95 -41.41
N ARG X 98 25.93 -65.93 -40.32
CA ARG X 98 25.57 -66.71 -39.14
C ARG X 98 24.24 -66.24 -38.56
N PHE X 99 24.06 -64.92 -38.48
CA PHE X 99 22.81 -64.38 -37.93
C PHE X 99 21.63 -64.72 -38.84
N GLN X 100 21.83 -64.63 -40.16
CA GLN X 100 20.75 -64.96 -41.08
C GLN X 100 20.38 -66.43 -40.96
N GLY X 101 21.38 -67.29 -40.78
CA GLY X 101 21.10 -68.70 -40.63
C GLY X 101 20.37 -69.00 -39.34
N TRP X 102 20.59 -68.18 -38.31
CA TRP X 102 19.92 -68.37 -37.03
C TRP X 102 18.46 -67.94 -37.09
N LYS X 103 18.16 -66.94 -37.92
CA LYS X 103 16.78 -66.47 -38.04
C LYS X 103 15.88 -67.54 -38.64
N GLU X 104 16.36 -68.23 -39.69
CA GLU X 104 15.56 -69.28 -40.29
C GLU X 104 15.49 -70.50 -39.39
N THR X 105 16.63 -70.92 -38.85
CA THR X 105 16.72 -72.07 -37.95
C THR X 105 17.44 -71.64 -36.70
N GLY X 106 16.76 -71.68 -35.56
CA GLY X 106 17.38 -71.28 -34.31
C GLY X 106 18.47 -72.21 -33.83
N THR X 107 19.55 -72.32 -34.60
CA THR X 107 20.65 -73.19 -34.23
C THR X 107 21.95 -72.60 -34.77
N SER X 108 23.06 -73.20 -34.35
CA SER X 108 24.38 -72.75 -34.78
C SER X 108 24.62 -73.14 -36.24
N GLY X 109 25.76 -72.73 -36.76
CA GLY X 109 26.11 -73.04 -38.13
C GLY X 109 27.27 -72.19 -38.59
N PHE X 110 27.63 -72.38 -39.86
CA PHE X 110 28.72 -71.66 -40.49
C PHE X 110 28.37 -71.36 -41.93
N LEU X 111 28.69 -70.14 -42.36
CA LEU X 111 28.43 -69.67 -43.73
C LEU X 111 26.96 -69.84 -44.10
N ASN X 112 26.65 -70.92 -44.82
CA ASN X 112 25.30 -71.20 -45.25
C ASN X 112 24.81 -72.57 -44.81
N ALA X 113 25.58 -73.27 -43.97
CA ALA X 113 25.23 -74.58 -43.47
C ALA X 113 24.76 -74.44 -42.03
N PHE X 114 23.47 -74.59 -41.81
CA PHE X 114 22.86 -74.46 -40.48
C PHE X 114 21.97 -75.67 -40.23
N PRO X 115 22.36 -76.59 -39.34
CA PRO X 115 23.60 -76.53 -38.58
C PRO X 115 24.83 -77.00 -39.36
N PHE X 116 26.00 -76.55 -38.94
CA PHE X 116 27.26 -76.93 -39.57
C PHE X 116 27.75 -78.17 -38.84
N ASP X 117 27.37 -79.34 -39.35
CA ASP X 117 27.74 -80.61 -38.73
C ASP X 117 28.32 -81.61 -39.72
N PRO X 118 29.46 -81.29 -40.33
CA PRO X 118 30.07 -82.26 -41.25
C PRO X 118 30.61 -83.45 -40.44
N ALA X 119 30.58 -84.63 -41.06
CA ALA X 119 31.03 -85.87 -40.45
C ALA X 119 30.16 -86.30 -39.27
N GLY X 120 28.98 -85.71 -39.13
CA GLY X 120 28.08 -86.07 -38.04
C GLY X 120 28.67 -85.77 -36.67
N MET X 121 28.57 -86.76 -35.77
CA MET X 121 29.07 -86.69 -34.40
C MET X 121 28.27 -85.70 -33.55
N ASN X 122 27.01 -85.48 -33.89
CA ASN X 122 26.13 -84.58 -33.15
C ASN X 122 25.15 -85.42 -32.35
N SER X 123 25.07 -85.17 -31.05
CA SER X 123 24.20 -85.92 -30.17
C SER X 123 24.02 -85.13 -28.89
N PRO X 124 23.03 -85.49 -28.05
CA PRO X 124 22.85 -84.77 -26.79
C PRO X 124 24.08 -84.80 -25.91
N SER X 125 24.86 -85.89 -25.94
CA SER X 125 26.07 -85.96 -25.13
C SER X 125 27.11 -84.97 -25.64
N MET X 126 27.15 -84.73 -26.95
CA MET X 126 28.10 -83.78 -27.50
C MET X 126 27.68 -82.35 -27.19
N ALA X 127 26.37 -82.10 -27.13
CA ALA X 127 25.89 -80.75 -26.83
C ALA X 127 26.32 -80.31 -25.44
N THR X 128 26.21 -81.21 -24.46
CA THR X 128 26.63 -80.84 -23.10
C THR X 128 28.14 -80.80 -22.98
N LYS X 129 28.85 -81.59 -23.80
CA LYS X 129 30.31 -81.56 -23.76
C LYS X 129 30.84 -80.23 -24.27
N GLU X 130 30.18 -79.66 -25.27
CA GLU X 130 30.61 -78.37 -25.81
C GLU X 130 30.28 -77.23 -24.86
N VAL X 131 29.10 -77.28 -24.25
CA VAL X 131 28.69 -76.23 -23.33
C VAL X 131 29.60 -76.20 -22.11
N LYS X 132 29.87 -77.38 -21.54
CA LYS X 132 30.74 -77.44 -20.36
C LYS X 132 32.16 -77.03 -20.71
N ASN X 133 32.71 -77.54 -21.82
CA ASN X 133 34.06 -77.16 -22.21
C ASN X 133 34.12 -75.67 -22.51
N GLY X 134 33.07 -75.13 -23.12
CA GLY X 134 33.04 -73.70 -23.40
C GLY X 134 33.03 -72.87 -22.13
N ARG X 135 32.24 -73.30 -21.14
CA ARG X 135 32.18 -72.58 -19.87
C ARG X 135 33.54 -72.61 -19.19
N LEU X 136 34.18 -73.78 -19.20
CA LEU X 136 35.50 -73.90 -18.60
C LEU X 136 36.49 -73.00 -19.32
N ALA X 137 36.38 -72.90 -20.64
CA ALA X 137 37.28 -72.03 -21.41
C ALA X 137 37.07 -70.57 -21.08
N MET X 138 35.80 -70.14 -20.93
CA MET X 138 35.57 -68.73 -20.58
C MET X 138 36.14 -68.43 -19.21
N THR X 139 35.93 -69.34 -18.25
CA THR X 139 36.47 -69.13 -16.91
C THR X 139 37.99 -69.07 -16.95
N ALA X 140 38.60 -69.96 -17.76
CA ALA X 140 40.05 -69.98 -17.88
C ALA X 140 40.57 -68.71 -18.52
N PHE X 141 39.85 -68.17 -19.52
CA PHE X 141 40.31 -66.94 -20.16
C PHE X 141 40.24 -65.77 -19.18
N VAL X 142 39.18 -65.70 -18.38
CA VAL X 142 39.09 -64.63 -17.39
C VAL X 142 40.23 -64.77 -16.40
N GLY X 143 40.55 -66.01 -16.02
CA GLY X 143 41.66 -66.23 -15.12
C GLY X 143 42.98 -65.79 -15.75
N PHE X 144 43.15 -66.08 -17.04
CA PHE X 144 44.35 -65.67 -17.76
C PHE X 144 44.51 -64.16 -17.71
N ALA X 145 43.44 -63.44 -18.05
CA ALA X 145 43.47 -61.99 -18.09
C ALA X 145 43.78 -61.38 -16.72
N VAL X 146 43.08 -61.82 -15.68
CA VAL X 146 43.32 -61.25 -14.35
C VAL X 146 44.73 -61.61 -13.85
N GLN X 147 45.16 -62.86 -14.07
CA GLN X 147 46.49 -63.26 -13.63
C GLN X 147 47.55 -62.42 -14.35
N ALA X 148 47.37 -62.20 -15.65
CA ALA X 148 48.32 -61.37 -16.39
C ALA X 148 48.31 -59.95 -15.87
N LEU X 149 47.13 -59.47 -15.45
CA LEU X 149 47.04 -58.12 -14.89
C LEU X 149 47.86 -58.00 -13.62
N LEU X 150 47.77 -59.01 -12.74
CA LEU X 150 48.54 -58.95 -11.50
C LEU X 150 50.00 -59.33 -11.74
N THR X 151 50.24 -60.45 -12.39
CA THR X 151 51.59 -60.93 -12.69
C THR X 151 51.77 -60.95 -14.20
N ARG X 152 52.70 -60.16 -14.70
CA ARG X 152 52.94 -60.09 -16.14
C ARG X 152 53.57 -61.36 -16.69
N GLN X 153 52.96 -62.51 -16.40
CA GLN X 153 53.46 -63.79 -16.89
C GLN X 153 52.34 -64.56 -17.57
N GLY X 154 52.74 -65.47 -18.46
CA GLY X 154 51.80 -66.28 -19.18
C GLY X 154 51.14 -67.33 -18.30
N PRO X 155 50.17 -68.04 -18.88
CA PRO X 155 49.47 -69.09 -18.10
C PRO X 155 50.38 -70.23 -17.66
N ILE X 156 51.16 -70.80 -18.58
CA ILE X 156 52.03 -71.90 -18.21
C ILE X 156 53.12 -71.43 -17.25
N GLU X 157 53.70 -70.27 -17.51
CA GLU X 157 54.75 -69.77 -16.62
C GLU X 157 54.18 -69.50 -15.22
N ALA X 158 52.95 -68.99 -15.15
CA ALA X 158 52.34 -68.76 -13.85
C ALA X 158 52.10 -70.08 -13.13
N LEU X 159 51.67 -71.10 -13.87
CA LEU X 159 51.43 -72.41 -13.26
C LEU X 159 52.73 -73.00 -12.73
N GLN X 160 53.82 -72.88 -13.49
CA GLN X 160 55.10 -73.40 -13.04
C GLN X 160 55.59 -72.63 -11.82
N SER X 161 55.41 -71.30 -11.82
CA SER X 161 55.81 -70.49 -10.68
C SER X 161 55.04 -70.90 -9.43
N HIS X 162 53.75 -71.20 -9.61
CA HIS X 162 52.94 -71.63 -8.47
C HIS X 162 53.38 -73.00 -7.99
N LEU X 163 53.71 -73.90 -8.92
CA LEU X 163 54.14 -75.24 -8.53
C LEU X 163 55.48 -75.21 -7.81
N SER X 164 56.30 -74.18 -8.08
CA SER X 164 57.60 -74.09 -7.41
C SER X 164 57.43 -73.89 -5.91
N SER X 165 56.48 -73.04 -5.51
CA SER X 165 56.18 -72.74 -4.12
C SER X 165 54.74 -72.25 -4.03
N PRO X 166 53.78 -73.17 -3.93
CA PRO X 166 52.37 -72.75 -3.89
C PRO X 166 51.95 -71.90 -2.70
N PHE X 167 52.55 -72.08 -1.53
CA PHE X 167 52.14 -71.30 -0.37
C PHE X 167 52.62 -69.86 -0.38
N THR X 168 53.53 -69.49 -1.28
CA THR X 168 54.00 -68.11 -1.31
C THR X 168 54.08 -67.55 -2.72
N ASN X 169 53.40 -68.20 -3.68
CA ASN X 169 53.42 -67.75 -5.07
C ASN X 169 52.03 -68.01 -5.67
N ASN X 170 51.01 -67.45 -5.03
CA ASN X 170 49.63 -67.61 -5.45
C ASN X 170 49.02 -66.22 -5.67
N PHE X 171 47.69 -66.15 -5.67
CA PHE X 171 47.03 -64.86 -5.88
C PHE X 171 47.24 -63.94 -4.68
N VAL X 172 47.31 -64.49 -3.47
CA VAL X 172 47.54 -63.66 -2.30
C VAL X 172 48.94 -63.07 -2.33
N GLY X 173 49.92 -63.87 -2.73
CA GLY X 173 51.29 -63.39 -2.81
C GLY X 173 51.53 -62.46 -3.97
N SER X 174 50.66 -62.48 -4.98
CA SER X 174 50.82 -61.59 -6.13
C SER X 174 50.46 -60.15 -5.78
N ILE X 175 49.57 -59.96 -4.80
CA ILE X 175 49.19 -58.61 -4.39
C ILE X 175 50.37 -57.92 -3.71
N ASN X 176 51.08 -58.65 -2.86
CA ASN X 176 52.23 -58.07 -2.16
C ASN X 176 53.38 -57.83 -3.13
N ASN X 177 53.48 -58.64 -4.19
CA ASN X 177 54.53 -58.51 -5.18
C ASN X 177 54.20 -57.50 -6.26
N LEU X 178 53.05 -56.84 -6.17
CA LEU X 178 52.66 -55.85 -7.16
C LEU X 178 53.67 -54.70 -7.29
N PRO X 179 54.15 -54.09 -6.20
CA PRO X 179 55.14 -53.01 -6.38
C PRO X 179 56.42 -53.48 -7.05
N ASN X 180 56.81 -54.73 -6.86
CA ASN X 180 58.03 -55.23 -7.48
C ASN X 180 57.83 -55.54 -8.95
N VAL X 181 56.61 -55.87 -9.37
CA VAL X 181 56.32 -56.18 -10.77
C VAL X 181 55.99 -54.91 -11.53
N ILE X 182 54.95 -54.20 -11.10
CA ILE X 182 54.55 -52.97 -11.77
C ILE X 182 55.56 -51.87 -11.50
N GLY X 183 55.91 -51.13 -12.54
CA GLY X 183 56.86 -50.05 -12.43
C GLY X 183 57.91 -50.06 -13.52
MG CL0 Y . 15.39 3.09 -15.71
CHA CL0 Y . 13.04 5.41 -17.00
CHB CL0 Y . 12.80 0.82 -15.62
CHC CL0 Y . 17.67 0.83 -14.72
CHD CL0 Y . 17.93 5.56 -15.97
NA CL0 Y . 13.18 3.08 -16.25
C1A CL0 Y . 12.46 4.06 -16.69
C2A CL0 Y . 10.99 3.74 -16.79
C3A CL0 Y . 10.99 2.32 -16.28
C4A CL0 Y . 12.42 2.04 -16.05
CMA CL0 Y . 10.16 2.15 -15.02
CAA CL0 Y . 10.47 3.68 -18.22
CBA CL0 Y . 9.24 2.77 -18.31
CGA CL0 Y . 8.67 2.67 -19.71
O1A CL0 Y . 8.07 1.70 -20.13
O2A CL0 Y . 8.73 3.61 -20.62
NB CL0 Y . 15.24 1.09 -15.25
C1B CL0 Y . 14.15 0.32 -15.25
C2B CL0 Y . 14.41 -1.08 -14.81
C3B CL0 Y . 15.85 -1.04 -14.56
C4B CL0 Y . 16.28 0.34 -14.85
CMB CL0 Y . 13.44 -2.22 -14.70
CAB CL0 Y . 16.78 -2.10 -14.10
CBB CL0 Y . 16.37 -3.15 -13.42
NC CL0 Y . 17.50 3.18 -15.43
C1C CL0 Y . 18.23 2.16 -14.95
C2C CL0 Y . 19.66 2.48 -14.68
C3C CL0 Y . 19.71 3.88 -15.08
C4C CL0 Y . 18.34 4.21 -15.51
CMC CL0 Y . 20.74 1.57 -14.15
CAC CL0 Y . 20.90 4.81 -15.03
CBC CL0 Y . 20.93 5.44 -13.66
ND CL0 Y . 15.59 5.02 -16.32
C1D CL0 Y . 16.57 5.92 -16.38
C2D CL0 Y . 16.13 7.27 -16.86
C3D CL0 Y . 14.71 6.99 -17.08
C4D CL0 Y . 14.47 5.72 -16.77
CMD CL0 Y . 16.77 8.61 -17.11
CAD CL0 Y . 13.48 7.66 -17.55
OBD CL0 Y . 13.35 8.89 -17.86
CBD CL0 Y . 12.37 6.65 -17.56
CGD CL0 Y . 11.93 6.47 -18.98
O1D CL0 Y . 12.64 5.90 -19.79
O2D CL0 Y . 10.65 7.00 -19.41
CED CL0 Y . 10.04 6.49 -20.59
C1 CL0 Y . 8.88 3.26 -22.18
C2 CL0 Y . 10.23 2.95 -22.78
C3 CL0 Y . 10.76 3.81 -23.66
C4 CL0 Y . 10.03 5.07 -24.02
C5 CL0 Y . 12.10 3.54 -24.29
C6 CL0 Y . 12.98 4.77 -24.14
C7 CL0 Y . 14.46 4.39 -24.08
C8 CL0 Y . 15.04 4.21 -25.48
C9 CL0 Y . 16.54 3.99 -25.40
C10 CL0 Y . 14.71 5.42 -26.34
C11 CL0 Y . 14.92 5.13 -27.81
C12 CL0 Y . 14.19 6.15 -28.68
C13 CL0 Y . 14.42 5.89 -30.16
C14 CL0 Y . 14.19 7.15 -30.98
C15 CL0 Y . 13.52 4.77 -30.65
C16 CL0 Y . 12.07 4.99 -30.23
C17 CL0 Y . 11.22 3.76 -30.56
C18 CL0 Y . 9.76 4.03 -30.26
C19 CL0 Y . 8.87 3.56 -31.41
C20 CL0 Y . 9.34 3.38 -28.95
MG CLA Z . 10.36 -4.83 -8.00
CHA CLA Z . 11.98 -2.13 -9.44
CHB CLA Z . 10.99 -3.57 -4.87
CHC CLA Z . 8.67 -7.37 -6.73
CHD CLA Z . 9.83 -6.16 -11.22
NA CLA Z . 11.39 -3.03 -7.21
C1A CLA Z . 11.99 -2.08 -7.94
C2A CLA Z . 12.67 -1.06 -7.07
C3A CLA Z . 12.34 -1.57 -5.65
C4A CLA Z . 11.52 -2.79 -5.90
CMA CLA Z . 13.45 -1.66 -4.63
CAA CLA Z . 12.10 0.34 -7.25
CBA CLA Z . 12.97 1.41 -6.56
CGA CLA Z . 12.44 1.70 -5.18
O1A CLA Z . 11.29 1.40 -4.92
O2A CLA Z . 13.20 2.25 -4.26
NB CLA Z . 9.90 -5.38 -6.11
C1B CLA Z . 10.23 -4.74 -4.94
C2B CLA Z . 9.69 -5.45 -3.82
C3B CLA Z . 9.05 -6.53 -4.35
C4B CLA Z . 9.19 -6.47 -5.80
CMB CLA Z . 9.82 -5.09 -2.37
CAB CLA Z . 8.32 -7.58 -3.62
CBB CLA Z . 7.15 -7.22 -2.72
NC CLA Z . 9.32 -6.44 -8.85
C1C CLA Z . 8.79 -7.43 -8.14
C2C CLA Z . 8.32 -8.56 -8.99
C3C CLA Z . 8.62 -8.17 -10.26
C4C CLA Z . 9.25 -6.86 -10.17
CMC CLA Z . 7.68 -9.83 -8.53
CAC CLA Z . 8.38 -8.95 -11.53
CBC CLA Z . 9.61 -9.76 -11.88
ND CLA Z . 10.81 -4.39 -9.88
C1D CLA Z . 10.46 -4.90 -11.09
C2D CLA Z . 10.83 -4.01 -12.17
C3D CLA Z . 11.42 -2.94 -11.52
C4D CLA Z . 11.41 -3.18 -10.15
CMD CLA Z . 10.66 -4.10 -13.66
CAD CLA Z . 12.04 -1.64 -11.76
OBD CLA Z . 11.63 -0.88 -12.62
CBD CLA Z . 12.52 -1.12 -10.44
CGD CLA Z . 14.02 -1.06 -10.48
O1D CLA Z . 14.68 -1.98 -10.89
O2D CLA Z . 14.64 0.05 -10.09
CED CLA Z . 15.36 0.73 -11.12
C1 CLA Z . 12.55 3.06 -3.24
C2 CLA Z . 13.13 4.33 -2.67
C3 CLA Z . 12.30 5.32 -2.33
C4 CLA Z . 10.83 5.20 -2.54
C5 CLA Z . 12.73 6.64 -1.75
C6 CLA Z . 11.71 7.08 -0.70
C7 CLA Z . 11.08 8.42 -1.02
C8 CLA Z . 9.61 8.29 -1.39
C9 CLA Z . 9.12 9.55 -2.09
C10 CLA Z . 8.79 7.97 -0.15
C11 CLA Z . 7.30 7.97 -0.46
C12 CLA Z . 6.49 7.60 0.77
C13 CLA Z . 5.17 8.35 0.83
C14 CLA Z . 4.29 7.83 1.95
C15 CLA Z . 4.45 8.26 -0.51
C16 CLA Z . 3.07 8.89 -0.45
C17 CLA Z . 2.85 9.86 -1.61
C18 CLA Z . 1.65 10.76 -1.37
C19 CLA Z . 1.66 11.35 0.03
C20 CLA Z . 1.59 11.86 -2.42
MG CLA AA . 3.38 -8.84 -6.53
CHA CLA AA . 1.87 -10.82 -4.11
CHB CLA AA . 4.10 -6.45 -4.17
CHC CLA AA . 4.98 -7.15 -8.86
CHD CLA AA . 2.52 -11.27 -8.94
NA CLA AA . 3.03 -8.64 -4.36
C1A CLA AA . 2.39 -9.50 -3.58
C2A CLA AA . 2.27 -8.99 -2.17
C3A CLA AA . 2.91 -7.63 -2.26
C4A CLA AA . 3.39 -7.55 -3.66
CMA CLA AA . 2.03 -6.48 -1.82
CAA CLA AA . 3.17 -9.85 -1.29
CBA CLA AA . 3.13 -9.43 0.18
CGA CLA AA . 4.30 -8.54 0.52
O1A CLA AA . 5.35 -8.70 -0.08
O2A CLA AA . 4.16 -7.63 1.46
NB CLA AA . 4.39 -7.09 -6.52
C1B CLA AA . 4.57 -6.23 -5.48
C2B CLA AA . 5.30 -5.08 -5.89
C3B CLA AA . 5.56 -5.27 -7.23
C4B CLA AA . 4.96 -6.56 -7.61
CMB CLA AA . 5.68 -3.94 -4.99
CAB CLA AA . 6.28 -4.39 -8.16
CBB CLA AA . 7.44 -3.55 -7.70
NC CLA AA . 3.77 -9.21 -8.56
C1C CLA AA . 4.39 -8.34 -9.35
C2C CLA AA . 4.39 -8.77 -10.76
C3C CLA AA . 3.72 -9.97 -10.75
C4C CLA AA . 3.33 -10.21 -9.37
CMC CLA AA . 5.00 -8.07 -11.94
CAC CLA AA . 3.41 -10.85 -11.93
CBC CLA AA . 2.04 -10.46 -12.44
ND CLA AA . 2.48 -10.61 -6.61
C1D CLA AA . 2.13 -11.48 -7.60
C2D CLA AA . 1.32 -12.57 -7.10
C3D CLA AA . 1.22 -12.31 -5.73
C4D CLA AA . 1.92 -11.13 -5.46
CMD CLA AA . 0.69 -13.77 -7.76
CAD CLA AA . 0.66 -12.81 -4.49
OBD CLA AA . 0.03 -13.84 -4.35
CBD CLA AA . 1.28 -12.00 -3.39
CGD CLA AA . 0.29 -11.60 -2.32
O1D CLA AA . -0.78 -11.10 -2.59
O2D CLA AA . 0.61 -11.77 -1.04
CED CLA AA . -0.45 -12.17 -0.18
C1 CLA AA . 4.61 -6.25 1.27
C2 CLA AA . 3.76 -5.19 0.63
C3 CLA AA . 4.27 -4.28 -0.20
C4 CLA AA . 5.72 -4.26 -0.55
C5 CLA AA . 3.41 -3.22 -0.85
C6 CLA AA . 3.94 -1.84 -0.47
C7 CLA AA . 3.11 -1.23 0.65
C8 CLA AA . 2.85 0.25 0.41
C9 CLA AA . 4.04 0.92 -0.25
C10 CLA AA . 2.50 0.94 1.72
C11 CLA AA . 1.51 2.06 1.52
C12 CLA AA . 2.05 3.38 2.07
C13 CLA AA . 1.33 4.59 1.48
C14 CLA AA . 0.12 4.96 2.35
C15 CLA AA . 0.95 4.32 0.03
C16 CLA AA . -0.44 4.86 -0.33
C17 CLA AA . -0.33 6.15 -1.14
C18 CLA AA . -1.62 6.39 -1.91
C19 CLA AA . -2.82 6.43 -0.98
C20 CLA AA . -1.51 7.69 -2.71
MG CLA BA . -17.37 15.03 -6.90
CHA CLA BA . -20.68 14.47 -6.05
CHB CLA BA . -18.16 18.14 -8.13
CHC CLA BA . -14.16 15.53 -7.54
CHD CLA BA . -16.56 11.83 -5.66
NA CLA BA . -19.22 16.21 -7.07
C1A CLA BA . -20.44 15.82 -6.70
C2A CLA BA . -21.47 16.87 -7.01
C3A CLA BA . -20.64 17.98 -7.66
C4A CLA BA . -19.26 17.43 -7.62
CMA CLA BA . -21.10 18.61 -8.98
CAA CLA BA . -22.10 17.37 -5.71
CBA CLA BA . -21.46 18.65 -5.17
CGA CLA BA . -21.88 18.79 -3.73
O1A CLA BA . -23.01 18.51 -3.42
O2A CLA BA . -21.02 19.19 -2.82
NB CLA BA . -16.32 16.59 -7.69
C1B CLA BA . -16.80 17.77 -8.16
C2B CLA BA . -15.74 18.58 -8.69
C3B CLA BA . -14.61 17.84 -8.53
C4B CLA BA . -15.00 16.58 -7.89
CMB CLA BA . -15.93 19.96 -9.29
CAB CLA BA . -13.20 18.14 -8.88
CBB CLA BA . -12.76 19.35 -9.68
NC CLA BA . -15.62 13.88 -6.58
C1C CLA BA . -14.42 14.26 -6.98
C2C CLA BA . -13.40 13.20 -6.77
C3C CLA BA . -14.10 12.16 -6.21
C4C CLA BA . -15.49 12.60 -6.10
CMC CLA BA . -11.94 13.27 -7.11
CAC CLA BA . -13.56 10.82 -5.80
CBC CLA BA . -13.48 9.91 -7.01
ND CLA BA . -18.28 13.49 -6.06
C1D CLA BA . -17.91 12.26 -5.59
C2D CLA BA . -19.04 11.52 -5.07
C3D CLA BA . -20.11 12.38 -5.25
C4D CLA BA . -19.64 13.56 -5.85
CMD CLA BA . -19.21 10.14 -4.46
CAD CLA BA . -21.53 12.50 -5.05
OBD CLA BA . -22.22 11.74 -4.38
CBD CLA BA . -21.95 13.87 -5.50
CGD CLA BA . -23.02 13.72 -6.55
O1D CLA BA . -24.15 14.12 -6.32
O2D CLA BA . -22.77 13.14 -7.72
CED CLA BA . -23.45 13.70 -8.83
C1 CLA BA . -20.86 20.61 -2.49
C2 CLA BA . -19.49 21.21 -2.33
C3 CLA BA . -19.27 22.16 -1.41
C4 CLA BA . -20.37 22.66 -0.52
C5 CLA BA . -17.92 22.79 -1.21
C6 CLA BA . -16.92 21.72 -0.80
C7 CLA BA . -17.21 21.20 0.61
C8 CLA BA . -16.34 19.99 0.93
C9 CLA BA . -16.68 19.43 2.32
C10 CLA BA . -14.87 20.38 0.86
MG CLA CA . -16.88 18.77 -18.14
CHA CLA CA . -15.47 20.95 -20.41
CHB CLA CA . -14.79 19.93 -15.66
CHC CLA CA . -18.39 16.74 -16.02
CHD CLA CA . -19.03 17.60 -20.69
NA CLA CA . -15.29 20.29 -18.02
C1A CLA CA . -14.87 21.05 -19.03
C2A CLA CA . -13.77 21.98 -18.62
C3A CLA CA . -13.55 21.62 -17.14
C4A CLA CA . -14.60 20.57 -16.90
CMA CLA CA . -12.14 21.37 -16.68
CAA CLA CA . -14.33 23.40 -18.74
CBA CLA CA . -14.22 24.23 -17.46
CGA CLA CA . -12.86 24.89 -17.45
O1A CLA CA . -12.51 25.50 -16.45
O2A CLA CA . -12.11 24.78 -18.53
NB CLA CA . -16.64 18.41 -16.14
C1B CLA CA . -15.71 18.94 -15.29
C2B CLA CA . -15.85 18.35 -13.98
C3B CLA CA . -16.86 17.44 -14.10
C4B CLA CA . -17.35 17.49 -15.47
CMB CLA CA . -15.01 18.68 -12.78
CAB CLA CA . -17.45 16.53 -13.08
CBB CLA CA . -17.56 16.89 -11.62
NC CLA CA . -18.50 17.44 -18.32
C1C CLA CA . -18.90 16.64 -17.33
C2C CLA CA . -19.91 15.66 -17.77
C3C CLA CA . -20.10 15.93 -19.09
C4C CLA CA . -19.21 17.04 -19.42
CMC CLA CA . -20.57 14.61 -16.94
CAC CLA CA . -21.03 15.20 -20.02
CBC CLA CA . -20.27 14.16 -20.80
ND CLA CA . -17.24 19.10 -20.06
C1D CLA CA . -18.10 18.62 -20.99
C2D CLA CA . -17.92 19.27 -22.29
C3D CLA CA . -16.89 20.17 -22.05
C4D CLA CA . -16.50 20.06 -20.72
CMD CLA CA . -18.58 19.15 -23.63
CAD CLA CA . -16.08 21.19 -22.68
OBD CLA CA . -16.18 21.57 -23.84
CBD CLA CA . -15.12 21.72 -21.66
CGD CLA CA . -13.70 21.47 -22.09
O1D CLA CA . -12.78 22.10 -21.60
O2D CLA CA . -13.42 20.56 -23.02
CED CLA CA . -12.20 19.85 -22.80
C1 CLA CA . -10.69 25.09 -18.53
C2 CLA CA . -10.18 26.43 -18.05
C3 CLA CA . -9.62 27.29 -18.90
C4 CLA CA . -9.51 26.99 -20.36
C5 CLA CA . -9.11 28.64 -18.46
C6 CLA CA . -8.77 28.57 -16.97
C7 CLA CA . -9.76 29.41 -16.16
C8 CLA CA . -9.02 30.34 -15.20
C9 CLA CA . -9.73 30.39 -13.86
C10 CLA CA . -8.93 31.72 -15.85
C11 CLA CA . -8.75 32.82 -14.81
C12 CLA CA . -7.45 33.59 -15.05
C13 CLA CA . -7.71 34.91 -15.76
C14 CLA CA . -6.43 35.73 -15.84
C15 CLA CA . -8.81 35.67 -15.03
C16 CLA CA . -9.48 36.67 -15.95
C17 CLA CA . -10.80 37.16 -15.35
C18 CLA CA . -11.51 38.14 -16.27
C19 CLA CA . -12.68 38.82 -15.57
C20 CLA CA . -10.55 39.17 -16.84
MG CLA DA . -8.94 19.24 -13.85
CHA CLA DA . -10.65 16.83 -12.06
CHB CLA DA . -10.07 17.88 -16.80
CHC CLA DA . -7.43 21.69 -15.44
CHD CLA DA . -7.79 20.59 -10.80
NA CLA DA . -10.24 17.54 -14.40
C1A CLA DA . -10.81 16.69 -13.55
C2A CLA DA . -11.58 15.61 -14.27
C3A CLA DA . -11.34 15.96 -15.73
C4A CLA DA . -10.53 17.20 -15.67
CMA CLA DA . -10.82 14.84 -16.61
CAA CLA DA . -13.08 15.74 -13.99
CBA CLA DA . -13.59 14.48 -13.30
CGA CLA DA . -14.40 13.65 -14.26
O1A CLA DA . -15.61 13.60 -14.11
O2A CLA DA . -13.80 13.02 -15.24
NB CLA DA . -8.79 19.73 -15.82
C1B CLA DA . -9.29 19.05 -16.89
C2B CLA DA . -8.88 19.69 -18.11
C3B CLA DA . -8.14 20.76 -17.73
C4B CLA DA . -8.08 20.77 -16.27
CMB CLA DA . -9.21 19.26 -19.52
CAB CLA DA . -7.48 21.74 -18.63
CBB CLA DA . -7.67 23.22 -18.44
NC CLA DA . -7.85 20.92 -13.22
C1C CLA DA . -7.24 21.76 -14.05
C2C CLA DA . -6.38 22.73 -13.34
C3C CLA DA . -6.52 22.42 -12.03
C4C CLA DA . -7.44 21.28 -11.96
CMC CLA DA . -5.54 23.82 -13.97
CAC CLA DA . -5.85 23.09 -10.85
CBC CLA DA . -4.50 22.45 -10.63
ND CLA DA . -9.13 18.91 -11.91
C1D CLA DA . -8.63 19.45 -10.76
C2D CLA DA . -9.04 18.72 -9.58
C3D CLA DA . -9.83 17.70 -10.10
C4D CLA DA . -9.88 17.83 -11.48
CMD CLA DA . -8.79 18.88 -8.11
CAD CLA DA . -10.63 16.55 -9.71
OBD CLA DA . -10.63 16.03 -8.61
CBD CLA DA . -11.23 15.97 -10.95
CGD CLA DA . -10.79 14.54 -11.09
O1D CLA DA . -11.58 13.63 -10.99
O2D CLA DA . -9.51 14.26 -11.30
CED CLA DA . -9.23 13.32 -12.33
C1 CLA DA . -13.14 11.73 -15.05
C2 CLA DA . -11.69 11.63 -14.61
C3 CLA DA . -10.84 10.85 -15.29
C4 CLA DA . -11.28 10.06 -16.47
C5 CLA DA . -9.39 10.71 -14.92
C6 CLA DA . -8.57 11.61 -15.85
C7 CLA DA . -7.19 11.03 -16.10
C8 CLA DA . -6.10 12.00 -15.64
C9 CLA DA . -6.10 12.14 -14.12
C10 CLA DA . -6.33 13.35 -16.31
C11 CLA DA . -5.18 13.72 -17.24
C12 CLA DA . -4.79 15.18 -17.10
C13 CLA DA . -6.01 16.10 -17.09
C14 CLA DA . -6.43 16.45 -18.51
C15 CLA DA . -5.68 17.35 -16.29
C16 CLA DA . -6.43 17.34 -14.97
C17 CLA DA . -5.57 17.85 -13.82
C18 CLA DA . -6.10 17.36 -12.49
C19 CLA DA . -6.47 15.89 -12.53
C20 CLA DA . -5.10 17.63 -11.37
MG CLA EA . -0.59 27.04 0.92
CHA CLA EA . 1.75 26.81 3.45
CHB CLA EA . 0.54 24.08 -0.44
CHC CLA EA . -2.94 27.30 -1.36
CHD CLA EA . -1.73 30.06 2.37
NA CLA EA . 0.97 25.57 1.45
C1A CLA EA . 1.80 25.66 2.48
C2A CLA EA . 2.76 24.51 2.54
C3A CLA EA . 2.38 23.69 1.30
C4A CLA EA . 1.24 24.46 0.73
CMA CLA EA . 3.51 23.24 0.39
CAA CLA EA . 2.48 23.65 3.77
CBA CLA EA . 0.98 23.52 4.03
CGA CLA EA . 0.74 22.69 5.27
O1A CLA EA . 1.14 21.55 5.33
O2A CLA EA . 0.08 23.25 6.28
NB CLA EA . -1.13 25.86 -0.65
C1B CLA EA . -0.54 24.71 -1.08
C2B CLA EA . -1.19 24.24 -2.27
C3B CLA EA . -2.18 25.14 -2.54
C4B CLA EA . -2.12 26.18 -1.50
CMB CLA EA . -0.87 23.00 -3.07
CAB CLA EA . -3.11 25.06 -3.69
CBB CLA EA . -4.52 25.60 -3.68
NC CLA EA . -2.13 28.44 0.58
C1C CLA EA . -2.96 28.37 -0.44
C2C CLA EA . -3.88 29.53 -0.50
C3C CLA EA . -3.53 30.29 0.58
C4C CLA EA . -2.42 29.61 1.24
CMC CLA EA . -4.97 29.78 -1.51
CAC CLA EA . -4.16 31.60 1.00
CBC CLA EA . -5.15 31.32 2.10
ND CLA EA . -0.19 28.21 2.48
C1D CLA EA . -0.66 29.37 2.98
C2D CLA EA . 0.06 29.79 4.17
C3D CLA EA . 0.99 28.79 4.35
C4D CLA EA . 0.83 27.84 3.33
CMD CLA EA . -0.04 30.97 5.10
CAD CLA EA . 2.08 28.36 5.20
OBD CLA EA . 2.34 28.83 6.31
CBD CLA EA . 2.63 27.07 4.66
CGD CLA EA . 4.04 27.25 4.19
O1D CLA EA . 4.29 27.70 3.10
O2D CLA EA . 5.06 26.90 4.97
CED CLA EA . 6.26 27.66 4.83
C1 CLA EA . -0.59 22.43 7.28
C2 CLA EA . -1.48 21.27 6.90
C3 CLA EA . -2.72 21.17 7.39
C4 CLA EA . -3.61 20.03 7.01
C5 CLA EA . -3.32 22.19 8.33
C6 CLA EA . -4.03 23.27 7.52
C7 CLA EA . -4.97 24.10 8.38
C8 CLA EA . -5.63 25.19 7.55
C9 CLA EA . -6.01 26.39 8.42
C10 CLA EA . -6.84 24.63 6.84
C11 CLA EA . -7.56 25.69 6.02
C12 CLA EA . -8.68 25.09 5.18
MG CLA FA . 6.00 21.09 -4.95
CHA CLA FA . 5.42 23.63 -7.25
CHB CLA FA . 3.09 21.89 -3.30
CHC CLA FA . 6.58 18.58 -2.92
CHD CLA FA . 8.99 20.32 -6.69
NA CLA FA . 4.40 22.58 -5.23
C1A CLA FA . 4.36 23.51 -6.18
C2A CLA FA . 3.13 24.35 -6.09
C3A CLA FA . 2.45 23.83 -4.82
C4A CLA FA . 3.34 22.69 -4.41
CMA CLA FA . 2.04 24.83 -3.76
CAA CLA FA . 2.29 23.95 -7.29
CBA CLA FA . 0.90 23.40 -6.93
CGA CLA FA . 0.76 21.94 -7.28
O1A CLA FA . 1.53 21.13 -6.80
O2A CLA FA . -0.23 21.59 -8.10
NB CLA FA . 4.99 20.33 -3.35
C1B CLA FA . 3.84 20.81 -2.79
C2B CLA FA . 3.49 20.02 -1.65
C3B CLA FA . 4.47 19.08 -1.53
C4B CLA FA . 5.43 19.30 -2.63
CMB CLA FA . 2.30 20.18 -0.74
CAB CLA FA . 4.52 18.05 -0.46
CBB CLA FA . 5.28 16.76 -0.55
NC CLA FA . 7.52 19.64 -4.86
C1C CLA FA . 7.58 18.72 -3.91
C2C CLA FA . 8.82 17.89 -4.01
C3C CLA FA . 9.47 18.39 -5.10
C4C CLA FA . 8.65 19.48 -5.62
CMC CLA FA . 9.21 16.76 -3.11
CAC CLA FA . 10.78 17.93 -5.67
CBC CLA FA . 11.89 18.79 -5.14
ND CLA FA . 7.02 21.71 -6.54
C1D CLA FA . 8.18 21.38 -7.16
C2D CLA FA . 8.48 22.24 -8.30
C3D CLA FA . 7.39 23.11 -8.32
C4D CLA FA . 6.53 22.79 -7.26
CMD CLA FA . 9.60 22.32 -9.29
CAD CLA FA . 6.85 24.25 -9.04
OBD CLA FA . 7.36 24.81 -9.99
CBD CLA FA . 5.51 24.56 -8.44
CGD CLA FA . 5.44 26.01 -8.09
O1D CLA FA . 5.21 26.84 -8.96
O2D CLA FA . 5.61 26.44 -6.85
CED CLA FA . 4.84 27.58 -6.47
C1 CLA FA . -1.20 20.58 -7.71
C2 CLA FA . -0.92 19.10 -7.85
C3 CLA FA . -1.92 18.25 -8.11
C4 CLA FA . -3.33 18.72 -8.26
C5 CLA FA . -1.70 16.76 -8.26
C6 CLA FA . -1.60 16.13 -6.87
C7 CLA FA . -2.73 15.14 -6.64
C8 CLA FA . -3.28 15.24 -5.22
C9 CLA FA . -4.09 16.51 -5.03
C10 CLA FA . -2.13 15.18 -4.21
C11 CLA FA . -2.37 14.11 -3.16
C12 CLA FA . -3.11 14.68 -1.95
C13 CLA FA . -3.35 13.60 -0.91
C14 CLA FA . -4.83 13.50 -0.56
C15 CLA FA . -2.51 13.88 0.34
C16 CLA FA . -2.99 13.05 1.53
C17 CLA FA . -1.88 12.84 2.54
C18 CLA FA . -2.30 13.26 3.94
C19 CLA FA . -3.65 12.67 4.32
C20 CLA FA . -1.25 12.89 4.97
MG CLA GA . 7.85 16.18 3.91
CHA CLA GA . 6.33 19.26 3.54
CHB CLA GA . 6.37 15.78 7.00
CHC CLA GA . 9.21 13.18 4.07
CHD CLA GA . 9.38 16.63 0.75
NA CLA GA . 6.48 17.38 5.16
C1A CLA GA . 5.98 18.58 4.85
C2A CLA GA . 5.13 19.15 5.96
C3A CLA GA . 5.17 18.04 7.02
C4A CLA GA . 6.04 16.99 6.38
CMA CLA GA . 5.40 18.43 8.47
CAA CLA GA . 3.69 19.42 5.54
CBA CLA GA . 3.14 18.46 4.49
CGA CLA GA . 2.19 19.22 3.60
O1A CLA GA . 2.53 20.33 3.20
O2A CLA GA . 1.04 18.70 3.26
NB CLA GA . 7.78 14.71 5.31
C1B CLA GA . 7.18 14.72 6.53
C2B CLA GA . 7.46 13.51 7.24
C3B CLA GA . 8.26 12.78 6.41
C4B CLA GA . 8.46 13.56 5.19
CMB CLA GA . 6.95 13.19 8.62
CAB CLA GA . 8.89 11.45 6.58
CBB CLA GA . 9.09 10.79 7.93
NC CLA GA . 9.05 15.06 2.59
C1C CLA GA . 9.53 13.86 2.88
C2C CLA GA . 10.40 13.32 1.81
C3C CLA GA . 10.42 14.30 0.86
C4C CLA GA . 9.59 15.39 1.36
CMC CLA GA . 11.08 11.99 1.79
CAC CLA GA . 11.16 14.27 -0.45
CBC CLA GA . 10.28 13.66 -1.52
ND CLA GA . 7.87 17.51 2.43
C1D CLA GA . 8.54 17.66 1.26
C2D CLA GA . 8.32 18.95 0.66
C3D CLA GA . 7.45 19.57 1.56
C4D CLA GA . 7.19 18.70 2.60
CMD CLA GA . 8.80 19.64 -0.58
CAD CLA GA . 6.71 20.80 1.79
OBD CLA GA . 6.81 21.83 1.14
CBD CLA GA . 5.91 20.62 3.05
CGD CLA GA . 6.32 21.64 4.05
O1D CLA GA . 7.44 21.61 4.54
O2D CLA GA . 5.47 22.59 4.44
CED CLA GA . 6.00 23.91 4.46
C1 CLA GA . 0.14 19.44 2.37
C2 CLA GA . -0.66 20.61 2.86
C3 CLA GA . -1.53 21.25 2.07
C4 CLA GA . -1.74 20.84 0.64
C5 CLA GA . -2.34 22.43 2.54
C6 CLA GA . -3.24 21.99 3.69
C7 CLA GA . -4.50 21.30 3.18
C8 CLA GA . -5.70 21.62 4.06
C9 CLA GA . -6.37 20.35 4.55
C10 CLA GA . -6.69 22.49 3.29
MG CLA HA . -24.82 33.86 -13.74
CHA CLA HA . -28.13 34.86 -13.51
CHB CLA HA . -25.36 32.73 -16.95
CHC CLA HA . -21.62 33.12 -13.92
CHD CLA HA . -24.33 35.01 -10.43
NA CLA HA . -26.55 33.80 -15.11
C1A CLA HA . -27.78 34.23 -14.83
C2A CLA HA . -28.72 34.02 -15.98
C3A CLA HA . -27.84 33.33 -17.02
C4A CLA HA . -26.51 33.27 -16.36
CMA CLA HA . -28.41 32.08 -17.68
CAA CLA HA . -29.12 35.36 -16.58
CBA CLA HA . -27.96 36.35 -16.50
CGA CLA HA . -28.12 37.43 -17.55
O1A CLA HA . -27.78 37.20 -18.69
O2A CLA HA . -28.62 38.58 -17.19
NB CLA HA . -23.66 33.06 -15.21
C1B CLA HA . -24.06 32.62 -16.44
C2B CLA HA . -22.94 32.05 -17.13
C3B CLA HA . -21.87 32.16 -16.29
C4B CLA HA . -22.35 32.79 -15.06
CMB CLA HA . -22.94 31.46 -18.51
CAB CLA HA . -20.50 31.68 -16.59
CBB CLA HA . -19.26 32.41 -16.15
NC CLA HA . -23.22 34.07 -12.40
C1C CLA HA . -21.99 33.68 -12.67
C2C CLA HA . -21.06 33.90 -11.53
C3C CLA HA . -21.85 34.46 -10.56
C4C CLA HA . -23.19 34.55 -11.10
CMC CLA HA . -19.59 33.60 -11.48
CAC CLA HA . -21.40 34.88 -9.18
CBC CLA HA . -21.03 36.35 -9.19
ND CLA HA . -25.86 34.73 -12.28
C1D CLA HA . -25.62 35.13 -11.00
C2D CLA HA . -26.81 35.63 -10.35
C3D CLA HA . -27.79 35.52 -11.33
C4D CLA HA . -27.20 34.98 -12.48
CMD CLA HA . -27.12 36.17 -8.97
CAD CLA HA . -29.19 35.76 -11.60
OBD CLA HA . -29.97 36.34 -10.86
CBD CLA HA . -29.44 35.45 -13.05
CGD CLA HA . -30.54 34.42 -13.21
O1D CLA HA . -30.66 33.51 -12.42
O2D CLA HA . -31.35 34.51 -14.25
CED CLA HA . -32.55 33.75 -14.18
C1 CLA HA . -27.79 39.78 -17.29
C2 CLA HA . -26.33 39.76 -16.93
C3 CLA HA . -25.79 40.81 -16.29
C4 CLA HA . -26.62 41.99 -15.93
C5 CLA HA . -24.33 40.85 -15.90
C6 CLA HA . -23.83 42.29 -15.86
C7 CLA HA . -23.11 42.58 -14.55
C8 CLA HA . -21.72 41.97 -14.54
C9 CLA HA . -21.02 42.27 -13.22
C10 CLA HA . -20.93 42.49 -15.74
C11 CLA HA . -19.42 42.35 -15.52
C12 CLA HA . -18.88 41.09 -16.20
C13 CLA HA . -17.56 41.35 -16.91
C14 CLA HA . -16.88 40.03 -17.27
C15 CLA HA . -16.65 42.20 -16.03
C16 CLA HA . -15.40 42.62 -16.78
C17 CLA HA . -14.52 43.52 -15.93
C18 CLA HA . -14.95 44.98 -16.02
C19 CLA HA . -13.90 45.90 -15.41
C20 CLA HA . -15.25 45.39 -17.45
MG CLA IA . -24.82 20.59 -4.10
CHA CLA IA . -26.22 17.79 -5.57
CHB CLA IA . -26.18 19.74 -1.05
CHC CLA IA . -23.30 23.21 -2.76
CHD CLA IA . -23.45 21.48 -7.24
NA CLA IA . -26.07 18.94 -3.36
C1A CLA IA . -26.54 17.92 -4.09
C2A CLA IA . -27.39 16.99 -3.27
C3A CLA IA . -27.38 17.64 -1.89
C4A CLA IA . -26.50 18.84 -2.08
CMA CLA IA . -28.69 17.77 -1.11
CAA CLA IA . -26.73 15.63 -3.11
CBA CLA IA . -25.27 15.52 -3.52
CGA CLA IA . -24.31 15.69 -2.38
O1A CLA IA . -24.30 16.74 -1.76
O2A CLA IA . -23.48 14.71 -2.07
NB CLA IA . -24.75 21.34 -2.20
C1B CLA IA . -25.38 20.89 -1.09
C2B CLA IA . -25.09 21.74 0.04
C3B CLA IA . -24.28 22.73 -0.46
C4B CLA IA . -24.07 22.46 -1.88
CMB CLA IA . -25.60 21.57 1.45
CAB CLA IA . -23.68 23.88 0.24
CBB CLA IA . -23.05 23.76 1.61
NC CLA IA . -23.56 22.09 -4.87
C1C CLA IA . -23.02 23.05 -4.13
C2C CLA IA . -22.08 23.90 -4.90
C3C CLA IA . -22.11 23.38 -6.16
C4C CLA IA . -23.05 22.26 -6.14
CMC CLA IA . -21.27 25.04 -4.37
CAC CLA IA . -21.33 23.86 -7.36
CBC CLA IA . -20.13 22.96 -7.54
ND CLA IA . -24.76 19.90 -5.95
C1D CLA IA . -24.24 20.31 -7.14
C2D CLA IA . -24.61 19.42 -8.23
C3D CLA IA . -25.38 18.44 -7.61
C4D CLA IA . -25.46 18.75 -6.26
CMD CLA IA . -24.34 19.39 -9.71
CAD CLA IA . -26.13 17.24 -7.88
OBD CLA IA . -26.01 16.57 -8.89
CBD CLA IA . -26.58 16.70 -6.55
CGD CLA IA . -28.04 16.34 -6.55
O1D CLA IA . -28.90 17.20 -6.62
O2D CLA IA . -28.41 15.07 -6.45
CED CLA IA . -29.23 14.59 -7.51
C1 CLA IA . -22.22 14.98 -1.38
C2 CLA IA . -21.10 15.78 -2.00
C3 CLA IA . -19.95 15.95 -1.31
C4 CLA IA . -19.80 15.39 0.07
C5 CLA IA . -18.76 16.72 -1.83
C6 CLA IA . -18.59 16.50 -3.33
C7 CLA IA . -17.11 16.35 -3.69
C8 CLA IA . -16.39 17.69 -3.76
C9 CLA IA . -17.20 18.73 -4.52
C10 CLA IA . -15.02 17.47 -4.41
C11 CLA IA . -14.14 18.71 -4.29
C12 CLA IA . -12.75 18.42 -4.87
C13 CLA IA . -11.67 18.51 -3.79
C14 CLA IA . -10.72 19.66 -4.06
C15 CLA IA . -10.91 17.18 -3.72
C16 CLA IA . -10.26 16.84 -5.05
C17 CLA IA . -8.76 16.66 -4.89
C18 CLA IA . -8.43 15.72 -3.74
C19 CLA IA . -8.17 14.30 -4.24
C20 CLA IA . -7.24 16.23 -2.93
MG CLA JA . -25.68 38.79 -24.24
CHA CLA JA . -27.85 36.19 -23.57
CHB CLA JA . -27.41 39.53 -27.13
CHC CLA JA . -23.60 41.29 -24.74
CHD CLA JA . -23.94 38.00 -21.26
NA CLA JA . -27.45 37.96 -25.27
C1A CLA JA . -28.18 36.92 -24.85
C2A CLA JA . -29.33 36.62 -25.77
C3A CLA JA . -29.15 37.66 -26.89
C4A CLA JA . -27.95 38.44 -26.43
CMA CLA JA . -29.25 37.22 -28.33
CAA CLA JA . -30.63 36.93 -25.04
CBA CLA JA . -30.65 38.36 -24.49
CGA CLA JA . -30.45 38.37 -22.99
O1A CLA JA . -31.43 38.32 -22.26
O2A CLA JA . -29.23 38.43 -22.50
NB CLA JA . -25.53 40.20 -25.71
C1B CLA JA . -26.30 40.33 -26.82
C2B CLA JA . -25.84 41.45 -27.60
C3B CLA JA . -24.76 41.95 -26.94
C4B CLA JA . -24.57 41.14 -25.73
CMB CLA JA . -26.43 41.94 -28.90
CAB CLA JA . -23.97 43.11 -27.42
CBB CLA JA . -22.95 43.87 -26.60
NC CLA JA . -24.08 39.57 -23.13
C1C CLA JA . -23.33 40.59 -23.55
C2C CLA JA . -22.20 40.87 -22.63
C3C CLA JA . -22.34 39.95 -21.62
C4C CLA JA . -23.51 39.14 -21.95
CMC CLA JA . -21.16 41.95 -22.76
CAC CLA JA . -21.45 39.81 -20.42
CBC CLA JA . -22.08 40.49 -19.23
ND CLA JA . -25.78 37.50 -22.75
C1D CLA JA . -25.06 37.23 -21.62
C2D CLA JA . -25.59 36.08 -20.89
C3D CLA JA . -26.68 35.68 -21.66
C4D CLA JA . -26.77 36.53 -22.76
CMD CLA JA . -25.19 35.36 -19.63
CAD CLA JA . -27.74 34.71 -21.73
OBD CLA JA . -28.00 33.89 -20.86
CBD CLA JA . -28.58 35.03 -22.93
CGD CLA JA . -28.66 33.88 -23.90
O1D CLA JA . -27.78 33.71 -24.72
O2D CLA JA . -29.68 33.03 -23.86
CED CLA JA . -29.35 31.66 -24.04
C1 CLA JA . -28.80 39.32 -21.41
C2 CLA JA . -28.49 40.78 -21.66
C3 CLA JA . -27.35 41.33 -21.22
C4 CLA JA . -26.33 40.54 -20.46
C5 CLA JA . -27.01 42.78 -21.46
C6 CLA JA . -25.87 42.87 -22.46
C7 CLA JA . -25.40 44.30 -22.64
C8 CLA JA . -26.01 44.93 -23.89
C9 CLA JA . -25.04 45.91 -24.54
MG CLA KA . -20.47 31.12 -21.02
CHA CLA KA . -18.97 28.29 -19.72
CHB CLA KA . -17.66 32.98 -20.33
CHC CLA KA . -21.93 33.72 -22.42
CHD CLA KA . -23.34 29.19 -21.73
NA CLA KA . -18.49 30.69 -20.13
C1A CLA KA . -18.09 29.52 -19.66
C2A CLA KA . -16.71 29.61 -19.05
C3A CLA KA . -16.35 31.08 -19.25
C4A CLA KA . -17.55 31.64 -19.95
CMA CLA KA . -15.80 31.88 -18.09
CAA CLA KA . -15.71 28.74 -19.80
CBA CLA KA . -14.44 28.58 -18.97
CGA CLA KA . -13.26 29.15 -19.72
O1A CLA KA . -12.54 28.41 -20.34
O2A CLA KA . -13.06 30.47 -19.71
NB CLA KA . -19.88 33.04 -21.34
C1B CLA KA . -18.72 33.64 -20.97
C2B CLA KA . -18.74 35.04 -21.32
C3B CLA KA . -19.96 35.24 -21.92
C4B CLA KA . -20.67 33.96 -21.90
CMB CLA KA . -17.62 36.02 -21.07
CAB CLA KA . -20.56 36.47 -22.49
CBB CLA KA . -19.74 37.61 -23.05
NC CLA KA . -22.33 31.39 -21.97
C1C CLA KA . -22.73 32.55 -22.44
C2C CLA KA . -24.11 32.50 -22.98
C3C CLA KA . -24.49 31.20 -22.80
C4C CLA KA . -23.37 30.51 -22.16
CMC CLA KA . -24.87 33.64 -23.59
CAC CLA KA . -25.83 30.61 -23.19
CBC CLA KA . -25.83 30.20 -24.64
ND CLA KA . -21.09 29.24 -20.84
C1D CLA KA . -22.24 28.56 -21.12
C2D CLA KA . -22.14 27.16 -20.71
C3D CLA KA . -20.86 27.07 -20.17
C4D CLA KA . -20.25 28.32 -20.26
CMD CLA KA . -23.08 25.98 -20.77
CAD CLA KA . -19.94 26.14 -19.55
OBD CLA KA . -20.24 25.05 -19.10
CBD CLA KA . -18.67 26.87 -19.26
CGD CLA KA . -18.39 26.84 -17.79
O1D CLA KA . -17.28 26.57 -17.38
O2D CLA KA . -19.35 27.12 -16.92
CED CLA KA . -19.01 28.08 -15.93
C1 CLA KA . -12.16 31.10 -18.74
C2 CLA KA . -12.57 31.30 -17.30
C3 CLA KA . -12.60 32.53 -16.78
C4 CLA KA . -12.24 33.73 -17.62
C5 CLA KA . -12.99 32.80 -15.35
C6 CLA KA . -13.53 34.22 -15.20
C7 CLA KA . -15.05 34.24 -15.16
C8 CLA KA . -15.58 35.66 -15.41
C9 CLA KA . -16.35 36.17 -14.19
C10 CLA KA . -16.43 35.69 -16.67
C11 CLA KA . -17.92 35.60 -16.36
C12 CLA KA . -18.76 36.00 -17.58
C13 CLA KA . -20.25 35.90 -17.26
C14 CLA KA . -21.04 35.51 -18.50
C15 CLA KA . -20.74 37.23 -16.68
C16 CLA KA . -22.25 37.21 -16.49
C17 CLA KA . -22.61 36.58 -15.16
C18 CLA KA . -23.37 37.57 -14.28
C19 CLA KA . -24.85 37.27 -14.28
C20 CLA KA . -22.81 37.56 -12.87
MG CLA LA . -4.72 44.78 -15.24
CHA CLA LA . -2.75 45.29 -12.45
CHB CLA LA . -4.33 41.36 -14.93
CHC CLA LA . -6.74 44.40 -17.82
CHD CLA LA . -5.04 48.28 -15.59
NA CLA LA . -3.66 43.43 -13.83
C1A CLA LA . -2.91 43.82 -12.79
C2A CLA LA . -2.29 42.65 -12.09
C3A CLA LA . -2.80 41.45 -12.90
C4A CLA LA . -3.65 42.08 -13.95
CMA CLA LA . -1.82 40.36 -13.30
CAA CLA LA . -2.81 42.50 -10.66
CBA CLA LA . -4.31 42.65 -10.65
CGA CLA LA . -4.92 42.04 -9.41
O1A CLA LA . -5.12 40.84 -9.38
O2A CLA LA . -5.21 42.82 -8.39
NB CLA LA . -5.43 43.14 -16.21
C1B CLA LA . -5.15 41.82 -15.98
C2B CLA LA . -5.83 41.00 -16.95
C3B CLA LA . -6.51 41.87 -17.76
C4B CLA LA . -6.24 43.22 -17.27
CMB CLA LA . -5.76 39.50 -17.01
CAB CLA LA . -7.37 41.64 -18.93
CBB CLA LA . -8.12 40.35 -19.18
NC CLA LA . -5.79 46.12 -16.45
C1C CLA LA . -6.50 45.75 -17.49
C2C CLA LA . -7.03 46.89 -18.27
C3C CLA LA . -6.57 47.99 -17.60
C4C CLA LA . -5.79 47.50 -16.47
CMC CLA LA . -7.89 46.80 -19.50
CAC CLA LA . -6.81 49.44 -17.96
CBC CLA LA . -5.89 49.86 -19.08
ND CLA LA . -4.12 46.42 -14.32
C1D CLA LA . -4.27 47.77 -14.52
C2D CLA LA . -3.54 48.55 -13.52
C3D CLA LA . -2.95 47.57 -12.73
C4D CLA LA . -3.31 46.31 -13.22
CMD CLA LA . -3.35 50.02 -13.27
CAD CLA LA . -2.10 47.40 -11.57
OBD CLA LA . -1.81 48.28 -10.78
CBD CLA LA . -2.04 45.92 -11.29
CGD CLA LA . -0.61 45.44 -11.22
O1D CLA LA . -0.31 44.60 -10.40
O2D CLA LA . 0.32 45.88 -12.05
CED CLA LA . 1.08 44.87 -12.68
C1 CLA LA . -6.55 42.84 -7.83
C2 CLA LA . -7.79 43.08 -8.66
C3 CLA LA . -8.65 44.05 -8.32
C4 CLA LA . -8.39 44.91 -7.12
C5 CLA LA . -9.92 44.37 -9.08
C6 CLA LA . -9.84 43.84 -10.51
C7 CLA LA . -10.07 44.96 -11.52
C8 CLA LA . -11.45 44.90 -12.17
C9 CLA LA . -12.44 45.81 -11.46
C10 CLA LA . -11.98 43.47 -12.21
MG CLA MA . -6.36 52.59 -24.28
CHA CLA MA . -5.66 55.87 -23.51
CHB CLA MA . -8.18 52.26 -21.37
CHC CLA MA . -7.07 49.49 -25.17
CHD CLA MA . -4.48 52.94 -27.25
NA CLA MA . -6.90 53.92 -22.60
C1A CLA MA . -6.50 55.18 -22.46
C2A CLA MA . -6.99 55.79 -21.17
C3A CLA MA . -7.74 54.62 -20.53
C4A CLA MA . -7.61 53.53 -21.54
CMA CLA MA . -7.44 54.29 -19.07
CAA CLA MA . -8.04 56.85 -21.47
CBA CLA MA . -8.82 56.48 -22.73
CGA CLA MA . -10.30 56.31 -22.44
O1A CLA MA . -11.09 56.40 -23.36
O2A CLA MA . -10.71 56.08 -21.21
NB CLA MA . -7.46 51.11 -23.41
C1B CLA MA . -8.13 51.14 -22.22
C2B CLA MA . -8.76 49.88 -21.97
C3B CLA MA . -8.44 49.09 -23.05
C4B CLA MA . -7.62 49.90 -23.95
CMB CLA MA . -9.59 49.55 -20.76
CAB CLA MA . -8.82 47.69 -23.34
CBB CLA MA . -10.20 47.16 -23.05
NC CLA MA . -5.92 51.43 -25.97
C1C CLA MA . -6.28 50.17 -26.11
C2C CLA MA . -5.77 49.56 -27.36
C3C CLA MA . -5.07 50.57 -27.96
C4C CLA MA . -5.16 51.73 -27.09
CMC CLA MA . -5.99 48.14 -27.83
CAC CLA MA . -4.33 50.48 -29.27
CBC CLA MA . -5.14 51.14 -30.37
ND CLA MA . -5.32 53.98 -25.23
C1D CLA MA . -4.60 54.05 -26.38
C2D CLA MA . -3.99 55.36 -26.55
C3D CLA MA . -4.40 56.06 -25.43
C4D CLA MA . -5.21 55.23 -24.65
CMD CLA MA . -3.10 55.99 -27.60
CAD CLA MA . -4.31 57.35 -24.78
OBD CLA MA . -3.80 58.35 -25.25
CBD CLA MA . -5.17 57.30 -23.55
CGD CLA MA . -4.35 57.65 -22.33
O1D CLA MA . -4.79 58.41 -21.50
O2D CLA MA . -3.14 57.13 -22.16
CED CLA MA . -2.83 56.71 -20.83
C1 CLA MA . -11.31 54.79 -20.86
C2 CLA MA . -12.01 53.93 -21.89
C3 CLA MA . -13.11 53.25 -21.57
C4 CLA MA . -13.70 53.31 -20.19
C5 CLA MA . -13.84 52.38 -22.56
C6 CLA MA . -15.34 52.56 -22.40
C7 CLA MA . -16.07 52.21 -23.68
C8 CLA MA . -17.04 53.32 -24.09
C9 CLA MA . -16.30 54.43 -24.81
C10 CLA MA . -17.77 53.86 -22.87
C11 CLA MA . -18.99 53.00 -22.53
C12 CLA MA . -19.88 52.81 -23.75
C13 CLA MA . -20.73 54.04 -23.99
C14 CLA MA . -21.59 54.34 -22.77
C15 CLA MA . -21.60 53.84 -25.23
MG CHL NA . -4.82 50.36 -8.69
CHA CHL NA . -2.73 50.31 -6.03
CHB CHL NA . -4.63 46.92 -8.85
CHC CHL NA . -6.78 50.46 -11.29
CHD CHL NA . -5.04 53.89 -8.31
NA CHL NA . -3.84 48.90 -7.63
C1A CHL NA . -3.11 49.08 -6.49
C2A CHL NA . -2.73 47.78 -5.84
C3A CHL NA . -3.24 46.73 -6.81
C4A CHL NA . -3.97 47.54 -7.84
CMA CHL NA . -2.33 45.57 -7.23
CAA CHL NA . -3.33 47.66 -4.43
CBA CHL NA . -4.85 47.50 -4.36
CGA CHL NA . -5.67 48.68 -4.78
O1A CHL NA . -5.61 49.78 -4.29
O2A CHL NA . -6.48 48.36 -5.77
NB CHL NA . -5.54 48.90 -9.92
C1B CHL NA . -5.35 47.57 -9.84
C2B CHL NA . -6.04 46.97 -10.93
C3B CHL NA . -6.64 47.94 -11.68
C4B CHL NA . -6.33 49.19 -11.00
CMB CHL NA . -6.13 45.50 -11.21
CAB CHL NA . -7.40 47.70 -12.91
CBB CHL NA . -8.03 48.72 -13.82
NC CHL NA . -5.73 51.94 -9.63
C1C CHL NA . -6.53 51.69 -10.69
C2C CHL NA . -7.14 52.95 -11.09
C3C CHL NA . -6.67 53.90 -10.21
C4C CHL NA . -5.77 53.28 -9.30
CMC CHL NA . -8.04 53.26 -12.18
OMC CHL NA . -8.48 52.45 -12.97
CAC CHL NA . -7.12 55.33 -10.16
CBC CHL NA . -8.41 55.50 -9.43
ND CHL NA . -4.11 51.86 -7.49
C1D CHL NA . -4.21 53.21 -7.45
C2D CHL NA . -3.38 53.73 -6.41
C3D CHL NA . -2.78 52.64 -5.83
C4D CHL NA . -3.23 51.50 -6.51
CMD CHL NA . -3.26 55.18 -6.06
CAD CHL NA . -1.86 52.19 -4.79
OBD CHL NA . -1.24 52.86 -3.99
CBD CHL NA . -1.77 50.68 -4.89
CGD CHL NA . -0.34 50.23 -5.18
O1D CHL NA . 0.07 49.88 -6.24
O2D CHL NA . 0.40 50.28 -4.07
CED CHL NA . 1.79 49.88 -4.23
C1 CHL NA . -7.42 49.25 -6.45
C2 CHL NA . -8.12 48.41 -7.45
C3 CHL NA . -8.88 48.83 -8.45
C4 CHL NA . -9.54 47.89 -9.41
C5 CHL NA . -9.13 50.30 -8.70
C6 CHL NA . -10.57 50.63 -9.11
C7 CHL NA . -10.77 50.76 -10.61
C8 CHL NA . -11.92 49.92 -11.17
C9 CHL NA . -13.25 50.33 -10.56
C10 CHL NA . -11.95 50.07 -12.70
C11 CHL NA . -11.38 48.86 -13.44
C12 CHL NA . -11.71 48.85 -14.93
C13 CHL NA . -11.42 50.15 -15.67
C14 CHL NA . -12.47 50.40 -16.75
C15 CHL NA . -10.00 50.35 -16.21
C16 CHL NA . -9.80 51.66 -16.98
C17 CHL NA . -9.87 52.90 -16.10
C18 CHL NA . -10.17 54.19 -16.82
C19 CHL NA . -9.89 55.40 -15.95
C20 CHL NA . -11.61 54.22 -17.31
MG CLA OA . -2.53 46.55 -37.76
CHA CLA OA . 0.46 47.15 -39.40
CHB CLA OA . -2.24 49.54 -36.06
CHC CLA OA . -5.43 45.90 -36.32
CHD CLA OA . -2.82 43.51 -39.53
NA CLA OA . -1.07 48.20 -37.72
C1A CLA OA . 0.06 48.25 -38.44
C2A CLA OA . 0.83 49.50 -38.18
C3A CLA OA . -0.02 50.22 -37.12
C4A CLA OA . -1.18 49.29 -36.94
CMA CLA OA . 0.66 50.80 -35.90
CAA CLA OA . 0.89 50.35 -39.45
CBA CLA OA . -0.47 50.90 -39.88
CGA CLA OA . -1.25 49.92 -40.73
O1A CLA OA . -0.66 49.24 -41.55
O2A CLA OA . -2.56 49.86 -40.58
NB CLA OA . -3.67 47.57 -36.41
C1B CLA OA . -3.38 48.76 -35.80
C2B CLA OA . -4.44 49.09 -34.88
C3B CLA OA . -5.33 48.07 -34.95
C4B CLA OA . -4.83 47.11 -35.93
CMB CLA OA . -4.53 50.32 -34.00
CAB CLA OA . -6.58 47.97 -34.17
CBB CLA OA . -7.89 47.59 -34.82
NC CLA OA . -3.92 44.98 -37.94
C1C CLA OA . -5.05 44.92 -37.25
C2C CLA OA . -5.85 43.70 -37.58
C3C CLA OA . -5.10 43.06 -38.52
C4C CLA OA . -3.90 43.86 -38.73
CMC CLA OA . -7.18 43.29 -37.01
CAC CLA OA . -5.44 41.76 -39.21
CBC CLA OA . -4.90 40.61 -38.40
ND CLA OA . -1.54 45.52 -39.13
C1D CLA OA . -1.69 44.33 -39.76
C2D CLA OA . -0.56 44.02 -40.63
C3D CLA OA . 0.26 45.14 -40.49
C4D CLA OA . -0.33 46.01 -39.59
CMD CLA OA . -0.23 42.86 -41.52
CAD CLA OA . 1.52 45.70 -40.94
OBD CLA OA . 2.38 45.12 -41.56
CBD CLA OA . 1.67 47.05 -40.30
CGD CLA OA . 2.97 47.09 -39.55
O1D CLA OA . 4.02 47.17 -40.14
O2D CLA OA . 2.99 47.06 -38.22
CED CLA OA . 3.99 47.87 -37.62
C1 CLA OA . -3.24 48.60 -40.27
C2 CLA OA . -3.28 47.44 -41.22
C3 CLA OA . -4.34 46.61 -41.24
C4 CLA OA . -4.39 45.44 -42.19
C5 CLA OA . -5.52 46.77 -40.32
C6 CLA OA . -6.68 45.89 -40.78
C7 CLA OA . -8.02 46.49 -40.39
C8 CLA OA . -9.18 45.61 -40.84
C9 CLA OA . -10.51 46.31 -40.58
C10 CLA OA . -9.09 44.27 -40.13
C11 CLA OA . -10.45 43.59 -40.01
C12 CLA OA . -10.71 42.64 -41.16
C13 CLA OA . -11.06 41.24 -40.66
C14 CLA OA . -9.80 40.41 -40.45
C15 CLA OA . -12.00 40.57 -41.64
MG CLA PA . 0.65 36.45 -34.13
CHA CLA PA . 2.71 34.21 -32.51
CHB CLA PA . 2.88 39.00 -33.54
CHC CLA PA . -1.37 38.47 -35.79
CHD CLA PA . -1.61 33.80 -34.77
NA CLA PA . 2.61 36.61 -33.14
C1A CLA PA . 3.25 35.62 -32.54
C2A CLA PA . 4.56 36.07 -31.94
C3A CLA PA . 4.56 37.57 -32.24
C4A CLA PA . 3.30 37.76 -33.03
CMA CLA PA . 4.86 38.52 -31.10
CAA CLA PA . 5.68 35.39 -32.71
CBA CLA PA . 6.89 36.27 -32.99
CGA CLA PA . 6.87 36.85 -34.38
O1A CLA PA . 7.35 37.95 -34.57
O2A CLA PA . 6.33 36.17 -35.36
NB CLA PA . 0.75 38.43 -34.60
C1B CLA PA . 1.72 39.32 -34.27
C2B CLA PA . 1.38 40.63 -34.77
C3B CLA PA . 0.18 40.48 -35.40
C4B CLA PA . -0.21 39.07 -35.28
CMB CLA PA . 2.18 41.89 -34.62
CAB CLA PA . -0.59 41.55 -36.07
CBB CLA PA . -1.14 41.35 -37.46
NC CLA PA . -1.15 36.15 -35.18
C1C CLA PA . -1.86 37.14 -35.72
C2C CLA PA . -3.18 36.70 -36.22
C3C CLA PA . -3.21 35.35 -35.95
C4C CLA PA . -1.95 35.03 -35.30
CMC CLA PA . -4.24 37.51 -36.89
CAC CLA PA . -4.33 34.39 -36.26
CBC CLA PA . -5.29 34.33 -35.09
ND CLA PA . 0.49 34.50 -33.79
C1D CLA PA . -0.41 33.52 -34.06
C2D CLA PA . -0.01 32.24 -33.52
C3D CLA PA . 1.22 32.52 -32.92
C4D CLA PA . 1.50 33.87 -33.09
CMD CLA PA . -0.61 30.86 -33.51
CAD CLA PA . 2.29 31.90 -32.17
OBD CLA PA . 2.23 30.82 -31.62
CBD CLA PA . 3.30 32.98 -31.86
CGD CLA PA . 3.42 33.17 -30.38
O1D CLA PA . 2.50 33.65 -29.74
O2D CLA PA . 4.53 32.82 -29.75
CED CLA PA . 4.37 31.99 -28.61
C1 CLA PA . 5.42 36.81 -36.31
C2 CLA PA . 3.93 36.60 -36.24
C3 CLA PA . 3.25 36.25 -37.34
C4 CLA PA . 3.95 36.03 -38.65
C5 CLA PA . 1.76 36.01 -37.33
C6 CLA PA . 1.13 36.52 -38.61
C7 CLA PA . -0.34 36.09 -38.67
C8 CLA PA . -1.07 36.75 -39.83
C9 CLA PA . -1.02 38.26 -39.74
C10 CLA PA . -2.51 36.24 -39.83
C11 CLA PA . -3.44 37.13 -40.64
C12 CLA PA . -4.54 36.31 -41.31
C13 CLA PA . -5.77 37.15 -41.63
C14 CLA PA . -6.64 36.45 -42.68
C15 CLA PA . -5.35 38.53 -42.11
MG CLA QA . -2.58 35.22 -25.41
CHA CLA QA . -0.22 36.01 -23.02
CHB CLA QA . -0.10 34.27 -27.61
CHC CLA QA . -4.93 34.38 -27.59
CHD CLA QA . -5.12 36.22 -23.17
NA CLA QA . -0.38 35.14 -25.35
C1A CLA QA . 0.37 35.51 -24.32
C2A CLA QA . 1.84 35.34 -24.62
C3A CLA QA . 1.84 34.85 -26.07
C4A CLA QA . 0.38 34.74 -26.38
CMA CLA QA . 2.78 35.52 -27.07
CAA CLA QA . 2.32 34.22 -23.70
CBA CLA QA . 2.55 32.86 -24.37
CGA CLA QA . 1.30 32.09 -24.65
O1A CLA QA . 0.25 32.44 -24.13
O2A CLA QA . 1.38 31.05 -25.46
NB CLA QA . -2.53 34.44 -27.30
C1B CLA QA . -1.43 34.13 -28.04
C2B CLA QA . -1.83 33.62 -29.32
C3B CLA QA . -3.21 33.67 -29.31
C4B CLA QA . -3.62 34.19 -28.02
CMB CLA QA . -0.88 33.18 -30.40
CAB CLA QA . -4.19 33.27 -30.36
CBB CLA QA . -3.83 32.96 -31.80
NC CLA QA . -4.68 35.22 -25.36
C1C CLA QA . -5.45 34.90 -26.38
C2C CLA QA . -6.89 35.13 -26.13
C3C CLA QA . -6.93 35.62 -24.86
C4C CLA QA . -5.54 35.69 -24.38
CMC CLA QA . -8.03 34.87 -27.08
CAC CLA QA . -8.17 36.04 -24.10
CBC CLA QA . -8.71 34.84 -23.35
ND CLA QA . -2.74 35.95 -23.58
C1D CLA QA . -3.77 36.29 -22.74
C2D CLA QA . -3.28 36.73 -21.44
C3D CLA QA . -1.90 36.61 -21.56
C4D CLA QA . -1.59 36.15 -22.84
CMD CLA QA . -3.95 37.21 -20.18
CAD CLA QA . -0.67 36.80 -20.82
OBD CLA QA . -0.59 36.91 -19.61
CBD CLA QA . 0.46 36.40 -21.71
CGD CLA QA . 1.41 37.56 -21.83
O1D CLA QA . 1.86 38.08 -20.82
O2D CLA QA . 1.80 38.06 -22.99
CED CLA QA . 3.20 38.30 -23.10
C1 CLA QA . 0.74 31.04 -26.78
C2 CLA QA . -0.64 30.47 -27.01
C3 CLA QA . -0.91 29.81 -28.14
C4 CLA QA . 0.14 29.63 -29.20
C5 CLA QA . -2.26 29.22 -28.44
C6 CLA QA . -3.33 30.30 -28.63
C7 CLA QA . -4.52 29.75 -29.39
C8 CLA QA . -5.81 30.48 -29.06
C9 CLA QA . -6.20 30.30 -27.60
C10 CLA QA . -6.93 30.00 -29.97
C11 CLA QA . -6.98 30.79 -31.28
C12 CLA QA . -7.31 29.88 -32.44
C13 CLA QA . -7.36 30.66 -33.76
C14 CLA QA . -8.78 30.71 -34.31
C15 CLA QA . -6.41 30.02 -34.77
C16 CLA QA . -5.01 29.89 -34.19
C17 CLA QA . -4.41 28.53 -34.56
C18 CLA QA . -3.24 28.20 -33.65
C19 CLA QA . -3.64 27.18 -32.60
C20 CLA QA . -2.04 27.71 -34.45
MG CLA RA . -22.80 43.11 -31.35
CHA CLA RA . -25.36 40.93 -32.13
CHB CLA RA . -24.00 45.40 -33.62
CHC CLA RA . -20.38 45.15 -30.42
CHD CLA RA . -21.59 40.74 -29.02
NA CLA RA . -24.51 43.19 -32.74
C1A CLA RA . -25.41 42.22 -32.92
C2A CLA RA . -26.44 42.58 -33.95
C3A CLA RA . -25.97 43.97 -34.41
C4A CLA RA . -24.76 44.23 -33.56
CMA CLA RA . -25.90 44.27 -35.90
CAA CLA RA . -27.82 42.65 -33.30
CBA CLA RA . -28.42 44.04 -33.24
CGA CLA RA . -28.89 44.32 -31.83
O1A CLA RA . -28.05 44.44 -30.95
O2A CLA RA . -30.18 44.42 -31.58
NB CLA RA . -22.28 44.99 -31.92
C1B CLA RA . -22.85 45.77 -32.89
C2B CLA RA . -22.12 47.00 -33.02
C3B CLA RA . -21.10 46.93 -32.13
C4B CLA RA . -21.21 45.65 -31.43
CMB CLA RA . -22.40 48.13 -33.97
CAB CLA RA . -20.07 47.97 -31.89
CBB CLA RA . -18.60 47.65 -31.73
NC CLA RA . -21.28 43.00 -29.89
C1C CLA RA . -20.36 43.93 -29.72
C2C CLA RA . -19.32 43.55 -28.74
C3C CLA RA . -19.70 42.30 -28.33
C4C CLA RA . -20.92 41.96 -29.07
CMC CLA RA . -18.13 44.36 -28.30
CAC CLA RA . -18.98 41.42 -27.33
CBC CLA RA . -19.77 41.39 -26.03
ND CLA RA . -23.27 41.31 -30.67
C1D CLA RA . -22.74 40.44 -29.77
C2D CLA RA . -23.51 39.20 -29.71
C3D CLA RA . -24.53 39.40 -30.63
C4D CLA RA . -24.37 40.66 -31.19
CMD CLA RA . -23.37 37.93 -28.91
CAD CLA RA . -25.69 38.77 -31.21
OBD CLA RA . -26.16 37.70 -30.87
CBD CLA RA . -26.30 39.74 -32.17
CGD CLA RA . -26.36 39.19 -33.57
O1D CLA RA . -25.43 38.55 -34.03
O2D CLA RA . -27.43 39.41 -34.31
CED CLA RA . -28.05 38.27 -34.90
C1 CLA RA . -30.80 45.73 -31.43
C2 CLA RA . -30.25 46.75 -30.45
C3 CLA RA . -30.95 47.83 -30.11
C4 CLA RA . -32.32 48.08 -30.70
C5 CLA RA . -30.44 48.86 -29.14
C6 CLA RA . -29.59 49.89 -29.87
C7 CLA RA . -30.17 51.29 -29.74
C8 CLA RA . -29.19 52.34 -30.23
C9 CLA RA . -29.84 53.72 -30.22
C10 CLA RA . -28.71 51.98 -31.63
MG CLA SA . -14.91 29.43 -36.58
CHA CLA SA . -17.06 27.53 -38.50
CHB CLA SA . -15.14 27.14 -34.01
CHC CLA SA . -12.70 31.22 -34.89
CHD CLA SA . -14.72 31.76 -39.22
NA CLA SA . -15.97 27.54 -36.27
C1A CLA SA . -16.80 26.95 -37.13
C2A CLA SA . -17.40 25.69 -36.58
C3A CLA SA . -16.81 25.64 -35.18
C4A CLA SA . -15.91 26.82 -35.12
CMA CLA SA . -17.84 25.53 -34.07
CAA CLA SA . -16.90 24.50 -37.41
CBA CLA SA . -15.55 23.98 -36.93
CGA CLA SA . -14.54 23.99 -38.05
O1A CLA SA . -14.88 23.65 -39.17
O2A CLA SA . -13.30 24.37 -37.78
NB CLA SA . -14.05 29.21 -34.75
C1B CLA SA . -14.27 28.24 -33.82
C2B CLA SA . -13.50 28.48 -32.63
C3B CLA SA . -12.82 29.64 -32.89
C4B CLA SA . -13.18 30.09 -34.23
CMB CLA SA . -13.49 27.62 -31.41
CAB CLA SA . -11.86 30.37 -32.02
CBB CLA SA . -10.88 29.67 -31.12
NC CLA SA . -13.83 31.18 -37.02
C1C CLA SA . -13.02 31.78 -36.16
C2C CLA SA . -12.50 33.06 -36.66
C3C CLA SA . -13.06 33.19 -37.91
C4C CLA SA . -13.89 32.02 -38.12
CMC CLA SA . -11.55 34.00 -35.96
CAC CLA SA . -12.86 34.34 -38.87
CBC CLA SA . -11.94 33.93 -40.00
ND CLA SA . -15.62 29.68 -38.41
C1D CLA SA . -15.53 30.62 -39.38
C2D CLA SA . -16.38 30.29 -40.53
C3D CLA SA . -16.97 29.09 -40.17
C4D CLA SA . -16.51 28.73 -38.90
CMD CLA SA . -16.65 30.96 -41.85
CAD CLA SA . -17.88 28.06 -40.63
OBD CLA SA . -18.56 28.07 -41.63
CBD CLA SA . -17.91 26.97 -39.60
CGD CLA SA . -19.32 26.73 -39.13
O1D CLA SA . -20.08 27.66 -38.90
O2D CLA SA . -19.75 25.49 -38.95
CED CLA SA . -20.94 25.11 -39.65
C1 CLA SA . -12.15 23.71 -38.39
C2 CLA SA . -11.90 22.22 -38.30
C3 CLA SA . -10.64 21.77 -38.16
C4 CLA SA . -9.48 22.71 -38.09
C5 CLA SA . -10.29 20.30 -38.07
C6 CLA SA . -11.34 19.53 -37.26
C7 CLA SA . -10.69 18.39 -36.49
C8 CLA SA . -11.61 17.18 -36.39
C9 CLA SA . -12.01 16.91 -34.95
C10 CLA SA . -10.92 15.98 -37.01
C11 CLA SA . -11.56 14.66 -36.58
C12 CLA SA . -10.80 13.47 -37.16
C13 CLA SA . -11.48 12.15 -36.83
C14 CLA SA . -10.64 10.97 -37.30
C15 CLA SA . -12.87 12.12 -37.44
C16 CLA SA . -13.49 10.73 -37.36
C17 CLA SA . -14.43 10.61 -36.16
C18 CLA SA . -15.43 9.48 -36.32
C19 CLA SA . -16.65 9.93 -37.11
C20 CLA SA . -14.79 8.25 -36.95
MG CLA TA . -21.34 34.72 -44.02
CHA CLA TA . -24.58 35.77 -44.63
CHB CLA TA . -21.35 32.89 -46.94
CHC CLA TA . -18.21 33.88 -43.40
CHD CLA TA . -21.34 36.63 -41.05
NA CLA TA . -22.80 34.36 -45.64
C1A CLA TA . -24.03 34.85 -45.70
C2A CLA TA . -24.76 34.41 -46.93
C3A CLA TA . -23.73 33.49 -47.62
C4A CLA TA . -22.55 33.57 -46.70
CMA CLA TA . -24.18 32.13 -48.12
CAA CLA TA . -24.98 35.61 -47.84
CBA CLA TA . -23.75 36.52 -47.88
CGA CLA TA . -23.82 37.47 -49.05
O1A CLA TA . -24.72 38.29 -49.10
O2A CLA TA . -22.92 37.36 -50.01
NB CLA TA . -19.98 33.57 -45.02
C1B CLA TA . -20.16 32.87 -46.18
C2B CLA TA . -18.96 32.14 -46.50
C3B CLA TA . -18.08 32.42 -45.51
C4B CLA TA . -18.74 33.33 -44.56
CMB CLA TA . -18.73 31.25 -47.69
CAB CLA TA . -16.70 31.88 -45.39
CBB CLA TA . -15.52 32.78 -45.10
NC CLA TA . -19.97 35.23 -42.50
C1C CLA TA . -18.74 34.75 -42.43
C2C CLA TA . -18.01 35.23 -41.23
C3C CLA TA . -18.92 36.04 -40.60
C4C CLA TA . -20.13 36.03 -41.40
CMC CLA TA . -16.60 34.91 -40.82
CAC CLA TA . -18.69 36.81 -39.31
CBC CLA TA . -18.52 38.28 -39.65
ND CLA TA . -22.55 35.92 -43.03
C1D CLA TA . -22.51 36.61 -41.86
C2D CLA TA . -23.77 37.27 -41.56
C3D CLA TA . -24.58 36.93 -42.65
C4D CLA TA . -23.84 36.12 -43.51
CMD CLA TA . -24.25 38.13 -40.42
CAD CLA TA . -25.90 37.12 -43.19
OBD CLA TA . -26.89 37.43 -42.55
CBD CLA TA . -25.92 36.47 -44.54
CGD CLA TA . -27.09 35.52 -44.63
O1D CLA TA . -28.06 35.81 -45.31
O2D CLA TA . -27.09 34.36 -43.98
CED CLA TA . -27.78 33.30 -44.64
C1 CLA TA . -21.89 38.38 -50.22
C2 CLA TA . -22.04 39.44 -51.29
C3 CLA TA . -20.96 39.93 -51.93
C4 CLA TA . -19.60 39.42 -51.60
MG CLA UA . -18.42 26.58 -47.62
CHA CLA UA . -21.47 28.19 -47.48
CHB CLA UA . -19.29 25.13 -50.62
CHC CLA UA . -15.42 25.21 -47.73
CHD CLA UA . -17.55 28.11 -44.56
NA CLA UA . -20.18 26.64 -48.95
C1A CLA UA . -21.29 27.34 -48.71
C2A CLA UA . -22.32 27.16 -49.79
C3A CLA UA . -21.63 26.17 -50.73
C4A CLA UA . -20.29 25.95 -50.10
CMA CLA UA . -22.45 24.97 -51.16
CAA CLA UA . -22.47 28.46 -50.56
CBA CLA UA . -21.16 29.25 -50.64
CGA CLA UA . -21.40 30.56 -51.36
O1A CLA UA . -21.33 30.61 -52.57
O2A CLA UA . -21.68 31.63 -50.65
NB CLA UA . -17.50 25.37 -48.97
C1B CLA UA . -18.00 24.84 -50.13
C2B CLA UA . -17.03 23.98 -50.75
C3B CLA UA . -15.94 24.00 -49.91
C4B CLA UA . -16.25 24.89 -48.80
CMB CLA UA . -17.20 23.21 -52.03
CAB CLA UA . -14.64 23.31 -50.03
CBB CLA UA . -13.92 23.17 -51.36
NC CLA UA . -16.74 26.67 -46.36
C1C CLA UA . -15.63 25.98 -46.57
C2C CLA UA . -14.65 26.13 -45.46
C3C CLA UA . -15.27 26.96 -44.57
C4C CLA UA . -16.57 27.28 -45.13
CMC CLA UA . -13.29 25.50 -45.37
CAC CLA UA . -14.71 27.43 -43.25
CBC CLA UA . -14.14 28.82 -43.38
ND CLA UA . -19.20 27.82 -46.29
C1D CLA UA . -18.82 28.40 -45.13
C2D CLA UA . -19.84 29.28 -44.58
C3D CLA UA . -20.86 29.19 -45.51
C4D CLA UA . -20.47 28.32 -46.52
CMD CLA UA . -19.96 30.15 -43.37
CAD CLA UA . -22.19 29.67 -45.80
OBD CLA UA . -22.84 30.44 -45.11
CBD CLA UA . -22.68 28.97 -47.03
CGD CLA UA . -23.74 27.98 -46.64
O1D CLA UA . -23.47 27.01 -45.96
O2D CLA UA . -25.01 28.17 -47.00
CED CLA UA . -25.97 28.10 -45.95
C1 CLA UA . -21.06 32.91 -50.96
C2 CLA UA . -19.64 33.24 -50.57
C3 CLA UA . -19.41 34.35 -49.85
C4 CLA UA . -20.56 35.23 -49.47
C5 CLA UA . -18.04 34.78 -49.40
C6 CLA UA . -18.13 36.10 -48.63
C7 CLA UA . -17.52 35.98 -47.23
C8 CLA UA . -18.29 36.78 -46.17
C9 CLA UA . -19.64 37.29 -46.67
C10 CLA UA . -17.42 37.94 -45.70
C11 CLA UA . -17.66 38.24 -44.22
C12 CLA UA . -16.35 38.21 -43.44
C13 CLA UA . -15.82 39.61 -43.13
C14 CLA UA . -16.93 40.65 -43.03
C15 CLA UA . -14.80 40.00 -44.19
MG CLA VA . -16.57 17.43 -42.29
CHA CLA VA . -17.13 20.68 -41.28
CHB CLA VA . -15.21 18.55 -45.26
CHC CLA VA . -15.96 14.28 -43.10
CHD CLA VA . -17.94 16.31 -39.23
NA CLA VA . -16.19 19.40 -43.20
C1A CLA VA . -16.48 20.58 -42.64
C2A CLA VA . -16.10 21.73 -43.53
C3A CLA VA . -15.53 21.03 -44.78
C4A CLA VA . -15.64 19.59 -44.42
CMA CLA VA . -15.97 21.50 -46.15
CAA CLA VA . -15.04 22.55 -42.80
CBA CLA VA . -13.69 22.65 -43.49
CGA CLA VA . -12.70 21.66 -42.93
O1A CLA VA . -12.72 20.52 -43.34
O2A CLA VA . -11.83 22.05 -42.01
NB CLA VA . -15.70 16.56 -43.92
C1B CLA VA . -15.24 17.16 -45.06
C2B CLA VA . -14.77 16.16 -45.98
C3B CLA VA . -14.99 14.97 -45.36
C4B CLA VA . -15.59 15.23 -44.06
CMB CLA VA . -14.17 16.39 -47.34
CAB CLA VA . -14.68 13.62 -45.90
CBB CLA VA . -13.65 12.75 -45.23
NC CLA VA . -16.86 15.60 -41.30
C1C CLA VA . -16.57 14.42 -41.83
C2C CLA VA . -16.95 13.28 -40.96
C3C CLA VA . -17.49 13.88 -39.85
C4C CLA VA . -17.44 15.32 -40.09
CMC CLA VA . -16.76 11.82 -41.24
CAC CLA VA . -18.06 13.18 -38.64
CBC CLA VA . -19.46 12.70 -38.90
ND CLA VA . -17.32 18.18 -40.62
C1D CLA VA . -17.88 17.69 -39.48
C2D CLA VA . -18.40 18.76 -38.63
C3D CLA VA . -18.10 19.91 -39.34
C4D CLA VA . -17.46 19.56 -40.52
CMD CLA VA . -19.10 18.78 -37.29
CAD CLA VA . -18.22 21.35 -39.29
OBD CLA VA . -18.77 22.00 -38.41
CBD CLA VA . -17.54 21.91 -40.50
CGD CLA VA . -18.47 22.71 -41.36
O1D CLA VA . -19.64 22.40 -41.49
O2D CLA VA . -18.00 23.77 -42.02
CED CLA VA . -18.94 24.56 -42.73
C1 CLA VA . -10.44 21.61 -42.12
C2 CLA VA . -10.04 20.16 -41.89
C3 CLA VA . -8.97 19.66 -42.51
C4 CLA VA . -8.15 20.47 -43.46
C5 CLA VA . -8.52 18.22 -42.32
C6 CLA VA . -8.25 17.95 -40.84
C7 CLA VA . -9.04 16.75 -40.35
C8 CLA VA . -8.70 15.50 -41.14
C9 CLA VA . -9.96 14.86 -41.73
C10 CLA VA . -7.98 14.52 -40.23
C11 CLA VA . -6.88 13.79 -40.99
C12 CLA VA . -7.14 12.27 -41.02
C13 CLA VA . -6.36 11.58 -42.14
C14 CLA VA . -5.18 12.42 -42.62
C15 CLA VA . -7.29 11.27 -43.30
MG CLA WA . -17.49 23.52 -31.66
CHA CLA WA . -16.81 25.21 -28.72
CHB CLA WA . -14.15 22.79 -32.07
CHC CLA WA . -18.27 21.89 -34.41
CHD CLA WA . -20.91 24.28 -31.23
NA CLA WA . -15.64 23.94 -30.52
C1A CLA WA . -15.57 24.62 -29.37
C2A CLA WA . -14.15 24.73 -28.87
C3A CLA WA . -13.36 23.96 -29.93
C4A CLA WA . -14.41 23.53 -30.91
CMA CLA WA . -12.02 24.50 -30.46
CAA CLA WA . -14.00 24.06 -27.50
CBA CLA WA . -12.60 24.26 -26.94
CGA CLA WA . -12.55 23.91 -25.48
O1A CLA WA . -12.94 22.82 -25.10
O2A CLA WA . -12.07 24.80 -24.63
NB CLA WA . -16.38 22.49 -33.02
C1B CLA WA . -15.04 22.32 -33.06
C2B CLA WA . -14.67 21.57 -34.24
C3B CLA WA . -15.84 21.32 -34.90
C4B CLA WA . -16.93 21.92 -34.11
CMB CLA WA . -13.28 21.16 -34.63
CAB CLA WA . -16.10 20.59 -36.16
CBB CLA WA . -15.13 20.57 -37.31
NC CLA WA . -19.31 23.05 -32.60
C1C CLA WA . -19.39 22.45 -33.77
C2C CLA WA . -20.77 22.45 -34.33
C3C CLA WA . -21.51 23.09 -33.39
C4C CLA WA . -20.60 23.46 -32.31
CMC CLA WA . -21.22 21.87 -35.65
CAC CLA WA . -22.99 23.37 -33.46
CBC CLA WA . -23.76 22.39 -32.61
ND CLA WA . -18.65 24.47 -30.37
C1D CLA WA . -19.99 24.73 -30.26
C2D CLA WA . -20.29 25.52 -29.07
C3D CLA WA . -19.04 25.69 -28.48
C4D CLA WA . -18.08 25.06 -29.26
CMD CLA WA . -21.56 26.07 -28.50
CAD CLA WA . -18.40 26.31 -27.34
OBD CLA WA . -18.89 27.19 -26.66
CBD CLA WA . -16.93 26.02 -27.45
CGD CLA WA . -16.23 27.35 -27.57
O1D CLA WA . -15.67 27.83 -26.60
O2D CLA WA . -16.21 28.01 -28.72
CED CLA WA . -15.32 29.12 -28.77
C1 CLA WA . -12.87 25.25 -23.49
C2 CLA WA . -14.38 25.30 -23.55
C3 CLA WA . -15.02 26.48 -23.52
C4 CLA WA . -14.25 27.77 -23.45
C5 CLA WA . -16.52 26.61 -23.57
C6 CLA WA . -17.18 25.30 -23.17
C7 CLA WA . -18.70 25.45 -23.23
C8 CLA WA . -19.39 24.10 -23.36
C9 CLA WA . -19.01 23.19 -22.19
C10 CLA WA . -19.01 23.45 -24.68
C11 CLA WA . -20.22 23.26 -25.61
C12 CLA WA . -21.52 23.07 -24.83
C13 CLA WA . -22.56 22.33 -25.67
C14 CLA WA . -22.65 22.92 -27.07
C15 CLA WA . -23.90 22.41 -24.97
C16 CLA WA . -24.99 21.76 -25.83
C17 CLA WA . -26.05 21.11 -24.96
C18 CLA WA . -26.31 19.68 -25.40
C19 CLA WA . -25.01 18.90 -25.57
C20 CLA WA . -27.23 18.96 -24.42
MG CLA XA . -1.52 14.76 -33.59
CHA CLA XA . 1.04 17.04 -33.92
CHB CLA XA . -3.04 15.98 -36.44
CHC CLA XA . -3.83 12.42 -33.28
CHD CLA XA . 0.05 13.50 -30.68
NA CLA XA . -1.06 16.34 -35.06
C1A CLA XA . 0.00 17.15 -35.02
C2A CLA XA . 0.02 18.12 -36.15
C3A CLA XA . -1.28 17.78 -36.91
C4A CLA XA . -1.83 16.64 -36.12
CMA CLA XA . -2.20 18.92 -37.34
CAA CLA XA . 1.21 17.73 -37.03
CBA CLA XA . 1.00 17.99 -38.52
CGA CLA XA . 2.01 17.20 -39.31
O1A CLA XA . 3.13 17.03 -38.86
O2A CLA XA . 1.66 16.68 -40.47
NB CLA XA . -3.16 14.27 -34.70
C1B CLA XA . -3.66 14.90 -35.80
C2B CLA XA . -4.89 14.28 -36.22
C3B CLA XA . -5.11 13.29 -35.32
C4B CLA XA . -4.01 13.29 -34.36
CMB CLA XA . -5.72 14.71 -37.39
CAB CLA XA . -6.23 12.32 -35.26
CBB CLA XA . -6.78 11.66 -36.50
NC CLA XA . -1.85 13.20 -32.20
C1C CLA XA . -2.85 12.35 -32.26
C2C CLA XA . -2.81 11.34 -31.18
C3C CLA XA . -1.70 11.66 -30.46
C4C CLA XA . -1.10 12.84 -31.09
CMC CLA XA . -3.76 10.20 -30.96
CAC CLA XA . -1.19 10.95 -29.23
CBC CLA XA . 0.00 10.08 -29.58
ND CLA XA . 0.09 15.09 -32.50
C1D CLA XA . 0.65 14.58 -31.38
C2D CLA XA . 1.88 15.26 -31.00
C3D CLA XA . 2.02 16.22 -32.01
C4D CLA XA . 0.95 16.10 -32.89
CMD CLA XA . 2.86 15.10 -29.88
CAD CLA XA . 2.88 17.29 -32.46
OBD CLA XA . 3.92 17.66 -31.94
CBD CLA XA . 2.26 17.89 -33.68
CGD CLA XA . 1.84 19.29 -33.42
O1D CLA XA . 0.77 19.54 -32.89
O2D CLA XA . 2.62 20.31 -33.77
CED CLA XA . 2.62 21.44 -32.90
C1 CLA XA . 2.42 16.98 -41.68
C2 CLA XA . 2.63 18.41 -42.13
C3 CLA XA . 2.61 18.72 -43.43
C4 CLA XA . 2.39 17.67 -44.49
C5 CLA XA . 2.82 20.12 -43.93
C6 CLA XA . 1.47 20.78 -44.22
C7 CLA XA . 1.64 22.27 -44.45
C8 CLA XA . 0.43 22.86 -45.15
C9 CLA XA . -0.79 22.85 -44.23
C10 CLA XA . 0.14 22.09 -46.43
MG CLA YA . 3.78 26.32 -36.22
CHA CLA YA . 2.06 23.36 -36.74
CHB CLA YA . 1.02 28.13 -37.17
CHC CLA YA . 5.49 29.07 -35.56
CHD CLA YA . 6.58 24.41 -35.20
NA CLA YA . 1.73 25.83 -36.88
C1A CLA YA . 1.24 24.59 -37.03
C2A CLA YA . -0.18 24.62 -37.53
C3A CLA YA . -0.47 26.12 -37.67
C4A CLA YA . 0.82 26.75 -37.21
CMA CLA YA . -1.12 26.64 -38.93
CAA CLA YA . -1.08 23.97 -36.48
CBA CLA YA . -2.40 24.71 -36.25
CGA CLA YA . -3.54 23.82 -36.62
O1A CLA YA . -4.14 24.02 -37.67
O2A CLA YA . -3.86 22.84 -35.80
NB CLA YA . 3.33 28.30 -36.33
C1B CLA YA . 2.16 28.85 -36.78
C2B CLA YA . 2.27 30.28 -36.76
C3B CLA YA . 3.51 30.55 -36.31
C4B CLA YA . 4.19 29.28 -36.04
CMB CLA YA . 1.22 31.28 -37.16
CAB CLA YA . 4.05 31.93 -36.17
CBB CLA YA . 4.65 32.45 -34.90
NC CLA YA . 5.71 26.67 -35.44
C1C CLA YA . 6.24 27.89 -35.32
C2C CLA YA . 7.66 27.83 -34.91
C3C CLA YA . 7.95 26.50 -34.79
C4C CLA YA . 6.72 25.80 -35.13
CMC CLA YA . 8.57 29.02 -34.67
CAC CLA YA . 9.25 25.84 -34.39
CBC CLA YA . 10.02 25.29 -35.57
ND CLA YA . 4.29 24.41 -35.96
C1D CLA YA . 5.41 23.74 -35.60
C2D CLA YA . 5.25 22.30 -35.71
C3D CLA YA . 3.94 22.17 -36.16
C4D CLA YA . 3.38 23.44 -36.30
CMD CLA YA . 6.15 21.12 -35.45
CAD CLA YA . 2.96 21.18 -36.53
OBD CLA YA . 3.22 20.03 -36.81
CBD CLA YA . 1.69 21.90 -36.85
CGD CLA YA . 1.23 21.55 -38.24
O1D CLA YA . 0.06 21.62 -38.55
O2D CLA YA . 2.10 21.16 -39.16
CED CLA YA . 1.81 21.60 -40.48
C1 CLA YA . -5.19 22.76 -35.18
C2 CLA YA . -5.99 23.99 -34.82
C3 CLA YA . -6.35 24.20 -33.55
C4 CLA YA . -5.97 23.26 -32.45
C5 CLA YA . -7.17 25.41 -33.14
C6 CLA YA . -8.38 25.52 -34.06
C7 CLA YA . -9.61 26.04 -33.32
C8 CLA YA . -10.82 26.12 -34.25
C9 CLA YA . -11.63 24.84 -34.19
C10 CLA YA . -10.38 26.44 -35.67
C11 CLA YA . -10.95 27.77 -36.13
C12 CLA YA . -11.95 27.58 -37.26
C13 CLA YA . -11.88 28.70 -38.30
C14 CLA YA . -12.50 28.24 -39.61
C15 CLA YA . -10.44 29.14 -38.51
C16 CLA YA . -10.37 30.58 -38.98
C17 CLA YA . -9.29 31.35 -38.22
C18 CLA YA . -8.16 31.79 -39.15
C19 CLA YA . -8.37 33.22 -39.63
C20 CLA YA . -6.81 31.64 -38.47
MG CLA ZA . 2.90 18.82 -14.50
CHA CLA ZA . 2.26 21.58 -12.53
CHB CLA ZA . 6.10 19.95 -15.12
CHC CLA ZA . 3.44 16.07 -16.23
CHD CLA ZA . -0.40 17.72 -13.91
NA CLA ZA . 4.09 20.58 -13.90
C1A CLA ZA . 3.65 21.59 -13.15
C2A CLA ZA . 4.68 22.68 -13.01
C3A CLA ZA . 5.84 22.15 -13.85
C4A CLA ZA . 5.34 20.82 -14.33
CMA CLA ZA . 6.43 23.11 -14.87
CAA CLA ZA . 5.16 22.82 -11.58
CBA CLA ZA . 6.18 21.75 -11.19
CGA CLA ZA . 5.44 20.51 -10.76
O1A CLA ZA . 5.96 19.42 -10.90
O2A CLA ZA . 4.23 20.66 -10.26
NB CLA ZA . 4.51 18.12 -15.51
C1B CLA ZA . 5.75 18.70 -15.64
C2B CLA ZA . 6.60 17.85 -16.41
C3B CLA ZA . 5.84 16.76 -16.73
C4B CLA ZA . 4.52 16.95 -16.16
CMB CLA ZA . 8.03 18.13 -16.78
CAB CLA ZA . 6.23 15.57 -17.50
CBB CLA ZA . 7.40 14.72 -17.06
NC CLA ZA . 1.73 17.13 -14.94
C1C CLA ZA . 2.13 16.14 -15.73
C2C CLA ZA . 1.06 15.14 -15.98
C3C CLA ZA . -0.02 15.62 -15.29
C4C CLA ZA . 0.41 16.86 -14.64
CMC CLA ZA . 1.15 13.90 -16.82
CAC CLA ZA . -1.39 14.99 -15.21
CBC CLA ZA . -1.60 14.35 -13.86
ND CLA ZA . 1.29 19.41 -13.52
C1D CLA ZA . 0.03 18.92 -13.30
C2D CLA ZA . -0.75 19.80 -12.43
C3D CLA ZA . 0.14 20.81 -12.14
C4D CLA ZA . 1.34 20.58 -12.80
CMD CLA ZA . -2.15 19.75 -11.89
CAD CLA ZA . 0.25 22.05 -11.40
OBD CLA ZA . -0.61 22.55 -10.69
CBD CLA ZA . 1.66 22.54 -11.54
CGD CLA ZA . 1.65 23.95 -12.08
O1D CLA ZA . 0.83 24.27 -12.91
O2D CLA ZA . 2.55 24.83 -11.66
CED CLA ZA . 2.03 25.97 -10.98
C1 CLA ZA . 3.97 20.41 -8.85
C2 CLA ZA . 4.80 19.39 -8.09
C3 CLA ZA . 4.49 18.10 -8.21
C4 CLA ZA . 3.35 17.64 -9.06
C5 CLA ZA . 5.26 17.02 -7.50
C6 CLA ZA . 5.26 17.33 -6.01
C7 CLA ZA . 3.85 17.23 -5.44
C8 CLA ZA . 3.61 15.87 -4.81
C9 CLA ZA . 2.34 15.88 -3.97
C10 CLA ZA . 4.81 15.48 -3.97
C11 CLA ZA . 5.34 14.12 -4.38
C12 CLA ZA . 5.00 13.08 -3.31
C13 CLA ZA . 6.26 12.31 -2.93
C14 CLA ZA . 6.66 11.33 -4.03
C15 CLA ZA . 6.02 11.58 -1.60
C16 CLA ZA . 6.91 12.13 -0.50
C17 CLA ZA . 6.30 13.41 0.10
C18 CLA ZA . 5.51 13.12 1.37
C19 CLA ZA . 6.11 11.95 2.17
C20 CLA ZA . 5.44 14.37 2.24
MG CLA AB . -1.03 25.85 -18.93
CHA CLA AB . 0.99 28.64 -18.74
CHB CLA AB . -0.22 25.01 -15.70
CHC CLA AB . -3.04 23.25 -19.20
CHD CLA AB . -1.85 26.75 -22.24
NA CLA AB . 0.26 26.72 -17.35
C1A CLA AB . 0.99 27.82 -17.47
C2A CLA AB . 1.79 28.11 -16.23
C3A CLA AB . 1.40 26.94 -15.31
C4A CLA AB . 0.43 26.17 -16.14
CMA CLA AB . 2.53 26.20 -14.62
CAA CLA AB . 1.32 29.41 -15.59
CBA CLA AB . -0.07 29.30 -15.01
CGA CLA AB . -0.93 30.40 -15.57
O1A CLA AB . -2.14 30.36 -15.40
O2A CLA AB . -0.35 31.38 -16.22
NB CLA AB . -1.56 24.35 -17.64
C1B CLA AB . -1.14 24.17 -16.37
C2B CLA AB . -1.75 23.00 -15.81
C3B CLA AB . -2.56 22.50 -16.79
C4B CLA AB . -2.42 23.37 -17.96
CMB CLA AB . -1.56 22.45 -14.42
CAB CLA AB . -3.38 21.27 -16.62
CBB CLA AB . -4.63 21.00 -17.42
NC CLA AB . -2.35 25.20 -20.43
C1C CLA AB . -3.00 24.04 -20.37
C2C CLA AB . -3.66 23.71 -21.65
C3C CLA AB . -3.36 24.74 -22.49
C4C CLA AB . -2.53 25.66 -21.71
CMC CLA AB . -4.47 22.48 -21.96
CAC CLA AB . -3.77 24.89 -23.92
CBC CLA AB . -4.89 25.92 -24.04
ND CLA AB . -0.62 27.27 -20.22
C1D CLA AB . -0.96 27.57 -21.51
C2D CLA AB . -0.31 28.76 -21.99
C3D CLA AB . 0.46 29.18 -20.90
C4D CLA AB . 0.26 28.28 -19.86
CMD CLA AB . -0.35 29.49 -23.31
CAD CLA AB . 1.38 30.21 -20.47
OBD CLA AB . 1.67 31.22 -21.09
CBD CLA AB . 1.74 29.92 -19.04
CGD CLA AB . 3.22 29.70 -18.88
O1D CLA AB . 3.83 29.00 -19.66
O2D CLA AB . 3.86 30.27 -17.86
CED CLA AB . 5.17 30.75 -18.13
C1 CLA AB . -1.10 32.16 -17.19
C2 CLA AB . -1.66 31.54 -18.44
C3 CLA AB . -1.63 32.24 -19.58
C4 CLA AB . -1.03 33.61 -19.62
C5 CLA AB . -2.17 31.71 -20.88
C6 CLA AB . -2.93 32.81 -21.60
C7 CLA AB . -2.83 32.65 -23.10
C8 CLA AB . -3.84 31.64 -23.63
C9 CLA AB . -3.78 31.55 -25.14
C10 CLA AB . -5.23 32.03 -23.14
C11 CLA AB . -6.31 31.14 -23.75
C12 CLA AB . -7.39 30.81 -22.74
C13 CLA AB . -8.72 30.53 -23.42
C14 CLA AB . -9.89 30.95 -22.56
C15 CLA AB . -8.80 29.03 -23.76
C16 CLA AB . -9.85 28.78 -24.83
C17 CLA AB . -9.35 27.79 -25.86
C18 CLA AB . -10.17 27.91 -27.16
C19 CLA AB . -9.76 26.82 -28.14
C20 CLA AB . -11.66 27.87 -26.88
MG CLA BB . -13.48 10.82 -18.95
CHA CLA BB . -15.44 8.13 -18.07
CHB CLA BB . -15.91 13.00 -17.86
CHC CLA BB . -11.47 13.34 -19.72
CHD CLA BB . -11.00 8.59 -20.08
NA CLA BB . -15.48 10.62 -18.04
C1A CLA BB . -16.09 9.46 -17.78
C2A CLA BB . -17.46 9.67 -17.19
C3A CLA BB . -17.58 11.19 -17.17
C4A CLA BB . -16.26 11.65 -17.70
CMA CLA BB . -18.86 11.78 -17.75
CAA CLA BB . -17.50 9.18 -15.75
CBA CLA BB . -16.30 9.71 -14.96
CGA CLA BB . -16.33 9.16 -13.54
O1A CLA BB . -17.17 9.55 -12.76
O2A CLA BB . -15.43 8.27 -13.20
NB CLA BB . -13.65 12.84 -18.80
C1B CLA BB . -14.71 13.56 -18.35
C2B CLA BB . -14.44 14.96 -18.47
C3B CLA BB . -13.19 15.06 -19.00
C4B CLA BB . -12.70 13.70 -19.20
CMB CLA BB . -15.39 16.03 -18.06
CAB CLA BB . -12.37 16.25 -19.34
CBB CLA BB . -12.94 17.64 -19.54
NC CLA BB . -11.54 10.93 -19.74
C1C CLA BB . -10.89 12.08 -19.93
C2C CLA BB . -9.49 11.87 -20.39
C3C CLA BB . -9.36 10.51 -20.45
C4C CLA BB . -10.65 9.94 -20.06
CMC CLA BB . -8.49 12.95 -20.67
CAC CLA BB . -8.12 9.75 -20.86
CBC CLA BB . -7.42 9.25 -19.61
ND CLA BB . -13.18 8.87 -19.07
C1D CLA BB . -12.20 8.07 -19.55
C2D CLA BB . -12.56 6.66 -19.45
C3D CLA BB . -13.83 6.70 -18.88
C4D CLA BB . -14.19 8.02 -18.66
CMD CLA BB . -11.86 5.40 -19.84
CAD CLA BB . -14.91 5.85 -18.42
OBD CLA BB . -14.80 4.66 -18.17
CBD CLA BB . -15.96 6.73 -17.81
CGD CLA BB . -17.29 6.47 -18.45
O1D CLA BB . -17.90 5.44 -18.19
O2D CLA BB . -17.85 7.32 -19.30
CED CLA BB . -19.27 7.36 -19.28
C1 CLA BB . -14.75 8.38 -11.91
C2 CLA BB . -13.63 9.37 -11.65
C3 CLA BB . -12.63 9.03 -10.83
C4 CLA BB . -12.60 7.69 -10.16
C5 CLA BB . -11.47 9.95 -10.53
C6 CLA BB . -10.21 9.14 -10.33
C7 CLA BB . -8.97 9.94 -10.72
C8 CLA BB . -7.81 9.06 -11.19
C9 CLA BB . -8.19 7.59 -11.28
C10 CLA BB . -6.62 9.24 -10.26
C11 CLA BB . -5.45 9.87 -10.99
C12 CLA BB . -4.39 10.36 -10.01
C13 CLA BB . -4.17 11.87 -10.15
C14 CLA BB . -3.49 12.22 -11.47
C15 CLA BB . -3.35 12.38 -8.97
C16 CLA BB . -2.25 11.41 -8.57
C17 CLA BB . -1.87 11.61 -7.11
C18 CLA BB . -2.27 10.42 -6.25
C19 CLA BB . -1.05 9.64 -5.80
C20 CLA BB . -3.10 10.87 -5.06
MG CLA CB . -12.78 7.07 -46.29
CHA CLA CB . -15.68 7.29 -48.15
CHB CLA CB . -11.55 4.69 -48.44
CHC CLA CB . -10.00 7.04 -44.52
CHD CLA CB . -14.09 9.50 -44.08
NA CLA CB . -13.52 6.09 -48.12
C1A CLA CB . -14.70 6.29 -48.71
C2A CLA CB . -14.91 5.41 -49.90
C3A CLA CB . -13.60 4.60 -49.94
C4A CLA CB . -12.82 5.14 -48.79
CMA CLA CB . -13.68 3.10 -50.09
CAA CLA CB . -15.02 6.19 -51.19
CBA CLA CB . -13.87 7.19 -51.31
CGA CLA CB . -13.36 7.25 -52.73
O1A CLA CB . -12.87 6.25 -53.22
O2A CLA CB . -13.46 8.38 -53.39
NB CLA CB . -11.04 6.04 -46.47
C1B CLA CB . -10.71 5.09 -47.39
C2B CLA CB . -9.40 4.57 -47.12
C3B CLA CB . -8.97 5.23 -46.00
C4B CLA CB . -10.02 6.16 -45.60
CMB CLA CB . -8.69 3.52 -47.92
CAB CLA CB . -7.69 5.10 -45.29
CBB CLA CB . -6.38 5.15 -46.03
NC CLA CB . -12.12 8.15 -44.61
C1C CLA CB . -10.97 7.94 -44.01
C2C CLA CB . -10.80 8.74 -42.77
C3C CLA CB . -11.96 9.46 -42.68
C4C CLA CB . -12.78 9.08 -43.83
CMC CLA CB . -9.62 8.75 -41.84
CAC CLA CB . -12.34 10.43 -41.59
CBC CLA CB . -12.19 11.85 -42.11
ND CLA CB . -14.41 8.18 -46.08
C1D CLA CB . -14.87 9.10 -45.18
C2D CLA CB . -16.22 9.54 -45.51
C3D CLA CB . -16.52 8.83 -46.66
C4D CLA CB . -15.44 8.03 -47.00
CMD CLA CB . -17.19 10.50 -44.87
CAD CLA CB . -17.57 8.64 -47.64
OBD CLA CB . -18.72 9.01 -47.53
CBD CLA CB . -17.06 7.67 -48.66
CGD CLA CB . -17.95 6.46 -48.72
O1D CLA CB . -18.20 5.94 -49.79
O2D CLA CB . -18.46 5.93 -47.62
CED CLA CB . -18.45 4.50 -47.58
C1 CLA CB . -12.27 8.93 -54.04
C2 CLA CB . -10.91 8.82 -53.40
C3 CLA CB . -9.99 9.77 -53.57
C4 CLA CB . -10.27 10.99 -54.39
C5 CLA CB . -8.62 9.69 -52.94
MG CLA DB . -5.86 0.93 -50.94
CHA CLA DB . -9.17 0.74 -51.89
CHB CLA DB . -5.68 -2.51 -50.75
CHC CLA DB . -2.67 1.23 -50.15
CHD CLA DB . -6.08 4.45 -51.14
NA CLA DB . -7.27 -0.74 -51.29
C1A CLA DB . -8.54 -0.62 -51.65
C2A CLA DB . -9.23 -1.95 -51.77
C3A CLA DB . -8.11 -2.94 -51.39
C4A CLA DB . -6.94 -2.04 -51.13
CMA CLA DB . -8.43 -4.05 -50.41
CAA CLA DB . -9.64 -2.16 -53.22
CBA CLA DB . -8.47 -2.61 -54.08
CGA CLA DB . -8.50 -1.95 -55.43
O1A CLA DB . -9.22 -2.39 -56.30
O2A CLA DB . -7.73 -0.90 -55.62
NB CLA DB . -4.39 -0.43 -50.53
C1B CLA DB . -4.51 -1.79 -50.46
C2B CLA DB . -3.26 -2.36 -50.08
C3B CLA DB . -2.39 -1.32 -49.92
C4B CLA DB . -3.14 -0.09 -50.20
CMB CLA DB . -2.97 -3.83 -49.90
CAB CLA DB . -0.98 -1.45 -49.50
CBB CLA DB . 0.12 -0.59 -50.07
NC CLA DB . -4.56 2.57 -50.75
C1C CLA DB . -3.30 2.47 -50.37
C2C CLA DB . -2.65 3.79 -50.19
C3C CLA DB . -3.63 4.70 -50.51
C4C CLA DB . -4.82 3.93 -50.85
CMC CLA DB . -1.23 4.07 -49.78
CAC CLA DB . -3.52 6.20 -50.50
CBC CLA DB . -3.84 6.71 -49.12
ND CLA DB . -7.19 2.31 -51.41
C1D CLA DB . -7.22 3.68 -51.44
C2D CLA DB . -8.55 4.18 -51.77
C3D CLA DB . -9.29 3.02 -51.94
C4D CLA DB . -8.47 1.92 -51.73
CMD CLA DB . -9.14 5.56 -51.92
CAD CLA DB . -10.63 2.56 -52.27
OBD CLA DB . -11.59 3.26 -52.57
CBD CLA DB . -10.60 1.06 -52.29
CGD CLA DB . -11.52 0.49 -51.25
O1D CLA DB . -11.45 0.84 -50.08
O2D CLA DB . -12.41 -0.44 -51.59
CED CLA DB . -13.67 -0.37 -50.93
C1 CLA DB . -7.36 -0.47 -56.97
C2 CLA DB . -6.17 -1.00 -57.72
C3 CLA DB . -5.32 -0.14 -58.31
C4 CLA DB . -5.54 1.34 -58.22
C5 CLA DB . -4.11 -0.60 -59.08
C6 CLA DB . -3.55 0.52 -59.95
C7 CLA DB . -2.05 0.68 -59.76
C8 CLA DB . -1.73 1.77 -58.75
C9 CLA DB . -2.36 3.10 -59.15
C10 CLA DB . -0.22 1.91 -58.61
C11 CLA DB . 0.14 3.03 -57.63
MG CLA EB . 10.34 -1.31 -48.30
CHA CLA EB . 7.36 -2.77 -47.35
CHB CLA EB . 12.11 -3.73 -46.61
CHC CLA EB . 13.13 0.13 -49.35
CHD CLA EB . 8.49 1.19 -49.99
NA CLA EB . 9.81 -3.09 -47.11
C1A CLA EB . 8.57 -3.50 -46.83
C2A CLA EB . 8.57 -4.71 -45.94
C3A CLA EB . 10.07 -4.97 -45.71
C4A CLA EB . 10.73 -3.88 -46.51
CMA CLA EB . 10.53 -5.21 -44.28
CAA CLA EB . 7.94 -5.91 -46.65
CBA CLA EB . 6.95 -6.64 -45.76
CGA CLA EB . 7.72 -7.59 -44.88
O1A CLA EB . 8.37 -8.48 -45.40
O2A CLA EB . 7.65 -7.46 -43.57
NB CLA EB . 12.30 -1.74 -48.03
C1B CLA EB . 12.86 -2.76 -47.31
C2B CLA EB . 14.30 -2.68 -47.38
C3B CLA EB . 14.56 -1.58 -48.14
C4B CLA EB . 13.29 -1.00 -48.55
CMB CLA EB . 15.29 -3.60 -46.73
CAB CLA EB . 15.88 -1.04 -48.55
CBB CLA EB . 16.85 -1.90 -49.32
NC CLA EB . 10.74 0.33 -49.55
C1C CLA EB . 11.96 0.79 -49.79
C2C CLA EB . 11.96 2.06 -50.56
C3C CLA EB . 10.63 2.33 -50.76
C4C CLA EB . 9.89 1.25 -50.13
CMC CLA EB . 13.17 2.86 -50.99
CAC CLA EB . 10.05 3.51 -51.49
CBC CLA EB . 9.99 4.70 -50.56
ND CLA EB . 8.45 -0.83 -48.66
C1D CLA EB . 7.80 0.16 -49.32
C2D CLA EB . 6.35 0.02 -49.23
C3D CLA EB . 6.19 -1.13 -48.46
C4D CLA EB . 7.45 -1.62 -48.13
CMD CLA EB . 5.19 0.80 -49.76
CAD CLA EB . 5.19 -2.00 -47.88
OBD CLA EB . 4.01 -2.01 -48.20
CBD CLA EB . 5.90 -3.09 -47.14
CGD CLA EB . 5.59 -3.03 -45.68
O1D CLA EB . 6.01 -2.12 -44.99
O2D CLA EB . 4.85 -3.97 -45.11
CED CLA EB . 3.73 -3.50 -44.35
C1 CLA EB . 7.16 -8.55 -42.74
C2 CLA EB . 5.67 -8.83 -42.61
C3 CLA EB . 5.21 -9.41 -41.50
C4 CLA EB . 3.75 -9.70 -41.32
C5 CLA EB . 6.11 -9.81 -40.35
C6 CLA EB . 6.01 -11.30 -40.09
C7 CLA EB . 7.38 -11.95 -40.18
C8 CLA EB . 7.41 -13.30 -39.47
C9 CLA EB . 8.56 -13.37 -38.48
C10 CLA EB . 7.52 -14.41 -40.51
C11 CLA EB . 6.97 -15.73 -39.97
C12 CLA EB . 6.48 -16.63 -41.09
C13 CLA EB . 5.51 -17.69 -40.58
C14 CLA EB . 4.20 -17.06 -40.11
C15 CLA EB . 6.19 -18.48 -39.45
C16 CLA EB . 5.20 -19.31 -38.66
C17 CLA EB . 4.83 -20.59 -39.41
C18 CLA EB . 4.79 -21.81 -38.48
C19 CLA EB . 4.28 -21.44 -37.09
C20 CLA EB . 3.94 -22.92 -39.08
MG CLA FB . 18.99 -3.75 -43.32
CHA CLA FB . 21.74 -4.38 -45.34
CHB CLA FB . 17.81 -1.44 -45.58
CHC CLA FB . 16.36 -3.32 -41.38
CHD CLA FB . 20.23 -6.13 -41.01
NA CLA FB . 19.68 -2.98 -45.27
C1A CLA FB . 20.79 -3.34 -45.90
C2A CLA FB . 20.96 -2.61 -47.20
C3A CLA FB . 19.75 -1.67 -47.22
C4A CLA FB . 19.02 -2.04 -45.96
CMA CLA FB . 19.95 -0.19 -47.50
CAA CLA FB . 20.79 -3.57 -48.36
CBA CLA FB . 19.75 -4.63 -48.08
CGA CLA FB . 18.98 -4.97 -49.34
O1A CLA FB . 19.38 -4.56 -50.42
O2A CLA FB . 17.90 -5.73 -49.24
NB CLA FB . 17.34 -2.58 -43.47
C1B CLA FB . 17.03 -1.67 -44.44
C2B CLA FB . 15.78 -1.03 -44.14
C3B CLA FB . 15.39 -1.55 -42.95
C4B CLA FB . 16.38 -2.53 -42.54
CMB CLA FB . 15.10 0.03 -44.97
CAB CLA FB . 14.16 -1.26 -42.18
CBB CLA FB . 12.80 -1.45 -42.80
NC CLA FB . 18.37 -4.63 -41.52
C1C CLA FB . 17.28 -4.25 -40.86
C2C CLA FB . 17.15 -4.90 -39.55
C3C CLA FB . 18.25 -5.72 -39.46
C4C CLA FB . 19.01 -5.53 -40.69
CMC CLA FB . 16.03 -4.70 -38.55
CAC CLA FB . 18.63 -6.60 -38.30
CBC CLA FB . 17.76 -7.85 -38.30
ND CLA FB . 20.55 -4.97 -43.11
C1D CLA FB . 20.96 -5.89 -42.20
C2D CLA FB . 22.20 -6.54 -42.60
C3D CLA FB . 22.49 -5.94 -43.82
C4D CLA FB . 21.50 -5.01 -44.12
CMD CLA FB . 23.08 -7.60 -41.99
CAD CLA FB . 23.45 -5.94 -44.90
OBD CLA FB . 24.50 -6.57 -44.92
CBD CLA FB . 23.03 -4.91 -45.90
CGD CLA FB . 24.09 -3.85 -45.95
O1D CLA FB . 25.23 -4.13 -46.28
O2D CLA FB . 23.82 -2.58 -45.66
CED CLA FB . 24.40 -1.60 -46.52
C1 CLA FB . 17.02 -5.93 -50.38
C2 CLA FB . 16.00 -4.89 -50.79
C3 CLA FB . 14.96 -5.24 -51.58
C4 CLA FB . 14.78 -6.64 -52.08
C5 CLA FB . 13.92 -4.23 -52.00
C6 CLA FB . 12.63 -4.44 -51.23
C7 CLA FB . 11.96 -3.11 -50.94
C8 CLA FB . 11.25 -2.55 -52.17
C9 CLA FB . 11.95 -1.28 -52.66
C10 CLA FB . 9.79 -2.28 -51.83
C11 CLA FB . 9.16 -1.30 -52.80
C12 CLA FB . 7.64 -1.39 -52.75
C13 CLA FB . 7.01 -0.53 -53.83
C14 CLA FB . 7.08 0.95 -53.47
C15 CLA FB . 5.58 -0.98 -54.06
C16 CLA FB . 4.77 0.07 -54.84
C17 CLA FB . 3.84 -0.59 -55.85
C18 CLA FB . 4.41 -0.55 -57.26
C19 CLA FB . 3.32 -0.80 -58.30
C20 CLA FB . 5.12 0.77 -57.54
MG CLA GB . 5.05 28.61 -43.79
CHA CLA GB . 5.28 32.03 -43.35
CHB CLA GB . 4.56 28.17 -40.41
CHC CLA GB . 4.74 25.37 -44.35
CHD CLA GB . 5.59 29.08 -47.25
NA CLA GB . 4.91 29.95 -42.05
C1A CLA GB . 5.06 31.27 -42.07
C2A CLA GB . 4.95 31.87 -40.70
C3A CLA GB . 4.78 30.64 -39.81
C4A CLA GB . 4.74 29.51 -40.79
CMA CLA GB . 5.80 30.53 -38.70
CAA CLA GB . 3.68 32.72 -40.64
CBA CLA GB . 2.41 31.89 -40.46
CGA CLA GB . 1.18 32.64 -40.87
O1A CLA GB . 1.13 33.85 -40.71
O2A CLA GB . 0.17 31.98 -41.40
NB CLA GB . 4.70 27.02 -42.58
C1B CLA GB . 4.52 27.02 -41.21
C2B CLA GB . 4.31 25.67 -40.76
C3B CLA GB . 4.39 24.89 -41.87
C4B CLA GB . 4.62 25.76 -43.02
CMB CLA GB . 4.09 25.21 -39.34
CAB CLA GB . 4.23 23.42 -41.93
CBB CLA GB . 5.33 22.54 -42.46
NC CLA GB . 5.09 27.42 -45.53
C1C CLA GB . 4.95 26.12 -45.53
C2C CLA GB . 5.01 25.52 -46.89
C3C CLA GB . 5.21 26.61 -47.70
C4C CLA GB . 5.27 27.78 -46.85
CMC CLA GB . 4.87 24.07 -47.26
CAC CLA GB . 5.34 26.59 -49.20
CBC CLA GB . 4.03 27.06 -49.78
ND CLA GB . 5.32 30.09 -45.07
C1D CLA GB . 5.60 30.21 -46.39
C2D CLA GB . 5.89 31.59 -46.77
C3D CLA GB . 5.77 32.29 -45.57
C4D CLA GB . 5.43 31.39 -44.57
CMD CLA GB . 6.27 32.26 -48.07
CAD CLA GB . 5.87 33.61 -45.00
OBD CLA GB . 6.49 34.54 -45.47
CBD CLA GB . 5.44 33.51 -43.56
CGD CLA GB . 6.54 34.05 -42.68
O1D CLA GB . 6.46 35.18 -42.21
O2D CLA GB . 7.60 33.30 -42.41
CED CLA GB . 8.18 33.45 -41.11
C1 CLA GB . -1.16 31.96 -40.79
C2 CLA GB . -1.38 31.73 -39.32
C3 CLA GB . -2.29 30.86 -38.84
C4 CLA GB . -2.46 30.69 -37.35
C5 CLA GB . -3.19 30.04 -39.72
C6 CLA GB . -3.95 28.99 -38.90
C7 CLA GB . -4.82 28.09 -39.75
C8 CLA GB . -6.17 27.86 -39.07
C9 CLA GB . -6.12 26.65 -38.14
C10 CLA GB . -7.25 27.71 -40.14
C11 CLA GB . -7.48 26.25 -40.55
C12 CLA GB . -7.64 26.14 -42.06
C13 CLA GB . -9.07 26.45 -42.50
C14 CLA GB . -10.09 25.71 -41.65
C15 CLA GB . -9.24 26.12 -43.97
C16 CLA GB . -8.57 24.80 -44.35
C17 CLA GB . -9.54 23.86 -45.06
C18 CLA GB . -9.74 24.25 -46.52
C19 CLA GB . -8.42 24.58 -47.20
C20 CLA GB . -10.47 23.16 -47.28
MG CLA HB . 2.96 37.38 -47.69
CHA CLA HB . 2.36 40.31 -45.96
CHB CLA HB . 2.09 35.51 -44.92
CHC CLA HB . 3.44 34.64 -49.47
CHD CLA HB . 3.86 39.30 -50.51
NA CLA HB . 2.28 37.84 -45.63
C1A CLA HB . 2.10 39.06 -45.13
C2A CLA HB . 1.67 39.01 -43.69
C3A CLA HB . 1.61 37.50 -43.40
C4A CLA HB . 2.02 36.89 -44.71
CMA CLA HB . 2.22 36.97 -42.11
CAA CLA HB . 0.25 39.57 -43.54
CBA CLA HB . -0.62 39.21 -44.74
CGA CLA HB . -2.03 38.92 -44.29
O1A CLA HB . -2.25 37.93 -43.62
O2A CLA HB . -2.99 39.74 -44.65
NB CLA HB . 2.78 35.38 -47.27
C1B CLA HB . 2.44 34.80 -46.08
C2B CLA HB . 2.48 33.37 -46.21
C3B CLA HB . 2.85 33.13 -47.49
C4B CLA HB . 3.06 34.42 -48.16
CMB CLA HB . 2.15 32.37 -45.14
CAB CLA HB . 3.04 31.81 -48.12
CBB CLA HB . 2.28 31.41 -49.36
NC CLA HB . 3.48 37.03 -49.69
C1C CLA HB . 3.71 35.82 -50.20
C2C CLA HB . 4.25 35.87 -51.57
C3C CLA HB . 4.33 37.20 -51.86
C4C CLA HB . 3.85 37.91 -50.68
CMC CLA HB . 4.62 34.70 -52.45
CAC CLA HB . 4.83 37.83 -53.14
CBC CLA HB . 6.33 38.03 -53.03
ND CLA HB . 3.13 39.28 -48.20
C1D CLA HB . 3.45 39.97 -49.34
C2D CLA HB . 3.33 41.40 -49.15
C3D CLA HB . 2.90 41.52 -47.83
C4D CLA HB . 2.78 40.24 -47.28
CMD CLA HB . 3.54 42.60 -50.04
CAD CLA HB . 2.53 42.49 -46.84
OBD CLA HB . 2.33 43.69 -47.04
CBD CLA HB . 2.26 41.76 -45.56
CGD CLA HB . 3.35 42.13 -44.61
O1D CLA HB . 4.08 43.07 -44.86
O2D CLA HB . 3.55 41.45 -43.48
CED CLA HB . 3.21 42.15 -42.29
C1 CLA HB . -4.12 39.27 -45.44
C2 CLA HB . -4.16 39.41 -46.95
C3 CLA HB . -5.34 39.59 -47.58
C4 CLA HB . -6.62 39.63 -46.81
C5 CLA HB . -5.45 39.74 -49.07
C6 CLA HB . -4.69 40.99 -49.51
C7 CLA HB . -5.52 42.25 -49.30
C8 CLA HB . -6.57 42.40 -50.38
C9 CLA HB . -6.18 43.49 -51.37
C10 CLA HB . -7.92 42.69 -49.74
C11 CLA HB . -9.03 42.72 -50.78
C12 CLA HB . -10.40 42.78 -50.10
C13 CLA HB . -11.52 42.78 -51.13
C14 CLA HB . -11.28 43.83 -52.21
C15 CLA HB . -12.85 43.02 -50.43
MG CLA IB . 9.01 18.92 -35.58
CHA CLA IB . 9.83 20.88 -38.30
CHB CLA IB . 6.30 17.63 -37.27
CHC CLA IB . 8.42 16.99 -32.99
CHD CLA IB . 11.81 20.26 -33.87
NA CLA IB . 8.14 19.20 -37.59
C1A CLA IB . 8.60 20.02 -38.53
C2A CLA IB . 7.75 20.01 -39.77
C3A CLA IB . 6.65 19.00 -39.41
C4A CLA IB . 7.03 18.57 -38.02
CMA CLA IB . 5.20 19.33 -39.73
CAA CLA IB . 8.52 19.48 -40.96
CBA CLA IB . 8.44 20.46 -42.13
CGA CLA IB . 7.87 19.75 -43.34
O1A CLA IB . 8.43 18.77 -43.78
O2A CLA IB . 6.77 20.23 -43.87
NB CLA IB . 7.59 17.51 -35.19
C1B CLA IB . 6.54 17.14 -35.98
C2B CLA IB . 5.74 16.17 -35.30
C3B CLA IB . 6.33 15.99 -34.09
C4B CLA IB . 7.51 16.86 -34.03
CMB CLA IB . 4.50 15.50 -35.81
CAB CLA IB . 5.84 15.06 -33.04
CBB CLA IB . 5.89 15.43 -31.58
NC CLA IB . 10.01 18.61 -33.75
C1C CLA IB . 9.53 17.85 -32.79
C2C CLA IB . 10.27 17.99 -31.51
C3C CLA IB . 11.24 18.91 -31.78
C4C CLA IB . 11.07 19.29 -33.19
CMC CLA IB . 10.00 17.28 -30.21
CAC CLA IB . 12.27 19.43 -30.81
CBC CLA IB . 13.65 18.92 -31.15
ND CLA IB . 10.49 20.19 -35.91
C1D CLA IB . 11.54 20.69 -35.19
C2D CLA IB . 12.29 21.70 -35.94
C3D CLA IB . 11.61 21.75 -37.15
C4D CLA IB . 10.54 20.86 -37.12
CMD CLA IB . 13.50 22.54 -35.64
CAD CLA IB . 11.63 22.41 -38.44
OBD CLA IB . 12.20 23.46 -38.68
CBD CLA IB . 10.48 21.87 -39.24
CGD CLA IB . 9.52 22.99 -39.52
O1D CLA IB . 9.51 23.52 -40.62
O2D CLA IB . 8.67 23.40 -38.59
CED CLA IB . 7.35 23.66 -39.02
C1 CLA IB . 6.17 19.62 -45.05
C2 CLA IB . 6.80 19.68 -46.41
C3 CLA IB . 6.03 19.88 -47.50
C4 CLA IB . 4.54 20.05 -47.38
C5 CLA IB . 6.59 19.96 -48.89
C6 CLA IB . 5.77 19.07 -49.82
MG CLA JB . 7.90 11.35 -44.52
CHA CLA JB . 9.24 14.37 -43.49
CHB CLA JB . 5.50 11.54 -42.04
CHC CLA JB . 6.62 8.53 -45.66
CHD CLA JB . 10.36 11.20 -47.04
NA CLA JB . 7.40 12.80 -42.92
C1A CLA JB . 8.06 13.93 -42.66
C2A CLA JB . 7.47 14.68 -41.51
C3A CLA JB . 6.31 13.77 -41.07
C4A CLA JB . 6.38 12.64 -42.05
CMA CLA JB . 6.08 13.49 -39.59
CAA CLA JB . 6.93 16.04 -41.97
CBA CLA JB . 5.73 15.94 -42.93
CGA CLA JB . 6.16 15.75 -44.37
O1A CLA JB . 7.17 16.30 -44.78
O2A CLA JB . 5.42 14.99 -45.14
NB CLA JB . 6.30 10.22 -43.96
C1B CLA JB . 5.46 10.43 -42.90
C2B CLA JB . 4.51 9.35 -42.82
C3B CLA JB . 4.82 8.50 -43.85
C4B CLA JB . 5.97 9.07 -44.55
CMB CLA JB . 3.40 9.18 -41.82
CAB CLA JB . 4.15 7.24 -44.19
CBB CLA JB . 3.53 7.03 -45.55
NC CLA JB . 8.37 10.10 -46.14
C1C CLA JB . 7.74 8.97 -46.40
C2C CLA JB . 8.35 8.23 -47.54
C3C CLA JB . 9.39 9.02 -47.93
C4C CLA JB . 9.40 10.18 -47.05
CMC CLA JB . 7.89 6.92 -48.12
CAC CLA JB . 10.34 8.73 -49.07
CBC CLA JB . 9.94 9.55 -50.29
ND CLA JB . 9.42 12.42 -45.18
C1D CLA JB . 10.36 12.31 -46.18
C2D CLA JB . 11.29 13.43 -46.19
C3D CLA JB . 10.84 14.22 -45.14
C4D CLA JB . 9.73 13.61 -44.55
CMD CLA JB . 12.46 13.81 -47.04
CAD CLA JB . 11.12 15.46 -44.45
OBD CLA JB . 11.79 16.37 -44.92
CBD CLA JB . 10.07 15.64 -43.40
CGD CLA JB . 10.72 15.80 -42.05
O1D CLA JB . 10.20 16.49 -41.19
O2D CLA JB . 11.85 15.19 -41.77
CED CLA JB . 12.23 15.20 -40.40
C1 CLA JB . 5.94 13.79 -45.78
C2 CLA JB . 6.65 13.82 -47.11
C3 CLA JB . 6.49 12.80 -47.96
C4 CLA JB . 7.17 12.77 -49.30
C5 CLA JB . 5.61 11.62 -47.63
C6 CLA JB . 5.06 10.97 -48.91
C7 CLA JB . 4.22 9.74 -48.55
C8 CLA JB . 3.40 9.27 -49.73
C9 CLA JB . 2.19 10.17 -49.95
C10 CLA JB . 2.96 7.83 -49.50
C11 CLA JB . 3.80 6.86 -50.31
C12 CLA JB . 4.16 5.63 -49.49
C13 CLA JB . 4.27 4.40 -50.39
C14 CLA JB . 5.33 4.60 -51.46
C15 CLA JB . 2.90 4.10 -51.00
C16 CLA JB . 2.99 2.96 -52.00
C17 CLA JB . 1.78 2.04 -51.88
C18 CLA JB . 1.19 1.78 -53.26
C19 CLA JB . 0.61 0.37 -53.35
C20 CLA JB . 0.14 2.82 -53.61
MG CLA KB . -1.89 9.60 -42.18
CHA CLA KB . 0.09 12.25 -41.18
CHB CLA KB . -3.99 10.12 -39.50
CHC CLA KB . -3.76 7.12 -43.29
CHD CLA KB . 0.30 9.09 -44.90
NA CLA KB . -1.97 11.04 -40.51
C1A CLA KB . -1.09 12.01 -40.27
C2A CLA KB . -1.39 12.75 -38.99
C3A CLA KB . -2.67 12.06 -38.50
C4A CLA KB . -2.91 11.01 -39.55
CMA CLA KB . -2.74 11.64 -37.04
CAA CLA KB . -1.61 14.25 -39.20
CBA CLA KB . -2.64 14.60 -40.25
CGA CLA KB . -2.67 16.11 -40.33
O1A CLA KB . -1.69 16.70 -40.74
O2A CLA KB . -3.74 16.74 -39.89
NB CLA KB . -3.62 8.75 -41.50
C1B CLA KB . -4.34 9.10 -40.40
C2B CLA KB . -5.48 8.24 -40.28
C3B CLA KB . -5.42 7.38 -41.33
C4B CLA KB . -4.22 7.72 -42.11
CMB CLA KB . -6.53 8.26 -39.21
CAB CLA KB . -6.43 6.32 -41.60
CBB CLA KB . -6.17 5.09 -42.44
NC CLA KB . -1.79 8.37 -43.88
C1C CLA KB . -2.62 7.35 -44.09
C2C CLA KB . -2.21 6.51 -45.25
C3C CLA KB . -1.08 7.11 -45.71
C4C CLA KB . -0.81 8.25 -44.85
CMC CLA KB . -2.90 5.30 -45.78
CAC CLA KB . -0.24 6.66 -46.89
CBC CLA KB . -0.45 7.58 -48.06
ND CLA KB . -0.23 10.37 -42.93
C1D CLA KB . 0.57 10.15 -44.01
C2D CLA KB . 1.67 11.10 -44.10
C3D CLA KB . 1.47 11.91 -42.98
C4D CLA KB . 0.34 11.47 -42.31
CMD CLA KB . 2.81 11.31 -45.06
CAD CLA KB . 2.02 13.06 -42.28
OBD CLA KB . 2.98 13.72 -42.63
CBD CLA KB . 1.21 13.26 -41.05
CGD CLA KB . 2.01 12.87 -39.85
O1D CLA KB . 2.88 12.03 -39.94
O2D CLA KB . 1.79 13.45 -38.67
CED CLA KB . 2.71 13.09 -37.65
C1 CLA KB . -4.29 17.91 -40.58
C2 CLA KB . -4.05 18.20 -42.05
C3 CLA KB . -3.27 19.23 -42.42
C4 CLA KB . -2.61 20.12 -41.41
C5 CLA KB . -3.03 19.56 -43.88
C6 CLA KB . -3.89 20.78 -44.23
C7 CLA KB . -3.71 21.19 -45.69
C8 CLA KB . -4.83 22.14 -46.11
C9 CLA KB . -5.77 21.44 -47.11
C10 CLA KB . -4.24 23.42 -46.68
C11 CLA KB . -4.88 23.88 -47.98
C12 CLA KB . -4.26 25.18 -48.48
C13 CLA KB . -5.31 26.29 -48.59
C14 CLA KB . -5.80 26.47 -50.02
C15 CLA KB . -4.71 27.58 -48.05
MG CLA LB . -6.21 -8.15 8.30
CHA CLA LB . -4.15 -10.84 7.64
CHB CLA LB . -6.52 -9.15 11.59
CHC CLA LB . -8.03 -5.46 8.86
CHD CLA LB . -5.93 -7.20 4.91
NA CLA LB . -5.42 -9.81 9.52
C1A CLA LB . -4.64 -10.79 9.07
C2A CLA LB . -4.31 -11.78 10.15
C3A CLA LB . -5.10 -11.26 11.35
C4A CLA LB . -5.71 -10.00 10.82
CMA CLA LB . -6.01 -12.27 12.02
CAA CLA LB . -2.83 -11.75 10.49
CBA CLA LB . -2.35 -10.42 11.07
CGA CLA LB . -1.97 -9.49 9.94
O1A CLA LB . -1.13 -9.83 9.14
O2A CLA LB . -2.57 -8.32 9.84
NB CLA LB . -7.12 -7.42 9.96
C1B CLA LB . -7.17 -7.96 11.21
C2B CLA LB . -7.96 -7.14 12.09
C3B CLA LB . -8.39 -6.09 11.31
C4B CLA LB . -7.86 -6.29 9.97
CMB CLA LB . -8.23 -7.41 13.54
CAB CLA LB . -9.24 -4.94 11.67
CBB CLA LB . -10.42 -5.07 12.61
NC CLA LB . -6.85 -6.56 7.08
C1C CLA LB . -7.63 -5.57 7.52
C2C CLA LB . -7.99 -4.62 6.44
C3C CLA LB . -7.36 -5.13 5.32
C4C CLA LB . -6.66 -6.34 5.74
CMC CLA LB . -8.83 -3.39 6.57
CAC CLA LB . -7.40 -4.54 3.93
CBC CLA LB . -6.13 -3.78 3.66
ND CLA LB . -5.30 -8.75 6.65
C1D CLA LB . -5.26 -8.37 5.35
C2D CLA LB . -4.47 -9.28 4.52
C3D CLA LB . -4.05 -10.25 5.43
C4D CLA LB . -4.55 -9.92 6.68
CMD CLA LB . -4.12 -9.34 3.06
CAD CLA LB . -3.28 -11.47 5.53
OBD CLA LB . -2.83 -12.12 4.61
CBD CLA LB . -3.19 -11.81 6.99
CGD CLA LB . -3.58 -13.23 7.29
O1D CLA LB . -4.50 -13.77 6.71
O2D CLA LB . -2.90 -13.90 8.20
CED CLA LB . -3.12 -15.30 8.33
C1 CLA LB . -2.27 -7.46 8.70
C2 CLA LB . -2.97 -6.13 8.53
C3 CLA LB . -3.03 -5.56 7.33
C4 CLA LB . -2.40 -6.21 6.13
C5 CLA LB . -3.73 -4.24 7.09
C6 CLA LB . -4.43 -3.76 8.35
C7 CLA LB . -5.43 -2.66 8.02
C8 CLA LB . -5.49 -1.61 9.13
C9 CLA LB . -4.13 -0.99 9.38
C10 CLA LB . -6.07 -2.23 10.39
C11 CLA LB . -7.57 -1.99 10.47
C12 CLA LB . -7.87 -0.63 11.09
C13 CLA LB . -9.32 -0.57 11.56
C14 CLA LB . -10.23 -0.08 10.45
C15 CLA LB . -9.42 0.32 12.79
C16 CLA LB . -10.87 0.57 13.17
C17 CLA LB . -11.00 1.12 14.58
C18 CLA LB . -12.42 0.91 15.11
C19 CLA LB . -12.56 1.45 16.53
C20 CLA LB . -13.45 1.54 14.18
MG CLA MB . -2.75 2.96 -5.36
CHA CLA MB . -5.59 3.78 -7.16
CHB CLA MB . -1.25 5.92 -6.31
CHC CLA MB . -0.14 2.14 -3.51
CHD CLA MB . -4.29 -0.09 -4.44
NA CLA MB . -3.34 4.70 -6.60
C1A CLA MB . -4.50 4.84 -7.23
C2A CLA MB . -4.57 6.11 -8.02
C3A CLA MB . -3.20 6.74 -7.74
C4A CLA MB . -2.55 5.76 -6.83
CMA CLA MB . -2.41 7.32 -8.91
CAA CLA MB . -5.71 6.99 -7.50
CBA CLA MB . -5.24 8.12 -6.58
CGA CLA MB . -5.66 7.79 -5.17
O1A CLA MB . -5.12 6.88 -4.58
O2A CLA MB . -6.61 8.52 -4.61
NB CLA MB . -0.98 3.89 -4.96
C1B CLA MB . -0.52 5.07 -5.45
C2B CLA MB . 0.80 5.34 -4.95
C3B CLA MB . 1.12 4.27 -4.17
C4B CLA MB . -0.03 3.35 -4.18
CMB CLA MB . 1.67 6.54 -5.24
CAB CLA MB . 2.39 4.08 -3.43
CBB CLA MB . 3.17 2.79 -3.49
NC CLA MB . -2.31 1.31 -4.13
C1C CLA MB . -1.17 1.16 -3.48
C2C CLA MB . -1.10 -0.12 -2.72
C3C CLA MB . -2.31 -0.71 -2.98
C4C CLA MB . -3.05 0.18 -3.86
CMC CLA MB . 0.03 -0.61 -1.87
CAC CLA MB . -2.80 -2.05 -2.46
CBC CLA MB . -2.36 -3.17 -3.38
ND CLA MB . -4.46 2.00 -5.65
C1D CLA MB . -5.00 0.82 -5.27
C2D CLA MB . -6.34 0.62 -5.82
C3D CLA MB . -6.55 1.78 -6.55
C4D CLA MB . -5.43 2.60 -6.44
CMD CLA MB . -7.35 -0.48 -5.72
CAD CLA MB . -7.54 2.44 -7.38
OBD CLA MB . -8.69 2.09 -7.53
CBD CLA MB . -6.95 3.76 -7.81
CGD CLA MB . -6.80 3.79 -9.30
O1D CLA MB . -5.89 3.18 -9.84
O2D CLA MB . -7.64 4.50 -10.05
CED CLA MB . -8.21 3.81 -11.15
C1 CLA MB . -6.32 9.48 -3.56
C2 CLA MB . -5.51 9.11 -2.33
C3 CLA MB . -5.89 9.52 -1.12
C4 CLA MB . -7.11 10.36 -0.93
C5 CLA MB . -5.12 9.16 0.13
C6 CLA MB . -5.77 7.97 0.81
C7 CLA MB . -5.00 7.54 2.05
C8 CLA MB . -5.03 6.03 2.23
C9 CLA MB . -6.44 5.47 2.14
C10 CLA MB . -4.39 5.66 3.56
C1 PQN NB . -4.10 -7.43 -8.57
O1 PQN NB . -2.93 -7.37 -9.01
C2 PQN NB . -4.34 -7.32 -7.11
C2M PQN NB . -3.17 -7.14 -6.18
C3 PQN NB . -5.60 -7.38 -6.63
C4 PQN NB . -6.76 -7.56 -7.54
O4 PQN NB . -7.92 -7.61 -7.09
C5 PQN NB . -6.53 -7.68 -9.01
C6 PQN NB . -7.60 -7.84 -9.87
C7 PQN NB . -7.38 -7.94 -11.24
C8 PQN NB . -6.09 -7.87 -11.74
C9 PQN NB . -5.02 -7.71 -10.87
C10 PQN NB . -5.24 -7.61 -9.51
C11 PQN NB . -5.90 -7.27 -5.14
C12 PQN NB . -5.99 -5.81 -4.79
C13 PQN NB . -6.93 -5.35 -3.96
C14 PQN NB . -7.96 -6.27 -3.39
C15 PQN NB . -6.96 -3.87 -3.63
C16 PQN NB . -6.49 -3.63 -2.21
C17 PQN NB . -6.83 -2.22 -1.77
C18 PQN NB . -6.70 -2.09 -0.26
C19 PQN NB . -7.94 -2.62 0.45
C20 PQN NB . -6.45 -0.62 0.11
C21 PQN NB . -4.96 -0.34 0.24
C22 PQN NB . -4.72 1.12 0.61
C23 PQN NB . -3.34 1.60 0.15
C24 PQN NB . -2.44 1.89 1.34
C25 PQN NB . -3.50 2.82 -0.76
C26 PQN NB . -4.45 2.52 -1.90
C27 PQN NB . -4.85 3.77 -2.67
C28 PQN NB . -6.34 4.06 -2.48
C29 PQN NB . -6.54 5.23 -1.52
C30 PQN NB . -7.02 4.32 -3.82
FE1 SF4 OB . -10.98 -12.67 -18.00
FE2 SF4 OB . -10.57 -12.90 -20.71
FE3 SF4 OB . -13.10 -12.49 -19.74
FE4 SF4 OB . -11.86 -14.91 -19.34
S1 SF4 OB . -12.48 -13.99 -21.35
S2 SF4 OB . -13.02 -13.69 -17.79
S3 SF4 OB . -9.68 -14.23 -19.07
S4 SF4 OB . -11.32 -11.05 -19.59
C1 BCR PB . -7.72 37.48 -10.49
C2 BCR PB . -7.61 35.96 -10.38
C3 BCR PB . -6.19 35.45 -10.54
C4 BCR PB . -5.66 35.89 -11.88
C5 BCR PB . -5.74 37.39 -12.02
C6 BCR PB . -6.75 38.08 -11.50
C7 BCR PB . -6.92 39.50 -11.89
C8 BCR PB . -7.53 39.86 -13.01
C9 BCR PB . -7.73 41.21 -13.48
C10 BCR PB . -8.36 41.44 -14.76
C11 BCR PB . -9.20 42.27 -15.53
C33 BCR PB . -4.64 38.09 -12.76
C31 BCR PB . -7.43 38.13 -9.16
C32 BCR PB . -9.15 37.81 -10.91
C34 BCR PB . -7.30 42.38 -12.65
C12 BCR PB . -9.95 42.90 -16.24
C13 BCR PB . -10.46 44.01 -16.96
C14 BCR PB . -11.12 43.68 -18.09
C15 BCR PB . -11.74 44.54 -19.04
C16 BCR PB . -12.52 44.59 -20.14
C17 BCR PB . -12.86 45.70 -20.73
C18 BCR PB . -13.17 45.84 -22.04
C19 BCR PB . -13.56 47.13 -22.63
C20 BCR PB . -14.21 47.75 -23.61
C21 BCR PB . -14.75 48.77 -24.44
C22 BCR PB . -15.15 48.65 -25.71
C23 BCR PB . -15.68 49.83 -26.41
C24 BCR PB . -16.19 49.87 -27.82
C25 BCR PB . -16.68 51.15 -28.36
C26 BCR PB . -17.98 51.45 -28.26
C27 BCR PB . -18.38 52.88 -28.07
C28 BCR PB . -17.62 53.82 -29.01
C29 BCR PB . -16.53 53.13 -29.83
C30 BCR PB . -15.73 52.13 -29.01
C35 BCR PB . -10.26 45.42 -16.51
C36 BCR PB . -13.13 44.65 -22.94
C37 BCR PB . -15.06 47.33 -26.42
C38 BCR PB . -19.06 50.41 -28.33
C39 BCR PB . -14.88 52.83 -27.95
C40 BCR PB . -14.82 51.37 -29.97
C1 BCR QB . -4.59 27.77 -16.72
C2 BCR QB . -5.36 26.47 -16.52
C3 BCR QB . -5.30 25.58 -17.75
C4 BCR QB . -5.89 26.31 -18.94
C5 BCR QB . -5.24 27.65 -19.13
C6 BCR QB . -4.89 28.39 -18.07
C7 BCR QB . -4.75 29.85 -18.20
C8 BCR QB . -5.77 30.65 -18.41
C9 BCR QB . -5.70 32.09 -18.56
C10 BCR QB . -6.52 32.76 -19.54
C11 BCR QB . -7.55 33.71 -19.67
C33 BCR QB . -4.98 28.13 -20.53
C31 BCR QB . -3.10 27.52 -16.66
C32 BCR QB . -4.99 28.76 -15.64
C34 BCR QB . -4.81 32.89 -17.67
C12 BCR QB . -8.44 34.48 -19.90
C13 BCR QB . -9.11 35.71 -19.84
C14 BCR QB . -10.44 35.74 -20.12
C15 BCR QB . -11.25 36.91 -20.09
C16 BCR QB . -12.36 37.55 -19.71
C17 BCR QB . -12.67 38.74 -20.09
C18 BCR QB . -13.92 39.22 -20.26
C19 BCR QB . -14.19 40.59 -20.72
C20 BCR QB . -15.00 41.63 -20.74
C21 BCR QB . -15.48 42.93 -21.07
C22 BCR QB . -16.76 43.36 -21.04
C23 BCR QB . -17.04 44.73 -21.45
C24 BCR QB . -18.33 45.47 -21.26
C25 BCR QB . -18.41 46.85 -21.75
C26 BCR QB . -17.71 47.82 -21.16
C27 BCR QB . -17.22 48.99 -21.97
C28 BCR QB . -18.26 49.47 -22.98
C29 BCR QB . -19.56 48.66 -23.00
C30 BCR QB . -19.30 47.16 -22.96
C35 BCR QB . -8.37 36.95 -19.46
C36 BCR QB . -15.08 38.32 -19.99
C37 BCR QB . -17.87 42.44 -20.61
C38 BCR QB . -17.36 47.76 -19.70
C39 BCR QB . -18.64 46.68 -24.24
C40 BCR QB . -20.64 46.48 -22.77
C1 BCR RB . -6.38 22.23 -52.71
C2 BCR RB . -5.80 23.56 -52.27
C3 BCR RB . -4.28 23.53 -52.32
C4 BCR RB . -3.78 22.49 -51.33
C5 BCR RB . -4.46 21.15 -51.53
C6 BCR RB . -5.73 21.10 -51.94
C7 BCR RB . -6.52 19.87 -51.66
C8 BCR RB . -7.02 19.61 -50.47
C9 BCR RB . -7.79 18.43 -50.11
C10 BCR RB . -8.03 18.13 -48.71
C11 BCR RB . -9.00 18.00 -47.69
C33 BCR RB . -3.68 19.90 -51.28
C31 BCR RB . -6.07 21.98 -54.18
C32 BCR RB . -7.88 22.22 -52.47
C34 BCR RB . -8.32 17.53 -51.17
C12 BCR RB . -9.80 17.93 -46.79
C13 BCR RB . -10.55 17.24 -45.81
C14 BCR RB . -11.06 17.99 -44.79
C15 BCR RB . -11.82 17.47 -43.70
C16 BCR RB . -12.81 17.60 -42.80
C17 BCR RB . -13.05 16.74 -41.88
C18 BCR RB . -13.45 17.01 -40.62
C19 BCR RB . -13.72 15.98 -39.60
C20 BCR RB . -14.44 15.69 -38.53
C21 BCR RB . -15.04 15.08 -37.39
C22 BCR RB . -15.69 15.69 -36.39
C23 BCR RB . -16.27 14.94 -35.26
C24 BCR RB . -16.92 13.59 -35.34
C25 BCR RB . -17.47 12.97 -34.12
C26 BCR RB . -16.69 12.27 -33.31
C27 BCR RB . -17.31 11.15 -32.51
C28 BCR RB . -18.52 11.73 -31.81
C29 BCR RB . -19.53 12.13 -32.87
C30 BCR RB . -18.97 13.17 -33.83
C35 BCR RB . -10.77 15.76 -45.87
C36 BCR RB . -13.63 18.45 -40.23
C37 BCR RB . -15.82 17.18 -36.41
C38 BCR RB . -15.22 12.52 -33.14
C39 BCR RB . -19.17 14.56 -33.25
C40 BCR RB . -19.74 13.01 -35.13
C1 BCR SB . -9.14 9.91 -32.70
C2 BCR SB . -10.02 8.75 -32.25
C3 BCR SB . -11.44 8.93 -32.77
C4 BCR SB . -12.03 10.19 -32.17
C5 BCR SB . -11.11 11.38 -32.26
C6 BCR SB . -9.78 11.24 -32.34
C7 BCR SB . -8.91 12.39 -32.04
C8 BCR SB . -8.49 13.19 -33.01
C9 BCR SB . -7.65 14.36 -32.83
C10 BCR SB . -7.94 15.56 -33.57
C11 BCR SB . -7.43 16.54 -34.46
C33 BCR SB . -11.72 12.75 -32.25
C31 BCR SB . -8.95 9.87 -34.21
C32 BCR SB . -7.80 9.83 -32.00
C34 BCR SB . -6.48 14.35 -31.90
C12 BCR SB . -7.08 17.37 -35.25
C13 BCR SB . -6.29 18.41 -35.79
C14 BCR SB . -6.70 18.85 -37.01
C15 BCR SB . -6.12 19.88 -37.79
C16 BCR SB . -6.32 20.94 -38.61
C17 BCR SB . -5.37 21.60 -39.17
C18 BCR SB . -5.48 22.42 -40.23
C19 BCR SB . -4.32 23.12 -40.79
C20 BCR SB . -3.81 24.14 -41.48
C21 BCR SB . -2.84 24.96 -42.13
C22 BCR SB . -3.04 25.77 -43.17
C23 BCR SB . -1.90 26.52 -43.70
C24 BCR SB . -1.92 27.44 -44.89
C25 BCR SB . -0.65 28.08 -45.25
C26 BCR SB . -0.12 28.98 -44.45
C27 BCR SB . 1.37 28.94 -44.22
C28 BCR SB . 2.12 28.79 -45.54
C29 BCR SB . 1.22 28.67 -46.77
C30 BCR SB . 0.08 27.69 -46.54
C35 BCR SB . -5.11 18.99 -35.08
C36 BCR SB . -6.81 22.63 -40.85
C37 BCR SB . -4.39 25.91 -43.80
C38 BCR SB . -0.94 30.04 -43.77
C39 BCR SB . 0.59 26.27 -46.44
C40 BCR SB . -0.90 27.83 -47.71
C1 BCR TB . 2.45 14.47 -11.59
C2 BCR TB . 3.24 15.07 -12.73
C3 BCR TB . 4.38 14.14 -13.10
C4 BCR TB . 5.35 14.07 -11.93
C5 BCR TB . 4.69 14.04 -10.57
C6 BCR TB . 3.36 14.16 -10.43
C7 BCR TB . 2.76 14.04 -9.08
C8 BCR TB . 2.54 12.86 -8.54
C9 BCR TB . 1.96 12.63 -7.23
C10 BCR TB . 2.24 11.42 -6.49
C11 BCR TB . 3.19 10.40 -6.16
C33 BCR TB . 5.58 13.88 -9.37
C31 BCR TB . 1.78 13.17 -12.05
C32 BCR TB . 1.38 15.45 -11.14
C34 BCR TB . 1.07 13.65 -6.62
C12 BCR TB . 3.92 9.53 -5.77
C13 BCR TB . 4.88 8.48 -5.79
C14 BCR TB . 5.02 7.81 -4.62
C15 BCR TB . 5.87 6.70 -4.31
C16 BCR TB . 6.22 5.80 -3.36
C17 BCR TB . 7.12 4.89 -3.53
C18 BCR TB . 7.41 3.87 -2.68
C19 BCR TB . 6.63 3.79 -1.44
C20 BCR TB . 6.53 3.64 -0.13
C21 BCR TB . 5.83 3.55 1.11
C22 BCR TB . 6.16 2.82 2.19
C23 BCR TB . 5.26 2.87 3.35
C24 BCR TB . 5.66 2.92 4.78
C25 BCR TB . 4.57 2.94 5.77
C26 BCR TB . 3.88 4.06 5.96
C27 BCR TB . 2.46 4.00 6.46
C28 BCR TB . 2.23 2.88 7.47
C29 BCR TB . 3.45 2.04 7.78
C30 BCR TB . 4.25 1.69 6.55
C35 BCR TB . 5.66 8.13 -7.02
C36 BCR TB . 8.46 2.85 -2.95
C37 BCR TB . 7.39 1.96 2.19
C38 BCR TB . 4.45 5.42 5.67
C39 BCR TB . 3.48 0.72 5.66
C40 BCR TB . 5.56 1.03 7.00
O1 LHG UB . -17.72 15.34 -46.85
C1 LHG UB . -18.78 16.17 -47.33
C2 LHG UB . -18.20 17.24 -48.24
O2 LHG UB . -18.69 18.51 -47.82
C3 LHG UB . -18.61 16.99 -49.68
O3 LHG UB . -17.47 16.69 -50.46
P LHG UB . -17.31 15.26 -51.20
O4 LHG UB . -18.31 14.31 -50.60
O5 LHG UB . -17.32 15.51 -52.68
O6 LHG UB . -15.83 14.82 -50.75
C4 LHG UB . -15.58 13.51 -50.26
C5 LHG UB . -14.09 13.19 -50.33
C6 LHG UB . -13.88 11.84 -51.02
O7 LHG UB . -13.44 14.21 -51.08
C7 LHG UB . -12.11 14.11 -51.00
O9 LHG UB . -11.48 13.83 -52.01
C8 LHG UB . -11.39 14.35 -49.71
C9 LHG UB . -9.89 14.40 -50.01
C10 LHG UB . -9.19 13.13 -49.54
O8 LHG UB . -13.98 10.76 -50.09
C23 LHG UB . -13.04 10.50 -49.19
O10 LHG UB . -12.99 11.16 -48.17
C24 LHG UB . -12.01 9.43 -49.45
C11 LHG UB . -7.70 13.18 -49.87
C12 LHG UB . -6.95 13.94 -48.78
C13 LHG UB . -5.57 14.34 -49.26
C14 LHG UB . -5.42 15.87 -49.29
C15 LHG UB . -4.04 16.27 -49.79
C16 LHG UB . -3.32 17.11 -48.74
C17 LHG UB . -1.83 17.21 -49.06
C18 LHG UB . -1.08 17.98 -47.98
C19 LHG UB . 0.39 18.15 -48.34
C20 LHG UB . 0.55 18.75 -49.73
C21 LHG UB . 0.20 20.23 -49.75
C22 LHG UB . 0.95 20.96 -50.83
C25 LHG UB . -11.01 9.38 -48.29
C26 LHG UB . -9.61 9.01 -48.79
C27 LHG UB . -8.70 8.69 -47.61
C28 LHG UB . -7.33 9.31 -47.78
C29 LHG UB . -6.42 8.97 -46.61
C30 LHG UB . -5.01 9.51 -46.86
C31 LHG UB . -4.50 10.33 -45.69
C32 LHG UB . -3.02 10.66 -45.86
C33 LHG UB . -2.77 12.17 -45.91
C34 LHG UB . -2.25 12.66 -44.57
C35 LHG UB . -2.37 14.18 -44.45
C36 LHG UB . -0.99 14.82 -44.35
C37 LHG UB . -0.39 15.00 -45.74
C38 LHG UB . 1.04 14.51 -45.77
O1 LHG VB . -22.03 0.55 -11.32
C1 LHG VB . -21.35 -0.59 -11.83
C2 LHG VB . -19.85 -0.29 -11.91
O2 LHG VB . -19.67 1.12 -12.05
C3 LHG VB . -19.26 -1.00 -13.11
O3 LHG VB . -18.06 -0.32 -13.49
P LHG VB . -16.63 -1.04 -13.38
O4 LHG VB . -16.34 -1.69 -14.71
O5 LHG VB . -16.61 -1.88 -12.12
O6 LHG VB . -15.64 0.20 -13.19
C4 LHG VB . -14.47 0.08 -12.37
C5 LHG VB . -13.41 1.10 -12.77
C6 LHG VB . -13.68 1.65 -14.17
O7 LHG VB . -13.42 2.18 -11.84
C7 LHG VB . -12.32 2.21 -11.08
O9 LHG VB . -11.22 2.17 -11.60
C8 LHG VB . -12.45 2.27 -9.57
C9 LHG VB . -12.46 3.73 -9.12
C10 LHG VB . -11.53 3.91 -7.94
O8 LHG VB . -13.05 2.93 -14.28
C23 LHG VB . -13.77 4.05 -14.22
O10 LHG VB . -14.97 4.00 -14.34
C24 LHG VB . -13.08 5.37 -13.95
C11 LHG VB . -10.83 5.27 -8.00
C12 LHG VB . -11.38 6.22 -6.94
C13 LHG VB . -10.76 5.95 -5.58
C14 LHG VB . -10.34 7.22 -4.89
C15 LHG VB . -9.60 8.17 -5.84
C16 LHG VB . -10.02 9.61 -5.59
C17 LHG VB . -9.50 10.55 -6.66
C18 LHG VB . -7.97 10.56 -6.71
C19 LHG VB . -7.43 11.97 -6.91
C20 LHG VB . -8.06 12.64 -8.13
C21 LHG VB . -7.17 13.78 -8.65
C22 LHG VB . -7.37 15.04 -7.84
C25 LHG VB . -12.86 6.10 -15.28
C26 LHG VB . -11.44 6.64 -15.34
C27 LHG VB . -10.41 5.51 -15.33
C28 LHG VB . -10.05 5.10 -16.76
C29 LHG VB . -8.55 4.90 -16.92
C30 LHG VB . -7.79 6.19 -16.69
C31 LHG VB . -6.44 5.90 -16.01
C32 LHG VB . -5.42 6.98 -16.35
C33 LHG VB . -5.00 7.73 -15.09
C34 LHG VB . -3.72 8.53 -15.33
C35 LHG VB . -3.11 8.96 -14.00
C36 LHG VB . -1.60 9.13 -14.11
C37 LHG VB . -1.20 10.59 -13.89
C38 LHG VB . 0.11 10.89 -14.57
C1 LMG WB . 24.96 7.64 -50.60
O1 LMG WB . 23.80 6.81 -50.59
C2 LMG WB . 25.11 8.37 -49.27
O2 LMG WB . 23.97 9.22 -49.07
C3 LMG WB . 26.37 9.21 -49.27
O3 LMG WB . 26.58 9.77 -47.97
C4 LMG WB . 27.57 8.36 -49.65
O4 LMG WB . 27.84 7.40 -48.62
C5 LMG WB . 27.32 7.62 -50.96
O5 LMG WB . 28.17 5.96 -52.49
C6 LMG WB . 28.48 6.71 -51.32
O6 LMG WB . 26.12 6.84 -50.83
C7 LMG WB . 23.55 6.29 -51.89
C8 LMG WB . 22.19 5.61 -51.95
C9 LMG WB . 21.16 6.43 -51.16
O7 LMG WB . 21.82 5.50 -53.32
C10 LMG WB . 20.78 4.69 -53.53
O9 LMG WB . 20.85 3.53 -53.16
C11 LMG WB . 19.55 5.19 -54.24
C12 LMG WB . 18.32 4.92 -53.37
C13 LMG WB . 17.09 5.62 -53.93
C14 LMG WB . 15.83 5.02 -53.34
C15 LMG WB . 14.61 5.49 -54.12
C16 LMG WB . 13.60 4.36 -54.28
C17 LMG WB . 12.63 4.65 -55.42
C18 LMG WB . 11.52 3.63 -55.41
C19 LMG WB . 10.56 3.71 -56.34
C20 LMG WB . 9.44 2.72 -56.36
O8 LMG WB . 20.06 5.61 -50.74
C28 LMG WB . 19.06 6.14 -50.05
O10 LMG WB . 19.14 7.31 -49.70
C29 LMG WB . 17.83 5.31 -49.70
C30 LMG WB . 18.22 4.17 -48.76
C31 LMG WB . 17.02 3.30 -48.42
C32 LMG WB . 16.04 4.01 -47.50
C33 LMG WB . 14.86 3.11 -47.15
C34 LMG WB . 13.76 3.89 -46.44
C35 LMG WB . 13.44 5.17 -47.18
C36 LMG WB . 12.08 5.69 -46.80
C37 LMG WB . 11.76 5.91 -45.53
C38 LMG WB . 10.39 6.43 -45.18
C39 LMG WB . 10.13 6.23 -43.72
O6 SQD XB . 4.98 29.39 11.73
C44 SQD XB . 4.15 28.34 12.17
C45 SQD XB . 2.67 28.73 11.90
C46 SQD XB . 2.47 30.25 12.03
O47 SQD XB . 2.44 28.43 10.54
C7 SQD XB . 1.50 27.48 10.27
O49 SQD XB . 1.72 26.31 10.40
C8 SQD XB . 0.22 28.11 9.83
C9 SQD XB . -0.58 27.13 8.97
C10 SQD XB . 0.10 26.81 7.63
C11 SQD XB . -0.89 26.25 6.61
C12 SQD XB . -1.97 27.29 6.26
C13 SQD XB . -3.00 26.73 5.26
C14 SQD XB . -2.36 26.24 3.97
C15 SQD XB . -3.40 25.91 2.89
C16 SQD XB . -4.49 26.99 2.82
C17 SQD XB . -5.34 26.86 1.55
C18 SQD XB . -5.58 25.39 1.17
C19 SQD XB . -6.47 25.24 -0.06
C20 SQD XB . -7.89 25.74 0.20
C21 SQD XB . -8.59 24.89 1.27
C22 SQD XB . -9.94 25.48 1.67
O48 SQD XB . 1.07 30.49 12.05
C23 SQD XB . 0.67 31.78 12.26
O10 SQD XB . -0.20 32.02 13.09
C24 SQD XB . 1.41 32.77 11.41
C25 SQD XB . 0.54 33.26 10.24
C26 SQD XB . -0.45 32.19 9.78
C27 SQD XB . -1.29 32.66 8.57
C28 SQD XB . -2.39 33.64 9.00
C29 SQD XB . -2.04 35.10 8.67
C30 SQD XB . -1.22 35.23 7.37
C31 SQD XB . -2.11 35.54 6.15
C32 SQD XB . -2.54 34.26 5.41
C33 SQD XB . -3.97 33.85 5.73
C34 SQD XB . -4.94 35.04 5.63
C35 SQD XB . -5.17 35.47 4.17
C36 SQD XB . -6.08 34.49 3.43
C37 SQD XB . -7.33 34.15 4.25
C38 SQD XB . -8.35 35.28 4.24
C1 SQD XB . 5.89 28.96 10.75
C2 SQD XB . 5.30 29.41 9.38
O2 SQD XB . 4.16 28.70 9.07
C3 SQD XB . 6.37 29.20 8.28
O3 SQD XB . 5.91 29.91 7.17
C4 SQD XB . 7.77 29.75 8.72
O4 SQD XB . 8.69 29.34 7.75
C5 SQD XB . 8.12 29.26 10.14
C6 SQD XB . 9.40 29.90 10.61
O5 SQD XB . 7.07 29.66 10.99
S SQD XB . 9.44 30.40 12.34
O7 SQD XB . 8.62 31.57 12.36
O8 SQD XB . 8.89 29.26 13.02
O9 SQD XB . 10.82 30.67 12.64
C1 PTY YB . -5.28 42.94 0.10
C2 PTY YB . 2.03 43.18 1.96
C3 PTY YB . 0.94 43.70 2.90
O4 PTY YB . -5.76 42.78 -1.21
C5 PTY YB . -4.01 44.47 1.60
C6 PTY YB . -4.77 44.36 0.28
O7 PTY YB . -5.86 45.24 0.30
C8 PTY YB . -5.90 46.14 -0.77
O10 PTY YB . -5.23 47.12 -0.75
C11 PTY YB . -6.80 45.85 -1.98
C12 PTY YB . -8.16 46.51 -1.80
C13 PTY YB . -8.81 46.65 -3.18
C14 PTY YB . -10.31 46.38 -3.08
C15 PTY YB . -10.97 46.76 -4.40
C16 PTY YB . -12.12 45.80 -4.71
C17 PTY YB . -12.64 46.08 -6.11
C18 PTY YB . -13.39 44.86 -6.63
C19 PTY YB . -13.87 45.13 -8.06
C30 PTY YB . -7.15 42.61 -1.30
C31 PTY YB . -7.81 42.39 -2.67
O30 PTY YB . -7.81 42.64 -0.32
C32 PTY YB . -9.30 42.72 -2.58
C33 PTY YB . -10.11 41.61 -3.23
C34 PTY YB . -10.34 41.91 -4.71
C35 PTY YB . -11.47 41.04 -5.24
C36 PTY YB . -11.88 41.49 -6.64
C37 PTY YB . -12.28 40.27 -7.46
C38 PTY YB . -13.41 40.63 -8.41
P1 PTY YB . -1.62 44.24 2.67
O11 PTY YB . -0.31 43.27 2.42
O12 PTY YB . -1.18 45.69 2.68
O13 PTY YB . -2.27 43.90 3.98
O14 PTY YB . -2.70 44.00 1.44
N1 PTY YB . 3.27 43.90 2.22
MG CLA ZB . -11.78 -4.11 4.46
CHA CLA ZB . -12.76 -2.70 7.47
CHB CLA ZB . -12.81 -1.28 2.77
CHC CLA ZB . -10.64 -5.46 1.69
CHD CLA ZB . -10.77 -7.00 6.23
NA CLA ZB . -12.68 -2.17 5.04
C1A CLA ZB . -13.03 -1.81 6.28
C2A CLA ZB . -13.67 -0.45 6.31
C3A CLA ZB . -13.69 -0.05 4.82
C4A CLA ZB . -13.02 -1.22 4.15
CMA CLA ZB . -14.97 0.50 4.23
CAA CLA ZB . -12.73 0.48 7.08
CBA CLA ZB . -12.84 1.94 6.65
CGA CLA ZB . -13.17 2.75 7.88
O1A CLA ZB . -13.88 2.26 8.73
O2A CLA ZB . -12.66 3.96 8.00
NB CLA ZB . -11.72 -3.47 2.53
C1B CLA ZB . -12.21 -2.30 2.01
C2B CLA ZB . -12.02 -2.28 0.58
C3B CLA ZB . -11.41 -3.46 0.27
C4B CLA ZB . -11.22 -4.22 1.52
CMB CLA ZB . -12.41 -1.18 -0.36
CAB CLA ZB . -11.02 -3.86 -1.11
CBB CLA ZB . -10.77 -5.28 -1.55
NC CLA ZB . -10.82 -5.93 4.04
C1C CLA ZB . -10.44 -6.29 2.83
C2C CLA ZB . -9.79 -7.63 2.80
C3C CLA ZB . -9.82 -8.04 4.11
C4C CLA ZB . -10.47 -6.97 4.87
CMC CLA ZB . -9.22 -8.36 1.61
CAC CLA ZB . -9.29 -9.33 4.67
CBC CLA ZB . -10.35 -10.40 4.58
ND CLA ZB . -11.73 -4.78 6.33
C1D CLA ZB . -11.32 -5.92 6.94
C2D CLA ZB . -11.56 -5.88 8.38
C3D CLA ZB . -12.12 -4.62 8.57
C4D CLA ZB . -12.22 -3.98 7.33
CMD CLA ZB . -11.33 -6.83 9.52
CAD CLA ZB . -12.64 -3.74 9.59
OBD CLA ZB . -12.70 -3.98 10.78
CBD CLA ZB . -12.97 -2.43 8.95
CGD CLA ZB . -14.38 -2.07 9.27
O1D CLA ZB . -15.23 -2.93 9.38
O2D CLA ZB . -14.72 -0.81 9.46
CED CLA ZB . -15.23 -0.52 10.77
C1 CLA ZB . -11.77 4.27 9.12
C2 CLA ZB . -12.23 4.18 10.55
C3 CLA ZB . -11.49 4.75 11.52
C4 CLA ZB . -10.22 5.47 11.18
C5 CLA ZB . -11.88 4.69 12.97
C6 CLA ZB . -12.37 6.06 13.44
C7 CLA ZB . -11.34 6.72 14.36
C8 CLA ZB . -12.01 7.67 15.36
C9 CLA ZB . -12.71 6.88 16.46
C10 CLA ZB . -12.97 8.59 14.64
MG CLA AC . -14.66 8.54 -0.63
CHA CLA AC . -13.92 5.41 0.63
CHB CLA AC . -11.37 9.03 -1.46
CHC CLA AC . -15.52 11.44 -1.92
CHD CLA AC . -18.06 7.99 0.21
NA CLA AC . -12.82 7.35 -0.46
C1A CLA AC . -12.72 6.12 0.08
C2A CLA AC . -11.30 5.60 0.04
C3A CLA AC . -10.53 6.77 -0.59
C4A CLA AC . -11.61 7.78 -0.87
CMA CLA AC . -9.24 7.24 0.05
CAA CLA AC . -11.19 4.42 -0.92
CBA CLA AC . -11.06 3.08 -0.20
CGA CLA AC . -9.62 2.75 0.12
O1A CLA AC . -8.82 3.64 0.31
O2A CLA AC . -9.28 1.48 0.19
NB CLA AC . -13.61 10.01 -1.57
C1B CLA AC . -12.27 10.06 -1.78
C2B CLA AC . -11.91 11.32 -2.39
C3B CLA AC . -13.08 12.01 -2.52
C4B CLA AC . -14.16 11.16 -1.99
CMB CLA AC . -10.54 11.78 -2.79
CAB CLA AC . -13.17 13.37 -3.11
CBB CLA AC . -14.44 14.15 -3.34
NC CLA AC . -16.51 9.52 -0.88
C1C CLA AC . -16.62 10.74 -1.38
C2C CLA AC . -18.00 11.28 -1.29
C3C CLA AC . -18.71 10.25 -0.71
C4C CLA AC . -17.77 9.18 -0.45
CMC CLA AC . -18.50 12.61 -1.75
CAC CLA AC . -20.19 10.25 -0.37
CBC CLA AC . -20.38 10.73 1.05
ND CLA AC . -15.80 7.12 0.17
C1D CLA AC . -17.11 6.98 0.50
C2D CLA AC . -17.38 5.72 1.17
C3D CLA AC . -16.13 5.11 1.21
C4D CLA AC . -15.20 5.96 0.61
CMD CLA AC . -18.61 5.06 1.73
CAD CLA AC . -15.47 3.91 1.66
OBD CLA AC . -15.90 3.13 2.47
CBD CLA AC . -14.02 4.04 1.30
CGD CLA AC . -13.19 3.97 2.54
O1D CLA AC . -13.07 2.91 3.13
O2D CLA AC . -12.56 5.03 3.03
CED CLA AC . -11.27 4.77 3.55
C1 CLA AC . -9.64 0.70 1.37
C2 CLA AC . -9.25 1.15 2.76
C3 CLA AC . -9.05 0.27 3.74
C4 CLA AC . -9.21 -1.20 3.53
C5 CLA AC . -8.66 0.70 5.14
C6 CLA AC . -7.63 1.81 5.06
C7 CLA AC . -6.68 1.76 6.25
C8 CLA AC . -6.05 3.12 6.51
C9 CLA AC . -4.54 3.01 6.60
C10 CLA AC . -6.64 3.77 7.76
C11 CLA AC . -7.10 2.72 8.78
C12 CLA AC . -6.03 2.44 9.82
C13 CLA AC . -5.47 3.73 10.40
C14 CLA AC . -3.99 3.57 10.75
C15 CLA AC . -6.29 4.11 11.64
C16 CLA AC . -5.58 5.17 12.48
C17 CLA AC . -5.65 4.82 13.96
C18 CLA AC . -6.63 5.71 14.70
C19 CLA AC . -8.04 5.16 14.64
C20 CLA AC . -6.19 5.92 16.14
MG CLA BC . -16.38 18.32 -53.63
CHA CLA BC . -16.27 16.95 -56.83
CHB CLA BC . -13.13 17.34 -53.05
CHC CLA BC . -16.55 19.77 -50.67
CHD CLA BC . -19.71 19.30 -54.24
NA CLA BC . -14.83 17.26 -54.81
C1A CLA BC . -14.98 16.79 -56.05
C2A CLA BC . -13.73 16.12 -56.54
C3A CLA BC . -12.77 16.24 -55.34
C4A CLA BC . -13.60 16.99 -54.33
CMA CLA BC . -11.95 15.03 -54.91
CAA CLA BC . -13.19 16.86 -57.76
CBA CLA BC . -11.92 17.66 -57.51
CGA CLA BC . -10.71 16.87 -57.95
O1A CLA BC . -10.79 16.16 -58.93
O2A CLA BC . -9.60 16.98 -57.25
NB CLA BC . -15.05 18.53 -52.11
C1B CLA BC . -13.77 18.04 -52.02
C2B CLA BC . -13.21 18.37 -50.73
C3B CLA BC . -14.19 19.05 -50.07
C4B CLA BC . -15.34 19.16 -50.96
CMB CLA BC . -11.83 18.01 -50.25
CAB CLA BC . -14.16 19.64 -48.70
CBB CLA BC . -12.99 20.44 -48.21
NC CLA BC . -17.87 19.42 -52.64
C1C CLA BC . -17.75 19.89 -51.40
C2C CLA BC . -18.98 20.55 -50.91
C3C CLA BC . -19.86 20.44 -51.95
C4C CLA BC . -19.16 19.73 -53.02
CMC CLA BC . -19.20 21.19 -49.57
CAC CLA BC . -21.28 20.94 -51.97
CBC CLA BC . -21.44 22.05 -52.98
ND CLA BC . -17.72 18.22 -55.08
C1D CLA BC . -19.00 18.63 -55.25
C2D CLA BC . -19.52 18.29 -56.57
C3D CLA BC . -18.44 17.64 -57.17
C4D CLA BC . -17.37 17.60 -56.27
CMD CLA BC . -20.83 18.49 -57.27
CAD CLA BC . -18.05 16.99 -58.40
OBD CLA BC . -18.79 16.77 -59.34
CBD CLA BC . -16.64 16.53 -58.24
CGD CLA BC . -16.58 15.05 -58.49
O1D CLA BC . -15.55 14.41 -58.33
O2D CLA BC . -17.64 14.40 -58.93
CED CLA BC . -17.83 13.07 -58.47
O1 LHG CC . -2.07 59.69 -9.89
C1 LHG CC . -3.07 60.67 -9.62
C2 LHG CC . -2.60 62.03 -10.13
O2 LHG CC . -3.27 63.06 -9.41
C3 LHG CC . -2.94 62.15 -11.59
O3 LHG CC . -4.03 61.29 -11.88
P LHG CC . -5.50 61.93 -12.06
O4 LHG CC . -5.89 62.54 -10.73
O5 LHG CC . -5.52 62.78 -13.30
O6 LHG CC . -6.43 60.64 -12.31
C4 LHG CC . -7.33 60.68 -13.41
C5 LHG CC . -8.63 59.95 -13.08
C6 LHG CC . -8.42 58.87 -12.03
O7 LHG CC . -9.55 60.90 -12.57
C7 LHG CC . -10.48 61.24 -13.47
O9 LHG CC . -10.35 60.89 -14.63
C8 LHG CC . -11.67 62.06 -13.04
C9 LHG CC . -12.91 61.38 -13.58
C10 LHG CC . -13.20 60.11 -12.80
O8 LHG CC . -8.94 57.63 -12.54
C23 LHG CC . -10.16 57.23 -12.18
O10 LHG CC . -10.92 58.02 -11.66
C24 LHG CC . -10.57 55.79 -12.41
C11 LHG CC . -14.57 59.55 -13.16
C12 LHG CC . -15.14 58.74 -12.01
C13 LHG CC . -16.25 57.81 -12.48
C14 LHG CC . -16.49 56.73 -11.44
C15 LHG CC . -16.89 57.35 -10.11
C16 LHG CC . -18.23 56.82 -9.61
C17 LHG CC . -19.22 56.67 -10.76
C18 LHG CC . -20.63 57.06 -10.34
C19 LHG CC . -21.18 58.14 -11.25
C20 LHG CC . -22.24 57.60 -12.20
C21 LHG CC . -21.61 56.88 -13.39
C22 LHG CC . -22.60 55.95 -14.06
C25 LHG CC . -11.98 55.70 -12.98
C26 LHG CC . -12.42 54.25 -13.02
C27 LHG CC . -13.80 54.06 -13.64
C28 LHG CC . -14.54 52.95 -12.92
C29 LHG CC . -15.34 52.08 -13.88
C30 LHG CC . -15.74 50.78 -13.19
C31 LHG CC . -17.26 50.63 -13.11
C32 LHG CC . -17.66 49.27 -12.58
C33 LHG CC . -17.85 49.31 -11.07
C34 LHG CC . -17.66 47.94 -10.43
C35 LHG CC . -17.69 48.03 -8.91
O13 3PH DC . -33.61 21.27 10.22
P 3PH DC . -32.52 20.35 9.75
O14 3PH DC . -32.21 19.36 10.84
O12 3PH DC . -32.97 19.61 8.51
O11 3PH DC . -31.17 21.22 9.40
C1 3PH DC . -31.32 22.53 8.93
C2 3PH DC . -30.12 22.91 8.06
O21 3PH DC . -30.55 23.14 6.76
C21 3PH DC . -30.72 24.48 6.42
O22 3PH DC . -31.68 25.07 6.77
C22 3PH DC . -29.66 25.20 5.58
C23 3PH DC . -28.68 24.19 4.98
C24 3PH DC . -27.59 24.95 4.22
C25 3PH DC . -26.45 25.31 5.18
C26 3PH DC . -25.44 26.20 4.47
C27 3PH DC . -24.04 25.66 4.69
C28 3PH DC . -23.02 26.80 4.61
C29 3PH DC . -21.70 26.27 4.05
C2A 3PH DC . -21.35 24.92 4.67
C2B 3PH DC . -20.06 24.38 4.06
C2C 3PH DC . -19.79 22.97 4.59
C3 3PH DC . -29.11 21.76 8.05
O31 3PH DC . -28.31 21.81 9.20
C31 3PH DC . -27.03 22.32 8.96
O32 3PH DC . -26.87 23.16 8.15
C32 3PH DC . -25.83 21.77 9.72
C33 3PH DC . -24.66 22.72 9.53
C34 3PH DC . -23.39 22.11 10.14
C35 3PH DC . -22.21 23.05 9.90
C36 3PH DC . -22.11 23.37 8.41
C37 3PH DC . -21.93 24.87 8.24
C38 3PH DC . -20.52 25.27 8.69
C39 3PH DC . -20.09 26.54 7.96
C1B LMT EC . -1.18 56.27 -0.91
C2B LMT EC . -0.02 56.56 0.07
C3B LMT EC . -0.45 57.49 1.22
C4B LMT EC . -1.28 58.69 0.71
C5B LMT EC . -2.39 58.15 -0.19
C6B LMT EC . -3.27 59.29 -0.68
O1B LMT EC . -2.06 55.37 -0.34
O2B LMT EC . 0.39 55.35 0.56
O3B LMT EC . 0.62 57.88 1.99
O4' LMT EC . -1.83 59.39 1.76
O5B LMT EC . -1.86 57.43 -1.27
O6B LMT EC . -3.58 59.11 -2.00
C1' LMT EC . -4.44 52.15 -1.24
C2' LMT EC . -2.93 51.83 -1.23
C3' LMT EC . -2.17 52.99 -0.54
C4' LMT EC . -2.55 54.34 -1.16
C5' LMT EC . -4.10 54.40 -1.13
C6' LMT EC . -4.70 55.71 -1.55
O1' LMT EC . -5.14 51.21 -1.93
O2' LMT EC . -2.74 50.68 -0.50
O3' LMT EC . -0.82 52.79 -0.62
O5' LMT EC . -4.62 53.37 -1.92
O6' LMT EC . -4.05 56.07 -2.70
C1 LMT EC . -5.99 50.43 -1.11
C2 LMT EC . -7.14 51.32 -0.79
C3 LMT EC . -8.42 51.04 -1.50
C4 LMT EC . -9.22 50.11 -0.63
C5 LMT EC . -10.45 49.67 -1.35
C6 LMT EC . -11.20 50.81 -1.93
C7 LMT EC . -11.64 50.48 -3.32
C8 LMT EC . -13.00 51.03 -3.53
C9 LMT EC . -13.45 51.02 -4.95
C10 LMT EC . -13.34 49.61 -5.45
C11 LMT EC . -13.58 49.52 -6.91
C12 LMT EC . -14.96 50.00 -7.25
MG CLA FC . -0.09 -10.46 -45.96
CHA CLA FC . -1.00 -7.16 -45.54
CHB CLA FC . -0.38 -10.14 -49.38
CHC CLA FC . 0.96 -13.59 -46.25
CHD CLA FC . 0.21 -10.75 -42.45
NA CLA FC . -0.62 -8.83 -47.34
C1A CLA FC . -0.96 -7.58 -46.99
C2A CLA FC . -1.30 -6.72 -48.16
C3A CLA FC . -1.12 -7.68 -49.34
C4A CLA FC . -0.68 -8.96 -48.69
CMA CLA FC . -2.20 -7.69 -50.41
CAA CLA FC . -0.30 -5.58 -48.31
CBA CLA FC . 1.12 -6.09 -48.46
CGA CLA FC . 1.94 -5.57 -47.32
O1A CLA FC . 2.63 -4.57 -47.48
O2A CLA FC . 1.89 -6.20 -46.16
NB CLA FC . 0.25 -11.67 -47.57
C1B CLA FC . 0.04 -11.39 -48.88
C2B CLA FC . 0.33 -12.56 -49.68
C3B CLA FC . 0.71 -13.52 -48.80
C4B CLA FC . 0.65 -12.94 -47.45
CMB CLA FC . 0.24 -12.69 -51.17
CAB CLA FC . 1.10 -14.91 -49.12
CBB CLA FC . 2.45 -15.46 -48.75
NC CLA FC . 0.50 -11.93 -44.58
C1C CLA FC . 0.89 -13.15 -44.91
C2C CLA FC . 1.23 -13.99 -43.74
C3C CLA FC . 1.03 -13.16 -42.67
C4C CLA FC . 0.57 -11.88 -43.20
CMC CLA FC . 1.73 -15.40 -43.74
CAC CLA FC . 1.23 -13.52 -41.22
CBC CLA FC . 2.63 -13.13 -40.79
ND CLA FC . -0.29 -9.33 -44.35
C1D CLA FC . -0.18 -9.51 -43.01
C2D CLA FC . -0.52 -8.30 -42.27
C3D CLA FC . -0.84 -7.39 -43.26
C4D CLA FC . -0.69 -8.02 -44.49
CMD CLA FC . -0.56 -7.95 -40.80
CAD CLA FC . -1.26 -6.02 -43.48
OBD CLA FC . -1.31 -5.14 -42.64
CBD CLA FC . -1.35 -5.80 -44.96
CGD CLA FC . -2.74 -5.41 -45.37
O1D CLA FC . -3.71 -6.02 -44.96
O2D CLA FC . -2.92 -4.38 -46.19
CED CLA FC . -3.92 -3.45 -45.82
C1 CLA FC . 2.89 -7.19 -45.80
C2 CLA FC . 3.68 -7.92 -46.87
C3 CLA FC . 3.90 -9.23 -46.78
C4 CLA FC . 3.38 -10.03 -45.63
C5 CLA FC . 4.69 -9.99 -47.82
C6 CLA FC . 3.79 -10.98 -48.55
C7 CLA FC . 4.45 -12.35 -48.65
C8 CLA FC . 5.45 -12.38 -49.81
C9 CLA FC . 5.04 -13.43 -50.84
C10 CLA FC . 6.84 -12.66 -49.27
C11 CLA FC . 7.85 -11.69 -49.89
C12 CLA FC . 9.28 -12.07 -49.54
C13 CLA FC . 10.22 -11.86 -50.72
C14 CLA FC . 11.66 -12.13 -50.33
C15 CLA FC . 10.04 -10.44 -51.24
C16 CLA FC . 10.67 -10.28 -52.62
C17 CLA FC . 9.99 -9.16 -53.40
C18 CLA FC . 9.23 -9.71 -54.60
C19 CLA FC . 7.84 -10.17 -54.20
C20 CLA FC . 9.17 -8.69 -55.72
MG CLA GC . 17.73 -1.61 -17.51
CHA CLA GC . 18.36 -4.74 -16.14
CHB CLA GC . 14.44 -2.46 -18.02
CHC CLA GC . 17.19 1.47 -18.60
CHD CLA GC . 21.12 -0.79 -17.02
NA CLA GC . 16.50 -3.41 -17.12
C1A CLA GC . 16.94 -4.56 -16.62
C2A CLA GC . 15.86 -5.61 -16.62
C3A CLA GC . 14.71 -4.87 -17.27
C4A CLA GC . 15.22 -3.49 -17.47
CMA CLA GC . 14.21 -5.53 -18.53
CAA CLA GC . 15.44 -6.02 -15.21
CBA CLA GC . 13.96 -6.41 -15.17
CGA CLA GC . 13.51 -6.81 -13.80
O1A CLA GC . 12.32 -6.84 -13.56
O2A CLA GC . 14.42 -7.14 -12.91
NB CLA GC . 16.06 -0.65 -18.20
C1B CLA GC . 14.80 -1.14 -18.33
C2B CLA GC . 13.93 -0.13 -18.85
C3B CLA GC . 14.70 0.98 -19.02
C4B CLA GC . 16.07 0.64 -18.61
CMB CLA GC . 12.46 -0.24 -19.14
CAB CLA GC . 14.19 2.27 -19.55
CBB CLA GC . 14.82 3.61 -19.23
NC CLA GC . 18.95 0.09 -17.72
C1C CLA GC . 18.54 1.23 -18.24
C2C CLA GC . 19.64 2.22 -18.37
C3C CLA GC . 20.73 1.56 -17.90
C4C CLA GC . 20.29 0.23 -17.50
CMC CLA GC . 19.55 3.62 -18.90
CAC CLA GC . 22.15 2.09 -17.81
CBC CLA GC . 22.82 1.86 -19.15
ND CLA GC . 19.37 -2.45 -16.80
C1D CLA GC . 20.66 -2.06 -16.63
C2D CLA GC . 21.47 -3.11 -16.04
C3D CLA GC . 20.56 -4.16 -15.86
C4D CLA GC . 19.32 -3.74 -16.31
CMD CLA GC . 22.92 -3.21 -15.66
CAD CLA GC . 20.46 -5.50 -15.36
OBD CLA GC . 21.31 -6.07 -14.69
CBD CLA GC . 19.01 -5.88 -15.38
CGD CLA GC . 18.84 -7.22 -16.03
O1D CLA GC . 19.66 -7.60 -16.83
O2D CLA GC . 17.80 -8.00 -15.74
CED CLA GC . 17.99 -8.95 -14.69
C1 CLA GC . 14.16 -6.96 -11.49
C2 CLA GC . 14.41 -5.63 -10.80
C3 CLA GC . 15.26 -5.61 -9.78
C4 CLA GC . 15.98 -6.85 -9.33
C5 CLA GC . 15.59 -4.35 -9.02
C6 CLA GC . 16.94 -3.81 -9.49
C7 CLA GC . 17.27 -2.49 -8.82
C8 CLA GC . 17.36 -2.66 -7.30
C9 CLA GC . 17.33 -1.30 -6.62
C10 CLA GC . 18.62 -3.43 -6.95
C11 CLA GC . 18.31 -4.77 -6.29
C12 CLA GC . 17.50 -4.58 -5.02
C13 CLA GC . 18.10 -5.35 -3.85
C14 CLA GC . 18.58 -6.73 -4.28
C15 CLA GC . 17.09 -5.46 -2.71
C16 CLA GC . 15.66 -5.13 -3.11
C17 CLA GC . 14.68 -6.01 -2.37
C18 CLA GC . 13.43 -5.27 -1.91
C19 CLA GC . 12.80 -5.98 -0.72
C20 CLA GC . 13.71 -3.81 -1.55
MG CLA HC . 9.21 -0.40 -26.24
CHA CLA HC . 12.09 -0.87 -24.41
CHB CLA HC . 11.06 -0.23 -29.15
CHC CLA HC . 6.39 -0.09 -27.92
CHD CLA HC . 7.36 -0.46 -23.24
NA CLA HC . 11.35 -0.54 -26.75
C1A CLA HC . 12.35 -0.71 -25.89
C2A CLA HC . 13.70 -0.70 -26.54
C3A CLA HC . 13.34 -0.45 -28.00
C4A CLA HC . 11.84 -0.41 -27.99
CMA CLA HC . 14.08 0.67 -28.70
CAA CLA HC . 14.36 -2.06 -26.45
CBA CLA HC . 15.86 -1.98 -26.70
CGA CLA HC . 16.19 -2.23 -28.16
O1A CLA HC . 15.33 -2.65 -28.89
O2A CLA HC . 17.41 -1.97 -28.58
NB CLA HC . 8.79 -0.21 -28.22
C1B CLA HC . 9.66 -0.16 -29.27
C2B CLA HC . 8.95 -0.02 -30.50
C3B CLA HC . 7.64 0.04 -30.14
C4B CLA HC . 7.55 -0.09 -28.69
CMB CLA HC . 9.53 0.08 -31.88
CAB CLA HC . 6.48 0.17 -31.05
CBB CLA HC . 6.24 -0.90 -32.09
NC CLA HC . 7.18 -0.41 -25.68
C1C CLA HC . 6.19 -0.14 -26.52
C2C CLA HC . 4.90 0.08 -25.84
C3C CLA HC . 5.19 -0.07 -24.51
C4C CLA HC . 6.61 -0.36 -24.42
CMC CLA HC . 3.57 0.41 -26.46
CAC CLA HC . 4.22 0.08 -23.36
CBC CLA HC . 4.08 1.54 -23.01
ND CLA HC . 9.53 -0.54 -24.29
C1D CLA HC . 8.75 -0.67 -23.19
C2D CLA HC . 9.55 -1.03 -22.02
C3D CLA HC . 10.85 -1.10 -22.51
C4D CLA HC . 10.81 -0.81 -23.87
CMD CLA HC . 9.21 -1.30 -20.57
CAD CLA HC . 12.21 -1.40 -22.12
OBD CLA HC . 12.48 -2.30 -21.35
CBD CLA HC . 13.09 -1.13 -23.31
CGD CLA HC . 13.95 0.07 -23.05
O1D CLA HC . 13.46 1.12 -22.65
O2D CLA HC . 15.25 0.01 -23.26
CED CLA HC . 16.07 0.27 -22.13
C1 CLA HC . 17.90 -2.54 -29.83
C2 CLA HC . 17.71 -4.00 -30.18
C3 CLA HC . 18.73 -4.73 -30.65
C4 CLA HC . 20.10 -4.16 -30.84
C5 CLA HC . 18.56 -6.18 -31.00
C6 CLA HC . 18.00 -6.26 -32.42
C7 CLA HC . 16.97 -7.37 -32.54
C8 CLA HC . 16.73 -7.73 -34.00
C9 CLA HC . 15.43 -7.12 -34.50
C10 CLA HC . 16.73 -9.23 -34.15
C11 CLA HC . 17.95 -9.72 -34.92
C12 CLA HC . 17.67 -11.03 -35.63
C13 CLA HC . 18.88 -11.96 -35.56
C14 CLA HC . 20.13 -11.27 -36.09
C15 CLA HC . 18.58 -13.23 -36.35
C16 CLA HC . 19.57 -14.33 -36.02
C17 CLA HC . 19.00 -15.69 -36.39
C18 CLA HC . 20.11 -16.73 -36.58
C19 CLA HC . 19.57 -17.98 -37.25
C20 CLA HC . 21.27 -16.16 -37.39
MG CLA IC . 3.05 -3.36 -29.68
CHA CLA IC . 0.94 -2.92 -32.38
CHB CLA IC . 5.66 -4.10 -31.80
CHC CLA IC . 5.06 -3.47 -27.06
CHD CLA IC . 0.33 -2.81 -27.53
NA CLA IC . 3.30 -3.49 -31.87
C1A CLA IC . 2.34 -3.32 -32.78
C2A CLA IC . 2.84 -3.60 -34.17
C3A CLA IC . 4.30 -4.00 -33.93
C4A CLA IC . 4.45 -3.85 -32.46
CMA CLA IC . 4.76 -5.31 -34.55
CAA CLA IC . 2.88 -2.30 -34.97
CBA CLA IC . 3.38 -2.53 -36.39
CGA CLA IC . 4.82 -2.11 -36.54
O1A CLA IC . 5.35 -1.51 -35.61
O2A CLA IC . 5.46 -2.37 -37.65
NB CLA IC . 5.05 -3.71 -29.47
C1B CLA IC . 5.96 -4.02 -30.44
C2B CLA IC . 7.25 -4.25 -29.86
C3B CLA IC . 7.07 -4.08 -28.52
C4B CLA IC . 5.67 -3.74 -28.29
CMB CLA IC . 8.50 -4.60 -30.62
CAB CLA IC . 8.09 -4.19 -27.46
CBB CLA IC . 9.39 -3.42 -27.62
NC CLA IC . 2.75 -3.09 -27.62
C1C CLA IC . 3.70 -3.27 -26.72
C2C CLA IC . 3.18 -3.22 -25.34
C3C CLA IC . 1.84 -3.02 -25.48
C4C CLA IC . 1.58 -2.94 -26.92
CMC CLA IC . 3.96 -3.39 -24.07
CAC CLA IC . 0.85 -2.92 -24.35
CBC CLA IC . 0.22 -1.55 -24.30
ND CLA IC . 1.12 -2.95 -29.80
C1D CLA IC . 0.11 -2.76 -28.93
C2D CLA IC . -1.16 -2.53 -29.59
C3D CLA IC . -0.83 -2.60 -30.94
C4D CLA IC . 0.54 -2.85 -31.05
CMD CLA IC . -2.56 -2.28 -29.10
CAD CLA IC . -1.38 -2.51 -32.27
OBD CLA IC . -2.53 -2.14 -32.54
CBD CLA IC . -0.24 -2.50 -33.24
CGD CLA IC . -0.52 -3.44 -34.37
O1D CLA IC . -1.21 -4.43 -34.23
O2D CLA IC . -0.02 -3.20 -35.58
CED CLA IC . -0.75 -2.30 -36.41
C1 CLA IC . 6.68 -3.18 -37.66
C2 CLA IC . 7.15 -3.98 -36.47
C3 CLA IC . 8.17 -3.58 -35.70
C4 CLA IC . 8.91 -2.30 -35.95
C5 CLA IC . 8.64 -4.40 -34.50
C6 CLA IC . 10.11 -4.72 -34.66
C7 CLA IC . 10.37 -5.64 -35.85
C8 CLA IC . 11.79 -5.52 -36.36
C9 CLA IC . 12.15 -4.06 -36.64
C10 CLA IC . 11.95 -6.36 -37.63
C11 CLA IC . 13.05 -7.40 -37.45
C12 CLA IC . 13.01 -8.45 -38.56
C13 CLA IC . 13.52 -9.80 -38.07
C14 CLA IC . 14.66 -9.61 -37.07
C15 CLA IC . 13.98 -10.65 -39.23
C16 CLA IC . 13.54 -12.10 -39.07
C17 CLA IC . 14.62 -12.93 -38.36
C18 CLA IC . 14.18 -14.38 -38.16
C19 CLA IC . 15.08 -15.09 -37.17
C20 CLA IC . 12.72 -14.45 -37.71
MG CLA JC . 9.45 -33.59 -29.88
CHA CLA JC . 6.84 -35.33 -31.34
CHB CLA JC . 10.73 -36.50 -28.57
CHC CLA JC . 11.98 -31.84 -28.69
CHD CLA JC . 8.10 -30.60 -31.22
NA CLA JC . 8.87 -35.71 -29.94
C1A CLA JC . 7.80 -36.22 -30.55
C2A CLA JC . 7.66 -37.70 -30.33
C3A CLA JC . 8.88 -38.02 -29.44
C4A CLA JC . 9.55 -36.68 -29.30
CMA CLA JC . 8.66 -38.86 -28.21
CAA CLA JC . 7.81 -38.50 -31.62
CBA CLA JC . 8.47 -37.76 -32.77
CGA CLA JC . 9.97 -37.99 -32.80
O1A CLA JC . 10.44 -38.88 -32.12
O2A CLA JC . 10.71 -37.22 -33.56
NB CLA JC . 11.11 -34.10 -28.81
C1B CLA JC . 11.46 -35.32 -28.33
C2B CLA JC . 12.68 -35.23 -27.56
C3B CLA JC . 13.02 -33.90 -27.61
C4B CLA JC . 12.01 -33.20 -28.40
CMB CLA JC . 13.37 -36.37 -26.89
CAB CLA JC . 14.18 -33.19 -27.01
CBB CLA JC . 14.96 -33.69 -25.81
NC CLA JC . 9.98 -31.55 -29.99
C1C CLA JC . 11.05 -31.04 -29.39
C2C CLA JC . 11.14 -29.57 -29.55
C3C CLA JC . 10.04 -29.25 -30.29
C4C CLA JC . 9.32 -30.49 -30.55
CMC CLA JC . 12.22 -28.66 -29.02
CAC CLA JC . 9.63 -27.87 -30.76
CBC CLA JC . 8.97 -27.13 -29.62
ND CLA JC . 7.91 -33.00 -31.00
C1D CLA JC . 7.43 -31.82 -31.46
C2D CLA JC . 6.19 -31.99 -32.21
C3D CLA JC . 5.97 -33.37 -32.15
C4D CLA JC . 7.00 -33.96 -31.42
CMD CLA JC . 5.26 -31.04 -32.91
CAD CLA JC . 5.04 -34.40 -32.57
OBD CLA JC . 4.11 -34.23 -33.34
CBD CLA JC . 5.64 -35.72 -32.19
CGD CLA JC . 4.63 -36.57 -31.48
O1D CLA JC . 4.23 -37.59 -32.00
O2D CLA JC . 4.17 -36.25 -30.28
CED CLA JC . 3.81 -37.36 -29.46
C1 CLA JC . 10.18 -36.68 -34.80
C2 CLA JC . 9.68 -37.57 -35.92
C3 CLA JC . 9.26 -37.02 -37.07
C4 CLA JC . 9.02 -38.45 -37.42
C5 CLA JC . 8.71 -36.92 -38.47
C6 CLA JC . 7.93 -35.62 -38.62
C7 CLA JC . 6.60 -35.69 -37.88
C8 CLA JC . 6.36 -34.44 -37.02
C9 CLA JC . 6.56 -33.19 -37.85
C10 CLA JC . 7.27 -34.48 -35.79
C11 CLA JC . 8.01 -33.17 -35.55
C12 CLA JC . 8.93 -33.30 -34.34
C13 CLA JC . 10.19 -32.47 -34.52
C14 CLA JC . 10.85 -32.75 -35.87
C15 CLA JC . 11.15 -32.75 -33.38
C16 CLA JC . 11.73 -31.46 -32.82
C17 CLA JC . 13.14 -31.20 -33.32
C18 CLA JC . 13.28 -29.80 -33.92
C19 CLA JC . 13.10 -29.84 -35.44
C20 CLA JC . 12.33 -28.80 -33.27
MG CLA KC . 10.95 -37.09 -18.40
CHA CLA KC . 13.04 -37.48 -15.67
CHB CLA KC . 13.60 -35.99 -20.31
CHC CLA KC . 8.89 -36.90 -20.97
CHD CLA KC . 8.26 -38.22 -16.41
NA CLA KC . 13.11 -36.76 -18.05
C1A CLA KC . 13.75 -36.96 -16.90
C2A CLA KC . 15.20 -36.61 -17.00
C3A CLA KC . 15.33 -36.12 -18.45
C4A CLA KC . 13.95 -36.30 -18.99
CMA CLA KC . 16.03 -34.78 -18.67
CAA CLA KC . 16.03 -37.88 -16.77
CBA CLA KC . 16.88 -38.30 -17.96
CGA CLA KC . 18.27 -37.73 -17.89
O1A CLA KC . 19.20 -38.41 -18.27
O2A CLA KC . 18.47 -36.50 -17.43
NB CLA KC . 11.20 -36.54 -20.35
C1B CLA KC . 12.34 -36.09 -20.95
C2B CLA KC . 12.08 -35.75 -22.32
C3B CLA KC . 10.76 -36.00 -22.52
C4B CLA KC . 10.21 -36.50 -21.25
CMB CLA KC . 13.08 -35.23 -23.32
CAB CLA KC . 10.09 -35.77 -23.82
CBB CLA KC . 8.62 -36.03 -24.10
NC CLA KC . 8.92 -37.56 -18.67
C1C CLA KC . 8.25 -37.30 -19.78
C2C CLA KC . 6.78 -37.49 -19.63
C3C CLA KC . 6.63 -37.88 -18.34
C4C CLA KC . 7.96 -37.92 -17.74
CMC CLA KC . 5.73 -37.29 -20.69
CAC CLA KC . 5.34 -38.20 -17.62
CBC CLA KC . 4.89 -37.03 -16.77
ND CLA KC . 10.61 -37.70 -16.54
C1D CLA KC . 9.54 -38.13 -15.83
C2D CLA KC . 9.89 -38.47 -14.46
C3D CLA KC . 11.26 -38.21 -14.41
C4D CLA KC . 11.67 -37.75 -15.66
CMD CLA KC . 9.12 -38.97 -13.27
CAD CLA KC . 12.39 -38.23 -13.52
OBD CLA KC . 12.35 -38.40 -12.32
CBD CLA KC . 13.59 -37.75 -14.29
CGD CLA KC . 14.14 -36.50 -13.68
O1D CLA KC . 15.30 -36.18 -13.86
O2D CLA KC . 13.38 -35.71 -12.94
CED CLA KC . 13.64 -34.31 -13.08
C1 CLA KC . 19.28 -36.28 -16.24
C2 CLA KC . 18.69 -36.48 -14.87
C3 CLA KC . 19.38 -36.18 -13.77
C4 CLA KC . 20.78 -35.63 -13.85
C5 CLA KC . 18.84 -36.37 -12.37
C6 CLA KC . 19.09 -37.79 -11.89
C7 CLA KC . 18.04 -38.75 -12.42
C8 CLA KC . 17.77 -39.89 -11.46
C9 CLA KC . 19.06 -40.44 -10.86
C10 CLA KC . 17.00 -40.99 -12.19
C11 CLA KC . 15.63 -40.50 -12.60
C12 CLA KC . 15.06 -41.34 -13.74
C13 CLA KC . 13.78 -42.03 -13.29
C14 CLA KC . 14.04 -43.50 -13.01
C15 CLA KC . 12.72 -41.87 -14.38
C16 CLA KC . 11.38 -42.44 -13.91
C17 CLA KC . 10.37 -42.43 -15.05
C18 CLA KC . 10.02 -43.85 -15.47
C19 CLA KC . 8.87 -44.40 -14.63
C20 CLA KC . 9.68 -43.92 -16.95
MG CLA LC . 16.79 -30.81 -21.08
CHA CLA LC . 14.22 -30.66 -23.40
CHB CLA LC . 14.50 -31.11 -18.53
CHC CLA LC . 19.31 -31.12 -19.00
CHD CLA LC . 19.10 -30.48 -23.74
NA CLA LC . 14.59 -30.89 -20.95
C1A CLA LC . 13.74 -30.80 -21.98
C2A CLA LC . 12.30 -30.83 -21.54
C3A CLA LC . 12.44 -30.93 -20.02
C4A CLA LC . 13.91 -31.00 -19.79
CMA CLA LC . 11.69 -29.88 -19.22
CAA CLA LC . 11.63 -32.08 -22.07
CBA CLA LC . 10.31 -32.38 -21.36
CGA CLA LC . 9.25 -31.40 -21.81
O1A CLA LC . 9.09 -31.19 -23.01
O2A CLA LC . 8.51 -30.79 -20.90
NB CLA LC . 16.90 -31.09 -19.07
C1B CLA LC . 15.87 -31.16 -18.17
C2B CLA LC . 16.39 -31.29 -16.84
C3B CLA LC . 17.75 -31.28 -16.97
C4B CLA LC . 18.06 -31.16 -18.40
CMB CLA LC . 15.61 -31.39 -15.56
CAB CLA LC . 18.72 -31.38 -15.86
CBB CLA LC . 19.96 -32.26 -15.93
NC CLA LC . 18.87 -30.88 -21.34
C1C CLA LC . 19.73 -30.93 -20.33
C2C CLA LC . 21.14 -30.77 -20.77
C3C CLA LC . 21.05 -30.62 -22.12
C4C CLA LC . 19.64 -30.68 -22.47
CMC CLA LC . 22.37 -30.78 -19.90
CAC CLA LC . 22.19 -30.41 -23.09
CBC CLA LC . 22.41 -28.93 -23.28
ND CLA LC . 16.78 -30.65 -23.06
C1D CLA LC . 17.72 -30.48 -24.04
C2D CLA LC . 17.12 -30.28 -25.35
C3D CLA LC . 15.75 -30.36 -25.08
C4D CLA LC . 15.57 -30.58 -23.72
CMD CLA LC . 17.65 -30.04 -26.73
CAD CLA LC . 14.46 -30.29 -25.72
OBD CLA LC . 14.24 -29.82 -26.82
CBD CLA LC . 13.42 -30.59 -24.69
CGD CLA LC . 12.39 -29.50 -24.61
O1D CLA LC . 12.71 -28.36 -24.35
O2D CLA LC . 11.11 -29.79 -24.84
CED CLA LC . 10.45 -28.98 -25.81
C1 CLA LC . 8.04 -29.42 -21.10
C2 CLA LC . 8.95 -28.32 -21.55
C3 CLA LC . 9.06 -27.21 -20.82
C4 CLA LC . 8.30 -27.05 -19.55
C5 CLA LC . 9.96 -26.05 -21.20
C6 CLA LC . 11.25 -26.12 -20.39
C7 CLA LC . 11.41 -24.93 -19.47
C8 CLA LC . 12.52 -23.97 -19.90
C9 CLA LC . 13.26 -24.45 -21.15
C10 CLA LC . 13.50 -23.75 -18.76
C11 CLA LC . 13.82 -25.05 -18.02
C12 CLA LC . 15.28 -25.44 -18.21
C13 CLA LC . 15.48 -26.93 -17.96
C14 CLA LC . 15.69 -27.20 -16.48
C15 CLA LC . 16.66 -27.42 -18.79
C16 CLA LC . 16.27 -27.58 -20.25
C17 CLA LC . 17.37 -27.07 -21.18
C18 CLA LC . 16.97 -27.22 -22.64
C19 CLA LC . 15.51 -26.87 -22.86
C20 CLA LC . 17.86 -26.37 -23.53
MG CLA MC . 29.58 -28.30 -33.92
CHA CLA MC . 30.66 -25.99 -36.25
CHB CLA MC . 27.59 -25.90 -32.42
CHC CLA MC . 28.50 -30.62 -31.87
CHD CLA MC . 31.66 -30.71 -35.46
NA CLA MC . 29.15 -26.17 -34.29
C1A CLA MC . 29.69 -25.43 -35.25
C2A CLA MC . 29.24 -24.00 -35.19
C3A CLA MC . 28.33 -23.99 -33.97
C4A CLA MC . 28.32 -25.42 -33.52
CMA CLA MC . 28.69 -22.92 -32.96
CAA CLA MC . 28.36 -23.69 -36.40
CBA CLA MC . 27.31 -24.78 -36.60
CGA CLA MC . 27.57 -25.49 -37.91
O1A CLA MC . 27.13 -25.01 -38.93
O2A CLA MC . 28.29 -26.60 -37.92
NB CLA MC . 28.24 -28.27 -32.38
C1B CLA MC . 27.53 -27.22 -31.90
C2B CLA MC . 26.73 -27.64 -30.77
C3B CLA MC . 27.01 -28.97 -30.63
C4B CLA MC . 27.96 -29.35 -31.66
CMB CLA MC . 25.79 -26.80 -29.95
CAB CLA MC . 26.46 -29.93 -29.64
CBB CLA MC . 24.97 -30.09 -29.45
NC CLA MC . 29.95 -30.36 -33.75
C1C CLA MC . 29.48 -31.10 -32.76
C2C CLA MC . 30.07 -32.46 -32.72
C3C CLA MC . 30.95 -32.47 -33.77
C4C CLA MC . 30.88 -31.15 -34.40
CMC CLA MC . 29.76 -33.56 -31.74
CAC CLA MC . 31.84 -33.62 -34.16
CBC CLA MC . 31.44 -34.16 -35.51
ND CLA MC . 30.84 -28.43 -35.44
C1D CLA MC . 31.63 -29.40 -35.99
C2D CLA MC . 32.39 -28.91 -37.13
C3D CLA MC . 32.00 -27.57 -37.22
C4D CLA MC . 31.08 -27.31 -36.21
CMD CLA MC . 33.38 -29.54 -38.08
CAD CLA MC . 32.22 -26.37 -37.99
OBD CLA MC . 32.76 -26.30 -39.08
CBD CLA MC . 31.38 -25.28 -37.37
CGD CLA MC . 32.26 -24.22 -36.79
O1D CLA MC . 33.33 -24.51 -36.28
O2D CLA MC . 31.89 -22.95 -36.79
CED CLA MC . 32.94 -21.98 -36.83
C1 CLA MC . 27.68 -27.91 -38.13
C2 CLA MC . 27.71 -28.98 -37.07
C3 CLA MC . 27.76 -30.27 -37.44
C4 CLA MC . 27.75 -30.65 -38.90
C5 CLA MC . 27.82 -31.42 -36.47
C6 CLA MC . 26.93 -31.11 -35.26
C7 CLA MC . 25.98 -32.25 -34.98
C8 CLA MC . 25.36 -32.11 -33.59
C9 CLA MC . 25.86 -33.21 -32.66
C10 CLA MC . 23.85 -32.13 -33.71
C11 CLA MC . 23.20 -32.07 -32.34
C12 CLA MC . 21.69 -31.86 -32.44
C13 CLA MC . 21.07 -31.67 -31.07
C14 CLA MC . 21.57 -32.70 -30.07
C15 CLA MC . 19.54 -31.73 -31.19
C16 CLA MC . 18.93 -30.37 -30.90
C17 CLA MC . 17.70 -30.12 -31.77
C18 CLA MC . 17.96 -29.05 -32.81
C19 CLA MC . 18.66 -29.62 -34.04
C20 CLA MC . 16.66 -28.35 -33.20
MG CLA NC . 28.37 -20.11 -28.19
CHA CLA NC . 29.96 -21.98 -25.76
CHB CLA NC . 27.21 -22.98 -29.70
CHC CLA NC . 26.83 -18.21 -30.42
CHD CLA NC . 29.56 -17.19 -26.62
NA CLA NC . 28.55 -22.28 -27.79
C1A CLA NC . 29.25 -22.81 -26.80
C2A CLA NC . 29.14 -24.30 -26.80
C3A CLA NC . 28.34 -24.59 -28.06
C4A CLA NC . 28.00 -23.22 -28.57
CMA CLA NC . 28.93 -25.60 -29.02
CAA CLA NC . 28.29 -24.70 -25.59
CBA CLA NC . 26.83 -24.20 -25.63
CGA CLA NC . 26.70 -22.74 -25.28
O1A CLA NC . 27.17 -22.32 -24.24
O2A CLA NC . 26.12 -21.90 -26.12
NB CLA NC . 27.20 -20.53 -29.81
C1B CLA NC . 26.83 -21.75 -30.29
C2B CLA NC . 25.99 -21.58 -31.45
C3B CLA NC . 25.89 -20.24 -31.64
C4B CLA NC . 26.67 -19.58 -30.60
CMB CLA NC . 25.35 -22.65 -32.30
CAB CLA NC . 25.14 -19.55 -32.71
CBB CLA NC . 24.01 -18.62 -32.38
NC CLA NC . 28.17 -18.03 -28.44
C1C CLA NC . 27.53 -17.46 -29.44
C2C CLA NC . 27.61 -15.99 -29.42
C3C CLA NC . 28.37 -15.72 -28.31
C4C CLA NC . 28.72 -17.00 -27.71
CMC CLA NC . 26.98 -15.02 -30.38
CAC CLA NC . 28.77 -14.37 -27.80
CBC CLA NC . 27.76 -13.90 -26.79
ND CLA NC . 29.49 -19.60 -26.63
C1D CLA NC . 29.87 -18.44 -26.05
C2D CLA NC . 30.62 -18.67 -24.83
C3D CLA NC . 30.65 -20.05 -24.72
C4D CLA NC . 29.98 -20.59 -25.82
CMD CLA NC . 31.26 -17.77 -23.81
CAD CLA NC . 31.15 -21.12 -23.89
OBD CLA NC . 31.68 -21.00 -22.80
CBD CLA NC . 30.66 -22.42 -24.48
CGD CLA NC . 31.82 -23.36 -24.69
O1D CLA NC . 32.36 -23.87 -23.72
O2D CLA NC . 32.28 -23.66 -25.89
CED CLA NC . 32.74 -25.00 -26.06
C1 CLA NC . 25.98 -20.50 -25.76
C2 CLA NC . 25.33 -19.50 -26.68
C3 CLA NC . 25.43 -18.19 -26.45
C4 CLA NC . 26.18 -17.66 -25.26
C5 CLA NC . 24.82 -17.14 -27.35
C6 CLA NC . 23.30 -17.26 -27.32
C7 CLA NC . 22.79 -17.70 -28.69
C8 CLA NC . 21.43 -18.39 -28.57
C9 CLA NC . 20.44 -17.49 -27.84
C10 CLA NC . 21.60 -19.72 -27.83
C11 CLA NC . 22.36 -20.74 -28.67
C12 CLA NC . 21.95 -22.15 -28.29
C13 CLA NC . 23.16 -23.01 -27.93
C14 CLA NC . 23.76 -23.66 -29.18
C15 CLA NC . 22.77 -24.05 -26.90
C16 CLA NC . 22.11 -25.26 -27.55
C17 CLA NC . 22.62 -26.57 -26.96
C18 CLA NC . 22.06 -27.77 -27.71
C19 CLA NC . 22.49 -29.08 -27.06
C20 CLA NC . 20.54 -27.69 -27.81
MG CLA OC . 26.23 -12.98 -35.56
CHA CLA OC . 27.68 -16.04 -34.86
CHB CLA OC . 24.28 -14.41 -38.00
CHC CLA OC . 24.79 -10.05 -36.00
CHD CLA OC . 28.27 -11.51 -33.08
NA CLA OC . 25.98 -15.02 -36.36
C1A CLA OC . 26.67 -16.10 -35.97
C2A CLA OC . 26.30 -17.31 -36.78
C3A CLA OC . 25.26 -16.76 -37.77
C4A CLA OC . 25.15 -15.32 -37.37
CMA CLA OC . 25.42 -17.09 -39.24
CAA CLA OC . 25.62 -18.35 -35.92
CBA CLA OC . 25.72 -19.72 -36.55
CGA CLA OC . 24.34 -20.33 -36.67
O1A CLA OC . 23.50 -19.74 -37.32
O2A CLA OC . 24.09 -21.47 -36.06
NB CLA OC . 24.76 -12.33 -36.80
C1B CLA OC . 24.09 -13.04 -37.74
C2B CLA OC . 23.15 -12.17 -38.42
C3B CLA OC . 23.31 -10.93 -37.86
C4B CLA OC . 24.34 -11.06 -36.83
CMB CLA OC . 22.23 -12.59 -39.52
CAB CLA OC . 22.64 -9.64 -38.12
CBB CLA OC . 21.60 -9.41 -39.19
NC CLA OC . 26.45 -11.10 -34.64
C1C CLA OC . 25.81 -10.01 -35.06
C2C CLA OC . 26.30 -8.77 -34.41
C3C CLA OC . 27.28 -9.21 -33.58
C4C CLA OC . 27.38 -10.66 -33.73
CMC CLA OC . 25.77 -7.39 -34.68
CAC CLA OC . 28.15 -8.37 -32.68
CBC CLA OC . 27.28 -7.71 -31.64
ND CLA OC . 27.63 -13.52 -34.26
C1D CLA OC . 28.38 -12.89 -33.31
C2D CLA OC . 29.27 -13.82 -32.63
C3D CLA OC . 29.00 -15.05 -33.24
C4D CLA OC . 28.01 -14.85 -34.21
CMD CLA OC . 30.29 -13.66 -31.53
CAD CLA OC . 29.36 -16.45 -33.22
OBD CLA OC . 29.99 -17.00 -32.33
CBD CLA OC . 28.49 -17.15 -34.22
CGD CLA OC . 29.32 -17.86 -35.26
O1D CLA OC . 30.27 -17.31 -35.78
O2D CLA OC . 29.02 -19.10 -35.62
CED CLA OC . 30.11 -20.02 -35.62
C1 CLA OC . 22.73 -21.84 -35.69
C2 CLA OC . 21.76 -20.86 -35.06
C3 CLA OC . 21.14 -21.16 -33.91
C4 CLA OC . 21.37 -22.46 -33.21
C5 CLA OC . 20.18 -20.21 -33.24
C6 CLA OC . 18.85 -20.22 -33.99
C7 CLA OC . 17.87 -21.20 -33.35
C8 CLA OC . 16.72 -20.46 -32.69
C9 CLA OC . 16.95 -20.34 -31.18
C10 CLA OC . 15.41 -21.18 -33.00
C11 CLA OC . 15.30 -22.47 -32.22
C12 CLA OC . 15.04 -23.65 -33.15
C13 CLA OC . 13.67 -24.27 -32.90
C14 CLA OC . 13.79 -25.57 -32.13
C15 CLA OC . 12.94 -24.50 -34.23
C16 CLA OC . 13.39 -23.55 -35.33
C17 CLA OC . 12.97 -24.07 -36.69
C18 CLA OC . 14.18 -24.32 -37.59
C19 CLA OC . 15.02 -25.49 -37.08
C20 CLA OC . 13.74 -24.57 -39.03
MG CLA PC . 18.89 -52.72 -21.64
CHA CLA PC . 17.68 -55.96 -21.74
CHB CLA PC . 16.85 -52.02 -18.93
CHC CLA PC . 20.24 -49.71 -21.51
CHD CLA PC . 20.93 -53.46 -24.41
NA CLA PC . 17.41 -53.85 -20.44
C1A CLA PC . 17.07 -55.12 -20.64
C2A CLA PC . 16.01 -55.58 -19.69
C3A CLA PC . 15.75 -54.34 -18.86
C4A CLA PC . 16.71 -53.34 -19.41
CMA CLA PC . 14.27 -53.96 -18.74
CAA CLA PC . 16.57 -56.66 -18.75
CBA CLA PC . 17.93 -56.26 -18.18
CGA CLA PC . 19.02 -57.08 -18.81
O1A CLA PC . 19.17 -58.23 -18.46
O2A CLA PC . 19.78 -56.55 -19.76
NB CLA PC . 18.60 -51.12 -20.40
C1B CLA PC . 17.71 -50.99 -19.38
C2B CLA PC . 17.79 -49.66 -18.82
C3B CLA PC . 18.74 -49.02 -19.56
C4B CLA PC . 19.25 -49.95 -20.56
CMB CLA PC . 17.00 -49.09 -17.68
CAB CLA PC . 19.22 -47.63 -19.39
NC CLA PC . 20.37 -51.75 -22.76
C1C CLA PC . 20.76 -50.51 -22.55
C2C CLA PC . 21.80 -50.06 -23.51
C3C CLA PC . 22.00 -51.16 -24.32
C4C CLA PC . 21.10 -52.20 -23.84
CMC CLA PC . 22.49 -48.73 -23.57
CAC CLA PC . 22.95 -51.28 -25.48
CBC CLA PC . 22.24 -50.88 -26.76
ND CLA PC . 19.30 -54.25 -22.82
C1D CLA PC . 20.09 -54.47 -23.89
C2D CLA PC . 19.94 -55.83 -24.42
C3D CLA PC . 19.00 -56.40 -23.56
C4D CLA PC . 18.62 -55.44 -22.63
CMD CLA PC . 20.55 -56.59 -25.55
CAD CLA PC . 18.26 -57.63 -23.31
OBD CLA PC . 18.56 -58.72 -23.77
CBD CLA PC . 17.45 -57.41 -22.07
CGD CLA PC . 15.99 -57.68 -22.34
O1D CLA PC . 15.49 -58.73 -21.98
O2D CLA PC . 15.22 -56.78 -22.93
CED CLA PC . 13.90 -56.67 -22.44
C1 CLA PC . 20.99 -55.79 -19.47
C2 CLA PC . 20.98 -54.54 -18.62
C3 CLA PC . 21.57 -53.42 -19.08
C4 CLA PC . 22.22 -53.38 -20.43
C5 CLA PC . 21.59 -52.14 -18.27
C6 CLA PC . 22.65 -51.17 -18.79
C7 CLA PC . 22.76 -49.95 -17.89
C8 CLA PC . 23.50 -48.82 -18.61
C9 CLA PC . 24.96 -49.17 -18.80
C10 CLA PC . 23.34 -47.53 -17.81
MG CLA QC . 20.80 -56.20 -11.67
CHA CLA QC . 17.56 -56.43 -12.87
CHB CLA QC . 20.04 -58.42 -9.14
CHC CLA QC . 23.93 -55.98 -10.67
CHD CLA QC . 21.53 -53.93 -14.28
NA CLA QC . 19.00 -57.33 -11.06
C1A CLA QC . 17.82 -57.29 -11.66
C2A CLA QC . 16.81 -58.19 -10.99
C3A CLA QC . 17.61 -58.78 -9.82
C4A CLA QC . 18.97 -58.17 -10.00
CMA CLA QC . 16.98 -58.78 -8.44
CAA CLA QC . 16.48 -59.32 -11.96
CBA CLA QC . 17.72 -59.77 -12.73
CGA CLA QC . 17.56 -59.53 -14.21
O1A CLA QC . 16.83 -60.26 -14.85
O2A CLA QC . 18.20 -58.53 -14.80
NB CLA QC . 21.84 -57.08 -10.14
C1B CLA QC . 21.36 -57.93 -9.20
C2B CLA QC . 22.40 -58.27 -8.27
C3B CLA QC . 23.51 -57.58 -8.68
C4B CLA QC . 23.13 -56.82 -9.88
CMB CLA QC . 22.29 -59.19 -7.08
CAB CLA QC . 24.82 -57.65 -7.99
CBB CLA QC . 26.00 -56.76 -8.29
NC CLA QC . 22.48 -55.17 -12.40
C1C CLA QC . 23.65 -55.19 -11.81
C2C CLA QC . 24.64 -54.29 -12.47
C3C CLA QC . 23.95 -53.75 -13.50
C4C CLA QC . 22.59 -54.29 -13.45
CMC CLA QC . 26.07 -54.07 -12.07
CAC CLA QC . 24.49 -52.76 -14.51
CBC CLA QC . 24.96 -53.49 -15.73
ND CLA QC . 19.89 -55.37 -13.21
C1D CLA QC . 20.22 -54.46 -14.19
C2D CLA QC . 19.07 -54.12 -15.02
C3D CLA QC . 18.05 -54.90 -14.50
C4D CLA QC . 18.54 -55.63 -13.43
CMD CLA QC . 18.86 -53.19 -16.19
CAD CLA QC . 16.64 -55.21 -14.67
OBD CLA QC . 15.89 -54.74 -15.50
CBD CLA QC . 16.28 -56.26 -13.66
CGD CLA QC . 15.17 -55.83 -12.74
O1D CLA QC . 15.42 -55.20 -11.71
O2D CLA QC . 13.91 -56.15 -12.98
CED CLA QC . 12.93 -55.34 -12.36
C1 CLA QC . 19.56 -58.65 -15.33
C2 CLA QC . 20.79 -58.20 -14.57
C3 CLA QC . 21.93 -57.97 -15.25
C4 CLA QC . 22.02 -58.16 -16.73
C5 CLA QC . 23.20 -57.51 -14.57
C6 CLA QC . 23.97 -58.67 -13.96
C7 CLA QC . 25.46 -58.35 -13.89
C8 CLA QC . 25.98 -58.45 -12.46
C9 CLA QC . 27.29 -57.68 -12.31
C10 CLA QC . 26.19 -59.92 -12.10
C11 CLA QC . 25.86 -60.15 -10.63
C12 CLA QC . 26.65 -61.32 -10.07
C13 CLA QC . 25.78 -62.17 -9.16
C14 CLA QC . 25.03 -61.31 -8.15
C15 CLA QC . 26.63 -63.22 -8.45
C16 CLA QC . 25.85 -63.89 -7.34
C17 CLA QC . 25.82 -65.41 -7.51
C18 CLA QC . 24.70 -66.06 -6.69
C19 CLA QC . 25.08 -67.48 -6.31
C20 CLA QC . 24.34 -65.24 -5.46
MG CLA RC . 18.06 -47.52 -14.67
CHA CLA RC . 16.86 -44.63 -16.13
CHB CLA RC . 21.27 -46.30 -14.78
CHC CLA RC . 19.07 -50.26 -13.13
CHD CLA RC . 14.74 -48.75 -14.53
NA CLA RC . 18.99 -45.66 -15.37
C1A CLA RC . 18.36 -44.63 -15.94
C2A CLA RC . 19.31 -43.52 -16.31
C3A CLA RC . 20.67 -44.10 -15.90
C4A CLA RC . 20.32 -45.41 -15.31
CMA CLA RC . 21.83 -44.05 -16.87
CAA CLA RC . 19.01 -42.34 -15.38
CBA CLA RC . 19.11 -40.97 -16.04
CGA CLA RC . 20.55 -40.54 -16.14
O1A CLA RC . 21.26 -41.01 -17.00
O2A CLA RC . 21.03 -39.66 -15.29
NB CLA RC . 19.88 -48.17 -14.04
C1B CLA RC . 21.10 -47.57 -14.20
C2B CLA RC . 22.14 -48.41 -13.68
C3B CLA RC . 21.51 -49.53 -13.22
C4B CLA RC . 20.08 -49.36 -13.46
CMB CLA RC . 23.62 -48.07 -13.69
CAB CLA RC . 22.08 -50.74 -12.58
CBB CLA RC . 23.31 -50.71 -11.69
NC CLA RC . 17.05 -49.21 -13.90
C1C CLA RC . 17.68 -50.23 -13.35
C2C CLA RC . 16.75 -51.32 -12.98
C3C CLA RC . 15.51 -50.88 -13.35
C4C CLA RC . 15.72 -49.55 -13.94
CMC CLA RC . 17.11 -52.62 -12.31
CAC CLA RC . 14.22 -51.64 -13.20
CBC CLA RC . 13.70 -51.58 -11.79
ND CLA RC . 16.22 -46.94 -15.14
C1D CLA RC . 14.97 -47.47 -15.09
C2D CLA RC . 13.98 -46.59 -15.70
C3D CLA RC . 14.73 -45.49 -16.09
C4D CLA RC . 16.06 -45.70 -15.76
CMD CLA RC . 12.50 -46.68 -15.90
CAD CLA RC . 14.62 -44.19 -16.72
OBD CLA RC . 13.63 -43.77 -17.32
CBD CLA RC . 15.97 -43.56 -16.73
CGD CLA RC . 16.39 -43.23 -18.14
O1D CLA RC . 16.92 -42.17 -18.39
O2D CLA RC . 16.18 -44.09 -19.13
CED CLA RC . 17.22 -44.14 -20.11
C1 CLA RC . 22.22 -39.96 -14.50
C2 CLA RC . 22.19 -39.99 -12.99
C3 CLA RC . 23.33 -39.93 -12.28
C4 CLA RC . 24.67 -39.84 -12.95
C5 CLA RC . 23.34 -39.93 -10.77
C6 CLA RC . 22.96 -38.55 -10.29
C7 CLA RC . 23.94 -38.04 -9.24
C8 CLA RC . 23.68 -36.59 -8.88
C9 CLA RC . 22.19 -36.26 -8.90
C10 CLA RC . 24.44 -35.68 -9.84
C11 CLA RC . 25.56 -34.95 -9.12
C12 CLA RC . 26.80 -35.82 -9.03
C13 CLA RC . 28.06 -34.98 -9.29
C14 CLA RC . 28.16 -33.86 -8.28
C15 CLA RC . 28.01 -34.46 -10.71
C16 CLA RC . 29.32 -33.76 -11.07
C17 CLA RC . 29.63 -33.92 -12.55
C18 CLA RC . 30.03 -32.58 -13.16
C19 CLA RC . 31.51 -32.32 -12.95
C20 CLA RC . 29.66 -32.52 -14.64
MG CLA SC . 38.71 -42.52 -16.62
CHA CLA SC . 40.80 -41.07 -18.96
CHB CLA SC . 36.34 -40.09 -17.20
CHC CLA SC . 36.73 -44.06 -14.47
CHD CLA SC . 41.17 -44.98 -16.04
NA CLA SC . 38.56 -40.76 -17.95
C1A CLA SC . 39.49 -40.34 -18.79
C2A CLA SC . 39.08 -39.09 -19.52
C3A CLA SC . 37.71 -38.80 -18.93
C4A CLA SC . 37.49 -39.94 -17.97
CMA CLA SC . 37.44 -37.40 -18.42
CAA CLA SC . 38.87 -39.42 -21.00
CBA CLA SC . 38.25 -40.79 -21.17
CGA CLA SC . 38.07 -41.13 -22.62
O1A CLA SC . 37.11 -40.70 -23.24
O2A CLA SC . 38.99 -41.88 -23.21
NB CLA SC . 36.82 -42.14 -15.95
C1B CLA SC . 36.01 -41.10 -16.26
C2B CLA SC . 34.78 -41.18 -15.52
C3B CLA SC . 34.90 -42.30 -14.75
C4B CLA SC . 36.20 -42.90 -15.03
CMB CLA SC . 33.64 -40.20 -15.64
CAB CLA SC . 33.94 -42.90 -13.78
CBB CLA SC . 32.86 -42.11 -13.09
NC CLA SC . 38.90 -44.27 -15.48
C1C CLA SC . 37.97 -44.71 -14.63
C2C CLA SC . 38.40 -45.92 -13.89
C3C CLA SC . 39.65 -46.18 -14.38
C4C CLA SC . 39.96 -45.14 -15.36
CMC CLA SC . 37.62 -46.69 -12.87
CAC CLA SC . 40.57 -47.32 -13.98
CBC CLA SC . 41.32 -46.94 -12.72
ND CLA SC . 40.51 -43.00 -17.27
C1D CLA SC . 41.42 -43.97 -16.98
C2D CLA SC . 42.65 -43.80 -17.76
C3D CLA SC . 42.39 -42.67 -18.52
C4D CLA SC . 41.12 -42.20 -18.21
CMD CLA SC . 43.96 -44.55 -17.85
CAD CLA SC . 42.99 -41.80 -19.52
OBD CLA SC . 44.01 -42.03 -20.13
CBD CLA SC . 41.95 -40.80 -19.92
CGD CLA SC . 42.51 -39.41 -19.77
O1D CLA SC . 42.61 -38.69 -20.75
O2D CLA SC . 42.91 -38.94 -18.60
CED CLA SC . 42.59 -37.57 -18.36
C1 CLA SC . 38.61 -43.03 -24.01
C2 CLA SC . 37.64 -44.08 -23.52
C3 CLA SC . 37.92 -45.37 -23.65
C4 CLA SC . 39.20 -45.83 -24.30
C5 CLA SC . 36.99 -46.46 -23.19
C6 CLA SC . 37.53 -47.12 -21.92
C7 CLA SC . 36.42 -47.31 -20.89
C8 CLA SC . 35.37 -48.29 -21.38
C9 CLA SC . 34.00 -47.62 -21.47
C10 CLA SC . 35.33 -49.49 -20.46
MG CLA TC . 42.63 -49.40 -8.45
CHA CLA TC . 45.69 -50.93 -8.89
CHB CLA TC . 41.45 -50.83 -11.36
CHC CLA TC . 39.70 -48.04 -7.83
CHD CLA TC . 43.87 -47.92 -5.48
NA CLA TC . 43.47 -50.75 -9.98
C1A CLA TC . 44.70 -51.25 -9.99
C2A CLA TC . 44.96 -52.12 -11.18
C3A CLA TC . 43.64 -52.04 -11.94
C4A CLA TC . 42.79 -51.16 -11.08
CMA CLA TC . 43.68 -51.76 -13.45
CAA CLA TC . 45.14 -53.55 -10.70
CBA CLA TC . 43.82 -54.12 -10.20
CGA CLA TC . 44.00 -55.39 -9.40
O1A CLA TC . 44.50 -56.36 -9.93
O2A CLA TC . 43.59 -55.40 -8.15
NB CLA TC . 40.85 -49.44 -9.44
C1B CLA TC . 40.55 -50.04 -10.63
C2B CLA TC . 39.19 -49.75 -10.99
C3B CLA TC . 38.70 -48.96 -10.00
C4B CLA TC . 39.77 -48.77 -9.02
CMB CLA TC . 38.49 -50.23 -12.24
CAB CLA TC . 37.35 -48.36 -9.83
CBB CLA TC . 36.09 -49.14 -10.13
NC CLA TC . 41.90 -48.20 -6.89
C1C CLA TC . 40.65 -47.74 -6.84
C2C CLA TC . 40.40 -46.89 -5.66
C3C CLA TC . 41.60 -46.88 -4.99
C4C CLA TC . 42.52 -47.69 -5.77
CMC CLA TC . 39.12 -46.22 -5.29
CAC CLA TC . 41.90 -46.16 -3.70
CBC CLA TC . 41.89 -47.15 -2.57
ND CLA TC . 44.30 -49.37 -7.37
C1D CLA TC . 44.72 -48.75 -6.23
C2D CLA TC . 46.11 -49.06 -5.94
C3D CLA TC . 46.47 -49.92 -6.98
C4D CLA TC . 45.39 -50.08 -7.82
CMD CLA TC . 47.07 -48.66 -4.84
CAD CLA TC . 47.59 -50.68 -7.49
OBD CLA TC . 48.74 -50.61 -7.10
CBD CLA TC . 47.11 -51.43 -8.70
CGD CLA TC . 47.99 -51.12 -9.87
O1D CLA TC . 49.01 -51.77 -10.06
O2D CLA TC . 47.69 -50.14 -10.72
CED CLA TC . 48.03 -50.39 -12.08
C1 CLA TC . 43.26 -56.65 -7.44
C2 CLA TC . 42.46 -57.76 -8.08
C3 CLA TC . 41.38 -58.24 -7.47
C4 CLA TC . 40.56 -59.34 -8.07
C5 CLA TC . 40.90 -57.71 -6.14
C6 CLA TC . 39.69 -56.81 -6.36
C7 CLA TC . 38.59 -57.12 -5.36
C8 CLA TC . 37.61 -55.95 -5.24
C9 CLA TC . 37.45 -55.54 -3.78
C10 CLA TC . 36.28 -56.35 -5.85
C11 CLA TC . 35.30 -55.18 -5.83
C12 CLA TC . 33.86 -55.66 -5.77
MG CLA UC . 38.03 -43.38 5.41
CHA CLA UC . 40.19 -41.54 7.37
CHB CLA UC . 40.69 -44.89 3.82
CHC CLA UC . 35.87 -45.15 3.63
CHD CLA UC . 35.31 -41.85 7.07
NA CLA UC . 40.22 -43.25 5.57
C1A CLA UC . 40.89 -42.45 6.40
C2A CLA UC . 42.38 -42.59 6.23
C3A CLA UC . 42.50 -43.62 5.10
C4A CLA UC . 41.07 -43.96 4.79
CMA CLA UC . 43.44 -43.31 3.95
CAA CLA UC . 42.96 -43.22 7.50
CBA CLA UC . 42.20 -44.48 7.89
CGA CLA UC . 41.38 -44.25 9.14
O1A CLA UC . 41.90 -44.41 10.21
O2A CLA UC . 40.13 -43.85 9.04
NB CLA UC . 38.24 -44.80 3.96
C1B CLA UC . 39.40 -45.29 3.42
C2B CLA UC . 39.10 -46.27 2.42
C3B CLA UC . 37.74 -46.34 2.36
C4B CLA UC . 37.21 -45.39 3.35
CMB CLA UC . 40.13 -47.03 1.61
CAB CLA UC . 36.87 -47.18 1.51
CBB CLA UC . 37.21 -48.62 1.20
NC CLA UC . 35.92 -43.52 5.39
C1C CLA UC . 35.24 -44.29 4.56
C2C CLA UC . 33.78 -44.14 4.73
C3C CLA UC . 33.64 -43.21 5.73
C4C CLA UC . 34.99 -42.82 6.13
CMC CLA UC . 32.68 -44.86 3.99
CAC CLA UC . 32.35 -42.69 6.30
CBC CLA UC . 32.04 -43.42 7.58
ND CLA UC . 37.71 -42.05 6.84
C1D CLA UC . 36.63 -41.49 7.44
C2D CLA UC . 37.01 -40.51 8.45
C3D CLA UC . 38.40 -40.55 8.42
C4D CLA UC . 38.80 -41.46 7.45
CMD CLA UC . 36.25 -39.61 9.40
CAD CLA UC . 39.58 -39.96 9.02
OBD CLA UC . 39.58 -39.26 10.02
CBD CLA UC . 40.78 -40.62 8.41
CGD CLA UC . 41.68 -39.61 7.76
O1D CLA UC . 41.22 -38.71 7.10
O2D CLA UC . 42.99 -39.69 7.92
CED CLA UC . 43.67 -38.48 8.23
C1 CLA UC . 39.00 -44.74 9.26
C2 CLA UC . 38.37 -45.54 8.15
C3 CLA UC . 37.04 -45.64 8.05
C4 CLA UC . 36.13 -44.96 9.03
C5 CLA UC . 36.39 -46.42 6.94
C6 CLA UC . 35.05 -46.99 7.39
C7 CLA UC . 34.43 -47.85 6.30
C8 CLA UC . 33.90 -49.16 6.87
C9 CLA UC . 34.65 -50.34 6.29
C10 CLA UC . 32.40 -49.25 6.59
MG CLA VC . 32.61 -34.53 1.76
CHA CLA VC . 32.16 -31.41 0.36
CHB CLA VC . 36.04 -34.18 1.55
CHC CLA VC . 32.93 -37.47 3.22
CHD CLA VC . 29.10 -34.86 1.99
NA CLA VC . 33.99 -32.95 1.05
C1A CLA VC . 33.62 -31.79 0.52
C2A CLA VC . 34.80 -30.95 0.11
C3A CLA VC . 35.99 -31.86 0.47
C4A CLA VC . 35.33 -33.06 1.06
CMA CLA VC . 37.11 -32.06 -0.54
CAA CLA VC . 34.82 -29.67 0.94
CBA CLA VC . 36.11 -29.43 1.72
CGA CLA VC . 35.89 -29.78 3.18
O1A CLA VC . 35.33 -30.82 3.44
O2A CLA VC . 36.31 -28.92 4.10
NB CLA VC . 34.23 -35.64 2.32
C1B CLA VC . 35.55 -35.36 2.13
C2B CLA VC . 36.36 -36.46 2.60
C3B CLA VC . 35.48 -37.39 3.07
C4B CLA VC . 34.13 -36.86 2.88
CMB CLA VC . 37.85 -36.56 2.58
CAB CLA VC . 35.82 -38.69 3.67
CBB CLA VC . 35.27 -39.11 5.01
NC CLA VC . 31.24 -35.91 2.53
C1C CLA VC . 31.58 -37.08 3.04
C2C CLA VC . 30.43 -37.92 3.41
C3C CLA VC . 29.34 -37.16 3.08
C4C CLA VC . 29.86 -35.92 2.52
CMC CLA VC . 30.47 -39.29 4.02
CAC CLA VC . 27.88 -37.54 3.24
CBC CLA VC . 27.32 -36.89 4.48
ND CLA VC . 30.99 -33.49 1.34
C1D CLA VC . 29.65 -33.69 1.44
C2D CLA VC . 28.89 -32.55 0.92
C3D CLA VC . 29.88 -31.68 0.49
C4D CLA VC . 31.13 -32.25 0.76
CMD CLA VC . 27.42 -32.25 0.76
CAD CLA VC . 30.08 -30.38 -0.12
OBD CLA VC . 29.26 -29.83 -0.83
CBD CLA VC . 31.56 -30.15 -0.22
CGD CLA VC . 31.96 -30.02 -1.65
O1D CLA VC . 31.64 -30.87 -2.46
O2D CLA VC . 32.67 -28.98 -2.08
CED CLA VC . 32.18 -28.32 -3.25
C1 CLA VC . 36.69 -29.32 5.46
C2 CLA VC . 36.01 -30.42 6.24
C3 CLA VC . 34.77 -30.25 6.72
C4 CLA VC . 34.02 -28.99 6.48
C5 CLA VC . 34.05 -31.32 7.50
C6 CLA VC . 34.15 -32.66 6.77
C7 CLA VC . 33.28 -32.66 5.50
C8 CLA VC . 32.38 -33.88 5.39
C9 CLA VC . 30.97 -33.47 5.01
C10 CLA VC . 32.37 -34.69 6.69
C11 CLA VC . 31.87 -36.10 6.44
C12 CLA VC . 32.78 -37.13 7.12
C13 CLA VC . 32.43 -37.30 8.59
C14 CLA VC . 31.26 -38.25 8.78
MG CLA WC . 30.91 -35.62 -7.27
CHA CLA WC . 33.27 -33.98 -9.18
CHB CLA WC . 31.17 -33.22 -4.82
CHC CLA WC . 28.58 -37.23 -5.58
CHD CLA WC . 30.67 -38.07 -9.81
NA CLA WC . 32.08 -33.78 -7.00
C1A CLA WC . 32.98 -33.30 -7.86
C2A CLA WC . 33.63 -32.04 -7.36
C3A CLA WC . 32.99 -31.85 -5.98
C4A CLA WC . 32.02 -33.00 -5.91
CMA CLA WC . 33.87 -31.54 -4.79
CAA CLA WC . 33.23 -30.92 -8.31
CBA CLA WC . 32.30 -29.86 -7.70
CGA CLA WC . 30.85 -30.27 -7.72
O1A CLA WC . 30.54 -31.31 -8.27
O2A CLA WC . 29.98 -29.50 -7.10
NB CLA WC . 30.00 -35.28 -5.49
C1B CLA WC . 30.23 -34.26 -4.62
C2B CLA WC . 29.38 -34.39 -3.47
C3B CLA WC . 28.65 -35.52 -3.67
C4B CLA WC . 29.06 -36.09 -4.96
CMB CLA WC . 29.32 -33.48 -2.29
CAB CLA WC . 27.63 -36.05 -2.72
CBB CLA WC . 27.22 -37.50 -2.63
NC CLA WC . 29.76 -37.33 -7.67
C1C CLA WC . 28.90 -37.85 -6.81
C2C CLA WC . 28.32 -39.14 -7.27
C3C CLA WC . 28.91 -39.34 -8.49
C4C CLA WC . 29.81 -38.23 -8.72
CMC CLA WC . 27.32 -39.99 -6.55
CAC CLA WC . 28.68 -40.51 -9.40
CBC CLA WC . 27.76 -40.10 -10.53
ND CLA WC . 31.71 -36.03 -9.04
C1D CLA WC . 31.56 -36.99 -9.99
C2D CLA WC . 32.40 -36.74 -11.15
C3D CLA WC . 33.07 -35.57 -10.82
C4D CLA WC . 32.65 -35.15 -9.56
CMD CLA WC . 32.62 -37.47 -12.46
CAD CLA WC . 34.04 -34.61 -11.32
OBD CLA WC . 34.33 -34.47 -12.50
CBD CLA WC . 34.27 -33.59 -10.25
CGD CLA WC . 35.65 -33.71 -9.68
O1D CLA WC . 36.03 -34.75 -9.17
O2D CLA WC . 36.47 -32.66 -9.68
CED CLA WC . 37.82 -32.95 -10.04
C1 CLA WC . 29.33 -29.97 -5.88
C2 CLA WC . 28.38 -31.13 -5.94
C3 CLA WC . 27.33 -31.22 -5.11
C4 CLA WC . 27.05 -30.17 -4.08
C5 CLA WC . 26.38 -32.39 -5.18
C6 CLA WC . 25.32 -32.35 -4.10
C7 CLA WC . 25.60 -33.41 -3.04
C8 CLA WC . 24.54 -34.52 -3.02
C9 CLA WC . 24.18 -35.01 -4.41
C10 CLA WC . 23.32 -34.00 -2.27
C11 CLA WC . 22.93 -34.89 -1.10
C12 CLA WC . 23.74 -34.56 0.15
C13 CLA WC . 23.24 -33.30 0.85
C14 CLA WC . 23.75 -33.24 2.28
C15 CLA WC . 21.72 -33.25 0.82
MG CLA XC . 17.15 -43.01 1.24
CHA CLA XC . 14.12 -43.81 2.70
CHB CLA XC . 15.51 -41.66 -1.47
CHC CLA XC . 20.08 -42.14 0.00
CHD CLA XC . 18.80 -44.39 4.05
NA CLA XC . 15.04 -42.75 0.66
C1A CLA XC . 13.98 -43.14 1.36
C2A CLA XC . 12.69 -42.83 0.66
C3A CLA XC . 13.17 -42.21 -0.64
C4A CLA XC . 14.65 -42.18 -0.49
CMA CLA XC . 12.65 -42.85 -1.90
CAA CLA XC . 11.93 -41.73 1.40
CBA CLA XC . 12.86 -40.85 2.24
CGA CLA XC . 12.62 -39.39 1.99
O1A CLA XC . 12.83 -38.93 0.89
O2A CLA XC . 12.20 -38.64 3.00
NB CLA XC . 17.70 -42.04 -0.46
C1B CLA XC . 16.91 -41.59 -1.47
C2B CLA XC . 17.72 -41.02 -2.53
C3B CLA XC . 19.02 -41.17 -2.10
C4B CLA XC . 18.98 -41.81 -0.79
CMB CLA XC . 17.20 -40.42 -3.80
CAB CLA XC . 20.29 -40.78 -2.76
CBB CLA XC . 20.40 -39.61 -3.70
NC CLA XC . 19.12 -43.19 1.94
C1C CLA XC . 20.18 -42.81 1.24
C2C CLA XC . 21.46 -43.12 1.91
C3C CLA XC . 21.08 -43.74 3.08
C4C CLA XC . 19.62 -43.78 3.09
CMC CLA XC . 22.85 -42.82 1.42
CAC CLA XC . 22.00 -44.27 4.14
CBC CLA XC . 22.14 -43.24 5.24
ND CLA XC . 16.69 -43.86 2.97
C1D CLA XC . 17.38 -44.41 4.01
C2D CLA XC . 16.49 -45.01 5.00
C3D CLA XC . 15.22 -44.77 4.48
C4D CLA XC . 15.36 -44.09 3.27
CMD CLA XC . 16.70 -45.73 6.30
CAD CLA XC . 13.81 -44.98 4.73
OBD CLA XC . 13.32 -45.55 5.68
CBD CLA XC . 13.03 -44.30 3.63
CGD CLA XC . 12.14 -45.27 2.92
O1D CLA XC . 12.50 -46.41 2.68
O2D CLA XC . 10.93 -44.89 2.52
CED CLA XC . 9.84 -45.72 2.91
C1 CLA XC . 12.34 -37.19 3.01
C2 CLA XC . 13.60 -36.48 2.58
C3 CLA XC . 14.03 -35.40 3.24
C4 CLA XC . 13.29 -34.83 4.42
C5 CLA XC . 15.29 -34.65 2.84
C6 CLA XC . 16.02 -34.13 4.06
C7 CLA XC . 17.53 -34.19 3.86
C8 CLA XC . 18.26 -33.47 4.99
C9 CLA XC . 19.55 -32.82 4.48
C10 CLA XC . 18.54 -34.45 6.13
C11 CLA XC . 19.80 -35.27 5.87
C12 CLA XC . 20.77 -35.15 7.05
C13 CLA XC . 21.12 -36.52 7.62
C14 CLA XC . 20.72 -36.62 9.09
C15 CLA XC . 22.61 -36.76 7.44
C16 CLA XC . 22.95 -38.25 7.55
C17 CLA XC . 23.40 -38.80 6.20
C18 CLA XC . 24.61 -39.71 6.35
C19 CLA XC . 24.29 -40.92 7.22
C20 CLA XC . 25.14 -40.15 4.99
MG CLA YC . 24.87 -56.90 -3.79
CHA CLA YC . 21.54 -57.78 -3.55
CHB CLA YC . 25.72 -59.35 -1.52
CHC CLA YC . 28.03 -56.00 -4.14
CHD CLA YC . 23.96 -54.37 -6.10
NA CLA YC . 23.76 -58.43 -2.64
C1A CLA YC . 22.44 -58.62 -2.68
C2A CLA YC . 22.01 -59.73 -1.76
C3A CLA YC . 23.34 -60.18 -1.13
C4A CLA YC . 24.34 -59.29 -1.79
CMA CLA YC . 23.40 -60.41 0.38
CAA CLA YC . 21.42 -60.88 -2.56
CBA CLA YC . 22.01 -60.98 -3.96
CGA CLA YC . 23.02 -62.10 -3.99
O1A CLA YC . 22.82 -63.06 -3.28
O2A CLA YC . 24.06 -62.04 -4.80
NB CLA YC . 26.61 -57.57 -2.97
C1B CLA YC . 26.77 -58.57 -2.05
C2B CLA YC . 28.16 -58.71 -1.71
C3B CLA YC . 28.83 -57.77 -2.46
C4B CLA YC . 27.82 -57.05 -3.24
CMB CLA YC . 28.77 -59.70 -0.75
CAB CLA YC . 30.30 -57.56 -2.41
CBB CLA YC . 31.10 -56.79 -3.43
NC CLA YC . 25.85 -55.50 -5.03
C1C CLA YC . 27.14 -55.23 -4.93
C2C CLA YC . 27.54 -54.04 -5.73
C3C CLA YC . 26.38 -53.62 -6.31
C4C CLA YC . 25.33 -54.53 -5.86
CMC CLA YC . 28.92 -53.43 -5.86
CAC CLA YC . 26.22 -52.44 -7.23
CBC CLA YC . 26.13 -52.91 -8.66
ND CLA YC . 23.24 -56.18 -4.66
C1D CLA YC . 22.96 -55.20 -5.56
C2D CLA YC . 21.54 -55.13 -5.85
C3D CLA YC . 21.00 -56.13 -5.06
C4D CLA YC . 22.02 -56.75 -4.35
CMD CLA YC . 20.68 -54.26 -6.74
CAD CLA YC . 19.74 -56.77 -4.71
OBD CLA YC . 18.67 -56.55 -5.23
CBD CLA YC . 20.04 -57.85 -3.72
CGD CLA YC . 19.31 -57.56 -2.45
O1D CLA YC . 18.28 -58.16 -2.18
O2D CLA YC . 19.77 -56.65 -1.60
CED CLA YC . 19.37 -56.83 -0.23
C1 CLA YC . 25.40 -61.74 -4.29
C2 CLA YC . 26.20 -60.59 -4.83
C3 CLA YC . 27.53 -60.67 -4.97
C4 CLA YC . 28.28 -61.92 -4.58
C5 CLA YC . 28.37 -59.53 -5.50
C6 CLA YC . 29.72 -60.01 -5.99
C7 CLA YC . 30.56 -58.85 -6.51
C8 CLA YC . 29.84 -58.12 -7.64
C9 CLA YC . 30.45 -58.48 -8.99
C10 CLA YC . 29.91 -56.62 -7.40
C11 CLA YC . 29.44 -55.84 -8.63
MG CLA ZC . 16.85 -52.15 7.92
CHA CLA ZC . 15.80 -55.41 7.96
CHB CLA ZC . 14.86 -51.42 10.64
CHC CLA ZC . 18.00 -49.06 7.83
CHD CLA ZC . 18.90 -52.91 5.13
NA CLA ZC . 15.47 -53.29 9.20
C1A CLA ZC . 15.19 -54.59 9.06
C2A CLA ZC . 14.18 -55.06 10.06
C3A CLA ZC . 13.89 -53.79 10.88
C4A CLA ZC . 14.77 -52.76 10.23
CMA CLA ZC . 12.45 -53.46 11.18
CAA CLA ZC . 14.75 -56.14 10.98
CBA CLA ZC . 16.19 -55.88 11.40
CGA CLA ZC . 16.82 -57.20 11.78
O1A CLA ZC . 16.94 -58.07 10.93
O2A CLA ZC . 17.19 -57.41 13.03
NB CLA ZC . 16.49 -50.50 9.06
C1B CLA ZC . 15.65 -50.37 10.12
C2B CLA ZC . 15.67 -49.01 10.61
C3B CLA ZC . 16.56 -48.36 9.81
C4B CLA ZC . 17.06 -49.32 8.83
CMB CLA ZC . 14.88 -48.47 11.77
CAB CLA ZC . 17.01 -46.95 9.82
CBB CLA ZC . 16.06 -45.81 10.11
NC CLA ZC . 18.27 -51.16 6.72
C1C CLA ZC . 18.58 -49.89 6.84
C2C CLA ZC . 19.60 -49.44 5.86
C3C CLA ZC . 19.88 -50.56 5.14
C4C CLA ZC . 19.04 -51.63 5.67
CMC CLA ZC . 20.21 -48.07 5.73
CAC CLA ZC . 20.87 -50.67 4.02
CBC CLA ZC . 22.11 -51.33 4.55
ND CLA ZC . 17.34 -53.71 6.80
C1D CLA ZC . 18.11 -53.94 5.69
C2D CLA ZC . 17.94 -55.30 5.20
C3D CLA ZC . 17.05 -55.86 6.10
C4D CLA ZC . 16.71 -54.91 7.05
CMD CLA ZC . 18.52 -56.08 4.04
CAD CLA ZC . 16.35 -57.09 6.40
OBD CLA ZC . 16.37 -58.11 5.75
CBD CLA ZC . 15.45 -56.82 7.56
CGD CLA ZC . 14.04 -56.65 7.07
O1D CLA ZC . 13.79 -55.80 6.24
O2D CLA ZC . 13.03 -57.38 7.52
CED CLA ZC . 11.84 -57.20 6.77
C1 CLA ZC . 17.91 -56.40 13.79
C2 CLA ZC . 19.32 -55.99 13.47
C3 CLA ZC . 20.14 -55.58 14.46
C4 CLA ZC . 19.65 -55.50 15.88
C5 CLA ZC . 21.57 -55.16 14.21
C6 CLA ZC . 22.02 -54.19 15.29
C7 CLA ZC . 22.69 -52.96 14.70
C8 CLA ZC . 22.94 -51.91 15.77
C9 CLA ZC . 21.63 -51.32 16.27
C10 CLA ZC . 23.83 -50.80 15.20
MG CLA AD . 10.84 -45.72 11.73
CHA CLA AD . 10.10 -49.03 11.09
CHB CLA AD . 8.87 -45.78 14.55
CHC CLA AD . 11.69 -42.58 12.30
CHD CLA AD . 12.87 -45.68 8.85
NA CLA AD . 9.60 -47.24 12.74
C1A CLA AD . 9.42 -48.50 12.33
C2A CLA AD . 8.48 -49.25 13.22
C3A CLA AD . 8.10 -48.20 14.27
C4A CLA AD . 8.88 -46.99 13.85
CMA CLA AD . 6.64 -48.05 14.68
CAA CLA AD . 9.24 -50.38 13.91
CBA CLA AD . 10.53 -49.84 14.53
CGA CLA AD . 11.60 -50.91 14.51
O1A CLA AD . 11.73 -51.57 13.51
O2A CLA AD . 12.36 -51.07 15.57
NB CLA AD . 10.37 -44.39 13.19
C1B CLA AD . 9.54 -44.57 14.26
C2B CLA AD . 9.48 -43.37 15.06
C3B CLA AD . 10.28 -42.47 14.41
C4B CLA AD . 10.83 -43.14 13.23
CMB CLA AD . 8.67 -43.20 16.31
CAB CLA AD . 10.62 -41.06 14.74
CBB CLA AD . 10.05 -40.29 15.90
NC CLA AD . 12.15 -44.37 10.78
C1C CLA AD . 12.31 -43.11 11.14
C2C CLA AD . 13.20 -42.36 10.23
C3C CLA AD . 13.56 -43.27 9.29
C4C CLA AD . 12.89 -44.52 9.62
CMC CLA AD . 13.62 -40.92 10.37
CAC CLA AD . 14.47 -43.04 8.10
CBC CLA AD . 13.70 -42.37 6.99
ND CLA AD . 11.41 -46.95 10.29
C1D CLA AD . 12.21 -46.87 9.19
C2D CLA AD . 12.26 -48.14 8.47
C3D CLA AD . 11.43 -48.97 9.21
C4D CLA AD . 10.93 -48.25 10.29
CMD CLA AD . 12.97 -48.60 7.23
CAD CLA AD . 10.90 -50.32 9.27
OBD CLA AD . 10.83 -51.08 8.32
CBD CLA AD . 10.03 -50.42 10.49
CGD CLA AD . 8.64 -50.75 10.07
O1D CLA AD . 8.12 -50.20 9.11
O2D CLA AD . 7.93 -51.65 10.75
CED CLA AD . 7.24 -52.61 9.97
C1 CLA AD . 13.79 -50.78 15.51
C2 CLA AD . 14.70 -51.50 14.55
C3 CLA AD . 16.04 -51.37 14.65
C4 CLA AD . 16.66 -50.49 15.69
C5 CLA AD . 16.99 -52.08 13.72
C6 CLA AD . 17.84 -51.05 12.98
C7 CLA AD . 18.97 -51.73 12.22
C8 CLA AD . 19.31 -50.99 10.94
C9 CLA AD . 19.72 -51.95 9.84
C10 CLA AD . 20.40 -49.95 11.21
C11 CLA AD . 21.00 -49.43 9.91
C12 CLA AD . 22.52 -49.55 9.91
C13 CLA AD . 23.05 -49.95 8.55
C14 CLA AD . 24.27 -50.87 8.67
MG CLA BD . 6.02 -37.55 5.39
CHA CLA BD . 8.25 -40.08 4.63
CHB CLA BD . 7.20 -37.45 8.64
CHC CLA BD . 3.96 -35.05 5.98
CHD CLA BD . 4.84 -37.68 2.07
NA CLA BD . 7.57 -38.63 6.53
C1A CLA BD . 8.35 -39.61 6.05
C2A CLA BD . 9.29 -40.14 7.09
C3A CLA BD . 8.92 -39.33 8.34
C4A CLA BD . 7.84 -38.41 7.84
CMA CLA BD . 8.72 -40.11 9.62
CAA CLA BD . 10.71 -39.81 6.62
CBA CLA BD . 11.67 -39.34 7.71
CGA CLA BD . 12.84 -38.66 7.04
O1A CLA BD . 13.53 -39.28 6.25
O2A CLA BD . 13.11 -37.40 7.32
NB CLA BD . 5.66 -36.43 7.04
C1B CLA BD . 6.19 -36.54 8.29
C2B CLA BD . 5.59 -35.56 9.18
C3B CLA BD . 4.68 -34.90 8.41
C4B CLA BD . 4.73 -35.45 7.06
CMB CLA BD . 5.91 -35.35 10.62
CAB CLA BD . 3.77 -33.80 8.80
CBB CLA BD . 4.29 -32.55 9.46
NC CLA BD . 4.65 -36.50 4.20
C1C CLA BD . 3.89 -35.52 4.65
C2C CLA BD . 2.97 -34.99 3.61
C3C CLA BD . 3.25 -35.74 2.51
C4C CLA BD . 4.30 -36.69 2.88
CMC CLA BD . 1.97 -33.88 3.75
CAC CLA BD . 2.61 -35.63 1.15
CBC CLA BD . 3.53 -34.86 0.22
ND CLA BD . 6.40 -38.53 3.72
C1D CLA BD . 5.86 -38.58 2.46
C2D CLA BD . 6.45 -39.64 1.65
C3D CLA BD . 7.38 -40.22 2.50
C4D CLA BD . 7.34 -39.55 3.73
CMD CLA BD . 6.22 -40.13 0.25
CAD CLA BD . 8.38 -41.27 2.58
OBD CLA BD . 8.71 -42.01 1.68
CBD CLA BD . 9.08 -41.13 3.91
CGD CLA BD . 9.06 -42.40 4.70
O1D CLA BD . 8.09 -43.12 4.73
O2D CLA BD . 10.13 -42.71 5.42
CED CLA BD . 10.12 -43.97 6.09
C1 CLA BD . 14.44 -37.00 7.78
C2 CLA BD . 15.05 -37.58 9.04
C3 CLA BD . 15.94 -36.87 9.73
C4 CLA BD . 16.36 -35.50 9.28
C5 CLA BD . 16.59 -37.39 11.00
C6 CLA BD . 16.98 -36.23 11.90
C7 CLA BD . 16.31 -36.34 13.27
C8 CLA BD . 15.96 -34.97 13.83
C9 CLA BD . 16.14 -34.95 15.35
C10 CLA BD . 14.53 -34.61 13.42
C11 CLA BD . 13.78 -33.80 14.47
C12 CLA BD . 12.50 -33.21 13.88
C13 CLA BD . 11.57 -32.69 14.97
C14 CLA BD . 12.06 -31.37 15.55
C15 CLA BD . 11.41 -33.74 16.06
MG CLA CD . 11.63 -41.40 -4.53
CHA CLA CD . 13.86 -41.72 -7.15
CHB CLA CD . 12.81 -38.24 -3.85
CHC CLA CD . 9.41 -41.17 -2.10
CHD CLA CD . 10.44 -44.66 -5.22
NA CLA CD . 13.17 -40.09 -5.40
C1A CLA CD . 13.96 -40.39 -6.44
C2A CLA CD . 14.93 -39.27 -6.76
C3A CLA CD . 14.55 -38.20 -5.71
C4A CLA CD . 13.45 -38.85 -4.93
CMA CLA CD . 15.63 -37.45 -4.94
CAA CLA CD . 14.74 -38.76 -8.18
CBA CLA CD . 15.56 -37.50 -8.49
CGA CLA CD . 17.04 -37.77 -8.47
O1A CLA CD . 17.46 -38.91 -8.42
O2A CLA CD . 17.88 -36.75 -8.52
NB CLA CD . 11.18 -39.94 -3.19
C1B CLA CD . 11.77 -38.72 -3.03
C2B CLA CD . 11.18 -38.01 -1.93
C3B CLA CD . 10.21 -38.85 -1.43
C4B CLA CD . 10.23 -40.06 -2.25
CMB CLA CD . 11.58 -36.63 -1.46
CAB CLA CD . 9.27 -38.68 -0.30
CBB CLA CD . 9.50 -37.73 0.86
NC CLA CD . 10.10 -42.66 -3.85
C1C CLA CD . 9.33 -42.40 -2.79
C2C CLA CD . 8.42 -43.52 -2.45
C3C CLA CD . 8.70 -44.47 -3.37
C4C CLA CD . 9.74 -43.94 -4.24
CMC CLA CD . 7.43 -43.56 -1.32
CAC CLA CD . 8.05 -45.82 -3.48
CBC CLA CD . 7.01 -45.81 -4.59
ND CLA CD . 11.98 -42.87 -5.81
C1D CLA CD . 11.48 -44.12 -6.02
C2D CLA CD . 12.15 -44.79 -7.13
C3D CLA CD . 13.07 -43.84 -7.56
C4D CLA CD . 12.97 -42.71 -6.76
CMD CLA CD . 12.01 -46.14 -7.78
CAD CLA CD . 14.10 -43.63 -8.54
OBD CLA CD . 14.67 -44.51 -9.17
CBD CLA CD . 14.65 -42.24 -8.34
CGD CLA CD . 16.12 -42.36 -8.09
O1D CLA CD . 16.91 -42.32 -9.00
O2D CLA CD . 16.60 -42.53 -6.86
CED CLA CD . 17.99 -42.26 -6.72
C1 CLA CD . 18.89 -36.58 -7.49
C2 CLA CD . 18.52 -36.09 -6.11
C3 CLA CD . 19.45 -35.97 -5.15
C4 CLA CD . 20.88 -36.34 -5.40
C5 CLA CD . 19.12 -35.49 -3.76
C6 CLA CD . 18.67 -36.68 -2.92
C7 CLA CD . 18.12 -36.22 -1.57
C8 CLA CD . 17.46 -37.37 -0.84
C9 CLA CD . 16.01 -37.05 -0.51
C10 CLA CD . 18.26 -37.69 0.42
C11 CLA CD . 17.51 -38.67 1.32
C12 CLA CD . 18.33 -38.99 2.57
C13 CLA CD . 17.76 -40.18 3.33
C14 CLA CD . 16.26 -40.05 3.50
C15 CLA CD . 18.46 -40.29 4.68
C16 CLA CD . 17.72 -41.25 5.61
C17 CLA CD . 18.12 -41.02 7.06
C18 CLA CD . 19.40 -41.75 7.40
C19 CLA CD . 20.33 -40.87 8.21
C20 CLA CD . 19.10 -43.05 8.15
MG CLA DD . 14.09 -23.08 -1.87
CHA CLA DD . 17.43 -22.59 -1.16
CHB CLA DD . 13.68 -24.86 1.04
CHC CLA DD . 10.88 -23.35 -2.58
CHD CLA DD . 14.54 -21.26 -4.86
NA CLA DD . 15.40 -23.67 -0.20
C1A CLA DD . 16.70 -23.39 -0.11
C2A CLA DD . 17.31 -23.97 1.13
C3A CLA DD . 16.13 -24.69 1.78
C4A CLA DD . 15.00 -24.41 0.84
CMA CLA DD . 16.36 -26.08 2.33
CAA CLA DD . 17.74 -22.83 2.04
CBA CLA DD . 16.63 -22.34 2.97
CGA CLA DD . 17.20 -21.84 4.26
O1A CLA DD . 17.95 -20.87 4.25
O2A CLA DD . 16.85 -22.43 5.38
NB CLA DD . 12.53 -23.96 -0.92
C1B CLA DD . 12.54 -24.66 0.25
C2B CLA DD . 11.22 -25.15 0.57
C3B CLA DD . 10.43 -24.72 -0.48
C4B CLA DD . 11.28 -23.97 -1.40
CMB CLA DD . 10.85 -25.96 1.77
CAB CLA DD . 8.98 -24.93 -0.69
CBB CLA DD . 7.99 -24.93 0.44
NC CLA DD . 12.89 -22.37 -3.45
C1C CLA DD . 11.60 -22.61 -3.54
C2C CLA DD . 11.01 -22.02 -4.77
C3C CLA DD . 12.06 -21.40 -5.39
C4C CLA DD . 13.23 -21.64 -4.56
CMC CLA DD . 9.56 -22.08 -5.20
CAC CLA DD . 12.01 -20.63 -6.69
CBC CLA DD . 12.13 -19.15 -6.40
ND CLA DD . 15.53 -22.12 -2.85
C1D CLA DD . 15.65 -21.45 -4.02
C2D CLA DD . 17.02 -21.00 -4.26
C3D CLA DD . 17.70 -21.45 -3.14
C4D CLA DD . 16.80 -22.12 -2.30
CMD CLA DD . 17.70 -20.25 -5.37
CAD CLA DD . 19.01 -21.48 -2.52
OBD CLA DD . 20.07 -21.18 -3.06
CBD CLA DD . 18.88 -22.17 -1.20
CGD CLA DD . 19.75 -23.40 -1.14
O1D CLA DD . 19.43 -24.46 -1.65
O2D CLA DD . 20.91 -23.33 -0.51
CED CLA DD . 21.95 -24.12 -1.05
C1 CLA DD . 16.90 -21.72 6.65
C2 CLA DD . 17.87 -22.11 7.74
C3 CLA DD . 17.49 -22.03 9.03
C4 CLA DD . 16.12 -21.57 9.42
C5 CLA DD . 18.40 -22.42 10.16
C6 CLA DD . 18.16 -23.88 10.54
C7 CLA DD . 18.95 -24.26 11.78
C8 CLA DD . 18.63 -25.68 12.24
C9 CLA DD . 17.14 -25.80 12.58
C10 CLA DD . 19.49 -26.03 13.44
C11 CLA DD . 19.64 -27.54 13.59
C12 CLA DD . 21.05 -27.90 14.04
C13 CLA DD . 21.06 -29.23 14.78
MG CLA ED . 26.14 -25.73 2.92
CHA CLA ED . 22.69 -25.54 2.80
CHB CLA ED . 25.98 -29.07 3.71
CHC CLA ED . 29.43 -25.81 2.84
CHD CLA ED . 26.27 -22.29 2.08
NA CLA ED . 24.50 -27.18 3.22
C1A CLA ED . 23.20 -26.93 3.15
C2A CLA ED . 22.37 -28.14 3.45
C3A CLA ED . 23.42 -29.21 3.75
C4A CLA ED . 24.71 -28.47 3.55
CMA CLA ED . 23.26 -30.13 4.95
CAA CLA ED . 21.59 -28.58 2.23
CBA CLA ED . 20.21 -29.10 2.58
CGA CLA ED . 19.67 -29.88 1.40
O1A CLA ED . 19.69 -29.36 0.30
O2A CLA ED . 19.19 -31.09 1.59
NB CLA ED . 27.50 -27.22 3.21
C1B CLA ED . 27.26 -28.51 3.56
C2B CLA ED . 28.50 -29.22 3.73
C3B CLA ED . 29.48 -28.30 3.49
C4B CLA ED . 28.83 -27.03 3.15
CMB CLA ED . 28.68 -30.67 4.11
CAB CLA ED . 30.93 -28.60 3.55
CBB CLA ED . 32.00 -27.58 3.85
NC CLA ED . 27.61 -24.30 2.45
C1C CLA ED . 28.91 -24.52 2.59
C2C CLA ED . 29.72 -23.29 2.43
C3C CLA ED . 28.80 -22.30 2.20
C4C CLA ED . 27.49 -22.94 2.22
CMC CLA ED . 31.21 -23.17 2.52
CAC CLA ED . 29.06 -20.83 1.96
CBC CLA ED . 28.81 -20.02 3.22
ND CLA ED . 24.91 -24.24 2.51
C1D CLA ED . 25.02 -22.92 2.21
C2D CLA ED . 23.73 -22.26 2.09
C3D CLA ED . 22.84 -23.30 2.31
C4D CLA ED . 23.54 -24.47 2.56
CMD CLA ED . 23.30 -20.85 1.78
CAD CLA ED . 21.43 -23.58 2.39
OBD CLA ED . 20.62 -22.73 2.68
CBD CLA ED . 21.27 -25.05 2.61
CGD CLA ED . 20.42 -25.28 3.83
O1D CLA ED . 19.63 -26.22 3.86
O2D CLA ED . 20.51 -24.50 4.89
CED CLA ED . 20.41 -25.16 6.15
C1 CLA ED . 18.40 -31.71 0.54
C2 CLA ED . 17.02 -31.22 0.19
C3 CLA ED . 16.39 -31.70 -0.89
C4 CLA ED . 17.02 -32.72 -1.79
C5 CLA ED . 15.00 -31.24 -1.29
C6 CLA ED . 14.00 -32.31 -0.89
C7 CLA ED . 12.64 -32.06 -1.53
C8 CLA ED . 11.55 -32.84 -0.80
C9 CLA ED . 10.32 -32.98 -1.70
C10 CLA ED . 11.20 -32.14 0.50
C11 CLA ED . 11.27 -33.07 1.69
C12 CLA ED . 10.10 -32.82 2.64
C13 CLA ED . 10.37 -31.64 3.56
C14 CLA ED . 10.57 -32.10 5.00
C15 CLA ED . 9.22 -30.65 3.46
C16 CLA ED . 9.43 -29.49 4.42
C17 CLA ED . 8.35 -28.42 4.26
C18 CLA ED . 8.88 -27.05 4.68
C19 CLA ED . 7.83 -25.97 4.46
C20 CLA ED . 9.35 -27.07 6.12
MG CLA FD . 22.99 -20.91 -19.20
CHA CLA FD . 25.30 -22.80 -20.93
CHB CLA FD . 25.51 -18.86 -18.01
CHC CLA FD . 20.69 -19.09 -17.68
CHD CLA FD . 20.44 -23.04 -20.38
NA CLA FD . 25.19 -20.81 -19.43
C1A CLA FD . 25.93 -21.67 -20.14
C2A CLA FD . 27.40 -21.37 -20.03
C3A CLA FD . 27.42 -20.16 -19.08
C4A CLA FD . 25.97 -19.91 -18.81
CMA CLA FD . 28.36 -20.21 -17.88
CAA CLA FD . 27.92 -20.95 -21.40
CBA CLA FD . 28.95 -19.82 -21.37
CGA CLA FD . 28.32 -18.48 -21.63
O1A CLA FD . 28.94 -17.46 -21.38
O2A CLA FD . 27.10 -18.43 -22.14
NB CLA FD . 23.09 -19.24 -18.03
C1B CLA FD . 24.19 -18.53 -17.66
C2B CLA FD . 23.81 -17.41 -16.85
C3B CLA FD . 22.44 -17.49 -16.75
C4B CLA FD . 22.01 -18.65 -17.51
CMB CLA FD . 24.74 -16.41 -16.24
CAB CLA FD . 21.52 -16.58 -16.03
CBB CLA FD . 21.44 -15.12 -16.42
NC CLA FD . 20.90 -21.00 -19.12
C1C CLA FD . 20.16 -20.20 -18.38
C2C CLA FD . 18.73 -20.58 -18.37
C3C CLA FD . 18.67 -21.68 -19.17
C4C CLA FD . 20.03 -21.95 -19.63
CMC CLA FD . 17.60 -19.89 -17.64
CAC CLA FD . 17.44 -22.50 -19.50
CBC CLA FD . 17.00 -22.22 -20.93
ND CLA FD . 22.81 -22.52 -20.33
C1D CLA FD . 21.77 -23.29 -20.78
C2D CLA FD . 22.23 -24.33 -21.69
C3D CLA FD . 23.60 -24.13 -21.73
C4D CLA FD . 23.93 -23.05 -20.92
CMD CLA FD . 21.54 -25.42 -22.46
CAD CLA FD . 24.81 -24.65 -22.34
OBD CLA FD . 24.85 -25.37 -23.32
CBD CLA FD . 25.95 -23.81 -21.85
CGD CLA FD . 26.91 -24.67 -21.09
O1D CLA FD . 26.48 -25.57 -20.38
O2D CLA FD . 28.22 -24.47 -21.18
CED CLA FD . 28.99 -25.50 -21.77
C1 CLA FD . 26.17 -17.39 -21.68
C2 CLA FD . 24.79 -17.73 -21.17
C3 CLA FD . 23.72 -17.09 -21.66
C4 CLA FD . 23.88 -16.04 -22.73
C5 CLA FD . 22.31 -17.36 -21.22
C6 CLA FD . 21.90 -18.80 -21.53
C7 CLA FD . 22.26 -19.24 -22.94
C8 CLA FD . 21.67 -20.60 -23.27
C9 CLA FD . 22.63 -21.41 -24.14
C10 CLA FD . 20.32 -20.40 -23.93
C11 CLA FD . 19.93 -21.59 -24.81
C12 CLA FD . 18.54 -22.10 -24.45
C13 CLA FD . 17.77 -22.53 -25.70
C14 CLA FD . 16.53 -23.33 -25.30
C15 CLA FD . 18.67 -23.32 -26.62
C16 CLA FD . 17.88 -24.04 -27.70
C17 CLA FD . 17.77 -23.19 -28.96
C18 CLA FD . 18.18 -23.97 -30.20
C19 CLA FD . 19.65 -24.34 -30.16
C20 CLA FD . 17.31 -25.21 -30.38
MG CLA GD . 25.39 -28.39 -14.45
CHA CLA GD . 28.82 -28.52 -14.09
CHB CLA GD . 25.74 -27.06 -17.61
CHC CLA GD . 22.10 -28.41 -14.73
CHD CLA GD . 25.05 -29.78 -11.22
NA CLA GD . 27.09 -27.85 -15.74
C1A CLA GD . 28.38 -27.95 -15.42
C2A CLA GD . 29.28 -27.47 -16.51
C3A CLA GD . 28.30 -26.98 -17.58
C4A CLA GD . 26.96 -27.31 -16.97
CMA CLA GD . 28.55 -25.59 -18.13
CAA CLA GD . 30.09 -28.65 -17.04
CBA CLA GD . 29.54 -29.25 -18.34
CGA CLA GD . 29.02 -30.65 -18.10
O1A CLA GD . 28.20 -30.83 -17.22
O2A CLA GD . 29.46 -31.64 -18.85
NB CLA GD . 24.11 -27.83 -15.94
C1B CLA GD . 24.43 -27.29 -17.16
C2B CLA GD . 23.23 -27.02 -17.89
C3B CLA GD . 22.19 -27.41 -17.08
C4B CLA GD . 22.77 -27.91 -15.84
CMB CLA GD . 23.13 -26.44 -19.27
CAB CLA GD . 20.75 -27.29 -17.42
CBB CLA GD . 19.73 -28.33 -17.03
NC CLA GD . 23.83 -29.06 -13.20
C1C CLA GD . 22.55 -28.92 -13.49
C2C CLA GD . 21.66 -29.36 -12.40
C3C CLA GD . 22.52 -29.77 -11.42
C4C CLA GD . 23.88 -29.58 -11.93
CMC CLA GD . 20.16 -29.34 -12.38
CAC CLA GD . 22.14 -30.32 -10.06
CBC CLA GD . 22.27 -31.83 -10.06
ND CLA GD . 26.53 -29.03 -12.98
C1D CLA GD . 26.35 -29.54 -11.74
C2D CLA GD . 27.62 -29.76 -11.04
C3D CLA GD . 28.57 -29.36 -11.97
C4D CLA GD . 27.91 -28.92 -13.12
CMD CLA GD . 27.97 -30.28 -9.69
CAD CLA GD . 30.00 -29.22 -12.17
OBD CLA GD . 30.85 -29.33 -11.30
CBD CLA GD . 30.22 -28.75 -13.58
CGD CLA GD . 30.95 -27.45 -13.67
O1D CLA GD . 30.49 -26.44 -13.17
O2D CLA GD . 32.10 -27.37 -14.34
CED CLA GD . 32.83 -26.16 -14.20
C1 CLA GD . 28.70 -32.87 -19.01
C2 CLA GD . 28.73 -34.00 -18.00
C3 CLA GD . 28.34 -35.23 -18.35
C4 CLA GD . 27.84 -35.53 -19.74
C5 CLA GD . 28.34 -36.40 -17.41
C6 CLA GD . 29.47 -36.30 -16.42
C7 CLA GD . 29.89 -37.67 -15.90
C8 CLA GD . 28.82 -38.33 -15.05
C9 CLA GD . 28.28 -37.37 -13.98
C10 CLA GD . 29.39 -39.57 -14.38
C11 CLA GD . 29.57 -40.72 -15.38
C12 CLA GD . 29.53 -42.06 -14.66
C13 CLA GD . 30.21 -43.15 -15.47
C14 CLA GD . 29.60 -43.27 -16.86
C15 CLA GD . 30.08 -44.48 -14.72
C16 CLA GD . 30.93 -45.57 -15.35
C17 CLA GD . 31.34 -46.59 -14.28
C18 CLA GD . 31.61 -47.96 -14.89
C19 CLA GD . 32.74 -47.89 -15.90
C20 CLA GD . 31.92 -48.98 -13.81
MG CLA HD . 6.72 -29.58 -17.47
CHA CLA HD . 3.53 -29.49 -18.75
CHB CLA HD . 7.11 -32.81 -18.62
CHC CLA HD . 9.81 -29.57 -16.27
CHD CLA HD . 6.34 -26.27 -16.33
NA CLA HD . 5.47 -31.02 -18.57
C1A CLA HD . 4.22 -30.80 -18.99
C2A CLA HD . 3.64 -31.98 -19.70
C3A CLA HD . 4.77 -33.01 -19.63
C4A CLA HD . 5.85 -32.27 -18.91
CMA CLA HD . 4.40 -34.41 -19.19
CAA CLA HD . 3.46 -31.64 -21.18
CBA CLA HD . 4.65 -30.83 -21.71
CGA CLA HD . 4.36 -30.36 -23.11
O1A CLA HD . 3.20 -30.13 -23.43
O2A CLA HD . 5.36 -30.20 -23.95
NB CLA HD . 8.22 -30.96 -17.45
C1B CLA HD . 8.20 -32.22 -17.96
C2B CLA HD . 9.45 -32.86 -17.71
C3B CLA HD . 10.22 -31.96 -17.05
C4B CLA HD . 9.42 -30.76 -16.89
CMB CLA HD . 9.76 -34.26 -18.15
CAB CLA HD . 11.62 -32.07 -16.54
CBB CLA HD . 12.27 -33.38 -16.20
NC CLA HD . 7.90 -28.14 -16.50
C1C CLA HD . 9.15 -28.33 -16.13
C2C CLA HD . 9.79 -27.12 -15.58
C3C CLA HD . 8.81 -26.18 -15.64
C4C CLA HD . 7.62 -26.82 -16.19
CMC CLA HD . 11.21 -26.99 -15.09
CAC CLA HD . 8.95 -24.75 -15.20
CBC CLA HD . 9.19 -23.89 -16.42
ND CLA HD . 5.37 -28.16 -17.50
C1D CLA HD . 5.26 -26.90 -17.00
C2D CLA HD . 3.92 -26.35 -17.23
C3D CLA HD . 3.26 -27.37 -17.91
C4D CLA HD . 4.13 -28.44 -18.06
CMD CLA HD . 3.24 -25.05 -16.90
CAD CLA HD . 1.99 -27.71 -18.51
OBD CLA HD . 1.03 -26.96 -18.65
CBD CLA HD . 2.14 -29.06 -19.16
CGD CLA HD . 1.11 -30.03 -18.64
O1D CLA HD . 1.34 -30.75 -17.68
O2D CLA HD . -0.08 -30.12 -19.21
CED CLA HD . -1.19 -30.20 -18.32
C1 CLA HD . 5.48 -29.00 -24.76
C2 CLA HD . 6.79 -28.25 -24.87
C3 CLA HD . 6.81 -26.94 -25.20
C4 CLA HD . 5.56 -26.17 -25.47
C5 CLA HD . 8.11 -26.16 -25.31
C6 CLA HD . 7.95 -24.81 -24.63
C7 CLA HD . 8.65 -23.71 -25.43
C8 CLA HD . 9.73 -23.03 -24.61
C9 CLA HD . 9.23 -22.65 -23.22
C10 CLA HD . 10.22 -21.79 -25.36
C11 CLA HD . 11.74 -21.70 -25.36
C12 CLA HD . 12.20 -20.64 -26.36
C13 CLA HD . 13.71 -20.47 -26.34
C14 CLA HD . 14.25 -20.45 -24.91
C15 CLA HD . 14.07 -19.19 -27.07
C16 CLA HD . 15.58 -18.99 -27.18
C17 CLA HD . 15.93 -17.51 -27.19
C18 CLA HD . 16.61 -17.10 -28.49
C19 CLA HD . 15.66 -17.21 -29.67
C20 CLA HD . 17.19 -15.70 -28.38
MG CLA ID . 0.20 -28.21 9.20
CHA CLA ID . -1.76 -30.67 10.61
CHB CLA ID . -1.37 -25.81 11.11
CHC CLA ID . 2.24 -25.97 7.90
CHD CLA ID . 1.80 -30.70 7.24
NA CLA ID . -1.39 -28.22 10.71
C1A CLA ID . -2.06 -29.29 11.14
C2A CLA ID . -3.11 -28.94 12.16
C3A CLA ID . -2.98 -27.42 12.27
C4A CLA ID . -1.85 -27.10 11.32
CMA CLA ID . -4.24 -26.59 12.18
CAA CLA ID . -2.69 -29.60 13.48
CBA CLA ID . -3.11 -28.82 14.72
CGA CLA ID . -1.89 -28.32 15.46
O1A CLA ID . -2.06 -27.67 16.48
O2A CLA ID . -0.69 -28.59 14.98
NB CLA ID . 0.41 -26.21 9.47
C1B CLA ID . -0.33 -25.38 10.25
C2B CLA ID . 0.12 -24.02 10.09
C3B CLA ID . 1.13 -24.08 9.18
C4B CLA ID . 1.31 -25.47 8.81
CMB CLA ID . -0.46 -22.81 10.79
CAB CLA ID . 1.96 -22.98 8.63
CBB CLA ID . 2.55 -21.92 9.52
NC CLA ID . 1.81 -28.34 7.84
C1C CLA ID . 2.48 -27.27 7.41
C2C CLA ID . 3.48 -27.61 6.38
C3C CLA ID . 3.36 -28.97 6.22
C4C CLA ID . 2.31 -29.40 7.14
CMC CLA ID . 4.42 -26.68 5.67
CAC CLA ID . 4.16 -29.84 5.28
CBC CLA ID . 5.23 -30.56 6.08
ND CLA ID . 0.15 -30.18 8.93
C1D CLA ID . 0.76 -31.08 8.13
C2D CLA ID . 0.22 -32.43 8.29
C3D CLA ID . -0.77 -32.25 9.26
C4D CLA ID . -0.80 -30.90 9.64
CMD CLA ID . 0.52 -33.76 7.67
CAD CLA ID . -1.76 -32.97 10.02
OBD CLA ID . -1.90 -34.18 10.04
CBD CLA ID . -2.41 -32.00 10.97
CGD CLA ID . -3.89 -31.94 10.74
O1D CLA ID . -4.66 -31.81 11.68
O2D CLA ID . -4.41 -32.00 9.52
CED CLA ID . -5.56 -31.19 9.30
C1 CLA ID . 0.45 -28.87 15.86
C2 CLA ID . 0.83 -27.97 17.02
C3 CLA ID . 2.11 -27.63 17.24
C4 CLA ID . 2.48 -26.74 18.39
C5 CLA ID . 3.25 -28.10 16.37
MG CLA JD . -1.05 -19.04 13.85
CHA CLA JD . -3.44 -21.51 14.15
CHB CLA JD . -3.51 -16.62 13.69
CHC CLA JD . 1.32 -16.75 13.65
CHD CLA JD . 1.45 -21.53 14.04
NA CLA JD . -3.27 -19.03 13.92
C1A CLA JD . -4.04 -20.12 14.03
C2A CLA JD . -5.50 -19.77 14.03
C3A CLA JD . -5.48 -18.24 13.87
C4A CLA JD . -4.01 -17.92 13.81
CMA CLA JD . -6.40 -17.58 12.86
CAA CLA JD . -6.10 -20.16 15.37
CBA CLA JD . -5.92 -19.12 16.48
CGA CLA JD . -4.53 -19.18 17.07
O1A CLA JD . -3.69 -18.39 16.68
O2A CLA JD . -4.23 -20.09 17.98
NB CLA JD . -1.09 -17.01 13.70
C1B CLA JD . -2.17 -16.18 13.63
C2B CLA JD . -1.75 -14.81 13.52
C3B CLA JD . -0.38 -14.85 13.50
C4B CLA JD . 0.01 -16.26 13.62
CMB CLA JD . -2.67 -13.63 13.43
CAB CLA JD . 0.61 -13.76 13.39
CBB CLA JD . 0.35 -12.35 13.87
NC CLA JD . 1.04 -19.12 13.92
C1C CLA JD . 1.83 -18.06 13.77
C2C CLA JD . 3.26 -18.40 13.73
C3C CLA JD . 3.28 -19.77 13.87
C4C CLA JD . 1.89 -20.20 13.98
CMC CLA JD . 4.40 -17.45 13.58
CAC CLA JD . 4.50 -20.66 13.91
CBC CLA JD . 4.87 -21.06 12.51
ND CLA JD . -0.91 -21.00 14.05
C1D CLA JD . 0.09 -21.92 14.10
C2D CLA JD . -0.42 -23.28 14.22
C3D CLA JD . -1.79 -23.11 14.24
C4D CLA JD . -2.08 -21.74 14.13
CMD CLA JD . 0.23 -24.63 14.31
CAD CLA JD . -3.04 -23.84 14.32
OBD CLA JD . -3.14 -24.99 14.69
CBD CLA JD . -4.16 -22.84 14.27
CGD CLA JD . -5.01 -23.07 13.07
O1D CLA JD . -4.52 -23.18 11.96
O2D CLA JD . -6.34 -23.14 13.18
CED CLA JD . -6.96 -24.28 12.61
C1 CLA JD . -3.68 -19.73 19.30
C2 CLA JD . -3.20 -18.34 19.64
C3 CLA JD . -2.28 -18.15 20.60
C4 CLA JD . -1.70 -19.30 21.36
C5 CLA JD . -1.78 -16.76 20.97
C6 CLA JD . -2.47 -16.32 22.26
C7 CLA JD . -2.02 -14.92 22.67
C8 CLA JD . -3.19 -14.10 23.20
C9 CLA JD . -4.34 -14.07 22.20
C10 CLA JD . -2.72 -12.69 23.53
C11 CLA JD . -1.53 -12.71 24.47
C12 CLA JD . -1.24 -11.32 25.02
C13 CLA JD . 0.25 -11.09 25.20
C14 CLA JD . 0.69 -11.48 26.61
C15 CLA JD . 0.58 -9.64 24.90
C16 CLA JD . 2.06 -9.34 25.07
C17 CLA JD . 2.29 -8.24 26.10
C18 CLA JD . 2.81 -6.95 25.47
C19 CLA JD . 3.99 -7.23 24.55
C20 CLA JD . 1.71 -6.21 24.74
MG CLA KD . 5.63 -3.65 12.41
CHA CLA KD . 3.27 -5.88 11.24
CHB CLA KD . 4.27 -1.14 10.48
CHC CLA KD . 7.84 -1.59 13.72
CHD CLA KD . 7.00 -6.26 14.37
NA CLA KD . 3.94 -3.50 11.00
C1A CLA KD . 3.12 -4.49 10.66
C2A CLA KD . 2.11 -4.07 9.64
C3A CLA KD . 2.47 -2.59 9.41
C4A CLA KD . 3.62 -2.37 10.34
CMA CLA KD . 2.55 -2.07 7.98
CAA CLA KD . 0.71 -4.10 10.26
CBA CLA KD . 0.79 -3.65 11.71
CGA CLA KD . -0.57 -3.53 12.35
O1A CLA KD . -0.63 -3.31 13.55
O2A CLA KD . -1.65 -3.64 11.60
NB CLA KD . 6.00 -1.66 12.15
C1B CLA KD . 5.36 -0.80 11.30
C2B CLA KD . 5.96 0.50 11.40
C3B CLA KD . 6.97 0.38 12.31
C4B CLA KD . 6.98 -1.01 12.78
CMB CLA KD . 5.57 1.74 10.65
CAB CLA KD . 7.86 1.50 12.72
CBB CLA KD . 8.37 1.65 14.13
NC CLA KD . 7.14 -3.87 13.85
C1C CLA KD . 7.96 -2.90 14.22
C2C CLA KD . 8.99 -3.36 15.19
C3C CLA KD . 8.72 -4.68 15.37
C4C CLA KD . 7.57 -5.00 14.53
CMC CLA KD . 10.09 -2.53 15.82
CAC CLA KD . 9.46 -5.66 16.26
CBC CLA KD . 10.44 -6.47 15.46
ND CLA KD . 5.32 -5.58 12.78
C1D CLA KD . 5.87 -6.53 13.57
C2D CLA KD . 5.17 -7.80 13.47
C3D CLA KD . 4.15 -7.53 12.57
C4D CLA KD . 4.26 -6.21 12.16
CMD CLA KD . 5.34 -9.15 14.12
CAD CLA KD . 3.03 -8.15 11.88
OBD CLA KD . 2.48 -9.17 12.24
CBD CLA KD . 2.44 -7.12 10.98
CGD CLA KD . 2.62 -7.52 9.55
O1D CLA KD . 3.73 -7.56 9.06
O2D CLA KD . 1.59 -7.85 8.80
CED CLA KD . 1.74 -9.04 8.05
C1 CLA KD . -2.96 -3.75 12.23
C2 CLA KD . -3.23 -4.74 13.35
C3 CLA KD . -3.94 -5.85 13.10
C4 CLA KD . -4.44 -6.12 11.72
C5 CLA KD . -4.24 -6.87 14.15
C6 CLA KD . -3.09 -6.96 15.14
C7 CLA KD . -1.92 -7.74 14.57
C8 CLA KD . -0.70 -7.60 15.47
C9 CLA KD . 0.57 -7.41 14.66
C10 CLA KD . -0.61 -8.81 16.38
C11 CLA KD . -0.19 -8.42 17.79
C12 CLA KD . -0.65 -9.44 18.81
C13 CLA KD . -0.03 -10.81 18.56
C14 CLA KD . -0.50 -11.81 19.61
C15 CLA KD . 1.48 -10.70 18.56
C16 CLA KD . 2.13 -12.05 18.29
C17 CLA KD . 2.71 -12.11 16.87
C18 CLA KD . 3.44 -13.43 16.63
C19 CLA KD . 4.15 -13.41 15.29
C20 CLA KD . 4.42 -13.72 17.76
MG CLA LD . 11.41 5.57 9.64
CHA CLA LD . 12.71 8.06 11.64
CHB CLA LD . 11.59 3.32 12.23
CHC CLA LD . 10.00 3.32 7.67
CHD CLA LD . 11.27 7.89 6.98
NA CLA LD . 12.06 5.66 11.74
C1A CLA LD . 12.55 6.74 12.35
C2A CLA LD . 12.92 6.45 13.78
C3A CLA LD . 12.58 4.97 13.93
C4A CLA LD . 12.03 4.61 12.58
CMA CLA LD . 13.65 4.07 14.52
CAA CLA LD . 12.07 7.36 14.67
CBA CLA LD . 11.29 6.69 15.78
CGA CLA LD . 10.26 7.68 16.27
O1A CLA LD . 9.45 8.12 15.49
O2A CLA LD . 10.28 8.06 17.54
NB CLA LD . 10.86 3.63 9.91
C1B CLA LD . 11.05 2.85 11.02
C2B CLA LD . 10.62 1.50 10.74
C3B CLA LD . 10.18 1.51 9.45
C4B CLA LD . 10.34 2.87 8.95
CMB CLA LD . 10.68 0.34 11.70
CAB CLA LD . 9.62 0.43 8.61
CBB CLA LD . 8.84 -0.75 9.16
NC CLA LD . 10.71 5.61 7.65
C1C CLA LD . 10.16 4.57 7.05
C2C CLA LD . 9.74 4.89 5.66
C3C CLA LD . 10.09 6.19 5.49
C4C CLA LD . 10.69 6.64 6.74
CMC CLA LD . 9.07 3.95 4.70
CAC CLA LD . 9.88 7.04 4.26
CBC CLA LD . 8.65 7.92 4.45
ND CLA LD . 11.81 7.48 9.30
C1D CLA LD . 11.78 8.31 8.22
C2D CLA LD . 12.32 9.63 8.53
C3D CLA LD . 12.67 9.52 9.87
C4D CLA LD . 12.37 8.23 10.31
CMD CLA LD . 12.52 10.89 7.73
CAD CLA LD . 13.25 10.26 10.96
OBD CLA LD . 13.80 11.35 10.89
CBD CLA LD . 13.24 9.38 12.17
CGD CLA LD . 14.62 9.22 12.72
O1D CLA LD . 15.07 10.04 13.51
O2D CLA LD . 15.41 8.21 12.36
CED CLA LD . 16.26 7.71 13.37
C1 CLA LD . 9.28 7.57 18.48
C2 CLA LD . 7.81 7.58 18.13
C3 CLA LD . 6.90 7.17 19.03
C4 CLA LD . 7.30 6.70 20.39
C5 CLA LD . 5.41 7.16 18.72
C6 CLA LD . 4.82 5.81 19.13
C7 CLA LD . 3.31 5.91 19.29
C8 CLA LD . 2.62 5.99 17.94
C9 CLA LD . 1.84 7.30 17.81
C10 CLA LD . 1.69 4.79 17.76
C11 CLA LD . 1.12 4.75 16.35
C12 CLA LD . -0.14 3.91 16.28
C13 CLA LD . -0.65 3.80 14.86
MG CLA MD . 27.22 -26.00 10.95
CHA CLA MD . 30.14 -27.83 10.72
CHB CLA MD . 26.89 -26.08 7.52
CHC CLA MD . 24.37 -24.39 11.29
CHD CLA MD . 27.65 -25.90 14.45
NA CLA MD . 28.37 -26.87 9.28
C1A CLA MD . 29.52 -27.55 9.39
C2A CLA MD . 30.09 -27.93 8.06
C3A CLA MD . 29.08 -27.31 7.10
C4A CLA MD . 28.03 -26.74 7.99
CMA CLA MD . 29.70 -26.30 6.18
CAA CLA MD . 30.11 -29.44 7.88
CBA CLA MD . 28.70 -30.03 7.76
CGA CLA MD . 28.77 -31.52 7.97
O1A CLA MD . 29.54 -31.95 8.82
O2A CLA MD . 28.01 -32.33 7.26
NB CLA MD . 25.83 -25.35 9.61
C1B CLA MD . 25.87 -25.45 8.25
C2B CLA MD . 24.72 -24.81 7.68
C3B CLA MD . 23.99 -24.33 8.73
C4B CLA MD . 24.72 -24.68 9.96
CMB CLA MD . 24.37 -24.71 6.21
CAB CLA MD . 22.72 -23.59 8.59
CBB CLA MD . 21.65 -23.53 9.66
NC CLA MD . 26.13 -25.33 12.61
C1C CLA MD . 25.01 -24.65 12.52
C2C CLA MD . 24.51 -24.19 13.84
C3C CLA MD . 25.43 -24.66 14.73
C4C CLA MD . 26.45 -25.36 13.95
CMC CLA MD . 23.26 -23.40 14.12
CAC CLA MD . 25.41 -24.48 16.23
CBC CLA MD . 24.98 -25.77 16.89
ND CLA MD . 28.50 -26.66 12.32
C1D CLA MD . 28.62 -26.58 13.68
C2D CLA MD . 29.84 -27.24 14.15
C3D CLA MD . 30.41 -27.73 12.98
C4D CLA MD . 29.60 -27.38 11.91
CMD CLA MD . 30.48 -27.46 15.50
CAD CLA MD . 31.56 -28.48 12.50
OBD CLA MD . 32.32 -29.13 13.18
CBD CLA MD . 31.45 -28.55 11.01
CGD CLA MD . 32.55 -27.76 10.37
O1D CLA MD . 32.63 -26.56 10.54
O2D CLA MD . 33.48 -28.36 9.63
CED CLA MD . 34.83 -28.03 9.94
C1 CLA MD . 26.89 -33.04 7.88
C2 CLA MD . 26.87 -33.33 9.35
C3 CLA MD . 26.68 -34.57 9.81
C4 CLA MD . 26.47 -35.74 8.88
C5 CLA MD . 26.65 -34.89 11.28
C6 CLA MD . 25.41 -34.27 11.91
C7 CLA MD . 25.22 -34.77 13.34
C8 CLA MD . 25.51 -33.67 14.36
C9 CLA MD . 25.00 -32.32 13.87
C10 CLA MD . 27.00 -33.63 14.66
C11 CLA MD . 27.30 -33.95 16.12
C12 CLA MD . 26.32 -33.25 17.05
C13 CLA MD . 26.83 -33.18 18.48
C14 CLA MD . 27.46 -34.50 18.91
C15 CLA MD . 25.70 -32.80 19.43
C16 CLA MD . 24.63 -31.96 18.73
C17 CLA MD . 24.19 -30.79 19.61
C18 CLA MD . 23.62 -31.26 20.93
C19 CLA MD . 23.57 -30.13 21.95
C20 CLA MD . 22.23 -31.86 20.73
MG CLA ND . 30.15 -31.76 15.83
CHA CLA ND . 32.66 -34.11 15.56
CHB CLA ND . 29.63 -31.86 12.42
CHC CLA ND . 27.65 -29.64 16.23
CHD CLA ND . 30.73 -31.64 19.32
NA CLA ND . 31.03 -32.87 14.14
C1A CLA ND . 32.03 -33.75 14.24
C2A CLA ND . 32.42 -34.28 12.88
C3A CLA ND . 31.48 -33.55 11.93
C4A CLA ND . 30.66 -32.71 12.86
CMA CLA ND . 32.04 -32.91 10.66
CAA CLA ND . 32.15 -35.77 12.86
CBA CLA ND . 31.01 -36.20 11.93
CGA CLA ND . 29.80 -36.53 12.77
O1A CLA ND . 29.34 -35.70 13.54
O2A CLA ND . 29.24 -37.72 12.65
NB CLA ND . 28.84 -30.90 14.53
C1B CLA ND . 28.79 -31.03 13.18
C2B CLA ND . 27.75 -30.21 12.63
C3B CLA ND . 27.19 -29.58 13.71
C4B CLA ND . 27.89 -30.02 14.91
CMB CLA ND . 27.37 -30.08 11.19
CAB CLA ND . 26.06 -28.61 13.65
CBB CLA ND . 24.87 -28.71 14.58
NC CLA ND . 29.29 -30.83 17.52
C1C CLA ND . 28.30 -29.96 17.44
C2C CLA ND . 27.95 -29.39 18.76
C3C CLA ND . 28.82 -29.98 19.63
C4C CLA ND . 29.66 -30.87 18.85
CMC CLA ND . 26.87 -28.39 19.05
CAC CLA ND . 28.90 -29.75 21.12
CBC CLA ND . 28.23 -30.88 21.85
ND CLA ND . 31.33 -32.60 17.18
C1D CLA ND . 31.51 -32.50 18.52
C2D CLA ND . 32.58 -33.38 18.99
C3D CLA ND . 33.02 -34.00 17.83
C4D CLA ND . 32.27 -33.52 16.75
CMD CLA ND . 33.18 -33.67 20.34
CAD CLA ND . 33.98 -34.97 17.35
OBD CLA ND . 34.50 -35.82 18.04
CBD CLA ND . 33.76 -35.11 15.86
CGD CLA ND . 35.01 -34.76 15.12
O1D CLA ND . 35.51 -33.65 15.21
O2D CLA ND . 35.58 -35.67 14.34
CED CLA ND . 36.87 -36.14 14.76
CHA CLA OD . 24.61 -17.69 5.38
CHB CLA OD . 20.50 -18.86 3.04
CHC CLA OD . 22.07 -16.44 -0.80
CHD CLA OD . 26.14 -15.32 1.44
NA CLA OD . 22.65 -18.13 3.96
C1A CLA OD . 23.26 -18.29 5.14
C2A CLA OD . 22.50 -19.09 6.15
C3A CLA OD . 21.25 -19.46 5.37
C4A CLA OD . 21.46 -18.78 4.06
CMA CLA OD . 20.80 -20.91 5.41
CAA CLA OD . 22.12 -18.17 7.29
CBA CLA OD . 21.19 -18.83 8.30
CGA CLA OD . 21.52 -18.25 9.64
O1A CLA OD . 22.69 -18.15 9.95
O2A CLA OD . 20.57 -17.85 10.46
NB CLA OD . 21.56 -17.57 1.27
C1B CLA OD . 20.52 -18.31 1.76
C2B CLA OD . 19.48 -18.43 0.77
C3B CLA OD . 19.94 -17.75 -0.31
C4B CLA OD . 21.26 -17.21 0.02
CMB CLA OD . 18.18 -19.17 0.90
CAB CLA OD . 19.24 -17.58 -1.59
CBB CLA OD . 19.84 -18.12 -2.87
NC CLA OD . 23.95 -16.06 0.61
C1C CLA OD . 23.33 -15.89 -0.55
C2C CLA OD . 24.10 -15.08 -1.51
C3C CLA OD . 25.25 -14.76 -0.84
C4C CLA OD . 25.14 -15.37 0.47
CMC CLA OD . 23.69 -14.70 -2.92
CAC CLA OD . 26.40 -13.92 -1.36
CBC CLA OD . 27.59 -14.78 -1.72
ND CLA OD . 24.92 -16.60 3.09
C1D CLA OD . 26.03 -15.89 2.71
C2D CLA OD . 27.06 -15.84 3.73
C3D CLA OD . 26.49 -16.54 4.77
C4D CLA OD . 25.23 -16.97 4.38
CMD CLA OD . 28.43 -15.22 3.83
CAD CLA OD . 26.74 -17.00 6.13
OBD CLA OD . 27.86 -17.18 6.58
CBD CLA OD . 25.52 -17.73 6.58
CGD CLA OD . 25.91 -19.15 6.88
O1D CLA OD . 26.13 -19.49 8.03
O2D CLA OD . 26.04 -20.03 5.90
CED CLA OD . 25.56 -21.34 6.19
C1 CLA OD . 20.63 -18.26 11.86
C2 CLA OD . 19.86 -19.45 12.38
C3 CLA OD . 20.12 -19.93 13.60
C4 CLA OD . 21.18 -19.33 14.47
C5 CLA OD . 19.37 -21.10 14.18
C6 CLA OD . 18.01 -21.20 13.49
C7 CLA OD . 16.93 -20.42 14.24
C8 CLA OD . 15.57 -21.10 14.16
C9 CLA OD . 15.72 -22.62 13.94
C10 CLA OD . 14.74 -20.48 13.06
C11 CLA OD . 13.44 -19.89 13.60
C12 CLA OD . 12.59 -20.94 14.30
C13 CLA OD . 11.10 -20.70 14.07
C14 CLA OD . 10.69 -19.32 14.56
C15 CLA OD . 10.31 -21.79 14.77
C16 CLA OD . 9.01 -22.10 14.04
C17 CLA OD . 8.11 -23.02 14.86
C18 CLA OD . 7.66 -24.21 14.02
C19 CLA OD . 8.27 -25.51 14.55
C20 CLA OD . 6.14 -24.31 13.98
MG CLA PD . 15.02 -12.86 10.49
CHA CLA PD . 18.33 -13.74 9.96
CHB CLA PD . 14.00 -14.96 7.97
CHC CLA PD . 11.90 -12.03 11.18
CHD CLA PD . 16.09 -10.71 13.09
NA CLA PD . 16.04 -14.23 9.09
C1A CLA PD . 17.36 -14.43 9.02
C2A CLA PD . 17.72 -15.41 7.94
C3A CLA PD . 16.35 -15.76 7.32
C4A CLA PD . 15.39 -14.96 8.15
CMA CLA PD . 16.21 -15.75 5.81
CAA CLA PD . 18.30 -16.65 8.61
CBA CLA PD . 17.24 -17.54 9.26
CGA CLA PD . 17.13 -17.36 10.75
O1A CLA PD . 17.13 -18.34 11.46
O2A CLA PD . 17.03 -16.15 11.27
NB CLA PD . 13.23 -13.42 9.71
C1B CLA PD . 13.00 -14.27 8.66
C2B CLA PD . 11.59 -14.35 8.40
C3B CLA PD . 11.00 -13.51 9.31
C4B CLA PD . 12.06 -12.93 10.13
CMB CLA PD . 10.94 -15.19 7.33
CAB CLA PD . 9.56 -13.20 9.51
CBB CLA PD . 8.48 -14.26 9.39
NC CLA PD . 14.14 -11.64 11.95
C1C CLA PD . 12.84 -11.39 12.01
C2C CLA PD . 12.50 -10.37 13.05
C3C CLA PD . 13.71 -10.04 13.59
C4C CLA PD . 14.72 -10.82 12.90
CMC CLA PD . 11.14 -9.85 13.41
CAC CLA PD . 13.96 -9.04 14.69
CBC CLA PD . 14.24 -7.68 14.09
ND CLA PD . 16.71 -12.31 11.36
C1D CLA PD . 17.07 -11.46 12.37
C2D CLA PD . 18.51 -11.43 12.60
C3D CLA PD . 18.99 -12.33 11.64
C4D CLA PD . 17.91 -12.84 10.92
CMD CLA PD . 19.41 -10.70 13.54
CAD CLA PD . 20.21 -12.91 11.15
OBD CLA PD . 21.28 -12.88 11.72
CBD CLA PD . 19.83 -13.92 10.10
CGD CLA PD . 20.60 -13.66 8.83
O1D CLA PD . 20.79 -14.55 8.03
O2D CLA PD . 21.11 -12.47 8.58
CED CLA PD . 21.50 -12.27 7.22
C1 CLA PD . 16.21 -15.89 12.46
C2 CLA PD . 14.78 -16.35 12.58
C3 CLA PD . 13.88 -15.61 13.26
C4 CLA PD . 14.26 -14.32 13.91
C5 CLA PD . 12.43 -16.05 13.39
C6 CLA PD . 11.53 -14.84 13.61
C7 CLA PD . 10.08 -15.19 13.26
C8 CLA PD . 9.12 -14.66 14.31
C9 CLA PD . 7.74 -15.32 14.19
C10 CLA PD . 8.99 -13.15 14.17
C11 CLA PD . 9.00 -12.48 15.55
C12 CLA PD . 7.61 -11.98 15.91
C13 CLA PD . 7.67 -10.90 17.00
C14 CLA PD . 8.83 -9.95 16.79
C15 CLA PD . 7.74 -11.57 18.37
C16 CLA PD . 6.59 -11.12 19.26
C17 CLA PD . 6.96 -11.20 20.73
C18 CLA PD . 5.99 -10.39 21.58
C19 CLA PD . 5.33 -11.26 22.64
C20 CLA PD . 6.68 -9.20 22.22
MG CLA QD . 8.98 -20.36 6.34
CHA CLA QD . 12.37 -20.14 5.68
CHB CLA QD . 8.51 -22.20 3.47
CHC CLA QD . 5.78 -20.55 7.10
CHD CLA QD . 9.50 -18.43 9.25
NA CLA QD . 10.29 -21.12 4.73
C1A CLA QD . 11.61 -20.92 4.64
C2A CLA QD . 12.18 -21.53 3.39
C3A CLA QD . 10.95 -22.13 2.71
C4A CLA QD . 9.85 -21.82 3.67
CMA CLA QD . 10.72 -21.82 1.25
CAA CLA QD . 13.18 -22.63 3.69
CBA CLA QD . 12.66 -23.61 4.73
CGA CLA QD . 13.69 -24.69 4.92
O1A CLA QD . 14.87 -24.41 4.79
O2A CLA QD . 13.31 -25.91 5.24
NB CLA QD . 7.39 -21.25 5.43
C1B CLA QD . 7.37 -21.96 4.27
C2B CLA QD . 6.04 -22.42 3.99
C3B CLA QD . 5.27 -21.95 5.00
C4B CLA QD . 6.14 -21.21 5.92
CMB CLA QD . 5.61 -23.24 2.81
CAB CLA QD . 3.80 -22.20 5.11
CBB CLA QD . 2.84 -21.34 5.90
NC CLA QD . 7.85 -19.70 7.98
C1C CLA QD . 6.53 -19.80 8.04
C2C CLA QD . 5.95 -19.06 9.19
C3C CLA QD . 7.03 -18.51 9.80
C4C CLA QD . 8.21 -18.91 9.05
CMC CLA QD . 4.50 -18.96 9.57
CAC CLA QD . 7.02 -17.64 11.05
CBC CLA QD . 7.58 -18.43 12.21
ND CLA QD . 10.46 -19.46 7.30
C1D CLA QD . 10.61 -18.76 8.44
C2D CLA QD . 12.00 -18.40 8.70
C3D CLA QD . 12.67 -18.94 7.62
C4D CLA QD . 11.75 -19.58 6.79
CMD CLA QD . 12.69 -17.65 9.80
CAD CLA QD . 13.99 -19.10 7.05
OBD CLA QD . 15.03 -18.98 7.66
CBD CLA QD . 13.85 -19.81 5.74
CGD CLA QD . 14.22 -18.85 4.66
O1D CLA QD . 15.36 -18.74 4.27
O2D CLA QD . 13.29 -18.07 4.10
CED CLA QD . 13.17 -18.19 2.69
C1 CLA QD . 13.56 -26.44 6.58
C2 CLA QD . 14.91 -26.29 7.22
C3 CLA QD . 15.23 -26.99 8.31
C4 CLA QD . 16.57 -26.85 8.97
C5 CLA QD . 14.28 -27.97 8.96
C6 CLA QD . 14.21 -27.70 10.45
C7 CLA QD . 13.05 -26.76 10.79
C8 CLA QD . 12.43 -27.13 12.13
MG CLA RD . -0.83 -16.99 -42.30
CHA CLA RD . -0.05 -18.67 -45.21
CHB CLA RD . 0.85 -19.37 -40.44
CHC CLA RD . -1.54 -15.26 -39.59
CHD CLA RD . -2.53 -14.57 -44.23
NA CLA RD . 0.31 -18.83 -42.75
C1A CLA RD . 0.51 -19.34 -43.98
C2A CLA RD . 1.35 -20.57 -43.95
C3A CLA RD . 1.59 -20.79 -42.45
C4A CLA RD . 0.90 -19.61 -41.83
CMA CLA RD . 1.42 -22.17 -41.85
CAA CLA RD . 2.69 -20.23 -44.59
CBA CLA RD . 3.26 -18.95 -43.97
CGA CLA RD . 4.18 -18.18 -44.88
O1A CLA RD . 5.36 -18.50 -44.94
O2A CLA RD . 3.70 -17.16 -45.58
NB CLA RD . -0.40 -17.26 -40.32
C1B CLA RD . 0.26 -18.31 -39.74
C2B CLA RD . 0.28 -18.13 -38.32
C3B CLA RD . -0.40 -16.98 -38.07
C4B CLA RD . -0.82 -16.43 -39.36
CMB CLA RD . 0.92 -19.06 -37.32
CAB CLA RD . -0.65 -16.38 -36.75
CBB CLA RD . -2.02 -15.94 -36.32
NC CLA RD . -1.85 -15.19 -41.97
C1C CLA RD . -2.01 -14.64 -40.77
C2C CLA RD . -2.73 -13.35 -40.83
C3C CLA RD . -2.99 -13.16 -42.17
C4C CLA RD . -2.43 -14.31 -42.86
CMC CLA RD . -3.08 -12.45 -39.67
CAC CLA RD . -3.70 -11.98 -42.81
CBC CLA RD . -5.19 -12.17 -42.73
ND CLA RD . -1.24 -16.61 -44.20
C1D CLA RD . -1.92 -15.65 -44.89
C2D CLA RD . -1.92 -15.92 -46.33
C3D CLA RD . -1.19 -17.09 -46.44
C4D CLA RD . -0.78 -17.49 -45.17
CMD CLA RD . -2.51 -15.21 -47.52
CAD CLA RD . -0.69 -18.06 -47.40
OBD CLA RD . -0.81 -17.98 -48.61
CBD CLA RD . 0.07 -19.09 -46.66
CGD CLA RD . -0.53 -20.46 -46.85
O1D CLA RD . -1.59 -20.74 -46.33
O2D CLA RD . 0.08 -21.36 -47.60
CED CLA RD . -0.76 -22.12 -48.47
C1 CLA RD . 4.52 -16.05 -46.04
C2 CLA RD . 5.79 -15.60 -45.37
C3 CLA RD . 5.95 -14.33 -44.97
C4 CLA RD . 4.88 -13.30 -45.16
C5 CLA RD . 7.22 -13.85 -44.29
C6 CLA RD . 7.71 -12.57 -44.96
C7 CLA RD . 8.85 -11.94 -44.16
C8 CLA RD . 10.09 -12.83 -44.18
C9 CLA RD . 11.02 -12.48 -43.02
C10 CLA RD . 10.81 -12.70 -45.51
C11 CLA RD . 12.12 -13.46 -45.49
C12 CLA RD . 12.87 -13.34 -46.81
C13 CLA RD . 14.19 -14.10 -46.76
C14 CLA RD . 14.99 -13.85 -48.04
C15 CLA RD . 13.91 -15.58 -46.55
C16 CLA RD . 15.18 -16.32 -46.13
C17 CLA RD . 14.93 -17.83 -46.14
C18 CLA RD . 16.24 -18.61 -46.03
C19 CLA RD . 16.13 -19.71 -44.97
C20 CLA RD . 16.65 -19.21 -47.37
MG CLA SD . 8.60 -13.38 -31.05
CHA CLA SD . 7.99 -16.65 -30.12
CHB CLA SD . 11.90 -13.70 -30.15
CHC CLA SD . 9.07 -10.25 -32.02
CHD CLA SD . 5.21 -13.09 -31.98
NA CLA SD . 9.85 -15.01 -30.23
C1A CLA SD . 9.43 -16.23 -29.92
C2A CLA SD . 10.53 -17.08 -29.36
C3A CLA SD . 11.73 -16.12 -29.36
C4A CLA SD . 11.15 -14.87 -29.95
CMA CLA SD . 12.60 -16.01 -28.11
CAA CLA SD . 10.76 -18.26 -30.31
CBA CLA SD . 12.22 -18.45 -30.70
CGA CLA SD . 12.37 -18.48 -32.20
O1A CLA SD . 13.20 -17.77 -32.72
O2A CLA SD . 11.57 -19.26 -32.91
NB CLA SD . 10.23 -12.16 -31.09
C1B CLA SD . 11.50 -12.45 -30.67
C2B CLA SD . 12.34 -11.30 -30.85
C3B CLA SD . 11.54 -10.33 -31.38
C4B CLA SD . 10.20 -10.89 -31.52
CMB CLA SD . 13.80 -11.20 -30.53
CAB CLA SD . 11.99 -8.96 -31.72
CBB CLA SD . 11.53 -8.23 -32.96
NC CLA SD . 7.36 -11.93 -31.94
C1C CLA SD . 7.75 -10.70 -32.21
C2C CLA SD . 6.64 -9.86 -32.73
C3C CLA SD . 5.57 -10.69 -32.75
C4C CLA SD . 6.02 -11.99 -32.25
CMC CLA SD . 6.72 -8.41 -33.15
CAC CLA SD . 4.16 -10.39 -33.20
CBC CLA SD . 3.45 -9.64 -32.10
ND CLA SD . 6.96 -14.49 -31.10
C1D CLA SD . 5.67 -14.32 -31.47
C2D CLA SD . 4.86 -15.51 -31.24
C3D CLA SD . 5.78 -16.42 -30.72
C4D CLA SD . 7.02 -15.80 -30.65
CMD CLA SD . 3.41 -15.86 -31.45
CAD CLA SD . 5.90 -17.77 -30.24
OBD CLA SD . 5.04 -18.64 -30.28
CBD CLA SD . 7.33 -17.98 -29.82
CGD CLA SD . 7.40 -18.25 -28.35
O1D CLA SD . 7.19 -17.36 -27.54
O2D CLA SD . 7.69 -19.46 -27.90
CED CLA SD . 6.73 -20.06 -27.02
C1 CLA SD . 11.96 -19.66 -34.26
C2 CLA SD . 12.04 -18.67 -35.39
C3 CLA SD . 11.92 -19.07 -36.66
C4 CLA SD . 11.72 -20.52 -37.02
C5 CLA SD . 12.00 -18.10 -37.83
C6 CLA SD . 10.96 -18.48 -38.88
C7 CLA SD . 10.74 -17.32 -39.84
C8 CLA SD . 11.31 -17.64 -41.22
C9 CLA SD . 12.58 -16.83 -41.48
C10 CLA SD . 10.25 -17.34 -42.26
C11 CLA SD . 10.85 -17.10 -43.64
C12 CLA SD . 9.76 -17.10 -44.71
C13 CLA SD . 10.31 -16.75 -46.08
C14 CLA SD . 9.25 -16.04 -46.91
C15 CLA SD . 10.82 -18.02 -46.79
C16 CLA SD . 10.06 -19.27 -46.38
C17 CLA SD . 11.00 -20.34 -45.83
C18 CLA SD . 10.99 -21.60 -46.69
C19 CLA SD . 9.58 -22.02 -47.06
C20 CLA SD . 11.84 -21.41 -47.94
MG CLA TD . 6.18 -40.88 18.07
CHA CLA TD . 6.06 -39.91 14.76
CHB CLA TD . 7.13 -37.68 18.99
CHC CLA TD . 6.09 -41.85 21.21
CHD CLA TD . 5.23 -44.13 17.09
NA CLA TD . 6.56 -38.97 17.00
C1A CLA TD . 6.46 -38.79 15.68
C2A CLA TD . 6.87 -37.39 15.28
C3A CLA TD . 7.21 -36.74 16.63
C4A CLA TD . 6.95 -37.84 17.61
CMA CLA TD . 8.49 -35.93 16.73
CAA CLA TD . 5.78 -36.59 14.59
CBA CLA TD . 4.38 -36.97 15.05
CGA CLA TD . 3.44 -35.81 14.76
O1A CLA TD . 2.27 -36.05 14.55
O2A CLA TD . 3.90 -34.58 14.79
NB CLA TD . 6.54 -39.91 19.82
C1B CLA TD . 6.95 -38.63 20.02
C2B CLA TD . 7.15 -38.38 21.43
C3B CLA TD . 6.85 -39.56 22.05
C4B CLA TD . 6.48 -40.52 21.02
CMB CLA TD . 7.59 -37.09 22.05
CAB CLA TD . 6.89 -39.89 23.49
CBB CLA TD . 8.07 -39.50 24.35
NC CLA TD . 5.66 -42.68 19.00
C1C CLA TD . 5.78 -42.89 20.30
C2C CLA TD . 5.56 -44.31 20.69
C3C CLA TD . 5.28 -44.93 19.51
C4C CLA TD . 5.37 -43.92 18.46
CMC CLA TD . 5.61 -44.90 22.07
CAC CLA TD . 5.01 -46.41 19.33
CBC CLA TD . 3.52 -46.68 19.40
ND CLA TD . 5.71 -41.86 16.42
C1D CLA TD . 5.38 -43.14 16.10
C2D CLA TD . 5.26 -43.33 14.66
C3D CLA TD . 5.52 -42.06 14.14
C4D CLA TD . 5.78 -41.20 15.21
CMD CLA TD . 4.93 -44.51 13.79
CAD CLA TD . 5.61 -41.32 12.90
OBD CLA TD . 5.24 -41.73 11.81
CBD CLA TD . 5.83 -39.88 13.26
CGD CLA TD . 7.03 -39.35 12.54
O1D CLA TD . 6.89 -38.49 11.68
O2D CLA TD . 8.26 -39.77 12.81
CED CLA TD . 9.24 -38.74 12.86
C1 CLA TD . 2.99 -33.48 14.46
C2 CLA TD . 3.22 -32.55 13.29
C3 CLA TD . 2.25 -31.69 12.93
C4 CLA TD . 0.94 -31.65 13.65
C5 CLA TD . 2.41 -30.73 11.78
C6 CLA TD . 2.89 -29.37 12.28
C7 CLA TD . 3.04 -28.38 11.14
C8 CLA TD . 4.00 -27.24 11.48
C9 CLA TD . 3.23 -26.03 11.99
C10 CLA TD . 4.83 -26.90 10.25
C11 CLA TD . 5.56 -25.56 10.41
C12 CLA TD . 6.12 -25.09 9.07
C13 CLA TD . 7.22 -24.05 9.27
C14 CLA TD . 6.66 -22.79 9.90
C15 CLA TD . 7.89 -23.74 7.94
C16 CLA TD . 9.40 -23.90 8.04
C17 CLA TD . 10.06 -22.66 8.66
C18 CLA TD . 11.40 -23.00 9.28
C19 CLA TD . 12.54 -22.86 8.26
C20 CLA TD . 11.68 -22.13 10.50
C1 PQN UD . -0.95 -10.00 -28.64
O1 PQN UD . -0.28 -9.25 -27.90
C2 PQN UD . -0.69 -10.04 -30.09
C2M PQN UD . 0.38 -9.15 -30.64
C3 PQN UD . -1.41 -10.85 -30.90
C4 PQN UD . -2.47 -11.72 -30.33
O4 PQN UD . -3.13 -12.47 -31.08
C5 PQN UD . -2.75 -11.69 -28.88
C6 PQN UD . -3.73 -12.51 -28.35
C7 PQN UD . -3.98 -12.47 -26.99
C8 PQN UD . -3.24 -11.63 -26.16
C9 PQN UD . -2.24 -10.82 -26.68
C10 PQN UD . -2.01 -10.86 -28.05
C11 PQN UD . -1.16 -10.91 -32.39
C12 PQN UD . -0.04 -11.89 -32.67
C13 PQN UD . -0.18 -12.87 -33.56
C14 PQN UD . -1.47 -13.05 -34.31
C15 PQN UD . 0.98 -13.81 -33.80
C16 PQN UD . 1.89 -13.24 -34.88
C17 PQN UD . 3.09 -14.16 -35.08
C18 PQN UD . 3.54 -14.15 -36.54
C19 PQN UD . 2.70 -15.11 -37.37
C20 PQN UD . 5.03 -14.49 -36.65
C21 PQN UD . 5.49 -15.49 -35.61
C22 PQN UD . 6.65 -14.92 -34.81
C23 PQN UD . 7.55 -15.99 -34.18
C24 PQN UD . 9.03 -15.72 -34.49
C25 PQN UD . 7.15 -17.40 -34.63
C26 PQN UD . 8.03 -18.46 -33.99
C27 PQN UD . 7.20 -19.69 -33.64
C28 PQN UD . 7.85 -20.97 -34.17
C29 PQN UD . 8.99 -21.43 -33.25
C30 PQN UD . 6.82 -22.07 -34.33
C1 BCR VD . 20.42 -58.18 7.62
C2 BCR VD . 19.67 -58.23 8.94
C3 BCR VD . 20.17 -57.19 9.94
C4 BCR VD . 20.02 -55.81 9.33
C5 BCR VD . 20.68 -55.70 7.99
C6 BCR VD . 20.79 -56.78 7.19
C7 BCR VD . 21.29 -56.58 5.81
C8 BCR VD . 22.55 -56.65 5.45
C9 BCR VD . 23.07 -56.46 4.12
C10 BCR VD . 24.32 -55.75 3.96
C11 BCR VD . 25.36 -55.40 3.08
C33 BCR VD . 21.18 -54.37 7.54
C31 BCR VD . 19.54 -58.77 6.51
C32 BCR VD . 21.70 -58.99 7.75
C34 BCR VD . 22.33 -56.97 2.91
C12 BCR VD . 26.29 -55.04 2.41
C13 BCR VD . 27.20 -54.95 1.33
C14 BCR VD . 28.07 -53.91 1.42
C15 BCR VD . 29.10 -53.56 0.51
C16 BCR VD . 30.00 -52.62 0.15
C17 BCR VD . 30.84 -52.78 -0.83
C18 BCR VD . 31.75 -51.88 -1.24
C19 BCR VD . 32.66 -52.18 -2.35
C20 BCR VD . 33.91 -52.15 -2.79
C21 BCR VD . 35.05 -52.32 -3.62
C22 BCR VD . 36.15 -51.56 -3.67
C23 BCR VD . 37.22 -51.96 -4.60
C24 BCR VD . 38.17 -51.04 -5.30
C25 BCR VD . 39.17 -51.65 -6.19
C26 BCR VD . 38.83 -51.92 -7.46
C27 BCR VD . 39.85 -52.45 -8.45
C28 BCR VD . 40.96 -53.17 -7.73
C29 BCR VD . 41.59 -52.26 -6.68
C30 BCR VD . 40.57 -51.91 -5.61
C35 BCR VD . 27.22 -55.92 0.19
C36 BCR VD . 31.85 -50.56 -0.55
C37 BCR VD . 36.30 -50.35 -2.79
C38 BCR VD . 37.44 -51.74 -7.97
C39 BCR VD . 41.00 -50.66 -4.87
C40 BCR VD . 40.50 -53.10 -4.66
C1 BCR WD . 30.05 -56.18 -15.99
C2 BCR WD . 30.70 -57.41 -16.62
C3 BCR WD . 31.50 -58.26 -15.64
C4 BCR WD . 32.55 -57.37 -15.00
C5 BCR WD . 31.88 -56.23 -14.28
C6 BCR WD . 30.70 -55.76 -14.68
C7 BCR WD . 30.02 -54.80 -13.78
C8 BCR WD . 29.80 -53.52 -14.06
C9 BCR WD . 29.15 -52.57 -13.20
C10 BCR WD . 28.15 -51.66 -13.73
C11 BCR WD . 27.87 -50.35 -14.21
C33 BCR WD . 32.56 -55.64 -13.07
C31 BCR WD . 28.58 -56.47 -15.70
C32 BCR WD . 30.18 -55.04 -16.99
C34 BCR WD . 29.49 -52.52 -11.74
C12 BCR WD . 27.60 -49.26 -14.66
C13 BCR WD . 27.34 -47.87 -14.60
C14 BCR WD . 26.84 -47.27 -15.71
C15 BCR WD . 26.51 -45.88 -15.82
C16 BCR WD . 25.75 -44.92 -16.37
C17 BCR WD . 25.88 -43.65 -16.10
C18 BCR WD . 25.52 -42.62 -16.91
C19 BCR WD . 25.73 -41.22 -16.50
C20 BCR WD . 25.34 -39.95 -16.48
C21 BCR WD . 25.40 -38.55 -16.19
C22 BCR WD . 24.64 -37.58 -16.72
C23 BCR WD . 24.87 -36.20 -16.28
C24 BCR WD . 23.84 -35.12 -16.15
C25 BCR WD . 24.28 -33.79 -15.69
C26 BCR WD . 24.69 -32.90 -16.59
C27 BCR WD . 25.12 -31.52 -16.15
C28 BCR WD . 25.96 -31.61 -14.87
C29 BCR WD . 25.49 -32.63 -13.84
C30 BCR WD . 24.25 -33.43 -14.19
C35 BCR WD . 27.56 -47.10 -13.33
C36 BCR WD . 24.92 -42.90 -18.25
C37 BCR WD . 23.60 -37.88 -17.75
C38 BCR WD . 24.76 -33.20 -18.05
C39 BCR WD . 22.96 -32.69 -13.84
C40 BCR WD . 24.33 -34.69 -13.35
C1 BCR XD . 39.30 -56.04 -11.36
C2 BCR XD . 38.16 -55.96 -10.36
C3 BCR XD . 36.98 -55.11 -10.85
C4 BCR XD . 36.47 -55.60 -12.18
C5 BCR XD . 37.59 -55.90 -13.14
C6 BCR XD . 38.85 -55.69 -12.76
C7 BCR XD . 39.83 -55.14 -13.72
C8 BCR XD . 39.72 -53.93 -14.24
C9 BCR XD . 40.64 -53.33 -15.19
C10 BCR XD . 40.36 -52.06 -15.83
C11 BCR XD . 39.46 -50.98 -16.02
C33 BCR XD . 37.30 -56.43 -14.51
C31 BCR XD . 39.87 -57.45 -11.39
C32 BCR XD . 40.39 -55.05 -10.96
C34 BCR XD . 41.90 -54.05 -15.54
C12 BCR XD . 38.78 -50.01 -16.23
C13 BCR XD . 37.64 -49.18 -16.36
C14 BCR XD . 37.84 -47.99 -16.99
C15 BCR XD . 36.88 -46.95 -17.25
C16 BCR XD . 36.70 -45.72 -17.77
C17 BCR XD . 35.54 -45.14 -17.82
C18 BCR XD . 35.26 -43.96 -18.43
C19 BCR XD . 33.92 -43.37 -18.44
C20 BCR XD . 33.06 -42.49 -18.94
C21 BCR XD . 31.82 -41.80 -19.13
C22 BCR XD . 31.63 -40.48 -19.35
C23 BCR XD . 32.74 -39.50 -19.40
C24 BCR XD . 32.67 -38.15 -20.05
C25 BCR XD . 33.78 -37.17 -20.08
C26 BCR XD . 34.75 -37.28 -21.00
C27 BCR XD . 35.70 -36.14 -21.27
C28 BCR XD . 35.25 -34.85 -20.61
C29 BCR XD . 34.92 -35.10 -19.15
C30 BCR XD . 33.73 -36.04 -19.05
C35 BCR XD . 36.29 -49.59 -15.82
C36 BCR XD . 36.37 -43.25 -19.15
C37 BCR XD . 30.23 -39.98 -19.51
C38 BCR XD . 34.95 -38.53 -21.80
C39 BCR XD . 32.44 -35.26 -19.30
C40 BCR XD . 33.74 -36.61 -17.64
C1 BCR YD . 14.86 -41.77 17.53
C2 BCR YD . 15.77 -42.52 18.49
C3 BCR YD . 16.62 -41.56 19.33
C4 BCR YD . 17.52 -40.78 18.40
C5 BCR YD . 16.71 -40.13 17.30
C6 BCR YD . 15.41 -40.40 17.22
C7 BCR YD . 14.49 -39.32 16.78
C8 BCR YD . 14.07 -39.19 15.54
C9 BCR YD . 13.19 -38.15 15.05
C10 BCR YD . 13.26 -37.77 13.66
C11 BCR YD . 12.54 -37.28 12.54
C33 BCR YD . 17.38 -39.20 16.35
C31 BCR YD . 13.47 -41.63 18.12
C32 BCR YD . 14.79 -42.56 16.23
C34 BCR YD . 12.21 -37.48 15.97
C12 BCR YD . 11.98 -36.87 11.56
C13 BCR YD . 10.98 -36.24 10.77
C14 BCR YD . 11.14 -36.38 9.43
C15 BCR YD . 10.29 -35.84 8.41
C16 BCR YD . 9.85 -35.93 7.14
C17 BCR YD . 9.00 -35.11 6.62
C18 BCR YD . 8.60 -35.07 5.33
C19 BCR YD . 7.63 -34.06 4.89
C20 BCR YD . 6.82 -33.58 3.96
C21 BCR YD . 5.89 -32.68 3.37
C22 BCR YD . 5.79 -32.33 2.08
C23 BCR YD . 4.77 -31.36 1.70
C24 BCR YD . 4.57 -30.78 0.34
C25 BCR YD . 3.49 -29.80 0.15
C26 BCR YD . 2.27 -30.22 -0.17
C27 BCR YD . 1.06 -29.34 0.06
C28 BCR YD . 1.34 -27.84 -0.06
C29 BCR YD . 2.78 -27.51 -0.46
C30 BCR YD . 3.80 -28.32 0.33
C35 BCR YD . 9.85 -35.45 11.37
C36 BCR YD . 9.15 -36.06 4.36
C37 BCR YD . 6.72 -32.92 1.06
C38 BCR YD . 2.02 -31.58 -0.74
C39 BCR YD . 3.79 -27.95 1.80
C40 BCR YD . 5.17 -28.03 -0.27
C1 BCR ZD . 22.45 -28.42 9.33
C2 BCR ZD . 23.86 -28.28 9.88
C3 BCR ZD . 24.85 -29.00 8.98
C4 BCR ZD . 24.53 -30.49 9.02
C5 BCR ZD . 23.07 -30.77 8.74
C6 BCR ZD . 22.12 -29.87 9.04
C7 BCR ZD . 20.72 -30.31 9.11
C8 BCR ZD . 19.90 -30.08 8.11
C9 BCR ZD . 18.49 -30.45 8.05
C10 BCR ZD . 17.59 -29.67 7.23
C11 BCR ZD . 16.84 -29.63 6.02
C33 BCR ZD . 22.70 -32.07 8.10
C31 BCR ZD . 22.33 -27.63 8.04
C32 BCR ZD . 21.45 -27.89 10.36
C34 BCR ZD . 17.98 -31.63 8.82
C12 BCR ZD . 16.22 -29.56 4.99
C13 BCR ZD . 15.05 -29.63 4.20
C14 BCR ZD . 15.09 -29.06 2.99
C15 BCR ZD . 13.99 -29.01 2.06
C16 BCR ZD . 13.47 -28.58 0.90
C17 BCR ZD . 12.26 -28.87 0.52
C18 BCR ZD . 11.67 -28.50 -0.64
C19 BCR ZD . 10.28 -28.94 -0.87
C20 BCR ZD . 9.34 -29.42 -1.67
C21 BCR ZD . 8.06 -29.91 -2.05
C22 BCR ZD . 7.44 -29.77 -3.22
C23 BCR ZD . 6.13 -30.42 -3.33
C24 BCR ZD . 5.48 -30.89 -4.61
C25 BCR ZD . 4.16 -31.56 -4.51
C26 BCR ZD . 3.04 -30.85 -4.42
C27 BCR ZD . 1.70 -31.49 -4.66
C28 BCR ZD . 1.59 -32.93 -4.15
C29 BCR ZD . 2.91 -33.54 -3.70
C30 BCR ZD . 4.11 -33.09 -4.51
C35 BCR ZD . 13.81 -30.31 4.72
C36 BCR ZD . 12.40 -27.68 -1.65
C37 BCR ZD . 8.03 -28.99 -4.36
C38 BCR ZD . 3.03 -29.37 -4.11
C39 BCR ZD . 4.08 -33.63 -5.93
C40 BCR ZD . 5.33 -33.66 -3.79
C1 BCR AE . 23.49 -13.81 -32.88
C2 BCR AE . 24.58 -12.81 -32.54
C3 BCR AE . 24.12 -11.71 -31.60
C4 BCR AE . 23.59 -12.29 -30.31
C5 BCR AE . 22.69 -13.49 -30.53
C6 BCR AE . 22.52 -14.03 -31.74
C7 BCR AE . 21.35 -14.91 -31.98
C8 BCR AE . 20.10 -14.50 -32.13
C9 BCR AE . 18.95 -15.36 -32.36
C10 BCR AE . 17.61 -14.89 -32.11
C11 BCR AE . 16.47 -14.26 -32.67
C33 BCR AE . 22.00 -14.08 -29.34
C31 BCR AE . 24.12 -15.16 -33.19
C32 BCR AE . 22.72 -13.31 -34.09
C34 BCR AE . 19.16 -16.75 -32.86
C12 BCR AE . 15.49 -13.68 -33.10
C13 BCR AE . 14.18 -13.56 -33.62
C14 BCR AE . 13.78 -12.32 -34.01
C15 BCR AE . 12.48 -12.02 -34.52
C16 BCR AE . 11.68 -11.37 -35.40
C17 BCR AE . 10.39 -11.42 -35.36
C18 BCR AE . 9.53 -10.52 -35.85
C19 BCR AE . 8.08 -10.66 -35.75
C20 BCR AE . 6.87 -10.32 -36.21
C21 BCR AE . 5.45 -10.28 -36.27
C22 BCR AE . 4.68 -9.28 -36.74
C23 BCR AE . 3.22 -9.41 -36.66
C24 BCR AE . 2.22 -8.58 -37.39
C25 BCR AE . 0.79 -8.86 -37.14
C26 BCR AE . 0.23 -9.97 -37.60
C27 BCR AE . -0.96 -10.58 -36.87
C28 BCR AE . -1.92 -9.54 -36.31
C29 BCR AE . -1.50 -8.08 -36.56
C30 BCR AE . -0.02 -7.85 -36.32
C35 BCR AE . 13.26 -14.74 -33.73
C36 BCR AE . 10.07 -9.28 -36.51
C37 BCR AE . 5.31 -8.03 -37.29
C38 BCR AE . 0.73 -10.70 -38.80
C39 BCR AE . 0.34 -7.99 -34.84
C40 BCR AE . 0.30 -6.45 -36.81
O1 LHG BE . 2.16 -42.58 22.26
C1 LHG BE . 2.86 -41.54 22.97
C2 LHG BE . 2.94 -40.31 22.09
O2 LHG BE . 2.04 -39.31 22.61
C3 LHG BE . 2.51 -40.67 20.68
O3 LHG BE . 1.82 -39.56 20.10
P LHG BE . 2.38 -38.89 18.76
O4 LHG BE . 3.59 -39.66 18.30
O5 LHG BE . 1.23 -38.67 17.82
O6 LHG BE . 2.85 -37.45 19.30
C4 LHG BE . 3.27 -36.46 18.36
C5 LHG BE . 3.32 -35.10 19.03
C6 LHG BE . 2.75 -35.18 20.44
O7 LHG BE . 4.67 -34.71 19.16
C7 LHG BE . 4.92 -33.49 18.65
O9 LHG BE . 4.05 -32.65 18.65
C8 LHG BE . 6.28 -33.20 18.05
C9 LHG BE . 7.33 -33.54 19.10
C10 LHG BE . 8.38 -32.45 19.21
O8 LHG BE . 3.85 -34.95 21.32
C23 LHG BE . 3.69 -35.00 22.64
O10 LHG BE . 2.58 -35.18 23.12
C24 LHG BE . 4.90 -34.83 23.53
C11 LHG BE . 9.05 -32.48 20.57
C12 LHG BE . 10.31 -33.35 20.54
C13 LHG BE . 10.76 -33.70 21.96
C14 LHG BE . 12.05 -32.99 22.32
C15 LHG BE . 12.39 -33.19 23.79
C16 LHG BE . 12.23 -31.89 24.56
C17 LHG BE . 13.58 -31.25 24.88
C18 LHG BE . 14.27 -31.96 26.04
C19 LHG BE . 15.27 -31.03 26.72
C20 LHG BE . 14.65 -29.68 27.06
C21 LHG BE . 15.71 -28.69 27.50
C22 LHG BE . 15.96 -28.76 28.99
C25 LHG BE . 5.09 -33.35 23.85
C26 LHG BE . 6.54 -32.92 23.65
C27 LHG BE . 7.48 -33.92 24.32
C28 LHG BE . 8.68 -33.21 24.95
C29 LHG BE . 8.43 -32.94 26.43
C30 LHG BE . 9.71 -32.53 27.13
C31 LHG BE . 9.54 -31.22 27.89
C32 LHG BE . 8.31 -31.26 28.79
C33 LHG BE . 8.73 -31.42 30.25
C34 LHG BE . 8.47 -30.14 31.05
C35 LHG BE . 6.99 -29.82 31.12
C36 LHG BE . 6.72 -28.37 30.74
C37 LHG BE . 6.08 -28.25 29.37
C38 LHG BE . 4.62 -27.88 29.48
O1 LHG CE . 54.65 -41.92 -26.37
C1 LHG CE . 53.44 -42.22 -25.67
C2 LHG CE . 52.51 -41.02 -25.73
O2 LHG CE . 51.74 -40.94 -24.53
C3 LHG CE . 51.57 -41.16 -26.92
O3 LHG CE . 50.44 -41.93 -26.55
P LHG CE . 49.02 -41.24 -26.24
O4 LHG CE . 49.04 -40.73 -24.82
O5 LHG CE . 48.70 -40.31 -27.38
O6 LHG CE . 48.01 -42.50 -26.33
C4 LHG CE . 46.62 -42.28 -26.50
C5 LHG CE . 46.26 -42.62 -27.94
C6 LHG CE . 47.43 -43.35 -28.60
O7 LHG CE . 45.08 -43.43 -27.98
C7 LHG CE . 44.22 -43.00 -28.91
O9 LHG CE . 44.60 -42.81 -30.05
C8 LHG CE . 42.78 -42.72 -28.55
C9 LHG CE . 42.04 -42.35 -29.83
C10 LHG CE . 41.18 -43.51 -30.31
O8 LHG CE . 46.95 -44.21 -29.64
C23 LHG CE . 46.68 -45.49 -29.36
O10 LHG CE . 46.95 -45.93 -28.25
C24 LHG CE . 46.04 -46.37 -30.41
C11 LHG CE . 40.13 -43.03 -31.32
C12 LHG CE . 38.85 -43.84 -31.21
C13 LHG CE . 38.08 -43.46 -29.95
C14 LHG CE . 37.73 -44.68 -29.12
C15 LHG CE . 36.69 -44.32 -28.07
C16 LHG CE . 35.47 -45.23 -28.16
C17 LHG CE . 35.78 -46.60 -27.59
C18 LHG CE . 34.50 -47.39 -27.32
C19 LHG CE . 34.75 -48.48 -26.29
C20 LHG CE . 33.44 -49.02 -25.71
C21 LHG CE . 32.69 -47.91 -24.96
C22 LHG CE . 31.29 -48.35 -24.64
C25 LHG CE . 45.55 -45.55 -31.59
C26 LHG CE . 44.02 -45.53 -31.65
C27 LHG CE . 43.41 -46.79 -31.03
C28 LHG CE . 41.96 -46.95 -31.46
C29 LHG CE . 41.05 -47.19 -30.26
C30 LHG CE . 41.10 -48.64 -29.79
C31 LHG CE . 40.59 -48.77 -28.36
C32 LHG CE . 39.75 -50.02 -28.18
C33 LHG CE . 38.60 -49.79 -27.20
C34 LHG CE . 38.47 -50.97 -26.24
C35 LHG CE . 37.43 -50.69 -25.16
C36 LHG CE . 36.98 -51.99 -24.51
C37 LHG CE . 35.60 -51.84 -23.89
C38 LHG CE . 34.55 -52.60 -24.67
C1A DGD DE . -0.12 -22.90 -26.65
C2A DGD DE . 1.27 -22.35 -26.93
C3A DGD DE . 1.50 -22.33 -28.43
C4A DGD DE . 2.84 -21.67 -28.75
C5A DGD DE . 3.99 -22.49 -28.17
C6A DGD DE . 4.80 -23.13 -29.29
C7A DGD DE . 5.57 -22.08 -30.07
C8A DGD DE . 6.94 -22.62 -30.48
C9A DGD DE . 7.47 -23.47 -29.34
CAA DGD DE . 8.73 -23.35 -28.93
CBA DGD DE . 9.68 -22.38 -29.58
CCA DGD DE . 10.65 -23.14 -30.46
CDA DGD DE . 11.72 -23.75 -29.94
CEA DGD DE . 12.02 -23.72 -28.47
CFA DGD DE . 12.83 -24.94 -28.08
CGA DGD DE . 13.24 -25.10 -26.83
CHA DGD DE . 14.05 -26.31 -26.44
CIA DGD DE . 15.22 -26.45 -27.38
O1A DGD DE . -0.67 -23.62 -27.46
C1B DGD DE . 0.86 -25.22 -22.88
C2B DGD DE . 1.68 -24.92 -21.65
C3B DGD DE . 2.70 -26.03 -21.41
C4B DGD DE . 4.00 -25.78 -22.16
C5B DGD DE . 5.19 -25.77 -21.20
C6B DGD DE . 5.11 -24.57 -20.27
C7B DGD DE . 6.49 -23.96 -20.04
C8B DGD DE . 6.35 -22.53 -19.55
C9B DGD DE . 7.71 -21.88 -19.44
CAB DGD DE . 7.79 -20.55 -19.30
CBB DGD DE . 9.13 -19.87 -19.19
CCB DGD DE . 10.06 -20.37 -20.26
CDB DGD DE . 11.29 -19.88 -20.34
CEB DGD DE . 12.24 -20.37 -21.40
CFB DGD DE . 13.46 -19.48 -21.41
CGB DGD DE . 14.29 -19.47 -20.38
CHB DGD DE . 15.50 -18.57 -20.41
CIB DGD DE . 16.21 -18.72 -21.74
O1B DGD DE . 1.26 -26.06 -23.68
O1G DGD DE . -0.81 -22.55 -25.42
C1G DGD DE . -1.64 -23.51 -24.78
C2G DGD DE . -0.82 -24.74 -24.42
O2G DGD DE . -0.30 -24.59 -23.09
C3G DGD DE . -1.71 -25.97 -24.53
O3G DGD DE . -2.75 -25.95 -23.56
C1D DGD DE . -3.52 -27.15 -23.61
C2D DGD DE . -4.50 -27.17 -22.44
O2D DGD DE . -3.76 -27.34 -21.22
C3D DGD DE . -5.52 -28.30 -22.55
O3D DGD DE . -6.56 -28.09 -21.61
C4D DGD DE . -6.10 -28.37 -23.95
O4D DGD DE . -6.89 -27.21 -24.20
C5D DGD DE . -4.97 -28.44 -24.97
O5D DGD DE . -6.57 -29.59 -26.28
C6D DGD DE . -5.53 -28.62 -26.37
O6D DGD DE . -4.21 -27.23 -24.86
C1E DGD DE . -6.71 -30.38 -27.47
C2E DGD DE . -8.01 -31.15 -27.41
O2E DGD DE . -9.11 -30.24 -27.24
C3E DGD DE . -8.01 -32.16 -26.27
O3E DGD DE . -9.15 -33.00 -26.36
C4E DGD DE . -6.75 -33.02 -26.31
O4E DGD DE . -6.82 -33.92 -27.43
C5E DGD DE . -5.51 -32.15 -26.44
O6E DGD DE . -5.62 -31.30 -27.58
C6E DGD DE . -4.25 -33.02 -26.59
O5E DGD DE . -3.22 -32.23 -27.17
C1 BCR EE . 7.40 2.32 17.73
C2 BCR EE . 8.83 2.74 17.45
C3 BCR EE . 8.98 4.22 17.19
C4 BCR EE . 8.13 4.59 15.99
C5 BCR EE . 6.69 4.16 16.18
C6 BCR EE . 6.40 3.02 16.82
C7 BCR EE . 5.06 2.41 16.66
C8 BCR EE . 4.68 1.83 15.53
C9 BCR EE . 3.41 1.21 15.28
C10 BCR EE . 3.05 0.86 13.92
C11 BCR EE . 2.05 0.91 12.93
C33 BCR EE . 5.61 5.04 15.64
C31 BCR EE . 7.01 2.64 19.16
C32 BCR EE . 7.29 0.82 17.50
C34 BCR EE . 2.47 0.91 16.41
C12 BCR EE . 1.24 0.97 12.04
C13 BCR EE . 0.32 0.42 11.12
C14 BCR EE . 0.64 0.57 9.82
C15 BCR EE . -0.08 0.10 8.69
C16 BCR EE . -0.45 0.25 7.40
C17 BCR EE . -1.13 -0.65 6.76
C18 BCR EE . -1.04 -0.95 5.44
C19 BCR EE . -1.86 -1.99 4.84
C20 BCR EE . -1.97 -2.96 3.95
C21 BCR EE . -2.51 -4.05 3.19
C22 BCR EE . -2.38 -4.27 1.87
C23 BCR EE . -3.01 -5.48 1.33
C24 BCR EE . -3.42 -5.70 -0.10
C25 BCR EE . -4.05 -6.99 -0.47
C26 BCR EE . -5.35 -7.20 -0.27
C27 BCR EE . -6.08 -8.23 -1.10
C28 BCR EE . -5.27 -9.48 -1.38
C29 BCR EE . -3.82 -9.43 -0.91
C30 BCR EE . -3.17 -8.07 -1.11
C35 BCR EE . -0.94 -0.26 11.57
C36 BCR EE . -0.04 -0.22 4.60
C37 BCR EE . -1.61 -3.33 0.99
C38 BCR EE . -6.16 -6.45 0.75
C39 BCR EE . -2.96 -7.75 -2.58
C40 BCR EE . -1.82 -8.15 -0.41
C1 PCW FE . -4.92 -24.30 17.67
C2 PCW FE . -3.78 -23.87 18.60
C3 PCW FE . -2.73 -23.09 17.79
C4 PCW FE . -8.80 -26.20 16.81
C5 PCW FE . -8.62 -27.75 16.72
C6 PCW FE . -10.56 -28.31 18.07
C7 PCW FE . -9.77 -29.86 16.41
C8 PCW FE . -10.83 -27.81 15.74
C11 PCW FE . -0.38 -22.70 17.88
C12 PCW FE . 1.08 -23.17 18.01
C13 PCW FE . 1.92 -22.04 18.67
C14 PCW FE . 3.42 -22.33 18.54
C15 PCW FE . 3.74 -23.06 17.21
C16 PCW FE . 4.94 -24.00 17.42
C31 PCW FE . -5.01 -23.73 20.61
C32 PCW FE . -4.51 -25.06 21.23
C33 PCW FE . -3.74 -24.79 22.55
C34 PCW FE . -2.37 -24.11 22.24
C35 PCW FE . -1.25 -24.83 23.04
C36 PCW FE . -0.33 -23.78 23.73
C37 PCW FE . 0.35 -22.90 22.65
C38 PCW FE . 1.71 -22.38 23.21
C39 PCW FE . 2.35 -21.38 22.21
C40 PCW FE . 1.75 -20.19 21.97
C41 PCW FE . 2.40 -19.18 20.96
C42 PCW FE . 1.79 -17.76 21.18
C43 PCW FE . 2.91 -16.78 21.65
C44 PCW FE . 2.69 -15.37 21.00
C45 PCW FE . 2.36 -14.33 22.10
N PCW FE . -9.95 -28.43 16.73
O2 PCW FE . -4.24 -23.05 19.64
O3 PCW FE . -1.45 -23.63 18.06
O11 PCW FE . -0.63 -21.56 17.64
O31 PCW FE . -6.04 -23.25 20.97
O1P PCW FE . -8.52 -23.17 17.14
O2P PCW FE . -8.00 -24.27 19.27
O3P PCW FE . -6.03 -23.42 17.80
O4P PCW FE . -7.54 -25.59 17.08
P PCW FE . -7.56 -24.09 17.85
C1B LMT GE . 5.85 -54.86 16.38
C2B LMT GE . 6.99 -55.54 15.62
C3B LMT GE . 6.41 -56.50 14.55
C4B LMT GE . 5.23 -55.83 13.81
C5B LMT GE . 4.16 -55.43 14.84
C6B LMT GE . 2.92 -56.29 14.66
O1B LMT GE . 5.77 -53.52 16.00
O2B LMT GE . 7.72 -54.54 15.03
O3B LMT GE . 6.08 -57.71 15.08
O4' LMT GE . 5.65 -54.71 13.13
O5B LMT GE . 4.63 -55.50 16.16
O6B LMT GE . 3.13 -57.52 15.23
C1' LMT GE . 7.61 -50.57 17.27
C2' LMT GE . 7.85 -52.03 17.72
C3' LMT GE . 6.50 -52.69 18.12
C4' LMT GE . 5.45 -52.59 17.00
C5' LMT GE . 5.58 -51.17 16.38
C6' LMT GE . 4.27 -50.57 15.96
O1' LMT GE . 8.16 -49.71 18.16
O2' LMT GE . 8.39 -52.73 16.66
O3' LMT GE . 6.01 -52.13 19.26
O5' LMT GE . 6.22 -50.31 17.28
O6' LMT GE . 3.93 -49.69 16.95
C1 LMT GE . 9.51 -49.42 17.97
C2 LMT GE . 9.68 -48.05 18.55
C3 LMT GE . 11.01 -47.41 18.37
C4 LMT GE . 11.14 -47.03 16.92
C5 LMT GE . 12.48 -46.43 16.66
C6 LMT GE . 12.55 -45.79 15.32
C7 LMT GE . 13.94 -45.90 14.78
C8 LMT GE . 14.09 -45.00 13.61
C9 LMT GE . 15.51 -44.64 13.32
C10 LMT GE . 15.51 -43.25 12.73
C11 LMT GE . 16.89 -42.76 12.51
C12 LMT GE . 16.93 -41.30 12.24
MG CLA HE . 22.37 -13.08 -44.11
CHA CLA HE . 23.43 -10.64 -46.33
CHB CLA HE . 24.91 -15.17 -45.15
CHC CLA HE . 21.37 -15.28 -41.87
CHD CLA HE . 19.81 -10.89 -43.04
NA CLA HE . 24.02 -12.93 -45.57
C1A CLA HE . 24.26 -11.90 -46.38
C2A CLA HE . 25.41 -12.16 -47.29
C3A CLA HE . 25.81 -13.59 -46.94
C4A CLA HE . 24.89 -13.93 -45.82
CMA CLA HE . 25.84 -14.55 -48.10
CAA CLA HE . 26.57 -11.29 -46.84
CBA CLA HE . 27.05 -10.30 -47.90
CGA CLA HE . 27.79 -11.01 -49.00
O1A CLA HE . 28.48 -11.97 -48.72
O2A CLA HE . 27.69 -10.55 -50.23
NB CLA HE . 23.05 -14.93 -43.58
C1B CLA HE . 24.08 -15.64 -44.12
C2B CLA HE . 24.19 -16.92 -43.47
C3B CLA HE . 23.19 -16.96 -42.54
C4B CLA HE . 22.46 -15.68 -42.62
CMB CLA HE . 25.19 -18.01 -43.76
CAB CLA HE . 22.91 -18.10 -41.64
CBB CLA HE . 22.26 -17.98 -40.28
NC CLA HE . 20.85 -13.06 -42.65
C1C CLA HE . 20.58 -14.10 -41.88
C2C CLA HE . 19.42 -13.87 -41.01
C3C CLA HE . 18.99 -12.60 -41.34
C4C CLA HE . 19.90 -12.12 -42.37
CMC CLA HE . 18.83 -14.80 -39.99
CAC CLA HE . 17.82 -11.87 -40.75
CBC CLA HE . 18.29 -11.06 -39.57
ND CLA HE . 21.72 -11.24 -44.48
C1D CLA HE . 20.69 -10.46 -44.05
C2D CLA HE . 20.64 -9.19 -44.77
C3D CLA HE . 21.71 -9.29 -45.66
C4D CLA HE . 22.34 -10.50 -45.46
CMD CLA HE . 19.74 -8.00 -44.71
CAD CLA HE . 22.40 -8.55 -46.70
OBD CLA HE . 21.91 -7.63 -47.35
CBD CLA HE . 23.55 -9.38 -47.15
CGD CLA HE . 23.39 -9.70 -48.61
O1D CLA HE . 24.26 -9.41 -49.40
O2D CLA HE . 22.29 -10.31 -49.04
CED CLA HE . 22.49 -11.51 -49.77
C1 CLA HE . 26.74 -11.16 -51.16
C2 CLA HE . 26.45 -12.64 -51.10
C3 CLA HE . 26.63 -13.42 -52.17
C4 CLA HE . 27.15 -12.85 -53.46
C5 CLA HE . 26.35 -14.91 -52.15
C6 CLA HE . 24.87 -15.19 -52.06
C7 CLA HE . 24.34 -15.77 -53.36
C8 CLA HE . 24.52 -17.29 -53.41
C9 CLA HE . 25.73 -17.66 -54.25
C10 CLA HE . 23.23 -17.92 -53.93
C11 CLA HE . 23.46 -18.82 -55.14
C12 CLA HE . 22.19 -18.99 -55.95
C13 CLA HE . 22.48 -18.84 -57.44
C14 CLA HE . 22.14 -17.44 -57.92
C15 CLA HE . 21.68 -19.89 -58.22
C1 PTY IE . 10.09 9.07 22.20
C2 PTY IE . 17.44 11.23 25.51
C3 PTY IE . 16.22 11.82 24.81
O4 PTY IE . 9.70 10.03 23.12
C5 PTY IE . 12.42 9.94 22.42
C6 PTY IE . 11.55 8.68 22.43
O7 PTY IE . 11.97 7.83 21.41
C8 PTY IE . 11.82 6.48 21.70
O10 PTY IE . 12.07 6.07 22.79
C11 PTY IE . 11.33 5.50 20.63
C12 PTY IE . 12.49 5.13 19.71
C13 PTY IE . 12.40 3.64 19.35
C14 PTY IE . 12.77 3.47 17.89
C15 PTY IE . 13.10 2.00 17.61
C16 PTY IE . 12.21 1.49 16.47
C17 PTY IE . 12.70 0.13 15.99
C18 PTY IE . 14.08 0.27 15.36
C19 PTY IE . 14.58 -1.11 14.93
C20 PTY IE . 13.89 -1.51 13.63
C21 PTY IE . 13.13 -2.81 13.84
C22 PTY IE . 12.46 -3.21 12.53
C23 PTY IE . 11.67 -4.50 12.74
C24 PTY IE . 11.45 -5.21 11.41
C25 PTY IE . 12.71 -5.95 11.00
C26 PTY IE . 12.34 -7.40 10.66
C27 PTY IE . 13.31 -7.94 9.62
C28 PTY IE . 12.75 -7.67 8.22
C29 PTY IE . 13.57 -6.57 7.55
C30 PTY IE . 8.37 10.43 22.96
C31 PTY IE . 7.27 9.81 23.84
O30 PTY IE . 8.09 11.24 22.15
C32 PTY IE . 5.97 9.73 23.05
C33 PTY IE . 5.11 10.94 23.34
C34 PTY IE . 3.68 10.66 22.87
C35 PTY IE . 2.71 11.59 23.60
C36 PTY IE . 1.33 11.49 22.96
P1 PTY IE . 14.88 10.74 22.83
O11 PTY IE . 15.36 10.79 24.42
O12 PTY IE . 16.07 10.45 21.96
O13 PTY IE . 14.29 12.08 22.44
O14 PTY IE . 13.75 9.56 22.65
N1 PTY IE . 18.53 12.17 25.44
FE1 SF4 JE . -23.94 -20.66 -23.03
FE2 SF4 JE . -22.86 -18.90 -24.84
FE3 SF4 JE . -25.24 -20.16 -25.40
FE4 SF4 JE . -22.89 -21.59 -25.38
S1 SF4 JE . -23.46 -19.89 -26.82
S2 SF4 JE . -24.89 -22.22 -24.43
S3 SF4 JE . -21.75 -20.55 -23.69
S4 SF4 JE . -24.84 -18.66 -23.70
FE1 SF4 KE . -29.91 -22.00 -14.61
FE2 SF4 KE . -30.97 -22.03 -17.14
FE3 SF4 KE . -32.35 -20.85 -15.09
FE4 SF4 KE . -32.08 -23.58 -15.16
S1 SF4 KE . -33.20 -22.28 -16.67
S2 SF4 KE . -31.80 -22.22 -13.33
S3 SF4 KE . -29.97 -23.79 -16.05
S4 SF4 KE . -30.34 -20.18 -15.95
O7 LPX LE . 18.44 -19.77 26.01
C6 LPX LE . 19.10 -19.61 24.99
O6 LPX LE . 20.41 -19.95 24.99
C5 LPX LE . 20.99 -20.23 26.26
C4 LPX LE . 22.46 -20.60 26.02
O5 LPX LE . 22.63 -21.97 26.00
C3 LPX LE . 23.32 -19.91 27.11
O1 LPX LE . 24.44 -19.41 26.48
P1 LPX LE . 25.69 -18.78 27.45
O3 LPX LE . 25.31 -17.41 27.85
O2 LPX LE . 26.94 -18.73 26.32
C1 LPX LE . 28.25 -18.72 26.79
C2 LPX LE . 28.53 -17.34 27.37
N1 LPX LE . 29.95 -17.24 27.73
O4 LPX LE . 26.05 -19.91 28.37
C7 LPX LE . 18.56 -19.04 23.73
C8 LPX LE . 17.23 -19.70 23.38
C9 LPX LE . 16.97 -19.63 21.89
C10 LPX LE . 18.26 -19.92 21.12
C11 LPX LE . 17.97 -20.69 19.84
C12 LPX LE . 19.24 -21.33 19.31
C13 LPX LE . 18.91 -22.39 18.27
C14 LPX LE . 20.07 -23.37 18.12
C15 LPX LE . 19.84 -24.27 16.92
C16 LPX LE . 20.99 -25.26 16.77
C17 LPX LE . 20.77 -26.49 17.62
C18 LPX LE . 19.41 -27.12 17.30
C19 LPX LE . 19.20 -28.38 18.14
C20 LPX LE . 17.90 -29.07 17.74
C21 LPX LE . 17.74 -30.37 18.52
MG CLA ME . 18.59 -16.25 21.89
CHA CLA ME . 21.50 -16.30 23.76
CHB CLA ME . 20.34 -17.14 19.06
CHC CLA ME . 15.73 -16.29 20.25
CHD CLA ME . 16.82 -15.31 24.80
NA CLA ME . 20.71 -16.68 21.44
C1A CLA ME . 21.72 -16.64 22.31
C2A CLA ME . 23.04 -16.93 21.64
C3A CLA ME . 22.63 -17.17 20.18
C4A CLA ME . 21.14 -17.00 20.21
CMA CLA ME . 23.38 -16.41 19.10
CAA CLA ME . 23.67 -18.22 22.17
CBA CLA ME . 22.62 -19.20 22.70
CGA CLA ME . 22.55 -20.44 21.84
O1A CLA ME . 22.05 -20.36 20.72
O2A CLA ME . 23.03 -21.56 22.31
NB CLA ME . 18.11 -16.66 19.96
C1B CLA ME . 18.94 -17.00 18.94
C2B CLA ME . 18.18 -17.18 17.72
C3B CLA ME . 16.89 -16.93 18.05
C4B CLA ME . 16.85 -16.61 19.47
CMB CLA ME . 18.71 -17.55 16.36
CAB CLA ME . 15.73 -17.00 17.12
CBB CLA ME . 14.66 -15.94 17.09
NC CLA ME . 16.59 -15.92 22.45
C1C CLA ME . 15.58 -15.95 21.60
C2C CLA ME . 14.29 -15.57 22.22
C3C CLA ME . 14.61 -15.33 23.53
C4C CLA ME . 16.05 -15.54 23.66
CMC CLA ME . 12.95 -15.50 21.56
CAC CLA ME . 13.67 -14.90 24.62
CBC CLA ME . 13.28 -16.10 25.46
ND CLA ME . 18.95 -15.86 23.80
C1D CLA ME . 18.21 -15.53 24.89
C2D CLA ME . 19.02 -15.44 26.10
C3D CLA ME . 20.30 -15.73 25.64
C4D CLA ME . 20.24 -15.99 24.27
CMD CLA ME . 18.74 -15.12 27.55
CAD CLA ME . 21.67 -15.88 26.09
OBD CLA ME . 22.00 -16.09 27.25
CBD CLA ME . 22.50 -16.25 24.90
CGD CLA ME . 23.54 -15.19 24.67
O1D CLA ME . 23.29 -14.01 24.87
O2D CLA ME . 24.74 -15.52 24.23
CED CLA ME . 25.83 -15.23 25.11
C1 CLA ME . 22.31 -22.82 22.11
C2 CLA ME . 20.81 -22.92 22.20
C3 CLA ME . 20.23 -24.07 22.60
C4 CLA ME . 18.74 -24.19 22.70
C5 CLA ME . 21.03 -25.30 22.95
C1 NEX NE . 12.49 -11.71 17.98
C2 NEX NE . 13.45 -10.57 18.26
C3 NEX NE . 12.91 -9.60 19.32
C4 NEX NE . 12.56 -10.36 20.58
C5 NEX NE . 11.46 -11.38 20.37
C6 NEX NE . 11.73 -12.25 19.17
C7 NEX NE . 11.24 -13.42 19.16
C8 NEX NE . 10.72 -14.73 19.17
C9 NEX NE . 10.10 -15.59 18.15
C10 NEX NE . 8.87 -15.85 18.25
C11 NEX NE . 8.09 -16.97 17.72
C12 NEX NE . 6.92 -16.92 17.66
C13 NEX NE . 5.87 -17.95 17.48
C14 NEX NE . 4.74 -17.63 17.05
C15 NEX NE . 3.42 -17.95 17.59
C16 NEX NE . 12.54 -12.51 16.67
C17 NEX NE . 13.62 -12.65 18.36
C18 NEX NE . 11.33 -12.26 21.62
C19 NEX NE . 10.94 -16.21 17.07
C20 NEX NE . 6.17 -19.39 17.81
O3 NEX NE . 13.90 -8.61 19.60
O4 NEX NE . 10.21 -10.68 20.20
C21 NEX NE . -5.61 -10.30 19.18
C22 NEX NE . -7.11 -10.46 19.27
C23 NEX NE . -7.79 -9.61 18.22
C24 NEX NE . -7.51 -10.13 16.83
C25 NEX NE . -6.07 -10.58 16.60
C26 NEX NE . -5.13 -10.74 17.80
C27 NEX NE . -4.12 -11.86 17.65
C28 NEX NE . -4.58 -13.12 17.68
C29 NEX NE . -3.87 -14.25 17.58
C30 NEX NE . -2.62 -14.27 17.44
C31 NEX NE . -1.81 -15.49 17.18
C32 NEX NE . -0.68 -15.64 17.47
C33 NEX NE . 0.13 -16.88 17.39
C34 NEX NE . 1.36 -16.85 17.60
C35 NEX NE . 2.41 -17.73 17.04
C36 NEX NE . -4.92 -11.07 20.30
C37 NEX NE . -5.26 -8.82 19.35
C38 NEX NE . -5.70 -11.15 15.24
C39 NEX NE . -4.61 -15.54 17.64
C40 NEX NE . -0.52 -18.19 17.08
O23 NEX NE . -9.21 -9.63 18.45
O24 NEX NE . -5.05 -9.62 16.92
O1 LHG OE . 20.42 5.26 27.18
C1 LHG OE . 21.46 5.44 28.15
C2 LHG OE . 21.03 4.81 29.47
O2 LHG OE . 21.36 5.69 30.55
C3 LHG OE . 21.75 3.47 29.66
O3 LHG OE . 20.82 2.52 30.18
P LHG OE . 20.03 1.51 29.21
O4 LHG OE . 19.22 2.34 28.23
O5 LHG OE . 21.01 0.48 28.69
O6 LHG OE . 19.02 0.77 30.23
C4 LHG OE . 18.22 -0.32 29.79
C5 LHG OE . 18.35 -1.47 30.80
C6 LHG OE . 18.98 -0.96 32.09
O7 LHG OE . 17.08 -2.04 31.09
C7 LHG OE . 17.11 -3.38 31.12
O9 LHG OE . 18.19 -3.94 31.21
C8 LHG OE . 15.85 -4.19 31.06
C9 LHG OE . 15.08 -3.93 29.76
C10 LHG OE . 13.58 -4.04 30.01
O8 LHG OE . 20.41 -0.91 32.03
C23 LHG OE . 21.13 -1.97 31.64
O10 LHG OE . 21.43 -2.10 30.46
C24 LHG OE . 21.58 -2.99 32.65
C11 LHG OE . 13.19 -5.49 30.28
C12 LHG OE . 11.70 -5.73 30.04
C13 LHG OE . 11.16 -6.77 31.01
C14 LHG OE . 10.71 -8.04 30.30
C15 LHG OE . 9.55 -7.77 29.36
C25 LHG OE . 22.03 -4.25 31.92
C26 LHG OE . 21.02 -5.38 32.11
C27 LHG OE . 20.80 -5.70 33.58
C28 LHG OE . 20.12 -7.06 33.76
C29 LHG OE . 19.01 -7.27 32.74
C30 LHG OE . 18.48 -8.69 32.82
C31 LHG OE . 16.96 -8.69 32.94
C32 LHG OE . 16.38 -10.04 32.54
MG CLA PE . -14.48 10.91 28.32
CHA CLA PE . -17.16 12.84 27.31
CHB CLA PE . -16.07 8.05 27.23
CHC CLA PE . -11.79 9.18 29.17
CHD CLA PE . -12.87 13.85 29.45
NA CLA PE . -16.41 10.47 27.36
C1A CLA PE . -17.35 11.36 27.05
C2A CLA PE . -18.57 10.72 26.45
C3A CLA PE . -18.20 9.23 26.45
C4A CLA PE . -16.82 9.22 27.03
CMA CLA PE . -19.23 8.21 26.94
CAA CLA PE . -18.79 11.18 25.01
CBA CLA PE . -17.46 11.41 24.26
CGA CLA PE . -17.40 10.49 23.06
O1A CLA PE . -17.46 9.29 23.23
O2A CLA PE . -17.27 11.02 21.85
NB CLA PE . -14.01 8.93 28.20
C1B CLA PE . -14.78 7.90 27.77
C2B CLA PE . -14.08 6.65 27.93
C3B CLA PE . -12.87 6.99 28.49
C4B CLA PE . -12.85 8.43 28.65
CMB CLA PE . -14.61 5.29 27.56
CAB CLA PE . -11.72 6.12 28.88
CBB CLA PE . -11.88 4.68 29.29
NC CLA PE . -12.61 11.45 29.11
C1C CLA PE . -11.66 10.57 29.44
C2C CLA PE . -10.49 11.20 30.07
C3C CLA PE . -10.80 12.53 30.11
C4C CLA PE . -12.12 12.67 29.52
CMC CLA PE . -9.23 10.52 30.55
CAC CLA PE . -9.95 13.65 30.67
CBC CLA PE . -10.11 13.72 32.16
ND CLA PE . -14.81 12.86 28.39
C1D CLA PE . -14.16 13.95 28.87
C2D CLA PE . -14.94 15.17 28.74
C3D CLA PE . -16.11 14.72 28.13
C4D CLA PE . -16.02 13.34 27.93
CMD CLA PE . -14.71 16.60 29.10
CAD CLA PE . -17.40 15.18 27.63
OBD CLA PE . -17.68 16.35 27.43
CBD CLA PE . -18.07 14.00 26.99
CGD CLA PE . -19.44 13.78 27.55
O1D CLA PE . -19.60 13.51 28.73
O2D CLA PE . -20.50 13.86 26.75
CED CLA PE . -21.56 14.70 27.19
C1 CLA PE . -16.01 10.89 21.11
C2 CLA PE . -14.96 11.98 21.11
C3 CLA PE . -14.08 12.05 20.09
C4 CLA PE . -14.10 11.04 18.97
C5 CLA PE . -13.01 13.09 19.98
C6 CLA PE . -13.05 14.03 21.19
C7 CLA PE . -11.68 14.11 21.85
C8 CLA PE . -10.79 15.14 21.14
C9 CLA PE . -9.62 14.46 20.45
C10 CLA PE . -10.31 16.18 22.15
O1 LHG QE . -18.66 7.16 31.60
C1 LHG QE . -18.13 6.46 30.46
C2 LHG QE . -16.70 6.01 30.76
O2 LHG QE . -16.69 4.60 30.99
C3 LHG QE . -16.20 6.72 32.00
O3 LHG QE . -15.10 7.56 31.65
P LHG QE . -15.14 9.14 31.94
O4 LHG QE . -15.84 9.82 30.79
O5 LHG QE . -15.62 9.37 33.35
O6 LHG QE . -13.57 9.48 31.87
C4 LHG QE . -12.98 10.53 32.62
C5 LHG QE . -11.79 9.95 33.38
C6 LHG QE . -11.67 10.71 34.69
O7 LHG QE . -12.05 8.58 33.68
C7 LHG QE . -10.97 7.79 33.58
O9 LHG QE . -10.01 8.01 34.30
C8 LHG QE . -10.93 6.65 32.60
C9 LHG QE . -9.76 5.74 32.97
C10 LHG QE . -9.09 5.14 31.74
O8 LHG QE . -10.47 11.47 34.74
C23 LHG QE . -9.57 11.19 35.68
O10 LHG QE . -9.86 10.42 36.57
C24 LHG QE . -8.20 11.83 35.63
C11 LHG QE . -7.58 5.14 31.90
C12 LHG QE . -6.89 4.34 30.81
C13 LHG QE . -5.37 4.42 30.97
C14 LHG QE . -4.77 3.06 31.28
C15 LHG QE . -4.80 2.14 30.06
C16 LHG QE . -3.39 1.65 29.69
C17 LHG QE . -2.81 0.76 30.78
C18 LHG QE . -3.73 -0.42 31.07
C19 LHG QE . -3.44 -1.62 30.18
C20 LHG QE . -1.96 -2.00 30.21
C21 LHG QE . -1.75 -3.38 29.61
C22 LHG QE . -0.30 -3.60 29.22
C25 LHG QE . -7.16 10.76 35.33
C26 LHG QE . -6.59 10.92 33.92
C27 LHG QE . -5.67 9.77 33.57
C28 LHG QE . -6.45 8.67 32.84
C29 LHG QE . -6.10 8.62 31.36
C30 LHG QE . -4.59 8.51 31.15
C31 LHG QE . -4.08 9.64 30.26
C32 LHG QE . -3.98 9.17 28.81
MG CLA RE . 36.90 -62.49 2.27
CHA CLA RE . 38.93 -63.64 4.83
CHB CLA RE . 35.06 -65.40 2.37
CHC CLA RE . 34.93 -61.23 -0.06
CHD CLA RE . 38.82 -59.51 2.18
NA CLA RE . 36.96 -64.35 3.47
C1A CLA RE . 37.84 -64.62 4.43
C2A CLA RE . 37.62 -65.99 5.02
C3A CLA RE . 36.41 -66.51 4.23
C4A CLA RE . 36.10 -65.37 3.30
CMA CLA RE . 36.41 -67.94 3.71
CAA CLA RE . 37.21 -65.86 6.49
CBA CLA RE . 37.53 -67.16 7.23
CGA CLA RE . 37.46 -66.90 8.71
O1A CLA RE . 36.38 -66.66 9.23
O2A CLA RE . 38.59 -66.94 9.40
NB CLA RE . 35.24 -63.20 1.31
C1B CLA RE . 34.65 -64.42 1.44
C2B CLA RE . 33.55 -64.53 0.53
C3B CLA RE . 33.51 -63.35 -0.16
C4B CLA RE . 34.60 -62.51 0.35
CMB CLA RE . 32.64 -65.71 0.37
CAB CLA RE . 32.56 -62.99 -1.22
CBB CLA RE . 31.85 -61.66 -1.24
NC CLA RE . 36.84 -60.64 1.28
C1C CLA RE . 35.98 -60.35 0.31
C2C CLA RE . 36.22 -59.02 -0.29
C3C CLA RE . 37.31 -58.54 0.37
C4C CLA RE . 37.70 -59.55 1.35
CMC CLA RE . 35.43 -58.37 -1.40
CAC CLA RE . 37.99 -57.20 0.14
CBC CLA RE . 37.65 -56.26 1.27
ND CLA RE . 38.43 -61.68 3.21
C1D CLA RE . 39.15 -60.52 3.11
C2D CLA RE . 40.29 -60.50 4.01
C3D CLA RE . 40.19 -61.72 4.68
C4D CLA RE . 39.08 -62.41 4.20
CMD CLA RE . 41.37 -59.51 4.30
CAD CLA RE . 40.82 -62.53 5.71
OBD CLA RE . 41.86 -62.26 6.29
CBD CLA RE . 39.98 -63.76 5.90
CGD CLA RE . 40.82 -65.00 5.68
O1D CLA RE . 41.57 -65.09 4.73
O2D CLA RE . 40.73 -66.01 6.54
CED CLA RE . 41.95 -66.41 7.15
C1 CLA RE . 38.71 -67.71 10.63
C2 CLA RE . 37.85 -67.45 11.83
C3 CLA RE . 38.40 -67.25 13.04
C4 CLA RE . 39.89 -67.26 13.23
C5 CLA RE . 37.58 -66.97 14.28
MG CLA SE . 24.34 -74.55 9.04
CHA CLA SE . 23.53 -75.81 5.92
CHB CLA SE . 25.40 -71.60 7.62
CHC CLA SE . 24.94 -73.40 12.07
CHD CLA SE . 23.22 -77.59 10.47
NA CLA SE . 24.44 -73.77 6.98
C1A CLA SE . 24.08 -74.40 5.87
C2A CLA SE . 24.32 -73.59 4.63
C3A CLA SE . 24.92 -72.29 5.20
C4A CLA SE . 24.92 -72.54 6.67
CMA CLA SE . 26.18 -71.71 4.57
CAA CLA SE . 22.97 -73.27 3.99
CBA CLA SE . 23.12 -72.28 2.83
CGA CLA SE . 22.88 -73.01 1.52
O1A CLA SE . 21.75 -73.36 1.26
O2A CLA SE . 23.88 -73.25 0.69
NB CLA SE . 25.04 -72.77 9.73
C1B CLA SE . 25.46 -71.70 9.01
C2B CLA SE . 25.96 -70.68 9.90
C3B CLA SE . 25.84 -71.19 11.16
C4B CLA SE . 25.25 -72.53 11.03
CMB CLA SE . 26.51 -69.34 9.49
CAB CLA SE . 26.19 -70.59 12.47
CBB CLA SE . 27.46 -69.79 12.66
NC CLA SE . 24.06 -75.35 10.97
C1C CLA SE . 24.43 -74.72 12.07
C2C CLA SE . 24.23 -75.56 13.28
C3C CLA SE . 23.72 -76.74 12.81
C4C CLA SE . 23.62 -76.59 11.36
CMC CLA SE . 24.54 -75.19 14.71
CAC CLA SE . 23.34 -77.95 13.62
CBC CLA SE . 24.57 -78.77 13.91
ND CLA SE . 23.55 -76.29 8.46
C1D CLA SE . 23.16 -77.43 9.07
C2D CLA SE . 22.71 -78.43 8.10
C3D CLA SE . 22.86 -77.79 6.89
C4D CLA SE . 23.35 -76.50 7.11
CMD CLA SE . 22.20 -79.84 8.21
CAD CLA SE . 22.68 -77.97 5.46
OBD CLA SE . 22.67 -79.07 4.92
CBD CLA SE . 23.08 -76.70 4.78
CGD CLA SE . 24.26 -76.97 3.88
O1D CLA SE . 25.11 -77.78 4.19
O2D CLA SE . 24.37 -76.32 2.72
CED CLA SE . 24.36 -77.12 1.55
C1 CLA SE . 25.30 -73.07 1.04
C2 CLA SE . 25.92 -71.69 1.11
C3 CLA SE . 27.25 -71.53 1.17
C4 CLA SE . 28.19 -72.70 1.18
C5 CLA SE . 27.88 -70.16 1.26
C6 CLA SE . 29.11 -70.06 0.38
C7 CLA SE . 29.89 -68.78 0.69
C8 CLA SE . 29.83 -67.79 -0.47
C9 CLA SE . 28.45 -67.17 -0.60
C10 CLA SE . 30.27 -68.48 -1.76
C11 CLA SE . 29.77 -67.73 -2.98
C12 CLA SE . 30.92 -67.47 -3.97
C13 CLA SE . 30.53 -66.42 -5.00
C14 CLA SE . 31.74 -65.99 -5.82
C15 CLA SE . 29.88 -65.22 -4.31
MG CLA TE . 34.64 -40.13 17.66
CHA CLA TE . 36.29 -41.88 15.18
CHB CLA TE . 32.38 -38.91 15.35
CHC CLA TE . 33.07 -38.59 20.12
CHD CLA TE . 36.96 -41.39 20.01
NA CLA TE . 34.34 -40.37 15.48
C1A CLA TE . 35.11 -41.09 14.66
C2A CLA TE . 34.65 -41.03 13.23
C3A CLA TE . 33.44 -40.09 13.32
C4A CLA TE . 33.36 -39.75 14.78
CMA CLA TE . 33.32 -38.98 12.29
CAA CLA TE . 34.21 -42.43 12.80
CBA CLA TE . 32.96 -42.44 11.92
CGA CLA TE . 31.95 -43.39 12.51
O1A CLA TE . 31.83 -43.47 13.72
O2A CLA TE . 31.21 -44.11 11.68
NB CLA TE . 32.97 -38.94 17.73
C1B CLA TE . 32.20 -38.53 16.68
C2B CLA TE . 31.15 -37.66 17.18
C3B CLA TE . 31.34 -37.56 18.52
C4B CLA TE . 32.51 -38.38 18.86
CMB CLA TE . 30.08 -36.99 16.37
CAB CLA TE . 30.49 -36.76 19.43
CBB CLA TE . 30.92 -36.23 20.78
NC CLA TE . 34.93 -40.06 19.74
C1C CLA TE . 34.18 -39.34 20.56
C2C CLA TE . 34.63 -39.43 21.97
C3C CLA TE . 35.71 -40.26 21.92
C4C CLA TE . 35.90 -40.64 20.53
CMC CLA TE . 34.02 -38.77 23.18
CAC CLA TE . 36.55 -40.70 23.09
CBC CLA TE . 36.24 -42.15 23.41
ND CLA TE . 36.22 -41.32 17.70
C1D CLA TE . 37.09 -41.77 18.65
C2D CLA TE . 38.13 -42.62 18.08
C3D CLA TE . 37.80 -42.66 16.73
C4D CLA TE . 36.67 -41.88 16.52
CMD CLA TE . 39.31 -43.36 18.65
CAD CLA TE . 38.23 -43.21 15.46
OBD CLA TE . 39.11 -44.04 15.31
CBD CLA TE . 37.26 -42.75 14.42
CGD CLA TE . 37.96 -41.92 13.37
O1D CLA TE . 38.19 -40.74 13.56
O2D CLA TE . 38.35 -42.48 12.23
CED CLA TE . 39.75 -42.40 11.97
C1 BCR UE . 33.99 -53.23 2.64
C2 BCR UE . 34.97 -52.08 2.52
C3 BCR UE . 36.30 -52.54 1.94
C4 BCR UE . 36.10 -53.12 0.55
C5 BCR UE . 34.90 -54.02 0.45
C6 BCR UE . 34.00 -54.13 1.42
C7 BCR UE . 32.93 -55.15 1.30
C8 BCR UE . 33.00 -56.42 1.63
C9 BCR UE . 31.92 -57.39 1.50
C10 BCR UE . 32.12 -58.83 1.50
C11 BCR UE . 31.54 -60.06 1.92
C33 BCR UE . 34.74 -54.83 -0.81
C31 BCR UE . 32.57 -52.69 2.81
C32 BCR UE . 34.35 -54.09 3.85
C34 BCR UE . 30.54 -56.86 1.33
C12 BCR UE . 31.05 -61.13 2.22
C13 BCR UE . 31.10 -62.42 2.81
C14 BCR UE . 30.02 -63.21 3.05
C15 BCR UE . 30.24 -64.48 3.66
C16 BCR UE . 30.67 -65.30 4.66
C17 BCR UE . 30.55 -66.59 4.63
C18 BCR UE . 31.38 -67.49 5.19
C19 BCR UE . 31.10 -68.94 5.10
C20 BCR UE . 30.72 -70.05 5.73
C21 BCR UE . 30.36 -71.40 6.00
C22 BCR UE . 29.93 -71.91 7.17
C23 BCR UE . 29.60 -73.34 7.32
C24 BCR UE . 28.40 -73.89 8.06
C25 BCR UE . 28.12 -75.34 8.20
C26 BCR UE . 27.72 -76.05 7.15
C27 BCR UE . 27.68 -77.56 7.23
C28 BCR UE . 27.17 -78.07 8.57
C29 BCR UE . 27.18 -77.06 9.71
C30 BCR UE . 28.24 -75.98 9.58
C35 BCR UE . 32.43 -62.93 3.20
C36 BCR UE . 32.62 -67.03 5.91
C37 BCR UE . 29.78 -71.00 8.35
C38 BCR UE . 27.32 -75.43 5.85
C39 BCR UE . 29.65 -76.53 9.80
C40 BCR UE . 27.95 -74.94 10.64
O6 SQD VE . 50.71 -59.92 4.96
C44 SQD VE . 49.87 -60.96 4.50
C45 SQD VE . 48.60 -60.35 3.88
C46 SQD VE . 48.47 -60.64 2.38
O47 SQD VE . 47.48 -60.98 4.52
C7 SQD VE . 47.08 -62.20 4.05
O49 SQD VE . 47.81 -63.15 3.97
C8 SQD VE . 45.61 -62.17 3.70
C9 SQD VE . 45.00 -63.57 3.85
C10 SQD VE . 44.34 -64.09 2.57
C11 SQD VE . 42.96 -63.46 2.35
C12 SQD VE . 42.04 -64.42 1.58
C13 SQD VE . 40.72 -63.74 1.17
C14 SQD VE . 39.58 -64.75 0.97
C15 SQD VE . 38.74 -64.44 -0.28
C16 SQD VE . 37.47 -65.29 -0.34
C17 SQD VE . 36.80 -65.23 -1.71
C18 SQD VE . 36.58 -63.80 -2.18
C19 SQD VE . 35.60 -63.70 -3.35
O48 SQD VE . 48.34 -59.39 1.71
C23 SQD VE . 47.35 -59.30 0.79
O10 SQD VE . 47.60 -59.01 -0.37
C24 SQD VE . 45.99 -59.57 1.38
C25 SQD VE . 45.04 -60.18 0.33
C26 SQD VE . 43.59 -60.21 0.83
C27 SQD VE . 42.65 -60.86 -0.19
C28 SQD VE . 42.70 -60.14 -1.55
C29 SQD VE . 41.50 -60.51 -2.44
C30 SQD VE . 40.17 -60.47 -1.68
C31 SQD VE . 39.01 -61.05 -2.49
C32 SQD VE . 38.21 -59.96 -3.20
C33 SQD VE . 37.27 -60.53 -4.26
C1 SQD VE . 51.63 -60.38 5.91
C2 SQD VE . 52.74 -59.31 6.03
O2 SQD VE . 53.47 -59.23 4.84
C3 SQD VE . 53.67 -59.68 7.20
O3 SQD VE . 54.44 -58.55 7.44
C4 SQD VE . 52.84 -60.02 8.48
O4 SQD VE . 53.74 -60.51 9.44
C5 SQD VE . 51.72 -61.04 8.13
C6 SQD VE . 50.85 -61.30 9.33
O5 SQD VE . 50.94 -60.46 7.12
S SQD VE . 49.26 -62.07 8.98
O7 SQD VE . 48.37 -60.95 8.90
O8 SQD VE . 49.50 -62.73 7.73
O9 SQD VE . 48.98 -62.94 10.08
C1 PTY WE . 37.55 -48.73 16.80
C2 PTY WE . 45.22 -48.40 18.86
C3 PTY WE . 44.27 -47.22 18.71
O4 PTY WE . 37.59 -49.58 17.91
C5 PTY WE . 39.77 -47.93 17.60
C6 PTY WE . 38.41 -47.50 17.05
O7 PTY WE . 37.78 -46.65 17.97
C8 PTY WE . 36.60 -46.09 17.50
O10 PTY WE . 36.56 -45.61 16.41
C11 PTY WE . 35.36 -46.08 18.37
C12 PTY WE . 35.26 -44.73 19.10
C13 PTY WE . 33.84 -44.19 18.96
C14 PTY WE . 33.72 -43.46 17.62
C15 PTY WE . 32.34 -42.81 17.50
C16 PTY WE . 31.93 -42.18 18.82
C17 PTY WE . 30.67 -41.33 18.62
C18 PTY WE . 29.57 -42.16 17.96
C19 PTY WE . 29.05 -43.21 18.94
C20 PTY WE . 27.84 -43.91 18.34
C21 PTY WE . 26.63 -42.99 18.41
C30 PTY WE . 36.35 -50.10 18.27
O30 PTY WE . 35.36 -49.51 18.01
P1 PTY WE . 41.69 -46.94 19.08
O11 PTY WE . 42.99 -47.69 18.41
O12 PTY WE . 42.10 -45.57 19.57
O13 PTY WE . 41.17 -47.75 20.24
O14 PTY WE . 40.52 -46.79 17.93
N1 PTY WE . 46.47 -48.10 18.20
C1 PTY XE . 39.11 -57.02 18.29
C2 PTY XE . 44.91 -59.20 21.97
C3 PTY XE . 44.88 -58.79 20.50
O4 PTY XE . 37.77 -56.86 18.69
C5 PTY XE . 40.79 -58.65 17.44
C6 PTY XE . 39.32 -58.45 17.83
O7 PTY XE . 38.50 -58.70 16.71
C8 PTY XE . 37.49 -59.63 16.95
O10 PTY XE . 37.75 -60.75 17.19
C11 PTY XE . 36.03 -59.17 16.90
C12 PTY XE . 35.11 -60.35 17.24
C13 PTY XE . 33.69 -59.83 17.46
C14 PTY XE . 32.67 -60.81 16.87
C15 PTY XE . 31.27 -60.45 17.32
C16 PTY XE . 30.93 -59.01 16.91
C17 PTY XE . 30.77 -58.94 15.38
C18 PTY XE . 29.86 -57.77 15.03
C19 PTY XE . 29.81 -57.60 13.51
C20 PTY XE . 28.89 -56.44 13.15
C21 PTY XE . 27.43 -56.91 13.16
C30 PTY XE . 37.09 -55.87 17.98
O30 PTY XE . 37.67 -54.91 17.60
P1 PTY XE . 43.11 -58.32 18.62
O11 PTY XE . 43.61 -58.28 20.20
O12 PTY XE . 43.99 -59.24 17.83
O13 PTY XE . 43.16 -56.93 18.03
O14 PTY XE . 41.55 -58.87 18.58
N1 PTY XE . 45.89 -60.26 22.16
MG CLA YE . 9.43 -11.07 -78.29
CHA CLA YE . 7.19 -9.14 -80.10
CHB CLA YE . 9.41 -8.76 -75.73
CHC CLA YE . 11.43 -13.06 -76.61
CHD CLA YE . 9.42 -13.43 -80.94
NA CLA YE . 8.41 -9.15 -77.92
C1A CLA YE . 7.56 -8.54 -78.75
C2A CLA YE . 7.08 -7.22 -78.21
C3A CLA YE . 7.81 -7.13 -76.86
C4A CLA YE . 8.58 -8.41 -76.81
CMA CLA YE . 8.48 -5.83 -76.47
CAA CLA YE . 5.58 -7.25 -77.96
CBA CLA YE . 4.98 -5.87 -78.16
CGA CLA YE . 3.62 -5.81 -77.51
O1A CLA YE . 3.44 -6.42 -76.47
O2A CLA YE . 2.67 -5.08 -78.07
NB CLA YE . 10.27 -10.94 -76.45
C1B CLA YE . 10.20 -9.92 -75.55
C2B CLA YE . 11.03 -10.22 -74.41
C3B CLA YE . 11.60 -11.43 -74.68
C4B CLA YE . 11.11 -11.87 -75.97
CMB CLA YE . 11.23 -9.34 -73.19
CAB CLA YE . 12.54 -12.23 -73.85
CBB CLA YE . 12.31 -12.45 -72.37
NC CLA YE . 10.25 -12.96 -78.69
C1C CLA YE . 11.09 -13.58 -77.88
C2C CLA YE . 11.62 -14.85 -78.43
C3C CLA YE . 11.02 -14.95 -79.65
C4C CLA YE . 10.18 -13.76 -79.81
CMC CLA YE . 12.57 -15.79 -77.77
CAC CLA YE . 11.22 -16.06 -80.64
CBC CLA YE . 12.39 -15.75 -81.53
ND CLA YE . 8.57 -11.34 -80.07
C1D CLA YE . 8.63 -12.27 -81.06
C2D CLA YE . 7.80 -11.90 -82.21
C3D CLA YE . 7.24 -10.69 -81.81
C4D CLA YE . 7.71 -10.36 -80.54
CMD CLA YE . 7.49 -12.54 -83.53
CAD CLA YE . 6.35 -9.64 -82.26
OBD CLA YE . 5.64 -9.69 -83.25
CBD CLA YE . 6.25 -8.62 -81.16
CGD CLA YE . 6.74 -7.28 -81.68
O1D CLA YE . 7.60 -7.22 -82.52
O2D CLA YE . 6.22 -6.16 -81.18
CED CLA YE . 5.51 -5.34 -82.10
C1 CLA YE . 1.27 -5.48 -77.99
C2 CLA YE . 0.82 -6.87 -78.40
C3 CLA YE . -0.29 -7.03 -79.14
C4 CLA YE . -1.10 -5.86 -79.59
C5 CLA YE . -0.78 -8.38 -79.57
C6 CLA YE . -0.70 -8.51 -81.10
C7 CLA YE . -2.08 -8.72 -81.70
C8 CLA YE . -2.78 -9.92 -81.07
C9 CLA YE . -2.13 -11.22 -81.49
C10 CLA YE . -4.25 -9.89 -81.46
MG CLA ZE . 33.96 -16.71 -58.30
CHA CLA ZE . 36.06 -19.14 -59.59
CHB CLA ZE . 36.02 -14.23 -59.52
CHC CLA ZE . 31.83 -14.47 -57.12
CHD CLA ZE . 31.86 -19.26 -57.05
NA CLA ZE . 35.84 -16.67 -59.45
C1A CLA ZE . 36.53 -17.74 -59.86
C2A CLA ZE . 37.78 -17.35 -60.60
C3A CLA ZE . 37.74 -15.81 -60.56
C4A CLA ZE . 36.47 -15.53 -59.80
CMA CLA ZE . 39.02 -15.03 -60.23
CAA CLA ZE . 37.72 -17.81 -62.05
CBA CLA ZE . 36.63 -17.10 -62.84
CGA CLA ZE . 35.36 -17.91 -62.85
O1A CLA ZE . 35.30 -18.93 -63.52
O2A CLA ZE . 34.32 -17.50 -62.14
NB CLA ZE . 33.92 -14.67 -58.32
C1B CLA ZE . 34.86 -13.82 -58.84
C2B CLA ZE . 34.45 -12.45 -58.60
C3B CLA ZE . 33.27 -12.54 -57.91
C4B CLA ZE . 32.95 -13.95 -57.76
CMB CLA ZE . 35.21 -11.22 -59.01
CAB CLA ZE . 32.41 -11.45 -57.41
CBB CLA ZE . 32.98 -10.26 -56.68
NC CLA ZE . 32.10 -16.85 -57.32
C1C CLA ZE . 31.42 -15.80 -56.88
C2C CLA ZE . 30.20 -16.18 -56.12
C3C CLA ZE . 30.21 -17.54 -56.14
C4C CLA ZE . 31.40 -17.96 -56.88
CMC CLA ZE . 29.20 -15.26 -55.47
CAC CLA ZE . 29.19 -18.46 -55.50
CBC CLA ZE . 28.26 -19.00 -56.58
ND CLA ZE . 33.87 -18.68 -58.27
C1D CLA ZE . 33.02 -19.62 -57.75
C2D CLA ZE . 33.49 -20.98 -58.03
C3D CLA ZE . 34.66 -20.78 -58.74
C4D CLA ZE . 34.89 -19.41 -58.87
CMD CLA ZE . 32.96 -22.35 -57.70
CAD CLA ZE . 35.74 -21.49 -59.38
OBD CLA ZE . 35.81 -22.70 -59.55
CBD CLA ZE . 36.66 -20.47 -60.01
CGD CLA ZE . 38.06 -20.69 -59.49
O1D CLA ZE . 38.64 -21.72 -59.75
O2D CLA ZE . 38.67 -19.78 -58.75
CED CLA ZE . 40.08 -19.65 -58.99
C1 CLA ZE . 33.26 -18.43 -61.79
MG CLA AF . 17.46 -24.90 -72.06
CHA CLA AF . 15.89 -26.89 -74.41
CHB CLA AF . 18.65 -27.70 -70.44
CHC CLA AF . 19.08 -22.91 -69.98
CHD CLA AF . 16.19 -22.05 -73.72
NA CLA AF . 17.31 -27.08 -72.38
C1A CLA AF . 16.62 -27.67 -73.35
C2A CLA AF . 16.66 -29.17 -73.25
C3A CLA AF . 17.48 -29.38 -71.98
C4A CLA AF . 17.86 -27.99 -71.56
CMA CLA AF . 16.85 -30.24 -70.90
CAA CLA AF . 17.41 -29.74 -74.45
CBA CLA AF . 18.78 -29.09 -74.63
CGA CLA AF . 18.79 -28.13 -75.80
O1A CLA AF . 17.95 -28.22 -76.66
O2A CLA AF . 19.74 -27.21 -75.84
NB CLA AF . 18.68 -25.25 -70.47
C1B CLA AF . 19.04 -26.46 -69.93
C2B CLA AF . 19.85 -26.25 -68.76
C3B CLA AF . 19.97 -24.90 -68.63
C4B CLA AF . 19.22 -24.28 -69.73
CMB CLA AF . 20.45 -27.31 -67.87
CAB CLA AF . 20.71 -24.17 -67.59
CBB CLA AF . 21.91 -23.33 -67.96
NC CLA AF . 17.61 -22.82 -71.89
C1C CLA AF . 18.33 -22.21 -70.96
C2C CLA AF . 18.27 -20.73 -71.07
C3C CLA AF . 17.45 -20.51 -72.15
C4C CLA AF . 17.05 -21.80 -72.64
CMC CLA AF . 18.97 -19.72 -70.20
CAC CLA AF . 17.04 -19.16 -72.70
CBC CLA AF . 17.86 -18.86 -73.94
ND CLA AF . 16.33 -24.47 -73.63
C1D CLA AF . 15.88 -23.34 -74.23
C2D CLA AF . 15.08 -23.63 -75.42
C3D CLA AF . 15.09 -25.02 -75.48
C4D CLA AF . 15.84 -25.50 -74.41
CMD CLA AF . 14.36 -22.78 -76.43
CAD CLA AF . 14.61 -26.14 -76.26
OBD CLA AF . 14.51 -26.07 -77.48
CBD CLA AF . 15.07 -27.39 -75.58
CGD CLA AF . 13.92 -28.22 -75.08
O1D CLA AF . 13.42 -28.00 -73.99
O2D CLA AF . 13.44 -29.21 -75.82
CED CLA AF . 12.02 -29.33 -75.87
C1 CLA AF . 20.01 -26.36 -74.68
C2 CLA AF . 19.70 -24.88 -74.67
C3 CLA AF . 20.47 -24.05 -73.94
C4 CLA AF . 20.21 -22.58 -73.88
C5 CLA AF . 21.63 -24.57 -73.12
C6 CLA AF . 22.63 -23.46 -72.81
C7 CLA AF . 23.08 -23.52 -71.36
C8 CLA AF . 24.49 -24.10 -71.24
C9 CLA AF . 24.74 -24.64 -69.83
C10 CLA AF . 25.51 -23.03 -71.61
C1 BCR BF . 12.85 -21.71 -83.65
C2 BCR BF . 11.98 -22.93 -83.96
C3 BCR BF . 11.53 -23.70 -82.72
C4 BCR BF . 10.86 -22.80 -81.71
C5 BCR BF . 11.62 -21.50 -81.57
C6 BCR BF . 12.79 -21.40 -82.18
C7 BCR BF . 14.00 -21.00 -81.44
C8 BCR BF . 14.40 -19.74 -81.34
C9 BCR BF . 15.58 -19.28 -80.63
C10 BCR BF . 16.01 -17.89 -80.72
C11 BCR BF . 15.77 -16.56 -80.28
C33 BCR BF . 11.03 -20.37 -80.78
C31 BCR BF . 12.33 -20.50 -84.41
C32 BCR BF . 14.30 -22.00 -84.04
C34 BCR BF . 16.38 -20.24 -79.81
C12 BCR BF . 15.57 -15.42 -79.93
C13 BCR BF . 15.41 -14.36 -79.00
C14 BCR BF . 14.78 -13.23 -79.41
C15 BCR BF . 14.55 -12.09 -78.58
C16 BCR BF . 13.84 -10.98 -78.29
C17 BCR BF . 14.12 -10.18 -77.30
C18 BCR BF . 13.57 -8.97 -77.06
C19 BCR BF . 13.97 -8.14 -75.91
C20 BCR BF . 13.72 -7.09 -75.13
C21 BCR BF . 13.05 -5.94 -74.63
C22 BCR BF . 13.51 -5.05 -73.73
C23 BCR BF . 13.62 -3.85 -72.88
C24 BCR BF . 14.61 -3.62 -71.78
C25 BCR BF . 14.64 -2.37 -70.99
C26 BCR BF . 15.58 -1.49 -71.30
C27 BCR BF . 16.01 -0.47 -70.27
C28 BCR BF . 14.78 0.06 -69.55
C29 BCR BF . 14.06 -1.09 -68.88
C30 BCR BF . 13.60 -2.12 -69.90
C35 BCR BF . 15.95 -14.46 -77.61
C36 BCR BF . 12.52 -8.45 -77.99
C37 BCR BF . 12.15 -4.47 -73.95
C38 BCR BF . 16.28 -1.47 -72.62
C39 BCR BF . 12.29 -1.66 -70.53
C40 BCR BF . 13.40 -3.41 -69.11
O6 SQD CF . 12.57 -33.17 -67.39
C44 SQD CF . 13.42 -33.49 -66.30
C45 SQD CF . 14.07 -32.18 -65.77
C46 SQD CF . 15.10 -32.49 -64.66
O47 SQD CF . 14.82 -31.66 -66.85
C7 SQD CF . 14.53 -30.37 -67.23
O49 SQD CF . 13.57 -30.10 -67.89
C8 SQD CF . 15.58 -29.42 -66.71
C9 SQD CF . 15.80 -28.29 -67.72
C10 SQD CF . 16.14 -26.96 -67.06
C11 SQD CF . 16.02 -25.79 -68.04
C12 SQD CF . 15.90 -24.45 -67.32
C13 SQD CF . 17.23 -24.00 -66.70
C14 SQD CF . 17.16 -22.60 -66.10
C15 SQD CF . 16.78 -21.54 -67.13
C16 SQD CF . 16.98 -20.12 -66.59
C17 SQD CF . 16.64 -19.05 -67.63
C18 SQD CF . 17.50 -17.79 -67.47
C19 SQD CF . 18.93 -18.11 -67.00
C20 SQD CF . 19.94 -17.08 -67.51
O48 SQD CF . 15.43 -31.26 -64.03
C23 SQD CF . 16.62 -31.21 -63.37
O10 SQD CF . 17.37 -32.18 -63.38
C24 SQD CF . 16.85 -29.89 -62.69
C25 SQD CF . 18.23 -29.85 -62.01
C26 SQD CF . 18.27 -30.71 -60.73
C27 SQD CF . 19.62 -30.60 -60.01
C28 SQD CF . 19.60 -31.35 -58.67
C29 SQD CF . 20.82 -31.02 -57.80
C30 SQD CF . 20.83 -31.80 -56.47
C31 SQD CF . 21.84 -31.22 -55.48
C1 SQD CF . 12.24 -34.32 -68.11
C2 SQD CF . 10.73 -34.18 -68.47
O2 SQD CF . 9.95 -34.29 -67.34
C3 SQD CF . 10.36 -35.30 -69.49
O3 SQD CF . 9.12 -34.92 -70.00
C4 SQD CF . 11.39 -35.38 -70.65
O4 SQD CF . 11.08 -36.52 -71.39
C5 SQD CF . 12.83 -35.41 -70.08
C6 SQD CF . 13.84 -35.36 -71.20
O5 SQD CF . 13.00 -34.26 -69.30
S SQD CF . 15.55 -35.66 -70.69
O7 SQD CF . 15.45 -36.84 -69.90
O8 SQD CF . 16.23 -35.82 -71.94
O9 SQD CF . 15.93 -34.50 -69.93
MG CLA DF . 0.37 21.50 16.80
CHA CLA DF . 1.93 23.91 18.71
CHB CLA DF . 0.27 19.35 19.49
CHC CLA DF . -1.20 19.30 14.89
CHD CLA DF . 0.50 23.70 14.04
NA CLA DF . 1.01 21.60 18.90
C1A CLA DF . 1.63 22.64 19.49
C2A CLA DF . 1.95 22.38 20.93
C3A CLA DF . 1.43 20.94 21.13
C4A CLA DF . 0.86 20.59 19.78
CMA CLA DF . 2.27 19.93 21.88
CAA CLA DF . 1.21 23.37 21.83
CBA CLA DF . 0.08 22.74 22.64
NB CLA DF . -0.37 19.62 17.14
C1B CLA DF . -0.31 18.89 18.29
C2B CLA DF . -0.91 17.60 18.08
C3B CLA DF . -1.32 17.58 16.79
C4B CLA DF . -0.97 18.87 16.20
CMB CLA DF . -1.04 16.49 19.09
CAB CLA DF . -2.00 16.45 16.10
CBB CLA DF . -3.17 16.65 15.18
NC CLA DF . -0.33 21.54 14.81
C1C CLA DF . -0.88 20.50 14.21
C2C CLA DF . -1.10 20.71 12.76
C3C CLA DF . -0.65 21.99 12.54
C4C CLA DF . -0.17 22.49 13.82
CMC CLA DF . -1.70 19.73 11.79
CAC CLA DF . -0.64 22.72 11.21
CBC CLA DF . -1.71 23.79 11.20
ND CLA DF . 1.01 23.32 16.37
C1D CLA DF . 1.02 24.12 15.27
C2D CLA DF . 1.65 25.40 15.55
C3D CLA DF . 2.00 25.31 16.90
C4D CLA DF . 1.61 24.06 17.37
CMD CLA DF . 1.94 26.63 14.73
CAD CLA DF . 2.63 26.05 17.97
OBD CLA DF . 3.33 27.03 17.82
CBD CLA DF . 2.60 25.17 19.19
CGD CLA DF . 4.02 24.88 19.58
O1D CLA DF . 4.89 24.72 18.74
O2D CLA DF . 4.35 24.80 20.87
CED CLA DF . 5.39 25.66 21.31
C1 BCR EF . -5.89 21.22 -5.10
C2 BCR EF . -7.35 21.59 -4.84
C3 BCR EF . -7.49 22.85 -4.02
C4 BCR EF . -6.83 22.62 -2.68
C5 BCR EF . -5.40 22.16 -2.82
C6 BCR EF . -5.01 21.44 -3.88
C7 BCR EF . -3.65 20.82 -3.90
C8 BCR EF . -3.33 19.76 -3.18
C9 BCR EF . -2.05 19.10 -3.16
C10 BCR EF . -1.83 17.98 -2.27
C11 BCR EF . -1.06 17.46 -1.19
C33 BCR EF . -4.43 22.57 -1.75
C31 BCR EF . -5.34 22.08 -6.22
C32 BCR EF . -5.82 19.76 -5.50
C34 BCR EF . -0.94 19.56 -4.06
C12 BCR EF . -0.48 16.99 -0.24
C13 BCR EF . 0.53 16.28 0.44
C14 BCR EF . 0.31 16.04 1.76
C15 BCR EF . 1.16 15.33 2.67
C16 BCR EF . 1.47 15.06 3.94
C17 BCR EF . 2.40 14.23 4.31
C18 BCR EF . 2.63 13.81 5.57
C19 BCR EF . 3.70 12.86 5.90
C20 BCR EF . 4.12 11.87 6.68
C21 BCR EF . 4.98 10.87 7.25
C22 BCR EF . 4.94 10.38 8.50
C23 BCR EF . 5.92 9.39 8.96
C24 BCR EF . 5.72 8.40 10.06
C25 BCR EF . 6.81 7.48 10.44
C26 BCR EF . 6.94 6.28 9.90
C27 BCR EF . 7.46 5.15 10.75
C28 BCR EF . 8.66 5.63 11.55
C29 BCR EF . 8.29 6.85 12.37
C30 BCR EF . 7.82 7.99 11.48
C35 BCR EF . 1.78 15.81 -0.25
C36 BCR EF . 1.78 14.34 6.68
C37 BCR EF . 3.89 10.87 9.45
C38 BCR EF . 6.57 5.98 8.48
C39 BCR EF . 9.00 8.61 10.74
C40 BCR EF . 7.15 9.02 12.37
C1 RRX FF . -12.96 13.65 1.61
C2 RRX FF . -14.45 13.28 1.00
O2 RRX FF . 8.15 25.67 12.16
C3 RRX FF . -15.25 14.36 0.84
C40 RRX FF . 4.16 23.58 13.85
C30 RRX FF . 4.94 23.67 12.51
C39 RRX FF . 3.99 24.19 11.41
C29 RRX FF . 6.11 24.80 12.73
C28 RRX FF . 7.18 24.64 11.88
C27 RRX FF . 7.89 23.16 12.10
C26 RRX FF . 6.96 22.09 11.86
C38 RRX FF . 7.44 20.80 11.22
C25 RRX FF . 5.39 22.33 12.14
C24 RRX FF . 4.42 21.29 11.46
C23 RRX FF . 3.27 20.82 12.02
C22 RRX FF . 2.44 19.79 11.22
C37 RRX FF . 1.87 18.57 11.94
C21 RRX FF . 2.24 19.98 9.88
C20 RRX FF . 1.45 18.99 8.98
C19 RRX FF . 0.10 18.82 8.91
C18 RRX FF . -0.37 17.74 7.87
C36 RRX FF . -0.83 16.34 8.34
C17 RRX FF . -0.34 18.08 6.56
C16 RRX FF . -0.68 17.16 5.37
C15 RRX FF . -1.85 16.73 4.79
C14 RRX FF . -3.35 16.92 5.13
C13 RRX FF . -4.17 16.82 4.05
C35 RRX FF . -3.55 16.55 2.64
C12 RRX FF . -5.71 16.94 4.14
C11 RRX FF . -6.43 16.29 3.18
C10 RRX FF . -7.97 16.27 3.15
C9 RRX FF . -8.62 15.83 2.03
C34 RRX FF . -7.84 15.38 0.84
C8 RRX FF . -10.18 15.78 2.00
C7 RRX FF . -10.79 14.95 1.08
C6 RRX FF . -12.32 14.79 0.97
C32 RRX FF . -13.11 13.94 3.16
C31 RRX FF . -12.04 12.41 1.43
C5 RRX FF . -13.25 15.93 0.36
C33 RRX FF . -12.63 17.24 -0.16
C4 RRX FF . -14.56 15.53 -0.10
C1 PTY GF . -20.88 12.82 17.94
C2 PTY GF . -25.91 10.18 14.20
C3 PTY GF . -25.00 9.19 13.48
O4 PTY GF . -19.51 12.82 18.24
C5 PTY GF . -22.11 11.50 16.25
C6 PTY GF . -21.08 12.60 16.44
O7 PTY GF . -19.87 12.24 15.84
C8 PTY GF . -19.27 13.27 15.11
O10 PTY GF . -19.45 14.41 15.42
C11 PTY GF . -18.38 12.95 13.91
C12 PTY GF . -16.92 12.95 14.35
C13 PTY GF . -16.35 14.35 14.24
C14 PTY GF . -15.60 14.50 12.92
C30 PTY GF . -19.22 13.09 19.57
C31 PTY GF . -17.91 13.78 19.95
O30 PTY GF . -20.00 12.79 20.42
C32 PTY GF . -17.68 14.98 19.06
C33 PTY GF . -16.20 15.38 19.12
C34 PTY GF . -16.02 16.76 18.48
C35 PTY GF . -15.86 17.81 19.58
C36 PTY GF . -14.79 17.39 20.57
C37 PTY GF . -13.40 17.56 19.93
P1 PTY GF . -22.72 9.42 14.79
O11 PTY GF . -23.69 9.69 13.47
O12 PTY GF . -21.81 8.26 14.51
O13 PTY GF . -23.57 9.12 16.00
O14 PTY GF . -21.84 10.78 15.08
N1 PTY GF . -25.98 11.42 13.46
C1 SPH HF . 2.40 30.43 17.72
O1 SPH HF . 2.52 30.59 19.11
C2 SPH HF . 1.10 31.09 17.24
N2 SPH HF . 1.36 31.95 16.12
C3 SPH HF . 0.10 30.00 16.82
O3 SPH HF . 0.57 29.42 15.63
C4 SPH HF . 0.00 28.96 17.93
C5 SPH HF . -0.91 28.00 17.91
C6 SPH HF . -1.92 27.88 16.78
C7 SPH HF . -2.12 26.40 16.43
C8 SPH HF . -2.46 25.63 17.70
C9 SPH HF . -1.88 24.22 17.64
C10 SPH HF . -2.93 23.25 17.13
C11 SPH HF . -2.80 21.93 17.88
C12 SPH HF . -4.13 21.19 17.88
C13 SPH HF . -4.15 20.13 16.78
C14 SPH HF . -4.98 20.63 15.60
C15 SPH HF . -5.48 19.44 14.79
C16 SPH HF . -6.88 19.73 14.27
C17 SPH HF . -7.44 18.49 13.58
C18 SPH HF . -6.93 18.44 12.13
C1 BCR IF . -9.83 52.68 -27.46
C2 BCR IF . -9.88 53.69 -26.32
C3 BCR IF . -9.72 53.06 -24.95
C4 BCR IF . -10.80 52.02 -24.77
C5 BCR IF . -10.71 50.98 -25.84
C6 BCR IF . -10.24 51.28 -27.05
C7 BCR IF . -10.07 50.20 -28.05
C8 BCR IF . -11.02 49.76 -28.84
C9 BCR IF . -10.91 48.71 -29.84
C10 BCR IF . -11.88 47.64 -29.88
C11 BCR IF . -12.91 47.03 -30.65
C33 BCR IF . -11.14 49.57 -25.50
C31 BCR IF . -8.43 52.60 -28.04
C32 BCR IF . -10.79 53.16 -28.53
C34 BCR IF . -9.76 48.70 -30.79
C12 BCR IF . -13.79 46.48 -31.25
C13 BCR IF . -14.42 45.83 -32.35
C14 BCR IF . -15.76 45.65 -32.29
C15 BCR IF . -16.55 45.01 -33.30
C16 BCR IF . -17.76 44.77 -33.81
C17 BCR IF . -17.97 44.04 -34.86
C18 BCR IF . -19.14 43.87 -35.51
C19 BCR IF . -19.31 43.02 -36.70
C20 BCR IF . -20.09 42.68 -37.71
C21 BCR IF . -20.61 42.03 -38.87
C22 BCR IF . -21.89 42.06 -39.31
C23 BCR IF . -22.31 41.35 -40.51
C24 BCR IF . -22.66 41.97 -41.83
C25 BCR IF . -23.09 41.17 -42.99
C26 BCR IF . -22.29 40.29 -43.58
C27 BCR IF . -22.85 39.23 -44.50
C28 BCR IF . -24.03 39.71 -45.35
C29 BCR IF . -24.53 41.11 -45.02
C30 BCR IF . -24.50 41.42 -43.54
C35 BCR IF . -13.61 45.36 -33.52
C36 BCR IF . -20.35 44.59 -35.00
C37 BCR IF . -22.90 42.85 -38.53
C38 BCR IF . -20.80 40.27 -43.38
C39 BCR IF . -25.54 40.60 -42.77
C40 BCR IF . -24.82 42.90 -43.38
MG CLA JF . -17.59 56.12 -36.86
CHA CLA JF . -17.55 58.40 -39.45
CHB CLA JF . -20.97 56.63 -36.40
CHC CLA JF . -17.50 53.87 -34.46
CHD CLA JF . -14.14 55.56 -37.39
NA CLA JF . -19.13 57.37 -37.82
C1A CLA JF . -18.92 58.21 -38.83
C2A CLA JF . -20.18 58.94 -39.24
C3A CLA JF . -21.21 58.37 -38.27
C4A CLA JF . -20.42 57.40 -37.44
CMA CLA JF . -22.20 59.30 -37.57
CAA CLA JF . -20.53 58.53 -40.67
CBA CLA JF . -21.87 59.08 -41.12
CGA CLA JF . -22.35 58.29 -42.32
O1A CLA JF . -22.15 57.10 -42.36
O2A CLA JF . -22.97 58.94 -43.29
NB CLA JF . -19.02 55.35 -35.62
C1B CLA JF . -20.35 55.69 -35.56
C2B CLA JF . -20.98 54.94 -34.51
C3B CLA JF . -20.00 54.16 -33.97
C4B CLA JF . -18.76 54.44 -34.69
CMB CLA JF . -22.43 55.00 -34.10
CAB CLA JF . -20.16 53.20 -32.85
CBB CLA JF . -19.64 51.79 -32.91
NC CLA JF . -16.08 54.85 -36.12
C1C CLA JF . -16.25 54.03 -35.09
C2C CLA JF . -15.02 53.33 -34.70
C3C CLA JF . -14.08 53.79 -35.57
C4C CLA JF . -14.75 54.74 -36.46
CMC CLA JF . -14.86 52.34 -33.58
CAC CLA JF . -12.62 53.40 -35.64
CBC CLA JF . -11.81 54.27 -34.73
ND CLA JF . -16.14 56.73 -38.07
C1D CLA JF . -14.81 56.49 -38.21
C2D CLA JF . -14.22 57.30 -39.25
C3D CLA JF . -15.29 58.05 -39.73
C4D CLA JF . -16.44 57.69 -39.01
CMD CLA JF . -12.82 57.43 -39.79
CAD CLA JF . -15.65 59.05 -40.70
OBD CLA JF . -14.91 59.56 -41.53
CBD CLA JF . -17.12 59.34 -40.54
CGD CLA JF . -17.32 60.75 -40.06
O1D CLA JF . -16.51 61.28 -39.33
O2D CLA JF . -18.39 61.43 -40.44
CED CLA JF . -18.16 62.70 -41.05
C1 CLA JF . -24.41 58.76 -43.48
MG CLA KF . -6.14 45.37 -47.72
CHA CLA KF . -3.35 44.04 -46.21
CHB CLA KF . -4.18 46.98 -50.05
CHC CLA KF . -8.90 46.48 -49.17
CHD CLA KF . -8.16 43.69 -45.35
NA CLA KF . -3.98 45.50 -48.12
C1A CLA KF . -3.02 44.90 -47.41
C2A CLA KF . -1.64 45.24 -47.90
C3A CLA KF . -1.94 46.16 -49.11
C4A CLA KF . -3.44 46.23 -49.11
CMA CLA KF . -1.12 47.43 -49.30
CAA CLA KF . -0.86 44.01 -48.37
CBA CLA KF . -1.74 42.98 -49.06
CGA CLA KF . -0.99 41.67 -49.14
O1A CLA KF . -0.06 41.56 -49.92
O2A CLA KF . -1.38 40.68 -48.37
NB CLA KF . -6.48 46.54 -49.36
C1B CLA KF . -5.57 47.13 -50.18
C2B CLA KF . -6.24 47.93 -51.17
C3B CLA KF . -7.58 47.77 -50.91
C4B CLA KF . -7.71 46.89 -49.75
CMB CLA KF . -5.58 48.74 -52.26
CAB CLA KF . -8.74 48.37 -51.62
CBB CLA KF . -8.78 49.84 -51.97
NC CLA KF . -8.20 45.08 -47.35
C1C CLA KF . -9.17 45.67 -48.04
C2C CLA KF . -10.52 45.38 -47.51
C3C CLA KF . -10.29 44.56 -46.43
C4C CLA KF . -8.84 44.39 -46.34
CMC CLA KF . -11.84 45.87 -48.05
CAC CLA KF . -11.32 43.95 -45.52
CBC CLA KF . -11.77 44.97 -44.50
ND CLA KF . -5.93 44.16 -46.18
C1D CLA KF . -6.76 43.55 -45.28
C2D CLA KF . -6.01 42.81 -44.27
C3D CLA KF . -4.69 43.01 -44.65
C4D CLA KF . -4.65 43.81 -45.79
CMD CLA KF . -6.39 41.99 -43.07
CAD CLA KF . -3.33 42.68 -44.27
OBD CLA KF . -2.99 42.25 -43.17
CBD CLA KF . -2.41 43.30 -45.28
CGD CLA KF . -1.48 44.28 -44.61
O1D CLA KF . -0.31 43.99 -44.44
O2D CLA KF . -1.92 45.46 -44.20
CED CLA KF . -1.12 46.59 -44.56
C1 CLA KF . -0.55 39.48 -48.21
C2 CLA KF . -0.38 38.45 -49.30
C3 CLA KF . -0.31 37.15 -48.99
C4 CLA KF . -0.14 36.10 -50.04
C5 CLA KF . -0.41 36.67 -47.56
C6 CLA KF . -1.42 35.51 -47.47
C7 CLA KF . -1.04 34.55 -46.35
C8 CLA KF . -2.17 34.37 -45.35
C9 CLA KF . -1.73 34.76 -43.94
C10 CLA KF . -2.66 32.94 -45.39
C11 CLA KF . -3.61 32.63 -44.23
C12 CLA KF . -4.41 31.37 -44.49
C13 CLA KF . -5.26 31.00 -43.29
C14 CLA KF . -6.09 29.74 -43.56
C15 CLA KF . -6.16 32.17 -42.92
MG CLA LF . -25.05 44.18 -53.16
CHA CLA LF . -26.72 42.28 -55.52
CHB CLA LF . -24.69 41.43 -51.13
CHC CLA LF . -23.36 46.07 -51.05
CHD CLA LF . -25.43 47.00 -55.26
NA CLA LF . -25.63 42.05 -53.30
C1A CLA LF . -26.29 41.49 -54.31
C2A CLA LF . -26.55 40.02 -54.07
C3A CLA LF . -25.91 39.79 -52.69
C4A CLA LF . -25.37 41.15 -52.34
CMA CLA LF . -26.66 38.99 -51.64
CAA CLA LF . -25.78 39.17 -55.08
CBA CLA LF . -24.34 39.65 -55.22
CGA CLA LF . -23.52 38.66 -56.01
O1A CLA LF . -23.24 37.59 -55.49
O2A CLA LF . -23.14 38.95 -57.23
NB CLA LF . -24.16 43.80 -51.37
C1B CLA LF . -24.14 42.63 -50.68
C2B CLA LF . -23.45 42.81 -49.42
C3B CLA LF . -23.08 44.13 -49.41
C4B CLA LF . -23.53 44.75 -50.65
CMB CLA LF . -23.20 41.79 -48.36
CAB CLA LF . -22.34 44.82 -48.32
CBB CLA LF . -21.12 45.67 -48.60
NC CLA LF . -24.43 46.19 -53.20
C1C CLA LF . -23.79 46.78 -52.19
C2C CLA LF . -23.58 48.23 -52.40
C3C CLA LF . -24.16 48.47 -53.62
C4C CLA LF . -24.69 47.20 -54.10
CMC CLA LF . -22.89 49.19 -51.48
CAC CLA LF . -24.24 49.81 -54.33
CBC CLA LF . -25.39 50.60 -53.77
ND CLA LF . -25.83 44.64 -54.92
C1D CLA LF . -25.95 45.76 -55.69
C2D CLA LF . -26.67 45.51 -56.94
C3D CLA LF . -26.96 44.14 -56.85
C4D CLA LF . -26.47 43.64 -55.66
CMD CLA LF . -27.08 46.36 -58.10
CAD CLA LF . -27.61 43.08 -57.58
OBD CLA LF . -27.96 43.13 -58.75
CBD CLA LF . -27.46 41.82 -56.77
CGD CLA LF . -28.83 41.28 -56.45
O1D CLA LF . -28.98 40.14 -56.07
O2D CLA LF . -29.91 42.04 -56.60
CED CLA LF . -30.87 41.93 -55.56
C1 CLA LF . -21.71 38.94 -57.57
C2 CLA LF . -20.72 39.79 -56.81
C3 CLA LF . -19.66 40.32 -57.44
C4 CLA LF . -18.67 41.16 -56.68
MG CLA MF . -35.76 56.03 -43.90
CHA CLA MF . -36.85 56.10 -40.61
CHB CLA MF . -32.78 54.60 -42.93
CHC CLA MF . -34.89 55.92 -47.08
CHD CLA MF . -38.85 57.47 -44.87
NA CLA MF . -34.89 55.39 -41.97
C1A CLA MF . -35.47 55.49 -40.77
C2A CLA MF . -34.58 54.98 -39.67
C3A CLA MF . -33.32 54.54 -40.43
C4A CLA MF . -33.66 54.84 -41.86
CMA CLA MF . -31.95 54.95 -39.92
CAA CLA MF . -35.23 53.79 -38.96
CBA CLA MF . -34.24 52.93 -38.19
CGA CLA MF . -33.90 53.54 -36.86
O1A CLA MF . -33.41 54.66 -36.79
O2A CLA MF . -34.13 52.84 -35.76
NB CLA MF . -34.10 55.35 -44.86
C1B CLA MF . -32.96 54.83 -44.31
C2B CLA MF . -32.00 54.56 -45.35
C3B CLA MF . -32.61 54.94 -46.51
C4B CLA MF . -33.93 55.44 -46.18
CMB CLA MF . -30.63 53.96 -45.17
CAB CLA MF . -32.08 54.87 -47.90
CBB CLA MF . -30.75 55.49 -48.24
NC CLA MF . -36.74 56.55 -45.69
C1C CLA MF . -36.17 56.48 -46.89
C2C CLA MF . -37.02 57.04 -47.97
C3C CLA MF . -38.15 57.44 -47.32
C4C CLA MF . -37.97 57.15 -45.91
CMC CLA MF . -36.69 57.11 -49.44
CAC CLA MF . -39.37 58.09 -47.95
CBC CLA MF . -39.10 59.56 -48.17
ND CLA MF . -37.46 56.65 -43.07
C1D CLA MF . -38.62 57.20 -43.51
C2D CLA MF . -39.54 57.47 -42.41
C3D CLA MF . -38.84 57.03 -41.30
C4D CLA MF . -37.60 56.54 -41.69
CMD CLA MF . -40.93 58.06 -42.32
CAD CLA MF . -38.96 56.91 -39.86
OBD CLA MF . -39.85 57.38 -39.19
CBD CLA MF . -37.65 56.38 -39.34
CGD CLA MF . -36.99 57.44 -38.51
O1D CLA MF . -35.78 57.46 -38.33
O2D CLA MF . -37.72 58.38 -37.93
CED CLA MF . -37.50 59.72 -38.39
C1 BCR NF . -13.06 48.10 -37.29
C2 BCR NF . -11.63 48.61 -37.38
C3 BCR NF . -10.90 48.45 -36.07
C4 BCR NF . -11.61 49.29 -35.02
C5 BCR NF . -13.06 48.89 -34.91
C6 BCR NF . -13.73 48.40 -35.97
C7 BCR NF . -15.17 48.12 -35.84
C8 BCR NF . -16.15 49.02 -35.94
C9 BCR NF . -17.56 48.77 -35.82
C10 BCR NF . -18.50 49.81 -35.49
C11 BCR NF . -19.54 50.64 -36.00
C33 BCR NF . -13.72 49.02 -33.58
C31 BCR NF . -13.09 46.59 -37.47
C32 BCR NF . -13.87 48.76 -38.40
C34 BCR NF . -18.07 47.38 -36.06
C12 BCR NF . -20.41 51.37 -36.39
C13 BCR NF . -21.65 51.75 -36.96
C14 BCR NF . -21.76 53.02 -37.41
C15 BCR NF . -22.93 53.59 -38.01
C16 BCR NF . -23.46 54.57 -38.77
C17 BCR NF . -24.72 54.67 -39.05
C18 BCR NF . -25.37 55.76 -39.51
C19 BCR NF . -26.81 55.79 -39.81
C20 BCR NF . -27.77 56.36 -40.52
C21 BCR NF . -29.04 56.71 -41.07
C22 BCR NF . -29.38 57.85 -41.69
C23 BCR NF . -30.74 58.08 -42.20
C24 BCR NF . -31.24 59.36 -42.82
C25 BCR NF . -32.63 59.48 -43.29
C26 BCR NF . -32.91 59.31 -44.59
C27 BCR NF . -34.29 58.87 -45.01
C28 BCR NF . -35.40 59.53 -44.20
C29 BCR NF . -34.93 60.41 -43.05
C30 BCR NF . -33.74 59.83 -42.30
C35 BCR NF . -22.79 50.77 -37.05
C36 BCR NF . -24.57 57.02 -39.74
C37 BCR NF . -28.34 58.92 -41.86
C38 BCR NF . -31.88 59.55 -45.65
C39 BCR NF . -34.15 58.59 -41.50
C40 BCR NF . -33.24 60.90 -41.35
C1 PCW OF . -26.27 40.60 -60.57
C2 PCW OF . -25.06 41.55 -60.48
C3 PCW OF . -25.16 42.63 -61.57
C4 PCW OF . -29.76 38.21 -59.59
C5 PCW OF . -30.71 37.61 -60.67
C6 PCW OF . -31.06 35.63 -59.33
C7 PCW OF . -32.62 36.20 -61.05
C8 PCW OF . -32.51 37.51 -59.06
C11 PCW OF . -24.00 44.54 -60.72
C12 PCW OF . -23.77 45.35 -59.43
C13 PCW OF . -22.86 46.56 -59.71
C14 PCW OF . -21.84 46.69 -58.58
C15 PCW OF . -22.05 48.06 -57.87
C16 PCW OF . -21.85 47.89 -56.35
C17 PCW OF . -20.51 48.56 -55.93
C18 PCW OF . -20.64 49.08 -54.48
C19 PCW OF . -19.72 50.31 -54.28
C20 PCW OF . -18.92 50.37 -53.22
C31 PCW OF . -23.79 42.01 -58.57
C32 PCW OF . -23.63 42.56 -57.11
C33 PCW OF . -22.21 43.14 -56.87
C34 PCW OF . -21.95 43.15 -55.33
C35 PCW OF . -21.40 44.53 -54.88
C36 PCW OF . -20.75 44.38 -53.46
C37 PCW OF . -20.08 45.71 -53.05
C38 PCW OF . -18.82 45.96 -53.94
N PCW OF . -31.73 36.74 -60.02
O2 PCW OF . -25.02 42.12 -59.21
O3 PCW OF . -25.26 43.91 -60.96
O11 PCW OF . -23.13 44.43 -61.52
O31 PCW OF . -22.87 41.51 -59.12
O1P PCW OF . -27.31 38.78 -57.92
O2P PCW OF . -26.69 36.93 -59.42
O3P PCW OF . -25.91 39.34 -60.02
O4P PCW OF . -28.54 38.61 -60.21
P PCW OF . -27.10 38.39 -59.36
C1 PCW PF . -9.42 65.70 -34.74
C2 PCW PF . -10.57 65.83 -35.73
C3 PCW PF . -10.94 64.44 -36.25
C4 PCW PF . -5.37 68.77 -33.31
C5 PCW PF . -5.70 69.14 -31.83
C6 PCW PF . -3.53 68.24 -31.23
C7 PCW PF . -4.78 69.53 -29.65
C8 PCW PF . -3.79 70.60 -31.56
C11 PCW PF . -12.63 62.78 -36.11
C12 PCW PF . -13.84 62.27 -36.91
C13 PCW PF . -13.93 60.73 -36.76
C14 PCW PF . -15.28 60.35 -36.14
C15 PCW PF . -15.10 59.15 -35.19
C16 PCW PF . -16.48 58.59 -34.81
C17 PCW PF . -16.38 57.87 -33.43
C18 PCW PF . -17.80 57.53 -32.92
C31 PCW PF . -11.79 67.79 -35.29
C32 PCW PF . -12.97 68.39 -36.11
C33 PCW PF . -14.15 68.72 -35.17
C34 PCW PF . -15.24 69.52 -35.96
C35 PCW PF . -16.47 68.60 -36.24
C36 PCW PF . -17.64 69.02 -35.29
C37 PCW PF . -18.81 68.00 -35.43
C38 PCW PF . -19.44 68.13 -36.85
C39 PCW PF . -20.22 66.82 -37.19
C40 PCW PF . -21.34 66.88 -37.94
C41 PCW PF . -22.11 65.57 -38.29
C42 PCW PF . -21.25 64.67 -39.22
C43 PCW PF . -21.74 63.20 -39.15
C44 PCW PF . -23.22 63.11 -39.64
C45 PCW PF . -24.06 62.31 -38.61
N PCW PF . -4.44 69.38 -31.07
O2 PCW PF . -11.69 66.40 -35.11
O3 PCW PF . -12.32 64.18 -36.09
O11 PCW PF . -11.96 62.03 -35.49
O31 PCW PF . -10.98 68.51 -34.81
O1P PCW PF . -6.33 65.91 -33.84
O2P PCW PF . -7.99 67.01 -32.37
O3P PCW PF . -8.53 66.79 -34.90
O4P PCW PF . -6.58 68.49 -34.01
P PCW PF . -7.35 67.02 -33.75
MG CLA QF . 3.39 -6.40 -70.25
CHA CLA QF . 5.28 -8.44 -72.29
CHB CLA QF . 6.00 -6.16 -67.99
CHC CLA QF . 1.52 -4.38 -68.44
CHD CLA QF . 0.76 -6.62 -72.61
NA CLA QF . 5.44 -7.20 -70.14
C1A CLA QF . 6.01 -8.00 -71.04
C2A CLA QF . 7.41 -8.36 -70.66
C3A CLA QF . 7.61 -7.65 -69.32
C4A CLA QF . 6.29 -6.95 -69.12
CMA CLA QF . 8.26 -8.39 -68.16
CAA CLA QF . 8.39 -7.79 -71.69
CBA CLA QF . 8.54 -6.28 -71.61
CGA CLA QF . 7.51 -5.58 -72.47
O1A CLA QF . 7.21 -6.07 -73.54
O2A CLA QF . 6.99 -4.44 -72.04
NB CLA QF . 3.71 -5.42 -68.50
C1B CLA QF . 4.81 -5.45 -67.70
C2B CLA QF . 4.59 -4.65 -66.52
C3B CLA QF . 3.31 -4.17 -66.65
C4B CLA QF . 2.78 -4.65 -67.91
CMB CLA QF . 5.56 -4.45 -65.39
CAB CLA QF . 2.56 -3.28 -65.73
CBB CLA QF . 3.20 -2.08 -65.07
NC CLA QF . 1.47 -5.58 -70.51
C1C CLA QF . 0.88 -4.81 -69.62
C2C CLA QF . -0.51 -4.45 -70.00
C3C CLA QF . -0.70 -5.07 -71.20
C4C CLA QF . 0.53 -5.79 -71.50
CMC CLA QF . -1.48 -3.58 -69.22
CAC CLA QF . -1.96 -5.04 -72.05
CBC CLA QF . -1.76 -4.05 -73.17
ND CLA QF . 3.02 -7.24 -72.02
C1D CLA QF . 1.95 -7.32 -72.86
C2D CLA QF . 2.22 -8.21 -73.99
C3D CLA QF . 3.53 -8.64 -73.75
C4D CLA QF . 3.98 -8.05 -72.57
CMD CLA QF . 1.42 -8.67 -75.17
CAD CLA QF . 4.57 -9.49 -74.29
OBD CLA QF . 4.38 -10.43 -75.04
CBD CLA QF . 5.77 -9.33 -73.42
CGD CLA QF . 6.21 -10.65 -72.86
O1D CLA QF . 5.39 -11.45 -72.46
O2D CLA QF . 7.50 -10.95 -72.79
CED CLA QF . 7.87 -12.24 -73.28
C1 CLA QF . 5.54 -4.27 -71.96
C2 CLA QF . 4.66 -4.43 -73.17
C3 CLA QF . 3.49 -3.79 -73.26
C4 CLA QF . 2.60 -3.94 -74.45
C5 CLA QF . 2.97 -2.89 -72.15
MG CLA RF . 4.03 -7.56 -58.00
CHA CLA RF . 2.64 -7.47 -61.15
CHB CLA RF . 5.80 -4.68 -58.64
CHC CLA RF . 5.23 -7.72 -54.92
CHD CLA RF . 2.20 -10.50 -57.36
NA CLA RF . 4.21 -6.19 -59.71
C1A CLA RF . 3.58 -6.32 -60.87
C2A CLA RF . 3.89 -5.20 -61.81
C3A CLA RF . 4.89 -4.37 -61.02
C4A CLA RF . 5.00 -5.10 -59.71
CMA CLA RF . 6.18 -3.93 -61.73
CAA CLA RF . 2.62 -4.34 -61.92
CBA CLA RF . 1.90 -4.26 -60.57
CGA CLA RF . 0.82 -3.20 -60.49
O1A CLA RF . 1.13 -2.04 -60.65
O2A CLA RF . -0.41 -3.58 -60.26
NB CLA RF . 5.31 -6.38 -56.94
C1B CLA RF . 5.97 -5.26 -57.37
C2B CLA RF . 6.81 -4.77 -56.31
C3B CLA RF . 6.65 -5.62 -55.26
C4B CLA RF . 5.69 -6.64 -55.69
CMB CLA RF . 7.70 -3.54 -56.39
CAB CLA RF . 7.28 -5.61 -53.93
CBB CLA RF . 8.74 -5.29 -53.72
NC CLA RF . 3.72 -8.86 -56.38
C1C CLA RF . 4.32 -8.76 -55.21
C2C CLA RF . 3.93 -9.83 -54.26
C3C CLA RF . 3.04 -10.59 -54.96
C4C CLA RF . 2.92 -9.99 -56.29
CMC CLA RF . 4.40 -10.01 -52.85
CAC CLA RF . 2.31 -11.82 -54.48
CBC CLA RF . 0.82 -11.52 -54.39
ND CLA RF . 2.73 -8.73 -58.91
C1D CLA RF . 2.07 -9.88 -58.61
C2D CLA RF . 1.26 -10.36 -59.72
C3D CLA RF . 1.49 -9.41 -60.72
C4D CLA RF . 2.36 -8.45 -60.21
CMD CLA RF . 0.36 -11.56 -59.91
CAD CLA RF . 1.15 -9.06 -62.07
OBD CLA RF . 0.53 -9.76 -62.85
CBD CLA RF . 1.92 -7.82 -62.44
CGD CLA RF . 2.96 -8.16 -63.45
O1D CLA RF . 3.62 -9.18 -63.36
O2D CLA RF . 3.17 -7.35 -64.49
CED CLA RF . 3.56 -7.99 -65.70
C1 CLA RF . -1.24 -2.95 -59.22
C2 CLA RF . -0.96 -3.10 -57.73
C3 CLA RF . -1.96 -3.44 -56.90
C4 CLA RF . -3.36 -3.69 -57.40
C5 CLA RF . -1.78 -3.62 -55.42
C6 CLA RF . -1.64 -2.25 -54.73
C7 CLA RF . -2.97 -1.76 -54.19
C8 CLA RF . -3.49 -0.56 -54.99
C9 CLA RF . -2.34 0.30 -55.51
C10 CLA RF . -4.48 0.25 -54.16
C11 CLA RF . -3.99 1.67 -53.87
C12 CLA RF . -4.87 2.71 -54.55
C13 CLA RF . -4.31 4.10 -54.32
C14 CLA RF . -5.28 5.17 -54.84
C15 CLA RF . -2.95 4.23 -54.99
MG CLA SF . 14.91 0.02 -59.96
CHA CLA SF . 16.48 0.27 -63.01
CHB CLA SF . 17.86 0.75 -58.33
CHC CLA SF . 13.28 -0.15 -57.08
CHD CLA SF . 11.89 -0.74 -61.63
NA CLA SF . 16.97 0.48 -60.59
C1A CLA SF . 17.41 0.52 -61.85
C2A CLA SF . 18.88 0.81 -61.92
C3A CLA SF . 19.28 0.93 -60.45
C4A CLA SF . 17.98 0.72 -59.72
CMA CLA SF . 20.49 0.16 -59.97
CAA CLA SF . 19.13 2.14 -62.66
CBA CLA SF . 19.82 3.19 -61.80
CGA CLA SF . 20.45 4.26 -62.67
O1A CLA SF . 21.55 4.07 -63.14
O2A CLA SF . 19.77 5.37 -62.89
NB CLA SF . 15.47 0.27 -58.01
C1B CLA SF . 16.71 0.55 -57.52
C2B CLA SF . 16.69 0.62 -56.08
C3B CLA SF . 15.38 0.36 -55.74
C4B CLA SF . 14.64 0.14 -56.98
CMB CLA SF . 17.87 0.91 -55.20
CAB CLA SF . 14.72 0.28 -54.41
CBB CLA SF . 15.46 0.27 -53.09
NC CLA SF . 12.89 -0.30 -59.45
C1C CLA SF . 12.44 -0.34 -58.20
C2C CLA SF . 10.98 -0.62 -58.13
C3C CLA SF . 10.60 -0.74 -59.43
C4C CLA SF . 11.80 -0.54 -60.25
CMC CLA SF . 10.15 -0.73 -56.88
CAC CLA SF . 9.20 -1.00 -59.97
CBC CLA SF . 8.75 -2.41 -59.65
ND CLA SF . 14.25 -0.21 -61.80
C1D CLA SF . 13.05 -0.50 -62.40
C2D CLA SF . 13.16 -0.53 -63.85
C3D CLA SF . 14.50 -0.23 -64.07
C4D CLA SF . 15.13 -0.04 -62.85
CMD CLA SF . 12.20 -0.80 -64.97
CAD CLA SF . 15.47 -0.04 -65.13
OBD CLA SF . 15.19 0.19 -66.30
CBD CLA SF . 16.79 0.28 -64.50
CGD CLA SF . 17.80 -0.76 -64.86
O1D CLA SF . 18.62 -0.56 -65.74
O2D CLA SF . 17.81 -1.94 -64.24
CED CLA SF . 19.09 -2.40 -63.82
MG CLA TF . 14.23 3.46 -68.08
CHA CLA TF . 11.61 3.17 -65.84
CHB CLA TF . 16.38 4.22 -65.50
CHC CLA TF . 16.68 3.58 -70.29
CHD CLA TF . 11.99 2.64 -70.71
NA CLA TF . 14.04 3.67 -65.88
C1A CLA TF . 12.92 3.53 -65.17
C2A CLA TF . 13.13 3.83 -63.71
C3A CLA TF . 14.64 4.13 -63.64
C4A CLA TF . 15.07 4.00 -65.07
CMA CLA TF . 15.15 5.29 -62.79
CAA CLA TF . 12.79 2.65 -62.81
CBA CLA TF . 11.75 3.00 -61.75
CGA CLA TF . 12.38 3.80 -60.64
O1A CLA TF . 12.56 5.00 -60.79
O2A CLA TF . 12.75 3.19 -59.53
NB CLA TF . 16.22 3.83 -67.93
C1B CLA TF . 16.93 4.14 -66.79
C2B CLA TF . 18.30 4.38 -67.13
C3B CLA TF . 18.41 4.22 -68.48
C4B CLA TF . 17.07 3.85 -68.97
CMB CLA TF . 19.38 4.77 -66.15
CAB CLA TF . 19.66 4.36 -69.26
CBB CLA TF . 19.75 4.42 -70.76
NC CLA TF . 14.33 3.11 -70.16
C1C CLA TF . 15.43 3.28 -70.87
C2C CLA TF . 15.20 3.11 -72.33
C3C CLA TF . 13.87 2.82 -72.42
C4C CLA TF . 13.34 2.83 -71.07
CMC CLA TF . 16.23 3.22 -73.43
CAC CLA TF . 13.11 2.57 -73.70
CBC CLA TF . 13.03 1.07 -73.94
ND CLA TF . 12.32 3.01 -68.33
C1D CLA TF . 11.51 2.69 -69.38
C2D CLA TF . 10.13 2.46 -68.95
C3D CLA TF . 10.19 2.64 -67.58
C4D CLA TF . 11.50 2.97 -67.22
CMD CLA TF . 8.86 2.10 -69.67
CAD CLA TF . 9.36 2.61 -66.39
OBD CLA TF . 8.24 2.13 -66.31
CBD CLA TF . 10.24 2.97 -65.23
CGD CLA TF . 9.77 4.26 -64.63
O1D CLA TF . 9.79 5.30 -65.28
O2D CLA TF . 9.30 4.29 -63.39
CED CLA TF . 7.88 4.42 -63.26
C1 CLA TF . 13.83 3.72 -58.72
C2 CLA TF . 15.21 3.97 -59.31
C3 CLA TF . 16.27 4.08 -58.51
C4 CLA TF . 16.15 3.96 -57.02
C5 CLA TF . 17.67 4.33 -59.03
C1 BCR UF . 0.61 -6.30 -53.73
C2 BCR UF . -0.23 -6.94 -54.80
C3 BCR UF . 0.62 -7.31 -56.00
C4 BCR UF . 1.19 -6.05 -56.61
C5 BCR UF . 1.85 -5.16 -55.58
C6 BCR UF . 1.50 -5.21 -54.30
C7 BCR UF . 1.98 -4.15 -53.40
C8 BCR UF . 3.03 -4.31 -52.61
C9 BCR UF . 3.56 -3.32 -51.69
C10 BCR UF . 4.68 -3.63 -50.84
C11 BCR UF . 5.85 -4.41 -50.64
C33 BCR UF . 2.90 -4.20 -56.03
C31 BCR UF . 1.48 -7.35 -53.07
C32 BCR UF . -0.29 -5.64 -52.69
C34 BCR UF . 2.95 -1.96 -51.65
C12 BCR UF . 6.87 -5.01 -50.40
C13 BCR UF . 7.85 -6.03 -50.40
C14 BCR UF . 9.04 -5.69 -49.85
C15 BCR UF . 10.20 -6.51 -49.71
C16 BCR UF . 11.28 -6.81 -48.97
C17 BCR UF . 12.16 -7.72 -49.30
C18 BCR UF . 13.44 -7.78 -48.88
C19 BCR UF . 14.37 -8.84 -49.32
C20 BCR UF . 15.47 -9.53 -49.06
C21 BCR UF . 16.53 -10.48 -49.19
C22 BCR UF . 17.75 -10.43 -48.62
C23 BCR UF . 18.70 -11.52 -48.89
C24 BCR UF . 18.41 -12.98 -48.76
C25 BCR UF . 19.42 -14.00 -49.05
C26 BCR UF . 19.73 -14.29 -50.31
C27 BCR UF . 20.99 -15.05 -50.63
C28 BCR UF . 21.25 -16.19 -49.65
C29 BCR UF . 20.45 -16.15 -48.35
C30 BCR UF . 20.08 -14.75 -47.89
C35 BCR UF . 7.57 -7.41 -50.94
C36 BCR UF . 13.95 -6.72 -47.96
C37 BCR UF . 18.13 -9.28 -47.73
C38 BCR UF . 18.86 -13.86 -51.46
C39 BCR UF . 21.28 -13.97 -47.35
C40 BCR UF . 19.05 -14.92 -46.79
C1 BCR VF . 17.07 -14.45 -72.60
C2 BCR VF . 18.10 -15.56 -72.49
C3 BCR VF . 18.51 -15.75 -71.05
C4 BCR VF . 19.26 -14.50 -70.60
C5 BCR VF . 18.56 -13.22 -70.99
C6 BCR VF . 17.56 -13.21 -71.88
C7 BCR VF . 16.89 -11.92 -72.19
C8 BCR VF . 15.83 -11.52 -71.52
C9 BCR VF . 15.08 -10.30 -71.75
C10 BCR VF . 13.91 -10.03 -70.94
C11 BCR VF . 13.29 -9.13 -70.02
C33 BCR VF . 19.04 -11.95 -70.37
C31 BCR VF . 15.75 -14.91 -71.99
C32 BCR VF . 16.87 -14.07 -74.06
C34 BCR VF . 15.49 -9.34 -72.82
C12 BCR VF . 12.75 -8.40 -69.23
C13 BCR VF . 12.04 -7.25 -68.84
C14 BCR VF . 11.76 -7.05 -67.52
C15 BCR VF . 11.03 -5.93 -67.00
C16 BCR VF . 10.76 -5.07 -66.00
C17 BCR VF . 9.87 -4.13 -66.07
C18 BCR VF . 9.33 -3.44 -65.03
C19 BCR VF . 8.31 -2.40 -65.26
C20 BCR VF . 7.59 -1.37 -64.81
C21 BCR VF . 6.63 -0.31 -64.81
C22 BCR VF . 5.96 0.20 -63.75
C23 BCR VF . 4.99 1.29 -63.94
C24 BCR VF . 4.08 1.84 -62.87
C25 BCR VF . 3.15 2.95 -63.18
C26 BCR VF . 3.54 4.22 -63.05
C27 BCR VF . 3.04 5.24 -64.04
C28 BCR VF . 1.52 5.13 -64.21
C29 BCR VF . 0.89 3.92 -63.50
C30 BCR VF . 1.72 2.65 -63.63
C35 BCR VF . 11.58 -6.27 -69.88
C36 BCR VF . 9.76 -3.76 -63.65
C37 BCR VF . 6.19 -0.38 -62.38
C38 BCR VF . 4.48 4.66 -61.97
C39 BCR VF . 1.70 2.14 -65.06
C40 BCR VF . 1.12 1.62 -62.68
C1 BCR WF . 8.98 -26.87 -35.57
C2 BCR WF . 8.56 -28.01 -34.67
C3 BCR WF . 7.69 -29.02 -35.41
C4 BCR WF . 6.43 -28.34 -35.88
C5 BCR WF . 6.68 -27.02 -36.58
C6 BCR WF . 7.80 -26.31 -36.34
C7 BCR WF . 7.89 -24.90 -36.80
C8 BCR WF . 8.38 -24.59 -37.99
C9 BCR WF . 8.51 -23.26 -38.54
C10 BCR WF . 8.78 -23.07 -39.95
C11 BCR WF . 8.20 -22.71 -41.20
C33 BCR WF . 5.66 -26.53 -37.55
C31 BCR WF . 10.02 -27.35 -36.57
C32 BCR WF . 9.55 -25.75 -34.72
C34 BCR WF . 8.39 -22.06 -37.66
C12 BCR WF . 7.74 -22.43 -42.28
C13 BCR WF . 7.37 -21.56 -43.35
C14 BCR WF . 6.74 -22.09 -44.42
C15 BCR WF . 6.32 -21.34 -45.57
C16 BCR WF . 5.45 -21.12 -46.58
C17 BCR WF . 5.62 -20.19 -47.46
C18 BCR WF . 4.80 -19.90 -48.50
C19 BCR WF . 5.08 -18.83 -49.46
C20 BCR WF . 4.65 -18.03 -50.42
C21 BCR WF . 4.68 -17.03 -51.45
C22 BCR WF . 3.83 -16.92 -52.49
C23 BCR WF . 4.05 -15.84 -53.47
C24 BCR WF . 4.04 -15.99 -54.96
C25 BCR WF . 4.27 -14.87 -55.89
C26 BCR WF . 3.30 -14.53 -56.74
C27 BCR WF . 3.66 -13.83 -58.03
C28 BCR WF . 4.77 -12.83 -57.79
C29 BCR WF . 5.97 -13.53 -57.19
C30 BCR WF . 5.62 -14.15 -55.84
C35 BCR WF . 7.70 -20.10 -43.29
C36 BCR WF . 3.54 -20.70 -48.68
C37 BCR WF . 2.70 -17.89 -52.67
C38 BCR WF . 1.86 -14.86 -56.48
C39 BCR WF . 5.61 -13.07 -54.77
C40 BCR WF . 6.72 -15.16 -55.55
C1 ECH XF . 31.49 -35.93 -48.19
C2 ECH XF . 32.95 -36.26 -48.47
C3 ECH XF . 33.06 -37.72 -48.85
C4 ECH XF . 32.71 -38.58 -47.64
C5 ECH XF . 31.44 -38.15 -47.00
C6 ECH XF . 30.99 -36.89 -47.15
C7 ECH XF . 29.71 -36.56 -46.52
C8 ECH XF . 29.69 -36.17 -45.23
C9 ECH XF . 28.46 -35.83 -44.54
C10 ECH XF . 28.51 -35.51 -43.24
C11 ECH XF . 27.30 -35.20 -42.53
C12 ECH XF . 27.27 -35.07 -41.20
C13 ECH XF . 26.02 -34.79 -40.54
C14 ECH XF . 25.91 -35.05 -39.23
C15 ECH XF . 24.67 -34.80 -38.54
C16 ECH XF . 24.49 -35.20 -37.29
C17 ECH XF . 23.23 -34.95 -36.63
C18 ECH XF . 23.00 -35.37 -35.39
C19 ECH XF . 21.70 -35.10 -34.79
C20 ECH XF . 21.33 -35.72 -33.67
C21 ECH XF . 20.03 -35.47 -33.08
C22 ECH XF . 19.70 -36.06 -31.92
C23 ECH XF . 18.42 -35.83 -31.35
C24 ECH XF . 17.32 -35.93 -32.09
C25 ECH XF . 16.03 -35.71 -31.46
C26 ECH XF . 15.32 -36.78 -31.15
C27 ECH XF . 13.86 -36.73 -31.07
O27 ECH XF . 13.18 -37.73 -30.91
C28 ECH XF . 13.25 -35.37 -31.21
C29 ECH XF . 14.04 -34.48 -32.13
C30 ECH XF . 15.47 -34.32 -31.60
C31 ECH XF . 30.67 -36.11 -49.46
C32 ECH XF . 31.34 -34.49 -47.69
C33 ECH XF . 30.53 -39.22 -46.53
C34 ECH XF . 27.20 -35.86 -45.34
C35 ECH XF . 24.92 -34.21 -41.35
C36 ECH XF . 24.01 -36.10 -34.57
C37 ECH XF . 20.56 -37.00 -31.17
C38 ECH XF . 15.88 -38.16 -31.20
C39 ECH XF . 15.45 -33.68 -30.22
C40 ECH XF . 16.29 -33.44 -32.53
C1 BCR YF . 23.15 -26.69 -33.72
C2 BCR YF . 24.21 -27.74 -33.44
C3 BCR YF . 24.86 -28.20 -34.74
C4 BCR YF . 23.80 -28.85 -35.61
C5 BCR YF . 22.54 -28.04 -35.72
C6 BCR YF . 22.18 -27.17 -34.78
C7 BCR YF . 20.78 -26.68 -34.72
C8 BCR YF . 20.41 -25.54 -35.29
C9 BCR YF . 19.08 -24.98 -35.28
C10 BCR YF . 18.55 -24.30 -36.44
C11 BCR YF . 18.32 -23.07 -37.09
C33 BCR YF . 21.69 -28.23 -36.94
C31 BCR YF . 23.81 -25.41 -34.23
C32 BCR YF . 22.36 -26.41 -32.45
C34 BCR YF . 18.24 -25.10 -34.05
C12 BCR YF . 18.15 -22.04 -37.71
C13 BCR YF . 17.45 -20.88 -38.15
C14 BCR YF . 17.85 -20.38 -39.34
C15 BCR YF . 17.33 -19.25 -40.04
C16 BCR YF . 16.95 -18.70 -41.22
C17 BCR YF . 16.52 -17.49 -41.33
C18 BCR YF . 16.88 -16.60 -42.29
C19 BCR YF . 16.33 -15.24 -42.31
C20 BCR YF . 15.96 -14.15 -42.95
C21 BCR YF . 15.48 -12.81 -43.04
C22 BCR YF . 15.83 -11.87 -43.94
C23 BCR YF . 15.22 -10.55 -43.77
C24 BCR YF . 15.36 -9.39 -44.70
C25 BCR YF . 14.67 -8.18 -44.25
C26 BCR YF . 13.34 -8.16 -44.17
C27 BCR YF . 12.73 -7.56 -42.93
C28 BCR YF . 13.44 -6.28 -42.51
C29 BCR YF . 14.52 -5.83 -43.49
C30 BCR YF . 15.48 -6.96 -43.81
C35 BCR YF . 16.35 -20.26 -37.35
C36 BCR YF . 17.89 -16.98 -43.32
C37 BCR YF . 16.83 -12.15 -45.02
C38 BCR YF . 12.44 -8.72 -45.24
C39 BCR YF . 16.31 -7.33 -42.58
C40 BCR YF . 16.38 -6.52 -44.94
O6 SQD ZF . 5.27 -34.52 -45.96
C44 SQD ZF . 6.43 -34.07 -46.65
C45 SQD ZF . 7.68 -34.53 -45.87
C46 SQD ZF . 8.96 -33.99 -46.54
O47 SQD ZF . 7.61 -33.89 -44.61
C7 SQD ZF . 8.11 -34.58 -43.54
O49 SQD ZF . 7.58 -35.56 -43.10
C8 SQD ZF . 9.39 -33.95 -43.05
C9 SQD ZF . 9.33 -33.73 -41.55
C10 SQD ZF . 10.70 -33.47 -40.91
C11 SQD ZF . 11.53 -32.48 -41.74
C12 SQD ZF . 12.96 -32.36 -41.20
C13 SQD ZF . 13.68 -33.70 -41.15
C14 SQD ZF . 14.86 -33.71 -40.17
C15 SQD ZF . 16.15 -33.20 -40.83
C16 SQD ZF . 16.54 -34.04 -42.06
C17 SQD ZF . 17.49 -35.19 -41.70
C18 SQD ZF . 18.95 -34.72 -41.64
C19 SQD ZF . 19.93 -35.84 -41.94
C20 SQD ZF . 19.70 -37.07 -41.07
C21 SQD ZF . 20.89 -38.03 -41.12
C22 SQD ZF . 22.15 -37.40 -40.56
O48 SQD ZF . 8.59 -32.88 -47.33
C23 SQD ZF . 9.05 -32.86 -48.61
O10 SQD ZF . 8.86 -33.82 -49.34
C24 SQD ZF . 9.74 -31.57 -48.97
C25 SQD ZF . 10.59 -31.73 -50.23
C26 SQD ZF . 12.09 -31.56 -49.93
C27 SQD ZF . 12.37 -30.28 -49.14
C28 SQD ZF . 12.31 -29.03 -50.04
C29 SQD ZF . 13.46 -28.99 -51.07
C30 SQD ZF . 13.94 -27.57 -51.35
C31 SQD ZF . 15.46 -27.46 -51.35
C32 SQD ZF . 15.94 -26.02 -51.15
C33 SQD ZF . 17.32 -25.94 -50.50
C34 SQD ZF . 17.72 -24.50 -50.18
C35 SQD ZF . 17.77 -23.63 -51.43
C36 SQD ZF . 18.10 -22.17 -51.11
C37 SQD ZF . 17.87 -21.26 -52.32
C38 SQD ZF . 18.64 -19.95 -52.20
C1 SQD ZF . 4.55 -35.53 -46.65
C2 SQD ZF . 5.04 -35.58 -48.13
O2 SQD ZF . 4.01 -35.24 -48.99
C3 SQD ZF . 5.55 -37.02 -48.44
O3 SQD ZF . 6.74 -37.14 -47.72
C4 SQD ZF . 4.54 -38.10 -47.95
O4 SQD ZF . 3.48 -38.12 -48.85
C5 SQD ZF . 4.09 -37.80 -46.50
C6 SQD ZF . 4.33 -39.01 -45.62
O5 SQD ZF . 4.89 -36.74 -46.02
S SQD ZF . 2.90 -39.51 -44.65
O7 SQD ZF . 1.83 -38.76 -45.23
O8 SQD ZF . 3.26 -39.10 -43.31
O9 SQD ZF . 2.77 -40.92 -44.83
MG CLA AG . 3.22 22.46 -64.33
CHA CLA AG . 5.59 20.71 -62.53
CHB CLA AG . 0.83 20.08 -63.57
CHC CLA AG . 1.02 24.27 -65.99
CHD CLA AG . 5.68 24.89 -65.08
NA CLA AG . 3.18 20.58 -63.17
C1A CLA AG . 4.23 20.05 -62.53
C2A CLA AG . 3.89 18.75 -61.84
C3A CLA AG . 2.39 18.59 -62.18
C4A CLA AG . 2.09 19.80 -63.01
CMA CLA AG . 1.88 17.22 -62.60
NB CLA AG . 1.23 22.22 -64.71
C1B CLA AG . 0.42 21.17 -64.36
C2B CLA AG . -0.91 21.38 -64.89
C3B CLA AG . -0.83 22.56 -65.58
C4B CLA AG . 0.52 23.08 -65.45
CMB CLA AG . -2.08 20.45 -64.72
CAB CLA AG . -1.91 23.28 -66.33
CBB CLA AG . -3.33 23.36 -65.84
NC CLA AG . 3.31 24.32 -65.30
C1C CLA AG . 2.30 24.85 -65.98
C2C CLA AG . 2.67 26.09 -66.70
C3C CLA AG . 4.00 26.27 -66.41
C4C CLA AG . 4.38 25.16 -65.53
CMC CLA AG . 1.78 26.95 -67.55
CAC CLA AG . 4.88 27.39 -66.88
ND CLA AG . 5.13 22.81 -63.97
C1D CLA AG . 6.03 23.78 -64.28
C2D CLA AG . 7.34 23.51 -63.70
C3D CLA AG . 7.15 22.32 -63.02
C4D CLA AG . 5.84 21.91 -63.19
CMD CLA AG . 8.66 24.23 -63.70
CAD CLA AG . 7.84 21.34 -62.19
OBD CLA AG . 8.92 21.51 -61.65
CBD CLA AG . 6.87 20.24 -61.89
CGD CLA AG . 7.34 18.97 -62.56
O1D CLA AG . 6.97 18.70 -63.69
O2D CLA AG . 8.15 18.14 -61.93
MG CLA BG . -15.74 29.20 -58.08
CHA CLA BG . -19.08 29.11 -57.23
CHB CLA BG . -14.91 30.12 -54.85
CHC CLA BG . -12.56 29.14 -58.95
CHD CLA BG . -16.61 28.27 -61.38
NA CLA BG . -16.86 29.57 -56.21
C1A CLA BG . -18.19 29.49 -56.07
C2A CLA BG . -18.63 29.84 -54.68
C3A CLA BG . -17.31 30.16 -53.98
C4A CLA BG . -16.29 29.94 -55.05
CMA CLA BG . -17.22 31.41 -53.10
CAA CLA BG . -19.25 28.62 -54.00
CBA CLA BG . -18.38 27.38 -54.16
CGA CLA BG . -17.66 27.06 -52.88
O1A CLA BG . -16.74 26.26 -52.91
O2A CLA BG . -18.05 27.65 -51.76
NB CLA BG . -14.01 29.56 -57.06
C1B CLA BG . -13.85 29.94 -55.75
C2B CLA BG . -12.46 30.12 -55.46
C3B CLA BG . -11.80 29.86 -56.62
C4B CLA BG . -12.79 29.50 -57.63
CMB CLA BG . -11.90 30.54 -54.12
CAB CLA BG . -10.34 29.89 -56.91
CBB CLA BG . -9.44 30.95 -56.34
NC CLA BG . -14.74 28.69 -59.86
C1C CLA BG . -13.43 28.84 -60.02
C2C CLA BG . -13.00 28.65 -61.43
C3C CLA BG . -14.16 28.37 -62.11
C4C CLA BG . -15.24 28.40 -61.11
CMC CLA BG . -11.60 28.75 -61.97
CAC CLA BG . -14.30 28.10 -63.59
CBC CLA BG . -14.74 26.68 -63.87
ND CLA BG . -17.36 28.77 -59.13
C1D CLA BG . -17.64 28.41 -60.42
C2D CLA BG . -19.07 28.23 -60.64
C3D CLA BG . -19.61 28.50 -59.39
C4D CLA BG . -18.59 28.82 -58.50
CMD CLA BG . -19.90 27.84 -61.83
CAD CLA BG . -20.88 28.57 -58.70
OBD CLA BG . -21.97 28.61 -59.24
CBD CLA BG . -20.59 28.95 -57.28
CGD CLA BG . -21.30 30.24 -56.97
O1D CLA BG . -22.50 30.24 -56.79
O2D CLA BG . -20.64 31.39 -56.89
CED CLA BG . -21.04 32.26 -55.83
C1 CLA BG . -17.14 28.44 -50.93
C2 CLA BG . -15.71 28.04 -50.66
C3 CLA BG . -15.09 28.43 -49.53
C4 CLA BG . -15.81 29.28 -48.53
C5 CLA BG . -13.67 28.05 -49.23
C6 CLA BG . -13.24 28.60 -47.87
C7 CLA BG . -12.24 29.72 -48.03
C8 CLA BG . -11.01 29.49 -47.16
C9 CLA BG . -10.33 28.17 -47.52
C10 CLA BG . -11.42 29.51 -45.69
MG CLA CG . 16.86 16.03 -61.57
CHA CLA CG . 19.53 16.11 -59.38
CHB CLA CG . 18.63 13.98 -63.71
CHC CLA CG . 14.20 15.91 -63.51
CHD CLA CG . 15.07 18.14 -59.36
NA CLA CG . 18.88 15.11 -61.57
C1A CLA CG . 19.79 15.27 -60.61
C2A CLA CG . 21.08 14.55 -60.93
C3A CLA CG . 20.76 13.89 -62.30
C4A CLA CG . 19.35 14.34 -62.56
CMA CLA CG . 21.80 13.94 -63.41
CAA CLA CG . 21.35 13.46 -59.90
NB CLA CG . 16.47 15.09 -63.33
C1B CLA CG . 17.31 14.31 -64.09
C2B CLA CG . 16.64 13.89 -65.29
C3B CLA CG . 15.39 14.44 -65.23
C4B CLA CG . 15.30 15.20 -63.97
CMB CLA CG . 17.22 13.02 -66.38
CAB CLA CG . 14.27 14.34 -66.20
CBB CLA CG . 14.49 14.48 -67.69
NC CLA CG . 14.92 16.83 -61.42
C1C CLA CG . 14.00 16.71 -62.36
C2C CLA CG . 12.77 17.48 -62.07
C3C CLA CG . 13.02 18.08 -60.87
C4C CLA CG . 14.37 17.68 -60.48
CMC CLA CG . 11.53 17.57 -62.91
CAC CLA CG . 12.11 19.00 -60.10
CBC CLA CG . 12.19 20.40 -60.66
ND CLA CG . 17.12 16.93 -59.83
C1D CLA CG . 16.38 17.75 -59.02
C2D CLA CG . 17.12 18.14 -57.82
C3D CLA CG . 18.35 17.49 -57.97
C4D CLA CG . 18.33 16.78 -59.18
CMD CLA CG . 16.81 19.00 -56.62
CAD CLA CG . 19.62 17.32 -57.33
OBD CLA CG . 19.89 17.62 -56.19
CBD CLA CG . 20.43 16.39 -58.20
CGD CLA CG . 21.68 17.09 -58.65
O1D CLA CG . 21.63 18.20 -59.15
O2D CLA CG . 22.86 16.49 -58.50
CED CLA CG . 23.68 16.98 -57.42
C1 BCR DG . -3.04 37.11 -57.57
C2 BCR DG . -1.57 37.49 -57.47
C3 BCR DG . -0.79 36.48 -56.64
C4 BCR DG . -1.38 36.38 -55.24
C5 BCR DG . -2.88 36.21 -55.26
C6 BCR DG . -3.62 36.79 -56.21
C7 BCR DG . -5.03 37.12 -55.93
C8 BCR DG . -6.03 36.35 -56.34
C9 BCR DG . -7.44 36.60 -56.11
C10 BCR DG . -8.43 35.56 -56.30
C11 BCR DG . -9.01 34.66 -57.21
C33 BCR DG . -3.52 35.37 -54.19
C31 BCR DG . -3.23 35.89 -58.45
C32 BCR DG . -3.82 38.29 -58.15
C34 BCR DG . -7.88 37.97 -55.66
C12 BCR DG . -9.53 33.86 -57.97
C13 BCR DG . -10.12 33.47 -59.19
C14 BCR DG . -11.44 33.14 -59.16
C15 BCR DG . -12.24 32.74 -60.27
C16 BCR DG . -12.54 32.38 -61.54
C17 BCR DG . -13.76 32.12 -61.92
C18 BCR DG . -14.18 31.77 -63.15
C19 BCR DG . -15.62 31.52 -63.34
C20 BCR DG . -16.62 30.81 -63.87
C21 BCR DG . -17.94 30.37 -64.15
C22 BCR DG . -18.39 29.86 -65.32
C23 BCR DG . -19.80 29.45 -65.43
C24 BCR DG . -20.52 29.12 -66.70
C25 BCR DG . -21.94 28.70 -66.66
C26 BCR DG . -22.24 27.41 -66.68
C27 BCR DG . -23.40 26.92 -65.84
C28 BCR DG . -24.63 27.81 -66.02
C29 BCR DG . -24.38 29.02 -66.92
C30 BCR DG . -23.07 29.73 -66.61
C35 BCR DG . -9.33 33.40 -60.47
C36 BCR DG . -13.21 31.64 -64.28
C37 BCR DG . -17.46 29.72 -66.49
C38 BCR DG . -21.49 26.41 -67.51
C39 BCR DG . -23.12 30.40 -65.24
C40 BCR DG . -22.84 30.77 -67.70
C1 LUT EG . 24.31 -37.73 45.85
C2 LUT EG . 25.49 -36.89 45.39
C3 LUT EG . 25.08 -35.63 44.63
C4 LUT EG . 24.33 -36.05 43.39
C5 LUT EG . 23.21 -37.00 43.71
C6 LUT EG . 23.20 -37.76 44.81
C7 LUT EG . 22.06 -38.68 45.05
C8 LUT EG . 22.02 -39.89 44.52
C9 LUT EG . 20.90 -40.82 44.75
C10 LUT EG . 21.00 -42.06 44.23
C11 LUT EG . 19.99 -43.09 44.37
C12 LUT EG . 20.35 -44.30 43.99
C13 LUT EG . 19.47 -45.49 44.09
C14 LUT EG . 20.01 -46.68 43.82
C15 LUT EG . 19.23 -47.90 43.91
C16 LUT EG . 23.75 -37.17 47.14
C17 LUT EG . 24.83 -39.13 46.10
C18 LUT EG . 22.08 -37.08 42.73
C19 LUT EG . 19.69 -40.40 45.51
C20 LUT EG . 18.03 -45.34 44.47
O3 LUT EG . 26.27 -34.95 44.22
C21 LUT EG . 17.00 -60.28 44.87
C22 LUT EG . 15.98 -61.39 45.09
C23 LUT EG . 15.75 -62.17 43.81
C24 LUT EG . 15.08 -61.23 42.83
C25 LUT EG . 15.97 -60.03 42.59
C26 LUT EG . 16.80 -59.56 43.55
C27 LUT EG . 17.81 -58.56 43.14
C28 LUT EG . 17.64 -57.28 43.46
C29 LUT EG . 18.61 -56.24 43.12
C30 LUT EG . 18.49 -55.05 43.73
C31 LUT EG . 19.37 -53.92 43.50
C32 LUT EG . 18.87 -52.71 43.73
C33 LUT EG . 19.67 -51.49 43.57
C34 LUT EG . 19.12 -50.31 43.89
C35 LUT EG . 19.86 -49.07 43.78
C36 LUT EG . 18.40 -60.88 44.85
C37 LUT EG . 16.89 -59.30 46.04
C38 LUT EG . 15.92 -59.38 41.25
C39 LUT EG . 19.70 -56.49 42.12
C40 LUT EG . 21.09 -51.56 43.07
O23 LUT EG . 14.90 -63.29 44.05
C1 AXT FG . 29.10 -45.45 33.10
C2 AXT FG . 30.64 -45.65 33.28
C3 AXT FG . 31.07 -45.43 34.73
C4 AXT FG . 30.37 -46.49 35.60
C5 AXT FG . 28.85 -46.48 35.52
C6 AXT FG . 28.18 -46.17 34.15
C7 AXT FG . 26.69 -46.15 33.90
C8 AXT FG . 25.72 -47.10 33.85
C9 AXT FG . 24.20 -46.93 33.59
C10 AXT FG . 23.45 -45.86 33.98
C11 AXT FG . 21.96 -45.61 33.74
C12 AXT FG . 21.36 -44.56 33.12
C13 AXT FG . 19.85 -44.29 32.87
C14 AXT FG . 19.23 -43.10 33.14
C15 AXT FG . 17.76 -42.72 32.92
C16 AXT FG . 28.70 -45.95 31.68
C17 AXT FG . 28.78 -43.91 33.09
C18 AXT FG . 28.14 -47.11 36.69
C19 AXT FG . 23.47 -48.05 32.84
C20 AXT FG . 19.00 -45.40 32.27
O3 AXT FG . 32.49 -45.52 34.73
C21 AXT FG . 6.76 -35.20 31.18
C22 AXT FG . 5.22 -34.98 30.90
C23 AXT FG . 4.39 -36.25 30.59
C24 AXT FG . 4.73 -37.30 31.70
C25 AXT FG . 6.16 -37.56 32.09
C26 AXT FG . 7.18 -36.66 31.66
C27 AXT FG . 8.65 -36.91 31.98
C28 AXT FG . 9.35 -36.79 33.15
C29 AXT FG . 10.85 -37.08 33.43
C30 AXT FG . 11.57 -38.07 32.83
C31 AXT FG . 13.04 -38.43 33.05
C32 AXT FG . 13.79 -39.41 32.48
C33 AXT FG . 15.27 -39.76 32.75
C34 AXT FG . 15.79 -41.02 32.64
C35 AXT FG . 17.24 -41.46 32.88
C36 AXT FG . 7.17 -34.16 32.24
C37 AXT FG . 7.52 -34.79 29.86
C38 AXT FG . 6.49 -38.87 32.78
C39 AXT FG . 11.59 -36.21 34.45
C40 AXT FG . 16.21 -38.66 33.19
O24 AXT FG . 3.79 -37.87 32.22
O23 AXT FG . 3.01 -35.96 30.64
C1 LUT GG . 28.12 -55.35 36.97
C2 LUT GG . 29.25 -55.05 37.97
C3 LUT GG . 30.32 -54.08 37.49
C4 LUT GG . 30.81 -54.53 36.13
C5 LUT GG . 29.65 -54.50 35.19
C6 LUT GG . 28.47 -55.02 35.53
C7 LUT GG . 27.45 -55.31 34.50
C8 LUT GG . 27.55 -56.39 33.74
C9 LUT GG . 26.57 -56.76 32.70
C10 LUT GG . 26.73 -57.96 32.15
C11 LUT GG . 25.90 -58.58 31.12
C12 LUT GG . 26.19 -59.86 30.98
C13 LUT GG . 25.55 -60.85 30.08
C14 LUT GG . 26.05 -62.08 30.18
C15 LUT GG . 25.62 -63.29 29.50
C16 LUT GG . 26.89 -54.53 37.35
C17 LUT GG . 27.79 -56.82 37.10
C18 LUT GG . 29.84 -53.86 33.84
C19 LUT GG . 25.45 -55.84 32.32
C20 LUT GG . 24.43 -60.48 29.14
O3 LUT GG . 31.40 -54.11 38.42
C21 LUT GG . 21.34 -69.90 21.46
C22 LUT GG . 20.93 -70.48 20.11
C23 LUT GG . 21.45 -71.91 20.00
C24 LUT GG . 22.96 -71.82 19.84
C25 LUT GG . 23.51 -71.05 21.01
C26 LUT GG . 22.69 -70.46 21.90
C27 LUT GG . 22.92 -70.73 23.34
C28 LUT GG . 23.10 -69.74 24.22
C29 LUT GG . 23.30 -70.09 25.64
C30 LUT GG . 23.84 -69.22 26.50
C31 LUT GG . 24.28 -67.89 26.13
C32 LUT GG . 24.23 -66.96 27.09
C33 LUT GG . 24.66 -65.56 26.92
C34 LUT GG . 25.15 -64.99 28.02
C35 LUT GG . 25.67 -63.63 28.22
C36 LUT GG . 20.27 -70.28 22.47
C37 LUT GG . 21.47 -68.38 21.36
C38 LUT GG . 25.00 -70.93 21.18
C39 LUT GG . 22.89 -71.44 26.13
C40 LUT GG . 24.54 -64.82 25.62
O23 LUT GG . 20.86 -72.61 18.90
MG CLA HG . 13.99 -56.07 40.73
CHA CLA HG . 12.03 -58.78 39.87
CHB CLA HG . 11.86 -55.32 43.35
CHC CLA HG . 16.03 -53.63 41.58
CHD CLA HG . 16.10 -56.82 38.01
NA CLA HG . 12.13 -56.94 41.54
C1A CLA HG . 11.49 -58.00 41.04
C2A CLA HG . 10.23 -58.30 41.80
C3A CLA HG . 10.18 -57.17 42.83
C4A CLA HG . 11.46 -56.43 42.59
CMA CLA HG . 8.88 -56.37 42.85
CAA CLA HG . 10.42 -59.57 42.61
CBA CLA HG . 11.85 -59.74 43.13
CGA CLA HG . 12.05 -59.13 44.50
O1A CLA HG . 11.09 -59.02 45.25
O2A CLA HG . 13.26 -58.74 44.88
NB CLA HG . 13.96 -54.70 42.24
C1B CLA HG . 13.01 -54.53 43.21
C2B CLA HG . 13.37 -53.42 44.06
C3B CLA HG . 14.54 -52.94 43.54
C4B CLA HG . 14.90 -53.77 42.40
CMB CLA HG . 12.57 -52.93 45.23
CAB CLA HG . 15.37 -51.80 44.00
CBB CLA HG . 15.54 -51.44 45.46
NC CLA HG . 15.82 -55.38 39.97
C1C CLA HG . 16.47 -54.33 40.43
C2C CLA HG . 17.66 -53.99 39.64
C3C CLA HG . 17.69 -54.93 38.65
C4C CLA HG . 16.54 -55.79 38.86
CMC CLA HG . 18.63 -52.86 39.88
CAC CLA HG . 18.71 -55.05 37.55
CBC CLA HG . 19.65 -56.20 37.83
ND CLA HG . 14.15 -57.42 39.29
C1D CLA HG . 14.97 -57.63 38.23
C2D CLA HG . 14.51 -58.74 37.40
C3D CLA HG . 13.37 -59.18 38.05
C4D CLA HG . 13.16 -58.38 39.18
CMD CLA HG . 15.01 -59.39 36.14
CAD CLA HG . 12.31 -60.16 37.98
OBD CLA HG . 12.20 -61.04 37.14
CBD CLA HG . 11.49 -60.05 39.24
CGD CLA HG . 10.04 -59.92 38.92
O1D CLA HG . 9.66 -59.15 38.06
O2D CLA HG . 9.14 -60.66 39.57
CED CLA HG . 8.16 -61.33 38.78
C1 CLA HG . 13.42 -57.63 45.81
C2 CLA HG . 14.55 -56.64 45.68
C3 CLA HG . 15.28 -56.29 46.76
C4 CLA HG . 14.99 -56.87 48.11
C5 CLA HG . 16.43 -55.32 46.69
C6 CLA HG . 17.64 -55.94 47.40
C7 CLA HG . 18.81 -54.97 47.50
C8 CLA HG . 20.05 -55.49 46.78
C9 CLA HG . 20.18 -57.00 46.87
C10 CLA HG . 21.29 -54.81 47.35
C11 CLA HG . 22.29 -54.47 46.24
C12 CLA HG . 23.46 -53.67 46.81
C13 CLA HG . 24.30 -53.05 45.69
C14 CLA HG . 25.49 -53.95 45.34
C15 CLA HG . 24.77 -51.67 46.11
MG CLA IG . 16.81 -47.61 48.86
CHA CLA IG . 13.82 -48.91 50.02
CHB CLA IG . 17.94 -50.78 48.13
CHC CLA IG . 19.57 -46.25 47.67
CHD CLA IG . 15.61 -44.36 49.62
NA CLA IG . 15.98 -49.66 49.03
C1A CLA IG . 14.78 -49.97 49.53
C2A CLA IG . 14.54 -51.45 49.53
C3A CLA IG . 15.85 -52.00 48.96
C4A CLA IG . 16.65 -50.76 48.67
CMA CLA IG . 16.52 -53.18 49.65
CAA CLA IG . 13.44 -51.78 48.55
CBA CLA IG . 12.23 -52.43 49.22
CGA CLA IG . 12.57 -53.83 49.68
O1A CLA IG . 12.73 -54.71 48.86
O2A CLA IG . 12.69 -54.06 50.98
NB CLA IG . 18.50 -48.38 48.01
C1B CLA IG . 18.81 -49.71 47.82
C2B CLA IG . 20.12 -49.82 47.26
C3B CLA IG . 20.59 -48.55 47.12
C4B CLA IG . 19.53 -47.64 47.61
CMB CLA IG . 20.84 -51.08 46.89
CAB CLA IG . 21.92 -48.20 46.57
CBB CLA IG . 22.39 -46.81 46.21
NC CLA IG . 17.43 -45.62 48.58
C1C CLA IG . 18.64 -45.29 48.16
C2C CLA IG . 18.91 -43.84 48.25
C3C CLA IG . 17.77 -43.32 48.77
C4C CLA IG . 16.85 -44.43 48.98
CMC CLA IG . 20.18 -43.13 47.86
CAC CLA IG . 17.49 -41.86 49.08
CBC CLA IG . 18.07 -41.52 50.43
ND CLA IG . 15.18 -46.76 49.58
C1D CLA IG . 14.79 -45.48 49.89
C2D CLA IG . 13.49 -45.45 50.52
C3D CLA IG . 13.12 -46.79 50.56
C4D CLA IG . 14.13 -47.55 49.99
CMD CLA IG . 12.61 -44.35 51.07
CAD CLA IG . 12.05 -47.68 50.98
OBD CLA IG . 11.11 -47.36 51.69
CBD CLA IG . 12.45 -49.07 50.63
CGD CLA IG . 12.56 -49.88 51.89
O1D CLA IG . 13.26 -49.52 52.81
O2D CLA IG . 11.89 -51.02 52.01
CED CLA IG . 11.02 -51.12 53.13
MG CLA JG . 21.76 -31.86 41.18
CHA CLA JG . 24.20 -29.52 41.87
CHB CLA JG . 21.85 -32.99 44.43
CHC CLA JG . 19.33 -33.98 40.42
CHD CLA JG . 21.68 -30.70 37.84
NA CLA JG . 22.89 -31.32 42.99
C1A CLA JG . 23.83 -30.37 43.06
C2A CLA JG . 24.41 -30.26 44.44
C3A CLA JG . 23.67 -31.37 45.22
C4A CLA JG . 22.74 -31.94 44.18
CMA CLA JG . 24.49 -32.29 46.11
CAA CLA JG . 23.99 -28.91 45.04
CBA CLA JG . 22.47 -28.74 45.14
CGA CLA JG . 21.91 -28.06 43.93
O1A CLA JG . 22.00 -26.85 43.82
O2A CLA JG . 21.34 -28.79 42.97
NB CLA JG . 20.75 -33.26 42.26
C1B CLA JG . 20.93 -33.61 43.56
C2B CLA JG . 20.02 -34.68 43.92
C3B CLA JG . 19.31 -34.95 42.76
C4B CLA JG . 19.79 -34.04 41.74
CMB CLA JG . 19.92 -35.33 45.27
CAB CLA JG . 18.25 -35.95 42.51
CBB CLA JG . 18.13 -37.26 43.26
NC CLA JG . 20.65 -32.23 39.42
C1C CLA JG . 19.71 -33.17 39.33
C2C CLA JG . 19.12 -33.26 37.97
C3C CLA JG . 19.79 -32.30 37.26
C4C CLA JG . 20.74 -31.66 38.17
CMC CLA JG . 18.05 -34.20 37.50
CAC CLA JG . 19.56 -31.97 35.80
CBC CLA JG . 18.70 -30.73 35.68
ND CLA JG . 22.63 -30.48 40.05
C1D CLA JG . 22.58 -30.09 38.75
C2D CLA JG . 23.54 -29.02 38.46
C3D CLA JG . 24.16 -28.82 39.68
C4D CLA JG . 23.62 -29.69 40.62
CMD CLA JG . 23.89 -28.25 37.22
CAD CLA JG . 25.18 -28.01 40.33
OBD CLA JG . 25.77 -27.08 39.82
CBD CLA JG . 25.13 -28.32 41.79
CGD CLA JG . 26.50 -28.62 42.34
O1D CLA JG . 27.26 -29.36 41.76
O2D CLA JG . 26.89 -28.05 43.47
CED CLA JG . 27.91 -27.07 43.34
C1 CLA JG . 20.14 -28.34 42.29
C2 CLA JG . 19.37 -29.25 41.37
C3 CLA JG . 18.39 -28.77 40.58
C4 CLA JG . 18.01 -27.32 40.58
C5 CLA JG . 17.60 -29.64 39.64
C6 CLA JG . 17.29 -30.97 40.31
C7 CLA JG . 16.02 -30.89 41.13
C8 CLA JG . 15.83 -32.14 41.97
C9 CLA JG . 15.78 -33.38 41.10
C10 CLA JG . 14.57 -32.01 42.81
C11 CLA JG . 14.28 -33.30 43.56
C12 CLA JG . 15.16 -33.42 44.80
C13 CLA JG . 15.21 -34.85 45.31
C14 CLA JG . 13.90 -35.58 45.06
C15 CLA JG . 15.56 -34.85 46.80
C16 CLA JG . 15.35 -36.21 47.44
C17 CLA JG . 16.21 -36.38 48.67
C18 CLA JG . 17.01 -37.67 48.60
C19 CLA JG . 17.80 -37.75 47.31
C20 CLA JG . 17.93 -37.81 49.81
MG CHL KG . 7.52 -41.95 34.80
CHA CHL KG . 4.21 -42.18 35.58
CHB CHL KG . 6.90 -43.90 32.04
CHC CHL KG . 10.68 -41.70 34.03
CHD CHL KG . 7.95 -39.99 37.72
NA CHL KG . 5.87 -42.85 33.98
C1A CHL KG . 4.57 -42.74 34.41
C2A CHL KG . 3.61 -43.40 33.47
C3A CHL KG . 4.49 -44.18 32.56
C4A CHL KG . 5.86 -43.63 32.86
CMA CHL KG . 4.29 -45.69 32.42
CAA CHL KG . 2.84 -42.29 32.72
CBA CHL KG . 3.01 -42.33 31.21
CGA CHL KG . 3.99 -41.34 30.65
O1A CHL KG . 4.00 -40.17 30.91
O2A CHL KG . 4.81 -41.91 29.79
NB CHL KG . 8.62 -42.70 33.26
C1B CHL KG . 8.20 -43.45 32.22
C2B CHL KG . 9.31 -43.73 31.37
C3B CHL KG . 10.41 -43.13 31.89
C4B CHL KG . 9.97 -42.46 33.13
CMB CHL KG . 9.25 -44.53 30.11
CAB CHL KG . 11.72 -43.18 31.24
CBB CHL KG . 13.01 -42.55 31.68
NC CHL KG . 9.04 -40.99 35.75
C1C CHL KG . 10.30 -41.04 35.22
C2C CHL KG . 11.17 -40.25 36.08
C3C CHL KG . 10.37 -39.72 37.06
C4C CHL KG . 9.04 -40.20 36.89
CMC CHL KG . 12.59 -40.02 36.05
OMC CHL KG . 13.35 -40.47 35.23
CAC CHL KG . 10.80 -38.73 38.11
CBC CHL KG . 11.50 -39.35 39.26
ND CHL KG . 6.42 -41.19 36.35
C1D CHL KG . 6.69 -40.49 37.48
C2D CHL KG . 5.50 -40.36 38.26
C3D CHL KG . 4.50 -40.99 37.57
C4D CHL KG . 5.08 -41.51 36.40
CMD CHL KG . 5.43 -39.66 39.60
CAD CHL KG . 3.09 -41.34 37.54
OBD CHL KG . 2.24 -41.10 38.38
CBD CHL KG . 2.82 -42.10 36.25
CGD CHL KG . 2.19 -43.47 36.50
O1D CHL KG . 1.02 -43.68 36.52
O2D CHL KG . 3.12 -44.39 36.70
CED CHL KG . 2.64 -45.72 36.94
C1 CHL KG . 5.62 -41.14 28.87
C2 CHL KG . 6.90 -40.79 29.52
C3 CHL KG . 8.04 -41.14 28.93
C4 CHL KG . 8.09 -41.96 27.67
C5 CHL KG . 9.37 -40.71 29.48
C6 CHL KG . 9.76 -39.28 29.09
C7 CHL KG . 10.06 -39.13 27.60
C8 CHL KG . 10.46 -37.72 27.16
C9 CHL KG . 9.36 -36.71 27.43
C10 CHL KG . 11.75 -37.40 27.91
C11 CHL KG . 11.69 -36.17 28.82
C12 CHL KG . 12.96 -35.98 29.63
C13 CHL KG . 12.96 -34.77 30.56
C14 CHL KG . 12.23 -33.59 29.95
C15 CHL KG . 14.31 -34.35 31.16
C16 CHL KG . 15.54 -34.90 30.44
C17 CHL KG . 15.89 -34.17 29.15
C18 CHL KG . 17.09 -34.71 28.39
C19 CHL KG . 18.37 -34.62 29.20
C20 CHL KG . 17.27 -34.05 27.03
MG CLA LG . 16.53 -43.94 26.85
CHA CLA LG . 14.40 -45.72 24.79
CHB CLA LG . 14.10 -41.54 27.35
CHC CLA LG . 18.60 -42.40 28.93
CHD CLA LG . 18.99 -46.42 26.32
NA CLA LG . 14.46 -43.64 26.16
C1A CLA LG . 13.79 -44.45 25.33
C2A CLA LG . 12.40 -43.95 25.06
C3A CLA LG . 12.35 -42.64 25.87
C4A CLA LG . 13.70 -42.58 26.51
CMA CLA LG . 11.80 -41.37 25.22
CAA CLA LG . 11.48 -45.00 25.69
CBA CLA LG . 10.15 -44.43 26.16
CGA CLA LG . 9.27 -44.25 24.96
O1A CLA LG . 8.78 -45.22 24.42
O2A CLA LG . 9.09 -43.00 24.53
NB CLA LG . 16.37 -42.25 27.98
C1B CLA LG . 15.34 -41.37 28.03
C2B CLA LG . 15.67 -40.26 28.88
C3B CLA LG . 16.94 -40.51 29.32
C4B CLA LG . 17.37 -41.78 28.74
CMB CLA LG . 14.79 -39.09 29.19
CAB CLA LG . 17.81 -39.71 30.22
CBB CLA LG . 17.89 -38.21 30.11
NC CLA LG . 18.46 -44.37 27.55
C1C CLA LG . 19.13 -43.60 28.39
C2C CLA LG . 20.48 -44.13 28.70
C3C CLA LG . 20.56 -45.29 27.97
C4C CLA LG . 19.30 -45.43 27.26
CMC CLA LG . 21.51 -43.55 29.63
CAC CLA LG . 21.71 -46.24 27.93
CBC CLA LG . 21.51 -47.24 29.06
ND CLA LG . 16.73 -45.66 25.90
C1D CLA LG . 17.74 -46.54 25.67
C2D CLA LG . 17.37 -47.56 24.70
C3D CLA LG . 16.07 -47.23 24.36
C4D CLA LG . 15.70 -46.09 25.08
CMD CLA LG . 18.09 -48.74 24.08
CAD CLA LG . 14.97 -47.64 23.53
OBD CLA LG . 14.92 -48.67 22.88
CBD CLA LG . 13.80 -46.78 23.89
CGD CLA LG . 13.14 -46.19 22.67
O1D CLA LG . 11.92 -46.20 22.55
O2D CLA LG . 13.85 -45.64 21.69
CED CLA LG . 13.34 -44.41 21.19
C1 CLA LG . 9.05 -42.62 23.13
C2 CLA LG . 8.98 -43.58 21.97
C3 CLA LG . 9.64 -43.36 20.82
C4 CLA LG . 9.53 -44.34 19.69
C5 CLA LG . 10.53 -42.17 20.58
C6 CLA LG . 9.71 -40.95 20.16
C7 CLA LG . 10.54 -39.96 19.36
C8 CLA LG . 11.32 -38.96 20.22
C9 CLA LG . 10.76 -38.82 21.62
C10 CLA LG . 11.31 -37.61 19.51
C11 CLA LG . 12.25 -36.62 20.20
C12 CLA LG . 13.70 -36.99 19.97
C13 CLA LG . 14.54 -36.78 21.22
C14 CLA LG . 16.01 -36.64 20.87
C15 CLA LG . 14.29 -37.93 22.19
C16 CLA LG . 14.37 -37.46 23.64
C17 CLA LG . 15.38 -38.29 24.42
C18 CLA LG . 16.53 -37.41 24.89
C19 CLA LG . 16.90 -37.73 26.34
C20 CLA LG . 17.75 -37.56 23.98
MG CLA MG . 31.20 -50.70 38.22
CHA CLA MG . 34.63 -50.20 38.01
CHB CLA MG . 30.88 -50.21 34.82
CHC CLA MG . 27.97 -51.32 38.51
CHD CLA MG . 31.55 -51.18 41.69
NA CLA MG . 32.59 -50.26 36.57
C1A CLA MG . 33.91 -50.09 36.68
C2A CLA MG . 34.55 -49.78 35.35
C3A CLA MG . 33.35 -49.75 34.40
C4A CLA MG . 32.19 -50.10 35.29
CMA CLA MG . 33.19 -48.52 33.54
CAA CLA MG . 35.46 -50.95 34.98
CBA CLA MG . 34.70 -52.12 34.37
CGA CLA MG . 35.28 -53.43 34.83
O1A CLA MG . 36.44 -53.69 34.56
O2A CLA MG . 34.52 -54.27 35.51
NB CLA MG . 29.67 -50.77 36.88
C1B CLA MG . 29.70 -50.51 35.54
C2B CLA MG . 28.38 -50.61 34.97
C3B CLA MG . 27.56 -50.92 36.03
C4B CLA MG . 28.40 -51.02 37.22
CMB CLA MG . 28.03 -50.40 33.53
CAB CLA MG . 26.10 -51.16 36.08
CBB CLA MG . 25.13 -50.68 35.00
NC CLA MG . 29.97 -51.25 39.83
C1C CLA MG . 28.67 -51.40 39.74
C2C CLA MG . 28.02 -51.65 41.05
C3C CLA MG . 29.06 -51.64 41.94
C4C CLA MG . 30.28 -51.38 41.18
CMC CLA MG . 26.56 -51.89 41.32
CAC CLA MG . 28.96 -51.84 43.44
CBC CLA MG . 29.39 -53.26 43.79
ND CLA MG . 32.64 -50.72 39.58
C1D CLA MG . 32.70 -50.91 40.92
C2D CLA MG . 34.07 -50.78 41.42
C3D CLA MG . 34.81 -50.51 40.28
C4D CLA MG . 33.94 -50.48 39.19
CMD CLA MG . 34.71 -50.89 42.78
CAD CLA MG . 36.15 -50.25 39.81
OBD CLA MG . 37.16 -50.45 40.47
CBD CLA MG . 36.10 -50.04 38.34
CGD CLA MG . 36.63 -48.66 38.07
O1D CLA MG . 37.17 -48.03 38.98
O2D CLA MG . 36.57 -48.09 36.88
CED CLA MG . 37.83 -47.74 36.29
C1 CLA MG . 34.85 -55.70 35.52
C2 CLA MG . 33.94 -56.76 34.94
C3 CLA MG . 34.08 -58.04 35.31
C4 CLA MG . 35.15 -58.44 36.28
C5 CLA MG . 33.20 -59.14 34.77
C6 CLA MG . 33.04 -60.22 35.84
C7 CLA MG . 31.59 -60.66 35.97
C8 CLA MG . 30.82 -59.72 36.91
C9 CLA MG . 31.60 -59.42 38.18
C10 CLA MG . 29.48 -60.37 37.23
C11 CLA MG . 28.62 -60.53 35.99
C12 CLA MG . 27.26 -61.13 36.33
MG CLA NG . 8.87 -42.08 50.82
CHA CLA NG . 8.53 -45.44 50.13
CHB CLA NG . 6.37 -42.27 53.19
CHC CLA NG . 9.38 -38.89 51.50
CHD CLA NG . 11.41 -41.90 48.36
NA CLA NG . 7.58 -43.68 51.61
C1A CLA NG . 7.58 -44.95 51.20
C2A CLA NG . 6.55 -45.77 51.91
C3A CLA NG . 5.87 -44.75 52.83
C4A CLA NG . 6.64 -43.49 52.55
CMA CLA NG . 4.36 -44.71 52.85
CAA CLA NG . 7.23 -46.81 52.79
CBA CLA NG . 8.53 -46.25 53.39
CGA CLA NG . 9.28 -47.33 54.12
O1A CLA NG . 9.18 -48.50 53.77
O2A CLA NG . 10.04 -46.98 55.14
NB CLA NG . 8.02 -40.78 52.15
C1B CLA NG . 7.00 -41.02 53.02
C2B CLA NG . 6.68 -39.82 53.74
C3B CLA NG . 7.52 -38.86 53.25
C4B CLA NG . 8.38 -39.49 52.25
CMB CLA NG . 5.61 -39.64 54.79
CAB CLA NG . 7.56 -37.44 53.69
CBB CLA NG . 7.72 -36.28 52.73
NC CLA NG . 10.23 -40.64 50.09
C1C CLA NG . 10.24 -39.38 50.49
C2C CLA NG . 11.22 -38.56 49.74
C3C CLA NG . 11.82 -39.44 48.88
C4C CLA NG . 11.18 -40.74 49.10
CMC CLA NG . 11.50 -37.09 49.93
CAC CLA NG . 12.91 -39.13 47.88
CBC CLA NG . 12.31 -38.45 46.67
ND CLA NG . 9.81 -43.27 49.54
C1D CLA NG . 10.77 -43.14 48.60
C2D CLA NG . 11.05 -44.40 47.92
C3D CLA NG . 10.16 -45.29 48.53
C4D CLA NG . 9.43 -44.60 49.49
CMD CLA NG . 11.99 -44.82 46.83
CAD CLA NG . 9.73 -46.68 48.51
OBD CLA NG . 10.36 -47.59 47.99
CBD CLA NG . 8.70 -46.85 49.57
CGD CLA NG . 7.40 -47.34 49.00
O1D CLA NG . 7.01 -46.97 47.91
O2D CLA NG . 6.65 -48.20 49.66
CED CLA NG . 5.88 -49.10 48.87
C1 CLA NG . 11.29 -46.26 54.93
C2 CLA NG . 12.57 -46.98 54.61
C3 CLA NG . 13.77 -46.39 54.80
C4 CLA NG . 13.87 -45.00 55.34
C5 CLA NG . 15.06 -47.09 54.49
C6 CLA NG . 15.69 -46.49 53.24
C7 CLA NG . 17.21 -46.65 53.28
C8 CLA NG . 17.71 -47.49 52.12
C9 CLA NG . 17.25 -48.93 52.24
C10 CLA NG . 19.23 -47.42 52.02
C11 CLA NG . 19.75 -46.02 52.34
C12 CLA NG . 20.50 -45.44 51.14
C13 CLA NG . 22.00 -45.72 51.23
C14 CLA NG . 22.79 -44.43 51.32
C15 CLA NG . 22.44 -46.55 50.03
C16 CLA NG . 23.13 -47.83 50.47
C17 CLA NG . 22.15 -49.01 50.51
C18 CLA NG . 22.86 -50.31 50.85
C19 CLA NG . 23.51 -50.92 49.61
C20 CLA NG . 23.88 -50.14 51.96
MG CLA OG . 20.13 -28.42 49.82
CHA CLA OG . 18.65 -26.70 47.24
CHB CLA OG . 20.25 -25.56 51.74
CHC CLA OG . 21.42 -30.20 52.29
CHD CLA OG . 20.03 -31.34 47.84
NA CLA OG . 19.51 -26.34 49.55
C1A CLA OG . 18.94 -25.84 48.44
C2A CLA OG . 18.69 -24.37 48.57
C3A CLA OG . 19.23 -24.05 49.95
C4A CLA OG . 19.69 -25.37 50.47
CMA CLA OG . 20.22 -22.91 50.01
CAA CLA OG . 17.19 -24.02 48.51
CBA CLA OG . 16.30 -25.10 49.14
CGA CLA OG . 14.86 -24.68 49.00
O1A CLA OG . 14.45 -23.75 49.68
O2A CLA OG . 14.07 -25.33 48.17
NB CLA OG . 20.73 -27.95 51.72
C1B CLA OG . 20.72 -26.74 52.34
C2B CLA OG . 21.26 -26.84 53.66
C3B CLA OG . 21.59 -28.16 53.80
C4B CLA OG . 21.25 -28.84 52.56
CMB CLA OG . 21.42 -25.73 54.67
CAB CLA OG . 22.18 -28.86 54.96
CBB CLA OG . 23.33 -28.29 55.75
NC CLA OG . 20.59 -30.47 50.05
C1C CLA OG . 21.15 -30.98 51.14
C2C CLA OG . 21.46 -32.42 50.99
C3C CLA OG . 21.02 -32.72 49.74
C4C CLA OG . 20.49 -31.51 49.15
CMC CLA OG . 22.08 -33.34 52.02
CAC CLA OG . 21.08 -34.07 49.07
CBC CLA OG . 22.34 -34.16 48.26
ND CLA OG . 19.51 -28.99 48.02
C1D CLA OG . 19.53 -30.14 47.30
C2D CLA OG . 19.01 -29.93 45.95
C3D CLA OG . 18.67 -28.58 45.93
C4D CLA OG . 18.98 -28.04 47.17
CMD CLA OG . 18.81 -30.84 44.76
CAD CLA OG . 18.12 -27.55 45.09
OBD CLA OG . 17.53 -27.74 44.04
CBD CLA OG . 18.02 -26.30 45.92
CGD CLA OG . 18.82 -25.17 45.34
O1D CLA OG . 19.88 -25.39 44.79
O2D CLA OG . 18.36 -23.93 45.45
CED CLA OG . 19.06 -22.91 44.73
C1 CLA OG . 12.64 -25.44 48.46
C2 CLA OG . 12.13 -26.27 49.61
C3 CLA OG . 10.82 -26.54 49.74
C4 CLA OG . 9.81 -26.03 48.75
C5 CLA OG . 10.27 -27.36 50.87
C6 CLA OG . 11.08 -28.65 51.01
C7 CLA OG . 10.64 -29.44 52.24
C8 CLA OG . 11.79 -29.56 53.24
C9 CLA OG . 12.50 -30.90 53.09
C10 CLA OG . 11.24 -29.39 54.66
C11 CLA OG . 10.54 -28.05 54.81
C12 CLA OG . 9.30 -28.18 55.70
C13 CLA OG . 9.54 -27.63 57.10
C14 CLA OG . 8.23 -27.52 57.88
C15 CLA OG . 10.24 -26.28 57.03
MG CHL PG . 30.98 -43.96 27.57
CHA CHL PG . 33.18 -41.44 27.31
CHB CHL PG . 28.62 -41.72 28.79
CHC CHL PG . 28.88 -46.39 27.82
CHD CHL PG . 33.53 -46.20 26.43
NA CHL PG . 30.91 -41.95 27.93
C1A CHL PG . 31.93 -41.05 27.73
C2A CHL PG . 31.53 -39.64 28.07
C3A CHL PG . 30.13 -39.77 28.64
C4A CHL PG . 29.83 -41.24 28.44
CMA CHL PG . 29.78 -39.10 29.96
CAA CHL PG . 31.60 -38.65 26.90
CBA CHL PG . 30.71 -38.99 25.71
CGA CHL PG . 30.87 -38.02 24.59
O1A CHL PG . 30.45 -38.17 23.47
O2A CHL PG . 31.54 -36.94 24.98
NB CHL PG . 29.02 -44.00 28.19
C1B CHL PG . 28.22 -43.03 28.67
C2B CHL PG . 26.97 -43.59 29.04
C3B CHL PG . 27.04 -44.96 28.79
C4B CHL PG . 28.36 -45.20 28.24
CMB CHL PG . 25.81 -42.82 29.59
CAB CHL PG . 26.04 -45.99 29.05
CBB CHL PG . 24.65 -45.88 29.62
NC CHL PG . 31.21 -45.95 27.15
C1C CHL PG . 30.12 -46.75 27.30
C2C CHL PG . 30.51 -48.08 26.90
C3C CHL PG . 31.83 -48.04 26.54
C4C CHL PG . 32.28 -46.70 26.68
CMC CHL PG . 29.70 -49.28 26.84
OMC CHL PG . 28.53 -49.37 27.14
CAC CHL PG . 32.65 -49.21 26.09
CBC CHL PG . 32.52 -49.49 24.62
ND CHL PG . 32.92 -43.95 26.97
C1D CHL PG . 33.86 -44.86 26.58
C2D CHL PG . 35.11 -44.22 26.38
C3D CHL PG . 34.90 -42.88 26.65
C4D CHL PG . 33.56 -42.73 27.00
CMD CHL PG . 36.37 -44.91 25.97
CAD CHL PG . 35.51 -41.56 26.71
OBD CHL PG . 36.66 -41.26 26.48
CBD CHL PG . 34.44 -40.58 27.14
CGD CHL PG . 34.86 -39.88 28.43
O1D CHL PG . 34.47 -40.17 29.53
O2D CHL PG . 35.73 -38.90 28.19
CED CHL PG . 36.20 -38.18 29.34
C1 CHL PG . 31.86 -35.81 24.11
C2 CHL PG . 30.68 -34.91 24.09
MG CHL QG . 17.57 -61.44 31.11
CHA CHL QG . 17.73 -58.55 32.95
CHB CHL QG . 20.97 -61.67 31.28
CHC CHL QG . 17.37 -64.24 29.45
CHD CHL QG . 14.07 -61.02 30.98
NA CHL QG . 19.06 -60.31 31.96
C1A CHL QG . 18.94 -59.16 32.71
C2A CHL QG . 20.28 -58.64 33.18
C3A CHL QG . 21.27 -59.53 32.50
C4A CHL QG . 20.40 -60.58 31.85
CMA CHL QG . 22.43 -58.92 31.74
CAA CHL QG . 20.41 -58.63 34.71
CBA CHL QG . 20.24 -59.99 35.38
CGA CHL QG . 19.12 -60.03 36.37
O1A CHL QG . 18.00 -60.40 36.14
O2A CHL QG . 19.52 -59.63 37.56
NB CHL QG . 18.97 -62.75 30.46
C1B CHL QG . 20.31 -62.71 30.64
C2B CHL QG . 20.88 -63.87 30.06
C3B CHL QG . 19.89 -64.64 29.52
C4B CHL QG . 18.65 -63.91 29.78
CMB CHL QG . 22.34 -64.21 30.05
CAB CHL QG . 20.07 -65.93 28.88
CBB CHL QG . 19.03 -66.88 28.33
NC CHL QG . 15.96 -62.42 30.33
C1C CHL QG . 16.15 -63.60 29.67
C2C CHL QG . 14.85 -64.10 29.27
C3C CHL QG . 13.93 -63.21 29.72
C4C CHL QG . 14.61 -62.14 30.40
CMC CHL QG . 14.49 -65.29 28.52
OMC CHL QG . 15.28 -66.11 28.09
CAC CHL QG . 12.43 -63.36 29.61
CBC CHL QG . 11.78 -62.22 28.87
ND CHL QG . 16.14 -60.13 31.75
C1D CHL QG . 14.79 -60.03 31.62
C2D CHL QG . 14.32 -58.85 32.24
C3D CHL QG . 15.42 -58.23 32.78
C4D CHL QG . 16.53 -59.02 32.47
CMD CHL QG . 12.88 -58.39 32.27
CAD CHL QG . 15.90 -57.10 33.55
OBD CHL QG . 15.26 -56.17 34.00
CBD CHL QG . 17.40 -57.26 33.72
CGD CHL QG . 18.15 -56.02 33.25
O1D CHL QG . 18.54 -55.82 32.14
O2D CHL QG . 18.31 -55.16 34.25
CED CHL QG . 19.01 -53.94 33.96
C1 CHL QG . 18.63 -59.62 38.73
C2 CHL QG . 18.45 -61.03 39.15
C3 CHL QG . 19.36 -61.65 39.89
C4 CHL QG . 20.62 -61.00 40.39
C5 CHL QG . 19.20 -63.12 40.25
C6 CHL QG . 20.09 -64.02 39.42
C7 CHL QG . 19.96 -65.49 39.80
C8 CHL QG . 20.89 -66.43 39.03
C9 CHL QG . 22.36 -66.05 39.25
C10 CHL QG . 20.60 -67.83 39.53
MG CLA RG . 18.19 -52.43 24.72
CHA CLA RG . 15.02 -51.32 25.49
CHB CLA RG . 16.92 -54.48 22.25
CHC CLA RG . 21.28 -53.32 23.96
CHD CLA RG . 19.48 -50.38 27.29
NA CLA RG . 16.17 -52.87 23.93
C1A CLA RG . 15.04 -52.34 24.37
C2A CLA RG . 13.83 -52.89 23.66
C3A CLA RG . 14.46 -53.88 22.67
C4A CLA RG . 15.93 -53.75 22.94
CMA CLA RG . 13.86 -55.27 22.60
CAA CLA RG . 13.09 -51.76 22.94
CBA CLA RG . 12.97 -51.91 21.43
CGA CLA RG . 14.00 -51.01 20.77
O1A CLA RG . 15.18 -51.27 20.92
O2A CLA RG . 13.58 -49.99 20.05
NB CLA RG . 18.97 -53.69 23.32
C1B CLA RG . 18.32 -54.46 22.40
C2B CLA RG . 19.27 -55.23 21.64
C3B CLA RG . 20.49 -54.89 22.15
C4B CLA RG . 20.29 -53.91 23.20
CMB CLA RG . 18.96 -56.21 20.54
CAB CLA RG . 21.83 -55.37 21.74
CBB CLA RG . 22.28 -55.28 20.29
NC CLA RG . 20.08 -51.88 25.46
C1C CLA RG . 21.22 -52.40 25.03
C2C CLA RG . 22.39 -51.89 25.78
C3C CLA RG . 21.87 -51.04 26.69
C4C CLA RG . 20.42 -51.04 26.49
CMC CLA RG . 23.85 -52.25 25.55
CAC CLA RG . 22.63 -50.24 27.71
CBC CLA RG . 22.84 -51.06 28.96
ND CLA RG . 17.53 -51.16 26.08
C1D CLA RG . 18.09 -50.39 27.05
C2D CLA RG . 17.08 -49.62 27.78
C3D CLA RG . 15.89 -49.99 27.17
C4D CLA RG . 16.17 -50.91 26.15
CMD CLA RG . 17.13 -48.64 28.92
CAD CLA RG . 14.46 -49.77 27.19
OBD CLA RG . 13.88 -48.97 27.91
CBD CLA RG . 13.85 -50.54 26.07
CGD CLA RG . 12.77 -51.46 26.56
O1D CLA RG . 12.87 -52.04 27.63
O2D CLA RG . 11.69 -51.65 25.82
CED CLA RG . 10.46 -51.14 26.34
C1 CLA RG . 14.48 -49.27 19.15
C2 CLA RG . 15.79 -48.68 19.63
C3 CLA RG . 16.44 -47.77 18.90
C4 CLA RG . 15.92 -47.28 17.58
C5 CLA RG . 17.75 -47.17 19.35
C6 CLA RG . 17.62 -45.66 19.45
C7 CLA RG . 16.84 -45.26 20.69
C8 CLA RG . 17.66 -44.36 21.59
C9 CLA RG . 18.63 -45.18 22.44
C10 CLA RG . 16.71 -43.52 22.46
C11 CLA RG . 17.38 -43.07 23.75
C12 CLA RG . 17.46 -41.56 23.84
C13 CLA RG . 18.88 -41.09 24.13
C14 CLA RG . 19.92 -41.96 23.42
C15 CLA RG . 19.12 -41.08 25.64
C16 CLA RG . 19.83 -39.80 26.07
C17 CLA RG . 21.35 -39.93 25.96
C18 CLA RG . 21.85 -41.11 26.79
C19 CLA RG . 22.62 -42.10 25.93
C20 CLA RG . 22.71 -40.61 27.95
MG CHL SG . 31.72 -52.92 30.55
CHA CHL SG . 33.07 -55.99 31.07
CHB CHL SG . 28.63 -54.41 30.20
CHC CHL SG . 30.43 -49.97 30.17
CHD CHL SG . 34.97 -51.55 30.87
NA CHL SG . 31.00 -54.85 30.61
C1A CHL SG . 31.72 -55.99 30.86
C2A CHL SG . 30.85 -57.23 30.85
C3A CHL SG . 29.51 -56.71 30.37
C4A CHL SG . 29.70 -55.22 30.37
CMA CHL SG . 28.81 -57.40 29.21
CAA CHL SG . 30.77 -57.89 32.23
CBA CHL SG . 29.94 -59.17 32.28
CGA CHL SG . 30.65 -60.38 31.74
O1A CHL SG . 31.25 -61.17 32.39
O2A CHL SG . 30.54 -60.44 30.42
NB CHL SG . 29.80 -52.30 30.24
C1B CHL SG . 28.66 -53.02 30.17
C2B CHL SG . 27.55 -52.14 30.01
C3B CHL SG . 28.05 -50.84 30.02
C4B CHL SG . 29.49 -50.96 30.16
CMB CHL SG . 26.13 -52.58 29.88
CAB CHL SG . 27.31 -49.58 29.94
CBB CHL SG . 25.82 -49.32 29.81
NC CHL SG . 32.61 -51.07 30.51
C1C CHL SG . 31.82 -49.99 30.30
C2C CHL SG . 32.71 -48.82 30.27
C3C CHL SG . 33.98 -49.29 30.44
C4C CHL SG . 33.93 -50.71 30.60
CMC CHL SG . 32.41 -47.41 30.12
OMC CHL SG . 31.30 -46.94 29.98
CAC CHL SG . 35.23 -48.45 30.45
CBC CHL SG . 35.98 -48.50 29.14
ND CHL SG . 33.63 -53.53 30.87
C1D CHL SG . 34.85 -52.92 31.02
C2D CHL SG . 35.85 -53.87 31.32
C3D CHL SG . 35.22 -55.09 31.35
C4D CHL SG . 33.86 -54.87 31.07
CMD CHL SG . 37.30 -53.57 31.55
CAD CHL SG . 35.38 -56.54 31.53
OBD CHL SG . 36.40 -57.14 31.79
CBD CHL SG . 34.02 -57.18 31.34
CGD CHL SG . 34.08 -58.17 30.19
O1D CHL SG . 33.77 -57.93 29.06
O2D CHL SG . 34.54 -59.34 30.60
CED CHL SG . 34.65 -60.37 29.59
C1 CHL SG . 31.12 -61.51 29.62
C2 CHL SG . 30.02 -62.37 29.12
MG CLA TG . 19.09 -23.33 33.26
CHA CLA TG . 21.15 -26.08 32.83
CHB CLA TG . 20.05 -22.07 30.21
CHC CLA TG . 16.98 -20.82 33.71
CHD CLA TG . 18.12 -24.61 36.41
NA CLA TG . 20.46 -24.00 31.66
C1A CLA TG . 21.20 -25.11 31.68
C2A CLA TG . 22.07 -25.22 30.44
C3A CLA TG . 21.70 -23.95 29.65
C4A CLA TG . 20.68 -23.28 30.53
CMA CLA TG . 22.80 -23.11 29.03
CAA CLA TG . 21.73 -26.44 29.60
CBA CLA TG . 23.02 -27.08 29.10
CGA CLA TG . 22.77 -27.77 27.76
O1A CLA TG . 22.08 -28.78 27.74
O2A CLA TG . 23.31 -27.27 26.68
NB CLA TG . 18.59 -21.71 32.12
C1B CLA TG . 19.09 -21.34 30.92
C2B CLA TG . 18.51 -20.10 30.49
C3B CLA TG . 17.64 -19.74 31.50
C4B CLA TG . 17.72 -20.78 32.52
CMB CLA TG . 18.83 -19.38 29.21
CAB CLA TG . 16.74 -18.57 31.64
CBB CLA TG . 16.57 -17.48 30.61
NC CLA TG . 17.72 -22.85 34.78
C1C CLA TG . 16.99 -21.73 34.78
C2C CLA TG . 16.19 -21.57 36.03
C3C CLA TG . 16.50 -22.68 36.77
C4C CLA TG . 17.45 -23.46 35.99
CMC CLA TG . 15.26 -20.44 36.38
CAC CLA TG . 15.95 -23.01 38.13
CBC CLA TG . 14.90 -24.08 38.01
ND CLA TG . 19.46 -24.90 34.41
C1D CLA TG . 19.05 -25.34 35.63
C2D CLA TG . 19.70 -26.59 36.00
C3D CLA TG . 20.51 -26.86 34.90
C4D CLA TG . 20.36 -25.85 33.96
CMD CLA TG . 19.63 -27.49 37.21
CAD CLA TG . 21.46 -27.83 34.39
OBD CLA TG . 21.68 -28.93 34.87
CBD CLA TG . 21.90 -27.37 33.03
CGD CLA TG . 23.38 -27.15 33.04
O1D CLA TG . 23.90 -26.47 33.91
O2D CLA TG . 24.14 -27.68 32.09
CED CLA TG . 25.05 -28.69 32.51
C1 CLA TG . 24.51 -26.45 26.75
O1 LHG UG . 1.50 -40.30 52.88
C1 LHG UG . 2.15 -39.26 52.13
C2 LHG UG . 3.53 -39.73 51.70
O2 LHG UG . 4.46 -38.64 51.81
C3 LHG UG . 3.48 -40.18 50.26
O3 LHG UG . 4.64 -39.73 49.56
P LHG UG . 5.54 -40.79 48.75
O4 LHG UG . 6.15 -41.73 49.76
O5 LHG UG . 4.69 -41.34 47.63
O6 LHG UG . 6.71 -39.90 48.11
C4 LHG UG . 7.08 -40.14 46.76
C5 LHG UG . 8.53 -39.72 46.52
C6 LHG UG . 9.26 -40.83 45.78
O7 LHG UG . 8.57 -38.51 45.76
C7 LHG UG . 8.54 -37.43 46.54
O9 LHG UG . 9.30 -37.33 47.49
C8 LHG UG . 7.55 -36.32 46.26
C9 LHG UG . 8.26 -34.98 46.15
C10 LHG UG . 7.72 -34.17 44.99
O8 LHG UG . 10.29 -40.28 44.96
C23 LHG UG . 10.12 -40.21 43.65
O10 LHG UG . 9.25 -40.87 43.12
C24 LHG UG . 10.97 -39.28 42.82
C11 LHG UG . 7.33 -32.76 45.44
C12 LHG UG . 8.51 -31.79 45.29
C25 LHG UG . 10.14 -38.10 42.34
C26 LHG UG . 10.86 -36.78 42.58
C27 LHG UG . 9.92 -35.60 42.37
C28 LHG UG . 10.71 -34.36 41.93
C29 LHG UG . 10.45 -34.03 40.47
C30 LHG UG . 11.42 -32.97 39.97
C31 LHG UG . 11.79 -33.22 38.52
C32 LHG UG . 12.44 -31.99 37.89
C33 LHG UG . 13.92 -32.24 37.60
C34 LHG UG . 14.14 -32.60 36.13
O1 LHG VG . 37.44 -26.59 35.52
C1 LHG VG . 36.95 -25.30 35.12
C2 LHG VG . 35.43 -25.32 35.10
O2 LHG VG . 34.96 -26.67 35.13
C3 LHG VG . 34.92 -24.61 33.84
O3 LHG VG . 34.72 -25.58 32.82
P LHG VG . 33.27 -26.21 32.53
O4 LHG VG . 32.64 -26.58 33.85
O5 LHG VG . 32.53 -25.31 31.57
O6 LHG VG . 33.64 -27.57 31.75
C4 LHG VG . 32.71 -28.62 31.63
C5 LHG VG . 32.69 -29.12 30.19
C6 LHG VG . 33.32 -30.50 30.11
O7 LHG VG . 31.35 -29.15 29.72
C7 LHG VG . 31.19 -28.44 28.59
O9 LHG VG . 30.87 -29.02 27.57
C8 LHG VG . 31.38 -26.94 28.62
C9 LHG VG . 32.11 -26.47 27.37
C10 LHG VG . 33.42 -27.20 27.14
O8 LHG VG . 32.40 -31.42 29.53
C23 LHG VG . 31.80 -32.32 30.30
O10 LHG VG . 32.07 -32.38 31.49
C24 LHG VG . 30.79 -33.27 29.69
C11 LHG VG . 33.82 -27.25 25.67
C12 LHG VG . 32.95 -28.21 24.87
C13 LHG VG . 31.99 -27.48 23.94
C14 LHG VG . 30.55 -27.70 24.36
C15 LHG VG . 29.82 -26.37 24.52
C16 LHG VG . 28.47 -26.39 23.83
C17 LHG VG . 27.89 -24.98 23.72
C18 LHG VG . 26.37 -25.01 23.56
C19 LHG VG . 25.94 -26.11 22.61
C20 LHG VG . 26.07 -25.66 21.16
C21 LHG VG . 24.86 -24.84 20.71
C22 LHG VG . 23.71 -25.74 20.31
C25 LHG VG . 30.69 -32.97 28.21
C26 LHG VG . 29.23 -32.97 27.74
C27 LHG VG . 28.62 -34.37 27.81
C28 LHG VG . 27.52 -34.44 28.86
C29 LHG VG . 27.54 -35.80 29.54
C30 LHG VG . 27.24 -36.92 28.54
C31 LHG VG . 26.07 -37.78 29.00
C32 LHG VG . 25.89 -38.98 28.08
C33 LHG VG . 25.85 -38.57 26.61
C34 LHG VG . 25.55 -39.77 25.71
C35 LHG VG . 26.73 -40.74 25.71
C36 LHG VG . 26.27 -42.19 25.64
C37 LHG VG . 26.69 -42.83 24.33
C38 LHG VG . 28.03 -43.54 24.48
C1 OLA WG . 11.90 -68.93 30.94
O1 OLA WG . 11.62 -68.30 32.00
O2 OLA WG . 11.38 -70.06 30.72
C2 OLA WG . 12.86 -68.32 29.93
C3 OLA WG . 14.05 -69.25 29.73
C4 OLA WG . 14.83 -69.38 31.03
C5 OLA WG . 15.30 -68.00 31.49
C6 OLA WG . 16.81 -67.90 31.31
C7 OLA WG . 17.38 -66.97 32.39
C8 OLA WG . 18.89 -67.14 32.47
C9 OLA WG . 19.28 -67.38 33.93
C10 OLA WG . 19.94 -66.47 34.61
C11 OLA WG . 20.35 -65.13 33.99
C12 OLA WG . 21.73 -64.76 34.52
C13 OLA WG . 21.96 -63.26 34.33
C14 OLA WG . 23.30 -62.87 34.96
C15 OLA WG . 23.73 -61.49 34.44
C16 OLA WG . 23.80 -60.51 35.61
C17 OLA WG . 24.25 -59.14 35.09
C18 OLA WG . 24.12 -58.11 36.21
C1B LMT XG . 10.05 -56.47 20.20
C2B LMT XG . 9.45 -55.47 21.22
C3B LMT XG . 7.91 -55.48 21.15
C4B LMT XG . 7.41 -56.43 20.03
C5B LMT XG . 8.08 -57.81 20.24
C6B LMT XG . 7.72 -58.72 19.07
O1B LMT XG . 11.43 -56.51 20.33
O2B LMT XG . 9.88 -55.87 22.46
O3B LMT XG . 7.41 -54.21 21.01
O4' LMT XG . 6.04 -56.58 20.12
O5B LMT XG . 9.49 -57.75 20.39
O6B LMT XG . 8.70 -58.67 18.11
C1' LMT XG . 14.76 -54.97 18.48
C2' LMT XG . 13.47 -54.20 18.17
C3' LMT XG . 12.35 -54.62 19.16
C4' LMT XG . 12.19 -56.15 19.19
C5' LMT XG . 13.62 -56.72 19.41
C6' LMT XG . 13.69 -58.20 19.63
O1' LMT XG . 15.71 -54.67 17.56
O2' LMT XG . 13.71 -52.86 18.35
O3' LMT XG . 11.18 -54.02 18.79
O5' LMT XG . 14.48 -56.35 18.37
O6' LMT XG . 14.98 -58.47 20.00
C1 LMT XG . 16.99 -54.41 18.08
C2 LMT XG . 16.92 -53.00 18.58
C3 LMT XG . 18.22 -52.27 18.67
C4 LMT XG . 18.28 -51.60 20.03
C5 LMT XG . 19.56 -50.87 20.17
C6 LMT XG . 19.94 -50.69 21.60
C7 LMT XG . 21.41 -50.35 21.69
C8 LMT XG . 21.55 -49.10 22.49
C9 LMT XG . 22.53 -49.21 23.61
C10 LMT XG . 22.72 -47.83 24.18
C11 LMT XG . 23.83 -47.81 25.19
C12 LMT XG . 25.13 -48.22 24.59
MG CHL YG . 4.42 -32.99 43.59
CHA CHL YG . 3.21 -30.17 45.10
CHB CHL YG . 5.27 -31.12 40.87
CHC CHL YG . 5.62 -35.71 42.20
CHD CHL YG . 3.38 -34.81 46.42
NA CHL YG . 4.27 -31.00 43.11
C1A CHL YG . 3.74 -29.97 43.86
C2A CHL YG . 3.79 -28.64 43.12
C3A CHL YG . 4.35 -29.01 41.76
C4A CHL YG . 4.66 -30.48 41.89
CMA CHL YG . 3.70 -28.47 40.49
CAA CHL YG . 4.54 -27.53 43.85
CBA CHL YG . 6.02 -27.38 43.48
CGA CHL YG . 6.94 -28.06 44.44
O1A CHL YG . 6.72 -29.08 45.01
O2A CHL YG . 8.06 -27.36 44.61
NB CHL YG . 5.33 -33.35 41.80
C1B CHL YG . 5.61 -32.46 40.82
C2B CHL YG . 6.27 -33.14 39.77
C3B CHL YG . 6.40 -34.46 40.10
C4B CHL YG . 5.79 -34.59 41.42
CMB CHL YG . 6.75 -32.51 38.50
CAB CHL YG . 7.08 -35.46 39.29
CBB CHL YG . 7.35 -36.90 39.61
NC CHL YG . 4.47 -34.93 44.24
C1C CHL YG . 5.03 -35.89 43.46
C2C CHL YG . 4.92 -37.16 44.18
C3C CHL YG . 4.29 -36.89 45.37
C4C CHL YG . 4.00 -35.50 45.41
CMC CHL YG . 5.37 -38.49 43.81
OMC CHL YG . 5.93 -38.78 42.78
CAC CHL YG . 3.98 -37.89 46.45
CBC CHL YG . 2.50 -38.06 46.69
ND CHL YG . 3.52 -32.67 45.38
C1D CHL YG . 3.13 -33.46 46.42
C2D CHL YG . 2.49 -32.69 47.42
C3D CHL YG . 2.50 -31.39 46.97
C4D CHL YG . 3.13 -31.40 45.71
CMD CHL YG . 1.93 -33.23 48.70
CAD CHL YG . 2.12 -30.03 47.25
OBD CHL YG . 1.54 -29.60 48.23
CBD CHL YG . 2.57 -29.16 46.08
CGD CHL YG . 1.41 -28.38 45.50
O1D CHL YG . 1.43 -27.20 45.23
O2D CHL YG . 0.35 -29.15 45.31
CED CHL YG . -0.83 -28.51 44.78
C1 CHL YG . 9.04 -27.69 45.62
C2 CHL YG . 10.15 -28.45 45.00
C3 CHL YG . 11.31 -27.87 44.75
C4 CHL YG . 11.58 -26.42 45.01
C5 CHL YG . 12.48 -28.66 44.18
C6 CHL YG . 13.30 -29.38 45.23
C7 CHL YG . 14.22 -28.45 46.03
C8 CHL YG . 14.34 -28.77 47.52
C9 CHL YG . 13.08 -29.42 48.06
C10 CHL YG . 15.57 -29.66 47.74
C11 CHL YG . 15.88 -29.95 49.19
C12 CHL YG . 16.13 -28.69 50.01
C13 CHL YG . 16.18 -28.91 51.53
C14 CHL YG . 15.32 -27.88 52.26
C15 CHL YG . 17.55 -29.07 52.19
C16 CHL YG . 17.78 -30.41 52.87
C17 CHL YG . 17.81 -31.58 51.91
C18 CHL YG . 17.93 -32.95 52.54
C19 CHL YG . 16.68 -33.33 53.32
C20 CHL YG . 18.27 -34.01 51.51
C1 PTY ZG . 32.09 -29.96 54.99
C2 PTY ZG . 35.72 -28.90 56.04
C3 PTY ZG . 35.35 -27.43 55.93
O4 PTY ZG . 33.10 -30.77 55.55
C5 PTY ZG . 32.29 -28.97 57.27
C6 PTY ZG . 31.32 -29.29 56.13
O7 PTY ZG . 30.33 -30.17 56.58
C8 PTY ZG . 29.30 -29.58 57.32
O10 PTY ZG . 29.21 -28.40 57.40
C11 PTY ZG . 28.27 -30.47 58.03
C12 PTY ZG . 27.57 -31.35 57.00
C13 PTY ZG . 26.61 -32.30 57.72
C14 PTY ZG . 27.30 -33.65 57.91
C15 PTY ZG . 26.47 -34.53 58.84
C16 PTY ZG . 25.03 -34.64 58.33
C17 PTY ZG . 24.61 -36.10 58.31
C18 PTY ZG . 23.30 -36.28 59.08
C19 PTY ZG . 22.87 -37.74 59.03
C20 PTY ZG . 21.67 -37.96 59.96
C30 PTY ZG . 33.70 -31.63 54.63
C31 PTY ZG . 32.85 -32.69 53.91
O30 PTY ZG . 34.86 -31.56 54.41
C32 PTY ZG . 32.96 -34.02 54.65
C33 PTY ZG . 31.56 -34.52 55.03
C34 PTY ZG . 30.60 -34.32 53.87
C35 PTY ZG . 29.57 -35.44 53.83
C36 PTY ZG . 28.96 -35.63 55.22
C37 PTY ZG . 28.15 -36.93 55.25
C38 PTY ZG . 26.65 -36.60 55.19
C39 PTY ZG . 26.17 -36.68 53.74
C40 PTY ZG . 24.65 -36.60 53.73
C41 PTY ZG . 24.13 -37.20 52.41
P1 PTY ZG . 33.01 -26.52 56.66
O11 PTY ZG . 34.00 -27.31 55.60
O12 PTY ZG . 33.83 -25.61 57.54
O13 PTY ZG . 32.00 -25.70 55.89
O14 PTY ZG . 32.21 -27.62 57.60
N1 PTY ZG . 37.06 -29.12 55.52
C1 LUT AH . 18.26 -23.97 82.61
C2 LUT AH . 19.56 -23.27 82.21
C3 LUT AH . 19.29 -22.02 81.40
C4 LUT AH . 18.54 -22.37 80.12
C5 LUT AH . 17.39 -23.30 80.38
C6 LUT AH . 17.37 -24.16 81.39
C7 LUT AH . 16.47 -25.33 81.35
C8 LUT AH . 15.36 -25.35 82.07
C9 LUT AH . 14.44 -26.51 82.05
C10 LUT AH . 14.93 -27.74 81.82
C11 LUT AH . 14.05 -28.90 81.82
C12 LUT AH . 14.52 -30.08 81.43
C13 LUT AH . 13.66 -31.28 81.47
C14 LUT AH . 14.17 -32.49 81.21
C15 LUT AH . 13.35 -33.68 81.29
C16 LUT AH . 17.54 -23.14 83.65
C17 LUT AH . 18.62 -25.34 83.17
C18 LUT AH . 16.23 -23.28 79.42
C19 LUT AH . 12.99 -26.31 82.32
C20 LUT AH . 12.20 -31.14 81.83
O3 LUT AH . 20.56 -21.45 81.02
C21 LUT AH . 11.73 -46.25 83.11
C22 LUT AH . 10.83 -47.46 83.35
C23 LUT AH . 10.56 -48.23 82.07
C24 LUT AH . 9.78 -47.32 81.15
C25 LUT AH . 10.62 -46.09 80.86
C26 LUT AH . 11.43 -45.55 81.79
C27 LUT AH . 12.37 -44.48 81.35
C28 LUT AH . 12.12 -43.21 81.63
C29 LUT AH . 13.03 -42.11 81.24
C30 LUT AH . 12.81 -40.91 81.78
C31 LUT AH . 13.62 -39.72 81.55
C32 LUT AH . 13.03 -38.53 81.53
C33 LUT AH . 13.81 -37.30 81.34
C34 LUT AH . 13.22 -36.11 81.52
C35 LUT AH . 13.97 -34.86 81.39
C36 LUT AH . 13.18 -46.69 83.08
C37 LUT AH . 11.52 -45.27 84.26
C38 LUT AH . 10.55 -45.47 79.50
C39 LUT AH . 14.16 -42.36 80.30
C40 LUT AH . 15.27 -37.38 80.98
O23 LUT AH . 9.79 -49.40 82.36
C1 LUT BH . 22.70 -32.14 70.30
C2 LUT BH . 23.99 -31.60 70.89
C3 LUT BH . 24.61 -32.56 71.89
C4 LUT BH . 23.62 -32.71 73.04
C5 LUT BH . 22.31 -33.22 72.51
C6 LUT BH . 21.84 -32.85 71.32
C7 LUT BH . 20.43 -33.14 70.93
C8 LUT BH . 19.39 -32.46 71.41
C9 LUT BH . 18.03 -32.79 70.95
C10 LUT BH . 17.03 -31.94 71.21
C11 LUT BH . 15.66 -32.16 70.77
C12 LUT BH . 14.88 -31.08 70.76
C13 LUT BH . 13.46 -31.07 70.34
C14 LUT BH . 12.78 -29.91 70.50
C15 LUT BH . 11.39 -29.76 70.09
C16 LUT BH . 23.05 -33.14 69.21
C17 LUT BH . 21.93 -30.98 69.69
C18 LUT BH . 21.54 -34.17 73.37
C19 LUT BH . 17.76 -34.07 70.22
C20 LUT BH . 12.81 -32.26 69.73
O3 LUT BH . 25.83 -32.01 72.39
C21 LUT BH . 0.32 -23.67 67.79
C22 LUT BH . -1.11 -23.72 67.28
C23 LUT BH . -2.06 -24.30 68.29
C24 LUT BH . -1.64 -25.74 68.56
C25 LUT BH . -0.23 -25.75 69.10
C26 LUT BH . 0.69 -24.84 68.70
C27 LUT BH . 1.94 -24.76 69.49
C28 LUT BH . 3.07 -25.24 68.96
C29 LUT BH . 4.36 -25.19 69.68
C30 LUT BH . 5.40 -25.84 69.13
C31 LUT BH . 6.75 -25.87 69.71
C32 LUT BH . 7.46 -26.97 69.52
C33 LUT BH . 8.84 -27.16 70.02
C34 LUT BH . 9.48 -28.30 69.72
C35 LUT BH . 10.86 -28.54 70.15
C36 LUT BH . 0.54 -22.39 68.57
C37 LUT BH . 1.24 -23.68 66.57
C38 LUT BH . 0.15 -26.81 70.09
C39 LUT BH . 4.51 -24.43 70.96
C40 LUT BH . 9.52 -26.08 70.82
O23 LUT BH . -3.40 -24.32 67.77
C1 LUT CH . 22.08 -42.01 74.79
C2 LUT CH . 23.29 -41.84 75.71
C3 LUT CH . 24.25 -40.76 75.25
C4 LUT CH . 24.75 -41.11 73.86
C5 LUT CH . 23.58 -41.26 72.93
C6 LUT CH . 22.45 -41.84 73.32
C7 LUT CH . 21.51 -42.34 72.29
C8 LUT CH . 21.72 -43.49 71.66
C9 LUT CH . 20.81 -43.99 70.62
C10 LUT CH . 21.03 -45.23 70.15
C11 LUT CH . 20.19 -45.83 69.12
C12 LUT CH . 20.43 -47.10 68.81
C13 LUT CH . 19.62 -47.80 67.78
C14 LUT CH . 19.95 -49.04 67.43
C15 LUT CH . 19.17 -49.77 66.42
C16 LUT CH . 21.03 -40.98 75.14
C17 LUT CH . 21.51 -43.40 75.03
C18 LUT CH . 23.72 -40.74 71.54
C19 LUT CH . 19.67 -43.17 70.10
C20 LUT CH . 18.46 -47.09 67.14
O3 LUT CH . 25.37 -40.73 76.15
C21 LUT CH . 14.77 -60.82 61.76
C22 LUT CH . 14.37 -62.00 60.90
C23 LUT CH . 15.55 -62.88 60.54
C24 LUT CH . 16.49 -62.07 59.67
C25 LUT CH . 16.93 -60.85 60.44
C26 LUT CH . 16.18 -60.31 61.43
C27 LUT CH . 16.92 -59.50 62.43
C28 LUT CH . 16.53 -58.27 62.75
C29 LUT CH . 17.27 -57.46 63.73
C30 LUT CH . 16.97 -56.15 63.85
C31 LUT CH . 17.69 -55.31 64.79
C32 LUT CH . 18.01 -54.06 64.45
C33 LUT CH . 18.73 -53.21 65.41
C34 LUT CH . 18.61 -51.88 65.36
C35 LUT CH . 19.35 -51.08 66.33
C36 LUT CH . 14.77 -61.26 63.22
C37 LUT CH . 13.76 -59.71 61.54
C38 LUT CH . 18.25 -60.22 60.12
C39 LUT CH . 18.34 -58.07 64.57
C40 LUT CH . 19.62 -53.84 66.44
O23 LUT CH . 15.12 -64.05 59.82
C01 QTB DH . 9.67 -41.40 56.92
C02 QTB DH . 9.54 -42.20 55.64
C03 QTB DH . 10.37 -42.06 54.62
C04 QTB DH . 11.54 -41.23 54.36
C05 QTB DH . 12.05 -41.33 53.10
C06 QTB DH . 13.23 -40.56 52.66
C08 QTB DH . 13.76 -39.39 53.47
C09 QTB DH . 8.39 -43.08 55.73
C10 QTB DH . 7.88 -43.32 56.94
C11 QTB DH . 6.75 -44.12 57.35
C12 QTB DH . 5.53 -43.61 57.03
C13 QTB DH . 5.03 -42.33 57.57
C14 QTB DH . 4.54 -44.42 56.30
C15 QTB DH . 4.72 -45.95 56.37
C16 QTB DH . 6.18 -46.36 56.47
C17 QTB DH . 6.92 -45.60 57.56
C18 QTB DH . 8.39 -46.03 57.61
C19 QTB DH . 6.32 -45.85 58.95
O07 QTB DH . 13.80 -40.84 51.62
MG CLA EH . 8.33 -42.67 78.89
CHA CLA EH . 6.41 -45.44 78.23
CHB CLA EH . 6.24 -41.78 81.49
CHC CLA EH . 10.34 -40.13 79.55
CHD CLA EH . 10.44 -43.56 76.19
NA CLA EH . 6.51 -43.51 79.79
C1A CLA EH . 5.88 -44.61 79.37
C2A CLA EH . 4.63 -44.88 80.16
C3A CLA EH . 4.58 -43.70 81.12
C4A CLA EH . 5.84 -42.95 80.82
CMA CLA EH . 3.29 -42.92 81.18
CAA CLA EH . 4.82 -46.13 81.00
CBA CLA EH . 6.26 -46.33 81.50
CGA CLA EH . 6.48 -45.62 82.82
O1A CLA EH . 5.55 -45.50 83.58
O2A CLA EH . 7.68 -45.15 83.12
NB CLA EH . 8.30 -41.20 80.30
C1B CLA EH . 7.37 -40.98 81.28
C2B CLA EH . 7.72 -39.80 82.03
C3B CLA EH . 8.88 -39.34 81.48
C4B CLA EH . 9.23 -40.24 80.38
CMB CLA EH . 6.93 -39.24 83.20
CAB CLA EH . 9.69 -38.16 81.85
CBB CLA EH . 9.92 -37.74 83.28
NC CLA EH . 10.14 -42.00 78.06
C1C CLA EH . 10.78 -40.91 78.44
C2C CLA EH . 11.97 -40.60 77.61
C3C CLA EH . 12.00 -41.61 76.69
C4C CLA EH . 10.86 -42.48 76.97
CMC CLA EH . 12.91 -39.44 77.77
CAC CLA EH . 13.01 -41.79 75.58
CBC CLA EH . 13.97 -42.90 75.95
ND CLA EH . 8.49 -44.09 77.52
C1D CLA EH . 9.32 -44.38 76.49
C2D CLA EH . 8.89 -45.57 75.76
C3D CLA EH . 7.76 -45.96 76.45
C4D CLA EH . 7.53 -45.09 77.49
CMD CLA EH . 9.43 -46.31 74.56
CAD CLA EH . 6.73 -46.98 76.46
OBD CLA EH . 6.60 -47.88 75.65
CBD CLA EH . 5.88 -46.75 77.68
CGD CLA EH . 4.43 -46.62 77.31
O1D CLA EH . 4.11 -45.95 76.34
O2D CLA EH . 3.50 -47.20 78.04
CED CLA EH . 2.71 -48.19 77.39
C1 CLA EH . 7.81 -44.01 84.02
C2 CLA EH . 8.81 -42.90 83.80
C3 CLA EH . 9.52 -42.44 84.85
C4 CLA EH . 9.34 -43.02 86.22
C5 CLA EH . 10.56 -41.34 84.73
C6 CLA EH . 11.85 -41.80 85.40
C7 CLA EH . 12.95 -40.76 85.26
C8 CLA EH . 14.29 -41.41 84.88
C9 CLA EH . 14.62 -42.60 85.75
C10 CLA EH . 15.39 -40.35 84.96
C11 CLA EH . 16.60 -40.76 84.13
C12 CLA EH . 17.76 -39.80 84.34
C13 CLA EH . 18.22 -39.18 83.03
C14 CLA EH . 18.79 -40.24 82.09
C15 CLA EH . 19.24 -38.08 83.30
MG CLA FH . 10.50 -33.22 86.62
CHA CLA FH . 7.75 -34.90 87.86
CHB CLA FH . 12.07 -36.20 85.92
CHC CLA FH . 13.00 -31.49 85.34
CHD CLA FH . 8.87 -30.15 87.37
NA CLA FH . 9.98 -35.34 86.85
C1A CLA FH . 8.85 -35.81 87.38
C2A CLA FH . 8.84 -37.32 87.42
C3A CLA FH . 10.19 -37.69 86.83
C4A CLA FH . 10.80 -36.36 86.50
CMA CLA FH . 11.03 -38.75 87.51
CAA CLA FH . 7.78 -37.87 86.49
CBA CLA FH . 6.75 -38.72 87.22
CGA CLA FH . 7.37 -39.74 88.14
O1A CLA FH . 8.23 -40.48 87.71
O2A CLA FH . 6.95 -39.80 89.39
NB CLA FH . 12.26 -33.76 85.75
C1B CLA FH . 12.75 -35.03 85.57
C2B CLA FH . 14.05 -34.96 84.96
C3B CLA FH . 14.33 -33.64 84.81
C4B CLA FH . 13.17 -32.88 85.31
CMB CLA FH . 14.94 -36.12 84.59
CAB CLA FH . 15.57 -33.09 84.21
CBB CLA FH . 16.16 -31.74 84.55
NC CLA FH . 10.83 -31.16 86.32
C1C CLA FH . 11.97 -30.67 85.84
C2C CLA FH . 12.02 -29.19 85.91
C3C CLA FH . 10.83 -28.84 86.45
C4C CLA FH . 10.10 -30.06 86.71
CMC CLA FH . 13.16 -28.30 85.46
CAC CLA FH . 10.35 -27.44 86.76
CBC CLA FH . 10.82 -27.02 88.14
ND CLA FH . 8.78 -32.58 87.38
C1D CLA FH . 8.21 -31.38 87.67
C2D CLA FH . 6.93 -31.52 88.33
C3D CLA FH . 6.75 -32.89 88.39
C4D CLA FH . 7.86 -33.51 87.82
CMD CLA FH . 5.91 -30.54 88.86
CAD CLA FH . 5.83 -33.91 88.85
OBD CLA FH . 4.81 -33.72 89.47
CBD CLA FH . 6.42 -35.25 88.52
CGD CLA FH . 6.67 -36.00 89.79
O1D CLA FH . 7.50 -35.61 90.60
O2D CLA FH . 5.96 -37.10 90.07
CED CLA FH . 5.14 -37.02 91.23
C1 CLA FH . 6.62 -41.09 89.98
C2 CLA FH . 6.07 -42.22 89.14
C3 CLA FH . 5.16 -43.07 89.64
C4 CLA FH . 4.61 -44.20 88.81
C5 CLA FH . 4.63 -42.96 91.05
MG CLA GH . 15.45 -18.66 78.11
CHA CLA GH . 17.87 -16.25 78.65
CHB CLA GH . 15.68 -19.70 81.39
CHC CLA GH . 13.01 -20.81 77.52
CHD CLA GH . 15.25 -17.60 74.75
NA CLA GH . 16.64 -18.05 79.87
C1A CLA GH . 17.56 -17.09 79.89
C2A CLA GH . 18.21 -16.95 81.23
C3A CLA GH . 17.52 -18.04 82.05
C4A CLA GH . 16.55 -18.65 81.08
CMA CLA GH . 18.36 -18.92 82.97
CAA CLA GH . 17.81 -15.61 81.81
CBA CLA GH . 16.31 -15.41 81.67
CGA CLA GH . 16.03 -14.19 80.83
O1A CLA GH . 16.07 -13.11 81.37
O2A CLA GH . 15.77 -14.33 79.54
NB CLA GH . 14.49 -20.02 79.28
C1B CLA GH . 14.73 -20.34 80.58
C2B CLA GH . 13.86 -21.42 80.99
C3B CLA GH . 13.11 -21.73 79.89
C4B CLA GH . 13.53 -20.83 78.82
CMB CLA GH . 13.84 -22.04 82.38
CAB CLA GH . 12.05 -22.75 79.68
CBB CLA GH . 11.39 -23.54 80.77
NC CLA GH . 14.26 -19.08 76.43
C1C CLA GH . 13.34 -20.02 76.39
C2C CLA GH . 12.71 -20.16 75.06
C3C CLA GH . 13.32 -19.22 74.30
C4C CLA GH . 14.30 -18.55 75.15
CMC CLA GH . 11.62 -21.13 74.67
CAC CLA GH . 13.04 -18.95 72.84
CBC CLA GH . 11.92 -17.95 72.70
ND CLA GH . 16.27 -17.31 76.93
C1D CLA GH . 16.16 -16.95 75.61
C2D CLA GH . 17.09 -15.88 75.25
C3D CLA GH . 17.75 -15.62 76.45
C4D CLA GH . 17.26 -16.47 77.43
CMD CLA GH . 17.39 -15.14 73.98
CAD CLA GH . 18.77 -14.78 77.03
OBD CLA GH . 19.31 -13.83 76.48
CBD CLA GH . 18.79 -15.06 78.50
CGD CLA GH . 20.18 -15.33 78.98
O1D CLA GH . 20.92 -16.11 78.40
O2D CLA GH . 20.64 -14.71 80.07
CED CLA GH . 21.82 -13.94 79.90
C1 CLA GH . 14.40 -14.50 79.07
C2 CLA GH . 13.79 -15.85 78.80
C3 CLA GH . 12.62 -15.93 78.15
C4 CLA GH . 11.88 -14.70 77.70
C5 CLA GH . 11.95 -17.24 77.85
C6 CLA GH . 10.57 -17.29 78.50
C7 CLA GH . 9.75 -18.46 77.99
C8 CLA GH . 9.79 -19.64 78.95
C9 CLA GH . 8.61 -20.58 78.71
C10 CLA GH . 9.80 -19.15 80.40
C11 CLA GH . 10.24 -20.26 81.35
C12 CLA GH . 9.42 -20.24 82.64
C13 CLA GH . 8.53 -21.47 82.73
C14 CLA GH . 7.07 -21.12 82.51
C15 CLA GH . 8.72 -22.13 84.09
C16 CLA GH . 10.14 -22.68 84.24
C17 CLA GH . 10.34 -23.29 85.63
C18 CLA GH . 11.57 -22.71 86.31
C19 CLA GH . 11.19 -21.48 87.14
C20 CLA GH . 12.28 -23.75 87.16
MG CHL HH . 1.14 -29.48 72.05
CHA CHL HH . -2.12 -29.81 72.89
CHB CHL HH . 0.61 -31.65 69.46
CHC CHL HH . 4.29 -29.14 71.24
CHD CHL HH . 1.52 -27.30 74.82
NA CHL HH . -0.47 -30.49 71.31
C1A CHL HH . -1.75 -30.47 71.77
C2A CHL HH . -2.69 -31.32 70.93
C3A CHL HH . -1.76 -32.07 70.03
C4A CHL HH . -0.43 -31.38 70.27
CMA CHL HH . -1.84 -33.58 69.98
CAA CHL HH . -3.70 -30.47 70.16
CBA CHL HH . -3.61 -30.61 68.64
CGA CHL HH . -2.86 -29.48 68.01
O1A CHL HH . -3.29 -28.37 67.86
O2A CHL HH . -1.64 -29.84 67.65
NB CHL HH . 2.27 -30.27 70.54
C1B CHL HH . 1.87 -31.10 69.56
C2B CHL HH . 2.98 -31.36 68.71
C3B CHL HH . 4.06 -30.69 69.17
C4B CHL HH . 3.61 -29.96 70.38
CMB CHL HH . 2.95 -32.24 67.50
CAB CHL HH . 5.36 -30.73 68.50
CBB CHL HH . 6.65 -30.05 68.84
NC CHL HH . 2.63 -28.37 72.92
C1C CHL HH . 3.89 -28.43 72.38
C2C CHL HH . 4.73 -27.58 73.24
C3C CHL HH . 3.94 -27.07 74.23
C4C CHL HH . 2.61 -27.57 74.04
CMC CHL HH . 6.15 -27.28 73.17
OMC CHL HH . 6.92 -27.70 72.33
CAC CHL HH . 4.38 -26.15 75.32
CBC CHL HH . 4.42 -24.71 74.89
ND CHL HH . 0.03 -28.65 73.55
C1D CHL HH . 0.26 -27.82 74.60
C2D CHL HH . -0.94 -27.63 75.35
C3D CHL HH . -1.90 -28.38 74.71
C4D CHL HH . -1.29 -29.00 73.62
CMD CHL HH . -1.06 -26.75 76.56
CAD CHL HH . -3.29 -28.82 74.74
OBD CHL HH . -4.17 -28.51 75.53
CBD CHL HH . -3.48 -29.80 73.60
CGD CHL HH . -3.73 -31.19 74.14
O1D CHL HH . -3.15 -31.69 75.07
O2D CHL HH . -4.66 -31.82 73.43
CED CHL HH . -4.86 -33.21 73.75
C1 CHL HH . -0.69 -28.82 67.29
C2 CHL HH . 0.17 -29.30 66.18
C3 CHL HH . 1.45 -28.95 66.21
C4 CHL HH . 2.07 -28.17 67.34
C5 CHL HH . 2.37 -29.28 65.07
C6 CHL HH . 3.21 -28.08 64.64
C7 CHL HH . 2.39 -26.97 64.01
C8 CHL HH . 3.17 -26.08 63.03
C9 CHL HH . 2.31 -24.92 62.53
C10 CHL HH . 4.43 -25.58 63.74
C11 CHL HH . 4.19 -24.49 64.78
C12 CHL HH . 5.48 -23.88 65.33
C13 CHL HH . 5.29 -22.92 66.49
C14 CHL HH . 4.43 -21.71 66.08
C15 CHL HH . 6.55 -22.47 67.22
MG CLA IH . 10.11 -31.28 64.39
CHA CLA IH . 8.11 -33.38 62.49
CHB CLA IH . 7.54 -28.98 64.59
CHC CLA IH . 12.04 -29.44 66.33
CHD CLA IH . 12.72 -33.66 64.15
NA CLA IH . 8.04 -31.18 63.64
C1A CLA IH . 7.43 -32.10 62.89
C2A CLA IH . 6.04 -31.70 62.52
C3A CLA IH . 5.90 -30.31 63.16
C4A CLA IH . 7.21 -30.12 63.85
CMA CLA IH . 5.41 -29.19 62.26
CAA CLA IH . 5.08 -32.66 63.23
CBA CLA IH . 3.64 -32.15 63.24
CGA CLA IH . 2.93 -32.67 62.03
O1A CLA IH . 3.12 -33.82 61.68
O2A CLA IH . 2.10 -31.88 61.36
NB CLA IH . 9.82 -29.50 65.33
C1B CLA IH . 8.74 -28.68 65.28
C2B CLA IH . 9.00 -27.47 66.02
C3B CLA IH . 10.28 -27.61 66.51
C4B CLA IH . 10.77 -28.90 66.06
CMB CLA IH . 8.04 -26.33 66.20
CAB CLA IH . 11.08 -26.69 67.35
CBB CLA IH . 10.93 -25.19 67.33
NC CLA IH . 12.04 -31.54 65.17
C1C CLA IH . 12.66 -30.64 65.93
C2C CLA IH . 14.05 -31.03 66.26
C3C CLA IH . 14.21 -32.25 65.66
C4C CLA IH . 12.96 -32.56 64.98
CMC CLA IH . 15.03 -30.26 67.10
CAC CLA IH . 15.45 -33.10 65.69
CBC CLA IH . 15.38 -34.00 66.90
ND CLA IH . 10.43 -33.08 63.61
C1D CLA IH . 11.49 -33.92 63.49
C2D CLA IH . 11.19 -35.06 62.64
C3D CLA IH . 9.88 -34.84 62.27
C4D CLA IH . 9.43 -33.66 62.85
CMD CLA IH . 11.96 -36.26 62.16
CAD CLA IH . 8.80 -35.41 61.48
OBD CLA IH . 8.81 -36.51 60.97
CBD CLA IH . 7.59 -34.55 61.68
CGD CLA IH . 7.08 -34.12 60.34
O1D CLA IH . 6.30 -34.83 59.73
O2D CLA IH . 7.47 -32.98 59.79
CED CLA IH . 6.49 -32.28 59.01
C1 CLA IH . 2.37 -31.53 59.96
C2 CLA IH . 3.15 -30.30 59.59
C3 CLA IH . 3.26 -29.93 58.32
C4 CLA IH . 2.63 -30.72 57.21
C5 CLA IH . 4.03 -28.70 57.89
C6 CLA IH . 3.06 -27.70 57.28
C7 CLA IH . 3.71 -26.33 57.11
C8 CLA IH . 3.29 -25.38 58.21
C9 CLA IH . 3.02 -23.98 57.67
C10 CLA IH . 4.36 -25.34 59.29
MG CHL JH . 25.59 -37.10 75.34
CHA CHL JH . 28.91 -36.44 75.02
CHB CHL JH . 25.27 -36.85 71.92
CHC CHL JH . 22.43 -37.74 75.66
CHD CHL JH . 26.07 -37.26 78.86
NA CHL JH . 26.86 -36.73 73.78
C1A CHL JH . 28.22 -36.55 73.85
C2A CHL JH . 28.86 -36.44 72.47
C3A CHL JH . 27.67 -36.41 71.53
C4A CHL JH . 26.50 -36.69 72.45
CMA CHL JH . 27.53 -35.31 70.49
CAA CHL JH . 29.83 -37.61 72.23
CBA CHL JH . 29.63 -38.36 70.94
CGA CHL JH . 29.05 -39.73 71.09
O1A CHL JH . 27.92 -40.05 70.83
O2A CHL JH . 29.96 -40.57 71.57
NB CHL JH . 24.09 -37.26 73.97
C1B CHL JH . 24.12 -37.11 72.63
C2B CHL JH . 22.82 -37.29 72.11
C3B CHL JH . 21.98 -37.54 73.15
C4B CHL JH . 22.80 -37.53 74.35
CMB CHL JH . 22.43 -37.20 70.66
CAB CHL JH . 20.54 -37.75 73.01
CBB CHL JH . 19.53 -38.00 74.10
NC CHL JH . 24.48 -37.46 77.02
C1C CHL JH . 23.15 -37.73 76.86
C2C CHL JH . 22.61 -37.99 78.19
C3C CHL JH . 23.63 -37.86 79.07
C4C CHL JH . 24.82 -37.52 78.36
CMC CHL JH . 21.25 -38.33 78.57
OMC CHL JH . 20.31 -38.45 77.83
CAC CHL JH . 23.55 -38.07 80.56
CBC CHL JH . 23.23 -36.80 81.30
ND CHL JH . 27.08 -36.93 76.72
C1D CHL JH . 27.17 -36.95 78.08
C2D CHL JH . 28.50 -36.66 78.49
C3D CHL JH . 29.22 -36.46 77.33
C4D CHL JH . 28.35 -36.62 76.25
CMD CHL JH . 28.97 -36.57 79.92
CAD CHL JH . 30.53 -36.16 76.77
OBD CHL JH . 31.58 -35.96 77.36
CBD CHL JH . 30.39 -36.14 75.26
CGD CHL JH . 30.85 -34.82 74.65
O1D CHL JH . 30.12 -33.92 74.33
O2D CHL JH . 32.17 -34.79 74.51
CED CHL JH . 32.71 -33.61 73.89
C1 CHL JH . 29.75 -42.01 71.70
C2 CHL JH . 28.72 -42.25 72.75
C3 CHL JH . 28.25 -43.46 72.98
C4 CHL JH . 28.71 -44.69 72.24
C5 CHL JH . 27.20 -43.70 74.04
C6 CHL JH . 26.80 -45.16 74.20
C7 CHL JH . 25.79 -45.37 75.32
C8 CHL JH . 25.33 -46.82 75.51
C9 CHL JH . 26.51 -47.74 75.80
C10 CHL JH . 24.35 -46.81 76.68
MG CLA KH . 2.62 -27.94 87.99
CHA CLA KH . 2.32 -31.36 87.67
CHB CLA KH . 0.16 -27.91 90.41
CHC CLA KH . 3.10 -24.69 88.32
CHD CLA KH . 5.17 -28.01 85.53
NA CLA KH . 1.37 -29.47 88.97
C1A CLA KH . 1.38 -30.78 88.70
C2A CLA KH . 0.37 -31.54 89.52
C3A CLA KH . -0.29 -30.42 90.35
C4A CLA KH . 0.43 -29.19 89.91
CMA CLA KH . -1.81 -30.40 90.50
CAA CLA KH . 1.08 -32.47 90.50
CBA CLA KH . 2.43 -31.93 90.93
CGA CLA KH . 2.81 -32.45 92.30
O1A CLA KH . 2.22 -32.03 93.28
O2A CLA KH . 3.76 -33.37 92.40
NB CLA KH . 1.78 -26.52 89.19
C1B CLA KH . 0.76 -26.67 90.09
C2B CLA KH . 0.42 -25.39 90.66
C3B CLA KH . 1.26 -24.49 90.05
C4B CLA KH . 2.10 -25.24 89.13
CMB CLA KH . -0.65 -25.13 91.69
CAB CLA KH . 1.35 -23.02 90.26
CBB CLA KH . 1.38 -22.41 91.64
NC CLA KH . 3.96 -26.58 87.10
C1C CLA KH . 3.95 -25.27 87.35
C2C CLA KH . 4.91 -24.53 86.51
C3C CLA KH . 5.51 -25.48 85.74
C4C CLA KH . 4.90 -26.76 86.12
CMC CLA KH . 5.17 -23.05 86.54
CAC CLA KH . 6.59 -25.28 84.70
CBC CLA KH . 5.99 -24.71 83.43
ND CLA KH . 3.57 -29.26 86.86
C1D CLA KH . 4.55 -29.22 85.91
C2D CLA KH . 4.82 -30.54 85.35
C3D CLA KH . 3.94 -31.36 86.05
C4D CLA KH . 3.21 -30.60 86.94
CMD CLA KH . 5.77 -31.05 84.30
CAD CLA KH . 3.52 -32.75 86.18
OBD CLA KH . 4.10 -33.71 85.69
CBD CLA KH . 2.49 -32.82 87.27
CGD CLA KH . 1.19 -33.36 86.77
O1D CLA KH . 0.60 -32.81 85.87
O2D CLA KH . 0.65 -34.43 87.33
CED CLA KH . -0.24 -35.18 86.50
C1 CLA KH . 5.07 -33.01 92.94
C2 CLA KH . 6.06 -32.19 92.15
C3 CLA KH . 7.37 -32.21 92.46
C4 CLA KH . 7.87 -33.05 93.60
C5 CLA KH . 8.40 -31.41 91.70
C6 CLA KH . 9.75 -32.13 91.73
C7 CLA KH . 9.89 -33.06 90.53
C8 CLA KH . 11.29 -33.01 89.89
C9 CLA KH . 12.18 -34.11 90.45
C10 CLA KH . 11.92 -31.64 90.08
C11 CLA KH . 13.31 -31.60 89.45
C12 CLA KH . 13.87 -30.19 89.43
C13 CLA KH . 15.31 -30.18 88.92
MG CLA LH . 14.65 -14.29 86.82
CHA CLA LH . 12.97 -12.67 84.26
CHB CLA LH . 14.87 -11.33 88.59
CHC CLA LH . 16.15 -15.95 89.24
CHD CLA LH . 14.40 -17.30 84.99
NA CLA LH . 13.98 -12.20 86.49
C1A CLA LH . 13.35 -11.75 85.41
C2A CLA LH . 13.06 -10.28 85.50
C3A CLA LH . 13.68 -9.89 86.85
C4A CLA LH . 14.21 -11.19 87.36
CMA CLA LH . 14.51 -8.62 86.95
CAA CLA LH . 11.55 -10.06 85.52
CBA CLA LH . 10.96 -10.11 86.91
CGA CLA LH . 10.60 -11.53 87.26
O1A CLA LH . 10.56 -11.86 88.44
O2A CLA LH . 10.34 -12.37 86.29
NB CLA LH . 15.38 -13.73 88.63
C1B CLA LH . 15.41 -12.48 89.19
C2B CLA LH . 16.07 -12.53 90.48
C3B CLA LH . 16.43 -13.83 90.65
C4B CLA LH . 15.99 -14.58 89.47
CMB CLA LH . 16.32 -11.38 91.41
CAB CLA LH . 17.14 -14.40 91.81
CBB CLA LH . 16.57 -15.56 92.59
NC CLA LH . 15.14 -16.31 87.10
C1C CLA LH . 15.78 -16.77 88.16
C2C CLA LH . 16.02 -18.23 88.10
C3C CLA LH . 15.49 -18.60 86.89
C4C CLA LH . 14.95 -17.40 86.27
CMC CLA LH . 16.71 -19.08 89.14
CAC CLA LH . 15.46 -20.00 86.31
CBC CLA LH . 16.83 -20.41 85.84
ND CLA LH . 13.90 -14.94 85.10
C1D CLA LH . 13.86 -16.13 84.44
C2D CLA LH . 13.21 -16.00 83.13
C3D CLA LH . 12.87 -14.65 83.08
C4D CLA LH . 13.29 -14.03 84.26
CMD CLA LH . 12.89 -16.96 82.01
CAD CLA LH . 12.24 -13.65 82.23
OBD CLA LH . 11.90 -13.81 81.07
CBD CLA LH . 12.24 -12.35 82.98
CGD CLA LH . 12.99 -11.29 82.21
O1D CLA LH . 13.82 -11.60 81.39
O2D CLA LH . 12.74 -10.01 82.44
CED CLA LH . 12.90 -9.10 81.36
C1 CLA LH . 9.90 -13.73 86.58
C2 CLA LH . 10.85 -14.80 87.07
C3 CLA LH . 10.64 -16.09 86.80
C4 CLA LH . 11.58 -17.16 87.27
C5 CLA LH . 9.45 -16.58 86.00
C6 CLA LH . 9.71 -16.50 84.50
C7 CLA LH . 8.54 -15.78 83.81
C8 CLA LH . 8.77 -15.65 82.31
C9 CLA LH . 8.75 -14.19 81.90
C10 CLA LH . 7.69 -16.42 81.56
MG CHL MH . -2.26 -19.94 79.80
CHA CHL MH . -3.52 -16.89 80.67
CHB CHL MH . -1.38 -18.65 76.75
CHC CHL MH . -1.02 -22.83 79.02
CHD CHL MH . -3.34 -21.16 82.95
NA CHL MH . -2.41 -18.10 78.91
C1A CHL MH . -2.95 -16.95 79.43
C2A CHL MH . -2.85 -15.79 78.46
C3A CHL MH . -2.40 -16.44 77.18
C4A CHL MH . -2.04 -17.84 77.61
CMA CHL MH . -3.24 -16.30 75.91
CAA CHL MH . -1.88 -14.73 78.97
CBA CHL MH . -0.48 -15.25 79.31
CGA CHL MH . 0.54 -14.17 79.40
O1A CHL MH . 0.50 -13.11 78.81
O2A CHL MH . 1.52 -14.49 80.23
NB CHL MH . -1.30 -20.61 78.14
C1B CHL MH . -1.00 -19.95 77.00
C2B CHL MH . -0.31 -20.83 76.11
C3B CHL MH . -0.21 -22.06 76.74
C4B CHL MH . -0.85 -21.90 78.03
CMB CHL MH . 0.19 -20.45 74.75
CAB CHL MH . 0.38 -23.31 76.23
CBB CHL MH . 1.06 -23.61 74.91
NC CHL MH . -2.20 -21.70 80.85
C1C CHL MH . -1.61 -22.77 80.27
C2C CHL MH . -1.70 -23.87 81.21
C3C CHL MH . -2.37 -23.40 82.31
C4C CHL MH . -2.69 -22.03 82.09
CMC CHL MH . -1.20 -25.23 81.09
OMC CHL MH . -0.60 -25.67 80.13
CAC CHL MH . -2.73 -24.21 83.54
CBC CHL MH . -4.20 -24.49 83.65
ND CHL MH . -3.22 -19.28 81.48
C1D CHL MH . -3.59 -19.83 82.66
C2D CHL MH . -4.25 -18.86 83.47
C3D CHL MH . -4.24 -17.69 82.74
C4D CHL MH . -3.61 -17.97 81.52
CMD CHL MH . -4.80 -19.12 84.84
CAD CHL MH . -4.63 -16.29 82.72
OBD CHL MH . -5.20 -15.65 83.60
CBD CHL MH . -4.18 -15.70 81.40
CGD CHL MH . -5.37 -15.09 80.66
O1D CHL MH . -5.30 -14.18 79.89
O2D CHL MH . -6.49 -15.71 80.98
CED CHL MH . -7.70 -15.23 80.34
C1 CHL MH . 2.63 -13.60 80.53
C2 CHL MH . 2.56 -13.30 81.99
C3 CHL MH . 3.61 -13.45 82.78
C4 CHL MH . 4.96 -13.93 82.29
C5 CHL MH . 3.52 -13.17 84.26
C6 CHL MH . 3.57 -11.69 84.61
C7 CHL MH . 4.96 -11.09 84.46
MG CHL NH . 24.37 -30.74 64.12
CHA CHL NH . 26.44 -28.18 63.31
CHB CHL NH . 22.14 -28.44 65.42
CHC CHL NH . 22.33 -33.17 64.73
CHD CHL NH . 26.82 -32.99 62.85
NA CHL NH . 24.31 -28.70 64.34
C1A CHL NH . 25.26 -27.80 63.90
C2A CHL NH . 24.85 -26.37 64.17
C3A CHL NH . 23.66 -26.52 65.08
C4A CHL NH . 23.33 -27.99 64.97
CMA CHL NH . 23.65 -25.83 66.44
CAA CHL NH . 24.49 -25.62 62.88
CBA CHL NH . 23.26 -26.17 62.16
CGA CHL NH . 22.80 -25.36 61.00
O1A CHL NH . 22.57 -24.17 61.02
O2A CHL NH . 22.67 -26.10 59.92
NB CHL NH . 22.49 -30.77 64.94
C1B CHL NH . 21.73 -29.76 65.39
C2B CHL NH . 20.48 -30.29 65.82
C3B CHL NH . 20.49 -31.65 65.61
C4B CHL NH . 21.80 -31.96 65.06
CMB CHL NH . 19.35 -29.48 66.39
CAB CHL NH . 19.35 -32.52 65.87
CBB CHL NH . 19.21 -33.99 65.57
NC CHL NH . 24.59 -32.76 63.83
C1C CHL NH . 23.56 -33.56 64.19
C2C CHL NH . 23.98 -34.93 63.93
C3C CHL NH . 25.26 -34.87 63.45
C4C CHL NH . 25.65 -33.50 63.35
CMC CHL NH . 23.25 -36.18 64.09
OMC CHL NH . 22.12 -36.26 64.51
CAC CHL NH . 26.13 -36.06 63.10
CBC CHL NH . 25.83 -36.64 61.74
ND CHL NH . 26.23 -30.72 63.28
C1D CHL NH . 27.11 -31.64 62.80
C2D CHL NH . 28.27 -30.99 62.30
C3D CHL NH . 28.06 -29.64 62.47
C4D CHL NH . 26.80 -29.49 63.07
CMD CHL NH . 29.45 -31.70 61.70
CAD CHL NH . 28.60 -28.30 62.27
OBD CHL NH . 29.66 -28.00 61.75
CBD CHL NH . 27.60 -27.31 62.81
CGD CHL NH . 28.26 -26.48 63.92
O1D CHL NH . 28.64 -26.91 64.96
O2D CHL NH . 28.36 -25.20 63.55
CED CHL NH . 29.01 -24.33 64.50
C1 CHL NH . 22.20 -25.59 58.64
C2 CHL NH . 20.85 -26.15 58.40
MG CLA OH . 11.79 -48.49 69.48
CHA CLA OH . 11.90 -45.54 71.26
CHB CLA OH . 15.22 -48.79 69.70
CHC CLA OH . 11.56 -51.37 67.87
CHD CLA OH . 8.26 -48.21 69.34
NA CLA OH . 13.41 -47.30 70.39
C1A CLA OH . 13.26 -46.15 71.06
C2A CLA OH . 14.57 -45.58 71.51
C3A CLA OH . 15.58 -46.61 71.00
C4A CLA OH . 14.73 -47.64 70.32
CMA CLA OH . 16.86 -46.14 70.32
CAA CLA OH . 14.61 -45.49 73.04
CBA CLA OH . 15.13 -46.75 73.71
CGA CLA OH . 13.97 -47.61 74.18
O1A CLA OH . 13.91 -48.77 73.83
O2A CLA OH . 13.05 -47.07 74.96
NB CLA OH . 13.17 -49.86 68.89
C1B CLA OH . 14.53 -49.82 69.04
C2B CLA OH . 15.13 -50.98 68.43
C3B CLA OH . 14.08 -51.70 67.91
C4B CLA OH . 12.86 -50.97 68.21
CMB CLA OH . 16.60 -51.29 68.40
CAB CLA OH . 14.08 -52.99 67.18
CBB CLA OH . 15.21 -53.40 66.25
NC CLA OH . 10.17 -49.61 68.74
C1C CLA OH . 10.31 -50.76 68.09
C2C CLA OH . 9.01 -51.31 67.63
C3C CLA OH . 8.09 -50.41 68.07
C4C CLA OH . 8.82 -49.35 68.75
CMC CLA OH . 8.80 -52.60 66.88
CAC CLA OH . 6.60 -50.50 67.86
CBC CLA OH . 5.98 -51.37 68.93
ND CLA OH . 10.37 -47.28 70.12
C1D CLA OH . 9.01 -47.20 70.00
C2D CLA OH . 8.48 -45.98 70.59
C3D CLA OH . 9.61 -45.34 71.08
C4D CLA OH . 10.73 -46.13 70.79
CMD CLA OH . 7.10 -45.39 70.72
CAD CLA OH . 10.05 -44.14 71.78
OBD CLA OH . 9.37 -43.15 71.96
CBD CLA OH . 11.53 -44.25 71.98
CGD CLA OH . 12.25 -43.11 71.31
O1D CLA OH . 12.35 -43.06 70.10
O2D CLA OH . 12.81 -42.16 72.04
CED CLA OH . 12.35 -40.83 71.79
C1 CLA OH . 13.34 -46.82 76.37
C2 CLA OH . 14.48 -47.51 77.07
C3 CLA OH . 14.32 -48.09 78.27
C4 CLA OH . 13.00 -48.08 78.99
C5 CLA OH . 15.45 -48.79 78.98
MG CLA PH . 11.96 -39.91 62.76
CHA CLA PH . 8.69 -38.97 63.36
CHB CLA PH . 10.95 -42.04 60.25
CHC CLA PH . 15.14 -40.62 62.19
CHD CLA PH . 12.99 -37.75 65.36
NA CLA PH . 10.02 -40.46 61.86
C1A CLA PH . 8.83 -40.00 62.25
C2A CLA PH . 7.70 -40.61 61.46
C3A CLA PH . 8.45 -41.58 60.52
C4A CLA PH . 9.89 -41.36 60.87
CMA CLA PH . 7.94 -43.00 60.39
CAA CLA PH . 6.95 -39.54 60.69
CBA CLA PH . 7.01 -39.68 59.17
CGA CLA PH . 8.01 -38.70 58.61
O1A CLA PH . 9.11 -38.64 59.11
O2A CLA PH . 7.66 -37.94 57.59
NB CLA PH . 12.90 -41.12 61.42
C1B CLA PH . 12.33 -41.93 60.48
C2B CLA PH . 13.36 -42.67 59.77
C3B CLA PH . 14.53 -42.26 60.34
C4B CLA PH . 14.22 -41.29 61.37
CMB CLA PH . 13.15 -43.65 58.66
CAB CLA PH . 15.91 -42.68 59.99
CBB CLA PH . 16.42 -42.57 58.57
NC CLA PH . 13.78 -39.24 63.59
C1C CLA PH . 14.97 -39.68 63.22
C2C CLA PH . 16.08 -39.06 64.00
C3C CLA PH . 15.45 -38.23 64.88
C4C CLA PH . 14.01 -38.35 64.62
CMC CLA PH . 17.54 -39.32 63.83
CAC CLA PH . 16.10 -37.33 65.90
CBC CLA PH . 16.61 -38.13 67.08
ND CLA PH . 11.16 -38.67 64.07
C1D CLA PH . 11.62 -37.84 65.06
C2D CLA PH . 10.53 -37.12 65.72
C3D CLA PH . 9.39 -37.57 65.04
C4D CLA PH . 9.78 -38.49 64.06
CMD CLA PH . 10.46 -36.13 66.84
CAD CLA PH . 7.95 -37.44 65.01
OBD CLA PH . 7.32 -36.57 65.58
CBD CLA PH . 7.45 -38.29 63.88
CGD CLA PH . 6.44 -39.28 64.38
O1D CLA PH . 6.63 -39.90 65.41
O2D CLA PH . 5.34 -39.50 63.68
CED CLA PH . 4.11 -39.10 64.29
C1 CLA PH . 8.59 -36.94 57.06
C2 CLA PH . 9.07 -35.79 57.90
C3 CLA PH . 9.67 -34.73 57.33
C4 CLA PH . 9.88 -34.64 55.86
C5 CLA PH . 10.16 -33.55 58.15
C6 CLA PH . 11.54 -33.85 58.74
C7 CLA PH . 12.53 -32.74 58.36
C8 CLA PH . 13.16 -32.09 59.58
C9 CLA PH . 14.24 -32.97 60.20
C10 CLA PH . 12.10 -31.73 60.60
C11 CLA PH . 11.34 -30.48 60.18
C12 CLA PH . 10.17 -30.20 61.12
MG CHL QH . 25.85 -39.96 67.67
CHA CHL QH . 27.48 -42.93 68.19
CHB CHL QH . 22.86 -41.65 67.69
CHC CHL QH . 24.34 -37.12 67.25
CHD CHL QH . 29.02 -38.37 67.59
NA CHL QH . 25.29 -41.93 67.90
C1A CHL QH . 26.12 -43.04 68.06
C2A CHL QH . 25.32 -44.33 68.09
C3A CHL QH . 23.87 -43.89 67.92
C4A CHL QH . 23.99 -42.39 67.81
CMA CHL QH . 22.92 -44.65 67.00
CAA CHL QH . 25.53 -45.22 69.33
CBA CHL QH . 24.81 -44.77 70.59
CGA CHL QH . 24.07 -45.88 71.25
O1A CHL QH . 23.76 -45.91 72.42
O2A CHL QH . 23.77 -46.84 70.39
NB CHL QH . 23.88 -39.48 67.52
C1B CHL QH . 22.79 -40.28 67.58
C2B CHL QH . 21.63 -39.47 67.48
C3B CHL QH . 22.01 -38.16 67.38
C4B CHL QH . 23.47 -38.17 67.39
CMB CHL QH . 20.22 -39.98 67.48
CAB CHL QH . 21.09 -37.02 67.34
CBB CHL QH . 21.43 -35.56 67.35
NC CHL QH . 26.61 -38.07 67.45
C1C CHL QH . 25.73 -37.05 67.26
C2C CHL QH . 26.52 -35.84 67.04
C3C CHL QH . 27.84 -36.20 67.09
C4C CHL QH . 27.91 -37.61 67.37
CMC CHL QH . 26.09 -34.47 66.84
OMC CHL QH . 24.94 -34.10 66.80
CAC CHL QH . 29.01 -35.31 66.80
CBC CHL QH . 29.95 -35.15 67.96
ND CHL QH . 27.83 -40.43 67.83
C1D CHL QH . 28.99 -39.72 67.86
C2D CHL QH . 30.10 -40.59 68.13
C3D CHL QH . 29.56 -41.85 68.26
C4D CHL QH . 28.17 -41.74 68.09
CMD CHL QH . 31.52 -40.14 68.28
CAD CHL QH . 29.85 -43.25 68.51
OBD CHL QH . 30.93 -43.77 68.72
CBD CHL QH . 28.54 -44.00 68.45
CGD CHL QH . 28.59 -45.07 67.37
O1D CHL QH . 28.74 -44.87 66.20
O2D CHL QH . 28.48 -46.29 67.90
CED CHL QH . 28.52 -47.40 66.98
MG CLA RH . 11.36 -10.56 70.96
CHA CLA RH . 13.59 -12.98 69.87
CHB CLA RH . 11.60 -8.93 67.94
CHC CLA RH . 9.16 -8.38 72.07
CHD CLA RH . 11.15 -12.26 74.05
NA CLA RH . 12.47 -10.90 69.07
C1A CLA RH . 13.32 -11.92 68.83
C2A CLA RH . 13.93 -11.83 67.46
C3A CLA RH . 13.29 -10.55 66.89
C4A CLA RH . 12.40 -10.09 68.01
CMA CLA RH . 14.15 -9.56 66.13
CAA CLA RH . 13.47 -13.01 66.61
CBA CLA RH . 11.97 -13.26 66.77
CGA CLA RH . 11.51 -14.22 65.70
O1A CLA RH . 12.10 -14.27 64.64
O2A CLA RH . 10.46 -14.98 65.96
NB CLA RH . 10.51 -8.92 70.13
C1B CLA RH . 10.72 -8.38 68.90
C2B CLA RH . 9.93 -7.18 68.73
C3B CLA RH . 9.26 -7.04 69.91
C4B CLA RH . 9.62 -8.15 70.78
CMB CLA RH . 9.88 -6.29 67.53
CAB CLA RH . 8.29 -5.99 70.32
CBB CLA RH . 7.17 -5.54 69.40
NC CLA RH . 10.27 -10.40 72.74
C1C CLA RH . 9.44 -9.40 73.01
C2C CLA RH . 8.85 -9.51 74.37
C3C CLA RH . 9.39 -10.64 74.89
C4C CLA RH . 10.28 -11.19 73.88
CMC CLA RH . 7.86 -8.57 75.01
CAC CLA RH . 9.12 -11.21 76.27
CBC CLA RH . 8.37 -12.51 76.15
ND CLA RH . 12.10 -12.18 71.82
C1D CLA RH . 11.99 -12.78 73.04
C2D CLA RH . 12.82 -13.96 73.16
C3D CLA RH . 13.45 -14.03 71.92
C4D CLA RH . 13.00 -12.97 71.13
CMD CLA RH . 13.06 -14.94 74.27
CAD CLA RH . 14.38 -14.82 71.15
OBD CLA RH . 15.12 -15.67 71.60
CBD CLA RH . 14.50 -14.19 69.79
CGD CLA RH . 15.93 -13.77 69.59
O1D CLA RH . 16.47 -13.02 70.38
O2D CLA RH . 16.61 -14.24 68.55
CED CLA RH . 17.61 -15.21 68.85
C1 CLA RH . 9.13 -14.54 65.54
O1 LHG SH . -4.98 -25.76 89.56
C1 LHG SH . -4.51 -25.58 88.22
C2 LHG SH . -3.05 -26.00 88.13
O2 LHG SH . -2.27 -24.91 87.64
C3 LHG SH . -2.92 -27.20 87.19
O3 LHG SH . -2.15 -26.87 86.04
P LHG SH . -0.56 -26.98 86.04
O4 LHG SH . -0.02 -26.05 87.10
O5 LHG SH . -0.19 -28.44 86.08
O6 LHG SH . -0.12 -26.39 84.61
C4 LHG SH . 0.55 -25.13 84.56
C5 LHG SH . 1.93 -25.26 83.91
C6 LHG SH . 2.32 -26.73 83.78
O7 LHG SH . 1.93 -24.64 82.62
C7 LHG SH . 2.20 -23.33 82.68
O9 LHG SH . 3.10 -22.93 83.41
C8 LHG SH . 1.39 -22.36 81.86
C9 LHG SH . 1.63 -20.93 82.35
C10 LHG SH . 0.76 -19.94 81.57
O8 LHG SH . 3.46 -26.83 82.93
C23 LHG SH . 3.36 -27.41 81.73
O10 LHG SH . 2.31 -27.94 81.41
C24 LHG SH . 4.54 -27.41 80.80
C11 LHG SH . 1.58 -19.19 80.54
C12 LHG SH . 2.91 -18.71 81.12
C25 LHG SH . 4.18 -26.57 79.57
C26 LHG SH . 4.57 -25.12 79.77
C27 LHG SH . 3.44 -24.19 79.37
C28 LHG SH . 3.95 -22.79 79.07
C29 LHG SH . 3.66 -22.39 77.62
C30 LHG SH . 3.82 -20.89 77.41
C31 LHG SH . 4.39 -20.58 76.04
C32 LHG SH . 5.91 -20.45 76.11
C33 LHG SH . 6.40 -19.44 75.06
C34 LHG SH . 6.46 -18.04 75.65
C1 PTY TH . 7.33 -56.86 67.00
C2 PTY TH . 6.22 -55.66 72.34
C3 PTY TH . 5.01 -55.29 71.49
O4 PTY TH . 7.26 -58.09 66.35
C5 PTY TH . 6.38 -57.66 69.18
C6 PTY TH . 7.60 -57.05 68.49
O7 PTY TH . 7.90 -55.81 69.08
C8 PTY TH . 8.93 -55.85 70.01
O10 PTY TH . 9.03 -56.75 70.77
C11 PTY TH . 9.95 -54.70 70.05
C12 PTY TH . 11.27 -55.22 70.60
C13 PTY TH . 12.38 -54.20 70.29
C14 PTY TH . 13.16 -53.89 71.56
C15 PTY TH . 14.40 -53.06 71.20
C16 PTY TH . 14.90 -52.30 72.43
C17 PTY TH . 16.25 -51.68 72.10
C18 PTY TH . 16.53 -50.52 73.06
C19 PTY TH . 18.01 -50.14 72.99
C20 PTY TH . 18.24 -48.85 73.76
C30 PTY TH . 8.31 -58.32 65.46
C31 PTY TH . 9.68 -58.79 65.96
O30 PTY TH . 8.15 -58.16 64.30
C32 PTY TH . 10.68 -57.63 65.87
C33 PTY TH . 11.77 -57.83 66.92
C34 PTY TH . 13.13 -57.47 66.32
C35 PTY TH . 14.24 -57.98 67.24
C36 PTY TH . 14.85 -56.81 68.00
C37 PTY TH . 16.29 -57.16 68.40
C38 PTY TH . 17.15 -55.91 68.36
C39 PTY TH . 17.22 -55.28 69.74
C40 PTY TH . 18.56 -54.55 69.91
C41 PTY TH . 18.81 -54.28 71.39
P1 PTY TH . 4.59 -55.73 68.92
O11 PTY TH . 5.43 -55.05 70.17
O12 PTY TH . 3.13 -55.86 69.30
O13 PTY TH . 4.72 -54.84 67.71
O14 PTY TH . 5.20 -57.22 68.56
N1 PTY TH . 5.93 -55.41 73.73
C1 PLM UH . 7.69 -53.86 58.85
O2 PLM UH . 7.06 -54.94 58.66
C2 PLM UH . 7.93 -52.89 57.70
C3 PLM UH . 9.30 -53.16 57.08
C4 PLM UH . 10.32 -53.35 58.20
C5 PLM UH . 11.65 -53.81 57.61
C6 PLM UH . 12.31 -52.63 56.88
C7 PLM UH . 13.67 -52.35 57.50
C8 PLM UH . 14.30 -51.15 56.81
C9 PLM UH . 15.70 -50.91 57.37
CA PLM UH . 16.48 -50.02 56.40
CB PLM UH . 17.88 -49.76 56.96
CC PLM UH . 18.77 -49.18 55.87
CD PLM UH . 19.99 -48.53 56.50
CE PLM UH . 20.81 -47.82 55.42
CF PLM UH . 21.90 -48.76 54.91
CG PLM UH . 23.26 -48.07 55.05
C1 OLA VH . 32.00 -23.97 60.98
O1 OLA VH . 31.47 -22.92 61.44
O2 OLA VH . 33.22 -23.98 60.68
C2 OLA VH . 31.16 -25.23 60.80
C3 OLA VH . 29.69 -24.86 60.61
C4 OLA VH . 29.47 -24.34 59.20
C5 OLA VH . 28.00 -24.53 58.81
C6 OLA VH . 27.63 -26.00 58.92
C7 OLA VH . 26.38 -26.29 58.09
C8 OLA VH . 25.90 -27.70 58.38
C9 OLA VH . 25.40 -27.79 59.82
C10 OLA VH . 24.68 -28.80 60.24
C11 OLA VH . 24.31 -29.94 59.29
C12 OLA VH . 24.05 -31.21 60.09
C13 OLA VH . 22.55 -31.39 60.31
C14 OLA VH . 22.17 -32.82 59.94
C15 OLA VH . 21.87 -33.62 61.21
C16 OLA VH . 20.41 -33.46 61.60
C17 OLA VH . 19.71 -34.81 61.51
C18 OLA VH . 18.24 -34.66 61.87
C1 LUT WH . -25.03 69.18 -18.35
C2 LUT WH . -23.53 69.43 -18.39
C3 LUT WH . -22.74 68.35 -19.12
C4 LUT WH . -23.02 67.03 -18.44
C5 LUT WH . -24.49 66.74 -18.53
C6 LUT WH . -25.40 67.71 -18.35
C7 LUT WH . -26.83 67.35 -18.17
C8 LUT WH . -27.29 66.94 -16.99
C9 LUT WH . -28.70 66.57 -16.79
C10 LUT WH . -29.09 66.21 -15.57
C11 LUT WH . -30.46 65.84 -15.22
C12 LUT WH . -30.70 65.70 -13.93
C13 LUT WH . -32.03 65.36 -13.37
C14 LUT WH . -32.18 65.44 -12.04
C15 LUT WH . -33.44 65.15 -11.37
C16 LUT WH . -25.69 69.83 -19.56
C17 LUT WH . -25.56 69.84 -17.09
C18 LUT WH . -24.93 65.34 -18.82
C19 LUT WH . -29.66 66.61 -17.95
C20 LUT WH . -33.17 64.97 -14.26
O3 LUT WH . -21.34 68.65 -18.98
C21 LUT WH . -41.92 65.06 -1.93
C22 LUT WH . -43.33 64.74 -1.46
C23 LUT WH . -43.33 63.52 -0.57
C24 LUT WH . -42.95 62.33 -1.43
C25 LUT WH . -41.59 62.58 -2.02
C26 LUT WH . -41.15 63.82 -2.34
C27 LUT WH . -39.73 63.95 -2.72
C28 LUT WH . -39.37 64.17 -3.98
C29 LUT WH . -37.95 64.31 -4.37
C30 LUT WH . -37.67 64.86 -5.55
C31 LUT WH . -36.32 65.07 -6.06
C32 LUT WH . -36.13 64.93 -7.37
C33 LUT WH . -34.82 65.13 -8.00
C34 LUT WH . -34.76 65.15 -9.34
C35 LUT WH . -33.52 65.39 -10.06
C36 LUT WH . -41.15 65.72 -0.80
C37 LUT WH . -42.03 66.04 -3.09
C38 LUT WH . -40.69 61.41 -2.25
C39 LUT WH . -36.86 63.84 -3.45
C40 LUT WH . -33.58 65.33 -7.17
O23 LUT WH . -44.62 63.30 0.00
C1 LUT XH . -20.59 60.44 -5.23
C2 LUT XH . -19.56 61.54 -5.40
C3 LUT XH . -20.02 62.85 -4.78
C4 LUT XH . -21.29 63.31 -5.49
C5 LUT XH . -22.32 62.21 -5.52
C6 LUT XH . -22.00 60.91 -5.54
C7 LUT XH . -23.01 59.88 -5.86
C8 LUT XH . -23.45 59.69 -7.10
C9 LUT XH . -24.44 58.65 -7.40
C10 LUT XH . -24.73 58.40 -8.69
C11 LUT XH . -25.66 57.38 -9.12
C12 LUT XH . -25.51 56.99 -10.39
C13 LUT XH . -26.30 55.94 -11.06
C14 LUT XH . -26.23 55.85 -12.39
C15 LUT XH . -26.95 54.82 -13.13
C16 LUT XH . -20.55 59.91 -3.81
C17 LUT XH . -20.21 59.31 -6.18
C18 LUT XH . -23.76 62.63 -5.53
C19 LUT XH . -25.09 57.86 -6.31
C20 LUT XH . -27.13 54.98 -10.25
O3 LUT XH . -19.01 63.84 -5.01
C21 LUT XH . -30.53 46.84 -22.24
C22 LUT XH . -31.44 45.67 -22.60
C23 LUT XH . -32.59 46.19 -23.46
C24 LUT XH . -33.47 47.05 -22.58
C25 LUT XH . -32.64 48.17 -21.99
C26 LUT XH . -31.31 48.05 -21.78
C27 LUT XH . -30.58 49.31 -21.48
C28 LUT XH . -30.04 49.53 -20.28
C29 LUT XH . -29.31 50.77 -19.99
C30 LUT XH . -28.64 50.87 -18.84
C31 LUT XH . -27.88 52.04 -18.42
C32 LUT XH . -27.92 52.34 -17.13
C33 LUT XH . -27.21 53.46 -16.49
C34 LUT XH . -27.30 53.56 -15.16
C35 LUT XH . -26.62 54.61 -14.40
C36 LUT XH . -29.74 47.24 -23.48
C37 LUT XH . -29.56 46.34 -21.17
C38 LUT XH . -33.33 49.45 -21.60
C39 LUT XH . -29.31 51.91 -20.97
C40 LUT XH . -26.44 54.45 -17.30
O23 LUT XH . -33.35 45.11 -24.01
C1 BCR YH . -31.37 47.77 17.72
C2 BCR YH . -31.37 46.75 18.85
C3 BCR YH . -32.62 45.89 18.83
C4 BCR YH . -33.85 46.77 18.99
C5 BCR YH . -33.83 47.94 18.04
C6 BCR YH . -32.69 48.51 17.67
C7 BCR YH . -32.75 49.92 17.22
C8 BCR YH . -32.54 50.26 15.96
C9 BCR YH . -32.59 51.61 15.42
C10 BCR YH . -31.52 52.07 14.56
C11 BCR YH . -31.24 52.68 13.31
C33 BCR YH . -35.14 48.45 17.51
C31 BCR YH . -31.16 47.08 16.39
C32 BCR YH . -30.26 48.78 17.98
C34 BCR YH . -33.73 52.52 15.75
C12 BCR YH . -30.96 53.19 12.25
C13 BCR YH . -30.96 54.17 11.23
C14 BCR YH . -30.19 53.90 10.14
C15 BCR YH . -30.03 54.77 9.02
C16 BCR YH . -29.93 54.94 7.69
C17 BCR YH . -29.71 56.09 7.14
C18 BCR YH . -29.48 56.33 5.83
C19 BCR YH . -29.20 57.70 5.35
C20 BCR YH . -29.09 58.58 4.38
C21 BCR YH . -28.80 59.86 3.81
C22 BCR YH . -28.28 60.11 2.60
C23 BCR YH . -28.02 61.52 2.24
C24 BCR YH . -27.11 61.99 1.15
C25 BCR YH . -26.95 63.44 0.96
C26 BCR YH . -27.78 64.12 0.19
C27 BCR YH . -27.87 65.63 0.30
C28 BCR YH . -26.53 66.29 0.58
C29 BCR YH . -25.37 65.37 0.93
C30 BCR YH . -25.80 64.13 1.70
C35 BCR YH . -31.76 55.43 11.34
C36 BCR YH . -29.48 55.20 4.86
C37 BCR YH . -27.94 59.00 1.65
C38 BCR YH . -28.68 63.44 -0.80
C39 BCR YH . -26.22 64.48 3.12
C40 BCR YH . -24.61 63.18 1.74
C1 BCR ZH . -36.05 58.44 9.23
C2 BCR ZH . -37.35 58.21 9.99
C3 BCR ZH . -38.58 58.19 9.09
C4 BCR ZH . -38.41 57.12 8.03
C5 BCR ZH . -37.10 57.23 7.30
C6 BCR ZH . -36.09 57.95 7.80
C7 BCR ZH . -34.91 58.25 6.95
C8 BCR ZH . -34.87 59.13 5.96
C9 BCR ZH . -33.72 59.42 5.13
C10 BCR ZH . -33.87 59.67 3.71
C11 BCR ZH . -33.81 60.65 2.68
C33 BCR ZH . -36.95 56.49 6.00
C31 BCR ZH . -34.92 57.71 9.93
C32 BCR ZH . -35.76 59.93 9.20
C34 BCR ZH . -32.35 59.43 5.74
C12 BCR ZH . -33.80 61.45 1.79
C13 BCR ZH . -33.21 62.34 0.84
C14 BCR ZH . -34.02 63.25 0.23
C15 BCR ZH . -33.60 64.22 -0.74
C16 BCR ZH . -33.84 65.40 -1.34
C17 BCR ZH . -33.12 65.89 -2.31
C18 BCR ZH . -33.48 66.85 -3.18
C19 BCR ZH . -32.60 67.36 -4.25
C20 BCR ZH . -32.26 68.40 -5.00
C21 BCR ZH . -31.63 69.23 -5.98
C22 BCR ZH . -31.89 70.53 -6.24
C23 BCR ZH . -31.16 71.26 -7.29
C24 BCR ZH . -29.86 71.97 -7.13
C25 BCR ZH . -29.26 72.67 -8.28
C26 BCR ZH . -28.98 72.05 -9.42
C27 BCR ZH . -29.31 72.74 -10.71
C28 BCR ZH . -28.91 74.21 -10.69
C29 BCR ZH . -28.19 74.62 -9.40
C30 BCR ZH . -28.94 74.16 -8.16
C35 BCR ZH . -31.75 62.26 0.54
C36 BCR ZH . -34.86 67.44 -3.05
C37 BCR ZH . -32.94 71.24 -5.44
C38 BCR ZH . -28.37 70.67 -9.46
C39 BCR ZH . -30.24 74.94 -7.98
C40 BCR ZH . -28.01 74.38 -6.97
C1 BCR AI . -14.31 57.39 -26.51
C2 BCR AI . -14.95 56.55 -27.61
C3 BCR AI . -16.24 57.16 -28.11
C4 BCR AI . -17.22 57.26 -26.96
C5 BCR AI . -16.62 57.96 -25.77
C6 BCR AI . -15.33 57.81 -25.47
C7 BCR AI . -14.85 58.11 -24.10
C8 BCR AI . -15.12 57.33 -23.05
C9 BCR AI . -14.68 57.56 -21.69
C10 BCR AI . -14.95 56.57 -20.67
C11 BCR AI . -15.75 56.24 -19.54
C33 BCR AI . -17.51 58.85 -24.95
C31 BCR AI . -13.70 58.64 -27.11
C32 BCR AI . -13.22 56.57 -25.82
C34 BCR AI . -13.94 58.81 -21.35
C12 BCR AI . -16.42 55.90 -18.59
C13 BCR AI . -16.70 55.67 -17.22
C14 BCR AI . -17.80 54.93 -16.91
C15 BCR AI . -18.24 54.56 -15.61
C16 BCR AI . -19.20 54.01 -14.84
C17 BCR AI . -19.10 53.85 -13.55
C18 BCR AI . -19.87 53.06 -12.76
C19 BCR AI . -19.67 52.94 -11.31
C20 BCR AI . -19.72 52.16 -10.24
C21 BCR AI . -19.61 51.69 -8.89
C22 BCR AI . -20.34 50.73 -8.29
C23 BCR AI . -20.06 50.38 -6.89
C24 BCR AI . -20.19 51.28 -5.70
C25 BCR AI . -19.87 50.80 -4.34
C26 BCR AI . -20.86 50.49 -3.52
C27 BCR AI . -20.59 50.45 -2.03
C28 BCR AI . -19.46 51.40 -1.66
C29 BCR AI . -18.20 51.25 -2.51
C30 BCR AI . -18.41 50.65 -3.89
C35 BCR AI . -15.83 56.23 -16.14
C36 BCR AI . -20.96 52.26 -13.42
C37 BCR AI . -21.40 49.99 -9.05
C38 BCR AI . -22.26 50.22 -3.99
C39 BCR AI . -18.01 49.18 -3.92
C40 BCR AI . -17.50 51.40 -4.85
C1 RRX BI . -24.76 76.14 -36.48
C2 RRX BI . -24.00 77.23 -37.46
O2 RRX BI . -37.30 56.67 -21.80
C3 RRX BI . -22.74 77.52 -37.05
C40 RRX BI . -36.20 61.39 -22.09
C30 RRX BI . -35.53 60.00 -21.95
C39 RRX BI . -34.72 59.98 -20.64
C29 RRX BI . -36.72 58.87 -21.84
C28 RRX BI . -36.22 57.59 -21.89
C27 RRX BI . -35.39 57.32 -23.31
C26 RRX BI . -34.38 58.30 -23.58
C38 RRX BI . -33.37 58.02 -24.70
C25 RRX BI . -34.61 59.81 -23.06
C24 RRX BI . -33.45 60.84 -23.22
C23 RRX BI . -33.20 61.48 -24.39
C22 RRX BI . -32.04 62.49 -24.45
C37 RRX BI . -30.91 62.39 -23.41
C21 RRX BI . -31.98 63.45 -25.42
C20 RRX BI . -30.77 64.44 -25.41
C19 RRX BI . -30.40 65.23 -26.46
C18 RRX BI . -29.16 66.13 -26.14
C36 RRX BI . -28.62 66.11 -24.71
C17 RRX BI . -28.51 66.93 -27.04
C16 RRX BI . -28.81 67.14 -28.53
C15 RRX BI . -27.87 67.95 -29.14
C14 RRX BI . -27.79 68.41 -30.61
C13 RRX BI . -27.53 69.74 -30.77
C35 RRX BI . -27.37 70.60 -29.49
C12 RRX BI . -27.38 70.44 -32.14
C11 RRX BI . -26.21 71.14 -32.26
C10 RRX BI . -25.72 71.98 -33.46
C9 RRX BI . -25.65 71.62 -34.77
C34 RRX BI . -26.11 70.27 -35.25
C8 RRX BI . -25.08 72.66 -35.78
C7 RRX BI . -24.59 73.84 -35.30
C6 RRX BI . -23.98 74.93 -36.23
C32 RRX BI . -25.05 76.84 -35.09
C31 RRX BI . -26.11 75.74 -37.13
C5 RRX BI . -22.39 75.08 -36.24
C33 RRX BI . -21.52 73.88 -35.86
C4 RRX BI . -21.80 76.16 -36.99
MG CLA CI . -40.15 60.11 -5.89
CHA CLA CI . -42.72 58.53 -4.19
CHB CLA CI . -42.39 61.33 -8.20
CHC CLA CI . -37.67 61.73 -7.30
CHD CLA CI . -37.87 58.74 -3.56
NA CLA CI . -42.33 59.97 -6.18
C1A CLA CI . -43.18 59.27 -5.42
C2A CLA CI . -44.59 59.37 -5.92
C3A CLA CI . -44.44 60.18 -7.21
C4A CLA CI . -42.98 60.54 -7.21
CMA CLA CI . -44.99 59.50 -8.44
CAA CLA CI . -45.37 60.19 -4.91
CBA CLA CI . -45.89 61.56 -5.40
CGA CLA CI . -44.87 62.67 -5.25
O1A CLA CI . -44.43 62.95 -4.16
O2A CLA CI . -44.49 63.32 -6.34
NB CLA CI . -40.04 61.36 -7.49
C1B CLA CI . -41.05 61.72 -8.34
C2B CLA CI . -40.52 62.57 -9.38
C3B CLA CI . -39.18 62.67 -9.13
C4B CLA CI . -38.90 61.89 -7.92
CMB CLA CI . -41.32 63.18 -10.51
CAB CLA CI . -38.14 63.41 -9.87
CBB CLA CI . -38.38 64.76 -10.51
NC CLA CI . -38.10 60.28 -5.45
C1C CLA CI . -37.26 60.96 -6.19
C2C CLA CI . -35.86 60.82 -5.74
C3C CLA CI . -35.93 60.00 -4.65
C4C CLA CI . -37.34 59.65 -4.48
CMC CLA CI . -34.63 61.47 -6.33
CAC CLA CI . -34.78 59.52 -3.78
CBC CLA CI . -34.78 60.27 -2.47
ND CLA CI . -40.18 58.97 -4.27
C1D CLA CI . -39.25 58.43 -3.43
C2D CLA CI . -39.84 57.52 -2.46
C3D CLA CI . -41.19 57.57 -2.76
C4D CLA CI . -41.38 58.43 -3.84
CMD CLA CI . -39.29 56.67 -1.35
CAD CLA CI . -42.48 57.05 -2.37
OBD CLA CI . -42.69 56.05 -1.70
CBD CLA CI . -43.53 57.81 -3.14
CGD CLA CI . -44.54 56.90 -3.75
O1D CLA CI . -44.21 55.97 -4.45
O2D CLA CI . -45.84 57.13 -3.54
CED CLA CI . -46.68 55.98 -3.45
C1 CLA CI . -43.22 64.04 -6.42
C2 CLA CI . -43.11 65.55 -6.34
C3 CLA CI . -42.06 66.18 -6.91
C4 CLA CI . -40.97 65.42 -7.60
C5 CLA CI . -41.87 67.67 -6.87
C6 CLA CI . -40.80 68.01 -5.84
C7 CLA CI . -39.54 68.59 -6.48
C8 CLA CI . -38.72 69.35 -5.43
C9 CLA CI . -37.47 69.95 -6.05
C10 CLA CI . -38.36 68.40 -4.29
C11 CLA CI . -38.18 69.16 -2.99
C12 CLA CI . -38.30 68.22 -1.80
C13 CLA CI . -37.76 68.85 -0.52
C14 CLA CI . -36.75 67.92 0.16
C15 CLA CI . -38.93 69.18 0.41
C16 CLA CI . -38.53 69.13 1.88
C17 CLA CI . -39.68 69.58 2.78
C18 CLA CI . -41.00 68.95 2.35
C19 CLA CI . -41.28 67.69 3.15
C20 CLA CI . -42.14 69.96 2.49
MG CLA DI . -37.22 68.17 -14.35
CHA CLA DI . -40.57 67.70 -15.09
CHB CLA DI . -37.92 68.17 -10.98
CHC CLA DI . -33.99 68.48 -13.76
CHD CLA DI . -36.53 68.15 -17.82
NA CLA DI . -39.04 67.95 -13.13
C1A CLA DI . -40.28 67.78 -13.61
C2A CLA DI . -41.31 67.72 -12.51
C3A CLA DI . -40.45 67.87 -11.24
C4A CLA DI . -39.06 68.00 -11.78
CMA CLA DI . -40.88 68.85 -10.15
CAA CLA DI . -42.01 66.37 -12.50
CBA CLA DI . -42.93 66.22 -11.29
CGA CLA DI . -44.18 67.06 -11.46
O1A CLA DI . -44.86 67.31 -10.48
O2A CLA DI . -44.51 67.48 -12.66
NB CLA DI . -36.13 68.29 -12.64
C1B CLA DI . -36.57 68.31 -11.35
C2B CLA DI . -35.46 68.48 -10.44
C3B CLA DI . -34.35 68.58 -11.25
C4B CLA DI . -34.79 68.45 -12.63
CMB CLA DI . -35.57 68.55 -8.94
CAB CLA DI . -32.92 68.76 -10.90
CBB CLA DI . -32.34 68.61 -9.51
NC CLA DI . -35.52 68.20 -15.59
C1C CLA DI . -34.30 68.45 -15.14
C2C CLA DI . -33.31 68.65 -16.23
C3C CLA DI . -34.05 68.51 -17.37
C4C CLA DI . -35.43 68.24 -16.96
CMC CLA DI . -31.84 68.95 -16.09
CAC CLA DI . -33.56 68.64 -18.79
CBC CLA DI . -33.59 70.10 -19.20
ND CLA DI . -38.19 67.97 -16.06
C1D CLA DI . -37.87 67.98 -17.39
C2D CLA DI . -39.03 67.84 -18.24
C3D CLA DI . -40.07 67.72 -17.33
C4D CLA DI . -39.56 67.80 -16.04
CMD CLA DI . -39.25 67.79 -19.73
CAD CLA DI . -41.51 67.55 -17.25
OBD CLA DI . -42.28 67.56 -18.19
CBD CLA DI . -41.89 67.55 -15.80
CGD CLA DI . -42.77 68.74 -15.54
O1D CLA DI . -43.98 68.65 -15.68
O2D CLA DI . -42.25 69.90 -15.18
CED CLA DI . -42.89 70.56 -14.10
C1 CLA DI . -45.83 68.05 -12.88
MG CHL EI . -21.64 64.44 -23.12
CHA CHL EI . -18.90 66.23 -24.13
CHB CHL EI . -23.44 67.33 -23.13
CHC CHL EI . -24.25 62.68 -22.22
CHD CHL EI . -19.58 61.58 -23.06
NA CHL EI . -21.22 66.39 -23.57
C1A CHL EI . -20.07 66.93 -24.07
C2A CHL EI . -20.21 68.37 -24.46
C3A CHL EI . -21.57 68.74 -23.92
C4A CHL EI . -22.16 67.41 -23.50
CMA CHL EI . -21.73 69.96 -23.00
CAA CHL EI . -20.11 68.50 -25.98
CBA CHL EI . -20.99 67.52 -26.74
CGA CHL EI . -20.26 66.32 -27.28
O1A CHL EI . -19.21 66.35 -27.86
O2A CHL EI . -20.94 65.21 -27.05
NB CHL EI . -23.57 64.94 -22.73
C1B CHL EI . -24.12 66.18 -22.74
C2B CHL EI . -25.47 66.08 -22.34
C3B CHL EI . -25.76 64.77 -22.07
C4B CHL EI . -24.52 64.02 -22.32
CMB CHL EI . -26.41 67.23 -22.19
CAB CHL EI . -27.07 64.33 -21.61
CBB CHL EI . -27.51 62.95 -21.24
NC CHL EI . -21.85 62.44 -22.72
C1C CHL EI . -23.08 61.94 -22.43
C2C CHL EI . -22.91 60.48 -22.31
C3C CHL EI . -21.60 60.20 -22.53
C4C CHL EI . -20.92 61.42 -22.81
CMC CHL EI . -23.85 59.42 -22.03
OMC CHL EI . -25.03 59.57 -21.82
CAC CHL EI . -20.97 58.83 -22.49
CBC CHL EI . -21.01 58.13 -23.82
ND CHL EI . -19.70 63.91 -23.51
C1D CHL EI . -18.97 62.78 -23.35
C2D CHL EI . -17.60 63.02 -23.60
C3D CHL EI . -17.51 64.36 -23.93
C4D CHL EI . -18.81 64.88 -23.86
CMD CHL EI . -16.51 62.01 -23.46
CAD CHL EI . -16.63 65.46 -24.34
OBD CHL EI . -15.43 65.41 -24.54
CBD CHL EI . -17.49 66.70 -24.49
CGD CHL EI . -16.99 67.81 -23.57
O1D CHL EI . -16.91 67.72 -22.38
O2D CHL EI . -16.66 68.89 -24.26
CED CHL EI . -16.19 70.02 -23.49
C1 CHL EI . -20.50 63.91 -27.54
C2 CHL EI . -21.04 62.85 -26.64
C3 CHL EI . -22.33 62.54 -26.60
C4 CHL EI . -23.37 63.22 -27.45
C5 CHL EI . -22.85 61.48 -25.67
C6 CHL EI . -23.46 60.26 -26.36
C7 CHL EI . -24.94 60.40 -26.70
C8 CHL EI . -25.88 60.66 -25.52
C9 CHL EI . -26.25 62.14 -25.41
C10 CHL EI . -27.11 59.82 -25.83
C11 CHL EI . -28.31 60.10 -24.92
C12 CHL EI . -29.53 59.31 -25.36
C13 CHL EI . -29.26 57.83 -25.60
C14 CHL EI . -30.25 57.24 -26.61
C15 CHL EI . -29.13 56.94 -24.36
C16 CHL EI . -27.85 56.13 -24.30
C17 CHL EI . -27.63 55.43 -22.96
C18 CHL EI . -26.41 54.55 -22.86
C19 CHL EI . -25.14 55.30 -23.21
C20 CHL EI . -26.30 53.93 -21.49
MG CHL FI . -34.81 50.68 -18.70
CHA CHL FI . -37.68 49.52 -20.10
CHB CHL FI . -34.97 48.11 -16.44
CHC CHL FI . -32.05 51.81 -17.34
CHD CHL FI . -34.88 53.33 -21.02
NA CHL FI . -36.08 49.11 -18.37
C1A CHL FI . -37.17 48.74 -19.11
C2A CHL FI . -37.77 47.45 -18.64
C3A CHL FI . -37.11 47.22 -17.31
C4A CHL FI . -35.97 48.21 -17.34
CMA CHL FI . -37.96 47.06 -16.06
CAA CHL FI . -37.58 46.30 -19.66
CBA CHL FI . -36.25 46.27 -20.42
CGA CHL FI . -35.00 46.30 -19.60
O1A CHL FI . -34.26 47.24 -19.55
O2A CHL FI . -34.82 45.17 -18.92
NB CHL FI . -33.66 50.03 -17.14
C1B CHL FI . -33.88 48.95 -16.35
C2B CHL FI . -32.83 48.86 -15.40
C3B CHL FI . -31.97 49.89 -15.60
C4B CHL FI . -32.51 50.66 -16.74
CMB CHL FI . -32.70 47.79 -14.36
CAB CHL FI . -30.78 50.07 -14.76
CBB CHL FI . -29.73 51.14 -14.80
NC CHL FI . -33.66 52.30 -19.17
C1C CHL FI . -32.54 52.57 -18.42
C2C CHL FI . -31.96 53.79 -18.98
C3C CHL FI . -32.75 54.19 -20.01
C4C CHL FI . -33.83 53.26 -20.13
CMC CHL FI . -30.79 54.56 -18.59
OMC CHL FI . -30.04 54.29 -17.68
CAC CHL FI . -32.54 55.40 -20.88
CBC CHL FI . -31.86 55.07 -22.19
ND CHL FI . -35.94 51.35 -20.26
C1D CHL FI . -35.91 52.42 -21.10
C2D CHL FI . -37.04 52.40 -21.96
C3D CHL FI . -37.78 51.29 -21.61
C4D CHL FI . -37.09 50.66 -20.57
CMD CHL FI . -37.33 53.42 -23.02
CAD CHL FI . -38.97 50.50 -21.87
OBD CHL FI . -39.85 50.71 -22.69
CBD CHL FI . -38.97 49.32 -20.91
CGD CHL FI . -40.23 49.31 -20.04
O1D CHL FI . -41.28 48.85 -20.37
O2D CHL FI . -39.98 49.86 -18.86
CED CHL FI . -41.09 49.87 -17.94
C1 CHL FI . -33.85 44.78 -17.91
C2 CHL FI . -32.70 45.72 -17.90
C3 CHL FI . -31.52 45.42 -17.36
C4 CHL FI . -31.20 44.10 -16.73
C5 CHL FI . -30.41 46.44 -17.32
C6 CHL FI . -29.04 45.86 -17.67
C7 CHL FI . -27.91 46.88 -17.48
C8 CHL FI . -26.54 46.43 -17.97
C9 CHL FI . -26.46 44.92 -18.18
C10 CHL FI . -26.27 47.19 -19.27
C11 CHL FI . -24.80 47.31 -19.65
C12 CHL FI . -24.55 48.23 -20.83
C13 CHL FI . -24.89 49.69 -20.59
C14 CHL FI . -26.03 50.16 -21.50
C15 CHL FI . -23.73 50.68 -20.61
C16 CHL FI . -22.70 50.47 -19.50
C17 CHL FI . -21.53 51.44 -19.56
C18 CHL FI . -20.50 51.31 -18.46
C19 CHL FI . -19.34 52.27 -18.65
C20 CHL FI . -20.01 49.88 -18.32
MG CLA GI . -25.72 49.35 -10.94
CHA CLA GI . -27.31 46.64 -9.50
CHB CLA GI . -26.54 48.20 -14.09
CHC CLA GI . -24.35 52.07 -12.20
CHD CLA GI . -24.86 50.49 -7.71
NA CLA GI . -26.83 47.61 -11.73
C1A CLA GI . -27.37 46.63 -11.01
C2A CLA GI . -28.00 45.57 -11.86
C3A CLA GI . -27.73 46.09 -13.29
C4A CLA GI . -27.00 47.38 -13.05
CMA CLA GI . -27.17 45.13 -14.33
CAA CLA GI . -29.51 45.60 -11.61
CBA CLA GI . -30.29 44.77 -12.62
CGA CLA GI . -30.28 43.34 -12.18
O1A CLA GI . -30.60 43.07 -11.03
O2A CLA GI . -29.95 42.40 -13.05
NB CLA GI . -25.50 50.04 -12.85
C1B CLA GI . -25.85 49.42 -14.01
C2B CLA GI . -25.42 50.22 -15.14
C3B CLA GI . -24.81 51.31 -14.59
C4B CLA GI . -24.86 51.18 -13.14
CMB CLA GI . -25.64 49.87 -16.58
CAB CLA GI . -24.16 52.47 -15.25
CBB CLA GI . -23.44 52.37 -16.58
NC CLA GI . -24.82 51.04 -10.08
C1C CLA GI . -24.28 52.02 -10.79
C2C CLA GI . -23.61 53.03 -9.95
C3C CLA GI . -23.80 52.59 -8.67
C4C CLA GI . -24.55 51.34 -8.76
CMC CLA GI . -22.90 54.28 -10.41
CAC CLA GI . -23.30 53.25 -7.41
CBC CLA GI . -24.32 54.28 -6.98
ND CLA GI . -26.01 48.83 -9.06
C1D CLA GI . -25.57 49.28 -7.84
C2D CLA GI . -25.92 48.34 -6.77
C3D CLA GI . -26.59 47.33 -7.44
C4D CLA GI . -26.64 47.62 -8.79
CMD CLA GI . -25.66 48.31 -5.28
CAD CLA GI . -27.25 46.07 -7.21
OBD CLA GI . -27.47 45.56 -6.12
CBD CLA GI . -27.91 45.67 -8.49
CGD CLA GI . -27.58 44.24 -8.83
O1D CLA GI . -26.43 43.86 -8.88
O2D CLA GI . -28.55 43.38 -9.07
CED CLA GI . -28.67 42.26 -8.18
C1 CLA GI . -29.63 41.04 -12.60
C2 CLA GI . -28.37 40.72 -11.84
C3 CLA GI . -27.63 39.68 -12.24
C4 CLA GI . -28.02 38.86 -13.42
C5 CLA GI . -26.35 39.26 -11.55
C6 CLA GI . -25.87 40.35 -10.60
C7 CLA GI . -25.85 39.85 -9.17
C8 CLA GI . -24.55 40.16 -8.43
C9 CLA GI . -23.74 41.25 -9.14
C10 CLA GI . -23.73 38.89 -8.29
C11 CLA GI . -22.56 39.09 -7.34
C12 CLA GI . -22.97 38.95 -5.88
C13 CLA GI . -23.17 37.48 -5.50
C14 CLA GI . -24.59 37.24 -5.03
C15 CLA GI . -22.16 37.11 -4.42
C16 CLA GI . -21.26 35.96 -4.87
C17 CLA GI . -19.80 36.38 -4.87
C18 CLA GI . -19.19 36.28 -3.47
C19 CLA GI . -19.17 34.84 -3.00
C20 CLA GI . -17.80 36.91 -3.44
MG CLA HI . -23.73 66.41 -2.06
CHA CLA HI . -21.03 68.20 -0.87
CHB CLA HI . -22.15 63.45 -1.28
CHC CLA HI . -26.41 64.81 -3.08
CHD CLA HI . -25.33 69.46 -2.84
NA CLA HI . -21.80 65.87 -1.16
C1A CLA HI . -20.86 66.72 -0.77
C2A CLA HI . -19.64 66.00 -0.25
C3A CLA HI . -20.01 64.53 -0.43
C4A CLA HI . -21.40 64.59 -0.98
CMA CLA HI . -19.05 63.71 -1.25
CAA CLA HI . -19.49 66.32 1.24
CBA CLA HI . -20.38 65.45 2.13
CGA CLA HI . -20.92 66.24 3.28
O1A CLA HI . -20.17 66.71 4.11
O2A CLA HI . -22.23 66.40 3.38
NB CLA HI . -24.21 64.44 -2.15
C1B CLA HI . -23.45 63.36 -1.81
C2B CLA HI . -24.16 62.14 -2.09
C3B CLA HI . -25.37 62.53 -2.60
C4B CLA HI . -25.37 63.99 -2.64
CMB CLA HI . -23.65 60.74 -1.84
CAB CLA HI . -26.51 61.70 -3.06
CBB CLA HI . -26.31 60.44 -3.87
NC CLA HI . -25.59 67.04 -2.81
C1C CLA HI . -26.54 66.21 -3.19
C2C CLA HI . -27.73 66.89 -3.74
C3C CLA HI . -27.41 68.22 -3.65
C4C CLA HI . -26.07 68.31 -3.07
CMC CLA HI . -28.99 66.25 -4.24
CAC CLA HI . -28.29 69.38 -4.07
CBC CLA HI . -29.04 69.90 -2.87
ND CLA HI . -23.39 68.36 -1.92
C1D CLA HI . -24.04 69.50 -2.26
C2D CLA HI . -23.23 70.69 -1.98
C3D CLA HI . -22.07 70.17 -1.44
C4D CLA HI . -22.17 68.78 -1.40
CMD CLA HI . -23.44 72.16 -2.17
CAD CLA HI . -20.78 70.55 -0.90
OBD CLA HI . -20.35 71.69 -0.80
CBD CLA HI . -20.07 69.31 -0.47
CGD CLA HI . -18.78 69.16 -1.23
O1D CLA HI . -18.67 69.55 -2.38
O2D CLA HI . -17.73 68.57 -0.65
CED CLA HI . -16.57 69.38 -0.50
C1 CLA HI . -22.87 66.74 4.64
C2 CLA HI . -23.49 65.71 5.54
C3 CLA HI . -24.73 65.91 6.02
C4 CLA HI . -25.51 67.15 5.67
C5 CLA HI . -25.43 64.92 6.93
C6 CLA HI . -26.05 65.66 8.10
C7 CLA HI . -26.90 64.72 8.96
C8 CLA HI . -26.56 64.86 10.43
C9 CLA HI . -25.59 63.77 10.87
C10 CLA HI . -27.84 64.81 11.26
C11 CLA HI . -28.21 66.19 11.79
C12 CLA HI . -29.36 66.08 12.79
C13 CLA HI . -30.10 67.41 12.93
C14 CLA HI . -31.31 67.24 13.85
C15 CLA HI . -30.50 67.93 11.55
C16 CLA HI . -31.76 68.79 11.61
C17 CLA HI . -31.42 70.27 11.60
C18 CLA HI . -32.05 70.97 10.41
C19 CLA HI . -33.57 71.00 10.54
C20 CLA HI . -31.50 72.39 10.25
MG CLA II . -40.00 65.03 -23.12
CHA CLA II . -41.95 64.53 -20.31
CHB CLA II . -42.81 65.31 -25.08
CHC CLA II . -38.03 65.62 -25.71
CHD CLA II . -37.11 64.73 -21.09
NA CLA II . -42.17 64.93 -22.75
C1A CLA II . -42.76 64.72 -21.58
C2A CLA II . -44.25 64.67 -21.69
C3A CLA II . -44.49 64.91 -23.19
C4A CLA II . -43.09 65.07 -23.73
CMA CLA II . -45.48 64.03 -23.94
CAA CLA II . -44.90 65.82 -20.93
CBA CLA II . -44.12 67.11 -21.14
CGA CLA II . -44.76 68.21 -20.33
O1A CLA II . -45.13 67.97 -19.19
O2A CLA II . -44.89 69.40 -20.86
NB CLA II . -40.37 65.41 -25.08
C1B CLA II . -41.57 65.47 -25.71
C2B CLA II . -41.37 65.73 -27.12
C3B CLA II . -40.02 65.80 -27.29
C4B CLA II . -39.40 65.60 -25.98
CMB CLA II . -42.47 65.86 -28.15
CAB CLA II . -39.23 66.05 -28.52
CBB CLA II . -39.70 66.99 -29.62
NC CLA II . -37.91 65.22 -23.35
C1C CLA II . -37.32 65.40 -24.51
C2C CLA II . -35.84 65.38 -24.42
C3C CLA II . -35.59 65.15 -23.10
C4C CLA II . -36.89 65.05 -22.43
CMC CLA II . -34.85 65.56 -25.54
CAC CLA II . -34.22 65.03 -22.45
CBC CLA II . -33.84 66.35 -21.83
ND CLA II . -39.53 64.72 -21.21
C1D CLA II . -38.38 64.60 -20.49
C2D CLA II . -38.66 64.33 -19.08
C3D CLA II . -40.05 64.31 -19.03
C4D CLA II . -40.55 64.54 -20.30
CMD CLA II . -37.79 64.11 -17.87
CAD CLA II . -41.15 64.11 -18.11
OBD CLA II . -41.06 64.02 -16.90
CBD CLA II . -42.43 64.33 -18.88
CGD CLA II . -43.33 63.14 -18.77
O1D CLA II . -42.87 62.01 -18.67
O2D CLA II . -44.65 63.29 -18.77
CED CLA II . -45.40 62.51 -17.86
C1 CLA II . -43.73 70.28 -20.95
C2 CLA II . -42.60 70.11 -19.98
C3 CLA II . -42.00 71.17 -19.41
C4 CLA II . -42.44 72.58 -19.72
C5 CLA II . -40.87 71.01 -18.43
C6 CLA II . -39.55 71.39 -19.09
C7 CLA II . -38.96 72.64 -18.45
C8 CLA II . -38.10 72.31 -17.25
C9 CLA II . -38.88 72.50 -15.95
C10 CLA II . -36.86 73.18 -17.27
C11 CLA II . -35.60 72.38 -16.95
C12 CLA II . -34.85 72.96 -15.76
C13 CLA II . -34.67 71.91 -14.67
C14 CLA II . -36.02 71.42 -14.18
C15 CLA II . -33.80 72.46 -13.54
C16 CLA II . -34.63 73.09 -12.43
C17 CLA II . -34.45 72.35 -11.11
C18 CLA II . -35.64 72.59 -10.19
C19 CLA II . -36.86 71.81 -10.65
C20 CLA II . -35.30 72.26 -8.75
MG CHL JI . -24.14 71.51 -29.05
CHA CHL JI . -22.97 68.71 -30.49
CHB CHL JI . -22.91 73.32 -31.75
CHC CHL JI . -25.31 74.17 -27.68
CHD CHL JI . -25.31 69.51 -26.33
NA CHL JI . -23.14 71.09 -30.79
C1A CHL JI . -22.79 69.84 -31.22
C2A CHL JI . -22.12 69.87 -32.58
C3A CHL JI . -21.89 71.33 -32.83
C4A CHL JI . -22.69 71.99 -31.73
CMA CHL JI . -20.48 71.82 -33.14
CAA CHL JI . -23.00 69.21 -33.65
CBA CHL JI . -22.41 69.22 -35.05
NB CHL JI . -24.11 73.46 -29.65
C1B CHL JI . -23.61 74.03 -30.77
C2B CHL JI . -23.89 75.42 -30.74
C3B CHL JI . -24.56 75.70 -29.57
C4B CHL JI . -24.71 74.42 -28.88
CMB CHL JI . -23.50 76.41 -31.79
CAB CHL JI . -25.03 77.02 -29.17
CBB CHL JI . -25.79 77.41 -27.92
NC CHL JI . -25.13 71.74 -27.28
C1C CHL JI . -25.49 73.01 -26.93
C2C CHL JI . -26.17 72.93 -25.64
C3C CHL JI . -26.17 71.62 -25.28
C4C CHL JI . -25.51 70.86 -26.29
CMC CHL JI . -26.75 73.99 -24.84
OMC CHL JI . -26.77 75.17 -25.13
CAC CHL JI . -26.76 71.06 -24.01
CBC CHL JI . -25.73 70.69 -23.01
ND CHL JI . -24.19 69.57 -28.43
C1D CHL JI . -24.65 68.87 -27.37
C2D CHL JI . -24.38 67.48 -27.53
C3D CHL JI . -23.71 67.36 -28.74
C4D CHL JI . -23.61 68.65 -29.28
CMD CHL JI . -24.75 66.40 -26.55
CAD CHL JI . -23.07 66.46 -29.69
OBD CHL JI . -22.96 65.25 -29.62
CBD CHL JI . -22.55 67.27 -30.83
CGD CHL JI . -21.04 67.10 -30.93
O1D CHL JI . -20.23 67.93 -30.64
O2D CHL JI . -20.74 65.89 -31.39
CED CHL JI . -19.32 65.61 -31.52
MG CLA KI . -13.63 54.54 -3.94
CHA CLA KI . -15.88 55.01 -1.36
CHB CLA KI . -10.99 54.70 -1.72
CHC CLA KI . -11.58 53.95 -6.45
CHD CLA KI . -16.35 54.45 -6.19
NA CLA KI . -13.43 54.82 -1.76
C1A CLA KI . -14.44 54.99 -0.90
C2A CLA KI . -13.94 55.20 0.51
C3A CLA KI . -12.43 55.13 0.35
C4A CLA KI . -12.24 54.85 -1.11
CMA CLA KI . -11.61 56.24 0.98
CAA CLA KI . -14.36 54.06 1.42
CBA CLA KI . -14.63 52.75 0.68
CGA CLA KI . -13.74 51.66 1.22
O1A CLA KI . -13.31 51.74 2.36
O2A CLA KI . -13.45 50.64 0.43
NB CLA KI . -11.61 54.34 -4.06
C1B CLA KI . -10.67 54.46 -3.07
C2B CLA KI . -9.36 54.29 -3.61
C3B CLA KI . -9.53 54.09 -4.96
C4B CLA KI . -10.97 54.12 -5.22
CMB CLA KI . -8.07 54.36 -2.83
CAB CLA KI . -8.53 53.87 -6.03
CBB CLA KI . -7.26 53.09 -5.79
NC CLA KI . -13.93 54.16 -5.98
C1C CLA KI . -12.94 54.01 -6.84
C2C CLA KI . -13.41 53.91 -8.24
C3C CLA KI . -14.76 54.01 -8.14
C4C CLA KI . -15.08 54.18 -6.73
CMC CLA KI . -12.56 53.74 -9.47
CAC CLA KI . -15.75 53.98 -9.28
CBC CLA KI . -16.29 52.57 -9.43
ND CLA KI . -15.61 54.67 -3.90
C1D CLA KI . -16.61 54.63 -4.82
C2D CLA KI . -17.92 54.84 -4.21
C3D CLA KI . -17.62 54.98 -2.85
C4D CLA KI . -16.24 54.87 -2.69
CMD CLA KI . -19.33 54.90 -4.73
CAD CLA KI . -18.23 55.21 -1.56
OBD CLA KI . -19.42 55.20 -1.32
CBD CLA KI . -17.14 55.17 -0.53
CGD CLA KI . -17.04 56.46 0.22
O1D CLA KI . -16.69 57.47 -0.35
O2D CLA KI . -17.31 56.52 1.52
CED CLA KI . -17.69 57.79 2.03
C1 CLA KI . -14.50 49.74 0.00
C2 CLA KI . -15.18 48.79 0.95
C3 CLA KI . -15.90 47.76 0.50
C4 CLA KI . -16.57 46.81 1.45
C5 CLA KI . -16.09 47.49 -0.97
C6 CLA KI . -17.44 46.83 -1.23
C7 CLA KI . -17.33 45.75 -2.30
C8 CLA KI . -18.57 45.70 -3.18
C9 CLA KI . -19.44 44.50 -2.84
C10 CLA KI . -18.14 45.65 -4.65
C11 CLA KI . -19.26 46.18 -5.56
C12 CLA KI . -19.67 45.14 -6.58
MG CHL LI . -36.02 53.42 2.69
CHA CHL LI . -35.47 54.99 -0.25
CHB CHL LI . -33.68 55.49 4.15
CHC CHL LI . -36.59 51.93 5.51
CHD CHL LI . -38.42 51.38 1.03
NA CHL LI . -34.80 54.93 2.05
C1A CHL LI . -34.80 55.51 0.81
C2A CHL LI . -33.93 56.73 0.75
C3A CHL LI . -33.16 56.69 2.04
C4A CHL LI . -33.91 55.63 2.83
CMA CHL LI . -31.64 56.67 2.03
CAA CHL LI . -34.82 57.97 0.64
CBA CHL LI . -35.96 58.00 1.65
CGA CHL LI . -37.15 58.83 1.25
O1A CHL LI . -38.22 58.79 1.77
O2A CHL LI . -36.85 59.65 0.26
NB CHL LI . -35.22 53.68 4.54
C1B CHL LI . -34.31 54.58 4.97
C2B CHL LI . -34.10 54.39 6.36
C3B CHL LI . -34.89 53.37 6.78
C4B CHL LI . -35.62 52.91 5.61
CMB CHL LI . -33.21 55.21 7.23
CAB CHL LI . -34.90 52.90 8.17
CBB CHL LI . -35.71 51.78 8.76
NC CHL LI . -37.30 51.89 3.15
C1C CHL LI . -37.34 51.46 4.44
C2C CHL LI . -38.36 50.41 4.50
C3C CHL LI . -38.88 50.29 3.25
C4C CHL LI . -38.22 51.21 2.38
CMC CHL LI . -38.77 49.59 5.62
OMC CHL LI . -38.34 49.66 6.75
CAC CHL LI . -40.01 49.37 2.86
CBC CHL LI . -41.37 49.98 3.09
ND CHL LI . -36.84 53.14 0.84
C1D CHL LI . -37.73 52.30 0.27
C2D CHL LI . -37.84 52.56 -1.13
C3D CHL LI . -36.97 53.59 -1.38
C4D CHL LI . -36.36 53.95 -0.17
CMD CHL LI . -38.73 51.82 -2.08
CAD CHL LI . -36.43 54.48 -2.40
OBD CHL LI . -36.67 54.49 -3.59
CBD CHL LI . -35.46 55.43 -1.72
CGD CHL LI . -34.09 55.37 -2.37
O1D CHL LI . -33.30 54.48 -2.21
O2D CHL LI . -33.88 56.43 -3.14
CED CHL LI . -32.59 56.48 -3.80
C1 CHL LI . -37.79 60.63 -0.25
C2 CHL LI . -37.76 61.80 0.67
C3 CHL LI . -38.81 62.14 1.41
C4 CHL LI . -40.12 61.40 1.40
C5 CHL LI . -38.74 63.28 2.38
C6 CHL LI . -37.80 64.40 1.92
C7 CHL LI . -37.66 65.51 2.96
C8 CHL LI . -36.96 65.08 4.25
C9 CHL LI . -35.60 65.77 4.39
C10 CHL LI . -37.88 65.41 5.42
C11 CHL LI . -37.22 66.14 6.59
C12 CHL LI . -38.06 66.16 7.86
C13 CHL LI . -39.41 66.86 7.74
C14 CHL LI . -39.33 68.32 8.14
C15 CHL LI . -40.60 66.17 8.41
MG CLA MI . -27.82 48.73 -2.39
CHA CLA MI . -29.98 47.43 -4.77
CHB CLA MI . -28.43 46.04 -0.34
CHC CLA MI . -25.63 49.96 -0.25
CHD CLA MI . -27.26 51.50 -4.50
NA CLA MI . -29.07 46.90 -2.53
C1A CLA MI . -29.86 46.56 -3.54
C2A CLA MI . -30.57 45.27 -3.29
C3A CLA MI . -30.06 44.89 -1.88
C4A CLA MI . -29.12 45.99 -1.55
CMA CLA MI . -31.04 44.52 -0.79
CAA CLA MI . -30.07 44.24 -4.29
CBA CLA MI . -29.81 42.87 -3.67
CGA CLA MI . -28.42 42.38 -4.03
O1A CLA MI . -27.90 41.53 -3.33
O2A CLA MI . -27.83 42.87 -5.09
NB CLA MI . -27.12 48.08 -0.58
C1B CLA MI . -27.51 46.99 0.12
C2B CLA MI . -26.86 46.96 1.40
C3B CLA MI . -26.06 48.06 1.44
C4B CLA MI . -26.24 48.78 0.16
CMB CLA MI . -27.03 45.91 2.46
CAB CLA MI . -25.19 48.45 2.57
CBB CLA MI . -23.82 49.06 2.40
NC CLA MI . -26.59 50.41 -2.41
C1C CLA MI . -25.79 50.75 -1.41
C2C CLA MI . -25.10 52.04 -1.64
C3C CLA MI . -25.54 52.44 -2.87
C4C CLA MI . -26.48 51.43 -3.35
CMC CLA MI . -24.12 52.72 -0.72
CAC CLA MI . -25.15 53.70 -3.60
CBC CLA MI . -26.04 54.84 -3.17
ND CLA MI . -28.42 49.40 -4.15
C1D CLA MI . -28.15 50.49 -4.94
C2D CLA MI . -28.86 50.43 -6.21
C3D CLA MI . -29.58 49.24 -6.13
C4D CLA MI . -29.30 48.64 -4.91
CMD CLA MI . -28.95 51.35 -7.41
CAD CLA MI . -30.51 48.41 -6.86
OBD CLA MI . -30.81 48.52 -8.03
CBD CLA MI . -30.81 47.20 -6.02
CGD CLA MI . -32.27 47.16 -5.67
O1D CLA MI . -32.78 48.03 -5.01
O2D CLA MI . -33.03 46.15 -6.10
CED CLA MI . -34.32 46.50 -6.59
C1 CLA MI . -26.40 42.64 -5.32
C2 CLA MI . -25.35 43.32 -4.47
C3 CLA MI . -24.30 43.92 -5.06
C4 CLA MI . -24.15 43.95 -6.54
C5 CLA MI . -23.22 44.61 -4.26
MG CLA NI . -21.65 60.21 2.75
CHA CLA NI . -22.80 61.43 5.77
CHB CLA NI . -24.40 58.14 2.50
CHC CLA NI . -20.55 59.25 -0.20
CHD CLA NI . -18.85 62.36 3.03
NA CLA NI . -23.44 59.82 3.98
C1A CLA NI . -23.71 60.39 5.16
C2A CLA NI . -24.97 59.83 5.77
C3A CLA NI . -25.43 58.80 4.73
C4A CLA NI . -24.39 58.92 3.66
CMA CLA NI . -25.80 57.40 5.20
CAA CLA NI . -26.04 60.89 5.93
CBA CLA NI . -26.95 60.53 7.09
CGA CLA NI . -28.21 61.36 7.02
O1A CLA NI . -29.19 61.00 7.63
O2A CLA NI . -28.19 62.46 6.28
NB CLA NI . -22.37 58.91 1.35
C1B CLA NI . -23.49 58.13 1.42
C2B CLA NI . -23.59 57.31 0.24
C3B CLA NI . -22.49 57.62 -0.51
C4B CLA NI . -21.73 58.64 0.21
CMB CLA NI . -24.69 56.32 -0.03
CAB CLA NI . -22.09 57.07 -1.83
CBB CLA NI . -23.07 56.85 -2.94
NC CLA NI . -19.99 60.74 1.58
C1C CLA NI . -19.69 60.17 0.43
C2C CLA NI . -18.37 60.61 -0.10
C3C CLA NI . -17.91 61.49 0.83
C4C CLA NI . -18.92 61.57 1.88
CMC CLA NI . -17.73 60.18 -1.38
CAC CLA NI . -16.61 62.25 0.80
CBC CLA NI . -15.48 61.35 1.26
ND CLA NI . -20.92 61.56 4.00
C1D CLA NI . -19.83 62.37 4.05
C2D CLA NI . -19.81 63.20 5.25
C3D CLA NI . -20.98 62.82 5.91
C4D CLA NI . -21.63 61.86 5.15
CMD CLA NI . -18.87 64.24 5.79
CAD CLA NI . -21.77 63.09 7.10
OBD CLA NI . -21.64 64.06 7.82
CBD CLA NI . -22.92 62.14 7.10
CGD CLA NI . -22.74 61.14 8.20
O1D CLA NI . -21.71 60.49 8.27
O2D CLA NI . -23.70 60.94 9.10
CED CLA NI . -23.25 60.92 10.46
C1 CLA NI . -29.31 63.39 6.28
C2 CLA NI . -30.70 62.97 5.84
C3 CLA NI . -31.44 63.80 5.09
C4 CLA NI . -32.82 63.40 4.64
C5 CLA NI . -30.95 65.16 4.66
C6 CLA NI . -31.16 65.33 3.16
C7 CLA NI . -30.50 66.61 2.66
C8 CLA NI . -31.51 67.62 2.09
C9 CLA NI . -32.95 67.12 2.18
C10 CLA NI . -31.13 67.94 0.65
C11 CLA NI . -32.22 68.75 -0.04
C12 CLA NI . -31.73 70.15 -0.39
C13 CLA NI . -32.87 71.14 -0.63
C14 CLA NI . -34.21 70.45 -0.82
C15 CLA NI . -32.53 72.03 -1.81
C16 CLA NI . -33.72 72.90 -2.21
MG CLA OI . -24.21 43.45 4.44
CHA CLA OI . -24.22 42.43 7.75
CHB CLA OI . -21.71 45.72 5.12
CHC CLA OI . -24.17 44.22 1.24
CHD CLA OI . -26.79 41.13 3.78
NA CLA OI . -23.06 44.03 6.24
C1A CLA OI . -23.21 43.51 7.46
C2A CLA OI . -22.31 44.18 8.47
C3A CLA OI . -21.55 45.21 7.61
C4A CLA OI . -22.11 44.99 6.25
CMA CLA OI . -21.37 46.63 8.11
CAA CLA OI . -21.31 43.18 9.05
CBA CLA OI . -20.53 42.47 7.95
CGA CLA OI . -19.85 41.25 8.54
O1A CLA OI . -20.50 40.48 9.22
O2A CLA OI . -18.56 41.06 8.29
NB CLA OI . -23.10 44.76 3.34
C1B CLA OI . -22.15 45.64 3.78
C2B CLA OI . -21.67 46.43 2.69
C3B CLA OI . -22.37 46.01 1.59
C4B CLA OI . -23.27 44.95 2.03
CMB CLA OI . -20.61 47.51 2.76
CAB CLA OI . -22.19 46.55 0.23
CBB CLA OI . -23.33 46.71 -0.76
NC CLA OI . -25.26 42.74 2.77
C1C CLA OI . -25.13 43.24 1.56
C2C CLA OI . -26.09 42.66 0.59
C3C CLA OI . -26.81 41.77 1.32
C4C CLA OI . -26.29 41.82 2.69
CMC CLA OI . -26.22 43.00 -0.88
CAC CLA OI . -27.94 40.88 0.83
CBC CLA OI . -29.22 41.69 0.74
ND CLA OI . -25.28 42.09 5.41
C1D CLA OI . -26.28 41.23 5.10
C2D CLA OI . -26.74 40.47 6.26
C3D CLA OI . -25.92 40.96 7.29
C4D CLA OI . -25.06 41.91 6.76
CMD CLA OI . -27.79 39.43 6.48
CAD CLA OI . -25.66 40.80 8.70
OBD CLA OI . -26.17 39.98 9.44
CBD CLA OI . -24.51 41.69 9.05
CGD CLA OI . -24.90 42.67 10.12
O1D CLA OI . -25.85 43.41 9.98
O2D CLA OI . -24.21 42.72 11.27
CED CLA OI . -24.97 42.64 12.46
C1 CLA OI . -18.05 39.70 8.19
O1 LHG PI . -43.39 62.48 -29.18
C1 LHG PI . -43.68 62.19 -27.80
C2 LHG PI . -42.42 62.39 -26.97
O2 LHG PI . -41.29 62.49 -27.83
C3 LHG PI . -42.23 61.22 -26.01
O3 LHG PI . -40.86 60.84 -26.06
P LHG PI . -39.84 61.18 -24.87
O4 LHG PI . -40.39 62.36 -24.13
O5 LHG PI . -39.50 59.92 -24.12
O6 LHG PI . -38.54 61.64 -25.70
C4 LHG PI . -37.34 60.89 -25.65
C5 LHG PI . -36.77 60.81 -27.06
C6 LHG PI . -37.53 59.79 -27.88
O7 LHG PI . -36.86 62.10 -27.68
C7 LHG PI . -35.79 62.33 -28.44
O9 LHG PI . -35.93 62.38 -29.66
C8 LHG PI . -34.43 62.51 -27.82
C9 LHG PI . -33.46 61.50 -28.40
C10 LHG PI . -32.37 62.21 -29.21
O8 LHG PI . -37.16 58.48 -27.48
C23 LHG PI . -36.22 57.80 -28.12
O10 LHG PI . -35.31 58.40 -28.67
C24 LHG PI . -36.27 56.29 -28.16
C11 LHG PI . -31.06 61.46 -29.13
C12 LHG PI . -30.03 62.28 -28.37
C13 LHG PI . -28.67 62.28 -29.08
C14 LHG PI . -28.21 63.71 -29.31
C15 LHG PI . -26.76 63.75 -29.79
C16 LHG PI . -26.65 64.35 -31.17
C17 LHG PI . -25.21 64.27 -31.68
C18 LHG PI . -25.08 64.78 -33.11
C19 LHG PI . -23.74 64.37 -33.70
C20 LHG PI . -23.39 62.92 -33.34
C21 LHG PI . -21.98 62.57 -33.77
C22 LHG PI . -21.39 61.49 -32.90
C25 LHG PI . -35.15 55.72 -27.30
C26 LHG PI . -34.91 54.25 -27.63
C27 LHG PI . -33.86 53.63 -26.71
C28 LHG PI . -32.66 54.55 -26.53
C29 LHG PI . -31.35 53.81 -26.71
C30 LHG PI . -30.81 53.26 -25.39
C31 LHG PI . -30.25 51.86 -25.58
C32 LHG PI . -28.98 51.65 -24.77
C33 LHG PI . -28.08 50.62 -25.43
C34 LHG PI . -26.85 51.28 -26.05
C35 LHG PI . -25.69 51.30 -25.06
C36 LHG PI . -24.36 51.45 -25.79
C37 LHG PI . -23.26 50.62 -25.12
C38 LHG PI . -22.95 49.38 -25.91
C1 PTY QI . -32.70 34.93 -0.77
C2 PTY QI . -35.56 38.74 -7.10
C3 PTY QI . -35.41 38.06 -5.74
O4 PTY QI . -31.99 33.77 -0.43
C5 PTY QI . -32.75 34.61 -3.24
C6 PTY QI . -32.18 35.48 -2.11
O7 PTY QI . -30.77 35.45 -2.08
C8 PTY QI . -30.11 35.39 -3.32
O10 PTY QI . -30.18 36.29 -4.07
C11 PTY QI . -29.26 34.17 -3.66
C12 PTY QI . -29.04 33.33 -2.40
C13 PTY QI . -27.93 33.96 -1.55
C14 PTY QI . -27.91 33.31 -0.17
C15 PTY QI . -26.48 32.90 0.19
C16 PTY QI . -25.53 34.09 -0.01
C17 PTY QI . -24.11 33.67 0.34
C18 PTY QI . -23.19 34.88 0.20
C19 PTY QI . -22.04 34.55 -0.75
C20 PTY QI . -21.11 33.53 -0.11
C30 PTY QI . -32.80 32.74 0.05
C31 PTY QI . -32.25 31.31 0.13
O30 PTY QI . -33.90 32.97 0.42
C32 PTY QI . -30.86 31.31 0.74
C33 PTY QI . -30.53 29.92 1.28
C34 PTY QI . -29.01 29.76 1.41
C35 PTY QI . -28.69 28.43 2.10
C36 PTY QI . -27.56 27.73 1.36
C37 PTY QI . -26.43 28.71 1.05
C38 PTY QI . -25.25 27.95 0.45
C39 PTY QI . -24.37 28.92 -0.34
C40 PTY QI . -23.11 28.19 -0.78
C41 PTY QI . -22.19 29.15 -1.52
P1 PTY QI . -34.44 35.79 -4.86
O11 PTY QI . -34.38 37.12 -5.83
O12 PTY QI . -35.29 36.08 -3.64
O13 PTY QI . -35.06 34.64 -5.63
O14 PTY QI . -32.92 35.39 -4.38
N1 PTY QI . -36.95 38.70 -7.51
MG CLA RI . -21.75 74.15 2.45
CHA CLA RI . -18.79 74.80 4.10
CHB CLA RI . -21.29 70.76 2.87
CHC CLA RI . -24.66 73.65 0.98
CHD CLA RI . -22.22 77.64 2.05
NA CLA RI . -20.21 72.88 3.39
C1A CLA RI . -19.10 73.33 3.99
C2A CLA RI . -18.25 72.21 4.52
C3A CLA RI . -19.05 70.96 4.10
C4A CLA RI . -20.25 71.53 3.42
CMA CLA RI . -18.32 69.77 3.48
CAA CLA RI . -18.21 72.27 6.04
CBA CLA RI . -19.61 72.27 6.66
CGA CLA RI . -19.97 73.65 7.16
O1A CLA RI . -19.65 73.98 8.29
O2A CLA RI . -20.61 74.48 6.35
NB CLA RI . -22.81 72.47 2.00
C1B CLA RI . -22.46 71.17 2.21
C2B CLA RI . -23.48 70.29 1.68
C3B CLA RI . -24.42 71.12 1.14
C4B CLA RI . -23.99 72.49 1.36
CMB CLA RI . -23.48 68.79 1.71
CAB CLA RI . -25.70 70.80 0.46
CBB CLA RI . -26.62 69.70 0.96
NC CLA RI . -23.24 75.44 1.71
C1C CLA RI . -24.32 75.02 1.07
C2C CLA RI . -25.12 76.11 0.48
C3C CLA RI . -24.43 77.24 0.82
C4C CLA RI . -23.25 76.81 1.57
CMC CLA RI . -26.40 75.99 -0.30
CAC CLA RI . -24.80 78.66 0.45
CBC CLA RI . -25.23 79.43 1.67
ND CLA RI . -20.83 75.84 2.91
C1D CLA RI . -21.07 77.17 2.73
C2D CLA RI . -20.03 78.00 3.30
C3D CLA RI . -19.14 77.06 3.83
C4D CLA RI . -19.64 75.79 3.59
CMD CLA RI . -19.80 79.49 3.40
CAD CLA RI . -17.89 76.94 4.56
OBD CLA RI . -17.31 77.86 5.12
CBD CLA RI . -17.60 75.48 4.75
CGD CLA RI . -16.36 75.08 4.00
O1D CLA RI . -16.21 75.38 2.83
O2D CLA RI . -15.40 74.39 4.62
CED CLA RI . -14.07 74.77 4.30
C1 CLA RI . -21.99 74.88 6.59
C2 CLA RI . -23.15 73.92 6.41
C3 CLA RI . -24.17 74.24 5.61
C4 CLA RI . -24.18 75.54 4.87
C5 CLA RI . -25.35 73.32 5.39
C6 CLA RI . -26.59 74.13 5.03
C7 CLA RI . -27.07 73.79 3.63
C8 CLA RI . -28.56 73.50 3.62
C9 CLA RI . -29.37 74.69 4.12
C10 CLA RI . -28.83 72.26 4.47
C11 CLA RI . -28.24 71.02 3.82
CA1 DGA SI . -31.95 34.38 3.82
CA2 DGA SI . -31.45 35.60 4.63
CA3 DGA SI . -30.18 35.20 5.45
CA4 DGA SI . -28.97 36.07 4.99
CA5 DGA SI . -29.07 36.36 3.45
CA6 DGA SI . -27.77 37.04 2.95
CA7 DGA SI . -26.54 36.40 3.62
CA8 DGA SI . -25.25 37.14 3.16
CA9 DGA SI . -24.53 37.77 4.39
OA1 DGA SI . -32.94 34.48 3.14
CB1 DGA SI . -28.78 31.51 4.97
CB2 DGA SI . -27.76 30.36 5.14
CB3 DGA SI . -26.35 30.95 5.47
CB4 DGA SI . -25.50 31.02 4.17
CB5 DGA SI . -24.03 31.30 4.52
CB6 DGA SI . -23.12 30.38 3.70
CB7 DGA SI . -21.69 30.43 4.27
OB1 DGA SI . -28.53 32.42 4.26
OG1 DGA SI . -31.26 33.13 3.87
CG1 DGA SI . -32.02 32.07 4.41
CG2 DGA SI . -31.10 30.94 4.87
OG2 DGA SI . -30.05 31.46 5.64
CG3 DGA SI . -31.89 29.95 5.70
OXT DGA SI . -33.19 29.84 5.18
C1 LUT TI . -3.66 22.56 83.88
C2 LUT TI . -2.26 23.02 83.52
C3 LUT TI . -2.10 23.25 82.02
C4 LUT TI . -2.32 21.93 81.31
C5 LUT TI . -3.69 21.42 81.66
C6 LUT TI . -4.21 21.56 82.88
C7 LUT TI . -5.38 20.72 83.26
C8 LUT TI . -5.27 19.46 83.66
C9 LUT TI . -6.47 18.67 84.01
C10 LUT TI . -6.32 17.49 84.61
C11 LUT TI . -7.43 16.63 85.00
C12 LUT TI . -7.13 15.43 85.50
C13 LUT TI . -8.12 14.45 85.97
C14 LUT TI . -7.69 13.37 86.63
C15 LUT TI . -8.57 12.35 87.19
C16 LUT TI . -4.59 23.76 83.91
C17 LUT TI . -3.60 21.93 85.26
C18 LUT TI . -4.49 20.76 80.57
C19 LUT TI . -7.83 19.21 83.66
C20 LUT TI . -9.59 14.66 85.74
O3 LUT TI . -0.76 23.69 81.75
C21 LUT TI . -11.75 3.20 94.51
C22 LUT TI . -12.94 2.46 95.11
C23 LUT TI . -12.97 1.02 94.62
C24 LUT TI . -13.18 1.02 93.12
C25 LUT TI . -12.09 1.83 92.47
C26 LUT TI . -11.72 3.01 92.99
C27 LUT TI . -10.94 3.94 92.12
C28 LUT TI . -9.65 4.20 92.32
C29 LUT TI . -8.88 5.13 91.46
C30 LUT TI . -9.18 6.43 91.49
C31 LUT TI . -8.46 7.45 90.73
C32 LUT TI . -9.07 8.31 89.91
C33 LUT TI . -8.25 9.32 89.22
C34 LUT TI . -8.84 10.37 88.61
C35 LUT TI . -8.03 11.41 87.97
C36 LUT TI . -10.50 2.60 95.13
C37 LUT TI . -11.87 4.67 94.87
C38 LUT TI . -11.41 1.30 91.24
C39 LUT TI . -7.75 4.62 90.62
C40 LUT TI . -6.76 9.20 89.22
O23 LUT TI . -14.01 0.28 95.26
C1 LUT UI . 4.60 9.12 81.08
C2 LUT UI . 5.56 10.20 81.56
C3 LUT UI . 5.82 10.04 83.05
C4 LUT UI . 4.52 10.29 83.78
C5 LUT UI . 3.41 9.43 83.23
C6 LUT UI . 3.39 9.00 81.97
C7 LUT UI . 2.18 8.36 81.41
C8 LUT UI . 1.12 9.04 80.98
C9 LUT UI . -0.05 8.32 80.43
C10 LUT UI . -0.89 9.00 79.63
C11 LUT UI . -2.07 8.42 78.99
C12 LUT UI . -2.63 9.18 78.06
C13 LUT UI . -3.82 8.80 77.28
C14 LUT UI . -4.45 9.77 76.59
C15 LUT UI . -5.62 9.51 75.76
C16 LUT UI . 5.33 7.79 81.12
C17 LUT UI . 4.18 9.45 79.65
C18 LUT UI . 2.30 9.06 84.18
C19 LUT UI . -0.29 6.87 80.74
C20 LUT UI . -4.29 7.37 77.23
O3 LUT UI . 6.78 11.02 83.45
C21 LUT UI . -14.57 12.92 67.00
C22 LUT UI . -15.67 12.38 66.11
C23 LUT UI . -16.98 12.13 66.84
C24 LUT UI . -16.74 11.13 67.95
C25 LUT UI . -15.71 11.71 68.89
C26 LUT UI . -14.62 12.36 68.42
C27 LUT UI . -13.65 12.90 69.40
C28 LUT UI . -12.58 12.18 69.69
C29 LUT UI . -11.53 12.62 70.64
C30 LUT UI . -10.60 11.74 70.99
C31 LUT UI . -9.50 12.04 71.90
C32 LUT UI . -9.02 11.08 72.68
C33 LUT UI . -7.88 11.34 73.58
C34 LUT UI . -7.26 10.31 74.15
C35 LUT UI . -6.10 10.50 75.02
C36 LUT UI . -14.68 14.43 67.10
C37 LUT UI . -13.23 12.56 66.38
C38 LUT UI . -15.92 11.57 70.36
C39 LUT UI . -11.51 14.03 71.17
C40 LUT UI . -7.41 12.74 73.81
O23 LUT UI . -17.95 11.60 65.93
C1 BCR VI . 0.75 -19.72 86.15
C2 BCR VI . 0.41 -21.20 86.22
C3 BCR VI . -1.01 -21.41 86.72
C4 BCR VI . -1.16 -20.81 88.10
C5 BCR VI . -0.65 -19.40 88.18
C6 BCR VI . 0.39 -19.01 87.43
C7 BCR VI . 1.23 -17.88 87.87
C8 BCR VI . 1.01 -16.64 87.48
C9 BCR VI . 1.77 -15.46 87.86
C10 BCR VI . 1.09 -14.20 88.08
C11 BCR VI . 0.82 -12.90 87.57
C33 BCR VI . -1.32 -18.44 89.11
C31 BCR VI . -0.06 -19.07 85.03
C32 BCR VI . 2.23 -19.54 85.90
C34 BCR VI . 3.26 -15.55 88.01
C12 BCR VI . 0.53 -11.81 87.14
C13 BCR VI . 0.65 -10.40 87.07
C14 BCR VI . -0.13 -9.70 86.20
C15 BCR VI . -0.09 -8.27 86.10
C16 BCR VI . -0.36 -7.11 85.48
C17 BCR VI . -0.05 -5.95 85.97
C18 BCR VI . -0.10 -4.75 85.33
C19 BCR VI . 0.28 -3.53 86.06
C20 BCR VI . 0.18 -2.22 86.30
C21 BCR VI . 0.45 -0.98 86.94
C22 BCR VI . 0.71 0.21 86.36
C23 BCR VI . 0.97 1.38 87.23
C24 BCR VI . 2.17 1.57 88.10
C25 BCR VI . 2.43 2.74 88.94
C26 BCR VI . 3.57 3.38 88.81
C27 BCR VI . 3.74 4.81 89.28
C28 BCR VI . 2.99 5.10 90.58
C29 BCR VI . 2.11 3.96 91.08
C30 BCR VI . 1.39 3.21 89.97
C35 BCR VI . 1.63 -9.68 87.95
C36 BCR VI . -0.52 -4.67 83.90
C37 BCR VI . 0.71 0.37 84.87
C38 BCR VI . 4.77 2.72 88.17
C39 BCR VI . 0.32 4.07 89.31
C40 BCR VI . 0.76 1.98 90.64
MG CLA WI . -13.31 3.67 88.32
CHA CLA WI . -15.15 0.80 88.85
CHB CLA WI . -15.97 5.61 89.32
CHC CLA WI . -11.37 6.32 88.02
CHD CLA WI . -10.61 1.66 87.21
NA CLA WI . -15.35 3.27 89.02
C1A CLA WI . -15.93 2.06 89.13
C2A CLA WI . -17.37 2.16 89.53
C3A CLA WI . -17.59 3.67 89.62
C4A CLA WI . -16.24 4.24 89.32
CMA CLA WI . -18.78 4.20 88.84
CAA CLA WI . -17.60 1.59 90.92
CBA CLA WI . -16.40 1.75 91.84
CGA CLA WI . -16.45 3.08 92.57
O1A CLA WI . -17.52 3.62 92.75
O2A CLA WI . -15.33 3.63 93.01
NB CLA WI . -13.62 5.66 88.64
C1B CLA WI . -14.77 6.28 89.03
C2B CLA WI . -14.57 7.71 89.07
C3B CLA WI . -13.26 7.90 88.69
C4B CLA WI . -12.69 6.59 88.43
CMB CLA WI . -15.61 8.72 89.46
CAB CLA WI . -12.49 9.16 88.56
CBB CLA WI . -12.74 10.37 89.41
NC CLA WI . -11.29 3.94 87.77
C1C CLA WI . -10.72 5.12 87.66
C2C CLA WI . -9.33 5.05 87.16
C3C CLA WI . -9.12 3.70 86.96
C4C CLA WI . -10.35 3.02 87.34
CMC CLA WI . -8.37 6.18 86.93
CAC CLA WI . -7.86 3.06 86.45
CBC CLA WI . -7.07 2.50 87.61
ND CLA WI . -12.87 1.75 88.09
C1D CLA WI . -11.83 1.03 87.59
C2D CLA WI . -12.14 -0.39 87.50
C3D CLA WI . -13.43 -0.46 87.99
C4D CLA WI . -13.86 0.82 88.34
CMD CLA WI . -11.38 -1.60 87.02
CAD CLA WI . -14.51 -1.40 88.27
OBD CLA WI . -14.40 -2.61 88.24
CBD CLA WI . -15.51 -0.66 89.09
CGD CLA WI . -16.92 -0.94 88.68
O1D CLA WI . -17.35 -0.52 87.64
O2D CLA WI . -17.73 -1.63 89.49
CED CLA WI . -18.77 -2.38 88.87
C1 CLA WI . -15.30 5.06 93.27
C2 CLA WI . -14.31 5.99 92.60
C3 CLA WI . -13.88 7.08 93.27
C4 CLA WI . -14.39 7.38 94.64
C5 CLA WI . -12.90 8.06 92.68
C6 CLA WI . -12.13 8.73 93.80
C7 CLA WI . -10.81 8.03 94.10
C8 CLA WI . -9.69 9.03 94.33
C9 CLA WI . -9.64 10.07 93.22
C10 CLA WI . -8.36 8.28 94.44
C11 CLA WI . -7.17 9.23 94.29
C12 CLA WI . -5.86 8.45 94.21
C13 CLA WI . -4.92 9.07 93.17
C14 CLA WI . -3.58 8.34 93.18
C15 CLA WI . -4.75 10.55 93.45
MG CLA XI . -12.25 16.05 89.83
CHA CLA XI . -15.47 15.34 90.90
CHB CLA XI . -11.06 13.27 91.46
CHC CLA XI . -9.27 16.77 88.64
CHD CLA XI . -13.53 18.90 88.15
NA CLA XI . -13.15 14.44 91.05
C1A CLA XI . -14.44 14.34 91.38
C2A CLA XI . -14.70 13.16 92.29
C3A CLA XI . -13.30 12.55 92.45
C4A CLA XI . -12.44 13.44 91.61
CMA CLA XI . -12.81 12.18 93.84
CAA CLA XI . -15.64 12.16 91.63
CBA CLA XI . -15.88 10.96 92.53
CGA CLA XI . -16.59 11.39 93.79
O1A CLA XI . -17.62 12.01 93.70
O2A CLA XI . -16.07 11.06 94.97
NB CLA XI . -10.43 15.15 90.01
C1B CLA XI . -10.12 14.03 90.73
C2B CLA XI . -8.71 13.77 90.63
C3B CLA XI . -8.20 14.77 89.85
C4B CLA XI . -9.32 15.63 89.45
CMB CLA XI . -7.94 12.65 91.26
CAB CLA XI . -6.78 14.91 89.45
CBB CLA XI . -6.08 16.24 89.31
NC CLA XI . -11.54 17.53 88.51
C1C CLA XI . -10.26 17.70 88.25
C2C CLA XI . -9.98 18.94 87.50
C3C CLA XI . -11.20 19.51 87.33
C4C CLA XI . -12.17 18.62 87.96
CMC CLA XI . -8.64 19.45 87.05
CAC CLA XI . -11.52 20.82 86.63
CBC CLA XI . -11.31 21.97 87.60
ND CLA XI . -13.99 16.95 89.51
C1D CLA XI . -14.42 18.08 88.88
C2D CLA XI . -15.84 18.31 89.06
C3D CLA XI . -16.23 17.23 89.85
C4D CLA XI . -15.13 16.43 90.11
CMD CLA XI . -16.80 19.38 88.60
CAD CLA XI . -17.39 16.65 90.49
OBD CLA XI . -18.52 17.11 90.49
CBD CLA XI . -16.94 15.42 91.22
CGD CLA XI . -17.09 15.65 92.69
O1D CLA XI . -16.50 16.57 93.23
O2D CLA XI . -17.85 14.85 93.43
CED CLA XI . -18.77 15.52 94.30
C1 CLA XI . -16.27 11.90 96.13
C2 CLA XI . -16.00 13.39 96.08
C3 CLA XI . -15.51 14.04 97.16
C4 CLA XI . -15.24 15.51 97.12
C5 CLA XI . -15.22 13.34 98.47
C6 CLA XI . -15.67 14.21 99.63
C7 CLA XI . -15.99 13.36 100.85
MG CLA YI . -4.08 24.08 76.51
CHA CLA YI . -1.77 26.63 76.27
CHB CLA YI . -5.07 25.21 79.61
CHC CLA YI . -6.36 21.69 76.56
CHD CLA YI . -3.03 22.93 73.33
NA CLA YI . -3.50 25.75 77.83
C1A CLA YI . -2.55 26.64 77.57
C2A CLA YI . -2.40 27.65 78.68
C3A CLA YI . -3.44 27.18 79.70
C4A CLA YI . -4.05 25.98 79.03
CMA CLA YI . -3.06 27.12 81.18
CAA CLA YI . -2.80 29.04 78.16
CBA CLA YI . -4.24 29.13 77.67
CGA CLA YI . -4.37 28.66 76.24
O1A CLA YI . -3.91 29.34 75.34
O2A CLA YI . -4.93 27.49 76.02
NB CLA YI . -5.50 23.55 77.87
C1B CLA YI . -5.75 24.09 79.09
C2B CLA YI . -6.80 23.37 79.76
C3B CLA YI . -7.15 22.37 78.90
C4B CLA YI . -6.33 22.50 77.70
CMB CLA YI . -7.38 23.65 81.11
CAB CLA YI . -8.21 21.37 79.15
CBB CLA YI . -7.98 19.89 78.93
NC CLA YI . -4.64 22.58 75.13
C1C CLA YI . -5.59 21.69 75.38
C2C CLA YI . -5.74 20.72 74.26
C3C CLA YI . -4.81 21.11 73.35
C4C CLA YI . -4.13 22.27 73.90
CMC CLA YI . -6.72 19.57 74.18
CAC CLA YI . -4.54 20.46 72.01
CBC CLA YI . -5.13 21.29 70.90
ND CLA YI . -2.79 24.57 75.10
C1D CLA YI . -2.41 24.07 73.89
C2D CLA YI . -1.31 24.83 73.30
C3D CLA YI . -1.08 25.83 74.24
C4D CLA YI . -1.96 25.66 75.30
CMD CLA YI . -0.52 24.73 72.02
CAD CLA YI . -0.23 26.97 74.50
OBD CLA YI . 0.58 27.46 73.74
CBD CLA YI . -0.70 27.59 75.79
CGD CLA YI . 0.42 27.69 76.79
O1D CLA YI . 1.21 26.78 76.94
O2D CLA YI . 0.53 28.78 77.54
CED CLA YI . 1.69 29.57 77.33
C1 CLA YI . -5.41 27.08 74.70
C2 CLA YI . -6.60 26.17 74.59
C3 CLA YI . -6.71 25.31 73.57
C4 CLA YI . -5.65 25.25 72.51
C5 CLA YI . -7.88 24.36 73.40
C6 CLA YI . -8.48 24.08 74.77
C7 CLA YI . -9.69 23.15 74.66
C8 CLA YI . -10.92 23.77 75.31
C9 CLA YI . -11.11 25.21 74.89
C10 CLA YI . -10.82 23.64 76.82
C11 CLA YI . -12.08 24.19 77.49
MG CLA ZI . -15.99 10.14 73.42
CHA CLA ZI . -19.41 9.90 73.00
CHB CLA ZI . -15.58 6.90 72.30
CHC CLA ZI . -12.72 10.53 73.73
CHD CLA ZI . -16.43 13.47 74.52
NA CLA ZI . -17.34 8.55 72.72
C1A CLA ZI . -18.67 8.63 72.63
C2A CLA ZI . -19.29 7.36 72.15
C3A CLA ZI . -18.08 6.44 71.97
C4A CLA ZI . -16.92 7.32 72.33
CMA CLA ZI . -18.16 5.04 72.55
CAA CLA ZI . -19.94 7.55 70.79
CBA CLA ZI . -19.05 8.35 69.83
CGA CLA ZI . -18.33 7.42 68.88
O1A CLA ZI . -18.77 6.29 68.72
O2A CLA ZI . -17.26 7.83 68.24
NB CLA ZI . -14.40 8.91 73.07
C1B CLA ZI . -14.42 7.62 72.64
C2B CLA ZI . -13.07 7.11 72.55
C3B CLA ZI . -12.27 8.14 72.98
C4B CLA ZI . -13.13 9.27 73.29
CMB CLA ZI . -12.66 5.72 72.13
CAB CLA ZI . -10.79 8.18 73.09
CBB CLA ZI . -9.87 7.58 72.06
NC CLA ZI . -14.77 11.76 73.98
C1C CLA ZI . -13.46 11.69 74.09
C2C CLA ZI . -12.85 12.93 74.61
C3C CLA ZI . -13.91 13.76 74.81
C4C CLA ZI . -15.11 13.02 74.41
CMC CLA ZI . -11.39 13.20 74.85
CAC CLA ZI . -13.87 15.18 75.33
CBC CLA ZI . -13.90 16.14 74.17
ND CLA ZI . -17.45 11.44 73.70
C1D CLA ZI . -17.57 12.71 74.16
C2D CLA ZI . -18.96 13.15 74.24
C3D CLA ZI . -19.66 12.04 73.77
C4D CLA ZI . -18.75 11.03 73.47
CMD CLA ZI . -19.64 14.42 74.65
CAD CLA ZI . -21.00 11.57 73.51
OBD CLA ZI . -22.04 12.19 73.69
CBD CLA ZI . -20.90 10.18 72.94
CGD CLA ZI . -21.67 9.23 73.81
O1D CLA ZI . -22.74 8.80 73.44
O2D CLA ZI . -21.20 8.85 74.99
CED CLA ZI . -21.28 7.46 75.28
C1 CLA ZI . -16.02 7.07 68.31
C2 CLA ZI . -14.74 7.69 68.86
C3 CLA ZI . -13.55 7.35 68.34
C4 CLA ZI . -13.45 6.36 67.21
C5 CLA ZI . -12.25 7.92 68.84
C6 CLA ZI . -11.60 8.71 67.71
C7 CLA ZI . -10.34 9.42 68.19
C8 CLA ZI . -9.83 10.39 67.13
C9 CLA ZI . -8.82 9.71 66.20
C10 CLA ZI . -9.17 11.58 67.83
C11 CLA ZI . -9.07 12.78 66.89
C12 CLA ZI . -7.78 13.55 67.12
C13 CLA ZI . -7.94 14.57 68.25
C14 CLA ZI . -8.97 15.63 67.87
C15 CLA ZI . -6.59 15.20 68.56
MG CLA AJ . -4.53 6.02 72.24
CHA CLA AJ . -6.15 3.11 71.26
CHB CLA AJ . -6.75 7.90 70.42
CHC CLA AJ . -3.00 8.70 73.32
CHD CLA AJ . -2.25 4.05 74.09
NA CLA AJ . -6.28 5.58 70.96
C1A CLA AJ . -6.77 4.37 70.69
C2A CLA AJ . -7.95 4.43 69.77
C3A CLA AJ . -8.10 5.93 69.50
C4A CLA AJ . -7.00 6.53 70.34
CMA CLA AJ . -8.27 6.44 68.08
CAA CLA AJ . -9.20 3.92 70.48
CBA CLA AJ . -10.44 4.09 69.63
CGA CLA AJ . -10.39 3.10 68.48
O1A CLA AJ . -10.29 1.92 68.72
O2A CLA AJ . -10.43 3.56 67.24
NB CLA AJ . -4.83 8.01 71.92
C1B CLA AJ . -5.77 8.60 71.13
C2B CLA AJ . -5.59 10.03 71.16
C3B CLA AJ . -4.53 10.27 71.97
C4B CLA AJ . -4.05 8.96 72.46
CMB CLA AJ . -6.41 11.06 70.42
CAB CLA AJ . -3.99 11.62 72.28
CBB CLA AJ . -2.89 11.93 73.27
NC CLA AJ . -2.96 6.32 73.60
C1C CLA AJ . -2.44 7.51 73.82
C2C CLA AJ . -1.21 7.45 74.65
C3C CLA AJ . -1.04 6.13 74.91
C4C CLA AJ . -2.14 5.42 74.25
CMC CLA AJ . -0.35 8.62 75.08
CAC CLA AJ . 0.08 5.53 75.73
CBC CLA AJ . -0.14 5.87 77.18
ND CLA AJ . -4.23 4.11 72.69
C1D CLA AJ . -3.27 3.40 73.34
C2D CLA AJ . -3.41 1.96 73.14
C3D CLA AJ . -4.54 1.88 72.33
C4D CLA AJ . -5.02 3.15 72.08
CMD CLA AJ . -2.65 0.75 73.58
CAD CLA AJ . -5.38 0.91 71.67
OBD CLA AJ . -5.00 -0.17 71.26
CBD CLA AJ . -6.55 1.67 71.08
CGD CLA AJ . -6.64 1.29 69.63
O1D CLA AJ . -7.52 0.52 69.25
O2D CLA AJ . -5.77 1.77 68.75
CED CLA AJ . -6.30 2.14 67.48
C1 CLA AJ . -9.72 2.87 66.19
MG CLA BJ . 4.22 8.19 88.57
CHA CLA BJ . 7.53 8.86 89.37
CHB CLA BJ . 5.23 6.39 85.81
CHC CLA BJ . 1.06 7.45 88.00
CHD CLA BJ . 3.22 10.10 91.36
NA CLA BJ . 6.17 7.66 87.67
C1A CLA BJ . 7.37 8.04 88.11
C2A CLA BJ . 8.48 7.53 87.23
C3A CLA BJ . 7.72 6.82 86.12
C4A CLA BJ . 6.29 6.93 86.53
CMA CLA BJ . 8.02 7.26 84.71
CAA CLA BJ . 9.29 6.47 87.97
CBA CLA BJ . 8.40 5.72 88.98
CGA CLA BJ . 9.00 4.42 89.44
O1A CLA BJ . 10.11 4.40 89.94
O2A CLA BJ . 8.27 3.33 89.30
NB CLA BJ . 3.29 7.08 87.13
C1B CLA BJ . 3.84 6.44 86.06
C2B CLA BJ . 2.81 5.83 85.26
C3B CLA BJ . 1.63 6.14 85.89
C4B CLA BJ . 1.96 6.93 87.07
CMB CLA BJ . 3.06 5.04 84.00
CAB CLA BJ . 0.23 5.80 85.55
CBB CLA BJ . -0.18 4.81 84.48
NC CLA BJ . 2.44 8.64 89.57
C1C CLA BJ . 1.24 8.25 89.16
C2C CLA BJ . 0.15 8.77 90.00
C3C CLA BJ . 0.78 9.49 90.98
C4C CLA BJ . 2.21 9.41 90.69
CMC CLA BJ . -1.34 8.53 89.84
CAC CLA BJ . 0.13 10.23 92.12
CBC CLA BJ . 0.33 9.48 93.41
ND CLA BJ . 5.05 9.21 90.05
C1D CLA BJ . 4.61 9.97 91.08
C2D CLA BJ . 5.70 10.63 91.79
C3D CLA BJ . 6.84 10.19 91.11
C4D CLA BJ . 6.44 9.35 90.08
CMD CLA BJ . 5.79 11.57 92.95
CAD CLA BJ . 8.28 10.30 91.10
OBD CLA BJ . 8.95 10.88 91.92
CBD CLA BJ . 8.79 9.32 90.07
CGD CLA BJ . 9.77 9.99 89.16
O1D CLA BJ . 10.75 9.38 88.76
O2D CLA BJ . 9.60 11.24 88.75
CED CLA BJ . 9.93 11.48 87.38
C1 CLA BJ . 7.66 2.67 90.45
C2 CLA BJ . 8.42 1.67 91.29
C3 CLA BJ . 7.81 0.58 91.77
C4 CLA BJ . 6.36 0.30 91.49
C5 CLA BJ . 8.53 -0.45 92.62
MG CLA CJ . -19.51 20.51 85.66
CHA CLA CJ . -20.11 17.49 87.23
CHB CLA CJ . -22.56 21.71 86.75
CHC CLA CJ . -18.78 23.41 84.26
CHD CLA CJ . -16.37 19.28 84.59
NA CLA CJ . -21.17 19.70 86.88
C1A CLA CJ . -21.23 18.47 87.40
C2A CLA CJ . -22.51 18.23 88.13
C3A CLA CJ . -23.27 19.57 87.95
C4A CLA CJ . -22.30 20.39 87.15
CMA CLA CJ . -24.73 19.56 87.58
CAA CLA CJ . -22.23 18.02 89.62
CBA CLA CJ . -21.46 19.22 90.19
CGA CLA CJ . -21.30 19.13 91.68
O1A CLA CJ . -20.43 19.81 92.21
O2A CLA CJ . -22.08 18.35 92.42
NB CLA CJ . -20.50 22.28 85.53
C1B CLA CJ . -21.75 22.59 86.01
C2B CLA CJ . -22.09 23.95 85.65
C3B CLA CJ . -21.02 24.40 84.94
C4B CLA CJ . -20.02 23.34 84.88
CMB CLA CJ . -23.37 24.66 85.97
CAB CLA CJ . -20.83 25.74 84.32
CBB CLA CJ . -21.00 27.00 85.15
NC CLA CJ . -17.82 21.25 84.65
C1C CLA CJ . -17.76 22.45 84.10
C2C CLA CJ . -16.51 22.66 83.32
C3C CLA CJ . -15.83 21.48 83.44
C4C CLA CJ . -16.66 20.60 84.27
CMC CLA CJ . -16.11 23.91 82.59
CAC CLA CJ . -14.49 21.14 82.84
CBC CLA CJ . -14.62 20.88 81.36
ND CLA CJ . -18.43 18.86 85.81
C1D CLA CJ . -17.21 18.43 85.36
C2D CLA CJ . -16.95 17.05 85.74
C3D CLA CJ . -18.08 16.70 86.46
C4D CLA CJ . -18.96 17.78 86.50
CMD CLA CJ . -15.80 16.11 85.49
CAD CLA CJ . -18.68 15.60 87.18
OBD CLA CJ . -18.14 14.53 87.43
CBD CLA CJ . -19.97 16.07 87.77
CGD CLA CJ . -21.14 15.25 87.34
O1D CLA CJ . -21.45 15.17 86.17
O2D CLA CJ . -21.86 14.58 88.24
CED CLA CJ . -22.41 13.34 87.81
C1 CLA CJ . -23.46 18.72 92.73
C2 CLA CJ . -23.90 20.16 92.84
C3 CLA CJ . -25.11 20.47 93.31
C4 CLA CJ . -26.07 19.39 93.76
C5 CLA CJ . -25.61 21.89 93.44
C6 CLA CJ . -26.80 22.11 92.51
C7 CLA CJ . -26.44 21.81 91.06
C8 CLA CJ . -25.67 22.96 90.42
C9 CLA CJ . -26.34 23.44 89.15
C10 CLA CJ . -24.24 22.51 90.14
MG CLA DJ . -7.48 31.90 80.42
CHA CLA DJ . -8.01 31.54 77.02
CHB CLA DJ . -7.78 35.32 80.13
CHC CLA DJ . -7.08 32.11 83.68
CHD CLA DJ . -7.20 28.38 80.67
NA CLA DJ . -7.86 33.31 78.76
C1A CLA DJ . -8.03 32.97 77.48
C2A CLA DJ . -8.25 34.17 76.60
C3A CLA DJ . -8.15 35.33 77.59
C4A CLA DJ . -7.93 34.65 78.91
CMA CLA DJ . -7.23 36.48 77.21
CAA CLA DJ . -9.66 34.16 76.02
CBA CLA DJ . -10.70 33.81 77.09
CGA CLA DJ . -12.02 33.55 76.42
O1A CLA DJ . -12.09 32.74 75.52
O2A CLA DJ . -13.09 34.21 76.82
NB CLA DJ . -7.45 33.47 81.70
C1B CLA DJ . -7.57 34.81 81.42
C2B CLA DJ . -7.46 35.58 82.65
C3B CLA DJ . -7.25 34.65 83.63
C4B CLA DJ . -7.25 33.33 83.02
CMB CLA DJ . -7.53 37.08 82.77
CAB CLA DJ . -7.06 34.88 85.09
CBB CLA DJ . -7.98 35.78 85.87
NC CLA DJ . -7.25 30.47 81.94
C1C CLA DJ . -7.05 30.78 83.21
C2C CLA DJ . -6.80 29.59 84.05
C3C CLA DJ . -6.86 28.54 83.19
C4C CLA DJ . -7.14 29.10 81.87
CMC CLA DJ . -6.53 29.56 85.54
CAC CLA DJ . -6.67 27.08 83.53
CBC CLA DJ . -8.02 26.39 83.60
ND CLA DJ . -7.55 30.31 79.25
C1D CLA DJ . -7.45 28.96 79.40
C2D CLA DJ . -7.61 28.24 78.15
C3D CLA DJ . -7.82 29.26 77.23
C4D CLA DJ . -7.79 30.48 77.89
CMD CLA DJ . -7.58 26.80 77.77
CAD CLA DJ . -8.06 29.52 75.81
OBD CLA DJ . -8.38 28.68 74.99
CBD CLA DJ . -8.18 31.00 75.62
CGD CLA DJ . -7.05 31.51 74.78
O1D CLA DJ . -5.93 31.02 74.87
O2D CLA DJ . -7.23 32.51 73.93
CED CLA DJ . -6.24 32.64 72.92
C1 CLA DJ . -13.79 33.87 78.07
C2 CLA DJ . -14.22 32.46 78.37
C3 CLA DJ . -15.48 32.21 78.77
C4 CLA DJ . -16.48 33.31 78.92
C5 CLA DJ . -15.95 30.82 79.09
C6 CLA DJ . -15.76 30.55 80.58
MG CLA EJ . 8.28 4.81 75.88
CHA CLA EJ . 6.42 2.20 77.17
CHB CLA EJ . 6.22 4.97 73.12
CHC CLA EJ . 10.06 7.39 74.81
CHD CLA EJ . 10.41 4.60 78.69
NA CLA EJ . 6.48 3.72 75.20
C1A CLA EJ . 5.90 2.70 75.84
C2A CLA EJ . 4.73 2.16 75.06
C3A CLA EJ . 4.71 3.04 73.80
C4A CLA EJ . 5.86 3.97 74.03
CMA CLA EJ . 4.52 2.40 72.44
CAA CLA EJ . 3.43 2.40 75.82
CBA CLA EJ . 2.61 1.12 75.94
CGA CLA EJ . 2.26 0.54 74.59
O1A CLA EJ . 1.79 1.28 73.74
O2A CLA EJ . 2.47 -0.75 74.41
NB CLA EJ . 8.15 6.00 74.23
C1B CLA EJ . 7.26 5.91 73.19
C2B CLA EJ . 7.57 6.91 72.21
C3B CLA EJ . 8.65 7.59 72.69
C4B CLA EJ . 9.01 7.00 73.97
CMB CLA EJ . 6.83 7.16 70.91
CAB CLA EJ . 9.35 8.72 72.03
CBB CLA EJ . 9.54 10.04 72.75
NC CLA EJ . 9.92 5.86 76.67
C1C CLA EJ . 10.51 6.88 76.05
C2C CLA EJ . 11.66 7.42 76.80
C3C CLA EJ . 11.73 6.64 77.92
C4C CLA EJ . 10.65 5.67 77.82
CMC CLA EJ . 12.56 8.57 76.40
CAC CLA EJ . 12.73 6.75 79.06
CBC CLA EJ . 14.06 6.17 78.64
ND CLA EJ . 8.45 3.76 77.54
C1D CLA EJ . 9.32 3.71 78.60
C2D CLA EJ . 8.99 2.64 79.52
C3D CLA EJ . 7.86 2.07 78.96
C4D CLA EJ . 7.54 2.74 77.78
CMD CLA EJ . 9.61 2.13 80.81
CAD CLA EJ . 6.89 1.02 79.17
OBD CLA EJ . 6.78 0.35 80.19
CBD CLA EJ . 5.88 1.10 78.07
CGD CLA EJ . 5.83 -0.20 77.33
O1D CLA EJ . 6.82 -0.63 76.74
O2D CLA EJ . 4.71 -0.91 77.29
CED CLA EJ . 4.75 -2.19 77.91
C1 CLA EJ . 1.69 -1.62 73.54
C2 CLA EJ . 0.73 -1.15 72.47
C3 CLA EJ . -0.36 -1.87 72.13
C4 CLA EJ . -0.69 -3.16 72.80
C5 CLA EJ . -1.31 -1.41 71.07
C6 CLA EJ . -0.61 -1.41 69.71
C7 CLA EJ . -0.16 0.00 69.34
C8 CLA EJ . -0.88 0.51 68.10
C9 CLA EJ . -0.04 1.55 67.37
C10 CLA EJ . -2.24 1.07 68.48
C11 CLA EJ . -2.11 2.11 69.59
C12 CLA EJ . -2.74 3.44 69.19
C13 CLA EJ . -1.78 4.60 69.43
C14 CLA EJ . -0.92 4.36 70.67
C15 CLA EJ . -2.59 5.88 69.55
C16 CLA EJ . -1.86 7.09 68.96
C17 CLA EJ . -1.11 7.86 70.03
C18 CLA EJ . -1.38 9.37 69.99
C19 CLA EJ . -0.16 10.15 70.47
C20 CLA EJ . -1.81 9.83 68.60
MG CLA FJ . -7.88 -6.37 85.10
CHA CLA FJ . -8.26 -3.00 84.47
CHB CLA FJ . -4.78 -5.81 86.46
CHC CLA FJ . -7.69 -9.59 85.75
CHD CLA FJ . -11.09 -6.92 83.70
NA CLA FJ . -6.63 -4.59 85.46
C1A CLA FJ . -6.95 -3.34 85.13
C2A CLA FJ . -5.85 -2.37 85.50
C3A CLA FJ . -4.78 -3.28 86.10
C4A CLA FJ . -5.40 -4.64 86.01
CMA CLA FJ . -3.32 -3.08 85.69
CAA CLA FJ . -6.33 -1.45 86.62
CBA CLA FJ . -7.42 -2.09 87.46
CGA CLA FJ . -7.47 -1.52 88.86
O1A CLA FJ . -6.97 -0.43 89.07
O2A CLA FJ . -8.07 -2.20 89.81
NB CLA FJ . -6.46 -7.52 85.98
C1B CLA FJ . -5.24 -7.14 86.45
C2B CLA FJ . -4.53 -8.29 86.96
C3B CLA FJ . -5.34 -9.36 86.75
C4B CLA FJ . -6.58 -8.86 86.12
CMB CLA FJ . -3.16 -8.30 87.59
CAB CLA FJ . -5.01 -10.76 87.13
CBB CLA FJ . -5.54 -11.97 86.41
NC CLA FJ . -9.20 -7.99 84.82
C1C CLA FJ . -8.92 -9.23 85.15
C2C CLA FJ . -10.01 -10.17 84.85
C3C CLA FJ . -10.98 -9.39 84.29
C4C CLA FJ . -10.46 -8.02 84.26
CMC CLA FJ . -10.03 -11.65 85.11
CAC CLA FJ . -12.32 -9.85 83.80
CBC CLA FJ . -13.37 -9.57 84.85
ND CLA FJ . -9.37 -5.32 84.31
C1D CLA FJ . -10.58 -5.60 83.74
C2D CLA FJ . -11.21 -4.40 83.20
C3D CLA FJ . -10.30 -3.40 83.49
C4D CLA FJ . -9.21 -3.96 84.16
CMD CLA FJ . -12.50 -4.13 82.48
CAD CLA FJ . -10.07 -1.98 83.35
OBD CLA FJ . -10.85 -1.17 82.85
CBD CLA FJ . -8.81 -1.64 84.08
CGD CLA FJ . -7.83 -0.95 83.18
O1D CLA FJ . -7.29 -1.54 82.26
O2D CLA FJ . -7.53 0.34 83.37
CED CLA FJ . -7.63 1.19 82.24
C1 CLA FJ . -7.36 -3.22 90.59
C2 CLA FJ . -6.62 -4.37 89.94
C3 CLA FJ . -6.72 -5.62 90.43
C4 CLA FJ . -5.99 -6.77 89.80
C5 CLA FJ . -7.56 -5.94 91.64
C6 CLA FJ . -8.74 -6.81 91.22
C7 CLA FJ . -9.36 -7.49 92.44
C8 CLA FJ . -10.56 -6.70 92.96
C9 CLA FJ . -10.16 -5.80 94.11
C10 CLA FJ . -11.66 -7.68 93.37
C11 CLA FJ . -12.76 -6.97 94.15
MG CLA GJ . -3.64 -2.47 75.57
CHA CLA GJ . -6.72 -1.72 74.17
CHB CLA GJ . -3.80 -5.67 74.33
CHC CLA GJ . -0.58 -2.97 76.70
CHD CLA GJ . -3.54 0.80 76.93
NA CLA GJ . -5.10 -3.59 74.36
C1A CLA GJ . -6.27 -3.14 73.91
C2A CLA GJ . -7.03 -4.20 73.16
C3A CLA GJ . -6.09 -5.41 73.25
C4A CLA GJ . -4.92 -4.88 74.02
CMA CLA GJ . -6.63 -6.78 73.66
CAA CLA GJ . -7.11 -3.82 71.70
CBA CLA GJ . -5.81 -3.18 71.24
CGA CLA GJ . -5.64 -3.36 69.76
O1A CLA GJ . -6.63 -3.26 69.05
O2A CLA GJ . -4.44 -3.61 69.27
NB CLA GJ . -2.38 -4.06 75.50
C1B CLA GJ . -2.63 -5.31 75.03
C2B CLA GJ . -1.52 -6.19 75.32
C3B CLA GJ . -0.62 -5.41 75.99
C4B CLA GJ . -1.18 -4.07 76.10
CMB CLA GJ . -1.42 -7.64 74.95
CAB CLA GJ . 0.70 -5.80 76.53
CBB CLA GJ . 1.67 -6.64 75.74
NC CLA GJ . -2.27 -1.26 76.61
C1C CLA GJ . -1.08 -1.68 77.02
C2C CLA GJ . -0.35 -0.69 77.82
C3C CLA GJ . -1.20 0.39 77.86
C4C CLA GJ . -2.40 0.02 77.11
CMC CLA GJ . 1.02 -0.82 78.42
CAC CLA GJ . -0.96 1.69 78.57
CBC CLA GJ . 0.00 2.52 77.76
ND CLA GJ . -4.77 -0.83 75.62
C1D CLA GJ . -4.65 0.41 76.15
C2D CLA GJ . -5.79 1.26 75.80
C3D CLA GJ . -6.59 0.41 75.04
C4D CLA GJ . -5.97 -0.83 74.94
CMD CLA GJ . -6.17 2.68 76.12
CAD CLA GJ . -7.84 0.37 74.31
OBD CLA GJ . -8.49 1.36 73.99
CBD CLA GJ . -7.95 -0.96 73.65
CGD CLA GJ . -9.27 -1.59 74.00
O1D CLA GJ . -10.30 -1.15 73.50
O2D CLA GJ . -9.38 -2.63 74.82
CED CLA GJ . -10.34 -3.60 74.40
C1 CLA GJ . -3.88 -2.80 68.19
C2 CLA GJ . -4.71 -2.55 66.96
C3 CLA GJ . -4.24 -1.93 65.87
C4 CLA GJ . -5.15 -1.72 64.71
C5 CLA GJ . -2.83 -1.40 65.75
C6 CLA GJ . -2.49 -1.10 64.30
C7 CLA GJ . -2.25 0.39 64.08
C8 CLA GJ . -1.34 0.61 62.87
C9 CLA GJ . 0.12 0.42 63.26
C10 CLA GJ . -1.57 2.00 62.27
C11 CLA GJ . -3.04 2.39 62.25
C12 CLA GJ . -3.44 2.91 60.87
C13 CLA GJ . -3.96 4.34 60.94
C14 CLA GJ . -5.48 4.39 60.75
C15 CLA GJ . -3.26 5.19 59.89
C16 CLA GJ . -1.75 5.05 60.00
C17 CLA GJ . -1.06 6.37 59.63
MG CHL HJ . 6.85 2.00 84.23
CHA CHL HJ . 7.12 -0.16 86.85
CHB CHL HJ . 3.92 0.45 83.33
CHC CHL HJ . 6.60 4.09 81.74
CHD CHL HJ . 9.95 3.41 85.21
NA CHL HJ . 5.73 0.45 84.98
C1A CHL HJ . 6.00 -0.32 86.09
C2A CHL HJ . 4.93 -1.37 86.32
C3A CHL HJ . 4.04 -1.26 85.12
C4A CHL HJ . 4.58 -0.04 84.40
CMA CHL HJ . 3.65 -2.51 84.33
CAA CHL HJ . 4.17 -1.16 87.65
CBA CHL HJ . 4.09 -2.38 88.55
CGA CHL HJ . 2.71 -2.67 89.05
O1A CHL HJ . 1.97 -3.50 88.60
O2A CHL HJ . 2.41 -1.91 90.08
NB CHL HJ . 5.44 2.25 82.77
C1B CHL HJ . 4.30 1.54 82.57
C2B CHL HJ . 3.62 2.10 81.45
C3B CHL HJ . 4.35 3.15 80.96
C4B CHL HJ . 5.54 3.24 81.82
CMB CHL HJ . 2.32 1.61 80.91
CAB CHL HJ . 3.98 3.93 79.79
CBB CHL HJ . 4.73 5.06 79.13
NC CHL HJ . 8.09 3.50 83.62
C1C CHL HJ . 7.75 4.23 82.52
C2C CHL HJ . 8.83 5.18 82.28
C3C CHL HJ . 9.78 4.96 83.25
C4C CHL HJ . 9.33 3.91 84.10
CMC CHL HJ . 8.96 6.22 81.28
OMC CHL HJ . 8.14 6.46 80.41
CAC CHL HJ . 11.10 5.68 83.37
CBC CHL HJ . 12.25 4.90 82.80
ND CHL HJ . 8.27 1.78 85.67
C1D CHL HJ . 9.45 2.39 85.99
C2D CHL HJ . 10.01 1.81 87.16
C3D CHL HJ . 9.13 0.82 87.54
C4D CHL HJ . 8.07 0.81 86.62
CMD CHL HJ . 11.28 2.24 87.81
CAD CHL HJ . 8.87 -0.25 88.50
OBD CHL HJ . 9.54 -0.57 89.46
CBD CHL HJ . 7.58 -0.94 88.09
CGD CHL HJ . 7.86 -2.40 87.78
O1D CHL HJ . 8.46 -2.80 86.81
O2D CHL HJ . 7.36 -3.19 88.71
CED CHL HJ . 7.57 -4.61 88.53
C1 CHL HJ . 1.11 -2.00 90.76
C2 CHL HJ . 1.22 -1.31 92.06
C3 CHL HJ . 0.30 -1.44 93.00
C4 CHL HJ . -0.92 -2.31 92.86
C5 CHL HJ . 0.42 -0.72 94.32
C6 CHL HJ . -0.79 0.14 94.65
MG CLA IJ . -2.50 24.95 63.84
CHA CLA IJ . -1.13 23.07 66.40
CHB CLA IJ . -0.12 23.76 61.65
CHC CLA IJ . -3.98 26.68 61.45
CHD CLA IJ . -4.92 26.17 66.11
NA CLA IJ . -0.80 23.55 63.98
C1A CLA IJ . -0.40 22.91 65.09
C2A CLA IJ . 0.84 22.09 64.85
C3A CLA IJ . 1.13 22.34 63.36
C4A CLA IJ . 0.02 23.26 62.95
CMA CLA IJ . 2.54 22.66 62.90
CAA CLA IJ . 0.56 20.60 65.10
CBA CLA IJ . 1.66 19.69 64.57
CGA CLA IJ . 2.84 19.64 65.51
O1A CLA IJ . 3.49 20.66 65.73
O2A CLA IJ . 3.19 18.50 66.06
NB CLA IJ . -2.11 25.17 61.86
C1B CLA IJ . -1.10 24.64 61.13
C2B CLA IJ . -1.17 25.10 59.76
C3B CLA IJ . -2.25 25.92 59.72
C4B CLA IJ . -2.84 25.96 61.05
CMB CLA IJ . -0.23 24.74 58.64
CAB CLA IJ . -2.79 26.66 58.56
CBB CLA IJ . -3.13 25.94 57.28
NC CLA IJ . -4.21 26.17 63.77
C1C CLA IJ . -4.61 26.82 62.69
C2C CLA IJ . -5.78 27.70 62.94
C3C CLA IJ . -6.05 27.52 64.27
C4C CLA IJ . -5.06 26.57 64.78
CMC CLA IJ . -6.49 28.57 61.95
CAC CLA IJ . -7.16 28.18 65.07
CBC CLA IJ . -6.74 29.59 65.44
ND CLA IJ . -3.00 24.74 65.75
C1D CLA IJ . -3.95 25.26 66.57
C2D CLA IJ . -3.80 24.77 67.93
C3D CLA IJ . -2.70 23.92 67.86
C4D CLA IJ . -2.23 23.91 66.55
CMD CLA IJ . -4.55 25.01 69.21
CAD CLA IJ . -1.88 23.04 68.65
OBD CLA IJ . -2.04 22.77 69.83
CBD CLA IJ . -0.85 22.43 67.75
CGD CLA IJ . 0.53 22.78 68.20
O1D CLA IJ . 0.80 23.91 68.57
O2D CLA IJ . 1.49 21.86 68.20
CED CLA IJ . 2.15 21.63 69.44
C1 CLA IJ . 2.20 17.64 66.71
C2 CLA IJ . 1.13 18.19 67.62
C3 CLA IJ . 0.64 17.45 68.63
C4 CLA IJ . 1.14 16.06 68.90
C5 CLA IJ . -0.44 17.96 69.55
C6 CLA IJ . -1.79 17.51 69.04
C7 CLA IJ . -2.78 18.67 68.96
C8 CLA IJ . -3.42 18.76 67.58
C9 CLA IJ . -2.36 18.90 66.51
C10 CLA IJ . -4.40 19.93 67.53
C11 CLA IJ . -4.90 20.18 66.12
C12 CLA IJ . -4.83 21.66 65.76
C13 CLA IJ . -5.69 21.98 64.57
C14 CLA IJ . -4.86 22.35 63.35
C15 CLA IJ . -6.66 23.11 64.93
MG CLA JJ . 8.70 9.13 95.83
CHA CLA JJ . 12.11 8.98 96.40
CHB CLA JJ . 8.97 6.74 93.36
CHC CLA JJ . 5.42 9.24 95.48
CHD CLA JJ . 8.46 11.59 98.37
NA CLA JJ . 10.35 7.95 94.96
C1A CLA JJ . 11.64 8.03 95.31
C2A CLA JJ . 12.52 7.13 94.48
C3A CLA JJ . 11.50 6.44 93.55
C4A CLA JJ . 10.19 7.06 93.96
CMA CLA JJ . 11.83 6.29 92.07
CAA CLA JJ . 13.19 6.07 95.36
CBA CLA JJ . 12.33 5.64 96.53
CGA CLA JJ . 13.17 4.89 97.54
O1A CLA JJ . 13.82 3.93 97.17
O2A CLA JJ . 13.17 5.30 98.79
NB CLA JJ . 7.40 8.13 94.62
C1B CLA JJ . 7.68 7.22 93.65
C2B CLA JJ . 6.46 6.82 92.99
C3B CLA JJ . 5.46 7.53 93.60
C4B CLA JJ . 6.07 8.36 94.63
CMB CLA JJ . 6.31 5.83 91.87
CAB CLA JJ . 4.02 7.48 93.27
CBB CLA JJ . 2.99 7.17 94.33
NC CLA JJ . 7.18 10.18 96.83
C1C CLA JJ . 5.90 10.14 96.48
C2C CLA JJ . 5.06 11.11 97.20
C3C CLA JJ . 5.93 11.74 98.04
C4C CLA JJ . 7.25 11.17 97.80
CMC CLA JJ . 3.58 11.33 97.06
CAC CLA JJ . 5.58 12.85 99.01
CBC CLA JJ . 5.16 12.24 100.34
ND CLA JJ . 9.87 10.07 97.11
C1D CLA JJ . 9.72 11.04 98.07
C2D CLA JJ . 11.00 11.42 98.66
C3D CLA JJ . 11.91 10.61 98.00
C4D CLA JJ . 11.23 9.81 97.09
CMD CLA JJ . 11.41 12.41 99.72
CAD CLA JJ . 13.33 10.30 97.93
OBD CLA JJ . 14.22 10.91 98.49
CBD CLA JJ . 13.50 9.18 96.95
CGD CLA JJ . 14.44 9.57 95.85
O1D CLA JJ . 14.24 10.54 95.16
O2D CLA JJ . 15.52 8.82 95.63
CED CLA JJ . 16.78 9.44 95.89
C1 CLA JJ . 14.10 6.34 99.24
C2 CLA JJ . 15.58 6.21 98.99
C3 CLA JJ . 16.44 6.97 99.70
C4 CLA JJ . 17.93 6.87 99.46
C5 CLA JJ . 16.00 7.95 100.75
MG CLA KJ . -7.09 -13.34 95.93
CHA CLA KJ . -5.35 -13.47 92.95
CHB CLA KJ . -4.28 -14.29 97.67
CHC CLA KJ . -8.83 -13.08 98.72
CHD CLA KJ . -9.97 -12.32 94.14
NA CLA KJ . -5.01 -13.83 95.39
C1A CLA KJ . -4.51 -13.83 94.14
C2A CLA KJ . -3.05 -14.25 94.13
C3A CLA KJ . -2.75 -14.48 95.62
C4A CLA KJ . -4.07 -14.19 96.29
CMA CLA KJ . -1.90 -15.65 96.09
CAA CLA KJ . -2.14 -13.16 93.58
CBA CLA KJ . -2.64 -11.75 93.90
CGA CLA KJ . -2.17 -10.81 92.81
O1A CLA KJ . -2.49 -11.02 91.66
O2A CLA KJ . -1.42 -9.78 93.15
NB CLA KJ . -6.62 -13.64 97.89
C1B CLA KJ . -5.43 -14.04 98.42
C2B CLA KJ . -5.56 -14.17 99.86
C3B CLA KJ . -6.84 -13.82 100.15
C4B CLA KJ . -7.51 -13.49 98.89
CMB CLA KJ . -4.48 -14.60 100.82
CAB CLA KJ . -7.45 -13.81 101.50
CBB CLA KJ . -8.28 -12.65 101.99
NC CLA KJ . -9.06 -12.72 96.36
C1C CLA KJ . -9.59 -12.76 97.58
C2C CLA KJ . -11.03 -12.44 97.59
C3C CLA KJ . -11.33 -12.19 96.29
C4C CLA KJ . -10.10 -12.38 95.52
CMC CLA KJ . -11.94 -12.38 98.79
CAC CLA KJ . -12.69 -11.81 95.74
CBC CLA KJ . -12.80 -10.31 95.70
ND CLA KJ . -7.63 -12.95 94.06
C1D CLA KJ . -8.77 -12.57 93.42
C2D CLA KJ . -8.59 -12.50 91.98
C3D CLA KJ . -7.26 -12.85 91.81
C4D CLA KJ . -6.70 -13.12 93.06
CMD CLA KJ . -9.49 -12.15 90.81
CAD CLA KJ . -6.26 -13.04 90.79
OBD CLA KJ . -6.49 -13.25 89.61
CBD CLA KJ . -4.97 -13.39 91.48
CGD CLA KJ . -4.46 -14.70 90.98
O1D CLA KJ . -5.04 -15.74 91.25
O2D CLA KJ . -3.37 -14.74 90.22
CED CLA KJ . -3.58 -15.00 88.83
MG CHL LJ . 0.70 -10.89 72.81
CHA CHL LJ . 1.22 -14.15 73.68
CHB CHL LJ . 3.97 -10.23 73.64
CHC CHL LJ . 0.22 -7.83 71.86
CHD CHL LJ . -2.69 -11.71 72.18
NA CHL LJ . 2.28 -12.00 73.50
C1A CHL LJ . 2.34 -13.35 73.74
C2A CHL LJ . 3.73 -13.79 74.15
C3A CHL LJ . 4.38 -12.51 74.54
C4A CHL LJ . 3.50 -11.47 73.87
CMA CHL LJ . 4.81 -12.29 75.98
CAA CHL LJ . 4.57 -14.40 73.00
CBA CHL LJ . 4.07 -15.70 72.40
CGA CHL LJ . 3.84 -15.62 70.92
O1A CHL LJ . 4.53 -16.15 70.09
O2A CHL LJ . 2.78 -14.88 70.64
NB CHL LJ . 1.94 -9.28 72.73
C1B CHL LJ . 3.24 -9.19 73.06
C2B CHL LJ . 3.70 -7.88 72.76
C3B CHL LJ . 2.66 -7.17 72.25
C4B CHL LJ . 1.52 -8.07 72.23
CMB CHL LJ . 5.10 -7.38 72.98
CAB CHL LJ . 2.77 -5.78 71.78
CBB CHL LJ . 1.72 -4.93 71.14
NC CHL LJ . -0.98 -9.96 72.13
C1C CHL LJ . -0.91 -8.64 71.81
C2C CHL LJ . -2.25 -8.21 71.42
C3C CHL LJ . -3.07 -9.31 71.54
C4C CHL LJ . -2.28 -10.41 71.98
CMC CHL LJ . -2.73 -6.92 70.98
OMC CHL LJ . -2.05 -5.93 70.84
CAC CHL LJ . -4.56 -9.33 71.31
CBC CHL LJ . -4.92 -9.51 69.86
ND CHL LJ . -0.55 -12.51 72.88
C1D CHL LJ . -1.86 -12.74 72.59
C2D CHL LJ . -2.18 -14.10 72.83
C3D CHL LJ . -1.01 -14.70 73.26
C4D CHL LJ . -0.02 -13.71 73.28
CMD CHL LJ . -3.52 -14.72 72.60
CAD CHL LJ . -0.39 -15.94 73.70
OBD CHL LJ . -0.90 -17.04 73.80
CBD CHL LJ . 1.07 -15.64 74.02
CGD CHL LJ . 1.38 -15.97 75.47
O1D CHL LJ . 1.27 -15.20 76.38
O2D CHL LJ . 1.79 -17.22 75.60
CED CHL LJ . 2.10 -17.66 76.95
C1 CHL LJ . 2.36 -14.63 69.27
C2 CHL LJ . 1.24 -13.66 69.29
C3 CHL LJ . 1.45 -12.35 69.36
C4 CHL LJ . 2.81 -11.74 69.47
C5 CHL LJ . 0.30 -11.38 69.29
C6 CHL LJ . 0.70 -10.03 68.72
C7 CHL LJ . -0.49 -9.10 68.46
C8 CHL LJ . -1.38 -9.51 67.28
C9 CHL LJ . -2.59 -8.59 67.16
C10 CHL LJ . -0.50 -9.43 66.03
O1 LHG MJ . -24.23 17.52 64.08
C1 LHG MJ . -23.97 18.69 63.29
C2 LHG MJ . -25.25 19.50 63.16
O2 LHG MJ . -25.25 20.18 61.90
C3 LHG MJ . -25.31 20.54 64.27
O3 LHG MJ . -24.06 20.53 64.95
P LHG MJ . -23.11 21.83 64.92
O4 LHG MJ . -23.82 22.91 64.13
O5 LHG MJ . -22.61 22.09 66.31
O6 LHG MJ . -21.84 21.30 64.07
C4 LHG MJ . -20.70 22.14 63.95
C5 LHG MJ . -19.44 21.34 64.26
C6 LHG MJ . -19.80 20.00 64.91
O7 LHG MJ . -18.72 21.11 63.06
C7 LHG MJ . -17.65 21.91 62.97
O9 LHG MJ . -16.71 21.72 63.72
C8 LHG MJ . -17.62 23.02 61.96
C9 LHG MJ . -16.94 24.23 62.58
C10 LHG MJ . -15.47 24.30 62.21
O8 LHG MJ . -18.64 19.17 65.00
C23 LHG MJ . -17.67 19.47 65.86
O10 LHG MJ . -17.94 20.12 66.85
C24 LHG MJ . -16.26 19.02 65.61
C11 LHG MJ . -15.12 25.69 61.69
C12 LHG MJ . -16.15 26.12 60.64
C13 LHG MJ . -15.87 27.52 60.10
C14 LHG MJ . -17.07 28.43 60.31
C15 LHG MJ . -18.39 27.68 60.08
C16 LHG MJ . -19.28 28.44 59.10
C17 LHG MJ . -20.64 27.76 58.98
C25 LHG MJ . -15.70 18.39 66.88
C26 LHG MJ . -14.45 19.13 67.36
C1 PLM NJ . -16.70 -11.73 69.70
O1 PLM NJ . -17.47 -12.18 70.58
O2 PLM NJ . -15.51 -12.14 69.64
C2 PLM NJ . -17.21 -10.69 68.70
C3 PLM NJ . -16.60 -9.32 69.02
C4 PLM NJ . -15.67 -8.92 67.88
C5 PLM NJ . -14.26 -9.42 68.16
C6 PLM NJ . -13.59 -8.46 69.15
C7 PLM NJ . -12.25 -7.99 68.59
C8 PLM NJ . -12.45 -7.22 67.28
C9 PLM NJ . -13.39 -6.04 67.50
CA PLM NJ . -13.97 -5.62 66.15
CB PLM NJ . -15.33 -4.97 66.36
CC PLM NJ . -15.19 -3.45 66.40
CD PLM NJ . -14.48 -2.94 65.15
CE PLM NJ . -14.74 -1.45 64.99
CF PLM NJ . -13.73 -0.84 64.01
CG PLM NJ . -12.50 -0.35 64.79
C1 SPH OJ . 18.99 -0.11 92.91
O1 SPH OJ . 19.66 -0.94 93.80
C2 SPH OJ . 18.76 1.26 93.56
N2 SPH OJ . 18.27 2.19 92.56
C3 SPH OJ . 17.73 1.13 94.68
O3 SPH OJ . 18.34 1.46 95.89
C4 SPH OJ . 16.56 2.08 94.42
C5 SPH OJ . 15.42 1.60 93.95
C6 SPH OJ . 14.26 2.54 93.68
C7 SPH OJ . 12.95 1.76 93.72
C8 SPH OJ . 11.78 2.72 93.55
C9 SPH OJ . 10.55 2.15 94.24
C10 SPH OJ . 9.46 3.21 94.31
C11 SPH OJ . 8.48 2.86 95.42
C12 SPH OJ . 7.40 3.93 95.52
C13 SPH OJ . 6.06 3.36 95.04
C14 SPH OJ . 4.94 3.92 95.91
C15 SPH OJ . 3.71 3.00 95.82
C16 SPH OJ . 3.10 3.13 94.43
C17 SPH OJ . 1.58 3.01 94.53
C18 SPH OJ . 0.99 4.29 95.11
MG CHL PJ . -21.12 21.85 73.89
CHA CHL PJ . -22.87 24.69 73.21
CHB CHL PJ . -19.31 22.34 71.02
CHC CHL PJ . -19.51 19.09 74.52
CHD CHL PJ . -23.06 21.48 76.83
NA CHL PJ . -21.11 23.26 72.41
C1A CHL PJ . -21.83 24.44 72.37
C2A CHL PJ . -21.39 25.35 71.26
C3A CHL PJ . -20.40 24.51 70.50
C4A CHL PJ . -20.23 23.28 71.36
CMA CHL PJ . -20.52 24.35 68.99
CAA CHL PJ . -20.76 26.61 71.89
CBA CHL PJ . -20.46 27.74 70.92
CGA CHL PJ . -19.24 28.54 71.29
O1A CHL PJ . -18.87 29.52 70.72
O2A CHL PJ . -18.61 28.00 72.31
NB CHL PJ . -19.63 20.86 72.89
C1B CHL PJ . -19.05 21.18 71.72
C2B CHL PJ . -18.11 20.16 71.40
C3B CHL PJ . -18.13 19.21 72.38
C4B CHL PJ . -19.12 19.66 73.34
CMB CHL PJ . -17.23 20.16 70.17
CAB CHL PJ . -17.34 17.97 72.37
CBB CHL PJ . -17.35 16.86 73.37
NC CHL PJ . -21.28 20.53 75.45
C1C CHL PJ . -20.45 19.45 75.48
C2C CHL PJ . -20.74 18.72 76.71
C3C CHL PJ . -21.75 19.39 77.34
C4C CHL PJ . -22.09 20.54 76.56
CMC CHL PJ . -20.14 17.51 77.24
OMC CHL PJ . -19.24 16.89 76.71
CAC CHL PJ . -22.41 18.98 78.63
CBC CHL PJ . -23.82 18.49 78.42
ND CHL PJ . -22.61 22.80 74.89
C1D CHL PJ . -23.33 22.58 76.02
C2D CHL PJ . -24.32 23.59 76.20
C3D CHL PJ . -24.19 24.44 75.12
C4D CHL PJ . -23.15 23.95 74.33
CMD CHL PJ . -25.28 23.67 77.35
CAD CHL PJ . -24.70 25.63 74.46
OBD CHL PJ . -25.60 26.36 74.82
CBD CHL PJ . -23.89 25.84 73.20
CGD CHL PJ . -24.83 25.82 71.99
O1D CHL PJ . -25.86 25.20 71.93
O2D CHL PJ . -24.36 26.59 71.01
CED CHL PJ . -25.15 26.64 69.81
C1 CHL PJ . -17.31 28.48 72.77
C2 CHL PJ . -17.51 29.71 73.58
C3 CHL PJ . -16.87 29.86 74.73
C4 CHL PJ . -17.02 31.08 75.60
C5 CHL PJ . -15.94 28.79 75.26
C6 CHL PJ . -14.65 29.33 75.86
C7 CHL PJ . -13.69 28.22 76.28
C8 CHL PJ . -12.38 28.68 76.89
C9 CHL PJ . -11.63 29.63 75.97
C10 CHL PJ . -12.72 29.33 78.23
C11 CHL PJ . -11.52 29.68 79.10
C12 CHL PJ . -11.93 30.21 80.47
C13 CHL PJ . -10.76 30.63 81.36
C14 CHL PJ . -10.73 29.79 82.64
C15 CHL PJ . -10.64 32.12 81.68
C16 CHL PJ . -11.51 33.03 80.83
C17 CHL PJ . -11.28 34.52 81.03
C18 CHL PJ . -11.93 35.19 82.24
C19 CHL PJ . -11.18 34.99 83.54
C20 CHL PJ . -12.15 36.68 81.98
O1 LHG QJ . -25.67 21.67 80.34
C1 LHG QJ . -25.18 22.86 80.97
C2 LHG QJ . -24.43 22.50 82.25
O2 LHG QJ . -24.78 23.42 83.29
C3 LHG QJ . -22.94 22.60 81.98
O3 LHG QJ . -22.21 21.84 82.96
P LHG QJ . -21.89 20.29 82.72
O4 LHG QJ . -21.89 19.60 84.05
O5 LHG QJ . -22.76 19.76 81.61
O6 LHG QJ . -20.37 20.34 82.20
C4 LHG QJ . -19.94 19.51 81.13
C5 LHG QJ . -18.46 19.75 80.86
C6 LHG QJ . -17.70 18.59 81.47
O7 LHG QJ . -18.20 19.81 79.47
C7 LHG QJ . -18.08 21.07 79.01
O9 LHG QJ . -17.37 21.86 79.61
C8 LHG QJ . -18.82 21.49 77.77
C9 LHG QJ . -17.85 22.05 76.74
C10 LHG QJ . -18.57 23.02 75.81
O8 LHG QJ . -16.50 18.34 80.73
C23 LHG QJ . -16.40 17.25 79.98
O10 LHG QJ . -17.28 16.40 80.02
C24 LHG QJ . -15.21 17.10 79.08
C11 LHG QJ . -17.60 24.03 75.17
C12 LHG QJ . -17.02 23.48 73.88
C13 LHG QJ . -16.27 24.56 73.11
C14 LHG QJ . -16.67 24.55 71.64
C15 LHG QJ . -15.92 25.62 70.84
C16 LHG QJ . -16.86 26.32 69.87
C17 LHG QJ . -16.11 27.25 68.94
C18 LHG QJ . -15.35 28.33 69.72
C19 LHG QJ . -15.20 29.60 68.90
C20 LHG QJ . -13.77 29.78 68.42
C21 LHG QJ . -13.50 31.23 68.05
C22 LHG QJ . -12.11 31.64 68.47
C25 LHG QJ . -15.61 17.49 77.66
C26 LHG QJ . -15.06 18.87 77.31
C27 LHG QJ . -15.56 19.30 75.92
C28 LHG QJ . -14.43 19.96 75.13
C29 LHG QJ . -14.95 20.49 73.80
C30 LHG QJ . -13.84 20.63 72.78
C31 LHG QJ . -13.73 22.06 72.27
C32 LHG QJ . -12.52 22.23 71.38
C33 LHG QJ . -11.97 23.66 71.44
C34 LHG QJ . -11.46 24.11 70.08
C35 LHG QJ . -10.42 23.14 69.53
C36 LHG QJ . -10.30 23.27 68.01
C37 LHG QJ . -10.04 21.92 67.35
C38 LHG QJ . -11.31 21.33 66.79
C1 PLM RJ . -11.24 -19.23 67.30
O2 PLM RJ . -12.01 -20.10 67.79
C2 PLM RJ . -10.07 -18.69 68.11
C3 PLM RJ . -10.58 -18.27 69.50
C4 PLM RJ . -9.39 -18.02 70.41
C5 PLM RJ . -8.45 -16.99 69.78
C6 PLM RJ . -7.05 -17.12 70.37
C7 PLM RJ . -6.03 -17.06 69.25
C8 PLM RJ . -4.62 -17.20 69.83
C9 PLM RJ . -3.64 -17.51 68.71
CA PLM RJ . -2.22 -17.55 69.25
CB PLM RJ . -2.14 -18.50 70.45
CC PLM RJ . -0.75 -19.10 70.53
CD PLM RJ . 0.30 -17.99 70.66
CE PLM RJ . 1.69 -18.61 70.58
CF PLM RJ . 2.08 -19.17 71.95
CG PLM RJ . 3.00 -20.38 71.77
C1 LUT SJ . -35.75 87.43 16.33
C2 LUT SJ . -34.25 87.72 16.38
C3 LUT SJ . -33.45 86.85 15.43
C4 LUT SJ . -33.63 85.40 15.83
C5 LUT SJ . -35.10 85.05 15.95
C6 LUT SJ . -36.02 85.94 16.31
C7 LUT SJ . -37.36 85.46 16.71
C8 LUT SJ . -37.59 84.94 17.91
C9 LUT SJ . -38.92 84.46 18.32
C10 LUT SJ . -39.09 84.11 19.60
C11 LUT SJ . -40.35 83.64 20.15
C12 LUT SJ . -40.39 83.50 21.47
C13 LUT SJ . -41.59 83.06 22.20
C14 LUT SJ . -41.55 83.13 23.54
C15 LUT SJ . -42.69 82.77 24.38
C16 LUT SJ . -36.34 88.05 15.08
C17 LUT SJ . -36.37 88.06 17.56
C18 LUT SJ . -35.49 83.63 15.62
C19 LUT SJ . -40.04 84.37 17.32
C20 LUT SJ . -42.81 82.56 21.48
O3 LUT SJ . -32.07 87.18 15.57
C21 LUT SJ . -49.64 82.88 35.02
C22 LUT SJ . -51.01 82.55 35.63
C23 LUT SJ . -50.96 81.27 36.44
C24 LUT SJ . -50.63 80.13 35.49
C25 LUT SJ . -49.29 80.40 34.86
C26 LUT SJ . -48.92 81.65 34.51
C27 LUT SJ . -47.54 81.82 33.97
C28 LUT SJ . -47.36 81.94 32.66
C29 LUT SJ . -46.03 82.14 32.06
C30 LUT SJ . -45.98 82.50 30.77
C31 LUT SJ . -44.75 82.75 30.03
C32 LUT SJ . -44.73 82.46 28.74
C33 LUT SJ . -43.55 82.73 27.91
C34 LUT SJ . -43.70 82.74 26.58
C35 LUT SJ . -42.59 83.04 25.68
C36 LUT SJ . -48.77 83.52 36.09
C37 LUT SJ . -49.85 83.86 33.87
C38 LUT SJ . -48.37 79.24 34.62
C39 LUT SJ . -44.78 81.95 32.87
C40 LUT SJ . -42.21 83.00 28.54
O23 LUT SJ . -52.23 81.04 37.04
C1 LUT TJ . -28.99 79.15 28.97
C2 LUT TJ . -28.05 80.34 28.89
C3 LUT TJ . -28.46 81.49 29.79
C4 LUT TJ . -29.85 81.93 29.38
C5 LUT TJ . -30.81 80.78 29.49
C6 LUT TJ . -30.44 79.53 29.20
C7 LUT TJ . -31.44 78.44 29.12
C8 LUT TJ . -32.18 78.23 28.04
C9 LUT TJ . -33.15 77.13 27.99
C10 LUT TJ . -33.56 76.71 26.78
C11 LUT TJ . -34.49 75.61 26.54
C12 LUT TJ . -34.46 75.13 25.31
C13 LUT TJ . -35.28 74.02 24.81
C14 LUT TJ . -35.39 73.87 23.48
C15 LUT TJ . -36.16 72.79 22.87
C16 LUT TJ . -28.56 78.24 30.11
C17 LUT TJ . -28.85 78.39 27.65
C18 LUT TJ . -32.20 81.07 29.96
C19 LUT TJ . -33.66 76.50 29.24
C20 LUT TJ . -35.94 73.06 25.75
O3 LUT TJ . -27.55 82.57 29.59
C21 LUT TJ . -40.42 64.98 13.73
C22 LUT TJ . -41.21 63.69 13.47
C23 LUT TJ . -42.71 63.90 13.42
C24 LUT TJ . -43.16 64.49 14.73
C25 LUT TJ . -42.47 65.82 14.90
C26 LUT TJ . -41.18 65.99 14.59
C27 LUT TJ . -40.61 67.34 14.74
C28 LUT TJ . -39.86 67.59 15.82
C29 LUT TJ . -39.22 68.89 16.09
C30 LUT TJ . -38.53 68.98 17.23
C31 LUT TJ . -37.81 70.17 17.68
C32 LUT TJ . -37.75 70.39 19.00
C33 LUT TJ . -37.02 71.54 19.57
C34 LUT TJ . -36.84 71.57 20.90
C35 LUT TJ . -36.11 72.65 21.54
C36 LUT TJ . -40.10 65.65 12.40
C37 LUT TJ . -39.13 64.58 14.42
C38 LUT TJ . -43.27 66.98 15.40
C39 LUT TJ . -39.33 70.04 15.14
C40 LUT TJ . -36.47 72.61 18.67
O23 LUT TJ . -43.34 62.62 13.25
C1 BCR UJ . -39.50 64.41 51.75
C2 BCR UJ . -39.74 63.04 52.37
C3 BCR UJ . -40.02 63.10 53.86
C4 BCR UJ . -38.81 63.71 54.54
C5 BCR UJ . -38.51 65.06 53.95
C6 BCR UJ . -39.04 65.43 52.78
C7 BCR UJ . -39.14 66.87 52.51
C8 BCR UJ . -38.33 67.49 51.66
C9 BCR UJ . -38.34 68.90 51.33
C10 BCR UJ . -37.65 69.38 50.16
C11 BCR UJ . -37.81 70.09 48.95
C33 BCR UJ . -37.64 66.02 54.72
C31 BCR UJ . -40.78 64.93 51.12
C32 BCR UJ . -38.42 64.26 50.70
C34 BCR UJ . -39.06 69.88 52.22
C12 BCR UJ . -37.92 70.68 47.90
C13 BCR UJ . -37.88 71.81 47.06
C14 BCR UJ . -37.76 71.58 45.73
C15 BCR UJ . -37.69 72.62 44.75
C16 BCR UJ . -38.01 73.15 43.56
C17 BCR UJ . -37.50 74.24 43.11
C18 BCR UJ . -37.08 74.47 41.84
C19 BCR UJ . -36.50 75.76 41.45
C20 BCR UJ . -36.30 76.72 40.55
C21 BCR UJ . -35.77 77.95 40.06
C22 BCR UJ . -35.50 78.25 38.78
C23 BCR UJ . -34.92 79.58 38.52
C24 BCR UJ . -34.24 80.01 37.27
C25 BCR UJ . -33.70 81.38 37.21
C26 BCR UJ . -34.50 82.40 36.93
C27 BCR UJ . -34.15 83.77 37.44
C28 BCR UJ . -32.67 84.10 37.30
C29 BCR UJ . -31.79 82.93 36.90
C30 BCR UJ . -32.22 81.61 37.52
C35 BCR UJ . -37.95 73.21 47.61
C36 BCR UJ . -37.18 73.36 40.84
C37 BCR UJ . -35.77 77.29 37.68
C38 BCR UJ . -35.75 82.24 36.12
C39 BCR UJ . -31.98 81.58 39.02
C40 BCR UJ . -31.41 80.51 36.84
C1 BCR VJ . -12.46 73.82 42.46
C2 BCR VJ . -11.45 73.59 43.59
C3 BCR VJ . -11.12 72.12 43.82
C4 BCR VJ . -10.72 71.43 42.52
C5 BCR VJ . -11.70 71.74 41.42
C6 BCR VJ . -12.72 72.55 41.70
C7 BCR VJ . -14.09 72.20 41.28
C8 BCR VJ . -14.62 72.67 40.16
C9 BCR VJ . -15.94 72.39 39.66
C10 BCR VJ . -16.45 73.12 38.51
C11 BCR VJ . -17.41 73.08 37.47
C33 BCR VJ . -11.54 71.12 40.07
C31 BCR VJ . -11.91 74.85 41.48
C32 BCR VJ . -13.77 74.33 43.05
C34 BCR VJ . -16.79 71.35 40.33
C12 BCR VJ . -18.19 73.09 36.56
C13 BCR VJ . -19.40 72.81 35.89
C14 BCR VJ . -19.50 73.21 34.59
C15 BCR VJ . -20.64 73.01 33.75
C16 BCR VJ . -21.93 72.87 33.44
C17 BCR VJ . -22.34 72.71 32.22
C18 BCR VJ . -23.60 72.44 31.81
C19 BCR VJ . -23.86 72.29 30.37
C20 BCR VJ . -24.64 72.35 29.29
C21 BCR VJ . -24.96 72.25 27.91
C22 BCR VJ . -26.13 71.84 27.35
C23 BCR VJ . -26.17 71.84 25.88
C24 BCR VJ . -25.04 72.24 24.99
C25 BCR VJ . -25.13 72.22 23.52
C26 BCR VJ . -24.68 71.16 22.86
C27 BCR VJ . -24.44 71.26 21.38
C28 BCR VJ . -24.00 72.68 21.07
C29 BCR VJ . -25.07 73.71 21.47
C30 BCR VJ . -25.75 73.42 22.79
C35 BCR VJ . -20.54 72.13 36.58
C36 BCR VJ . -24.69 72.30 32.81
C37 BCR VJ . -27.30 71.42 28.18
C38 BCR VJ . -24.35 69.86 23.54
C39 BCR VJ . -27.23 73.14 22.57
C40 BCR VJ . -25.57 74.66 23.66
C1 LUT WJ . -18.83 67.01 21.88
C2 LUT WJ . -17.56 67.60 21.27
C3 LUT WJ . -16.59 66.52 20.84
C4 LUT WJ . -16.09 65.82 22.08
C5 LUT WJ . -17.26 65.43 22.96
C6 LUT WJ . -18.51 65.73 22.61
C7 LUT WJ . -19.64 64.81 22.89
C8 LUT WJ . -20.30 64.78 24.04
C9 LUT WJ . -21.42 63.83 24.20
C10 LUT WJ . -21.80 63.41 25.41
C11 LUT WJ . -22.92 62.48 25.55
C12 LUT WJ . -23.33 62.10 26.76
C13 LUT WJ . -24.47 61.19 26.90
C14 LUT WJ . -24.91 60.83 28.11
C15 LUT WJ . -26.06 59.94 28.25
C16 LUT WJ . -19.82 66.70 20.76
C17 LUT WJ . -19.42 68.00 22.86
C18 LUT WJ . -16.97 64.72 24.25
C19 LUT WJ . -22.13 63.33 22.98
C20 LUT WJ . -25.19 60.69 25.68
O3 LUT WJ . -15.48 67.13 20.17
C21 LUT WJ . -36.74 55.50 32.40
C22 LUT WJ . -38.14 54.97 32.66
C23 LUT WJ . -38.60 55.30 34.06
C24 LUT WJ . -37.73 54.49 35.01
C25 LUT WJ . -36.29 54.90 34.80
C26 LUT WJ . -35.84 55.44 33.64
C27 LUT WJ . -34.64 56.31 33.75
C28 LUT WJ . -33.67 56.29 32.83
C29 LUT WJ . -32.48 57.14 32.91
C30 LUT WJ . -31.82 57.42 31.77
C31 LUT WJ . -30.63 58.27 31.73
C32 LUT WJ . -29.71 58.04 30.81
C33 LUT WJ . -28.50 58.89 30.72
C34 LUT WJ . -27.89 59.02 29.54
C35 LUT WJ . -26.71 59.89 29.40
C36 LUT WJ . -36.88 56.96 31.98
C37 LUT WJ . -36.13 54.69 31.27
C38 LUT WJ . -35.32 54.70 35.93
C39 LUT WJ . -32.00 57.67 34.23
C40 LUT WJ . -27.99 59.59 31.93
O23 LUT WJ . -39.97 54.94 34.23
MG CLA XJ . -48.58 77.58 31.12
CHA CLA XJ . -50.88 76.05 33.19
CHB CLA XJ . -51.10 78.67 29.06
CHC CLA XJ . -46.31 79.21 29.35
CHD CLA XJ . -46.01 76.33 33.18
NA CLA XJ . -50.77 77.39 31.11
C1A CLA XJ . -51.51 76.71 31.98
C2A CLA XJ . -52.95 76.69 31.60
C3A CLA XJ . -52.98 77.46 30.28
C4A CLA XJ . -51.56 77.89 30.12
CMA CLA XJ . -53.61 76.72 29.12
CAA CLA XJ . -53.78 77.50 32.60
CBA CLA XJ . -53.02 78.69 33.18
CGA CLA XJ . -53.18 79.91 32.31
O1A CLA XJ . -54.16 80.02 31.60
O2A CLA XJ . -52.26 80.86 32.33
NB CLA XJ . -48.69 78.77 29.47
C1B CLA XJ . -49.80 79.11 28.75
C2B CLA XJ . -49.43 79.94 27.64
C3B CLA XJ . -48.07 80.07 27.72
C4B CLA XJ . -47.63 79.33 28.89
CMB CLA XJ . -50.37 80.52 26.60
CAB CLA XJ . -47.16 80.83 26.84
CBB CLA XJ . -47.49 82.22 26.34
NC CLA XJ . -46.50 77.81 31.30
C1C CLA XJ . -45.75 78.48 30.43
C2C CLA XJ . -44.31 78.40 30.75
C3C CLA XJ . -44.25 77.62 31.87
C4C CLA XJ . -45.62 77.24 32.19
CMC CLA XJ . -43.17 79.04 30.00
CAC CLA XJ . -43.00 77.20 32.61
CBC CLA XJ . -42.88 78.02 33.87
ND CLA XJ . -48.38 76.51 32.77
C1D CLA XJ . -47.34 76.02 33.50
C2D CLA XJ . -47.80 75.14 34.58
C3D CLA XJ . -49.18 75.16 34.44
C4D CLA XJ . -49.51 75.97 33.37
CMD CLA XJ . -47.10 74.34 35.65
CAD CLA XJ . -50.40 74.63 35.02
OBD CLA XJ . -50.48 74.02 36.07
CBD CLA XJ . -51.52 75.42 34.41
CGD CLA XJ . -52.71 74.58 34.08
O1D CLA XJ . -52.70 73.86 33.10
O2D CLA XJ . -53.80 74.62 34.85
CED CLA XJ . -54.57 73.42 34.92
C1 CLA XJ . -52.14 81.77 31.19
C2 CLA XJ . -50.79 82.15 30.60
C3 CLA XJ . -50.57 83.40 30.19
C4 CLA XJ . -51.63 84.45 30.30
C5 CLA XJ . -49.26 83.86 29.61
C6 CLA XJ . -48.83 85.10 30.36
C7 CLA XJ . -47.45 85.58 29.93
C8 CLA XJ . -46.69 86.17 31.11
C9 CLA XJ . -47.50 87.27 31.77
C10 CLA XJ . -45.34 86.69 30.64
C11 CLA XJ . -44.23 86.26 31.58
C12 CLA XJ . -43.11 87.29 31.61
C13 CLA XJ . -41.82 86.73 31.04
C14 CLA XJ . -40.74 86.64 32.11
C15 CLA XJ . -41.36 87.60 29.88
MG CLA YJ . -47.03 85.61 22.33
CHA CLA YJ . -50.44 85.08 22.40
CHB CLA YJ . -46.94 85.77 25.77
CHC CLA YJ . -43.77 85.98 22.14
CHD CLA YJ . -47.15 85.41 18.80
NA CLA YJ . -48.53 85.43 23.94
C1A CLA YJ . -49.84 85.24 23.77
C2A CLA YJ . -50.58 85.24 25.08
C3A CLA YJ . -49.47 85.47 26.11
C4A CLA YJ . -48.24 85.56 25.25
CMA CLA YJ . -49.67 86.54 27.18
CAA CLA YJ . -51.23 83.89 25.33
CBA CLA YJ . -51.95 83.85 26.68
CGA CLA YJ . -53.42 84.11 26.50
O1A CLA YJ . -53.80 85.22 26.15
O2A CLA YJ . -54.26 83.12 26.72
NB CLA YJ . -45.57 85.83 23.74
C1B CLA YJ . -45.72 85.89 25.09
C2B CLA YJ . -44.43 86.11 25.71
C3B CLA YJ . -43.53 86.17 24.70
C4B CLA YJ . -44.27 85.99 23.44
CMB CLA YJ . -44.15 86.23 27.18
CAB CLA YJ . -42.07 86.37 24.89
CBB CLA YJ . -41.08 86.67 23.79
NC CLA YJ . -45.66 85.57 20.73
C1C CLA YJ . -44.38 85.86 20.87
C2C CLA YJ . -43.69 86.05 19.58
C3C CLA YJ . -44.66 85.83 18.64
C4C CLA YJ . -45.88 85.54 19.36
CMC CLA YJ . -42.24 86.39 19.36
CAC CLA YJ . -44.50 85.90 17.14
CBC CLA YJ . -44.70 87.33 16.68
ND CLA YJ . -48.36 85.28 20.90
C1D CLA YJ . -48.35 85.27 19.53
C2D CLA YJ . -49.68 85.14 18.98
C3D CLA YJ . -50.48 85.05 20.11
C4D CLA YJ . -49.68 85.14 21.24
CMD CLA YJ . -50.22 85.08 17.57
CAD CLA YJ . -51.86 84.91 20.52
OBD CLA YJ . -52.84 84.99 19.79
CBD CLA YJ . -51.89 84.89 22.02
CGD CLA YJ . -52.69 86.07 22.50
O1D CLA YJ . -52.25 87.20 22.37
O2D CLA YJ . -53.88 85.89 23.06
CED CLA YJ . -54.95 86.59 22.44
C1 CLA YJ . -55.66 83.36 27.07
C2 CLA YJ . -56.07 84.36 28.13
C3 CLA YJ . -56.96 84.04 29.07
C4 CLA YJ . -57.59 82.67 29.09
C5 CLA YJ . -57.39 85.01 30.14
C6 CLA YJ . -58.24 84.32 31.21
C7 CLA YJ . -59.15 85.32 31.91
MG CLA ZJ . -32.45 82.52 11.57
CHA CLA ZJ . -29.78 84.49 10.61
CHB CLA ZJ . -34.50 85.30 11.66
CHC CLA ZJ . -34.96 80.53 12.33
CHD CLA ZJ . -30.31 79.70 11.50
NA CLA ZJ . -32.19 84.68 11.17
C1A CLA ZJ . -31.05 85.27 10.80
C2A CLA ZJ . -31.22 86.75 10.60
C3A CLA ZJ . -32.70 86.97 10.95
C4A CLA ZJ . -33.18 85.59 11.28
CMA CLA ZJ . -33.07 88.14 11.86
CAA CLA ZJ . -31.06 87.04 9.11
CBA CLA ZJ . -31.82 86.03 8.25
CGA CLA ZJ . -30.85 85.12 7.54
O1A CLA ZJ . -30.22 85.57 6.59
O2A CLA ZJ . -30.67 83.87 7.94
NB CLA ZJ . -34.42 82.86 11.92
C1B CLA ZJ . -35.08 84.06 11.98
C2B CLA ZJ . -36.46 83.84 12.36
C3B CLA ZJ . -36.58 82.49 12.54
C4B CLA ZJ . -35.28 81.89 12.27
CMB CLA ZJ . -37.51 84.91 12.51
CAB CLA ZJ . -37.78 81.73 12.95
CBB CLA ZJ . -38.57 82.11 14.17
NC CLA ZJ . -32.62 80.44 11.81
C1C CLA ZJ . -33.74 79.84 12.19
C2C CLA ZJ . -33.55 78.39 12.46
C3C CLA ZJ . -32.22 78.17 12.20
C4C CLA ZJ . -31.65 79.46 11.80
CMC CLA ZJ . -34.60 77.41 12.91
CAC CLA ZJ . -31.51 76.85 12.31
CBC CLA ZJ . -31.18 76.29 10.95
ND CLA ZJ . -30.55 82.10 11.18
C1D CLA ZJ . -29.78 80.97 11.15
C2D CLA ZJ . -28.41 81.27 10.77
C3D CLA ZJ . -28.42 82.64 10.56
C4D CLA ZJ . -29.71 83.12 10.81
CMD CLA ZJ . -27.15 80.44 10.59
CAD CLA ZJ . -27.58 83.75 10.18
OBD CLA ZJ . -26.39 83.69 9.90
CBD CLA ZJ . -28.41 84.99 10.17
CGD CLA ZJ . -27.87 85.98 11.14
O1D CLA ZJ . -27.42 85.63 12.22
O2D CLA ZJ . -27.89 87.28 10.84
CED CLA ZJ . -26.62 87.93 10.77
C1 CLA ZJ . -31.51 82.76 7.51
C2 CLA ZJ . -32.81 82.42 8.21
C3 CLA ZJ . -33.36 81.20 8.08
C4 CLA ZJ . -32.70 80.13 7.26
C5 CLA ZJ . -34.66 80.84 8.77
C6 CLA ZJ . -34.92 79.34 8.73
C7 CLA ZJ . -36.37 79.04 8.39
C8 CLA ZJ . -37.34 79.78 9.31
C9 CLA ZJ . -38.09 78.82 10.22
C10 CLA ZJ . -38.31 80.60 8.47
C11 CLA ZJ . -38.18 82.08 8.78
MG CLA AK . -44.56 68.51 17.97
CHA CLA AK . -47.52 67.06 16.95
CHB CLA AK . -44.10 65.97 20.28
CHC CLA AK . -41.70 69.90 18.80
CHD CLA AK . -45.05 71.04 15.56
NA CLA AK . -45.67 66.69 18.56
C1A CLA AK . -46.83 66.28 18.04
C2A CLA AK . -47.35 65.04 18.70
C3A CLA AK . -46.28 64.74 19.74
C4A CLA AK . -45.27 65.84 19.53
CMA CLA AK . -46.76 64.42 21.14
CAA CLA AK . -47.39 63.89 17.69
CBA CLA AK . -46.07 63.70 16.94
CGA CLA AK . -45.30 62.55 17.55
O1A CLA AK . -45.91 61.74 18.23
O2A CLA AK . -44.02 62.43 17.33
NB CLA AK . -43.12 68.01 19.32
C1B CLA AK . -43.09 66.96 20.19
C2B CLA AK . -41.89 67.02 21.00
C3B CLA AK . -41.22 68.14 20.58
C4B CLA AK . -42.01 68.74 19.51
CMB CLA AK . -41.51 66.03 22.07
CAB CLA AK . -39.93 68.70 21.04
CBB CLA AK . -38.78 67.84 21.50
NC CLA AK . -43.51 70.17 17.25
C1C CLA AK . -42.37 70.60 17.76
C2C CLA AK . -41.91 71.87 17.17
C3C CLA AK . -42.87 72.17 16.24
C4C CLA AK . -43.87 71.11 16.30
CMC CLA AK . -40.68 72.66 17.51
CAC CLA AK . -42.90 73.37 15.32
CBC CLA AK . -42.37 72.99 13.96
ND CLA AK . -45.87 69.00 16.57
C1D CLA AK . -46.02 70.02 15.68
C2D CLA AK . -47.27 69.91 14.93
C3D CLA AK . -47.83 68.74 15.43
C4D CLA AK . -46.99 68.21 16.40
CMD CLA AK . -47.94 70.72 13.85
CAD CLA AK . -49.00 67.89 15.31
OBD CLA AK . -49.91 68.03 14.52
CBD CLA AK . -48.85 66.77 16.31
CGD CLA AK . -49.89 66.90 17.38
O1D CLA AK . -50.23 68.00 17.79
O2D CLA AK . -50.44 65.81 17.91
CED CLA AK . -51.77 65.97 18.40
C1 CLA AK . -43.06 62.62 18.42
C2 CLA AK . -41.97 63.67 18.34
C3 CLA AK . -40.78 63.44 18.88
C4 CLA AK . -40.46 62.15 19.59
C5 CLA AK . -39.65 64.45 18.84
C6 CLA AK . -38.43 63.82 18.18
C7 CLA AK . -37.44 64.88 17.74
C8 CLA AK . -36.39 64.32 16.78
C9 CLA AK . -35.73 63.07 17.35
C10 CLA AK . -35.35 65.39 16.49
C11 CLA AK . -35.86 66.38 15.45
C12 CLA AK . -34.89 67.54 15.28
C13 CLA AK . -35.50 68.65 14.45
C14 CLA AK . -35.80 68.17 13.03
C15 CLA AK . -34.56 69.84 14.43
C16 CLA AK . -35.23 71.08 15.02
C17 CLA AK . -34.65 72.34 14.41
C18 CLA AK . -35.71 73.11 13.63
C19 CLA AK . -36.45 74.10 14.52
C20 CLA AK . -35.10 73.80 12.42
MG CLA BK . -34.37 68.20 24.32
CHA CLA BK . -35.77 65.36 25.70
CHB CLA BK . -35.32 67.17 21.18
CHC CLA BK . -33.10 71.00 23.13
CHD CLA BK . -33.41 69.22 27.57
NA CLA BK . -35.45 66.46 23.50
C1A CLA BK . -35.92 65.43 24.21
C2A CLA BK . -36.57 64.39 23.34
C3A CLA BK . -36.39 64.97 21.93
C4A CLA BK . -35.69 66.28 22.18
CMA CLA BK . -35.86 64.08 20.83
CAA CLA BK . -38.05 64.34 23.66
CBA CLA BK . -38.75 63.24 22.89
CGA CLA BK . -38.47 61.91 23.56
O1A CLA BK . -38.77 61.78 24.73
O2A CLA BK . -37.92 60.94 22.86
NB CLA BK . -34.24 68.97 22.44
C1B CLA BK . -34.65 68.41 21.27
C2B CLA BK . -34.32 69.28 20.17
C3B CLA BK . -33.69 70.35 20.72
C4B CLA BK . -33.65 70.15 22.17
CMB CLA BK . -34.59 69.04 18.70
CAB CLA BK . -33.16 71.52 19.99
CBB CLA BK . -31.78 72.10 20.26
NC CLA BK . -33.51 69.89 25.22
C1C CLA BK . -32.98 70.90 24.54
C2C CLA BK . -32.27 71.86 25.40
C3C CLA BK . -32.42 71.36 26.67
C4C CLA BK . -33.18 70.13 26.54
CMC CLA BK . -31.55 73.12 24.99
CAC CLA BK . -31.88 71.98 27.93
CBC CLA BK . -32.85 73.05 28.38
ND CLA BK . -34.55 67.59 26.19
C1D CLA BK . -34.07 67.99 27.40
C2D CLA BK . -34.31 67.00 28.43
C3D CLA BK . -34.97 65.98 27.76
C4D CLA BK . -35.12 66.35 26.42
CMD CLA BK . -33.99 66.90 29.89
CAD CLA BK . -35.57 64.68 27.97
OBD CLA BK . -35.22 63.91 28.84
CBD CLA BK . -36.19 64.26 26.67
CGD CLA BK . -35.56 62.95 26.29
O1D CLA BK . -36.17 61.92 26.44
O2D CLA BK . -34.33 62.92 25.81
CED CLA BK . -34.10 62.02 24.73
C1 CLA BK . -37.29 59.81 23.55
MG CLA CK . -31.73 85.00 33.36
CHA CLA CK . -28.78 86.68 33.99
CHB CLA CK . -30.14 81.97 33.76
CHC CLA CK . -34.64 83.51 32.93
CHD CLA CK . -33.33 88.13 32.96
NA CLA CK . -29.67 84.36 33.84
C1A CLA CK . -28.63 85.18 34.04
C2A CLA CK . -27.36 84.41 34.30
C3A CLA CK . -27.82 82.96 34.18
C4A CLA CK . -29.28 83.07 33.92
CMA CLA CK . -27.00 82.04 33.30
CAA CLA CK . -26.87 84.69 35.72
CBA CLA CK . -27.65 83.88 36.76
CGA CLA CK . -27.42 84.43 38.14
O1A CLA CK . -26.36 84.19 38.71
O2A CLA CK . -28.35 85.16 38.71
NB CLA CK . -32.30 83.05 33.36
C1B CLA CK . -31.52 81.94 33.50
C2B CLA CK . -32.33 80.75 33.37
C3B CLA CK . -33.59 81.20 33.13
C4B CLA CK . -33.55 82.66 33.12
CMB CLA CK . -31.82 79.33 33.46
CAB CLA CK . -34.84 80.42 32.90
CBB CLA CK . -34.86 79.13 32.10
NC CLA CK . -33.69 85.71 33.06
C1C CLA CK . -34.72 84.92 32.84
C2C CLA CK . -35.96 85.68 32.50
C3C CLA CK . -35.58 86.98 32.54
C4C CLA CK . -34.16 87.00 32.88
CMC CLA CK . -37.31 85.10 32.19
CAC CLA CK . -36.46 88.18 32.25
CBC CLA CK . -36.87 88.85 33.54
ND CLA CK . -31.29 86.93 33.45
C1D CLA CK . -31.95 88.11 33.26
C2D CLA CK . -31.07 89.26 33.37
C3D CLA CK . -29.84 88.69 33.65
C4D CLA CK . -29.98 87.30 33.70
CMD CLA CK . -31.26 90.75 33.24
CAD CLA CK . -28.45 89.03 33.92
OBD CLA CK . -27.92 90.09 33.67
CBD CLA CK . -27.72 87.75 34.21
CGD CLA CK . -26.60 87.57 33.22
O1D CLA CK . -26.72 87.96 32.08
O2D CLA CK . -25.48 86.98 33.60
CED CLA CK . -24.30 87.78 33.53
C1 CLA CK . -28.64 85.03 40.13
C2 CLA CK . -29.40 83.85 40.72
C3 CLA CK . -30.30 84.07 41.69
C4 CLA CK . -30.58 85.44 42.21
C5 CLA CK . -31.09 82.96 42.33
MG CLA DK . -51.25 82.86 14.09
CHA CLA DK . -52.77 82.18 17.12
CHB CLA DK . -54.30 83.58 12.67
CHC CLA DK . -49.66 83.55 11.28
CHD CLA DK . -48.12 82.11 15.58
NA CLA DK . -53.33 82.89 14.80
C1A CLA DK . -53.74 82.58 16.03
C2A CLA DK . -55.23 82.70 16.17
C3A CLA DK . -55.68 83.11 14.77
C4A CLA DK . -54.39 83.20 14.02
CMA CLA DK . -56.87 82.42 14.13
CAA CLA DK . -55.58 83.84 17.12
CBA CLA DK . -54.53 84.94 17.07
CGA CLA DK . -55.18 86.30 17.16
O1A CLA DK . -55.88 86.68 16.23
O2A CLA DK . -54.96 87.06 18.22
NB CLA DK . -51.88 83.48 12.26
C1B CLA DK . -53.16 83.70 11.85
C2B CLA DK . -53.15 84.11 10.46
C3B CLA DK . -51.84 84.09 10.08
C4B CLA DK . -51.05 83.69 11.23
CMB CLA DK . -54.36 84.46 9.62
CAB CLA DK . -51.26 84.42 8.76
CBB CLA DK . -51.57 85.73 8.08
NC CLA DK . -49.21 82.93 13.55
C1C CLA DK . -48.78 83.19 12.33
C2C CLA DK . -47.32 83.07 12.19
C3C CLA DK . -46.89 82.71 13.43
C4C CLA DK . -48.08 82.62 14.28
CMC CLA DK . -46.49 83.30 10.95
CAC CLA DK . -45.47 82.45 13.87
CBC CLA DK . -45.16 80.98 13.74
ND CLA DK . -50.51 82.29 15.85
C1D CLA DK . -49.29 82.01 16.36
C2D CLA DK . -49.35 81.61 17.76
C3D CLA DK . -50.72 81.68 18.04
C4D CLA DK . -51.40 82.08 16.89
CMD CLA DK . -48.33 81.21 18.78
CAD CLA DK . -51.68 81.47 19.11
OBD CLA DK . -51.40 81.30 20.28
CBD CLA DK . -53.03 81.84 18.58
CGD CLA DK . -54.00 80.72 18.69
O1D CLA DK . -53.71 79.61 18.30
O2D CLA DK . -55.20 80.91 19.24
CED CLA DK . -55.78 79.79 19.90
C1 CLA DK . -54.06 88.21 18.13
C2 CLA DK . -52.58 88.05 17.88
C3 CLA DK . -51.71 88.99 18.27
C4 CLA DK . -52.18 90.23 18.97
C5 CLA DK . -50.22 88.88 18.03
C6 CLA DK . -49.44 89.42 19.23
C7 CLA DK . -49.41 88.41 20.37
C8 CLA DK . -48.32 88.72 21.39
C9 CLA DK . -48.74 89.86 22.31
C10 CLA DK . -47.01 89.03 20.69
C11 CLA DK . -45.86 89.15 21.68
C12 CLA DK . -44.81 90.13 21.20
C13 CLA DK . -43.59 90.16 22.11
C14 CLA DK . -44.01 90.25 23.58
C15 CLA DK . -42.69 91.33 21.73
MG CLA EK . -34.36 89.80 5.11
CHA CLA EK . -33.21 86.94 3.54
CHB CLA EK . -33.02 91.76 2.62
CHC CLA EK . -35.61 92.45 6.64
CHD CLA EK . -35.74 87.77 7.66
NA CLA EK . -33.23 89.41 3.26
C1A CLA EK . -32.85 88.21 2.80
C2A CLA EK . -32.05 88.31 1.53
C3A CLA EK . -32.00 89.83 1.29
C4A CLA EK . -32.79 90.38 2.43
CMA CLA EK . -30.66 90.48 0.98
CAA CLA EK . -32.81 87.63 0.40
CBA CLA EK . -32.26 87.97 -0.98
CGA CLA EK . -31.11 87.04 -1.33
O1A CLA EK . -29.98 87.34 -1.04
O2A CLA EK . -31.41 85.90 -1.96
NB CLA EK . -34.33 91.79 4.69
C1B CLA EK . -33.72 92.43 3.64
C2B CLA EK . -33.91 93.86 3.76
C3B CLA EK . -34.64 94.03 4.90
C4B CLA EK . -34.89 92.72 5.47
CMB CLA EK . -33.40 94.90 2.81
CAB CLA EK . -35.13 95.30 5.50
CBB CLA EK . -34.22 96.49 5.69
NC CLA EK . -35.55 90.06 6.83
C1C CLA EK . -35.91 91.24 7.31
C2C CLA EK . -36.64 91.14 8.59
C3C CLA EK . -36.70 89.80 8.85
C4C CLA EK . -36.01 89.14 7.75
CMC CLA EK . -37.19 92.29 9.41
CAC CLA EK . -37.33 89.12 10.03
CBC CLA EK . -36.46 89.26 11.26
ND CLA EK . -34.50 87.88 5.57
C1D CLA EK . -35.05 87.15 6.58
C2D CLA EK . -34.84 85.73 6.41
C3D CLA EK . -34.12 85.65 5.22
C4D CLA EK . -33.92 86.95 4.74
CMD CLA EK . -35.22 84.51 7.21
CAD CLA EK . -33.49 84.72 4.30
OBD CLA EK . -33.36 83.52 4.48
CBD CLA EK . -32.91 85.50 3.16
CGD CLA EK . -31.44 85.25 3.03
O1D CLA EK . -30.75 85.04 4.01
O2D CLA EK . -30.87 85.27 1.83
CED CLA EK . -30.10 84.12 1.49
MG CLA FK . -46.73 74.49 7.02
CHA CLA FK . -49.05 75.44 9.39
CHB CLA FK . -48.69 75.82 4.50
CHC CLA FK . -44.39 73.62 4.86
CHD CLA FK . -44.75 73.12 9.61
NA CLA FK . -48.67 75.54 6.93
C1A CLA FK . -49.45 75.82 7.97
C2A CLA FK . -50.72 76.51 7.57
C3A CLA FK . -50.58 76.61 6.04
C4A CLA FK . -49.24 75.96 5.78
CMA CLA FK . -51.76 76.25 5.15
CAA CLA FK . -50.82 77.92 8.15
CBA CLA FK . -49.48 78.63 8.13
CGA CLA FK . -49.64 79.95 7.44
O1A CLA FK . -49.90 79.96 6.25
O2A CLA FK . -49.51 81.06 8.14
NB CLA FK . -46.56 74.70 5.00
C1B CLA FK . -47.45 75.24 4.13
C2B CLA FK . -46.96 75.14 2.79
C3B CLA FK . -45.74 74.51 2.90
C4B CLA FK . -45.51 74.24 4.31
CMB CLA FK . -47.66 75.63 1.54
CAB CLA FK . -44.77 74.14 1.84
CBB CLA FK . -44.55 74.97 0.60
NC CLA FK . -44.84 73.59 7.22
C1C CLA FK . -44.07 73.26 6.19
C2C CLA FK . -42.86 72.50 6.59
C3C CLA FK . -42.97 72.39 7.95
C4C CLA FK . -44.21 73.07 8.33
CMC CLA FK . -41.79 71.97 5.69
CAC CLA FK . -42.00 71.69 8.86
CBC CLA FK . -41.15 72.71 9.59
ND CLA FK . -46.78 74.27 8.99
C1D CLA FK . -45.97 73.74 9.95
C2D CLA FK . -46.54 73.89 11.29
C3D CLA FK . -47.74 74.55 11.05
C4D CLA FK . -47.88 74.77 9.68
CMD CLA FK . -46.08 73.50 12.66
CAD CLA FK . -48.91 75.10 11.72
OBD CLA FK . -49.24 74.83 12.87
CBD CLA FK . -49.81 75.67 10.67
CGD CLA FK . -51.11 74.93 10.62
O1D CLA FK . -51.16 73.75 10.89
O2D CLA FK . -52.22 75.56 10.25
CED CLA FK . -53.39 75.28 11.01
C1 CLA FK . -48.55 82.07 7.72
C2 CLA FK . -47.09 81.74 7.55
C3 CLA FK . -46.19 82.69 7.27
C4 CLA FK . -46.61 84.13 7.11
C5 CLA FK . -44.73 82.39 7.10
C6 CLA FK . -43.90 83.39 7.91
MG CHL GK . -24.25 75.95 30.55
CHA CHL GK . -21.26 76.82 29.19
CHB CHL GK . -25.61 75.79 27.39
CHC CHL GK . -27.02 74.94 31.88
CHD CHL GK . -22.73 76.21 33.76
NA CHL GK . -23.56 76.28 28.65
C1A CHL GK . -22.28 76.62 28.28
C2A CHL GK . -22.16 76.78 26.77
C3A CHL GK . -23.58 76.62 26.27
C4A CHL GK . -24.33 76.22 27.51
CMA CHL GK . -24.20 77.66 25.34
CAA CHL GK . -21.12 75.85 26.12
CBA CHL GK . -21.67 74.61 25.41
CGA CHL GK . -21.80 73.41 26.28
O1A CHL GK . -21.99 73.43 27.47
O2A CHL GK . -21.71 72.29 25.57
NB CHL GK . -26.05 75.45 29.73
C1B CHL GK . -26.42 75.41 28.43
C2B CHL GK . -27.75 74.92 28.36
C3B CHL GK . -28.18 74.63 29.62
C4B CHL GK . -27.07 74.98 30.51
CMB CHL GK . -28.55 74.75 27.11
CAB CHL GK . -29.44 73.96 29.96
CBB CHL GK . -29.85 73.42 31.30
NC CHL GK . -24.76 75.67 32.52
C1C CHL GK . -26.02 75.25 32.79
C2C CHL GK . -26.14 75.15 34.24
C3C CHL GK . -24.94 75.52 34.76
C4C CHL GK . -24.05 75.85 33.69
CMC CHL GK . -27.27 74.72 35.05
OMC CHL GK . -28.35 74.38 34.62
CAC CHL GK . -24.60 75.58 36.22
CBC CHL GK . -24.17 74.25 36.79
ND CHL GK . -22.45 76.43 31.40
C1D CHL GK . -21.95 76.50 32.66
C2D CHL GK . -20.58 76.85 32.63
C3D CHL GK . -20.26 77.00 31.29
C4D CHL GK . -21.42 76.74 30.55
CMD CHL GK . -19.69 77.00 33.82
CAD CHL GK . -19.20 77.30 30.34
OBD CHL GK . -18.04 77.59 30.58
CBD CHL GK . -19.79 77.19 28.95
CGD CHL GK . -19.57 78.46 28.15
O1D CHL GK . -20.00 79.55 28.45
O2D CHL GK . -18.83 78.23 27.07
CED CHL GK . -18.53 79.36 26.23
C1 CHL GK . -22.06 71.00 26.12
C2 CHL GK . -20.82 70.28 26.52
C3 CHL GK . -20.71 68.97 26.30
C4 CHL GK . -19.50 68.17 26.68
C5 CHL GK . -21.81 68.19 25.61
C6 CHL GK . -22.63 67.30 26.52
C7 CHL GK . -23.57 68.07 27.44
C8 CHL GK . -24.99 67.53 27.48
C9 CHL GK . -25.72 67.73 26.16
C10 CHL GK . -24.90 66.05 27.84
C11 CHL GK . -25.73 65.63 29.03
C12 CHL GK . -25.60 64.16 29.38
C13 CHL GK . -26.22 63.74 30.71
C14 CHL GK . -26.52 64.93 31.60
C15 CHL GK . -25.49 62.63 31.46
C16 CHL GK . -24.86 63.03 32.78
C17 CHL GK . -23.89 61.99 33.31
C18 CHL GK . -24.43 60.59 33.48
C19 CHL GK . -25.48 60.52 34.57
C20 CHL GK . -23.32 59.59 33.72
MG CHL HK . -43.90 70.97 39.27
CHA CHL HK . -43.49 72.49 36.27
CHB CHL HK . -41.75 73.25 40.66
CHC CHL HK . -44.35 69.52 42.16
CHD CHL HK . -46.08 68.66 37.69
NA CHL HK . -42.83 72.56 38.57
C1A CHL HK . -42.79 73.06 37.30
C2A CHL HK . -41.89 74.27 37.19
C3A CHL HK . -41.21 74.34 38.50
C4A CHL HK . -41.95 73.31 39.32
CMA CHL HK . -39.69 74.41 38.55
CAA CHL HK . -42.68 75.55 36.89
CBA CHL HK . -43.80 75.84 37.87
CGA CHL HK . -44.91 76.64 37.25
O1A CHL HK . -45.02 76.84 36.07
O2A CHL HK . -45.75 77.10 38.15
NB CHL HK . -43.16 71.34 41.13
C1B CHL HK . -42.34 72.35 41.52
C2B CHL HK . -42.16 72.27 42.92
C3B CHL HK . -42.84 71.19 43.39
C4B CHL HK . -43.51 70.60 42.23
CMB CHL HK . -41.38 73.23 43.76
CAB CHL HK . -42.81 70.78 44.79
CBB CHL HK . -43.45 69.58 45.40
NC CHL HK . -45.03 69.33 39.79
C1C CHL HK . -45.02 68.92 41.09
C2C CHL HK . -45.91 67.76 41.17
C3C CHL HK . -46.40 67.54 39.91
C4C CHL HK . -45.85 68.53 39.03
CMC CHL HK . -46.25 66.90 42.29
OMC CHL HK . -45.84 67.04 43.43
CAC CHL HK . -47.38 66.47 39.52
CBC CHL HK . -48.79 66.97 39.45
ND CHL HK . -44.67 70.57 37.42
C1D CHL HK . -45.51 69.65 36.89
C2D CHL HK . -45.68 69.88 35.50
C3D CHL HK . -44.91 70.98 35.19
C4D CHL HK . -44.29 71.39 36.39
CMD CHL HK . -46.54 69.05 34.58
CAD CHL HK . -44.48 71.89 34.15
OBD CHL HK . -44.77 71.88 32.97
CBD CHL HK . -43.55 72.91 34.79
CGD CHL HK . -42.19 72.93 34.09
O1D CHL HK . -41.33 72.12 34.25
O2D CHL HK . -42.08 73.99 33.30
CED CHL HK . -40.83 74.12 32.60
C1 CHL HK . -46.89 77.91 37.77
C2 CHL HK . -47.02 79.02 38.74
C3 CHL HK . -46.52 80.22 38.49
C4 CHL HK . -45.79 80.57 37.22
C5 CHL HK . -46.65 81.34 39.48
MG CLA IK . -35.87 66.41 33.38
CHA CLA IK . -38.02 65.15 30.99
CHB CLA IK . -36.04 63.46 35.14
CHC CLA IK . -33.63 67.63 35.49
CHD CLA IK . -35.76 69.45 31.59
NA CLA IK . -36.91 64.48 33.11
C1A CLA IK . -37.74 64.18 32.11
C2A CLA IK . -38.33 62.81 32.25
C3A CLA IK . -37.71 62.32 33.56
C4A CLA IK . -36.83 63.47 33.98
CMA CLA IK . -38.62 61.67 34.59
CAA CLA IK . -37.84 61.89 31.15
CBA CLA IK . -36.34 62.04 30.95
CGA CLA IK . -35.72 60.72 30.60
O1A CLA IK . -35.66 59.84 31.44
O2A CLA IK . -35.25 60.53 29.38
NB CLA IK . -34.97 65.66 35.04
C1B CLA IK . -35.18 64.45 35.65
C2B CLA IK . -34.40 64.35 36.85
C3B CLA IK . -33.73 65.56 36.94
C4B CLA IK . -34.10 66.36 35.78
CMB CLA IK . -34.35 63.20 37.81
CAB CLA IK . -32.77 66.01 37.97
CBB CLA IK . -31.65 65.13 38.46
NC CLA IK . -34.83 68.23 33.49
C1C CLA IK . -33.97 68.53 34.45
C2C CLA IK . -33.42 69.89 34.31
C3C CLA IK . -34.02 70.39 33.19
C4C CLA IK . -34.90 69.34 32.68
CMC CLA IK . -32.41 70.59 35.20
CAC CLA IK . -33.81 71.75 32.60
CBC CLA IK . -32.74 71.61 31.55
ND CLA IK . -36.64 67.20 31.74
C1D CLA IK . -36.56 68.40 31.09
C2D CLA IK . -37.36 68.42 29.87
C3D CLA IK . -37.94 67.16 29.85
C4D CLA IK . -37.50 66.44 30.96
CMD CLA IK . -37.63 69.45 28.80
CAD CLA IK . -38.82 66.31 29.07
OBD CLA IK . -39.16 66.52 27.92
CBD CLA IK . -38.88 64.96 29.75
CGD CLA IK . -40.28 64.57 30.11
O1D CLA IK . -41.04 65.37 30.64
O2D CLA IK . -40.70 63.34 29.88
CED CLA IK . -41.94 63.22 29.19
C1 CLA IK . -33.80 60.48 29.16
C2 CLA IK . -32.88 61.46 29.85
C3 CLA IK . -31.76 61.88 29.25
C4 CLA IK . -31.38 61.39 27.89
C5 CLA IK . -30.82 62.87 29.90
C6 CLA IK . -30.87 62.70 31.42
C7 CLA IK . -30.54 64.01 32.13
C8 CLA IK . -31.58 64.30 33.21
C9 CLA IK . -32.54 65.38 32.75
C10 CLA IK . -30.92 64.69 34.53
C11 CLA IK . -30.00 65.90 34.41
C12 CLA IK . -30.07 66.73 35.68
C13 CLA IK . -28.69 67.17 36.17
C14 CLA IK . -28.08 68.16 35.20
C15 CLA IK . -27.81 65.93 36.36
C16 CLA IK . -26.33 66.23 36.15
C17 CLA IK . -25.63 66.62 37.45
C18 CLA IK . -24.54 65.63 37.85
C19 CLA IK . -24.99 64.78 39.03
C20 CLA IK . -24.09 64.75 36.70
MG CHL JK . -29.56 78.15 38.38
CHA CHL JK . -30.05 78.94 41.65
CHB CHL JK . -32.29 76.08 38.50
CHC CHL JK . -29.12 77.49 35.22
CHD CHL JK . -26.69 80.25 38.41
NA CHL JK . -30.92 77.63 39.82
C1A CHL JK . -30.96 78.04 41.13
C2A CHL JK . -32.08 77.35 41.92
C3A CHL JK . -32.67 76.39 40.92
C4A CHL JK . -31.91 76.68 39.65
CMA CHL JK . -32.93 74.93 41.30
CAA CHL JK . -33.13 78.29 42.53
CBA CHL JK . -34.17 77.54 43.37
CGA CHL JK . -35.06 78.40 44.22
O1A CHL JK . -34.70 79.37 44.84
O2A CHL JK . -36.29 77.95 44.23
NB CHL JK . -30.58 76.97 37.07
C1B CHL JK . -31.69 76.24 37.28
C2B CHL JK . -32.11 75.65 36.05
C3B CHL JK . -31.21 76.05 35.07
C4B CHL JK . -30.23 76.88 35.74
CMB CHL JK . -33.29 74.74 35.89
CAB CHL JK . -31.24 75.75 33.63
CBB CHL JK . -32.21 74.92 32.83
NC CHL JK . -28.12 78.78 37.07
C1C CHL JK . -28.15 78.32 35.79
C2C CHL JK . -26.99 78.87 35.10
C3C CHL JK . -26.31 79.64 36.01
C4C CHL JK . -27.02 79.60 37.25
CMC CHL JK . -26.55 78.67 33.74
OMC CHL JK . -27.12 78.01 32.90
CAC CHL JK . -25.05 80.41 35.74
CBC CHL JK . -23.82 79.56 35.85
ND CHL JK . -28.52 79.35 39.66
C1D CHL JK . -27.42 80.15 39.59
C2D CHL JK . -27.19 80.78 40.84
C3D CHL JK . -28.18 80.34 41.67
C4D CHL JK . -29.00 79.47 40.95
CMD CHL JK . -26.05 81.71 41.13
CAD CHL JK . -28.74 80.42 43.02
OBD CHL JK . -28.33 81.08 43.96
CBD CHL JK . -29.95 79.53 43.07
CGD CHL JK . -29.80 78.48 44.16
O1D CHL JK . -29.01 77.58 44.14
O2D CHL JK . -30.67 78.69 45.13
CED CHL JK . -30.60 77.77 46.25
C1 CHL JK . -37.38 78.53 45.00
C2 CHL JK . -38.59 77.68 44.80
C3 CHL JK . -39.39 77.85 43.76
C4 CHL JK . -39.17 78.89 42.70
C5 CHL JK . -40.58 76.96 43.55
C6 CHL JK . -41.17 77.03 42.14
C7 CHL JK . -42.50 77.77 42.08
C8 CHL JK . -43.64 77.08 42.82
C9 CHL JK . -44.94 77.90 42.73
C10 CHL JK . -43.82 75.71 42.17
MG CLA KK . -26.35 84.42 50.38
CHA CLA KK . -26.86 81.52 48.60
CHB CLA KK . -28.31 86.19 48.17
CHC CLA KK . -25.87 87.12 52.24
CHD CLA KK . -24.33 82.59 52.65
NA CLA KK . -27.49 83.93 48.56
C1A CLA KK . -27.57 82.72 48.00
C2A CLA KK . -28.40 82.73 46.76
C3A CLA KK . -28.83 84.20 46.64
C4A CLA KK . -28.19 84.82 47.85
CMA CLA KK . -28.72 84.91 45.31
CAA CLA KK . -29.63 81.85 46.99
CBA CLA KK . -30.71 82.06 45.93
CGA CLA KK . -32.01 81.45 46.41
O1A CLA KK . -32.99 81.48 45.69
O2A CLA KK . -32.04 80.91 47.62
NB CLA KK . -27.00 86.35 50.23
C1B CLA KK . -27.76 86.91 49.25
C2B CLA KK . -27.95 88.32 49.50
C3B CLA KK . -27.26 88.57 50.66
C4B CLA KK . -26.66 87.31 51.10
CMB CLA KK . -28.73 89.28 48.66
CAB CLA KK . -27.09 89.86 51.37
CBB CLA KK . -26.64 91.10 50.65
NC CLA KK . -25.34 84.78 52.20
C1C CLA KK . -25.22 85.98 52.76
C2C CLA KK . -24.34 85.98 53.94
C3C CLA KK . -23.94 84.67 54.07
C4C CLA KK . -24.56 83.94 52.97
CMC CLA KK . -23.98 87.14 54.82
CAC CLA KK . -23.02 84.11 55.12
CBC CLA KK . -23.83 83.35 56.15
ND CLA KK . -25.71 82.57 50.66
C1D CLA KK . -24.92 81.92 51.56
C2D CLA KK . -24.77 80.52 51.23
C3D CLA KK . -25.53 80.37 50.07
C4D CLA KK . -26.09 81.60 49.75
CMD CLA KK . -24.01 79.37 51.86
CAD CLA KK . -25.95 79.39 49.09
OBD CLA KK . -25.83 78.18 49.20
CBD CLA KK . -26.83 80.09 48.10
CGD CLA KK . -26.21 80.04 46.73
O1D CLA KK . -25.16 80.62 46.50
O2D CLA KK . -26.80 79.37 45.75
CED CLA KK . -25.98 78.46 45.04
C1 CLA KK . -33.05 79.90 47.93
MG CLA LK . -26.28 68.95 13.02
CHA CLA LK . -24.81 69.32 9.93
CHB CLA LK . -28.20 71.76 12.51
CHC CLA LK . -27.73 68.39 15.93
CHD CLA LK . -24.27 66.09 13.56
NA CLA LK . -26.51 70.41 11.39
C1A CLA LK . -25.82 70.41 10.24
C2A CLA LK . -26.18 71.58 9.38
C3A CLA LK . -27.24 72.32 10.21
C4A CLA LK . -27.34 71.47 11.44
CMA CLA LK . -27.17 73.84 10.36
CAA CLA LK . -26.80 71.11 8.06
CBA CLA LK . -28.28 70.74 8.21
CGA CLA LK . -28.44 69.26 8.05
O1A CLA LK . -27.63 68.51 8.58
O2A CLA LK . -29.46 68.80 7.35
NB CLA LK . -27.75 69.92 14.06
C1B CLA LK . -28.40 71.06 13.72
C2B CLA LK . -29.33 71.42 14.76
C3B CLA LK . -29.18 70.47 15.72
C4B CLA LK . -28.17 69.51 15.26
CMB CLA LK . -30.24 72.62 14.77
CAB CLA LK . -29.88 70.35 17.03
CBB CLA LK . -31.39 70.34 17.08
NC CLA LK . -26.08 67.44 14.48
C1C CLA LK . -26.75 67.42 15.62
C2C CLA LK . -26.35 66.30 16.50
C3C CLA LK . -25.39 65.64 15.79
C4C CLA LK . -25.22 66.35 14.53
CMC CLA LK . -26.90 65.97 17.87
CAC CLA LK . -24.64 64.41 16.23
CBC CLA LK . -25.21 63.18 15.55
ND CLA LK . -24.90 67.89 12.07
C1D CLA LK . -24.13 66.80 12.35
C2D CLA LK . -23.21 66.50 11.27
C3D CLA LK . -23.47 67.49 10.34
C4D CLA LK . -24.49 68.32 10.83
CMD CLA LK . -22.15 65.44 11.06
CAD CLA LK . -23.07 67.97 9.03
OBD CLA LK . -22.20 67.50 8.33
CBD CLA LK . -24.02 69.07 8.65
CGD CLA LK . -23.28 70.28 8.18
O1D CLA LK . -22.40 70.79 8.84
O2D CLA LK . -23.60 70.81 7.00
CED CLA LK . -22.74 70.43 5.93
C1 CLA LK . -30.25 67.67 7.86
MG CHL MK . -47.14 72.10 49.42
CHA CHL MK . -49.52 74.41 50.08
CHB CHL MK . -45.08 73.59 51.74
CHC CHL MK . -44.90 69.83 48.79
CHD CHL MK . -49.31 70.73 46.95
NA CHL MK . -47.29 73.69 50.68
C1A CHL MK . -48.38 74.52 50.85
C2A CHL MK . -48.16 75.56 51.93
C3A CHL MK . -46.70 75.38 52.29
C4A CHL MK . -46.30 74.14 51.53
CMA CHL MK . -45.77 76.59 52.32
CAA CHL MK . -49.08 75.35 53.13
CBA CHL MK . -48.85 76.29 54.29
CGA CHL MK . -50.06 76.49 55.16
O1A CHL MK . -50.46 77.55 55.57
O2A CHL MK . -50.66 75.34 55.42
NB CHL MK . -45.28 71.75 50.19
C1B CHL MK . -44.59 72.46 51.11
C2B CHL MK . -43.32 71.86 51.30
C3B CHL MK . -43.24 70.76 50.49
C4B CHL MK . -44.50 70.70 49.76
CMB CHL MK . -42.26 72.34 52.25
CAB CHL MK . -42.09 69.85 50.41
CBB CHL MK . -41.93 68.62 49.55
NC CHL MK . -47.15 70.53 48.09
C1C CHL MK . -46.06 69.71 48.05
C2C CHL MK . -46.32 68.71 47.01
C3C CHL MK . -47.51 69.03 46.45
C4C CHL MK . -48.07 70.15 47.14
CMC CHL MK . -45.55 67.55 46.62
OMC CHL MK . -44.49 67.23 47.09
CAC CHL MK . -48.09 68.38 45.23
CBC CHL MK . -49.25 67.52 45.53
ND CHL MK . -48.99 72.40 48.63
C1D CHL MK . -49.76 71.82 47.67
C2D CHL MK . -51.02 72.49 47.57
C3D CHL MK . -50.97 73.51 48.49
C4D CHL MK . -49.73 73.45 49.13
CMD CHL MK . -52.12 72.11 46.65
CAD CHL MK . -51.69 74.63 49.07
OBD CHL MK . -52.82 75.02 48.80
CBD CHL MK . -50.79 75.28 50.10
CGD CHL MK . -50.51 76.72 49.73
O1D CHL MK . -49.46 77.14 49.33
O2D CHL MK . -51.61 77.47 49.89
CED CHL MK . -51.47 78.87 49.56
C1 CHL MK . -51.86 75.24 56.24
MG CHL NK . -31.98 59.17 39.65
CHA CHL NK . -32.32 57.71 42.69
CHB CHL NK . -28.77 60.07 40.46
CHC CHL NK . -31.69 60.52 36.69
CHD CHL NK . -35.38 58.35 39.01
NA CHL NK . -30.76 58.91 41.27
C1A CHL NK . -31.09 58.29 42.46
C2A CHL NK . -29.95 58.38 43.48
C3A CHL NK . -28.89 59.18 42.76
C4A CHL NK . -29.50 59.43 41.40
CMA CHL NK . -28.19 60.32 43.50
CAA CHL NK . -29.44 57.02 44.00
CBA CHL NK . -28.52 56.26 43.07
CGA CHL NK . -27.64 55.29 43.81
O1A CHL NK . -27.17 55.49 44.89
O2A CHL NK . -27.45 54.18 43.12
NB CHL NK . -30.43 60.11 38.71
C1B CHL NK . -29.21 60.38 39.18
C2B CHL NK . -28.47 61.03 38.15
C3B CHL NK . -29.25 61.13 37.05
C4B CHL NK . -30.54 60.56 37.42
CMB CHL NK . -27.07 61.54 38.29
CAB CHL NK . -28.78 61.65 35.77
CBB CHL NK . -29.51 61.64 34.45
NC CHL NK . -33.35 59.37 38.13
C1C CHL NK . -32.96 60.00 36.99
C2C CHL NK . -34.12 60.05 36.10
C3C CHL NK . -35.16 59.48 36.78
C4C CHL NK . -34.68 59.02 38.05
CMC CHL NK . -34.24 60.58 34.76
OMC CHL NK . -33.34 61.10 34.12
CAC CHL NK . -36.58 59.40 36.30
CBC CHL NK . -37.01 58.00 35.97
ND CHL NK . -33.57 58.25 40.54
C1D CHL NK . -34.85 57.95 40.22
C2D CHL NK . -35.48 57.24 41.27
C3D CHL NK . -34.53 57.10 42.26
C4D CHL NK . -33.36 57.74 41.81
CMD CHL NK . -36.90 56.75 41.26
CAD CHL NK . -34.26 56.59 43.59
OBD CHL NK . -34.99 55.96 44.32
CBD CHL NK . -32.84 56.99 43.95
CGD CHL NK . -32.88 57.91 45.16
O1D CHL NK . -33.51 58.91 45.25
O2D CHL NK . -32.09 57.43 46.13
CED CHL NK . -32.06 58.20 47.34
C1 CHL NK . -26.68 53.06 43.63
C2 CHL NK . -25.24 53.41 43.51
C3 CHL NK . -24.42 53.36 44.55
C4 CHL NK . -24.86 52.98 45.94
C5 CHL NK . -22.96 53.72 44.41
O1 LHG OK . -56.08 81.60 10.71
C1 LHG OK . -54.85 81.02 10.27
C2 LHG OK . -55.05 79.52 10.08
O2 LHG OK . -56.03 79.06 11.00
C3 LHG OK . -53.73 78.80 10.35
O3 LHG OK . -52.75 79.68 10.90
P LHG OK . -52.25 79.46 12.40
O4 LHG OK . -53.00 80.42 13.31
O5 LHG OK . -52.25 77.99 12.70
O6 LHG OK . -50.71 79.95 12.34
C4 LHG OK . -49.85 79.72 13.45
C5 LHG OK . -48.77 78.72 13.03
C6 LHG OK . -48.49 78.89 11.55
O7 LHG OK . -47.57 78.88 13.79
C7 LHG OK . -47.36 77.83 14.60
O9 LHG OK . -47.76 76.73 14.27
C8 LHG OK . -46.66 78.00 15.94
C9 LHG OK . -45.15 77.78 15.82
C10 LHG OK . -44.71 77.21 14.48
O8 LHG OK . -47.32 78.15 11.21
C23 LHG OK . -46.34 78.74 10.53
O10 LHG OK . -46.37 79.95 10.39
C24 LHG OK . -45.22 77.91 9.95
C11 LHG OK . -43.18 77.15 14.42
C12 LHG OK . -42.67 77.26 12.98
C13 LHG OK . -42.87 78.67 12.46
C14 LHG OK . -41.65 79.21 11.71
C15 LHG OK . -41.97 80.56 11.09
C16 LHG OK . -41.19 81.68 11.77
C17 LHG OK . -41.81 83.05 11.51
C18 LHG OK . -41.01 84.12 12.24
C19 LHG OK . -41.82 85.37 12.56
C20 LHG OK . -41.38 85.94 13.90
C21 LHG OK . -41.56 87.45 13.96
C22 LHG OK . -40.25 88.16 13.67
C25 LHG OK . -45.67 77.32 8.63
C26 LHG OK . -45.25 78.21 7.45
C27 LHG OK . -44.49 77.40 6.41
C28 LHG OK . -43.31 76.67 7.03
C29 LHG OK . -42.20 76.49 6.00
C30 LHG OK . -40.86 76.27 6.66
C31 LHG OK . -40.03 75.24 5.91
C32 LHG OK . -38.63 75.78 5.62
C33 LHG OK . -37.72 75.55 6.82
C34 LHG OK . -36.60 74.55 6.48
C35 LHG OK . -35.66 74.40 7.66
C36 LHG OK . -34.77 75.64 7.79
C37 LHG OK . -33.39 75.25 8.30
C38 LHG OK . -32.41 75.14 7.15
C1 PTY PK . -19.27 65.38 15.18
C2 PTY PK . -16.52 72.65 14.85
C3 PTY PK . -16.92 71.18 14.89
O4 PTY PK . -20.55 64.83 15.06
C5 PTY PK . -18.34 67.70 15.16
C6 PTY PK . -19.23 66.71 14.41
O7 PTY PK . -20.54 67.18 14.24
C8 PTY PK . -21.08 68.04 15.21
O10 PTY PK . -21.06 69.21 15.03
C11 PTY PK . -21.68 67.49 16.51
C12 PTY PK . -23.06 68.09 16.72
C13 PTY PK . -23.27 68.36 18.21
C14 PTY PK . -23.41 67.03 18.95
C15 PTY PK . -23.80 67.31 20.40
C16 PTY PK . -24.47 66.06 21.00
C17 PTY PK . -25.16 66.45 22.30
C18 PTY PK . -25.73 65.20 22.98
C19 PTY PK . -27.05 64.81 22.31
C20 PTY PK . -27.77 63.78 23.17
C30 PTY PK . -20.66 63.50 15.45
C31 PTY PK . -20.07 63.02 16.78
O30 PTY PK . -21.21 62.73 14.74
C32 PTY PK . -21.10 63.17 17.88
C33 PTY PK . -22.06 61.98 17.84
C34 PTY PK . -21.35 60.74 18.34
C35 PTY PK . -21.72 60.48 19.81
C36 PTY PK . -21.47 59.02 20.13
C37 PTY PK . -21.58 58.77 21.63
C38 PTY PK . -21.87 57.30 21.91
C39 PTY PK . -21.83 57.03 23.41
C40 PTY PK . -22.56 58.11 24.17
C41 PTY PK . -21.85 58.38 25.50
P1 PTY PK . -15.99 68.76 14.65
O11 PTY PK . -15.79 70.40 14.62
O12 PTY PK . -15.04 68.13 13.66
O13 PTY PK . -15.69 68.25 16.04
O14 PTY PK . -17.54 68.39 14.25
N1 PTY PK . -17.53 73.42 15.53
CA1 DGA QK . -42.72 54.80 28.79
CA2 DGA QK . -41.78 56.01 29.02
CA3 DGA QK . -40.87 56.22 27.77
CA4 DGA QK . -39.38 56.15 28.21
CA5 DGA QK . -38.49 56.77 27.09
CA6 DGA QK . -36.99 56.49 27.40
CA7 DGA QK . -36.19 57.81 27.32
CA8 DGA QK . -34.75 57.52 26.82
CA9 DGA QK . -34.55 58.16 25.41
OA1 DGA QK . -42.25 53.73 28.57
CB1 DGA QK . -43.81 54.93 32.50
CB2 DGA QK . -43.96 53.50 33.09
CB3 DGA QK . -42.57 53.02 33.62
CB4 DGA QK . -42.73 52.44 35.04
CB5 DGA QK . -41.36 52.45 35.75
CB6 DGA QK . -40.79 51.01 35.79
OB1 DGA QK . -42.74 55.42 32.39
OG1 DGA QK . -44.13 54.97 28.85
CG1 DGA QK . -44.56 55.97 29.76
CG2 DGA QK . -45.47 55.34 30.82
OG2 DGA QK . -44.98 55.68 32.10
CG3 DGA QK . -46.89 55.86 30.66
OXT DGA QK . -47.03 56.48 29.40
C1 PLM RK . -22.88 94.97 34.46
O1 PLM RK . -21.99 95.49 35.19
O2 PLM RK . -23.40 95.66 33.54
C2 PLM RK . -23.33 93.54 34.70
C3 PLM RK . -24.55 93.53 35.62
C4 PLM RK . -25.07 92.10 35.78
C5 PLM RK . -26.31 92.11 36.65
C6 PLM RK . -26.81 90.68 36.83
C7 PLM RK . -28.17 90.69 37.53
C8 PLM RK . -28.79 89.29 37.42
C9 PLM RK . -30.24 89.33 37.88
CA PLM RK . -31.00 88.17 37.25
CB PLM RK . -32.46 88.26 37.69
CC PLM RK . -33.35 87.55 36.67
CD PLM RK . -34.75 87.42 37.25
CE PLM RK . -35.70 86.78 36.23
CF PLM RK . -37.10 86.71 36.82
CG PLM RK . -38.06 86.09 35.81
O1 LHG SK . 11.46 36.03 58.07
C1 LHG SK . 10.11 36.50 57.98
C2 LHG SK . 9.42 36.33 59.32
O2 LHG SK . 10.09 35.32 60.09
C3 LHG SK . 7.98 35.90 59.08
O3 LHG SK . 7.08 36.85 59.69
P LHG SK . 6.86 38.28 58.98
O4 LHG SK . 7.20 38.14 57.51
O5 LHG SK . 7.56 39.32 59.82
O6 LHG SK . 5.27 38.52 59.11
C4 LHG SK . 4.50 38.60 57.92
C5 LHG SK . 3.15 39.26 58.14
C6 LHG SK . 2.90 40.15 56.91
O7 LHG SK . 2.14 38.27 58.26
C7 LHG SK . 1.17 38.60 59.13
O9 LHG SK . 0.18 39.17 58.74
C8 LHG SK . 1.31 38.27 60.61
C9 LHG SK . 0.20 39.02 61.36
C10 LHG SK . -1.03 38.16 61.60
O8 LHG SK . 1.80 41.04 57.11
C23 LHG SK . 0.67 40.88 56.42
O10 LHG SK . 0.42 39.79 55.93
C24 LHG SK . -0.28 42.03 56.27
C11 LHG SK . -2.03 38.90 62.49
C12 LHG SK . -2.66 37.96 63.51
C13 LHG SK . -3.76 38.66 64.28
C14 LHG SK . -4.93 37.72 64.54
C15 LHG SK . -4.60 36.72 65.64
C25 LHG SK . -1.24 42.05 57.45
C26 LHG SK . -2.65 42.41 57.01
C27 LHG SK . -3.59 41.23 57.18
C28 LHG SK . -3.90 41.01 58.66
C29 LHG SK . -4.98 41.98 59.13
C30 LHG SK . -5.41 41.65 60.56
C31 LHG SK . -6.79 41.00 60.58
C32 LHG SK . -6.95 40.14 61.82
C33 LHG SK . -7.93 38.99 61.57
MG CLA TK . -25.91 70.91 53.23
CHA CLA TK . -25.99 69.16 50.25
CHB CLA TK . -25.87 73.91 51.51
CHC CLA TK . -25.94 72.48 56.13
CHD CLA TK . -25.94 67.84 54.95
NA CLA TK . -25.93 71.50 51.10
C1A CLA TK . -25.96 70.67 50.06
C2A CLA TK . -25.93 71.38 48.75
C3A CLA TK . -25.85 72.86 49.17
C4A CLA TK . -25.89 72.79 50.68
CMA CLA TK . -24.79 73.72 48.54
CAA CLA TK . -27.28 71.19 48.07
CBA CLA TK . -28.43 71.32 49.08
CGA CLA TK . -29.76 71.11 48.41
O1A CLA TK . -29.99 71.64 47.35
O2A CLA TK . -30.69 70.35 48.99
NB CLA TK . -25.91 72.88 53.74
C1B CLA TK . -25.89 73.98 52.93
C2B CLA TK . -25.89 75.18 53.71
C3B CLA TK . -25.90 74.76 55.02
C4B CLA TK . -25.92 73.30 55.01
CMB CLA TK . -25.88 76.60 53.19
CAB CLA TK . -25.92 75.58 56.24
CBB CLA TK . -26.93 76.69 56.44
NC CLA TK . -26.01 70.26 55.22
C1C CLA TK . -25.97 71.07 56.26
C2C CLA TK . -25.94 70.35 57.56
C3C CLA TK . -25.98 69.03 57.20
C4C CLA TK . -26.01 68.99 55.74
CMC CLA TK . -25.90 70.96 58.94
CAC CLA TK . -25.98 67.85 58.14
CBC CLA TK . -27.38 67.29 58.25
ND CLA TK . -25.95 68.98 52.82
C1D CLA TK . -25.97 67.82 53.55
C2D CLA TK . -26.01 66.63 52.68
C3D CLA TK . -26.02 67.18 51.40
C4D CLA TK . -25.98 68.57 51.50
CMD CLA TK . -26.06 65.16 52.91
CAD CLA TK . -26.05 66.81 50.00
OBD CLA TK . -26.27 65.68 49.57
CBD CLA TK . -26.06 68.07 49.20
CGD CLA TK . -24.85 68.09 48.31
O1D CLA TK . -23.74 68.21 48.77
O2D CLA TK . -24.98 67.98 46.99
CED CLA TK . -24.16 67.00 46.37
C1 CLA TK . -31.92 70.95 49.49
C2 CLA TK . -32.32 70.81 50.94
C3 CLA TK . -33.61 70.89 51.30
C4 CLA TK . -34.69 71.13 50.28
C5 CLA TK . -34.05 70.74 52.74
C6 CLA TK . -34.99 71.88 53.10
C7 CLA TK . -34.33 72.82 54.09
C8 CLA TK . -35.32 73.29 55.16
C9 CLA TK . -34.88 74.61 55.78
C10 CLA TK . -35.48 72.21 56.22
MG CHL UK . -38.65 58.56 49.83
CHA CHL UK . -39.78 61.00 47.79
CHB CHL UK . -36.26 57.75 47.44
CHC CHL UK . -37.57 56.24 51.79
CHD CHL UK . -41.22 59.43 52.15
NA CHL UK . -38.11 59.25 47.97
C1A CHL UK . -38.67 60.34 47.33
C2A CHL UK . -37.95 60.66 46.05
C3A CHL UK . -36.96 59.54 45.88
C4A CHL UK . -37.09 58.78 47.18
CMA CHL UK . -36.86 58.79 44.56
CAA CHL UK . -37.27 62.05 46.14
CBA CHL UK . -36.59 62.51 44.86
CGA CHL UK . -35.19 62.99 45.09
O1A CHL UK . -34.24 62.68 44.45
O2A CHL UK . -35.14 63.81 46.13
NB CHL UK . -37.13 57.21 49.62
C1B CHL UK . -36.27 56.99 48.60
C2B CHL UK . -35.42 55.89 48.93
C3B CHL UK . -35.79 55.44 50.20
C4B CHL UK . -36.88 56.29 50.62
CMB CHL UK . -34.35 55.34 48.04
CAB CHL UK . -35.23 54.34 50.98
CBB CHL UK . -34.12 53.37 50.67
NC CHL UK . -39.31 57.99 51.68
C1C CHL UK . -38.63 56.98 52.30
C2C CHL UK . -39.25 56.77 53.60
C3C CHL UK . -40.30 57.64 53.68
C4C CHL UK . -40.33 58.43 52.48
CMC CHL UK . -38.89 55.86 54.66
OMC CHL UK . -37.98 55.07 54.63
CAC CHL UK . -41.26 57.76 54.83
CBC CHL UK . -42.34 56.71 54.79
ND CHL UK . -40.18 59.89 50.04
C1D CHL UK . -41.15 60.14 50.96
C2D CHL UK . -42.00 61.19 50.50
C3D CHL UK . -41.51 61.56 49.27
C4D CHL UK . -40.39 60.75 49.00
CMD CHL UK . -43.18 61.74 51.26
CAD CHL UK . -41.67 62.46 48.13
OBD CHL UK . -42.53 63.30 47.96
CBD CHL UK . -40.55 62.16 47.15
CGD CHL UK . -41.08 61.86 45.75
O1D CHL UK . -40.64 62.31 44.73
O2D CHL UK . -42.12 61.04 45.80
CED CHL UK . -42.71 60.68 44.53
C1 CHL UK . -33.87 64.35 46.57
C2 CHL UK . -34.10 65.69 47.15
C3 CHL UK . -34.62 65.87 48.35
C4 CHL UK . -35.09 64.75 49.23
C5 CHL UK . -34.73 67.25 48.95
C6 CHL UK . -34.02 67.36 50.29
C7 CHL UK . -32.51 67.14 50.18
C8 CHL UK . -31.86 66.56 51.44
C9 CHL UK . -32.26 65.11 51.64
C10 CHL UK . -30.35 66.70 51.24
C11 CHL UK . -29.63 67.35 52.41
C12 CHL UK . -30.32 68.60 52.91
C13 CHL UK . -29.45 69.54 53.74
C14 CHL UK . -29.89 69.56 55.21
C15 CHL UK . -29.28 70.95 53.18
C16 CHL UK . -29.66 72.09 54.12
C17 CHL UK . -29.56 73.45 53.45
C18 CHL UK . -29.86 74.64 54.33
C19 CHL UK . -31.23 74.55 54.96
C20 CHL UK . -29.70 75.95 53.57
C1 LUT VK . -23.31 64.48 60.74
C2 LUT VK . -21.87 64.87 60.42
C3 LUT VK . -21.49 64.60 58.98
C4 LUT VK . -21.61 63.11 58.73
C5 LUT VK . -23.00 62.62 59.09
C6 LUT VK . -23.74 63.20 60.04
C7 LUT VK . -25.03 62.59 60.42
C8 LUT VK . -25.10 61.61 61.32
C9 LUT VK . -26.37 61.00 61.72
C10 LUT VK . -26.37 60.17 62.77
C11 LUT VK . -27.54 59.48 63.29
C12 LUT VK . -27.28 58.59 64.24
C13 LUT VK . -28.30 57.79 64.94
C14 LUT VK . -27.91 57.11 66.03
C15 LUT VK . -28.82 56.30 66.83
C16 LUT VK . -24.26 65.59 60.31
C17 LUT VK . -23.39 64.30 62.25
C18 LUT VK . -23.52 61.44 58.34
C19 LUT VK . -27.63 61.27 60.94
C20 LUT VK . -29.72 57.74 64.46
O3 LUT VK . -20.11 64.96 58.80
C21 LUT VK . -32.54 50.11 77.34
C22 LUT VK . -33.88 49.64 77.90
C23 LUT VK . -34.07 48.15 77.70
C24 LUT VK . -34.10 47.87 76.21
C25 LUT VK . -32.81 48.35 75.60
C26 LUT VK . -32.26 49.52 75.98
C27 LUT VK . -31.06 49.99 75.24
C28 LUT VK . -31.23 50.88 74.25
C29 LUT VK . -30.10 51.41 73.49
C30 LUT VK . -30.32 52.51 72.76
C31 LUT VK . -29.31 53.18 71.95
C32 LUT VK . -29.69 53.67 70.78
C33 LUT VK . -28.74 54.40 69.93
C34 LUT VK . -29.22 55.07 68.87
C35 LUT VK . -28.35 55.84 67.99
C36 LUT VK . -31.43 49.67 78.28
C37 LUT VK . -32.55 51.63 77.27
C38 LUT VK . -32.14 47.52 74.55
C39 LUT VK . -28.75 50.75 73.52
C40 LUT VK . -27.27 54.40 70.24
O23 LUT VK . -35.30 47.70 78.28
C1 LUT WK . -15.00 51.25 65.12
C2 LUT WK . -13.97 52.29 65.53
C3 LUT WK . -14.02 52.55 67.03
C4 LUT WK . -15.37 53.17 67.33
C5 LUT WK . -16.47 52.26 66.86
C6 LUT WK . -16.34 51.44 65.81
C7 LUT WK . -17.47 50.63 65.31
C8 LUT WK . -18.41 51.09 64.49
C9 LUT WK . -19.48 50.17 64.04
C10 LUT WK . -20.17 50.49 62.94
C11 LUT WK . -21.23 49.66 62.39
C12 LUT WK . -21.61 49.94 61.13
C13 LUT WK . -22.63 49.22 60.37
C14 LUT WK . -23.04 49.73 59.21
C15 LUT WK . -24.03 49.07 58.36
C16 LUT WK . -14.48 49.86 65.47
C17 LUT WK . -15.18 51.35 63.60
C18 LUT WK . -17.76 52.32 67.61
C19 LUT WK . -19.78 48.92 64.79
C20 LUT WK . -23.18 47.91 60.86
O3 LUT WK . -12.99 53.49 67.36
C21 LUT WK . -31.09 47.36 47.75
C22 LUT WK . -32.12 46.55 46.95
C23 LUT WK . -33.52 46.58 47.53
C24 LUT WK . -33.45 46.07 48.96
C25 LUT WK . -32.57 47.00 49.75
C26 LUT WK . -31.43 47.50 49.22
C27 LUT WK . -30.72 48.53 50.01
C28 LUT WK . -29.58 48.18 50.62
C29 LUT WK . -28.76 49.10 51.43
C30 LUT WK . -27.83 48.55 52.23
C31 LUT WK . -26.94 49.32 53.07
C32 LUT WK . -26.63 48.84 54.27
C33 LUT WK . -25.71 49.56 55.17
C34 LUT WK . -25.22 48.93 56.25
C35 LUT WK . -24.27 49.57 57.15
C36 LUT WK . -30.98 48.75 47.15
C37 LUT WK . -29.76 46.63 47.61
C38 LUT WK . -32.97 47.37 51.14
C39 LUT WK . -28.95 50.59 51.36
C40 LUT WK . -25.31 50.97 54.86
O23 LUT WK . -34.36 45.70 46.77
C1 BCR XK . -19.64 26.16 78.63
C2 BCR XK . -19.90 24.69 78.94
C3 BCR XK . -21.33 24.31 78.62
C4 BCR XK . -22.27 25.13 79.49
C5 BCR XK . -21.95 26.59 79.47
C6 BCR XK . -20.69 27.03 79.29
C7 BCR XK . -20.33 28.38 79.73
C8 BCR XK . -20.29 29.39 78.87
C9 BCR XK . -19.94 30.76 79.17
C10 BCR XK . -19.98 31.74 78.12
C11 BCR XK . -20.33 33.07 77.77
C33 BCR XK . -23.06 27.58 79.67
C31 BCR XK . -19.68 26.40 77.13
C32 BCR XK . -18.28 26.56 79.18
C34 BCR XK . -19.54 31.16 80.56
C12 BCR XK . -20.63 34.19 77.42
C13 BCR XK . -20.52 35.60 77.37
C14 BCR XK . -20.87 36.20 76.21
C15 BCR XK . -20.80 37.60 75.94
C16 BCR XK . -21.18 38.65 75.19
C17 BCR XK . -20.74 39.86 75.36
C18 BCR XK . -20.46 40.76 74.41
C19 BCR XK . -19.97 42.11 74.70
C20 BCR XK . -19.85 43.40 74.37
C21 BCR XK . -19.45 44.75 74.48
C22 BCR XK . -19.23 45.63 73.48
C23 BCR XK . -18.80 46.99 73.84
C24 BCR XK . -17.48 47.35 74.47
C25 BCR XK . -17.09 48.72 74.81
C26 BCR XK . -15.94 49.19 74.34
C27 BCR XK . -15.67 50.68 74.32
C28 BCR XK . -16.23 51.43 75.52
C29 BCR XK . -17.11 50.61 76.44
C30 BCR XK . -17.98 49.58 75.72
C35 BCR XK . -20.04 36.38 78.55
C36 BCR XK . -20.63 40.35 72.97
C37 BCR XK . -19.44 45.25 72.04
C38 BCR XK . -14.87 48.29 73.83
C39 BCR XK . -19.08 50.27 74.91
C40 BCR XK . -18.58 48.70 76.80
C1 BCR YK . 3.80 39.61 68.49
C2 BCR YK . 3.63 38.24 69.14
C3 BCR YK . 4.25 37.14 68.30
C4 BCR YK . 3.66 37.12 66.90
C5 BCR YK . 3.61 38.51 66.30
C6 BCR YK . 3.31 39.55 67.07
C7 BCR YK . 2.49 40.64 66.52
C8 BCR YK . 1.18 40.50 66.37
C9 BCR YK . 0.27 41.48 65.85
C10 BCR YK . -1.14 41.44 66.16
C11 BCR YK . -2.42 41.83 65.73
C33 BCR YK . 3.91 38.71 64.84
C31 BCR YK . 5.27 39.99 68.46
C32 BCR YK . 3.01 40.66 69.26
C34 BCR YK . 0.79 42.56 64.96
C12 BCR YK . -3.51 42.17 65.35
C13 BCR YK . -4.46 42.77 64.49
C14 BCR YK . -5.79 42.63 64.74
C15 BCR YK . -6.78 43.22 63.90
C16 BCR YK . -8.07 43.51 63.61
C17 BCR YK . -8.45 44.13 62.55
C18 BCR YK . -9.71 44.21 62.07
C19 BCR YK . -10.05 44.96 60.84
C20 BCR YK . -10.98 45.58 60.13
C21 BCR YK . -11.59 46.29 59.05
C22 BCR YK . -12.91 46.36 58.76
C23 BCR YK . -13.35 47.15 57.59
C24 BCR YK . -12.63 48.32 57.01
C25 BCR YK . -13.13 49.06 55.85
C26 BCR YK . -12.70 48.72 54.62
C27 BCR YK . -12.45 49.80 53.61
C28 BCR YK . -13.60 50.80 53.64
C29 BCR YK . -13.78 51.34 55.05
C30 BCR YK . -14.13 50.21 56.01
C35 BCR YK . -3.99 43.54 63.31
C36 BCR YK . -10.82 43.51 62.80
C37 BCR YK . -13.91 45.62 59.60
C38 BCR YK . -12.41 47.30 54.24
C39 BCR YK . -15.53 49.70 55.73
C40 BCR YK . -14.05 50.75 57.43
MG CLA ZK . -33.56 48.02 71.07
CHA CLA ZK . -35.43 45.45 72.44
CHB CLA ZK . -36.41 49.92 70.68
CHC CLA ZK . -31.65 50.47 69.99
CHD CLA ZK . -30.69 46.00 71.40
NA CLA ZK . -35.71 47.74 71.50
C1A CLA ZK . -36.26 46.64 72.02
C2A CLA ZK . -37.75 46.75 72.13
C3A CLA ZK . -38.02 48.13 71.51
C4A CLA ZK . -36.66 48.65 71.22
CMA CLA ZK . -39.08 48.14 70.42
CAA CLA ZK . -38.15 46.88 73.59
CBA CLA ZK . -37.12 47.65 74.42
CGA CLA ZK . -37.48 49.12 74.59
O1A CLA ZK . -38.25 49.45 75.46
O2A CLA ZK . -36.96 50.01 73.76
NB CLA ZK . -33.96 49.91 70.45
C1B CLA ZK . -35.18 50.51 70.33
C2B CLA ZK . -35.01 51.85 69.80
C3B CLA ZK . -33.67 51.99 69.60
C4B CLA ZK . -33.02 50.75 70.02
CMB CLA ZK . -36.13 52.84 69.54
CAB CLA ZK . -32.94 53.17 69.08
CBB CLA ZK . -33.26 54.58 69.51
NC CLA ZK . -31.49 48.23 70.81
C1C CLA ZK . -30.92 49.31 70.32
C2C CLA ZK . -29.45 49.16 70.15
C3C CLA ZK . -29.19 47.90 70.60
C4C CLA ZK . -30.47 47.31 70.99
CMC CLA ZK . -28.48 50.18 69.63
CAC CLA ZK . -27.84 47.22 70.65
CBC CLA ZK . -27.31 47.27 72.06
ND CLA ZK . -33.07 46.22 71.75
C1D CLA ZK . -31.93 45.47 71.81
C2D CLA ZK . -32.19 44.13 72.32
C3D CLA ZK . -33.56 44.13 72.55
C4D CLA ZK . -34.07 45.38 72.20
CMD CLA ZK . -31.34 42.91 72.57
CAD CLA ZK . -34.65 43.30 73.03
OBD CLA ZK . -34.54 42.19 73.51
CBD CLA ZK . -35.85 44.19 73.16
CGD CLA ZK . -37.04 43.57 72.51
O1D CLA ZK . -36.96 43.18 71.37
O2D CLA ZK . -38.20 43.49 73.15
CED CLA ZK . -38.95 42.30 72.95
C1 CLA ZK . -35.74 50.76 74.05
C2 CLA ZK . -35.79 52.12 74.70
C3 CLA ZK . -35.04 53.12 74.21
C4 CLA ZK . -34.15 52.92 73.02
C5 CLA ZK . -35.02 54.51 74.82
C6 CLA ZK . -33.75 54.67 75.63
C7 CLA ZK . -32.83 55.72 75.03
C8 CLA ZK . -31.36 55.34 75.18
C9 CLA ZK . -30.88 55.59 76.59
C10 CLA ZK . -30.53 56.12 74.18
C11 CLA ZK . -29.05 55.79 74.33
C12 CLA ZK . -28.18 57.00 74.03
C13 CLA ZK . -26.75 56.57 73.67
C14 CLA ZK . -26.21 55.57 74.68
C15 CLA ZK . -25.86 57.80 73.61
MG CLA AL . -33.23 60.10 67.43
CHA CLA AL . -36.49 59.43 68.37
CHB CLA AL . -32.05 58.34 70.15
CHC CLA AL . -30.17 60.69 66.37
CHD CLA AL . -34.47 61.89 64.64
NA CLA AL . -34.16 58.98 69.09
C1A CLA AL . -35.47 58.84 69.30
C2A CLA AL . -35.76 58.05 70.56
C3A CLA AL . -34.36 57.73 71.09
C4A CLA AL . -33.46 58.37 70.07
CMA CLA AL . -34.06 57.95 72.56
CAA CLA AL . -36.51 56.78 70.20
CBA CLA AL . -36.72 55.87 71.41
CGA CLA AL . -37.76 56.45 72.34
O1A CLA AL . -38.62 57.18 71.88
O2A CLA AL . -37.73 56.13 73.61
NB CLA AL . -31.40 59.58 68.14
C1B CLA AL . -31.10 58.90 69.28
C2B CLA AL . -29.66 58.81 69.45
C3B CLA AL . -29.14 59.48 68.38
C4B CLA AL . -30.25 59.96 67.56
CMB CLA AL . -28.92 58.14 70.56
CAB CLA AL . -27.69 59.67 68.09
CBB CLA AL . -27.13 61.01 67.72
NC CLA AL . -32.45 61.05 65.72
C1C CLA AL . -31.16 61.25 65.53
C2C CLA AL . -30.87 62.09 64.34
C3C CLA AL . -32.11 62.39 63.85
C4C CLA AL . -33.09 61.74 64.72
CMC CLA AL . -29.53 62.51 63.83
CAC CLA AL . -32.42 63.23 62.63
CBC CLA AL . -32.37 64.69 63.02
ND CLA AL . -34.97 60.57 66.60
C1D CLA AL . -35.39 61.30 65.53
C2D CLA AL . -36.84 61.40 65.48
C3D CLA AL . -37.25 60.68 66.59
C4D CLA AL . -36.14 60.17 67.24
CMD CLA AL . -37.80 62.10 64.56
CAD CLA AL . -38.44 60.25 67.30
OBD CLA AL . -39.59 60.39 66.92
CBD CLA AL . -38.00 59.42 68.47
CGD CLA AL . -38.38 60.11 69.75
O1D CLA AL . -37.84 61.15 70.08
O2D CLA AL . -39.32 59.60 70.54
CED CLA AL . -40.41 60.46 70.85
C1 CLA AL . -37.84 57.14 74.66
C2 CLA AL . -36.94 58.35 74.68
C3 CLA AL . -36.49 58.84 75.85
C4 CLA AL . -35.60 60.03 75.89
C5 CLA AL . -36.88 58.22 77.17
C6 CLA AL . -35.72 58.35 78.16
C7 CLA AL . -34.82 57.12 78.13
MG CLA BL . -22.09 62.65 53.47
CHA CLA BL . -19.76 65.08 52.73
CHB CLA BL . -23.79 64.86 55.52
CHC CLA BL . -24.31 60.28 54.05
CHD CLA BL . -20.36 60.44 51.32
NA CLA BL . -21.84 64.76 54.07
C1A CLA BL . -20.84 65.56 53.67
C2A CLA BL . -20.97 66.94 54.23
C3A CLA BL . -22.22 66.84 55.11
C4A CLA BL . -22.66 65.42 54.92
CMA CLA BL . -22.20 67.45 56.51
CAA CLA BL . -21.25 67.90 53.08
CBA CLA BL . -22.46 67.50 52.24
CGA CLA BL . -22.07 66.64 51.05
O1A CLA BL . -21.58 67.17 50.07
O2A CLA BL . -22.25 65.33 51.11
NB CLA BL . -23.78 62.58 54.60
C1B CLA BL . -24.31 63.55 55.40
C2B CLA BL . -25.50 63.04 56.06
C3B CLA BL . -25.63 61.75 55.64
C4B CLA BL . -24.53 61.48 54.71
CMB CLA BL . -26.38 63.80 57.03
CAB CLA BL . -26.65 60.75 56.00
CBB CLA BL . -26.99 60.46 57.44
NC CLA BL . -22.32 60.69 52.76
C1C CLA BL . -23.30 59.89 53.13
C2C CLA BL . -23.21 58.54 52.50
C3C CLA BL . -22.10 58.62 51.71
C4C CLA BL . -21.55 59.96 51.88
CMC CLA BL . -24.15 57.39 52.69
CAC CLA BL . -21.55 57.52 50.83
CBC CLA BL . -21.95 57.78 49.40
ND CLA BL . -20.50 62.65 52.30
C1D CLA BL . -19.87 61.76 51.48
C2D CLA BL . -18.69 62.33 50.86
C3D CLA BL . -18.65 63.62 51.35
C4D CLA BL . -19.74 63.80 52.21
CMD CLA BL . -17.65 61.80 49.89
CAD CLA BL . -17.89 64.85 51.30
OBD CLA BL . -17.09 65.15 50.42
CBD CLA BL . -18.56 65.84 52.21
CGD CLA BL . -17.66 66.17 53.37
O1D CLA BL . -16.96 65.31 53.87
O2D CLA BL . -17.61 67.40 53.86
CED CLA BL . -16.34 68.03 53.85
C1 CLA BL . -22.75 64.57 49.98
C2 CLA BL . -23.82 63.52 50.17
C3 CLA BL . -23.69 62.32 49.62
C4 CLA BL . -22.49 61.96 48.77
C5 CLA BL . -24.72 61.21 49.78
C6 CLA BL . -25.75 61.63 50.82
C7 CLA BL . -26.77 60.52 51.05
C8 CLA BL . -27.50 60.73 52.36
C9 CLA BL . -27.90 59.39 52.98
C10 CLA BL . -28.73 61.60 52.12
C11 CLA BL . -29.21 62.21 53.43
C12 CLA BL . -30.73 62.31 53.45
C13 CLA BL . -31.24 62.79 54.81
C14 CLA BL . -32.71 63.16 54.73
C15 CLA BL . -30.40 63.97 55.29
C16 CLA BL . -30.94 64.52 56.61
C17 CLA BL . -29.94 64.33 57.73
C18 CLA BL . -30.53 64.70 59.08
C19 CLA BL . -29.44 64.87 60.13
C20 CLA BL . -31.40 65.95 58.99
MG CLA CL . -33.58 47.48 54.43
CHA CLA CL . -36.91 47.01 53.64
CHB CLA CL . -33.16 44.07 54.78
CHC CLA CL . -30.37 48.03 55.02
CHD CLA CL . -34.07 50.96 54.06
NA CLA CL . -34.88 45.70 54.23
C1A CLA CL . -36.17 45.72 53.92
C2A CLA CL . -36.78 44.35 53.92
C3A CLA CL . -35.59 43.46 54.31
C4A CLA CL . -34.47 44.44 54.45
CMA CLA CL . -35.83 42.40 55.37
CAA CLA CL . -37.21 43.96 52.50
CBA CLA CL . -36.17 44.30 51.44
CGA CLA CL . -35.36 43.06 51.13
O1A CLA CL . -35.84 41.97 51.35
O2A CLA CL . -34.15 43.17 50.63
NB CLA CL . -32.00 46.24 54.83
C1B CLA CL . -32.03 44.88 54.95
C2B CLA CL . -30.71 44.40 55.27
C3B CLA CL . -29.92 45.50 55.36
C4B CLA CL . -30.75 46.68 55.06
CMB CLA CL . -30.31 42.97 55.50
CAB CLA CL . -28.47 45.44 55.66
CBB CLA CL . -27.72 46.51 56.40
NC CLA CL . -32.39 49.21 54.46
C1C CLA CL . -31.11 49.23 54.79
C2C CLA CL . -30.57 50.60 54.89
C3C CLA CL . -31.62 51.41 54.59
C4C CLA CL . -32.76 50.54 54.32
CMC CLA CL . -29.17 51.02 55.25
CAC CLA CL . -31.61 52.92 54.55
CBC CLA CL . -31.51 53.40 53.12
ND CLA CL . -35.02 48.75 53.96
C1D CLA CL . -35.17 50.09 53.87
C2D CLA CL . -36.54 50.49 53.57
C3D CLA CL . -37.20 49.28 53.48
C4D CLA CL . -36.29 48.25 53.71
CMD CLA CL . -37.24 51.80 53.36
CAD CLA CL . -38.51 48.70 53.24
OBD CLA CL . -39.56 49.31 53.15
CBD CLA CL . -38.35 47.20 53.26
CGD CLA CL . -39.21 46.59 54.33
O1D CLA CL . -39.97 45.68 54.06
O2D CLA CL . -39.12 46.99 55.59
CED CLA CL . -38.95 45.96 56.56
C1 CLA CL . -32.98 42.82 51.43
C2 CLA CL . -31.81 43.76 51.56
C3 CLA CL . -30.56 43.28 51.64
C4 CLA CL . -30.30 41.81 51.63
C5 CLA CL . -29.35 44.17 51.75
C6 CLA CL . -28.32 43.74 50.71
C7 CLA CL . -27.21 44.77 50.54
C8 CLA CL . -26.66 44.73 49.12
C9 CLA CL . -26.36 43.31 48.68
C10 CLA CL . -25.41 45.60 49.05
C11 CLA CL . -25.60 46.75 48.08
C12 CLA CL . -26.06 48.01 48.81
C13 CLA CL . -25.67 49.26 48.04
C14 CLA CL . -24.18 49.26 47.71
C15 CLA CL . -26.06 50.50 48.84
C16 CLA CL . -24.96 50.92 49.81
C17 CLA CL . -25.45 52.05 50.72
C18 CLA CL . -24.56 53.28 50.64
C19 CLA CL . -23.10 52.91 50.38
C20 CLA CL . -25.06 54.26 49.58
MG CLA DL . -22.49 43.54 56.36
CHA CLA DL . -23.48 40.23 56.43
CHB CLA DL . -24.46 44.10 53.59
CHC CLA DL . -21.60 46.71 56.49
CHD CLA DL . -20.51 42.93 59.22
NA CLA DL . -23.85 42.31 55.13
C1A CLA DL . -24.11 41.01 55.30
C2A CLA DL . -25.06 40.47 54.27
C3A CLA DL . -25.33 41.70 53.39
C4A CLA DL . -24.52 42.78 54.05
CMA CLA DL . -25.29 41.58 51.87
CAA CLA DL . -26.34 40.07 54.98
CBA CLA DL . -27.49 39.81 54.02
CGA CLA DL . -27.39 38.40 53.49
O1A CLA DL . -27.30 37.47 54.27
O2A CLA DL . -27.41 38.22 52.18
NB CLA DL . -22.97 45.16 55.22
C1B CLA DL . -23.74 45.20 54.10
C2B CLA DL . -23.74 46.52 53.55
C3B CLA DL . -22.92 47.26 54.38
C4B CLA DL . -22.45 46.37 55.43
CMB CLA DL . -24.48 46.97 52.31
CAB CLA DL . -22.55 48.69 54.30
CBB CLA DL . -22.26 49.38 52.98
NC CLA DL . -21.30 44.66 57.70
C1C CLA DL . -21.03 45.93 57.53
C2C CLA DL . -20.08 46.46 58.54
C3C CLA DL . -19.80 45.38 59.33
C4C CLA DL . -20.57 44.25 58.79
CMC CLA DL . -19.55 47.85 58.66
CAC CLA DL . -18.88 45.35 60.52
CBC CLA DL . -19.69 45.41 61.79
ND CLA DL . -22.08 42.05 57.60
C1D CLA DL . -21.25 41.87 58.66
C2D CLA DL . -21.22 40.47 59.09
C3D CLA DL . -22.09 39.85 58.21
C4D CLA DL . -22.60 40.80 57.33
CMD CLA DL . -20.49 39.70 60.15
CAD CLA DL . -22.66 38.56 57.90
OBD CLA DL . -22.11 37.50 58.15
CBD CLA DL . -23.64 38.76 56.78
CGD CLA DL . -23.23 37.91 55.62
O1D CLA DL . -24.07 37.30 54.97
O2D CLA DL . -21.95 37.80 55.26
CED CLA DL . -21.67 38.09 53.91
C1 CLA DL . -26.32 37.50 51.54
MG CLA EL . -16.28 53.51 72.70
CHA CLA EL . -13.28 54.81 73.83
CHB CLA EL . -14.60 51.08 70.92
CHC CLA EL . -19.20 52.28 71.80
CHD CLA EL . -17.97 56.02 74.53
NA CLA EL . -14.15 52.98 72.40
C1A CLA EL . -13.11 53.61 72.93
C2A CLA EL . -11.80 53.03 72.46
C3A CLA EL . -12.25 51.88 71.54
C4A CLA EL . -13.75 51.96 71.61
CMA CLA EL . -11.59 51.72 70.18
CAA CLA EL . -10.96 52.47 73.60
CBA CLA EL . -11.79 51.76 74.66
CGA CLA EL . -10.85 51.37 75.77
O1A CLA EL . -9.88 50.70 75.51
O2A CLA EL . -11.11 51.76 77.01
NB CLA EL . -16.82 51.93 71.55
C1B CLA EL . -16.01 51.06 70.88
C2B CLA EL . -16.81 50.11 70.14
C3B CLA EL . -18.10 50.45 70.40
C4B CLA EL . -18.10 51.61 71.29
CMB CLA EL . -16.32 48.98 69.28
CAB CLA EL . -19.31 49.77 69.85
CBB CLA EL . -20.45 49.35 70.74
NC CLA EL . -18.27 54.03 73.16
C1C CLA EL . -19.32 53.42 72.63
C2C CLA EL . -20.60 54.05 73.01
C3C CLA EL . -20.23 55.10 73.81
C4C CLA EL . -18.78 55.08 73.89
CMC CLA EL . -21.99 53.62 72.60
CAC CLA EL . -21.17 56.08 74.47
CBC CLA EL . -21.37 55.69 75.92
ND CLA EL . -15.85 55.04 73.90
C1D CLA EL . -16.56 55.98 74.57
C2D CLA EL . -15.69 56.91 75.29
C3D CLA EL . -14.41 56.43 74.99
C4D CLA EL . -14.53 55.32 74.16
CMD CLA EL . -15.92 58.11 76.16
CAD CLA EL . -13.01 56.70 75.25
OBD CLA EL . -12.57 57.43 76.11
CBD CLA EL . -12.22 55.64 74.53
CGD CLA EL . -11.30 56.33 73.55
O1D CLA EL . -10.21 56.71 73.92
O2D CLA EL . -11.66 56.51 72.29
CED CLA EL . -10.64 56.32 71.32
C1 CLA EL . -11.28 50.78 78.08
C2 CLA EL . -12.57 50.01 78.24
C3 CLA EL . -13.01 49.72 79.47
C4 CLA EL . -12.25 50.14 80.70
C5 CLA EL . -14.29 48.95 79.71
C6 CLA EL . -15.47 49.91 79.59
C7 CLA EL . -15.88 50.48 80.94
C8 CLA EL . -17.37 50.80 80.97
C9 CLA EL . -17.74 51.54 82.26
C10 CLA EL . -18.17 49.51 80.85
C11 CLA EL . -19.51 49.75 80.18
C12 CLA EL . -20.29 48.45 80.02
C13 CLA EL . -21.46 48.62 79.06
C14 CLA EL . -22.72 49.06 79.80
C15 CLA EL . -21.69 47.31 78.31
C16 CLA EL . -22.91 47.41 77.39
C17 CLA EL . -22.76 46.47 76.21
C18 CLA EL . -23.88 46.68 75.18
C19 CLA EL . -24.23 48.15 75.03
C20 CLA EL . -23.49 46.08 73.83
MG CLA FL . -39.52 61.92 60.89
CHA CLA FL . -40.37 59.60 63.30
CHB CLA FL . -42.72 63.20 60.93
CHC CLA FL . -38.55 64.18 58.68
CHD CLA FL . -36.24 60.59 60.84
NA CLA FL . -41.37 61.47 62.00
C1A CLA FL . -41.51 60.50 62.91
C2A CLA FL . -42.93 60.43 63.44
C3A CLA FL . -43.63 61.56 62.68
C4A CLA FL . -42.54 62.13 61.83
CMA CLA FL . -45.00 61.33 62.08
CAA CLA FL . -42.96 60.75 64.93
CBA CLA FL . -41.97 61.85 65.29
CGA CLA FL . -42.10 62.19 66.75
O1A CLA FL . -42.30 61.30 67.56
O2A CLA FL . -42.00 63.45 67.11
NB CLA FL . -40.49 63.46 59.97
C1B CLA FL . -41.79 63.82 60.08
C2B CLA FL . -42.07 64.93 59.20
C3B CLA FL . -40.90 65.22 58.57
C4B CLA FL . -39.90 64.26 59.06
CMB CLA FL . -43.39 65.64 59.03
CAB CLA FL . -40.68 66.27 57.56
CBB CLA FL . -39.48 67.19 57.58
NC CLA FL . -37.67 62.36 59.97
C1C CLA FL . -37.52 63.30 59.05
C2C CLA FL . -36.15 63.32 58.48
C3C CLA FL . -35.49 62.31 59.14
C4C CLA FL . -36.45 61.71 60.06
CMC CLA FL . -35.61 64.24 57.42
CAC CLA FL . -34.06 61.89 58.95
CBC CLA FL . -33.95 60.95 57.75
ND CLA FL . -38.48 60.50 61.78
C1D CLA FL . -37.20 60.02 61.72
C2D CLA FL . -36.99 58.90 62.62
C3D CLA FL . -38.23 58.74 63.24
C4D CLA FL . -39.10 59.70 62.72
CMD CLA FL . -35.80 58.04 62.95
CAD CLA FL . -38.93 57.94 64.21
OBD CLA FL . -38.40 57.20 65.03
CBD CLA FL . -40.31 58.50 64.34
CGD CLA FL . -41.37 57.46 64.07
O1D CLA FL . -41.55 57.04 62.94
O2D CLA FL . -42.12 57.00 65.06
CED CLA FL . -42.43 55.61 65.02
C1 CLA FL . -40.72 64.14 67.01
C2 CLA FL . -39.48 63.61 67.71
C3 CLA FL . -38.40 64.38 67.86
C4 CLA FL . -38.36 65.78 67.33
C5 CLA FL . -37.16 63.90 68.57
C6 CLA FL . -35.94 64.15 67.69
C7 CLA FL . -34.72 64.45 68.55
C8 CLA FL . -33.77 63.25 68.59
C9 CLA FL . -33.89 62.51 69.92
C10 CLA FL . -32.34 63.72 68.35
MG CHL GL . -10.73 47.83 63.07
CHA CHL GL . -8.12 49.35 61.57
CHB CHL GL . -12.86 49.43 60.84
CHC CHL GL . -13.19 46.18 64.34
CHD CHL GL . -8.43 46.31 65.34
NA CHL GL . -10.53 49.16 61.53
C1A CHL GL . -9.34 49.63 61.01
C2A CHL GL . -9.56 50.51 59.80
C3A CHL GL . -11.04 50.74 59.78
C4A CHL GL . -11.54 49.73 60.80
CMA CHL GL . -11.60 52.16 59.78
CAA CHL GL . -9.06 49.81 58.52
CBA CHL GL . -9.37 50.56 57.23
CGA CHL GL . -9.27 49.72 56.00
O1A CHL GL . -9.45 50.11 54.88
O2A CHL GL . -8.95 48.47 56.31
NB CHL GL . -12.72 47.84 62.64
C1B CHL GL . -13.42 48.52 61.72
C2B CHL GL . -14.79 48.12 61.79
C3B CHL GL . -14.90 47.15 62.72
C4B CHL GL . -13.58 46.99 63.30
CMB CHL GL . -15.89 48.70 60.96
CAB CHL GL . -16.10 46.33 62.92
CBB CHL GL . -16.21 45.05 63.69
NC CHL GL . -10.75 46.50 64.63
C1C CHL GL . -11.96 45.95 64.96
C2C CHL GL . -11.72 45.04 66.08
C3C CHL GL . -10.38 45.09 66.36
C4C CHL GL . -9.76 46.01 65.45
CMC CHL GL . -12.65 44.19 66.80
OMC CHL GL . -13.84 44.12 66.58
CAC CHL GL . -9.67 44.31 67.43
CBC CHL GL . -9.82 44.90 68.80
ND CHL GL . -8.73 47.80 63.49
C1D CHL GL . -7.92 47.19 64.40
C2D CHL GL . -6.57 47.56 64.16
C3D CHL GL . -6.59 48.41 63.07
C4D CHL GL . -7.92 48.55 62.68
CMD CHL GL . -5.39 47.10 64.96
CAD CHL GL . -5.78 49.19 62.14
OBD CHL GL . -4.57 49.33 62.13
CBD CHL GL . -6.72 49.81 61.12
CGD CHL GL . -6.54 51.32 61.10
O1D CHL GL . -6.38 52.02 62.05
O2D CHL GL . -6.56 51.77 59.84
CED CHL GL . -6.40 53.19 59.67
C1 CHL GL . -8.81 47.42 55.31
C2 CHL GL . -9.24 46.15 55.94
C3 CHL GL . -8.35 45.28 56.40
C4 CHL GL . -6.86 45.48 56.32
C5 CHL GL . -8.79 43.99 57.06
C6 CHL GL . -9.51 43.04 56.13
C7 CHL GL . -9.98 41.78 56.83
C8 CHL GL . -10.92 42.02 58.00
C9 CHL GL . -12.23 42.66 57.55
C10 CHL GL . -11.16 40.66 58.67
MG CHL HL . -27.98 38.42 72.77
CHA CHL HL . -28.19 41.28 70.95
CHB CHL HL . -25.36 39.77 74.53
CHC CHL HL . -27.80 35.65 74.49
CHD CHL HL . -30.67 37.13 70.86
NA CHL HL . -26.98 40.21 72.74
C1A CHL HL . -27.22 41.28 71.92
C2A CHL HL . -26.25 42.43 72.20
C3A CHL HL . -25.30 41.86 73.21
C4A CHL HL . -25.89 40.52 73.53
CMA CHL HL . -23.80 42.01 72.99
CAA CHL HL . -26.95 43.71 72.70
CBA CHL HL . -26.96 43.87 74.22
CGA CHL HL . -28.33 43.75 74.82
O1A CHL HL . -29.01 42.77 74.77
O2A CHL HL . -28.70 44.88 75.40
NB CHL HL . -26.76 37.82 74.30
C1B CHL HL . -25.79 38.52 74.92
C2B CHL HL . -25.26 37.72 75.97
C3B CHL HL . -25.91 36.53 75.98
C4B CHL HL . -26.88 36.60 74.89
CMB CHL HL . -24.18 38.15 76.93
CAB CHL HL . -25.59 35.42 76.88
CBB CHL HL . -26.19 34.05 76.92
NC CHL HL . -29.08 36.69 72.65
C1C CHL HL . -28.77 35.66 73.49
C2C CHL HL . -29.67 34.56 73.16
C3C CHL HL . -30.48 34.99 72.16
C4C CHL HL . -30.11 36.33 71.83
CMC CHL HL . -29.77 33.22 73.72
OMC CHL HL . -29.06 32.78 74.61
CAC CHL HL . -31.60 34.20 71.52
CBC CHL HL . -32.96 34.62 72.02
ND CHL HL . -29.21 38.97 71.25
C1D CHL HL . -30.26 38.41 70.58
C2D CHL HL . -30.75 39.33 69.60
C3D CHL HL . -29.97 40.45 69.70
C4D CHL HL . -29.04 40.22 70.72
CMD CHL HL . -31.91 39.06 68.68
CAD CHL HL . -29.72 41.78 69.17
OBD CHL HL . -30.30 42.33 68.26
CBD CHL HL . -28.57 42.37 69.95
CGD CHL HL . -27.43 42.76 69.00
O1D CHL HL . -26.90 42.03 68.22
O2D CHL HL . -27.13 44.05 69.14
CED CHL HL . -26.09 44.56 68.29
C1 CHL HL . -30.00 45.04 76.03
C2 CHL HL . -29.81 44.91 77.51
C3 CHL HL . -29.26 45.87 78.23
C4 CHL HL . -28.75 47.17 77.67
C5 CHL HL . -29.10 45.72 79.72
MG CLA IL . -22.04 37.71 63.24
CHA CLA IL . -24.83 37.82 61.21
CHB CLA IL . -22.31 34.29 63.51
CHC CLA IL . -19.25 37.72 65.02
CHD CLA IL . -21.82 41.23 63.01
NA CLA IL . -23.42 36.19 62.44
C1A CLA IL . -24.48 36.43 61.67
C2A CLA IL . -25.26 35.17 61.38
C3A CLA IL . -24.45 34.10 62.13
C4A CLA IL . -23.32 34.87 62.73
CMA CLA IL . -25.22 33.12 63.00
CAA CLA IL . -25.30 34.79 59.90
CBA CLA IL . -24.18 35.39 59.06
CGA CLA IL . -22.97 34.50 59.05
O1A CLA IL . -22.09 34.69 59.88
O2A CLA IL . -22.90 33.52 58.17
NB CLA IL . -20.95 36.24 64.11
C1B CLA IL . -21.21 34.89 64.15
C2B CLA IL . -20.21 34.22 64.92
C3B CLA IL . -19.35 35.20 65.35
C4B CLA IL . -19.84 36.47 64.82
CMB CLA IL . -20.14 32.74 65.21
CAB CLA IL . -18.13 35.08 66.19
CBB CLA IL . -17.06 34.06 65.86
NC CLA IL . -20.70 39.23 63.84
C1C CLA IL . -19.64 39.01 64.60
C2C CLA IL . -18.92 40.26 64.93
C3C CLA IL . -19.63 41.24 64.32
C4C CLA IL . -20.76 40.59 63.65
CMC CLA IL . -17.67 40.40 65.75
CAC CLA IL . -19.35 42.72 64.33
CBC CLA IL . -20.05 43.35 65.51
ND CLA IL . -23.00 39.21 62.38
C1D CLA IL . -22.86 40.57 62.33
C2D CLA IL . -23.91 41.20 61.52
C3D CLA IL . -24.67 40.12 61.10
C4D CLA IL . -24.12 38.94 61.61
CMD CLA IL . -24.21 42.63 61.16
CAD CLA IL . -25.83 39.77 60.31
OBD CLA IL . -26.46 40.52 59.60
CBD CLA IL . -25.95 38.27 60.29
CGD CLA IL . -27.30 37.86 60.81
O1D CLA IL . -27.78 38.37 61.81
O2D CLA IL . -27.99 36.92 60.17
CED CLA IL . -29.34 37.26 59.83
C1 CLA IL . -21.60 32.98 57.77
C2 CLA IL . -20.49 33.89 57.31
C3 CLA IL . -19.51 33.44 56.53
C4 CLA IL . -19.47 32.02 56.07
C5 CLA IL . -18.38 34.33 56.05
MG CHL JL . -13.63 45.51 72.15
CHA CHL JL . -13.47 44.55 75.42
CHB CHL JL . -16.42 43.55 71.78
CHC CHL JL . -13.83 46.52 69.08
CHD CHL JL . -10.72 47.46 72.69
NA CHL JL . -14.71 44.28 73.38
C1A CHL JL . -14.50 44.02 74.71
C2A CHL JL . -15.54 43.06 75.27
C3A CHL JL . -16.31 42.63 74.07
C4A CHL JL . -15.78 43.52 72.98
CMA CHL JL . -16.52 41.15 73.78
CAA CHL JL . -16.42 43.70 76.36
CBA CHL JL . -17.43 42.73 76.98
CGA CHL JL . -18.04 43.22 78.24
O1A CHL JL . -17.58 44.06 78.97
O2A CHL JL . -19.18 42.59 78.50
NB CHL JL . -14.94 45.07 70.66
C1B CHL JL . -16.04 44.30 70.69
C2B CHL JL . -16.72 44.39 69.45
C3B CHL JL . -16.01 45.29 68.66
C4B CHL JL . -14.86 45.70 69.45
CMB CHL JL . -17.96 43.63 69.08
CAB CHL JL . -16.37 45.82 67.34
CBB CHL JL . -17.54 45.47 66.46
NC CHL JL . -12.41 46.77 71.08
C1C CHL JL . -12.71 46.98 69.76
C2C CHL JL . -11.66 47.83 69.23
C3C CHL JL . -10.78 48.09 70.25
C4C CHL JL . -11.25 47.43 71.43
CMC CHL JL . -11.50 48.38 67.89
OMC CHL JL . -12.26 48.18 66.96
CAC CHL JL . -9.52 48.90 70.14
CBC CHL JL . -8.42 48.18 69.38
ND CHL JL . -12.31 45.97 73.65
C1D CHL JL . -11.24 46.78 73.78
C2D CHL JL . -10.79 46.76 75.13
C3D CHL JL . -11.62 45.90 75.80
C4D CHL JL . -12.56 45.42 74.88
CMD CHL JL . -9.64 47.56 75.67
CAD CHL JL . -11.91 45.27 77.08
OBD CHL JL . -11.33 45.43 78.14
CBD CHL JL . -13.08 44.35 76.88
CGD CHL JL . -12.66 42.91 77.16
O1D CHL JL . -12.58 42.04 76.33
O2D CHL JL . -12.40 42.73 78.45
CED CHL JL . -11.97 41.40 78.83
C1 CHL JL . -19.98 42.84 79.68
C2 CHL JL . -21.22 43.55 79.27
C3 CHL JL . -22.34 42.90 79.01
C4 CHL JL . -22.48 41.39 79.10
C5 CHL JL . -23.59 43.63 78.61
MG CLA KL . -20.03 56.83 42.04
CHA CLA KL . -19.12 57.82 45.22
CHB CLA KL . -18.85 53.65 42.64
CHC CLA KL . -21.05 55.97 39.02
CHD CLA KL . -21.23 60.10 41.45
NA CLA KL . -19.09 55.81 43.75
C1A CLA KL . -18.80 56.37 44.93
C2A CLA KL . -18.14 55.40 45.87
C3A CLA KL . -18.06 54.11 45.02
C4A CLA KL . -18.69 54.51 43.73
CMA CLA KL . -16.77 53.31 44.99
CAA CLA KL . -19.08 55.20 47.04
CBA CLA KL . -18.68 54.03 47.92
CGA CLA KL . -19.91 53.61 48.70
O1A CLA KL . -20.93 53.34 48.09
O2A CLA KL . -19.86 53.58 50.01
NB CLA KL . -19.97 55.08 41.00
C1B CLA KL . -19.43 53.89 41.37
C2B CLA KL . -19.55 52.93 40.31
C3B CLA KL . -20.16 53.59 39.29
C4B CLA KL . -20.43 54.96 39.74
CMB CLA KL . -19.07 51.50 40.33
CAB CLA KL . -20.54 53.10 37.94
CBB CLA KL . -21.27 51.78 37.77
NC CLA KL . -21.05 57.84 40.51
C1C CLA KL . -21.31 57.32 39.32
C2C CLA KL . -21.89 58.31 38.37
C3C CLA KL . -21.97 59.46 39.09
C4C CLA KL . -21.44 59.17 40.42
CMC CLA KL . -22.32 58.06 36.95
CAC CLA KL . -22.49 60.79 38.60
CBC CLA KL . -23.77 61.15 39.32
ND CLA KL . -20.17 58.56 42.98
C1D CLA KL . -20.69 59.78 42.71
C2D CLA KL . -20.58 60.69 43.85
C3D CLA KL . -19.98 59.91 44.82
C4D CLA KL . -19.73 58.64 44.29
CMD CLA KL . -21.00 62.12 44.08
CAD CLA KL . -19.51 59.95 46.19
OBD CLA KL . -19.89 60.73 47.03
CBD CLA KL . -18.86 58.63 46.48
CGD CLA KL . -17.38 58.84 46.70
O1D CLA KL . -16.57 57.96 46.50
O2D CLA KL . -16.93 60.01 47.13
CED CLA KL . -15.66 60.39 46.61
C1 CLA KL . -18.92 52.68 50.67
C2 CLA KL . -19.17 51.19 50.73
C3 CLA KL . -18.59 50.47 51.72
C4 CLA KL . -17.71 51.13 52.73
C5 CLA KL . -18.79 48.98 51.84
C6 CLA KL . -17.56 48.35 52.47
C7 CLA KL . -17.67 46.83 52.54
C8 CLA KL . -18.41 46.37 53.77
C9 CLA KL . -18.04 47.19 55.00
C10 CLA KL . -18.13 44.90 54.01
C11 CLA KL . -19.35 44.17 54.53
C12 CLA KL . -19.00 43.29 55.72
C13 CLA KL . -18.74 41.84 55.28
C14 CLA KL . -19.93 41.30 54.50
C15 CLA KL . -18.45 40.98 56.50
C16 CLA KL . -17.40 41.64 57.39
C17 CLA KL . -17.31 40.96 58.75
C18 CLA KL . -16.50 41.79 59.74
C19 CLA KL . -16.97 41.56 61.16
C20 CLA KL . -15.02 41.50 59.60
MG CHL LL . -28.57 33.95 82.37
CHA CHL LL . -30.51 35.45 84.75
CHB CHL LL . -25.85 34.30 84.43
CHC CHL LL . -26.77 32.46 80.10
CHD CHL LL . -31.46 33.71 80.33
NA CHL LL . -28.25 34.72 84.24
C1A CHL LL . -29.18 35.28 85.10
C2A CHL LL . -28.57 35.69 86.42
C3A CHL LL . -27.09 35.46 86.21
C4A CHL LL . -27.03 34.78 84.86
CMA CHL LL . -26.09 36.57 86.56
CAA CHL LL . -29.12 34.88 87.60
CBA CHL LL . -28.51 35.21 88.95
NB CHL LL . -26.60 33.45 82.29
C1B CHL LL . -25.64 33.65 83.22
C2B CHL LL . -24.41 33.11 82.72
C3B CHL LL . -24.64 32.57 81.48
C4B CHL LL . -26.05 32.79 81.21
CMB CHL LL . -23.10 33.14 83.45
CAB CHL LL . -23.62 31.91 80.66
CBB CHL LL . -23.78 31.27 79.31
NC CHL LL . -29.08 33.22 80.52
C1C CHL LL . -28.11 32.63 79.76
C2C CHL LL . -28.74 32.21 78.51
C3C CHL LL . -30.04 32.58 78.59
C4C CHL LL . -30.28 33.21 79.85
CMC CHL LL . -28.19 31.51 77.37
OMC CHL LL . -27.03 31.15 77.25
CAC CHL LL . -31.08 32.38 77.51
CBC CHL LL . -31.42 33.66 76.79
ND CHL LL . -30.55 34.44 82.42
C1D CHL LL . -31.61 34.31 81.57
C2D CHL LL . -32.79 34.84 82.16
C3D CHL LL . -32.41 35.30 83.40
C4D CHL LL . -31.03 35.04 83.55
CMD CHL LL . -34.13 34.87 81.51
CAD CHL LL . -32.86 35.93 84.63
OBD CHL LL . -33.98 36.32 84.91
CBD CHL LL . -31.66 36.07 85.55
CGD CHL LL . -31.45 37.53 85.93
O1D CHL LL . -30.53 38.20 85.57
O2D CHL LL . -32.43 37.95 86.73
CED CHL LL . -32.33 39.32 87.18
MG CLA ML . -18.13 28.26 64.03
CHA CLA ML . -21.32 28.92 62.92
CHB CLA ML . -19.22 25.35 65.53
CHC CLA ML . -15.01 27.65 64.92
CHD CLA ML . -17.04 31.26 62.51
NA CLA ML . -20.07 27.22 64.21
C1A CLA ML . -21.22 27.64 63.71
C2A CLA ML . -22.36 26.71 64.03
C3A CLA ML . -21.68 25.63 64.86
C4A CLA ML . -20.24 26.06 64.88
CMA CLA ML . -22.37 25.22 66.14
CAA CLA ML . -22.85 26.04 62.74
CBA CLA ML . -21.67 25.68 61.84
CGA CLA ML . -21.87 24.32 61.21
O1A CLA ML . -21.00 23.86 60.49
O2A CLA ML . -22.98 23.65 61.45
NB CLA ML . -17.26 26.73 65.05
C1B CLA ML . -17.85 25.63 65.62
C2B CLA ML . -16.86 24.84 66.29
C3B CLA ML . -15.67 25.50 66.12
C4B CLA ML . -15.94 26.70 65.33
CMB CLA ML . -17.09 23.55 67.04
CAB CLA ML . -14.35 25.08 66.63
CBB CLA ML . -13.17 24.92 65.70
NC CLA ML . -16.31 29.26 63.70
C1C CLA ML . -15.16 28.86 64.21
C2C CLA ML . -14.05 29.82 63.94
C3C CLA ML . -14.64 30.82 63.23
C4C CLA ML . -16.06 30.47 63.08
CMC CLA ML . -12.61 29.67 64.37
CAC CLA ML . -13.97 32.06 62.70
CBC CLA ML . -13.80 33.08 63.80
ND CLA ML . -18.89 29.76 62.98
C1D CLA ML . -18.41 30.90 62.41
C2D CLA ML . -19.47 31.65 61.75
C3D CLA ML . -20.60 30.87 61.96
C4D CLA ML . -20.23 29.74 62.68
CMD CLA ML . -19.51 32.96 60.98
CAD CLA ML . -22.03 30.81 61.68
OBD CLA ML . -22.60 31.45 60.83
CBD CLA ML . -22.55 29.55 62.30
CGD CLA ML . -23.55 29.85 63.37
O1D CLA ML . -23.39 30.79 64.14
O2D CLA ML . -24.62 29.07 63.52
CED CLA ML . -25.90 29.69 63.38
C1 CLA ML . -23.30 22.49 60.62
MG CHL NL . -20.34 63.78 35.16
CHA CHL NL . -21.39 65.42 32.38
CHB CHL NL . -20.74 66.71 36.96
CHC CHL NL . -19.34 62.21 37.79
CHD CHL NL . -19.82 60.91 33.13
NA CHL NL . -20.98 65.69 34.75
C1A CHL NL . -21.43 66.15 33.54
C2A CHL NL . -21.91 67.58 33.62
C3A CHL NL . -21.46 68.03 35.00
C4A CHL NL . -21.02 66.74 35.64
CMA CHL NL . -22.28 69.05 35.78
CAA CHL NL . -23.43 67.67 33.42
CBA CHL NL . -23.86 68.90 32.62
CGA CHL NL . -25.34 69.03 32.40
O1A CHL NL . -26.11 69.56 33.15
O2A CHL NL . -25.69 68.52 31.23
NB CHL NL . -20.12 64.39 37.09
C1B CHL NL . -20.33 65.59 37.67
C2B CHL NL . -20.03 65.51 39.05
C3B CHL NL . -19.62 64.21 39.32
C4B CHL NL . -19.67 63.51 38.05
CMB CHL NL . -20.15 66.64 40.02
CAB CHL NL . -19.20 63.62 40.59
CBB CHL NL . -19.10 64.22 41.98
NC CHL NL . -19.71 61.85 35.38
C1C CHL NL . -19.34 61.44 36.63
C2C CHL NL . -18.93 60.04 36.52
C3C CHL NL . -19.06 59.69 35.20
C4C CHL NL . -19.56 60.82 34.47
CMC CHL NL . -18.44 59.15 37.55
OMC CHL NL . -18.30 59.42 38.72
CAC CHL NL . -18.72 58.36 34.62
CBC CHL NL . -19.93 57.55 34.22
ND CHL NL . -20.55 63.18 33.22
C1D CHL NL . -20.30 62.05 32.51
C2D CHL NL . -20.60 62.26 31.13
C3D CHL NL . -21.02 63.56 31.03
C4D CHL NL . -20.99 64.12 32.31
CMD CHL NL . -20.44 61.22 30.05
CAD CHL NL . -21.50 64.61 30.12
OBD CHL NL . -21.66 64.53 28.92
CBD CHL NL . -21.77 65.85 30.95
CGD CHL NL . -20.95 67.04 30.45
O1D CHL NL . -19.79 67.00 30.13
O2D CHL NL . -21.69 68.14 30.41
CED CHL NL . -21.02 69.35 30.00
C1 CHL NL . -26.94 68.67 30.48
C2 CHL NL . -28.09 68.52 31.40
C3 CHL NL . -29.32 68.41 30.93
C4 CHL NL . -30.54 68.27 31.80
C5 CHL NL . -29.60 68.37 29.44
C6 CHL NL . -29.64 66.96 28.86
C7 CHL NL . -30.77 66.75 27.87
C8 CHL NL . -30.40 66.83 26.39
C9 CHL NL . -31.51 66.24 25.51
C10 CHL NL . -30.15 68.30 26.05
C11 CHL NL . -30.36 68.70 24.60
C12 CHL NL . -29.27 68.19 23.65
C13 CHL NL . -29.37 68.75 22.23
C14 CHL NL . -29.34 70.28 22.23
C15 CHL NL . -30.50 68.22 21.35
C16 CHL NL . -30.32 66.79 20.86
C17 CHL NL . -31.37 66.37 19.85
C18 CHL NL . -31.25 64.96 19.32
C19 CHL NL . -32.23 64.68 18.21
C20 CHL NL . -31.39 63.95 20.44
O1 LHG OL . -45.48 63.34 57.08
C1 LHG OL . -44.55 62.72 56.19
C2 LHG OL . -43.36 62.22 57.00
O2 LHG OL . -42.15 62.42 56.26
C3 LHG OL . -43.53 60.73 57.28
O3 LHG OL . -42.38 60.05 56.79
P LHG OL . -41.15 59.73 57.78
O4 LHG OL . -41.16 60.75 58.88
O5 LHG OL . -41.20 58.26 58.12
O6 LHG OL . -39.89 59.98 56.83
C4 LHG OL . -38.68 60.49 57.39
C5 LHG OL . -37.49 59.67 56.90
C6 LHG OL . -37.39 58.41 57.76
O7 LHG OL . -37.66 59.32 55.52
C7 LHG OL . -36.79 59.98 54.74
O9 LHG OL . -35.62 60.08 55.10
C8 LHG OL . -37.25 60.60 53.44
C9 LHG OL . -36.59 59.86 52.28
C10 LHG OL . -36.21 60.82 51.16
O8 LHG OL . -36.03 58.18 58.10
C23 LHG OL . -35.49 56.99 57.88
O10 LHG OL . -36.22 56.01 57.75
C24 LHG OL . -33.99 56.84 57.78
C11 LHG OL . -34.97 60.32 50.43
C12 LHG OL . -33.99 61.46 50.17
C13 LHG OL . -32.69 60.93 49.59
C14 LHG OL . -32.28 61.69 48.34
C15 LHG OL . -30.98 62.45 48.55
C16 LHG OL . -29.98 62.13 47.44
C17 LHG OL . -28.59 62.61 47.82
C18 LHG OL . -27.76 62.87 46.58
C19 LHG OL . -26.26 62.85 46.89
C20 LHG OL . -25.47 63.58 45.81
C21 LHG OL . -25.77 63.03 44.42
C22 LHG OL . -24.86 61.88 44.08
C25 LHG OL . -33.50 56.87 56.33
C26 LHG OL . -34.65 56.96 55.33
C27 LHG OL . -34.22 56.50 53.94
C28 LHG OL . -32.98 57.25 53.46
C29 LHG OL . -32.95 57.31 51.94
C30 LHG OL . -31.66 57.95 51.46
C31 LHG OL . -30.94 57.04 50.47
C32 LHG OL . -29.44 57.33 50.47
C33 LHG OL . -28.96 57.83 49.12
C34 LHG OL . -27.52 57.42 48.87
C35 LHG OL . -27.07 57.79 47.47
C36 LHG OL . -25.54 57.87 47.39
C37 LHG OL . -25.09 58.70 46.20
C38 LHG OL . -23.81 58.15 45.62
C1 PCW PL . -11.42 57.93 37.80
C2 PCW PL . -12.83 58.15 37.25
C3 PCW PL . -12.75 58.38 35.74
C4 PCW PL . -6.98 59.77 37.29
C5 PCW PL . -7.61 60.90 36.42
C6 PCW PL . -7.21 63.06 35.42
C7 PCW PL . -6.86 62.75 37.77
C8 PCW PL . -5.36 61.77 36.19
C11 PCW PL . -13.06 56.76 34.02
C12 PCW PL . -13.91 56.34 32.81
C13 PCW PL . -13.90 54.80 32.67
C14 PCW PL . -15.34 54.30 32.51
C15 PCW PL . -15.46 52.89 33.12
C16 PCW PL . -15.91 51.88 32.03
C17 PCW PL . -16.98 50.93 32.62
C18 PCW PL . -17.69 50.17 31.46
C19 PCW PL . -19.14 49.83 31.89
C20 PCW PL . -19.60 50.24 33.07
C21 PCW PL . -21.05 49.89 33.50
C31 PCW PL . -14.95 57.35 37.83
C32 PCW PL . -16.12 56.51 37.22
C33 PCW PL . -16.12 55.08 37.81
C34 PCW PL . -16.12 54.05 36.63
C35 PCW PL . -17.57 53.57 36.34
C36 PCW PL . -18.17 54.41 35.18
C37 PCW PL . -19.57 53.86 34.80
N PCW PL . -6.75 62.12 36.45
O2 PCW PL . -13.62 57.03 37.52
O3 PCW PL . -13.65 57.51 35.08
O11 PCW PL . -11.92 56.46 34.08
O31 PCW PL . -15.19 58.25 38.56
O1P PCW PL . -8.31 57.90 35.57
O2P PCW PL . -8.85 56.57 37.57
O3P PCW PL . -10.47 58.47 36.89
O4P PCW PL . -8.01 59.00 37.91
P PCW PL . -8.89 57.94 36.96
C1 PLM QL . -9.31 61.24 32.31
O1 PLM QL . -8.75 60.22 32.77
O2 PLM QL . -8.97 62.38 32.72
C2 PLM QL . -10.42 61.11 31.26
C3 PLM QL . -11.74 60.88 31.96
C4 PLM QL . -12.87 60.88 30.93
C5 PLM QL . -14.09 60.19 31.51
C6 PLM QL . -14.86 59.48 30.40
C7 PLM QL . -16.24 60.13 30.24
C8 PLM QL . -17.15 59.21 29.43
C9 PLM QL . -17.10 57.81 30.00
CA PLM QL . -18.39 57.06 29.70
CB PLM QL . -18.28 55.65 30.26
CC PLM QL . -19.32 54.75 29.60
CD PLM QL . -18.83 53.30 29.61
CE PLM QL . -19.95 52.38 29.16
CF PLM QL . -20.55 52.90 27.87
CG PLM QL . -21.59 51.91 27.35
O9 13X RL . -25.47 30.53 59.08
C4 13X RL . -26.04 30.88 57.85
C3 13X RL . -25.24 31.37 56.84
C2 13X RL . -25.80 31.73 55.62
O8 13X RL . -24.98 32.23 54.59
C5 13X RL . -27.41 30.74 57.64
C6 13X RL . -27.96 31.09 56.43
O7 13X RL . -29.34 30.94 56.22
C1 13X RL . -27.16 31.58 55.42
C1 SPH SL . -42.34 49.93 43.75
O1 SPH SL . -42.40 50.87 44.79
C2 SPH SL . -41.15 50.25 42.84
N2 SPH SL . -40.26 49.11 42.82
C3 SPH SL . -41.66 50.53 41.43
O3 SPH SL . -42.66 51.51 41.47
C4 SPH SL . -40.51 51.01 40.55
C5 SPH SL . -39.67 51.92 41.01
C6 SPH SL . -38.52 52.39 40.13
C7 SPH SL . -37.46 53.09 40.99
C8 SPH SL . -36.53 52.05 41.62
C9 SPH SL . -35.17 52.68 41.85
C10 SPH SL . -34.48 51.99 43.03
C11 SPH SL . -33.24 52.79 43.43
C12 SPH SL . -32.61 52.17 44.67
C13 SPH SL . -32.38 53.26 45.72
C14 SPH SL . -30.89 53.62 45.77
C15 SPH SL . -30.12 52.51 46.48
C16 SPH SL . -30.51 52.50 47.96
C17 SPH SL . -30.18 53.85 48.59
C18 SPH SL . -28.66 53.96 48.78
MG CHL TL . -30.73 42.37 14.31
CHA CHL TL . -31.74 44.49 11.83
CHB CHL TL . -28.32 41.17 12.20
CHC CHL TL . -29.72 40.40 16.71
CHD CHL TL . -33.39 43.57 16.29
NA CHL TL . -30.15 42.77 12.38
C1A CHL TL . -30.66 43.72 11.53
C2A CHL TL . -29.91 43.75 10.21
C3A CHL TL . -29.04 42.54 10.28
C4A CHL TL . -29.16 42.10 11.71
CMA CHL TL . -29.13 41.49 9.18
CAA CHL TL . -29.10 45.06 10.06
CBA CHL TL . -28.18 45.36 11.23
CGA CHL TL . -26.98 46.17 10.87
O1A CHL TL . -26.67 46.48 9.76
O2A CHL TL . -26.28 46.51 11.94
NB CHL TL . -29.22 41.01 14.42
C1B CHL TL . -28.32 40.67 13.48
C2B CHL TL . -27.42 39.71 14.03
C3B CHL TL . -27.77 39.48 15.33
C4B CHL TL . -28.94 40.31 15.58
CMB CHL TL . -26.29 39.07 13.29
CAB CHL TL . -27.03 38.61 16.24
CBB CHL TL . -27.27 38.37 17.69
NC CHL TL . -31.47 42.07 16.19
C1C CHL TL . -30.84 41.17 17.01
C2C CHL TL . -31.58 41.16 18.27
C3C CHL TL . -32.61 42.04 18.14
C4C CHL TL . -32.56 42.62 16.83
CMC CHL TL . -31.35 40.41 19.48
OMC CHL TL . -30.43 39.61 19.66
CAC CHL TL . -33.64 42.34 19.18
CBC CHL TL . -34.91 41.55 19.00
ND CHL TL . -32.27 43.71 14.20
C1D CHL TL . -33.27 44.10 15.02
C2D CHL TL . -34.08 45.08 14.38
C3D CHL TL . -33.52 45.27 13.13
C4D CHL TL . -32.41 44.42 13.04
CMD CHL TL . -35.27 45.74 14.99
CAD CHL TL . -33.62 46.00 11.88
OBD CHL TL . -34.46 46.82 11.54
CBD CHL TL . -32.46 45.56 10.99
CGD CHL TL . -32.94 45.08 9.62
O1D CHL TL . -32.39 45.30 8.59
O2D CHL TL . -34.06 44.36 9.74
CED CHL TL . -34.59 43.83 8.51
C1 CHL TL . -25.06 47.30 11.88
C2 CHL TL . -24.21 46.92 13.03
C3 CHL TL . -23.02 46.39 12.86
C4 CHL TL . -22.41 46.11 11.52
C5 CHL TL . -22.16 45.99 14.04
C6 CHL TL . -20.88 45.26 13.64
C7 CHL TL . -20.08 44.78 14.85
C8 CHL TL . -18.73 44.16 14.50
C9 CHL TL . -17.92 43.88 15.77
C10 CHL TL . -19.00 42.88 13.71
C11 CHL TL . -18.27 41.64 14.24
C12 CHL TL . -18.50 40.40 13.39
C13 CHL TL . -17.86 39.13 13.93
C14 CHL TL . -18.08 39.00 15.44
C15 CHL TL . -16.40 38.86 13.56
C16 CHL TL . -16.08 37.41 13.25
C1A DGD UL . -37.00 50.66 27.87
C2A DGD UL . -35.71 50.60 27.09
C3A DGD UL . -34.55 50.37 28.06
C4A DGD UL . -33.26 50.12 27.31
C5A DGD UL . -32.89 51.33 26.46
C6A DGD UL . -31.78 51.00 25.47
C7A DGD UL . -30.53 50.51 26.18
C8A DGD UL . -29.31 50.73 25.27
C9A DGD UL . -28.10 50.04 25.86
CAA DGD UL . -26.88 50.47 25.57
CBA DGD UL . -26.66 51.64 24.64
CCA DGD UL . -26.57 51.15 23.21
O1A DGD UL . -37.13 51.46 28.79
C1B DGD UL . -38.73 52.58 24.79
C2B DGD UL . -37.96 53.63 24.03
C3B DGD UL . -36.53 53.68 24.57
C4B DGD UL . -35.54 54.08 23.48
C5B DGD UL . -34.11 54.00 24.00
C6B DGD UL . -33.12 54.07 22.84
C7B DGD UL . -31.68 53.94 23.34
C8B DGD UL . -30.72 53.78 22.17
O1B DGD UL . -39.87 52.79 25.16
O1G DGD UL . -38.09 49.76 27.55
C1G DGD UL . -38.32 49.31 26.21
C2G DGD UL . -39.06 50.37 25.42
O2G DGD UL . -38.14 51.40 25.06
C3G DGD UL . -39.66 49.74 24.17
O3G DGD UL . -39.91 48.35 24.39
C1D DGD UL . -41.27 47.95 24.20
C2D DGD UL . -42.23 48.93 24.87
O2D DGD UL . -42.92 48.28 25.94
C3D DGD UL . -43.25 49.44 23.86
O3D DGD UL . -42.61 50.28 22.90
C4D DGD UL . -43.94 48.28 23.16
O4D DGD UL . -44.69 48.80 22.06
C5D DGD UL . -42.91 47.27 22.67
O5D DGD UL . -44.60 46.56 21.14
C6D DGD UL . -43.20 46.87 21.23
O6D DGD UL . -41.59 47.81 22.82
C1E DGD UL . -45.11 46.48 19.82
C2E DGD UL . -44.73 47.72 19.02
O2E DGD UL . -45.23 48.88 19.68
C3E DGD UL . -45.30 47.64 17.62
O3E DGD UL . -44.64 46.62 16.87
C4E DGD UL . -46.81 47.39 17.68
O4E DGD UL . -47.28 47.05 16.36
C5E DGD UL . -47.21 46.28 18.65
O6E DGD UL . -46.54 46.43 19.90
C6E DGD UL . -46.95 44.89 18.07
O5E DGD UL . -47.75 44.70 16.91
C1 LUT VL . -15.85 49.69 26.64
C2 LUT VL . -14.39 50.07 26.45
C3 LUT VL . -13.91 49.82 25.03
C4 LUT VL . -14.02 48.34 24.75
C5 LUT VL . -15.39 47.81 25.05
C6 LUT VL . -16.20 48.38 25.96
C7 LUT VL . -17.47 47.71 26.31
C8 LUT VL . -17.53 46.72 27.19
C9 LUT VL . -18.79 46.06 27.54
C10 LUT VL . -18.82 45.34 28.67
C11 LUT VL . -19.98 44.64 29.21
C12 LUT VL . -19.75 43.92 30.31
C13 LUT VL . -20.80 43.17 31.03
C14 LUT VL . -20.46 42.61 32.21
C15 LUT VL . -21.42 41.90 33.03
C16 LUT VL . -16.74 50.78 26.08
C17 LUT VL . -16.08 49.57 28.14
C18 LUT VL . -15.85 46.61 24.27
C19 LUT VL . -19.99 46.18 26.66
C20 LUT VL . -22.19 43.07 30.49
O3 LUT VL . -12.54 50.19 24.94
C21 LUT VL . -26.21 37.16 43.17
C22 LUT VL . -27.42 36.64 43.94
C23 LUT VL . -27.14 35.21 44.36
C24 LUT VL . -27.14 34.36 43.10
C25 LUT VL . -26.13 34.90 42.13
C26 LUT VL . -25.86 36.22 42.02
C27 LUT VL . -24.89 36.61 40.95
C28 LUT VL . -23.80 37.34 41.16
C29 LUT VL . -22.83 37.72 40.10
C30 LUT VL . -22.96 38.92 39.52
C31 LUT VL . -22.06 39.45 38.51
C32 LUT VL . -22.47 39.78 37.29
C33 LUT VL . -21.50 40.36 36.33
C34 LUT VL . -21.95 40.96 35.23
C35 LUT VL . -21.06 41.61 34.28
C36 LUT VL . -25.06 37.22 44.18
C37 LUT VL . -26.53 38.56 42.66
C38 LUT VL . -25.43 33.93 41.23
C39 LUT VL . -21.71 36.81 39.73
C40 LUT VL . -20.03 40.31 36.62
O23 LUT VL . -28.12 34.73 45.28
C1 XAT WL . -7.24 36.11 31.67
C2 XAT WL . -6.07 36.78 32.39
C3 XAT WL . -6.36 38.23 32.75
C4 XAT WL . -7.46 38.26 33.79
C5 XAT WL . -8.74 37.66 33.22
C6 XAT WL . -8.63 36.58 32.21
C7 XAT WL . -9.82 35.71 31.90
C8 XAT WL . -10.66 36.06 30.92
C9 XAT WL . -11.82 35.20 30.61
C10 XAT WL . -12.54 35.44 29.51
C11 XAT WL . -13.70 34.73 29.02
C12 XAT WL . -14.16 35.01 27.80
C13 XAT WL . -15.11 34.31 26.97
C14 XAT WL . -15.50 34.87 25.82
C15 XAT WL . -16.36 34.18 24.90
C16 XAT WL . -7.11 34.61 31.85
C17 XAT WL . -7.14 36.45 30.19
C18 XAT WL . -10.05 37.89 33.95
C19 XAT WL . -12.19 34.07 31.53
C20 XAT WL . -15.65 32.98 27.39
O3 XAT WL . -5.17 38.81 33.30
O4 XAT WL . -8.88 37.95 31.80
C21 XAT WL . -23.41 32.09 14.05
C22 XAT WL . -24.52 31.33 13.32
C23 XAT WL . -25.06 30.20 14.16
C24 XAT WL . -25.82 30.82 15.31
C25 XAT WL . -24.84 31.54 16.21
C26 XAT WL . -23.70 32.24 15.55
C27 XAT WL . -23.03 33.36 16.32
C28 XAT WL . -22.00 33.07 17.09
C29 XAT WL . -21.16 34.01 17.86
C30 XAT WL . -20.37 33.54 18.83
C31 XAT WL . -19.54 34.46 19.61
C32 XAT WL . -18.94 34.03 20.72
C33 XAT WL . -18.01 34.75 21.62
C34 XAT WL . -17.54 34.15 22.72
C35 XAT WL . -16.67 34.74 23.72
C36 XAT WL . -23.26 33.48 13.44
C37 XAT WL . -22.11 31.33 13.89
C38 XAT WL . -25.29 32.05 17.58
C39 XAT WL . -21.21 35.48 17.56
C40 XAT WL . -17.59 36.15 21.29
O23 XAT WL . -25.95 29.39 13.38
O24 XAT WL . -23.53 30.99 16.21
C1 BCR XL . -13.85 13.04 46.79
C2 BCR XL . -13.91 11.52 46.78
C3 BCR XL . -13.84 10.89 48.16
C4 BCR XL . -12.53 11.32 48.79
C5 BCR XL . -12.46 12.83 48.86
C6 BCR XL . -13.10 13.60 47.99
C7 BCR XL . -13.08 15.06 48.24
C8 BCR XL . -12.30 15.89 47.56
C9 BCR XL . -12.21 17.32 47.74
C10 BCR XL . -11.87 18.16 46.62
C11 BCR XL . -12.19 19.36 45.92
C33 BCR XL . -11.68 13.45 49.98
C31 BCR XL . -15.26 13.62 46.84
C32 BCR XL . -13.18 13.47 45.50
C34 BCR XL . -12.44 17.92 49.09
C12 BCR XL . -12.43 20.35 45.28
C13 BCR XL . -12.54 21.73 45.02
C14 BCR XL . -12.50 22.10 43.72
C15 BCR XL . -12.57 23.43 43.21
C16 BCR XL . -12.85 24.23 42.15
C17 BCR XL . -12.70 25.52 42.18
C18 BCR XL . -12.59 26.33 41.11
C19 BCR XL . -12.40 27.76 41.29
C20 BCR XL . -12.43 29.01 40.87
C21 BCR XL . -12.20 30.40 41.07
C22 BCR XL . -11.90 31.33 40.16
C23 BCR XL . -11.68 32.64 40.78
C24 BCR XL . -11.09 33.85 40.14
C25 BCR XL . -11.01 34.95 41.09
C26 BCR XL . -12.12 35.57 41.49
C27 BCR XL . -12.33 35.83 42.96
C28 BCR XL . -11.01 35.72 43.73
C29 BCR XL . -9.86 36.23 42.89
C30 BCR XL . -9.64 35.33 41.68
C35 BCR XL . -12.70 22.74 46.12
C36 BCR XL . -12.61 25.78 39.72
C37 BCR XL . -11.77 31.07 38.69
C38 BCR XL . -13.21 35.97 40.54
C39 BCR XL . -8.91 34.06 42.11
C40 BCR XL . -8.82 36.10 40.67
C1 AXT YL . -11.23 19.74 28.03
C2 AXT YL . -12.28 20.62 27.27
C3 AXT YL . -11.62 21.77 26.51
C4 AXT YL . -10.80 22.66 27.47
C5 AXT YL . -10.26 21.93 28.70
C6 AXT YL . -10.00 20.55 28.55
C7 AXT YL . -8.90 19.84 29.31
C8 AXT YL . -8.48 18.57 29.55
C9 AXT YL . -7.25 18.21 30.42
C10 AXT YL . -7.17 17.27 31.40
C11 AXT YL . -5.91 17.06 32.23
C12 AXT YL . -5.32 16.05 32.90
C13 AXT YL . -3.98 16.26 33.63
C14 AXT YL . -3.16 17.32 33.32
C15 AXT YL . -1.82 17.79 33.89
C16 AXT YL . -11.92 19.04 29.22
C17 AXT YL . -10.75 18.57 27.10
C18 AXT YL . -9.55 22.83 29.67
C19 AXT YL . -5.98 19.02 30.17
C20 AXT YL . -3.57 15.31 34.76
O3 AXT YL . -10.84 21.17 25.47
C21 AXT YL . 7.99 23.96 33.80
C22 AXT YL . 9.40 23.81 34.50
C23 AXT YL . 10.61 24.38 33.72
C24 AXT YL . 10.47 24.04 32.18
C25 AXT YL . 9.22 23.37 31.62
C26 AXT YL . 7.97 23.52 32.29
C27 AXT YL . 6.65 22.88 31.78
C28 AXT YL . 5.44 23.42 31.48
C29 AXT YL . 4.14 22.71 30.99
C30 AXT YL . 3.10 22.35 31.79
C31 AXT YL . 1.79 21.64 31.43
C32 AXT YL . 0.98 20.80 32.13
C33 AXT YL . 1.10 20.26 33.58
C34 AXT YL . 0.15 19.48 34.21
C35 AXT YL . -1.19 18.97 33.66
C36 AXT YL . 7.55 25.44 33.94
C37 AXT YL . 6.96 23.13 34.65
C38 AXT YL . 9.45 22.21 30.66
C39 AXT YL . 4.02 22.38 29.50
C40 AXT YL . 2.32 20.59 34.42
O24 AXT YL . 11.43 24.33 31.49
O23 AXT YL . 10.69 25.79 33.87
MG CLA ZL . -25.91 34.42 37.40
CHA CLA ZL . -27.86 31.94 38.78
CHB CLA ZL . -28.71 36.38 36.89
CHC CLA ZL . -23.94 36.81 36.29
CHD CLA ZL . -23.09 32.36 37.88
NA CLA ZL . -28.07 34.22 37.79
C1A CLA ZL . -28.65 33.14 38.32
C2A CLA ZL . -30.14 33.29 38.39
C3A CLA ZL . -30.37 34.65 37.74
C4A CLA ZL . -28.99 35.14 37.46
CMA CLA ZL . -31.38 34.65 36.61
CAA CLA ZL . -30.53 33.46 39.87
CBA CLA ZL . -29.61 34.39 40.67
CGA CLA ZL . -30.09 35.83 40.65
O1A CLA ZL . -31.24 36.06 40.40
O2A CLA ZL . -29.22 36.80 40.87
NB CLA ZL . -26.26 36.31 36.71
C1B CLA ZL . -27.46 36.94 36.55
C2B CLA ZL . -27.26 38.25 35.99
C3B CLA ZL . -25.90 38.36 35.81
C4B CLA ZL . -25.30 37.12 36.28
CMB CLA ZL . -28.36 39.24 35.66
CAB CLA ZL . -25.13 39.49 35.26
CBB CLA ZL . -25.54 40.94 35.43
NC CLA ZL . -23.83 34.58 37.17
C1C CLA ZL . -23.23 35.63 36.67
C2C CLA ZL . -21.76 35.45 36.56
C3C CLA ZL . -21.54 34.20 37.04
C4C CLA ZL . -22.84 33.66 37.41
CMC CLA ZL . -20.75 36.45 36.04
CAC CLA ZL . -20.21 33.50 37.16
CBC CLA ZL . -19.76 33.49 38.60
ND CLA ZL . -25.46 32.66 38.16
C1D CLA ZL . -24.36 31.87 38.25
C2D CLA ZL . -24.67 30.53 38.72
C3D CLA ZL . -26.04 30.57 38.94
C4D CLA ZL . -26.50 31.84 38.59
CMD CLA ZL . -23.86 29.29 38.99
CAD CLA ZL . -27.16 29.76 39.36
OBD CLA ZL . -27.24 28.56 39.17
CBD CLA ZL . -28.33 30.68 39.50
CGD CLA ZL . -29.55 30.10 38.84
O1D CLA ZL . -29.49 29.66 37.72
O2D CLA ZL . -30.71 30.08 39.50
CED CLA ZL . -31.47 28.88 39.40
C1 CLA ZL . -29.34 38.07 40.16
C2 CLA ZL . -28.16 38.73 39.49
C3 CLA ZL . -27.95 40.05 39.66
C4 CLA ZL . -28.86 40.89 40.50
C5 CLA ZL . -26.79 40.78 39.03
C6 CLA ZL . -26.05 41.56 40.11
C7 CLA ZL . -24.66 41.98 39.65
C8 CLA ZL . -23.89 42.64 40.80
C9 CLA ZL . -23.97 44.16 40.70
C10 CLA ZL . -22.45 42.12 40.81
C11 CLA ZL . -21.44 43.17 40.34
C12 CLA ZL . -20.29 42.51 39.58
C13 CLA ZL . -18.94 43.02 40.08
C14 CLA ZL . -18.39 44.09 39.16
C15 CLA ZL . -17.97 41.85 40.18
MG CLA AM . -25.39 46.00 32.78
CHA CLA AM . -28.74 45.61 33.52
CHB CLA AM . -24.52 44.56 35.79
CHC CLA AM . -22.23 46.36 31.94
CHD CLA AM . -26.33 47.43 29.67
NA CLA AM . -26.51 45.15 34.49
C1A CLA AM . -27.83 45.08 34.61
C2A CLA AM . -28.26 44.48 35.91
C3A CLA AM . -26.92 44.17 36.59
C4A CLA AM . -25.92 44.64 35.59
CMA CLA AM . -26.73 44.54 38.06
CAA CLA AM . -29.04 43.19 35.67
CBA CLA AM . -29.58 42.63 36.99
CGA CLA AM . -30.70 43.51 37.49
O1A CLA AM . -31.72 43.62 36.84
O2A CLA AM . -30.53 44.15 38.63
NB CLA AM . -23.65 45.52 33.72
C1B CLA AM . -23.48 44.96 34.95
C2B CLA AM . -22.07 44.84 35.24
C3B CLA AM . -21.42 45.36 34.15
C4B CLA AM . -22.44 45.78 33.20
CMB CLA AM . -21.45 44.27 36.48
CAB CLA AM . -19.96 45.45 33.98
CBB CLA AM . -19.29 46.73 33.53
NC CLA AM . -24.44 46.67 31.03
C1C CLA AM . -23.12 46.85 30.96
C2C CLA AM . -22.72 47.60 29.76
C3C CLA AM . -23.89 47.86 29.10
C4C CLA AM . -24.95 47.28 29.90
CMC CLA AM . -21.32 47.99 29.37
CAC CLA AM . -24.05 48.62 27.82
ND CLA AM . -27.04 46.43 31.76
C1D CLA AM . -27.34 47.01 30.57
C2D CLA AM . -28.78 47.14 30.36
C3D CLA AM . -29.31 46.58 31.52
C4D CLA AM . -28.27 46.17 32.34
CMD CLA AM . -29.64 47.69 29.26
CAD CLA AM . -30.57 46.29 32.18
OBD CLA AM . -31.65 46.72 31.86
CBD CLA AM . -30.24 45.69 33.52
CGD CLA AM . -30.66 46.63 34.61
O1D CLA AM . -30.27 47.78 34.64
O2D CLA AM . -31.47 46.21 35.59
CED CLA AM . -32.60 47.02 35.86
MG CLA BM . -14.44 48.31 19.70
CHA CLA BM . -12.04 50.67 18.96
CHB CLA BM . -16.07 50.54 21.74
CHC CLA BM . -16.72 45.98 20.26
CHD CLA BM . -12.75 46.03 17.59
NA CLA BM . -14.12 50.41 20.31
C1A CLA BM . -13.10 51.18 19.90
C2A CLA BM . -13.16 52.56 20.50
C3A CLA BM . -14.44 52.48 21.37
C4A CLA BM . -14.92 51.08 21.15
CMA CLA BM . -14.41 53.06 22.78
CAA CLA BM . -13.38 53.60 19.41
CBA CLA BM . -14.55 53.25 18.50
CGA CLA BM . -14.05 52.64 17.21
O1A CLA BM . -13.56 53.34 16.37
O2A CLA BM . -14.13 51.34 17.04
NB CLA BM . -16.14 48.27 20.82
C1B CLA BM . -16.65 49.27 21.60
C2B CLA BM . -17.86 48.81 22.25
C3B CLA BM . -18.03 47.52 21.83
C4B CLA BM . -16.92 47.19 20.93
CMB CLA BM . -18.73 49.58 23.20
CAB CLA BM . -19.13 46.61 22.22
CBB CLA BM . -18.88 45.20 22.70
NC CLA BM . -14.73 46.35 18.97
C1C CLA BM . -15.71 45.56 19.36
C2C CLA BM . -15.64 44.21 18.76
C3C CLA BM . -14.52 44.25 17.97
C4C CLA BM . -13.96 45.59 18.12
CMC CLA BM . -16.58 43.06 18.99
CAC CLA BM . -13.98 43.13 17.14
CBC CLA BM . -14.31 43.39 15.68
ND CLA BM . -12.83 48.26 18.54
C1D CLA BM . -12.22 47.33 17.74
C2D CLA BM . -11.01 47.86 17.13
C3D CLA BM . -10.95 49.16 17.62
C4D CLA BM . -12.04 49.39 18.44
CMD CLA BM . -9.97 47.29 16.20
CAD CLA BM . -10.16 50.37 17.56
OBD CLA BM . -9.05 50.46 17.05
CBD CLA BM . -10.82 51.39 18.42
CGD CLA BM . -9.90 51.76 19.55
O1D CLA BM . -9.18 50.92 20.06
O2D CLA BM . -9.87 53.00 20.01
CED CLA BM . -8.61 53.67 19.92
C1 CLA BM . -15.11 50.72 16.15
C2 CLA BM . -16.11 49.71 16.65
C3 CLA BM . -16.00 48.43 16.25
C4 CLA BM . -14.89 48.02 15.33
C5 CLA BM . -16.93 47.35 16.69
C6 CLA BM . -18.35 47.89 16.75
C7 CLA BM . -19.13 47.22 17.88
C8 CLA BM . -20.29 48.11 18.35
C9 CLA BM . -21.14 47.40 19.38
C10 CLA BM . -21.12 48.52 17.14
C11 CLA BM . -21.22 50.04 17.03
C12 CLA BM . -21.78 50.45 15.68
C13 CLA BM . -22.74 51.64 15.84
C14 CLA BM . -24.16 51.27 15.40
C15 CLA BM . -22.20 52.82 15.05
C16 CLA BM . -21.54 53.83 15.97
C17 CLA BM . -22.33 54.02 17.26
C18 CLA BM . -21.41 54.32 18.44
C19 CLA BM . -21.20 55.81 18.58
C20 CLA BM . -21.96 53.72 19.72
MG CLA CM . -25.88 32.58 20.90
CHA CLA CM . -29.12 31.83 19.99
CHB CLA CM . -25.27 29.26 21.58
CHC CLA CM . -22.77 33.39 21.64
CHD CLA CM . -26.55 35.98 20.20
NA CLA CM . -27.06 30.72 20.80
C1A CLA CM . -28.32 30.62 20.42
C2A CLA CM . -28.86 29.22 20.50
C3A CLA CM . -27.65 28.46 21.04
C4A CLA CM . -26.59 29.50 21.15
CMA CLA CM . -27.92 27.57 22.23
CAA CLA CM . -29.18 28.69 19.11
CBA CLA CM . -28.07 28.95 18.11
CGA CLA CM . -27.30 27.67 17.86
O1A CLA CM . -27.85 26.61 18.10
O2A CLA CM . -26.08 27.72 17.38
NB CLA CM . -24.27 31.49 21.50
C1B CLA CM . -24.20 30.15 21.75
C2B CLA CM . -22.87 29.81 22.20
C3B CLA CM . -22.18 30.99 22.23
C4B CLA CM . -23.08 32.04 21.78
CMB CLA CM . -22.39 28.43 22.58
CAB CLA CM . -20.77 31.25 22.61
CBB CLA CM . -19.65 30.33 22.18
NC CLA CM . -24.81 34.38 20.85
C1C CLA CM . -23.55 34.50 21.25
C2C CLA CM . -23.08 35.91 21.25
C3C CLA CM . -24.16 36.62 20.81
C4C CLA CM . -25.24 35.67 20.56
CMC CLA CM . -21.72 36.41 21.64
CAC CLA CM . -24.21 38.11 20.62
CBC CLA CM . -23.93 38.44 19.16
ND CLA CM . -27.37 33.70 20.25
C1D CLA CM . -27.58 35.03 20.01
C2D CLA CM . -28.95 35.30 19.59
C3D CLA CM . -29.53 34.05 19.58
C4D CLA CM . -28.59 33.11 19.98
CMD CLA CM . -29.72 36.53 19.22
CAD CLA CM . -30.78 33.36 19.31
OBD CLA CM . -31.86 33.90 19.10
CBD CLA CM . -30.57 31.90 19.55
CGD CLA CM . -31.46 31.43 20.66
O1D CLA CM . -32.51 30.88 20.42
O2D CLA CM . -31.12 31.61 21.93
CED CLA CM . -31.44 30.55 22.82
C1 CLA CM . -24.93 27.50 18.26
C2 CLA CM . -23.76 28.47 18.28
C3 CLA CM . -22.51 28.00 18.28
C4 CLA CM . -22.24 26.53 18.24
C5 CLA CM . -21.30 28.90 18.29
C6 CLA CM . -20.54 28.67 16.99
C7 CLA CM . -19.32 29.56 16.86
C8 CLA CM . -18.73 29.47 15.45
C9 CLA CM . -18.55 28.02 15.03
C10 CLA CM . -17.41 30.22 15.39
C11 CLA CM . -17.55 31.52 14.61
C12 CLA CM . -17.99 32.66 15.51
C13 CLA CM . -17.57 34.02 14.96
C14 CLA CM . -18.44 34.40 13.78
C15 CLA CM . -16.10 33.98 14.57
C16 CLA CM . -15.23 34.68 15.61
C17 CLA CM . -14.09 33.78 16.07
C18 CLA CM . -12.72 34.45 15.94
C19 CLA CM . -12.80 35.97 15.82
C20 CLA CM . -11.81 34.05 17.10
MG CLA DM . -15.06 28.79 23.11
CHA CLA DM . -16.28 25.57 23.41
CHB CLA DM . -17.02 29.31 20.33
CHC CLA DM . -13.96 31.89 23.03
CHD CLA DM . -13.05 28.22 25.95
NA CLA DM . -16.52 27.58 21.97
C1A CLA DM . -16.87 26.32 22.23
C2A CLA DM . -17.86 25.79 21.25
C3A CLA DM . -18.06 26.97 20.30
C4A CLA DM . -17.17 28.03 20.88
CMA CLA DM . -18.01 26.71 18.80
CAA CLA DM . -19.16 25.54 22.03
CBA CLA DM . -20.38 25.38 21.13
CGA CLA DM . -20.51 23.93 20.75
O1A CLA DM . -19.91 23.50 19.78
O2A CLA DM . -21.29 23.16 21.49
NB CLA DM . -15.44 30.37 21.88
C1B CLA DM . -16.23 30.39 20.76
C2B CLA DM . -16.15 31.69 20.14
C3B CLA DM . -15.27 32.42 20.92
C4B CLA DM . -14.85 31.55 22.02
CMB CLA DM . -16.88 32.11 18.90
CAB CLA DM . -14.78 33.81 20.78
CBB CLA DM . -14.65 34.50 19.44
NC CLA DM . -13.77 29.89 24.34
C1C CLA DM . -13.41 31.15 24.10
C2C CLA DM . -12.42 31.66 25.08
C3C CLA DM . -12.20 30.61 25.92
C4C CLA DM . -13.03 29.52 25.45
CMC CLA DM . -11.81 33.04 25.11
CAC CLA DM . -11.26 30.58 27.10
CBC CLA DM . -12.06 30.76 28.37
ND CLA DM . -14.72 27.36 24.42
C1D CLA DM . -13.87 27.18 25.47
C2D CLA DM . -13.92 25.82 25.99
C3D CLA DM . -14.87 25.20 25.17
C4D CLA DM . -15.33 26.13 24.24
CMD CLA DM . -13.21 25.09 27.08
CAD CLA DM . -15.52 23.94 24.95
OBD CLA DM . -14.99 22.87 25.16
CBD CLA DM . -16.58 24.17 23.93
CGD CLA DM . -16.47 23.12 22.85
O1D CLA DM . -17.00 22.03 23.01
O2D CLA DM . -15.81 23.36 21.73
MG CLA EM . -8.93 38.84 38.76
CHA CLA EM . -5.85 39.89 39.92
CHB CLA EM . -7.43 36.24 37.07
CHC CLA EM . -11.93 37.82 37.84
CHD CLA EM . -10.44 41.52 40.51
NA CLA EM . -6.86 38.12 38.51
C1A CLA EM . -5.76 38.68 39.03
C2A CLA EM . -4.51 37.97 38.61
C3A CLA EM . -5.04 36.86 37.70
C4A CLA EM . -6.53 37.05 37.76
CMA CLA EM . -4.42 36.70 36.32
CAA CLA EM . -3.84 37.29 39.81
CBA CLA EM . -4.88 36.82 40.81
CGA CLA EM . -4.25 35.97 41.89
O1A CLA EM . -3.05 36.02 42.08
O2A CLA EM . -5.04 35.18 42.59
NB CLA EM . -9.57 37.26 37.64
C1B CLA EM . -8.84 36.31 37.01
C2B CLA EM . -9.69 35.41 36.28
C3B CLA EM . -10.97 35.87 36.50
C4B CLA EM . -10.86 37.05 37.36
CMB CLA EM . -9.24 34.23 35.46
CAB CLA EM . -12.26 35.35 36.00
CBB CLA EM . -12.52 33.88 35.78
NC CLA EM . -10.87 39.52 39.16
C1C CLA EM . -11.96 38.98 38.64
C2C CLA EM . -13.20 39.72 38.99
C3C CLA EM . -12.76 40.75 39.77
C4C CLA EM . -11.30 40.62 39.87
CMC CLA EM . -14.60 39.39 38.58
CAC CLA EM . -13.62 41.82 40.40
ND CLA EM . -8.40 40.34 39.94
C1D CLA EM . -9.03 41.36 40.57
C2D CLA EM . -8.10 42.24 41.27
C3D CLA EM . -6.86 41.66 41.01
C4D CLA EM . -7.05 40.53 40.21
CMD CLA EM . -8.22 43.48 42.11
CAD CLA EM . -5.45 41.80 41.27
OBD CLA EM . -4.90 42.75 41.82
CBD CLA EM . -4.74 40.62 40.67
CGD CLA EM . -3.65 41.06 39.74
O1D CLA EM . -3.82 42.00 38.97
O2D CLA EM . -2.48 40.42 39.75
CED CLA EM . -1.40 41.12 40.36
C1 CLA EM . -5.56 35.66 43.87
C2 CLA EM . -5.91 34.71 45.01
C3 CLA EM . -6.52 35.20 46.09
C4 CLA EM . -6.85 36.66 46.22
C5 CLA EM . -6.89 34.33 47.28
C6 CLA EM . -8.02 33.38 46.90
C7 CLA EM . -9.30 34.12 46.54
C8 CLA EM . -10.03 34.66 47.77
C9 CLA EM . -11.41 34.04 47.91
C10 CLA EM . -10.12 36.18 47.70
MG CLA FM . -31.68 46.42 25.71
CHA CLA FM . -32.34 44.74 28.65
CHB CLA FM . -34.99 47.37 25.46
CHC CLA FM . -30.92 48.09 22.96
CHD CLA FM . -28.29 45.45 25.98
NA CLA FM . -33.49 46.11 26.92
C1A CLA FM . -33.56 45.40 28.05
C2A CLA FM . -34.96 45.36 28.60
C3A CLA FM . -35.76 46.18 27.58
C4A CLA FM . -34.72 46.59 26.59
CMA CLA FM . -37.10 45.65 27.09
CAA CLA FM . -35.04 46.08 29.95
CBA CLA FM . -34.15 47.32 29.96
CGA CLA FM . -34.68 48.32 30.96
O1A CLA FM . -35.73 48.88 30.73
O2A CLA FM . -34.00 48.55 32.07
NB CLA FM . -32.78 47.56 24.42
C1B CLA FM . -34.12 47.83 24.45
C2B CLA FM . -34.48 48.65 23.32
C3B CLA FM . -33.32 48.84 22.63
C4B CLA FM . -32.26 48.14 23.33
CMB CLA FM . -35.86 49.16 23.00
CAB CLA FM . -33.10 49.60 21.37
CBB CLA FM . -33.70 50.97 21.16
NC CLA FM . -29.88 46.77 24.67
C1C CLA FM . -29.80 47.46 23.54
C2C CLA FM . -28.43 47.49 22.99
C3C CLA FM . -27.69 46.76 23.88
C4C CLA FM . -28.60 46.31 24.92
CMC CLA FM . -27.97 48.19 21.73
CAC CLA FM . -26.20 46.47 23.81
CBC CLA FM . -25.92 45.41 22.78
ND CLA FM . -30.52 45.40 26.93
C1D CLA FM . -29.20 45.04 26.97
C2D CLA FM . -28.89 44.21 28.13
C3D CLA FM . -30.13 44.10 28.77
C4D CLA FM . -31.09 44.80 28.05
CMD CLA FM . -27.64 43.56 28.64
CAD CLA FM . -30.76 43.50 29.93
OBD CLA FM . -30.18 43.01 30.88
CBD CLA FM . -32.19 43.97 29.95
CGD CLA FM . -33.14 42.81 30.06
O1D CLA FM . -32.85 41.71 29.62
O2D CLA FM . -34.31 42.96 30.66
CED CLA FM . -34.76 41.86 31.46
C1 CLA FM . -33.17 49.74 32.22
C2 CLA FM . -31.92 49.95 31.39
C3 CLA FM . -30.84 50.51 31.95
C5 CLA FM . -29.57 50.75 31.17
C6 CLA FM . -28.41 51.00 32.12
C7 CLA FM . -27.96 49.74 32.83
C8 CLA FM . -26.56 49.92 33.43
C9 CLA FM . -25.49 49.74 32.37
C10 CLA FM . -26.36 48.94 34.58
C11 CLA FM . -24.91 48.95 35.06
C12 CLA FM . -24.76 48.14 36.34
C13 CLA FM . -23.52 48.57 37.12
C14 CLA FM . -22.24 48.09 36.43
C15 CLA FM . -23.59 48.05 38.54
MG CLA GM . -17.88 57.20 19.87
CHA CLA GM . -17.77 55.82 16.71
CHB CLA GM . -17.71 60.37 18.54
CHC CLA GM . -18.06 58.40 22.94
CHD CLA GM . -18.05 53.94 21.21
NA CLA GM . -17.76 58.04 17.84
C1A CLA GM . -17.72 57.34 16.70
C2A CLA GM . -17.58 58.22 15.49
C3A CLA GM . -17.56 59.63 16.10
C4A CLA GM . -17.68 59.36 17.57
CMA CLA GM . -16.54 60.65 15.61
CAA CLA GM . -18.80 58.11 14.59
CBA CLA GM . -20.08 57.92 15.38
CGA CLA GM . -21.16 58.76 14.77
O1A CLA GM . -21.30 59.92 15.13
O2A CLA GM . -21.93 58.22 13.84
NB CLA GM . -17.89 59.10 20.62
C1B CLA GM . -17.82 60.27 19.94
C2B CLA GM . -17.85 61.38 20.86
C3B CLA GM . -17.96 60.82 22.10
C4B CLA GM . -17.97 59.37 21.93
CMB CLA GM . -17.81 62.84 20.53
CAB CLA GM . -18.02 61.55 23.38
CBB CLA GM . -19.02 61.21 24.46
NC CLA GM . -18.12 56.31 21.76
C1C CLA GM . -18.11 56.99 22.90
C2C CLA GM . -18.17 56.13 24.09
C3C CLA GM . -18.20 54.86 23.58
C4C CLA GM . -18.17 54.99 22.13
CMC CLA GM . -18.20 56.56 25.54
CAC CLA GM . -18.27 53.58 24.37
CBC CLA GM . -19.67 53.02 24.32
ND CLA GM . -17.90 55.32 19.24
C1D CLA GM . -17.98 54.09 19.81
C2D CLA GM . -17.97 53.03 18.82
C3D CLA GM . -17.88 53.71 17.61
C4D CLA GM . -17.85 55.09 17.88
CMD CLA GM . -18.03 51.53 18.90
CAD CLA GM . -17.82 53.51 16.18
OBD CLA GM . -18.01 52.46 15.60
CBD CLA GM . -17.78 54.87 15.53
CGD CLA GM . -16.53 55.05 14.73
O1D CLA GM . -15.44 54.87 15.24
O2D CLA GM . -16.58 55.42 13.47
CED CLA GM . -15.65 54.78 12.61
C1 CLA GM . -23.30 58.66 13.68
C2 CLA GM . -24.21 58.85 14.88
C3 CLA GM . -25.54 58.73 14.76
C4 CLA GM . -26.16 58.41 13.43
C5 CLA GM . -26.47 58.90 15.92
C6 CLA GM . -26.68 57.56 16.61
C7 CLA GM . -25.81 57.43 17.86
C8 CLA GM . -26.44 56.51 18.89
C9 CLA GM . -25.44 56.13 19.97
C10 CLA GM . -27.00 55.26 18.21
MG CLA HM . -2.56 33.17 30.44
CHA CLA HM . 0.24 34.98 29.51
CHB CLA HM . -4.32 34.44 27.76
CHC CLA HM . -5.10 31.27 31.33
CHD CLA HM . -0.73 31.91 33.20
NA CLA HM . -2.11 34.55 28.79
C1A CLA HM . -0.94 35.18 28.59
C2A CLA HM . -0.99 36.07 27.37
C3A CLA HM . -2.42 35.90 26.89
C4A CLA HM . -3.00 34.91 27.85
CMA CLA HM . -3.23 37.15 26.55
CAA CLA HM . -0.07 35.51 26.29
CBA CLA HM . 0.04 33.99 26.39
CGA CLA HM . -0.15 33.33 25.05
O1A CLA HM . -1.25 33.37 24.51
O2A CLA HM . 0.88 32.71 24.50
NB CLA HM . -4.42 32.88 29.66
C1B CLA HM . -4.99 33.52 28.59
C2B CLA HM . -6.35 33.07 28.43
C3B CLA HM . -6.56 32.18 29.45
C4B CLA HM . -5.32 32.08 30.22
CMB CLA HM . -7.33 33.52 27.37
CAB CLA HM . -7.79 31.42 29.77
CBB CLA HM . -9.14 32.10 29.85
NC CLA HM . -2.86 31.79 32.00
C1C CLA HM . -3.99 31.13 32.19
C2C CLA HM . -3.95 30.26 33.39
C3C CLA HM . -2.70 30.44 33.90
C4C CLA HM . -2.03 31.40 33.03
CMC CLA HM . -5.05 29.36 33.90
CAC CLA HM . -2.14 29.79 35.13
CBC CLA HM . -1.19 28.68 34.73
ND CLA HM . -0.75 33.32 31.23
C1D CLA HM . -0.10 32.81 32.32
C2D CLA HM . 1.27 33.31 32.43
C3D CLA HM . 1.39 34.15 31.32
C4D CLA HM . 0.18 34.15 30.62
CMD CLA HM . 2.39 33.08 33.39
CAD CLA HM . 2.32 35.03 30.64
OBD CLA HM . 3.52 35.09 30.87
CBD CLA HM . 1.64 35.56 29.42
CGD CLA HM . 1.60 37.06 29.46
O1D CLA HM . 1.18 37.65 30.44
O2D CLA HM . 2.03 37.76 28.41
CED CLA HM . 3.06 38.71 28.67
C1 CLA HM . 0.71 31.80 23.37
C2 CLA HM . -0.29 30.66 23.37
C3 CLA HM . 0.01 29.50 22.78
C4 CLA HM . 1.33 29.27 22.11
C5 CLA HM . -0.96 28.34 22.75
C6 CLA HM . -1.51 28.07 24.14
C7 CLA HM . -1.22 26.64 24.57
C8 CLA HM . -2.47 25.76 24.53
C9 CLA HM . -2.70 25.19 23.13
C10 CLA HM . -3.68 26.54 25.01
C11 CLA HM . -3.93 26.32 26.50
C12 CLA HM . -4.00 24.84 26.84
C13 CLA HM . -3.48 24.58 28.24
C14 CLA HM . -2.00 24.98 28.34
C15 CLA HM . -3.67 23.12 28.61
MG CHL IM . -20.66 24.52 39.96
CHA CHL IM . -20.47 27.35 38.07
CHB CHL IM . -18.08 25.69 41.87
CHC CHL IM . -20.91 21.81 41.78
CHD CHL IM . -23.32 23.46 37.89
NA CHL IM . -19.51 26.21 39.96
C1A CHL IM . -19.60 27.30 39.13
C2A CHL IM . -18.62 28.39 39.49
C3A CHL IM . -17.75 27.75 40.55
C4A CHL IM . -18.48 26.45 40.83
CMA CHL IM . -16.24 27.75 40.40
CAA CHL IM . -19.30 29.68 39.96
CBA CHL IM . -19.74 29.68 41.42
CGA CHL IM . -21.20 29.95 41.63
O1A CHL IM . -22.07 29.12 41.53
O2A CHL IM . -21.41 31.21 41.96
NB CHL IM . -19.64 23.85 41.59
C1B CHL IM . -18.64 24.46 42.26
C2B CHL IM . -18.26 23.65 43.36
C3B CHL IM . -19.02 22.53 43.36
C4B CHL IM . -19.92 22.65 42.22
CMB CHL IM . -17.19 24.00 44.35
CAB CHL IM . -18.89 21.44 44.33
CBB CHL IM . -19.67 20.15 44.40
NC CHL IM . -21.91 22.91 39.81
C1C CHL IM . -21.80 21.89 40.72
C2C CHL IM . -22.84 20.91 40.38
C3C CHL IM . -23.52 21.41 39.31
C4C CHL IM . -22.94 22.66 38.94
CMC CHL IM . -23.15 19.64 40.99
OMC CHL IM . -22.58 19.15 41.95
CAC CHL IM . -24.69 20.75 38.65
CBC CHL IM . -25.97 20.93 39.41
ND CHL IM . -21.71 25.16 38.33
C1D CHL IM . -22.73 24.67 37.59
C2D CHL IM . -23.06 25.56 36.53
C3D CHL IM . -22.20 26.62 36.67
C4D CHL IM . -21.39 26.37 37.78
CMD CHL IM . -24.13 25.35 35.50
CAD CHL IM . -21.79 27.92 36.13
OBD CHL IM . -22.23 28.50 35.15
CBD CHL IM . -20.67 28.46 37.01
CGD CHL IM . -19.41 28.75 36.20
O1D CHL IM . -18.39 28.15 36.28
O2D CHL IM . -19.62 29.78 35.38
CED CHL IM . -18.50 30.15 34.54
C1 CHL IM . -22.72 31.73 42.32
C2 CHL IM . -22.57 32.39 43.64
C3 CHL IM . -22.25 33.67 43.74
C4 CHL IM . -22.05 34.57 42.54
C5 CHL IM . -21.99 34.32 45.08
C6 CHL IM . -20.52 34.36 45.42
C7 CHL IM . -20.22 35.08 46.73
C8 CHL IM . -18.76 35.03 47.16
C9 CHL IM . -18.51 35.84 48.43
C10 CHL IM . -18.42 33.55 47.36
MG CLA JM . -14.41 23.35 30.58
CHA CLA JM . -17.20 23.38 28.54
CHB CLA JM . -14.76 19.95 31.05
CHC CLA JM . -11.67 23.39 32.41
CHD CLA JM . -14.08 26.83 30.12
NA CLA JM . -15.82 21.81 29.87
C1A CLA JM . -16.87 22.01 29.08
C2A CLA JM . -17.64 20.76 28.83
C3A CLA JM . -16.86 19.72 29.64
C4A CLA JM . -15.74 20.51 30.24
CMA CLA JM . -17.63 18.77 30.54
CAA CLA JM . -17.48 20.32 27.38
CBA CLA JM . -16.10 20.64 26.84
CGA CLA JM . -15.48 19.47 26.12
O1A CLA JM . -14.81 18.67 26.74
O2A CLA JM . -15.68 19.32 24.83
NB CLA JM . -13.37 21.90 31.57
C1B CLA JM . -13.66 20.57 31.68
C2B CLA JM . -12.67 19.91 32.49
C3B CLA JM . -11.81 20.90 32.87
C4B CLA JM . -12.26 22.15 32.27
CMB CLA JM . -12.64 18.45 32.84
CAB CLA JM . -10.60 20.81 33.70
CBB CLA JM . -9.59 19.70 33.49
NC CLA JM . -13.04 24.86 31.11
C1C CLA JM . -12.00 24.67 31.89
C2C CLA JM . -11.24 25.91 32.15
C3C CLA JM . -11.92 26.87 31.45
C4C CLA JM . -13.04 26.21 30.81
CMC CLA JM . -9.99 26.04 32.99
CAC CLA JM . -11.57 28.34 31.34
CBC CLA JM . -11.91 29.07 32.63
ND CLA JM . -15.32 24.82 29.62
C1D CLA JM . -15.15 26.15 29.48
C2D CLA JM . -16.18 26.75 28.63
C3D CLA JM . -16.96 25.66 28.27
C4D CLA JM . -16.45 24.51 28.86
CMD CLA JM . -16.44 28.15 28.16
CAD CLA JM . -18.15 25.30 27.50
OBD CLA JM . -18.99 26.07 27.08
CBD CLA JM . -18.29 23.80 27.58
CGD CLA JM . -19.64 23.42 28.12
O1D CLA JM . -20.16 24.05 29.04
O2D CLA JM . -20.31 22.40 27.59
CED CLA JM . -21.66 22.63 27.22
C1 CLA JM . -14.56 19.33 23.89
C2 CLA JM . -13.49 20.41 23.94
C3 CLA JM . -13.15 21.08 22.83
C4 CLA JM . -13.80 20.81 21.52
C5 CLA JM . -12.10 22.16 22.83
C6 CLA JM . -12.77 23.54 22.91
C7 CLA JM . -11.78 24.67 22.65
C8 CLA JM . -11.98 25.22 21.24
C9 CLA JM . -10.63 25.50 20.58
C10 CLA JM . -12.84 26.48 21.30
C11 CLA JM . -12.04 27.68 21.82
C12 CLA JM . -12.13 28.84 20.84
C13 CLA JM . -11.36 30.05 21.36
C14 CLA JM . -11.40 31.20 20.35
C15 CLA JM . -9.92 29.65 21.68
MG CHL KM . -6.14 30.92 39.05
CHA CHL KM . -6.05 30.08 42.34
CHB CHL KM . -8.99 29.01 38.74
CHC CHL KM . -6.26 31.78 35.94
CHD CHL KM . -3.14 32.74 39.55
NA CHL KM . -7.28 29.79 40.31
C1A CHL KM . -7.14 29.63 41.66
C2A CHL KM . -8.27 28.86 42.29
C3A CHL KM . -8.97 28.29 41.10
C4A CHL KM . -8.40 29.07 39.94
CMA CHL KM . -9.11 26.78 40.96
CAA CHL KM . -9.13 29.84 43.12
CBA CHL KM . -10.36 29.24 43.81
CGA CHL KM . -11.21 30.29 44.47
O1A CHL KM . -10.80 31.16 45.18
O2A CHL KM . -12.48 30.14 44.16
NB CHL KM . -7.47 30.47 37.56
C1B CHL KM . -8.56 29.68 37.60
C2B CHL KM . -9.15 29.67 36.31
C3B CHL KM . -8.41 30.46 35.48
C4B CHL KM . -7.31 30.98 36.29
CMB CHL KM . -10.38 28.89 35.93
CAB CHL KM . -8.74 30.71 34.08
CBB CHL KM . -8.02 31.57 33.09
NC CHL KM . -4.87 32.11 37.96
C1C CHL KM . -5.18 32.30 36.65
C2C CHL KM . -4.10 33.13 36.09
C3C CHL KM . -3.20 33.34 37.09
C4C CHL KM . -3.69 32.72 38.29
CMC CHL KM . -3.95 33.67 34.75
OMC CHL KM . -4.73 33.50 33.84
CAC CHL KM . -1.86 34.03 36.93
CBC CHL KM . -1.68 35.19 37.85
ND CHL KM . -4.83 31.38 40.53
C1D CHL KM . -3.70 32.11 40.64
C2D CHL KM . -3.22 32.07 41.98
C3D CHL KM . -4.10 31.28 42.68
C4D CHL KM . -5.08 30.87 41.78
CMD CHL KM . -2.00 32.78 42.48
CAD CHL KM . -4.42 30.71 43.98
OBD CHL KM . -3.82 30.84 45.03
CBD CHL KM . -5.67 29.88 43.81
CGD CHL KM . -5.37 28.43 44.12
O1D CHL KM . -4.99 27.61 43.33
O2D CHL KM . -5.57 28.17 45.41
CED CHL KM . -5.30 26.81 45.84
C1 CHL KM . -13.53 31.07 44.57
C2 CHL KM . -14.05 31.73 43.35
C3 CHL KM . -15.19 32.38 43.24
C4 CHL KM . -16.17 32.55 44.37
C5 CHL KM . -15.61 32.99 41.92
C6 CHL KM . -15.81 31.98 40.80
C7 CHL KM . -15.90 32.62 39.43
C8 CHL KM . -16.32 31.68 38.29
C9 CHL KM . -16.48 32.44 36.98
C10 CHL KM . -15.27 30.58 38.17
C11 CHL KM . -15.35 29.78 36.88
C12 CHL KM . -14.43 28.57 36.84
C13 CHL KM . -14.64 27.66 35.62
C14 CHL KM . -13.50 26.65 35.47
C15 CHL KM . -14.96 28.36 34.30
MG CHL LM . -9.97 45.28 8.14
CHA CHL LM . -9.72 44.06 11.32
CHB CHL LM . -7.26 43.37 7.25
CHC CHL LM . -10.25 46.45 5.13
CHD CHL LM . -12.70 47.26 9.23
NA CHL LM . -8.74 43.96 9.12
C1A CHL LM . -8.82 43.55 10.42
C2A CHL LM . -7.78 42.49 10.75
C3A CHL LM . -6.92 42.43 9.51
C4A CHL LM . -7.67 43.31 8.53
CMA CHL LM . -5.41 42.56 9.63
CAA CHL LM . -8.46 41.15 11.06
CBA CHL LM . -7.60 39.91 10.86
CGA CHL LM . -8.26 38.89 9.98
O1A CHL LM . -8.14 38.83 8.78
O2A CHL LM . -9.02 38.07 10.69
NB CHL LM . -8.90 44.94 6.43
C1B CHL LM . -7.84 44.12 6.25
C2B CHL LM . -7.45 44.21 4.88
C3B CHL LM . -8.28 45.08 4.23
C4B CHL LM . -9.22 45.55 5.25
CMB CHL LM . -6.31 43.45 4.27
CAB CHL LM . -8.19 45.44 2.82
CBB CHL LM . -9.05 46.41 2.04
NC CHL LM . -11.28 46.65 7.35
C1C CHL LM . -11.17 46.96 6.03
C2C CHL LM . -12.22 47.93 5.72
C3C CHL LM . -12.91 48.14 6.89
C4C CHL LM . -12.32 47.35 7.92
CMC CHL LM . -12.56 48.57 4.46
OMC CHL LM . -11.98 48.40 3.42
CAC CHL LM . -14.08 49.07 7.07
CBC CHL LM . -13.69 50.53 7.15
ND CHL LM . -11.03 45.65 9.84
C1D CHL LM . -12.08 46.45 10.18
C2D CHL LM . -12.39 46.30 11.55
C3D CHL LM . -11.50 45.38 12.05
C4D CHL LM . -10.67 44.99 10.98
CMD CHL LM . -13.49 47.02 12.27
CAD CHL LM . -11.05 44.64 13.22
OBD CHL LM . -11.50 44.69 14.36
CBD CHL LM . -9.90 43.76 12.81
CGD CHL LM . -8.65 44.02 13.66
O1D CHL LM . -8.03 45.05 13.65
O2D CHL LM . -8.35 42.96 14.39
CED CHL LM . -7.19 43.09 15.23
C1 CHL LM . -9.82 37.01 10.11
C2 CHL LM . -8.92 35.95 9.61
C3 CHL LM . -9.24 35.18 8.58
C4 CHL LM . -10.54 35.31 7.83
C5 CHL LM . -8.31 34.11 8.08
MG CHL MM . -20.57 17.27 51.66
CHA CHL MM . -20.73 14.07 52.83
CHB CHL MM . -23.68 17.84 52.95
CHC CHL MM . -20.39 20.33 50.51
CHD CHL MM . -17.40 16.50 50.31
NA CHL MM . -21.93 16.14 52.72
C1A CHL MM . -21.83 14.83 53.10
C2A CHL MM . -23.09 14.35 53.81
C3A CHL MM . -24.03 15.52 53.71
C4A CHL MM . -23.18 16.60 53.07
CMA CHL MM . -25.47 15.31 53.23
CAA CHL MM . -22.87 13.90 55.27
CBA CHL MM . -22.68 15.04 56.25
CGA CHL MM . -21.33 15.04 56.94
O1A CHL MM . -20.28 14.93 56.36
O2A CHL MM . -21.46 15.17 58.24
NB CHL MM . -21.85 18.86 51.75
C1B CHL MM . -23.04 18.93 52.37
C2B CHL MM . -23.54 20.25 52.24
C3B CHL MM . -22.65 20.99 51.52
C4B CHL MM . -21.54 20.09 51.22
CMB CHL MM . -24.84 20.74 52.83
CAB CHL MM . -22.83 22.40 51.15
CBB CHL MM . -21.92 23.28 50.33
NC CHL MM . -19.11 18.23 50.59
C1C CHL MM . -19.31 19.52 50.20
C2C CHL MM . -18.14 19.91 49.41
C3C CHL MM . -17.30 18.84 49.37
C4C CHL MM . -17.91 17.76 50.11
CMC CHL MM . -17.84 21.17 48.75
OMC CHL MM . -18.55 22.15 48.75
CAC CHL MM . -15.97 18.78 48.67
CBC CHL MM . -16.04 18.07 47.36
ND CHL MM . -19.28 15.70 51.55
C1D CHL MM . -18.04 15.50 51.01
C2D CHL MM . -17.60 14.18 51.28
C3D CHL MM . -18.62 13.57 51.99
C4D CHL MM . -19.64 14.51 52.15
CMD CHL MM . -16.27 13.62 50.86
CAD CHL MM . -19.06 12.35 52.62
OBD CHL MM . -18.48 11.29 52.72
CBD CHL MM . -20.45 12.60 53.19
CGD CHL MM . -21.43 11.58 52.62
O1D CHL MM . -22.48 11.27 53.12
O2D CHL MM . -20.97 11.05 51.49
CED CHL MM . -21.80 10.04 50.88
C1 CHL MM . -20.34 15.17 59.17
C2 CHL MM . -19.55 16.41 58.95
C3 CHL MM . -19.47 17.36 59.86
C4 CHL MM . -20.15 17.28 61.20
C5 CHL MM . -18.68 18.62 59.61
C6 CHL MM . -17.18 18.39 59.53
C7 CHL MM . -16.57 17.87 60.82
C8 CHL MM . -15.05 17.88 60.86
C9 CHL MM . -14.50 19.30 60.78
C10 CHL MM . -14.60 17.19 62.14
C11 CHL MM . -13.25 16.50 62.05
C12 CHL MM . -12.79 15.88 63.37
C13 CHL MM . -11.49 15.08 63.27
C14 CHL MM . -10.57 15.62 62.18
C15 CHL MM . -11.63 13.57 63.18
C16 CHL MM . -10.33 12.78 63.32
C17 CHL MM . -10.54 11.28 63.39
C18 CHL MM . -11.21 10.65 62.19
C19 CHL MM . -10.39 10.84 60.93
C20 CHL MM . -11.48 9.17 62.42
O1 LHG NM . -37.62 46.56 23.85
C1 LHG NM . -37.82 45.67 22.75
C2 LHG NM . -36.61 45.69 21.83
O2 LHG NM . -37.05 45.80 20.47
C3 LHG NM . -35.84 44.39 21.99
O3 LHG NM . -34.44 44.66 21.92
P LHG NM . -33.42 43.92 22.92
O4 LHG NM . -33.52 44.58 24.27
O5 LHG NM . -33.60 42.44 22.80
O6 LHG NM . -31.98 44.30 22.30
C4 LHG NM . -31.13 43.24 21.88
C5 LHG NM . -29.69 43.64 22.07
C6 LHG NM . -29.27 43.19 23.47
O7 LHG NM . -28.88 42.98 21.11
C7 LHG NM . -28.53 43.76 20.08
O9 LHG NM . -27.72 44.66 20.25
C8 LHG NM . -29.15 43.54 18.72
C9 LHG NM . -28.54 44.49 17.72
C10 LHG NM . -27.78 43.73 16.63
O8 LHG NM . -27.87 43.00 23.53
C23 LHG NM . -27.36 41.77 23.49
O10 LHG NM . -28.10 40.81 23.54
C24 LHG NM . -25.87 41.60 23.37
C11 LHG NM . -27.63 44.58 15.37
C12 LHG NM . -26.32 45.35 15.38
C13 LHG NM . -26.47 46.76 15.95
C14 LHG NM . -25.48 47.01 17.07
C15 LHG NM . -25.81 48.29 17.83
C25 LHG NM . -25.56 41.15 21.95
C26 LHG NM . -24.77 42.21 21.19
C27 LHG NM . -25.00 42.02 19.69
C28 LHG NM . -23.70 42.10 18.90
C29 LHG NM . -23.99 42.24 17.41
C30 LHG NM . -22.73 42.04 16.58
C31 LHG NM . -22.97 41.05 15.45
C32 LHG NM . -22.59 39.63 15.86
C33 LHG NM . -21.97 38.87 14.69
O1 LHG OM . 0.27 46.70 17.30
C1 LHG OM . 0.60 46.34 18.65
C2 LHG OM . 0.04 44.96 18.97
O2 LHG OM . -0.57 44.98 20.26
C3 LHG OM . 1.15 43.93 18.96
O3 LHG OM . 0.57 42.62 18.94
P LHG OM . 0.29 41.86 20.33
O4 LHG OM . 1.57 41.21 20.77
O5 LHG OM . -0.43 42.81 21.26
O6 LHG OM . -0.74 40.70 19.91
C4 LHG OM . -1.78 40.32 20.81
C5 LHG OM . -2.52 39.10 20.31
C6 LHG OM . -2.16 37.94 21.22
O7 LHG OM . -3.92 39.30 20.44
C7 LHG OM . -4.65 38.68 19.50
O9 LHG OM . -4.09 38.06 18.61
C8 LHG OM . -6.16 38.78 19.55
C9 LHG OM . -6.77 38.16 18.30
C10 LHG OM . -8.24 38.58 18.18
O8 LHG OM . -2.72 38.25 22.50
C23 LHG OM . -3.55 37.39 23.08
O10 LHG OM . -3.21 36.23 23.22
C24 LHG OM . -4.91 37.86 23.53
C11 LHG OM . -8.65 38.77 16.72
C12 LHG OM . -9.79 39.76 16.59
C13 LHG OM . -10.33 39.81 15.17
C14 LHG OM . -11.85 39.89 15.16
C15 LHG OM . -12.39 39.73 13.74
C25 LHG OM . -5.95 36.86 23.05
C26 LHG OM . -6.63 36.17 24.23
C27 LHG OM . -6.88 34.71 23.91
C28 LHG OM . -8.36 34.43 23.67
C29 LHG OM . -8.67 34.36 22.18
C30 LHG OM . -9.11 35.71 21.64
C31 LHG OM . -10.48 35.64 20.98
C32 LHG OM . -11.43 34.70 21.72
O1 LHG PM . 9.00 38.55 27.32
C1 LHG PM . 9.50 37.36 26.70
C2 LHG PM . 8.59 36.96 25.55
O2 LHG PM . 9.14 37.44 24.32
C3 LHG PM . 7.20 37.55 25.75
O3 LHG PM . 6.25 36.50 25.64
P LHG PM . 5.60 35.84 26.96
O4 LHG PM . 6.39 36.29 28.17
O5 LHG PM . 4.11 36.06 26.91
O6 LHG PM . 5.89 34.28 26.71
C4 LHG PM . 6.07 33.39 27.79
C5 LHG PM . 5.35 32.08 27.47
C6 LHG PM . 3.95 32.40 26.96
O7 LHG PM . 6.07 31.35 26.47
C7 LHG PM . 6.72 30.31 27.00
O9 LHG PM . 7.47 30.48 27.96
C8 LHG PM . 6.56 28.93 26.40
C9 LHG PM . 5.07 28.67 26.16
C10 LHG PM . 4.55 27.52 27.01
O8 LHG PM . 3.02 32.24 28.03
C23 LHG PM . 2.10 31.27 27.98
O10 LHG PM . 1.87 30.74 26.90
C24 LHG PM . 1.38 30.84 29.23
C11 LHG PM . 3.10 27.76 27.40
C12 LHG PM . 2.55 26.65 28.28
C13 LHG PM . 2.79 25.29 27.63
C14 LHG PM . 1.47 24.66 27.20
C25 LHG PM . -0.12 30.89 29.00
C26 LHG PM . -0.75 29.52 29.18
C27 LHG PM . -2.26 29.58 29.00
C28 LHG PM . -2.95 28.62 29.96
C29 LHG PM . -4.34 28.26 29.44
C30 LHG PM . -4.97 27.17 30.30
C31 LHG PM . -6.49 27.31 30.32
C32 LHG PM . -7.15 25.95 30.50
C1 PTY QM . -24.06 18.47 56.50
C2 PTY QM . -27.74 15.98 62.50
C3 PTY QM . -26.82 15.43 61.41
O4 PTY QM . -23.27 19.59 56.77
C5 PTY QM . -25.57 16.78 57.55
C6 PTY QM . -24.46 17.80 57.82
O7 PTY QM . -24.84 18.78 58.75
C8 PTY QM . -26.20 19.03 58.95
O10 PTY QM . -26.78 18.50 59.84
C11 PTY QM . -26.96 20.00 58.03
C12 PTY QM . -27.30 21.26 58.80
C13 PTY QM . -28.26 22.12 57.96
C14 PTY QM . -27.63 22.40 56.60
C15 PTY QM . -26.47 23.37 56.76
C16 PTY QM . -25.45 23.12 55.65
C17 PTY QM . -24.40 24.22 55.63
C18 PTY QM . -23.05 23.63 55.28
C19 PTY QM . -22.11 24.73 54.75
C20 PTY QM . -20.71 24.14 54.55
C30 PTY QM . -21.90 19.35 56.70
C31 PTY QM . -21.22 19.10 55.36
O30 PTY QM . -21.24 19.34 57.69
C32 PTY QM . -20.50 20.36 54.91
C33 PTY QM . -19.13 19.99 54.32
C34 PTY QM . -18.46 21.22 53.74
C35 PTY QM . -17.17 20.80 53.03
C36 PTY QM . -16.51 22.03 52.41
P1 PTY QM . -27.37 15.41 58.86
O11 PTY QM . -27.60 14.88 60.39
O12 PTY QM . -27.50 14.26 57.89
O13 PTY QM . -28.41 16.46 58.53
O14 PTY QM . -25.86 16.06 58.70
N1 PTY QM . -26.96 16.26 63.69
O6 SQD RM . -1.33 41.42 45.31
C44 SQD RM . -1.94 40.19 45.00
C45 SQD RM . -3.34 40.49 44.41
C46 SQD RM . -4.27 39.26 44.50
O47 SQD RM . -3.92 41.46 45.24
C7 SQD RM . -3.98 42.74 44.76
O49 SQD RM . -3.11 43.20 44.07
C8 SQD RM . -5.23 43.43 45.23
C9 SQD RM . -5.05 44.95 45.15
C10 SQD RM . -6.31 45.70 45.59
C11 SQD RM . -6.16 47.21 45.35
C12 SQD RM . -7.23 48.00 46.13
C13 SQD RM . -7.09 49.51 45.94
C14 SQD RM . -5.63 49.98 46.06
C15 SQD RM . -5.51 51.51 45.90
C16 SQD RM . -6.34 52.03 44.73
C17 SQD RM . -5.96 53.47 44.35
C18 SQD RM . -4.47 53.60 44.05
O48 SQD RM . -5.56 39.74 44.87
C23 SQD RM . -6.61 39.39 44.07
O10 SQD RM . -6.41 38.75 43.06
C24 SQD RM . -7.92 39.90 44.60
C25 SQD RM . -9.07 39.57 43.63
C26 SQD RM . -10.44 39.88 44.23
C27 SQD RM . -11.60 39.40 43.34
C1 SQD RM . 0.06 41.30 45.49
C2 SQD RM . 0.71 41.76 44.16
O2 SQD RM . 0.49 40.84 43.16
C3 SQD RM . 2.23 41.96 44.39
O3 SQD RM . 2.68 42.67 43.27
C4 SQD RM . 2.51 42.79 45.66
O4 SQD RM . 3.89 42.81 45.87
C5 SQD RM . 1.74 42.18 46.87
C6 SQD RM . 1.93 43.04 48.10
O5 SQD RM . 0.37 42.21 46.52
S SQD RM . 0.65 44.29 48.37
O7 SQD RM . -0.48 43.51 48.78
O8 SQD RM . 1.22 45.10 49.40
O9 SQD RM . 0.47 44.94 47.11
C10 4RF SM . -11.94 13.57 25.77
C13 4RF SM . -15.23 15.26 24.64
C15 4RF SM . -17.52 15.00 23.55
C20 4RF SM . -21.44 17.38 22.00
C22 4RF SM . -23.38 16.26 22.70
C24 4RF SM . -23.99 15.44 23.83
C26 4RF SM . -25.73 16.45 25.36
C28 4RF SM . -27.46 17.63 26.80
C07 4RF SM . -8.30 13.33 27.12
C08 4RF SM . -9.59 12.90 26.41
C09 4RF SM . -10.58 14.06 26.27
C11 4RF SM . -12.88 14.72 25.46
C12 4RF SM . -14.09 14.25 24.64
C14 4RF SM . -16.02 15.20 23.33
C16 4RF SM . -18.28 16.32 23.47
O17 4RF SM . -17.71 17.33 23.65
O18 4RF SM . -19.65 16.32 23.18
C19 4RF SM . -20.06 17.54 22.61
O21 4RF SM . -22.00 16.18 22.45
O23 4RF SM . -24.06 16.98 22.06
C25 4RF SM . -25.47 15.78 24.02
C27 4RF SM . -27.22 16.66 25.63
C29 4RF SM . -28.59 17.19 27.71
C30 4RF SM . -29.00 18.30 28.69
C31 4RF SM . -29.38 17.78 30.07
C32 4RF SM . -28.65 18.55 31.16
C33 4RF SM . -29.34 18.54 32.52
C39 4RF SM . -21.37 17.37 20.47
O40 4RF SM . -21.02 18.65 20.05
C41 4RF SM . -20.14 18.68 18.97
O42 4RF SM . -19.22 19.44 18.97
C43 4RF SM . -20.32 17.74 17.79
C44 4RF SM . -19.12 17.77 16.86
C45 4RF SM . -19.51 17.98 15.39
C46 4RF SM . -18.74 19.14 14.76
C47 4RF SM . -19.60 19.93 13.78
C48 4RF SM . -19.65 21.41 14.12
C1A DGD TM . -21.47 8.20 56.19
C2A DGD TM . -22.19 9.53 56.13
C3A DGD TM . -21.18 10.67 56.27
C4A DGD TM . -20.30 10.47 57.48
C5A DGD TM . -19.60 11.77 57.88
C6A DGD TM . -18.58 12.21 56.84
C7A DGD TM . -17.73 13.36 57.39
C8A DGD TM . -16.73 13.84 56.36
C9A DGD TM . -17.47 14.20 55.09
CAA DGD TM . -17.54 15.45 54.66
CBA DGD TM . -16.85 16.56 55.41
CCA DGD TM . -15.71 17.10 54.60
CDA DGD TM . -15.90 17.43 53.32
CEA DGD TM . -14.77 17.98 52.49
CFA DGD TM . -13.56 17.08 52.56
CGA DGD TM . -12.56 17.38 53.39
O1A DGD TM . -20.57 7.96 55.40
C1B DGD TM . -17.80 6.89 59.46
C2B DGD TM . -17.39 8.21 58.85
C3B DGD TM . -15.90 8.44 59.06
C4B DGD TM . -15.53 9.87 58.69
C5B DGD TM . -14.04 10.15 58.86
C6B DGD TM . -13.22 9.42 57.81
C7B DGD TM . -11.87 10.09 57.62
C8B DGD TM . -10.98 9.30 56.67
C9B DGD TM . -9.83 10.17 56.22
CAB DGD TM . -8.92 9.67 55.40
CBB DGD TM . -7.77 10.51 54.92
CCB DGD TM . -6.94 10.92 56.12
CDB DGD TM . -6.42 9.99 56.92
O1B DGD TM . -16.97 6.09 59.86
O1G DGD TM . -21.84 7.23 57.20
C1G DGD TM . -21.16 7.20 58.46
C2G DGD TM . -19.77 6.61 58.29
O2G DGD TM . -19.10 6.58 59.55
C3G DGD TM . -19.94 5.20 57.76
O3G DGD TM . -18.84 4.36 58.08
C1D DGD TM . -19.32 3.05 58.32
C2D DGD TM . -19.63 2.96 59.80
O2D DGD TM . -18.40 2.78 60.51
C3D DGD TM . -20.58 1.82 60.14
O3D DGD TM . -21.03 2.00 61.49
C4D DGD TM . -21.78 1.83 59.21
O4D DGD TM . -22.54 3.02 59.43
C5D DGD TM . -21.32 1.79 57.76
O5D DGD TM . -23.41 0.80 56.99
C6D DGD TM . -22.51 1.89 56.80
O6D DGD TM . -20.49 2.91 57.50
C1E DGD TM . -22.85 -0.44 56.61
C2E DGD TM . -23.83 -1.18 55.71
O2E DGD TM . -24.14 -0.36 54.58
C3E DGD TM . -25.11 -1.53 56.45
O3E DGD TM . -25.90 -2.41 55.66
C4E DGD TM . -24.80 -2.19 57.79
O4E DGD TM . -24.26 -3.50 57.55
C5E DGD TM . -23.79 -1.37 58.57
O6E DGD TM . -22.61 -1.21 57.79
C6E DGD TM . -23.44 -2.03 59.89
O5E DGD TM . -22.85 -3.31 59.65
C1 LUT UM . 3.77 9.86 51.73
C2 LUT UM . 5.20 10.27 51.38
C3 LUT UM . 5.34 10.62 49.92
C4 LUT UM . 5.03 9.39 49.08
C5 LUT UM . 3.72 8.77 49.48
C6 LUT UM . 3.20 8.90 50.71
C7 LUT UM . 2.02 8.09 51.09
C8 LUT UM . 2.11 6.80 51.44
C9 LUT UM . 0.92 6.02 51.81
C10 LUT UM . 1.10 4.76 52.23
C11 LUT UM . 0.01 3.88 52.63
C12 LUT UM . 0.38 2.69 53.09
C13 LUT UM . -0.57 1.67 53.57
C14 LUT UM . -0.04 0.59 54.17
C15 LUT UM . -0.86 -0.48 54.73
C16 LUT UM . 2.89 11.10 51.78
C17 LUT UM . 3.81 9.20 53.10
C18 LUT UM . 2.99 7.97 48.43
C19 LUT UM . -0.45 6.61 51.70
C20 LUT UM . -2.04 1.83 53.40
O3 LUT UM . 6.70 10.99 49.67
C21 LUT UM . -3.57 -10.41 62.05
C22 LUT UM . -4.61 -11.31 62.70
C23 LUT UM . -4.69 -12.65 62.01
C24 LUT UM . -5.16 -12.41 60.59
C25 LUT UM . -4.18 -11.51 59.88
C26 LUT UM . -3.54 -10.53 60.53
C27 LUT UM . -2.44 -9.82 59.82
C28 LUT UM . -2.63 -8.58 59.37
C29 LUT UM . -1.57 -7.83 58.68
C30 LUT UM . -1.75 -6.52 58.54
C31 LUT UM . -0.77 -5.63 57.89
C32 LUT UM . -1.25 -4.57 57.27
C33 LUT UM . -0.39 -3.57 56.61
C34 LUT UM . -0.98 -2.49 56.06
C35 LUT UM . -0.22 -1.42 55.43
C36 LUT UM . -2.18 -10.81 62.57
C37 LUT UM . -3.87 -8.98 62.47
C38 LUT UM . -3.93 -11.72 58.42
C39 LUT UM . -0.34 -8.52 58.18
C40 LUT UM . 1.10 -3.74 56.58
O23 LUT UM . -5.62 -13.50 62.69
C1 LUT VM . 11.97 -3.58 48.12
C2 LUT VM . 13.06 -2.69 48.71
C3 LUT VM . 13.39 -3.09 50.14
C4 LUT VM . 12.16 -2.84 50.98
C5 LUT VM . 10.97 -3.58 50.42
C6 LUT VM . 10.85 -3.86 49.11
C7 LUT VM . 9.62 -4.49 48.59
C8 LUT VM . 8.51 -3.81 48.31
C9 LUT VM . 7.33 -4.52 47.77
C10 LUT VM . 6.44 -3.83 47.06
C11 LUT VM . 5.24 -4.41 46.45
C12 LUT VM . 4.65 -3.64 45.54
C13 LUT VM . 3.45 -4.00 44.76
C14 LUT VM . 2.82 -3.00 44.11
C15 LUT VM . 1.63 -3.19 43.29
C16 LUT VM . 12.58 -4.91 47.71
C17 LUT VM . 11.41 -2.87 46.90
C18 LUT VM . 9.92 -4.02 51.39
C19 LUT VM . 7.16 -6.00 48.01
C20 LUT VM . 2.97 -5.41 44.67
O3 LUT VM . 14.45 -2.24 50.60
C21 LUT VM . -7.52 0.52 34.88
C22 LUT VM . -8.65 -0.07 34.03
C23 LUT VM . -9.93 -0.28 34.82
C24 LUT VM . -9.64 -1.26 35.93
C25 LUT VM . -8.57 -0.69 36.81
C26 LUT VM . -7.50 -0.03 36.30
C27 LUT VM . -6.49 0.49 37.24
C28 LUT VM . -5.40 -0.22 37.50
C29 LUT VM . -4.34 0.23 38.41
C30 LUT VM . -3.34 -0.63 38.68
C31 LUT VM . -2.22 -0.31 39.56
C32 LUT VM . -1.67 -1.31 40.25
C33 LUT VM . -0.52 -1.14 41.16
C34 LUT VM . 0.04 -2.23 41.69
C35 LUT VM . 1.21 -2.14 42.58
C36 LUT VM . -7.70 2.03 34.98
C37 LUT VM . -6.21 0.21 34.19
C38 LUT VM . -8.70 -0.85 38.29
C39 LUT VM . -4.37 1.61 39.00
C40 LUT VM . 0.02 0.23 41.46
O23 LUT VM . -10.95 -0.82 33.96
C1 BCR WM . 6.71 -33.45 50.19
C2 BCR WM . 6.64 -34.88 49.68
C3 BCR WM . 5.22 -35.41 49.66
C4 BCR WM . 4.66 -35.39 51.07
C5 BCR WM . 4.85 -34.05 51.74
C6 BCR WM . 5.92 -33.30 51.48
C7 BCR WM . 6.34 -32.31 52.48
C8 BCR WM . 6.16 -31.01 52.30
C9 BCR WM . 6.54 -29.94 53.22
C10 BCR WM . 7.09 -28.72 52.70
C11 BCR WM . 7.04 -27.30 52.70
C33 BCR WM . 3.82 -33.59 52.74
C31 BCR WM . 6.11 -32.50 49.16
C32 BCR WM . 8.16 -33.09 50.47
C34 BCR WM . 6.34 -30.12 54.69
C12 BCR WM . 7.02 -26.09 52.64
C13 BCR WM . 7.14 -24.77 53.12
C14 BCR WM . 7.40 -23.81 52.19
C15 BCR WM . 7.56 -22.40 52.43
C16 BCR WM . 7.48 -21.16 51.93
C17 BCR WM . 7.80 -20.09 52.60
C18 BCR WM . 7.81 -18.82 52.13
C19 BCR WM . 8.23 -17.69 52.94
C20 BCR WM . 8.22 -16.37 53.18
C21 BCR WM . 8.56 -15.14 53.81
C22 BCR WM . 8.59 -13.91 53.26
C23 BCR WM . 9.02 -12.79 54.09
C24 BCR WM . 10.45 -12.46 54.43
C25 BCR WM . 10.90 -11.32 55.25
C26 BCR WM . 11.78 -10.47 54.72
C27 BCR WM . 12.04 -9.14 55.37
C28 BCR WM . 12.02 -9.19 56.89
C29 BCR WM . 11.48 -10.48 57.51
C30 BCR WM . 10.40 -11.16 56.68
C35 BCR WM . 6.99 -24.43 54.58
C36 BCR WM . 7.40 -18.58 50.70
C37 BCR WM . 8.19 -13.71 51.83
C38 BCR WM . 12.53 -10.80 53.47
C39 BCR WM . 9.09 -10.37 56.70
C40 BCR WM . 10.20 -12.53 57.31
MG CHL XM . -5.60 -9.64 55.75
CHA CHL XM . -7.31 -12.54 56.27
CHB CHL XM . -8.35 -7.94 56.82
CHC CHL XM . -3.86 -6.88 55.51
CHD CHL XM . -2.93 -11.59 54.49
NA CHL XM . -7.47 -10.15 56.38
C1A CHL XM . -7.95 -11.39 56.64
C2A CHL XM . -9.30 -11.34 57.33
C3A CHL XM . -9.77 -9.96 57.03
C4A CHL XM . -8.47 -9.26 56.70
CMA CHL XM . -10.98 -9.74 56.14
CAA CHL XM . -9.13 -11.67 58.83
CBA CHL XM . -9.12 -10.47 59.79
CGA CHL XM . -7.90 -9.60 59.74
O1A CHL XM . -6.84 -9.92 59.31
O2A CHL XM . -8.16 -8.39 60.21
NB CHL XM . -6.04 -7.69 56.12
C1B CHL XM . -7.21 -7.20 56.57
C2B CHL XM . -7.10 -5.80 56.72
C3B CHL XM . -5.83 -5.43 56.38
C4B CHL XM . -5.14 -6.66 55.98
CMB CHL XM . -8.19 -4.88 57.18
CAB CHL XM . -5.42 -4.03 56.49
CBB CHL XM . -4.10 -3.38 56.23
NC CHL XM . -3.69 -9.32 55.09
C1C CHL XM . -3.18 -8.06 55.11
C2C CHL XM . -1.81 -8.17 54.62
C3C CHL XM . -1.57 -9.48 54.33
C4C CHL XM . -2.76 -10.22 54.63
CMC CHL XM . -0.77 -7.16 54.44
OMC CHL XM . -0.90 -5.98 54.67
CAC CHL XM . -0.28 -10.06 53.82
CBC CHL XM . 0.56 -10.66 54.90
ND CHL XM . -5.14 -11.59 55.36
C1D CHL XM . -4.09 -12.26 54.81
C2D CHL XM . -4.38 -13.65 54.73
C3D CHL XM . -5.63 -13.81 55.30
C4D CHL XM . -6.09 -12.54 55.67
CMD CHL XM . -3.47 -14.68 54.14
CAD CHL XM . -6.64 -14.76 55.71
OBD CHL XM . -6.64 -15.96 55.56
CBD CHL XM . -7.76 -14.00 56.40
CGD CHL XM . -9.10 -14.30 55.75
O1D CHL XM . -9.49 -13.86 54.71
O2D CHL XM . -9.81 -15.14 56.52
CED CHL XM . -11.12 -15.49 56.01
C1 CHL XM . -7.32 -7.23 59.96
C2 CHL XM . -6.53 -6.90 61.16
C3 CHL XM . -5.66 -5.90 61.08
C4 CHL XM . -5.47 -5.08 59.83
C5 CHL XM . -4.78 -5.52 62.24
C6 CHL XM . -3.31 -5.41 61.84
C7 CHL XM . -2.39 -5.14 63.03
C8 CHL XM . -0.93 -5.51 62.80
C9 CHL XM . -0.78 -6.89 62.19
C10 CHL XM . -0.28 -4.44 61.91
C11 CHL XM . 1.23 -4.52 61.85
C12 CHL XM . 1.89 -3.43 61.03
C13 CHL XM . 3.42 -3.44 61.05
C14 CHL XM . 4.00 -2.81 59.79
C15 CHL XM . 4.08 -4.79 61.35
MG CLA YM . -4.44 2.54 57.69
CHA CLA YM . -7.69 1.86 58.65
CHB CLA YM . -3.36 -0.40 59.14
CHC CLA YM . -1.40 3.25 56.65
CHD CLA YM . -5.60 5.53 56.18
NA CLA YM . -5.41 0.88 58.77
C1A CLA YM . -6.71 0.78 59.05
C2A CLA YM . -7.04 -0.47 59.82
C3A CLA YM . -5.66 -1.14 59.95
C4A CLA YM . -4.75 -0.19 59.25
CMA CLA YM . -5.21 -1.76 61.26
CAA CLA YM . -8.02 -1.33 59.04
CBA CLA YM . -8.36 -2.62 59.77
CGA CLA YM . -8.89 -2.35 61.16
O1A CLA YM . -9.82 -1.58 61.31
O2A CLA YM . -8.31 -2.97 62.17
NB CLA YM . -2.66 1.57 57.86
C1B CLA YM . -2.38 0.40 58.51
C2B CLA YM . -0.98 0.12 58.44
C3B CLA YM . -0.43 1.16 57.75
C4B CLA YM . -1.51 2.07 57.38
CMB CLA YM . -0.27 -1.06 59.05
CAB CLA YM . 1.00 1.33 57.42
CBB CLA YM . 1.73 2.62 57.69
NC CLA YM . -3.65 4.09 56.50
C1C CLA YM . -2.35 4.24 56.28
C2C CLA YM . -2.03 5.52 55.63
C3C CLA YM . -3.23 6.13 55.47
C4C CLA YM . -4.24 5.24 56.02
CMC CLA YM . -0.66 6.02 55.26
CAC CLA YM . -3.49 7.49 54.86
CBC CLA YM . -3.30 8.56 55.92
ND CLA YM . -6.14 3.51 57.39
C1D CLA YM . -6.52 4.70 56.83
C2D CLA YM . -7.94 4.95 57.01
C3D CLA YM . -8.39 3.83 57.71
C4D CLA YM . -7.31 2.98 57.93
CMD CLA YM . -8.88 6.06 56.60
CAD CLA YM . -9.57 3.24 58.29
OBD CLA YM . -10.64 3.80 58.44
CBD CLA YM . -9.17 1.96 58.95
CGD CLA YM . -9.30 2.09 60.44
O1D CLA YM . -8.62 2.90 61.05
O2D CLA YM . -10.16 1.33 61.11
CED CLA YM . -10.73 1.94 62.26
C1 CLA YM . -9.06 -3.89 63.01
C2 CLA YM . -10.03 -3.38 64.05
C3 CLA YM . -10.09 -3.98 65.26
C4 CLA YM . -11.03 -3.50 66.32
C5 CLA YM . -9.21 -5.17 65.62
C6 CLA YM . -8.59 -4.96 66.99
C7 CLA YM . -7.74 -6.15 67.39
MG CHL ZM . 3.74 11.58 44.42
CHA CHL ZM . 6.04 14.11 44.29
CHB CHL ZM . 2.76 12.72 47.50
CHC CHL ZM . 1.49 9.20 44.50
CHD CHL ZM . 4.86 10.57 41.24
NA CHL ZM . 4.33 13.12 45.66
C1A CHL ZM . 5.24 14.11 45.39
C2A CHL ZM . 5.25 15.16 46.47
C3A CHL ZM . 4.35 14.60 47.54
C4A CHL ZM . 3.76 13.39 46.88
CMA CHL ZM . 4.83 14.54 48.99
CAA CHL ZM . 4.74 16.50 45.92
CBA CHL ZM . 3.38 16.43 45.25
CGA CHL ZM . 3.44 16.12 43.78
O1A CHL ZM . 4.12 16.70 42.98
O2A CHL ZM . 2.63 15.12 43.46
NB CHL ZM . 2.36 11.03 45.81
C1B CHL ZM . 2.11 11.61 47.01
C2B CHL ZM . 1.07 10.88 47.65
C3B CHL ZM . 0.67 9.87 46.85
C4B CHL ZM . 1.50 9.96 45.64
CMB CHL ZM . 0.50 11.20 49.00
CAB CHL ZM . -0.35 8.91 47.23
CBB CHL ZM . -0.85 7.71 46.49
NC CHL ZM . 3.28 10.13 43.06
C1C CHL ZM . 2.27 9.26 43.33
C2C CHL ZM . 2.15 8.39 42.15
C3C CHL ZM . 3.09 8.79 41.26
C4C CHL ZM . 3.82 9.89 41.81
CMC CHL ZM . 1.26 7.29 41.87
OMC CHL ZM . 0.41 6.87 42.60
CAC CHL ZM . 3.30 8.19 39.90
CBC CHL ZM . 2.42 8.81 38.84
ND CHL ZM . 5.11 12.12 43.02
C1D CHL ZM . 5.51 11.64 41.81
C2D CHL ZM . 6.60 12.39 41.30
C3D CHL ZM . 6.85 13.37 42.23
C4D CHL ZM . 5.93 13.20 43.27
CMD CHL ZM . 7.29 12.12 40.00
CAD CHL ZM . 7.66 14.53 42.56
OBD CHL ZM . 8.58 15.02 41.92
CBD CHL ZM . 7.16 15.08 43.89
CGD CHL ZM . 8.28 15.21 44.90
O1D CHL ZM . 8.99 14.32 45.27
O2D CHL ZM . 8.38 16.46 45.35
CED CHL ZM . 9.42 16.72 46.32
C1 CHL ZM . 2.48 14.65 42.10
C2 CHL ZM . 1.95 13.26 42.15
C3 CHL ZM . 1.04 12.85 41.27
C4 CHL ZM . 0.45 13.73 40.21
C5 CHL ZM . 0.56 11.41 41.28
C6 CHL ZM . -0.92 11.28 40.93
C7 CHL ZM . -1.84 11.58 42.09
C8 CHL ZM . -1.84 10.52 43.19
C9 CHL ZM . -2.54 11.04 44.45
C10 CHL ZM . -2.56 9.30 42.63
C11 CHL ZM . -4.07 9.27 42.87
C12 CHL ZM . -4.76 7.97 42.44
C13 CHL ZM . -5.19 7.89 40.97
C14 CHL ZM . -5.25 9.26 40.32
C15 CHL ZM . -6.46 7.09 40.71
C16 CHL ZM . -6.81 6.91 39.23
C17 CHL ZM . -5.90 5.92 38.50
C18 CHL ZM . -6.32 5.60 37.07
C19 CHL ZM . -5.43 4.52 36.47
C20 CHL ZM . -6.33 6.82 36.19
MG CHL AN . -8.73 -2.57 41.11
CHA CHL AN . -12.12 -2.71 40.80
CHB CHL AN . -8.55 -5.75 39.88
CHC CHL AN . -5.46 -2.41 41.43
CHD CHL AN . -9.11 0.69 42.42
NA CHL AN . -10.08 -3.93 40.45
C1A CHL AN . -11.44 -3.79 40.33
C2A CHL AN . -12.10 -4.98 39.68
C3A CHL AN . -11.00 -6.00 39.67
C4A CHL AN . -9.78 -5.20 40.03
CMA CHL AN . -11.23 -7.36 40.32
CAA CHL AN . -12.60 -4.58 38.29
CBA CHL AN . -12.21 -5.52 37.18
CGA CHL AN . -11.04 -5.05 36.36
O1A CHL AN . -11.08 -4.16 35.56
O2A CHL AN . -9.96 -5.77 36.61
NB CHL AN . -7.22 -3.88 40.69
C1B CHL AN . -7.35 -5.13 40.17
C2B CHL AN . -6.05 -5.69 40.03
C3B CHL AN . -5.14 -4.79 40.46
C4B CHL AN . -5.89 -3.60 40.90
CMB CHL AN . -5.76 -7.06 39.50
CAB CHL AN . -3.70 -5.11 40.46
CBB CHL AN . -2.53 -4.30 40.91
NC CHL AN . -7.51 -1.06 41.80
C1C CHL AN . -6.15 -1.26 41.84
C2C CHL AN . -5.58 -0.02 42.40
C3C CHL AN . -6.62 0.83 42.64
C4C CHL AN . -7.85 0.19 42.28
CMC CHL AN . -4.22 0.34 42.70
OMC CHL AN . -3.25 -0.35 42.53
CAC CHL AN . -6.49 2.22 43.21
CBC CHL AN . -6.31 3.27 42.14
ND CHL AN . -10.21 -1.22 41.53
C1D CHL AN . -10.26 0.03 42.07
C2D CHL AN . -11.61 0.46 42.18
C3D CHL AN . -12.38 -0.58 41.70
C4D CHL AN . -11.50 -1.60 41.31
CMD CHL AN . -12.06 1.79 42.71
CAD CHL AN . -13.74 -1.06 41.45
OBD CHL AN . -14.80 -0.50 41.67
CBD CHL AN . -13.63 -2.45 40.84
CGD CHL AN . -14.38 -3.49 41.66
O1D CHL AN . -15.55 -3.76 41.51
O2D CHL AN . -13.59 -4.08 42.54
CED CHL AN . -14.19 -5.12 43.35
C1 CHL AN . -8.80 -5.73 35.75
C2 CHL AN . -7.77 -4.83 36.34
C3 CHL AN . -6.53 -5.25 36.40
C4 CHL AN . -6.10 -6.63 35.97
C5 CHL AN . -5.40 -4.36 36.85
C6 CHL AN . -4.60 -3.78 35.68
C7 CHL AN . -3.24 -3.26 36.10
C8 CHL AN . -2.44 -2.59 34.99
C9 CHL AN . -2.60 -3.31 33.65
C10 CHL AN . -2.93 -1.15 34.91
C11 CHL AN . -1.87 -0.09 35.16
C12 CHL AN . -2.42 1.33 35.16
C13 CHL AN . -1.38 2.42 35.40
C14 CHL AN . -0.28 1.95 36.33
C15 CHL AN . -1.91 3.79 35.82
C16 CHL AN . -1.85 4.09 37.30
MG CLA BN . 2.46 -6.83 39.46
CHA CLA BN . 0.85 -9.69 38.37
CHB CLA BN . 0.22 -4.87 37.73
CHC CLA BN . 3.98 -4.18 40.70
CHD CLA BN . 4.75 -8.87 41.20
NA CLA BN . 0.70 -7.22 38.18
C1A CLA BN . 0.20 -8.42 37.86
C2A CLA BN . -0.99 -8.32 36.95
C3A CLA BN . -1.13 -6.81 36.76
C4A CLA BN . -0.03 -6.24 37.60
CMA CLA BN . -1.35 -6.27 35.35
CAA CLA BN . -2.23 -8.81 37.67
CBA CLA BN . -2.82 -10.08 37.05
CGA CLA BN . -3.08 -9.89 35.58
O1A CLA BN . -3.96 -9.13 35.22
O2A CLA BN . -2.34 -10.57 34.73
NB CLA BN . 2.14 -4.82 39.26
C1B CLA BN . 1.21 -4.20 38.48
C2B CLA BN . 1.40 -2.78 38.55
C3B CLA BN . 2.46 -2.57 39.38
C4B CLA BN . 2.92 -3.89 39.83
CMB CLA BN . 0.60 -1.73 37.83
CAB CLA BN . 3.00 -1.22 39.73
CBB CLA BN . 4.06 -0.96 40.77
NC CLA BN . 4.05 -6.58 40.81
C1C CLA BN . 4.55 -5.39 41.14
C2C CLA BN . 5.74 -5.49 42.02
C3C CLA BN . 5.92 -6.84 42.19
C4C CLA BN . 4.86 -7.50 41.43
CMC CLA BN . 6.56 -4.37 42.58
CAC CLA BN . 7.00 -7.51 43.00
CBC CLA BN . 6.48 -7.79 44.39
ND CLA BN . 2.76 -8.74 39.83
C1D CLA BN . 3.74 -9.48 40.43
C2D CLA BN . 3.61 -10.90 40.15
C3D CLA BN . 2.48 -10.97 39.36
C4D CLA BN . 1.97 -9.68 39.18
CMD CLA BN . 4.41 -12.13 40.52
CAD CLA BN . 1.63 -11.90 38.65
OBD CLA BN . 1.91 -13.05 38.39
CBD CLA BN . 0.49 -11.13 38.06
CGD CLA BN . 0.56 -11.37 36.58
O1D CLA BN . -0.33 -11.98 36.02
O2D CLA BN . 1.61 -10.97 35.88
CED CLA BN . 1.34 -10.19 34.73
C1 CLA BN . -2.07 -10.04 33.39
C2 CLA BN . -2.27 -10.89 32.16
C3 CLA BN . -1.65 -10.55 31.02
C4 CLA BN . -1.81 -11.35 29.78
C5 CLA BN . -0.76 -9.34 30.94
C6 CLA BN . 0.68 -9.72 30.61
C7 CLA BN . 1.65 -8.82 31.34
C8 CLA BN . 2.00 -7.58 30.53
C9 CLA BN . 3.51 -7.43 30.40
C10 CLA BN . 1.38 -6.36 31.17
MG CLA CN . 12.28 -5.37 55.76
CHA CLA CN . 15.67 -4.86 56.28
CHB CLA CN . 12.94 -6.75 52.67
CHC CLA CN . 9.06 -5.95 55.43
CHD CLA CN . 11.65 -3.95 58.93
NA CLA CN . 14.10 -5.78 54.58
C1A CLA CN . 15.36 -5.48 54.94
C2A CLA CN . 16.35 -5.82 53.87
C3A CLA CN . 15.46 -6.39 52.76
C4A CLA CN . 14.09 -6.32 53.34
CMA CLA CN . 15.64 -5.80 51.37
CAA CLA CN . 17.31 -6.91 54.32
CBA CLA CN . 16.61 -7.99 55.14
CGA CLA CN . 17.56 -9.14 55.32
O1A CLA CN . 18.67 -8.95 55.78
O2A CLA CN . 17.16 -10.34 54.95
NB CLA CN . 11.17 -6.23 54.29
C1B CLA CN . 11.60 -6.73 53.09
C2B CLA CN . 10.48 -7.21 52.32
C3B CLA CN . 9.37 -6.97 53.11
C4B CLA CN . 9.85 -6.35 54.34
CMB CLA CN . 10.56 -7.81 50.95
CAB CLA CN . 7.93 -7.26 52.88
CBB CLA CN . 7.36 -7.66 51.54
NC CLA CN . 10.63 -5.07 57.01
C1C CLA CN . 9.39 -5.33 56.66
C2C CLA CN . 8.39 -4.93 57.68
C3C CLA CN . 9.15 -4.39 58.69
C4C CLA CN . 10.54 -4.47 58.25
CMC CLA CN . 6.90 -5.10 57.62
CAC CLA CN . 8.65 -3.81 59.98
CBC CLA CN . 8.12 -2.42 59.74
ND CLA CN . 13.30 -4.61 57.28
C1D CLA CN . 12.99 -4.04 58.48
C2D CLA CN . 14.18 -3.55 59.18
C3D CLA CN . 15.21 -3.88 58.31
C4D CLA CN . 14.68 -4.50 57.17
CMD CLA CN . 14.42 -2.86 60.49
CAD CLA CN . 16.65 -3.79 58.15
OBD CLA CN . 17.44 -3.57 59.06
CBD CLA CN . 17.01 -4.50 56.87
CGD CLA CN . 17.80 -3.61 55.95
O1D CLA CN . 17.53 -2.43 55.83
O2D CLA CN . 18.78 -4.13 55.23
CED CLA CN . 20.05 -3.50 55.34
C1 CLA CN . 15.92 -10.91 55.46
C2 CLA CN . 15.83 -11.51 56.84
C3 CLA CN . 14.94 -12.49 57.06
C4 CLA CN . 14.04 -12.98 55.96
C5 CLA CN . 14.79 -13.16 58.41
C6 CLA CN . 13.41 -13.82 58.51
C7 CLA CN . 13.54 -15.33 58.66
C8 CLA CN . 12.64 -15.86 59.76
C9 CLA CN . 13.46 -16.44 60.90
C10 CLA CN . 11.68 -16.89 59.18
C11 CLA CN . 10.26 -16.33 59.08
C12 CLA CN . 9.23 -17.45 59.08
MG CLA DN . -11.95 6.79 53.99
CHA CLA DN . -12.34 3.64 55.39
CHB CLA DN . -15.06 7.73 55.10
CHC CLA DN . -11.41 9.79 52.70
CHD CLA DN . -8.76 5.80 52.83
NA CLA DN . -13.56 5.81 55.14
C1A CLA DN . -13.54 4.56 55.59
C2A CLA DN . -14.83 4.20 56.28
C3A CLA DN . -15.66 5.49 56.15
C4A CLA DN . -14.72 6.41 55.43
CMA CLA DN . -17.09 5.40 55.65
CAA CLA DN . -14.61 3.93 57.77
CBA CLA DN . -13.61 4.92 58.35
CGA CLA DN . -13.47 4.70 59.84
O1A CLA DN . -13.73 3.60 60.30
O2A CLA DN . -13.08 5.70 60.60
NB CLA DN . -13.06 8.49 53.92
C1B CLA DN . -14.31 8.70 54.43
C2B CLA DN . -14.73 10.05 54.14
C3B CLA DN . -13.70 10.62 53.47
C4B CLA DN . -12.65 9.62 53.33
CMB CLA DN . -16.04 10.68 54.53
CAB CLA DN . -13.66 12.01 52.95
CBB CLA DN . -12.59 12.96 53.43
NC CLA DN . -10.32 7.68 53.00
C1C CLA DN . -10.33 8.91 52.51
C2C CLA DN . -9.10 9.25 51.76
C3C CLA DN . -8.33 8.11 51.85
C4C CLA DN . -9.11 7.14 52.61
CMC CLA DN . -8.77 10.55 51.09
CAC CLA DN . -6.97 7.90 51.26
CBC CLA DN . -7.10 7.50 49.81
ND CLA DN . -10.78 5.19 54.02
C1D CLA DN . -9.53 4.88 53.56
C2D CLA DN . -9.14 3.52 53.93
C3D CLA DN . -10.25 3.05 54.64
C4D CLA DN . -11.22 4.05 54.69
CMD CLA DN . -7.91 2.70 53.69
CAD CLA DN . -10.75 1.89 55.34
OBD CLA DN . -10.07 0.94 55.71
CBD CLA DN . -12.11 2.23 55.89
CGD CLA DN . -13.12 1.25 55.35
O1D CLA DN . -12.83 0.49 54.45
O2D CLA DN . -14.34 1.19 55.86
CED CLA DN . -15.17 0.15 55.35
C1 CLA DN . -11.66 5.89 60.86
MG CLA EN . 0.20 19.12 48.39
CHA CLA EN . -0.21 18.96 44.96
CHB CLA EN . 0.01 22.57 48.26
CHC CLA EN . 0.50 19.17 51.66
CHD CLA EN . 0.37 15.60 48.48
NA CLA EN . -0.08 20.62 46.79
C1A CLA EN . -0.22 20.36 45.49
C2A CLA EN . -0.35 21.60 44.66
C3A CLA EN . -0.26 22.71 45.71
C4A CLA EN . -0.11 21.95 47.00
CMA CLA EN . 0.70 23.85 45.46
CAA CLA EN . -1.70 21.69 43.98
CBA CLA EN . -2.82 21.21 44.89
CGA CLA EN . -4.13 21.65 44.29
O1A CLA EN . -4.37 22.83 44.19
O2A CLA EN . -5.01 20.74 43.89
NB CLA EN . 0.24 20.64 49.75
C1B CLA EN . 0.16 21.98 49.53
C2B CLA EN . 0.27 22.69 50.77
C3B CLA EN . 0.41 21.74 51.74
C4B CLA EN . 0.39 20.44 51.07
CMB CLA EN . 0.24 24.19 50.97
CAB CLA EN . 0.58 21.99 53.18
CBB CLA EN . -0.18 21.20 54.22
NC CLA EN . 0.33 17.62 49.84
C1C CLA EN . 0.52 17.88 51.13
C2C CLA EN . 0.74 16.64 51.92
C3C CLA EN . 0.66 15.64 51.01
C4C CLA EN . 0.42 16.25 49.71
CMC CLA EN . 0.97 16.55 53.41
CAC CLA EN . 0.82 14.16 51.29
CBC CLA EN . -0.54 13.57 51.58
ND CLA EN . 0.10 17.59 47.13
C1D CLA EN . 0.19 16.23 47.23
C2D CLA EN . 0.08 15.59 45.92
C3D CLA EN . -0.08 16.67 45.05
C4D CLA EN . -0.07 17.84 45.78
CMD CLA EN . 0.11 14.16 45.45
CAD CLA EN . -0.24 16.99 43.64
OBD CLA EN . -0.41 16.21 42.73
CBD CLA EN . -0.31 18.49 43.52
CGD CLA EN . 0.89 19.03 42.79
O1D CLA EN . 1.99 18.59 43.01
O2D CLA EN . 0.75 20.01 41.92
CED CLA EN . 1.83 20.16 40.98
C1 CLA EN . -6.31 20.66 44.54
C2 CLA EN . -6.49 19.96 45.86
C3 CLA EN . -7.72 19.82 46.38
C4 CLA EN . -8.92 20.38 45.67
C5 CLA EN . -7.98 19.13 47.70
C6 CLA EN . -8.24 20.17 48.78
C7 CLA EN . -8.37 19.51 50.15
MG CLA FN . -13.95 9.39 42.05
CHA CLA FN . -15.56 12.43 41.68
CHB CLA FN . -12.30 9.85 39.08
CHC CLA FN . -12.38 6.53 42.60
CHD CLA FN . -15.71 8.92 45.08
NA CLA FN . -13.90 10.98 40.52
C1A CLA FN . -14.63 12.10 40.54
C2A CLA FN . -14.41 12.94 39.31
C3A CLA FN . -13.40 12.11 38.52
C4A CLA FN . -13.17 10.91 39.40
CMA CLA FN . -13.74 11.90 37.06
CAA CLA FN . -13.78 14.28 39.67
CBA CLA FN . -12.37 14.14 40.23
CGA CLA FN . -11.39 14.89 39.37
O1A CLA FN . -11.03 14.39 38.31
O2A CLA FN . -10.95 16.07 39.75
NB CLA FN . -12.55 8.35 41.00
C1B CLA FN . -12.00 8.67 39.80
C2B CLA FN . -11.08 7.63 39.40
C3B CLA FN . -11.10 6.71 40.39
C4B CLA FN . -12.04 7.18 41.41
CMB CLA FN . -10.25 7.58 38.13
CAB CLA FN . -10.34 5.44 40.44
CBB CLA FN . -9.50 5.06 41.64
NC CLA FN . -13.98 8.00 43.63
C1C CLA FN . -13.30 6.86 43.63
C2C CLA FN . -13.61 6.00 44.80
C3C CLA FN . -14.54 6.72 45.50
C4C CLA FN . -14.76 7.96 44.76
CMC CLA FN . -13.03 4.65 45.12
CAC CLA FN . -15.22 6.33 46.80
CBC CLA FN . -16.60 5.81 46.51
ND CLA FN . -15.27 10.35 43.18
C1D CLA FN . -15.93 10.10 44.34
C2D CLA FN . -16.89 11.14 44.67
C3D CLA FN . -16.73 12.05 43.62
C4D CLA FN . -15.76 11.56 42.75
CMD CLA FN . -17.87 11.36 45.79
CAD CLA FN . -17.22 13.31 43.12
OBD CLA FN . -18.24 13.87 43.50
CBD CLA FN . -16.42 13.66 41.90
CGD CLA FN . -17.32 13.94 40.74
O1D CLA FN . -16.99 14.74 39.88
O2D CLA FN . -18.49 13.33 40.61
CED CLA FN . -18.85 12.99 39.27
C1 CLA FN . -9.89 16.22 40.75
C2 CLA FN . -9.97 15.57 42.11
C3 CLA FN . -9.78 16.28 43.23
C4 CLA FN . -9.50 17.76 43.19
C5 CLA FN . -9.86 15.66 44.60
C6 CLA FN . -8.47 15.57 45.22
C7 CLA FN . -8.57 15.54 46.74
C8 CLA FN . -7.95 14.28 47.33
C9 CLA FN . -8.39 13.04 46.57
C10 CLA FN . -8.33 14.17 48.80
C11 CLA FN . -7.88 15.38 49.61
C12 CLA FN . -7.49 14.96 51.02
C13 CLA FN . -8.14 15.85 52.07
C14 CLA FN . -7.64 15.51 53.47
C15 CLA FN . -9.66 15.70 51.99
MG CHL GN . 16.17 -5.37 44.36
CHA CHL GN . 18.89 -3.46 43.86
CHB CHL GN . 14.16 -2.73 43.33
CHC CHL GN . 13.61 -7.27 44.70
CHD CHL GN . 18.34 -7.96 45.53
NA CHL GN . 16.47 -3.44 43.71
C1A CHL GN . 17.69 -2.84 43.54
C2A CHL GN . 17.55 -1.43 42.99
C3A CHL GN . 16.07 -1.17 43.07
C4A CHL GN . 15.49 -2.52 43.40
CMA CHL GN . 15.38 -0.28 42.03
CAA CHL GN . 18.11 -1.30 41.57
CBA CHL GN . 17.98 -2.57 40.74
CGA CHL GN . 17.42 -2.36 39.36
O1A CHL GN . 16.80 -1.39 39.00
O2A CHL GN . 17.67 -3.39 38.58
NB CHL GN . 14.18 -5.03 44.03
C1B CHL GN . 13.53 -3.93 43.60
C2B CHL GN . 12.14 -4.21 43.52
C3B CHL GN . 11.95 -5.52 43.89
C4B CHL GN . 13.27 -6.04 44.23
CMB CHL GN . 11.08 -3.25 43.10
CAB CHL GN . 10.65 -6.20 43.88
CBB CHL GN . 10.34 -7.63 44.20
NC CHL GN . 16.06 -7.31 45.01
C1C CHL GN . 14.82 -7.87 45.05
C2C CHL GN . 14.98 -9.23 45.57
C3C CHL GN . 16.31 -9.40 45.84
C4C CHL GN . 17.00 -8.20 45.48
CMC CHL GN . 13.99 -10.26 45.77
OMC CHL GN . 12.81 -10.16 45.54
CAC CHL GN . 16.92 -10.62 46.47
CBC CHL GN . 17.27 -11.68 45.47
ND CHL GN . 18.14 -5.74 44.69
C1D CHL GN . 18.91 -6.76 45.14
C2D CHL GN . 20.29 -6.41 45.13
C3D CHL GN . 20.33 -5.12 44.63
C4D CHL GN . 19.01 -4.72 44.37
CMD CHL GN . 21.43 -7.29 45.57
CAD CHL GN . 21.20 -4.02 44.25
OBD CHL GN . 22.42 -3.95 44.32
CBD CHL GN . 20.32 -2.90 43.73
CGD CHL GN . 20.53 -1.61 44.50
O1D CHL GN . 20.32 -1.47 45.67
O2D CHL GN . 20.98 -0.65 43.70
CED CHL GN . 21.18 0.65 44.31
C1 CHL GN . 17.21 -3.51 37.22
C2 CHL GN . 16.54 -4.83 37.07
C3 CHL GN . 16.29 -5.36 35.90
C4 CHL GN . 16.64 -4.71 34.59
C5 CHL GN . 15.60 -6.71 35.78
C6 CHL GN . 14.09 -6.63 35.98
C7 CHL GN . 13.42 -7.99 35.98
C8 CHL GN . 11.91 -7.97 36.17
C9 CHL GN . 11.21 -7.26 35.00
C10 CHL GN . 11.46 -9.42 36.29
MG CLA HN . -0.31 -19.44 51.66
CHA CLA HN . -0.27 -16.00 51.56
CHB CLA HN . 2.85 -19.48 53.06
CHC CLA HN . -0.50 -22.73 51.84
CHD CLA HN . -3.55 -19.38 50.26
NA CLA HN . 1.16 -17.91 52.27
C1A CLA HN . 1.01 -16.59 52.13
C2A CLA HN . 2.21 -15.83 52.59
C3A CLA HN . 3.17 -16.94 53.03
C4A CLA HN . 2.38 -18.19 52.78
CMA CLA HN . 4.63 -16.89 52.61
CAA CLA HN . 1.85 -15.00 53.81
CBA CLA HN . 1.07 -15.85 54.81
CGA CLA HN . 0.04 -15.00 55.52
O1A CLA HN . -0.13 -13.85 55.18
O2A CLA HN . -0.66 -15.54 56.50
NB CLA HN . 0.97 -20.87 52.36
C1B CLA HN . 2.22 -20.72 52.87
C2B CLA HN . 2.79 -22.01 53.20
C3B CLA HN . 1.83 -22.92 52.84
C4B CLA HN . 0.69 -22.19 52.31
CMB CLA HN . 4.14 -22.25 53.79
CAB CLA HN . 1.85 -24.40 52.95
CBB CLA HN . 3.08 -25.21 52.62
NC CLA HN . -1.79 -20.83 51.14
C1C CLA HN . -1.67 -22.14 51.32
C2C CLA HN . -2.88 -22.88 50.91
C3C CLA HN . -3.73 -21.91 50.48
C4C CLA HN . -3.04 -20.64 50.61
CMC CLA HN . -3.13 -24.36 50.99
CAC CLA HN . -5.12 -22.15 49.95
CBC CLA HN . -6.10 -22.36 51.08
ND CLA HN . -1.64 -18.12 51.05
C1D CLA HN . -2.88 -18.16 50.50
C2D CLA HN . -3.39 -16.83 50.20
C3D CLA HN . -2.36 -15.99 50.61
C4D CLA HN . -1.32 -16.78 51.12
CMD CLA HN . -4.67 -16.30 49.59
CAD CLA HN . -1.98 -14.60 50.70
OBD CLA HN . -2.75 -13.66 50.61
CBD CLA HN . -0.64 -14.54 51.35
CGD CLA HN . 0.36 -13.89 50.45
O1D CLA HN . 0.64 -14.38 49.37
O2D CLA HN . 0.94 -12.75 50.82
CED CLA HN . 0.61 -11.61 50.05
C1 CLA HN . -1.11 -14.72 57.61
C2 CLA HN . -0.14 -13.82 58.34
C3 CLA HN . -0.30 -13.56 59.65
C4 CLA HN . -1.42 -14.17 60.43
C5 CLA HN . 0.65 -12.67 60.41
MG CLA IN . 3.51 -15.03 42.33
CHA CLA IN . 0.39 -13.92 41.36
CHB CLA IN . 2.96 -18.07 40.79
CHC CLA IN . 6.58 -15.93 43.17
CHD CLA IN . 4.01 -11.97 44.01
NA CLA IN . 1.86 -15.92 41.18
C1A CLA IN . 0.69 -15.33 40.92
C2A CLA IN . -0.23 -16.23 40.16
C3A CLA IN . 0.57 -17.52 40.07
C4A CLA IN . 1.88 -17.17 40.69
CMA CLA IN . -0.12 -18.70 40.68
CAA CLA IN . -0.44 -15.63 38.77
CBA CLA IN . 0.04 -16.50 37.60
CGA CLA IN . 1.39 -16.02 37.11
O1A CLA IN . 2.32 -16.01 37.90
O2A CLA IN . 1.52 -15.63 35.86
NB CLA IN . 4.60 -16.73 42.01
C1B CLA IN . 4.21 -17.87 41.38
C2B CLA IN . 5.28 -18.85 41.43
C3B CLA IN . 6.29 -18.23 42.11
C4B CLA IN . 5.85 -16.89 42.47
CMB CLA IN . 5.25 -20.23 40.85
CAB CLA IN . 7.63 -18.77 42.45
CBB CLA IN . 8.51 -19.37 41.37
NC CLA IN . 5.07 -14.06 43.35
C1C CLA IN . 6.24 -14.62 43.60
C2C CLA IN . 7.15 -13.74 44.36
C3C CLA IN . 6.41 -12.60 44.55
C4C CLA IN . 5.11 -12.81 43.92
CMC CLA IN . 8.55 -14.04 44.81
CAC CLA IN . 6.86 -11.34 45.27
CBC CLA IN . 6.51 -11.45 46.73
ND CLA IN . 2.54 -13.34 42.67
C1D CLA IN . 2.79 -12.17 43.32
C2D CLA IN . 1.68 -11.24 43.21
C3D CLA IN . 0.75 -11.93 42.44
C4D CLA IN . 1.28 -13.18 42.13
CMD CLA IN . 1.43 -9.85 43.73
CAD CLA IN . -0.58 -11.82 41.85
OBD CLA IN . -1.14 -10.75 41.65
CBD CLA IN . -0.82 -13.07 41.06
CGD CLA IN . -2.06 -13.81 41.46
O1D CLA IN . -2.30 -14.05 42.63
O2D CLA IN . -2.92 -14.22 40.54
CED CLA IN . -4.29 -14.31 40.91
C1 CLA IN . 2.83 -15.28 35.32
C2 CLA IN . 3.67 -14.18 35.94
C3 CLA IN . 4.67 -13.61 35.27
C4 CLA IN . 5.03 -14.05 33.88
C5 CLA IN . 5.52 -12.52 35.88
MG CHL JN . 14.49 -12.07 51.02
CHA CHL JN . 15.29 -14.63 53.14
CHB CHL JN . 11.45 -13.52 50.49
CHC CHL JN . 13.74 -9.56 49.07
CHD CHL JN . 17.72 -10.74 51.60
NA CHL JN . 13.57 -13.77 51.69
C1A CHL JN . 14.05 -14.71 52.57
C2A CHL JN . 13.06 -15.83 52.81
C3A CHL JN . 11.94 -15.53 51.84
C4A CHL JN . 12.34 -14.18 51.28
CMA CHL JN . 11.43 -16.62 50.90
CAA CHL JN . 12.58 -15.88 54.27
CBA CHL JN . 11.44 -16.85 54.53
CGA CHL JN . 11.85 -18.25 54.84
O1A CHL JN . 12.87 -18.76 54.47
O2A CHL JN . 10.94 -18.87 55.58
NB CHL JN . 12.82 -11.60 49.96
C1B CHL JN . 11.66 -12.29 49.89
C2B CHL JN . 10.76 -11.56 49.08
C3B CHL JN . 11.35 -10.41 48.66
C4B CHL JN . 12.70 -10.44 49.22
CMB CHL JN . 9.35 -11.99 48.75
CAB CHL JN . 10.71 -9.40 47.81
CBB CHL JN . 11.30 -8.11 47.33
NC CHL JN . 15.58 -10.43 50.46
C1C CHL JN . 15.03 -9.53 49.59
C2C CHL JN . 16.04 -8.53 49.30
C3C CHL JN . 17.16 -8.89 49.98
C4C CHL JN . 16.88 -10.07 50.72
CMC CHL JN . 15.97 -7.34 48.46
OMC CHL JN . 14.99 -6.98 47.84
CAC CHL JN . 18.50 -8.19 49.91
CBC CHL JN . 18.80 -7.39 51.12
ND CHL JN . 16.18 -12.49 52.08
C1D CHL JN . 17.38 -11.90 52.27
C2D CHL JN . 18.17 -12.63 53.19
C3D CHL JN . 17.40 -13.72 53.56
C4D CHL JN . 16.19 -13.62 52.87
CMD CHL JN . 19.55 -12.27 53.64
CAD CHL JN . 17.34 -14.92 54.37
OBD CHL JN . 18.19 -15.37 55.12
CBD CHL JN . 16.00 -15.57 54.13
CGD CHL JN . 16.20 -17.00 53.63
O1D CHL JN . 15.60 -17.95 54.01
O2D CHL JN . 17.16 -17.03 52.72
CED CHL JN . 17.50 -18.34 52.22
C1 CHL JN . 11.05 -20.24 56.03
C2 CHL JN . 9.80 -20.57 56.75
C3 CHL JN . 9.66 -21.67 57.47
C4 CHL JN . 8.41 -22.04 58.22
C5 CHL JN . 10.79 -22.66 57.61
MG CLA KN . 5.21 12.52 32.16
CHA CLA KN . 6.63 10.37 34.45
CHB CLA KN . 7.28 11.34 29.68
CHC CLA KN . 3.70 14.57 30.03
CHD CLA KN . 3.13 13.76 34.73
NA CLA KN . 6.79 11.00 32.04
C1A CLA KN . 7.23 10.25 33.06
C2A CLA KN . 8.34 9.33 32.65
C3A CLA KN . 8.53 9.67 31.17
C4A CLA KN . 7.50 10.72 30.92
CMA CLA KN . 9.94 9.86 30.61
CAA CLA KN . 7.87 7.88 32.74
CBA CLA KN . 8.73 7.07 33.71
CGA CLA KN . 8.78 5.64 33.25
O1A CLA KN . 7.74 4.98 33.17
O2A CLA KN . 9.94 5.10 32.94
NB CLA KN . 5.45 12.90 30.17
C1B CLA KN . 6.35 12.33 29.32
C2B CLA KN . 6.20 12.90 27.99
C3B CLA KN . 5.19 13.81 28.11
C4B CLA KN . 4.72 13.80 29.49
CMB CLA KN . 6.99 12.56 26.76
CAB CLA KN . 4.65 14.66 27.02
CBB CLA KN . 3.20 14.62 26.66
NC CLA KN . 3.60 13.86 32.33
C1C CLA KN . 3.18 14.64 31.35
C2C CLA KN . 2.12 15.59 31.78
C3C CLA KN . 1.94 15.30 33.10
C4C CLA KN . 2.87 14.24 33.44
CMC CLA KN . 1.40 16.62 30.93
CAC CLA KN . 0.98 15.96 34.06
CBC CLA KN . -0.09 14.96 34.44
ND CLA KN . 4.88 12.24 34.08
C1D CLA KN . 4.03 12.73 35.03
C2D CLA KN . 4.21 12.10 36.33
C3D CLA KN . 5.23 11.18 36.08
C4D CLA KN . 5.61 11.27 34.75
CMD CLA KN . 3.56 12.26 37.68
CAD CLA KN . 6.02 10.16 36.73
OBD CLA KN . 5.74 9.63 37.79
CBD CLA KN . 6.99 9.63 35.72
CGD CLA KN . 8.38 10.00 36.15
O1D CLA KN . 8.62 11.11 36.58
O2D CLA KN . 9.36 9.11 36.05
CED CLA KN . 9.81 8.55 37.28
C1 CLA KN . 11.19 5.82 33.23
MG CLA LN . 8.36 -23.43 38.29
CHA CLA LN . 8.39 -26.84 38.82
CHB CLA LN . 11.54 -23.16 39.59
CHC CLA LN . 8.29 -20.20 37.59
CHD CLA LN . 5.08 -23.73 36.98
NA CLA LN . 9.83 -24.84 39.12
C1A CLA LN . 9.66 -26.16 39.27
C2A CLA LN . 10.84 -26.82 39.92
C3A CLA LN . 11.79 -25.64 40.16
C4A CLA LN . 11.04 -24.47 39.60
CMA CLA LN . 12.41 -25.52 41.54
CAA CLA LN . 11.46 -27.85 38.98
CBA CLA LN . 12.49 -27.25 38.03
CGA CLA LN . 13.85 -27.81 38.36
O1A CLA LN . 14.38 -27.48 39.41
O2A CLA LN . 14.44 -28.64 37.53
NB CLA LN . 9.71 -21.93 38.53
C1B CLA LN . 10.96 -21.98 39.10
C2B CLA LN . 11.55 -20.67 39.11
C3B CLA LN . 10.62 -19.84 38.55
C4B CLA LN . 9.46 -20.65 38.19
CMB CLA LN . 12.91 -20.31 39.65
CAB CLA LN . 10.70 -18.38 38.30
CBB CLA LN . 11.88 -17.78 37.58
NC CLA LN . 6.94 -22.18 37.37
C1C CLA LN . 7.11 -20.88 37.21
C2C CLA LN . 5.92 -20.22 36.60
C3C CLA LN . 5.05 -21.24 36.40
C4C CLA LN . 5.67 -22.46 36.90
CMC CLA LN . 5.76 -18.77 36.26
CAC CLA LN . 3.67 -21.13 35.80
CBC CLA LN . 3.79 -21.51 34.34
ND CLA LN . 7.02 -24.84 37.93
C1D CLA LN . 5.75 -24.90 37.45
C2D CLA LN . 5.21 -26.25 37.49
C3D CLA LN . 6.25 -26.99 38.03
C4D CLA LN . 7.32 -26.14 38.29
CMD CLA LN . 3.90 -26.90 37.11
CAD CLA LN . 6.60 -28.34 38.41
OBD CLA LN . 5.91 -29.32 38.29
CBD CLA LN . 8.04 -28.31 38.84
CGD CLA LN . 8.21 -28.86 40.23
O1D CLA LN . 7.52 -28.47 41.14
O2D CLA LN . 9.14 -29.77 40.48
CED CLA LN . 8.74 -30.84 41.36
C1 CLA LN . 15.40 -28.14 36.55
C2 CLA LN . 15.00 -27.18 35.46
C3 CLA LN . 15.54 -27.28 34.24
C4 CLA LN . 16.57 -28.31 33.91
C5 CLA LN . 15.17 -26.34 33.12
C6 CLA LN . 16.40 -25.57 32.66
C7 CLA LN . 16.00 -24.19 32.15
C8 CLA LN . 15.68 -24.25 30.67
C9 CLA LN . 16.93 -24.47 29.83
C10 CLA LN . 14.98 -22.94 30.28
C11 CLA LN . 14.49 -23.00 28.84
C12 CLA LN . 13.25 -22.14 28.66
C13 CLA LN . 13.57 -20.73 28.18
C14 CLA LN . 14.88 -20.66 27.41
C15 CLA LN . 13.59 -19.77 29.38
MG CLA MN . 6.06 9.50 64.12
CHA CLA MN . 6.98 12.76 64.77
CHB CLA MN . 4.00 10.54 61.56
CHC CLA MN . 5.37 6.33 63.51
CHD CLA MN . 8.18 8.45 66.75
NA CLA MN . 5.54 11.44 63.22
C1A CLA MN . 6.01 12.64 63.62
C2A CLA MN . 5.41 13.77 62.83
C3A CLA MN . 4.50 13.04 61.83
C4A CLA MN . 4.67 11.60 62.20
CMA CLA MN . 3.10 13.58 61.54
CAA CLA MN . 6.50 14.52 62.06
CBA CLA MN . 6.70 15.94 62.57
CGA CLA MN . 5.59 16.86 62.11
O1A CLA MN . 5.57 18.01 62.53
O2A CLA MN . 4.69 16.40 61.27
NB CLA MN . 4.88 8.58 62.74
C1B CLA MN . 4.08 9.16 61.79
C2B CLA MN . 3.36 8.13 61.07
C3B CLA MN . 3.74 6.94 61.64
C4B CLA MN . 4.71 7.25 62.69
CMB CLA MN . 2.37 8.36 59.96
CAB CLA MN . 3.32 5.57 61.30
CBB CLA MN . 3.17 5.10 59.86
NC CLA MN . 6.74 7.68 64.95
C1C CLA MN . 6.26 6.50 64.59
C2C CLA MN . 6.76 5.39 65.45
C3C CLA MN . 7.58 6.01 66.36
C4C CLA MN . 7.56 7.44 66.03
CMC CLA MN . 6.41 3.93 65.35
CAC CLA MN . 8.34 5.34 67.48
CBC CLA MN . 9.84 5.47 67.32
ND CLA MN . 7.27 10.28 65.47
C1D CLA MN . 8.10 9.82 66.45
C2D CLA MN . 8.82 10.90 67.11
C3D CLA MN . 8.38 12.04 66.44
C4D CLA MN . 7.46 11.65 65.46
CMD CLA MN . 9.84 10.97 68.23
CAD CLA MN . 8.54 13.48 66.40
OBD CLA MN . 9.56 14.06 66.72
CBD CLA MN . 7.54 14.00 65.42
CGD CLA MN . 6.44 14.65 66.22
O1D CLA MN . 6.56 15.78 66.64
O2D CLA MN . 5.32 13.98 66.46
CED CLA MN . 4.10 14.63 66.10
O1 LHG NN . -18.43 8.12 53.44
C1 LHG NN . -18.38 8.13 52.02
C2 LHG NN . -17.07 8.76 51.55
O2 LHG NN . -17.32 10.05 50.98
C3 LHG NN . -16.44 7.88 50.47
O3 LHG NN . -15.03 7.85 50.64
P LHG NN . -14.27 6.44 50.72
O4 LHG NN . -14.95 5.46 49.79
O5 LHG NN . -14.08 6.06 52.16
O6 LHG NN . -12.84 6.83 50.11
C4 LHG NN . -12.23 5.99 49.14
C5 LHG NN . -10.74 6.25 49.11
C6 LHG NN . -10.04 5.00 49.64
O7 LHG NN . -10.31 6.57 47.80
C7 LHG NN . -10.37 7.88 47.56
O9 LHG NN . -9.76 8.65 48.28
C8 LHG NN . -11.18 8.40 46.39
C9 LHG NN . -10.33 8.38 45.12
C10 LHG NN . -10.80 9.44 44.14
O8 LHG NN . -8.77 4.84 49.01
C23 LHG NN . -8.64 3.94 48.04
O10 LHG NN . -9.47 3.07 47.92
C24 LHG NN . -7.47 4.03 47.09
C11 LHG NN . -9.63 9.99 43.32
C12 LHG NN . -10.08 11.13 42.41
C13 LHG NN . -8.88 11.72 41.68
C14 LHG NN . -9.00 11.56 40.17
C15 LHG NN . -7.72 11.98 39.48
C25 LHG NN . -7.93 4.84 45.87
C26 LHG NN . -6.85 5.78 45.36
C27 LHG NN . -5.98 6.31 46.48
C28 LHG NN . -5.24 7.57 46.06
C29 LHG NN . -5.87 8.80 46.69
C30 LHG NN . -4.80 9.78 47.15
C31 LHG NN . -5.23 11.22 46.91
C32 LHG NN . -4.47 12.18 47.83
C33 LHG NN . -4.19 11.57 49.20
C1A DGD ON . -1.05 -15.35 32.86
C2A DGD ON . -0.01 -15.65 31.80
C3A DGD ON . 0.36 -14.37 31.04
C4A DGD ON . 1.82 -14.00 31.25
C5A DGD ON . 2.23 -12.91 30.26
C6A DGD ON . 3.57 -12.30 30.65
C7A DGD ON . 3.95 -11.18 29.69
O1A DGD ON . -1.84 -14.44 32.70
C1B DGD ON . -1.40 -20.05 32.64
C2B DGD ON . -0.97 -19.81 31.21
C3B DGD ON . 0.42 -19.18 31.16
C4B DGD ON . 1.36 -19.82 32.17
C5B DGD ON . 1.84 -18.77 33.17
C6B DGD ON . 2.79 -17.79 32.52
C7B DGD ON . 4.06 -18.49 32.03
C8B DGD ON . 5.02 -17.50 31.39
C9B DGD ON . 4.42 -16.98 30.10
O1B DGD ON . -1.76 -21.16 32.99
O1G DGD ON . -1.10 -16.14 34.07
C1G DGD ON . -2.25 -16.96 34.34
C2G DGD ON . -2.35 -18.04 33.28
O2G DGD ON . -1.39 -19.07 33.55
C3G DGD ON . -3.75 -18.63 33.27
O3G DGD ON . -3.96 -19.44 34.42
C1D DGD ON . -5.25 -20.03 34.38
C2D DGD ON . -5.18 -21.53 34.65
O2D DGD ON . -5.74 -22.24 33.53
C3D DGD ON . -5.96 -21.89 35.91
O3D DGD ON . -5.29 -21.35 37.05
C4D DGD ON . -7.39 -21.36 35.88
O4D DGD ON . -7.90 -21.28 37.21
C5D DGD ON . -7.42 -19.97 35.26
O5D DGD ON . -8.09 -17.69 35.66
C6D DGD ON . -8.42 -19.05 35.94
O6D DGD ON . -6.10 -19.42 35.34
C1E DGD ON . -8.23 -17.34 34.28
C2E DGD ON . -6.91 -16.73 33.79
O2E DGD ON . -5.92 -16.80 34.82
C3E DGD ON . -7.13 -15.27 33.39
O3E DGD ON . -5.90 -14.73 32.88
C4E DGD ON . -8.19 -15.25 32.31
O4E DGD ON . -7.72 -16.00 31.19
C5E DGD ON . -9.48 -15.89 32.84
O6E DGD ON . -9.29 -16.41 34.15
C6E DGD ON . -10.01 -16.97 31.90
O5E DGD ON . -10.82 -16.35 30.89
CA1 DGA PN . 6.99 24.02 57.34
CA2 DGA PN . 7.79 22.70 57.54
CA3 DGA PN . 6.83 21.48 57.38
CA4 DGA PN . 7.65 20.19 57.14
CA5 DGA PN . 7.30 19.13 58.22
CA6 DGA PN . 6.59 17.93 57.53
CA7 DGA PN . 5.33 17.53 58.34
CA8 DGA PN . 4.64 16.30 57.66
CA9 DGA PN . 3.09 16.52 57.63
CAA DGA PN . 2.45 15.47 56.71
CBA DGA PN . 1.26 14.81 57.43
CCA DGA PN . 1.23 13.29 57.11
CDA DGA PN . 0.40 13.05 55.81
CEA DGA PN . -0.11 11.58 55.80
OA1 DGA PN . 6.03 24.24 58.00
CB1 DGA PN . 11.30 24.62 56.95
CB2 DGA PN . 11.94 23.21 57.10
CB3 DGA PN . 11.38 22.50 58.37
CB4 DGA PN . 11.13 21.01 58.04
CB5 DGA PN . 10.61 20.28 59.30
CB6 DGA PN . 11.44 19.01 59.55
CB7 DGA PN . 10.85 18.22 60.72
CB8 DGA PN . 10.67 16.74 60.32
CB9 DGA PN . 9.21 16.49 59.92
CAB DGA PN . 9.16 15.67 58.62
CBB DGA PN . 7.93 14.72 58.65
CCB DGA PN . 8.28 13.41 57.90
CDB DGA PN . 7.32 12.85 59.00
CEB DGA PN . 6.00 12.34 58.35
CFB DGA PN . 6.14 10.85 57.99
CGB DGA PN . 4.75 10.24 57.67
CHB DGA PN . 4.91 8.77 57.26
CIB DGA PN . 5.65 8.01 58.39
OB1 DGA PN . 11.80 25.57 57.46
OG1 DGA PN . 7.42 24.96 56.36
CG1 DGA PN . 8.17 26.04 56.88
CG2 DGA PN . 9.54 26.07 56.22
OG2 DGA PN . 10.09 24.77 56.19
CG3 DGA PN . 9.40 26.59 54.80
OXT DGA PN . 10.52 27.38 54.46
C P5S QN . 24.20 -3.84 59.44
N P5S QN . 23.92 -3.92 57.04
O P5S QN . 23.98 -4.80 60.23
C1 P5S QN . 18.57 -8.30 60.60
C2 P5S QN . 17.94 -7.87 59.28
C3 P5S QN . 18.95 -7.11 58.43
CA P5S QN . 23.27 -3.57 58.27
CB P5S QN . 21.96 -4.34 58.44
OG P5S QN . 22.07 -5.59 57.78
P12 P5S QN . 21.56 -6.95 58.56
O13 P5S QN . 21.50 -8.10 57.58
O15 P5S QN . 22.53 -7.29 59.67
O16 P5S QN . 20.06 -6.71 59.20
C17 P5S QN . 17.81 -9.85 62.23
O18 P5S QN . 18.63 -10.11 63.04
O19 P5S QN . 18.18 -9.63 60.89
C20 P5S QN . 16.33 -9.77 62.64
C21 P5S QN . 15.59 -11.09 62.27
C22 P5S QN . 14.08 -10.89 62.47
C23 P5S QN . 13.28 -11.97 61.70
C24 P5S QN . 11.79 -11.57 61.67
C25 P5S QN . 10.95 -12.70 60.99
O37 P5S QN . 16.82 -7.05 59.54
C38 P5S QN . 15.57 -7.72 59.36
C39 P5S QN . 14.45 -7.54 60.41
C40 P5S QN . 13.12 -7.28 59.67
C41 P5S QN . 11.98 -8.09 60.31
C42 P5S QN . 10.74 -7.22 60.41
C43 P5S QN . 9.58 -7.93 59.77
C44 P5S QN . 8.28 -7.50 60.45
C45 P5S QN . 7.54 -8.73 60.96
C46 P5S QN . 6.59 -9.24 59.85
O47 P5S QN . 15.39 -8.40 58.41
C48 P5S QN . 5.48 -8.20 59.62
C49 P5S QN . 4.13 -8.93 59.44
C50 P5S QN . 2.98 -7.91 59.63
OXT P5S QN . 25.20 -3.09 59.63
C1 PLM RN . 10.23 4.53 36.48
O2 PLM RN . 11.42 4.24 36.82
C2 PLM RN . 9.09 3.57 36.82
C3 PLM RN . 8.02 4.32 37.60
C4 PLM RN . 7.24 5.25 36.66
C5 PLM RN . 5.76 4.86 36.70
C6 PLM RN . 4.90 6.06 36.33
C7 PLM RN . 3.50 5.59 35.99
C8 PLM RN . 2.56 6.77 35.78
C9 PLM RN . 3.23 7.82 34.89
CA PLM RN . 2.15 8.63 34.16
CB PLM RN . 2.81 9.79 33.44
CC PLM RN . 2.10 10.08 32.12
CD PLM RN . 0.97 11.09 32.35
CE PLM RN . 0.55 11.68 31.01
CF PLM RN . -0.75 12.46 31.17
CG PLM RN . -1.13 13.11 29.84
C1 PLM SN . -3.78 -29.13 36.48
O1 PLM SN . -4.05 -30.13 35.77
O2 PLM SN . -4.68 -28.59 37.17
C2 PLM SN . -2.37 -28.57 36.50
C3 PLM SN . -1.49 -29.35 35.53
C4 PLM SN . -0.14 -28.65 35.38
C5 PLM SN . 0.73 -29.43 34.40
C6 PLM SN . 2.07 -28.71 34.22
C7 PLM SN . 3.14 -29.73 33.85
C8 PLM SN . 3.52 -30.54 35.08
C9 PLM SN . 4.98 -30.29 35.41
CA PLM SN . 5.86 -31.01 34.40
CB PLM SN . 7.28 -31.13 34.95
CC PLM SN . 7.99 -29.78 34.86
CD PLM SN . 9.27 -29.83 35.67
CE PLM SN . 10.45 -29.44 34.79
CF PLM SN . 10.77 -30.58 33.82
CG PLM SN . 11.84 -30.14 32.83
C1 OLA TN . 24.69 -7.39 42.78
O1 OLA TN . 24.30 -8.42 43.40
O2 OLA TN . 25.67 -6.74 43.20
C2 OLA TN . 23.94 -6.93 41.53
C3 OLA TN . 22.55 -7.58 41.48
C4 OLA TN . 21.50 -6.48 41.31
C5 OLA TN . 20.10 -7.10 41.26
C6 OLA TN . 19.08 -5.99 41.11
C7 OLA TN . 17.75 -6.55 40.60
C8 OLA TN . 17.15 -7.47 41.66
C9 OLA TN . 15.65 -7.61 41.40
C10 OLA TN . 15.02 -8.74 41.66
C11 OLA TN . 13.52 -8.85 41.39
C12 OLA TN . 13.07 -10.29 41.52
C13 OLA TN . 11.72 -10.34 42.22
C14 OLA TN . 10.77 -11.26 41.45
C15 OLA TN . 9.34 -11.02 41.92
C16 OLA TN . 8.39 -11.04 40.73
C17 OLA TN . 8.56 -9.75 39.92
C18 OLA TN . 7.60 -9.75 38.73
C1 OLA UN . 22.39 -5.06 36.81
O1 OLA UN . 23.45 -4.57 36.33
O2 OLA UN . 21.27 -4.55 36.53
C2 OLA UN . 22.46 -6.28 37.73
C3 OLA UN . 22.38 -7.56 36.91
C4 OLA UN . 21.48 -8.57 37.61
C5 OLA UN . 20.03 -8.35 37.20
C6 OLA UN . 19.21 -9.60 37.53
C7 OLA UN . 17.82 -9.47 36.91
C8 OLA UN . 16.93 -10.61 37.43
C9 OLA UN . 15.64 -10.03 37.98
C10 OLA UN . 14.59 -10.80 38.20
C11 OLA UN . 14.64 -12.31 37.91
C12 OLA UN . 13.42 -12.99 38.52
C13 OLA UN . 12.30 -13.05 37.49
C14 OLA UN . 11.26 -14.09 37.90
C15 OLA UN . 10.01 -13.40 38.42
C16 OLA UN . 8.79 -14.25 38.09
C17 OLA UN . 8.06 -14.66 39.37
C18 OLA UN . 6.75 -15.36 39.01
O1 LAP VN . 3.93 -25.71 33.66
O2 LAP VN . 5.22 -25.13 31.94
C1 LAP VN . 5.14 -25.56 33.09
C2 LAP VN . 6.24 -25.97 34.01
C3 LAP VN . 7.37 -24.95 34.04
C4 LAP VN . 8.56 -25.42 34.89
C5 LAP VN . 9.84 -24.67 34.51
C6 LAP VN . 10.33 -23.78 35.66
C7 LAP VN . 11.67 -23.11 35.34
C8 LAP VN . 11.60 -22.23 34.09
C9 LAP VN . 11.17 -20.79 34.38
C10 LAP VN . 9.65 -20.58 34.22
C11 LAP VN . 9.22 -20.64 32.75
C12 LAP VN . 7.71 -20.61 32.60
C13 LAP VN . 2.78 -25.46 32.88
C14 LAP VN . 1.66 -25.13 33.89
C15 LAP VN . 0.24 -25.36 33.38
C16 LAP VN . -1.39 -24.07 36.46
C17 LAP VN . -1.41 -25.06 37.65
C18 LAP VN . 1.07 -24.85 37.29
C19 LAP VN . 0.26 -24.48 39.47
C20 LAP VN . 0.17 -26.78 38.56
O3 LAP VN . 1.77 -23.83 34.37
O4 LAP VN . -0.60 -24.50 34.07
O5 LAP VN . -2.94 -23.81 33.19
O6 LAP VN . -2.49 -24.38 35.71
O7 LAP VN . -2.34 -26.30 34.08
N8 LAP VN . 0.01 -25.30 38.23
P9 LAP VN . -2.27 -24.82 34.05
C1B LMT WN . 44.75 -31.26 -49.45
C2B LMT WN . 44.98 -32.14 -48.21
C3B LMT WN . 43.71 -32.14 -47.35
C4B LMT WN . 43.32 -30.70 -46.98
C5B LMT WN . 43.24 -29.87 -48.28
C6B LMT WN . 42.93 -28.41 -47.95
O1B LMT WN . 43.75 -31.84 -50.22
O2B LMT WN . 45.27 -33.41 -48.66
O3B LMT WN . 43.83 -32.95 -46.26
O4' LMT WN . 42.09 -30.68 -46.36
O5B LMT WN . 44.40 -29.97 -49.07
O6B LMT WN . 43.22 -27.60 -49.02
C1' LMT WN . 42.32 -32.45 -53.96
C2' LMT WN . 43.85 -32.30 -53.95
C3' LMT WN . 44.39 -32.27 -52.49
C4' LMT WN . 43.55 -31.39 -51.54
C5' LMT WN . 42.07 -31.65 -51.86
C6' LMT WN . 41.10 -30.89 -51.00
O1' LMT WN . 41.82 -32.32 -55.22
O2' LMT WN . 44.38 -33.39 -54.59
O3' LMT WN . 45.69 -31.86 -52.48
O5' LMT WN . 41.79 -31.39 -53.21
O6' LMT WN . 40.61 -29.88 -51.80
C1 LMT WN . 40.41 -32.22 -55.26
C2 LMT WN . 40.00 -32.90 -56.52
C3 LMT WN . 39.98 -34.39 -56.51
C4 LMT WN . 38.74 -34.82 -55.77
C5 LMT WN . 38.60 -36.31 -55.84
C6 LMT WN . 37.35 -36.79 -55.18
C7 LMT WN . 37.31 -38.27 -55.18
C8 LMT WN . 36.22 -38.73 -54.27
C9 LMT WN . 36.54 -38.54 -52.82
C10 LMT WN . 35.31 -38.91 -52.04
C11 LMT WN . 35.24 -40.39 -51.82
C12 LMT WN . 33.88 -40.82 -51.40
C1 XAT XN . 42.13 -51.10 -62.07
C2 XAT XN . 43.29 -50.61 -61.21
C3 XAT XN . 43.33 -49.10 -61.12
C4 XAT XN . 42.14 -48.62 -60.32
C5 XAT XN . 40.86 -49.02 -61.03
C6 XAT XN . 40.84 -50.26 -61.87
C7 XAT XN . 39.51 -50.77 -62.38
C8 XAT XN . 39.02 -50.26 -63.50
C9 XAT XN . 37.73 -50.72 -64.04
C10 XAT XN . 37.29 -50.24 -65.21
C11 XAT XN . 36.05 -50.55 -65.90
C12 XAT XN . 35.87 -50.07 -67.14
C13 XAT XN . 34.70 -50.20 -68.00
C14 XAT XN . 34.69 -49.54 -69.17
C15 XAT XN . 33.69 -49.81 -70.17
C16 XAT XN . 41.84 -52.55 -61.73
C17 XAT XN . 42.54 -51.02 -63.54
C18 XAT XN . 39.53 -48.38 -60.61
C19 XAT XN . 36.91 -51.71 -63.27
C20 XAT XN . 33.52 -51.03 -67.57
O3 XAT XN . 44.53 -48.68 -60.46
O4 XAT XN . 41.06 -48.95 -62.48
C21 XAT XN . 28.10 -50.38 -81.74
C22 XAT XN . 26.96 -50.73 -82.70
C23 XAT XN . 25.60 -50.64 -82.03
C24 XAT XN . 25.35 -49.17 -81.74
C25 XAT XN . 26.35 -48.73 -80.67
C26 XAT XN . 27.72 -49.30 -80.72
C27 XAT XN . 28.82 -48.59 -79.97
C28 XAT XN . 29.19 -49.05 -78.78
C29 XAT XN . 30.26 -48.53 -77.91
C30 XAT XN . 30.56 -49.16 -76.75
C31 XAT XN . 31.61 -48.64 -75.89
C32 XAT XN . 31.88 -49.22 -74.72
C33 XAT XN . 32.86 -48.86 -73.68
C34 XAT XN . 32.85 -49.46 -72.48
C35 XAT XN . 33.80 -49.28 -71.41
C36 XAT XN . 29.31 -49.91 -82.54
C37 XAT XN . 28.49 -51.65 -81.00
C38 XAT XN . 26.13 -47.44 -79.88
C39 XAT XN . 31.02 -47.29 -78.29
C40 XAT XN . 33.88 -47.79 -73.97
O23 XAT XN . 24.58 -51.14 -82.89
O24 XAT XN . 26.73 -49.81 -79.82
C1 LUT YN . 23.02 -43.49 -52.63
C2 LUT YN . 21.59 -43.29 -52.16
C3 LUT YN . 20.65 -44.41 -52.59
C4 LUT YN . 20.64 -44.46 -54.10
C5 LUT YN . 22.05 -44.62 -54.63
C6 LUT YN . 23.10 -44.06 -54.03
C7 LUT YN . 24.43 -44.03 -54.68
C8 LUT YN . 24.72 -43.23 -55.71
C9 LUT YN . 26.07 -43.24 -56.30
C10 LUT YN . 26.27 -42.61 -57.46
C11 LUT YN . 27.59 -42.52 -58.10
C12 LUT YN . 27.65 -41.99 -59.32
C13 LUT YN . 28.92 -41.79 -60.05
C14 LUT YN . 28.88 -41.18 -61.23
C15 LUT YN . 30.11 -40.89 -61.98
C16 LUT YN . 23.74 -44.44 -51.68
C17 LUT YN . 23.70 -42.14 -52.61
C18 LUT YN . 22.22 -45.44 -55.88
C19 LUT YN . 27.20 -43.92 -55.59
C20 LUT YN . 30.22 -42.26 -59.46
O3 LUT YN . 19.33 -44.10 -52.12
C21 LUT YN . 39.15 -35.35 -68.42
C22 LUT YN . 40.66 -35.50 -68.44
C23 LUT YN . 41.13 -36.11 -69.74
C24 LUT YN . 40.62 -37.54 -69.78
C25 LUT YN . 39.12 -37.53 -69.68
C26 LUT YN . 38.45 -36.61 -68.94
C27 LUT YN . 36.96 -36.61 -68.98
C28 LUT YN . 36.31 -37.20 -67.98
C29 LUT YN . 34.84 -37.29 -67.85
C30 LUT YN . 34.38 -37.96 -66.78
C31 LUT YN . 32.99 -38.15 -66.41
C32 LUT YN . 32.73 -39.14 -65.56
C33 LUT YN . 31.38 -39.43 -65.06
C34 LUT YN . 31.30 -39.98 -63.84
C35 LUT YN . 30.05 -40.28 -63.16
C36 LUT YN . 38.76 -34.20 -69.34
C37 LUT YN . 38.69 -35.04 -67.00
C38 LUT YN . 38.36 -38.58 -70.42
C39 LUT YN . 33.91 -36.68 -68.86
C40 LUT YN . 30.16 -39.10 -65.85
O23 LUT YN . 42.55 -36.09 -69.84
C1 LUT ZN . 27.94 -37.73 -77.82
C2 LUT ZN . 26.51 -37.96 -78.31
C3 LUT ZN . 25.63 -38.80 -77.38
C4 LUT ZN . 26.37 -40.09 -77.07
C5 LUT ZN . 27.62 -39.70 -76.31
C6 LUT ZN . 28.35 -38.66 -76.69
C7 LUT ZN . 29.58 -38.38 -75.92
C8 LUT ZN . 30.85 -38.69 -76.19
C9 LUT ZN . 31.39 -39.39 -77.37
C10 LUT ZN . 32.49 -38.89 -77.94
C11 LUT ZN . 33.08 -37.67 -77.39
C12 LUT ZN . 34.37 -37.42 -77.19
C13 LUT ZN . 35.53 -38.32 -77.44
C14 LUT ZN . 36.68 -37.78 -77.87
C15 LUT ZN . 37.85 -38.63 -78.11
C16 LUT ZN . 28.05 -36.30 -77.31
C17 LUT ZN . 28.85 -37.90 -79.02
C18 LUT ZN . 27.99 -40.48 -75.09
C19 LUT ZN . 30.77 -40.65 -77.90
C20 LUT ZN . 35.49 -39.80 -77.20
O3 LUT ZN . 24.40 -39.11 -78.06
C21 LUT ZN . 48.50 -35.17 -79.97
C22 LUT ZN . 49.58 -34.82 -78.94
C23 LUT ZN . 48.96 -34.17 -77.72
C24 LUT ZN . 48.42 -32.80 -78.15
C25 LUT ZN . 47.43 -33.02 -79.26
C26 LUT ZN . 47.36 -34.16 -79.97
C27 LUT ZN . 46.02 -34.54 -80.48
C28 LUT ZN . 45.06 -35.14 -79.77
C29 LUT ZN . 43.77 -35.43 -80.45
C30 LUT ZN . 42.80 -36.14 -79.86
C31 LUT ZN . 41.57 -36.35 -80.62
C32 LUT ZN . 40.78 -37.42 -80.55
C33 LUT ZN . 41.04 -38.61 -79.72
C34 LUT ZN . 40.16 -38.94 -78.76
C35 LUT ZN . 39.00 -38.09 -78.52
C36 LUT ZN . 48.02 -36.58 -79.69
C37 LUT ZN . 49.13 -35.14 -81.36
C38 LUT ZN . 46.49 -31.89 -79.61
C39 LUT ZN . 43.57 -34.90 -81.84
C40 LUT ZN . 42.24 -39.48 -79.97
O23 LUT ZN . 49.92 -34.00 -76.67
MG CLA AO . 25.74 -48.41 -75.45
CHA CLA AO . 22.80 -48.12 -77.23
CHB CLA AO . 25.00 -51.70 -74.69
CHC CLA AO . 28.62 -48.61 -73.86
CHD CLA AO . 26.48 -45.04 -76.25
NA CLA AO . 24.08 -49.80 -75.91
C1A CLA AO . 23.01 -49.48 -76.63
C2A CLA AO . 22.07 -50.65 -76.75
C3A CLA AO . 22.74 -51.73 -75.90
C4A CLA AO . 24.02 -51.07 -75.46
CMA CLA AO . 21.88 -52.44 -74.87
CAA CLA AO . 22.15 -51.18 -78.19
CBA CLA AO . 23.48 -50.89 -78.90
CGA CLA AO . 24.60 -51.87 -78.57
O1A CLA AO . 24.56 -52.99 -79.02
O2A CLA AO . 25.58 -51.46 -77.76
NB CLA AO . 26.66 -49.92 -74.44
C1B CLA AO . 26.22 -51.18 -74.20
C2B CLA AO . 27.19 -51.91 -73.43
C3B CLA AO . 28.20 -51.02 -73.19
C4B CLA AO . 27.85 -49.77 -73.85
CMB CLA AO . 27.07 -53.35 -72.97
CAB CLA AO . 29.47 -51.21 -72.45
CBB CLA AO . 30.26 -52.49 -72.49
NC CLA AO . 27.33 -47.06 -75.17
C1C CLA AO . 28.39 -47.34 -74.44
C2C CLA AO . 29.31 -46.18 -74.31
C3C CLA AO . 28.71 -45.20 -75.02
C4C CLA AO . 27.46 -45.75 -75.55
CMC CLA AO . 30.62 -46.12 -73.57
CAC CLA AO . 29.24 -43.79 -75.21
CBC CLA AO . 30.08 -43.78 -76.47
ND CLA AO . 24.96 -46.91 -76.47
C1D CLA AO . 25.28 -45.61 -76.73
C2D CLA AO . 24.24 -44.93 -77.50
C3D CLA AO . 23.29 -45.92 -77.70
C4D CLA AO . 23.73 -47.09 -77.08
CMD CLA AO . 24.08 -43.53 -78.06
CAD CLA AO . 22.00 -46.17 -78.31
OBD CLA AO . 21.30 -45.35 -78.87
CBD CLA AO . 21.64 -47.61 -78.06
CGD CLA AO . 20.40 -47.70 -77.24
O1D CLA AO . 20.33 -47.19 -76.14
O2D CLA AO . 19.33 -48.34 -77.71
CED CLA AO . 18.11 -47.59 -77.71
C1 CLA AO . 26.95 -51.96 -77.75
C2 CLA AO . 27.39 -53.39 -78.02
C3 CLA AO . 28.63 -53.77 -77.70
C4 CLA AO . 29.10 -55.17 -77.94
C5 CLA AO . 29.63 -52.84 -77.06
C6 CLA AO . 30.76 -52.53 -78.04
C7 CLA AO . 32.13 -52.69 -77.39
C8 CLA AO . 33.09 -51.59 -77.79
C9 CLA AO . 33.13 -51.40 -79.31
C10 CLA AO . 34.49 -51.90 -77.27
C11 CLA AO . 35.49 -50.83 -77.68
C12 CLA AO . 35.49 -49.66 -76.70
C13 CLA AO . 36.84 -48.96 -76.64
C14 CLA AO . 37.08 -48.15 -77.92
C15 CLA AO . 37.95 -49.97 -76.42
MG CLA BO . 33.53 -55.53 -69.91
CHA CLA BO . 30.99 -57.70 -70.78
CHB CLA BO . 33.31 -53.98 -72.99
CHC CLA BO . 35.88 -53.43 -68.93
CHD CLA BO . 33.74 -57.13 -66.77
NA CLA BO . 32.27 -55.79 -71.71
C1A CLA BO . 31.32 -56.70 -71.88
C2A CLA BO . 30.69 -56.64 -73.24
C3A CLA BO . 31.44 -55.48 -73.90
C4A CLA BO . 32.40 -55.03 -72.83
CMA CLA BO . 31.94 -55.62 -75.33
CAA CLA BO . 29.18 -56.36 -73.13
CBA CLA BO . 28.51 -56.26 -74.50
CGA CLA BO . 28.57 -57.56 -75.25
O1A CLA BO . 29.54 -57.80 -75.96
O2A CLA BO . 27.57 -58.42 -75.13
NB CLA BO . 34.44 -53.94 -70.81
C1B CLA BO . 34.26 -53.46 -72.08
C2B CLA BO . 35.15 -52.37 -72.33
C3B CLA BO . 35.89 -52.22 -71.19
C4B CLA BO . 35.42 -53.23 -70.22
CMB CLA BO . 35.27 -51.57 -73.60
CAB CLA BO . 36.95 -51.22 -70.95
CBB CLA BO . 38.28 -51.56 -70.34
NC CLA BO . 34.55 -55.26 -68.10
C1C CLA BO . 35.56 -54.39 -67.95
C2C CLA BO . 36.27 -54.56 -66.65
C3C CLA BO . 35.61 -55.59 -66.05
C4C CLA BO . 34.55 -56.02 -66.95
CMC CLA BO . 37.44 -53.77 -66.15
CAC CLA BO . 35.92 -56.19 -64.69
CBC CLA BO . 37.03 -57.21 -64.83
ND CLA BO . 32.65 -56.99 -68.93
C1D CLA BO . 32.79 -57.59 -67.71
C2D CLA BO . 31.88 -58.71 -67.54
C3D CLA BO . 31.18 -58.74 -68.75
C4D CLA BO . 31.65 -57.71 -69.56
CMD CLA BO . 31.64 -59.69 -66.43
CAD CLA BO . 30.14 -59.46 -69.45
OBD CLA BO . 29.60 -60.48 -69.09
CBD CLA BO . 29.99 -58.84 -70.81
CGD CLA BO . 30.42 -59.84 -71.84
O1D CLA BO . 29.59 -60.47 -72.48
O2D CLA BO . 31.71 -60.07 -72.06
CED CLA BO . 32.13 -60.01 -73.42
C1 CLA BO . 27.77 -59.86 -75.20
C2 CLA BO . 28.41 -60.54 -76.41
C3 CLA BO . 28.14 -61.82 -76.70
C4 CLA BO . 28.77 -62.48 -77.89
C5 CLA BO . 27.20 -62.67 -75.87
C6 CLA BO . 26.39 -63.59 -76.78
C7 CLA BO . 24.91 -63.27 -76.70
MG CLA CO . 40.66 -47.72 -55.44
CHA CLA CO . 43.85 -47.60 -54.13
CHB CLA CO . 41.38 -50.64 -57.11
CHC CLA CO . 37.54 -47.78 -56.54
CHD CLA CO . 39.90 -44.74 -53.71
NA CLA CO . 42.43 -49.02 -55.60
C1A CLA CO . 43.62 -48.81 -55.01
C2A CLA CO . 44.61 -49.90 -55.36
C3A CLA CO . 43.80 -50.80 -56.32
C4A CLA CO . 42.46 -50.13 -56.36
CMA CLA CO . 44.44 -51.27 -57.62
CAA CLA CO . 44.90 -50.89 -54.24
CBA CLA CO . 44.86 -50.46 -52.78
CGA CLA CO . 43.49 -50.52 -52.16
O1A CLA CO . 43.40 -50.55 -50.96
O2A CLA CO . 42.42 -50.53 -52.94
NB CLA CO . 39.63 -49.02 -56.63
C1B CLA CO . 40.08 -50.14 -57.25
C2B CLA CO . 39.03 -50.73 -58.04
C3B CLA CO . 37.95 -49.91 -57.87
C4B CLA CO . 38.34 -48.83 -56.98
CMB CLA CO . 39.15 -51.99 -58.87
CAB CLA CO . 36.59 -50.02 -58.45
CBB CLA CO . 36.36 -50.41 -59.89
NC CLA CO . 38.97 -46.49 -55.12
C1C CLA CO . 37.79 -46.68 -55.70
C2C CLA CO . 36.81 -45.64 -55.36
C3C CLA CO . 37.49 -44.79 -54.53
C4C CLA CO . 38.84 -45.33 -54.39
CMC CLA CO . 35.38 -45.55 -55.82
CAC CLA CO . 36.94 -43.54 -53.88
CBC CLA CO . 36.68 -43.81 -52.41
ND CLA CO . 41.54 -46.45 -54.22
C1D CLA CO . 41.20 -45.29 -53.59
C2D CLA CO . 42.31 -44.71 -52.85
C3D CLA CO . 43.34 -45.62 -53.06
C4D CLA CO . 42.87 -46.66 -53.88
CMD CLA CO . 42.50 -43.47 -52.02
CAD CLA CO . 44.73 -45.87 -52.74
OBD CLA CO . 45.36 -45.31 -51.87
CBD CLA CO . 45.10 -47.18 -53.37
CGD CLA CO . 46.27 -47.02 -54.30
O1D CLA CO . 46.31 -46.10 -55.12
O2D CLA CO . 47.29 -47.87 -54.23
CED CLA CO . 48.54 -47.33 -53.84
C1 CLA CO . 41.30 -49.64 -52.63
C2 CLA CO . 40.39 -49.86 -51.44
C3 CLA CO . 39.13 -49.40 -51.45
C4 CLA CO . 38.22 -49.61 -50.28
C5 CLA CO . 38.55 -48.67 -52.64
C6 CLA CO . 37.17 -49.23 -52.96
C7 CLA CO . 37.27 -50.56 -53.70
C8 CLA CO . 35.93 -50.90 -54.35
C9 CLA CO . 34.92 -51.37 -53.31
C10 CLA CO . 36.15 -51.96 -55.44
C11 CLA CO . 35.91 -53.37 -54.95
C12 CLA CO . 36.55 -54.39 -55.87
C13 CLA CO . 35.74 -54.59 -57.14
C14 CLA CO . 34.27 -54.88 -56.81
C15 CLA CO . 36.34 -55.72 -57.96
MG CLA DO . 22.48 -46.65 -59.15
CHA CLA DO . 19.77 -48.63 -58.33
CHB CLA DO . 20.35 -44.16 -60.26
CHC CLA DO . 25.12 -44.81 -59.80
CHD CLA DO . 24.61 -49.21 -58.03
NA CLA DO . 20.29 -46.39 -59.28
C1A CLA DO . 19.38 -47.29 -58.92
C2A CLA DO . 17.98 -46.83 -59.15
C3A CLA DO . 18.21 -45.46 -59.81
C4A CLA DO . 19.69 -45.30 -59.78
CMA CLA DO . 17.45 -45.19 -61.10
CAA CLA DO . 17.35 -46.63 -57.78
CBA CLA DO . 16.37 -45.47 -57.65
CGA CLA DO . 17.02 -44.20 -57.13
O1A CLA DO . 16.32 -43.23 -56.95
O2A CLA DO . 18.33 -44.20 -56.91
NB CLA DO . 22.70 -44.77 -59.90
C1B CLA DO . 21.74 -43.90 -60.32
C2B CLA DO . 22.34 -42.70 -60.82
C3B CLA DO . 23.70 -42.89 -60.68
C4B CLA DO . 23.90 -44.21 -60.11
CMB CLA DO . 21.59 -41.51 -61.35
CAB CLA DO . 24.84 -42.00 -61.03
CBB CLA DO . 24.71 -40.59 -61.53
NC CLA DO . 24.54 -46.94 -58.88
C1C CLA DO . 25.46 -46.05 -59.22
C2C CLA DO . 26.84 -46.52 -58.93
C3C CLA DO . 26.67 -47.75 -58.37
C4C CLA DO . 25.23 -48.01 -58.35
CMC CLA DO . 28.12 -45.78 -59.19
CAC CLA DO . 27.74 -48.68 -57.87
CBC CLA DO . 28.26 -49.56 -58.98
ND CLA DO . 22.34 -48.45 -58.35
C1D CLA DO . 23.21 -49.42 -57.96
C2D CLA DO . 22.52 -50.63 -57.50
C3D CLA DO . 21.18 -50.30 -57.65
C4D CLA DO . 21.10 -49.01 -58.15
CMD CLA DO . 22.96 -51.97 -56.99
CAD CLA DO . 19.85 -50.83 -57.48
OBD CLA DO . 19.57 -51.84 -56.85
CBD CLA DO . 18.88 -49.77 -57.91
CGD CLA DO . 18.12 -50.22 -59.11
O1D CLA DO . 18.71 -50.71 -60.07
O2D CLA DO . 16.80 -50.07 -59.17
CED CLA DO . 16.08 -51.09 -59.84
C1 CLA DO . 19.11 -42.97 -56.83
C2 CLA DO . 18.84 -41.72 -57.64
C3 CLA DO . 19.81 -40.82 -57.84
C4 CLA DO . 19.57 -39.56 -58.63
C5 CLA DO . 21.21 -41.00 -57.29
C6 CLA DO . 21.55 -39.86 -56.34
C7 CLA DO . 22.90 -39.25 -56.68
C8 CLA DO . 23.57 -38.58 -55.48
C9 CLA DO . 24.67 -39.47 -54.89
C10 CLA DO . 22.55 -38.22 -54.40
C11 CLA DO . 23.14 -37.21 -53.42
MG CLA EO . 27.01 -36.23 -62.41
CHA CLA EO . 24.00 -35.21 -63.73
CHB CLA EO . 25.39 -37.72 -59.78
CHC CLA EO . 29.94 -37.30 -61.34
CHD CLA EO . 28.65 -34.67 -65.14
NA CLA EO . 24.90 -36.47 -61.81
C1A CLA EO . 23.85 -35.99 -62.45
C2A CLA EO . 22.56 -36.30 -61.76
C3A CLA EO . 23.02 -37.08 -60.51
C4A CLA EO . 24.51 -37.12 -60.69
CMA CLA EO . 22.46 -36.70 -59.15
CAA CLA EO . 21.75 -37.23 -62.66
CBA CLA EO . 20.69 -38.03 -61.92
CGA CLA EO . 19.34 -37.46 -62.22
O1A CLA EO . 18.38 -38.21 -62.22
O2A CLA EO . 19.20 -36.18 -62.50
NB CLA EO . 27.58 -37.36 -60.82
C1B CLA EO . 26.79 -37.84 -59.82
C2B CLA EO . 27.61 -38.49 -58.83
C3B CLA EO . 28.89 -38.37 -59.26
C4B CLA EO . 28.86 -37.65 -60.54
CMB CLA EO . 27.12 -39.15 -57.56
CAB CLA EO . 30.09 -38.90 -58.56
CBB CLA EO . 31.41 -38.19 -58.53
NC CLA EO . 28.97 -36.08 -63.17
C1C CLA EO . 30.04 -36.54 -62.54
C2C CLA EO . 31.31 -36.18 -63.20
C3C CLA EO . 30.91 -35.46 -64.30
C4C CLA EO . 29.46 -35.40 -64.26
CMC CLA EO . 32.70 -36.53 -62.77
CAC CLA EO . 31.81 -34.84 -65.35
CBC CLA EO . 32.18 -33.44 -64.92
ND CLA EO . 26.56 -35.26 -64.07
C1D CLA EO . 27.25 -34.60 -65.04
C2D CLA EO . 26.37 -33.81 -65.90
C3D CLA EO . 25.11 -34.07 -65.38
C4D CLA EO . 25.23 -34.93 -64.30
CMD CLA EO . 26.57 -32.89 -67.07
CAD CLA EO . 23.72 -33.75 -65.57
OBD CLA EO . 23.34 -32.68 -66.03
CBD CLA EO . 22.94 -34.58 -64.61
CGD CLA EO . 22.06 -33.66 -63.79
O1D CLA EO . 20.86 -33.81 -63.78
O2D CLA EO . 22.60 -32.69 -63.07
CED CLA EO . 22.24 -32.65 -61.70
C1 CLA EO . 18.98 -35.19 -61.45
C2 CLA EO . 18.36 -35.54 -60.11
C3 CLA EO . 17.25 -34.90 -59.68
C4 CLA EO . 16.58 -33.84 -60.50
C5 CLA EO . 16.61 -35.20 -58.35
C6 CLA EO . 17.65 -35.78 -57.40
C7 CLA EO . 17.53 -35.17 -56.01
C8 CLA EO . 18.90 -35.11 -55.34
C9 CLA EO . 19.70 -36.36 -55.59
C10 CLA EO . 18.72 -34.87 -53.84
C11 CLA EO . 18.85 -33.40 -53.49
C12 CLA EO . 19.84 -33.19 -52.36
C13 CLA EO . 19.16 -32.57 -51.14
C14 CLA EO . 19.52 -31.09 -51.02
C15 CLA EO . 19.55 -33.34 -49.89
MG CLA FO . 40.69 -38.89 -75.30
CHA CLA FO . 43.56 -37.07 -75.89
CHB CLA FO . 39.20 -36.16 -73.81
CHC CLA FO . 37.96 -40.70 -74.89
CHD CLA FO . 42.22 -41.69 -76.85
NA CLA FO . 41.29 -36.81 -74.89
C1A CLA FO . 42.48 -36.28 -75.19
C2A CLA FO . 42.58 -34.85 -74.72
C3A CLA FO . 41.22 -34.61 -74.07
C4A CLA FO . 40.51 -35.92 -74.26
CMA CLA FO . 41.17 -33.96 -72.70
CAA CLA FO . 42.71 -33.91 -75.92
CBA CLA FO . 41.78 -34.31 -77.05
CGA CLA FO . 41.94 -33.34 -78.20
O1A CLA FO . 43.05 -32.98 -78.53
O2A CLA FO . 40.86 -32.94 -78.84
NB CLA FO . 38.86 -38.49 -74.49
C1B CLA FO . 38.43 -37.33 -73.91
C2B CLA FO . 37.08 -37.49 -73.42
C3B CLA FO . 36.74 -38.78 -73.73
C4B CLA FO . 37.88 -39.39 -74.40
CMB CLA FO . 36.29 -36.43 -72.72
CAB CLA FO . 35.48 -39.51 -73.47
CBB CLA FO . 34.60 -39.23 -72.28
NC CLA FO . 40.15 -40.86 -75.85
C1C CLA FO . 38.99 -41.41 -75.55
C2C CLA FO . 38.90 -42.83 -75.94
C3C CLA FO . 40.11 -43.09 -76.53
C4C CLA FO . 40.88 -41.85 -76.46
CMC CLA FO . 37.74 -43.77 -75.75
CAC CLA FO . 40.55 -44.40 -77.12
CBC CLA FO . 40.40 -44.36 -78.62
ND CLA FO . 42.40 -39.37 -76.18
C1D CLA FO . 42.94 -40.48 -76.75
C2D CLA FO . 44.31 -40.23 -77.20
C3D CLA FO . 44.53 -38.90 -76.87
C4D CLA FO . 43.39 -38.39 -76.26
CMD CLA FO . 45.36 -41.08 -77.88
CAD CLA FO . 45.53 -37.87 -76.92
OBD CLA FO . 46.72 -38.05 -77.13
CBD CLA FO . 44.96 -36.65 -76.27
CGD CLA FO . 45.71 -36.33 -75.01
O1D CLA FO . 45.79 -37.14 -74.11
O2D CLA FO . 46.33 -35.15 -74.88
CED CLA FO . 47.67 -35.20 -74.43
C1 CLA FO . 39.69 -33.80 -78.94
MG CLA GO . 29.63 -60.46 -62.94
CHA CLA GO . 27.90 -59.79 -65.86
CHB CLA GO . 28.30 -63.64 -62.83
CHC CLA GO . 31.41 -61.04 -60.22
CHD CLA GO . 30.94 -57.18 -63.02
NA CLA GO . 28.25 -61.62 -64.21
C1A CLA GO . 27.65 -61.18 -65.32
C2A CLA GO . 26.76 -62.22 -65.94
C3A CLA GO . 26.90 -63.40 -64.96
C4A CLA GO . 27.87 -62.89 -63.94
CMA CLA GO . 25.65 -64.16 -64.51
CAA CLA GO . 27.31 -62.68 -67.28
CBA CLA GO . 28.82 -62.90 -67.22
CGA CLA GO . 29.33 -63.46 -68.53
O1A CLA GO . 28.76 -63.17 -69.56
O2A CLA GO . 30.39 -64.25 -68.51
NB CLA GO . 29.83 -62.09 -61.73
C1B CLA GO . 29.19 -63.29 -61.81
C2B CLA GO . 29.60 -64.14 -60.71
C3B CLA GO . 30.47 -63.39 -59.98
C4B CLA GO . 30.61 -62.09 -60.63
CMB CLA GO . 29.13 -65.54 -60.44
CAB CLA GO . 31.20 -63.75 -58.74
CBB CLA GO . 31.96 -65.05 -58.63
NC CLA GO . 31.03 -59.32 -61.86
C1C CLA GO . 31.60 -59.74 -60.73
C2C CLA GO . 32.45 -58.69 -60.11
C3C CLA GO . 32.34 -57.62 -60.94
C4C CLA GO . 31.44 -58.01 -62.02
CMC CLA GO . 33.24 -58.82 -58.83
CAC CLA GO . 33.00 -56.28 -60.75
CBC CLA GO . 34.37 -56.29 -61.41
ND CLA GO . 29.52 -58.84 -64.07
C1D CLA GO . 30.06 -57.59 -64.06
C2D CLA GO . 29.63 -56.80 -65.19
C3D CLA GO . 28.79 -57.66 -65.88
C4D CLA GO . 28.72 -58.87 -65.21
CMD CLA GO . 29.92 -55.39 -65.65
CAD CLA GO . 27.94 -57.73 -67.06
OBD CLA GO . 27.90 -56.90 -67.94
CBD CLA GO . 27.40 -59.12 -67.14
CGD CLA GO . 25.90 -59.05 -67.25
O1D CLA GO . 25.31 -58.01 -67.00
O2D CLA GO . 25.19 -60.10 -67.64
CED CLA GO . 24.28 -59.86 -68.71
C1 CLA GO . 31.69 -63.74 -68.08
C2 CLA GO . 32.22 -62.41 -68.56
C3 CLA GO . 33.53 -62.12 -68.49
C4 CLA GO . 34.53 -63.08 -67.91
C5 CLA GO . 34.08 -60.79 -68.97
C6 CLA GO . 35.30 -61.01 -69.85
C7 CLA GO . 35.19 -60.19 -71.14
C8 CLA GO . 35.33 -58.70 -70.87
C9 CLA GO . 34.84 -57.89 -72.07
C10 CLA GO . 36.79 -58.37 -70.55
C11 CLA GO . 36.92 -57.02 -69.85
C12 CLA GO . 37.57 -55.99 -70.77
C13 CLA GO . 39.08 -55.85 -70.49
C14 CLA GO . 39.35 -55.65 -69.02
C15 CLA GO . 39.66 -54.71 -71.31
C16 CLA GO . 38.90 -54.44 -72.61
C17 CLA GO . 39.49 -55.23 -73.77
C18 CLA GO . 38.51 -55.33 -74.94
C19 CLA GO . 37.08 -55.50 -74.46
C20 CLA GO . 38.64 -54.12 -75.87
MG CLA HO . 44.79 -56.64 -53.72
CHA CLA HO . 43.26 -55.52 -50.85
CHB CLA HO . 46.97 -58.56 -51.88
CHC CLA HO . 46.10 -57.72 -56.55
CHD CLA HO . 42.54 -54.64 -55.61
NA CLA HO . 45.10 -57.02 -51.57
C1A CLA HO . 44.40 -56.48 -50.58
C2A CLA HO . 44.90 -56.94 -49.23
C3A CLA HO . 46.06 -57.88 -49.59
C4A CLA HO . 46.06 -57.84 -51.10
CMA CLA HO . 47.37 -57.75 -48.85
CAA CLA HO . 43.79 -57.72 -48.51
CBA CLA HO . 43.74 -59.18 -48.89
CGA CLA HO . 42.40 -59.75 -48.53
O1A CLA HO . 42.13 -60.91 -48.85
O2A CLA HO . 41.53 -58.98 -47.90
NB CLA HO . 46.29 -57.94 -54.16
C1B CLA HO . 47.09 -58.62 -53.28
C2B CLA HO . 48.06 -59.41 -54.00
C3B CLA HO . 47.81 -59.15 -55.32
C4B CLA HO . 46.69 -58.23 -55.39
CMB CLA HO . 49.12 -60.29 -53.42
CAB CLA HO . 48.51 -59.70 -56.51
CBB CLA HO . 48.57 -61.20 -56.73
NC CLA HO . 44.35 -56.29 -55.75
C1C CLA HO . 45.04 -56.80 -56.75
C2C CLA HO . 44.60 -56.30 -58.08
C3C CLA HO . 43.58 -55.45 -57.79
C4C CLA HO . 43.42 -55.44 -56.34
CMC CLA HO . 45.17 -56.68 -59.43
CAC CLA HO . 42.76 -54.66 -58.78
CBC CLA HO . 41.44 -55.36 -59.03
ND CLA HO . 43.28 -55.38 -53.42
C1D CLA HO . 42.44 -54.64 -54.20
C2D CLA HO . 41.49 -53.88 -53.40
C3D CLA HO . 41.83 -54.23 -52.09
C4D CLA HO . 42.89 -55.12 -52.12
CMD CLA HO . 40.37 -52.93 -53.72
CAD CLA HO . 41.45 -53.99 -50.71
OBD CLA HO . 40.57 -53.26 -50.31
CBD CLA HO . 42.36 -54.82 -49.84
CGD CLA HO . 43.19 -53.94 -48.96
O1D CLA HO . 43.46 -52.80 -49.29
O2D CLA HO . 43.65 -54.41 -47.80
CED CLA HO . 43.49 -53.56 -46.67
MG CHL IO . 27.72 -54.98 -51.41
CHA CHL IO . 29.20 -56.53 -48.80
CHB CHL IO . 27.82 -52.03 -49.61
CHC CHL IO . 26.41 -53.48 -53.95
CHD CHL IO . 27.53 -58.13 -53.05
NA CHL IO . 28.39 -54.40 -49.57
C1A CHL IO . 29.02 -55.19 -48.64
C2A CHL IO . 29.46 -54.40 -47.42
C3A CHL IO . 28.79 -53.08 -47.59
C4A CHL IO . 28.27 -53.14 -49.01
CMA CHL IO . 27.87 -52.54 -46.49
CAA CHL IO . 30.99 -54.25 -47.35
CBA CHL IO . 31.47 -53.40 -46.18
CGA CHL IO . 32.86 -52.86 -46.32
O1A CHL IO . 33.45 -52.25 -45.48
O2A CHL IO . 33.38 -53.16 -47.51
NB CHL IO . 27.22 -53.03 -51.72
C1B CHL IO . 27.32 -51.97 -50.89
C2B CHL IO . 26.83 -50.82 -51.56
C3B CHL IO . 26.43 -51.18 -52.80
C4B CHL IO . 26.68 -52.63 -52.91
CMB CHL IO . 26.77 -49.44 -50.97
CAB CHL IO . 25.88 -50.25 -53.79
CBB CHL IO . 25.41 -50.59 -55.16
NC CHL IO . 27.09 -55.74 -53.21
C1C CHL IO . 26.59 -54.86 -54.12
C2C CHL IO . 26.23 -55.63 -55.31
C3C CHL IO . 26.51 -56.95 -55.03
C4C CHL IO . 27.08 -57.02 -53.71
CMC CHL IO . 25.70 -55.20 -56.58
OMC CHL IO . 25.43 -54.07 -56.89
CAC CHL IO . 26.23 -58.12 -55.93
CBC CHL IO . 27.47 -58.87 -56.33
ND CHL IO . 28.21 -56.93 -51.10
C1D CHL IO . 28.09 -58.11 -51.78
C2D CHL IO . 28.60 -59.18 -51.01
C3D CHL IO . 29.06 -58.62 -49.83
C4D CHL IO . 28.81 -57.25 -49.90
CMD CHL IO . 28.62 -60.62 -51.43
CAD CHL IO . 29.70 -58.88 -48.55
OBD CHL IO . 30.08 -59.94 -48.10
CBD CHL IO . 29.81 -57.55 -47.82
CGD CHL IO . 29.11 -57.61 -46.47
O1D CHL IO . 28.02 -58.06 -46.29
O2D CHL IO . 29.87 -57.07 -45.52
CED CHL IO . 29.31 -57.08 -44.19
C1 CHL IO . 34.73 -52.76 -47.87
C2 CHL IO . 34.98 -53.22 -49.27
C3 CHL IO . 36.15 -53.71 -49.63
C4 CHL IO . 37.32 -53.88 -48.70
C5 CHL IO . 36.40 -54.14 -51.05
C6 CHL IO . 37.36 -55.31 -51.18
C7 CHL IO . 37.68 -55.65 -52.63
C8 CHL IO . 38.64 -56.84 -52.82
C9 CHL IO . 38.03 -58.14 -52.31
C10 CHL IO . 38.94 -56.91 -54.32
C11 CHL IO . 39.85 -58.06 -54.75
C12 CHL IO . 41.26 -57.98 -54.17
C13 CHL IO . 41.60 -59.09 -53.17
C14 CHL IO . 41.60 -58.57 -51.74
C15 CHL IO . 42.87 -59.90 -53.46
C16 CHL IO . 43.14 -60.16 -54.93
C17 CHL IO . 44.43 -60.95 -55.17
C18 CHL IO . 44.49 -62.33 -54.54
C19 CHL IO . 45.83 -62.99 -54.78
C20 CHL IO . 43.37 -63.21 -55.04
MG CHL JO . 39.27 -29.35 -67.94
CHA CHL JO . 42.19 -28.24 -66.61
CHB CHL JO . 38.81 -31.32 -65.16
CHC CHL JO . 36.45 -30.30 -69.19
CHD CHL JO . 39.95 -27.34 -70.81
NA CHL JO . 40.32 -29.70 -66.21
C1A CHL JO . 41.50 -29.11 -65.83
C2A CHL JO . 41.94 -29.57 -64.44
C3A CHL JO . 41.00 -30.72 -64.15
C4A CHL JO . 39.96 -30.60 -65.24
CMA CHL JO . 40.58 -31.05 -62.71
CAA CHL JO . 41.87 -28.43 -63.42
CBA CHL JO . 40.61 -27.56 -63.52
CGA CHL JO . 40.44 -26.63 -62.37
O1A CHL JO . 41.27 -25.84 -61.98
O2A CHL JO . 39.26 -26.76 -61.80
NB CHL JO . 37.83 -30.61 -67.24
C1B CHL JO . 37.79 -31.31 -66.09
C2B CHL JO . 36.56 -32.03 -66.04
C3B CHL JO . 35.85 -31.76 -67.18
C4B CHL JO . 36.69 -30.85 -67.96
CMB CHL JO . 36.14 -32.94 -64.92
CAB CHL JO . 34.53 -32.30 -67.49
CBB CHL JO . 33.66 -32.05 -68.70
NC CHL JO . 38.38 -28.87 -69.72
C1C CHL JO . 37.17 -29.43 -70.00
C2C CHL JO . 36.77 -28.98 -71.33
C3C CHL JO . 37.78 -28.18 -71.79
C4C CHL JO . 38.79 -28.08 -70.77
CMC CHL JO . 35.56 -29.25 -72.08
OMC CHL JO . 34.65 -29.95 -71.72
CAC CHL JO . 37.85 -27.54 -73.14
CBC CHL JO . 37.11 -26.24 -73.21
ND CHL JO . 40.69 -28.07 -68.66
C1D CHL JO . 40.87 -27.32 -69.78
C2D CHL JO . 42.09 -26.59 -69.70
C3D CHL JO . 42.65 -26.91 -68.48
C4D CHL JO . 41.78 -27.81 -67.85
CMD CHL JO . 42.62 -25.67 -70.77
CAD CHL JO . 43.77 -26.68 -67.59
OBD CHL JO . 44.73 -25.95 -67.75
CBD CHL JO . 43.54 -27.54 -66.35
CGD CHL JO . 44.69 -28.51 -66.16
O1D CHL JO . 44.88 -29.49 -66.83
O2D CHL JO . 45.48 -28.13 -65.15
CED CHL JO . 46.61 -28.98 -64.88
C1 CHL JO . 38.82 -25.98 -60.66
C2 CHL JO . 37.45 -26.43 -60.30
MG CLA KO . 24.48 -33.00 -70.51
CHA CLA KO . 22.37 -35.07 -68.72
CHB CLA KO . 21.83 -31.02 -71.43
CHC CLA KO . 26.63 -31.00 -72.02
CHD CLA KO . 27.18 -35.11 -69.63
NA CLA KO . 22.31 -33.01 -70.12
C1A CLA KO . 21.65 -33.93 -69.41
C2A CLA KO . 20.17 -33.71 -69.44
C3A CLA KO . 20.04 -32.46 -70.32
C4A CLA KO . 21.46 -32.12 -70.64
CMA CLA KO . 19.13 -32.61 -71.53
CAA CLA KO . 19.60 -33.38 -68.06
CBA CLA KO . 20.54 -32.47 -67.28
CGA CLA KO . 19.81 -31.21 -66.90
O1A CLA KO . 19.40 -30.46 -67.78
O2A CLA KO . 19.64 -30.92 -65.62
NB CLA KO . 24.27 -31.27 -71.56
C1B CLA KO . 23.10 -30.60 -71.85
C2B CLA KO . 23.40 -29.45 -72.66
C3B CLA KO . 24.76 -29.45 -72.82
C4B CLA KO . 25.29 -30.61 -72.11
CMB CLA KO . 22.42 -28.45 -73.20
CAB CLA KO . 25.55 -28.45 -73.58
CBB CLA KO . 26.69 -27.70 -72.93
NC CLA KO . 26.58 -33.01 -70.70
C1C CLA KO . 27.25 -32.10 -71.41
C2C CLA KO . 28.70 -32.39 -71.48
C3C CLA KO . 28.84 -33.55 -70.76
C4C CLA KO . 27.52 -33.92 -70.28
CMC CLA KO . 29.76 -31.59 -72.20
CAC CLA KO . 30.14 -34.29 -70.51
CBC CLA KO . 30.60 -34.04 -69.08
ND CLA KO . 24.81 -34.66 -69.48
C1D CLA KO . 25.88 -35.42 -69.15
C2D CLA KO . 25.52 -36.56 -68.31
C3D CLA KO . 24.14 -36.41 -68.15
C4D CLA KO . 23.73 -35.28 -68.85
CMD CLA KO . 26.29 -37.68 -67.68
CAD CLA KO . 22.99 -37.01 -67.51
OBD CLA KO . 23.03 -37.83 -66.61
CBD CLA KO . 21.80 -36.14 -67.81
CGD CLA KO . 20.71 -36.91 -68.51
O1D CLA KO . 20.99 -37.75 -69.35
O2D CLA KO . 19.45 -36.67 -68.22
CED CLA KO . 18.68 -37.79 -67.78
C1 CLA KO . 20.38 -29.82 -65.01
C2 CLA KO . 21.85 -29.60 -65.29
C3 CLA KO . 22.67 -29.19 -64.31
C4 CLA KO . 22.16 -28.95 -62.92
C5 CLA KO . 24.14 -28.96 -64.54
MG CHL LO . 37.52 -31.20 -76.69
CHA CHL LO . 37.50 -30.70 -80.10
CHB CHL LO . 34.31 -32.30 -76.88
CHC CHL LO . 37.58 -31.70 -73.44
CHD CHL LO . 40.82 -29.97 -76.64
NA CHL LO . 36.18 -31.45 -78.22
C1A CHL LO . 36.34 -31.20 -79.57
C2A CHL LO . 35.07 -31.53 -80.38
C3A CHL LO . 34.07 -31.92 -79.29
C4A CHL LO . 34.89 -31.89 -78.02
CMA CHL LO . 32.67 -31.31 -79.27
CAA CHL LO . 35.31 -32.63 -81.42
CBA CHL LO . 34.05 -33.29 -82.00
CGA CHL LO . 33.00 -32.34 -82.49
O1A CHL LO . 31.83 -32.43 -82.24
O2A CHL LO . 33.51 -31.40 -83.27
NB CHL LO . 36.15 -31.92 -75.37
C1B CHL LO . 34.89 -32.34 -75.63
C2B CHL LO . 34.31 -32.79 -74.43
C3B CHL LO . 35.21 -32.66 -73.42
C4B CHL LO . 36.41 -32.07 -74.03
CMB CHL LO . 32.93 -33.35 -74.28
CAB CHL LO . 34.99 -33.09 -72.03
CBB CHL LO . 35.97 -33.07 -70.89
NC CHL LO . 38.99 -30.88 -75.30
C1C CHL LO . 38.74 -31.15 -73.99
C2C CHL LO . 39.94 -30.78 -73.24
C3C CHL LO . 40.84 -30.30 -74.14
C4C CHL LO . 40.26 -30.35 -75.45
CMC CHL LO . 40.21 -30.85 -71.82
OMC CHL LO . 39.44 -31.27 -70.97
CAC CHL LO . 42.23 -29.80 -73.83
CBC CHL LO . 42.34 -28.30 -73.88
ND CHL LO . 38.92 -30.48 -77.99
C1D CHL LO . 40.19 -30.04 -77.87
C2D CHL LO . 40.71 -29.67 -79.14
C3D CHL LO . 39.69 -29.90 -80.05
C4D CHL LO . 38.61 -30.41 -79.33
CMD CHL LO . 42.09 -29.12 -79.39
CAD CHL LO . 39.29 -29.83 -81.45
OBD CHL LO . 39.96 -29.46 -82.40
CBD CHL LO . 37.86 -30.33 -81.55
CGD CHL LO . 36.96 -29.25 -82.13
O1D CHL LO . 36.35 -28.44 -81.48
O2D CHL LO . 36.95 -29.30 -83.46
CED CHL LO . 36.14 -28.32 -84.13
C1 CHL LO . 32.71 -30.34 -83.86
C2 CHL LO . 31.87 -30.93 -84.92
C3 CHL LO . 32.34 -31.11 -86.15
C4 CHL LO . 33.73 -30.76 -86.58
C5 CHL LO . 31.46 -31.71 -87.23
MG CLA MO . 36.90 -37.32 -47.45
CHA CLA MO . 38.91 -36.68 -50.18
CHB CLA MO . 36.37 -33.94 -47.00
CHC CLA MO . 34.93 -38.07 -44.91
CHD CLA MO . 37.46 -40.78 -47.95
NA CLA MO . 37.55 -35.47 -48.48
C1A CLA MO . 38.36 -35.42 -49.54
C2A CLA MO . 38.64 -34.01 -49.96
C3A CLA MO . 37.83 -33.18 -48.95
C4A CLA MO . 37.20 -34.24 -48.08
CMA CLA MO . 38.47 -31.96 -48.31
CAA CLA MO . 38.14 -33.75 -51.39
CBA CLA MO . 36.71 -33.25 -51.44
CGA CLA MO . 35.83 -34.39 -51.88
O1A CLA MO . 36.33 -35.32 -52.48
O2A CLA MO . 34.53 -34.35 -51.60
NB CLA MO . 35.81 -36.19 -46.16
C1B CLA MO . 35.72 -34.82 -46.11
C2B CLA MO . 34.85 -34.44 -45.01
C3B CLA MO . 34.47 -35.61 -44.44
C4B CLA MO . 35.08 -36.71 -45.17
CMB CLA MO . 34.48 -33.04 -44.61
CAB CLA MO . 33.56 -35.81 -43.28
CBB CLA MO . 32.18 -35.21 -43.28
NC CLA MO . 36.24 -39.13 -46.62
C1C CLA MO . 35.46 -39.22 -45.54
C2C CLA MO . 35.22 -40.62 -45.12
C3C CLA MO . 35.92 -41.36 -46.02
C4C CLA MO . 36.55 -40.44 -46.95
CMC CLA MO . 34.38 -41.10 -43.97
CAC CLA MO . 36.02 -42.87 -46.06
CBC CLA MO . 35.13 -43.39 -47.17
ND CLA MO . 37.89 -38.51 -48.68
C1D CLA MO . 38.06 -39.86 -48.82
C2D CLA MO . 38.92 -40.19 -49.95
C3D CLA MO . 39.25 -38.94 -50.47
C4D CLA MO . 38.62 -37.95 -49.71
CMD CLA MO . 39.40 -41.49 -50.52
CAD CLA MO . 39.99 -38.30 -51.53
OBD CLA MO . 40.37 -38.84 -52.56
CBD CLA MO . 39.90 -36.82 -51.31
CGD CLA MO . 41.22 -36.31 -50.84
O1D CLA MO . 41.71 -36.73 -49.80
O2D CLA MO . 41.91 -35.41 -51.52
CED CLA MO . 43.32 -35.57 -51.43
C1 CLA MO . 33.63 -35.31 -52.23
C2 CLA MO . 33.57 -35.46 -53.74
C3 CLA MO . 32.58 -36.14 -54.33
C4 CLA MO . 32.53 -36.29 -55.82
C5 CLA MO . 31.47 -36.82 -53.56
C6 CLA MO . 31.45 -38.31 -53.89
C7 CLA MO . 30.20 -38.97 -53.33
C8 CLA MO . 30.14 -40.44 -53.72
C9 CLA MO . 29.78 -40.60 -55.19
C10 CLA MO . 29.13 -41.16 -52.84
C11 CLA MO . 27.72 -40.62 -53.07
MG CLA NO . 16.45 -37.83 -44.15
CHA CLA NO . 14.85 -40.23 -42.26
CHB CLA NO . 13.65 -35.81 -44.05
CHC CLA NO . 18.12 -35.55 -45.86
CHD CLA NO . 19.32 -39.90 -44.24
NA CLA NO . 14.44 -37.98 -43.24
C1A CLA NO . 13.99 -39.01 -42.52
C2A CLA NO . 12.56 -38.81 -42.08
C3A CLA NO . 12.22 -37.42 -42.65
C4A CLA NO . 13.49 -37.02 -43.35
CMA CLA NO . 10.88 -37.21 -43.35
CAA CLA NO . 12.41 -38.86 -40.56
CBA CLA NO . 12.72 -37.56 -39.84
CGA CLA NO . 12.62 -37.82 -38.35
O1A CLA NO . 12.82 -38.94 -37.93
O2A CLA NO . 12.29 -36.84 -37.53
NB CLA NO . 15.96 -35.97 -44.83
C1B CLA NO . 14.78 -35.31 -44.73
C2B CLA NO . 14.85 -34.06 -45.43
C3B CLA NO . 16.12 -34.00 -45.94
C4B CLA NO . 16.81 -35.22 -45.54
CMB CLA NO . 13.76 -33.03 -45.55
CAB CLA NO . 16.73 -32.92 -46.74
CBB CLA NO . 16.18 -32.57 -48.09
NC CLA NO . 18.43 -37.71 -44.86
C1C CLA NO . 18.88 -36.72 -45.61
C2C CLA NO . 20.24 -36.97 -46.15
C3C CLA NO . 20.57 -38.20 -45.65
C4C CLA NO . 19.44 -38.65 -44.86
CMC CLA NO . 21.05 -36.06 -47.03
CAC CLA NO . 21.87 -38.93 -45.90
CBC CLA NO . 22.80 -38.71 -44.74
ND CLA NO . 17.04 -39.58 -43.46
C1D CLA NO . 18.16 -40.35 -43.55
C2D CLA NO . 18.01 -41.63 -42.87
C3D CLA NO . 16.71 -41.57 -42.38
C4D CLA NO . 16.15 -40.35 -42.73
CMD CLA NO . 18.90 -42.82 -42.67
CAD CLA NO . 15.74 -42.33 -41.62
OBD CLA NO . 15.83 -43.51 -41.33
CBD CLA NO . 14.48 -41.52 -41.55
CGD CLA NO . 13.39 -42.21 -42.31
O1D CLA NO . 13.66 -42.98 -43.22
O2D CLA NO . 12.11 -41.98 -42.03
CED CLA NO . 11.27 -43.12 -42.04
C1 CLA NO . 13.16 -35.68 -37.36
C2 CLA NO . 14.63 -35.79 -37.07
C3 CLA NO . 15.21 -34.89 -36.26
C4 CLA NO . 14.41 -33.78 -35.65
C5 CLA NO . 16.68 -34.90 -35.92
C6 CLA NO . 17.21 -33.47 -36.03
C7 CLA NO . 18.72 -33.42 -36.18
C8 CLA NO . 19.13 -33.42 -37.64
C9 CLA NO . 19.75 -34.76 -38.02
C10 CLA NO . 20.08 -32.26 -37.91
C11 CLA NO . 20.77 -32.42 -39.25
C12 CLA NO . 21.85 -31.38 -39.46
C13 CLA NO . 22.18 -31.21 -40.95
C14 CLA NO . 22.90 -29.90 -41.21
C15 CLA NO . 20.89 -31.30 -41.76
C16 CLA NO . 21.15 -31.50 -43.25
C17 CLA NO . 19.84 -31.51 -44.01
C18 CLA NO . 19.95 -30.84 -45.37
C19 CLA NO . 20.92 -29.66 -45.33
C20 CLA NO . 20.33 -31.84 -46.45
O1 LHG OO . 25.64 -64.32 -61.21
C1 LHG OO . 25.05 -64.17 -59.91
C2 LHG OO . 26.03 -63.49 -58.98
O2 LHG OO . 25.99 -64.11 -57.69
C3 LHG OO . 25.64 -62.02 -58.83
O3 LHG OO . 26.80 -61.20 -59.06
P LHG OO . 26.78 -60.06 -60.19
O4 LHG OO . 27.05 -60.70 -61.53
O5 LHG OO . 25.55 -59.21 -59.99
O6 LHG OO . 28.07 -59.18 -59.77
C4 LHG OO . 28.31 -57.89 -60.30
C5 LHG OO . 28.47 -56.91 -59.13
C6 LHG OO . 29.94 -56.78 -58.77
O7 LHG OO . 27.86 -55.64 -59.38
C7 LHG OO . 28.09 -55.01 -60.56
O9 LHG OO . 27.38 -55.25 -61.51
C8 LHG OO . 29.19 -53.99 -60.68
C9 LHG OO . 29.06 -52.99 -59.54
C10 LHG OO . 30.01 -53.36 -58.42
O8 LHG OO . 30.23 -57.30 -57.47
C23 LHG OO . 30.20 -56.50 -56.41
O10 LHG OO . 29.28 -55.69 -56.30
C24 LHG OO . 31.27 -56.57 -55.36
C11 LHG OO . 30.18 -52.26 -57.38
C12 LHG OO . 29.27 -52.45 -56.17
C13 LHG OO . 29.49 -51.32 -55.17
C14 LHG OO . 30.15 -51.85 -53.89
C15 LHG OO . 30.07 -50.83 -52.77
C16 LHG OO . 31.34 -50.81 -51.93
C17 LHG OO . 31.08 -50.14 -50.59
C18 LHG OO . 32.33 -50.14 -49.71
C19 LHG OO . 33.12 -48.84 -49.86
C20 LHG OO . 34.26 -48.78 -48.86
C21 LHG OO . 35.03 -47.48 -48.97
C22 LHG OO . 35.89 -47.25 -47.74
C25 LHG OO . 30.64 -56.81 -54.00
C26 LHG OO . 30.69 -55.56 -53.12
C27 LHG OO . 32.00 -55.45 -52.36
C28 LHG OO . 32.51 -56.81 -51.88
C29 LHG OO . 33.17 -56.69 -50.52
C30 LHG OO . 34.06 -57.89 -50.22
C31 LHG OO . 33.43 -58.80 -49.17
C32 LHG OO . 34.23 -60.10 -49.03
C33 LHG OO . 33.33 -61.22 -48.53
C34 LHG OO . 33.88 -61.84 -47.25
C35 LHG OO . 35.00 -62.84 -47.53
C36 LHG OO . 34.48 -64.26 -47.46
C37 LHG OO . 35.48 -65.18 -46.76
C38 LHG OO . 35.07 -65.46 -45.33
O1 LHG PO . 18.16 -52.36 -47.32
C1 LHG PO . 16.75 -52.30 -47.11
C2 LHG PO . 16.36 -50.88 -46.72
O2 LHG PO . 17.53 -50.17 -46.29
C3 LHG PO . 15.37 -50.92 -45.56
O3 LHG PO . 15.95 -50.28 -44.43
P LHG PO . 15.69 -48.72 -44.16
O4 LHG PO . 14.60 -48.20 -45.06
O5 LHG PO . 15.59 -48.51 -42.66
O6 LHG PO . 17.10 -48.11 -44.64
C4 LHG PO . 17.51 -46.80 -44.28
C5 LHG PO . 18.72 -46.95 -43.38
C6 LHG PO . 19.89 -46.10 -43.89
O7 LHG PO . 18.35 -46.55 -42.05
C7 LHG PO . 19.10 -47.12 -41.10
O9 LHG PO . 19.69 -46.42 -40.32
C8 LHG PO . 19.20 -48.62 -40.97
C9 LHG PO . 19.72 -48.92 -39.56
C10 LHG PO . 21.13 -49.49 -39.56
O8 LHG PO . 20.70 -46.84 -44.81
C23 LHG PO . 21.62 -47.70 -44.41
O10 LHG PO . 21.33 -48.55 -43.56
C24 LHG PO . 23.03 -47.66 -44.94
C11 LHG PO . 22.07 -48.72 -40.49
C12 LHG PO . 22.87 -47.67 -39.74
C13 LHG PO . 24.24 -47.49 -40.38
C14 LHG PO . 24.49 -46.04 -40.79
C15 LHG PO . 24.85 -45.94 -42.27
C16 LHG PO . 26.27 -45.44 -42.48
C17 LHG PO . 26.51 -45.08 -43.95
C18 LHG PO . 27.98 -45.15 -44.30
C19 LHG PO . 28.27 -44.49 -45.64
C20 LHG PO . 29.78 -44.37 -45.88
C21 LHG PO . 30.09 -43.72 -47.21
C22 LHG PO . 30.53 -44.75 -48.23
C25 LHG PO . 23.05 -47.06 -46.34
C26 LHG PO . 23.76 -48.02 -47.30
C27 LHG PO . 24.53 -47.28 -48.36
C28 LHG PO . 25.92 -46.91 -47.85
C29 LHG PO . 26.48 -45.71 -48.60
C30 LHG PO . 27.47 -46.16 -49.67
C31 LHG PO . 27.47 -45.20 -50.86
C32 LHG PO . 28.82 -45.24 -51.56
C33 LHG PO . 28.77 -46.11 -52.81
C34 LHG PO . 29.92 -47.11 -52.84
C35 LHG PO . 31.20 -46.52 -52.24
C36 LHG PO . 32.04 -45.83 -53.30
C37 LHG PO . 33.19 -45.05 -52.67
C38 LHG PO . 32.77 -44.37 -51.39
CA1 DGA QO . 48.26 -30.47 -59.73
CA2 DGA QO . 47.07 -29.62 -60.26
CA3 DGA QO . 45.88 -30.56 -60.63
CA4 DGA QO . 44.61 -29.70 -60.90
CA5 DGA QO . 43.36 -30.43 -60.34
CA6 DGA QO . 43.32 -30.27 -58.79
CA7 DGA QO . 41.87 -30.33 -58.27
CA8 DGA QO . 40.90 -29.57 -59.23
CA9 DGA QO . 39.57 -30.38 -59.37
CAA DGA QO . 38.53 -29.86 -58.35
CBA DGA QO . 37.15 -29.82 -59.02
CCA DGA QO . 36.33 -31.08 -58.64
CDA DGA QO . 36.19 -31.17 -57.11
CEA DGA QO . 35.37 -32.44 -56.74
CFA DGA QO . 33.88 -32.24 -57.16
OA1 DGA QO . 48.87 -31.17 -60.47
CB1 DGA QO . 47.05 -34.19 -57.92
CB2 DGA QO . 46.05 -34.56 -59.05
CB3 DGA QO . 44.79 -33.64 -58.96
CB4 DGA QO . 43.51 -34.50 -58.89
CB5 DGA QO . 42.51 -34.01 -59.95
CB6 DGA QO . 41.33 -34.99 -60.06
CB7 DGA QO . 40.06 -34.21 -60.45
CB8 DGA QO . 39.38 -34.88 -61.64
CB9 DGA QO . 37.93 -34.41 -61.74
CAB DGA QO . 36.99 -35.57 -61.33
CBB DGA QO . 35.84 -35.01 -60.44
CCB DGA QO . 36.12 -35.37 -58.96
CDB DGA QO . 34.72 -36.04 -59.12
CEB DGA QO . 34.88 -37.59 -59.10
OB1 DGA QO . 46.82 -34.45 -56.79
OG1 DGA QO . 48.62 -30.40 -58.36
CG1 DGA QO . 47.90 -31.28 -57.51
CG2 DGA QO . 48.68 -32.57 -57.31
OG2 DGA QO . 48.28 -33.53 -58.26
CG3 DGA QO . 50.17 -32.31 -57.45
OXT DGA QO . 50.76 -33.34 -58.22
O1 LHG RO . 11.09 -60.43 -33.14
C1 LHG RO . 11.97 -60.77 -32.05
C2 LHG RO . 11.75 -62.22 -31.67
O2 LHG RO . 11.78 -62.36 -30.24
C3 LHG RO . 12.86 -63.07 -32.27
O3 LHG RO . 14.04 -62.28 -32.41
P LHG RO . 15.44 -62.80 -31.83
O4 LHG RO . 15.23 -63.33 -30.45
O5 LHG RO . 16.06 -63.68 -32.89
O6 LHG RO . 16.33 -61.47 -31.73
C4 LHG RO . 17.40 -61.42 -30.80
C5 LHG RO . 18.57 -60.62 -31.36
C6 LHG RO . 18.50 -60.59 -32.88
O7 LHG RO . 18.52 -59.28 -30.88
C7 LHG RO . 19.69 -58.92 -30.33
O9 LHG RO . 20.73 -59.20 -30.89
C8 LHG RO . 19.73 -58.21 -29.01
C9 LHG RO . 21.14 -57.68 -28.85
C10 LHG RO . 21.26 -56.28 -29.45
O8 LHG RO . 19.79 -60.21 -33.38
C23 LHG RO . 20.03 -58.94 -33.71
O10 LHG RO . 19.21 -58.09 -33.42
C24 LHG RO . 21.31 -58.56 -34.42
C11 LHG RO . 22.57 -55.63 -29.04
C12 LHG RO . 22.47 -54.12 -29.12
C13 LHG RO . 23.84 -53.50 -29.41
C14 LHG RO . 23.86 -52.90 -30.81
C15 LHG RO . 25.24 -52.40 -31.17
C16 LHG RO . 25.19 -50.96 -31.67
C17 LHG RO . 26.46 -50.62 -32.42
C18 LHG RO . 26.46 -49.17 -32.90
C19 LHG RO . 27.22 -48.28 -31.92
C20 LHG RO . 27.55 -46.95 -32.56
C21 LHG RO . 28.32 -47.13 -33.86
C22 LHG RO . 29.80 -47.22 -33.61
C25 LHG RO . 22.18 -57.74 -33.48
C26 LHG RO . 22.26 -56.29 -33.94
C27 LHG RO . 23.50 -56.04 -34.79
C28 LHG RO . 24.76 -56.01 -33.93
C29 LHG RO . 25.91 -55.36 -34.68
C30 LHG RO . 26.99 -54.87 -33.72
C31 LHG RO . 28.36 -55.35 -34.14
C32 LHG RO . 29.14 -55.93 -32.96
C33 LHG RO . 30.63 -55.66 -33.12
C34 LHG RO . 31.46 -56.63 -32.28
C35 LHG RO . 32.93 -56.48 -32.62
C36 LHG RO . 33.79 -56.34 -31.36
C37 LHG RO . 34.62 -57.59 -31.12
C38 LHG RO . 34.97 -57.70 -29.65
C1 LUT SO . 46.08 -73.67 -16.18
C2 LUT SO . 47.23 -72.67 -16.28
C3 LUT SO . 47.06 -71.56 -15.26
C4 LUT SO . 45.78 -70.79 -15.55
C5 LUT SO . 44.61 -71.68 -15.90
C6 LUT SO . 44.75 -72.95 -16.29
C7 LUT SO . 43.59 -73.69 -16.85
C8 LUT SO . 43.19 -73.55 -18.10
C9 LUT SO . 42.04 -74.29 -18.63
C10 LUT SO . 41.82 -74.27 -19.95
C11 LUT SO . 40.71 -74.97 -20.60
C12 LUT SO . 40.70 -74.90 -21.93
C13 LUT SO . 39.68 -75.55 -22.78
C14 LUT SO . 39.87 -75.49 -24.11
C15 LUT SO . 38.96 -76.13 -25.05
C16 LUT SO . 46.14 -74.38 -14.83
C17 LUT SO . 46.23 -74.69 -17.30
C18 LUT SO . 43.25 -71.08 -15.83
C19 LUT SO . 41.13 -75.03 -17.69
C20 LUT SO . 38.51 -76.26 -22.20
O3 LUT SO . 48.16 -70.66 -15.38
C21 LUT SO . 34.65 -80.59 -36.21
C22 LUT SO . 33.55 -81.48 -36.74
C23 LUT SO . 32.42 -80.67 -37.35
C24 LUT SO . 31.80 -79.82 -36.26
C25 LUT SO . 32.86 -78.93 -35.68
C26 LUT SO . 34.11 -79.39 -35.45
C27 LUT SO . 35.07 -78.47 -34.80
C28 LUT SO . 35.31 -78.56 -33.50
C29 LUT SO . 36.27 -77.66 -32.84
C30 LUT SO . 36.69 -77.98 -31.61
C31 LUT SO . 37.65 -77.19 -30.85
C32 LUT SO . 37.56 -77.26 -29.53
C33 LUT SO . 38.48 -76.53 -28.63
C34 LUT SO . 38.36 -76.72 -27.31
C35 LUT SO . 39.24 -76.07 -26.34
C36 LUT SO . 35.49 -80.08 -37.37
C37 LUT SO . 35.55 -81.42 -35.29
C38 LUT SO . 32.52 -77.50 -35.37
C39 LUT SO . 36.76 -76.43 -33.54
C40 LUT SO . 39.52 -75.61 -29.18
O23 LUT SO . 31.43 -81.54 -37.90
C1 LUT TO . 43.95 -61.82 -28.02
C2 LUT TO . 45.47 -61.79 -27.90
C3 LUT TO . 46.19 -62.94 -28.57
C4 LUT TO . 45.63 -64.24 -28.01
C5 LUT TO . 44.15 -64.30 -28.30
C6 LUT TO . 43.38 -63.21 -28.18
C7 LUT TO . 41.90 -63.38 -28.23
C8 LUT TO . 41.19 -63.69 -27.14
C9 LUT TO . 39.73 -63.86 -27.20
C10 LUT TO . 39.09 -64.17 -26.07
C11 LUT TO . 37.65 -64.35 -25.93
C12 LUT TO . 37.20 -64.55 -24.69
C13 LUT TO . 35.78 -64.71 -24.34
C14 LUT TO . 35.47 -64.95 -23.06
C15 LUT TO . 34.09 -65.06 -22.59
C16 LUT TO . 43.51 -60.99 -29.21
C17 LUT TO . 43.40 -61.19 -26.74
C18 LUT TO . 43.58 -65.60 -28.75
C19 LUT TO . 39.00 -63.69 -28.51
C20 LUT TO . 34.71 -64.58 -25.38
O3 LUT TO . 47.58 -62.86 -28.23
C21 LUT TO . 25.03 -64.90 -13.33
C22 LUT TO . 23.53 -64.75 -13.10
C23 LUT TO . 22.78 -66.05 -13.31
C24 LUT TO . 22.95 -66.46 -14.76
C25 LUT TO . 24.42 -66.66 -15.02
C26 LUT TO . 25.36 -65.84 -14.48
C27 LUT TO . 26.79 -66.16 -14.71
C28 LUT TO . 27.43 -65.51 -15.69
C29 LUT TO . 28.85 -65.71 -16.01
C30 LUT TO . 29.30 -65.18 -17.15
C31 LUT TO . 30.68 -65.25 -17.62
C32 LUT TO . 30.91 -65.29 -18.92
C33 LUT TO . 32.29 -65.31 -19.43
C34 LUT TO . 32.53 -65.06 -20.72
C35 LUT TO . 33.87 -65.00 -21.28
C36 LUT TO . 25.69 -65.45 -12.07
C37 LUT TO . 25.60 -63.52 -13.62
C38 LUT TO . 24.85 -67.78 -15.91
C39 LUT TO . 29.76 -66.47 -15.08
C40 LUT TO . 33.42 -65.56 -18.47
O23 LUT TO . 21.38 -65.86 -13.05
C1 XAT UO . 55.23 -75.02 -37.33
C2 XAT UO . 56.70 -75.30 -37.08
C3 XAT UO . 57.07 -75.31 -35.60
C4 XAT UO . 56.40 -76.50 -34.94
C5 XAT UO . 54.89 -76.37 -35.06
C6 XAT UO . 54.30 -75.67 -36.25
C7 XAT UO . 52.82 -75.85 -36.54
C8 XAT UO . 51.95 -74.93 -36.16
C9 XAT UO . 50.51 -75.11 -36.43
C10 XAT UO . 49.66 -74.08 -36.41
C11 XAT UO . 48.21 -74.15 -36.64
C12 XAT UO . 47.54 -73.11 -37.13
C13 XAT UO . 46.14 -72.80 -36.93
C14 XAT UO . 44.85 -72.48 -37.20
C15 XAT UO . 44.09 -71.65 -36.31
C16 XAT UO . 54.85 -75.56 -38.70
C17 XAT UO . 55.02 -73.51 -37.32
C18 XAT UO . 53.98 -77.33 -34.30
C19 XAT UO . 50.00 -76.49 -36.71
C20 XAT UO . 46.18 -72.82 -38.42
O3 XAT UO . 58.49 -75.44 -35.46
O4 XAT UO . 54.45 -74.98 -34.97
C21 XAT UO . 31.45 -69.20 -35.54
C22 XAT UO . 30.43 -69.47 -36.64
C23 XAT UO . 30.33 -68.29 -37.59
C24 XAT UO . 31.63 -68.19 -38.37
C25 XAT UO . 32.85 -68.10 -37.48
C26 XAT UO . 32.78 -68.68 -36.11
C27 XAT UO . 34.06 -69.23 -35.54
C28 XAT UO . 34.96 -68.47 -34.96
C29 XAT UO . 36.25 -68.93 -34.42
C30 XAT UO . 37.29 -69.06 -35.26
C31 XAT UO . 38.58 -69.52 -34.75
C32 XAT UO . 39.61 -69.74 -35.57
C33 XAT UO . 40.90 -70.35 -35.22
C34 XAT UO . 41.86 -70.57 -36.14
C35 XAT UO . 42.74 -71.72 -36.23
C36 XAT UO . 31.71 -70.48 -34.76
C37 XAT UO . 30.89 -68.15 -34.59
C38 XAT UO . 34.23 -68.03 -38.14
C39 XAT UO . 36.40 -69.23 -32.96
C40 XAT UO . 41.14 -70.70 -33.79
O23 XAT UO . 29.25 -68.50 -38.50
O24 XAT UO . 32.75 -67.26 -36.32
C1 XAT VO . 34.91 -73.03 -38.90
C2 XAT VO . 34.73 -74.48 -38.43
C3 XAT VO . 36.00 -75.29 -38.61
C4 XAT VO . 37.02 -74.78 -37.61
C5 XAT VO . 37.33 -73.31 -37.89
C6 XAT VO . 36.31 -72.44 -38.55
C7 XAT VO . 36.50 -70.94 -38.54
C8 XAT VO . 37.41 -70.37 -39.32
C9 XAT VO . 37.62 -68.91 -39.32
C10 XAT VO . 38.39 -68.39 -38.36
C11 XAT VO . 38.79 -67.00 -38.09
C12 XAT VO . 39.58 -66.77 -37.03
C13 XAT VO . 40.93 -66.24 -37.03
C14 XAT VO . 41.69 -66.27 -35.92
C15 XAT VO . 43.09 -65.97 -36.05
C16 XAT VO . 33.82 -72.18 -38.26
C17 XAT VO . 34.73 -73.01 -40.41
C18 XAT VO . 38.49 -72.66 -37.14
C19 XAT VO . 37.01 -68.03 -40.37
C20 XAT VO . 41.49 -65.67 -38.30
O3 XAT VO . 35.72 -76.67 -38.34
O4 XAT VO . 37.37 -73.06 -39.33
C21 XAT VO . 54.23 -64.09 -37.48
C22 XAT VO . 55.51 -63.36 -37.15
C23 XAT VO . 56.41 -64.18 -36.24
C24 XAT VO . 56.89 -65.37 -37.05
C25 XAT VO . 55.69 -66.26 -37.33
C26 XAT VO . 54.39 -65.60 -37.62
C27 XAT VO . 53.32 -66.39 -38.34
C28 XAT VO . 52.36 -66.95 -37.62
C29 XAT VO . 51.02 -67.40 -38.02
C30 XAT VO . 50.09 -67.60 -37.08
C31 XAT VO . 48.74 -68.02 -37.38
C32 XAT VO . 47.73 -67.49 -36.66
C33 XAT VO . 46.27 -67.69 -36.72
C34 XAT VO . 45.43 -66.77 -36.21
C35 XAT VO . 44.02 -66.93 -35.90
C36 XAT VO . 53.64 -63.53 -38.77
C37 XAT VO . 53.22 -63.81 -36.37
C38 XAT VO . 55.90 -67.67 -37.89
C39 XAT VO . 50.70 -67.61 -39.47
C40 XAT VO . 45.73 -68.94 -37.36
O23 XAT VO . 57.55 -63.41 -35.82
O24 XAT VO . 54.66 -66.19 -36.35
MG CHL WO . 31.33 -77.02 -31.82
CHA CHL WO . 28.53 -77.53 -33.63
CHB CHL WO . 30.63 -79.93 -30.05
CHC CHL WO . 33.99 -76.52 -30.08
CHD CHL WO . 31.88 -74.03 -33.68
NA CHL WO . 29.88 -78.46 -31.85
C1A CHL WO . 28.83 -78.52 -32.74
C2A CHL WO . 28.01 -79.78 -32.55
C3A CHL WO . 28.52 -80.35 -31.27
C4A CHL WO . 29.76 -79.54 -31.01
CMA CHL WO . 27.52 -80.61 -30.15
CAA CHL WO . 28.20 -80.74 -33.73
CBA CHL WO . 28.90 -82.04 -33.37
CGA CHL WO . 30.32 -82.13 -33.86
O1A CHL WO . 30.64 -82.48 -34.97
O2A CHL WO . 31.18 -81.79 -32.92
NB CHL WO . 32.18 -78.11 -30.31
C1B CHL WO . 31.79 -79.26 -29.72
C2B CHL WO . 32.72 -79.61 -28.71
C3B CHL WO . 33.70 -78.62 -28.68
C4B CHL WO . 33.34 -77.67 -29.72
CMB CHL WO . 32.64 -80.84 -27.84
CAB CHL WO . 34.89 -78.52 -27.81
CBB CHL WO . 35.39 -79.43 -26.71
NC CHL WO . 32.69 -75.49 -31.91
C1C CHL WO . 33.73 -75.54 -31.04
C2C CHL WO . 34.56 -74.37 -31.30
C3C CHL WO . 33.98 -73.69 -32.33
C4C CHL WO . 32.79 -74.39 -32.72
CMC CHL WO . 35.76 -73.91 -30.64
OMC CHL WO . 36.31 -74.47 -29.71
CAC CHL WO . 34.51 -72.44 -32.97
CBC CHL WO . 35.54 -72.71 -34.03
ND CHL WO . 30.48 -75.94 -33.32
C1D CHL WO . 30.74 -74.77 -33.99
C2D CHL WO . 29.73 -74.52 -34.94
C3D CHL WO . 28.84 -75.56 -34.84
C4D CHL WO . 29.31 -76.42 -33.85
CMD CHL WO . 29.69 -73.33 -35.86
CAD CHL WO . 27.59 -76.13 -35.34
OBD CHL WO . 26.86 -75.69 -36.21
CBD CHL WO . 27.34 -77.42 -34.58
CGD CHL WO . 26.01 -77.35 -33.84
O1D CHL WO . 25.82 -76.71 -32.83
O2D CHL WO . 25.09 -78.08 -34.44
CED CHL WO . 23.79 -78.09 -33.80
C1 CHL WO . 32.61 -81.77 -33.19
C2 CHL WO . 33.33 -81.74 -31.90
C3 CHL WO . 34.28 -82.63 -31.63
C4 CHL WO . 34.67 -83.73 -32.57
C5 CHL WO . 35.06 -82.59 -30.33
C6 CHL WO . 36.13 -81.50 -30.30
C7 CHL WO . 37.35 -81.81 -31.16
C8 CHL WO . 38.50 -80.81 -31.00
C9 CHL WO . 38.93 -80.69 -29.56
C10 CHL WO . 39.65 -81.29 -31.89
C11 CHL WO . 41.00 -80.65 -31.60
C12 CHL WO . 41.06 -79.15 -31.90
C13 CHL WO . 42.40 -78.49 -31.57
C14 CHL WO . 42.82 -78.78 -30.13
C15 CHL WO . 42.55 -77.01 -31.90
C16 CHL WO . 41.36 -76.38 -32.60
C17 CHL WO . 41.62 -74.96 -33.09
C18 CHL WO . 40.50 -74.28 -33.82
C19 CHL WO . 39.34 -73.95 -32.90
C20 CHL WO . 40.02 -75.12 -34.99
MG CLA XO . 38.64 -81.34 -22.39
CHA CLA XO . 36.16 -83.71 -22.76
CHB CLA XO . 38.92 -81.03 -25.80
CHC CLA XO . 40.91 -79.00 -21.89
CHD CLA XO . 38.32 -81.66 -18.87
NA CLA XO . 37.65 -82.26 -24.13
C1A CLA XO . 36.69 -83.19 -24.08
C2A CLA XO . 36.26 -83.63 -25.45
C3A CLA XO . 37.15 -82.78 -26.37
C4A CLA XO . 37.95 -81.97 -25.40
CMA CLA XO . 37.86 -83.44 -27.54
CAA CLA XO . 34.79 -83.31 -25.69
CBA CLA XO . 34.33 -83.84 -27.03
CGA CLA XO . 34.61 -85.32 -27.12
O1A CLA XO . 34.13 -86.07 -26.29
O2A CLA XO . 35.37 -85.77 -28.10
NB CLA XO . 39.73 -80.18 -23.65
C1B CLA XO . 39.75 -80.20 -25.01
C2B CLA XO . 40.73 -79.27 -25.52
C3B CLA XO . 41.28 -78.70 -24.39
C4B CLA XO . 40.64 -79.29 -23.23
CMB CLA XO . 41.01 -79.02 -26.97
CAB CLA XO . 42.34 -77.67 -24.27
CBB CLA XO . 43.38 -77.41 -25.33
NC CLA XO . 39.41 -80.40 -20.66
C1C CLA XO . 40.40 -79.54 -20.69
C2C CLA XO . 40.91 -79.19 -19.33
C3C CLA XO . 40.13 -79.93 -18.49
C4C CLA XO . 39.20 -80.68 -19.33
CMC CLA XO . 42.02 -78.25 -19.00
CAC CLA XO . 40.21 -79.98 -16.99
CBC CLA XO . 41.19 -81.05 -16.58
ND CLA XO . 37.56 -82.35 -21.07
C1D CLA XO . 37.50 -82.45 -19.71
C2D CLA XO . 36.56 -83.47 -19.28
C3D CLA XO . 36.04 -83.95 -20.48
C4D CLA XO . 36.64 -83.27 -21.54
CMD CLA XO . 36.13 -84.00 -17.93
CAD CLA XO . 35.10 -84.91 -21.02
OBD CLA XO . 34.66 -85.87 -20.41
CBD CLA XO . 35.12 -84.77 -22.50
CGD CLA XO . 35.56 -86.07 -23.12
O1D CLA XO . 36.74 -86.35 -23.19
O2D CLA XO . 34.66 -86.92 -23.60
CED CLA XO . 34.65 -88.21 -22.99
C1 CLA XO . 36.39 -86.78 -27.83
MG CHL YO . 43.92 -68.35 -11.36
CHA CHL YO . 46.95 -67.41 -10.05
CHB CHL YO . 45.09 -71.53 -11.63
CHC CHL YO . 40.99 -69.23 -12.51
CHD CHL YO . 42.83 -65.03 -10.88
NA CHL YO . 45.72 -69.26 -10.96
C1A CHL YO . 46.81 -68.73 -10.31
C2A CHL YO . 47.82 -69.79 -9.93
C3A CHL YO . 47.30 -71.03 -10.65
C4A CHL YO . 45.93 -70.61 -11.12
CMA CHL YO . 48.21 -71.81 -11.58
CAA CHL YO . 47.98 -70.02 -8.41
CBA CHL YO . 46.97 -69.35 -7.46
CGA CHL YO . 45.54 -69.63 -7.79
O1A CHL YO . 45.15 -70.65 -8.26
O2A CHL YO . 44.77 -68.58 -7.56
NB CHL YO . 43.18 -70.12 -12.03
C1B CHL YO . 43.80 -71.31 -12.08
C2B CHL YO . 42.90 -72.27 -12.63
C3B CHL YO . 41.72 -71.65 -12.90
C4B CHL YO . 41.89 -70.26 -12.51
CMB CHL YO . 43.20 -73.72 -12.83
CAB CHL YO . 40.56 -72.33 -13.50
CBB CHL YO . 39.23 -71.75 -13.87
NC CHL YO . 42.21 -67.26 -11.68
C1C CHL YO . 41.10 -67.89 -12.14
C2C CHL YO . 40.02 -66.90 -12.13
C3C CHL YO . 40.55 -65.73 -11.64
C4C CHL YO . 41.93 -65.95 -11.35
CMC CHL YO . 38.64 -67.04 -12.54
OMC CHL YO . 38.14 -68.06 -12.98
CAC CHL YO . 39.78 -64.48 -11.33
CBC CHL YO . 39.28 -63.77 -12.55
ND CHL YO . 44.65 -66.56 -10.70
C1D CHL YO . 44.16 -65.30 -10.59
C2D CHL YO . 45.15 -64.41 -10.11
C3D CHL YO . 46.27 -65.18 -9.89
C4D CHL YO . 45.95 -66.49 -10.26
CMD CHL YO . 44.96 -62.95 -9.88
CAD CHL YO . 47.64 -65.20 -9.39
OBD CHL YO . 48.32 -64.26 -9.01
CBD CHL YO . 48.13 -66.64 -9.43
CGD CHL YO . 49.46 -66.80 -10.15
O1D CHL YO . 49.65 -66.57 -11.31
O2D CHL YO . 50.40 -67.24 -9.32
CED CHL YO . 51.72 -67.45 -9.89
C1 CHL YO . 43.39 -68.57 -8.02
C2 CHL YO . 42.54 -67.97 -6.96
C3 CHL YO . 41.26 -67.70 -7.18
C4 CHL YO . 40.34 -67.10 -6.15
C5 CHL YO . 40.63 -67.99 -8.53
C6 CHL YO . 39.51 -69.03 -8.47
C7 CHL YO . 38.84 -69.24 -9.82
C8 CHL YO . 37.86 -70.41 -9.89
C9 CHL YO . 38.45 -71.68 -9.29
C10 CHL YO . 36.58 -69.99 -9.18
C11 CHL YO . 35.29 -70.32 -9.93
C12 CHL YO . 34.03 -70.02 -9.12
C13 CHL YO . 32.71 -70.24 -9.88
C14 CHL YO . 32.51 -71.70 -10.23
C15 CHL YO . 32.46 -69.33 -11.09
C16 CHL YO . 31.59 -68.11 -10.80
C17 CHL YO . 30.19 -68.46 -10.31
C18 CHL YO . 29.27 -67.30 -10.06
C19 CHL YO . 29.11 -66.45 -11.30
C20 CHL YO . 29.72 -66.44 -8.89
MG CLA ZO . 25.95 -69.80 -18.26
CHA CLA ZO . 23.13 -71.56 -17.31
CHB CLA ZO . 24.09 -68.01 -20.57
CHC CLA ZO . 28.67 -68.10 -19.00
CHD CLA ZO . 27.81 -71.62 -15.87
NA CLA ZO . 23.83 -69.77 -18.88
C1A CLA ZO . 22.86 -70.55 -18.40
C2A CLA ZO . 21.54 -70.30 -19.07
C3A CLA ZO . 21.89 -69.21 -20.08
C4A CLA ZO . 23.34 -68.96 -19.85
CMA CLA ZO . 21.37 -69.38 -21.51
CAA CLA ZO . 20.53 -69.74 -18.07
CBA CLA ZO . 21.07 -68.51 -17.34
CGA CLA ZO . 20.43 -67.27 -17.91
O1A CLA ZO . 19.35 -67.37 -18.47
O2A CLA ZO . 21.04 -66.11 -17.79
NB CLA ZO . 26.32 -68.29 -19.57
C1B CLA ZO . 25.46 -67.69 -20.45
C2B CLA ZO . 26.16 -66.69 -21.22
C3B CLA ZO . 27.46 -66.73 -20.77
C4B CLA ZO . 27.53 -67.74 -19.73
CMB CLA ZO . 25.52 -65.84 -22.29
CAB CLA ZO . 28.64 -65.94 -21.20
CBB CLA ZO . 28.57 -64.68 -22.03
NC CLA ZO . 27.91 -69.81 -17.50
C1C CLA ZO . 28.89 -69.07 -18.01
C2C CLA ZO . 30.21 -69.39 -17.41
C3C CLA ZO . 29.93 -70.38 -16.51
C4C CLA ZO . 28.50 -70.64 -16.57
CMC CLA ZO . 31.54 -68.77 -17.74
CAC CLA ZO . 30.94 -71.07 -15.62
CBC CLA ZO . 30.94 -70.43 -14.25
ND CLA ZO . 25.65 -71.21 -16.89
C1D CLA ZO . 26.43 -71.90 -16.01
C2D CLA ZO . 25.66 -72.91 -15.30
C3D CLA ZO . 24.38 -72.76 -15.82
C4D CLA ZO . 24.38 -71.75 -16.76
CMD CLA ZO . 25.99 -73.93 -14.24
CAD CLA ZO . 23.03 -73.29 -15.71
OBD CLA ZO . 22.69 -74.23 -15.01
CBD CLA ZO . 22.16 -72.52 -16.66
CGD CLA ZO . 21.58 -73.46 -17.67
O1D CLA ZO . 20.49 -73.98 -17.47
O2D CLA ZO . 22.25 -73.76 -18.79
CED CLA ZO . 21.45 -73.86 -19.96
C1 CLA ZO . 21.83 -65.54 -18.88
C2 CLA ZO . 23.27 -65.15 -18.69
C3 CLA ZO . 23.73 -63.98 -19.12
C4 CLA ZO . 22.83 -63.00 -19.81
C5 CLA ZO . 25.17 -63.54 -18.95
C6 CLA ZO . 25.20 -62.27 -18.10
C7 CLA ZO . 26.60 -62.00 -17.56
C8 CLA ZO . 26.62 -60.73 -16.74
C9 CLA ZO . 26.21 -59.52 -17.58
C10 CLA ZO . 28.02 -60.50 -16.16
C11 CLA ZO . 28.47 -61.66 -15.28
C12 CLA ZO . 29.73 -61.30 -14.53
C13 CLA ZO . 30.45 -62.52 -13.99
C14 CLA ZO . 29.83 -62.98 -12.68
C15 CLA ZO . 31.93 -62.21 -13.81
MG CLA AP . 31.23 -61.02 -23.79
CHA CLA AP . 28.42 -60.66 -25.80
CHB CLA AP . 29.23 -61.50 -21.03
CHC CLA AP . 33.96 -61.56 -22.02
CHD CLA AP . 33.24 -60.48 -26.64
NA CLA AP . 29.04 -61.09 -23.42
C1A CLA AP . 28.08 -60.91 -24.34
C2A CLA AP . 26.70 -60.96 -23.73
C3A CLA AP . 27.01 -61.21 -22.24
C4A CLA AP . 28.50 -61.29 -22.20
CMA CLA AP . 26.29 -60.41 -21.17
CAA CLA AP . 25.89 -62.12 -24.28
CBA CLA AP . 24.47 -62.14 -23.71
CGA CLA AP . 23.55 -61.31 -24.57
O1A CLA AP . 23.71 -61.34 -25.79
O2A CLA AP . 22.61 -60.58 -24.03
NB CLA AP . 31.54 -61.49 -21.84
C1B CLA AP . 30.62 -61.58 -20.83
C2B CLA AP . 31.29 -61.78 -19.58
C3B CLA AP . 32.62 -61.80 -19.87
C4B CLA AP . 32.76 -61.61 -21.31
CMB CLA AP . 30.62 -61.95 -18.25
CAB CLA AP . 33.77 -61.99 -18.96
CBB CLA AP . 33.89 -61.18 -17.69
NC CLA AP . 33.27 -61.09 -24.28
C1C CLA AP . 34.23 -61.25 -23.38
C2C CLA AP . 35.58 -61.05 -23.94
C3C CLA AP . 35.37 -60.77 -25.25
C4C CLA AP . 33.92 -60.79 -25.46
CMC CLA AP . 36.90 -61.15 -23.21
CAC CLA AP . 36.43 -60.46 -26.29
CBC CLA AP . 36.45 -61.53 -27.35
ND CLA AP . 31.00 -60.71 -25.74
C1D CLA AP . 31.84 -60.44 -26.77
C2D CLA AP . 31.11 -60.09 -27.98
C3D CLA AP . 29.79 -60.19 -27.58
C4D CLA AP . 29.73 -60.56 -26.24
CMD CLA AP . 31.50 -59.70 -29.37
CAD CLA AP . 28.44 -60.04 -28.07
OBD CLA AP . 28.17 -59.40 -29.06
CBD CLA AP . 27.50 -60.41 -26.97
CGD CLA AP . 26.60 -59.25 -26.71
O1D CLA AP . 25.40 -59.34 -26.89
O2D CLA AP . 27.10 -58.09 -26.30
CED CLA AP . 26.48 -57.51 -25.15
C1 CLA AP . 22.82 -59.17 -23.69
C2 CLA AP . 23.49 -58.77 -22.39
C3 CLA AP . 23.51 -57.49 -21.99
C4 CLA AP . 22.90 -56.39 -22.80
C5 CLA AP . 24.17 -57.07 -20.69
C6 CLA AP . 25.35 -56.16 -21.02
C7 CLA AP . 26.06 -55.71 -19.76
C8 CLA AP . 26.09 -54.18 -19.62
C9 CLA AP . 25.92 -53.49 -20.96
C10 CLA AP . 27.40 -53.77 -18.96
C11 CLA AP . 27.62 -52.26 -19.05
C12 CLA AP . 29.10 -51.95 -19.21
C13 CLA AP . 29.59 -51.05 -18.09
C14 CLA AP . 29.60 -49.59 -18.51
C15 CLA AP . 30.99 -51.50 -17.65
MG CLA BP . 46.80 -67.61 -32.92
CHA CLA BP . 49.87 -66.27 -33.78
CHB CLA BP . 45.43 -64.44 -32.76
CHC CLA BP . 43.90 -68.99 -32.22
CHD CLA BP . 48.23 -70.84 -33.10
NA CLA BP . 47.56 -65.55 -33.24
C1A CLA BP . 48.80 -65.22 -33.57
C2A CLA BP . 48.99 -63.74 -33.69
C3A CLA BP . 47.60 -63.20 -33.33
C4A CLA BP . 46.80 -64.45 -33.10
CMA CLA BP . 47.50 -62.10 -32.30
CAA CLA BP . 49.26 -63.38 -35.15
CBA CLA BP . 48.42 -64.25 -36.08
CGA CLA BP . 48.72 -64.01 -37.54
O1A CLA BP . 49.86 -63.71 -37.88
O2A CLA BP . 47.74 -64.14 -38.40
NB CLA BP . 44.95 -66.83 -32.55
C1B CLA BP . 44.58 -65.53 -32.51
C2B CLA BP . 43.18 -65.43 -32.18
C3B CLA BP . 42.75 -66.72 -32.02
C4B CLA BP . 43.89 -67.60 -32.27
CMB CLA BP . 42.39 -64.14 -32.04
CAB CLA BP . 41.40 -67.24 -31.67
CBB CLA BP . 40.48 -66.52 -30.71
NC CLA BP . 46.15 -69.60 -32.78
C1C CLA BP . 44.92 -69.94 -32.39
C2C CLA BP . 44.79 -71.40 -32.18
C3C CLA BP . 46.01 -71.91 -32.47
C4C CLA BP . 46.86 -70.78 -32.84
CMC CLA BP . 43.57 -72.15 -31.73
CAC CLA BP . 46.41 -73.37 -32.39
CBC CLA BP . 46.15 -74.04 -33.71
ND CLA BP . 48.54 -68.44 -33.33
C1D CLA BP . 49.05 -69.71 -33.37
C2D CLA BP . 50.48 -69.72 -33.70
C3D CLA BP . 50.77 -68.37 -33.86
C4D CLA BP . 49.62 -67.63 -33.63
CMD CLA BP . 51.50 -70.81 -33.87
CAD CLA BP . 51.87 -67.48 -34.17
OBD CLA BP . 52.99 -67.80 -34.51
CBD CLA BP . 51.33 -66.07 -34.13
CGD CLA BP . 52.01 -65.31 -33.03
O1D CLA BP . 52.56 -64.24 -33.26
O2D CLA BP . 52.04 -65.78 -31.79
CED CLA BP . 51.67 -64.85 -30.77
C1 CLA BP . 47.77 -65.19 -39.42
C2 CLA BP . 46.57 -65.45 -40.30
C3 CLA BP . 46.33 -66.67 -40.82
C4 CLA BP . 47.25 -67.82 -40.58
C5 CLA BP . 45.14 -66.96 -41.69
C6 CLA BP . 44.02 -67.55 -40.84
C7 CLA BP . 43.82 -69.03 -41.14
C8 CLA BP . 42.44 -69.49 -40.71
C9 CLA BP . 42.16 -69.17 -39.25
C10 CLA BP . 42.30 -70.99 -40.95
MG CLA CP . 33.43 -83.42 -14.84
CHA CLA CP . 32.24 -84.18 -18.00
CHB CLA CP . 32.14 -86.36 -13.60
CHC CLA CP . 34.72 -82.64 -11.91
CHD CLA CP . 34.75 -80.40 -16.14
NA CLA CP . 32.30 -85.12 -15.70
C1A CLA CP . 31.90 -85.23 -16.97
C2A CLA CP . 31.13 -86.50 -17.19
C3A CLA CP . 31.12 -87.15 -15.80
C4A CLA CP . 31.89 -86.18 -14.97
CMA CLA CP . 29.82 -87.74 -15.26
CAA CLA CP . 31.85 -87.43 -18.16
CBA CLA CP . 33.34 -87.53 -17.83
CGA CLA CP . 34.00 -88.45 -18.83
O1A CLA CP . 35.21 -88.55 -18.83
O2A CLA CP . 33.24 -89.11 -19.68
NB CLA CP . 33.43 -84.35 -13.04
C1B CLA CP . 32.85 -85.54 -12.69
C2B CLA CP . 33.06 -85.81 -11.30
C3B CLA CP . 33.80 -84.75 -10.84
C4B CLA CP . 34.02 -83.84 -11.95
CMB CLA CP . 32.57 -87.01 -10.53
CAB CLA CP . 34.30 -84.51 -9.47
CBB CLA CP . 33.37 -84.59 -8.27
NC CLA CP . 34.60 -81.81 -14.15
C1C CLA CP . 35.00 -81.68 -12.91
C2C CLA CP . 35.75 -80.42 -12.67
C3C CLA CP . 35.78 -79.81 -13.90
C4C CLA CP . 35.06 -80.69 -14.82
CMC CLA CP . 36.36 -79.94 -11.38
CAC CLA CP . 36.43 -78.50 -14.24
CBC CLA CP . 35.52 -77.36 -13.84
ND CLA CP . 33.54 -82.45 -16.58
C1D CLA CP . 34.06 -81.27 -17.01
C2D CLA CP . 33.79 -81.05 -18.43
C3D CLA CP . 33.08 -82.19 -18.80
C4D CLA CP . 32.93 -83.02 -17.69
CMD CLA CP . 34.12 -79.95 -19.40
CAD CLA CP . 32.44 -82.82 -19.93
OBD CLA CP . 32.23 -82.30 -21.01
CBD CLA CP . 31.94 -84.17 -19.49
CGD CLA CP . 30.46 -84.31 -19.73
O1D CLA CP . 29.70 -83.38 -19.59
O2D CLA CP . 29.97 -85.49 -20.11
CED CLA CP . 29.07 -85.48 -21.21
C1 CLA CP . 33.21 -90.57 -19.68
C2 CLA CP . 34.47 -91.40 -19.84
MG CHL DP . 46.96 -75.23 -5.88
CHA CHL DP . 45.22 -72.80 -4.29
CHB CHL DP . 48.76 -75.75 -2.99
CHC CHL DP . 48.64 -77.52 -7.43
CHD CHL DP . 45.00 -74.58 -8.78
NA CHL DP . 46.97 -74.42 -4.00
C1A CHL DP . 46.16 -73.42 -3.52
C2A CHL DP . 46.45 -73.09 -2.06
C3A CHL DP . 47.65 -73.93 -1.74
C4A CHL DP . 47.84 -74.77 -2.98
CMA CHL DP . 48.87 -73.28 -1.08
CAA CHL DP . 45.26 -73.42 -1.13
CBA CHL DP . 45.52 -73.13 0.34
CGA CHL DP . 44.36 -72.46 1.03
O1A CHL DP . 44.17 -71.29 1.07
O2A CHL DP . 43.58 -73.36 1.60
NB CHL DP . 48.46 -76.47 -5.26
C1B CHL DP . 49.05 -76.58 -4.05
C2B CHL DP . 50.00 -77.63 -4.10
C3B CHL DP . 50.01 -78.15 -5.37
C4B CHL DP . 49.01 -77.40 -6.11
CMB CHL DP . 50.85 -78.08 -2.95
CAB CHL DP . 50.86 -79.26 -5.81
CBB CHL DP . 50.93 -79.90 -7.17
NC CHL DP . 46.81 -75.90 -7.81
C1C CHL DP . 47.69 -76.86 -8.21
C2C CHL DP . 47.44 -77.11 -9.63
C3C CHL DP . 46.42 -76.27 -10.00
C4C CHL DP . 46.01 -75.51 -8.86
CMC CHL DP . 48.10 -78.01 -10.54
OMC CHL DP . 49.01 -78.76 -10.26
CAC CHL DP . 45.82 -76.18 -11.37
CBC CHL DP . 44.56 -76.98 -11.52
ND CHL DP . 45.44 -74.01 -6.51
C1D CHL DP . 44.70 -73.87 -7.63
C2D CHL DP . 43.68 -72.89 -7.44
C3D CHL DP . 43.85 -72.43 -6.15
C4D CHL DP . 44.92 -73.13 -5.59
CMD CHL DP . 42.64 -72.51 -8.44
CAD CHL DP . 43.39 -71.48 -5.14
OBD CHL DP . 42.47 -70.68 -5.22
CBD CHL DP . 44.25 -71.66 -3.91
CGD CHL DP . 44.99 -70.37 -3.54
O1D CHL DP . 45.70 -69.75 -4.28
O2D CHL DP . 44.76 -70.04 -2.27
CED CHL DP . 45.45 -68.85 -1.80
C1 CHL DP . 42.38 -73.01 2.34
C2 CHL DP . 42.59 -73.40 3.76
MG CLA EP . 28.09 -75.88 -6.60
CHA CLA EP . 27.90 -78.89 -4.92
CHB CLA EP . 28.07 -77.54 -9.63
CHC CLA EP . 28.13 -72.94 -8.11
CHD CLA EP . 28.05 -74.20 -3.48
NA CLA EP . 27.98 -77.99 -7.23
C1A CLA EP . 27.91 -79.05 -6.42
C2A CLA EP . 27.90 -80.35 -7.18
C3A CLA EP . 27.95 -79.89 -8.64
C4A CLA EP . 27.99 -78.39 -8.53
CMA CLA EP . 28.87 -80.60 -9.62
CAA CLA EP . 26.58 -81.10 -6.94
CBA CLA EP . 26.85 -82.57 -6.68
CGA CLA EP . 25.54 -83.33 -6.71
O1A CLA EP . 24.62 -82.91 -7.37
O2A CLA EP . 25.44 -84.44 -6.00
NB CLA EP . 28.08 -75.33 -8.56
C1B CLA EP . 28.11 -76.13 -9.66
C2B CLA EP . 28.18 -75.32 -10.86
C3B CLA EP . 28.20 -74.03 -10.41
C4B CLA EP . 28.14 -74.05 -8.96
CMB CLA EP . 28.22 -75.87 -12.26
CAB CLA EP . 28.26 -72.75 -11.17
CBB CLA EP . 28.83 -72.62 -12.56
NC CLA EP . 28.03 -73.89 -5.91
C1C CLA EP . 28.12 -72.84 -6.70
C2C CLA EP . 28.21 -71.56 -5.96
C3C CLA EP . 28.16 -71.94 -4.64
C4C CLA EP . 28.06 -73.39 -4.62
CMC CLA EP . 28.32 -70.17 -6.53
CAC CLA EP . 28.21 -71.02 -3.44
CBC CLA EP . 26.82 -70.84 -2.87
ND CLA EP . 27.99 -76.32 -4.68
C1D CLA EP . 27.99 -75.62 -3.50
C2D CLA EP . 27.93 -76.50 -2.34
C3D CLA EP . 27.89 -77.77 -2.90
C4D CLA EP . 27.93 -77.65 -4.30
CMD CLA EP . 27.91 -76.28 -0.85
CAD CLA EP . 27.82 -79.17 -2.56
OBD CLA EP . 27.52 -79.62 -1.47
CBD CLA EP . 27.88 -79.95 -3.85
CGD CLA EP . 29.18 -80.71 -3.91
O1D CLA EP . 30.24 -80.11 -3.79
O2D CLA EP . 29.19 -82.02 -4.09
CED CLA EP . 29.92 -82.78 -3.12
C1 CLA EP . 26.40 -85.53 -6.22
MG CHL FP . 44.30 -56.17 -28.62
CHA CHL FP . 46.91 -54.53 -27.26
CHB CHL FP . 43.41 -57.27 -25.46
CHC CHL FP . 41.77 -57.64 -29.94
CHD CHL FP . 45.34 -54.94 -31.82
NA CHL FP . 45.03 -55.95 -26.72
C1A CHL FP . 46.11 -55.18 -26.35
C2A CHL FP . 46.31 -55.15 -24.86
C3A CHL FP . 45.35 -56.20 -24.36
C4A CHL FP . 44.52 -56.52 -25.58
CMA CHL FP . 45.86 -57.33 -23.47
CAA CHL FP . 46.00 -53.76 -24.30
CBA CHL FP . 46.20 -53.61 -22.80
CGA CHL FP . 46.75 -52.26 -22.42
O1A CHL FP . 46.17 -51.44 -21.76
O2A CHL FP . 47.95 -52.08 -22.92
NB CHL FP . 42.81 -57.29 -27.79
C1B CHL FP . 42.58 -57.64 -26.51
C2B CHL FP . 41.40 -58.41 -26.46
C3B CHL FP . 40.89 -58.54 -27.72
C4B CHL FP . 41.81 -57.81 -28.58
CMB CHL FP . 40.80 -59.00 -25.21
CAB CHL FP . 39.64 -59.24 -28.05
CBB CHL FP . 38.98 -59.37 -29.40
NC CHL FP . 43.72 -56.26 -30.58
C1C CHL FP . 42.59 -56.97 -30.83
C2C CHL FP . 42.36 -56.91 -32.25
C3C CHL FP . 43.36 -56.14 -32.81
C4C CHL FP . 44.23 -55.73 -31.74
CMC CHL FP . 41.24 -57.50 -32.96
OMC CHL FP . 41.02 -57.40 -34.14
CAC CHL FP . 43.53 -55.77 -34.26
CBC CHL FP . 44.64 -56.53 -34.93
ND CHL FP . 45.77 -55.03 -29.48
C1D CHL FP . 46.09 -54.60 -30.72
C2D CHL FP . 47.26 -53.78 -30.67
C3D CHL FP . 47.62 -53.73 -29.33
C4D CHL FP . 46.70 -54.50 -28.62
CMD CHL FP . 47.91 -53.14 -31.85
CAD CHL FP . 48.57 -53.19 -28.38
OBD CHL FP . 49.53 -52.47 -28.58
CBD CHL FP . 48.18 -53.69 -27.01
CGD CHL FP . 49.32 -54.51 -26.42
O1D CHL FP . 49.69 -55.58 -26.83
O2D CHL FP . 49.87 -53.88 -25.39
CED CHL FP . 50.99 -54.56 -24.76
C1 CHL FP . 48.73 -50.86 -22.73
C2 CHL FP . 49.37 -50.53 -24.03
C3 CHL FP . 50.68 -50.54 -24.17
C4 CHL FP . 51.65 -50.87 -23.07
C5 CHL FP . 51.32 -50.21 -25.51
MG CLA GP . 29.98 -60.83 -33.20
CHA CLA GP . 27.54 -62.13 -31.12
CHB CLA GP . 27.57 -59.32 -35.16
CHC CLA GP . 32.40 -59.48 -34.99
CHD CLA GP . 32.44 -62.45 -31.24
NA CLA GP . 27.76 -60.72 -33.15
C1A CLA GP . 26.98 -61.31 -32.25
C2A CLA GP . 25.51 -61.10 -32.58
C3A CLA GP . 25.57 -60.25 -33.85
C4A CLA GP . 27.04 -60.06 -34.08
CMA CLA GP . 24.67 -60.65 -35.00
CAA CLA GP . 24.72 -60.30 -31.54
CBA CLA GP . 25.54 -59.55 -30.49
CGA CLA GP . 25.85 -58.12 -30.89
O1A CLA GP . 26.47 -57.91 -31.92
O2A CLA GP . 25.46 -57.14 -30.12
NB CLA GP . 29.98 -59.59 -34.81
C1B CLA GP . 28.91 -59.09 -35.50
C2B CLA GP . 29.38 -58.31 -36.62
C3B CLA GP . 30.74 -58.36 -36.57
C4B CLA GP . 31.11 -59.18 -35.41
CMB CLA GP . 28.53 -57.59 -37.64
CAB CLA GP . 31.73 -57.75 -37.46
CBB CLA GP . 31.72 -56.25 -37.72
NC CLA GP . 32.08 -60.89 -33.08
C1C CLA GP . 32.88 -60.29 -33.95
C2C CLA GP . 34.31 -60.58 -33.70
C3C CLA GP . 34.31 -61.40 -32.60
C4C CLA GP . 32.91 -61.59 -32.23
CMC CLA GP . 35.49 -60.07 -34.48
CAC CLA GP . 35.51 -61.99 -31.93
CBC CLA GP . 35.93 -61.08 -30.79
ND CLA GP . 30.08 -62.00 -31.61
C1D CLA GP . 31.07 -62.58 -30.88
C2D CLA GP . 30.55 -63.34 -29.75
C3D CLA GP . 29.17 -63.16 -29.85
C4D CLA GP . 28.90 -62.36 -30.96
CMD CLA GP . 31.18 -64.16 -28.65
CAD CLA GP . 27.92 -63.51 -29.21
OBD CLA GP . 27.81 -63.96 -28.10
CBD CLA GP . 26.81 -62.85 -30.00
CGD CLA GP . 25.88 -63.87 -30.56
O1D CLA GP . 26.27 -64.76 -31.29
O2D CLA GP . 24.58 -63.82 -30.26
CED CLA GP . 23.94 -65.07 -30.01
C1 CLA GP . 26.40 -56.07 -29.80
C2 CLA GP . 27.83 -56.39 -29.41
C3 CLA GP . 28.65 -55.47 -28.89
C4 CLA GP . 28.22 -54.06 -28.67
C5 CLA GP . 30.08 -55.81 -28.51
C6 CLA GP . 30.15 -56.05 -27.01
C7 CLA GP . 31.41 -56.80 -26.62
C8 CLA GP . 31.61 -56.81 -25.11
C9 CLA GP . 32.99 -57.37 -24.75
C10 CLA GP . 30.50 -57.61 -24.45
C11 CLA GP . 30.29 -57.16 -23.01
C12 CLA GP . 30.63 -58.27 -22.02
C13 CLA GP . 30.85 -57.73 -20.61
C14 CLA GP . 29.67 -56.88 -20.16
C15 CLA GP . 32.15 -56.96 -20.55
C16 CLA GP . 33.32 -57.87 -20.19
C17 CLA GP . 34.26 -58.05 -21.37
C18 CLA GP . 35.53 -57.23 -21.22
C19 CLA GP . 36.23 -57.56 -19.91
C20 CLA GP . 36.45 -57.43 -22.42
MG CHL HP . 43.83 -61.27 -37.21
CHA CHL HP . 44.55 -62.08 -40.43
CHB CHL HP . 40.58 -62.20 -37.75
CHC CHL HP . 43.20 -60.51 -34.11
CHD CHL HP . 47.23 -60.27 -36.82
NA CHL HP . 42.78 -62.02 -38.80
C1A CHL HP . 43.24 -62.29 -40.06
C2A CHL HP . 42.15 -62.81 -40.98
C3A CHL HP . 40.89 -62.69 -40.14
C4A CHL HP . 41.42 -62.27 -38.80
CMA CHL HP . 39.66 -62.02 -40.73
CAA CHL HP . 42.40 -64.24 -41.47
NB CHL HP . 42.13 -61.38 -36.10
C1B CHL HP . 40.90 -61.82 -36.46
C2B CHL HP . 40.05 -61.77 -35.32
C3B CHL HP . 40.77 -61.30 -34.25
C4B CHL HP . 42.11 -61.04 -34.76
CMB CHL HP . 38.61 -62.16 -35.31
CAB CHL HP . 40.24 -61.14 -32.90
CBB CHL HP . 40.98 -60.70 -31.67
NC CHL HP . 45.05 -60.51 -35.74
C1C CHL HP . 44.50 -60.25 -34.52
C2C CHL HP . 45.55 -59.65 -33.70
C3C CHL HP . 46.67 -59.58 -34.47
C4C CHL HP . 46.38 -60.13 -35.76
CMC CHL HP . 45.51 -59.19 -32.33
OMC CHL HP . 44.54 -59.22 -31.61
CAC CHL HP . 48.00 -59.02 -34.05
CBC CHL HP . 48.06 -57.52 -34.16
ND CHL HP . 45.56 -61.16 -38.29
C1D CHL HP . 46.85 -60.80 -38.05
C2D CHL HP . 47.65 -60.99 -39.21
C3D CHL HP . 46.80 -61.48 -40.17
C4D CHL HP . 45.53 -61.60 -39.60
CMD CHL HP . 49.11 -60.70 -39.31
CAD CHL HP . 46.67 -61.93 -41.55
OBD CHL HP . 47.55 -61.99 -42.40
CBD CHL HP . 45.23 -62.30 -41.80
CGD CHL HP . 44.63 -61.43 -42.90
O1D CHL HP . 44.36 -60.27 -42.78
O2D CHL HP . 44.45 -62.14 -44.01
CED CHL HP . 43.89 -61.41 -45.13
O1 LHG IP . 28.62 -86.75 -9.55
C1 LHG IP . 27.71 -86.02 -10.38
C2 LHG IP . 28.42 -85.53 -11.64
O2 LHG IP . 29.84 -85.57 -11.44
C3 LHG IP . 28.01 -84.11 -11.93
O3 LHG IP . 29.15 -83.25 -11.89
P LHG IP . 29.65 -82.49 -13.22
O4 LHG IP . 30.40 -83.46 -14.07
O5 LHG IP . 28.47 -81.73 -13.79
O6 LHG IP . 30.70 -81.42 -12.63
C4 LHG IP . 31.42 -80.59 -13.54
C5 LHG IP . 31.52 -79.18 -12.98
C6 LHG IP . 31.94 -79.23 -11.51
O7 LHG IP . 32.49 -78.46 -13.73
C7 LHG IP . 31.92 -77.48 -14.44
O9 LHG IP . 31.00 -76.85 -13.96
C8 LHG IP . 32.42 -77.17 -15.83
C9 LHG IP . 32.20 -75.69 -16.14
C10 LHG IP . 33.30 -74.85 -15.50
O8 LHG IP . 31.45 -78.09 -10.82
C23 LHG IP . 32.17 -76.96 -10.78
O10 LHG IP . 33.18 -76.87 -11.46
C24 LHG IP . 31.72 -75.80 -9.91
C11 LHG IP . 32.85 -74.23 -14.19
C12 LHG IP . 33.85 -73.22 -13.65
C13 LHG IP . 35.27 -73.78 -13.66
C14 LHG IP . 35.76 -74.05 -12.24
C25 LHG IP . 31.37 -76.30 -8.52
C26 LHG IP . 32.15 -75.55 -7.45
C27 LHG IP . 31.55 -74.17 -7.20
C28 LHG IP . 32.63 -73.15 -6.89
C29 LHG IP . 32.14 -72.08 -5.91
C30 LHG IP . 31.72 -72.70 -4.58
C1 PTY JP . 46.81 -49.16 -28.41
C2 PTY JP . 51.37 -50.30 -30.48
C3 PTY JP . 50.79 -50.04 -31.86
O4 PTY JP . 47.69 -49.61 -27.43
C5 PTY JP . 47.35 -49.83 -30.74
C6 PTY JP . 46.59 -50.22 -29.48
O7 PTY JP . 45.23 -50.32 -29.80
C8 PTY JP . 44.36 -50.67 -28.75
O10 PTY JP . 43.79 -49.82 -28.15
C11 PTY JP . 44.16 -52.14 -28.38
C12 PTY JP . 43.32 -52.21 -27.10
C13 PTY JP . 42.63 -53.56 -27.00
C14 PTY JP . 41.20 -53.45 -27.51
C15 PTY JP . 40.50 -54.80 -27.39
C16 PTY JP . 39.03 -54.66 -27.77
C17 PTY JP . 38.91 -54.05 -29.17
C18 PTY JP . 39.32 -55.07 -30.23
C19 PTY JP . 39.77 -54.34 -31.49
C20 PTY JP . 40.85 -53.33 -31.14
C21 PTY JP . 41.61 -52.92 -32.40
C22 PTY JP . 42.62 -51.84 -32.03
C23 PTY JP . 43.52 -51.53 -33.22
C24 PTY JP . 44.39 -50.32 -32.88
C25 PTY JP . 45.12 -49.83 -34.14
C26 PTY JP . 44.09 -49.45 -35.20
C27 PTY JP . 44.35 -48.02 -35.67
C30 PTY JP . 47.98 -48.64 -26.47
C31 PTY JP . 46.92 -48.19 -25.47
O30 PTY JP . 49.07 -48.16 -26.44
C32 PTY JP . 46.11 -49.38 -24.96
C33 PTY JP . 44.92 -48.86 -24.17
C34 PTY JP . 43.77 -49.87 -24.22
C35 PTY JP . 42.44 -49.11 -24.15
C36 PTY JP . 41.28 -50.10 -24.02
C37 PTY JP . 40.57 -49.89 -22.70
C38 PTY JP . 41.39 -50.52 -21.56
C39 PTY JP . 40.44 -51.06 -20.50
C40 PTY JP . 41.12 -52.22 -19.76
C41 PTY JP . 40.11 -53.34 -19.57
C42 PTY JP . 38.83 -52.80 -18.95
C43 PTY JP . 37.91 -53.95 -18.54
C44 PTY JP . 38.68 -54.95 -17.69
P1 PTY JP . 49.06 -48.08 -31.66
O11 PTY JP . 50.56 -48.67 -32.00
O12 PTY JP . 48.19 -48.22 -32.90
O13 PTY JP . 49.17 -46.62 -31.28
O14 PTY JP . 48.37 -48.93 -30.43
N1 PTY JP . 51.07 -51.66 -30.07
C1 SPH KP . 55.72 -53.73 -20.55
O1 SPH KP . 56.06 -52.43 -20.13
C2 SPH KP . 54.52 -53.66 -21.49
N2 SPH KP . 54.88 -54.22 -22.77
C3 SPH KP . 53.36 -54.45 -20.89
O3 SPH KP . 53.83 -55.31 -19.90
C4 SPH KP . 52.33 -53.49 -20.28
C5 SPH KP . 51.08 -53.87 -20.09
C6 SPH KP . 50.65 -55.28 -20.48
C7 SPH KP . 49.17 -55.48 -20.14
C8 SPH KP . 49.03 -56.59 -19.12
C9 SPH KP . 47.79 -57.43 -19.46
C10 SPH KP . 46.61 -56.92 -18.64
C11 SPH KP . 45.50 -57.97 -18.65
C12 SPH KP . 44.85 -57.98 -20.02
C13 SPH KP . 43.35 -57.67 -19.87
C14 SPH KP . 42.81 -57.19 -21.20
C15 SPH KP . 42.61 -58.38 -22.13
C16 SPH KP . 41.57 -59.32 -21.53
C17 SPH KP . 40.19 -58.66 -21.59
C18 SPH KP . 39.20 -59.52 -20.80
#